data_8WMV
#
_entry.id   8WMV
#
_cell.length_a   1.00
_cell.length_b   1.00
_cell.length_c   1.00
_cell.angle_alpha   90.00
_cell.angle_beta   90.00
_cell.angle_gamma   90.00
#
_symmetry.space_group_name_H-M   'P 1'
#
loop_
_entity.id
_entity.type
_entity.pdbx_description
1 polymer 'Photosystem I P700 chlorophyll a apoprotein A1'
2 polymer 'Photosystem I P700 chlorophyll a apoprotein A2'
3 polymer 'Photosystem I iron-sulfur center'
4 polymer 'Photosystem I reaction center subunit II'
5 polymer 'Photosystem I reaction center subunit IV'
6 polymer 'Photosystem I reaction center subunit III'
7 polymer 'Photosystem I reaction center subunit VIII'
8 polymer 'Photosystem I reaction center subunit IX'
9 polymer 'Photosystem I reaction center subunit XI'
10 polymer 'Photosystem I reaction center subunit XII'
11 polymer PsaO
12 polymer 'Photosystem I reaction center subunit PsaK'
13 polymer 'chain s'
14 polymer CAC-c
15 polymer CAC-a
16 polymer CAC-b
17 polymer CAC-h
18 polymer 'CAC-m, CAC-f'
19 polymer CAC-e
20 polymer CAC-l
21 polymer CAC-k
22 polymer CAC-i
23 polymer CAC-d
24 polymer CAC-g
25 polymer PsaR
26 polymer CAC-n
27 non-polymer 'CHLOROPHYLL A'
28 non-polymer PHYLLOQUINONE
29 non-polymer 1,2-DIPALMITOYL-PHOSPHATIDYL-GLYCEROLE
30 non-polymer 1,3,3-trimethyl-2-[(1E,3E,5E,7E,9E,11E,13E,15E,17E)-3,7,12,16-tetramethyl-18-[(1R)-2,6,6-trimethylcyclohex-2-en-1-yl]octadeca-1,3,5,7,9,11,13,15,17-nonaenyl]cyclohexene
31 non-polymer DODECYL-BETA-D-MALTOSIDE
32 non-polymer 'IRON/SULFUR CLUSTER'
33 non-polymer 'DIGALACTOSYL DIACYL GLYCEROL (DGDG)'
34 non-polymer 1,2-DISTEAROYL-MONOGALACTOSYL-DIGLYCERIDE
35 non-polymer (1~{R})-3,5,5-trimethyl-4-[(3~{E},5~{E},7~{E},9~{E},11~{E},13~{E},15~{E})-3,7,12,16-tetramethyl-18-[(4~{R})-2,6,6-trimethyl-4-oxidanyl-cyclohexen-1-yl]octadeca-3,5,7,9,11,13,15-heptaen-1,17-diynyl]cyclohex-3-en-1-ol
36 non-polymer (1~{R})-3,5,5-trimethyl-4-[(3~{E},5~{E},7~{E},9~{E},11~{E},13~{E},15~{E},17~{E})-3,7,12,16-tetramethyl-18-(2,6,6-trimethylcyclohexen-1-yl)octadeca-3,5,7,9,11,13,15,17-octaen-1-ynyl]cyclohex-3-en-1-ol
37 non-polymer 'Chlorophyll c2'
38 non-polymer DODECYL-ALPHA-D-MALTOSIDE
39 water water
#
loop_
_entity_poly.entity_id
_entity_poly.type
_entity_poly.pdbx_seq_one_letter_code
_entity_poly.pdbx_strand_id
1 'polypeptide(L)'
;MTISSKEQEAKKVSITVDRDPVATSFEKWAQPGHFSRTLAKGPKTTTWIWNLHADVHDFDSHTNSLEDISRKIFSAHFGQ
LSIIFLWLSGMYFHGARFSNYSAWLSNPTAVKPSAQVVWPIVGQEVLNGDVGGGFQGVQVTSGFFQIWRSSGITSEVELY
WCALAGLIMSGLMIFAGWFHYHKAAPKLEWFQNAESMLNHHLSGLLGLGCLSWAGHQIHVSLPVNKLLDAGVAPQEIPLP
HEFLVNRDLMAQLYPSFSKGLVPFFTLNWSEYSDFLTFKGGLNPVTGGLWLSDTAHHHLALAVLFIVAGHMYRTNWGIGH
SMKEILEAHKGPFTGEGHKGLYEILTTSWHAQLAINLAMLGSVSIIVAHHMYAMPPYPYIATDYPTQLSIFTHHMWIGGF
CVCGGAAHAGIFMVRDYNPAQNYNNLLDRVIRHRDAIISHLNWICIFLGFHSFGLYIHNDTMRALGRTQDMFSDTAIQLK
PVFAQWVQSIHTLAPGNTTPNALATASYAFGGDVVAVGNKVAMMPISLGTADFMVHHIHAFTIHVTVLILLKGVLFSRNS
RLIPDKANLGFRFPCDGPGRGGTCQSSAWDSVFLGLFWMYNCISVVIFHFSWKMQSDVWGTVQSDGTVTHITGGNFAQSA
ITINGWLRDFLWAQASQVIQSYGSALSAYGLIFLGAHFIWAFSLMFLFSGRGYWQELIESIVWAHNKLNVAPAIQPRALS
ITQGRAVGLAHYLLGGIGTTWAFFLARIISVG
;
A
2 'polypeptide(L)'
;MATKFPKFSQALAQDPATRRIWYGLATAHDLESHDGMTEENLYQKIFASHFGHLAVIFLWTSGNLFHVAWQGNFEQWVLN
PLKVKPIAHAIWDPHFGQPAVKAFTKGGVSYPVNIATSGVYHWWYTIGMRSNTDLYAGSLFLLFLAGVFLFAGWLHLQPK
FRPGLSWFKNNESRLNHHLSGLFGFSSLAWSAHLIHVAIPEARGQHVCWDNFTKVAPHPAGLQPFFTGNWGAYAASPDTT
NHIFGTSEGAGTAILTFLGGFHPQTQALWLTDIAHHHLAIGVVFIFAGHMYRTNWGIGHSLKEILDAHRPPGGRLGAGHK
GIFETLTNSLHFQLGLALASLGVITSLVAQHMYALPSYAFIAKDYVTQSALYTHHQYIAGFLMVGAFAHGAIFFVRDYDP
EQNKNNVLARILDHKEAIISHLSWVSLFLGFHTLGIYVHNDVVVAFGTPEKQILVEPVFAQWIQASSGKALYGFDVLLSS
TNSVAANASSNIWLPGWLEAINSGKNSLFLPIGPGDFLIHHAIALALHTTTLILVKGALDARGSKLMPDKKDFGYAFPCD
GPGRGGTCDISAWDAFYLSMFWMLNTIGWVTFYWHWKHITIWQGNAGQFNESSTYIMGWLRDYLWLNSSPLINGYNPFGM
NSLSVWSWMFLFGHLIWATGFMFLISWRGYWQELIETLVWAHERTPLANLVRWKDKPVALSIVQARLVGLIHFTAGYIFT
YAAFVIASTTGKFG
;
B
3 'polypeptide(L)'
;MSHSVKVYDTCIGCTQCVRACPCDVLEMVSWDGCKAGQIASAPRTEDCIGCKRCETACPTDFLSVRVYLGGETTRSMGLA
Y
;
C
4 'polypeptide(L)'
;MAETLNLQIPSPTFEGSTGGWLRAAEVEEKYAITWTSPKEQVFEMPTGGAAIMRQGENLLYLARKEQCLALATQVKNSFK
ITDYKVYRIFPSGEVQYLHPKDGVFPEKVNAGRVGVGNVSHSIGKNLNPAQIKFTSKSFNG
;
D
5 'polypeptide(L)' MVKRGSKVRILRKESYWYQDIGTVATIDTSGIRYPVVVRFEKVSYSGVNTNNFSLDEVVEVVAK E
6 'polypeptide(L)'
;MEIFFVKNWVSMLLVCSFLAFPSLAKADVAGLTPCGESKEFARRLDGSVKKLQTRLSKYEAGTPPALALQKQIDKTKNRF
DRYGKAGLLCGTDGLPHLITDGRWTHSGEFVIPGLLFLYVAGWIGWVGRSYVLFARTADKPTEKEIIIDVPVALSFVSTG
FIWPFSAFKEFTSGNLIVPADEITVSPR
;
F
7 'polypeptide(L)' MTAAYLPSILVPIIGLIFPGLVMAFAFIYIEQDEVA I
8 'polypeptide(L)' MDSNFLKYLSTAPVLFTVWLSFTASFIIEANRFFPDMLYFPM J
9 'polypeptide(L)'
;MSQFIKPYNDDPFVGNLATPVSTSSFTKSLLSNLPAYRAGLSPLLRGVEIGLTHGYFLVGPFYKLGPLRNSDVALLSGFF
SALGLIVILVACLTIYGVVSFEETEAKDQLQTAKGWRQFTSGWLVGSVGGASFAYILISNIPFLQTAGMSMLK
;
L
10 'polypeptide(L)' MISDTQIFIALILALVSLVLAIRLGRALYQ M
11 'polypeptide(L)'
;IFLAVLASASAFAPAAMPTQLGKPAAFTPSLRAARVAPSPLSVVAQSKSDFEISDGTPYTLNVPLVGAASFIGWVVPTLL
PSQIALYGGKGLSTAFFASIGTNLAKFPAPPGMTDPFWLLCFIWHSGLFATMILGSIGYNGYAGKK
;
O
12 'polypeptide(L)'
;MNADLLIALVPQTVAWSAKTGAVMVLSNILCIVAGRYVIQVKGTGPSLPISGSFAGFGLPELLASTSLGHIVGSGAILGL
SYVGVLS
;
K
13 'polypeptide(L)'
;RTSVLILAGVAVAQAFSPAVVSTGGLTSLRMAQGPPPSTGKPLPKAKIEALEVNKKQWGIEGGAAAPAAAAPPAPKKAAA
KKAAAPAGDTTGFSGVPSQFARPESGVYPAEPTEQTFLGMRGPRAPGHRENFGGKHTATMLAIAALLWQPVSEAGMYRMG
ADGALTKSSFSNMEVPGFGNMKKAPTIESLFPFAKNGFDASPALFGKGSMIVVEDPRDGCGAYANSGACHTFLDEIGDAL
KKTPESLPRSEAKATYSFPWMYEHAAWKK
;
s
14 'polypeptide(L)'
;LRTALIAACVASASAFVPASGFAPMAMKSRTSAVSSMRMQEGDFSAAVPFLKRPSNLDGAYIGDVGFDPLGFSDVFDLRV
LREAELKHGRFAMLAVLGFIVQELYTFPFFPKMAPVDAHDYFVKQGGGSQIIFWISFVELFGVVALFETLQGKREPGDFA
FDPLGLAKDEATLERYRLAEVKHARLAMIAIGGFIHQYWVTKQTVLEQLGNFKSLA
;
c
15 'polypeptide(L)'
;RTPVLVLAGAAAVSAFAPAANLAGLRTSSTRAAIARGPQMQEMSEAIPFMPKPANIDSSMPGYAGFDPLGFTDYYSAKWM
QEAEIKHGRVCMLAALGMVFPEFAKFPQFASFSTNPLEAFYQVSPAGWGQIFLFIGVLETFSYEKSFYNFEGGAPGALGF
DPLRMSSNPASAKQYAAAEVRNGRLAMIGFSGMLHHAIVSKQGPITQIVEQNFYPK
;
a
16 'polypeptide(L)'
;SYAFTASPALIRAGAATRATSGISGMKMQAKSKAVPFLSQPEALDGSMAGDVGFDPFGISSVIDIKWLRESELKHGRICM
LAATGCLVQEVVHLPGPAFSQKMALNAWAAAPRGGMISILVAIGLIEMISNRFALTATDMFANPNRVPGDLGFDPLSLGA
NPANRARFELSEVIHGRAAMMGFSGMVHQMIVSKQAPIEQLMHFKAVDSSLMKLGGAAGNLGY
;
b
17 'polypeptide(L)'
;STVALALVAGATAFAPAAMGPGLSLRAQGAAQRAPARAGLSALSMAQNPMSKAVADFAESSPEFGGRGLGVTVNAERWNG
RHAMFGIFAMVMTSYMKGHGLIPDADKVLDIAQWGPLAAVWDGAGNGISNERAIILIAHVHVLVVSVIAAIAPFGFQDTL
VKEKGYTPESPAGLIPPFKTGLTAEAELINGRLAMLGVISIVTASLFTGTSVVDTINLGMGKILY
;
h
18 'polypeptide(L)'
;VAAVACVASAAAFAPSAPMGVKATTRAVSSIGPRMQAMSESVPFLKKPEALDSSMAGYAGFDPLGLSSIADIKFLQESEI
KHCRIAMLAAAGSIAQDIFTFPGVSKVVGTAKMTGVHDVLVKQGAMGQILLWTSFLEVFGTIALLETLDGKRAPGDFKFD
PLGFSKNAETAKRYQLSEIKNGRLAMLATGGMVHGYFITGKGPLELLTNFGK
;
m,f,j
19 'polypeptide(L)'
;ATLACVASASAFAPSALLPQAGVRAAKTGMRMQENLAVPFLKAPAKLDSSMPGYAGFDPLGCSDFYDVKWLQEAEIKNGR
VAMLGVVGLLVPEFFHLPMYTAGATPYESYTTVPAFALIQIFLGCGAVEYFTHKGKISPDNMFDGGRVPGEFGWGKADMT
MQTKEIKNGRLAMLAFGGILHQQLFTKMGTIAHLTGGFKPLTF
;
e
20 'polypeptide(L)'
;PSEDIQSRAGVMDKHADIETEKSCIPGRIPRSRRCTLISIPRRVSDGCTLCSAAAIARGPTMQDNAMPFLERPPKLDGSL
AGDVGFDPVGFSNYFDLRWLRESELKHGRVCMLGVTGLLVQEAVCLPQFSNGKTPVDDFFVVPAAGLWQVFFAIGAVEFF
SHGFKLTPGDMFSEGREAGDFGFDPLGCGKNPDALARRRLVEVKNGRLAMIAFGGLLHQQLLTGQGTFEQLANFKAIA
;
l
21 'polypeptide(L)'
;TTLLVGAVGAASAFAPAALPSMARTTSRSGVSMQLYKDGVLQGKGMRAVPFAPAPDCLPENIPGYMGFDPLGLSTLCNVE
WLREAEIKHCRVAMLAAAGSIAQDLYQFPGVEKIVGSAKMTGVHDKILAAASTGDYKAQAMSQILFWTSFLEIVTLPAVF
ETMNGGPRKPGVFFFDPLGLGKGDKMGEMELKEIKNGRLAMIGVGGMVHHYLLTGKGPIQFLSGIPNYKSCIEPHIGALC
Q
;
k
22 'polypeptide(L)'
;ATLVAACVATASAFSASPVLLKAGTRSATSGLSGMKMQDMSASVPFLPRPAALDGSMVGDVGFDPLGFTTKYDIKWLRES
ELKHGRVCMLASLGCIVQEIVHLPFEATSNPVASEAFFQVPAGGLWQIFAGIGIVEHFSNNFKMSGSTMFSEGRAPGNLG
FDPLNFGKNPSARARYELAEIKNGRLAMLGFGGMIHGCFITGKGPIGALTSMDWHQSF
;
i
23 'polypeptide(L)'
;RLSLCAAIVASASAFAPSGVLPTAPRRAGAVSAMKMQLPTAIPPLGRPETDMFDGSVPGDAGFDPLTISAWLDSRWLREA
EIKHCRVAMLAAAGCIAQDIFQFPGAATVYKASTKMTALHDAAVKAGSMGQMLFWIGFVEAISTAATIQMLQGSGRAPGD
FGFDPLGLGKGPGRARMELSEIKNGRLAMIGFSGMVHHYFITGKGPIELLTSR
;
d
24 'polypeptide(L)'
;VLVAAVIGYASAFTAPVLPSTHAVGRTNAMSGMRMQAKSKAIPFLDAPPALSESMPGYVGFDPLWVSSMLPDAGYVKFLQ
EAEIKHGRVAMLAAAGAIVQDIFTFPGVKSVIGDVKMTSVHDKFLSMEAGSGKGDMAAMHQLLLWLGLLEIATSVAIIQS
FKGETSRGPGEFGFDPLNFGKGNSAGSDSYKLKEIKNGRLAMIGIGGMVHHYLLTGKGPLQFLGGIPNYKSCVSHPDSLL
PWLFKAVGPVLPKIC
;
g
25 'polypeptide(L)'
;LRCTVLLLAVASASAFVSGPATLALRSNTRAAISRGPQMFSPVPSPEGTKETYWETKAPSSDVLGIGAGVSSGNFAAASV
FAALVGGYCTGQVIPLTVEPNPLFLAGSFLLPYSWALHVAAWIQKNNGK
;
R
26 'polypeptide(L)'
;RSVAACACLASAAAFAPSAVLPRAAPRAAASNAPTMQLWNEGKIQGKGVSVIPLFPRPASLDGTFPGDQGFDPFGFSSWV
NMKFVAEAEIKHCRLAMLAFAGIMVESAGISFPGATSVLGSSKNIFEIHDKAVASGAMGQILLWVSFFEVVAGVPAMNEM
LNGESSRIPGYYAFDPLGQGKGDKMGRMQLSEIQNGRLAMLAVSGIVHHTLITGKGPLG
;
n
#
loop_
_chem_comp.id
_chem_comp.type
_chem_comp.name
_chem_comp.formula
CLA non-polymer 'CHLOROPHYLL A' 'C55 H72 Mg N4 O5'
DGD saccharide 'DIGALACTOSYL DIACYL GLYCEROL (DGDG)' 'C51 H96 O15'
IHT non-polymer (1~{R})-3,5,5-trimethyl-4-[(3~{E},5~{E},7~{E},9~{E},11~{E},13~{E},15~{E},17~{E})-3,7,12,16-tetramethyl-18-(2,6,6-trimethylcyclohexen-1-yl)octadeca-3,5,7,9,11,13,15,17-octaen-1-ynyl]cyclohex-3-en-1-ol 'C40 H54 O'
II0 non-polymer (1~{R})-3,5,5-trimethyl-4-[(3~{E},5~{E},7~{E},9~{E},11~{E},13~{E},15~{E})-3,7,12,16-tetramethyl-18-[(4~{R})-2,6,6-trimethyl-4-oxidanyl-cyclohexen-1-yl]octadeca-3,5,7,9,11,13,15-heptaen-1,17-diynyl]cyclohex-3-en-1-ol 'C40 H52 O2'
KC2 non-polymer 'Chlorophyll c2' 'C35 H28 Mg N4 O5'
LHG non-polymer 1,2-DIPALMITOYL-PHOSPHATIDYL-GLYCEROLE 'C38 H75 O10 P'
LMG non-polymer 1,2-DISTEAROYL-MONOGALACTOSYL-DIGLYCERIDE 'C45 H86 O10'
LMT D-saccharide DODECYL-BETA-D-MALTOSIDE 'C24 H46 O11'
LMU D-saccharide DODECYL-ALPHA-D-MALTOSIDE 'C24 H46 O11'
PQN non-polymer PHYLLOQUINONE 'C31 H46 O2'
SF4 non-polymer 'IRON/SULFUR CLUSTER' 'Fe4 S4'
WVN non-polymer 1,3,3-trimethyl-2-[(1E,3E,5E,7E,9E,11E,13E,15E,17E)-3,7,12,16-tetramethyl-18-[(1R)-2,6,6-trimethylcyclohex-2-en-1-yl]octadeca-1,3,5,7,9,11,13,15,17-nonaenyl]cyclohexene 'C40 H56'
#
# COMPACT_ATOMS: atom_id res chain seq x y z
N LYS A 11 51.55 -22.42 27.83
CA LYS A 11 50.77 -21.19 27.82
C LYS A 11 50.38 -20.76 26.40
N LYS A 12 49.79 -21.67 25.63
CA LYS A 12 49.32 -21.35 24.28
C LYS A 12 48.07 -20.47 24.27
N VAL A 13 47.39 -20.27 25.39
CA VAL A 13 46.34 -19.27 25.48
C VAL A 13 46.98 -17.98 25.98
N SER A 14 47.12 -17.01 25.08
CA SER A 14 47.85 -15.79 25.40
C SER A 14 47.15 -14.61 24.76
N ILE A 15 47.43 -13.43 25.31
CA ILE A 15 46.90 -12.17 24.80
C ILE A 15 47.85 -11.66 23.72
N THR A 16 47.30 -11.39 22.54
CA THR A 16 48.13 -10.86 21.47
C THR A 16 47.36 -9.74 20.77
N VAL A 17 48.00 -8.59 20.62
CA VAL A 17 47.35 -7.35 20.19
C VAL A 17 48.20 -6.59 19.18
N ASP A 18 47.58 -6.11 18.10
CA ASP A 18 48.17 -5.11 17.22
C ASP A 18 47.87 -3.72 17.77
N ARG A 19 48.93 -2.91 17.91
CA ARG A 19 48.82 -1.57 18.47
C ARG A 19 48.69 -0.55 17.35
N ASP A 20 47.75 0.37 17.53
CA ASP A 20 47.37 1.39 16.56
C ASP A 20 47.10 0.91 15.13
N PRO A 21 46.16 -0.08 14.93
CA PRO A 21 45.91 -0.57 13.56
C PRO A 21 45.34 0.46 12.61
N VAL A 22 44.22 1.06 13.00
CA VAL A 22 43.44 1.94 12.14
C VAL A 22 43.49 3.33 12.73
N ALA A 23 43.70 4.33 11.87
CA ALA A 23 43.82 5.70 12.30
C ALA A 23 42.44 6.32 12.47
N THR A 24 42.24 7.03 13.58
CA THR A 24 40.99 7.72 13.90
C THR A 24 40.88 8.98 13.05
N SER A 25 40.24 8.86 11.89
CA SER A 25 40.12 9.94 10.92
C SER A 25 38.68 10.12 10.48
N PHE A 26 38.32 11.37 10.20
CA PHE A 26 37.01 11.68 9.63
C PHE A 26 36.97 11.56 8.12
N GLU A 27 38.06 11.13 7.48
CA GLU A 27 38.17 11.14 6.03
C GLU A 27 37.22 10.14 5.37
N LYS A 28 37.17 8.90 5.88
CA LYS A 28 36.30 7.89 5.29
C LYS A 28 34.82 8.11 5.60
N TRP A 29 34.50 8.89 6.63
CA TRP A 29 33.13 9.32 6.89
C TRP A 29 32.57 10.10 5.71
N ALA A 30 33.41 10.92 5.07
CA ALA A 30 33.03 11.74 3.93
C ALA A 30 33.00 10.98 2.63
N GLN A 31 33.30 9.68 2.64
CA GLN A 31 33.38 8.87 1.42
C GLN A 31 32.46 7.66 1.55
N PRO A 32 31.13 7.86 1.43
CA PRO A 32 30.17 6.75 1.60
C PRO A 32 30.40 5.62 0.61
N GLY A 33 30.45 4.41 1.11
CA GLY A 33 30.74 3.28 0.28
C GLY A 33 32.18 2.87 0.24
N HIS A 34 33.03 3.43 1.14
CA HIS A 34 34.47 3.21 1.15
C HIS A 34 34.87 1.75 1.36
N PHE A 35 33.98 0.94 1.92
CA PHE A 35 34.28 -0.40 2.42
C PHE A 35 34.22 -1.46 1.34
N SER A 36 33.70 -1.17 0.15
CA SER A 36 33.64 -2.16 -0.91
C SER A 36 34.13 -1.53 -2.20
N ARG A 37 34.74 -2.35 -3.06
CA ARG A 37 35.30 -1.85 -4.31
C ARG A 37 34.23 -1.39 -5.29
N THR A 38 33.06 -2.04 -5.29
CA THR A 38 31.97 -1.65 -6.16
C THR A 38 31.40 -0.30 -5.77
N LEU A 39 31.10 -0.11 -4.50
CA LEU A 39 30.40 1.11 -4.07
C LEU A 39 31.32 2.31 -3.91
N ALA A 40 32.64 2.13 -3.83
CA ALA A 40 33.52 3.24 -3.51
C ALA A 40 33.74 4.19 -4.66
N LYS A 41 33.37 3.81 -5.88
CA LYS A 41 33.54 4.65 -7.04
C LYS A 41 32.34 5.56 -7.29
N GLY A 42 31.33 5.53 -6.43
CA GLY A 42 30.27 6.51 -6.46
C GLY A 42 29.00 6.09 -7.17
N PRO A 43 27.90 6.82 -6.92
CA PRO A 43 26.61 6.42 -7.49
C PRO A 43 26.48 6.86 -8.94
N LYS A 44 25.81 6.02 -9.73
CA LYS A 44 25.38 6.41 -11.06
C LYS A 44 23.90 6.20 -11.26
N THR A 45 23.32 5.27 -10.49
CA THR A 45 21.89 5.03 -10.40
C THR A 45 21.50 5.02 -8.93
N THR A 46 20.20 5.10 -8.65
CA THR A 46 19.73 5.10 -7.25
C THR A 46 19.94 3.77 -6.54
N THR A 47 20.18 2.69 -7.30
CA THR A 47 20.44 1.36 -6.76
C THR A 47 21.65 1.35 -5.85
N TRP A 48 22.66 2.18 -6.17
CA TRP A 48 23.86 2.35 -5.37
C TRP A 48 23.53 2.73 -3.94
N ILE A 49 22.55 3.63 -3.77
CA ILE A 49 22.12 4.08 -2.45
C ILE A 49 21.59 2.91 -1.64
N TRP A 50 20.74 2.09 -2.26
CA TRP A 50 20.21 0.92 -1.57
C TRP A 50 21.29 -0.11 -1.34
N ASN A 51 22.16 -0.28 -2.36
CA ASN A 51 23.30 -1.17 -2.26
C ASN A 51 24.27 -0.74 -1.20
N LEU A 52 24.29 0.55 -0.84
CA LEU A 52 25.15 1.01 0.23
C LEU A 52 24.68 0.51 1.58
N HIS A 53 23.38 0.63 1.86
CA HIS A 53 22.90 0.23 3.18
C HIS A 53 22.77 -1.28 3.35
N ALA A 54 22.52 -2.00 2.26
CA ALA A 54 22.21 -3.43 2.34
C ALA A 54 23.40 -4.27 2.77
N ASP A 55 24.61 -3.93 2.33
CA ASP A 55 25.74 -4.83 2.53
C ASP A 55 26.76 -4.32 3.53
N VAL A 56 26.42 -3.29 4.30
CA VAL A 56 27.43 -2.55 5.05
C VAL A 56 27.97 -3.35 6.23
N HIS A 57 27.13 -4.09 6.92
CA HIS A 57 27.63 -4.84 8.05
C HIS A 57 28.00 -6.25 7.65
N ASP A 58 27.89 -6.57 6.37
CA ASP A 58 28.40 -7.81 5.82
C ASP A 58 29.92 -7.68 5.66
N PHE A 59 30.63 -7.86 6.78
CA PHE A 59 32.08 -7.68 6.82
C PHE A 59 32.80 -8.68 5.93
N ASP A 60 32.40 -9.96 5.97
CA ASP A 60 33.07 -11.00 5.19
C ASP A 60 32.81 -10.93 3.68
N SER A 61 32.03 -9.96 3.21
CA SER A 61 31.89 -9.63 1.80
C SER A 61 32.82 -8.50 1.37
N HIS A 62 33.38 -7.75 2.32
CA HIS A 62 34.31 -6.68 2.01
C HIS A 62 35.75 -7.12 2.15
N THR A 63 36.04 -7.93 3.16
CA THR A 63 37.39 -8.27 3.54
C THR A 63 37.57 -9.77 3.34
N ASN A 64 38.77 -10.18 2.94
CA ASN A 64 39.08 -11.59 2.85
C ASN A 64 39.57 -12.18 4.16
N SER A 65 40.28 -11.39 4.98
CA SER A 65 40.98 -11.93 6.14
C SER A 65 40.03 -12.09 7.32
N LEU A 66 40.11 -13.24 8.00
CA LEU A 66 39.32 -13.51 9.20
C LEU A 66 39.70 -12.62 10.39
N GLU A 67 40.93 -12.11 10.43
CA GLU A 67 41.37 -11.27 11.55
C GLU A 67 40.66 -9.91 11.56
N ASP A 68 40.64 -9.22 10.42
CA ASP A 68 39.97 -7.92 10.32
C ASP A 68 38.47 -8.03 10.50
N ILE A 69 37.89 -9.14 10.03
CA ILE A 69 36.47 -9.41 10.21
C ILE A 69 36.16 -9.54 11.69
N SER A 70 37.00 -10.31 12.42
CA SER A 70 36.82 -10.54 13.85
C SER A 70 36.97 -9.25 14.64
N ARG A 71 37.89 -8.37 14.22
CA ARG A 71 38.08 -7.09 14.89
C ARG A 71 36.88 -6.17 14.73
N LYS A 72 36.32 -6.13 13.50
CA LYS A 72 35.12 -5.34 13.24
C LYS A 72 33.93 -5.85 14.05
N ILE A 73 33.81 -7.17 14.20
CA ILE A 73 32.69 -7.76 14.94
C ILE A 73 32.80 -7.45 16.43
N PHE A 74 34.00 -7.57 17.00
CA PHE A 74 34.22 -7.27 18.43
C PHE A 74 33.90 -5.81 18.76
N SER A 75 34.34 -4.88 17.90
CA SER A 75 34.03 -3.48 18.16
C SER A 75 32.56 -3.13 17.92
N ALA A 76 31.91 -3.82 16.97
CA ALA A 76 30.48 -3.61 16.77
C ALA A 76 29.65 -4.15 17.93
N HIS A 77 30.19 -5.16 18.64
CA HIS A 77 29.49 -5.66 19.81
C HIS A 77 29.60 -4.71 20.98
N PHE A 78 30.71 -3.99 21.08
CA PHE A 78 30.79 -2.92 22.08
C PHE A 78 29.84 -1.78 21.76
N GLY A 79 29.69 -1.45 20.47
CA GLY A 79 28.74 -0.41 20.08
C GLY A 79 27.29 -0.77 20.40
N GLN A 80 26.94 -2.05 20.20
CA GLN A 80 25.60 -2.53 20.58
C GLN A 80 25.39 -2.46 22.09
N LEU A 81 26.41 -2.85 22.87
CA LEU A 81 26.33 -2.77 24.33
C LEU A 81 26.14 -1.34 24.81
N SER A 82 26.83 -0.39 24.15
CA SER A 82 26.66 1.02 24.46
C SER A 82 25.22 1.50 24.22
N ILE A 83 24.58 1.00 23.15
CA ILE A 83 23.21 1.39 22.86
C ILE A 83 22.25 0.81 23.91
N ILE A 84 22.49 -0.44 24.33
CA ILE A 84 21.65 -1.08 25.33
C ILE A 84 21.79 -0.40 26.68
N PHE A 85 23.00 0.00 27.06
CA PHE A 85 23.23 0.71 28.32
C PHE A 85 22.59 2.10 28.33
N LEU A 86 22.68 2.83 27.21
CA LEU A 86 21.96 4.11 27.10
C LEU A 86 20.45 3.93 27.21
N TRP A 87 19.91 2.87 26.58
CA TRP A 87 18.48 2.55 26.66
C TRP A 87 18.04 2.24 28.09
N LEU A 88 18.82 1.43 28.82
CA LEU A 88 18.54 1.11 30.21
C LEU A 88 18.61 2.35 31.09
N SER A 89 19.61 3.22 30.84
CA SER A 89 19.76 4.47 31.56
C SER A 89 18.56 5.37 31.35
N GLY A 90 18.02 5.39 30.14
CA GLY A 90 16.81 6.16 29.89
C GLY A 90 15.58 5.59 30.55
N MET A 91 15.48 4.26 30.67
CA MET A 91 14.33 3.68 31.37
C MET A 91 14.37 4.02 32.85
N TYR A 92 15.58 4.00 33.43
CA TYR A 92 15.75 4.39 34.83
C TYR A 92 15.53 5.88 35.04
N PHE A 93 16.00 6.72 34.11
CA PHE A 93 15.81 8.17 34.24
C PHE A 93 14.34 8.56 34.12
N HIS A 94 13.62 7.94 33.17
CA HIS A 94 12.20 8.23 33.03
C HIS A 94 11.41 7.70 34.22
N GLY A 95 11.84 6.59 34.82
CA GLY A 95 11.25 6.17 36.07
C GLY A 95 11.52 7.14 37.22
N ALA A 96 12.72 7.71 37.26
CA ALA A 96 13.06 8.66 38.32
C ALA A 96 12.35 10.00 38.17
N ARG A 97 12.24 10.49 36.94
CA ARG A 97 11.84 11.86 36.72
C ARG A 97 10.39 12.02 36.27
N PHE A 98 9.91 11.17 35.37
CA PHE A 98 8.59 11.33 34.77
C PHE A 98 7.65 10.20 35.12
N SER A 99 7.69 9.68 36.34
CA SER A 99 6.87 8.53 36.64
C SER A 99 6.15 8.68 37.98
N ASN A 100 5.18 7.79 38.21
CA ASN A 100 4.46 7.77 39.52
C ASN A 100 4.92 6.53 40.29
N TYR A 101 6.22 6.24 40.27
CA TYR A 101 6.74 5.02 40.94
C TYR A 101 6.50 5.07 42.45
N SER A 102 6.70 6.23 43.08
CA SER A 102 6.54 6.35 44.55
C SER A 102 5.09 6.07 44.94
N ALA A 103 4.13 6.61 44.18
CA ALA A 103 2.69 6.36 44.45
C ALA A 103 2.39 4.86 44.27
N TRP A 104 2.99 4.24 43.24
CA TRP A 104 2.76 2.80 42.99
C TRP A 104 3.27 1.97 44.18
N LEU A 105 4.41 2.34 44.75
CA LEU A 105 4.98 1.57 45.89
C LEU A 105 4.00 1.59 47.06
N SER A 106 3.43 2.77 47.36
CA SER A 106 2.44 2.89 48.47
C SER A 106 1.17 2.10 48.15
N ASN A 107 0.67 2.16 46.91
CA ASN A 107 -0.62 1.49 46.57
C ASN A 107 -0.48 0.71 45.25
N PRO A 108 0.16 -0.50 45.18
CA PRO A 108 0.36 -1.18 43.87
C PRO A 108 -0.91 -1.63 43.18
N THR A 109 -1.85 -2.17 43.91
CA THR A 109 -3.05 -2.74 43.31
C THR A 109 -4.07 -1.69 42.91
N ALA A 110 -3.76 -0.40 42.97
CA ALA A 110 -4.66 0.67 42.54
C ALA A 110 -4.03 1.62 41.52
N VAL A 111 -2.78 2.01 41.72
CA VAL A 111 -2.14 2.93 40.79
C VAL A 111 -1.66 2.14 39.57
N LYS A 112 -1.86 2.71 38.40
CA LYS A 112 -1.40 2.14 37.15
C LYS A 112 -0.05 2.74 36.79
N PRO A 113 0.96 1.91 36.52
CA PRO A 113 2.30 2.42 36.19
C PRO A 113 2.30 3.31 34.95
N SER A 114 3.03 4.40 35.03
CA SER A 114 3.13 5.34 33.91
C SER A 114 4.46 6.05 34.02
N ALA A 115 5.27 5.97 32.98
CA ALA A 115 6.58 6.60 33.01
C ALA A 115 6.83 7.41 31.74
N GLN A 116 5.77 7.81 31.04
CA GLN A 116 5.91 8.60 29.83
C GLN A 116 4.83 9.67 29.83
N VAL A 117 5.26 10.93 29.73
CA VAL A 117 4.40 12.10 29.73
C VAL A 117 4.58 12.80 28.38
N VAL A 118 3.47 13.21 27.75
CA VAL A 118 3.55 13.87 26.45
C VAL A 118 3.47 15.38 26.65
N TRP A 119 4.05 16.14 25.69
CA TRP A 119 3.94 17.59 25.64
C TRP A 119 2.61 18.00 25.03
N PRO A 120 2.05 19.12 25.46
CA PRO A 120 0.82 19.62 24.82
C PRO A 120 1.08 20.37 23.52
N ILE A 121 0.78 19.74 22.39
CA ILE A 121 0.99 20.45 21.14
C ILE A 121 -0.25 20.57 20.24
N VAL A 122 -0.81 19.46 19.80
CA VAL A 122 -1.88 19.52 18.81
C VAL A 122 -3.14 18.86 19.36
N GLY A 123 -3.33 18.98 20.66
CA GLY A 123 -4.36 18.24 21.35
C GLY A 123 -3.92 16.88 21.81
N GLN A 124 -2.65 16.52 21.64
CA GLN A 124 -2.14 15.20 21.95
C GLN A 124 -2.02 14.95 23.46
N GLU A 125 -2.20 15.98 24.30
CA GLU A 125 -2.13 15.84 25.75
C GLU A 125 -3.29 15.05 26.34
N VAL A 126 -4.30 14.70 25.53
CA VAL A 126 -5.32 13.70 25.85
C VAL A 126 -4.70 12.34 26.16
N LEU A 127 -3.49 12.05 25.66
CA LEU A 127 -2.81 10.80 25.94
C LEU A 127 -2.32 10.73 27.38
N ASN A 128 -2.16 11.87 28.07
CA ASN A 128 -1.84 11.88 29.50
C ASN A 128 -3.11 11.54 30.29
N GLY A 129 -3.45 10.27 30.32
CA GLY A 129 -4.62 9.81 31.04
C GLY A 129 -4.40 9.69 32.54
N ASP A 130 -5.51 9.46 33.24
CA ASP A 130 -5.49 9.38 34.70
C ASP A 130 -5.08 7.98 35.12
N VAL A 131 -3.77 7.79 35.28
CA VAL A 131 -3.22 6.50 35.70
C VAL A 131 -3.24 6.32 37.21
N GLY A 132 -3.41 7.38 37.98
CA GLY A 132 -3.54 7.23 39.41
C GLY A 132 -2.30 7.71 40.15
N GLY A 133 -2.49 7.99 41.42
CA GLY A 133 -1.44 8.54 42.25
C GLY A 133 -1.15 10.00 42.00
N GLY A 134 -2.17 10.78 41.65
CA GLY A 134 -2.00 12.19 41.32
C GLY A 134 -1.10 12.44 40.13
N PHE A 135 -1.27 11.66 39.08
CA PHE A 135 -0.35 11.65 37.96
C PHE A 135 -1.13 11.51 36.68
N GLN A 136 -0.59 12.10 35.61
CA GLN A 136 -1.14 11.94 34.27
C GLN A 136 -0.02 11.56 33.31
N GLY A 137 -0.24 10.49 32.57
CA GLY A 137 0.79 10.04 31.64
C GLY A 137 0.31 8.83 30.88
N VAL A 138 1.20 8.33 30.04
CA VAL A 138 0.97 7.14 29.25
C VAL A 138 1.26 5.93 30.12
N GLN A 139 0.31 5.01 30.21
CA GLN A 139 0.50 3.79 30.98
C GLN A 139 1.55 2.89 30.32
N VAL A 140 2.51 2.43 31.09
CA VAL A 140 3.62 1.64 30.58
C VAL A 140 3.44 0.20 31.01
N THR A 141 3.83 -0.72 30.13
CA THR A 141 3.54 -2.15 30.30
C THR A 141 4.80 -3.00 30.25
N SER A 142 5.97 -2.41 30.44
CA SER A 142 7.20 -3.17 30.34
C SER A 142 7.56 -3.88 31.63
N GLY A 143 6.85 -3.60 32.72
CA GLY A 143 7.13 -4.24 33.98
C GLY A 143 8.34 -3.75 34.71
N PHE A 144 8.78 -2.52 34.46
CA PHE A 144 9.95 -1.98 35.13
C PHE A 144 9.72 -1.71 36.60
N PHE A 145 8.52 -1.24 36.95
CA PHE A 145 8.13 -0.95 38.33
C PHE A 145 8.25 -2.19 39.21
N GLN A 146 7.80 -3.34 38.70
CA GLN A 146 7.88 -4.58 39.45
C GLN A 146 9.31 -5.08 39.58
N ILE A 147 10.13 -4.85 38.55
CA ILE A 147 11.58 -5.13 38.61
C ILE A 147 12.22 -4.30 39.70
N TRP A 148 11.92 -2.99 39.74
CA TRP A 148 12.52 -2.08 40.70
C TRP A 148 12.09 -2.41 42.12
N ARG A 149 10.81 -2.77 42.32
CA ARG A 149 10.35 -3.18 43.64
C ARG A 149 10.98 -4.48 44.09
N SER A 150 11.18 -5.44 43.17
CA SER A 150 11.92 -6.65 43.47
C SER A 150 13.38 -6.36 43.80
N SER A 151 13.96 -5.34 43.18
CA SER A 151 15.32 -4.94 43.49
C SER A 151 15.42 -4.25 44.84
N GLY A 152 14.32 -3.66 45.30
CA GLY A 152 14.28 -2.93 46.54
C GLY A 152 14.64 -1.47 46.41
N ILE A 153 14.18 -0.83 45.33
CA ILE A 153 14.61 0.53 45.01
C ILE A 153 13.98 1.54 45.96
N THR A 154 12.66 1.55 46.07
CA THR A 154 11.86 2.31 47.06
C THR A 154 11.95 3.83 47.02
N SER A 155 12.68 4.42 46.06
CA SER A 155 12.78 5.88 45.95
C SER A 155 13.32 6.27 44.57
N GLU A 156 12.95 7.49 44.14
CA GLU A 156 13.40 8.02 42.85
C GLU A 156 14.90 8.37 42.83
N VAL A 157 15.47 8.68 44.00
CA VAL A 157 16.90 9.04 44.09
C VAL A 157 17.78 7.86 43.66
N GLU A 158 17.44 6.65 44.12
CA GLU A 158 18.19 5.47 43.72
C GLU A 158 17.99 5.17 42.24
N LEU A 159 16.85 5.59 41.67
CA LEU A 159 16.65 5.44 40.23
C LEU A 159 17.51 6.43 39.46
N TYR A 160 17.81 7.59 40.05
CA TYR A 160 18.75 8.53 39.43
C TYR A 160 20.16 7.98 39.43
N TRP A 161 20.52 7.26 40.49
CA TRP A 161 21.86 6.67 40.55
C TRP A 161 22.00 5.50 39.59
N CYS A 162 20.93 4.71 39.41
CA CYS A 162 20.93 3.66 38.39
C CYS A 162 21.02 4.22 36.97
N ALA A 163 20.32 5.34 36.70
CA ALA A 163 20.40 5.97 35.38
C ALA A 163 21.80 6.48 35.11
N LEU A 164 22.46 7.04 36.14
CA LEU A 164 23.84 7.47 36.00
C LEU A 164 24.78 6.29 35.78
N ALA A 165 24.54 5.16 36.47
CA ALA A 165 25.37 3.96 36.30
C ALA A 165 25.26 3.41 34.88
N GLY A 166 24.05 3.46 34.31
CA GLY A 166 23.86 3.08 32.92
C GLY A 166 24.57 4.01 31.95
N LEU A 167 24.54 5.33 32.23
CA LEU A 167 25.24 6.30 31.39
C LEU A 167 26.77 6.10 31.42
N ILE A 168 27.32 5.82 32.62
CA ILE A 168 28.77 5.56 32.78
C ILE A 168 29.18 4.30 32.02
N MET A 169 28.38 3.22 32.14
CA MET A 169 28.65 1.98 31.40
C MET A 169 28.55 2.19 29.89
N SER A 170 27.58 3.01 29.44
CA SER A 170 27.43 3.29 28.01
C SER A 170 28.65 4.01 27.45
N GLY A 171 29.17 4.97 28.23
CA GLY A 171 30.39 5.65 27.81
C GLY A 171 31.60 4.72 27.80
N LEU A 172 31.66 3.80 28.77
CA LEU A 172 32.78 2.86 28.82
C LEU A 172 32.73 1.85 27.69
N MET A 173 31.53 1.46 27.24
CA MET A 173 31.45 0.52 26.12
C MET A 173 31.80 1.18 24.79
N ILE A 174 31.36 2.43 24.57
CA ILE A 174 31.69 3.08 23.31
C ILE A 174 33.18 3.43 23.25
N PHE A 175 33.79 3.73 24.41
CA PHE A 175 35.23 3.92 24.48
C PHE A 175 35.98 2.62 24.17
N ALA A 176 35.49 1.50 24.73
CA ALA A 176 36.14 0.22 24.54
C ALA A 176 36.08 -0.26 23.09
N GLY A 177 34.96 -0.02 22.41
CA GLY A 177 34.87 -0.34 20.99
C GLY A 177 35.82 0.46 20.13
N TRP A 178 35.97 1.75 20.43
CA TRP A 178 36.95 2.56 19.74
C TRP A 178 38.37 2.08 20.02
N PHE A 179 38.66 1.83 21.29
CA PHE A 179 39.98 1.42 21.73
C PHE A 179 40.38 0.08 21.13
N HIS A 180 39.46 -0.86 21.10
CA HIS A 180 39.81 -2.18 20.60
C HIS A 180 39.71 -2.28 19.08
N TYR A 181 39.25 -1.25 18.37
CA TYR A 181 39.46 -1.29 16.94
C TYR A 181 40.62 -0.44 16.46
N HIS A 182 40.83 0.72 17.08
CA HIS A 182 41.75 1.72 16.57
C HIS A 182 43.07 1.75 17.31
N LYS A 183 43.08 1.39 18.59
CA LYS A 183 44.28 1.39 19.40
C LYS A 183 44.83 0.00 19.65
N ALA A 184 44.01 -0.93 20.12
CA ALA A 184 44.51 -2.23 20.55
C ALA A 184 43.60 -3.33 20.01
N ALA A 185 43.85 -3.78 18.79
CA ALA A 185 42.99 -4.78 18.18
C ALA A 185 43.59 -6.16 18.34
N PRO A 186 42.86 -7.12 18.91
CA PRO A 186 43.41 -8.46 19.07
C PRO A 186 43.63 -9.17 17.74
N LYS A 187 44.61 -10.05 17.74
CA LYS A 187 44.87 -10.86 16.57
C LYS A 187 43.92 -12.05 16.54
N LEU A 188 43.86 -12.71 15.38
CA LEU A 188 42.91 -13.79 15.12
C LEU A 188 43.09 -14.96 16.09
N GLU A 189 44.34 -15.26 16.46
CA GLU A 189 44.62 -16.33 17.42
C GLU A 189 44.06 -16.05 18.81
N TRP A 190 43.81 -14.78 19.17
CA TRP A 190 43.09 -14.47 20.41
C TRP A 190 41.62 -14.86 20.31
N PHE A 191 40.96 -14.52 19.19
CA PHE A 191 39.54 -14.85 19.01
C PHE A 191 39.34 -16.35 18.86
N GLN A 192 40.31 -17.07 18.31
CA GLN A 192 40.19 -18.51 18.10
C GLN A 192 40.65 -19.28 19.35
N ASN A 193 40.03 -18.93 20.49
CA ASN A 193 40.22 -19.60 21.76
C ASN A 193 38.84 -19.94 22.29
N ALA A 194 38.27 -21.06 21.84
CA ALA A 194 36.90 -21.37 22.21
C ALA A 194 36.81 -21.92 23.62
N GLU A 195 37.82 -22.69 24.04
CA GLU A 195 37.89 -23.24 25.39
C GLU A 195 38.05 -22.14 26.45
N SER A 196 38.94 -21.18 26.20
CA SER A 196 39.16 -20.06 27.12
C SER A 196 37.92 -19.18 27.24
N MET A 197 37.30 -18.88 26.08
CA MET A 197 36.11 -18.04 26.04
C MET A 197 34.94 -18.71 26.76
N LEU A 198 34.76 -20.02 26.55
CA LEU A 198 33.70 -20.74 27.25
C LEU A 198 33.95 -20.83 28.74
N ASN A 199 35.22 -21.02 29.14
CA ASN A 199 35.58 -21.07 30.56
C ASN A 199 35.23 -19.77 31.25
N HIS A 200 35.55 -18.66 30.59
CA HIS A 200 35.27 -17.36 31.17
C HIS A 200 33.80 -17.00 31.06
N HIS A 201 33.10 -17.39 30.01
CA HIS A 201 31.70 -17.01 29.89
C HIS A 201 30.77 -17.87 30.73
N LEU A 202 31.15 -19.10 31.04
CA LEU A 202 30.37 -19.89 31.96
C LEU A 202 30.67 -19.55 33.40
N SER A 203 31.94 -19.69 33.77
CA SER A 203 32.39 -19.44 35.13
C SER A 203 32.23 -17.96 35.49
N GLY A 204 32.87 -17.08 34.72
CA GLY A 204 32.95 -15.66 35.00
C GLY A 204 31.70 -14.88 34.68
N LEU A 205 31.21 -14.94 33.45
CA LEU A 205 30.03 -14.13 33.12
C LEU A 205 28.77 -14.63 33.81
N LEU A 206 28.47 -15.91 33.66
CA LEU A 206 27.24 -16.45 34.23
C LEU A 206 27.36 -16.74 35.71
N GLY A 207 28.37 -17.51 36.12
CA GLY A 207 28.50 -17.90 37.53
C GLY A 207 28.71 -16.77 38.50
N LEU A 208 29.64 -15.86 38.20
CA LEU A 208 29.83 -14.69 39.05
C LEU A 208 28.64 -13.76 39.00
N GLY A 209 28.02 -13.64 37.83
CA GLY A 209 26.84 -12.82 37.70
C GLY A 209 25.69 -13.31 38.54
N CYS A 210 25.45 -14.63 38.52
CA CYS A 210 24.44 -15.23 39.38
C CYS A 210 24.79 -15.06 40.83
N LEU A 211 26.07 -15.27 41.17
CA LEU A 211 26.52 -15.17 42.55
C LEU A 211 26.38 -13.75 43.10
N SER A 212 26.77 -12.77 42.29
CA SER A 212 26.67 -11.36 42.73
C SER A 212 25.21 -10.96 42.88
N TRP A 213 24.35 -11.39 41.95
CA TRP A 213 22.90 -11.11 42.07
C TRP A 213 22.32 -11.80 43.31
N ALA A 214 22.76 -13.02 43.59
CA ALA A 214 22.28 -13.75 44.80
C ALA A 214 22.68 -12.94 46.04
N GLY A 215 23.89 -12.38 46.05
CA GLY A 215 24.33 -11.54 47.18
C GLY A 215 23.44 -10.32 47.34
N HIS A 216 23.09 -9.67 46.23
CA HIS A 216 22.17 -8.50 46.29
C HIS A 216 20.81 -8.94 46.82
N GLN A 217 20.30 -10.07 46.35
CA GLN A 217 18.95 -10.51 46.77
C GLN A 217 18.97 -10.79 48.28
N ILE A 218 20.00 -11.49 48.75
CA ILE A 218 20.08 -11.86 50.19
C ILE A 218 20.28 -10.62 51.07
N HIS A 219 21.13 -9.67 50.64
CA HIS A 219 21.47 -8.51 51.52
C HIS A 219 20.61 -7.28 51.26
N VAL A 220 19.82 -7.24 50.18
CA VAL A 220 19.08 -5.99 49.84
C VAL A 220 17.64 -6.33 49.47
N SER A 221 17.43 -7.22 48.49
CA SER A 221 16.07 -7.47 48.03
C SER A 221 15.21 -8.16 49.08
N LEU A 222 15.75 -9.19 49.71
CA LEU A 222 14.99 -9.96 50.70
C LEU A 222 14.61 -9.11 51.93
N PRO A 223 15.50 -8.33 52.56
CA PRO A 223 15.01 -7.50 53.69
C PRO A 223 14.02 -6.40 53.33
N VAL A 224 14.26 -5.66 52.24
CA VAL A 224 13.37 -4.59 51.82
C VAL A 224 12.01 -5.15 51.44
N ASN A 225 11.99 -6.31 50.77
CA ASN A 225 10.71 -6.84 50.35
C ASN A 225 9.96 -7.50 51.50
N LYS A 226 10.66 -8.06 52.49
CA LYS A 226 9.97 -8.57 53.67
C LYS A 226 9.32 -7.43 54.44
N LEU A 227 10.02 -6.29 54.54
CA LEU A 227 9.46 -5.12 55.19
C LEU A 227 8.28 -4.53 54.41
N LEU A 228 8.37 -4.51 53.07
CA LEU A 228 7.26 -4.03 52.24
C LEU A 228 6.02 -4.91 52.35
N ASP A 229 6.20 -6.24 52.30
CA ASP A 229 5.05 -7.13 52.37
C ASP A 229 4.50 -7.25 53.78
N ALA A 230 5.28 -6.93 54.81
CA ALA A 230 4.70 -6.73 56.14
C ALA A 230 3.78 -5.52 56.19
N GLY A 231 4.00 -4.54 55.31
CA GLY A 231 3.16 -3.36 55.24
C GLY A 231 3.83 -2.05 55.60
N VAL A 232 5.15 -2.08 55.79
CA VAL A 232 5.89 -0.88 56.17
C VAL A 232 5.95 0.05 54.96
N ALA A 233 5.76 1.35 55.22
CA ALA A 233 5.80 2.38 54.19
C ALA A 233 7.22 2.48 53.60
N PRO A 234 7.34 2.81 52.29
CA PRO A 234 8.67 2.81 51.63
C PRO A 234 9.72 3.74 52.24
N GLN A 235 9.32 4.92 52.68
CA GLN A 235 10.26 5.84 53.30
C GLN A 235 10.51 5.51 54.76
N GLU A 236 9.77 4.56 55.34
CA GLU A 236 9.98 4.06 56.70
C GLU A 236 10.95 2.88 56.69
N ILE A 237 11.37 2.44 55.51
CA ILE A 237 12.19 1.25 55.38
C ILE A 237 13.65 1.69 55.44
N PRO A 238 14.50 1.01 56.21
CA PRO A 238 15.92 1.39 56.31
C PRO A 238 16.62 1.29 54.97
N LEU A 239 17.63 2.13 54.80
CA LEU A 239 18.39 2.19 53.56
C LEU A 239 19.20 0.89 53.42
N PRO A 240 19.51 0.46 52.18
CA PRO A 240 20.03 -0.91 51.97
C PRO A 240 21.37 -1.21 52.61
N HIS A 241 22.19 -0.21 52.91
CA HIS A 241 23.48 -0.50 53.52
C HIS A 241 23.39 -0.72 55.01
N GLU A 242 22.33 -0.26 55.68
CA GLU A 242 22.15 -0.56 57.09
C GLU A 242 21.79 -2.00 57.33
N PHE A 243 21.34 -2.70 56.28
CA PHE A 243 21.21 -4.16 56.31
C PHE A 243 22.58 -4.81 56.21
N LEU A 244 23.48 -4.23 55.42
CA LEU A 244 24.84 -4.74 55.29
C LEU A 244 25.65 -4.59 56.56
N VAL A 245 25.54 -3.45 57.26
CA VAL A 245 26.40 -3.29 58.43
C VAL A 245 25.79 -3.89 59.70
N ASN A 246 24.61 -3.43 60.10
CA ASN A 246 24.02 -3.89 61.36
C ASN A 246 23.44 -5.27 61.14
N ARG A 247 24.14 -6.30 61.63
CA ARG A 247 23.65 -7.69 61.46
C ARG A 247 22.45 -7.93 62.39
N ASP A 248 22.31 -7.12 63.45
CA ASP A 248 21.22 -7.35 64.44
C ASP A 248 19.84 -7.17 63.80
N LEU A 249 19.64 -6.12 63.01
CA LEU A 249 18.33 -5.90 62.33
C LEU A 249 18.06 -7.02 61.31
N MET A 250 19.09 -7.45 60.58
CA MET A 250 18.93 -8.55 59.60
C MET A 250 18.55 -9.83 60.35
N ALA A 251 19.14 -10.06 61.53
CA ALA A 251 18.78 -11.24 62.36
C ALA A 251 17.31 -11.13 62.79
N GLN A 252 16.84 -9.92 63.10
CA GLN A 252 15.44 -9.73 63.54
C GLN A 252 14.50 -10.18 62.42
N LEU A 253 14.84 -9.88 61.17
CA LEU A 253 14.03 -10.34 60.01
C LEU A 253 14.23 -11.84 59.79
N TYR A 254 15.49 -12.27 59.63
CA TYR A 254 15.78 -13.69 59.36
C TYR A 254 16.83 -14.16 60.37
N PRO A 255 16.45 -14.88 61.43
CA PRO A 255 17.41 -15.18 62.54
C PRO A 255 18.68 -15.97 62.21
N SER A 256 18.75 -16.70 61.09
CA SER A 256 19.95 -17.45 60.70
C SER A 256 21.19 -16.60 60.51
N PHE A 257 21.01 -15.30 60.20
CA PHE A 257 22.12 -14.38 60.03
C PHE A 257 22.89 -14.14 61.31
N SER A 258 22.31 -14.49 62.48
CA SER A 258 23.04 -14.47 63.74
C SER A 258 24.24 -15.42 63.74
N LYS A 259 24.26 -16.44 62.87
CA LYS A 259 25.35 -17.40 62.81
C LYS A 259 26.40 -17.08 61.78
N GLY A 260 26.12 -16.15 60.85
CA GLY A 260 27.13 -15.70 59.91
C GLY A 260 27.55 -16.76 58.91
N LEU A 261 28.83 -16.74 58.54
CA LEU A 261 29.33 -17.57 57.47
C LEU A 261 29.95 -18.87 57.98
N VAL A 262 29.90 -19.12 59.28
CA VAL A 262 30.33 -20.43 59.82
C VAL A 262 29.49 -21.60 59.29
N PRO A 263 28.12 -21.53 59.25
CA PRO A 263 27.38 -22.64 58.59
C PRO A 263 27.70 -22.87 57.11
N PHE A 264 28.09 -21.83 56.36
CA PHE A 264 28.45 -22.03 54.97
C PHE A 264 29.72 -22.86 54.83
N PHE A 265 30.75 -22.52 55.60
CA PHE A 265 32.06 -23.13 55.41
C PHE A 265 32.16 -24.52 56.03
N THR A 266 31.43 -24.75 57.12
CA THR A 266 31.44 -26.05 57.79
C THR A 266 30.47 -27.05 57.19
N LEU A 267 29.72 -26.64 56.15
CA LEU A 267 28.76 -27.42 55.36
C LEU A 267 27.49 -27.71 56.14
N ASN A 268 27.19 -26.90 57.14
CA ASN A 268 25.94 -27.01 57.88
C ASN A 268 24.89 -26.08 57.26
N TRP A 269 24.56 -26.42 56.01
CA TRP A 269 23.79 -25.53 55.16
C TRP A 269 22.32 -25.39 55.55
N SER A 270 21.75 -26.37 56.27
CA SER A 270 20.35 -26.25 56.70
C SER A 270 20.12 -25.18 57.76
N GLU A 271 21.16 -24.48 58.22
CA GLU A 271 20.98 -23.30 59.04
C GLU A 271 20.38 -22.17 58.23
N TYR A 272 20.69 -22.13 56.93
CA TYR A 272 20.33 -21.00 56.09
C TYR A 272 18.94 -21.12 55.49
N SER A 273 18.10 -22.02 56.04
CA SER A 273 16.78 -22.31 55.48
C SER A 273 15.77 -21.18 55.70
N ASP A 274 16.09 -20.19 56.54
CA ASP A 274 15.27 -18.99 56.66
C ASP A 274 15.20 -18.24 55.34
N PHE A 275 16.33 -18.06 54.68
CA PHE A 275 16.38 -17.25 53.48
C PHE A 275 16.75 -18.04 52.23
N LEU A 276 17.15 -19.29 52.36
CA LEU A 276 17.40 -20.16 51.21
C LEU A 276 16.37 -21.27 51.29
N THR A 277 15.19 -21.02 50.73
CA THR A 277 14.08 -21.94 50.87
C THR A 277 13.89 -22.75 49.59
N PHE A 278 12.94 -23.67 49.63
CA PHE A 278 12.45 -24.37 48.45
C PHE A 278 10.92 -24.42 48.56
N LYS A 279 10.30 -23.24 48.76
CA LYS A 279 8.88 -23.20 49.06
C LYS A 279 8.03 -23.61 47.86
N GLY A 280 8.28 -23.00 46.70
CA GLY A 280 7.43 -23.19 45.54
C GLY A 280 6.11 -22.44 45.65
N GLY A 281 5.37 -22.42 44.54
CA GLY A 281 4.16 -21.64 44.61
C GLY A 281 4.44 -20.16 44.57
N LEU A 282 3.47 -19.39 45.03
CA LEU A 282 3.54 -17.93 44.99
C LEU A 282 3.42 -17.35 46.38
N ASN A 283 3.98 -16.16 46.54
CA ASN A 283 3.78 -15.36 47.73
C ASN A 283 2.33 -14.87 47.72
N PRO A 284 1.52 -15.17 48.74
CA PRO A 284 0.11 -14.72 48.76
C PRO A 284 -0.08 -13.21 48.76
N VAL A 285 0.87 -12.46 49.31
CA VAL A 285 0.70 -11.01 49.43
C VAL A 285 0.87 -10.34 48.07
N THR A 286 1.92 -10.70 47.35
CA THR A 286 2.27 -10.03 46.10
C THR A 286 1.88 -10.80 44.85
N GLY A 287 1.55 -12.08 44.97
CA GLY A 287 1.28 -12.90 43.79
C GLY A 287 2.49 -13.26 42.99
N GLY A 288 3.69 -13.08 43.55
CA GLY A 288 4.92 -13.38 42.85
C GLY A 288 5.64 -14.54 43.49
N LEU A 289 6.73 -14.94 42.84
CA LEU A 289 7.61 -15.97 43.38
C LEU A 289 8.23 -15.49 44.68
N TRP A 290 8.42 -16.42 45.62
CA TRP A 290 9.13 -16.14 46.86
C TRP A 290 10.57 -15.74 46.55
N LEU A 291 10.99 -14.59 47.06
CA LEU A 291 12.34 -14.13 46.77
C LEU A 291 13.41 -14.96 47.47
N SER A 292 13.05 -15.64 48.56
CA SER A 292 13.93 -16.64 49.15
C SER A 292 14.18 -17.81 48.20
N ASP A 293 13.18 -18.15 47.37
CA ASP A 293 13.35 -19.20 46.37
C ASP A 293 14.27 -18.73 45.24
N THR A 294 14.07 -17.50 44.77
CA THR A 294 14.91 -16.94 43.71
C THR A 294 16.35 -16.78 44.17
N ALA A 295 16.57 -16.45 45.45
CA ALA A 295 17.91 -16.34 46.00
C ALA A 295 18.61 -17.70 46.03
N HIS A 296 17.89 -18.75 46.48
CA HIS A 296 18.45 -20.10 46.47
C HIS A 296 18.68 -20.59 45.05
N HIS A 297 17.77 -20.24 44.13
CA HIS A 297 17.88 -20.57 42.71
C HIS A 297 19.15 -19.99 42.10
N HIS A 298 19.39 -18.70 42.32
CA HIS A 298 20.57 -18.03 41.69
C HIS A 298 21.87 -18.58 42.31
N LEU A 299 21.87 -18.83 43.61
CA LEU A 299 23.07 -19.39 44.28
C LEU A 299 23.38 -20.78 43.72
N ALA A 300 22.34 -21.61 43.54
CA ALA A 300 22.54 -22.98 42.99
C ALA A 300 23.07 -22.90 41.56
N LEU A 301 22.51 -21.99 40.76
CA LEU A 301 22.98 -21.82 39.35
C LEU A 301 24.43 -21.34 39.36
N ALA A 302 24.79 -20.45 40.27
CA ALA A 302 26.15 -19.87 40.27
C ALA A 302 27.16 -21.01 40.47
N VAL A 303 26.88 -21.91 41.42
CA VAL A 303 27.83 -23.03 41.70
C VAL A 303 27.94 -23.90 40.45
N LEU A 304 26.80 -24.22 39.83
CA LEU A 304 26.79 -25.12 38.66
C LEU A 304 27.55 -24.46 37.49
N PHE A 305 27.31 -23.17 37.25
CA PHE A 305 27.97 -22.44 36.13
C PHE A 305 29.49 -22.34 36.35
N ILE A 306 29.90 -22.05 37.59
CA ILE A 306 31.36 -21.94 37.90
C ILE A 306 32.01 -23.32 37.72
N VAL A 307 31.34 -24.38 38.18
CA VAL A 307 31.88 -25.76 38.00
C VAL A 307 31.94 -26.05 36.49
N ALA A 308 30.89 -25.72 35.75
CA ALA A 308 30.87 -25.91 34.29
C ALA A 308 32.05 -25.24 33.61
N GLY A 309 32.47 -24.08 34.15
CA GLY A 309 33.57 -23.32 33.60
C GLY A 309 34.95 -23.97 33.73
N HIS A 310 35.09 -25.06 34.47
CA HIS A 310 36.36 -25.74 34.64
C HIS A 310 36.50 -26.96 33.75
N MET A 311 35.62 -27.12 32.78
CA MET A 311 35.58 -28.30 31.96
C MET A 311 36.65 -28.30 30.87
N TYR A 312 36.84 -27.17 30.21
CA TYR A 312 37.71 -27.10 29.04
C TYR A 312 39.16 -26.74 29.35
N ARG A 313 40.06 -27.28 28.54
CA ARG A 313 41.49 -27.13 28.74
C ARG A 313 41.99 -25.82 28.14
N THR A 314 42.73 -25.02 28.93
CA THR A 314 43.29 -23.78 28.42
C THR A 314 44.82 -23.77 28.46
N ASN A 315 45.44 -23.76 29.63
CA ASN A 315 46.89 -23.52 29.71
C ASN A 315 47.61 -24.47 30.63
N TRP A 316 46.90 -25.16 31.48
CA TRP A 316 47.39 -26.20 32.37
C TRP A 316 46.65 -27.43 31.93
N GLY A 317 47.35 -28.57 31.91
CA GLY A 317 46.90 -29.78 31.24
C GLY A 317 45.52 -30.36 31.55
N ILE A 318 44.93 -29.91 32.66
CA ILE A 318 43.61 -30.37 33.05
C ILE A 318 42.56 -29.78 32.12
N GLY A 319 41.54 -30.56 31.81
CA GLY A 319 40.46 -30.11 30.96
C GLY A 319 40.29 -30.99 29.74
N HIS A 320 39.21 -30.70 29.03
CA HIS A 320 38.88 -31.39 27.79
C HIS A 320 39.35 -30.59 26.59
N SER A 321 39.76 -31.31 25.56
CA SER A 321 39.87 -30.75 24.22
C SER A 321 38.51 -30.91 23.55
N MET A 322 37.93 -29.79 23.10
CA MET A 322 36.62 -29.83 22.47
C MET A 322 36.63 -30.57 21.16
N LYS A 323 37.75 -30.47 20.44
CA LYS A 323 37.95 -31.21 19.21
C LYS A 323 37.98 -32.71 19.45
N GLU A 324 38.62 -33.17 20.53
CA GLU A 324 38.65 -34.60 20.85
C GLU A 324 37.28 -35.14 21.23
N ILE A 325 36.47 -34.35 21.98
CA ILE A 325 35.12 -34.75 22.33
C ILE A 325 34.28 -34.93 21.07
N LEU A 326 34.40 -33.97 20.13
CA LEU A 326 33.58 -34.03 18.92
C LEU A 326 34.03 -35.20 18.04
N GLU A 327 35.34 -35.35 17.83
CA GLU A 327 35.85 -36.42 16.97
C GLU A 327 35.67 -37.82 17.54
N ALA A 328 35.45 -37.98 18.85
CA ALA A 328 35.24 -39.32 19.38
C ALA A 328 33.81 -39.83 19.21
N HIS A 329 32.84 -38.96 19.04
CA HIS A 329 31.43 -39.37 18.95
C HIS A 329 31.07 -39.68 17.50
N LYS A 330 31.25 -40.95 17.13
CA LYS A 330 30.91 -41.43 15.80
C LYS A 330 30.54 -42.90 15.88
N GLY A 331 29.45 -43.28 15.24
CA GLY A 331 28.97 -44.64 15.27
C GLY A 331 28.83 -45.24 13.88
N PRO A 332 28.04 -46.31 13.78
CA PRO A 332 27.94 -47.04 12.51
C PRO A 332 26.95 -46.45 11.51
N PHE A 333 26.10 -45.52 11.93
CA PHE A 333 25.16 -44.89 11.01
C PHE A 333 25.69 -43.61 10.41
N THR A 334 26.70 -43.01 11.03
CA THR A 334 27.00 -41.60 10.77
C THR A 334 28.40 -41.34 10.25
N GLY A 335 29.06 -42.35 9.67
CA GLY A 335 30.32 -42.11 8.95
C GLY A 335 31.42 -41.64 9.88
N GLU A 336 32.07 -40.55 9.50
CA GLU A 336 33.11 -39.97 10.32
C GLU A 336 32.59 -39.19 11.53
N GLY A 337 31.29 -38.98 11.64
CA GLY A 337 30.74 -38.37 12.83
C GLY A 337 30.93 -36.87 12.90
N HIS A 338 31.20 -36.33 14.08
CA HIS A 338 31.33 -34.89 14.29
C HIS A 338 32.69 -34.35 13.95
N LYS A 339 33.51 -35.11 13.22
CA LYS A 339 34.81 -34.63 12.76
C LYS A 339 34.64 -33.43 11.84
N GLY A 340 35.50 -32.44 12.01
CA GLY A 340 35.45 -31.24 11.21
C GLY A 340 34.50 -30.16 11.69
N LEU A 341 33.72 -30.42 12.74
CA LEU A 341 32.81 -29.39 13.23
C LEU A 341 33.51 -28.31 14.04
N TYR A 342 34.57 -28.68 14.76
CA TYR A 342 35.36 -27.71 15.51
C TYR A 342 35.99 -26.67 14.60
N GLU A 343 36.54 -27.12 13.46
CA GLU A 343 37.16 -26.23 12.49
C GLU A 343 36.15 -25.28 11.89
N ILE A 344 34.93 -25.75 11.67
CA ILE A 344 33.85 -24.91 11.17
C ILE A 344 33.51 -23.84 12.19
N LEU A 345 33.36 -24.24 13.44
CA LEU A 345 32.83 -23.33 14.43
C LEU A 345 33.87 -22.41 15.01
N THR A 346 35.14 -22.55 14.64
CA THR A 346 36.17 -21.59 15.00
C THR A 346 36.74 -20.84 13.79
N THR A 347 36.16 -21.02 12.61
CA THR A 347 36.60 -20.30 11.42
C THR A 347 35.42 -19.64 10.73
N SER A 348 34.19 -19.97 11.08
CA SER A 348 33.03 -19.36 10.46
C SER A 348 32.25 -18.63 11.54
N TRP A 349 32.13 -17.31 11.37
CA TRP A 349 31.32 -16.51 12.25
C TRP A 349 29.84 -16.76 12.03
N HIS A 350 29.46 -16.99 10.77
CA HIS A 350 28.07 -17.25 10.41
C HIS A 350 27.53 -18.54 11.01
N ALA A 351 28.35 -19.60 11.06
CA ALA A 351 27.93 -20.85 11.69
C ALA A 351 27.67 -20.66 13.19
N GLN A 352 28.53 -19.88 13.85
CA GLN A 352 28.34 -19.56 15.26
C GLN A 352 27.10 -18.70 15.48
N LEU A 353 26.85 -17.75 14.57
CA LEU A 353 25.67 -16.89 14.70
C LEU A 353 24.39 -17.67 14.44
N ALA A 354 24.44 -18.66 13.55
CA ALA A 354 23.30 -19.53 13.28
C ALA A 354 22.90 -20.32 14.53
N ILE A 355 23.89 -20.91 15.21
CA ILE A 355 23.63 -21.64 16.45
C ILE A 355 23.12 -20.70 17.53
N ASN A 356 23.82 -19.58 17.75
CA ASN A 356 23.52 -18.69 18.87
C ASN A 356 22.21 -17.95 18.67
N LEU A 357 21.80 -17.72 17.42
CA LEU A 357 20.49 -17.12 17.17
C LEU A 357 19.37 -18.12 17.40
N ALA A 358 19.57 -19.39 17.02
CA ALA A 358 18.56 -20.40 17.31
C ALA A 358 18.39 -20.62 18.81
N MET A 359 19.50 -20.56 19.55
CA MET A 359 19.45 -20.71 21.00
C MET A 359 18.86 -19.52 21.70
N LEU A 360 19.20 -18.31 21.27
CA LEU A 360 18.64 -17.11 21.88
C LEU A 360 17.15 -17.00 21.62
N GLY A 361 16.70 -17.38 20.43
CA GLY A 361 15.28 -17.40 20.14
C GLY A 361 14.51 -18.44 20.93
N SER A 362 15.09 -19.65 21.05
CA SER A 362 14.48 -20.69 21.86
C SER A 362 14.39 -20.29 23.33
N VAL A 363 15.45 -19.67 23.87
CA VAL A 363 15.46 -19.22 25.25
C VAL A 363 14.43 -18.13 25.47
N SER A 364 14.23 -17.25 24.48
CA SER A 364 13.22 -16.18 24.59
C SER A 364 11.79 -16.73 24.58
N ILE A 365 11.54 -17.79 23.83
CA ILE A 365 10.23 -18.46 23.86
C ILE A 365 10.01 -19.17 25.20
N ILE A 366 11.08 -19.77 25.76
CA ILE A 366 11.00 -20.42 27.08
C ILE A 366 10.74 -19.39 28.18
N VAL A 367 11.43 -18.23 28.10
CA VAL A 367 11.24 -17.08 28.99
C VAL A 367 9.79 -16.63 28.97
N ALA A 368 9.20 -16.55 27.76
CA ALA A 368 7.80 -16.21 27.58
C ALA A 368 6.87 -17.18 28.30
N HIS A 369 7.14 -18.49 28.20
CA HIS A 369 6.25 -19.46 28.84
C HIS A 369 6.38 -19.46 30.36
N HIS A 370 7.63 -19.41 30.84
CA HIS A 370 7.91 -19.56 32.26
C HIS A 370 7.50 -18.32 33.05
N MET A 371 7.51 -17.14 32.42
CA MET A 371 7.20 -15.94 33.20
C MET A 371 5.70 -15.72 33.44
N TYR A 372 4.81 -16.14 32.54
CA TYR A 372 3.41 -16.04 32.96
C TYR A 372 3.03 -17.18 33.88
N ALA A 373 3.67 -18.34 33.73
CA ALA A 373 3.16 -19.44 34.53
C ALA A 373 3.71 -19.41 35.95
N MET A 374 4.89 -18.84 36.14
CA MET A 374 5.52 -18.74 37.46
C MET A 374 5.94 -17.30 37.68
N PRO A 375 4.98 -16.37 37.87
CA PRO A 375 5.26 -14.90 37.82
C PRO A 375 6.29 -14.46 38.84
N PRO A 376 7.44 -13.99 38.39
CA PRO A 376 8.57 -13.83 39.30
C PRO A 376 8.62 -12.54 40.10
N TYR A 377 7.93 -11.52 39.64
CA TYR A 377 8.11 -10.24 40.29
C TYR A 377 6.89 -9.92 41.17
N PRO A 378 7.07 -9.14 42.23
CA PRO A 378 5.93 -8.78 43.08
C PRO A 378 4.99 -7.85 42.34
N TYR A 379 3.70 -8.21 42.34
CA TYR A 379 2.55 -7.51 41.74
C TYR A 379 2.61 -7.46 40.22
N ILE A 380 3.37 -8.36 39.59
CA ILE A 380 3.33 -8.45 38.14
C ILE A 380 2.25 -9.39 37.64
N ALA A 381 1.79 -10.33 38.48
CA ALA A 381 0.80 -11.30 38.05
C ALA A 381 -0.57 -10.68 37.90
N THR A 382 -0.88 -9.66 38.70
CA THR A 382 -2.16 -9.00 38.61
C THR A 382 -2.13 -7.73 37.77
N ASP A 383 -0.96 -7.31 37.32
CA ASP A 383 -0.88 -6.32 36.25
C ASP A 383 -0.96 -7.07 34.94
N TYR A 384 -2.19 -7.27 34.47
CA TYR A 384 -2.49 -8.01 33.25
C TYR A 384 -1.97 -7.36 31.96
N PRO A 385 -1.96 -6.00 31.80
CA PRO A 385 -1.26 -5.47 30.61
C PRO A 385 0.21 -5.82 30.52
N THR A 386 0.91 -5.90 31.65
CA THR A 386 2.31 -6.26 31.64
C THR A 386 2.50 -7.73 31.27
N GLN A 387 1.67 -8.62 31.84
CA GLN A 387 1.74 -10.06 31.57
C GLN A 387 1.52 -10.37 30.10
N LEU A 388 0.52 -9.70 29.49
CA LEU A 388 0.26 -9.89 28.07
C LEU A 388 1.37 -9.29 27.22
N SER A 389 1.90 -8.14 27.65
CA SER A 389 2.94 -7.44 26.90
C SER A 389 4.26 -8.21 26.87
N ILE A 390 4.67 -8.74 28.02
CA ILE A 390 5.98 -9.37 28.07
C ILE A 390 5.93 -10.76 27.46
N PHE A 391 4.76 -11.44 27.50
CA PHE A 391 4.62 -12.69 26.74
C PHE A 391 4.70 -12.43 25.24
N THR A 392 3.93 -11.45 24.74
CA THR A 392 3.88 -11.20 23.30
C THR A 392 5.22 -10.71 22.77
N HIS A 393 5.91 -9.88 23.55
CA HIS A 393 7.21 -9.35 23.15
C HIS A 393 8.25 -10.46 23.07
N HIS A 394 8.26 -11.38 24.05
CA HIS A 394 9.33 -12.36 24.00
C HIS A 394 9.03 -13.50 23.04
N MET A 395 7.76 -13.68 22.67
CA MET A 395 7.43 -14.60 21.58
C MET A 395 7.86 -14.06 20.22
N TRP A 396 7.74 -12.74 20.02
CA TRP A 396 8.17 -12.17 18.75
C TRP A 396 9.68 -12.15 18.60
N ILE A 397 10.40 -11.82 19.69
CA ILE A 397 11.87 -11.85 19.65
C ILE A 397 12.36 -13.27 19.40
N GLY A 398 11.71 -14.26 20.01
CA GLY A 398 12.07 -15.65 19.78
C GLY A 398 11.89 -16.11 18.35
N GLY A 399 10.73 -15.79 17.76
CA GLY A 399 10.46 -16.17 16.38
C GLY A 399 11.41 -15.53 15.37
N PHE A 400 11.71 -14.23 15.58
CA PHE A 400 12.66 -13.53 14.69
C PHE A 400 14.06 -14.12 14.78
N CYS A 401 14.55 -14.36 16.01
CA CYS A 401 15.91 -14.89 16.17
C CYS A 401 16.04 -16.31 15.65
N VAL A 402 14.97 -17.09 15.74
CA VAL A 402 14.96 -18.45 15.22
C VAL A 402 15.06 -18.44 13.69
N CYS A 403 14.38 -17.47 13.05
CA CYS A 403 14.49 -17.39 11.58
C CYS A 403 15.85 -16.85 11.15
N GLY A 404 16.48 -16.02 11.99
CA GLY A 404 17.83 -15.60 11.67
C GLY A 404 18.89 -16.67 11.83
N GLY A 405 18.62 -17.67 12.66
CA GLY A 405 19.50 -18.83 12.71
C GLY A 405 19.53 -19.61 11.41
N ALA A 406 18.38 -19.73 10.75
CA ALA A 406 18.37 -20.37 9.45
C ALA A 406 18.89 -19.47 8.35
N ALA A 407 18.77 -18.14 8.51
CA ALA A 407 19.38 -17.22 7.55
C ALA A 407 20.90 -17.34 7.55
N HIS A 408 21.49 -17.50 8.72
CA HIS A 408 22.94 -17.53 8.75
C HIS A 408 23.48 -18.95 8.60
N ALA A 409 22.64 -19.97 8.79
CA ALA A 409 22.98 -21.31 8.32
C ALA A 409 23.04 -21.38 6.80
N GLY A 410 22.13 -20.66 6.13
CA GLY A 410 22.19 -20.57 4.68
C GLY A 410 23.41 -19.82 4.18
N ILE A 411 23.77 -18.71 4.85
CA ILE A 411 24.98 -17.96 4.47
C ILE A 411 26.24 -18.80 4.71
N PHE A 412 26.25 -19.63 5.77
CA PHE A 412 27.37 -20.55 5.99
C PHE A 412 27.51 -21.54 4.85
N MET A 413 26.40 -22.19 4.49
CA MET A 413 26.41 -23.23 3.45
C MET A 413 26.83 -22.67 2.10
N VAL A 414 26.34 -21.48 1.75
CA VAL A 414 26.70 -20.88 0.47
C VAL A 414 28.16 -20.43 0.46
N ARG A 415 28.65 -19.90 1.58
CA ARG A 415 29.94 -19.23 1.58
C ARG A 415 31.04 -20.01 2.30
N ASP A 416 30.84 -20.33 3.57
CA ASP A 416 31.93 -20.84 4.38
C ASP A 416 32.09 -22.36 4.31
N TYR A 417 31.18 -23.05 3.65
CA TYR A 417 31.22 -24.51 3.56
C TYR A 417 32.18 -24.95 2.47
N ASN A 418 33.10 -25.86 2.81
CA ASN A 418 34.05 -26.39 1.84
C ASN A 418 34.02 -27.92 1.91
N PRO A 419 33.60 -28.60 0.83
CA PRO A 419 33.49 -30.08 0.83
C PRO A 419 34.76 -30.87 1.12
N ALA A 420 35.95 -30.31 0.84
CA ALA A 420 37.22 -31.01 1.07
C ALA A 420 37.44 -31.32 2.55
N GLN A 421 37.06 -30.40 3.43
CA GLN A 421 37.17 -30.58 4.87
C GLN A 421 35.91 -31.17 5.48
N ASN A 422 34.93 -31.50 4.66
CA ASN A 422 33.65 -32.02 5.13
C ASN A 422 33.32 -33.28 4.36
N TYR A 423 34.28 -34.19 4.25
CA TYR A 423 34.07 -35.43 3.52
C TYR A 423 33.53 -36.48 4.49
N ASN A 424 32.32 -36.98 4.22
CA ASN A 424 31.67 -38.11 4.91
C ASN A 424 31.38 -37.82 6.40
N ASN A 425 31.36 -36.57 6.81
CA ASN A 425 30.98 -36.24 8.17
C ASN A 425 29.47 -35.99 8.19
N LEU A 426 28.97 -35.42 9.29
CA LEU A 426 27.54 -35.25 9.49
C LEU A 426 26.90 -34.27 8.52
N LEU A 427 27.59 -33.18 8.17
CA LEU A 427 27.06 -32.24 7.18
C LEU A 427 26.93 -32.88 5.81
N ASP A 428 28.00 -33.54 5.34
CA ASP A 428 28.03 -34.25 4.06
C ASP A 428 26.89 -35.27 3.97
N ARG A 429 26.60 -35.96 5.07
CA ARG A 429 25.58 -37.01 5.06
C ARG A 429 24.17 -36.43 5.07
N VAL A 430 23.97 -35.27 5.73
CA VAL A 430 22.67 -34.60 5.71
C VAL A 430 22.36 -34.11 4.30
N ILE A 431 23.35 -33.48 3.65
CA ILE A 431 23.19 -32.98 2.28
C ILE A 431 22.98 -34.14 1.32
N ARG A 432 23.53 -35.31 1.62
CA ARG A 432 23.37 -36.42 0.71
C ARG A 432 22.10 -37.23 0.98
N HIS A 433 21.25 -36.84 1.92
CA HIS A 433 19.93 -37.47 1.95
C HIS A 433 18.82 -36.43 2.20
N ARG A 434 19.09 -35.18 1.77
CA ARG A 434 18.16 -34.07 1.91
C ARG A 434 16.80 -34.28 1.20
N ASP A 435 16.75 -35.10 0.14
CA ASP A 435 15.47 -35.44 -0.47
C ASP A 435 14.59 -36.28 0.44
N ALA A 436 15.20 -37.22 1.18
CA ALA A 436 14.44 -38.01 2.13
C ALA A 436 13.97 -37.17 3.31
N ILE A 437 14.80 -36.19 3.71
CA ILE A 437 14.42 -35.32 4.83
C ILE A 437 13.26 -34.40 4.44
N ILE A 438 13.37 -33.76 3.27
CA ILE A 438 12.37 -32.77 2.88
C ILE A 438 11.07 -33.46 2.44
N SER A 439 11.14 -34.66 1.86
CA SER A 439 9.92 -35.37 1.52
C SER A 439 9.17 -35.87 2.75
N HIS A 440 9.90 -36.28 3.80
CA HIS A 440 9.20 -36.74 4.99
C HIS A 440 8.63 -35.57 5.79
N LEU A 441 9.38 -34.46 5.86
CA LEU A 441 8.87 -33.24 6.48
C LEU A 441 7.67 -32.68 5.73
N ASN A 442 7.70 -32.68 4.40
CA ASN A 442 6.58 -32.23 3.57
C ASN A 442 5.33 -33.04 3.83
N TRP A 443 5.49 -34.37 3.94
CA TRP A 443 4.36 -35.25 4.25
C TRP A 443 3.78 -34.97 5.62
N ILE A 444 4.65 -34.73 6.62
CA ILE A 444 4.20 -34.41 7.98
C ILE A 444 3.41 -33.11 8.01
N CYS A 445 3.86 -32.11 7.23
CA CYS A 445 3.16 -30.83 7.19
C CYS A 445 1.80 -30.95 6.51
N ILE A 446 1.68 -31.80 5.48
CA ILE A 446 0.38 -32.03 4.85
C ILE A 446 -0.57 -32.78 5.78
N PHE A 447 -0.06 -33.87 6.41
CA PHE A 447 -0.86 -34.67 7.34
C PHE A 447 -1.35 -33.83 8.51
N LEU A 448 -0.52 -32.91 8.96
CA LEU A 448 -0.80 -32.21 10.18
C LEU A 448 -1.63 -30.97 9.93
N GLY A 449 -1.60 -30.47 8.69
CA GLY A 449 -2.54 -29.44 8.33
C GLY A 449 -3.91 -29.97 8.08
N PHE A 450 -4.00 -31.15 7.47
CA PHE A 450 -5.31 -31.79 7.30
C PHE A 450 -5.93 -32.15 8.65
N HIS A 451 -5.14 -32.73 9.55
CA HIS A 451 -5.73 -33.26 10.76
C HIS A 451 -5.71 -32.27 11.90
N SER A 452 -5.28 -31.02 11.66
CA SER A 452 -5.48 -29.97 12.65
C SER A 452 -6.47 -28.92 12.17
N PHE A 453 -6.21 -28.29 11.02
CA PHE A 453 -7.11 -27.26 10.54
C PHE A 453 -8.38 -27.85 9.93
N GLY A 454 -8.35 -29.09 9.42
CA GLY A 454 -9.55 -29.71 8.91
C GLY A 454 -10.55 -30.05 9.98
N LEU A 455 -10.09 -30.24 11.23
CA LEU A 455 -11.01 -30.38 12.36
C LEU A 455 -11.79 -29.11 12.59
N TYR A 456 -11.14 -27.95 12.44
CA TYR A 456 -11.83 -26.66 12.52
C TYR A 456 -12.84 -26.51 11.38
N ILE A 457 -12.47 -26.93 10.16
CA ILE A 457 -13.37 -26.80 9.02
C ILE A 457 -14.57 -27.76 9.13
N HIS A 458 -14.32 -28.97 9.65
CA HIS A 458 -15.38 -29.91 10.01
C HIS A 458 -16.34 -29.31 11.02
N ASN A 459 -15.81 -28.59 12.02
CA ASN A 459 -16.68 -28.04 13.06
C ASN A 459 -17.51 -26.86 12.57
N ASP A 460 -16.90 -25.96 11.79
CA ASP A 460 -17.65 -24.87 11.14
C ASP A 460 -18.79 -25.40 10.28
N THR A 461 -18.51 -26.45 9.50
CA THR A 461 -19.54 -27.00 8.63
C THR A 461 -20.67 -27.64 9.43
N MET A 462 -20.34 -28.46 10.43
CA MET A 462 -21.37 -29.10 11.28
C MET A 462 -22.19 -28.10 12.07
N ARG A 463 -21.54 -27.09 12.67
CA ARG A 463 -22.27 -26.07 13.42
C ARG A 463 -23.18 -25.25 12.49
N ALA A 464 -22.71 -24.97 11.27
CA ALA A 464 -23.55 -24.28 10.29
C ALA A 464 -24.72 -25.13 9.84
N LEU A 465 -24.55 -26.45 9.77
CA LEU A 465 -25.59 -27.36 9.30
C LEU A 465 -26.57 -27.75 10.38
N GLY A 466 -26.40 -27.25 11.60
CA GLY A 466 -27.27 -27.63 12.68
C GLY A 466 -26.93 -28.95 13.35
N ARG A 467 -25.78 -29.54 13.05
CA ARG A 467 -25.40 -30.85 13.57
C ARG A 467 -24.32 -30.63 14.61
N THR A 468 -24.75 -30.30 15.83
CA THR A 468 -23.80 -30.03 16.90
C THR A 468 -23.30 -31.28 17.61
N GLN A 469 -23.98 -32.40 17.41
CA GLN A 469 -23.54 -33.70 17.89
C GLN A 469 -22.49 -34.34 16.99
N ASP A 470 -22.22 -33.78 15.82
CA ASP A 470 -21.23 -34.32 14.89
C ASP A 470 -19.93 -33.56 14.94
N MET A 471 -19.74 -32.72 15.95
CA MET A 471 -18.58 -31.85 16.05
C MET A 471 -17.51 -32.50 16.91
N PHE A 472 -16.29 -32.00 16.75
CA PHE A 472 -15.23 -32.28 17.72
C PHE A 472 -15.34 -31.25 18.83
N SER A 473 -15.95 -31.65 19.94
CA SER A 473 -16.14 -30.77 21.09
C SER A 473 -16.25 -31.63 22.34
N ASP A 474 -16.28 -30.97 23.51
CA ASP A 474 -16.47 -31.68 24.77
C ASP A 474 -17.84 -32.33 24.85
N THR A 475 -18.88 -31.63 24.40
CA THR A 475 -20.25 -32.14 24.41
C THR A 475 -20.43 -33.30 23.43
N ALA A 476 -19.82 -33.21 22.25
CA ALA A 476 -19.95 -34.18 21.17
C ALA A 476 -18.74 -35.11 21.15
N ILE A 477 -18.24 -35.48 19.96
CA ILE A 477 -17.03 -36.30 19.85
C ILE A 477 -15.86 -35.59 20.52
N GLN A 478 -15.18 -36.29 21.42
CA GLN A 478 -14.18 -35.68 22.28
C GLN A 478 -12.76 -36.01 21.86
N LEU A 479 -11.96 -34.97 21.69
CA LEU A 479 -10.52 -35.11 21.48
C LEU A 479 -9.89 -34.67 22.79
N LYS A 480 -9.45 -35.63 23.57
CA LYS A 480 -9.00 -35.24 24.89
C LYS A 480 -7.49 -35.23 24.96
N PRO A 481 -6.90 -34.15 25.44
CA PRO A 481 -5.44 -34.12 25.62
C PRO A 481 -4.99 -34.92 26.83
N VAL A 482 -5.01 -36.25 26.72
CA VAL A 482 -4.78 -37.13 27.87
C VAL A 482 -3.34 -37.06 28.38
N PHE A 483 -2.37 -36.89 27.48
CA PHE A 483 -0.98 -36.84 27.90
C PHE A 483 -0.66 -35.55 28.67
N ALA A 484 -1.19 -34.43 28.21
CA ALA A 484 -0.99 -33.15 28.90
C ALA A 484 -1.74 -33.11 30.23
N GLN A 485 -2.97 -33.66 30.27
CA GLN A 485 -3.73 -33.75 31.51
C GLN A 485 -3.03 -34.64 32.53
N TRP A 486 -2.41 -35.72 32.05
CA TRP A 486 -1.65 -36.62 32.92
C TRP A 486 -0.40 -35.96 33.47
N VAL A 487 0.31 -35.20 32.63
CA VAL A 487 1.50 -34.45 33.08
C VAL A 487 1.10 -33.38 34.11
N GLN A 488 -0.07 -32.74 33.92
CA GLN A 488 -0.60 -31.81 34.93
C GLN A 488 -0.89 -32.50 36.25
N SER A 489 -1.42 -33.73 36.18
CA SER A 489 -1.66 -34.53 37.39
C SER A 489 -0.35 -34.82 38.12
N ILE A 490 0.71 -35.17 37.38
CA ILE A 490 2.01 -35.49 37.98
C ILE A 490 2.57 -34.26 38.68
N HIS A 491 2.43 -33.09 38.05
CA HIS A 491 3.01 -31.90 38.66
C HIS A 491 2.20 -31.43 39.86
N THR A 492 0.90 -31.72 39.88
CA THR A 492 0.12 -31.40 41.06
C THR A 492 0.40 -32.38 42.19
N LEU A 493 0.73 -33.63 41.86
CA LEU A 493 1.03 -34.58 42.92
C LEU A 493 2.45 -34.48 43.43
N ALA A 494 3.34 -33.80 42.70
CA ALA A 494 4.76 -33.74 43.05
C ALA A 494 5.14 -33.19 44.44
N PRO A 495 4.57 -32.10 44.99
CA PRO A 495 5.01 -31.65 46.33
C PRO A 495 4.75 -32.67 47.42
N GLY A 496 5.84 -33.05 48.10
CA GLY A 496 5.80 -34.09 49.09
C GLY A 496 5.90 -35.49 48.55
N ASN A 497 5.83 -35.69 47.23
CA ASN A 497 5.88 -37.03 46.64
C ASN A 497 7.16 -37.23 45.83
N THR A 498 7.29 -36.59 44.67
CA THR A 498 8.51 -36.78 43.90
C THR A 498 9.42 -35.60 44.00
N THR A 499 8.98 -34.54 44.65
CA THR A 499 9.83 -33.47 45.12
C THR A 499 9.51 -33.30 46.59
N PRO A 500 10.00 -34.22 47.46
CA PRO A 500 9.49 -34.31 48.86
C PRO A 500 9.68 -33.06 49.70
N ASN A 501 10.77 -32.33 49.52
CA ASN A 501 11.02 -31.14 50.33
C ASN A 501 10.33 -29.90 49.77
N ALA A 502 9.68 -30.00 48.60
CA ALA A 502 8.82 -28.93 48.12
C ALA A 502 7.59 -28.78 48.98
N LEU A 503 7.15 -27.55 49.16
CA LEU A 503 5.94 -27.28 49.90
C LEU A 503 4.74 -27.05 48.98
N ALA A 504 4.96 -26.41 47.84
CA ALA A 504 3.92 -26.14 46.87
C ALA A 504 4.41 -26.53 45.48
N THR A 505 3.49 -26.52 44.53
CA THR A 505 3.81 -26.84 43.14
C THR A 505 4.67 -25.73 42.53
N ALA A 506 5.36 -26.08 41.44
CA ALA A 506 6.14 -25.10 40.71
C ALA A 506 5.26 -23.99 40.15
N SER A 507 4.08 -24.35 39.66
CA SER A 507 3.13 -23.38 39.18
C SER A 507 1.72 -23.87 39.43
N TYR A 508 0.86 -22.93 39.80
CA TYR A 508 -0.55 -23.23 39.99
C TYR A 508 -1.29 -23.49 38.69
N ALA A 509 -0.69 -23.23 37.52
CA ALA A 509 -1.26 -23.59 36.22
C ALA A 509 -1.50 -25.08 36.09
N PHE A 510 -0.68 -25.89 36.75
CA PHE A 510 -0.80 -27.34 36.66
C PHE A 510 -1.97 -27.85 37.49
N GLY A 511 -2.43 -27.07 38.46
CA GLY A 511 -3.45 -27.51 39.38
C GLY A 511 -3.21 -26.94 40.76
N GLY A 512 -4.21 -27.02 41.63
CA GLY A 512 -4.12 -26.45 42.95
C GLY A 512 -5.03 -25.27 43.19
N ASP A 513 -4.59 -24.34 44.04
CA ASP A 513 -5.43 -23.27 44.53
C ASP A 513 -5.55 -22.14 43.51
N VAL A 514 -6.45 -21.20 43.80
CA VAL A 514 -6.55 -19.93 43.10
C VAL A 514 -5.83 -18.89 43.95
N VAL A 515 -4.85 -18.21 43.36
CA VAL A 515 -4.09 -17.17 44.04
C VAL A 515 -4.68 -15.83 43.67
N ALA A 516 -5.16 -15.10 44.66
CA ALA A 516 -5.81 -13.83 44.44
C ALA A 516 -5.03 -12.71 45.11
N VAL A 517 -4.75 -11.64 44.36
CA VAL A 517 -4.05 -10.47 44.89
C VAL A 517 -4.80 -9.22 44.45
N GLY A 518 -5.26 -8.43 45.43
CA GLY A 518 -6.06 -7.25 45.14
C GLY A 518 -7.36 -7.57 44.44
N ASN A 519 -7.97 -8.70 44.83
CA ASN A 519 -9.22 -9.28 44.32
C ASN A 519 -9.12 -9.72 42.86
N LYS A 520 -7.93 -9.74 42.28
CA LYS A 520 -7.66 -10.21 40.94
C LYS A 520 -6.88 -11.51 41.03
N VAL A 521 -7.13 -12.41 40.08
CA VAL A 521 -6.46 -13.70 40.05
C VAL A 521 -5.02 -13.52 39.61
N ALA A 522 -4.09 -14.00 40.42
CA ALA A 522 -2.71 -14.07 40.00
C ALA A 522 -2.49 -15.28 39.09
N MET A 523 -2.80 -16.46 39.62
CA MET A 523 -2.71 -17.69 38.86
C MET A 523 -3.69 -18.70 39.45
N MET A 524 -4.14 -19.61 38.60
CA MET A 524 -5.14 -20.64 38.86
C MET A 524 -4.99 -21.67 37.76
N PRO A 525 -5.41 -22.93 38.00
CA PRO A 525 -5.19 -24.00 37.01
C PRO A 525 -5.78 -23.74 35.63
N ILE A 526 -4.96 -24.02 34.62
CA ILE A 526 -5.30 -23.79 33.23
C ILE A 526 -5.72 -25.15 32.67
N SER A 527 -7.02 -25.43 32.68
CA SER A 527 -7.52 -26.73 32.26
C SER A 527 -7.45 -26.88 30.75
N LEU A 528 -7.25 -28.13 30.31
CA LEU A 528 -7.12 -28.44 28.90
C LEU A 528 -8.27 -29.33 28.46
N GLY A 529 -8.88 -28.98 27.33
CA GLY A 529 -10.01 -29.69 26.78
C GLY A 529 -9.82 -29.94 25.29
N THR A 530 -10.93 -30.11 24.55
CA THR A 530 -10.88 -30.35 23.11
C THR A 530 -10.29 -29.17 22.35
N ALA A 531 -10.68 -27.94 22.74
CA ALA A 531 -10.14 -26.71 22.14
C ALA A 531 -8.63 -26.59 22.35
N ASP A 532 -8.12 -27.08 23.49
CA ASP A 532 -6.68 -27.00 23.75
C ASP A 532 -5.90 -28.01 22.93
N PHE A 533 -6.47 -29.20 22.74
CA PHE A 533 -5.92 -30.23 21.85
C PHE A 533 -5.81 -29.69 20.42
N MET A 534 -6.89 -29.05 19.94
CA MET A 534 -6.92 -28.54 18.58
C MET A 534 -5.92 -27.42 18.35
N VAL A 535 -5.84 -26.45 19.28
CA VAL A 535 -4.92 -25.35 19.04
C VAL A 535 -3.47 -25.76 19.28
N HIS A 536 -3.21 -26.80 20.08
CA HIS A 536 -1.85 -27.32 20.21
C HIS A 536 -1.39 -28.03 18.94
N HIS A 537 -2.31 -28.73 18.26
CA HIS A 537 -1.89 -29.32 16.98
C HIS A 537 -1.80 -28.28 15.86
N ILE A 538 -2.57 -27.19 15.96
CA ILE A 538 -2.34 -26.01 15.10
C ILE A 538 -0.92 -25.48 15.28
N HIS A 539 -0.44 -25.44 16.53
CA HIS A 539 0.91 -24.97 16.81
C HIS A 539 1.96 -25.88 16.22
N ALA A 540 1.77 -27.20 16.41
CA ALA A 540 2.70 -28.20 15.87
C ALA A 540 2.77 -28.15 14.35
N PHE A 541 1.65 -27.85 13.71
CA PHE A 541 1.60 -27.72 12.26
C PHE A 541 2.34 -26.48 11.78
N THR A 542 2.11 -25.32 12.42
CA THR A 542 2.74 -24.10 11.94
C THR A 542 4.25 -24.08 12.21
N ILE A 543 4.68 -24.73 13.30
CA ILE A 543 6.12 -24.86 13.56
C ILE A 543 6.77 -25.80 12.55
N HIS A 544 6.11 -26.91 12.24
CA HIS A 544 6.68 -27.91 11.28
C HIS A 544 6.93 -27.28 9.89
N VAL A 545 5.93 -26.63 9.30
CA VAL A 545 6.09 -26.05 7.94
C VAL A 545 7.11 -24.91 7.96
N THR A 546 7.15 -24.10 9.02
CA THR A 546 8.19 -23.05 9.09
C THR A 546 9.56 -23.72 9.05
N VAL A 547 9.72 -24.83 9.78
CA VAL A 547 11.01 -25.59 9.75
C VAL A 547 11.24 -26.08 8.31
N LEU A 548 10.19 -26.57 7.64
CA LEU A 548 10.35 -27.13 6.27
C LEU A 548 10.86 -26.04 5.32
N ILE A 549 10.29 -24.84 5.37
CA ILE A 549 10.70 -23.74 4.46
C ILE A 549 12.16 -23.36 4.75
N LEU A 550 12.52 -23.27 6.03
CA LEU A 550 13.88 -22.83 6.41
C LEU A 550 14.89 -23.97 6.18
N LEU A 551 14.51 -25.21 6.52
CA LEU A 551 15.39 -26.33 6.30
C LEU A 551 15.60 -26.60 4.82
N LYS A 552 14.54 -26.49 4.01
CA LYS A 552 14.66 -26.63 2.56
C LYS A 552 15.56 -25.56 1.98
N GLY A 553 15.50 -24.34 2.53
CA GLY A 553 16.42 -23.31 2.08
C GLY A 553 17.87 -23.57 2.44
N VAL A 554 18.13 -24.08 3.65
CA VAL A 554 19.52 -24.32 4.04
C VAL A 554 20.09 -25.52 3.28
N LEU A 555 19.32 -26.60 3.16
CA LEU A 555 19.80 -27.84 2.53
C LEU A 555 19.98 -27.72 1.03
N PHE A 556 19.20 -26.88 0.36
CA PHE A 556 19.30 -26.72 -1.09
C PHE A 556 19.94 -25.40 -1.47
N SER A 557 20.71 -24.80 -0.57
CA SER A 557 21.30 -23.50 -0.81
C SER A 557 22.42 -23.56 -1.85
N ARG A 558 23.15 -24.67 -1.91
CA ARG A 558 24.29 -24.74 -2.82
C ARG A 558 23.98 -25.28 -4.19
N ASN A 559 22.99 -26.16 -4.32
CA ASN A 559 22.61 -26.87 -5.54
C ASN A 559 21.32 -27.63 -5.33
N SER A 560 20.63 -27.86 -6.44
CA SER A 560 19.38 -28.59 -6.46
C SER A 560 19.36 -29.44 -7.71
N ARG A 561 18.26 -30.16 -7.91
CA ARG A 561 18.01 -30.72 -9.24
C ARG A 561 17.65 -29.62 -10.23
N LEU A 562 17.08 -28.51 -9.74
CA LEU A 562 16.72 -27.41 -10.63
C LEU A 562 17.96 -26.66 -11.10
N ILE A 563 18.70 -26.03 -10.18
CA ILE A 563 19.89 -25.26 -10.53
C ILE A 563 21.11 -25.98 -9.96
N PRO A 564 21.93 -26.62 -10.79
CA PRO A 564 23.07 -27.40 -10.28
C PRO A 564 24.23 -26.57 -9.73
N ASP A 565 24.25 -25.25 -9.92
CA ASP A 565 25.36 -24.41 -9.53
C ASP A 565 24.87 -23.19 -8.77
N LYS A 566 23.93 -23.41 -7.84
CA LYS A 566 23.31 -22.36 -7.05
C LYS A 566 24.29 -21.63 -6.14
N ALA A 567 25.39 -22.29 -5.76
CA ALA A 567 26.38 -21.68 -4.88
C ALA A 567 27.18 -20.58 -5.58
N ASN A 568 27.32 -20.66 -6.91
CA ASN A 568 28.02 -19.62 -7.65
C ASN A 568 27.19 -18.36 -7.79
N LEU A 569 25.87 -18.48 -7.69
CA LEU A 569 25.01 -17.30 -7.72
C LEU A 569 24.93 -16.61 -6.38
N GLY A 570 25.18 -17.33 -5.30
CA GLY A 570 25.27 -16.73 -3.99
C GLY A 570 24.10 -17.09 -3.11
N PHE A 571 24.08 -16.49 -1.93
CA PHE A 571 23.02 -16.66 -0.96
C PHE A 571 21.77 -15.89 -1.38
N ARG A 572 21.96 -14.71 -1.92
CA ARG A 572 20.89 -13.76 -2.19
C ARG A 572 20.98 -13.37 -3.66
N PHE A 573 20.21 -14.06 -4.49
CA PHE A 573 20.02 -13.71 -5.89
C PHE A 573 18.53 -13.84 -6.16
N PRO A 574 17.98 -13.08 -7.13
CA PRO A 574 16.52 -13.11 -7.29
C PRO A 574 15.97 -14.37 -7.95
N CYS A 575 16.71 -14.92 -8.92
CA CYS A 575 16.28 -16.02 -9.78
C CYS A 575 17.43 -16.45 -10.67
N ASP A 576 17.21 -17.48 -11.47
CA ASP A 576 18.13 -17.80 -12.55
C ASP A 576 17.37 -17.82 -13.87
N GLY A 577 16.52 -16.83 -14.09
CA GLY A 577 15.88 -16.67 -15.36
C GLY A 577 14.55 -17.35 -15.47
N PRO A 578 13.82 -17.07 -16.55
CA PRO A 578 12.50 -17.69 -16.76
C PRO A 578 12.57 -19.09 -17.31
N GLY A 579 13.76 -19.62 -17.55
CA GLY A 579 13.88 -20.95 -18.08
C GLY A 579 13.78 -21.98 -17.00
N ARG A 580 13.79 -23.25 -17.44
CA ARG A 580 13.47 -24.44 -16.65
C ARG A 580 12.05 -24.37 -16.09
N GLY A 581 11.17 -23.66 -16.79
CA GLY A 581 9.84 -23.34 -16.34
C GLY A 581 9.75 -22.04 -15.54
N GLY A 582 10.86 -21.54 -15.00
CA GLY A 582 10.87 -20.36 -14.16
C GLY A 582 11.50 -20.66 -12.83
N THR A 583 12.53 -19.92 -12.45
CA THR A 583 13.29 -20.20 -11.24
C THR A 583 13.25 -19.04 -10.27
N CYS A 584 12.13 -18.31 -10.26
CA CYS A 584 11.89 -17.20 -9.35
C CYS A 584 11.98 -17.69 -7.90
N GLN A 585 12.70 -16.97 -7.03
CA GLN A 585 12.76 -17.21 -5.58
C GLN A 585 13.40 -18.56 -5.26
N SER A 586 14.52 -18.87 -5.91
CA SER A 586 15.21 -20.14 -5.73
C SER A 586 16.35 -20.09 -4.73
N SER A 587 16.65 -18.93 -4.18
CA SER A 587 17.81 -18.79 -3.32
C SER A 587 17.48 -19.18 -1.87
N ALA A 588 18.53 -19.28 -1.06
CA ALA A 588 18.35 -19.51 0.37
C ALA A 588 17.73 -18.30 1.06
N TRP A 589 18.09 -17.09 0.59
CA TRP A 589 17.47 -15.86 1.05
C TRP A 589 15.97 -15.86 0.84
N ASP A 590 15.50 -16.49 -0.23
CA ASP A 590 14.08 -16.45 -0.51
C ASP A 590 13.32 -17.46 0.33
N SER A 591 14.01 -18.40 0.94
CA SER A 591 13.37 -19.24 1.93
C SER A 591 13.33 -18.59 3.29
N VAL A 592 14.33 -17.76 3.63
CA VAL A 592 14.19 -16.93 4.82
C VAL A 592 13.05 -15.94 4.65
N PHE A 593 12.92 -15.40 3.43
CA PHE A 593 11.85 -14.47 3.07
C PHE A 593 10.49 -15.13 3.21
N LEU A 594 10.34 -16.36 2.70
CA LEU A 594 9.08 -17.07 2.83
C LEU A 594 8.84 -17.63 4.22
N GLY A 595 9.90 -17.94 4.96
CA GLY A 595 9.73 -18.49 6.29
C GLY A 595 9.46 -17.48 7.36
N LEU A 596 9.72 -16.19 7.10
CA LEU A 596 9.32 -15.19 8.08
C LEU A 596 7.81 -14.93 8.05
N PHE A 597 7.15 -15.18 6.93
CA PHE A 597 5.70 -15.13 6.87
C PHE A 597 5.09 -16.24 7.71
N TRP A 598 5.66 -17.43 7.63
CA TRP A 598 5.13 -18.56 8.38
C TRP A 598 5.50 -18.49 9.86
N MET A 599 6.62 -17.83 10.18
CA MET A 599 6.89 -17.47 11.56
C MET A 599 5.85 -16.50 12.09
N TYR A 600 5.49 -15.50 11.28
CA TYR A 600 4.48 -14.52 11.66
C TYR A 600 3.14 -15.20 11.94
N ASN A 601 2.75 -16.12 11.06
CA ASN A 601 1.52 -16.91 11.22
C ASN A 601 1.54 -17.74 12.51
N CYS A 602 2.67 -18.40 12.79
CA CYS A 602 2.80 -19.25 13.97
C CYS A 602 2.70 -18.44 15.26
N ILE A 603 3.50 -17.36 15.36
CA ILE A 603 3.53 -16.57 16.58
C ILE A 603 2.22 -15.81 16.78
N SER A 604 1.52 -15.44 15.69
CA SER A 604 0.23 -14.77 15.83
C SER A 604 -0.83 -15.69 16.40
N VAL A 605 -0.82 -16.97 16.00
CA VAL A 605 -1.80 -17.89 16.58
C VAL A 605 -1.43 -18.22 18.03
N VAL A 606 -0.12 -18.27 18.35
CA VAL A 606 0.31 -18.52 19.74
C VAL A 606 -0.14 -17.40 20.67
N ILE A 607 0.07 -16.14 20.26
CA ILE A 607 -0.29 -15.02 21.13
C ILE A 607 -1.80 -14.84 21.20
N PHE A 608 -2.54 -15.17 20.12
CA PHE A 608 -4.00 -15.19 20.18
C PHE A 608 -4.53 -16.27 21.11
N HIS A 609 -3.92 -17.47 21.07
CA HIS A 609 -4.28 -18.56 21.96
C HIS A 609 -4.04 -18.18 23.41
N PHE A 610 -2.88 -17.56 23.68
CA PHE A 610 -2.57 -17.10 25.04
C PHE A 610 -3.56 -16.05 25.48
N SER A 611 -3.86 -15.07 24.63
CA SER A 611 -4.69 -13.94 25.01
C SER A 611 -6.11 -14.39 25.32
N TRP A 612 -6.70 -15.20 24.44
CA TRP A 612 -8.07 -15.67 24.66
C TRP A 612 -8.15 -16.64 25.83
N LYS A 613 -7.20 -17.58 25.94
CA LYS A 613 -7.27 -18.56 27.02
C LYS A 613 -7.08 -17.93 28.40
N MET A 614 -6.15 -16.97 28.54
CA MET A 614 -5.95 -16.30 29.82
C MET A 614 -7.13 -15.41 30.19
N GLN A 615 -7.71 -14.70 29.20
CA GLN A 615 -8.88 -13.87 29.51
C GLN A 615 -10.09 -14.73 29.86
N SER A 616 -10.28 -15.82 29.13
CA SER A 616 -11.45 -16.66 29.31
C SER A 616 -11.40 -17.54 30.55
N ASP A 617 -10.23 -18.05 30.92
CA ASP A 617 -10.18 -19.09 31.93
C ASP A 617 -9.25 -18.84 33.10
N VAL A 618 -8.46 -17.75 33.10
CA VAL A 618 -7.52 -17.57 34.20
C VAL A 618 -7.71 -16.20 34.83
N TRP A 619 -7.63 -15.15 34.04
CA TRP A 619 -7.65 -13.81 34.58
C TRP A 619 -9.07 -13.40 34.90
N GLY A 620 -9.24 -12.60 35.95
CA GLY A 620 -10.58 -12.14 36.34
C GLY A 620 -10.62 -11.67 37.78
N THR A 621 -11.82 -11.50 38.33
CA THR A 621 -11.95 -10.98 39.71
C THR A 621 -12.55 -12.04 40.62
N VAL A 622 -11.90 -12.34 41.74
CA VAL A 622 -12.49 -13.29 42.73
C VAL A 622 -13.65 -12.57 43.42
N GLN A 623 -14.72 -13.30 43.77
CA GLN A 623 -15.91 -12.63 44.38
C GLN A 623 -16.40 -13.42 45.59
N SER A 624 -17.61 -13.13 46.07
CA SER A 624 -18.16 -13.80 47.27
C SER A 624 -18.34 -15.30 47.00
N ASP A 625 -18.07 -16.15 48.00
CA ASP A 625 -18.21 -17.63 47.87
C ASP A 625 -16.97 -18.22 47.18
N GLY A 626 -15.98 -17.37 46.84
CA GLY A 626 -14.72 -17.88 46.25
C GLY A 626 -14.82 -18.15 44.77
N THR A 627 -15.98 -17.87 44.15
CA THR A 627 -16.14 -18.04 42.68
C THR A 627 -15.35 -16.94 41.96
N VAL A 628 -14.90 -17.21 40.73
CA VAL A 628 -14.09 -16.22 39.97
C VAL A 628 -14.84 -15.81 38.70
N THR A 629 -14.99 -14.50 38.45
CA THR A 629 -15.62 -14.03 37.18
C THR A 629 -14.49 -13.67 36.21
N HIS A 630 -14.34 -14.43 35.13
CA HIS A 630 -13.27 -14.21 34.18
C HIS A 630 -13.63 -13.08 33.21
N ILE A 631 -12.61 -12.61 32.49
CA ILE A 631 -12.69 -11.43 31.64
C ILE A 631 -13.70 -11.64 30.51
N THR A 632 -13.64 -12.79 29.83
CA THR A 632 -14.61 -13.09 28.80
C THR A 632 -15.52 -14.25 29.18
N GLY A 633 -15.56 -14.60 30.47
CA GLY A 633 -16.57 -15.48 31.03
C GLY A 633 -16.58 -16.91 30.56
N GLY A 634 -15.42 -17.50 30.30
CA GLY A 634 -15.30 -18.90 29.94
C GLY A 634 -15.92 -19.29 28.61
N ASN A 635 -15.75 -18.47 27.58
CA ASN A 635 -16.29 -18.82 26.27
C ASN A 635 -15.29 -19.57 25.40
N PHE A 636 -14.04 -19.76 25.86
CA PHE A 636 -13.01 -20.42 25.04
C PHE A 636 -13.38 -21.86 24.71
N ALA A 637 -13.91 -22.60 25.70
CA ALA A 637 -14.13 -24.04 25.60
C ALA A 637 -15.08 -24.39 24.46
N GLN A 638 -16.17 -23.64 24.30
CA GLN A 638 -17.17 -23.97 23.31
C GLN A 638 -17.07 -23.10 22.06
N SER A 639 -16.19 -22.12 22.02
CA SER A 639 -16.11 -21.26 20.87
C SER A 639 -14.75 -21.24 20.21
N ALA A 640 -13.70 -21.77 20.82
CA ALA A 640 -12.42 -21.88 20.11
C ALA A 640 -12.34 -23.14 19.25
N ILE A 641 -13.46 -23.83 19.04
CA ILE A 641 -13.49 -25.05 18.27
C ILE A 641 -13.89 -24.80 16.81
N THR A 642 -14.41 -23.62 16.49
CA THR A 642 -14.71 -23.22 15.12
C THR A 642 -13.92 -21.96 14.75
N ILE A 643 -13.72 -21.75 13.45
CA ILE A 643 -13.11 -20.52 12.95
C ILE A 643 -14.03 -19.32 13.20
N ASN A 644 -15.35 -19.51 13.03
CA ASN A 644 -16.34 -18.47 13.33
C ASN A 644 -16.29 -18.01 14.78
N GLY A 645 -15.98 -18.92 15.70
CA GLY A 645 -15.80 -18.54 17.09
C GLY A 645 -14.61 -17.63 17.31
N TRP A 646 -13.49 -17.91 16.64
CA TRP A 646 -12.32 -17.04 16.73
C TRP A 646 -12.57 -15.69 16.09
N LEU A 647 -13.28 -15.68 14.96
CA LEU A 647 -13.61 -14.43 14.29
C LEU A 647 -14.55 -13.57 15.13
N ARG A 648 -15.63 -14.16 15.63
CA ARG A 648 -16.65 -13.42 16.36
C ARG A 648 -16.27 -13.16 17.81
N ASP A 649 -16.03 -14.23 18.57
CA ASP A 649 -15.87 -14.12 20.01
C ASP A 649 -14.47 -13.70 20.43
N PHE A 650 -13.50 -13.71 19.53
CA PHE A 650 -12.19 -13.19 19.88
C PHE A 650 -11.86 -11.90 19.15
N LEU A 651 -11.84 -11.87 17.82
CA LEU A 651 -11.41 -10.66 17.13
C LEU A 651 -12.48 -9.57 17.18
N TRP A 652 -13.73 -9.93 16.87
CA TRP A 652 -14.80 -8.94 16.81
C TRP A 652 -15.17 -8.42 18.20
N ALA A 653 -15.35 -9.34 19.16
CA ALA A 653 -15.75 -8.97 20.52
C ALA A 653 -14.68 -8.13 21.23
N GLN A 654 -13.41 -8.47 21.04
CA GLN A 654 -12.36 -7.78 21.77
C GLN A 654 -11.78 -6.60 21.00
N ALA A 655 -12.18 -6.39 19.75
CA ALA A 655 -11.78 -5.15 19.09
C ALA A 655 -12.64 -3.96 19.45
N SER A 656 -13.62 -4.15 20.35
CA SER A 656 -14.51 -3.08 20.80
C SER A 656 -13.73 -1.96 21.46
N GLN A 657 -12.74 -2.30 22.28
CA GLN A 657 -11.99 -1.29 23.00
C GLN A 657 -11.08 -0.48 22.10
N VAL A 658 -10.44 -1.11 21.11
CA VAL A 658 -9.59 -0.35 20.20
C VAL A 658 -10.42 0.56 19.30
N ILE A 659 -11.58 0.10 18.83
CA ILE A 659 -12.29 0.92 17.85
C ILE A 659 -13.17 1.98 18.51
N GLN A 660 -13.44 1.86 19.81
CA GLN A 660 -14.17 2.88 20.56
C GLN A 660 -13.26 3.79 21.37
N SER A 661 -11.96 3.77 21.12
CA SER A 661 -10.99 4.45 21.98
C SER A 661 -10.83 5.95 21.67
N TYR A 662 -11.39 6.45 20.58
CA TYR A 662 -11.21 7.85 20.18
C TYR A 662 -11.77 8.81 21.22
N GLY A 663 -11.01 9.85 21.51
CA GLY A 663 -11.35 10.81 22.53
C GLY A 663 -10.90 10.44 23.93
N SER A 664 -10.20 9.33 24.11
CA SER A 664 -9.70 8.92 25.41
C SER A 664 -8.18 8.94 25.39
N ALA A 665 -7.56 8.48 26.47
CA ALA A 665 -6.12 8.33 26.52
C ALA A 665 -5.64 7.15 25.69
N LEU A 666 -6.53 6.24 25.33
CA LEU A 666 -6.19 5.10 24.49
C LEU A 666 -6.44 5.37 23.02
N SER A 667 -6.72 6.63 22.65
CA SER A 667 -6.90 6.99 21.25
C SER A 667 -5.62 6.84 20.43
N ALA A 668 -4.45 6.84 21.08
CA ALA A 668 -3.19 6.54 20.40
C ALA A 668 -3.16 5.12 19.87
N TYR A 669 -3.68 4.16 20.66
CA TYR A 669 -3.80 2.79 20.19
C TYR A 669 -4.82 2.68 19.08
N GLY A 670 -5.89 3.48 19.15
CA GLY A 670 -6.87 3.53 18.08
C GLY A 670 -6.27 4.02 16.77
N LEU A 671 -5.37 5.00 16.85
CA LEU A 671 -4.71 5.50 15.66
C LEU A 671 -3.67 4.52 15.12
N ILE A 672 -2.91 3.86 16.02
CA ILE A 672 -1.87 2.92 15.57
C ILE A 672 -2.49 1.65 14.97
N PHE A 673 -3.69 1.27 15.43
CA PHE A 673 -4.46 0.17 14.85
C PHE A 673 -4.74 0.41 13.37
N LEU A 674 -5.22 1.62 13.04
CA LEU A 674 -5.50 1.99 11.66
C LEU A 674 -4.21 2.18 10.86
N GLY A 675 -3.21 2.82 11.46
CA GLY A 675 -1.94 3.05 10.78
C GLY A 675 -1.24 1.78 10.39
N ALA A 676 -1.32 0.77 11.25
CA ALA A 676 -0.71 -0.52 10.95
C ALA A 676 -1.55 -1.30 9.95
N HIS A 677 -2.89 -1.23 10.03
CA HIS A 677 -3.76 -1.77 8.97
C HIS A 677 -3.42 -1.20 7.59
N PHE A 678 -3.11 0.11 7.55
CA PHE A 678 -2.68 0.79 6.33
C PHE A 678 -1.35 0.27 5.82
N ILE A 679 -0.33 0.22 6.70
CA ILE A 679 1.01 -0.22 6.31
C ILE A 679 1.01 -1.65 5.80
N TRP A 680 0.22 -2.52 6.44
CA TRP A 680 0.06 -3.90 6.01
C TRP A 680 -0.47 -4.00 4.59
N ALA A 681 -1.53 -3.25 4.30
CA ALA A 681 -2.08 -3.24 2.94
C ALA A 681 -1.10 -2.69 1.93
N PHE A 682 -0.38 -1.63 2.31
CA PHE A 682 0.63 -0.97 1.48
C PHE A 682 1.76 -1.92 1.12
N SER A 683 2.08 -2.88 2.01
CA SER A 683 3.08 -3.90 1.73
C SER A 683 2.73 -4.80 0.55
N LEU A 684 1.43 -5.06 0.33
CA LEU A 684 1.02 -5.95 -0.75
C LEU A 684 1.24 -5.32 -2.12
N MET A 685 1.40 -3.99 -2.18
CA MET A 685 1.84 -3.34 -3.40
C MET A 685 3.22 -3.83 -3.78
N PHE A 686 4.10 -3.99 -2.79
CA PHE A 686 5.43 -4.49 -3.08
C PHE A 686 5.50 -6.00 -3.23
N LEU A 687 4.57 -6.72 -2.64
CA LEU A 687 4.69 -8.17 -2.70
C LEU A 687 4.05 -8.75 -3.94
N PHE A 688 2.95 -8.17 -4.41
CA PHE A 688 2.22 -8.72 -5.55
C PHE A 688 2.70 -8.17 -6.88
N SER A 689 3.58 -7.18 -6.89
CA SER A 689 4.00 -6.53 -8.12
C SER A 689 5.40 -6.96 -8.50
N GLY A 690 5.79 -6.56 -9.71
CA GLY A 690 7.09 -6.91 -10.24
C GLY A 690 7.81 -5.64 -10.65
N ARG A 691 9.14 -5.74 -10.66
CA ARG A 691 10.03 -4.60 -10.91
C ARG A 691 9.86 -3.96 -12.28
N GLY A 692 9.59 -4.77 -13.31
CA GLY A 692 9.59 -4.29 -14.69
C GLY A 692 8.51 -3.27 -14.98
N TYR A 693 7.34 -3.43 -14.34
CA TYR A 693 6.28 -2.43 -14.42
C TYR A 693 6.74 -1.10 -13.86
N TRP A 694 7.42 -1.13 -12.71
CA TRP A 694 7.76 0.10 -12.03
C TRP A 694 8.90 0.82 -12.72
N GLN A 695 9.80 0.07 -13.37
CA GLN A 695 10.84 0.68 -14.18
C GLN A 695 10.27 1.36 -15.42
N GLU A 696 9.26 0.74 -16.06
CA GLU A 696 8.64 1.39 -17.21
C GLU A 696 7.80 2.61 -16.81
N LEU A 697 7.14 2.58 -15.64
CA LEU A 697 6.43 3.77 -15.16
C LEU A 697 7.40 4.91 -14.83
N ILE A 698 8.55 4.56 -14.23
CA ILE A 698 9.60 5.54 -13.92
C ILE A 698 10.14 6.19 -15.18
N GLU A 699 10.15 5.45 -16.32
CA GLU A 699 10.58 6.00 -17.61
C GLU A 699 9.73 7.20 -18.06
N SER A 700 8.40 7.08 -17.94
CA SER A 700 7.52 8.20 -18.28
C SER A 700 7.66 9.37 -17.32
N ILE A 701 7.86 9.08 -16.02
CA ILE A 701 8.08 10.16 -15.05
C ILE A 701 9.41 10.88 -15.31
N VAL A 702 10.45 10.11 -15.71
CA VAL A 702 11.75 10.64 -16.12
C VAL A 702 11.60 11.51 -17.36
N TRP A 703 10.68 11.13 -18.27
CA TRP A 703 10.40 11.93 -19.47
C TRP A 703 9.86 13.30 -19.08
N ALA A 704 8.94 13.33 -18.10
CA ALA A 704 8.36 14.61 -17.68
C ALA A 704 9.39 15.48 -16.98
N HIS A 705 10.37 14.86 -16.31
CA HIS A 705 11.45 15.62 -15.72
C HIS A 705 12.43 16.11 -16.78
N ASN A 706 12.71 15.26 -17.78
CA ASN A 706 13.53 15.64 -18.94
C ASN A 706 12.95 16.82 -19.70
N LYS A 707 11.62 16.88 -19.82
CA LYS A 707 10.91 17.96 -20.49
C LYS A 707 11.14 19.31 -19.83
N LEU A 708 11.24 19.34 -18.52
CA LEU A 708 11.48 20.56 -17.77
C LEU A 708 12.94 20.79 -17.42
N ASN A 709 13.84 19.96 -17.99
CA ASN A 709 15.29 19.98 -17.73
C ASN A 709 15.65 19.81 -16.25
N VAL A 710 14.93 18.94 -15.56
CA VAL A 710 15.16 18.74 -14.13
C VAL A 710 15.44 17.26 -13.80
N ALA A 711 15.95 16.52 -14.77
CA ALA A 711 16.31 15.13 -14.51
C ALA A 711 17.51 15.04 -13.57
N PRO A 712 17.51 14.09 -12.63
CA PRO A 712 18.63 13.98 -11.70
C PRO A 712 19.82 13.29 -12.36
N ALA A 713 21.00 13.54 -11.79
CA ALA A 713 22.18 12.88 -12.30
C ALA A 713 22.33 11.46 -11.75
N ILE A 714 21.74 11.18 -10.61
CA ILE A 714 21.61 9.81 -10.11
C ILE A 714 20.31 9.26 -10.70
N GLN A 715 20.44 8.48 -11.78
CA GLN A 715 19.31 7.99 -12.57
C GLN A 715 18.38 7.12 -11.73
N PRO A 716 17.10 7.47 -11.64
CA PRO A 716 16.19 6.69 -10.81
C PRO A 716 15.91 5.31 -11.37
N ARG A 717 15.91 4.35 -10.47
CA ARG A 717 15.61 2.97 -10.81
C ARG A 717 14.50 2.48 -9.90
N ALA A 718 13.73 1.55 -10.41
CA ALA A 718 12.90 0.73 -9.56
C ALA A 718 13.84 -0.12 -8.70
N LEU A 719 13.41 -0.41 -7.46
CA LEU A 719 14.13 -1.27 -6.52
C LEU A 719 14.43 -2.61 -7.15
N SER A 720 15.48 -3.28 -6.71
CA SER A 720 15.79 -4.62 -7.21
C SER A 720 14.69 -5.62 -6.84
N ILE A 721 14.74 -6.78 -7.49
CA ILE A 721 13.77 -7.84 -7.24
C ILE A 721 13.83 -8.28 -5.77
N THR A 722 15.05 -8.50 -5.27
CA THR A 722 15.26 -8.86 -3.88
C THR A 722 14.83 -7.74 -2.92
N GLN A 723 15.15 -6.48 -3.25
CA GLN A 723 14.77 -5.39 -2.38
C GLN A 723 13.26 -5.16 -2.40
N GLY A 724 12.61 -5.39 -3.54
CA GLY A 724 11.15 -5.36 -3.60
C GLY A 724 10.50 -6.38 -2.68
N ARG A 725 11.09 -7.57 -2.62
CA ARG A 725 10.64 -8.60 -1.70
C ARG A 725 10.89 -8.22 -0.24
N ALA A 726 12.06 -7.63 0.04
CA ALA A 726 12.43 -7.24 1.40
C ALA A 726 11.59 -6.08 1.92
N VAL A 727 11.24 -5.13 1.05
CA VAL A 727 10.40 -3.99 1.43
C VAL A 727 8.99 -4.47 1.71
N GLY A 728 8.47 -5.38 0.85
CA GLY A 728 7.17 -5.97 1.09
C GLY A 728 7.08 -6.76 2.38
N LEU A 729 8.11 -7.55 2.68
CA LEU A 729 8.14 -8.34 3.90
C LEU A 729 8.26 -7.45 5.15
N ALA A 730 9.10 -6.40 5.09
CA ALA A 730 9.27 -5.51 6.23
C ALA A 730 7.99 -4.73 6.55
N HIS A 731 7.31 -4.23 5.53
CA HIS A 731 6.07 -3.51 5.79
C HIS A 731 4.93 -4.45 6.18
N TYR A 732 4.95 -5.71 5.67
CA TYR A 732 3.98 -6.72 6.09
C TYR A 732 4.13 -7.04 7.57
N LEU A 733 5.37 -7.25 8.01
CA LEU A 733 5.63 -7.59 9.41
C LEU A 733 5.29 -6.43 10.32
N LEU A 734 5.64 -5.19 9.90
CA LEU A 734 5.34 -4.00 10.68
C LEU A 734 3.84 -3.80 10.86
N GLY A 735 3.09 -3.91 9.76
CA GLY A 735 1.65 -3.71 9.83
C GLY A 735 0.89 -4.78 10.60
N GLY A 736 1.22 -6.05 10.36
CA GLY A 736 0.56 -7.12 11.09
C GLY A 736 0.85 -7.13 12.59
N ILE A 737 2.14 -7.01 12.96
CA ILE A 737 2.50 -6.98 14.37
C ILE A 737 1.97 -5.71 15.04
N GLY A 738 2.02 -4.56 14.34
CA GLY A 738 1.55 -3.30 14.90
C GLY A 738 0.07 -3.30 15.18
N THR A 739 -0.72 -3.91 14.29
CA THR A 739 -2.16 -4.05 14.49
C THR A 739 -2.46 -4.92 15.71
N THR A 740 -1.76 -6.05 15.84
CA THR A 740 -1.90 -6.91 17.03
C THR A 740 -1.48 -6.16 18.30
N TRP A 741 -0.40 -5.37 18.23
CA TRP A 741 0.11 -4.61 19.37
C TRP A 741 -0.91 -3.60 19.87
N ALA A 742 -1.51 -2.84 18.94
CA ALA A 742 -2.53 -1.85 19.30
C ALA A 742 -3.79 -2.51 19.84
N PHE A 743 -4.22 -3.62 19.23
CA PHE A 743 -5.41 -4.34 19.67
C PHE A 743 -5.21 -4.95 21.06
N PHE A 744 -4.04 -5.56 21.28
CA PHE A 744 -3.76 -6.24 22.54
C PHE A 744 -3.65 -5.25 23.67
N LEU A 745 -3.04 -4.10 23.38
CA LEU A 745 -2.77 -3.16 24.45
C LEU A 745 -3.99 -2.35 24.82
N ALA A 746 -4.79 -1.88 23.84
CA ALA A 746 -6.03 -1.19 24.16
C ALA A 746 -7.03 -2.09 24.86
N ARG A 747 -7.09 -3.38 24.45
CA ARG A 747 -8.01 -4.34 25.04
C ARG A 747 -7.65 -4.61 26.49
N ILE A 748 -6.38 -4.90 26.76
CA ILE A 748 -6.02 -5.32 28.11
C ILE A 748 -5.82 -4.13 29.04
N ILE A 749 -5.56 -2.92 28.53
CA ILE A 749 -5.54 -1.76 29.43
C ILE A 749 -6.96 -1.40 29.86
N SER A 750 -7.93 -1.52 28.94
CA SER A 750 -9.31 -1.23 29.32
C SER A 750 -9.89 -2.28 30.26
N VAL A 751 -9.68 -3.57 30.00
CA VAL A 751 -10.39 -4.58 30.79
C VAL A 751 -9.52 -5.24 31.87
N GLY A 752 -8.21 -5.09 31.82
CA GLY A 752 -7.35 -5.74 32.79
C GLY A 752 -6.43 -4.72 33.46
N THR B 3 -1.38 -36.44 -25.03
CA THR B 3 -0.48 -36.11 -26.12
C THR B 3 -1.34 -35.57 -27.27
N LYS B 4 -2.66 -35.51 -27.09
CA LYS B 4 -3.49 -34.94 -28.13
C LYS B 4 -4.59 -34.01 -27.64
N PHE B 5 -4.67 -33.72 -26.33
CA PHE B 5 -5.68 -32.79 -25.82
C PHE B 5 -5.61 -31.39 -26.42
N PRO B 6 -4.48 -30.61 -26.35
CA PRO B 6 -4.50 -29.33 -27.05
C PRO B 6 -4.39 -29.60 -28.55
N LYS B 7 -5.47 -30.04 -29.20
CA LYS B 7 -5.46 -30.32 -30.64
C LYS B 7 -5.27 -29.08 -31.47
N PHE B 8 -5.50 -27.91 -30.90
CA PHE B 8 -5.28 -26.64 -31.57
C PHE B 8 -3.85 -26.14 -31.40
N SER B 9 -3.00 -26.87 -30.69
CA SER B 9 -1.65 -26.38 -30.42
C SER B 9 -0.69 -27.56 -30.37
N GLN B 10 0.19 -27.66 -31.37
CA GLN B 10 1.18 -28.74 -31.36
C GLN B 10 2.30 -28.50 -30.37
N ALA B 11 2.57 -27.24 -30.01
CA ALA B 11 3.58 -26.97 -28.99
C ALA B 11 3.12 -27.41 -27.60
N LEU B 12 1.82 -27.33 -27.32
CA LEU B 12 1.35 -27.77 -26.01
C LEU B 12 1.11 -29.27 -25.96
N ALA B 13 0.64 -29.87 -27.06
CA ALA B 13 0.35 -31.31 -27.10
C ALA B 13 1.59 -32.19 -27.04
N GLN B 14 2.78 -31.61 -27.19
CA GLN B 14 4.04 -32.32 -27.02
C GLN B 14 4.73 -31.98 -25.71
N ASP B 15 4.12 -31.14 -24.87
CA ASP B 15 4.66 -30.91 -23.53
C ASP B 15 4.47 -32.17 -22.69
N PRO B 16 5.53 -32.67 -22.06
CA PRO B 16 5.40 -33.91 -21.26
C PRO B 16 5.01 -33.69 -19.81
N ALA B 17 4.73 -32.47 -19.42
CA ALA B 17 4.45 -32.13 -18.05
C ALA B 17 2.97 -31.96 -17.85
N THR B 18 2.57 -31.65 -16.61
CA THR B 18 1.19 -31.27 -16.33
C THR B 18 0.82 -29.89 -16.86
N ARG B 19 1.81 -29.10 -17.32
CA ARG B 19 1.59 -27.79 -17.92
C ARG B 19 0.72 -27.86 -19.17
N ARG B 20 0.75 -28.99 -19.89
CA ARG B 20 0.00 -29.17 -21.13
C ARG B 20 -1.51 -29.09 -20.89
N ILE B 21 -1.98 -29.71 -19.80
CA ILE B 21 -3.41 -29.71 -19.46
C ILE B 21 -3.88 -28.30 -19.10
N TRP B 22 -3.10 -27.62 -18.24
CA TRP B 22 -3.44 -26.27 -17.79
C TRP B 22 -3.45 -25.27 -18.95
N TYR B 23 -2.40 -25.30 -19.76
CA TYR B 23 -2.27 -24.31 -20.83
C TYR B 23 -3.24 -24.60 -21.97
N GLY B 24 -3.52 -25.88 -22.23
CA GLY B 24 -4.51 -26.23 -23.21
C GLY B 24 -5.91 -25.80 -22.81
N LEU B 25 -6.22 -25.86 -21.51
CA LEU B 25 -7.53 -25.40 -21.10
C LEU B 25 -7.61 -23.86 -21.12
N ALA B 26 -6.54 -23.17 -20.72
CA ALA B 26 -6.62 -21.72 -20.61
C ALA B 26 -6.52 -20.99 -21.95
N THR B 27 -6.08 -21.64 -23.02
CA THR B 27 -5.92 -20.99 -24.32
C THR B 27 -6.98 -21.40 -25.34
N ALA B 28 -7.99 -22.17 -24.92
CA ALA B 28 -8.96 -22.80 -25.83
C ALA B 28 -9.80 -21.80 -26.61
N HIS B 29 -10.12 -20.66 -26.04
CA HIS B 29 -11.01 -19.74 -26.72
C HIS B 29 -10.26 -18.66 -27.49
N ASP B 30 -8.92 -18.69 -27.48
CA ASP B 30 -8.11 -17.73 -28.23
C ASP B 30 -7.81 -18.30 -29.62
N LEU B 31 -8.85 -18.30 -30.46
CA LEU B 31 -8.82 -18.98 -31.76
C LEU B 31 -7.81 -18.39 -32.74
N GLU B 32 -7.44 -17.11 -32.59
CA GLU B 32 -6.43 -16.50 -33.47
C GLU B 32 -5.06 -17.16 -33.35
N SER B 33 -4.74 -17.69 -32.17
CA SER B 33 -3.43 -18.30 -31.92
C SER B 33 -3.38 -19.78 -32.22
N HIS B 34 -4.49 -20.40 -32.56
CA HIS B 34 -4.52 -21.84 -32.80
C HIS B 34 -3.87 -22.17 -34.13
N ASP B 35 -3.24 -23.35 -34.18
CA ASP B 35 -2.47 -23.78 -35.34
C ASP B 35 -3.34 -23.89 -36.57
N GLY B 36 -2.86 -23.31 -37.67
CA GLY B 36 -3.56 -23.32 -38.94
C GLY B 36 -4.88 -22.58 -38.96
N MET B 37 -4.96 -21.44 -38.29
CA MET B 37 -6.19 -20.64 -38.30
C MET B 37 -6.13 -19.61 -39.41
N THR B 38 -7.07 -19.68 -40.33
CA THR B 38 -7.28 -18.64 -41.32
C THR B 38 -8.28 -17.64 -40.78
N GLU B 39 -8.47 -16.53 -41.51
CA GLU B 39 -9.43 -15.54 -41.08
C GLU B 39 -10.88 -15.95 -41.35
N GLU B 40 -11.11 -16.66 -42.46
CA GLU B 40 -12.41 -17.24 -42.79
C GLU B 40 -12.92 -18.15 -41.68
N ASN B 41 -12.07 -19.09 -41.27
CA ASN B 41 -12.47 -20.08 -40.28
C ASN B 41 -12.61 -19.44 -38.92
N LEU B 42 -11.82 -18.38 -38.65
CA LEU B 42 -11.88 -17.66 -37.39
C LEU B 42 -13.23 -16.96 -37.21
N TYR B 43 -13.69 -16.28 -38.27
CA TYR B 43 -14.95 -15.54 -38.17
C TYR B 43 -16.15 -16.48 -38.13
N GLN B 44 -16.03 -17.65 -38.77
CA GLN B 44 -17.17 -18.56 -38.74
C GLN B 44 -17.32 -19.28 -37.41
N LYS B 45 -16.18 -19.58 -36.74
CA LYS B 45 -16.26 -20.17 -35.41
C LYS B 45 -16.76 -19.18 -34.38
N ILE B 46 -16.36 -17.89 -34.53
CA ILE B 46 -16.87 -16.85 -33.63
C ILE B 46 -18.39 -16.71 -33.77
N PHE B 47 -18.90 -16.77 -35.01
CA PHE B 47 -20.35 -16.66 -35.27
C PHE B 47 -21.13 -17.80 -34.61
N ALA B 48 -20.64 -19.04 -34.77
CA ALA B 48 -21.32 -20.19 -34.17
C ALA B 48 -21.22 -20.19 -32.65
N SER B 49 -20.07 -19.82 -32.09
CA SER B 49 -19.96 -19.78 -30.64
C SER B 49 -20.71 -18.60 -30.04
N HIS B 50 -21.09 -17.61 -30.85
CA HIS B 50 -22.00 -16.57 -30.39
C HIS B 50 -23.44 -17.07 -30.32
N PHE B 51 -23.81 -17.95 -31.25
CA PHE B 51 -25.10 -18.63 -31.14
C PHE B 51 -25.18 -19.53 -29.91
N GLY B 52 -24.07 -20.20 -29.59
CA GLY B 52 -24.04 -21.03 -28.40
C GLY B 52 -24.13 -20.23 -27.11
N HIS B 53 -23.48 -19.06 -27.07
CA HIS B 53 -23.60 -18.18 -25.91
C HIS B 53 -25.03 -17.64 -25.73
N LEU B 54 -25.68 -17.26 -26.85
CA LEU B 54 -27.05 -16.78 -26.80
C LEU B 54 -28.01 -17.85 -26.26
N ALA B 55 -27.79 -19.10 -26.68
CA ALA B 55 -28.60 -20.19 -26.18
C ALA B 55 -28.39 -20.43 -24.69
N VAL B 56 -27.14 -20.26 -24.22
CA VAL B 56 -26.85 -20.37 -22.78
C VAL B 56 -27.61 -19.31 -21.98
N ILE B 57 -27.73 -18.09 -22.53
CA ILE B 57 -28.45 -17.02 -21.83
C ILE B 57 -29.95 -17.33 -21.77
N PHE B 58 -30.51 -17.90 -22.85
CA PHE B 58 -31.94 -18.24 -22.85
C PHE B 58 -32.23 -19.44 -21.95
N LEU B 59 -31.27 -20.34 -21.80
CA LEU B 59 -31.44 -21.47 -20.89
C LEU B 59 -31.39 -21.03 -19.44
N TRP B 60 -30.54 -20.05 -19.14
CA TRP B 60 -30.45 -19.50 -17.78
C TRP B 60 -31.74 -18.79 -17.39
N THR B 61 -32.34 -18.05 -18.34
CA THR B 61 -33.59 -17.34 -18.04
C THR B 61 -34.76 -18.30 -17.89
N SER B 62 -34.82 -19.32 -18.76
CA SER B 62 -35.89 -20.33 -18.67
C SER B 62 -35.77 -21.12 -17.38
N GLY B 63 -34.55 -21.41 -16.94
CA GLY B 63 -34.35 -22.08 -15.68
C GLY B 63 -34.79 -21.29 -14.47
N ASN B 64 -34.50 -19.98 -14.44
CA ASN B 64 -34.98 -19.14 -13.34
C ASN B 64 -36.51 -19.06 -13.31
N LEU B 65 -37.14 -18.95 -14.50
CA LEU B 65 -38.59 -18.93 -14.60
C LEU B 65 -39.21 -20.25 -14.18
N PHE B 66 -38.59 -21.36 -14.57
CA PHE B 66 -39.11 -22.68 -14.25
C PHE B 66 -39.05 -22.95 -12.76
N HIS B 67 -37.89 -22.65 -12.14
CA HIS B 67 -37.74 -22.95 -10.72
C HIS B 67 -38.62 -22.06 -9.86
N VAL B 68 -38.94 -20.84 -10.33
CA VAL B 68 -39.88 -20.01 -9.60
C VAL B 68 -41.32 -20.52 -9.79
N ALA B 69 -41.69 -20.91 -11.03
CA ALA B 69 -43.01 -21.48 -11.30
C ALA B 69 -43.25 -22.78 -10.53
N TRP B 70 -42.22 -23.61 -10.41
CA TRP B 70 -42.36 -24.90 -9.76
C TRP B 70 -42.34 -24.77 -8.25
N GLN B 71 -41.30 -24.15 -7.69
CA GLN B 71 -41.06 -24.20 -6.26
C GLN B 71 -41.33 -22.90 -5.52
N GLY B 72 -41.57 -21.81 -6.23
CA GLY B 72 -41.74 -20.52 -5.59
C GLY B 72 -43.13 -20.26 -5.07
N ASN B 73 -43.27 -19.07 -4.49
CA ASN B 73 -44.55 -18.57 -4.01
C ASN B 73 -45.01 -17.32 -4.76
N PHE B 74 -44.90 -17.34 -6.10
CA PHE B 74 -45.21 -16.17 -6.92
C PHE B 74 -46.66 -15.74 -6.76
N GLU B 75 -47.56 -16.71 -6.65
CA GLU B 75 -48.97 -16.41 -6.48
C GLU B 75 -49.28 -15.87 -5.07
N GLN B 76 -48.54 -16.30 -4.05
CA GLN B 76 -48.73 -15.70 -2.73
C GLN B 76 -48.10 -14.32 -2.67
N TRP B 77 -46.92 -14.16 -3.27
CA TRP B 77 -46.24 -12.87 -3.31
C TRP B 77 -47.05 -11.84 -4.07
N VAL B 78 -47.68 -12.22 -5.19
CA VAL B 78 -48.45 -11.30 -6.04
C VAL B 78 -49.64 -10.71 -5.29
N LEU B 79 -50.23 -11.47 -4.34
CA LEU B 79 -51.29 -10.95 -3.49
C LEU B 79 -50.78 -9.88 -2.52
N ASN B 80 -49.61 -10.07 -1.91
CA ASN B 80 -49.13 -9.19 -0.84
C ASN B 80 -47.62 -8.96 -0.96
N PRO B 81 -47.19 -8.14 -1.93
CA PRO B 81 -45.75 -8.12 -2.30
C PRO B 81 -44.83 -7.44 -1.30
N LEU B 82 -45.34 -6.61 -0.40
CA LEU B 82 -44.46 -6.04 0.59
C LEU B 82 -44.28 -6.91 1.82
N LYS B 83 -45.15 -7.88 2.04
CA LYS B 83 -45.03 -8.73 3.22
C LYS B 83 -44.45 -10.11 2.95
N VAL B 84 -44.69 -10.68 1.77
CA VAL B 84 -44.19 -12.00 1.43
C VAL B 84 -42.75 -11.87 0.91
N LYS B 85 -41.90 -12.83 1.27
CA LYS B 85 -40.51 -12.86 0.80
C LYS B 85 -40.42 -13.81 -0.38
N PRO B 86 -39.92 -13.36 -1.53
CA PRO B 86 -39.90 -14.19 -2.74
C PRO B 86 -38.99 -15.39 -2.60
N ILE B 87 -39.37 -16.51 -3.19
CA ILE B 87 -38.61 -17.74 -3.11
C ILE B 87 -37.84 -17.93 -4.42
N ALA B 88 -36.54 -18.24 -4.32
CA ALA B 88 -35.75 -18.47 -5.53
C ALA B 88 -35.91 -19.90 -6.02
N HIS B 89 -35.55 -20.86 -5.18
CA HIS B 89 -35.68 -22.29 -5.48
C HIS B 89 -35.65 -23.04 -4.18
N ALA B 90 -36.03 -24.31 -4.25
CA ALA B 90 -36.03 -25.13 -3.06
C ALA B 90 -34.65 -25.73 -2.83
N ILE B 91 -34.43 -26.16 -1.60
CA ILE B 91 -33.18 -26.73 -1.16
C ILE B 91 -33.40 -28.21 -0.93
N TRP B 92 -32.56 -29.04 -1.53
CA TRP B 92 -32.47 -30.44 -1.18
C TRP B 92 -31.00 -30.76 -0.93
N ASP B 93 -30.60 -30.78 0.33
CA ASP B 93 -29.20 -31.03 0.70
C ASP B 93 -29.17 -32.13 1.74
N PRO B 94 -28.64 -33.32 1.42
CA PRO B 94 -28.59 -34.41 2.40
C PRO B 94 -27.56 -34.23 3.50
N HIS B 95 -26.79 -33.14 3.48
CA HIS B 95 -25.89 -32.84 4.57
C HIS B 95 -26.56 -32.02 5.68
N PHE B 96 -27.78 -31.53 5.45
CA PHE B 96 -28.47 -30.68 6.42
C PHE B 96 -28.87 -31.46 7.66
N GLY B 97 -28.81 -30.81 8.81
CA GLY B 97 -29.51 -31.28 9.97
C GLY B 97 -30.94 -30.80 10.00
N GLN B 98 -31.70 -31.34 10.94
CA GLN B 98 -33.09 -30.92 11.17
C GLN B 98 -33.21 -29.47 11.66
N PRO B 99 -32.29 -28.90 12.50
CA PRO B 99 -32.33 -27.44 12.71
C PRO B 99 -32.14 -26.64 11.44
N ALA B 100 -31.28 -27.08 10.52
CA ALA B 100 -31.09 -26.37 9.26
C ALA B 100 -32.30 -26.48 8.35
N VAL B 101 -32.92 -27.65 8.30
CA VAL B 101 -34.12 -27.85 7.48
C VAL B 101 -35.25 -26.95 7.99
N LYS B 102 -35.42 -26.90 9.30
CA LYS B 102 -36.43 -26.04 9.91
C LYS B 102 -36.11 -24.56 9.74
N ALA B 103 -34.83 -24.17 9.88
CA ALA B 103 -34.44 -22.76 9.82
C ALA B 103 -34.58 -22.13 8.45
N PHE B 104 -34.55 -22.92 7.37
CA PHE B 104 -34.66 -22.39 6.02
C PHE B 104 -36.06 -22.54 5.45
N THR B 105 -37.05 -22.89 6.27
CA THR B 105 -38.42 -23.20 5.86
C THR B 105 -39.30 -21.94 5.91
N LYS B 106 -38.73 -20.82 5.48
CA LYS B 106 -39.42 -19.55 5.38
C LYS B 106 -40.21 -19.50 4.06
N GLY B 107 -40.79 -18.34 3.77
CA GLY B 107 -41.55 -18.12 2.55
C GLY B 107 -43.00 -18.57 2.57
N GLY B 108 -43.50 -19.09 3.68
CA GLY B 108 -44.86 -19.58 3.73
C GLY B 108 -45.07 -20.95 3.12
N VAL B 109 -44.00 -21.70 2.89
CA VAL B 109 -44.10 -23.01 2.26
C VAL B 109 -43.60 -24.02 3.28
N SER B 110 -43.60 -25.31 2.92
CA SER B 110 -43.27 -26.38 3.85
C SER B 110 -41.89 -26.97 3.61
N TYR B 111 -41.04 -26.29 2.85
CA TYR B 111 -39.77 -26.86 2.49
C TYR B 111 -38.69 -25.79 2.58
N PRO B 112 -37.42 -26.16 2.81
CA PRO B 112 -36.36 -25.16 2.80
C PRO B 112 -36.20 -24.52 1.43
N VAL B 113 -35.84 -23.24 1.45
CA VAL B 113 -35.88 -22.39 0.27
C VAL B 113 -34.84 -21.31 0.42
N ASN B 114 -34.40 -20.82 -0.71
CA ASN B 114 -33.57 -19.65 -0.75
C ASN B 114 -34.51 -18.50 -1.05
N ILE B 115 -34.30 -17.37 -0.40
CA ILE B 115 -35.09 -16.19 -0.67
C ILE B 115 -34.39 -15.40 -1.76
N ALA B 116 -35.13 -15.03 -2.81
CA ALA B 116 -34.50 -14.46 -4.00
C ALA B 116 -34.12 -13.01 -3.78
N THR B 117 -32.88 -12.68 -4.13
CA THR B 117 -32.40 -11.30 -4.10
C THR B 117 -32.26 -10.71 -5.50
N SER B 118 -32.71 -11.42 -6.52
CA SER B 118 -32.50 -11.00 -7.90
C SER B 118 -33.53 -9.99 -8.38
N GLY B 119 -34.68 -9.89 -7.71
CA GLY B 119 -35.69 -8.96 -8.16
C GLY B 119 -36.56 -9.44 -9.28
N VAL B 120 -36.43 -10.71 -9.68
CA VAL B 120 -37.21 -11.25 -10.80
C VAL B 120 -38.71 -11.30 -10.51
N TYR B 121 -39.12 -11.43 -9.24
CA TYR B 121 -40.54 -11.35 -8.89
C TYR B 121 -41.13 -9.98 -9.22
N HIS B 122 -40.40 -8.92 -8.86
CA HIS B 122 -40.89 -7.57 -9.10
C HIS B 122 -40.88 -7.24 -10.58
N TRP B 123 -39.89 -7.77 -11.31
CA TRP B 123 -39.81 -7.53 -12.74
C TRP B 123 -40.91 -8.26 -13.49
N TRP B 124 -41.14 -9.55 -13.17
CA TRP B 124 -42.19 -10.31 -13.84
C TRP B 124 -43.58 -9.83 -13.47
N TYR B 125 -43.76 -9.36 -12.23
CA TYR B 125 -45.02 -8.76 -11.83
C TYR B 125 -45.33 -7.48 -12.59
N THR B 126 -44.33 -6.59 -12.73
CA THR B 126 -44.55 -5.31 -13.40
C THR B 126 -44.85 -5.49 -14.88
N ILE B 127 -44.25 -6.48 -15.53
CA ILE B 127 -44.45 -6.64 -16.97
C ILE B 127 -45.67 -7.47 -17.30
N GLY B 128 -46.42 -7.92 -16.31
CA GLY B 128 -47.67 -8.59 -16.56
C GLY B 128 -47.94 -9.92 -15.90
N MET B 129 -46.90 -10.71 -15.57
CA MET B 129 -47.08 -12.06 -15.06
C MET B 129 -47.84 -12.07 -13.73
N ARG B 130 -48.83 -12.96 -13.62
CA ARG B 130 -49.68 -12.95 -12.45
C ARG B 130 -49.80 -14.34 -11.82
N SER B 131 -49.67 -15.40 -12.62
CA SER B 131 -49.85 -16.77 -12.17
C SER B 131 -48.57 -17.57 -12.36
N ASN B 132 -48.56 -18.79 -11.83
CA ASN B 132 -47.44 -19.67 -12.08
C ASN B 132 -47.44 -20.22 -13.50
N THR B 133 -48.62 -20.31 -14.12
CA THR B 133 -48.75 -20.95 -15.42
C THR B 133 -48.24 -20.08 -16.56
N ASP B 134 -48.22 -18.76 -16.42
CA ASP B 134 -47.61 -17.98 -17.48
C ASP B 134 -46.12 -17.78 -17.29
N LEU B 135 -45.61 -17.95 -16.07
CA LEU B 135 -44.19 -18.14 -15.85
C LEU B 135 -43.71 -19.42 -16.51
N TYR B 136 -44.50 -20.48 -16.38
CA TYR B 136 -44.17 -21.76 -17.01
C TYR B 136 -44.25 -21.69 -18.54
N ALA B 137 -45.25 -20.96 -19.07
CA ALA B 137 -45.35 -20.75 -20.52
C ALA B 137 -44.13 -19.99 -21.05
N GLY B 138 -43.68 -19.00 -20.28
CA GLY B 138 -42.49 -18.26 -20.67
C GLY B 138 -41.22 -19.09 -20.60
N SER B 139 -41.13 -20.01 -19.64
CA SER B 139 -39.96 -20.88 -19.55
C SER B 139 -39.92 -21.86 -20.72
N LEU B 140 -41.08 -22.35 -21.17
CA LEU B 140 -41.08 -23.24 -22.34
C LEU B 140 -40.76 -22.50 -23.62
N PHE B 141 -41.14 -21.22 -23.71
CA PHE B 141 -40.79 -20.42 -24.88
C PHE B 141 -39.28 -20.18 -24.97
N LEU B 142 -38.66 -19.86 -23.83
CA LEU B 142 -37.22 -19.64 -23.82
C LEU B 142 -36.44 -20.92 -24.07
N LEU B 143 -36.95 -22.07 -23.60
CA LEU B 143 -36.33 -23.35 -23.93
C LEU B 143 -36.37 -23.63 -25.43
N PHE B 144 -37.50 -23.29 -26.08
CA PHE B 144 -37.60 -23.43 -27.53
C PHE B 144 -36.65 -22.47 -28.26
N LEU B 145 -36.55 -21.22 -27.80
CA LEU B 145 -35.66 -20.25 -28.43
C LEU B 145 -34.20 -20.65 -28.28
N ALA B 146 -33.84 -21.21 -27.11
CA ALA B 146 -32.50 -21.74 -26.90
C ALA B 146 -32.17 -22.85 -27.88
N GLY B 147 -33.15 -23.75 -28.13
CA GLY B 147 -32.94 -24.80 -29.12
C GLY B 147 -32.79 -24.26 -30.53
N VAL B 148 -33.61 -23.25 -30.88
CA VAL B 148 -33.56 -22.60 -32.20
C VAL B 148 -32.20 -21.94 -32.44
N PHE B 149 -31.63 -21.31 -31.40
CA PHE B 149 -30.33 -20.68 -31.60
C PHE B 149 -29.18 -21.68 -31.57
N LEU B 150 -29.35 -22.83 -30.88
CA LEU B 150 -28.38 -23.93 -30.99
C LEU B 150 -28.38 -24.50 -32.39
N PHE B 151 -29.57 -24.66 -32.96
CA PHE B 151 -29.70 -25.16 -34.33
C PHE B 151 -29.13 -24.18 -35.35
N ALA B 152 -29.35 -22.88 -35.14
CA ALA B 152 -28.85 -21.85 -36.04
C ALA B 152 -27.33 -21.81 -36.02
N GLY B 153 -26.72 -21.99 -34.84
CA GLY B 153 -25.28 -22.11 -34.76
C GLY B 153 -24.74 -23.32 -35.48
N TRP B 154 -25.42 -24.47 -35.33
CA TRP B 154 -24.96 -25.65 -36.05
C TRP B 154 -25.14 -25.48 -37.55
N LEU B 155 -26.24 -24.84 -37.97
CA LEU B 155 -26.55 -24.68 -39.38
C LEU B 155 -25.56 -23.76 -40.06
N HIS B 156 -25.17 -22.67 -39.42
CA HIS B 156 -24.24 -21.76 -40.09
C HIS B 156 -22.79 -22.23 -40.06
N LEU B 157 -22.50 -23.42 -39.52
CA LEU B 157 -21.24 -24.10 -39.72
C LEU B 157 -21.28 -25.12 -40.84
N GLN B 158 -22.44 -25.33 -41.48
CA GLN B 158 -22.55 -26.28 -42.57
C GLN B 158 -22.06 -25.60 -43.85
N PRO B 159 -21.46 -26.37 -44.80
CA PRO B 159 -20.69 -25.77 -45.93
C PRO B 159 -21.38 -24.72 -46.80
N LYS B 160 -22.67 -24.88 -47.08
CA LYS B 160 -23.36 -23.87 -47.88
C LYS B 160 -23.80 -22.68 -47.05
N PHE B 161 -23.92 -22.85 -45.74
CA PHE B 161 -24.43 -21.81 -44.87
C PHE B 161 -23.32 -21.11 -44.10
N ARG B 162 -22.06 -21.34 -44.45
CA ARG B 162 -20.95 -20.65 -43.82
C ARG B 162 -20.79 -19.30 -44.49
N PRO B 163 -20.96 -18.19 -43.77
CA PRO B 163 -20.83 -16.87 -44.39
C PRO B 163 -19.40 -16.57 -44.80
N GLY B 164 -19.27 -15.79 -45.86
CA GLY B 164 -17.96 -15.32 -46.28
C GLY B 164 -17.51 -14.10 -45.49
N LEU B 165 -16.20 -13.82 -45.59
CA LEU B 165 -15.60 -12.68 -44.90
C LEU B 165 -16.16 -11.35 -45.38
N SER B 166 -16.59 -11.26 -46.63
CA SER B 166 -17.23 -10.05 -47.14
C SER B 166 -18.55 -9.78 -46.45
N TRP B 167 -19.28 -10.83 -46.04
CA TRP B 167 -20.51 -10.66 -45.27
C TRP B 167 -20.21 -10.17 -43.86
N PHE B 168 -19.20 -10.78 -43.22
CA PHE B 168 -18.86 -10.45 -41.83
C PHE B 168 -18.31 -9.04 -41.67
N LYS B 169 -17.82 -8.44 -42.75
CA LYS B 169 -17.21 -7.11 -42.71
C LYS B 169 -18.05 -6.07 -43.44
N ASN B 170 -19.32 -6.37 -43.70
CA ASN B 170 -20.28 -5.41 -44.25
C ASN B 170 -20.80 -4.61 -43.07
N ASN B 171 -20.00 -3.63 -42.65
CA ASN B 171 -20.34 -2.79 -41.49
C ASN B 171 -21.62 -1.99 -41.69
N GLU B 172 -21.82 -1.45 -42.89
CA GLU B 172 -22.95 -0.56 -43.18
C GLU B 172 -24.31 -1.23 -42.98
N SER B 173 -24.45 -2.46 -43.51
CA SER B 173 -25.70 -3.20 -43.42
C SER B 173 -26.00 -3.61 -42.00
N ARG B 174 -24.96 -4.07 -41.29
CA ARG B 174 -25.10 -4.52 -39.91
C ARG B 174 -25.54 -3.38 -39.04
N LEU B 175 -24.93 -2.20 -39.24
CA LEU B 175 -25.29 -1.02 -38.47
C LEU B 175 -26.73 -0.59 -38.73
N ASN B 176 -27.17 -0.62 -40.01
CA ASN B 176 -28.57 -0.30 -40.34
C ASN B 176 -29.55 -1.27 -39.68
N HIS B 177 -29.24 -2.57 -39.73
CA HIS B 177 -30.16 -3.55 -39.16
C HIS B 177 -30.13 -3.57 -37.66
N HIS B 178 -28.96 -3.36 -37.05
CA HIS B 178 -28.88 -3.41 -35.61
C HIS B 178 -29.45 -2.16 -34.97
N LEU B 179 -29.36 -1.00 -35.64
CA LEU B 179 -29.98 0.19 -35.07
C LEU B 179 -31.49 0.19 -35.27
N SER B 180 -31.96 -0.12 -36.49
CA SER B 180 -33.39 0.01 -36.72
C SER B 180 -34.16 -1.25 -36.33
N GLY B 181 -33.55 -2.42 -36.39
CA GLY B 181 -34.26 -3.62 -35.99
C GLY B 181 -33.96 -4.12 -34.60
N LEU B 182 -32.69 -4.29 -34.26
CA LEU B 182 -32.35 -4.88 -32.97
C LEU B 182 -32.53 -3.89 -31.84
N PHE B 183 -32.16 -2.63 -32.05
CA PHE B 183 -32.40 -1.62 -31.04
C PHE B 183 -33.79 -1.02 -31.20
N GLY B 184 -34.11 -0.52 -32.39
CA GLY B 184 -35.28 0.30 -32.56
C GLY B 184 -36.60 -0.42 -32.63
N PHE B 185 -36.66 -1.46 -33.46
CA PHE B 185 -37.92 -2.18 -33.60
C PHE B 185 -38.26 -2.96 -32.35
N SER B 186 -37.27 -3.51 -31.64
CA SER B 186 -37.58 -4.25 -30.44
C SER B 186 -37.96 -3.32 -29.28
N SER B 187 -37.46 -2.08 -29.26
CA SER B 187 -37.97 -1.08 -28.35
C SER B 187 -39.41 -0.70 -28.66
N LEU B 188 -39.75 -0.63 -29.95
CA LEU B 188 -41.12 -0.37 -30.38
C LEU B 188 -42.04 -1.54 -30.03
N ALA B 189 -41.58 -2.77 -30.21
CA ALA B 189 -42.35 -3.95 -29.83
C ALA B 189 -42.49 -4.08 -28.32
N TRP B 190 -41.49 -3.64 -27.55
CA TRP B 190 -41.66 -3.66 -26.11
C TRP B 190 -42.65 -2.61 -25.64
N SER B 191 -42.71 -1.46 -26.34
CA SER B 191 -43.77 -0.49 -26.14
C SER B 191 -45.14 -1.12 -26.40
N ALA B 192 -45.23 -1.95 -27.45
CA ALA B 192 -46.46 -2.68 -27.77
C ALA B 192 -46.87 -3.63 -26.66
N HIS B 193 -45.90 -4.36 -26.08
CA HIS B 193 -46.21 -5.29 -24.99
C HIS B 193 -46.74 -4.53 -23.78
N LEU B 194 -46.11 -3.41 -23.43
CA LEU B 194 -46.56 -2.62 -22.29
C LEU B 194 -47.97 -2.06 -22.52
N ILE B 195 -48.21 -1.50 -23.71
CA ILE B 195 -49.51 -0.92 -24.06
C ILE B 195 -50.61 -1.98 -24.12
N HIS B 196 -50.29 -3.16 -24.63
CA HIS B 196 -51.30 -4.19 -24.86
C HIS B 196 -51.50 -5.13 -23.69
N VAL B 197 -50.47 -5.37 -22.88
CA VAL B 197 -50.53 -6.39 -21.83
C VAL B 197 -50.24 -5.84 -20.44
N ALA B 198 -49.05 -5.26 -20.24
CA ALA B 198 -48.56 -4.87 -18.92
C ALA B 198 -49.44 -3.81 -18.26
N ILE B 199 -49.78 -2.76 -18.99
CA ILE B 199 -50.63 -1.67 -18.47
C ILE B 199 -52.06 -2.19 -18.22
N PRO B 200 -52.76 -2.94 -19.15
CA PRO B 200 -54.08 -3.52 -18.78
C PRO B 200 -54.06 -4.41 -17.55
N GLU B 201 -53.01 -5.19 -17.37
CA GLU B 201 -52.88 -6.05 -16.21
C GLU B 201 -52.45 -5.30 -14.97
N ALA B 202 -51.80 -4.16 -15.11
CA ALA B 202 -51.68 -3.22 -13.98
C ALA B 202 -53.01 -2.58 -13.62
N ARG B 203 -54.02 -2.65 -14.50
CA ARG B 203 -55.32 -2.06 -14.22
C ARG B 203 -56.39 -3.14 -14.06
N GLY B 204 -55.99 -4.37 -13.74
CA GLY B 204 -56.90 -5.44 -13.39
C GLY B 204 -57.40 -6.31 -14.52
N GLN B 205 -57.26 -5.88 -15.77
CA GLN B 205 -57.81 -6.59 -16.92
C GLN B 205 -56.77 -7.58 -17.45
N HIS B 206 -57.09 -8.87 -17.42
CA HIS B 206 -56.19 -9.86 -18.00
C HIS B 206 -56.21 -9.79 -19.53
N VAL B 207 -55.01 -9.74 -20.12
CA VAL B 207 -54.83 -9.82 -21.56
C VAL B 207 -53.74 -10.84 -21.85
N CYS B 208 -54.09 -11.90 -22.56
CA CYS B 208 -53.13 -12.91 -22.97
C CYS B 208 -53.33 -13.26 -24.43
N TRP B 209 -52.62 -14.28 -24.91
CA TRP B 209 -52.70 -14.76 -26.29
C TRP B 209 -54.10 -15.24 -26.67
N ASP B 210 -54.92 -15.61 -25.70
CA ASP B 210 -56.28 -16.08 -25.95
C ASP B 210 -57.26 -14.96 -26.24
N ASN B 211 -56.96 -13.71 -25.86
CA ASN B 211 -57.94 -12.65 -26.06
C ASN B 211 -57.39 -11.32 -26.59
N PHE B 212 -56.11 -11.24 -26.94
CA PHE B 212 -55.50 -9.94 -27.15
C PHE B 212 -55.86 -9.31 -28.46
N THR B 213 -56.47 -10.05 -29.38
CA THR B 213 -56.92 -9.47 -30.63
C THR B 213 -58.31 -8.88 -30.53
N LYS B 214 -59.03 -9.16 -29.44
CA LYS B 214 -60.38 -8.63 -29.25
C LYS B 214 -60.49 -7.71 -28.05
N VAL B 215 -59.36 -7.26 -27.50
CA VAL B 215 -59.37 -6.35 -26.36
C VAL B 215 -58.50 -5.15 -26.74
N ALA B 216 -59.12 -3.99 -26.84
CA ALA B 216 -58.42 -2.81 -27.30
C ALA B 216 -57.65 -2.17 -26.14
N PRO B 217 -56.37 -1.81 -26.34
CA PRO B 217 -55.59 -1.12 -25.31
C PRO B 217 -56.17 0.22 -24.90
N HIS B 218 -56.81 0.91 -25.82
CA HIS B 218 -57.42 2.20 -25.59
C HIS B 218 -58.88 2.08 -25.99
N PRO B 219 -59.79 2.77 -25.29
CA PRO B 219 -61.21 2.75 -25.70
C PRO B 219 -61.47 3.26 -27.10
N ALA B 220 -60.81 4.36 -27.50
CA ALA B 220 -60.92 4.90 -28.85
C ALA B 220 -60.34 3.90 -29.84
N GLY B 221 -59.04 3.67 -29.78
CA GLY B 221 -58.42 2.47 -30.30
C GLY B 221 -57.91 2.68 -31.71
N LEU B 222 -56.64 3.06 -31.85
CA LEU B 222 -55.85 3.18 -33.08
C LEU B 222 -56.40 4.15 -34.13
N GLN B 223 -57.52 4.78 -33.87
CA GLN B 223 -58.13 5.86 -34.62
C GLN B 223 -57.54 7.23 -34.26
N PRO B 224 -57.32 7.63 -32.99
CA PRO B 224 -56.54 8.86 -32.74
C PRO B 224 -55.15 8.86 -33.33
N PHE B 225 -54.49 7.69 -33.41
CA PHE B 225 -53.16 7.61 -34.01
C PHE B 225 -53.22 7.95 -35.49
N PHE B 226 -54.23 7.44 -36.18
CA PHE B 226 -54.43 7.67 -37.60
C PHE B 226 -55.19 8.97 -37.89
N THR B 227 -55.18 9.91 -36.95
CA THR B 227 -55.83 11.18 -37.15
C THR B 227 -54.89 12.32 -36.77
N GLY B 228 -53.79 12.02 -36.08
CA GLY B 228 -52.97 13.06 -35.52
C GLY B 228 -53.45 13.56 -34.18
N ASN B 229 -54.54 13.02 -33.66
CA ASN B 229 -55.02 13.31 -32.32
C ASN B 229 -54.30 12.44 -31.30
N TRP B 230 -52.96 12.49 -31.31
CA TRP B 230 -52.12 11.59 -30.50
C TRP B 230 -52.31 11.87 -29.01
N GLY B 231 -52.56 13.13 -28.65
CA GLY B 231 -52.80 13.56 -27.29
C GLY B 231 -54.03 12.96 -26.63
N ALA B 232 -54.92 12.34 -27.40
CA ALA B 232 -56.04 11.57 -26.85
C ALA B 232 -55.59 10.30 -26.15
N TYR B 233 -54.34 9.89 -26.31
CA TYR B 233 -53.81 8.72 -25.65
C TYR B 233 -53.21 9.04 -24.29
N ALA B 234 -52.99 10.33 -24.00
CA ALA B 234 -52.50 10.78 -22.71
C ALA B 234 -53.61 11.21 -21.77
N ALA B 235 -54.86 11.23 -22.21
CA ALA B 235 -55.96 11.70 -21.39
C ALA B 235 -56.34 10.63 -20.39
N SER B 236 -56.73 11.08 -19.19
CA SER B 236 -57.10 10.31 -18.00
C SER B 236 -56.01 9.32 -17.58
N PRO B 237 -54.86 9.79 -17.06
CA PRO B 237 -53.87 8.85 -16.53
C PRO B 237 -54.33 8.20 -15.23
N ASP B 238 -53.52 7.25 -14.77
CA ASP B 238 -53.77 6.59 -13.49
C ASP B 238 -53.75 7.61 -12.37
N THR B 239 -54.75 7.55 -11.50
CA THR B 239 -54.88 8.46 -10.37
C THR B 239 -53.81 8.11 -9.33
N THR B 240 -53.56 9.04 -8.41
CA THR B 240 -52.67 8.76 -7.29
C THR B 240 -53.28 7.79 -6.28
N ASN B 241 -54.55 7.47 -6.41
CA ASN B 241 -55.23 6.45 -5.61
C ASN B 241 -55.21 5.08 -6.25
N HIS B 242 -54.51 4.91 -7.38
CA HIS B 242 -54.53 3.62 -8.07
C HIS B 242 -53.83 2.56 -7.24
N ILE B 243 -54.48 1.41 -7.12
CA ILE B 243 -53.93 0.22 -6.50
C ILE B 243 -53.50 -0.68 -7.64
N PHE B 244 -52.18 -0.82 -7.81
CA PHE B 244 -51.56 -1.58 -8.89
C PHE B 244 -52.07 -3.01 -8.94
N GLY B 245 -52.42 -3.45 -10.14
CA GLY B 245 -52.97 -4.76 -10.33
C GLY B 245 -54.47 -4.80 -10.28
N THR B 246 -55.12 -3.71 -9.87
CA THR B 246 -56.56 -3.70 -9.69
C THR B 246 -57.13 -2.55 -10.49
N SER B 247 -58.46 -2.52 -10.56
CA SER B 247 -59.20 -1.54 -11.33
C SER B 247 -59.46 -0.24 -10.58
N GLU B 248 -59.17 -0.19 -9.28
CA GLU B 248 -59.51 0.97 -8.47
C GLU B 248 -58.50 2.08 -8.69
N GLY B 249 -59.00 3.26 -9.03
CA GLY B 249 -58.14 4.39 -9.31
C GLY B 249 -57.51 4.38 -10.69
N ALA B 250 -57.88 3.44 -11.55
CA ALA B 250 -57.21 3.28 -12.82
C ALA B 250 -57.75 4.25 -13.85
N GLY B 251 -56.85 4.71 -14.72
CA GLY B 251 -57.22 5.55 -15.84
C GLY B 251 -57.33 4.75 -17.13
N THR B 252 -57.40 5.47 -18.24
CA THR B 252 -57.43 4.83 -19.55
C THR B 252 -56.29 5.21 -20.46
N ALA B 253 -55.43 6.15 -20.05
CA ALA B 253 -54.32 6.57 -20.88
C ALA B 253 -53.34 5.44 -21.10
N ILE B 254 -52.65 5.48 -22.23
CA ILE B 254 -51.65 4.48 -22.55
C ILE B 254 -50.29 5.09 -22.84
N LEU B 255 -50.21 6.40 -23.05
CA LEU B 255 -48.97 7.06 -23.44
C LEU B 255 -48.96 8.40 -22.73
N THR B 256 -48.27 8.49 -21.59
CA THR B 256 -48.29 9.70 -20.79
C THR B 256 -46.88 10.14 -20.50
N PHE B 257 -46.76 11.39 -20.08
CA PHE B 257 -45.51 11.91 -19.60
C PHE B 257 -45.69 12.66 -18.27
N LEU B 258 -46.10 11.89 -17.26
CA LEU B 258 -46.40 12.46 -15.95
C LEU B 258 -45.14 12.85 -15.20
N GLY B 259 -44.11 12.02 -15.23
CA GLY B 259 -42.92 12.26 -14.45
C GLY B 259 -43.07 11.84 -13.01
N GLY B 260 -41.98 11.43 -12.37
CA GLY B 260 -42.10 11.01 -10.99
C GLY B 260 -42.51 9.55 -10.87
N PHE B 261 -42.99 9.21 -9.69
CA PHE B 261 -43.27 7.84 -9.34
C PHE B 261 -44.75 7.62 -9.12
N HIS B 262 -45.20 6.42 -9.48
CA HIS B 262 -46.49 5.91 -9.04
C HIS B 262 -46.48 5.92 -7.52
N PRO B 263 -47.45 6.56 -6.86
CA PRO B 263 -47.35 6.81 -5.41
C PRO B 263 -47.40 5.58 -4.54
N GLN B 264 -48.01 4.49 -4.99
CA GLN B 264 -48.14 3.29 -4.18
CA GLN B 264 -48.14 3.29 -4.18
C GLN B 264 -47.06 2.26 -4.46
N THR B 265 -46.68 2.07 -5.72
CA THR B 265 -45.61 1.15 -6.03
C THR B 265 -44.23 1.76 -5.85
N GLN B 266 -44.15 3.09 -5.75
CA GLN B 266 -42.91 3.88 -5.64
C GLN B 266 -42.00 3.68 -6.84
N ALA B 267 -42.59 3.36 -7.97
CA ALA B 267 -41.89 3.08 -9.20
C ALA B 267 -42.41 4.02 -10.26
N LEU B 268 -41.66 4.13 -11.35
CA LEU B 268 -42.04 4.96 -12.48
C LEU B 268 -43.37 4.47 -13.06
N TRP B 269 -44.15 5.41 -13.62
CA TRP B 269 -45.41 5.07 -14.26
C TRP B 269 -45.16 4.18 -15.47
N LEU B 270 -46.01 3.18 -15.64
CA LEU B 270 -45.90 2.28 -16.79
C LEU B 270 -46.24 2.97 -18.11
N THR B 271 -47.06 4.00 -18.09
CA THR B 271 -47.35 4.71 -19.33
C THR B 271 -46.20 5.62 -19.74
N ASP B 272 -45.42 6.11 -18.76
CA ASP B 272 -44.18 6.82 -19.08
C ASP B 272 -43.19 5.87 -19.71
N ILE B 273 -43.14 4.63 -19.22
CA ILE B 273 -42.19 3.63 -19.71
C ILE B 273 -42.57 3.20 -21.12
N ALA B 274 -43.88 3.08 -21.37
CA ALA B 274 -44.37 2.75 -22.71
C ALA B 274 -44.13 3.88 -23.71
N HIS B 275 -44.31 5.15 -23.29
CA HIS B 275 -44.04 6.26 -24.18
C HIS B 275 -42.55 6.45 -24.40
N HIS B 276 -41.73 6.12 -23.39
CA HIS B 276 -40.28 6.12 -23.53
C HIS B 276 -39.85 5.15 -24.61
N HIS B 277 -40.41 3.94 -24.59
CA HIS B 277 -39.96 2.93 -25.54
C HIS B 277 -40.50 3.19 -26.94
N LEU B 278 -41.67 3.82 -27.05
CA LEU B 278 -42.15 4.30 -28.35
C LEU B 278 -41.24 5.36 -28.95
N ALA B 279 -40.78 6.31 -28.14
CA ALA B 279 -39.95 7.39 -28.67
C ALA B 279 -38.52 6.92 -28.98
N ILE B 280 -37.95 6.10 -28.10
CA ILE B 280 -36.68 5.42 -28.36
C ILE B 280 -36.73 4.56 -29.61
N GLY B 281 -37.83 3.82 -29.79
CA GLY B 281 -38.00 3.01 -30.98
C GLY B 281 -38.00 3.81 -32.27
N VAL B 282 -38.73 4.92 -32.29
CA VAL B 282 -38.79 5.78 -33.48
C VAL B 282 -37.43 6.42 -33.79
N VAL B 283 -36.77 6.97 -32.75
CA VAL B 283 -35.46 7.62 -32.92
C VAL B 283 -34.41 6.63 -33.43
N PHE B 284 -34.34 5.42 -32.86
CA PHE B 284 -33.36 4.43 -33.30
C PHE B 284 -33.67 3.89 -34.71
N ILE B 285 -34.96 3.76 -35.08
CA ILE B 285 -35.31 3.35 -36.45
C ILE B 285 -34.88 4.42 -37.46
N PHE B 286 -35.04 5.70 -37.09
CA PHE B 286 -34.50 6.78 -37.92
C PHE B 286 -32.98 6.70 -38.01
N ALA B 287 -32.32 6.39 -36.89
CA ALA B 287 -30.86 6.24 -36.85
C ALA B 287 -30.37 5.12 -37.76
N GLY B 288 -31.17 4.08 -37.93
CA GLY B 288 -30.83 2.96 -38.76
C GLY B 288 -31.06 3.11 -40.24
N HIS B 289 -31.33 4.32 -40.73
CA HIS B 289 -31.38 4.60 -42.16
C HIS B 289 -30.23 5.47 -42.62
N MET B 290 -29.20 5.60 -41.80
CA MET B 290 -28.07 6.47 -42.09
C MET B 290 -27.15 5.90 -43.15
N TYR B 291 -26.93 4.58 -43.18
CA TYR B 291 -25.83 4.00 -43.92
C TYR B 291 -26.28 3.34 -45.22
N ARG B 292 -25.47 3.50 -46.26
CA ARG B 292 -25.78 3.02 -47.60
C ARG B 292 -25.59 1.52 -47.71
N THR B 293 -26.63 0.81 -48.16
CA THR B 293 -26.51 -0.64 -48.34
C THR B 293 -26.63 -1.04 -49.82
N ASN B 294 -27.79 -0.83 -50.45
CA ASN B 294 -27.99 -1.30 -51.82
C ASN B 294 -28.77 -0.35 -52.70
N TRP B 295 -29.25 0.79 -52.20
CA TRP B 295 -30.15 1.61 -53.00
C TRP B 295 -29.71 3.05 -53.14
N GLY B 296 -28.45 3.36 -52.84
CA GLY B 296 -27.87 4.62 -53.24
C GLY B 296 -28.11 5.79 -52.32
N ILE B 297 -28.92 5.64 -51.29
CA ILE B 297 -29.02 6.70 -50.30
C ILE B 297 -28.25 6.27 -49.07
N GLY B 298 -27.67 7.24 -48.39
CA GLY B 298 -27.01 7.00 -47.14
C GLY B 298 -25.54 7.35 -47.19
N HIS B 299 -24.85 7.01 -46.10
CA HIS B 299 -23.47 7.39 -45.88
C HIS B 299 -22.54 6.20 -45.99
N SER B 300 -21.37 6.45 -46.55
CA SER B 300 -20.23 5.56 -46.44
C SER B 300 -19.48 5.89 -45.17
N LEU B 301 -19.26 4.88 -44.32
CA LEU B 301 -18.50 5.06 -43.08
C LEU B 301 -17.06 5.46 -43.35
N LYS B 302 -16.44 4.88 -44.39
CA LYS B 302 -15.06 5.20 -44.78
C LYS B 302 -14.91 6.66 -45.16
N GLU B 303 -15.91 7.21 -45.84
CA GLU B 303 -15.87 8.62 -46.25
C GLU B 303 -15.99 9.56 -45.06
N ILE B 304 -16.86 9.23 -44.08
CA ILE B 304 -17.03 10.08 -42.91
C ILE B 304 -15.75 10.10 -42.08
N LEU B 305 -15.12 8.91 -41.88
CA LEU B 305 -13.86 8.89 -41.14
C LEU B 305 -12.76 9.63 -41.88
N ASP B 306 -12.68 9.48 -43.20
CA ASP B 306 -11.64 10.15 -43.97
C ASP B 306 -11.81 11.67 -43.98
N ALA B 307 -13.04 12.17 -43.95
CA ALA B 307 -13.22 13.61 -44.04
C ALA B 307 -13.03 14.36 -42.73
N HIS B 308 -12.94 13.68 -41.59
CA HIS B 308 -12.87 14.41 -40.33
C HIS B 308 -11.42 14.53 -39.89
N ARG B 309 -10.75 15.43 -40.59
CA ARG B 309 -9.43 15.94 -40.25
C ARG B 309 -9.56 17.44 -40.05
N PRO B 310 -9.41 17.96 -38.83
CA PRO B 310 -9.45 19.42 -38.61
C PRO B 310 -8.39 20.13 -39.42
N PRO B 311 -8.75 21.22 -40.13
CA PRO B 311 -7.82 21.89 -41.05
C PRO B 311 -6.63 22.55 -40.37
N GLY B 312 -6.74 22.88 -39.09
CA GLY B 312 -5.61 23.41 -38.33
C GLY B 312 -4.46 22.44 -38.16
N GLY B 313 -4.68 21.14 -38.39
CA GLY B 313 -3.63 20.17 -38.37
C GLY B 313 -3.27 19.62 -37.02
N ARG B 314 -4.04 19.93 -35.99
CA ARG B 314 -3.70 19.50 -34.63
C ARG B 314 -3.86 18.01 -34.40
N LEU B 315 -4.65 17.33 -35.21
CA LEU B 315 -4.82 15.88 -35.11
C LEU B 315 -4.01 15.13 -36.17
N GLY B 316 -3.17 15.83 -36.94
CA GLY B 316 -2.34 15.15 -37.91
C GLY B 316 -3.12 14.83 -39.15
N ALA B 317 -3.05 13.59 -39.59
CA ALA B 317 -3.85 13.09 -40.69
C ALA B 317 -5.30 12.77 -40.28
N GLY B 318 -5.66 12.95 -39.01
CA GLY B 318 -7.03 12.76 -38.57
C GLY B 318 -7.41 11.30 -38.41
N HIS B 319 -8.52 10.90 -39.05
CA HIS B 319 -9.01 9.53 -38.94
C HIS B 319 -8.84 8.74 -40.23
N LYS B 320 -7.94 9.17 -41.12
CA LYS B 320 -7.62 8.44 -42.33
C LYS B 320 -6.97 7.10 -42.02
N GLY B 321 -7.54 6.00 -42.53
CA GLY B 321 -6.95 4.66 -42.31
C GLY B 321 -7.52 3.98 -41.09
N ILE B 322 -8.25 4.72 -40.24
CA ILE B 322 -8.88 4.14 -39.01
C ILE B 322 -9.92 3.10 -39.43
N PHE B 323 -10.66 3.35 -40.51
CA PHE B 323 -11.74 2.42 -40.94
C PHE B 323 -11.15 1.04 -41.23
N GLU B 324 -10.04 1.00 -41.96
CA GLU B 324 -9.37 -0.28 -42.30
C GLU B 324 -8.98 -1.00 -41.01
N THR B 325 -8.32 -0.28 -40.10
CA THR B 325 -7.81 -0.92 -38.85
C THR B 325 -8.98 -1.49 -38.03
N LEU B 326 -10.05 -0.71 -37.86
CA LEU B 326 -11.20 -1.16 -37.02
C LEU B 326 -11.85 -2.39 -37.67
N THR B 327 -12.09 -2.36 -38.99
CA THR B 327 -12.80 -3.49 -39.63
C THR B 327 -11.94 -4.76 -39.53
N ASN B 328 -10.65 -4.63 -39.80
CA ASN B 328 -9.72 -5.80 -39.75
C ASN B 328 -9.53 -6.30 -38.32
N SER B 329 -9.42 -5.41 -37.34
CA SER B 329 -9.10 -5.84 -35.95
C SER B 329 -10.36 -6.20 -35.16
N LEU B 330 -10.42 -7.43 -34.64
CA LEU B 330 -11.57 -7.84 -33.79
C LEU B 330 -11.29 -7.41 -32.35
N HIS B 331 -10.03 -7.24 -31.98
CA HIS B 331 -9.69 -6.75 -30.64
C HIS B 331 -10.05 -5.28 -30.45
N PHE B 332 -9.86 -4.46 -31.48
CA PHE B 332 -10.30 -3.07 -31.43
C PHE B 332 -11.83 -3.02 -31.28
N GLN B 333 -12.55 -3.89 -32.00
CA GLN B 333 -14.01 -4.01 -31.89
C GLN B 333 -14.41 -4.46 -30.50
N LEU B 334 -13.69 -5.43 -29.94
CA LEU B 334 -13.96 -5.89 -28.57
C LEU B 334 -13.72 -4.80 -27.55
N GLY B 335 -12.65 -4.03 -27.69
CA GLY B 335 -12.38 -2.95 -26.75
C GLY B 335 -13.44 -1.87 -26.77
N LEU B 336 -13.89 -1.48 -27.97
CA LEU B 336 -14.98 -0.51 -28.09
C LEU B 336 -16.29 -1.03 -27.51
N ALA B 337 -16.64 -2.30 -27.82
CA ALA B 337 -17.86 -2.91 -27.32
C ALA B 337 -17.85 -3.05 -25.80
N LEU B 338 -16.72 -3.49 -25.23
CA LEU B 338 -16.62 -3.66 -23.79
C LEU B 338 -16.60 -2.33 -23.03
N ALA B 339 -15.95 -1.29 -23.58
CA ALA B 339 -15.95 0.04 -22.95
C ALA B 339 -17.34 0.65 -22.94
N SER B 340 -18.02 0.50 -24.06
CA SER B 340 -19.36 0.98 -24.24
C SER B 340 -20.35 0.24 -23.32
N LEU B 341 -20.23 -1.09 -23.26
CA LEU B 341 -21.08 -1.91 -22.41
C LEU B 341 -20.85 -1.62 -20.94
N GLY B 342 -19.58 -1.41 -20.55
CA GLY B 342 -19.23 -1.10 -19.17
C GLY B 342 -19.82 0.20 -18.67
N VAL B 343 -19.82 1.23 -19.53
CA VAL B 343 -20.47 2.49 -19.18
C VAL B 343 -21.97 2.29 -18.98
N ILE B 344 -22.61 1.48 -19.85
CA ILE B 344 -24.08 1.26 -19.69
C ILE B 344 -24.42 0.51 -18.43
N THR B 345 -23.67 -0.55 -18.10
CA THR B 345 -24.00 -1.27 -16.88
C THR B 345 -23.71 -0.42 -15.64
N SER B 346 -22.80 0.57 -15.74
CA SER B 346 -22.70 1.53 -14.65
C SER B 346 -23.90 2.47 -14.62
N LEU B 347 -24.40 2.92 -15.79
CA LEU B 347 -25.65 3.69 -15.85
C LEU B 347 -26.84 2.90 -15.33
N VAL B 348 -26.87 1.60 -15.62
CA VAL B 348 -27.91 0.70 -15.14
C VAL B 348 -27.91 0.67 -13.62
N ALA B 349 -26.73 0.51 -13.02
CA ALA B 349 -26.60 0.50 -11.57
C ALA B 349 -27.00 1.85 -10.96
N GLN B 350 -26.58 2.97 -11.55
CA GLN B 350 -26.90 4.28 -10.97
C GLN B 350 -28.35 4.68 -11.21
N HIS B 351 -28.90 4.46 -12.39
CA HIS B 351 -30.25 4.92 -12.65
C HIS B 351 -31.34 3.98 -12.14
N MET B 352 -31.05 2.72 -11.84
CA MET B 352 -32.11 1.88 -11.31
C MET B 352 -32.30 1.99 -9.81
N TYR B 353 -31.33 2.52 -9.06
CA TYR B 353 -31.61 2.70 -7.65
C TYR B 353 -32.28 4.03 -7.41
N ALA B 354 -32.03 5.01 -8.27
CA ALA B 354 -32.58 6.34 -8.14
C ALA B 354 -33.93 6.50 -8.82
N LEU B 355 -34.15 5.81 -9.93
CA LEU B 355 -35.44 5.81 -10.63
C LEU B 355 -35.83 4.35 -10.85
N PRO B 356 -36.41 3.69 -9.84
CA PRO B 356 -36.79 2.30 -10.02
C PRO B 356 -38.04 2.16 -10.86
N SER B 357 -38.05 1.13 -11.70
CA SER B 357 -39.13 0.90 -12.65
C SER B 357 -40.09 -0.21 -12.26
N TYR B 358 -39.67 -1.07 -11.32
CA TYR B 358 -40.48 -2.26 -10.96
C TYR B 358 -41.38 -1.96 -9.75
N ALA B 359 -42.62 -2.45 -9.81
CA ALA B 359 -43.59 -2.15 -8.75
C ALA B 359 -43.19 -2.80 -7.43
N PHE B 360 -43.21 -2.05 -6.32
CA PHE B 360 -42.94 -2.60 -4.96
C PHE B 360 -41.44 -2.80 -4.73
N ILE B 361 -40.62 -2.50 -5.74
CA ILE B 361 -39.15 -2.55 -5.53
C ILE B 361 -38.75 -1.23 -4.86
N ALA B 362 -37.60 -1.17 -4.19
CA ALA B 362 -37.13 0.02 -3.43
C ALA B 362 -37.68 -0.09 -2.01
N LYS B 363 -38.64 -1.00 -1.79
CA LYS B 363 -39.12 -1.29 -0.41
C LYS B 363 -38.39 -2.57 -0.02
N ASP B 364 -37.85 -3.29 -1.02
CA ASP B 364 -37.02 -4.50 -0.73
C ASP B 364 -35.59 -3.98 -0.72
N TYR B 365 -34.97 -3.93 0.45
CA TYR B 365 -33.62 -3.31 0.57
C TYR B 365 -32.55 -4.29 0.12
N VAL B 366 -32.75 -5.59 0.40
CA VAL B 366 -31.77 -6.60 0.04
C VAL B 366 -31.63 -6.69 -1.46
N THR B 367 -32.76 -6.63 -2.18
CA THR B 367 -32.75 -6.67 -3.64
C THR B 367 -32.07 -5.44 -4.23
N GLN B 368 -32.36 -4.25 -3.69
CA GLN B 368 -31.75 -3.01 -4.16
C GLN B 368 -30.24 -3.01 -3.95
N SER B 369 -29.79 -3.54 -2.80
CA SER B 369 -28.37 -3.59 -2.49
C SER B 369 -27.66 -4.61 -3.37
N ALA B 370 -28.27 -5.78 -3.55
CA ALA B 370 -27.70 -6.85 -4.37
C ALA B 370 -27.61 -6.44 -5.84
N LEU B 371 -28.66 -5.80 -6.37
CA LEU B 371 -28.68 -5.39 -7.77
C LEU B 371 -27.65 -4.30 -8.07
N TYR B 372 -27.52 -3.31 -7.16
CA TYR B 372 -26.52 -2.26 -7.37
C TYR B 372 -25.11 -2.84 -7.34
N THR B 373 -24.81 -3.64 -6.31
CA THR B 373 -23.50 -4.27 -6.17
C THR B 373 -23.16 -5.16 -7.36
N HIS B 374 -24.12 -5.98 -7.80
CA HIS B 374 -23.95 -6.88 -8.94
C HIS B 374 -23.58 -6.12 -10.21
N HIS B 375 -24.33 -5.06 -10.53
CA HIS B 375 -24.09 -4.43 -11.81
C HIS B 375 -22.87 -3.51 -11.78
N GLN B 376 -22.49 -2.98 -10.61
CA GLN B 376 -21.22 -2.26 -10.54
C GLN B 376 -20.01 -3.18 -10.67
N TYR B 377 -20.09 -4.39 -10.11
CA TYR B 377 -18.98 -5.33 -10.30
C TYR B 377 -18.87 -5.80 -11.75
N ILE B 378 -20.02 -6.04 -12.42
CA ILE B 378 -20.01 -6.37 -13.86
C ILE B 378 -19.39 -5.22 -14.66
N ALA B 379 -19.73 -3.98 -14.29
CA ALA B 379 -19.19 -2.79 -14.95
C ALA B 379 -17.68 -2.67 -14.82
N GLY B 380 -17.15 -2.96 -13.63
CA GLY B 380 -15.71 -2.88 -13.44
C GLY B 380 -14.96 -3.93 -14.22
N PHE B 381 -15.54 -5.15 -14.32
CA PHE B 381 -14.94 -6.21 -15.14
C PHE B 381 -14.94 -5.86 -16.63
N LEU B 382 -16.06 -5.33 -17.13
CA LEU B 382 -16.18 -4.94 -18.54
C LEU B 382 -15.22 -3.80 -18.88
N MET B 383 -15.01 -2.90 -17.93
CA MET B 383 -14.15 -1.75 -18.16
C MET B 383 -12.68 -2.16 -18.19
N VAL B 384 -12.30 -3.11 -17.33
CA VAL B 384 -10.95 -3.68 -17.38
C VAL B 384 -10.71 -4.42 -18.68
N GLY B 385 -11.70 -5.22 -19.11
CA GLY B 385 -11.57 -5.98 -20.35
C GLY B 385 -11.43 -5.17 -21.61
N ALA B 386 -12.06 -4.00 -21.64
CA ALA B 386 -11.94 -3.10 -22.78
C ALA B 386 -10.51 -2.63 -22.99
N PHE B 387 -9.84 -2.28 -21.89
CA PHE B 387 -8.46 -1.86 -21.93
C PHE B 387 -7.52 -3.03 -22.21
N ALA B 388 -7.86 -4.22 -21.69
CA ALA B 388 -7.06 -5.41 -21.96
C ALA B 388 -7.05 -5.75 -23.44
N HIS B 389 -8.22 -5.68 -24.08
CA HIS B 389 -8.29 -5.97 -25.50
C HIS B 389 -7.80 -4.83 -26.36
N GLY B 390 -7.76 -3.60 -25.84
CA GLY B 390 -7.01 -2.55 -26.51
C GLY B 390 -5.50 -2.78 -26.51
N ALA B 391 -4.97 -3.32 -25.40
CA ALA B 391 -3.57 -3.72 -25.35
C ALA B 391 -3.27 -4.85 -26.32
N ILE B 392 -4.18 -5.84 -26.41
CA ILE B 392 -4.05 -6.94 -27.35
C ILE B 392 -4.15 -6.43 -28.78
N PHE B 393 -4.95 -5.39 -29.01
CA PHE B 393 -5.03 -4.72 -30.32
C PHE B 393 -3.68 -4.14 -30.72
N PHE B 394 -3.06 -3.35 -29.82
CA PHE B 394 -1.78 -2.72 -30.15
C PHE B 394 -0.67 -3.74 -30.39
N VAL B 395 -0.59 -4.79 -29.54
CA VAL B 395 0.42 -5.84 -29.72
C VAL B 395 0.19 -6.59 -31.02
N ARG B 396 -1.03 -7.00 -31.27
CA ARG B 396 -1.30 -8.03 -32.26
C ARG B 396 -1.83 -7.49 -33.58
N ASP B 397 -2.72 -6.49 -33.56
CA ASP B 397 -3.44 -6.09 -34.75
C ASP B 397 -3.05 -4.72 -35.29
N TYR B 398 -2.23 -3.96 -34.59
CA TYR B 398 -1.95 -2.60 -34.99
C TYR B 398 -0.79 -2.56 -35.96
N ASP B 399 -1.01 -1.94 -37.10
CA ASP B 399 -0.02 -1.82 -38.15
C ASP B 399 0.41 -0.36 -38.30
N PRO B 400 1.64 0.01 -37.93
CA PRO B 400 2.05 1.43 -37.98
C PRO B 400 2.15 2.02 -39.40
N GLU B 401 2.26 1.21 -40.44
CA GLU B 401 2.39 1.75 -41.80
C GLU B 401 1.05 2.06 -42.44
N GLN B 402 -0.04 1.36 -42.06
CA GLN B 402 -1.36 1.80 -42.47
C GLN B 402 -1.96 2.88 -41.59
N ASN B 403 -1.24 3.37 -40.58
CA ASN B 403 -1.82 4.34 -39.66
C ASN B 403 -0.92 5.55 -39.48
N LYS B 404 -0.13 5.91 -40.50
CA LYS B 404 0.81 7.03 -40.44
C LYS B 404 0.13 8.35 -40.13
N ASN B 405 0.46 8.91 -38.95
CA ASN B 405 0.04 10.22 -38.46
C ASN B 405 -1.45 10.27 -38.16
N ASN B 406 -2.04 9.12 -37.84
CA ASN B 406 -3.43 9.03 -37.39
C ASN B 406 -3.62 9.62 -36.01
N VAL B 407 -4.86 9.55 -35.53
CA VAL B 407 -5.11 9.72 -34.12
C VAL B 407 -4.42 8.64 -33.28
N LEU B 408 -4.38 7.39 -33.79
CA LEU B 408 -3.76 6.27 -33.07
C LEU B 408 -2.24 6.42 -32.95
N ALA B 409 -1.59 6.73 -34.08
CA ALA B 409 -0.14 6.90 -34.08
C ALA B 409 0.28 8.11 -33.26
N ARG B 410 -0.51 9.18 -33.27
CA ARG B 410 -0.16 10.36 -32.49
C ARG B 410 -0.38 10.15 -30.99
N ILE B 411 -1.31 9.25 -30.63
CA ILE B 411 -1.41 8.77 -29.25
C ILE B 411 -0.11 8.09 -28.83
N LEU B 412 0.40 7.20 -29.69
CA LEU B 412 1.66 6.55 -29.37
C LEU B 412 2.83 7.53 -29.42
N ASP B 413 2.69 8.64 -30.15
CA ASP B 413 3.73 9.66 -30.18
C ASP B 413 3.80 10.50 -28.91
N HIS B 414 2.70 10.64 -28.16
CA HIS B 414 2.81 11.38 -26.89
C HIS B 414 2.32 10.55 -25.70
N LYS B 415 2.62 9.25 -25.75
CA LYS B 415 2.19 8.32 -24.68
C LYS B 415 2.84 8.72 -23.34
N GLU B 416 4.09 9.20 -23.40
CA GLU B 416 4.81 9.56 -22.15
C GLU B 416 4.07 10.72 -21.47
N ALA B 417 3.58 11.68 -22.25
CA ALA B 417 2.83 12.82 -21.69
C ALA B 417 1.55 12.32 -20.99
N ILE B 418 0.82 11.41 -21.63
CA ILE B 418 -0.46 10.91 -21.05
C ILE B 418 -0.14 10.15 -19.76
N ILE B 419 0.86 9.27 -19.77
CA ILE B 419 1.18 8.44 -18.57
C ILE B 419 1.66 9.35 -17.45
N SER B 420 2.52 10.31 -17.76
CA SER B 420 3.08 11.22 -16.72
C SER B 420 1.96 12.06 -16.10
N HIS B 421 1.06 12.59 -16.94
CA HIS B 421 -0.08 13.40 -16.43
C HIS B 421 -1.03 12.53 -15.58
N LEU B 422 -1.28 11.30 -16.02
CA LEU B 422 -2.14 10.37 -15.23
C LEU B 422 -1.44 10.08 -13.89
N SER B 423 -0.12 9.93 -13.91
CA SER B 423 0.65 9.71 -12.65
C SER B 423 0.49 10.93 -11.74
N TRP B 424 0.56 12.14 -12.30
CA TRP B 424 0.41 13.38 -11.51
C TRP B 424 -1.00 13.45 -10.90
N VAL B 425 -2.04 13.30 -11.71
CA VAL B 425 -3.43 13.48 -11.20
C VAL B 425 -3.70 12.45 -10.09
N SER B 426 -3.23 11.21 -10.28
CA SER B 426 -3.44 10.16 -9.25
C SER B 426 -2.72 10.53 -7.95
N LEU B 427 -1.48 11.02 -8.04
CA LEU B 427 -0.74 11.47 -6.82
C LEU B 427 -1.42 12.69 -6.21
N PHE B 428 -1.87 13.63 -7.05
CA PHE B 428 -2.52 14.88 -6.56
C PHE B 428 -3.80 14.52 -5.81
N LEU B 429 -4.57 13.58 -6.35
CA LEU B 429 -5.77 13.12 -5.66
C LEU B 429 -5.41 12.31 -4.43
N GLY B 430 -4.44 11.41 -4.56
CA GLY B 430 -4.12 10.49 -3.48
C GLY B 430 -3.53 11.13 -2.24
N PHE B 431 -2.57 12.05 -2.43
CA PHE B 431 -1.90 12.76 -1.34
C PHE B 431 -2.91 13.54 -0.53
N HIS B 432 -3.80 14.25 -1.21
CA HIS B 432 -4.68 15.15 -0.51
C HIS B 432 -5.93 14.46 0.01
N THR B 433 -6.49 13.48 -0.70
CA THR B 433 -7.63 12.74 -0.16
C THR B 433 -7.22 11.91 1.07
N LEU B 434 -6.08 11.20 0.99
CA LEU B 434 -5.57 10.50 2.16
C LEU B 434 -5.16 11.48 3.26
N GLY B 435 -4.61 12.64 2.88
CA GLY B 435 -4.24 13.64 3.87
C GLY B 435 -5.40 14.24 4.63
N ILE B 436 -6.50 14.54 3.94
CA ILE B 436 -7.68 15.10 4.63
C ILE B 436 -8.33 14.04 5.51
N TYR B 437 -8.43 12.79 5.02
CA TYR B 437 -8.98 11.69 5.83
C TYR B 437 -8.15 11.43 7.10
N VAL B 438 -6.82 11.35 6.97
CA VAL B 438 -5.92 11.13 8.12
C VAL B 438 -5.94 12.32 9.07
N HIS B 439 -6.07 13.56 8.55
CA HIS B 439 -6.19 14.77 9.36
C HIS B 439 -7.41 14.67 10.28
N ASN B 440 -8.55 14.31 9.67
CA ASN B 440 -9.82 14.21 10.40
C ASN B 440 -9.73 13.13 11.45
N ASP B 441 -9.06 12.02 11.11
CA ASP B 441 -8.91 10.88 12.04
C ASP B 441 -8.16 11.27 13.29
N VAL B 442 -7.01 11.96 13.11
CA VAL B 442 -6.18 12.34 14.25
C VAL B 442 -6.92 13.36 15.11
N VAL B 443 -7.55 14.34 14.47
CA VAL B 443 -8.24 15.41 15.17
C VAL B 443 -9.48 14.90 15.94
N VAL B 444 -10.26 13.97 15.37
CA VAL B 444 -11.37 13.34 16.10
C VAL B 444 -10.84 12.48 17.25
N ALA B 445 -9.75 11.73 17.00
CA ALA B 445 -9.13 10.87 18.00
C ALA B 445 -8.62 11.66 19.19
N PHE B 446 -8.08 12.85 18.94
CA PHE B 446 -7.65 13.74 20.02
C PHE B 446 -8.81 14.51 20.65
N GLY B 447 -10.06 14.13 20.38
CA GLY B 447 -11.23 14.69 21.03
C GLY B 447 -11.69 16.01 20.47
N THR B 448 -11.27 16.38 19.26
CA THR B 448 -11.58 17.71 18.71
C THR B 448 -12.15 17.64 17.30
N PRO B 449 -13.37 17.10 17.11
CA PRO B 449 -13.94 16.98 15.75
C PRO B 449 -14.27 18.30 15.06
N GLU B 450 -14.31 19.41 15.78
CA GLU B 450 -14.57 20.73 15.22
C GLU B 450 -13.39 21.31 14.47
N LYS B 451 -12.22 20.69 14.58
CA LYS B 451 -11.06 21.03 13.77
C LYS B 451 -10.94 20.22 12.48
N GLN B 452 -11.93 19.38 12.16
CA GLN B 452 -11.94 18.62 10.91
C GLN B 452 -12.02 19.51 9.69
N ILE B 453 -11.48 19.03 8.59
CA ILE B 453 -11.59 19.69 7.29
C ILE B 453 -12.80 19.08 6.59
N LEU B 454 -13.90 19.82 6.58
CA LEU B 454 -15.18 19.35 6.06
C LEU B 454 -15.58 20.24 4.90
N VAL B 455 -15.39 19.76 3.69
CA VAL B 455 -15.71 20.54 2.50
C VAL B 455 -17.12 20.22 2.06
N GLU B 456 -17.91 21.25 1.87
CA GLU B 456 -19.25 21.08 1.37
C GLU B 456 -19.21 20.83 -0.13
N PRO B 457 -19.88 19.79 -0.62
CA PRO B 457 -19.88 19.47 -2.05
C PRO B 457 -20.83 20.35 -2.86
N VAL B 458 -20.55 21.65 -2.88
CA VAL B 458 -21.43 22.67 -3.44
C VAL B 458 -21.71 22.50 -4.93
N PHE B 459 -20.76 21.98 -5.71
CA PHE B 459 -20.95 21.81 -7.15
C PHE B 459 -22.04 20.78 -7.44
N ALA B 460 -22.00 19.65 -6.73
CA ALA B 460 -23.02 18.61 -6.89
C ALA B 460 -24.34 19.05 -6.29
N GLN B 461 -24.31 19.82 -5.19
CA GLN B 461 -25.55 20.36 -4.61
C GLN B 461 -26.19 21.37 -5.55
N TRP B 462 -25.38 22.15 -6.24
CA TRP B 462 -25.86 23.08 -7.24
C TRP B 462 -26.46 22.35 -8.44
N ILE B 463 -25.90 21.20 -8.81
CA ILE B 463 -26.49 20.41 -9.89
C ILE B 463 -27.83 19.82 -9.46
N GLN B 464 -27.92 19.37 -8.19
CA GLN B 464 -29.19 18.90 -7.63
C GLN B 464 -30.25 19.99 -7.61
N ALA B 465 -29.86 21.20 -7.23
CA ALA B 465 -30.79 22.33 -7.21
C ALA B 465 -31.24 22.72 -8.61
N SER B 466 -30.34 22.59 -9.60
CA SER B 466 -30.69 22.84 -11.00
C SER B 466 -31.76 21.89 -11.52
N SER B 467 -31.86 20.69 -10.94
CA SER B 467 -32.92 19.76 -11.28
C SER B 467 -34.14 19.91 -10.40
N GLY B 468 -34.16 20.87 -9.49
CA GLY B 468 -35.34 21.12 -8.69
C GLY B 468 -35.26 20.77 -7.21
N LYS B 469 -34.14 20.27 -6.71
CA LYS B 469 -34.01 19.96 -5.29
C LYS B 469 -34.01 21.25 -4.48
N ALA B 470 -34.98 21.38 -3.59
CA ALA B 470 -35.17 22.60 -2.82
C ALA B 470 -34.59 22.50 -1.41
N LEU B 471 -33.46 21.81 -1.26
CA LEU B 471 -32.90 21.49 0.04
C LEU B 471 -31.71 22.36 0.42
N TYR B 472 -31.05 23.00 -0.54
CA TYR B 472 -29.84 23.76 -0.24
C TYR B 472 -30.01 25.25 -0.49
N GLY B 473 -31.23 25.71 -0.75
CA GLY B 473 -31.51 27.13 -0.95
C GLY B 473 -30.79 27.80 -2.09
N PHE B 474 -30.37 27.04 -3.11
CA PHE B 474 -29.59 27.65 -4.19
C PHE B 474 -30.46 28.43 -5.16
N ASP B 475 -31.72 28.03 -5.33
CA ASP B 475 -32.69 28.75 -6.20
C ASP B 475 -32.11 28.96 -7.61
N VAL B 476 -31.86 27.86 -8.33
CA VAL B 476 -31.31 27.97 -9.71
C VAL B 476 -32.14 27.11 -10.67
N LEU B 477 -32.50 27.64 -11.84
CA LEU B 477 -33.19 26.82 -12.88
C LEU B 477 -34.51 26.22 -12.35
N LEU B 478 -34.65 24.90 -12.35
CA LEU B 478 -35.94 24.27 -11.97
C LEU B 478 -36.36 24.65 -10.54
N SER B 479 -35.41 24.77 -9.61
CA SER B 479 -35.76 25.21 -8.24
C SER B 479 -36.34 26.63 -8.26
N SER B 480 -35.79 27.52 -9.09
CA SER B 480 -36.39 28.88 -9.24
C SER B 480 -37.77 28.78 -9.89
N THR B 481 -38.82 29.22 -9.20
CA THR B 481 -40.19 29.08 -9.71
C THR B 481 -40.37 29.85 -11.01
N ASN B 482 -39.76 31.02 -11.12
CA ASN B 482 -39.91 31.84 -12.32
C ASN B 482 -38.57 31.83 -13.02
N SER B 483 -38.36 30.79 -13.81
CA SER B 483 -37.21 30.63 -14.67
C SER B 483 -37.74 30.10 -16.00
N VAL B 484 -36.96 30.32 -17.06
CA VAL B 484 -37.34 29.83 -18.39
C VAL B 484 -37.35 28.29 -18.41
N ALA B 485 -36.42 27.69 -17.66
CA ALA B 485 -36.33 26.24 -17.52
C ALA B 485 -37.56 25.65 -16.82
N ALA B 486 -37.95 26.25 -15.69
CA ALA B 486 -39.10 25.75 -14.94
C ALA B 486 -40.41 25.97 -15.70
N ASN B 487 -40.55 27.12 -16.36
CA ASN B 487 -41.79 27.44 -17.05
C ASN B 487 -42.01 26.59 -18.29
N ALA B 488 -40.92 26.21 -18.97
CA ALA B 488 -41.03 25.43 -20.21
C ALA B 488 -41.66 24.07 -19.97
N SER B 489 -41.35 23.45 -18.83
CA SER B 489 -41.81 22.10 -18.52
C SER B 489 -42.96 22.07 -17.53
N SER B 490 -43.56 23.22 -17.20
CA SER B 490 -44.62 23.32 -16.20
C SER B 490 -45.84 22.49 -16.56
N ASN B 491 -46.16 22.42 -17.86
CA ASN B 491 -47.30 21.65 -18.32
C ASN B 491 -47.08 20.14 -18.15
N ILE B 492 -45.86 19.64 -18.34
CA ILE B 492 -45.68 18.19 -18.34
C ILE B 492 -44.99 17.58 -17.13
N TRP B 493 -43.65 17.43 -17.20
CA TRP B 493 -42.92 16.68 -16.17
C TRP B 493 -42.81 17.39 -14.83
N LEU B 494 -42.70 18.73 -14.83
CA LEU B 494 -42.34 19.49 -13.64
C LEU B 494 -43.23 19.25 -12.42
N PRO B 495 -44.59 19.23 -12.50
CA PRO B 495 -45.38 18.93 -11.27
C PRO B 495 -45.08 17.58 -10.62
N GLY B 496 -45.01 16.50 -11.41
CA GLY B 496 -44.70 15.19 -10.85
C GLY B 496 -43.25 15.04 -10.39
N TRP B 497 -42.31 15.54 -11.21
CA TRP B 497 -40.88 15.44 -10.91
C TRP B 497 -40.51 16.20 -9.64
N LEU B 498 -41.07 17.39 -9.43
CA LEU B 498 -40.77 18.21 -8.26
C LEU B 498 -41.19 17.50 -6.97
N GLU B 499 -42.37 16.85 -7.00
CA GLU B 499 -42.84 16.04 -5.87
C GLU B 499 -41.88 14.89 -5.59
N ALA B 500 -41.42 14.21 -6.65
CA ALA B 500 -40.53 13.06 -6.50
C ALA B 500 -39.18 13.48 -5.92
N ILE B 501 -38.58 14.53 -6.48
CA ILE B 501 -37.26 14.95 -6.05
C ILE B 501 -37.29 15.72 -4.72
N ASN B 502 -38.44 16.25 -4.30
CA ASN B 502 -38.48 17.01 -3.06
C ASN B 502 -39.21 16.28 -1.94
N SER B 503 -39.53 15.02 -2.13
CA SER B 503 -39.87 14.15 -1.02
C SER B 503 -38.58 13.48 -0.56
N GLY B 504 -38.37 13.43 0.74
CA GLY B 504 -37.22 12.73 1.28
C GLY B 504 -37.49 11.28 1.59
N LYS B 505 -38.19 10.58 0.69
CA LYS B 505 -38.61 9.20 0.91
C LYS B 505 -38.17 8.27 -0.21
N ASN B 506 -37.28 8.71 -1.08
CA ASN B 506 -36.81 7.90 -2.19
C ASN B 506 -35.32 8.15 -2.32
N SER B 507 -34.71 7.63 -3.40
CA SER B 507 -33.28 7.77 -3.61
C SER B 507 -32.98 8.66 -4.79
N LEU B 508 -33.97 9.43 -5.23
CA LEU B 508 -33.75 10.40 -6.28
C LEU B 508 -33.00 11.56 -5.67
N PHE B 509 -31.76 11.78 -6.13
CA PHE B 509 -30.87 12.88 -5.71
C PHE B 509 -30.73 12.97 -4.19
N LEU B 510 -30.13 11.94 -3.61
CA LEU B 510 -29.94 11.84 -2.16
C LEU B 510 -29.15 13.03 -1.62
N PRO B 511 -29.50 13.52 -0.42
CA PRO B 511 -28.76 14.63 0.19
C PRO B 511 -27.29 14.30 0.45
N ILE B 512 -26.44 15.28 0.22
CA ILE B 512 -25.00 15.07 0.33
C ILE B 512 -24.37 16.10 1.25
N GLY B 513 -23.22 15.72 1.78
CA GLY B 513 -22.48 16.54 2.69
C GLY B 513 -20.98 16.31 2.54
N PRO B 514 -20.20 16.66 3.57
CA PRO B 514 -18.74 16.47 3.53
C PRO B 514 -18.26 15.04 3.36
N GLY B 515 -18.98 14.06 3.91
CA GLY B 515 -18.60 12.67 3.73
C GLY B 515 -18.73 12.22 2.29
N ASP B 516 -19.72 12.74 1.58
CA ASP B 516 -19.90 12.44 0.17
C ASP B 516 -18.83 13.09 -0.69
N PHE B 517 -18.36 14.27 -0.29
CA PHE B 517 -17.24 14.94 -0.95
C PHE B 517 -15.98 14.08 -0.88
N LEU B 518 -15.67 13.59 0.33
CA LEU B 518 -14.42 12.85 0.53
C LEU B 518 -14.45 11.52 -0.19
N ILE B 519 -15.60 10.84 -0.17
CA ILE B 519 -15.67 9.55 -0.84
C ILE B 519 -15.68 9.72 -2.36
N HIS B 520 -16.29 10.79 -2.90
CA HIS B 520 -16.23 11.03 -4.35
C HIS B 520 -14.80 11.32 -4.82
N HIS B 521 -13.99 11.97 -3.99
CA HIS B 521 -12.60 12.19 -4.37
C HIS B 521 -11.79 10.91 -4.29
N ALA B 522 -12.11 10.03 -3.33
CA ALA B 522 -11.45 8.73 -3.28
C ALA B 522 -11.79 7.88 -4.50
N ILE B 523 -13.06 7.95 -4.92
CA ILE B 523 -13.50 7.19 -6.13
C ILE B 523 -12.74 7.74 -7.35
N ALA B 524 -12.59 9.07 -7.43
CA ALA B 524 -11.88 9.69 -8.57
C ALA B 524 -10.42 9.21 -8.59
N LEU B 525 -9.78 9.14 -7.42
CA LEU B 525 -8.38 8.65 -7.34
C LEU B 525 -8.32 7.21 -7.84
N ALA B 526 -9.27 6.37 -7.41
CA ALA B 526 -9.26 4.94 -7.80
C ALA B 526 -9.46 4.81 -9.32
N LEU B 527 -10.37 5.61 -9.89
CA LEU B 527 -10.62 5.55 -11.36
C LEU B 527 -9.35 5.95 -12.11
N HIS B 528 -8.69 7.03 -11.67
CA HIS B 528 -7.46 7.51 -12.36
C HIS B 528 -6.34 6.46 -12.25
N THR B 529 -6.16 5.88 -11.06
CA THR B 529 -5.06 4.89 -10.86
C THR B 529 -5.32 3.61 -11.66
N THR B 530 -6.56 3.12 -11.65
CA THR B 530 -6.89 1.90 -12.45
C THR B 530 -6.65 2.23 -13.92
N THR B 531 -7.09 3.42 -14.35
CA THR B 531 -6.89 3.86 -15.76
C THR B 531 -5.39 3.95 -16.05
N LEU B 532 -4.60 4.45 -15.09
CA LEU B 532 -3.14 4.65 -15.35
C LEU B 532 -2.52 3.30 -15.67
N ILE B 533 -2.80 2.27 -14.88
CA ILE B 533 -2.15 0.94 -15.10
C ILE B 533 -2.62 0.38 -16.45
N LEU B 534 -3.93 0.46 -16.72
CA LEU B 534 -4.49 -0.09 -17.99
C LEU B 534 -3.97 0.69 -19.21
N VAL B 535 -3.91 2.02 -19.11
CA VAL B 535 -3.43 2.87 -20.23
C VAL B 535 -1.93 2.61 -20.42
N LYS B 536 -1.18 2.59 -19.32
CA LYS B 536 0.28 2.35 -19.39
C LYS B 536 0.49 0.98 -20.01
N GLY B 537 -0.35 0.00 -19.64
CA GLY B 537 -0.23 -1.32 -20.24
C GLY B 537 -0.51 -1.34 -21.71
N ALA B 538 -1.49 -0.57 -22.17
CA ALA B 538 -1.82 -0.54 -23.59
C ALA B 538 -0.76 0.21 -24.39
N LEU B 539 -0.30 1.35 -23.89
CA LEU B 539 0.62 2.20 -24.64
C LEU B 539 2.07 1.72 -24.59
N ASP B 540 2.46 0.97 -23.57
CA ASP B 540 3.79 0.39 -23.51
C ASP B 540 3.80 -1.05 -23.98
N ALA B 541 2.66 -1.54 -24.49
CA ALA B 541 2.52 -2.92 -24.92
C ALA B 541 3.47 -3.25 -26.07
N ARG B 542 3.57 -2.37 -27.04
CA ARG B 542 4.45 -2.61 -28.18
C ARG B 542 5.92 -2.50 -27.80
N GLY B 543 6.30 -1.52 -26.97
CA GLY B 543 7.68 -1.44 -26.52
C GLY B 543 7.88 -0.44 -25.40
N SER B 544 9.05 -0.53 -24.76
CA SER B 544 9.47 0.39 -23.69
C SER B 544 10.98 0.57 -23.77
N LYS B 545 11.60 1.14 -22.73
CA LYS B 545 13.05 1.19 -22.75
C LYS B 545 13.71 -0.09 -22.23
N LEU B 546 13.08 -0.76 -21.26
CA LEU B 546 13.58 -2.05 -20.81
C LEU B 546 13.45 -3.11 -21.90
N MET B 547 12.26 -3.29 -22.47
CA MET B 547 12.08 -4.25 -23.55
C MET B 547 11.52 -3.50 -24.76
N PRO B 548 12.38 -2.91 -25.59
CA PRO B 548 11.90 -2.23 -26.81
C PRO B 548 11.29 -3.11 -27.87
N ASP B 549 11.57 -4.42 -27.85
CA ASP B 549 11.03 -5.37 -28.81
C ASP B 549 9.94 -6.23 -28.17
N LYS B 550 9.19 -5.64 -27.24
CA LYS B 550 8.17 -6.35 -26.45
C LYS B 550 7.05 -6.94 -27.32
N LYS B 551 6.80 -6.36 -28.50
CA LYS B 551 5.73 -6.84 -29.37
C LYS B 551 6.07 -8.18 -30.02
N ASP B 552 7.35 -8.54 -30.15
CA ASP B 552 7.75 -9.82 -30.70
C ASP B 552 7.45 -10.98 -29.77
N PHE B 553 7.21 -10.71 -28.50
CA PHE B 553 7.01 -11.73 -27.50
C PHE B 553 5.55 -11.97 -27.17
N GLY B 554 4.67 -11.07 -27.54
CA GLY B 554 3.25 -11.30 -27.38
C GLY B 554 2.61 -10.40 -26.35
N TYR B 555 1.48 -10.86 -25.83
CA TYR B 555 0.75 -10.17 -24.80
C TYR B 555 1.09 -10.69 -23.41
N ALA B 556 1.13 -12.00 -23.23
CA ALA B 556 1.36 -12.63 -21.93
C ALA B 556 2.65 -13.43 -21.99
N PHE B 557 3.70 -12.89 -21.42
CA PHE B 557 4.95 -13.60 -21.21
C PHE B 557 5.42 -13.32 -19.78
N PRO B 558 6.16 -14.26 -19.16
CA PRO B 558 6.50 -14.09 -17.72
C PRO B 558 7.35 -12.88 -17.37
N CYS B 559 8.45 -12.67 -18.10
CA CYS B 559 9.46 -11.65 -17.84
C CYS B 559 10.49 -11.73 -18.96
N ASP B 560 11.50 -10.89 -18.90
CA ASP B 560 12.63 -10.98 -19.82
C ASP B 560 13.89 -11.45 -19.11
N GLY B 561 13.76 -11.96 -17.89
CA GLY B 561 14.89 -12.47 -17.16
C GLY B 561 15.48 -11.47 -16.19
N PRO B 562 16.50 -11.90 -15.43
CA PRO B 562 17.06 -11.06 -14.37
C PRO B 562 18.03 -10.00 -14.86
N GLY B 563 18.37 -9.99 -16.15
CA GLY B 563 19.27 -8.99 -16.66
C GLY B 563 18.57 -7.67 -16.81
N ARG B 564 19.38 -6.63 -17.05
CA ARG B 564 18.99 -5.21 -17.16
C ARG B 564 18.31 -4.70 -15.90
N GLY B 565 18.63 -5.29 -14.75
CA GLY B 565 18.10 -4.90 -13.47
C GLY B 565 16.95 -5.76 -12.97
N GLY B 566 16.30 -6.52 -13.85
CA GLY B 566 15.15 -7.32 -13.49
C GLY B 566 13.91 -6.87 -14.21
N THR B 567 13.14 -7.81 -14.74
CA THR B 567 12.03 -7.48 -15.64
C THR B 567 10.78 -8.27 -15.29
N CYS B 568 10.54 -8.51 -14.01
CA CYS B 568 9.32 -9.17 -13.57
C CYS B 568 8.14 -8.24 -13.83
N ASP B 569 7.03 -8.81 -14.27
CA ASP B 569 5.76 -8.10 -14.58
C ASP B 569 5.91 -7.04 -15.68
N ILE B 570 6.71 -7.31 -16.71
CA ILE B 570 6.93 -6.31 -17.75
C ILE B 570 5.92 -6.41 -18.91
N SER B 571 5.13 -7.48 -18.98
CA SER B 571 4.24 -7.64 -20.12
C SER B 571 2.97 -6.79 -19.94
N ALA B 572 2.28 -6.54 -21.05
CA ALA B 572 1.00 -5.82 -21.02
C ALA B 572 -0.08 -6.61 -20.27
N TRP B 573 0.00 -7.93 -20.32
CA TRP B 573 -0.86 -8.79 -19.52
C TRP B 573 -0.66 -8.52 -18.04
N ASP B 574 0.58 -8.27 -17.63
CA ASP B 574 0.85 -8.00 -16.24
C ASP B 574 0.30 -6.67 -15.78
N ALA B 575 0.03 -5.75 -16.71
CA ALA B 575 -0.64 -4.52 -16.32
C ALA B 575 -2.14 -4.72 -16.21
N PHE B 576 -2.71 -5.66 -16.99
CA PHE B 576 -4.07 -6.12 -16.70
C PHE B 576 -4.17 -6.71 -15.30
N TYR B 577 -3.21 -7.59 -14.99
CA TYR B 577 -3.09 -8.24 -13.69
C TYR B 577 -3.01 -7.22 -12.54
N LEU B 578 -2.19 -6.19 -12.70
CA LEU B 578 -2.04 -5.20 -11.63
C LEU B 578 -3.26 -4.30 -11.52
N SER B 579 -3.91 -3.99 -12.65
CA SER B 579 -5.10 -3.16 -12.58
C SER B 579 -6.32 -3.90 -12.07
N MET B 580 -6.30 -5.23 -12.01
CA MET B 580 -7.45 -5.96 -11.51
C MET B 580 -7.65 -5.73 -10.01
N PHE B 581 -6.53 -5.61 -9.27
CA PHE B 581 -6.58 -5.26 -7.86
C PHE B 581 -7.14 -3.85 -7.65
N TRP B 582 -6.79 -2.93 -8.52
CA TRP B 582 -7.30 -1.57 -8.41
C TRP B 582 -8.75 -1.45 -8.84
N MET B 583 -9.19 -2.28 -9.79
CA MET B 583 -10.62 -2.33 -10.11
C MET B 583 -11.42 -2.85 -8.93
N LEU B 584 -10.93 -3.91 -8.28
CA LEU B 584 -11.60 -4.48 -7.11
C LEU B 584 -11.67 -3.46 -5.98
N ASN B 585 -10.58 -2.71 -5.78
CA ASN B 585 -10.54 -1.64 -4.78
C ASN B 585 -11.54 -0.52 -5.12
N THR B 586 -11.66 -0.17 -6.40
CA THR B 586 -12.55 0.91 -6.82
C THR B 586 -14.00 0.55 -6.59
N ILE B 587 -14.40 -0.66 -7.02
CA ILE B 587 -15.79 -1.10 -6.85
C ILE B 587 -16.07 -1.35 -5.38
N GLY B 588 -15.04 -1.71 -4.60
CA GLY B 588 -15.17 -1.78 -3.15
C GLY B 588 -15.53 -0.45 -2.52
N TRP B 589 -14.80 0.61 -2.87
CA TRP B 589 -15.10 1.94 -2.32
C TRP B 589 -16.48 2.45 -2.75
N VAL B 590 -16.87 2.15 -4.00
CA VAL B 590 -18.18 2.57 -4.53
C VAL B 590 -19.33 1.85 -3.83
N THR B 591 -19.23 0.52 -3.70
CA THR B 591 -20.34 -0.23 -3.12
C THR B 591 -20.41 -0.08 -1.60
N PHE B 592 -19.26 0.09 -0.92
CA PHE B 592 -19.25 0.42 0.50
C PHE B 592 -19.95 1.75 0.74
N TYR B 593 -19.71 2.73 -0.14
CA TYR B 593 -20.35 4.03 -0.03
C TYR B 593 -21.87 3.94 -0.24
N TRP B 594 -22.28 3.29 -1.34
CA TRP B 594 -23.71 3.12 -1.63
C TRP B 594 -24.43 2.41 -0.50
N HIS B 595 -23.84 1.34 0.02
CA HIS B 595 -24.53 0.50 0.97
C HIS B 595 -24.62 1.17 2.33
N TRP B 596 -23.52 1.82 2.80
CA TRP B 596 -23.59 2.53 4.09
C TRP B 596 -24.55 3.71 4.05
N LYS B 597 -24.51 4.52 2.98
CA LYS B 597 -25.44 5.63 2.86
C LYS B 597 -26.88 5.15 2.79
N HIS B 598 -27.12 4.01 2.15
CA HIS B 598 -28.49 3.56 2.04
C HIS B 598 -29.01 2.89 3.30
N ILE B 599 -28.19 2.09 4.01
CA ILE B 599 -28.71 1.47 5.23
C ILE B 599 -28.94 2.51 6.32
N THR B 600 -28.10 3.56 6.39
CA THR B 600 -28.34 4.63 7.36
C THR B 600 -29.60 5.43 7.03
N ILE B 601 -29.86 5.71 5.74
CA ILE B 601 -31.12 6.34 5.36
C ILE B 601 -32.32 5.44 5.67
N TRP B 602 -32.19 4.12 5.41
CA TRP B 602 -33.30 3.19 5.64
C TRP B 602 -33.64 3.03 7.13
N GLN B 603 -32.69 3.24 8.06
CA GLN B 603 -33.13 3.32 9.46
C GLN B 603 -33.79 4.63 9.81
N GLY B 604 -33.50 5.70 9.09
CA GLY B 604 -33.87 7.01 9.59
C GLY B 604 -32.74 7.66 10.34
N ASN B 605 -31.52 7.18 10.16
CA ASN B 605 -30.37 7.62 10.92
C ASN B 605 -29.26 8.05 9.96
N ALA B 606 -29.62 8.90 9.00
CA ALA B 606 -28.67 9.43 8.00
C ALA B 606 -27.55 10.23 8.64
N GLY B 607 -27.80 10.82 9.81
CA GLY B 607 -26.79 11.53 10.58
C GLY B 607 -25.65 10.65 11.07
N GLN B 608 -25.88 9.33 11.16
CA GLN B 608 -24.79 8.41 11.51
C GLN B 608 -23.76 8.34 10.37
N PHE B 609 -24.24 8.30 9.12
CA PHE B 609 -23.32 8.38 7.99
C PHE B 609 -22.70 9.77 7.92
N ASN B 610 -23.49 10.82 8.18
CA ASN B 610 -23.04 12.20 8.02
C ASN B 610 -21.91 12.52 8.98
N GLU B 611 -21.98 11.98 10.18
CA GLU B 611 -20.95 12.26 11.17
C GLU B 611 -19.80 11.28 11.12
N SER B 612 -20.04 10.00 10.82
CA SER B 612 -18.95 9.07 10.90
C SER B 612 -18.19 8.90 9.59
N SER B 613 -18.70 9.37 8.46
CA SER B 613 -18.01 9.10 7.20
C SER B 613 -16.82 10.01 6.93
N THR B 614 -16.57 11.01 7.75
CA THR B 614 -15.53 11.98 7.44
C THR B 614 -14.16 11.57 7.95
N TYR B 615 -14.07 10.50 8.73
CA TYR B 615 -12.82 9.89 9.15
C TYR B 615 -12.93 8.39 8.94
N ILE B 616 -11.80 7.69 8.92
CA ILE B 616 -11.78 6.28 8.53
C ILE B 616 -12.23 5.33 9.64
N MET B 617 -12.11 5.74 10.92
CA MET B 617 -12.63 4.92 12.02
C MET B 617 -14.15 4.86 12.02
N GLY B 618 -14.82 5.88 11.50
CA GLY B 618 -16.26 5.79 11.32
C GLY B 618 -16.66 4.71 10.33
N TRP B 619 -15.90 4.56 9.25
CA TRP B 619 -16.12 3.48 8.30
C TRP B 619 -15.77 2.14 8.91
N LEU B 620 -14.75 2.09 9.78
CA LEU B 620 -14.35 0.81 10.36
C LEU B 620 -15.33 0.35 11.43
N ARG B 621 -15.69 1.22 12.39
CA ARG B 621 -16.57 0.71 13.43
C ARG B 621 -18.05 0.82 13.07
N ASP B 622 -18.52 1.88 12.40
CA ASP B 622 -19.94 2.08 12.17
C ASP B 622 -20.47 1.41 10.92
N TYR B 623 -19.61 0.93 10.05
CA TYR B 623 -20.07 0.19 8.89
C TYR B 623 -19.66 -1.27 8.96
N LEU B 624 -18.36 -1.58 9.02
CA LEU B 624 -17.94 -2.97 8.93
C LEU B 624 -18.19 -3.71 10.24
N TRP B 625 -17.77 -3.11 11.35
CA TRP B 625 -17.87 -3.78 12.65
C TRP B 625 -19.30 -3.81 13.16
N LEU B 626 -20.04 -2.71 12.99
CA LEU B 626 -21.39 -2.63 13.53
C LEU B 626 -22.35 -3.53 12.79
N ASN B 627 -22.23 -3.61 11.48
CA ASN B 627 -23.14 -4.40 10.68
C ASN B 627 -22.66 -5.84 10.51
N SER B 628 -21.45 -6.17 11.02
CA SER B 628 -21.00 -7.55 10.95
C SER B 628 -21.79 -8.46 11.88
N SER B 629 -22.32 -7.94 13.01
CA SER B 629 -22.87 -8.80 14.08
C SER B 629 -24.04 -9.72 13.70
N PRO B 630 -25.08 -9.31 12.92
CA PRO B 630 -26.06 -10.32 12.49
C PRO B 630 -25.49 -11.37 11.57
N LEU B 631 -24.46 -11.01 10.79
CA LEU B 631 -23.85 -11.95 9.85
C LEU B 631 -23.04 -13.01 10.57
N ILE B 632 -22.20 -12.62 11.53
CA ILE B 632 -21.32 -13.58 12.18
C ILE B 632 -22.01 -14.36 13.29
N ASN B 633 -23.27 -14.04 13.59
CA ASN B 633 -24.09 -14.82 14.51
C ASN B 633 -25.07 -15.73 13.79
N GLY B 634 -24.87 -15.95 12.48
CA GLY B 634 -25.72 -16.87 11.72
C GLY B 634 -25.67 -18.30 12.23
N TYR B 635 -24.54 -18.71 12.79
CA TYR B 635 -24.48 -19.86 13.67
C TYR B 635 -23.51 -19.49 14.77
N ASN B 636 -23.70 -20.10 15.93
CA ASN B 636 -22.90 -19.83 17.12
C ASN B 636 -23.12 -21.04 18.02
N PRO B 637 -22.47 -21.16 19.26
CA PRO B 637 -22.79 -22.32 20.11
C PRO B 637 -24.21 -22.40 20.66
N PHE B 638 -25.10 -21.46 20.35
CA PHE B 638 -26.46 -21.48 20.85
C PHE B 638 -27.49 -21.84 19.80
N GLY B 639 -27.09 -22.03 18.55
CA GLY B 639 -28.01 -22.45 17.54
C GLY B 639 -27.62 -21.87 16.19
N MET B 640 -28.57 -21.91 15.26
CA MET B 640 -28.39 -21.33 13.95
C MET B 640 -29.73 -20.90 13.38
N ASN B 641 -29.66 -19.99 12.41
CA ASN B 641 -30.85 -19.51 11.71
C ASN B 641 -30.56 -19.51 10.21
N SER B 642 -31.44 -18.94 9.40
CA SER B 642 -31.30 -19.02 7.94
C SER B 642 -30.19 -18.13 7.39
N LEU B 643 -29.62 -17.23 8.18
CA LEU B 643 -28.43 -16.49 7.80
C LEU B 643 -27.15 -17.28 8.02
N SER B 644 -27.24 -18.57 8.33
CA SER B 644 -26.06 -19.40 8.53
C SER B 644 -25.30 -19.62 7.24
N VAL B 645 -26.00 -19.65 6.11
CA VAL B 645 -25.36 -19.97 4.84
C VAL B 645 -24.48 -18.81 4.39
N TRP B 646 -24.93 -17.58 4.61
CA TRP B 646 -24.14 -16.41 4.31
C TRP B 646 -22.97 -16.31 5.28
N SER B 647 -23.20 -16.73 6.54
CA SER B 647 -22.16 -16.78 7.57
C SER B 647 -21.08 -17.76 7.20
N TRP B 648 -21.44 -18.80 6.48
CA TRP B 648 -20.43 -19.74 6.04
C TRP B 648 -19.71 -19.21 4.81
N MET B 649 -20.49 -18.60 3.89
CA MET B 649 -19.92 -18.03 2.65
C MET B 649 -18.94 -16.91 2.95
N PHE B 650 -19.20 -16.18 4.05
CA PHE B 650 -18.36 -15.10 4.53
C PHE B 650 -16.97 -15.62 4.87
N LEU B 651 -16.94 -16.69 5.69
CA LEU B 651 -15.68 -17.34 6.03
C LEU B 651 -15.01 -17.97 4.83
N PHE B 652 -15.84 -18.58 3.96
CA PHE B 652 -15.38 -19.15 2.69
C PHE B 652 -14.67 -18.11 1.86
N GLY B 653 -15.25 -16.91 1.82
CA GLY B 653 -14.64 -15.81 1.10
C GLY B 653 -13.33 -15.36 1.70
N HIS B 654 -13.25 -15.32 3.05
CA HIS B 654 -11.98 -15.01 3.69
C HIS B 654 -10.91 -16.04 3.39
N LEU B 655 -11.30 -17.31 3.20
CA LEU B 655 -10.31 -18.35 2.97
C LEU B 655 -9.69 -18.27 1.58
N ILE B 656 -10.53 -18.15 0.54
CA ILE B 656 -10.06 -18.16 -0.86
C ILE B 656 -9.15 -16.98 -1.13
N TRP B 657 -9.53 -15.82 -0.58
CA TRP B 657 -8.78 -14.57 -0.72
C TRP B 657 -7.38 -14.72 -0.17
N ALA B 658 -7.28 -15.35 1.01
CA ALA B 658 -5.98 -15.52 1.64
C ALA B 658 -5.16 -16.57 0.92
N THR B 659 -5.83 -17.60 0.37
CA THR B 659 -5.15 -18.61 -0.43
C THR B 659 -4.54 -18.00 -1.68
N GLY B 660 -5.17 -16.93 -2.21
CA GLY B 660 -4.64 -16.23 -3.35
C GLY B 660 -3.30 -15.61 -3.10
N PHE B 661 -3.09 -15.16 -1.85
CA PHE B 661 -1.82 -14.58 -1.40
C PHE B 661 -0.66 -15.55 -1.59
N MET B 662 -0.91 -16.86 -1.40
CA MET B 662 0.12 -17.87 -1.56
C MET B 662 0.64 -17.94 -2.98
N PHE B 663 -0.24 -17.79 -3.96
CA PHE B 663 0.22 -17.76 -5.32
C PHE B 663 0.84 -16.43 -5.69
N LEU B 664 0.49 -15.36 -4.97
CA LEU B 664 0.99 -14.05 -5.36
C LEU B 664 2.28 -13.67 -4.66
N ILE B 665 2.54 -14.20 -3.47
CA ILE B 665 3.74 -13.84 -2.73
C ILE B 665 4.87 -14.85 -2.98
N SER B 666 4.59 -16.15 -2.91
CA SER B 666 5.62 -17.16 -3.14
C SER B 666 5.63 -17.52 -4.61
N TRP B 667 6.84 -17.66 -5.18
CA TRP B 667 7.02 -17.84 -6.62
C TRP B 667 7.60 -19.24 -6.96
N ARG B 668 7.85 -19.49 -8.26
CA ARG B 668 8.01 -20.85 -8.83
C ARG B 668 9.19 -21.68 -8.34
N GLY B 669 10.38 -21.09 -8.18
CA GLY B 669 11.59 -21.87 -7.89
C GLY B 669 11.53 -22.70 -6.62
N TYR B 670 10.87 -22.15 -5.59
CA TYR B 670 10.64 -22.85 -4.34
C TYR B 670 9.81 -24.11 -4.56
N TRP B 671 8.71 -23.95 -5.30
CA TRP B 671 7.74 -25.03 -5.46
C TRP B 671 8.27 -26.13 -6.36
N GLN B 672 9.05 -25.75 -7.38
CA GLN B 672 9.68 -26.76 -8.23
C GLN B 672 10.68 -27.62 -7.44
N GLU B 673 11.39 -27.02 -6.46
CA GLU B 673 12.31 -27.86 -5.67
C GLU B 673 11.56 -28.79 -4.69
N LEU B 674 10.42 -28.32 -4.12
CA LEU B 674 9.54 -29.21 -3.36
C LEU B 674 9.02 -30.37 -4.20
N ILE B 675 8.50 -30.07 -5.39
CA ILE B 675 7.93 -31.09 -6.27
C ILE B 675 8.98 -32.11 -6.69
N GLU B 676 10.24 -31.69 -6.82
CA GLU B 676 11.29 -32.66 -7.11
C GLU B 676 11.59 -33.59 -5.92
N THR B 677 11.40 -33.11 -4.68
CA THR B 677 11.56 -34.04 -3.56
C THR B 677 10.37 -34.99 -3.44
N LEU B 678 9.20 -34.57 -3.90
CA LEU B 678 8.04 -35.46 -3.89
C LEU B 678 8.08 -36.51 -4.99
N VAL B 679 8.63 -36.14 -6.15
CA VAL B 679 8.83 -37.07 -7.26
C VAL B 679 9.82 -38.16 -6.85
N TRP B 680 10.89 -37.77 -6.13
CA TRP B 680 11.83 -38.75 -5.59
C TRP B 680 11.16 -39.72 -4.62
N ALA B 681 10.34 -39.16 -3.71
CA ALA B 681 9.69 -39.97 -2.67
C ALA B 681 8.70 -40.95 -3.25
N HIS B 682 7.98 -40.54 -4.29
CA HIS B 682 7.05 -41.47 -4.92
C HIS B 682 7.79 -42.59 -5.61
N GLU B 683 8.89 -42.27 -6.28
CA GLU B 683 9.64 -43.30 -6.99
C GLU B 683 10.30 -44.29 -6.03
N ARG B 684 10.60 -43.86 -4.81
CA ARG B 684 11.29 -44.73 -3.87
C ARG B 684 10.38 -45.43 -2.87
N THR B 685 9.12 -45.07 -2.80
CA THR B 685 8.23 -45.71 -1.84
C THR B 685 7.67 -47.01 -2.39
N PRO B 686 7.89 -48.15 -1.73
CA PRO B 686 7.28 -49.41 -2.17
C PRO B 686 5.77 -49.35 -2.03
N LEU B 687 5.10 -50.13 -2.89
CA LEU B 687 3.65 -50.34 -3.07
C LEU B 687 2.94 -49.13 -3.70
N ALA B 688 3.63 -48.00 -3.79
CA ALA B 688 3.14 -46.78 -4.40
C ALA B 688 3.80 -46.50 -5.73
N ASN B 689 5.05 -46.91 -5.91
CA ASN B 689 5.73 -46.80 -7.20
C ASN B 689 5.23 -47.77 -8.25
N LEU B 690 4.30 -48.68 -7.91
CA LEU B 690 3.54 -49.43 -8.91
C LEU B 690 2.64 -48.53 -9.75
N VAL B 691 2.28 -47.35 -9.23
CA VAL B 691 1.41 -46.40 -9.89
C VAL B 691 2.28 -45.26 -10.40
N ARG B 692 2.11 -44.90 -11.68
CA ARG B 692 2.98 -43.94 -12.35
C ARG B 692 2.16 -42.84 -12.99
N TRP B 693 2.69 -41.63 -12.96
CA TRP B 693 2.08 -40.51 -13.67
C TRP B 693 2.31 -40.64 -15.17
N LYS B 694 1.32 -40.23 -15.94
CA LYS B 694 1.52 -40.04 -17.37
C LYS B 694 2.15 -38.68 -17.67
N ASP B 695 1.89 -37.67 -16.85
CA ASP B 695 2.45 -36.34 -16.99
C ASP B 695 3.32 -36.03 -15.81
N LYS B 696 4.52 -35.54 -16.11
CA LYS B 696 5.50 -35.18 -15.11
C LYS B 696 5.00 -34.02 -14.27
N PRO B 697 4.92 -34.18 -12.94
CA PRO B 697 4.46 -33.09 -12.07
C PRO B 697 5.47 -31.96 -12.05
N VAL B 698 5.01 -30.78 -12.43
CA VAL B 698 5.83 -29.58 -12.37
C VAL B 698 5.07 -28.52 -11.60
N ALA B 699 5.80 -27.54 -11.08
CA ALA B 699 5.21 -26.33 -10.53
C ALA B 699 4.48 -25.56 -11.63
N LEU B 700 3.44 -24.82 -11.22
CA LEU B 700 2.70 -23.92 -12.11
C LEU B 700 3.66 -22.90 -12.73
N SER B 701 3.28 -22.37 -13.89
CA SER B 701 4.16 -21.40 -14.53
C SER B 701 4.04 -20.05 -13.84
N ILE B 702 4.91 -19.12 -14.23
CA ILE B 702 4.93 -17.79 -13.63
C ILE B 702 3.62 -17.03 -13.91
N VAL B 703 3.19 -17.05 -15.18
CA VAL B 703 1.97 -16.36 -15.59
C VAL B 703 0.73 -17.08 -15.04
N GLN B 704 0.78 -18.41 -15.03
CA GLN B 704 -0.35 -19.22 -14.57
C GLN B 704 -0.61 -19.00 -13.09
N ALA B 705 0.47 -18.93 -12.30
CA ALA B 705 0.37 -18.65 -10.88
C ALA B 705 -0.14 -17.25 -10.60
N ARG B 706 0.26 -16.28 -11.42
CA ARG B 706 -0.33 -14.95 -11.30
C ARG B 706 -1.83 -14.98 -11.55
N LEU B 707 -2.25 -15.74 -12.57
CA LEU B 707 -3.66 -15.90 -12.88
C LEU B 707 -4.43 -16.65 -11.79
N VAL B 708 -3.83 -17.71 -11.22
CA VAL B 708 -4.46 -18.51 -10.17
C VAL B 708 -4.63 -17.69 -8.89
N GLY B 709 -3.60 -16.93 -8.53
CA GLY B 709 -3.70 -16.04 -7.38
C GLY B 709 -4.71 -14.92 -7.58
N LEU B 710 -4.78 -14.37 -8.79
CA LEU B 710 -5.77 -13.35 -9.12
C LEU B 710 -7.19 -13.90 -9.05
N ILE B 711 -7.43 -15.12 -9.55
CA ILE B 711 -8.75 -15.75 -9.51
C ILE B 711 -9.17 -16.01 -8.07
N HIS B 712 -8.25 -16.54 -7.25
CA HIS B 712 -8.56 -16.79 -5.84
C HIS B 712 -8.83 -15.50 -5.06
N PHE B 713 -7.97 -14.49 -5.24
CA PHE B 713 -8.17 -13.15 -4.67
C PHE B 713 -9.54 -12.58 -5.04
N THR B 714 -9.85 -12.57 -6.34
CA THR B 714 -11.09 -11.99 -6.85
C THR B 714 -12.31 -12.73 -6.34
N ALA B 715 -12.26 -14.07 -6.36
CA ALA B 715 -13.36 -14.89 -5.88
C ALA B 715 -13.60 -14.68 -4.39
N GLY B 716 -12.52 -14.59 -3.60
CA GLY B 716 -12.66 -14.30 -2.18
C GLY B 716 -13.27 -12.94 -1.90
N TYR B 717 -12.88 -11.94 -2.71
CA TYR B 717 -13.43 -10.59 -2.64
C TYR B 717 -14.94 -10.57 -2.88
N ILE B 718 -15.37 -11.25 -3.96
CA ILE B 718 -16.79 -11.28 -4.35
C ILE B 718 -17.62 -12.03 -3.32
N PHE B 719 -17.16 -13.23 -2.91
CA PHE B 719 -17.94 -14.07 -1.99
C PHE B 719 -18.08 -13.41 -0.61
N THR B 720 -17.00 -12.78 -0.12
CA THR B 720 -17.03 -12.11 1.18
C THR B 720 -17.99 -10.93 1.19
N TYR B 721 -17.90 -10.08 0.15
CA TYR B 721 -18.77 -8.91 0.10
C TYR B 721 -20.22 -9.28 -0.14
N ALA B 722 -20.48 -10.30 -0.97
CA ALA B 722 -21.85 -10.75 -1.23
C ALA B 722 -22.51 -11.27 0.05
N ALA B 723 -21.76 -12.04 0.85
CA ALA B 723 -22.28 -12.52 2.14
C ALA B 723 -22.57 -11.38 3.08
N PHE B 724 -21.69 -10.37 3.12
CA PHE B 724 -21.89 -9.25 4.03
C PHE B 724 -23.08 -8.39 3.59
N VAL B 725 -23.13 -7.99 2.31
CA VAL B 725 -24.17 -7.09 1.82
C VAL B 725 -25.55 -7.75 1.86
N ILE B 726 -25.64 -9.09 1.72
CA ILE B 726 -26.95 -9.70 1.78
C ILE B 726 -27.35 -9.96 3.22
N ALA B 727 -26.45 -10.52 4.04
CA ALA B 727 -26.79 -10.90 5.40
C ALA B 727 -27.01 -9.71 6.31
N SER B 728 -26.19 -8.65 6.19
CA SER B 728 -26.36 -7.46 7.02
C SER B 728 -27.66 -6.74 6.68
N THR B 729 -28.05 -6.71 5.41
CA THR B 729 -29.30 -6.04 5.03
C THR B 729 -30.49 -6.88 5.45
N THR B 730 -30.44 -8.21 5.23
CA THR B 730 -31.49 -9.12 5.71
C THR B 730 -31.65 -9.08 7.22
N GLY B 731 -30.54 -9.21 7.96
CA GLY B 731 -30.58 -9.22 9.41
C GLY B 731 -31.06 -7.92 10.00
N LYS B 732 -30.68 -6.81 9.37
CA LYS B 732 -31.11 -5.53 9.92
C LYS B 732 -32.51 -5.15 9.44
N PHE B 733 -32.82 -5.39 8.16
CA PHE B 733 -34.02 -4.92 7.45
C PHE B 733 -34.18 -3.41 7.54
N GLY B 734 -33.21 -2.75 6.91
CA GLY B 734 -33.08 -1.32 6.94
C GLY B 734 -31.67 -1.05 6.53
N SER C 2 11.14 -26.43 -28.49
CA SER C 2 12.42 -25.87 -28.06
C SER C 2 12.35 -24.35 -28.03
N HIS C 3 13.35 -23.73 -27.42
CA HIS C 3 13.46 -22.28 -27.47
C HIS C 3 14.23 -21.88 -28.71
N SER C 4 13.98 -20.67 -29.18
CA SER C 4 14.60 -20.16 -30.40
C SER C 4 15.56 -19.04 -30.04
N VAL C 5 16.82 -19.19 -30.43
CA VAL C 5 17.86 -18.22 -30.08
C VAL C 5 18.44 -17.63 -31.35
N LYS C 6 18.47 -16.29 -31.40
CA LYS C 6 18.90 -15.54 -32.56
C LYS C 6 20.11 -14.71 -32.21
N VAL C 7 20.99 -14.51 -33.18
CA VAL C 7 22.13 -13.62 -33.05
C VAL C 7 22.01 -12.59 -34.15
N TYR C 8 21.98 -11.33 -33.78
CA TYR C 8 21.82 -10.25 -34.74
C TYR C 8 23.21 -9.70 -35.06
N ASP C 9 23.31 -8.98 -36.18
CA ASP C 9 24.63 -8.59 -36.70
C ASP C 9 25.28 -7.41 -35.96
N THR C 10 24.72 -6.99 -34.83
CA THR C 10 25.35 -6.03 -33.94
C THR C 10 26.35 -6.68 -33.01
N CYS C 11 26.52 -8.00 -33.10
CA CYS C 11 27.45 -8.74 -32.25
C CYS C 11 28.88 -8.30 -32.50
N ILE C 12 29.57 -7.93 -31.42
CA ILE C 12 30.97 -7.50 -31.52
C ILE C 12 31.96 -8.62 -31.31
N GLY C 13 31.50 -9.86 -31.16
CA GLY C 13 32.37 -11.01 -30.99
C GLY C 13 33.14 -11.04 -29.68
N CYS C 14 32.49 -10.68 -28.58
CA CYS C 14 33.13 -10.65 -27.27
C CYS C 14 33.20 -12.01 -26.59
N THR C 15 32.49 -13.01 -27.11
CA THR C 15 32.40 -14.41 -26.67
C THR C 15 31.78 -14.58 -25.28
N GLN C 16 31.18 -13.53 -24.70
CA GLN C 16 30.70 -13.56 -23.33
C GLN C 16 29.49 -14.47 -23.17
N CYS C 17 28.59 -14.44 -24.16
CA CYS C 17 27.41 -15.30 -24.19
C CYS C 17 27.78 -16.78 -24.23
N VAL C 18 28.81 -17.13 -25.01
CA VAL C 18 29.22 -18.52 -25.15
C VAL C 18 29.81 -19.03 -23.84
N ARG C 19 30.58 -18.19 -23.13
CA ARG C 19 31.16 -18.61 -21.86
C ARG C 19 30.09 -18.67 -20.78
N ALA C 20 29.05 -17.84 -20.89
CA ALA C 20 28.01 -17.80 -19.89
C ALA C 20 26.96 -18.89 -20.05
N CYS C 21 26.84 -19.50 -21.23
CA CYS C 21 25.78 -20.48 -21.49
C CYS C 21 25.99 -21.76 -20.71
N PRO C 22 25.04 -22.18 -19.87
CA PRO C 22 25.24 -23.37 -19.06
C PRO C 22 24.98 -24.67 -19.80
N CYS C 23 24.43 -24.63 -21.01
CA CYS C 23 24.02 -25.85 -21.68
C CYS C 23 24.67 -26.03 -23.05
N ASP C 24 25.74 -25.29 -23.35
CA ASP C 24 26.52 -25.39 -24.60
C ASP C 24 25.63 -25.21 -25.83
N VAL C 25 24.81 -24.17 -25.81
CA VAL C 25 23.99 -23.90 -26.98
C VAL C 25 24.73 -23.06 -28.00
N LEU C 26 25.57 -22.15 -27.54
CA LEU C 26 26.21 -21.16 -28.39
C LEU C 26 27.65 -21.55 -28.69
N GLU C 27 28.15 -21.11 -29.84
CA GLU C 27 29.56 -21.26 -30.20
C GLU C 27 29.95 -20.10 -31.10
N MET C 28 31.26 -19.95 -31.33
CA MET C 28 31.80 -18.87 -32.15
C MET C 28 32.09 -19.35 -33.56
N VAL C 29 31.63 -18.60 -34.57
CA VAL C 29 31.95 -18.88 -35.97
C VAL C 29 32.59 -17.62 -36.58
N SER C 30 33.27 -17.81 -37.69
CA SER C 30 34.01 -16.73 -38.35
C SER C 30 33.09 -15.82 -39.16
N TRP C 31 33.35 -14.52 -39.11
CA TRP C 31 32.51 -13.52 -39.77
C TRP C 31 33.28 -12.23 -39.95
N ASP C 32 33.26 -11.64 -41.13
CA ASP C 32 34.08 -10.45 -41.34
C ASP C 32 33.42 -9.14 -40.90
N GLY C 33 32.15 -9.21 -40.44
CA GLY C 33 31.39 -8.02 -40.12
C GLY C 33 31.95 -7.17 -38.99
N CYS C 34 32.49 -7.79 -37.94
CA CYS C 34 32.94 -7.05 -36.77
C CYS C 34 34.46 -7.02 -36.71
N LYS C 35 34.96 -6.19 -35.79
CA LYS C 35 36.40 -6.01 -35.61
C LYS C 35 37.05 -7.28 -35.07
N ALA C 36 36.34 -8.01 -34.19
CA ALA C 36 36.86 -9.25 -33.63
C ALA C 36 36.92 -10.38 -34.65
N GLY C 37 36.23 -10.25 -35.78
CA GLY C 37 36.27 -11.26 -36.81
C GLY C 37 35.46 -12.50 -36.54
N GLN C 38 34.51 -12.45 -35.62
CA GLN C 38 33.79 -13.66 -35.23
C GLN C 38 32.42 -13.26 -34.69
N ILE C 39 31.45 -14.15 -34.84
CA ILE C 39 30.09 -13.90 -34.39
C ILE C 39 29.58 -15.14 -33.67
N ALA C 40 28.66 -14.94 -32.74
CA ALA C 40 28.06 -16.04 -32.02
C ALA C 40 27.07 -16.75 -32.93
N SER C 41 26.87 -18.03 -32.67
CA SER C 41 25.97 -18.87 -33.42
C SER C 41 25.29 -19.79 -32.43
N ALA C 42 24.11 -20.27 -32.79
CA ALA C 42 23.28 -21.08 -31.90
C ALA C 42 22.90 -22.40 -32.56
N PRO C 43 23.85 -23.33 -32.72
CA PRO C 43 23.52 -24.59 -33.41
C PRO C 43 22.77 -25.60 -32.56
N ARG C 44 22.70 -25.45 -31.25
CA ARG C 44 22.20 -26.52 -30.42
C ARG C 44 21.07 -26.05 -29.53
N THR C 45 20.09 -25.37 -30.13
CA THR C 45 18.96 -24.81 -29.39
C THR C 45 18.00 -25.85 -28.81
N GLU C 46 18.08 -27.13 -29.22
CA GLU C 46 17.31 -28.18 -28.55
C GLU C 46 17.73 -28.37 -27.10
N ASP C 47 18.95 -28.00 -26.75
CA ASP C 47 19.46 -28.04 -25.38
C ASP C 47 19.24 -26.75 -24.62
N CYS C 48 18.63 -25.72 -25.23
CA CYS C 48 18.45 -24.45 -24.54
C CYS C 48 17.39 -24.58 -23.46
N ILE C 49 17.77 -24.24 -22.23
CA ILE C 49 16.81 -24.28 -21.15
C ILE C 49 16.08 -22.96 -20.95
N GLY C 50 16.51 -21.89 -21.59
CA GLY C 50 15.85 -20.60 -21.47
C GLY C 50 16.27 -19.74 -20.31
N CYS C 51 17.43 -20.02 -19.71
CA CYS C 51 17.97 -19.30 -18.56
C CYS C 51 18.24 -17.81 -18.85
N LYS C 52 18.55 -17.48 -20.11
CA LYS C 52 18.89 -16.13 -20.61
C LYS C 52 20.13 -15.56 -19.96
N ARG C 53 21.08 -16.42 -19.55
CA ARG C 53 22.37 -15.95 -19.06
C ARG C 53 23.19 -15.32 -20.17
N CYS C 54 22.99 -15.79 -21.40
CA CYS C 54 23.62 -15.20 -22.59
C CYS C 54 23.19 -13.74 -22.76
N GLU C 55 21.90 -13.47 -22.57
CA GLU C 55 21.38 -12.11 -22.71
C GLU C 55 21.94 -11.20 -21.63
N THR C 56 22.09 -11.69 -20.40
CA THR C 56 22.71 -10.92 -19.33
C THR C 56 24.17 -10.60 -19.66
N ALA C 57 24.90 -11.57 -20.23
CA ALA C 57 26.32 -11.36 -20.53
C ALA C 57 26.57 -10.36 -21.67
N CYS C 58 25.62 -10.19 -22.59
CA CYS C 58 25.88 -9.40 -23.82
C CYS C 58 26.02 -7.90 -23.56
N PRO C 59 27.07 -7.26 -24.07
CA PRO C 59 27.29 -5.83 -23.83
C PRO C 59 26.82 -4.84 -24.89
N THR C 60 26.29 -5.28 -26.04
CA THR C 60 25.75 -4.34 -27.02
C THR C 60 24.47 -3.74 -26.45
N ASP C 61 24.10 -2.54 -26.94
CA ASP C 61 23.08 -1.69 -26.33
C ASP C 61 21.74 -2.39 -26.21
N PHE C 62 21.19 -2.83 -27.33
CA PHE C 62 20.20 -3.86 -27.18
C PHE C 62 20.84 -5.11 -27.72
N LEU C 63 20.55 -6.19 -27.00
CA LEU C 63 21.23 -7.47 -27.06
C LEU C 63 21.33 -8.00 -28.47
N SER C 64 22.54 -8.39 -28.86
CA SER C 64 22.74 -9.06 -30.12
C SER C 64 22.16 -10.47 -30.09
N VAL C 65 22.24 -11.14 -28.96
CA VAL C 65 21.62 -12.45 -28.79
C VAL C 65 20.24 -12.27 -28.16
N ARG C 66 19.22 -12.88 -28.75
CA ARG C 66 17.88 -12.83 -28.22
C ARG C 66 17.31 -14.22 -28.12
N VAL C 67 16.87 -14.59 -26.92
CA VAL C 67 16.22 -15.87 -26.68
C VAL C 67 14.72 -15.64 -26.69
N TYR C 68 14.01 -16.47 -27.42
CA TYR C 68 12.56 -16.43 -27.52
C TYR C 68 12.06 -17.76 -26.99
N LEU C 69 11.47 -17.72 -25.79
CA LEU C 69 10.94 -18.91 -25.15
C LEU C 69 9.78 -19.45 -25.97
N GLY C 70 9.82 -20.76 -26.23
CA GLY C 70 8.85 -21.37 -27.09
C GLY C 70 8.24 -22.61 -26.48
N GLY C 71 8.17 -23.68 -27.27
CA GLY C 71 7.66 -24.94 -26.76
C GLY C 71 8.57 -25.57 -25.72
N GLU C 72 7.96 -26.19 -24.73
CA GLU C 72 8.68 -26.81 -23.65
C GLU C 72 8.88 -28.30 -23.93
N THR C 73 10.05 -28.80 -23.56
CA THR C 73 10.42 -30.20 -23.69
C THR C 73 10.96 -30.65 -22.35
N THR C 74 11.41 -31.90 -22.27
CA THR C 74 12.11 -32.38 -21.08
C THR C 74 13.45 -31.65 -20.91
N ARG C 75 14.12 -31.35 -22.02
CA ARG C 75 15.39 -30.64 -21.98
C ARG C 75 15.20 -29.19 -21.57
N SER C 76 14.22 -28.49 -22.16
CA SER C 76 14.07 -27.08 -21.88
C SER C 76 13.38 -26.81 -20.55
N MET C 77 12.78 -27.82 -19.94
CA MET C 77 12.22 -27.69 -18.61
C MET C 77 13.24 -27.96 -17.51
N GLY C 78 14.42 -28.46 -17.88
CA GLY C 78 15.46 -28.78 -16.91
C GLY C 78 15.04 -29.86 -15.93
N LEU C 79 14.44 -30.93 -16.44
CA LEU C 79 13.87 -31.97 -15.59
C LEU C 79 14.81 -33.16 -15.58
N ALA C 80 15.28 -33.50 -14.37
CA ALA C 80 16.07 -34.69 -14.13
C ALA C 80 15.21 -35.89 -13.78
N TYR C 81 13.90 -35.79 -14.04
CA TYR C 81 12.96 -36.86 -13.81
C TYR C 81 12.01 -36.88 -14.99
N GLU D 3 37.33 -42.82 -29.89
CA GLU D 3 36.39 -41.72 -29.64
C GLU D 3 35.30 -42.14 -28.67
N THR D 4 34.73 -43.32 -28.91
CA THR D 4 33.54 -43.77 -28.21
C THR D 4 33.83 -43.98 -26.74
N LEU D 5 32.78 -43.80 -25.93
CA LEU D 5 32.84 -43.99 -24.50
C LEU D 5 33.29 -45.41 -24.19
N ASN D 6 34.41 -45.52 -23.50
CA ASN D 6 34.85 -46.80 -22.95
C ASN D 6 34.10 -46.93 -21.64
N LEU D 7 33.09 -47.80 -21.63
CA LEU D 7 32.19 -47.97 -20.49
C LEU D 7 32.90 -48.48 -19.23
N GLN D 8 34.10 -49.04 -19.35
CA GLN D 8 34.82 -49.69 -18.27
C GLN D 8 35.64 -48.75 -17.40
N ILE D 9 35.63 -47.45 -17.70
CA ILE D 9 36.40 -46.45 -16.96
C ILE D 9 35.90 -46.39 -15.51
N PRO D 10 36.79 -46.43 -14.52
CA PRO D 10 36.36 -46.39 -13.12
C PRO D 10 35.79 -45.03 -12.79
N SER D 11 34.85 -45.04 -11.90
CA SER D 11 34.14 -43.85 -11.49
C SER D 11 34.78 -43.25 -10.24
N PRO D 12 34.55 -41.95 -9.97
CA PRO D 12 35.02 -41.37 -8.72
C PRO D 12 34.38 -42.04 -7.52
N THR D 13 35.16 -42.21 -6.45
CA THR D 13 34.65 -42.78 -5.21
C THR D 13 33.56 -41.88 -4.66
N PHE D 14 32.43 -42.47 -4.33
CA PHE D 14 31.29 -41.73 -3.83
C PHE D 14 30.47 -42.65 -2.95
N GLU D 15 29.87 -42.08 -1.91
CA GLU D 15 29.14 -42.88 -0.94
C GLU D 15 27.66 -42.99 -1.28
N GLY D 16 27.21 -42.36 -2.35
CA GLY D 16 25.83 -42.38 -2.74
C GLY D 16 25.05 -41.22 -2.15
N SER D 17 23.94 -40.90 -2.80
CA SER D 17 23.06 -39.83 -2.36
C SER D 17 21.68 -40.02 -2.98
N THR D 18 20.72 -39.29 -2.44
CA THR D 18 19.37 -39.24 -3.02
C THR D 18 19.27 -38.28 -4.19
N GLY D 19 20.31 -37.50 -4.46
CA GLY D 19 20.22 -36.52 -5.51
C GLY D 19 20.53 -37.02 -6.89
N GLY D 20 20.87 -38.29 -7.04
CA GLY D 20 21.22 -38.85 -8.34
C GLY D 20 20.05 -39.06 -9.27
N TRP D 21 20.23 -39.87 -10.30
CA TRP D 21 19.22 -39.98 -11.34
C TRP D 21 18.14 -40.99 -11.00
N LEU D 22 16.98 -40.80 -11.63
CA LEU D 22 15.71 -41.49 -11.39
C LEU D 22 15.32 -42.28 -12.64
N ARG D 23 14.05 -42.75 -12.66
CA ARG D 23 13.53 -43.68 -13.67
C ARG D 23 13.61 -43.14 -15.10
N ALA D 24 13.50 -41.82 -15.26
CA ALA D 24 13.62 -41.20 -16.58
C ALA D 24 15.01 -41.35 -17.18
N ALA D 25 16.04 -41.60 -16.36
CA ALA D 25 17.36 -41.80 -16.92
C ALA D 25 17.46 -43.15 -17.63
N GLU D 26 16.87 -44.21 -17.08
CA GLU D 26 16.98 -45.47 -17.78
C GLU D 26 15.90 -45.66 -18.83
N VAL D 27 14.92 -44.77 -18.93
CA VAL D 27 13.93 -44.91 -19.99
C VAL D 27 13.93 -43.75 -20.98
N GLU D 28 14.58 -42.61 -20.71
CA GLU D 28 14.64 -41.55 -21.72
C GLU D 28 16.04 -41.27 -22.21
N GLU D 29 16.97 -40.91 -21.33
CA GLU D 29 18.37 -40.55 -21.64
C GLU D 29 19.17 -40.33 -20.36
N LYS D 30 20.47 -40.59 -20.45
CA LYS D 30 21.42 -40.34 -19.38
C LYS D 30 22.61 -39.64 -20.02
N TYR D 31 23.32 -38.87 -19.23
CA TYR D 31 24.49 -38.18 -19.72
C TYR D 31 25.70 -38.72 -18.97
N ALA D 32 26.85 -38.73 -19.62
CA ALA D 32 28.08 -39.18 -18.99
C ALA D 32 29.16 -38.12 -19.16
N ILE D 33 30.03 -38.01 -18.17
CA ILE D 33 31.18 -37.11 -18.29
C ILE D 33 32.43 -37.89 -17.90
N THR D 34 33.47 -37.78 -18.72
CA THR D 34 34.76 -38.38 -18.43
C THR D 34 35.83 -37.30 -18.39
N TRP D 35 36.85 -37.51 -17.54
CA TRP D 35 37.97 -36.58 -17.48
C TRP D 35 39.19 -37.24 -16.84
N THR D 36 40.35 -36.67 -17.12
CA THR D 36 41.62 -37.12 -16.57
C THR D 36 42.03 -36.20 -15.43
N SER D 37 42.39 -36.78 -14.30
CA SER D 37 42.87 -36.13 -13.10
C SER D 37 44.31 -36.51 -12.82
N PRO D 38 45.16 -35.56 -12.46
CA PRO D 38 46.52 -35.90 -12.01
C PRO D 38 46.59 -36.36 -10.57
N LYS D 39 45.49 -36.34 -9.82
CA LYS D 39 45.52 -36.56 -8.38
C LYS D 39 44.27 -37.30 -7.94
N GLU D 40 44.25 -37.72 -6.69
CA GLU D 40 43.13 -38.40 -6.05
C GLU D 40 42.52 -37.40 -5.06
N GLN D 41 41.62 -36.54 -5.56
CA GLN D 41 41.24 -35.34 -4.82
C GLN D 41 39.73 -35.18 -4.70
N VAL D 42 39.30 -34.42 -3.69
CA VAL D 42 37.88 -34.25 -3.38
C VAL D 42 37.27 -33.16 -4.26
N PHE D 43 36.12 -33.44 -4.85
CA PHE D 43 35.31 -32.45 -5.56
C PHE D 43 33.88 -32.52 -5.03
N GLU D 44 33.06 -31.55 -5.44
CA GLU D 44 31.65 -31.53 -5.07
C GLU D 44 30.80 -31.98 -6.24
N MET D 45 29.92 -32.95 -5.98
CA MET D 45 29.01 -33.46 -6.99
C MET D 45 27.91 -32.45 -7.27
N PRO D 46 27.47 -32.31 -8.53
CA PRO D 46 26.33 -31.42 -8.83
C PRO D 46 25.02 -31.84 -8.19
N THR D 47 24.90 -33.09 -7.77
CA THR D 47 23.68 -33.67 -7.25
C THR D 47 23.67 -33.78 -5.74
N GLY D 48 24.68 -33.23 -5.05
CA GLY D 48 24.74 -33.47 -3.63
C GLY D 48 26.04 -33.14 -2.93
N GLY D 49 26.57 -34.10 -2.18
CA GLY D 49 27.73 -33.86 -1.36
C GLY D 49 29.06 -33.92 -2.07
N ALA D 50 30.05 -34.56 -1.44
CA ALA D 50 31.40 -34.61 -1.97
C ALA D 50 31.77 -36.00 -2.41
N ALA D 51 32.52 -36.08 -3.51
CA ALA D 51 33.08 -37.31 -4.01
C ALA D 51 34.58 -37.12 -4.16
N ILE D 52 35.30 -38.20 -4.41
CA ILE D 52 36.74 -38.13 -4.60
C ILE D 52 37.08 -38.70 -5.97
N MET D 53 37.72 -37.88 -6.80
CA MET D 53 38.12 -38.32 -8.12
C MET D 53 39.42 -39.11 -8.02
N ARG D 54 39.47 -40.20 -8.78
CA ARG D 54 40.60 -41.11 -8.75
C ARG D 54 41.65 -40.57 -9.71
N GLN D 55 42.92 -40.84 -9.39
CA GLN D 55 44.03 -40.50 -10.28
C GLN D 55 43.89 -41.25 -11.59
N GLY D 56 44.01 -40.53 -12.70
CA GLY D 56 43.80 -41.16 -13.98
C GLY D 56 42.47 -40.74 -14.56
N GLU D 57 41.73 -41.69 -15.13
CA GLU D 57 40.51 -41.35 -15.83
C GLU D 57 39.26 -41.65 -14.98
N ASN D 58 38.34 -40.69 -14.93
CA ASN D 58 37.08 -40.76 -14.20
C ASN D 58 35.88 -40.71 -15.17
N LEU D 59 34.74 -41.20 -14.67
CA LEU D 59 33.48 -41.28 -15.42
C LEU D 59 32.30 -41.15 -14.48
N LEU D 60 31.35 -40.30 -14.83
CA LEU D 60 30.11 -40.15 -14.08
C LEU D 60 28.92 -40.30 -15.01
N TYR D 61 27.77 -40.54 -14.39
CA TYR D 61 26.48 -40.54 -15.04
C TYR D 61 25.58 -39.55 -14.32
N LEU D 62 24.98 -38.66 -15.08
CA LEU D 62 24.09 -37.65 -14.55
C LEU D 62 22.82 -37.63 -15.37
N ALA D 63 21.77 -37.03 -14.82
CA ALA D 63 20.49 -37.04 -15.50
C ALA D 63 20.33 -35.90 -16.49
N ARG D 64 20.95 -34.76 -16.23
CA ARG D 64 20.83 -33.59 -17.08
C ARG D 64 22.17 -33.24 -17.69
N LYS D 65 22.12 -32.67 -18.89
CA LYS D 65 23.32 -32.18 -19.56
C LYS D 65 23.95 -31.03 -18.78
N GLU D 66 23.10 -30.17 -18.20
CA GLU D 66 23.56 -29.04 -17.40
C GLU D 66 24.32 -29.51 -16.15
N GLN D 67 24.00 -30.70 -15.61
CA GLN D 67 24.73 -31.21 -14.47
C GLN D 67 26.16 -31.60 -14.88
N CYS D 68 26.29 -32.12 -16.10
CA CYS D 68 27.61 -32.49 -16.63
C CYS D 68 28.44 -31.25 -16.90
N LEU D 69 27.80 -30.19 -17.38
CA LEU D 69 28.55 -28.98 -17.66
C LEU D 69 28.85 -28.17 -16.41
N ALA D 70 28.00 -28.27 -15.39
CA ALA D 70 28.27 -27.58 -14.11
C ALA D 70 29.52 -28.20 -13.47
N LEU D 71 29.61 -29.54 -13.47
CA LEU D 71 30.82 -30.20 -12.93
C LEU D 71 32.02 -29.82 -13.79
N ALA D 72 31.85 -29.76 -15.12
CA ALA D 72 32.98 -29.47 -16.02
C ALA D 72 33.55 -28.08 -15.75
N THR D 73 32.68 -27.08 -15.55
CA THR D 73 33.18 -25.73 -15.21
C THR D 73 33.87 -25.77 -13.84
N GLN D 74 33.31 -26.52 -12.88
CA GLN D 74 33.90 -26.56 -11.52
C GLN D 74 35.31 -27.16 -11.58
N VAL D 75 35.49 -28.27 -12.31
CA VAL D 75 36.83 -28.92 -12.38
C VAL D 75 37.80 -27.99 -13.11
N LYS D 76 37.35 -27.32 -14.17
CA LYS D 76 38.27 -26.47 -14.96
C LYS D 76 38.80 -25.31 -14.11
N ASN D 77 37.91 -24.64 -13.36
CA ASN D 77 38.35 -23.53 -12.48
C ASN D 77 39.13 -24.06 -11.27
N SER D 78 38.59 -25.05 -10.56
CA SER D 78 39.22 -25.55 -9.31
C SER D 78 40.50 -26.36 -9.53
N PHE D 79 40.51 -27.30 -10.49
CA PHE D 79 41.69 -28.20 -10.63
C PHE D 79 42.39 -27.99 -11.97
N LYS D 80 41.99 -26.99 -12.74
CA LYS D 80 42.62 -26.72 -14.08
C LYS D 80 42.56 -27.98 -14.95
N ILE D 81 41.43 -28.68 -14.97
CA ILE D 81 41.27 -29.88 -15.86
C ILE D 81 40.35 -29.50 -17.03
N THR D 82 40.87 -29.56 -18.27
CA THR D 82 40.03 -29.28 -19.47
C THR D 82 39.84 -30.56 -20.30
N ASP D 83 40.30 -31.71 -19.79
CA ASP D 83 40.24 -32.98 -20.57
C ASP D 83 38.89 -33.67 -20.33
N TYR D 84 37.79 -32.93 -20.39
CA TYR D 84 36.48 -33.48 -20.12
C TYR D 84 35.67 -33.66 -21.39
N LYS D 85 35.02 -34.81 -21.50
CA LYS D 85 34.17 -35.13 -22.62
C LYS D 85 32.80 -35.52 -22.10
N VAL D 86 31.75 -34.92 -22.68
CA VAL D 86 30.37 -35.10 -22.25
C VAL D 86 29.66 -35.86 -23.35
N TYR D 87 28.94 -36.92 -22.97
CA TYR D 87 28.24 -37.82 -23.87
C TYR D 87 26.76 -37.91 -23.50
N ARG D 88 25.92 -38.13 -24.50
CA ARG D 88 24.52 -38.50 -24.30
C ARG D 88 24.34 -39.96 -24.64
N ILE D 89 23.62 -40.69 -23.79
CA ILE D 89 23.42 -42.13 -23.89
C ILE D 89 21.94 -42.40 -23.81
N PHE D 90 21.42 -43.06 -24.74
CA PHE D 90 20.05 -43.50 -24.95
C PHE D 90 19.82 -44.92 -24.44
N PRO D 91 18.59 -45.30 -24.07
CA PRO D 91 18.34 -46.68 -23.59
C PRO D 91 18.56 -47.77 -24.62
N SER D 92 18.69 -47.45 -25.91
CA SER D 92 19.06 -48.42 -26.92
C SER D 92 20.54 -48.79 -26.86
N GLY D 93 21.33 -48.12 -26.00
CA GLY D 93 22.76 -48.32 -25.93
C GLY D 93 23.57 -47.37 -26.77
N GLU D 94 22.93 -46.62 -27.67
CA GLU D 94 23.65 -45.72 -28.55
C GLU D 94 24.17 -44.52 -27.78
N VAL D 95 25.45 -44.19 -27.99
CA VAL D 95 26.14 -43.11 -27.30
C VAL D 95 26.43 -41.97 -28.26
N GLN D 96 26.05 -40.76 -27.85
CA GLN D 96 26.14 -39.53 -28.63
C GLN D 96 27.16 -38.63 -27.99
N TYR D 97 28.29 -38.41 -28.67
CA TYR D 97 29.27 -37.44 -28.18
C TYR D 97 28.71 -36.03 -28.28
N LEU D 98 28.90 -35.25 -27.21
CA LEU D 98 28.26 -33.95 -27.12
C LEU D 98 29.26 -32.81 -26.98
N HIS D 99 30.23 -32.92 -26.07
CA HIS D 99 30.92 -31.69 -25.74
C HIS D 99 32.36 -31.94 -25.30
N PRO D 100 33.36 -31.22 -25.87
CA PRO D 100 33.26 -30.24 -26.97
C PRO D 100 33.02 -30.88 -28.33
N LYS D 101 32.06 -30.30 -29.07
CA LYS D 101 31.33 -30.96 -30.14
C LYS D 101 32.22 -31.32 -31.32
N ASP D 102 33.23 -30.49 -31.60
CA ASP D 102 34.13 -30.71 -32.71
C ASP D 102 35.57 -30.68 -32.25
N GLY D 103 35.84 -31.07 -31.00
CA GLY D 103 37.18 -31.12 -30.47
C GLY D 103 37.70 -29.81 -29.93
N VAL D 104 37.02 -28.71 -30.21
CA VAL D 104 37.39 -27.36 -29.84
C VAL D 104 36.25 -26.78 -29.03
N PHE D 105 36.59 -26.05 -27.97
CA PHE D 105 35.60 -25.45 -27.09
C PHE D 105 34.82 -24.38 -27.85
N PRO D 106 33.53 -24.19 -27.51
CA PRO D 106 32.68 -23.25 -28.26
C PRO D 106 33.14 -21.80 -28.26
N GLU D 107 33.79 -21.34 -27.19
CA GLU D 107 34.28 -19.96 -27.14
C GLU D 107 35.53 -19.72 -27.95
N LYS D 108 36.18 -20.77 -28.46
CA LYS D 108 37.27 -20.64 -29.40
C LYS D 108 36.73 -20.96 -30.81
N VAL D 109 37.10 -20.12 -31.78
CA VAL D 109 36.61 -20.26 -33.15
C VAL D 109 37.22 -21.49 -33.81
N ASN D 110 36.50 -22.06 -34.78
CA ASN D 110 36.98 -23.20 -35.53
C ASN D 110 36.46 -23.10 -36.95
N ALA D 111 37.26 -23.53 -37.93
CA ALA D 111 36.78 -23.62 -39.29
C ALA D 111 35.77 -24.76 -39.43
N GLY D 112 34.95 -24.69 -40.46
CA GLY D 112 33.91 -25.67 -40.69
C GLY D 112 32.71 -25.56 -39.78
N ARG D 113 32.69 -24.59 -38.88
CA ARG D 113 31.49 -24.26 -38.12
C ARG D 113 30.62 -23.36 -38.97
N VAL D 114 29.38 -23.77 -39.17
CA VAL D 114 28.39 -22.99 -39.92
C VAL D 114 27.52 -22.25 -38.93
N GLY D 115 27.28 -20.97 -39.19
CA GLY D 115 26.49 -20.15 -38.29
C GLY D 115 25.02 -20.49 -38.37
N VAL D 116 24.41 -20.81 -37.23
CA VAL D 116 22.99 -21.10 -37.12
C VAL D 116 22.35 -20.01 -36.28
N GLY D 117 21.20 -19.52 -36.71
CA GLY D 117 20.48 -18.54 -35.93
C GLY D 117 20.87 -17.10 -36.18
N ASN D 118 21.68 -16.82 -37.19
CA ASN D 118 22.19 -15.49 -37.42
C ASN D 118 21.24 -14.68 -38.28
N VAL D 119 20.93 -13.47 -37.83
CA VAL D 119 19.94 -12.60 -38.47
C VAL D 119 20.68 -11.40 -39.05
N SER D 120 20.42 -11.11 -40.32
CA SER D 120 21.22 -10.18 -41.10
C SER D 120 21.02 -8.71 -40.74
N HIS D 121 20.02 -8.36 -39.96
CA HIS D 121 19.78 -6.99 -39.53
C HIS D 121 19.85 -6.90 -38.01
N SER D 122 19.77 -5.69 -37.47
CA SER D 122 19.75 -5.51 -36.03
C SER D 122 18.35 -5.81 -35.50
N ILE D 123 18.25 -5.87 -34.16
CA ILE D 123 17.06 -6.42 -33.52
C ILE D 123 15.82 -5.52 -33.70
N GLY D 124 16.02 -4.23 -33.91
CA GLY D 124 14.92 -3.32 -34.14
C GLY D 124 14.36 -3.33 -35.54
N LYS D 125 14.94 -4.11 -36.44
CA LYS D 125 14.51 -4.16 -37.83
C LYS D 125 13.59 -5.33 -38.08
N ASN D 126 13.09 -5.96 -37.01
CA ASN D 126 12.16 -7.06 -37.13
C ASN D 126 10.81 -6.57 -37.62
N LEU D 127 9.97 -7.51 -38.00
CA LEU D 127 8.66 -7.19 -38.54
C LEU D 127 7.66 -7.06 -37.41
N ASN D 128 6.72 -6.13 -37.56
CA ASN D 128 5.65 -5.99 -36.59
C ASN D 128 4.72 -7.21 -36.73
N PRO D 129 4.08 -7.64 -35.64
CA PRO D 129 3.19 -8.83 -35.69
C PRO D 129 2.04 -8.78 -36.68
N ALA D 130 1.46 -7.59 -36.90
CA ALA D 130 0.31 -7.44 -37.79
C ALA D 130 0.60 -7.83 -39.25
N GLN D 131 1.77 -7.45 -39.80
CA GLN D 131 2.09 -7.82 -41.19
C GLN D 131 2.22 -9.33 -41.38
N ILE D 132 2.64 -10.06 -40.36
CA ILE D 132 2.85 -11.49 -40.50
C ILE D 132 1.69 -12.28 -39.89
N LYS D 133 0.56 -11.61 -39.63
CA LYS D 133 -0.64 -12.29 -39.15
C LYS D 133 -1.31 -13.03 -40.29
N PHE D 134 -1.77 -14.26 -40.01
CA PHE D 134 -2.36 -15.21 -40.98
C PHE D 134 -1.42 -15.50 -42.16
N THR D 135 -0.13 -15.33 -41.95
CA THR D 135 0.91 -15.57 -42.91
C THR D 135 1.96 -16.43 -42.21
N SER D 136 2.60 -17.31 -42.96
CA SER D 136 3.65 -18.16 -42.41
C SER D 136 5.00 -17.45 -42.30
N LYS D 137 5.09 -16.22 -42.83
CA LYS D 137 6.36 -15.51 -42.95
C LYS D 137 6.90 -15.16 -41.56
N SER D 138 8.21 -15.27 -41.40
CA SER D 138 8.83 -15.11 -40.09
C SER D 138 9.07 -13.64 -39.78
N PHE D 139 9.05 -13.32 -38.48
CA PHE D 139 9.19 -11.95 -38.01
C PHE D 139 10.61 -11.40 -38.18
N ASN D 140 11.60 -12.26 -38.41
CA ASN D 140 12.99 -11.85 -38.61
C ASN D 140 13.19 -11.42 -40.06
N GLY D 141 12.55 -10.32 -40.43
CA GLY D 141 12.62 -9.80 -41.77
C GLY D 141 11.74 -10.55 -42.77
N VAL E 2 31.69 11.25 -39.46
CA VAL E 2 31.92 12.06 -38.26
C VAL E 2 33.41 12.09 -37.91
N LYS E 3 33.76 12.64 -36.76
CA LYS E 3 35.15 12.75 -36.32
C LYS E 3 35.23 12.37 -34.85
N ARG E 4 36.43 11.98 -34.43
CA ARG E 4 36.65 11.67 -33.01
C ARG E 4 36.63 12.94 -32.17
N GLY E 5 36.03 12.85 -30.98
CA GLY E 5 35.93 13.99 -30.10
C GLY E 5 34.78 14.90 -30.41
N SER E 6 33.95 14.54 -31.37
CA SER E 6 32.77 15.29 -31.75
C SER E 6 31.56 14.81 -30.95
N LYS E 7 30.58 15.70 -30.81
CA LYS E 7 29.36 15.43 -30.08
C LYS E 7 28.29 15.00 -31.06
N VAL E 8 27.59 13.92 -30.75
CA VAL E 8 26.62 13.34 -31.68
C VAL E 8 25.32 12.97 -30.99
N ARG E 9 24.23 13.09 -31.75
CA ARG E 9 22.88 12.76 -31.34
C ARG E 9 22.53 11.41 -31.97
N ILE E 10 22.14 10.46 -31.15
CA ILE E 10 21.92 9.10 -31.59
C ILE E 10 20.55 8.99 -32.25
N LEU E 11 20.47 8.30 -33.39
CA LEU E 11 19.22 8.16 -34.14
C LEU E 11 18.80 6.70 -34.29
N ARG E 12 19.33 5.81 -33.49
CA ARG E 12 18.90 4.42 -33.49
C ARG E 12 17.76 4.27 -32.48
N LYS E 13 16.56 3.96 -32.98
CA LYS E 13 15.33 4.00 -32.18
C LYS E 13 15.30 2.98 -31.05
N GLU E 14 16.06 1.90 -31.16
CA GLU E 14 16.18 0.87 -30.14
C GLU E 14 17.39 1.08 -29.23
N SER E 15 18.11 2.18 -29.40
CA SER E 15 19.17 2.51 -28.45
C SER E 15 18.59 3.01 -27.14
N TYR E 16 19.30 2.71 -26.04
CA TYR E 16 19.03 3.36 -24.77
C TYR E 16 19.20 4.86 -24.85
N TRP E 17 20.16 5.33 -25.64
CA TRP E 17 20.49 6.74 -25.74
C TRP E 17 19.92 7.39 -26.98
N TYR E 18 18.81 6.87 -27.50
CA TYR E 18 18.13 7.44 -28.66
C TYR E 18 17.73 8.87 -28.36
N GLN E 19 18.18 9.79 -29.23
CA GLN E 19 18.01 11.24 -29.17
C GLN E 19 18.76 11.89 -28.01
N ASP E 20 19.79 11.23 -27.47
CA ASP E 20 20.72 11.86 -26.54
C ASP E 20 22.09 12.04 -27.18
N ILE E 21 22.95 12.80 -26.51
CA ILE E 21 24.27 13.17 -27.01
C ILE E 21 25.33 12.26 -26.41
N GLY E 22 26.17 11.69 -27.27
CA GLY E 22 27.38 11.02 -26.89
C GLY E 22 28.61 11.63 -27.55
N THR E 23 29.77 11.01 -27.36
CA THR E 23 31.01 11.48 -27.98
C THR E 23 31.69 10.37 -28.76
N VAL E 24 32.18 10.71 -29.94
CA VAL E 24 32.75 9.71 -30.83
C VAL E 24 34.14 9.34 -30.32
N ALA E 25 34.36 8.05 -30.09
CA ALA E 25 35.64 7.57 -29.56
C ALA E 25 36.66 7.31 -30.65
N THR E 26 36.34 6.40 -31.56
CA THR E 26 37.15 6.04 -32.71
C THR E 26 36.17 5.77 -33.83
N ILE E 27 36.69 5.73 -35.06
CA ILE E 27 35.92 5.32 -36.22
C ILE E 27 36.73 4.26 -36.96
N ASP E 28 36.16 3.06 -37.11
CA ASP E 28 36.85 2.02 -37.87
C ASP E 28 36.87 2.37 -39.35
N THR E 29 37.88 1.85 -40.04
CA THR E 29 38.06 2.02 -41.48
C THR E 29 37.87 0.73 -42.25
N SER E 30 37.60 -0.37 -41.57
CA SER E 30 37.47 -1.68 -42.20
C SER E 30 36.06 -1.82 -42.79
N GLY E 31 35.69 -3.04 -43.16
CA GLY E 31 34.34 -3.32 -43.63
C GLY E 31 33.35 -3.58 -42.52
N ILE E 32 33.41 -2.78 -41.45
CA ILE E 32 32.62 -3.00 -40.25
C ILE E 32 31.21 -2.47 -40.48
N ARG E 33 30.22 -3.19 -39.94
CA ARG E 33 28.84 -2.78 -40.09
C ARG E 33 28.54 -1.56 -39.23
N TYR E 34 29.16 -1.47 -38.06
CA TYR E 34 28.90 -0.40 -37.10
C TYR E 34 30.24 0.16 -36.65
N PRO E 35 30.83 1.06 -37.45
CA PRO E 35 32.21 1.48 -37.19
C PRO E 35 32.42 2.64 -36.22
N VAL E 36 31.37 3.34 -35.78
CA VAL E 36 31.51 4.51 -34.93
C VAL E 36 31.33 4.10 -33.46
N VAL E 37 32.32 4.37 -32.62
CA VAL E 37 32.27 4.04 -31.20
C VAL E 37 31.86 5.30 -30.44
N VAL E 38 30.78 5.23 -29.67
CA VAL E 38 30.22 6.40 -28.99
C VAL E 38 30.13 6.10 -27.50
N ARG E 39 30.62 7.03 -26.68
CA ARG E 39 30.53 6.97 -25.22
C ARG E 39 29.55 7.99 -24.67
N PHE E 40 28.89 7.61 -23.59
CA PHE E 40 27.84 8.41 -22.99
C PHE E 40 28.14 8.60 -21.51
N GLU E 41 27.47 9.57 -20.92
CA GLU E 41 27.63 9.79 -19.49
C GLU E 41 26.61 9.04 -18.67
N LYS E 42 25.42 8.81 -19.20
CA LYS E 42 24.47 7.95 -18.55
C LYS E 42 24.82 6.49 -18.83
N VAL E 43 24.63 5.66 -17.86
CA VAL E 43 24.73 4.23 -18.10
C VAL E 43 23.36 3.73 -18.53
N SER E 44 23.38 2.68 -19.33
CA SER E 44 22.17 1.97 -19.72
C SER E 44 21.69 1.11 -18.56
N TYR E 45 20.59 0.39 -18.80
CA TYR E 45 20.04 -0.52 -17.80
C TYR E 45 20.99 -1.68 -17.48
N SER E 46 21.90 -2.01 -18.40
CA SER E 46 22.94 -3.01 -18.21
C SER E 46 24.20 -2.42 -17.60
N GLY E 47 24.25 -1.12 -17.35
CA GLY E 47 25.44 -0.48 -16.84
C GLY E 47 26.55 -0.25 -17.85
N VAL E 48 26.28 -0.37 -19.13
CA VAL E 48 27.24 -0.07 -20.19
C VAL E 48 27.10 1.40 -20.56
N ASN E 49 28.22 2.06 -20.85
CA ASN E 49 28.22 3.45 -21.26
C ASN E 49 28.91 3.68 -22.61
N THR E 50 29.00 2.65 -23.46
CA THR E 50 29.66 2.73 -24.76
C THR E 50 28.89 1.85 -25.73
N ASN E 51 28.86 2.24 -27.01
CA ASN E 51 28.20 1.40 -28.01
C ASN E 51 28.69 1.77 -29.40
N ASN E 52 28.59 0.79 -30.31
CA ASN E 52 28.90 0.96 -31.72
C ASN E 52 27.66 1.32 -32.52
N PHE E 53 27.83 2.24 -33.48
CA PHE E 53 26.69 2.69 -34.30
C PHE E 53 27.16 2.88 -35.74
N SER E 54 26.21 2.87 -36.70
CA SER E 54 26.57 3.16 -38.11
C SER E 54 26.46 4.67 -38.35
N LEU E 55 27.13 5.18 -39.38
CA LEU E 55 27.11 6.64 -39.66
C LEU E 55 25.66 7.12 -39.73
N ASP E 56 24.81 6.42 -40.49
CA ASP E 56 23.41 6.80 -40.63
C ASP E 56 22.73 6.96 -39.26
N GLU E 57 23.11 6.12 -38.30
CA GLU E 57 22.54 6.17 -36.95
C GLU E 57 23.01 7.36 -36.11
N VAL E 58 24.06 8.05 -36.51
CA VAL E 58 24.70 9.10 -35.71
C VAL E 58 24.60 10.43 -36.45
N VAL E 59 24.17 11.50 -35.77
CA VAL E 59 24.14 12.84 -36.38
C VAL E 59 24.90 13.83 -35.51
N GLU E 60 25.72 14.67 -36.13
CA GLU E 60 26.51 15.66 -35.41
C GLU E 60 25.63 16.77 -34.85
N VAL E 61 26.02 17.30 -33.68
CA VAL E 61 25.34 18.46 -33.11
C VAL E 61 26.30 19.63 -32.92
N ASP F 28 -27.46 29.89 5.42
CA ASP F 28 -26.62 30.80 4.66
C ASP F 28 -26.31 30.14 3.30
N VAL F 29 -25.02 29.93 3.01
CA VAL F 29 -24.64 29.23 1.80
C VAL F 29 -24.94 27.75 1.96
N ALA F 30 -25.61 27.17 0.96
CA ALA F 30 -25.95 25.75 0.85
C ALA F 30 -26.75 25.24 2.05
N GLY F 31 -27.63 26.09 2.57
CA GLY F 31 -28.44 25.77 3.72
C GLY F 31 -27.67 25.58 5.02
N LEU F 32 -26.48 26.16 5.11
CA LEU F 32 -25.67 26.02 6.32
C LEU F 32 -25.92 27.20 7.25
N THR F 33 -25.51 27.05 8.49
CA THR F 33 -25.75 28.01 9.53
C THR F 33 -24.42 28.58 10.00
N PRO F 34 -24.31 29.90 10.19
CA PRO F 34 -23.10 30.46 10.82
C PRO F 34 -22.91 29.87 12.21
N CYS F 35 -21.66 29.50 12.51
CA CYS F 35 -21.33 28.77 13.73
C CYS F 35 -21.61 29.55 15.00
N GLY F 36 -21.63 30.89 14.92
CA GLY F 36 -21.92 31.72 16.07
C GLY F 36 -23.36 31.64 16.55
N GLU F 37 -24.30 31.24 15.68
CA GLU F 37 -25.68 31.08 16.12
C GLU F 37 -26.22 29.67 15.99
N SER F 38 -25.44 28.71 15.52
CA SER F 38 -25.92 27.34 15.51
C SER F 38 -25.87 26.80 16.94
N LYS F 39 -26.99 26.21 17.37
CA LYS F 39 -27.09 25.63 18.69
C LYS F 39 -26.29 24.34 18.85
N GLU F 40 -26.08 23.58 17.77
CA GLU F 40 -25.27 22.37 17.89
C GLU F 40 -23.79 22.66 18.10
N PHE F 41 -23.24 23.76 17.54
CA PHE F 41 -21.87 24.19 17.88
C PHE F 41 -21.75 24.50 19.36
N ALA F 42 -22.80 25.12 19.92
CA ALA F 42 -22.85 25.43 21.34
C ALA F 42 -22.88 24.15 22.17
N ARG F 43 -23.60 23.12 21.72
CA ARG F 43 -23.58 21.87 22.45
C ARG F 43 -22.24 21.15 22.34
N ARG F 44 -21.55 21.30 21.20
CA ARG F 44 -20.19 20.75 21.05
C ARG F 44 -19.26 21.36 22.09
N LEU F 45 -19.35 22.69 22.24
CA LEU F 45 -18.50 23.39 23.22
C LEU F 45 -18.83 22.96 24.64
N ASP F 46 -20.13 22.82 24.95
CA ASP F 46 -20.54 22.48 26.32
C ASP F 46 -20.17 21.04 26.68
N GLY F 47 -20.41 20.09 25.77
CA GLY F 47 -20.00 18.72 26.02
C GLY F 47 -18.49 18.55 26.14
N SER F 48 -17.73 19.30 25.32
CA SER F 48 -16.27 19.27 25.39
C SER F 48 -15.77 19.83 26.71
N VAL F 49 -16.48 20.79 27.30
CA VAL F 49 -15.99 21.35 28.56
C VAL F 49 -16.43 20.47 29.74
N LYS F 50 -17.64 19.88 29.70
CA LYS F 50 -18.05 18.92 30.75
C LYS F 50 -17.15 17.68 30.81
N LYS F 51 -16.66 17.23 29.64
CA LYS F 51 -15.76 16.09 29.58
C LYS F 51 -14.44 16.37 30.30
N LEU F 52 -13.96 17.61 30.20
CA LEU F 52 -12.74 18.04 30.89
C LEU F 52 -12.99 18.32 32.37
N GLN F 53 -14.15 18.89 32.71
CA GLN F 53 -14.47 19.21 34.10
C GLN F 53 -14.70 17.99 34.95
N THR F 54 -15.21 16.90 34.38
CA THR F 54 -15.38 15.70 35.17
C THR F 54 -14.03 15.03 35.43
N ARG F 55 -13.06 15.24 34.54
CA ARG F 55 -11.70 14.81 34.84
C ARG F 55 -11.03 15.73 35.86
N LEU F 56 -11.39 17.02 35.85
CA LEU F 56 -10.81 17.96 36.83
C LEU F 56 -11.38 17.75 38.21
N SER F 57 -12.58 17.18 38.33
CA SER F 57 -13.23 16.90 39.61
C SER F 57 -12.53 15.82 40.46
N LYS F 58 -11.44 15.21 39.99
CA LYS F 58 -10.74 14.14 40.68
C LYS F 58 -9.37 14.60 41.18
N TYR F 59 -9.13 15.92 41.22
CA TYR F 59 -7.82 16.45 41.55
C TYR F 59 -7.99 17.67 42.44
N GLU F 60 -6.97 17.94 43.26
CA GLU F 60 -6.97 19.09 44.15
C GLU F 60 -6.38 20.29 43.42
N ALA F 61 -6.69 21.49 43.95
CA ALA F 61 -6.62 22.75 43.20
C ALA F 61 -5.22 23.09 42.67
N GLY F 62 -4.22 23.06 43.54
CA GLY F 62 -2.92 23.51 43.09
C GLY F 62 -2.05 22.44 42.46
N THR F 63 -2.58 21.23 42.27
CA THR F 63 -1.81 20.12 41.74
C THR F 63 -1.50 20.38 40.25
N PRO F 64 -0.41 19.78 39.73
CA PRO F 64 -0.14 19.85 38.26
C PRO F 64 -1.22 19.25 37.36
N PRO F 65 -1.92 18.14 37.69
CA PRO F 65 -3.03 17.74 36.80
C PRO F 65 -4.19 18.74 36.76
N ALA F 66 -4.49 19.40 37.88
CA ALA F 66 -5.56 20.40 37.91
C ALA F 66 -5.21 21.63 37.07
N LEU F 67 -3.96 22.09 37.17
CA LEU F 67 -3.50 23.23 36.37
C LEU F 67 -3.55 22.90 34.88
N ALA F 68 -3.14 21.66 34.53
CA ALA F 68 -3.11 21.23 33.14
C ALA F 68 -4.51 21.19 32.54
N LEU F 69 -5.46 20.59 33.28
CA LEU F 69 -6.84 20.48 32.78
C LEU F 69 -7.51 21.85 32.68
N GLN F 70 -7.22 22.77 33.62
CA GLN F 70 -7.76 24.13 33.49
C GLN F 70 -7.21 24.84 32.26
N LYS F 71 -5.92 24.63 31.96
CA LYS F 71 -5.33 25.17 30.72
C LYS F 71 -6.01 24.60 29.48
N GLN F 72 -6.33 23.31 29.50
CA GLN F 72 -7.09 22.69 28.40
C GLN F 72 -8.50 23.27 28.27
N ILE F 73 -9.19 23.51 29.40
CA ILE F 73 -10.56 24.07 29.38
C ILE F 73 -10.54 25.46 28.76
N ASP F 74 -9.55 26.27 29.15
CA ASP F 74 -9.38 27.61 28.59
C ASP F 74 -9.06 27.56 27.09
N LYS F 75 -8.22 26.61 26.68
CA LYS F 75 -7.87 26.44 25.27
C LYS F 75 -9.06 26.01 24.42
N THR F 76 -9.87 25.08 24.94
CA THR F 76 -11.10 24.62 24.26
C THR F 76 -12.10 25.76 24.09
N LYS F 77 -12.31 26.54 25.16
CA LYS F 77 -13.23 27.67 25.11
C LYS F 77 -12.75 28.73 24.12
N ASN F 78 -11.43 28.98 24.09
CA ASN F 78 -10.85 29.95 23.18
C ASN F 78 -11.06 29.53 21.72
N ARG F 79 -10.84 28.24 21.43
CA ARG F 79 -10.99 27.72 20.07
C ARG F 79 -12.43 27.84 19.57
N PHE F 80 -13.41 27.46 20.41
CA PHE F 80 -14.81 27.56 20.03
C PHE F 80 -15.27 29.01 19.84
N ASP F 81 -14.80 29.91 20.71
CA ASP F 81 -15.15 31.32 20.63
C ASP F 81 -14.61 31.94 19.34
N ARG F 82 -13.35 31.61 19.01
CA ARG F 82 -12.69 32.13 17.81
C ARG F 82 -13.38 31.64 16.53
N TYR F 83 -13.74 30.35 16.51
CA TYR F 83 -14.44 29.76 15.36
C TYR F 83 -15.82 30.40 15.19
N GLY F 84 -16.49 30.70 16.31
CA GLY F 84 -17.79 31.35 16.24
C GLY F 84 -17.72 32.72 15.61
N LYS F 85 -16.66 33.48 15.89
CA LYS F 85 -16.60 34.83 15.34
C LYS F 85 -15.85 34.93 14.02
N ALA F 86 -15.47 33.81 13.43
CA ALA F 86 -14.64 33.85 12.23
C ALA F 86 -15.41 33.85 10.90
N GLY F 87 -16.72 33.66 10.91
CA GLY F 87 -17.43 33.54 9.66
C GLY F 87 -17.49 32.15 9.08
N LEU F 88 -17.04 31.13 9.82
CA LEU F 88 -17.25 29.75 9.42
C LEU F 88 -18.73 29.38 9.43
N LEU F 89 -19.10 28.39 8.60
CA LEU F 89 -20.52 27.97 8.48
C LEU F 89 -20.69 26.53 8.98
N CYS F 90 -21.30 26.36 10.16
CA CYS F 90 -21.53 25.01 10.74
C CYS F 90 -22.66 24.28 10.02
N GLY F 91 -22.60 22.94 10.00
CA GLY F 91 -23.68 22.13 9.40
C GLY F 91 -24.71 21.73 10.44
N THR F 92 -25.59 20.78 10.11
CA THR F 92 -26.58 20.25 11.08
C THR F 92 -25.81 19.63 12.25
N ASP F 93 -24.66 19.02 11.96
CA ASP F 93 -23.83 18.37 13.01
C ASP F 93 -23.29 19.42 14.00
N GLY F 94 -23.13 20.66 13.55
CA GLY F 94 -22.55 21.69 14.43
C GLY F 94 -21.05 21.78 14.25
N LEU F 95 -20.51 21.13 13.22
CA LEU F 95 -19.06 21.21 12.91
C LEU F 95 -18.85 22.20 11.77
N PRO F 96 -17.83 23.08 11.83
CA PRO F 96 -17.63 24.10 10.80
C PRO F 96 -17.40 23.46 9.42
N HIS F 97 -18.03 24.02 8.38
CA HIS F 97 -17.86 23.49 7.01
C HIS F 97 -17.10 24.51 6.15
N LEU F 98 -16.39 24.03 5.12
CA LEU F 98 -15.58 24.90 4.27
C LEU F 98 -16.24 25.06 2.91
N ILE F 99 -16.35 26.30 2.45
CA ILE F 99 -16.91 26.63 1.14
C ILE F 99 -15.75 26.95 0.21
N THR F 100 -15.65 26.22 -0.91
CA THR F 100 -14.48 26.29 -1.78
C THR F 100 -14.86 26.51 -3.24
N ASP F 101 -16.00 27.16 -3.50
CA ASP F 101 -16.42 27.34 -4.89
C ASP F 101 -15.79 28.55 -5.55
N GLY F 102 -15.11 29.38 -4.78
CA GLY F 102 -14.46 30.56 -5.31
C GLY F 102 -14.99 31.88 -4.81
N ARG F 103 -16.10 31.91 -4.05
CA ARG F 103 -16.66 33.17 -3.57
C ARG F 103 -15.72 33.82 -2.56
N TRP F 104 -15.69 35.15 -2.60
CA TRP F 104 -14.65 35.89 -1.89
C TRP F 104 -14.88 35.96 -0.40
N THR F 105 -16.13 35.80 0.06
CA THR F 105 -16.44 35.76 1.48
C THR F 105 -15.89 34.54 2.20
N HIS F 106 -15.39 33.54 1.47
CA HIS F 106 -14.86 32.31 2.04
C HIS F 106 -13.48 32.00 1.50
N SER F 107 -12.77 33.03 1.02
CA SER F 107 -11.46 32.82 0.40
C SER F 107 -10.39 32.44 1.41
N GLY F 108 -10.59 32.72 2.69
CA GLY F 108 -9.60 32.32 3.67
C GLY F 108 -9.63 30.86 4.04
N GLU F 109 -10.57 30.09 3.52
CA GLU F 109 -10.66 28.66 3.77
C GLU F 109 -10.01 27.81 2.69
N PHE F 110 -10.03 28.23 1.43
CA PHE F 110 -9.22 27.47 0.49
C PHE F 110 -8.34 28.32 -0.42
N VAL F 111 -8.84 29.47 -0.90
CA VAL F 111 -8.15 30.22 -1.96
C VAL F 111 -6.87 30.88 -1.44
N ILE F 112 -6.95 31.52 -0.27
CA ILE F 112 -5.80 32.20 0.31
C ILE F 112 -4.78 31.18 0.87
N PRO F 113 -5.17 30.12 1.66
CA PRO F 113 -4.20 29.04 1.96
C PRO F 113 -3.60 28.39 0.73
N GLY F 114 -4.38 28.30 -0.35
CA GLY F 114 -3.86 27.75 -1.58
C GLY F 114 -2.82 28.60 -2.27
N LEU F 115 -3.01 29.93 -2.27
CA LEU F 115 -2.01 30.87 -2.78
C LEU F 115 -0.71 30.80 -1.98
N LEU F 116 -0.83 30.68 -0.65
CA LEU F 116 0.35 30.51 0.21
C LEU F 116 1.08 29.21 -0.09
N PHE F 117 0.31 28.13 -0.32
CA PHE F 117 0.93 26.84 -0.62
C PHE F 117 1.68 26.90 -1.94
N LEU F 118 1.03 27.45 -2.99
CA LEU F 118 1.62 27.41 -4.31
C LEU F 118 2.88 28.25 -4.38
N TYR F 119 2.94 29.32 -3.58
CA TYR F 119 4.17 30.09 -3.46
C TYR F 119 5.29 29.28 -2.84
N VAL F 120 5.00 28.56 -1.74
CA VAL F 120 6.05 27.75 -1.10
C VAL F 120 6.47 26.57 -2.00
N ALA F 121 5.49 25.89 -2.61
CA ALA F 121 5.76 24.73 -3.45
C ALA F 121 6.54 25.11 -4.70
N GLY F 122 6.17 26.22 -5.34
CA GLY F 122 6.92 26.72 -6.47
C GLY F 122 8.31 27.16 -6.09
N TRP F 123 8.48 27.72 -4.88
CA TRP F 123 9.80 28.05 -4.35
C TRP F 123 10.68 26.81 -4.26
N ILE F 124 10.19 25.75 -3.61
CA ILE F 124 10.93 24.49 -3.45
C ILE F 124 11.30 23.89 -4.81
N GLY F 125 10.35 23.92 -5.75
CA GLY F 125 10.60 23.39 -7.08
C GLY F 125 11.63 24.18 -7.86
N TRP F 126 11.54 25.52 -7.83
CA TRP F 126 12.48 26.39 -8.51
C TRP F 126 13.89 26.27 -7.95
N VAL F 127 14.00 26.14 -6.62
CA VAL F 127 15.28 26.07 -5.95
C VAL F 127 15.97 24.73 -6.22
N GLY F 128 15.19 23.64 -6.17
CA GLY F 128 15.72 22.33 -6.48
C GLY F 128 16.15 22.18 -7.93
N ARG F 129 15.37 22.79 -8.85
CA ARG F 129 15.73 22.77 -10.26
C ARG F 129 17.03 23.53 -10.52
N SER F 130 17.19 24.68 -9.85
CA SER F 130 18.40 25.48 -9.98
C SER F 130 19.62 24.74 -9.47
N TYR F 131 19.46 23.98 -8.37
CA TYR F 131 20.60 23.20 -7.88
C TYR F 131 20.90 22.02 -8.79
N VAL F 132 19.88 21.40 -9.41
CA VAL F 132 20.16 20.27 -10.29
C VAL F 132 20.89 20.73 -11.55
N LEU F 133 20.56 21.93 -12.03
CA LEU F 133 21.26 22.46 -13.20
C LEU F 133 22.68 22.90 -12.85
N PHE F 134 22.90 23.44 -11.64
CA PHE F 134 24.26 23.72 -11.20
C PHE F 134 25.07 22.44 -11.07
N ALA F 135 24.49 21.39 -10.47
CA ALA F 135 25.19 20.14 -10.22
C ALA F 135 25.55 19.41 -11.51
N ARG F 136 24.84 19.68 -12.61
CA ARG F 136 25.20 19.08 -13.89
C ARG F 136 26.54 19.59 -14.41
N THR F 137 26.88 20.85 -14.10
CA THR F 137 28.13 21.47 -14.53
C THR F 137 29.27 21.27 -13.54
N ALA F 138 29.23 20.22 -12.74
CA ALA F 138 30.24 19.96 -11.72
C ALA F 138 31.22 18.90 -12.19
N ASP F 139 32.31 18.76 -11.41
CA ASP F 139 33.38 17.80 -11.73
C ASP F 139 32.87 16.35 -11.73
N LYS F 140 32.11 15.97 -10.70
CA LYS F 140 31.40 14.71 -10.63
C LYS F 140 29.96 15.07 -10.28
N PRO F 141 29.04 15.08 -11.25
CA PRO F 141 27.66 15.55 -11.00
C PRO F 141 26.88 14.75 -9.97
N THR F 142 27.17 13.46 -9.84
CA THR F 142 26.47 12.62 -8.89
C THR F 142 27.02 12.72 -7.48
N GLU F 143 28.24 13.24 -7.32
CA GLU F 143 28.75 13.50 -5.99
C GLU F 143 28.14 14.75 -5.37
N LYS F 144 27.67 15.69 -6.19
CA LYS F 144 27.01 16.89 -5.70
C LYS F 144 25.61 16.62 -5.16
N GLU F 145 25.03 15.46 -5.45
CA GLU F 145 23.67 15.20 -5.02
C GLU F 145 23.57 14.32 -3.80
N ILE F 146 24.62 13.55 -3.49
CA ILE F 146 24.65 12.87 -2.19
C ILE F 146 25.52 13.61 -1.18
N ILE F 147 26.45 14.45 -1.63
CA ILE F 147 27.19 15.36 -0.76
C ILE F 147 26.94 16.76 -1.31
N ILE F 148 26.02 17.46 -0.69
CA ILE F 148 25.49 18.72 -1.19
C ILE F 148 26.47 19.86 -0.89
N ASP F 149 26.74 20.69 -1.89
CA ASP F 149 27.49 21.91 -1.66
C ASP F 149 26.63 22.92 -0.91
N VAL F 150 26.75 22.95 0.41
CA VAL F 150 25.82 23.72 1.25
C VAL F 150 25.88 25.23 1.01
N PRO F 151 27.07 25.90 0.84
CA PRO F 151 27.02 27.34 0.46
C PRO F 151 26.34 27.64 -0.87
N VAL F 152 26.52 26.79 -1.88
CA VAL F 152 25.87 27.00 -3.16
C VAL F 152 24.39 26.67 -3.07
N ALA F 153 24.05 25.60 -2.34
CA ALA F 153 22.65 25.24 -2.15
C ALA F 153 21.89 26.27 -1.31
N LEU F 154 22.57 26.93 -0.36
CA LEU F 154 21.92 28.00 0.38
C LEU F 154 21.78 29.26 -0.45
N SER F 155 22.73 29.47 -1.38
CA SER F 155 22.59 30.52 -2.37
C SER F 155 21.36 30.29 -3.21
N PHE F 156 21.06 29.04 -3.53
CA PHE F 156 19.87 28.77 -4.33
C PHE F 156 18.60 28.90 -3.51
N VAL F 157 18.59 28.44 -2.25
CA VAL F 157 17.38 28.49 -1.40
C VAL F 157 16.96 29.93 -1.14
N SER F 158 17.94 30.85 -1.11
CA SER F 158 17.58 32.26 -0.94
C SER F 158 16.92 32.87 -2.18
N THR F 159 17.24 32.38 -3.38
CA THR F 159 16.70 32.95 -4.62
C THR F 159 15.22 32.70 -4.87
N GLY F 160 14.58 31.81 -4.11
CA GLY F 160 13.26 31.34 -4.48
C GLY F 160 12.12 32.32 -4.25
N PHE F 161 12.37 33.46 -3.61
CA PHE F 161 11.33 34.41 -3.25
C PHE F 161 10.68 35.09 -4.44
N ILE F 162 11.34 35.08 -5.59
CA ILE F 162 10.80 35.68 -6.81
C ILE F 162 10.74 34.63 -7.90
N TRP F 163 10.48 33.39 -7.50
CA TRP F 163 10.29 32.29 -8.45
C TRP F 163 9.23 32.52 -9.55
N PRO F 164 8.02 33.17 -9.32
CA PRO F 164 7.11 33.34 -10.48
C PRO F 164 7.71 34.13 -11.64
N PHE F 165 8.42 35.22 -11.34
CA PHE F 165 9.02 36.03 -12.39
C PHE F 165 10.23 35.35 -13.00
N SER F 166 11.08 34.75 -12.16
CA SER F 166 12.27 34.06 -12.64
C SER F 166 11.92 32.85 -13.50
N ALA F 167 10.87 32.13 -13.12
CA ALA F 167 10.47 30.94 -13.86
C ALA F 167 9.75 31.30 -15.13
N PHE F 168 8.95 32.38 -15.13
CA PHE F 168 8.27 32.75 -16.35
C PHE F 168 9.24 33.35 -17.38
N LYS F 169 10.19 34.17 -16.92
CA LYS F 169 11.25 34.67 -17.80
C LYS F 169 12.11 33.53 -18.33
N GLU F 170 12.33 32.51 -17.50
CA GLU F 170 13.00 31.27 -17.91
C GLU F 170 12.23 30.57 -19.02
N PHE F 171 10.90 30.54 -18.91
CA PHE F 171 10.04 29.92 -19.92
C PHE F 171 10.11 30.65 -21.25
N THR F 172 9.90 31.97 -21.24
CA THR F 172 9.81 32.71 -22.48
C THR F 172 11.16 32.85 -23.18
N SER F 173 12.26 32.78 -22.44
CA SER F 173 13.59 32.81 -23.04
C SER F 173 14.03 31.46 -23.60
N GLY F 174 13.14 30.47 -23.66
CA GLY F 174 13.43 29.15 -24.19
C GLY F 174 14.42 28.37 -23.36
N ASN F 175 14.34 28.46 -22.05
CA ASN F 175 15.27 27.77 -21.18
C ASN F 175 14.60 26.91 -20.13
N LEU F 176 13.28 26.91 -20.04
CA LEU F 176 12.55 26.02 -19.14
C LEU F 176 12.20 24.71 -19.83
N ILE F 177 11.67 24.78 -21.05
CA ILE F 177 11.14 23.64 -21.77
C ILE F 177 12.20 23.20 -22.77
N VAL F 178 12.50 21.91 -22.81
CA VAL F 178 13.47 21.46 -23.80
C VAL F 178 12.68 20.95 -25.01
N PRO F 179 13.21 21.05 -26.23
CA PRO F 179 12.50 20.55 -27.40
C PRO F 179 12.39 19.04 -27.40
N ALA F 180 11.37 18.53 -28.12
CA ALA F 180 11.02 17.12 -28.14
C ALA F 180 12.12 16.20 -28.68
N ASP F 181 13.04 16.72 -29.49
CA ASP F 181 14.10 15.90 -30.08
C ASP F 181 15.41 15.90 -29.28
N GLU F 182 15.47 16.51 -28.09
CA GLU F 182 16.55 16.23 -27.14
C GLU F 182 16.07 15.41 -25.95
N ILE F 183 14.97 14.70 -26.10
CA ILE F 183 14.43 13.88 -25.02
C ILE F 183 14.36 12.44 -25.49
N THR F 184 14.94 11.54 -24.70
CA THR F 184 14.89 10.13 -25.05
C THR F 184 13.48 9.58 -24.82
N VAL F 185 13.01 8.82 -25.79
CA VAL F 185 11.68 8.23 -25.73
C VAL F 185 11.80 6.75 -26.06
N SER F 186 10.74 6.00 -25.75
CA SER F 186 10.63 4.59 -26.05
C SER F 186 10.49 4.43 -27.58
N PRO F 187 10.72 3.22 -28.14
CA PRO F 187 10.63 3.05 -29.61
C PRO F 187 9.27 3.37 -30.22
N ARG F 188 8.19 3.16 -29.49
CA ARG F 188 6.88 3.46 -30.01
C ARG F 188 6.26 4.69 -29.32
N MET G 1 -44.75 -29.36 -2.74
CA MET G 1 -44.15 -29.30 -4.06
C MET G 1 -44.66 -30.43 -4.96
N THR G 2 -44.98 -30.09 -6.20
CA THR G 2 -45.37 -31.06 -7.18
C THR G 2 -44.16 -31.78 -7.74
N ALA G 3 -44.33 -33.09 -8.02
CA ALA G 3 -43.29 -34.03 -8.41
C ALA G 3 -42.11 -33.98 -7.45
N ALA G 4 -42.45 -34.01 -6.15
CA ALA G 4 -41.49 -33.80 -5.08
C ALA G 4 -40.38 -34.85 -5.03
N TYR G 5 -40.54 -35.99 -5.69
CA TYR G 5 -39.53 -37.03 -5.73
C TYR G 5 -38.33 -36.60 -6.58
N LEU G 6 -38.52 -35.62 -7.47
CA LEU G 6 -37.49 -35.20 -8.43
C LEU G 6 -36.21 -34.68 -7.80
N PRO G 7 -36.20 -33.77 -6.78
CA PRO G 7 -34.90 -33.41 -6.19
C PRO G 7 -34.14 -34.59 -5.60
N SER G 8 -34.86 -35.52 -4.96
CA SER G 8 -34.21 -36.69 -4.38
C SER G 8 -33.74 -37.68 -5.44
N ILE G 9 -34.23 -37.57 -6.67
CA ILE G 9 -33.65 -38.37 -7.75
C ILE G 9 -32.52 -37.63 -8.43
N LEU G 10 -32.75 -36.38 -8.82
CA LEU G 10 -31.83 -35.69 -9.72
C LEU G 10 -30.60 -35.11 -9.03
N VAL G 11 -30.72 -34.63 -7.77
CA VAL G 11 -29.59 -33.99 -7.10
C VAL G 11 -28.41 -34.95 -6.86
N PRO G 12 -28.59 -36.20 -6.34
CA PRO G 12 -27.44 -37.12 -6.30
C PRO G 12 -26.83 -37.44 -7.67
N ILE G 13 -27.64 -37.59 -8.71
CA ILE G 13 -27.13 -37.90 -10.05
C ILE G 13 -26.33 -36.74 -10.62
N ILE G 14 -26.89 -35.53 -10.55
CA ILE G 14 -26.24 -34.32 -11.06
C ILE G 14 -25.02 -33.96 -10.23
N GLY G 15 -25.08 -34.16 -8.92
CA GLY G 15 -23.99 -33.75 -8.07
C GLY G 15 -22.88 -34.76 -7.91
N LEU G 16 -23.16 -36.03 -8.12
CA LEU G 16 -22.15 -37.08 -7.96
C LEU G 16 -21.88 -37.86 -9.24
N ILE G 17 -22.92 -38.38 -9.89
CA ILE G 17 -22.71 -39.24 -11.06
C ILE G 17 -22.22 -38.43 -12.24
N PHE G 18 -22.86 -37.28 -12.52
CA PHE G 18 -22.45 -36.43 -13.65
C PHE G 18 -21.00 -35.95 -13.53
N PRO G 19 -20.51 -35.38 -12.39
CA PRO G 19 -19.08 -35.11 -12.31
C PRO G 19 -18.20 -36.35 -12.33
N GLY G 20 -18.58 -37.46 -11.68
CA GLY G 20 -17.77 -38.67 -11.75
C GLY G 20 -17.61 -39.22 -13.15
N LEU G 21 -18.62 -39.00 -13.99
CA LEU G 21 -18.57 -39.50 -15.35
C LEU G 21 -17.76 -38.55 -16.23
N VAL G 22 -17.90 -37.23 -16.03
CA VAL G 22 -17.12 -36.32 -16.86
C VAL G 22 -15.65 -36.33 -16.45
N MET G 23 -15.34 -36.44 -15.15
CA MET G 23 -13.94 -36.63 -14.69
C MET G 23 -13.32 -37.89 -15.26
N ALA G 24 -14.06 -39.01 -15.26
CA ALA G 24 -13.52 -40.25 -15.82
C ALA G 24 -13.28 -40.15 -17.32
N PHE G 25 -14.24 -39.58 -18.06
CA PHE G 25 -14.08 -39.55 -19.51
C PHE G 25 -13.15 -38.43 -19.98
N ALA G 26 -13.13 -37.30 -19.27
CA ALA G 26 -12.15 -36.25 -19.54
C ALA G 26 -10.74 -36.73 -19.25
N PHE G 27 -10.55 -37.50 -18.17
CA PHE G 27 -9.25 -38.06 -17.83
C PHE G 27 -8.73 -38.97 -18.93
N ILE G 28 -9.63 -39.84 -19.44
CA ILE G 28 -9.28 -40.76 -20.53
C ILE G 28 -8.95 -39.96 -21.79
N TYR G 29 -9.76 -38.94 -22.10
CA TYR G 29 -9.56 -38.20 -23.33
C TYR G 29 -8.28 -37.39 -23.31
N ILE G 30 -7.96 -36.73 -22.18
CA ILE G 30 -6.76 -35.90 -22.13
C ILE G 30 -5.49 -36.71 -22.01
N GLU G 31 -5.58 -38.00 -21.71
CA GLU G 31 -4.35 -38.76 -21.58
C GLU G 31 -4.20 -39.85 -22.63
N GLN G 32 -4.77 -39.64 -23.81
CA GLN G 32 -4.62 -40.58 -24.91
C GLN G 32 -3.71 -39.95 -25.94
N ASP G 33 -2.79 -40.76 -26.47
CA ASP G 33 -1.85 -40.27 -27.47
C ASP G 33 -2.52 -40.02 -28.81
N GLU G 34 -3.61 -40.72 -29.09
CA GLU G 34 -4.27 -40.65 -30.37
C GLU G 34 -5.78 -40.58 -30.14
N MET H 1 36.77 24.30 12.02
CA MET H 1 36.31 22.92 12.04
C MET H 1 36.90 22.14 10.86
N ASP H 2 37.14 20.84 11.09
CA ASP H 2 37.72 19.92 10.11
C ASP H 2 36.85 19.86 8.85
N SER H 3 37.51 19.91 7.69
CA SER H 3 36.77 19.93 6.44
C SER H 3 36.17 18.58 6.08
N ASN H 4 36.76 17.49 6.59
CA ASN H 4 36.17 16.19 6.34
C ASN H 4 34.96 15.92 7.22
N PHE H 5 34.92 16.51 8.42
CA PHE H 5 33.73 16.39 9.25
C PHE H 5 32.60 17.27 8.71
N LEU H 6 32.95 18.42 8.15
CA LEU H 6 31.96 19.27 7.50
C LEU H 6 31.48 18.66 6.19
N LYS H 7 32.35 17.91 5.52
CA LYS H 7 31.93 17.18 4.34
C LYS H 7 31.03 15.99 4.71
N TYR H 8 31.21 15.43 5.91
CA TYR H 8 30.30 14.39 6.38
C TYR H 8 28.94 14.98 6.73
N LEU H 9 28.91 16.18 7.31
CA LEU H 9 27.63 16.80 7.65
C LEU H 9 26.88 17.29 6.42
N SER H 10 27.54 17.39 5.28
CA SER H 10 26.95 17.73 4.01
C SER H 10 26.39 16.54 3.25
N THR H 11 26.57 15.33 3.78
CA THR H 11 26.01 14.16 3.14
C THR H 11 24.49 14.20 3.21
N ALA H 12 23.85 13.58 2.21
CA ALA H 12 22.40 13.59 2.03
C ALA H 12 21.56 13.15 3.25
N PRO H 13 21.84 12.03 3.96
CA PRO H 13 20.97 11.70 5.11
C PRO H 13 21.05 12.70 6.26
N VAL H 14 22.22 13.29 6.51
CA VAL H 14 22.38 14.25 7.60
C VAL H 14 21.63 15.53 7.30
N LEU H 15 21.82 16.09 6.10
CA LEU H 15 21.11 17.30 5.68
C LEU H 15 19.61 17.09 5.60
N PHE H 16 19.19 15.91 5.12
CA PHE H 16 17.77 15.57 5.06
C PHE H 16 17.15 15.53 6.44
N THR H 17 17.84 14.92 7.41
CA THR H 17 17.32 14.80 8.76
C THR H 17 17.32 16.15 9.47
N VAL H 18 18.36 16.95 9.27
CA VAL H 18 18.47 18.27 9.91
C VAL H 18 17.43 19.22 9.34
N TRP H 19 17.28 19.23 8.01
CA TRP H 19 16.37 20.15 7.34
C TRP H 19 14.93 19.84 7.69
N LEU H 20 14.53 18.57 7.66
CA LEU H 20 13.17 18.25 8.06
C LEU H 20 12.95 18.26 9.57
N SER H 21 14.00 18.16 10.39
CA SER H 21 13.83 18.38 11.82
C SER H 21 13.62 19.86 12.14
N PHE H 22 14.35 20.71 11.43
CA PHE H 22 14.14 22.16 11.52
C PHE H 22 12.76 22.55 10.99
N THR H 23 12.32 21.92 9.91
CA THR H 23 11.00 22.17 9.32
C THR H 23 9.90 21.76 10.27
N ALA H 24 10.01 20.54 10.82
CA ALA H 24 9.11 20.01 11.83
C ALA H 24 9.08 20.89 13.07
N SER H 25 10.22 21.48 13.41
CA SER H 25 10.31 22.25 14.62
C SER H 25 9.64 23.60 14.46
N PHE H 26 9.68 24.22 13.28
CA PHE H 26 8.97 25.50 13.22
C PHE H 26 7.49 25.35 12.91
N ILE H 27 7.07 24.20 12.36
CA ILE H 27 5.63 23.89 12.33
C ILE H 27 5.10 23.65 13.74
N ILE H 28 5.87 22.93 14.58
CA ILE H 28 5.49 22.68 15.97
C ILE H 28 5.41 23.98 16.76
N GLU H 29 6.43 24.86 16.59
CA GLU H 29 6.41 26.15 17.29
C GLU H 29 5.28 27.06 16.81
N ALA H 30 5.01 27.09 15.50
CA ALA H 30 3.91 27.89 14.98
C ALA H 30 2.55 27.38 15.46
N ASN H 31 2.40 26.07 15.65
CA ASN H 31 1.17 25.53 16.21
C ASN H 31 1.13 25.58 17.73
N ARG H 32 2.25 25.90 18.37
CA ARG H 32 2.24 26.15 19.80
C ARG H 32 1.75 27.56 20.09
N PHE H 33 2.37 28.56 19.45
CA PHE H 33 1.96 29.93 19.66
C PHE H 33 0.64 30.26 18.97
N PHE H 34 0.38 29.68 17.79
CA PHE H 34 -0.85 29.95 17.04
C PHE H 34 -1.56 28.64 16.73
N PRO H 35 -2.27 28.06 17.70
CA PRO H 35 -2.94 26.78 17.46
C PRO H 35 -4.29 26.94 16.77
N ASP H 36 -4.74 25.82 16.21
CA ASP H 36 -6.08 25.62 15.63
C ASP H 36 -6.42 26.60 14.51
N MET H 37 -5.47 26.76 13.59
CA MET H 37 -5.64 27.64 12.44
C MET H 37 -6.31 26.88 11.31
N LEU H 38 -7.64 26.73 11.41
CA LEU H 38 -8.39 26.02 10.38
C LEU H 38 -8.55 26.82 9.08
N TYR H 39 -8.37 28.12 9.13
CA TYR H 39 -8.65 29.02 8.03
C TYR H 39 -7.59 30.12 8.07
N PHE H 40 -7.35 30.76 6.96
CA PHE H 40 -6.55 31.97 7.00
C PHE H 40 -7.46 33.06 7.55
N PRO H 41 -7.12 33.69 8.71
CA PRO H 41 -8.03 34.62 9.37
C PRO H 41 -8.23 35.90 8.58
N MET H 42 -9.41 36.07 7.99
CA MET H 42 -9.71 37.21 7.17
C MET H 42 -11.21 37.43 7.01
N SER I 2 32.22 -50.56 11.23
CA SER I 2 31.14 -51.03 10.38
C SER I 2 30.25 -49.87 9.96
N GLN I 3 29.75 -49.93 8.74
CA GLN I 3 28.86 -48.89 8.22
C GLN I 3 27.60 -49.53 7.69
N PHE I 4 26.47 -48.87 7.92
CA PHE I 4 25.18 -49.45 7.62
C PHE I 4 24.51 -48.79 6.42
N ILE I 5 25.14 -47.77 5.85
CA ILE I 5 24.59 -47.04 4.71
C ILE I 5 25.59 -47.12 3.57
N LYS I 6 25.19 -47.71 2.47
CA LYS I 6 26.01 -47.97 1.30
C LYS I 6 25.24 -47.55 0.06
N PRO I 7 25.92 -47.39 -1.10
CA PRO I 7 25.20 -47.15 -2.36
C PRO I 7 24.19 -48.22 -2.71
N TYR I 8 23.04 -47.78 -3.22
CA TYR I 8 21.95 -48.66 -3.62
C TYR I 8 22.40 -49.52 -4.79
N ASN I 9 22.24 -50.85 -4.62
CA ASN I 9 22.55 -51.92 -5.58
C ASN I 9 23.89 -51.69 -6.29
N ASP I 10 24.91 -51.38 -5.47
CA ASP I 10 26.31 -51.13 -5.77
C ASP I 10 26.55 -49.85 -6.58
N ASP I 11 25.49 -49.09 -6.91
CA ASP I 11 25.58 -47.93 -7.80
C ASP I 11 25.62 -46.64 -7.01
N PRO I 12 26.76 -45.94 -6.95
CA PRO I 12 26.82 -44.68 -6.18
C PRO I 12 26.06 -43.52 -6.78
N PHE I 13 25.61 -43.59 -8.04
CA PHE I 13 25.05 -42.42 -8.70
C PHE I 13 23.56 -42.53 -8.98
N VAL I 14 22.92 -43.61 -8.55
CA VAL I 14 21.46 -43.70 -8.60
C VAL I 14 20.88 -42.91 -7.43
N GLY I 15 19.64 -42.44 -7.58
CA GLY I 15 18.99 -41.60 -6.59
C GLY I 15 18.40 -42.34 -5.39
N ASN I 16 19.15 -43.25 -4.78
CA ASN I 16 18.69 -44.00 -3.63
C ASN I 16 19.90 -44.44 -2.80
N LEU I 17 19.63 -44.81 -1.55
CA LEU I 17 20.64 -45.31 -0.62
C LEU I 17 20.23 -46.66 -0.05
N ALA I 18 21.21 -47.45 0.34
CA ALA I 18 20.93 -48.72 0.97
C ALA I 18 21.05 -48.51 2.47
N THR I 19 19.92 -48.22 3.09
CA THR I 19 19.74 -47.99 4.51
C THR I 19 19.02 -49.18 5.13
N PRO I 20 19.12 -49.37 6.47
CA PRO I 20 18.40 -50.49 7.13
C PRO I 20 16.90 -50.53 6.90
N VAL I 21 16.23 -49.40 6.88
CA VAL I 21 14.82 -49.40 6.56
C VAL I 21 14.61 -49.83 5.11
N SER I 22 15.47 -49.39 4.20
CA SER I 22 15.28 -49.68 2.78
C SER I 22 15.62 -51.13 2.44
N THR I 23 16.74 -51.66 2.97
CA THR I 23 17.28 -52.93 2.45
C THR I 23 17.77 -53.92 3.49
N SER I 24 17.21 -53.93 4.71
CA SER I 24 17.58 -54.98 5.65
C SER I 24 16.90 -56.29 5.27
N SER I 25 17.33 -57.37 5.94
CA SER I 25 16.75 -58.69 5.72
C SER I 25 15.27 -58.72 6.09
N PHE I 26 14.90 -58.04 7.20
CA PHE I 26 13.49 -58.00 7.63
C PHE I 26 12.62 -57.28 6.62
N THR I 27 13.12 -56.14 6.09
CA THR I 27 12.39 -55.35 5.10
C THR I 27 12.18 -56.15 3.83
N LYS I 28 13.28 -56.77 3.34
CA LYS I 28 13.23 -57.59 2.12
C LYS I 28 12.31 -58.79 2.28
N SER I 29 12.26 -59.39 3.48
CA SER I 29 11.33 -60.49 3.74
C SER I 29 9.88 -60.01 3.66
N LEU I 30 9.60 -58.84 4.25
CA LEU I 30 8.24 -58.30 4.25
C LEU I 30 7.82 -57.88 2.84
N LEU I 31 8.69 -57.15 2.13
CA LEU I 31 8.40 -56.69 0.76
C LEU I 31 8.24 -57.87 -0.19
N SER I 32 9.16 -58.85 -0.14
CA SER I 32 9.10 -60.00 -1.03
C SER I 32 7.89 -60.87 -0.76
N ASN I 33 7.32 -60.82 0.46
CA ASN I 33 6.18 -61.68 0.77
C ASN I 33 4.84 -60.99 0.67
N LEU I 34 4.80 -59.68 0.41
CA LEU I 34 3.54 -58.99 0.24
C LEU I 34 2.91 -59.43 -1.09
N PRO I 35 1.57 -59.46 -1.19
CA PRO I 35 0.91 -59.98 -2.41
C PRO I 35 1.27 -59.27 -3.69
N ALA I 36 1.54 -57.96 -3.64
CA ALA I 36 1.99 -57.21 -4.81
C ALA I 36 3.31 -57.75 -5.36
N TYR I 37 4.21 -58.19 -4.49
CA TYR I 37 5.52 -58.66 -4.92
C TYR I 37 5.78 -60.15 -4.76
N ARG I 38 4.87 -60.92 -4.15
CA ARG I 38 5.15 -62.32 -3.87
C ARG I 38 5.21 -63.14 -5.16
N ALA I 39 6.18 -64.04 -5.21
CA ALA I 39 6.40 -64.86 -6.39
C ALA I 39 5.35 -65.97 -6.51
N GLY I 40 5.09 -66.37 -7.75
CA GLY I 40 4.18 -67.46 -8.01
C GLY I 40 2.72 -67.12 -7.99
N LEU I 41 2.36 -65.84 -7.94
CA LEU I 41 0.98 -65.40 -7.87
C LEU I 41 0.57 -64.80 -9.20
N SER I 42 -0.61 -65.17 -9.69
CA SER I 42 -1.19 -64.50 -10.84
C SER I 42 -1.62 -63.09 -10.39
N PRO I 43 -1.75 -62.12 -11.33
CA PRO I 43 -2.26 -60.79 -10.95
C PRO I 43 -3.65 -60.78 -10.34
N LEU I 44 -4.52 -61.70 -10.78
CA LEU I 44 -5.84 -61.84 -10.19
C LEU I 44 -5.77 -62.24 -8.72
N LEU I 45 -4.90 -63.20 -8.36
CA LEU I 45 -4.74 -63.59 -6.95
C LEU I 45 -4.13 -62.46 -6.12
N ARG I 46 -3.21 -61.69 -6.72
CA ARG I 46 -2.66 -60.51 -6.06
C ARG I 46 -3.77 -59.53 -5.75
N GLY I 47 -4.68 -59.35 -6.72
CA GLY I 47 -5.83 -58.50 -6.53
C GLY I 47 -6.76 -59.00 -5.44
N VAL I 48 -6.97 -60.32 -5.37
CA VAL I 48 -7.87 -60.91 -4.38
C VAL I 48 -7.35 -60.69 -2.97
N GLU I 49 -6.06 -60.95 -2.73
CA GLU I 49 -5.50 -60.82 -1.38
C GLU I 49 -5.46 -59.36 -0.91
N ILE I 50 -5.05 -58.45 -1.82
CA ILE I 50 -5.07 -57.01 -1.52
C ILE I 50 -6.49 -56.51 -1.30
N GLY I 51 -7.43 -56.98 -2.12
CA GLY I 51 -8.81 -56.57 -1.97
C GLY I 51 -9.44 -57.03 -0.68
N LEU I 52 -9.20 -58.30 -0.28
CA LEU I 52 -9.77 -58.85 0.96
C LEU I 52 -9.30 -58.07 2.16
N THR I 53 -8.01 -57.71 2.15
CA THR I 53 -7.45 -56.91 3.23
C THR I 53 -8.10 -55.53 3.32
N HIS I 54 -8.14 -54.83 2.17
CA HIS I 54 -8.59 -53.43 2.15
C HIS I 54 -10.09 -53.31 2.39
N GLY I 55 -10.88 -54.20 1.80
CA GLY I 55 -12.31 -54.20 2.00
C GLY I 55 -12.68 -54.49 3.43
N TYR I 56 -11.94 -55.40 4.08
CA TYR I 56 -12.22 -55.73 5.47
C TYR I 56 -12.00 -54.53 6.39
N PHE I 57 -10.85 -53.84 6.27
CA PHE I 57 -10.70 -52.70 7.18
C PHE I 57 -11.52 -51.46 6.81
N LEU I 58 -11.98 -51.33 5.55
CA LEU I 58 -12.78 -50.16 5.16
C LEU I 58 -14.11 -50.01 5.91
N VAL I 59 -14.75 -51.13 6.29
CA VAL I 59 -16.08 -51.14 6.92
C VAL I 59 -16.10 -50.38 8.24
N GLY I 60 -15.06 -50.56 9.04
CA GLY I 60 -15.00 -50.04 10.40
C GLY I 60 -15.07 -48.54 10.65
N PRO I 61 -14.26 -47.71 9.96
CA PRO I 61 -14.40 -46.25 10.13
C PRO I 61 -15.74 -45.69 9.70
N PHE I 62 -16.32 -46.19 8.60
CA PHE I 62 -17.63 -45.75 8.14
C PHE I 62 -18.71 -46.07 9.15
N TYR I 63 -18.67 -47.29 9.70
CA TYR I 63 -19.65 -47.74 10.69
C TYR I 63 -19.53 -46.97 12.00
N LYS I 64 -18.32 -46.82 12.53
CA LYS I 64 -18.19 -46.17 13.83
C LYS I 64 -18.39 -44.66 13.76
N LEU I 65 -17.96 -44.01 12.69
CA LEU I 65 -17.94 -42.56 12.68
C LEU I 65 -18.85 -41.90 11.64
N GLY I 66 -19.66 -42.65 10.92
CA GLY I 66 -20.50 -42.08 9.89
C GLY I 66 -21.69 -41.34 10.44
N PRO I 67 -22.44 -40.69 9.55
CA PRO I 67 -23.64 -39.93 9.95
C PRO I 67 -24.72 -40.74 10.62
N LEU I 68 -24.91 -42.00 10.26
CA LEU I 68 -25.93 -42.83 10.84
C LEU I 68 -25.40 -43.74 11.94
N ARG I 69 -24.24 -43.39 12.54
CA ARG I 69 -23.56 -44.23 13.53
C ARG I 69 -24.40 -44.51 14.78
N ASN I 70 -25.22 -43.56 15.22
CA ASN I 70 -26.03 -43.74 16.41
C ASN I 70 -27.38 -44.37 16.12
N SER I 71 -27.65 -44.70 14.87
CA SER I 71 -28.87 -45.38 14.47
C SER I 71 -28.65 -46.89 14.51
N ASP I 72 -29.73 -47.65 14.34
CA ASP I 72 -29.57 -49.10 14.27
C ASP I 72 -29.20 -49.59 12.88
N VAL I 73 -29.15 -48.68 11.90
CA VAL I 73 -28.73 -49.00 10.55
C VAL I 73 -27.27 -48.61 10.33
N ALA I 74 -26.52 -48.41 11.43
CA ALA I 74 -25.12 -47.98 11.38
C ALA I 74 -24.25 -48.96 10.63
N LEU I 75 -24.44 -50.26 10.88
CA LEU I 75 -23.65 -51.28 10.19
C LEU I 75 -24.05 -51.37 8.72
N LEU I 76 -25.34 -51.26 8.44
CA LEU I 76 -25.84 -51.24 7.07
C LEU I 76 -25.30 -50.05 6.28
N SER I 77 -25.35 -48.86 6.89
CA SER I 77 -24.83 -47.64 6.26
C SER I 77 -23.32 -47.71 6.11
N GLY I 78 -22.62 -48.25 7.11
CA GLY I 78 -21.18 -48.41 7.03
C GLY I 78 -20.73 -49.36 5.95
N PHE I 79 -21.44 -50.50 5.78
CA PHE I 79 -21.13 -51.43 4.71
C PHE I 79 -21.38 -50.82 3.36
N PHE I 80 -22.54 -50.17 3.20
CA PHE I 80 -22.89 -49.56 1.93
C PHE I 80 -21.97 -48.39 1.57
N SER I 81 -21.50 -47.63 2.57
CA SER I 81 -20.49 -46.60 2.36
C SER I 81 -19.17 -47.20 1.92
N ALA I 82 -18.78 -48.34 2.53
CA ALA I 82 -17.60 -49.07 2.10
C ALA I 82 -17.75 -49.54 0.66
N LEU I 83 -18.96 -50.00 0.30
CA LEU I 83 -19.29 -50.42 -1.08
C LEU I 83 -19.18 -49.26 -2.06
N GLY I 84 -19.66 -48.08 -1.67
CA GLY I 84 -19.57 -46.91 -2.52
C GLY I 84 -18.14 -46.48 -2.79
N LEU I 85 -17.30 -46.50 -1.73
CA LEU I 85 -15.87 -46.24 -1.89
C LEU I 85 -15.22 -47.27 -2.79
N ILE I 86 -15.57 -48.56 -2.61
CA ILE I 86 -15.04 -49.65 -3.42
C ILE I 86 -15.34 -49.44 -4.91
N VAL I 87 -16.59 -49.08 -5.23
CA VAL I 87 -17.00 -48.88 -6.62
C VAL I 87 -16.26 -47.69 -7.26
N ILE I 88 -16.10 -46.59 -6.49
CA ILE I 88 -15.34 -45.42 -6.97
C ILE I 88 -13.88 -45.78 -7.21
N LEU I 89 -13.27 -46.55 -6.29
CA LEU I 89 -11.87 -46.96 -6.43
C LEU I 89 -11.66 -47.93 -7.60
N VAL I 90 -12.61 -48.82 -7.85
CA VAL I 90 -12.54 -49.72 -9.02
C VAL I 90 -12.62 -48.95 -10.31
N ALA I 91 -13.44 -47.88 -10.35
CA ALA I 91 -13.46 -46.97 -11.50
C ALA I 91 -12.11 -46.29 -11.71
N CYS I 92 -11.46 -45.89 -10.59
CA CYS I 92 -10.12 -45.32 -10.65
C CYS I 92 -9.07 -46.31 -11.19
N LEU I 93 -9.15 -47.58 -10.75
CA LEU I 93 -8.24 -48.61 -11.22
C LEU I 93 -8.41 -48.90 -12.70
N THR I 94 -9.68 -48.97 -13.16
CA THR I 94 -9.97 -49.26 -14.56
C THR I 94 -9.49 -48.14 -15.48
N ILE I 95 -9.74 -46.87 -15.13
CA ILE I 95 -9.30 -45.77 -16.00
C ILE I 95 -7.77 -45.66 -16.00
N TYR I 96 -7.09 -46.00 -14.87
CA TYR I 96 -5.63 -46.05 -14.84
C TYR I 96 -5.13 -47.10 -15.84
N GLY I 97 -5.77 -48.28 -15.85
CA GLY I 97 -5.38 -49.32 -16.78
C GLY I 97 -5.58 -48.95 -18.23
N VAL I 98 -6.69 -48.25 -18.52
CA VAL I 98 -7.01 -47.82 -19.88
C VAL I 98 -5.96 -46.84 -20.40
N VAL I 99 -5.51 -45.91 -19.55
CA VAL I 99 -4.61 -44.87 -20.05
C VAL I 99 -3.13 -45.16 -19.86
N SER I 100 -2.76 -46.21 -19.09
CA SER I 100 -1.36 -46.40 -18.77
C SER I 100 -0.67 -47.53 -19.49
N PHE I 101 -1.41 -48.49 -20.05
CA PHE I 101 -0.80 -49.69 -20.61
C PHE I 101 -1.26 -49.93 -22.03
N GLU I 102 -0.31 -50.17 -22.93
CA GLU I 102 -0.60 -50.60 -24.28
C GLU I 102 -0.99 -52.07 -24.28
N GLU I 103 -1.75 -52.47 -25.30
CA GLU I 103 -2.31 -53.81 -25.34
C GLU I 103 -1.28 -54.79 -25.90
N THR I 104 -0.81 -55.71 -25.05
CA THR I 104 0.11 -56.77 -25.43
C THR I 104 -0.37 -58.05 -24.77
N GLU I 105 0.09 -59.18 -25.31
CA GLU I 105 -0.37 -60.51 -24.90
C GLU I 105 0.02 -60.88 -23.47
N ALA I 106 1.08 -60.27 -22.91
CA ALA I 106 1.56 -60.59 -21.56
C ALA I 106 0.49 -60.30 -20.53
N LYS I 107 0.21 -61.30 -19.70
CA LYS I 107 -0.85 -61.20 -18.72
C LYS I 107 -0.44 -61.59 -17.31
N ASP I 108 0.79 -62.05 -17.10
CA ASP I 108 1.21 -62.52 -15.78
C ASP I 108 1.97 -61.49 -14.99
N GLN I 109 2.15 -60.27 -15.52
CA GLN I 109 2.80 -59.19 -14.80
C GLN I 109 1.72 -58.16 -14.46
N LEU I 110 1.90 -57.44 -13.35
CA LEU I 110 0.96 -56.40 -12.95
C LEU I 110 0.94 -55.23 -13.92
N GLN I 111 2.10 -54.85 -14.45
CA GLN I 111 2.17 -53.66 -15.29
C GLN I 111 2.06 -54.02 -16.77
N THR I 112 0.97 -54.70 -17.10
CA THR I 112 0.53 -54.95 -18.47
C THR I 112 -0.96 -54.69 -18.48
N ALA I 113 -1.53 -54.54 -19.69
CA ALA I 113 -2.95 -54.22 -19.83
C ALA I 113 -3.85 -55.34 -19.31
N LYS I 114 -3.58 -56.59 -19.73
CA LYS I 114 -4.35 -57.72 -19.22
C LYS I 114 -4.07 -57.99 -17.75
N GLY I 115 -2.80 -57.89 -17.34
CA GLY I 115 -2.45 -58.09 -15.94
C GLY I 115 -3.09 -57.07 -15.01
N TRP I 116 -3.19 -55.82 -15.46
CA TRP I 116 -3.93 -54.80 -14.70
C TRP I 116 -5.42 -55.09 -14.67
N ARG I 117 -6.01 -55.53 -15.80
CA ARG I 117 -7.44 -55.86 -15.80
C ARG I 117 -7.76 -57.04 -14.87
N GLN I 118 -6.88 -58.04 -14.84
CA GLN I 118 -6.99 -59.14 -13.89
C GLN I 118 -6.91 -58.64 -12.46
N PHE I 119 -5.92 -57.78 -12.17
CA PHE I 119 -5.76 -57.26 -10.81
C PHE I 119 -6.96 -56.46 -10.36
N THR I 120 -7.55 -55.68 -11.27
CA THR I 120 -8.76 -54.90 -10.98
C THR I 120 -9.97 -55.81 -10.71
N SER I 121 -10.13 -56.87 -11.53
CA SER I 121 -11.21 -57.85 -11.31
C SER I 121 -11.10 -58.52 -9.94
N GLY I 122 -9.88 -58.98 -9.61
CA GLY I 122 -9.64 -59.60 -8.33
C GLY I 122 -9.79 -58.64 -7.16
N TRP I 123 -9.39 -57.39 -7.36
CA TRP I 123 -9.46 -56.40 -6.29
C TRP I 123 -10.89 -56.05 -5.96
N LEU I 124 -11.75 -55.94 -6.98
CA LEU I 124 -13.17 -55.66 -6.73
C LEU I 124 -13.84 -56.83 -6.01
N VAL I 125 -13.58 -58.07 -6.46
CA VAL I 125 -14.20 -59.25 -5.84
C VAL I 125 -13.74 -59.42 -4.40
N GLY I 126 -12.43 -59.35 -4.18
CA GLY I 126 -11.89 -59.48 -2.84
C GLY I 126 -12.32 -58.35 -1.92
N SER I 127 -12.42 -57.13 -2.44
CA SER I 127 -12.80 -55.99 -1.63
C SER I 127 -14.24 -56.09 -1.13
N VAL I 128 -15.17 -56.43 -2.03
CA VAL I 128 -16.56 -56.65 -1.62
C VAL I 128 -16.67 -57.86 -0.69
N GLY I 129 -15.86 -58.91 -0.95
CA GLY I 129 -15.82 -60.07 -0.06
C GLY I 129 -15.34 -59.75 1.35
N GLY I 130 -14.27 -58.97 1.46
CA GLY I 130 -13.74 -58.59 2.76
C GLY I 130 -14.68 -57.66 3.52
N ALA I 131 -15.33 -56.74 2.81
CA ALA I 131 -16.33 -55.87 3.42
C ALA I 131 -17.54 -56.68 3.90
N SER I 132 -17.95 -57.68 3.12
CA SER I 132 -19.04 -58.56 3.50
C SER I 132 -18.69 -59.39 4.72
N PHE I 133 -17.44 -59.88 4.78
CA PHE I 133 -16.98 -60.66 5.93
C PHE I 133 -16.94 -59.82 7.19
N ALA I 134 -16.47 -58.57 7.08
CA ALA I 134 -16.45 -57.65 8.20
C ALA I 134 -17.87 -57.34 8.67
N TYR I 135 -18.80 -57.20 7.72
CA TYR I 135 -20.21 -57.01 8.04
C TYR I 135 -20.77 -58.16 8.86
N ILE I 136 -20.48 -59.40 8.43
CA ILE I 136 -20.95 -60.59 9.14
C ILE I 136 -20.38 -60.67 10.57
N LEU I 137 -19.07 -60.39 10.71
CA LEU I 137 -18.40 -60.48 12.00
C LEU I 137 -18.93 -59.44 12.97
N ILE I 138 -19.07 -58.19 12.50
CA ILE I 138 -19.57 -57.11 13.36
C ILE I 138 -21.05 -57.35 13.70
N SER I 139 -21.86 -57.84 12.73
CA SER I 139 -23.29 -58.10 12.95
C SER I 139 -23.53 -59.08 14.08
N ASN I 140 -22.65 -60.06 14.22
CA ASN I 140 -22.95 -61.16 15.12
C ASN I 140 -22.28 -61.04 16.48
N ILE I 141 -21.13 -60.39 16.57
CA ILE I 141 -20.30 -60.38 17.77
C ILE I 141 -20.46 -59.02 18.46
N PRO I 142 -21.04 -58.97 19.66
CA PRO I 142 -21.24 -57.68 20.34
C PRO I 142 -19.94 -56.99 20.78
N PHE I 143 -18.83 -57.73 20.88
CA PHE I 143 -17.53 -57.13 21.19
C PHE I 143 -17.10 -56.17 20.10
N LEU I 144 -17.33 -56.55 18.85
CA LEU I 144 -16.90 -55.72 17.72
C LEU I 144 -17.80 -54.51 17.54
N GLN I 145 -19.08 -54.62 17.93
CA GLN I 145 -20.02 -53.50 17.81
C GLN I 145 -19.63 -52.35 18.70
N THR I 146 -19.18 -52.63 19.91
CA THR I 146 -18.53 -51.64 20.74
C THR I 146 -17.03 -51.69 20.44
N ALA I 147 -16.24 -50.92 21.17
CA ALA I 147 -14.78 -50.96 20.99
C ALA I 147 -14.12 -51.98 21.90
N GLY I 148 -14.82 -53.04 22.25
CA GLY I 148 -14.51 -53.82 23.41
C GLY I 148 -15.18 -53.34 24.67
N MET I 149 -16.05 -52.33 24.56
CA MET I 149 -16.69 -51.68 25.70
C MET I 149 -17.81 -52.53 26.30
N SER I 150 -18.18 -53.65 25.67
CA SER I 150 -19.16 -54.58 26.23
C SER I 150 -18.65 -55.25 27.50
N MET I 151 -17.33 -55.39 27.64
CA MET I 151 -16.76 -56.07 28.80
C MET I 151 -16.88 -55.26 30.07
N LEU I 152 -16.87 -53.92 29.97
CA LEU I 152 -16.92 -53.07 31.15
C LEU I 152 -18.35 -52.88 31.65
N MET J 1 -50.95 -23.98 -9.95
CA MET J 1 -49.78 -24.83 -9.76
C MET J 1 -49.46 -25.57 -11.05
N ILE J 2 -48.29 -26.17 -11.06
CA ILE J 2 -47.77 -26.90 -12.21
C ILE J 2 -47.95 -28.39 -11.95
N SER J 3 -48.46 -29.10 -12.94
CA SER J 3 -48.57 -30.55 -12.84
C SER J 3 -47.24 -31.22 -13.20
N ASP J 4 -47.11 -32.51 -12.81
CA ASP J 4 -45.90 -33.28 -13.15
C ASP J 4 -45.75 -33.48 -14.65
N THR J 5 -46.87 -33.70 -15.36
CA THR J 5 -46.85 -33.81 -16.81
C THR J 5 -46.27 -32.57 -17.48
N GLN J 6 -46.55 -31.38 -16.92
CA GLN J 6 -45.99 -30.14 -17.44
C GLN J 6 -44.47 -30.08 -17.22
N ILE J 7 -44.02 -30.59 -16.07
CA ILE J 7 -42.60 -30.77 -15.77
C ILE J 7 -41.96 -31.74 -16.76
N PHE J 8 -42.69 -32.80 -17.13
CA PHE J 8 -42.18 -33.76 -18.09
C PHE J 8 -42.11 -33.17 -19.50
N ILE J 9 -43.03 -32.27 -19.86
CA ILE J 9 -42.93 -31.53 -21.13
C ILE J 9 -41.68 -30.65 -21.14
N ALA J 10 -41.40 -29.99 -20.02
CA ALA J 10 -40.19 -29.17 -19.89
C ALA J 10 -38.92 -30.02 -20.02
N LEU J 11 -38.91 -31.21 -19.41
CA LEU J 11 -37.76 -32.12 -19.51
C LEU J 11 -37.58 -32.65 -20.93
N ILE J 12 -38.66 -32.91 -21.66
CA ILE J 12 -38.54 -33.31 -23.08
C ILE J 12 -37.90 -32.21 -23.91
N LEU J 13 -38.38 -30.95 -23.76
CA LEU J 13 -37.81 -29.86 -24.56
C LEU J 13 -36.37 -29.54 -24.16
N ALA J 14 -36.02 -29.73 -22.88
CA ALA J 14 -34.64 -29.54 -22.45
C ALA J 14 -33.73 -30.66 -22.95
N LEU J 15 -34.27 -31.87 -23.10
CA LEU J 15 -33.52 -32.96 -23.72
C LEU J 15 -33.23 -32.69 -25.19
N VAL J 16 -34.23 -32.16 -25.92
CA VAL J 16 -34.04 -31.76 -27.32
C VAL J 16 -32.99 -30.66 -27.43
N SER J 17 -32.98 -29.74 -26.47
CA SER J 17 -31.96 -28.71 -26.42
C SER J 17 -30.58 -29.28 -26.10
N LEU J 18 -30.51 -30.34 -25.28
CA LEU J 18 -29.24 -31.01 -25.00
C LEU J 18 -28.67 -31.70 -26.24
N VAL J 19 -29.53 -32.33 -27.04
CA VAL J 19 -29.09 -32.99 -28.26
C VAL J 19 -28.59 -31.97 -29.28
N LEU J 20 -29.29 -30.83 -29.41
CA LEU J 20 -28.83 -29.77 -30.31
C LEU J 20 -27.56 -29.10 -29.80
N ALA J 21 -27.40 -29.02 -28.48
CA ALA J 21 -26.17 -28.48 -27.88
C ALA J 21 -24.97 -29.37 -28.16
N ILE J 22 -25.15 -30.69 -28.06
CA ILE J 22 -24.08 -31.64 -28.42
C ILE J 22 -23.71 -31.51 -29.89
N ARG J 23 -24.72 -31.41 -30.78
CA ARG J 23 -24.42 -31.36 -32.21
C ARG J 23 -23.71 -30.05 -32.59
N LEU J 24 -24.11 -28.92 -31.98
CA LEU J 24 -23.40 -27.65 -32.18
C LEU J 24 -21.99 -27.71 -31.60
N GLY J 25 -21.83 -28.34 -30.42
CA GLY J 25 -20.51 -28.45 -29.82
C GLY J 25 -19.56 -29.30 -30.61
N ARG J 26 -20.08 -30.37 -31.23
CA ARG J 26 -19.25 -31.22 -32.08
C ARG J 26 -18.89 -30.53 -33.39
N ALA J 27 -19.81 -29.73 -33.95
CA ALA J 27 -19.50 -28.95 -35.14
C ALA J 27 -18.43 -27.89 -34.85
N LEU J 28 -18.53 -27.22 -33.70
CA LEU J 28 -17.52 -26.26 -33.28
C LEU J 28 -16.18 -26.93 -33.01
N TYR J 29 -16.22 -28.13 -32.40
CA TYR J 29 -15.01 -28.88 -32.13
C TYR J 29 -14.35 -29.42 -33.40
N GLN J 30 -15.15 -29.61 -34.47
CA GLN J 30 -14.86 -30.08 -35.86
C GLN J 30 -14.96 -31.61 -35.80
N LEU K 41 14.23 -60.65 18.35
CA LEU K 41 15.21 -61.70 18.10
C LEU K 41 15.32 -62.00 16.62
N SER K 42 15.72 -60.96 15.86
CA SER K 42 15.90 -61.07 14.39
C SER K 42 17.28 -61.69 14.09
N VAL K 43 18.15 -61.74 15.10
CA VAL K 43 19.52 -62.31 14.98
C VAL K 43 20.10 -62.46 16.39
N VAL K 44 20.61 -63.65 16.73
CA VAL K 44 21.20 -63.91 18.07
C VAL K 44 22.70 -63.60 18.05
N ALA K 45 23.38 -63.85 19.17
CA ALA K 45 24.82 -63.53 19.32
C ALA K 45 25.70 -64.47 18.49
N GLN K 46 25.29 -65.73 18.35
CA GLN K 46 26.10 -66.72 17.59
C GLN K 46 26.02 -66.41 16.08
N SER K 47 27.09 -66.76 15.36
CA SER K 47 27.17 -66.54 13.89
C SER K 47 26.35 -67.61 13.15
N LYS K 48 25.02 -67.48 13.19
CA LYS K 48 24.11 -68.58 12.74
C LYS K 48 23.23 -68.05 11.61
N SER K 49 22.63 -66.88 11.82
CA SER K 49 21.68 -66.27 10.83
C SER K 49 22.46 -65.53 9.74
N ASP K 50 21.72 -65.05 8.73
CA ASP K 50 22.31 -64.29 7.60
C ASP K 50 21.71 -62.88 7.61
N PHE K 51 20.98 -62.54 8.69
CA PHE K 51 20.34 -61.22 8.80
C PHE K 51 21.38 -60.12 8.55
N GLU K 52 21.15 -59.29 7.52
CA GLU K 52 22.08 -58.18 7.20
C GLU K 52 21.41 -56.87 7.62
N ILE K 53 22.04 -56.12 8.53
CA ILE K 53 21.47 -54.85 9.00
C ILE K 53 21.08 -53.94 7.83
N SER K 54 21.68 -54.15 6.66
CA SER K 54 21.46 -53.35 5.46
C SER K 54 21.64 -54.29 4.28
N ASP K 55 21.87 -53.70 3.10
CA ASP K 55 21.88 -54.46 1.83
C ASP K 55 22.92 -55.58 1.84
N GLY K 56 24.16 -55.25 2.18
CA GLY K 56 25.28 -56.17 2.10
C GLY K 56 26.11 -56.30 3.37
N THR K 57 25.73 -55.61 4.45
CA THR K 57 26.50 -55.69 5.70
C THR K 57 25.81 -56.62 6.69
N PRO K 58 26.33 -57.82 6.94
CA PRO K 58 25.80 -58.61 8.05
C PRO K 58 26.26 -58.04 9.37
N TYR K 59 25.37 -58.05 10.36
CA TYR K 59 25.67 -57.46 11.65
C TYR K 59 24.91 -58.26 12.69
N THR K 60 25.63 -58.78 13.67
CA THR K 60 24.97 -59.58 14.69
C THR K 60 24.33 -58.63 15.70
N LEU K 61 23.02 -58.51 15.63
CA LEU K 61 22.27 -57.94 16.73
C LEU K 61 22.37 -58.95 17.86
N ASN K 62 22.76 -58.52 19.03
CA ASN K 62 22.85 -59.48 20.13
C ASN K 62 21.61 -59.37 21.01
N VAL K 63 20.44 -59.66 20.38
CA VAL K 63 19.14 -59.46 21.05
C VAL K 63 18.99 -60.23 22.36
N PRO K 64 19.39 -61.59 22.49
CA PRO K 64 19.39 -62.23 23.81
C PRO K 64 20.27 -61.56 24.85
N LEU K 65 21.57 -61.40 24.56
CA LEU K 65 22.50 -60.87 25.56
C LEU K 65 22.19 -59.41 25.92
N VAL K 66 21.90 -58.56 24.93
CA VAL K 66 21.64 -57.15 25.21
C VAL K 66 20.34 -57.00 25.99
N GLY K 67 19.28 -57.73 25.57
CA GLY K 67 18.01 -57.67 26.29
C GLY K 67 18.10 -58.19 27.71
N ALA K 68 18.80 -59.31 27.92
CA ALA K 68 19.00 -59.88 29.25
C ALA K 68 19.86 -58.98 30.14
N ALA K 69 21.02 -58.55 29.63
CA ALA K 69 21.96 -57.75 30.40
C ALA K 69 21.41 -56.37 30.71
N SER K 70 20.75 -55.73 29.74
CA SER K 70 20.12 -54.44 29.95
C SER K 70 18.98 -54.54 30.95
N PHE K 71 18.18 -55.62 30.88
CA PHE K 71 17.09 -55.82 31.83
C PHE K 71 17.63 -55.96 33.25
N ILE K 72 18.64 -56.82 33.44
CA ILE K 72 19.17 -57.03 34.78
C ILE K 72 19.91 -55.80 35.28
N GLY K 73 20.68 -55.14 34.41
CA GLY K 73 21.41 -53.94 34.74
C GLY K 73 20.53 -52.75 34.98
N TRP K 74 19.27 -52.81 34.55
CA TRP K 74 18.35 -51.76 34.89
C TRP K 74 17.48 -52.13 36.06
N VAL K 75 17.03 -53.38 36.18
CA VAL K 75 16.11 -53.82 37.24
C VAL K 75 16.81 -53.87 38.61
N VAL K 76 18.05 -54.43 38.66
CA VAL K 76 18.75 -54.62 39.95
C VAL K 76 19.06 -53.30 40.70
N PRO K 77 19.63 -52.24 40.06
CA PRO K 77 19.72 -50.94 40.78
C PRO K 77 18.38 -50.36 41.20
N THR K 78 17.35 -50.58 40.38
CA THR K 78 16.00 -50.05 40.53
C THR K 78 15.23 -50.71 41.67
N LEU K 79 15.78 -51.78 42.25
CA LEU K 79 15.24 -52.39 43.46
C LEU K 79 15.37 -51.52 44.70
N LEU K 80 16.18 -50.45 44.66
CA LEU K 80 16.42 -49.51 45.74
C LEU K 80 15.11 -48.92 46.25
N PRO K 81 14.75 -49.17 47.50
CA PRO K 81 13.45 -48.72 48.00
C PRO K 81 13.47 -47.23 48.31
N SER K 82 12.27 -46.68 48.44
CA SER K 82 12.12 -45.27 48.72
C SER K 82 10.77 -45.05 49.36
N GLN K 83 10.73 -44.32 50.48
CA GLN K 83 9.48 -44.10 51.20
C GLN K 83 8.65 -42.96 50.64
N ILE K 84 8.47 -42.97 49.34
CA ILE K 84 7.71 -41.99 48.58
C ILE K 84 6.40 -42.62 48.16
N ALA K 85 5.33 -41.80 48.16
CA ALA K 85 3.95 -42.24 47.91
C ALA K 85 3.79 -42.93 46.57
N LEU K 86 4.58 -42.53 45.56
CA LEU K 86 4.58 -43.23 44.29
C LEU K 86 5.15 -44.63 44.43
N TYR K 87 6.30 -44.77 45.10
CA TYR K 87 6.89 -46.09 45.28
C TYR K 87 6.16 -46.89 46.36
N GLY K 88 5.84 -46.25 47.48
CA GLY K 88 5.17 -46.94 48.56
C GLY K 88 6.04 -47.83 49.41
N GLY K 89 7.35 -47.57 49.47
CA GLY K 89 8.26 -48.42 50.20
C GLY K 89 9.02 -49.42 49.37
N LYS K 90 8.63 -49.63 48.13
CA LYS K 90 9.33 -50.51 47.22
C LYS K 90 10.36 -49.76 46.38
N GLY K 91 11.08 -50.48 45.52
CA GLY K 91 11.90 -49.86 44.51
C GLY K 91 11.04 -49.49 43.32
N LEU K 92 11.65 -48.91 42.28
CA LEU K 92 10.84 -48.57 41.10
C LEU K 92 10.43 -49.81 40.32
N SER K 93 11.32 -50.80 40.19
CA SER K 93 10.98 -52.06 39.53
C SER K 93 9.90 -52.81 40.30
N THR K 94 10.03 -52.86 41.63
CA THR K 94 9.09 -53.64 42.44
C THR K 94 7.73 -52.96 42.59
N ALA K 95 7.70 -51.63 42.78
CA ALA K 95 6.42 -50.90 42.77
C ALA K 95 5.75 -50.97 41.40
N PHE K 96 6.54 -50.90 40.32
CA PHE K 96 6.00 -51.08 38.97
C PHE K 96 5.38 -52.46 38.78
N PHE K 97 6.10 -53.53 39.13
CA PHE K 97 5.58 -54.89 39.04
C PHE K 97 4.33 -55.11 39.92
N ALA K 98 4.27 -54.42 41.07
CA ALA K 98 3.10 -54.47 41.94
C ALA K 98 1.92 -53.78 41.28
N SER K 99 2.18 -52.70 40.55
CA SER K 99 1.07 -51.97 39.95
C SER K 99 0.57 -52.67 38.69
N ILE K 100 1.43 -53.49 38.06
CA ILE K 100 1.00 -54.38 36.98
C ILE K 100 0.02 -55.41 37.51
N GLY K 101 0.36 -56.02 38.65
CA GLY K 101 -0.51 -57.06 39.21
C GLY K 101 -1.83 -56.52 39.72
N THR K 102 -1.80 -55.36 40.38
CA THR K 102 -3.00 -54.68 40.88
C THR K 102 -3.95 -54.32 39.75
N ASN K 103 -3.44 -53.72 38.67
CA ASN K 103 -4.31 -53.39 37.55
C ASN K 103 -4.76 -54.62 36.74
N LEU K 104 -3.93 -55.67 36.68
CA LEU K 104 -4.35 -56.92 36.03
C LEU K 104 -5.47 -57.63 36.77
N ALA K 105 -5.57 -57.46 38.09
CA ALA K 105 -6.68 -58.01 38.86
C ALA K 105 -8.02 -57.45 38.37
N LYS K 106 -8.09 -56.14 38.20
CA LYS K 106 -9.22 -55.50 37.54
C LYS K 106 -8.93 -55.43 36.05
N PHE K 107 -8.92 -56.61 35.40
CA PHE K 107 -8.38 -56.74 34.05
C PHE K 107 -9.03 -55.87 32.96
N PRO K 108 -10.38 -55.82 32.77
CA PRO K 108 -10.88 -54.95 31.68
C PRO K 108 -10.67 -53.47 31.97
N ALA K 109 -10.81 -53.05 33.23
CA ALA K 109 -10.73 -51.63 33.58
C ALA K 109 -9.29 -51.15 33.44
N PRO K 110 -9.07 -50.03 32.76
CA PRO K 110 -7.72 -49.47 32.67
C PRO K 110 -7.38 -48.68 33.92
N PRO K 111 -6.09 -48.47 34.21
CA PRO K 111 -5.72 -47.61 35.33
C PRO K 111 -6.09 -46.16 35.05
N GLY K 112 -6.49 -45.45 36.12
CA GLY K 112 -6.92 -44.08 36.00
C GLY K 112 -5.77 -43.11 35.79
N MET K 113 -6.13 -41.86 35.47
CA MET K 113 -5.14 -40.81 35.22
C MET K 113 -4.24 -40.55 36.42
N THR K 114 -4.81 -40.57 37.62
CA THR K 114 -4.06 -40.37 38.86
C THR K 114 -3.42 -41.64 39.40
N ASP K 115 -3.67 -42.79 38.76
CA ASP K 115 -3.07 -44.05 39.19
C ASP K 115 -1.55 -44.01 39.02
N PRO K 116 -0.79 -44.56 39.97
CA PRO K 116 0.68 -44.60 39.83
C PRO K 116 1.22 -45.47 38.71
N PHE K 117 0.37 -46.27 38.04
CA PHE K 117 0.80 -47.18 36.97
C PHE K 117 1.49 -46.44 35.84
N TRP K 118 0.92 -45.33 35.41
CA TRP K 118 1.40 -44.62 34.23
C TRP K 118 2.77 -43.99 34.48
N LEU K 119 2.97 -43.42 35.68
CA LEU K 119 4.25 -42.78 35.98
C LEU K 119 5.33 -43.84 36.21
N LEU K 120 4.99 -44.92 36.92
CA LEU K 120 5.90 -46.07 37.08
C LEU K 120 6.27 -46.69 35.73
N CYS K 121 5.28 -46.86 34.84
CA CYS K 121 5.50 -47.46 33.53
C CYS K 121 6.40 -46.61 32.67
N PHE K 122 6.18 -45.28 32.71
CA PHE K 122 6.97 -44.34 31.91
C PHE K 122 8.43 -44.36 32.34
N ILE K 123 8.70 -44.03 33.62
CA ILE K 123 10.09 -43.98 34.12
C ILE K 123 10.80 -45.33 33.93
N TRP K 124 10.13 -46.45 34.23
CA TRP K 124 10.71 -47.79 34.08
C TRP K 124 11.13 -48.05 32.64
N HIS K 125 10.22 -47.85 31.69
CA HIS K 125 10.54 -48.11 30.29
C HIS K 125 11.54 -47.10 29.73
N SER K 126 11.48 -45.84 30.20
CA SER K 126 12.47 -44.82 29.82
C SER K 126 13.89 -45.25 30.17
N GLY K 127 14.10 -45.65 31.42
CA GLY K 127 15.42 -46.11 31.83
C GLY K 127 15.79 -47.46 31.24
N LEU K 128 14.78 -48.28 30.93
CA LEU K 128 15.04 -49.59 30.30
C LEU K 128 15.48 -49.44 28.86
N PHE K 129 14.79 -48.58 28.08
CA PHE K 129 15.19 -48.30 26.71
C PHE K 129 16.56 -47.64 26.66
N ALA K 130 16.83 -46.73 27.61
CA ALA K 130 18.13 -46.08 27.68
C ALA K 130 19.23 -47.09 27.97
N THR K 131 18.96 -48.06 28.84
CA THR K 131 19.94 -49.08 29.16
C THR K 131 20.09 -50.12 28.03
N MET K 132 19.02 -50.39 27.26
CA MET K 132 19.16 -51.21 26.05
C MET K 132 19.97 -50.50 24.97
N ILE K 133 19.72 -49.19 24.76
CA ILE K 133 20.48 -48.41 23.78
C ILE K 133 21.95 -48.40 24.15
N LEU K 134 22.27 -48.05 25.40
CA LEU K 134 23.65 -47.98 25.87
C LEU K 134 24.32 -49.34 25.89
N GLY K 135 23.55 -50.38 26.23
CA GLY K 135 24.07 -51.73 26.20
C GLY K 135 24.36 -52.26 24.81
N SER K 136 23.47 -51.97 23.85
CA SER K 136 23.69 -52.34 22.46
C SER K 136 24.90 -51.61 21.90
N ILE K 137 25.05 -50.32 22.22
CA ILE K 137 26.22 -49.54 21.82
C ILE K 137 27.50 -50.14 22.39
N GLY K 138 27.49 -50.44 23.70
CA GLY K 138 28.67 -50.96 24.36
C GLY K 138 29.07 -52.34 23.87
N TYR K 139 28.08 -53.24 23.75
CA TYR K 139 28.38 -54.61 23.40
C TYR K 139 28.69 -54.77 21.91
N ASN K 140 27.85 -54.22 21.03
CA ASN K 140 28.10 -54.35 19.59
C ASN K 140 29.38 -53.62 19.20
N GLY K 141 29.60 -52.42 19.77
CA GLY K 141 30.73 -51.66 19.34
C GLY K 141 32.05 -52.03 19.97
N TYR K 142 32.12 -51.97 21.29
CA TYR K 142 33.40 -52.29 21.93
C TYR K 142 33.73 -53.77 21.93
N ALA K 143 32.73 -54.66 21.80
CA ALA K 143 32.88 -56.14 21.74
C ALA K 143 33.66 -56.73 22.92
N GLY K 144 33.78 -55.99 24.01
CA GLY K 144 34.59 -56.35 25.14
C GLY K 144 35.24 -55.15 25.79
N VAL L 10 13.11 -30.22 55.62
CA VAL L 10 14.46 -29.81 55.27
C VAL L 10 15.43 -30.96 55.62
N PRO L 11 16.33 -31.29 54.67
CA PRO L 11 17.39 -32.25 54.97
C PRO L 11 18.25 -31.81 56.13
N GLN L 12 18.63 -32.76 56.97
CA GLN L 12 19.33 -32.42 58.21
C GLN L 12 20.84 -32.43 57.95
N THR L 13 21.49 -31.30 58.16
CA THR L 13 22.94 -31.21 58.18
C THR L 13 23.42 -31.10 59.61
N VAL L 14 24.71 -31.31 59.82
CA VAL L 14 25.29 -31.39 61.17
C VAL L 14 26.42 -30.37 61.25
N ALA L 15 26.63 -29.83 62.45
CA ALA L 15 27.78 -28.98 62.75
C ALA L 15 29.05 -29.79 62.56
N TRP L 16 30.14 -29.07 62.24
CA TRP L 16 31.40 -29.71 61.88
C TRP L 16 31.96 -30.51 63.04
N SER L 17 32.29 -31.76 62.75
CA SER L 17 32.94 -32.67 63.68
C SER L 17 34.05 -33.35 62.89
N ALA L 18 34.85 -34.14 63.62
CA ALA L 18 35.94 -34.88 63.00
C ALA L 18 35.48 -35.91 61.97
N LYS L 19 34.23 -36.36 62.03
CA LYS L 19 33.71 -37.23 60.98
C LYS L 19 33.54 -36.48 59.66
N THR L 20 33.06 -35.23 59.71
CA THR L 20 33.01 -34.37 58.53
C THR L 20 34.41 -34.16 57.96
N GLY L 21 35.38 -33.91 58.85
CA GLY L 21 36.78 -33.83 58.46
C GLY L 21 37.28 -35.10 57.81
N ALA L 22 36.85 -36.25 58.36
CA ALA L 22 37.19 -37.56 57.82
C ALA L 22 36.69 -37.75 56.39
N VAL L 23 35.42 -37.44 56.14
CA VAL L 23 34.83 -37.54 54.80
C VAL L 23 35.58 -36.64 53.81
N MET L 24 35.87 -35.39 54.23
CA MET L 24 36.60 -34.45 53.38
C MET L 24 38.00 -34.95 53.01
N VAL L 25 38.76 -35.43 54.01
CA VAL L 25 40.11 -35.97 53.82
C VAL L 25 40.09 -37.18 52.87
N LEU L 26 39.17 -38.13 53.13
CA LEU L 26 39.00 -39.32 52.29
C LEU L 26 38.74 -38.98 50.83
N SER L 27 37.75 -38.13 50.59
CA SER L 27 37.40 -37.73 49.23
C SER L 27 38.56 -37.01 48.57
N ASN L 28 39.28 -36.20 49.35
CA ASN L 28 40.43 -35.46 48.84
C ASN L 28 41.55 -36.39 48.37
N ILE L 29 41.93 -37.37 49.22
CA ILE L 29 42.98 -38.35 48.85
C ILE L 29 42.54 -39.23 47.68
N LEU L 30 41.27 -39.67 47.71
CA LEU L 30 40.63 -40.42 46.64
C LEU L 30 40.75 -39.71 45.31
N CYS L 31 40.50 -38.40 45.32
CA CYS L 31 40.55 -37.62 44.08
C CYS L 31 41.98 -37.37 43.63
N ILE L 32 42.93 -37.26 44.56
CA ILE L 32 44.36 -37.16 44.20
C ILE L 32 44.78 -38.39 43.40
N VAL L 33 44.60 -39.58 43.98
CA VAL L 33 45.05 -40.84 43.37
C VAL L 33 44.31 -41.12 42.05
N ALA L 34 42.97 -41.01 42.09
CA ALA L 34 42.13 -41.31 40.94
C ALA L 34 42.39 -40.32 39.80
N GLY L 35 42.52 -39.02 40.16
CA GLY L 35 42.82 -38.01 39.19
C GLY L 35 44.18 -38.23 38.55
N ARG L 36 45.15 -38.68 39.36
CA ARG L 36 46.53 -38.93 38.92
C ARG L 36 46.55 -39.95 37.79
N TYR L 37 45.68 -40.96 37.89
CA TYR L 37 45.57 -41.90 36.78
C TYR L 37 44.76 -41.33 35.60
N VAL L 38 43.56 -40.80 35.87
CA VAL L 38 42.62 -40.42 34.80
C VAL L 38 43.10 -39.23 33.95
N ILE L 39 43.70 -38.18 34.56
CA ILE L 39 44.15 -36.97 33.84
C ILE L 39 45.11 -37.34 32.72
N GLN L 40 44.81 -36.84 31.53
CA GLN L 40 45.54 -37.23 30.33
C GLN L 40 46.70 -36.31 29.95
N VAL L 41 46.90 -35.17 30.64
CA VAL L 41 48.05 -34.30 30.37
C VAL L 41 48.66 -33.88 31.71
N LYS L 42 49.94 -34.15 31.89
CA LYS L 42 50.64 -33.71 33.10
C LYS L 42 51.90 -32.92 32.76
N SER L 51 57.80 -44.21 41.33
CA SER L 51 57.32 -42.86 41.62
C SER L 51 55.89 -42.69 41.16
N GLY L 52 54.96 -43.30 41.90
CA GLY L 52 53.56 -43.28 41.51
C GLY L 52 52.96 -41.88 41.52
N SER L 53 53.28 -41.09 42.54
CA SER L 53 52.85 -39.70 42.64
C SER L 53 54.01 -38.73 42.54
N PHE L 54 55.23 -39.21 42.31
CA PHE L 54 56.40 -38.34 42.23
C PHE L 54 56.87 -38.12 40.79
N ALA L 55 56.08 -38.50 39.80
CA ALA L 55 56.42 -38.21 38.41
C ALA L 55 55.39 -37.23 37.88
N GLY L 56 55.84 -36.06 37.45
CA GLY L 56 54.99 -35.08 36.78
C GLY L 56 53.84 -34.53 37.58
N PHE L 57 53.88 -34.64 38.90
CA PHE L 57 52.83 -34.12 39.77
C PHE L 57 53.17 -32.66 40.09
N GLY L 58 52.30 -31.75 39.73
CA GLY L 58 52.57 -30.36 39.98
C GLY L 58 51.42 -29.68 40.68
N LEU L 59 51.53 -28.35 40.81
CA LEU L 59 50.49 -27.56 41.47
C LEU L 59 49.14 -27.57 40.76
N PRO L 60 49.02 -27.38 39.42
CA PRO L 60 47.66 -27.46 38.82
C PRO L 60 46.97 -28.81 38.97
N GLU L 61 47.73 -29.91 38.93
CA GLU L 61 47.16 -31.24 39.17
C GLU L 61 46.71 -31.40 40.61
N LEU L 62 47.51 -30.89 41.55
CA LEU L 62 47.15 -30.94 42.97
C LEU L 62 45.92 -30.08 43.24
N LEU L 63 45.89 -28.89 42.65
CA LEU L 63 44.78 -27.97 42.85
C LEU L 63 43.50 -28.45 42.17
N ALA L 64 43.62 -29.24 41.10
CA ALA L 64 42.45 -29.74 40.41
C ALA L 64 41.87 -30.94 41.13
N SER L 65 42.75 -31.82 41.60
CA SER L 65 42.32 -33.00 42.33
C SER L 65 41.72 -32.61 43.67
N THR L 66 42.27 -31.58 44.31
CA THR L 66 41.68 -31.11 45.55
C THR L 66 40.40 -30.29 45.34
N SER L 67 40.22 -29.65 44.17
CA SER L 67 38.94 -29.00 43.88
C SER L 67 37.84 -30.03 43.65
N LEU L 68 38.17 -31.12 42.93
CA LEU L 68 37.22 -32.22 42.78
C LEU L 68 37.04 -32.94 44.11
N GLY L 69 38.06 -32.91 44.97
CA GLY L 69 37.95 -33.48 46.29
C GLY L 69 36.98 -32.74 47.18
N HIS L 70 37.02 -31.41 47.18
CA HIS L 70 35.98 -30.65 47.89
C HIS L 70 34.61 -30.72 47.24
N ILE L 71 34.53 -31.08 45.95
CA ILE L 71 33.22 -31.27 45.33
C ILE L 71 32.61 -32.62 45.71
N VAL L 72 33.41 -33.69 45.59
CA VAL L 72 33.00 -35.04 45.97
C VAL L 72 32.75 -35.11 47.47
N GLY L 73 33.63 -34.46 48.25
CA GLY L 73 33.49 -34.43 49.70
C GLY L 73 32.28 -33.68 50.20
N SER L 74 31.98 -32.51 49.59
CA SER L 74 30.78 -31.77 49.97
C SER L 74 29.52 -32.55 49.61
N GLY L 75 29.51 -33.18 48.44
CA GLY L 75 28.37 -34.02 48.06
C GLY L 75 28.20 -35.21 48.98
N ALA L 76 29.33 -35.85 49.34
CA ALA L 76 29.31 -36.99 50.26
C ALA L 76 28.86 -36.60 51.66
N ILE L 77 29.34 -35.45 52.18
CA ILE L 77 28.94 -34.98 53.52
C ILE L 77 27.45 -34.67 53.56
N LEU L 78 26.96 -33.92 52.55
CA LEU L 78 25.54 -33.56 52.50
C LEU L 78 24.64 -34.77 52.32
N GLY L 79 25.04 -35.73 51.48
CA GLY L 79 24.24 -36.93 51.30
C GLY L 79 24.21 -37.84 52.51
N LEU L 80 25.36 -38.03 53.16
CA LEU L 80 25.42 -38.87 54.35
C LEU L 80 24.74 -38.21 55.54
N SER L 81 24.70 -36.87 55.56
CA SER L 81 23.88 -36.17 56.54
C SER L 81 22.40 -36.33 56.23
N TYR L 82 22.04 -36.36 54.94
CA TYR L 82 20.64 -36.53 54.52
C TYR L 82 20.12 -37.88 54.97
N VAL L 83 20.90 -38.94 54.74
CA VAL L 83 20.34 -40.26 54.98
C VAL L 83 20.47 -40.70 56.43
N GLY L 84 21.34 -40.07 57.21
CA GLY L 84 21.46 -40.43 58.60
C GLY L 84 22.78 -41.05 58.98
N VAL L 85 23.64 -41.33 58.02
CA VAL L 85 24.95 -41.90 58.33
C VAL L 85 25.85 -40.88 59.03
N LEU L 86 25.78 -39.60 58.61
CA LEU L 86 26.53 -38.43 59.14
C LEU L 86 28.03 -38.60 58.89
N ASP M 89 36.21 28.09 -7.97
CA ASP M 89 34.86 27.57 -7.77
C ASP M 89 33.84 28.67 -7.59
N THR M 90 32.73 28.27 -7.00
CA THR M 90 31.68 29.17 -6.57
C THR M 90 31.78 29.28 -5.06
N THR M 91 31.91 30.50 -4.57
CA THR M 91 32.01 30.65 -3.13
C THR M 91 30.66 30.53 -2.45
N GLY M 92 29.59 30.95 -3.09
CA GLY M 92 28.32 30.98 -2.40
C GLY M 92 27.92 32.41 -2.14
N PHE M 93 26.72 32.80 -2.62
CA PHE M 93 26.18 34.17 -2.63
C PHE M 93 27.08 35.14 -3.41
N SER M 94 27.92 34.61 -4.32
CA SER M 94 28.86 35.42 -5.10
C SER M 94 28.15 36.36 -6.03
N GLY M 95 27.03 35.92 -6.55
CA GLY M 95 26.22 36.74 -7.37
C GLY M 95 26.50 36.71 -8.85
N VAL M 96 27.53 36.01 -9.31
CA VAL M 96 27.84 35.95 -10.72
C VAL M 96 27.02 34.80 -11.29
N PRO M 97 26.18 35.04 -12.31
CA PRO M 97 25.28 33.99 -12.81
C PRO M 97 26.01 32.85 -13.51
N SER M 98 27.26 33.06 -13.90
CA SER M 98 28.01 32.00 -14.56
C SER M 98 28.60 31.01 -13.57
N GLN M 99 28.68 31.36 -12.29
CA GLN M 99 29.14 30.41 -11.29
C GLN M 99 28.01 29.54 -10.74
N PHE M 100 26.76 29.86 -11.06
CA PHE M 100 25.62 29.10 -10.61
C PHE M 100 24.84 28.46 -11.76
N ALA M 101 25.43 28.42 -12.97
CA ALA M 101 24.87 27.82 -14.20
C ALA M 101 23.54 28.45 -14.59
N ARG M 102 23.40 29.74 -14.29
CA ARG M 102 22.22 30.51 -14.59
C ARG M 102 22.42 31.29 -15.88
N PRO M 103 21.39 31.42 -16.71
CA PRO M 103 21.54 32.19 -17.94
C PRO M 103 21.55 33.68 -17.64
N GLU M 104 22.62 34.34 -18.05
CA GLU M 104 22.73 35.78 -17.93
C GLU M 104 22.44 36.45 -19.27
N SER M 105 22.21 37.76 -19.21
CA SER M 105 21.96 38.51 -20.44
C SER M 105 23.23 38.66 -21.27
N GLY M 106 24.40 38.69 -20.61
CA GLY M 106 25.65 39.00 -21.26
C GLY M 106 25.89 40.46 -21.57
N VAL M 107 24.91 41.33 -21.32
CA VAL M 107 25.01 42.76 -21.57
C VAL M 107 25.09 43.44 -20.22
N TYR M 108 26.23 44.05 -19.93
CA TYR M 108 26.43 44.78 -18.68
C TYR M 108 26.78 46.22 -19.01
N PRO M 109 25.81 47.14 -18.94
CA PRO M 109 26.04 48.54 -19.33
C PRO M 109 27.04 49.24 -18.44
N ALA M 110 27.83 50.14 -19.07
CA ALA M 110 28.79 50.94 -18.33
C ALA M 110 28.05 51.86 -17.38
N GLU M 111 28.59 52.01 -16.19
CA GLU M 111 27.91 52.80 -15.16
C GLU M 111 28.41 54.23 -15.20
N PRO M 112 27.57 55.20 -15.47
CA PRO M 112 27.98 56.60 -15.45
C PRO M 112 28.00 57.15 -14.04
N THR M 113 28.36 58.43 -13.90
CA THR M 113 28.47 59.07 -12.60
C THR M 113 27.51 60.22 -12.34
N GLU M 114 26.77 60.71 -13.33
CA GLU M 114 25.93 61.90 -13.12
C GLU M 114 24.67 61.54 -12.34
N GLN M 115 24.20 62.49 -11.51
CA GLN M 115 23.07 62.28 -10.62
C GLN M 115 22.00 63.32 -10.89
N THR M 116 20.79 62.97 -10.48
CA THR M 116 19.60 63.77 -10.61
C THR M 116 19.02 63.91 -9.21
N PHE M 117 18.33 65.03 -8.93
CA PHE M 117 17.90 65.36 -7.57
C PHE M 117 16.89 64.33 -7.02
N LEU M 118 15.89 63.92 -7.79
CA LEU M 118 14.97 62.91 -7.27
C LEU M 118 15.06 61.57 -8.01
N GLY M 119 16.16 61.36 -8.72
CA GLY M 119 16.44 60.15 -9.47
C GLY M 119 17.70 59.44 -8.99
N MET M 120 18.15 58.44 -9.73
CA MET M 120 19.31 57.64 -9.36
C MET M 120 20.40 57.71 -10.42
N ARG M 121 21.61 57.42 -9.98
CA ARG M 121 22.73 57.28 -10.89
C ARG M 121 22.57 55.97 -11.65
N GLY M 122 22.71 56.02 -12.97
CA GLY M 122 22.59 54.81 -13.74
C GLY M 122 22.63 55.02 -15.24
N PRO M 123 22.58 53.92 -16.00
CA PRO M 123 22.58 54.00 -17.46
C PRO M 123 21.29 54.62 -17.99
N ARG M 124 21.42 55.70 -18.74
CA ARG M 124 20.30 56.36 -19.40
C ARG M 124 20.54 56.42 -20.89
N ALA M 125 19.55 56.93 -21.60
CA ALA M 125 19.65 57.20 -23.02
C ALA M 125 20.52 58.43 -23.24
N PRO M 126 21.08 58.62 -24.44
CA PRO M 126 21.83 59.87 -24.71
C PRO M 126 20.91 61.08 -24.70
N GLY M 127 21.34 62.14 -24.04
CA GLY M 127 20.54 63.33 -23.89
C GLY M 127 19.51 63.29 -22.79
N HIS M 128 19.43 62.21 -22.02
CA HIS M 128 18.36 62.06 -21.03
C HIS M 128 18.60 62.96 -19.82
N ARG M 129 19.81 62.95 -19.29
CA ARG M 129 20.14 63.79 -18.14
C ARG M 129 20.25 65.28 -18.47
N GLU M 130 20.25 65.66 -19.74
CA GLU M 130 20.29 67.07 -20.09
C GLU M 130 18.89 67.67 -20.11
N ASN M 131 17.86 66.87 -20.36
CA ASN M 131 16.49 67.34 -20.37
C ASN M 131 15.73 66.97 -19.11
N PHE M 132 16.12 65.87 -18.45
CA PHE M 132 15.47 65.38 -17.25
C PHE M 132 16.50 65.19 -16.14
N GLY M 133 17.36 66.18 -15.98
CA GLY M 133 18.40 66.18 -14.97
C GLY M 133 17.94 66.94 -13.75
N GLY M 134 18.88 67.56 -13.04
CA GLY M 134 18.55 68.30 -11.83
C GLY M 134 17.71 69.53 -12.06
N LYS M 135 17.91 70.20 -13.20
CA LYS M 135 17.17 71.40 -13.57
C LYS M 135 15.68 71.13 -13.74
N HIS M 136 15.36 70.06 -14.49
CA HIS M 136 13.99 69.61 -14.70
C HIS M 136 13.31 69.25 -13.39
N THR M 137 13.97 68.43 -12.55
CA THR M 137 13.33 67.91 -11.35
C THR M 137 13.10 68.99 -10.31
N ALA M 138 14.06 69.89 -10.15
CA ALA M 138 13.89 71.01 -9.22
C ALA M 138 12.81 71.98 -9.68
N THR M 139 12.79 72.33 -10.97
CA THR M 139 11.76 73.24 -11.48
C THR M 139 10.37 72.62 -11.41
N MET M 140 10.25 71.34 -11.78
CA MET M 140 8.96 70.64 -11.72
C MET M 140 8.46 70.49 -10.28
N LEU M 141 9.35 70.17 -9.34
CA LEU M 141 8.98 70.11 -7.93
C LEU M 141 8.54 71.47 -7.41
N ALA M 142 9.21 72.54 -7.87
CA ALA M 142 8.88 73.90 -7.47
C ALA M 142 7.50 74.32 -7.97
N ILE M 143 7.18 73.98 -9.22
CA ILE M 143 5.87 74.30 -9.80
C ILE M 143 4.77 73.47 -9.14
N ALA M 144 5.05 72.21 -8.84
CA ALA M 144 4.08 71.37 -8.13
C ALA M 144 3.81 71.90 -6.73
N ALA M 145 4.85 72.44 -6.07
CA ALA M 145 4.68 73.00 -4.73
C ALA M 145 3.96 74.35 -4.77
N LEU M 146 4.12 75.09 -5.88
CA LEU M 146 3.37 76.33 -6.04
C LEU M 146 1.90 76.06 -6.35
N LEU M 147 1.62 75.14 -7.28
CA LEU M 147 0.25 74.79 -7.64
C LEU M 147 -0.47 74.01 -6.55
N TRP M 148 0.24 73.48 -5.55
CA TRP M 148 -0.42 72.88 -4.40
C TRP M 148 -1.24 73.91 -3.63
N GLN M 149 -0.78 75.17 -3.59
CA GLN M 149 -1.42 76.21 -2.79
C GLN M 149 -2.86 76.55 -3.22
N PRO M 150 -3.20 76.76 -4.51
CA PRO M 150 -4.65 76.79 -4.85
C PRO M 150 -5.39 75.49 -4.58
N VAL M 151 -4.75 74.34 -4.85
CA VAL M 151 -5.40 73.03 -4.75
C VAL M 151 -5.74 72.70 -3.30
N SER M 152 -4.80 72.93 -2.37
CA SER M 152 -5.01 72.66 -0.96
C SER M 152 -6.07 73.57 -0.33
N GLU M 153 -6.38 74.70 -0.96
CA GLU M 153 -7.35 75.66 -0.47
C GLU M 153 -8.58 75.72 -1.35
N ALA M 154 -8.84 74.66 -2.13
CA ALA M 154 -9.89 74.66 -3.15
C ALA M 154 -11.29 74.71 -2.55
N GLY M 155 -12.13 75.54 -3.13
CA GLY M 155 -13.50 75.65 -2.69
C GLY M 155 -14.18 76.81 -3.36
N MET M 156 -15.50 76.84 -3.20
CA MET M 156 -16.37 77.91 -3.71
C MET M 156 -16.47 78.96 -2.62
N TYR M 157 -15.74 80.04 -2.77
CA TYR M 157 -15.76 81.12 -1.79
C TYR M 157 -16.71 82.20 -2.26
N ARG M 158 -17.77 82.44 -1.49
CA ARG M 158 -18.80 83.40 -1.85
C ARG M 158 -19.02 84.40 -0.73
N MET M 159 -19.33 85.65 -1.10
CA MET M 159 -19.61 86.71 -0.13
C MET M 159 -21.08 86.75 0.25
N GLY M 160 -21.32 87.00 1.54
CA GLY M 160 -22.66 87.30 2.04
C GLY M 160 -23.03 88.76 1.83
N ALA M 161 -23.93 89.25 2.69
CA ALA M 161 -24.36 90.65 2.64
C ALA M 161 -23.19 91.59 2.91
N ASP M 162 -22.41 91.31 3.94
CA ASP M 162 -21.15 91.99 4.18
C ASP M 162 -20.08 91.26 3.33
N GLY M 163 -18.81 91.52 3.58
CA GLY M 163 -17.72 90.87 2.91
C GLY M 163 -17.35 89.51 3.44
N ALA M 164 -18.13 88.92 4.35
CA ALA M 164 -17.75 87.67 4.97
C ALA M 164 -17.85 86.54 3.96
N LEU M 165 -16.81 85.72 3.90
CA LEU M 165 -16.71 84.67 2.90
C LEU M 165 -17.14 83.35 3.49
N THR M 166 -17.96 82.64 2.74
CA THR M 166 -18.34 81.28 3.08
C THR M 166 -17.66 80.34 2.09
N LYS M 167 -17.16 79.23 2.62
CA LYS M 167 -16.51 78.22 1.80
C LYS M 167 -17.49 77.08 1.57
N SER M 168 -17.53 76.60 0.34
CA SER M 168 -18.38 75.49 -0.01
C SER M 168 -17.57 74.53 -0.88
N SER M 169 -18.05 73.31 -0.99
CA SER M 169 -17.40 72.35 -1.86
C SER M 169 -17.80 72.61 -3.31
N PHE M 170 -16.92 72.21 -4.23
CA PHE M 170 -17.17 72.34 -5.67
C PHE M 170 -18.27 71.42 -6.19
N SER M 171 -18.68 70.43 -5.39
CA SER M 171 -19.81 69.58 -5.72
C SER M 171 -21.11 70.36 -5.88
N ASN M 172 -21.30 71.40 -5.05
CA ASN M 172 -22.53 72.20 -5.06
C ASN M 172 -22.76 72.94 -6.37
N MET M 173 -21.71 73.20 -7.14
CA MET M 173 -21.85 73.74 -8.48
C MET M 173 -22.45 72.66 -9.37
N GLU M 174 -23.50 73.01 -10.10
CA GLU M 174 -24.20 72.08 -10.99
C GLU M 174 -23.96 72.49 -12.45
N VAL M 175 -23.43 71.56 -13.23
CA VAL M 175 -23.21 71.73 -14.67
C VAL M 175 -24.57 71.56 -15.35
N PRO M 176 -24.94 72.37 -16.33
CA PRO M 176 -26.29 72.28 -16.91
C PRO M 176 -26.53 71.34 -18.08
N GLY M 177 -25.54 70.69 -18.68
CA GLY M 177 -25.90 69.95 -19.89
C GLY M 177 -25.71 68.46 -20.05
N PHE M 178 -25.44 67.73 -18.97
CA PHE M 178 -25.06 66.32 -19.08
C PHE M 178 -26.07 65.32 -18.56
N GLY M 179 -27.35 65.51 -18.88
CA GLY M 179 -28.39 64.53 -18.59
C GLY M 179 -28.62 64.26 -17.13
N ASN M 180 -28.50 62.98 -16.74
CA ASN M 180 -28.82 62.59 -15.38
C ASN M 180 -27.69 62.89 -14.40
N MET M 181 -26.50 63.19 -14.87
CA MET M 181 -25.44 63.63 -13.99
C MET M 181 -25.58 65.12 -13.76
N LYS M 182 -25.95 65.50 -12.54
CA LYS M 182 -26.20 66.89 -12.21
C LYS M 182 -24.98 67.54 -11.57
N LYS M 183 -24.39 66.91 -10.57
CA LYS M 183 -23.13 67.36 -9.98
C LYS M 183 -21.98 66.67 -10.71
N ALA M 184 -20.85 67.35 -10.84
CA ALA M 184 -19.78 66.84 -11.68
C ALA M 184 -18.44 66.73 -10.94
N PRO M 185 -17.61 65.75 -11.30
CA PRO M 185 -16.25 65.65 -10.72
C PRO M 185 -15.41 66.91 -10.93
N THR M 186 -14.67 67.28 -9.87
CA THR M 186 -13.89 68.50 -9.81
C THR M 186 -12.50 68.19 -9.26
N ILE M 187 -11.77 69.24 -8.85
CA ILE M 187 -10.46 69.06 -8.23
C ILE M 187 -10.57 68.47 -6.82
N GLU M 188 -11.76 68.46 -6.21
CA GLU M 188 -11.95 67.80 -4.93
C GLU M 188 -11.99 66.28 -5.08
N SER M 189 -12.11 65.76 -6.28
CA SER M 189 -12.15 64.31 -6.41
C SER M 189 -10.77 63.70 -6.52
N LEU M 190 -9.82 64.45 -7.02
CA LEU M 190 -8.42 64.04 -7.09
C LEU M 190 -7.66 64.40 -5.84
N PHE M 191 -8.16 65.36 -5.07
CA PHE M 191 -7.55 65.75 -3.80
C PHE M 191 -8.63 65.83 -2.72
N PRO M 192 -9.24 64.65 -2.33
CA PRO M 192 -10.34 64.72 -1.33
C PRO M 192 -9.85 64.81 0.11
N PHE M 193 -9.37 66.00 0.48
CA PHE M 193 -8.89 66.23 1.85
C PHE M 193 -10.02 66.13 2.87
N ALA M 194 -11.19 66.68 2.55
CA ALA M 194 -12.29 66.88 3.51
C ALA M 194 -12.86 65.58 4.07
N LYS M 195 -13.02 64.55 3.21
CA LYS M 195 -13.59 63.27 3.64
C LYS M 195 -12.73 62.58 4.68
N ASN M 196 -11.42 62.64 4.50
CA ASN M 196 -10.50 62.09 5.48
C ASN M 196 -10.24 63.04 6.64
N GLY M 197 -10.92 64.21 6.67
CA GLY M 197 -10.81 65.21 7.72
C GLY M 197 -9.42 65.77 7.85
N PHE M 198 -8.79 66.16 6.73
CA PHE M 198 -7.37 66.59 6.76
C PHE M 198 -7.18 68.09 7.00
N ASP M 199 -8.10 68.95 6.56
CA ASP M 199 -7.88 70.42 6.70
C ASP M 199 -6.54 70.82 6.08
N ALA M 200 -6.35 70.53 4.78
CA ALA M 200 -5.08 70.83 4.10
C ALA M 200 -4.80 72.33 4.05
N SER M 201 -3.51 72.70 4.07
CA SER M 201 -3.11 74.14 4.00
C SER M 201 -2.03 74.27 2.92
N PRO M 202 -1.68 75.47 2.43
CA PRO M 202 -0.58 75.61 1.47
C PRO M 202 0.72 75.07 2.08
N ALA M 203 0.92 75.26 3.39
CA ALA M 203 2.12 74.70 4.08
C ALA M 203 1.99 73.18 4.25
N LEU M 204 0.81 72.59 4.00
CA LEU M 204 0.52 71.13 4.10
C LEU M 204 -0.07 70.77 5.47
N PHE M 205 0.01 71.67 6.45
CA PHE M 205 -0.65 71.39 7.76
C PHE M 205 -1.48 72.60 8.18
N GLY M 206 -2.79 72.41 8.36
CA GLY M 206 -3.70 73.49 8.74
C GLY M 206 -3.81 73.59 10.25
N LYS M 207 -4.65 74.54 10.70
CA LYS M 207 -4.89 74.68 12.17
C LYS M 207 -5.39 73.32 12.64
N GLY M 208 -6.50 72.85 12.07
CA GLY M 208 -6.94 71.47 12.38
C GLY M 208 -5.94 70.53 11.74
N SER M 209 -5.67 69.38 12.36
CA SER M 209 -4.63 68.45 11.85
C SER M 209 -3.25 69.11 11.80
N MET M 210 -2.87 69.85 12.85
CA MET M 210 -1.50 70.41 12.95
C MET M 210 -0.55 69.31 13.46
N ILE M 211 0.74 69.39 13.17
CA ILE M 211 1.74 68.40 13.69
C ILE M 211 1.75 68.50 15.22
N VAL M 212 1.84 67.36 15.92
CA VAL M 212 1.81 67.35 17.41
C VAL M 212 3.24 67.24 17.93
N VAL M 213 3.66 68.19 18.79
CA VAL M 213 5.02 68.15 19.39
C VAL M 213 4.88 68.13 20.91
N GLU M 214 5.43 67.11 21.58
CA GLU M 214 5.29 66.96 23.03
C GLU M 214 6.66 66.96 23.69
N ASP M 215 6.65 66.90 25.02
CA ASP M 215 7.89 66.91 25.79
C ASP M 215 7.99 65.60 26.53
N PRO M 216 8.98 64.77 26.17
CA PRO M 216 9.21 63.50 26.87
C PRO M 216 9.72 63.61 28.27
N ARG M 217 10.55 64.63 28.57
CA ARG M 217 11.21 64.80 29.86
C ARG M 217 10.22 64.89 31.01
N ASP M 218 9.05 65.48 30.72
CA ASP M 218 7.86 65.57 31.55
C ASP M 218 8.04 66.57 32.67
N GLY M 219 8.87 67.59 32.42
CA GLY M 219 9.01 68.66 33.37
C GLY M 219 9.80 68.32 34.60
N CYS M 220 10.79 67.43 34.46
CA CYS M 220 11.69 67.11 35.56
C CYS M 220 13.09 66.87 35.01
N GLY M 221 14.05 66.67 35.92
CA GLY M 221 15.45 66.63 35.59
C GLY M 221 16.03 65.23 35.42
N ALA M 222 17.35 65.21 35.16
CA ALA M 222 18.08 63.96 34.99
C ALA M 222 18.32 63.25 36.31
N TYR M 223 18.62 64.01 37.36
CA TYR M 223 19.03 63.48 38.65
C TYR M 223 18.42 64.31 39.75
N ALA M 224 18.31 63.69 40.94
CA ALA M 224 17.80 64.26 42.19
C ALA M 224 16.38 64.81 42.03
N ASN M 225 15.48 63.91 41.69
CA ASN M 225 14.08 64.22 41.53
C ASN M 225 13.26 63.78 42.73
N SER M 226 12.08 64.39 42.86
CA SER M 226 11.17 64.10 43.95
C SER M 226 9.74 64.06 43.43
N GLY M 227 9.02 63.00 43.76
CA GLY M 227 7.63 62.87 43.32
C GLY M 227 7.41 61.78 42.28
N ALA M 228 6.50 62.03 41.34
CA ALA M 228 6.16 61.05 40.30
C ALA M 228 7.12 61.14 39.12
N CYS M 229 8.42 61.12 39.41
CA CYS M 229 9.45 61.26 38.38
C CYS M 229 10.75 60.64 38.90
N HIS M 230 11.07 59.47 38.41
CA HIS M 230 12.22 58.74 38.95
C HIS M 230 13.04 58.19 37.77
N THR M 231 14.14 58.86 37.45
CA THR M 231 14.91 58.58 36.25
C THR M 231 15.81 57.36 36.42
N PHE M 232 16.42 56.97 35.30
CA PHE M 232 17.42 55.89 35.29
C PHE M 232 18.63 56.25 36.14
N LEU M 233 19.06 57.52 36.05
CA LEU M 233 20.17 58.00 36.88
C LEU M 233 19.81 58.03 38.35
N ASP M 234 18.55 58.37 38.67
CA ASP M 234 18.09 58.30 40.05
C ASP M 234 18.10 56.86 40.58
N GLU M 235 17.73 55.88 39.75
CA GLU M 235 17.82 54.49 40.18
C GLU M 235 19.28 54.03 40.32
N ILE M 236 20.21 54.62 39.55
CA ILE M 236 21.63 54.30 39.73
C ILE M 236 22.09 54.82 41.09
N GLY M 237 21.67 56.03 41.45
CA GLY M 237 21.93 56.55 42.78
C GLY M 237 21.20 55.81 43.89
N ASP M 238 20.00 55.31 43.60
CA ASP M 238 19.20 54.57 44.58
C ASP M 238 19.83 53.22 44.92
N ALA M 239 20.35 52.54 43.90
CA ALA M 239 21.00 51.25 44.12
C ALA M 239 22.30 51.44 44.86
N LEU M 240 23.07 52.50 44.51
CA LEU M 240 24.36 52.73 45.17
C LEU M 240 24.24 53.14 46.63
N LYS M 241 23.03 53.49 47.11
CA LYS M 241 22.79 53.88 48.50
C LYS M 241 21.60 53.05 49.00
N LYS M 242 21.88 51.93 49.66
CA LYS M 242 20.84 50.95 49.99
C LYS M 242 21.34 49.94 51.03
N ASP N 43 62.80 6.60 30.77
CA ASP N 43 63.20 7.19 32.04
C ASP N 43 62.05 7.18 33.04
N PHE N 44 62.33 7.59 34.26
CA PHE N 44 61.35 7.60 35.34
C PHE N 44 60.73 8.97 35.48
N SER N 45 59.53 9.00 36.05
CA SER N 45 58.83 10.25 36.31
C SER N 45 59.57 11.05 37.36
N ALA N 46 59.70 12.36 37.11
CA ALA N 46 60.35 13.26 38.06
C ALA N 46 59.60 13.33 39.38
N ALA N 47 58.27 13.36 39.32
CA ALA N 47 57.46 13.48 40.52
C ALA N 47 57.42 12.17 41.28
N VAL N 48 56.92 11.13 40.64
CA VAL N 48 56.86 9.81 41.23
C VAL N 48 58.08 9.04 40.77
N PRO N 49 59.10 8.83 41.64
CA PRO N 49 60.36 8.20 41.21
C PRO N 49 60.22 6.80 40.66
N PHE N 50 59.29 6.02 41.19
CA PHE N 50 59.12 4.62 40.84
C PHE N 50 58.17 4.41 39.67
N LEU N 51 57.44 5.44 39.24
CA LEU N 51 56.62 5.38 38.04
C LEU N 51 57.44 5.82 36.83
N LYS N 52 57.26 5.11 35.72
CA LYS N 52 57.94 5.48 34.48
C LYS N 52 57.32 6.75 33.91
N ARG N 53 58.11 7.48 33.13
CA ARG N 53 57.62 8.67 32.46
C ARG N 53 56.55 8.26 31.45
N PRO N 54 55.44 9.02 31.35
CA PRO N 54 54.32 8.65 30.47
C PRO N 54 54.64 8.48 28.99
N SER N 55 55.62 9.24 28.47
CA SER N 55 56.26 9.30 27.14
C SER N 55 55.59 10.27 26.18
N ASN N 56 54.40 10.75 26.49
CA ASN N 56 53.86 11.87 25.75
C ASN N 56 54.11 13.15 26.50
N LEU N 57 54.82 13.08 27.62
CA LEU N 57 55.08 14.21 28.50
C LEU N 57 56.57 14.40 28.65
N ASP N 58 57.19 15.05 27.66
CA ASP N 58 58.65 15.27 27.68
C ASP N 58 58.96 16.77 27.84
N GLY N 59 58.22 17.46 28.72
CA GLY N 59 58.51 18.88 28.99
C GLY N 59 57.94 19.80 27.93
N ALA N 60 57.12 19.27 27.02
CA ALA N 60 56.50 20.09 25.96
C ALA N 60 55.60 21.14 26.61
N TYR N 61 54.89 20.77 27.69
CA TYR N 61 53.98 21.70 28.39
C TYR N 61 54.58 22.09 29.74
N ILE N 62 54.59 23.38 30.06
CA ILE N 62 55.20 23.88 31.34
C ILE N 62 54.41 23.33 32.52
N GLY N 63 55.09 23.04 33.64
CA GLY N 63 54.42 22.48 34.83
C GLY N 63 54.36 20.96 34.75
N ASP N 64 54.90 20.39 33.67
CA ASP N 64 54.95 18.91 33.57
C ASP N 64 55.97 18.39 34.59
N VAL N 65 55.59 17.39 35.38
CA VAL N 65 56.51 16.78 36.38
C VAL N 65 56.52 15.28 36.10
N GLY N 66 55.87 14.89 35.00
CA GLY N 66 55.81 13.46 34.62
C GLY N 66 54.69 12.73 35.33
N PHE N 67 53.77 13.45 35.99
CA PHE N 67 52.71 12.77 36.77
C PHE N 67 51.50 12.50 35.89
N ASP N 68 51.26 11.23 35.55
CA ASP N 68 50.08 10.83 34.74
C ASP N 68 49.91 9.31 34.89
N PRO N 69 49.65 8.73 36.09
CA PRO N 69 49.60 7.26 36.22
C PRO N 69 48.51 6.55 35.44
N LEU N 70 47.25 7.02 35.50
CA LEU N 70 46.13 6.42 34.80
C LEU N 70 46.24 6.55 33.26
N GLY N 71 47.19 7.31 32.76
CA GLY N 71 47.50 7.33 31.34
C GLY N 71 46.53 8.01 30.42
N PHE N 72 46.02 9.18 30.80
CA PHE N 72 45.10 9.89 29.92
C PHE N 72 45.82 10.54 28.75
N SER N 73 47.11 10.82 28.87
CA SER N 73 47.87 11.36 27.75
C SER N 73 48.30 10.30 26.75
N ASP N 74 48.26 9.01 27.12
CA ASP N 74 48.51 7.95 26.15
C ASP N 74 47.36 7.75 25.18
N VAL N 75 46.16 8.22 25.54
CA VAL N 75 44.97 8.08 24.72
C VAL N 75 44.54 9.42 24.11
N PHE N 76 44.50 10.47 24.92
CA PHE N 76 43.90 11.73 24.53
C PHE N 76 44.92 12.80 24.17
N ASP N 77 44.44 13.79 23.42
CA ASP N 77 45.21 14.94 23.01
C ASP N 77 45.60 15.85 24.18
N LEU N 78 46.89 16.14 24.29
CA LEU N 78 47.41 16.95 25.39
C LEU N 78 47.09 18.43 25.25
N ARG N 79 46.89 18.93 24.03
CA ARG N 79 46.44 20.31 23.86
C ARG N 79 45.04 20.48 24.41
N VAL N 80 44.13 19.53 24.12
CA VAL N 80 42.78 19.54 24.67
C VAL N 80 42.81 19.40 26.19
N LEU N 81 43.67 18.51 26.71
CA LEU N 81 43.74 18.33 28.16
C LEU N 81 44.34 19.54 28.86
N ARG N 82 45.31 20.21 28.24
CA ARG N 82 45.89 21.42 28.84
C ARG N 82 44.91 22.61 28.74
N GLU N 83 44.14 22.68 27.64
CA GLU N 83 42.98 23.58 27.53
C GLU N 83 42.04 23.40 28.72
N ALA N 84 41.67 22.15 29.00
CA ALA N 84 40.73 21.85 30.08
C ALA N 84 41.33 22.12 31.46
N GLU N 85 42.62 21.81 31.64
CA GLU N 85 43.31 22.04 32.91
C GLU N 85 43.39 23.52 33.24
N LEU N 86 43.76 24.33 32.24
CA LEU N 86 43.85 25.77 32.46
C LEU N 86 42.47 26.41 32.59
N LYS N 87 41.45 25.91 31.90
CA LYS N 87 40.11 26.48 32.02
C LYS N 87 39.49 26.18 33.39
N HIS N 88 39.56 24.90 33.81
CA HIS N 88 39.11 24.48 35.14
C HIS N 88 39.87 25.25 36.23
N GLY N 89 41.18 25.44 36.03
CA GLY N 89 41.99 26.14 37.00
C GLY N 89 41.70 27.63 37.11
N ARG N 90 41.44 28.29 35.98
CA ARG N 90 41.10 29.71 36.00
C ARG N 90 39.74 29.93 36.67
N PHE N 91 38.76 29.07 36.34
CA PHE N 91 37.44 29.16 36.99
C PHE N 91 37.61 28.97 38.49
N ALA N 92 38.39 27.95 38.90
CA ALA N 92 38.59 27.65 40.33
C ALA N 92 39.30 28.82 41.04
N MET N 93 40.31 29.41 40.40
CA MET N 93 41.05 30.53 41.02
C MET N 93 40.10 31.71 41.23
N LEU N 94 39.26 32.01 40.23
CA LEU N 94 38.25 33.09 40.39
C LEU N 94 37.27 32.70 41.49
N ALA N 95 36.87 31.43 41.54
CA ALA N 95 35.88 30.98 42.54
C ALA N 95 36.40 31.17 43.96
N VAL N 96 37.67 30.80 44.20
CA VAL N 96 38.23 30.90 45.59
C VAL N 96 38.28 32.38 45.99
N LEU N 97 38.69 33.26 45.05
CA LEU N 97 38.74 34.71 45.34
C LEU N 97 37.32 35.19 45.62
N GLY N 98 36.36 34.74 44.80
CA GLY N 98 34.95 35.14 44.99
C GLY N 98 34.40 34.64 46.31
N PHE N 99 34.73 33.41 46.71
CA PHE N 99 34.19 32.82 47.96
C PHE N 99 34.65 33.67 49.15
N ILE N 100 35.90 34.13 49.12
CA ILE N 100 36.46 34.92 50.26
C ILE N 100 35.97 36.37 50.19
N VAL N 101 36.03 37.01 49.02
CA VAL N 101 35.65 38.42 48.91
C VAL N 101 34.17 38.60 49.21
N GLN N 102 33.33 37.65 48.72
CA GLN N 102 31.90 37.65 49.00
C GLN N 102 31.61 37.52 50.48
N GLU N 103 32.50 36.85 51.23
CA GLU N 103 32.37 36.94 52.68
C GLU N 103 32.72 38.33 53.20
N LEU N 104 33.85 38.90 52.73
CA LEU N 104 34.27 40.23 53.21
C LEU N 104 33.28 41.33 52.83
N TYR N 105 32.83 41.35 51.58
CA TYR N 105 31.93 42.40 51.13
C TYR N 105 30.88 41.78 50.20
N THR N 106 29.71 42.42 50.14
CA THR N 106 28.72 42.15 49.09
C THR N 106 28.14 43.48 48.65
N PHE N 107 27.63 43.51 47.41
CA PHE N 107 27.12 44.74 46.81
C PHE N 107 25.85 45.17 47.54
N PRO N 108 25.66 46.49 47.75
CA PRO N 108 24.50 47.00 48.50
C PRO N 108 23.15 46.63 47.89
N PHE N 109 23.05 46.55 46.56
CA PHE N 109 21.79 46.22 45.94
C PHE N 109 21.43 44.74 46.10
N PHE N 110 22.39 43.86 46.47
CA PHE N 110 22.04 42.46 46.69
C PHE N 110 21.97 42.15 48.17
N PRO N 111 21.06 41.24 48.59
CA PRO N 111 21.01 40.83 50.00
C PRO N 111 22.25 40.06 50.42
N LYS N 112 22.64 40.23 51.68
CA LYS N 112 23.78 39.51 52.26
C LYS N 112 23.39 38.07 52.56
N MET N 113 24.29 37.15 52.24
CA MET N 113 24.12 35.69 52.31
C MET N 113 25.43 35.02 51.92
N ALA N 114 25.51 33.73 52.21
CA ALA N 114 26.64 32.85 51.97
C ALA N 114 26.65 32.43 50.49
N PRO N 115 27.84 32.14 49.93
CA PRO N 115 27.96 31.84 48.48
C PRO N 115 27.15 30.66 47.93
N VAL N 116 26.93 29.58 48.69
CA VAL N 116 26.08 28.50 48.17
C VAL N 116 24.62 28.96 48.09
N ASP N 117 24.15 29.63 49.15
CA ASP N 117 22.85 30.31 49.10
C ASP N 117 22.81 31.38 48.03
N ALA N 118 23.95 32.00 47.71
CA ALA N 118 24.02 32.93 46.59
C ALA N 118 23.76 32.20 45.28
N HIS N 119 24.31 30.98 45.11
CA HIS N 119 24.01 30.19 43.91
C HIS N 119 22.52 29.95 43.76
N ASP N 120 21.86 29.53 44.85
CA ASP N 120 20.45 29.18 44.75
C ASP N 120 19.56 30.42 44.55
N TYR N 121 19.89 31.52 45.25
CA TYR N 121 19.18 32.79 45.11
C TYR N 121 19.27 33.32 43.69
N PHE N 122 20.44 33.22 43.08
CA PHE N 122 20.58 33.74 41.73
C PHE N 122 20.15 32.75 40.65
N VAL N 123 19.96 31.47 41.00
CA VAL N 123 19.19 30.59 40.13
C VAL N 123 17.76 31.09 40.02
N LYS N 124 17.16 31.44 41.17
CA LYS N 124 15.76 31.83 41.14
C LYS N 124 15.56 33.31 40.79
N GLN N 125 16.60 34.13 40.86
CA GLN N 125 16.43 35.56 40.69
C GLN N 125 16.60 35.99 39.23
N GLY N 126 17.55 35.40 38.52
CA GLY N 126 17.76 35.77 37.14
C GLY N 126 19.20 36.13 36.84
N GLY N 127 19.95 36.49 37.88
CA GLY N 127 21.35 36.84 37.72
C GLY N 127 22.20 35.68 37.25
N GLY N 128 21.88 34.48 37.75
CA GLY N 128 22.60 33.27 37.34
C GLY N 128 22.48 32.98 35.87
N SER N 129 21.28 33.19 35.30
CA SER N 129 21.07 33.01 33.87
C SER N 129 21.89 34.02 33.07
N GLN N 130 21.98 35.27 33.55
CA GLN N 130 22.83 36.27 32.91
C GLN N 130 24.28 35.84 32.91
N ILE N 131 24.78 35.28 34.03
CA ILE N 131 26.18 34.87 34.10
C ILE N 131 26.42 33.67 33.18
N ILE N 132 25.47 32.72 33.18
CA ILE N 132 25.54 31.52 32.33
C ILE N 132 25.54 31.90 30.86
N PHE N 133 24.66 32.84 30.48
CA PHE N 133 24.59 33.32 29.10
C PHE N 133 25.88 34.01 28.67
N TRP N 134 26.43 34.90 29.51
CA TRP N 134 27.63 35.63 29.08
C TRP N 134 28.86 34.73 29.04
N ILE N 135 28.95 33.76 29.97
CA ILE N 135 30.01 32.74 29.90
C ILE N 135 29.86 31.91 28.64
N SER N 136 28.62 31.51 28.31
CA SER N 136 28.33 30.72 27.11
C SER N 136 28.68 31.47 25.83
N PHE N 137 28.38 32.78 25.83
CA PHE N 137 28.74 33.68 24.75
C PHE N 137 30.25 33.73 24.53
N VAL N 138 31.02 33.90 25.61
CA VAL N 138 32.48 33.91 25.51
C VAL N 138 32.99 32.53 25.09
N GLU N 139 32.35 31.46 25.59
CA GLU N 139 32.75 30.10 25.27
C GLU N 139 32.52 29.72 23.81
N LEU N 140 31.65 30.44 23.09
CA LEU N 140 31.55 30.26 21.63
C LEU N 140 32.86 30.59 20.93
N PHE N 141 33.41 31.76 21.20
CA PHE N 141 34.72 32.10 20.67
C PHE N 141 35.83 31.28 21.32
N GLY N 142 35.56 30.73 22.51
CA GLY N 142 36.44 29.71 23.07
C GLY N 142 36.44 28.41 22.28
N VAL N 143 35.30 28.01 21.72
CA VAL N 143 35.21 26.84 20.83
C VAL N 143 36.05 27.07 19.59
N VAL N 144 35.94 28.28 19.02
CA VAL N 144 36.77 28.66 17.87
C VAL N 144 38.26 28.63 18.25
N ALA N 145 38.59 29.11 19.46
CA ALA N 145 39.96 29.11 19.97
C ALA N 145 40.52 27.69 20.13
N LEU N 146 39.68 26.76 20.62
CA LEU N 146 40.12 25.38 20.79
C LEU N 146 40.34 24.70 19.45
N PHE N 147 39.50 25.03 18.47
CA PHE N 147 39.74 24.55 17.11
C PHE N 147 41.05 25.09 16.54
N GLU N 148 41.36 26.36 16.84
CA GLU N 148 42.64 26.94 16.41
C GLU N 148 43.81 26.25 17.09
N THR N 149 43.64 25.83 18.35
CA THR N 149 44.67 25.09 19.08
C THR N 149 44.90 23.72 18.47
N LEU N 150 43.81 23.00 18.15
CA LEU N 150 43.89 21.69 17.49
C LEU N 150 44.57 21.77 16.14
N GLN N 151 44.37 22.87 15.41
CA GLN N 151 45.00 23.08 14.12
C GLN N 151 46.43 23.60 14.23
N GLY N 152 46.99 23.65 15.44
CA GLY N 152 48.38 23.96 15.65
C GLY N 152 48.77 25.42 15.78
N LYS N 153 47.88 26.39 15.59
CA LYS N 153 48.33 27.77 15.55
C LYS N 153 48.04 28.55 16.83
N ARG N 154 47.89 27.89 17.97
CA ARG N 154 47.66 28.60 19.22
C ARG N 154 48.11 27.70 20.36
N GLU N 155 48.77 28.29 21.37
CA GLU N 155 49.09 27.57 22.59
C GLU N 155 47.79 27.31 23.34
N PRO N 156 47.68 26.18 24.09
CA PRO N 156 46.39 25.80 24.70
C PRO N 156 45.76 26.80 25.66
N GLY N 157 46.50 27.52 26.48
CA GLY N 157 45.81 28.47 27.31
C GLY N 157 45.94 29.92 26.87
N ASP N 158 46.42 30.17 25.67
CA ASP N 158 46.72 31.52 25.23
C ASP N 158 45.52 32.18 24.58
N PHE N 159 45.04 33.27 25.16
CA PHE N 159 44.00 34.09 24.56
C PHE N 159 44.49 35.50 24.26
N ALA N 160 45.82 35.72 24.34
CA ALA N 160 46.49 37.01 24.13
C ALA N 160 45.97 38.09 25.09
N PHE N 161 45.65 37.67 26.30
CA PHE N 161 45.07 38.54 27.32
C PHE N 161 46.19 39.02 28.23
N ASP N 162 46.83 40.11 27.83
CA ASP N 162 47.84 40.81 28.62
C ASP N 162 47.61 42.32 28.60
N PRO N 163 46.48 42.82 29.15
CA PRO N 163 46.21 44.27 29.07
C PRO N 163 47.24 45.13 29.78
N LEU N 164 47.74 44.68 30.92
CA LEU N 164 48.62 45.47 31.75
C LEU N 164 50.09 45.23 31.47
N GLY N 165 50.42 44.51 30.40
CA GLY N 165 51.79 44.28 29.96
C GLY N 165 52.72 43.63 30.97
N LEU N 166 52.18 42.81 31.88
CA LEU N 166 52.97 42.22 32.96
C LEU N 166 54.04 41.27 32.42
N ALA N 167 53.72 40.55 31.33
CA ALA N 167 54.72 39.65 30.71
C ALA N 167 55.77 40.48 29.95
N LYS N 168 56.71 41.11 30.67
CA LYS N 168 57.71 41.99 30.04
C LYS N 168 58.63 41.22 29.08
N ASP N 169 59.07 40.03 29.47
CA ASP N 169 60.05 39.27 28.63
C ASP N 169 59.66 37.79 28.55
N GLU N 170 60.23 37.05 27.59
CA GLU N 170 59.87 35.63 27.40
C GLU N 170 60.21 34.80 28.63
N ALA N 171 61.37 35.06 29.26
CA ALA N 171 61.75 34.32 30.50
C ALA N 171 60.73 34.62 31.61
N THR N 172 60.29 35.88 31.71
CA THR N 172 59.28 36.27 32.72
C THR N 172 57.98 35.50 32.43
N LEU N 173 57.62 35.38 31.15
CA LEU N 173 56.38 34.66 30.77
C LEU N 173 56.47 33.19 31.19
N GLU N 174 57.65 32.57 31.03
CA GLU N 174 57.80 31.13 31.37
C GLU N 174 57.59 30.93 32.88
N ARG N 175 58.22 31.77 33.70
CA ARG N 175 58.03 31.70 35.15
C ARG N 175 56.58 32.01 35.54
N TYR N 176 55.96 32.99 34.87
CA TYR N 176 54.58 33.37 35.14
C TYR N 176 53.61 32.25 34.81
N ARG N 177 53.83 31.54 33.69
CA ARG N 177 52.92 30.46 33.35
C ARG N 177 53.15 29.22 34.19
N LEU N 178 54.38 29.01 34.68
CA LEU N 178 54.60 27.99 35.71
C LEU N 178 53.82 28.30 36.98
N ALA N 179 53.85 29.58 37.40
CA ALA N 179 53.08 30.03 38.57
C ALA N 179 51.58 29.89 38.33
N GLU N 180 51.12 30.17 37.10
CA GLU N 180 49.71 30.04 36.75
C GLU N 180 49.24 28.59 36.85
N VAL N 181 50.06 27.65 36.35
CA VAL N 181 49.74 26.22 36.39
C VAL N 181 49.68 25.74 37.84
N LYS N 182 50.68 26.11 38.66
CA LYS N 182 50.72 25.72 40.07
C LYS N 182 49.54 26.29 40.86
N HIS N 183 49.24 27.58 40.65
CA HIS N 183 48.10 28.22 41.32
C HIS N 183 46.78 27.62 40.88
N ALA N 184 46.68 27.26 39.59
CA ALA N 184 45.44 26.70 39.04
C ALA N 184 45.13 25.36 39.67
N ARG N 185 46.15 24.50 39.76
CA ARG N 185 46.01 23.18 40.40
C ARG N 185 45.68 23.30 41.90
N LEU N 186 46.38 24.21 42.59
CA LEU N 186 46.18 24.44 44.02
C LEU N 186 44.77 24.96 44.31
N ALA N 187 44.29 25.87 43.46
CA ALA N 187 42.95 26.41 43.61
C ALA N 187 41.84 25.40 43.33
N MET N 188 42.06 24.43 42.42
CA MET N 188 41.06 23.38 42.20
C MET N 188 40.83 22.59 43.48
N ILE N 189 41.94 22.21 44.12
CA ILE N 189 41.90 21.57 45.43
C ILE N 189 41.23 22.46 46.48
N ALA N 190 41.57 23.76 46.47
CA ALA N 190 41.08 24.70 47.49
C ALA N 190 39.57 24.90 47.41
N ILE N 191 39.03 25.09 46.20
CA ILE N 191 37.59 25.36 46.01
C ILE N 191 36.77 24.17 46.46
N GLY N 192 37.31 22.95 46.20
CA GLY N 192 36.64 21.73 46.61
C GLY N 192 36.52 21.70 48.12
N GLY N 193 37.62 22.10 48.80
CA GLY N 193 37.64 22.15 50.25
C GLY N 193 36.62 23.09 50.84
N PHE N 194 36.53 24.32 50.30
CA PHE N 194 35.62 25.33 50.87
C PHE N 194 34.17 24.89 50.76
N ILE N 195 33.78 24.42 49.56
CA ILE N 195 32.37 24.03 49.33
C ILE N 195 32.00 22.80 50.15
N HIS N 196 32.87 21.77 50.16
CA HIS N 196 32.59 20.54 50.91
C HIS N 196 32.56 20.78 52.42
N GLN N 197 33.50 21.58 52.95
CA GLN N 197 33.49 21.90 54.38
C GLN N 197 32.28 22.72 54.77
N TYR N 198 31.88 23.68 53.91
CA TYR N 198 30.65 24.44 54.14
C TYR N 198 29.46 23.51 54.28
N TRP N 199 29.44 22.45 53.46
CA TRP N 199 28.38 21.46 53.54
C TRP N 199 28.46 20.72 54.87
N VAL N 200 29.64 20.21 55.23
CA VAL N 200 29.77 19.40 56.45
C VAL N 200 29.58 20.27 57.70
N THR N 201 30.23 21.43 57.78
CA THR N 201 30.03 22.36 58.88
C THR N 201 29.57 23.68 58.29
N LYS N 202 28.39 24.14 58.68
CA LYS N 202 27.76 25.29 58.02
C LYS N 202 28.36 26.62 58.47
N GLN N 203 29.66 26.79 58.22
CA GLN N 203 30.40 28.00 58.53
C GLN N 203 31.23 28.36 57.31
N THR N 204 31.40 29.65 57.08
CA THR N 204 32.10 30.09 55.90
C THR N 204 33.59 29.95 56.17
N VAL N 205 34.39 29.99 55.08
CA VAL N 205 35.83 29.68 55.17
C VAL N 205 36.59 30.62 56.11
N LEU N 206 36.33 31.93 56.02
CA LEU N 206 37.01 32.88 56.89
C LEU N 206 36.52 32.74 58.32
N GLU N 207 35.21 32.56 58.50
CA GLU N 207 34.65 32.30 59.82
C GLU N 207 35.02 30.92 60.36
N GLN N 208 35.28 29.92 59.51
CA GLN N 208 35.71 28.62 60.01
C GLN N 208 37.15 28.66 60.49
N LEU N 209 38.01 29.40 59.77
CA LEU N 209 39.34 29.70 60.31
C LEU N 209 39.23 30.54 61.57
N GLY N 210 38.27 31.46 61.62
CA GLY N 210 38.10 32.32 62.78
C GLY N 210 37.63 31.56 64.02
N ASN N 211 36.72 30.61 63.83
CA ASN N 211 36.28 29.75 64.91
C ASN N 211 37.15 28.51 64.92
N PHE N 212 36.75 27.50 65.70
CA PHE N 212 37.48 26.25 65.98
C PHE N 212 38.92 26.45 66.46
N GLU O 42 22.74 47.54 -27.42
CA GLU O 42 21.42 48.14 -27.54
C GLU O 42 20.66 47.96 -26.23
N MET O 43 19.94 48.99 -25.82
CA MET O 43 19.27 48.97 -24.53
C MET O 43 17.82 49.41 -24.73
N SER O 44 16.95 48.91 -23.86
CA SER O 44 15.55 49.28 -23.88
C SER O 44 15.40 50.76 -23.54
N GLU O 45 14.41 51.39 -24.18
CA GLU O 45 14.14 52.81 -23.94
C GLU O 45 13.25 53.00 -22.73
N ALA O 46 12.21 52.18 -22.61
CA ALA O 46 11.34 52.20 -21.43
C ALA O 46 12.12 51.85 -20.17
N ILE O 47 12.94 50.82 -20.23
CA ILE O 47 13.69 50.37 -19.06
C ILE O 47 15.17 50.47 -19.38
N PRO O 48 15.80 51.62 -19.09
CA PRO O 48 17.13 51.93 -19.63
C PRO O 48 18.26 51.00 -19.20
N PHE O 49 18.11 50.28 -18.09
CA PHE O 49 19.15 49.36 -17.66
C PHE O 49 18.97 47.95 -18.24
N MET O 50 17.84 47.66 -18.94
CA MET O 50 17.71 46.34 -19.53
C MET O 50 18.03 46.37 -21.03
N PRO O 51 18.49 45.25 -21.62
CA PRO O 51 18.71 45.22 -23.06
C PRO O 51 17.40 45.21 -23.83
N LYS O 52 17.51 45.64 -25.10
CA LYS O 52 16.37 45.76 -25.99
C LYS O 52 15.73 44.41 -26.27
N PRO O 53 14.42 44.28 -26.16
CA PRO O 53 13.73 43.07 -26.60
C PRO O 53 13.85 42.91 -28.10
N ALA O 54 14.32 41.74 -28.53
CA ALA O 54 14.80 41.55 -29.90
C ALA O 54 13.68 41.58 -30.94
N ASN O 55 12.46 41.19 -30.58
CA ASN O 55 11.43 40.98 -31.58
C ASN O 55 10.42 42.12 -31.65
N ILE O 56 10.59 43.18 -30.87
CA ILE O 56 9.82 44.39 -31.06
C ILE O 56 10.74 45.45 -31.66
N ASP O 57 10.14 46.40 -32.35
CA ASP O 57 10.84 47.34 -33.22
C ASP O 57 10.09 48.67 -33.20
N SER O 58 10.82 49.75 -33.52
CA SER O 58 10.28 51.11 -33.60
C SER O 58 9.18 51.28 -34.64
N SER O 59 9.13 50.42 -35.67
CA SER O 59 8.08 50.42 -36.68
C SER O 59 6.69 50.26 -36.08
N MET O 60 6.58 49.55 -34.99
CA MET O 60 5.27 49.28 -34.42
C MET O 60 4.78 50.51 -33.68
N PRO O 61 3.51 50.92 -33.89
CA PRO O 61 3.04 52.26 -33.47
C PRO O 61 3.20 52.63 -32.00
N GLY O 62 2.91 51.70 -31.09
CA GLY O 62 3.00 52.05 -29.69
C GLY O 62 4.27 51.57 -29.03
N TYR O 63 5.33 51.42 -29.80
CA TYR O 63 6.60 50.87 -29.32
C TYR O 63 7.24 51.76 -28.26
N ALA O 64 7.61 51.14 -27.15
CA ALA O 64 8.43 51.80 -26.15
C ALA O 64 9.66 50.98 -25.77
N GLY O 65 9.87 49.82 -26.38
CA GLY O 65 10.92 48.94 -25.91
C GLY O 65 10.55 48.21 -24.64
N PHE O 66 9.26 48.03 -24.39
CA PHE O 66 8.80 47.46 -23.13
C PHE O 66 8.36 46.01 -23.33
N ASP O 67 9.27 45.10 -23.06
CA ASP O 67 8.90 43.70 -22.95
C ASP O 67 9.78 43.03 -21.90
N PRO O 68 9.68 43.41 -20.58
CA PRO O 68 10.57 42.80 -19.55
C PRO O 68 10.49 41.29 -19.43
N LEU O 69 9.28 40.73 -19.35
CA LEU O 69 9.08 39.31 -19.52
C LEU O 69 8.91 39.11 -21.01
N GLY O 70 9.85 38.43 -21.65
CA GLY O 70 9.91 38.47 -23.09
C GLY O 70 8.87 37.64 -23.83
N PHE O 71 7.61 38.09 -23.84
CA PHE O 71 6.55 37.42 -24.60
C PHE O 71 6.87 37.33 -26.09
N THR O 72 7.43 38.38 -26.68
CA THR O 72 7.80 38.36 -28.08
C THR O 72 8.99 37.46 -28.40
N ASP O 73 9.81 37.10 -27.42
CA ASP O 73 10.84 36.12 -27.67
C ASP O 73 10.29 34.71 -27.83
N TYR O 74 9.05 34.47 -27.43
CA TYR O 74 8.44 33.15 -27.52
C TYR O 74 7.25 33.14 -28.47
N TYR O 75 6.33 34.08 -28.32
CA TYR O 75 5.18 34.18 -29.18
C TYR O 75 5.47 35.09 -30.37
N SER O 76 4.62 34.98 -31.38
CA SER O 76 4.73 35.81 -32.57
C SER O 76 4.43 37.25 -32.22
N ALA O 77 5.31 38.16 -32.62
CA ALA O 77 5.12 39.59 -32.33
C ALA O 77 3.88 40.13 -33.02
N LYS O 78 3.54 39.63 -34.20
CA LYS O 78 2.40 40.16 -34.94
C LYS O 78 1.07 39.66 -34.39
N TRP O 79 1.03 38.42 -33.88
CA TRP O 79 -0.13 37.93 -33.14
C TRP O 79 -0.38 38.75 -31.88
N MET O 80 0.68 39.06 -31.12
CA MET O 80 0.57 39.90 -29.94
C MET O 80 0.07 41.30 -30.29
N GLN O 81 0.53 41.86 -31.42
CA GLN O 81 0.02 43.18 -31.82
C GLN O 81 -1.45 43.15 -32.18
N GLU O 82 -1.90 42.14 -32.94
CA GLU O 82 -3.32 42.02 -33.28
C GLU O 82 -4.17 41.87 -32.03
N ALA O 83 -3.68 41.07 -31.06
CA ALA O 83 -4.39 40.89 -29.81
C ALA O 83 -4.43 42.16 -28.98
N GLU O 84 -3.31 42.91 -28.93
CA GLU O 84 -3.26 44.17 -28.19
C GLU O 84 -4.20 45.21 -28.79
N ILE O 85 -4.22 45.30 -30.12
CA ILE O 85 -5.09 46.27 -30.79
C ILE O 85 -6.56 45.90 -30.59
N LYS O 86 -6.90 44.60 -30.67
CA LYS O 86 -8.31 44.20 -30.51
C LYS O 86 -8.78 44.35 -29.06
N HIS O 87 -7.95 43.96 -28.08
CA HIS O 87 -8.21 44.25 -26.67
C HIS O 87 -8.39 45.74 -26.42
N GLY O 88 -7.57 46.56 -27.09
CA GLY O 88 -7.66 48.00 -26.92
C GLY O 88 -8.95 48.60 -27.45
N ARG O 89 -9.39 48.18 -28.64
CA ARG O 89 -10.67 48.63 -29.19
C ARG O 89 -11.87 48.20 -28.35
N VAL O 90 -11.84 46.95 -27.85
CA VAL O 90 -12.89 46.45 -26.98
C VAL O 90 -12.94 47.26 -25.69
N CYS O 91 -11.77 47.57 -25.10
CA CYS O 91 -11.74 48.36 -23.87
C CYS O 91 -12.05 49.84 -24.09
N MET O 92 -11.78 50.39 -25.29
CA MET O 92 -12.19 51.76 -25.59
C MET O 92 -13.71 51.89 -25.60
N LEU O 93 -14.39 50.98 -26.29
CA LEU O 93 -15.85 50.91 -26.22
C LEU O 93 -16.34 50.61 -24.82
N ALA O 94 -15.62 49.77 -24.07
CA ALA O 94 -16.10 49.34 -22.76
C ALA O 94 -15.98 50.44 -21.72
N ALA O 95 -14.91 51.24 -21.78
CA ALA O 95 -14.78 52.38 -20.89
C ALA O 95 -15.83 53.44 -21.18
N LEU O 96 -16.07 53.72 -22.47
CA LEU O 96 -17.17 54.61 -22.86
C LEU O 96 -18.52 54.06 -22.39
N GLY O 97 -18.69 52.74 -22.43
CA GLY O 97 -19.94 52.15 -22.02
C GLY O 97 -20.17 52.11 -20.53
N MET O 98 -19.10 51.96 -19.76
CA MET O 98 -19.24 52.08 -18.31
C MET O 98 -19.60 53.52 -17.93
N VAL O 99 -19.07 54.54 -18.65
CA VAL O 99 -19.39 55.91 -18.23
C VAL O 99 -20.71 56.41 -18.79
N PHE O 100 -21.11 56.04 -20.03
CA PHE O 100 -22.12 56.79 -20.76
C PHE O 100 -23.53 56.74 -20.14
N PRO O 101 -24.12 55.54 -19.71
CA PRO O 101 -25.45 55.58 -19.07
C PRO O 101 -25.59 56.32 -17.75
N GLU O 102 -24.50 56.87 -17.21
CA GLU O 102 -24.60 57.89 -16.17
C GLU O 102 -25.28 59.13 -16.69
N PHE O 103 -25.00 59.51 -17.95
CA PHE O 103 -25.61 60.71 -18.51
C PHE O 103 -26.99 60.41 -19.06
N ALA O 104 -27.10 59.44 -19.96
CA ALA O 104 -28.33 59.23 -20.67
C ALA O 104 -28.45 57.75 -20.99
N LYS O 105 -29.67 57.28 -21.00
CA LYS O 105 -29.96 55.90 -21.31
C LYS O 105 -30.84 55.87 -22.54
N PHE O 106 -30.75 54.76 -23.27
CA PHE O 106 -31.71 54.52 -24.34
C PHE O 106 -33.09 54.36 -23.72
N PRO O 107 -34.15 54.88 -24.37
CA PRO O 107 -35.51 54.92 -23.77
C PRO O 107 -36.05 53.58 -23.32
N GLN O 108 -35.68 52.54 -24.05
CA GLN O 108 -36.08 51.17 -23.77
C GLN O 108 -35.53 50.70 -22.43
N PHE O 109 -34.24 50.94 -22.22
CA PHE O 109 -33.53 50.63 -20.98
C PHE O 109 -33.48 51.79 -20.01
N ALA O 110 -34.46 52.71 -20.06
CA ALA O 110 -34.45 53.89 -19.18
C ALA O 110 -34.61 53.51 -17.71
N SER O 111 -35.32 52.42 -17.44
CA SER O 111 -35.50 51.88 -16.10
C SER O 111 -34.26 51.15 -15.57
N PHE O 112 -33.29 50.84 -16.43
CA PHE O 112 -32.16 50.02 -16.03
C PHE O 112 -31.21 50.83 -15.14
N SER O 113 -30.38 50.12 -14.39
CA SER O 113 -29.55 50.74 -13.37
C SER O 113 -28.32 51.40 -13.97
N THR O 114 -27.75 52.36 -13.24
CA THR O 114 -26.55 53.03 -13.69
C THR O 114 -25.27 52.34 -13.24
N ASN O 115 -25.37 51.48 -12.22
CA ASN O 115 -24.29 50.54 -11.95
C ASN O 115 -24.26 49.56 -13.12
N PRO O 116 -23.15 49.46 -13.85
CA PRO O 116 -23.13 48.61 -15.06
C PRO O 116 -23.23 47.12 -14.76
N LEU O 117 -22.72 46.67 -13.62
CA LEU O 117 -22.69 45.25 -13.28
C LEU O 117 -24.06 44.70 -12.90
N GLU O 118 -25.04 45.56 -12.63
CA GLU O 118 -26.43 45.17 -12.42
C GLU O 118 -27.23 45.25 -13.71
N ALA O 119 -26.96 46.31 -14.50
CA ALA O 119 -27.53 46.46 -15.83
C ALA O 119 -27.09 45.35 -16.77
N PHE O 120 -25.97 44.68 -16.48
CA PHE O 120 -25.58 43.49 -17.23
C PHE O 120 -26.61 42.38 -17.08
N TYR O 121 -27.08 42.15 -15.85
CA TYR O 121 -28.08 41.10 -15.62
C TYR O 121 -29.50 41.55 -15.91
N GLN O 122 -29.75 42.85 -15.97
CA GLN O 122 -31.11 43.28 -16.26
C GLN O 122 -31.49 43.12 -17.73
N VAL O 123 -30.52 42.99 -18.62
CA VAL O 123 -30.79 42.80 -20.04
C VAL O 123 -31.21 41.35 -20.29
N SER O 124 -32.19 41.17 -21.16
CA SER O 124 -32.75 39.87 -21.48
C SER O 124 -31.75 39.07 -22.32
N PRO O 125 -31.81 37.73 -22.24
CA PRO O 125 -30.91 36.89 -23.06
C PRO O 125 -31.11 36.98 -24.57
N ALA O 126 -32.29 37.39 -25.05
CA ALA O 126 -32.45 37.65 -26.48
C ALA O 126 -31.60 38.85 -26.89
N GLY O 127 -31.52 39.86 -26.02
CA GLY O 127 -30.68 41.01 -26.30
C GLY O 127 -29.21 40.68 -26.31
N TRP O 128 -28.75 39.90 -25.33
CA TRP O 128 -27.35 39.46 -25.29
C TRP O 128 -27.02 38.52 -26.44
N GLY O 129 -28.00 37.72 -26.88
CA GLY O 129 -27.81 36.88 -28.05
C GLY O 129 -27.62 37.68 -29.32
N GLN O 130 -28.39 38.76 -29.49
CA GLN O 130 -28.20 39.65 -30.64
C GLN O 130 -26.85 40.38 -30.57
N ILE O 131 -26.42 40.79 -29.36
CA ILE O 131 -25.09 41.39 -29.21
C ILE O 131 -24.00 40.40 -29.58
N PHE O 132 -24.12 39.15 -29.12
CA PHE O 132 -23.14 38.12 -29.40
C PHE O 132 -23.09 37.78 -30.90
N LEU O 133 -24.26 37.75 -31.56
CA LEU O 133 -24.31 37.51 -33.00
C LEU O 133 -23.66 38.64 -33.79
N PHE O 134 -23.92 39.90 -33.41
CA PHE O 134 -23.33 41.05 -34.12
C PHE O 134 -21.81 41.07 -33.98
N ILE O 135 -21.32 40.79 -32.77
CA ILE O 135 -19.87 40.69 -32.54
C ILE O 135 -19.30 39.52 -33.32
N GLY O 136 -20.06 38.41 -33.44
CA GLY O 136 -19.63 37.28 -34.25
C GLY O 136 -19.50 37.61 -35.73
N VAL O 137 -20.45 38.39 -36.26
CA VAL O 137 -20.41 38.85 -37.65
C VAL O 137 -19.17 39.73 -37.86
N LEU O 138 -18.87 40.61 -36.90
CA LEU O 138 -17.67 41.42 -36.99
C LEU O 138 -16.41 40.59 -36.85
N GLU O 139 -16.46 39.52 -36.08
CA GLU O 139 -15.30 38.69 -35.87
C GLU O 139 -15.05 37.72 -36.99
N THR O 140 -16.00 37.52 -37.91
CA THR O 140 -15.71 36.73 -39.11
C THR O 140 -14.61 37.35 -39.95
N PHE O 141 -14.55 38.69 -40.01
CA PHE O 141 -13.52 39.36 -40.78
C PHE O 141 -12.15 39.23 -40.12
N SER O 142 -12.12 39.23 -38.79
CA SER O 142 -10.87 38.97 -38.09
C SER O 142 -10.49 37.49 -38.12
N TYR O 143 -11.46 36.57 -38.08
CA TYR O 143 -11.19 35.15 -38.26
C TYR O 143 -10.69 34.87 -39.67
N GLU O 144 -11.05 35.70 -40.62
CA GLU O 144 -10.53 35.51 -41.96
C GLU O 144 -9.17 36.16 -42.10
N LYS O 145 -8.94 37.29 -41.41
CA LYS O 145 -7.65 37.97 -41.44
C LYS O 145 -6.55 37.15 -40.77
N SER O 146 -6.69 36.89 -39.47
CA SER O 146 -5.86 35.90 -38.81
C SER O 146 -6.28 34.51 -39.28
N PHE O 147 -5.37 33.55 -39.20
CA PHE O 147 -5.51 32.14 -39.59
C PHE O 147 -5.55 31.88 -41.09
N TYR O 148 -5.79 32.90 -41.94
CA TYR O 148 -5.68 32.66 -43.38
C TYR O 148 -4.68 33.58 -44.08
N ASN O 149 -4.93 34.89 -44.12
CA ASN O 149 -3.91 35.82 -44.61
C ASN O 149 -3.27 36.57 -43.43
N PHE O 150 -2.58 35.78 -42.59
CA PHE O 150 -1.90 36.31 -41.42
C PHE O 150 -0.79 37.28 -41.81
N GLU O 151 -0.03 36.97 -42.86
CA GLU O 151 1.11 37.78 -43.21
C GLU O 151 0.80 38.93 -44.15
N GLY O 152 -0.45 39.06 -44.61
CA GLY O 152 -0.77 40.14 -45.50
C GLY O 152 -1.42 41.32 -44.81
N GLY O 153 -0.63 42.36 -44.56
CA GLY O 153 -1.18 43.58 -44.01
C GLY O 153 -0.45 44.19 -42.84
N ALA O 154 -1.19 44.86 -41.98
CA ALA O 154 -0.72 45.53 -40.78
C ALA O 154 -1.59 45.09 -39.63
N PRO O 155 -1.05 45.06 -38.41
CA PRO O 155 -1.85 44.65 -37.25
C PRO O 155 -3.04 45.57 -36.98
N GLY O 156 -4.20 44.94 -36.83
CA GLY O 156 -5.42 45.66 -36.58
C GLY O 156 -6.08 46.20 -37.82
N ALA O 157 -5.60 45.85 -39.01
CA ALA O 157 -6.10 46.44 -40.25
C ALA O 157 -7.24 45.57 -40.75
N LEU O 158 -8.46 45.89 -40.32
CA LEU O 158 -9.64 45.13 -40.67
C LEU O 158 -10.39 45.74 -41.84
N GLY O 159 -9.75 46.63 -42.60
CA GLY O 159 -10.38 47.28 -43.74
C GLY O 159 -11.51 48.22 -43.37
N PHE O 160 -11.40 48.88 -42.24
CA PHE O 160 -12.46 49.77 -41.76
C PHE O 160 -11.91 51.20 -41.70
N ASP O 161 -11.98 51.88 -42.83
CA ASP O 161 -11.63 53.31 -42.91
C ASP O 161 -12.63 54.07 -43.75
N PRO O 162 -13.91 54.14 -43.31
CA PRO O 162 -14.95 54.77 -44.16
C PRO O 162 -14.76 56.25 -44.44
N LEU O 163 -14.28 57.01 -43.47
CA LEU O 163 -14.11 58.44 -43.61
C LEU O 163 -12.80 58.84 -44.26
N ARG O 164 -12.03 57.86 -44.73
CA ARG O 164 -10.79 58.04 -45.48
C ARG O 164 -9.78 58.90 -44.74
N MET O 165 -9.61 58.63 -43.45
CA MET O 165 -8.52 59.22 -42.70
C MET O 165 -7.26 58.40 -43.01
N SER O 166 -6.14 58.68 -42.35
CA SER O 166 -4.85 58.00 -42.52
C SER O 166 -4.30 58.05 -43.97
N SER O 167 -4.88 58.91 -44.83
CA SER O 167 -4.38 59.13 -46.18
C SER O 167 -3.10 59.94 -46.13
N ASN O 168 -3.16 61.08 -45.45
CA ASN O 168 -1.96 61.82 -45.10
C ASN O 168 -1.04 60.94 -44.25
N PRO O 169 0.24 60.84 -44.61
CA PRO O 169 1.18 59.98 -43.84
C PRO O 169 1.41 60.42 -42.40
N ALA O 170 1.55 61.74 -42.17
CA ALA O 170 1.69 62.28 -40.81
C ALA O 170 0.46 61.99 -39.95
N SER O 171 -0.73 62.18 -40.54
CA SER O 171 -1.97 61.85 -39.86
C SER O 171 -2.07 60.36 -39.57
N ALA O 172 -1.60 59.53 -40.51
CA ALA O 172 -1.59 58.08 -40.34
C ALA O 172 -0.72 57.65 -39.17
N LYS O 173 0.47 58.26 -39.05
CA LYS O 173 1.38 57.99 -37.93
C LYS O 173 0.77 58.40 -36.59
N GLN O 174 0.24 59.63 -36.53
CA GLN O 174 -0.38 60.16 -35.31
C GLN O 174 -1.57 59.33 -34.87
N TYR O 175 -2.40 58.91 -35.83
CA TYR O 175 -3.57 58.12 -35.52
C TYR O 175 -3.21 56.69 -35.08
N ALA O 176 -2.20 56.07 -35.72
CA ALA O 176 -1.74 54.74 -35.32
C ALA O 176 -1.28 54.72 -33.87
N ALA O 177 -0.38 55.66 -33.52
CA ALA O 177 0.16 55.72 -32.16
C ALA O 177 -0.93 56.11 -31.16
N ALA O 178 -1.85 56.98 -31.57
CA ALA O 178 -2.91 57.44 -30.70
C ALA O 178 -3.93 56.35 -30.42
N GLU O 179 -4.25 55.51 -31.43
CA GLU O 179 -5.12 54.37 -31.23
C GLU O 179 -4.53 53.38 -30.25
N VAL O 180 -3.22 53.12 -30.38
CA VAL O 180 -2.54 52.19 -29.46
C VAL O 180 -2.54 52.74 -28.03
N ARG O 181 -2.21 54.02 -27.87
CA ARG O 181 -2.10 54.58 -26.52
C ARG O 181 -3.46 54.75 -25.85
N ASN O 182 -4.49 55.17 -26.62
CA ASN O 182 -5.84 55.25 -26.05
C ASN O 182 -6.42 53.88 -25.78
N GLY O 183 -6.03 52.86 -26.55
CA GLY O 183 -6.43 51.50 -26.24
C GLY O 183 -5.83 50.98 -24.95
N ARG O 184 -4.53 51.23 -24.73
CA ARG O 184 -3.88 50.84 -23.49
C ARG O 184 -4.44 51.59 -22.27
N LEU O 185 -4.70 52.88 -22.45
CA LEU O 185 -5.28 53.71 -21.39
C LEU O 185 -6.69 53.25 -21.04
N ALA O 186 -7.49 52.91 -22.05
CA ALA O 186 -8.82 52.37 -21.82
C ALA O 186 -8.81 51.00 -21.15
N MET O 187 -7.79 50.17 -21.43
CA MET O 187 -7.65 48.88 -20.74
C MET O 187 -7.47 49.08 -19.24
N ILE O 188 -6.51 49.96 -18.88
CA ILE O 188 -6.26 50.30 -17.47
C ILE O 188 -7.50 50.94 -16.84
N GLY O 189 -8.13 51.85 -17.58
CA GLY O 189 -9.28 52.57 -17.08
C GLY O 189 -10.47 51.67 -16.82
N PHE O 190 -10.78 50.76 -17.76
CA PHE O 190 -11.89 49.82 -17.60
C PHE O 190 -11.64 48.84 -16.46
N SER O 191 -10.39 48.37 -16.32
CA SER O 191 -10.04 47.44 -15.24
C SER O 191 -10.28 48.04 -13.86
N GLY O 192 -9.81 49.30 -13.69
CA GLY O 192 -10.12 50.14 -12.54
C GLY O 192 -11.61 50.23 -12.28
N MET O 193 -12.34 50.75 -13.26
CA MET O 193 -13.78 51.05 -13.16
C MET O 193 -14.62 49.81 -12.85
N LEU O 194 -14.22 48.67 -13.40
CA LEU O 194 -14.86 47.40 -13.10
C LEU O 194 -14.71 47.02 -11.63
N HIS O 195 -13.46 47.02 -11.12
CA HIS O 195 -13.27 46.62 -9.71
C HIS O 195 -13.83 47.65 -8.73
N HIS O 196 -13.88 48.91 -9.16
CA HIS O 196 -14.49 49.95 -8.35
C HIS O 196 -16.00 49.76 -8.28
N ALA O 197 -16.61 49.34 -9.39
CA ALA O 197 -18.03 49.00 -9.41
C ALA O 197 -18.33 47.75 -8.59
N ILE O 198 -17.35 46.84 -8.47
CA ILE O 198 -17.53 45.72 -7.54
C ILE O 198 -17.53 46.20 -6.10
N VAL O 199 -16.60 47.10 -5.73
CA VAL O 199 -16.53 47.54 -4.34
C VAL O 199 -17.70 48.47 -3.98
N SER O 200 -17.76 49.64 -4.60
CA SER O 200 -18.89 50.54 -4.45
C SER O 200 -19.91 50.12 -5.49
N LYS O 201 -21.10 49.75 -5.05
CA LYS O 201 -22.11 49.18 -5.96
C LYS O 201 -22.80 50.28 -6.77
N GLN O 202 -22.02 51.01 -7.55
CA GLN O 202 -22.48 52.14 -8.36
C GLN O 202 -21.63 52.19 -9.62
N GLY O 203 -21.88 53.21 -10.42
CA GLY O 203 -21.11 53.44 -11.61
C GLY O 203 -19.98 54.40 -11.28
N PRO O 204 -19.11 54.68 -12.25
CA PRO O 204 -17.92 55.54 -11.98
C PRO O 204 -18.23 56.95 -11.52
N ILE O 205 -19.05 57.66 -12.30
CA ILE O 205 -19.38 59.07 -12.05
C ILE O 205 -20.11 59.24 -10.72
N THR O 206 -21.12 58.39 -10.47
CA THR O 206 -21.89 58.39 -9.23
C THR O 206 -21.00 58.17 -8.02
N GLN O 207 -20.08 57.19 -8.12
CA GLN O 207 -19.05 56.94 -7.11
C GLN O 207 -18.20 58.18 -6.82
N ILE O 208 -17.79 58.89 -7.87
CA ILE O 208 -16.96 60.08 -7.70
C ILE O 208 -17.73 61.20 -7.02
N VAL O 209 -18.94 61.48 -7.53
CA VAL O 209 -19.80 62.57 -7.05
C VAL O 209 -20.18 62.36 -5.59
N GLU O 210 -20.58 61.14 -5.23
CA GLU O 210 -20.94 60.82 -3.85
C GLU O 210 -19.70 60.64 -2.96
N GLN O 211 -18.50 60.72 -3.56
CA GLN O 211 -17.17 60.62 -2.91
C GLN O 211 -17.02 59.25 -2.20
N ASN O 212 -17.70 58.23 -2.72
CA ASN O 212 -17.56 56.86 -2.23
C ASN O 212 -16.26 56.27 -2.78
N PHE O 213 -15.15 56.74 -2.23
CA PHE O 213 -13.88 56.36 -2.82
C PHE O 213 -13.24 55.17 -2.13
N TYR O 214 -13.70 54.78 -0.96
CA TYR O 214 -13.04 53.70 -0.25
C TYR O 214 -14.12 52.73 0.21
N PRO O 215 -13.76 51.42 0.40
CA PRO O 215 -14.71 50.43 0.97
C PRO O 215 -15.41 50.89 2.24
N LYS O 216 -16.73 51.02 2.15
CA LYS O 216 -17.56 51.42 3.28
C LYS O 216 -17.62 50.29 4.29
N ALA P 30 49.59 38.12 11.25
CA ALA P 30 48.53 37.39 10.55
C ALA P 30 47.43 36.99 11.54
N LYS P 31 47.49 37.53 12.74
CA LYS P 31 46.40 37.40 13.69
C LYS P 31 45.39 38.50 13.46
N SER P 32 44.16 38.25 13.90
CA SER P 32 43.09 39.23 13.84
C SER P 32 43.40 40.40 14.77
N LYS P 33 42.97 41.59 14.37
CA LYS P 33 43.14 42.73 15.27
C LYS P 33 42.02 42.81 16.30
N ALA P 34 40.78 42.48 15.90
CA ALA P 34 39.68 42.46 16.85
C ALA P 34 39.86 41.32 17.85
N VAL P 35 40.13 40.13 17.35
CA VAL P 35 40.26 38.98 18.23
C VAL P 35 41.71 38.51 18.15
N PRO P 36 42.58 38.97 19.06
CA PRO P 36 44.05 38.79 18.91
C PRO P 36 44.51 37.35 18.93
N PHE P 37 43.74 36.45 19.51
CA PHE P 37 44.15 35.06 19.61
C PHE P 37 43.70 34.24 18.42
N LEU P 38 42.91 34.80 17.50
CA LEU P 38 42.55 34.08 16.30
C LEU P 38 43.32 34.59 15.10
N SER P 39 43.40 33.74 14.08
CA SER P 39 44.00 34.11 12.82
C SER P 39 43.09 35.03 12.03
N GLN P 40 43.71 35.88 11.21
CA GLN P 40 43.00 36.83 10.35
C GLN P 40 42.17 36.05 9.32
N PRO P 41 40.89 36.34 9.19
CA PRO P 41 40.08 35.58 8.22
C PRO P 41 40.39 36.05 6.82
N GLU P 42 40.51 35.09 5.91
CA GLU P 42 40.60 35.43 4.50
C GLU P 42 39.28 36.03 4.03
N ALA P 43 39.36 36.76 2.92
CA ALA P 43 38.39 37.69 2.31
C ALA P 43 38.22 38.96 3.14
N LEU P 44 38.96 39.12 4.24
CA LEU P 44 39.04 40.33 5.03
C LEU P 44 40.48 40.79 4.93
N ASP P 45 40.71 41.84 4.15
CA ASP P 45 42.06 42.33 3.88
C ASP P 45 42.29 43.77 4.27
N GLY P 46 41.38 44.37 5.04
CA GLY P 46 41.51 45.75 5.45
C GLY P 46 41.19 46.78 4.39
N SER P 47 40.71 46.36 3.22
CA SER P 47 40.31 47.32 2.19
C SER P 47 38.98 47.99 2.53
N MET P 48 38.00 47.18 2.95
CA MET P 48 36.63 47.73 3.22
C MET P 48 36.64 48.63 4.45
N ALA P 49 35.74 49.62 4.49
CA ALA P 49 35.62 50.49 5.68
C ALA P 49 35.00 49.67 6.81
N GLY P 50 35.48 49.84 8.05
CA GLY P 50 34.98 49.04 9.19
C GLY P 50 35.58 47.65 9.22
N ASP P 51 36.62 47.40 8.41
CA ASP P 51 37.28 46.07 8.38
C ASP P 51 38.31 46.04 9.50
N VAL P 52 37.96 45.42 10.62
CA VAL P 52 38.89 45.33 11.79
C VAL P 52 39.30 43.86 11.98
N GLY P 53 38.95 43.01 11.01
CA GLY P 53 39.31 41.58 11.11
C GLY P 53 38.31 40.77 11.93
N PHE P 54 37.16 41.34 12.25
CA PHE P 54 36.19 40.64 13.13
C PHE P 54 35.33 39.64 12.36
N ASP P 55 35.79 38.40 12.21
CA ASP P 55 34.97 37.32 11.60
C ASP P 55 35.36 35.99 12.27
N PRO P 56 35.09 35.79 13.58
CA PRO P 56 35.50 34.57 14.28
C PRO P 56 34.86 33.28 13.73
N PHE P 57 33.58 33.34 13.35
CA PHE P 57 32.86 32.13 12.87
C PHE P 57 33.18 31.87 11.40
N GLY P 58 33.97 32.75 10.77
CA GLY P 58 34.38 32.56 9.36
C GLY P 58 33.20 32.51 8.40
N ILE P 59 32.21 33.37 8.61
CA ILE P 59 31.05 33.46 7.67
C ILE P 59 31.58 33.89 6.30
N SER P 60 32.57 34.80 6.28
CA SER P 60 33.14 35.32 5.00
C SER P 60 33.82 34.22 4.19
N SER P 61 34.27 33.13 4.82
CA SER P 61 34.86 32.04 4.06
C SER P 61 33.83 31.18 3.34
N VAL P 62 32.57 31.18 3.79
CA VAL P 62 31.50 30.42 3.14
C VAL P 62 30.62 31.32 2.28
N ILE P 63 30.36 32.54 2.70
CA ILE P 63 29.49 33.47 1.98
C ILE P 63 30.38 34.56 1.44
N ASP P 64 30.21 34.90 0.17
CA ASP P 64 31.00 35.94 -0.50
C ASP P 64 30.85 37.27 0.23
N ILE P 65 31.97 37.95 0.42
CA ILE P 65 32.05 39.17 1.21
C ILE P 65 31.26 40.33 0.60
N LYS P 66 31.02 40.32 -0.71
CA LYS P 66 30.22 41.35 -1.37
C LYS P 66 28.77 41.31 -0.91
N TRP P 67 28.18 40.10 -0.89
CA TRP P 67 26.82 39.89 -0.40
C TRP P 67 26.69 40.26 1.06
N LEU P 68 27.70 39.92 1.86
CA LEU P 68 27.70 40.23 3.29
C LEU P 68 27.77 41.72 3.54
N ARG P 69 28.54 42.46 2.73
CA ARG P 69 28.61 43.91 2.93
C ARG P 69 27.34 44.60 2.44
N GLU P 70 26.73 44.12 1.34
CA GLU P 70 25.39 44.58 0.97
C GLU P 70 24.38 44.39 2.10
N SER P 71 24.37 43.20 2.70
CA SER P 71 23.43 42.90 3.78
C SER P 71 23.72 43.72 5.04
N GLU P 72 25.00 43.98 5.34
CA GLU P 72 25.36 44.77 6.51
C GLU P 72 24.95 46.22 6.36
N LEU P 73 25.25 46.81 5.19
CA LEU P 73 24.83 48.17 4.89
C LEU P 73 23.32 48.31 4.85
N LYS P 74 22.61 47.32 4.29
CA LYS P 74 21.14 47.38 4.22
C LYS P 74 20.51 47.32 5.61
N HIS P 75 20.91 46.31 6.43
CA HIS P 75 20.44 46.18 7.81
C HIS P 75 20.69 47.44 8.61
N GLY P 76 21.92 47.98 8.50
CA GLY P 76 22.31 49.17 9.23
C GLY P 76 21.53 50.41 8.87
N ARG P 77 21.29 50.62 7.56
CA ARG P 77 20.49 51.76 7.12
C ARG P 77 19.06 51.67 7.63
N ILE P 78 18.46 50.45 7.57
CA ILE P 78 17.08 50.24 8.06
C ILE P 78 17.02 50.53 9.54
N CYS P 79 18.00 50.04 10.29
CA CYS P 79 18.07 50.26 11.72
C CYS P 79 18.32 51.72 12.09
N MET P 80 19.14 52.44 11.30
CA MET P 80 19.41 53.85 11.57
C MET P 80 18.13 54.64 11.53
N LEU P 81 17.33 54.37 10.49
CA LEU P 81 16.04 54.98 10.37
C LEU P 81 15.11 54.52 11.47
N ALA P 82 15.15 53.22 11.82
CA ALA P 82 14.27 52.67 12.85
C ALA P 82 14.51 53.22 14.24
N ALA P 83 15.78 53.37 14.63
CA ALA P 83 16.15 53.91 15.93
C ALA P 83 15.70 55.36 16.04
N THR P 84 15.96 56.13 14.97
CA THR P 84 15.47 57.49 14.88
C THR P 84 13.94 57.50 14.88
N GLY P 85 13.33 56.50 14.26
CA GLY P 85 11.89 56.39 14.23
C GLY P 85 11.27 56.24 15.61
N CYS P 86 11.84 55.35 16.44
CA CYS P 86 11.39 55.17 17.82
C CYS P 86 11.50 56.47 18.62
N LEU P 87 12.67 57.13 18.57
CA LEU P 87 12.88 58.36 19.35
C LEU P 87 11.96 59.51 18.89
N VAL P 88 11.92 59.78 17.58
CA VAL P 88 11.10 60.87 17.02
C VAL P 88 9.62 60.58 17.22
N GLN P 89 9.19 59.32 17.03
CA GLN P 89 7.79 58.91 17.23
C GLN P 89 7.38 59.10 18.67
N GLU P 90 8.33 58.96 19.59
CA GLU P 90 8.02 59.32 20.97
C GLU P 90 7.80 60.82 21.09
N VAL P 91 8.57 61.64 20.37
CA VAL P 91 8.44 63.09 20.58
C VAL P 91 7.42 63.74 19.64
N VAL P 92 7.60 63.59 18.33
CA VAL P 92 6.82 64.28 17.31
C VAL P 92 5.86 63.29 16.66
N HIS P 93 4.61 63.72 16.45
CA HIS P 93 3.58 62.92 15.81
C HIS P 93 2.97 63.65 14.63
N LEU P 94 2.53 62.88 13.65
CA LEU P 94 1.57 63.37 12.70
C LEU P 94 0.24 63.61 13.43
N PRO P 95 -0.61 64.51 12.93
CA PRO P 95 -1.92 64.74 13.58
C PRO P 95 -2.82 63.52 13.55
N GLY P 96 -3.87 63.58 14.36
CA GLY P 96 -4.86 62.54 14.34
C GLY P 96 -4.69 61.54 15.44
N PRO P 97 -5.79 60.88 15.83
CA PRO P 97 -5.72 59.85 16.88
C PRO P 97 -5.03 58.57 16.43
N ALA P 98 -4.97 58.29 15.13
CA ALA P 98 -4.32 57.08 14.65
C ALA P 98 -2.80 57.13 14.75
N PHE P 99 -2.23 58.31 15.01
CA PHE P 99 -0.79 58.51 15.06
C PHE P 99 -0.33 59.00 16.43
N SER P 100 -1.12 58.80 17.46
CA SER P 100 -0.80 59.33 18.79
C SER P 100 -0.21 58.29 19.71
N GLN P 101 0.61 57.40 19.20
CA GLN P 101 1.13 56.26 19.93
C GLN P 101 2.56 56.56 20.32
N LYS P 102 2.77 57.01 21.54
CA LYS P 102 4.13 57.27 22.04
C LYS P 102 4.98 56.01 22.02
N MET P 103 4.49 54.92 22.62
CA MET P 103 5.18 53.64 22.53
C MET P 103 5.14 53.13 21.10
N ALA P 104 6.31 52.83 20.53
CA ALA P 104 6.43 52.53 19.11
C ALA P 104 5.81 51.18 18.75
N LEU P 105 5.86 50.21 19.66
CA LEU P 105 5.26 48.90 19.44
C LEU P 105 3.74 48.96 19.33
N ASN P 106 3.11 49.97 19.95
CA ASN P 106 1.70 50.24 19.77
C ASN P 106 1.36 50.93 18.47
N ALA P 107 2.32 51.66 17.88
CA ALA P 107 2.08 52.38 16.64
C ALA P 107 1.83 51.42 15.49
N TRP P 108 2.50 50.26 15.52
CA TRP P 108 2.33 49.16 14.57
C TRP P 108 0.87 48.76 14.43
N ALA P 109 0.19 48.61 15.57
CA ALA P 109 -1.20 48.20 15.55
C ALA P 109 -2.13 49.37 15.30
N ALA P 110 -1.82 50.55 15.84
CA ALA P 110 -2.78 51.65 15.71
C ALA P 110 -2.76 52.33 14.34
N ALA P 111 -1.58 52.47 13.70
CA ALA P 111 -1.46 53.14 12.41
C ALA P 111 -2.30 52.43 11.36
N PRO P 112 -3.01 53.20 10.46
CA PRO P 112 -3.87 52.62 9.41
C PRO P 112 -3.25 51.51 8.58
N ARG P 113 -3.92 50.34 8.53
CA ARG P 113 -3.41 49.15 7.85
C ARG P 113 -3.14 49.41 6.38
N GLY P 114 -4.08 50.10 5.71
CA GLY P 114 -3.93 50.45 4.31
C GLY P 114 -2.63 51.19 4.02
N GLY P 115 -2.31 52.16 4.87
CA GLY P 115 -1.09 52.90 4.67
C GLY P 115 0.17 52.12 5.04
N MET P 116 0.05 51.21 6.02
CA MET P 116 1.19 50.37 6.40
C MET P 116 1.52 49.37 5.30
N ILE P 117 0.50 48.81 4.65
CA ILE P 117 0.72 47.89 3.54
C ILE P 117 1.16 48.66 2.29
N SER P 118 0.73 49.93 2.17
CA SER P 118 1.27 50.83 1.15
C SER P 118 2.78 51.02 1.32
N ILE P 119 3.24 51.20 2.57
CA ILE P 119 4.67 51.28 2.87
C ILE P 119 5.38 50.00 2.42
N LEU P 120 4.79 48.84 2.74
CA LEU P 120 5.38 47.54 2.39
C LEU P 120 5.49 47.34 0.87
N VAL P 121 4.44 47.70 0.13
CA VAL P 121 4.42 47.60 -1.33
C VAL P 121 5.42 48.57 -1.96
N ALA P 122 5.49 49.80 -1.43
CA ALA P 122 6.46 50.79 -1.89
C ALA P 122 7.89 50.34 -1.66
N ILE P 123 8.14 49.66 -0.52
CA ILE P 123 9.45 49.08 -0.23
C ILE P 123 9.80 48.01 -1.26
N GLY P 124 8.82 47.17 -1.62
CA GLY P 124 9.06 46.13 -2.62
C GLY P 124 9.39 46.68 -4.00
N LEU P 125 8.68 47.73 -4.41
CA LEU P 125 8.98 48.39 -5.69
C LEU P 125 10.36 49.04 -5.66
N ILE P 126 10.73 49.69 -4.53
CA ILE P 126 12.07 50.27 -4.35
C ILE P 126 13.15 49.20 -4.43
N GLU P 127 12.91 48.03 -3.81
CA GLU P 127 13.87 46.93 -3.85
C GLU P 127 14.09 46.41 -5.26
N MET P 128 13.01 46.28 -6.06
CA MET P 128 13.23 45.73 -7.40
C MET P 128 13.90 46.76 -8.32
N ILE P 129 13.55 48.05 -8.19
CA ILE P 129 14.04 49.05 -9.14
C ILE P 129 15.46 49.50 -8.79
N SER P 130 15.71 49.79 -7.50
CA SER P 130 17.04 50.21 -7.05
C SER P 130 18.09 49.14 -7.26
N ASN P 131 17.71 47.86 -7.22
CA ASN P 131 18.64 46.79 -7.53
C ASN P 131 18.68 46.45 -9.02
N ARG P 132 17.78 47.01 -9.83
CA ARG P 132 17.75 46.91 -11.30
C ARG P 132 17.48 45.49 -11.79
N PHE P 133 16.58 44.79 -11.10
CA PHE P 133 16.10 43.42 -11.32
C PHE P 133 17.17 42.38 -11.08
N ALA P 134 18.31 42.75 -10.49
CA ALA P 134 19.34 41.82 -10.03
C ALA P 134 19.18 41.65 -8.53
N LEU P 135 18.18 40.88 -8.10
CA LEU P 135 17.87 40.80 -6.65
C LEU P 135 18.36 39.49 -6.03
N THR P 136 18.38 38.40 -6.79
CA THR P 136 18.71 37.06 -6.22
C THR P 136 20.20 36.96 -5.84
N ALA P 137 20.52 36.02 -4.95
CA ALA P 137 21.93 35.80 -4.56
C ALA P 137 22.71 35.38 -5.80
N THR P 138 22.10 34.58 -6.67
CA THR P 138 22.76 34.12 -7.94
C THR P 138 23.00 35.27 -8.93
N ASP P 139 22.09 36.26 -9.03
CA ASP P 139 22.24 37.30 -10.10
C ASP P 139 22.75 38.66 -9.61
N MET P 140 22.64 39.00 -8.32
CA MET P 140 23.06 40.37 -7.90
C MET P 140 24.59 40.46 -8.05
N PHE P 141 25.14 41.60 -8.48
CA PHE P 141 26.60 41.77 -8.71
C PHE P 141 27.01 41.12 -10.05
N ALA P 142 26.03 40.73 -10.88
CA ALA P 142 26.36 40.19 -12.23
C ALA P 142 27.21 41.24 -12.95
N ASN P 143 26.76 42.50 -12.94
CA ASN P 143 27.53 43.56 -13.51
C ASN P 143 28.76 43.76 -12.66
N PRO P 144 29.96 43.73 -13.26
CA PRO P 144 31.19 44.02 -12.49
C PRO P 144 31.29 45.43 -11.94
N ASN P 145 30.46 46.35 -12.45
CA ASN P 145 30.41 47.73 -11.97
C ASN P 145 29.69 47.86 -10.62
N ARG P 146 28.84 46.89 -10.28
CA ARG P 146 28.06 46.96 -9.05
C ARG P 146 28.99 46.83 -7.85
N VAL P 147 28.78 47.68 -6.84
CA VAL P 147 29.62 47.77 -5.65
C VAL P 147 28.73 47.48 -4.44
N PRO P 148 29.21 46.74 -3.43
CA PRO P 148 28.39 46.42 -2.24
C PRO P 148 27.94 47.67 -1.50
N GLY P 149 26.62 47.84 -1.39
CA GLY P 149 26.01 48.96 -0.73
C GLY P 149 25.83 50.17 -1.60
N ASP P 150 26.47 50.21 -2.77
CA ASP P 150 26.45 51.39 -3.65
C ASP P 150 25.33 51.18 -4.64
N LEU P 151 24.18 51.78 -4.38
CA LEU P 151 23.02 51.68 -5.25
C LEU P 151 22.92 52.86 -6.19
N GLY P 152 23.88 53.79 -6.16
CA GLY P 152 23.77 55.03 -6.90
C GLY P 152 22.99 56.12 -6.20
N PHE P 153 22.71 55.97 -4.91
CA PHE P 153 21.89 56.91 -4.17
C PHE P 153 22.76 58.04 -3.64
N ASP P 154 22.75 59.15 -4.36
CA ASP P 154 23.35 60.40 -3.86
C ASP P 154 22.58 61.59 -4.43
N PRO P 155 21.32 61.82 -3.98
CA PRO P 155 20.46 62.86 -4.59
C PRO P 155 21.05 64.26 -4.55
N LEU P 156 21.74 64.60 -3.47
CA LEU P 156 22.32 65.93 -3.31
C LEU P 156 23.81 65.95 -3.57
N SER P 157 24.37 64.87 -4.12
CA SER P 157 25.79 64.72 -4.48
C SER P 157 26.73 65.06 -3.32
N LEU P 158 26.37 64.61 -2.13
CA LEU P 158 27.18 64.88 -0.96
C LEU P 158 28.46 64.06 -0.94
N GLY P 159 28.52 62.99 -1.72
CA GLY P 159 29.70 62.17 -1.85
C GLY P 159 30.50 62.50 -3.08
N ALA P 160 30.25 63.68 -3.67
CA ALA P 160 30.97 64.11 -4.87
C ALA P 160 32.46 64.30 -4.60
N ASN P 161 32.79 64.86 -3.44
CA ASN P 161 34.20 65.02 -3.05
C ASN P 161 34.81 63.66 -2.75
N PRO P 162 35.86 63.23 -3.46
CA PRO P 162 36.48 61.94 -3.16
C PRO P 162 37.42 61.97 -1.97
N ALA P 163 37.70 63.16 -1.41
CA ALA P 163 38.52 63.24 -0.22
C ALA P 163 37.76 62.77 1.01
N ASN P 164 36.46 63.05 1.04
CA ASN P 164 35.59 62.66 2.13
C ASN P 164 35.09 61.22 2.04
N ARG P 165 35.42 60.51 0.95
CA ARG P 165 34.78 59.22 0.64
C ARG P 165 35.07 58.16 1.69
N ALA P 166 36.34 58.03 2.09
CA ALA P 166 36.76 57.00 3.05
C ALA P 166 36.13 57.19 4.42
N ARG P 167 36.09 58.43 4.95
CA ARG P 167 35.55 58.59 6.29
C ARG P 167 34.03 58.52 6.28
N PHE P 168 33.39 58.93 5.18
CA PHE P 168 31.95 58.74 4.99
C PHE P 168 31.58 57.27 4.96
N GLU P 169 32.34 56.46 4.24
CA GLU P 169 32.10 55.04 4.20
C GLU P 169 32.27 54.42 5.59
N LEU P 170 33.33 54.83 6.30
CA LEU P 170 33.59 54.34 7.65
C LEU P 170 32.47 54.74 8.62
N SER P 171 32.07 56.02 8.61
CA SER P 171 31.08 56.49 9.56
C SER P 171 29.67 56.01 9.22
N GLU P 172 29.41 55.69 7.94
CA GLU P 172 28.15 55.02 7.58
C GLU P 172 28.10 53.61 8.15
N VAL P 173 29.20 52.86 8.00
CA VAL P 173 29.30 51.51 8.55
C VAL P 173 29.15 51.51 10.07
N ILE P 174 29.81 52.46 10.76
CA ILE P 174 29.78 52.51 12.22
C ILE P 174 28.40 52.95 12.73
N HIS P 175 27.78 53.96 12.10
CA HIS P 175 26.42 54.38 12.44
C HIS P 175 25.43 53.24 12.25
N GLY P 176 25.61 52.43 11.20
CA GLY P 176 24.75 51.27 10.97
C GLY P 176 24.88 50.20 12.03
N ARG P 177 26.12 49.87 12.42
CA ARG P 177 26.36 48.88 13.48
C ARG P 177 25.79 49.32 14.83
N ALA P 178 26.08 50.58 15.22
CA ALA P 178 25.60 51.17 16.46
C ALA P 178 24.08 51.20 16.51
N ALA P 179 23.46 51.50 15.37
CA ALA P 179 22.01 51.59 15.31
C ALA P 179 21.34 50.22 15.31
N MET P 180 21.99 49.19 14.73
CA MET P 180 21.47 47.82 14.87
C MET P 180 21.39 47.42 16.33
N MET P 181 22.48 47.64 17.07
CA MET P 181 22.52 47.30 18.49
C MET P 181 21.50 48.13 19.29
N GLY P 182 21.43 49.44 19.00
CA GLY P 182 20.52 50.32 19.72
C GLY P 182 19.05 50.02 19.47
N PHE P 183 18.68 49.74 18.21
CA PHE P 183 17.27 49.42 17.93
C PHE P 183 16.86 48.09 18.56
N SER P 184 17.78 47.10 18.55
CA SER P 184 17.54 45.82 19.21
C SER P 184 17.25 46.01 20.70
N GLY P 185 18.07 46.85 21.33
CA GLY P 185 17.84 47.20 22.73
C GLY P 185 16.52 47.90 22.97
N MET P 186 16.18 48.88 22.12
CA MET P 186 14.94 49.63 22.30
C MET P 186 13.71 48.77 22.15
N VAL P 187 13.68 47.89 21.13
CA VAL P 187 12.53 47.00 20.93
C VAL P 187 12.37 46.02 22.11
N HIS P 188 13.47 45.42 22.59
CA HIS P 188 13.27 44.46 23.69
C HIS P 188 13.11 45.12 25.06
N GLN P 189 13.54 46.37 25.21
CA GLN P 189 13.17 47.13 26.41
C GLN P 189 11.74 47.65 26.35
N MET P 190 11.18 47.89 25.16
CA MET P 190 9.74 48.13 25.10
C MET P 190 8.95 46.87 25.40
N ILE P 191 9.47 45.70 25.02
CA ILE P 191 8.81 44.45 25.39
C ILE P 191 8.82 44.25 26.91
N VAL P 192 10.00 44.37 27.54
CA VAL P 192 10.10 44.18 29.00
C VAL P 192 9.33 45.26 29.75
N SER P 193 9.61 46.51 29.45
CA SER P 193 8.91 47.64 30.06
C SER P 193 8.02 48.27 29.00
N LYS P 194 6.71 48.27 29.24
CA LYS P 194 5.77 48.75 28.22
C LYS P 194 5.72 50.28 28.19
N GLN P 195 6.86 50.87 27.85
CA GLN P 195 7.08 52.29 27.84
C GLN P 195 7.92 52.61 26.62
N ALA P 196 7.71 53.81 26.10
CA ALA P 196 8.51 54.34 25.02
C ALA P 196 9.93 54.57 25.55
N PRO P 197 10.98 54.55 24.69
CA PRO P 197 12.37 54.53 25.22
C PRO P 197 12.89 55.67 26.09
N ILE P 198 12.77 56.94 25.70
CA ILE P 198 13.24 57.98 26.61
C ILE P 198 12.27 58.19 27.78
N GLU P 199 10.95 57.97 27.59
CA GLU P 199 10.04 57.98 28.75
C GLU P 199 10.38 56.85 29.71
N GLN P 200 10.85 55.69 29.20
CA GLN P 200 11.38 54.63 30.05
C GLN P 200 12.60 55.14 30.81
N LEU P 201 13.48 55.91 30.15
CA LEU P 201 14.63 56.46 30.85
C LEU P 201 14.24 57.49 31.91
N MET P 202 13.13 58.18 31.74
CA MET P 202 12.77 59.26 32.65
C MET P 202 11.78 58.82 33.72
N HIS P 203 11.13 57.68 33.55
CA HIS P 203 10.23 57.06 34.53
C HIS P 203 10.63 55.62 34.78
N PHE P 204 11.92 55.41 35.06
CA PHE P 204 12.51 54.08 35.09
C PHE P 204 11.98 53.20 36.22
N LYS P 205 11.75 51.93 35.90
CA LYS P 205 11.35 50.93 36.88
C LYS P 205 12.11 49.64 36.63
N ALA P 206 12.73 49.11 37.68
CA ALA P 206 13.55 47.91 37.60
C ALA P 206 12.70 46.66 37.50
N VAL P 207 13.31 45.60 36.97
CA VAL P 207 12.62 44.34 36.74
C VAL P 207 12.33 43.65 38.07
N ASP P 208 11.06 43.28 38.29
CA ASP P 208 10.66 42.56 39.50
C ASP P 208 11.29 41.18 39.58
N SER P 209 11.39 40.50 38.43
CA SER P 209 11.90 39.16 38.07
C SER P 209 10.83 38.11 38.22
N SER P 210 9.70 38.44 38.87
CA SER P 210 8.56 37.54 38.92
C SER P 210 7.92 37.43 37.54
N LEU P 211 7.88 38.53 36.82
CA LEU P 211 7.31 38.56 35.48
C LEU P 211 8.43 38.37 34.46
N MET P 212 8.03 38.15 33.20
CA MET P 212 8.91 37.99 32.04
C MET P 212 9.92 36.87 32.22
N LYS P 213 9.49 35.73 32.77
CA LYS P 213 10.37 34.58 32.94
C LYS P 213 10.89 34.09 31.60
N LEU P 214 12.16 33.76 31.55
CA LEU P 214 12.78 33.36 30.29
C LEU P 214 12.84 31.85 30.17
N GLY P 215 12.36 31.35 29.04
CA GLY P 215 12.29 29.93 28.86
C GLY P 215 11.20 29.33 29.70
N GLY P 216 11.40 28.06 30.04
CA GLY P 216 10.53 27.41 30.98
C GLY P 216 9.40 26.61 30.38
N ALA P 217 9.28 26.55 29.05
CA ALA P 217 8.23 25.77 28.41
C ALA P 217 8.36 24.27 28.66
N ALA P 218 9.58 23.76 28.81
CA ALA P 218 9.75 22.31 29.04
C ALA P 218 10.08 21.93 30.47
N GLY P 219 10.49 22.89 31.30
CA GLY P 219 10.79 22.59 32.70
C GLY P 219 9.55 22.18 33.48
N ASN P 220 8.46 22.90 33.28
CA ASN P 220 7.16 22.54 33.85
C ASN P 220 6.40 21.49 33.04
N LEU P 221 7.05 20.95 31.99
CA LEU P 221 6.53 19.94 31.04
C LEU P 221 5.37 20.48 30.21
N GLY P 222 5.32 21.78 29.99
CA GLY P 222 4.23 22.38 29.26
C GLY P 222 3.29 23.13 30.19
N TYR P 223 2.30 23.76 29.56
CA TYR P 223 1.19 24.54 30.17
C TYR P 223 1.76 25.82 30.77
N PHE Q 64 -12.61 -45.64 -26.61
CA PHE Q 64 -13.60 -44.66 -27.05
C PHE Q 64 -14.94 -45.41 -27.23
N GLY Q 65 -15.56 -45.30 -28.41
CA GLY Q 65 -16.74 -46.02 -28.82
C GLY Q 65 -16.42 -47.20 -29.71
N GLY Q 66 -15.15 -47.59 -29.80
CA GLY Q 66 -14.74 -48.74 -30.59
C GLY Q 66 -14.56 -49.95 -29.70
N ARG Q 67 -15.11 -49.85 -28.50
CA ARG Q 67 -15.10 -50.89 -27.49
C ARG Q 67 -16.43 -51.61 -27.43
N GLY Q 68 -17.27 -51.44 -28.45
CA GLY Q 68 -18.58 -52.04 -28.45
C GLY Q 68 -19.62 -51.15 -27.80
N LEU Q 69 -19.37 -49.85 -27.76
CA LEU Q 69 -20.24 -48.88 -27.11
C LEU Q 69 -20.79 -47.93 -28.17
N GLY Q 70 -21.98 -47.40 -27.93
CA GLY Q 70 -22.55 -46.51 -28.91
C GLY Q 70 -23.68 -47.22 -29.61
N VAL Q 71 -23.90 -46.90 -30.87
CA VAL Q 71 -24.93 -47.60 -31.66
C VAL Q 71 -24.25 -48.80 -32.33
N THR Q 72 -24.13 -49.88 -31.55
CA THR Q 72 -23.60 -51.14 -32.02
C THR Q 72 -24.62 -52.25 -31.74
N VAL Q 73 -24.34 -53.43 -32.27
CA VAL Q 73 -25.20 -54.57 -32.02
C VAL Q 73 -24.97 -55.13 -30.63
N ASN Q 74 -23.78 -54.91 -30.05
CA ASN Q 74 -23.50 -55.28 -28.68
C ASN Q 74 -24.36 -54.50 -27.70
N ALA Q 75 -24.43 -53.18 -27.90
CA ALA Q 75 -25.30 -52.31 -27.10
C ALA Q 75 -26.76 -52.65 -27.29
N GLU Q 76 -27.15 -53.00 -28.53
CA GLU Q 76 -28.51 -53.43 -28.84
C GLU Q 76 -28.89 -54.66 -28.05
N ARG Q 77 -27.99 -55.64 -28.01
CA ARG Q 77 -28.22 -56.88 -27.27
C ARG Q 77 -28.30 -56.64 -25.77
N TRP Q 78 -27.37 -55.84 -25.25
CA TRP Q 78 -27.33 -55.60 -23.77
C TRP Q 78 -28.60 -54.86 -23.33
N ASN Q 79 -28.97 -53.80 -24.05
CA ASN Q 79 -30.19 -53.01 -23.70
C ASN Q 79 -31.40 -53.93 -23.81
N GLY Q 80 -31.43 -54.80 -24.82
CA GLY Q 80 -32.56 -55.71 -25.00
C GLY Q 80 -32.72 -56.64 -23.81
N ARG Q 81 -31.60 -57.19 -23.30
CA ARG Q 81 -31.66 -58.11 -22.13
C ARG Q 81 -32.19 -57.34 -20.92
N HIS Q 82 -31.72 -56.10 -20.72
CA HIS Q 82 -32.18 -55.29 -19.56
C HIS Q 82 -33.66 -54.98 -19.68
N ALA Q 83 -34.13 -54.66 -20.89
CA ALA Q 83 -35.55 -54.34 -21.11
C ALA Q 83 -36.43 -55.56 -20.79
N MET Q 84 -35.98 -56.75 -21.19
CA MET Q 84 -36.75 -58.00 -20.90
C MET Q 84 -36.84 -58.20 -19.39
N PHE Q 85 -35.73 -57.99 -18.67
CA PHE Q 85 -35.78 -58.08 -17.18
C PHE Q 85 -36.69 -56.98 -16.65
N GLY Q 86 -36.60 -55.79 -17.25
CA GLY Q 86 -37.42 -54.64 -16.81
C GLY Q 86 -38.91 -54.88 -17.02
N ILE Q 87 -39.30 -55.48 -18.15
CA ILE Q 87 -40.74 -55.82 -18.37
C ILE Q 87 -41.13 -56.82 -17.29
N PHE Q 88 -40.27 -57.80 -17.01
CA PHE Q 88 -40.55 -58.79 -15.95
C PHE Q 88 -40.66 -58.05 -14.60
N ALA Q 89 -39.77 -57.08 -14.35
CA ALA Q 89 -39.78 -56.40 -13.07
C ALA Q 89 -41.00 -55.50 -12.91
N MET Q 90 -41.42 -54.84 -14.01
CA MET Q 90 -42.63 -54.02 -13.98
C MET Q 90 -43.89 -54.86 -13.78
N VAL Q 91 -43.98 -56.01 -14.47
CA VAL Q 91 -45.10 -56.95 -14.26
C VAL Q 91 -45.11 -57.45 -12.82
N MET Q 92 -43.92 -57.80 -12.30
CA MET Q 92 -43.81 -58.37 -10.95
C MET Q 92 -44.14 -57.34 -9.88
N THR Q 93 -43.69 -56.09 -10.03
CA THR Q 93 -44.01 -55.08 -9.03
C THR Q 93 -45.48 -54.66 -9.11
N SER Q 94 -46.08 -54.63 -10.33
CA SER Q 94 -47.51 -54.35 -10.47
C SER Q 94 -48.34 -55.43 -9.77
N TYR Q 95 -48.04 -56.71 -10.05
CA TYR Q 95 -48.72 -57.84 -9.39
C TYR Q 95 -48.47 -57.84 -7.89
N MET Q 96 -47.28 -57.42 -7.50
CA MET Q 96 -46.82 -57.52 -6.12
C MET Q 96 -47.45 -56.46 -5.24
N LYS Q 97 -47.60 -55.24 -5.74
CA LYS Q 97 -48.27 -54.19 -4.99
C LYS Q 97 -49.78 -54.18 -5.20
N GLY Q 98 -50.28 -54.89 -6.21
CA GLY Q 98 -51.71 -55.04 -6.36
C GLY Q 98 -52.31 -55.85 -5.24
N HIS Q 99 -51.61 -56.88 -4.80
CA HIS Q 99 -52.06 -57.73 -3.71
C HIS Q 99 -51.57 -57.26 -2.35
N GLY Q 100 -50.81 -56.17 -2.29
CA GLY Q 100 -50.27 -55.67 -1.03
C GLY Q 100 -49.24 -56.56 -0.37
N LEU Q 101 -48.37 -57.19 -1.16
CA LEU Q 101 -47.32 -58.06 -0.65
C LEU Q 101 -46.01 -57.32 -0.42
N ILE Q 102 -45.97 -56.01 -0.63
CA ILE Q 102 -44.85 -55.19 -0.20
C ILE Q 102 -45.19 -54.64 1.18
N PRO Q 103 -44.42 -55.00 2.23
CA PRO Q 103 -44.84 -54.69 3.60
C PRO Q 103 -44.71 -53.22 3.94
N ASP Q 104 -45.78 -52.70 4.59
CA ASP Q 104 -45.88 -51.32 5.07
C ASP Q 104 -45.64 -50.30 3.97
N ALA Q 105 -46.20 -50.58 2.78
CA ALA Q 105 -45.93 -49.83 1.54
C ALA Q 105 -46.17 -48.33 1.68
N ASP Q 106 -47.15 -47.95 2.49
CA ASP Q 106 -47.50 -46.57 2.71
C ASP Q 106 -46.76 -45.94 3.88
N LYS Q 107 -46.10 -46.75 4.73
CA LYS Q 107 -45.42 -46.23 5.91
C LYS Q 107 -44.22 -45.38 5.50
N VAL Q 108 -44.19 -44.16 5.99
CA VAL Q 108 -43.20 -43.18 5.57
C VAL Q 108 -41.98 -43.30 6.46
N LEU Q 109 -40.81 -43.43 5.83
CA LEU Q 109 -39.55 -43.60 6.54
C LEU Q 109 -39.21 -42.33 7.31
N ASP Q 110 -38.63 -42.52 8.48
CA ASP Q 110 -38.31 -41.42 9.35
C ASP Q 110 -36.87 -40.97 9.15
N ILE Q 111 -36.69 -39.66 9.02
CA ILE Q 111 -35.37 -39.03 8.94
C ILE Q 111 -34.56 -39.29 10.21
N ALA Q 112 -35.23 -39.47 11.37
CA ALA Q 112 -34.58 -39.81 12.64
C ALA Q 112 -33.77 -41.11 12.56
N GLN Q 113 -34.23 -42.08 11.77
CA GLN Q 113 -33.50 -43.33 11.60
C GLN Q 113 -32.57 -43.29 10.40
N TRP Q 114 -33.01 -42.72 9.29
CA TRP Q 114 -32.32 -42.84 8.01
C TRP Q 114 -31.56 -41.60 7.56
N GLY Q 115 -31.83 -40.45 8.16
CA GLY Q 115 -31.11 -39.25 7.81
C GLY Q 115 -31.80 -38.51 6.68
N PRO Q 116 -31.17 -37.45 6.20
CA PRO Q 116 -31.82 -36.57 5.21
C PRO Q 116 -32.00 -37.16 3.82
N LEU Q 117 -31.41 -38.32 3.53
CA LEU Q 117 -31.64 -38.97 2.24
C LEU Q 117 -33.08 -39.47 2.10
N ALA Q 118 -33.78 -39.68 3.22
CA ALA Q 118 -35.15 -40.14 3.17
C ALA Q 118 -36.16 -39.01 2.90
N ALA Q 119 -35.76 -37.74 3.00
CA ALA Q 119 -36.69 -36.62 2.83
C ALA Q 119 -37.14 -36.49 1.38
N VAL Q 120 -38.41 -36.10 1.17
CA VAL Q 120 -38.93 -36.01 -0.20
C VAL Q 120 -39.55 -34.64 -0.54
N TRP Q 121 -40.13 -33.97 0.47
CA TRP Q 121 -40.77 -32.63 0.44
C TRP Q 121 -42.12 -32.62 -0.27
N ASP Q 122 -42.76 -33.78 -0.40
CA ASP Q 122 -44.19 -33.79 -0.59
C ASP Q 122 -44.81 -33.26 0.68
N GLY Q 123 -45.87 -32.44 0.53
CA GLY Q 123 -46.43 -31.66 1.62
C GLY Q 123 -46.81 -32.43 2.88
N ALA Q 124 -47.27 -33.66 2.72
CA ALA Q 124 -47.72 -34.51 3.81
C ALA Q 124 -46.69 -35.60 4.09
N GLY Q 125 -46.13 -35.60 5.29
CA GLY Q 125 -45.18 -36.63 5.71
C GLY Q 125 -43.70 -36.33 5.54
N ASN Q 126 -43.33 -35.69 4.42
CA ASN Q 126 -41.99 -35.19 4.09
C ASN Q 126 -40.93 -36.30 4.10
N GLY Q 127 -41.26 -37.46 3.58
CA GLY Q 127 -40.32 -38.57 3.58
C GLY Q 127 -40.68 -39.63 2.58
N ILE Q 128 -39.67 -40.39 2.14
CA ILE Q 128 -39.90 -41.49 1.20
C ILE Q 128 -40.75 -42.57 1.87
N SER Q 129 -41.58 -43.23 1.06
CA SER Q 129 -42.36 -44.33 1.55
C SER Q 129 -41.51 -45.59 1.56
N ASN Q 130 -42.00 -46.58 2.30
CA ASN Q 130 -41.27 -47.84 2.44
C ASN Q 130 -41.28 -48.63 1.13
N GLU Q 131 -42.36 -48.52 0.35
CA GLU Q 131 -42.48 -49.24 -0.92
C GLU Q 131 -41.42 -48.82 -1.93
N ARG Q 132 -41.18 -47.49 -2.05
CA ARG Q 132 -40.13 -46.99 -2.94
C ARG Q 132 -38.76 -47.48 -2.49
N ALA Q 133 -38.53 -47.46 -1.16
CA ALA Q 133 -37.25 -47.90 -0.61
C ALA Q 133 -37.00 -49.38 -0.90
N ILE Q 134 -38.03 -50.23 -0.73
CA ILE Q 134 -37.89 -51.67 -0.96
C ILE Q 134 -37.60 -51.98 -2.43
N ILE Q 135 -38.30 -51.30 -3.35
CA ILE Q 135 -38.04 -51.47 -4.79
C ILE Q 135 -36.64 -50.97 -5.14
N LEU Q 136 -36.21 -49.87 -4.52
CA LEU Q 136 -34.88 -49.32 -4.76
C LEU Q 136 -33.78 -50.28 -4.32
N ILE Q 137 -33.95 -50.91 -3.15
CA ILE Q 137 -32.99 -51.89 -2.64
C ILE Q 137 -32.95 -53.13 -3.54
N ALA Q 138 -34.11 -53.53 -4.10
CA ALA Q 138 -34.14 -54.63 -5.08
C ALA Q 138 -33.29 -54.31 -6.32
N HIS Q 139 -33.41 -53.07 -6.78
CA HIS Q 139 -32.60 -52.67 -7.92
C HIS Q 139 -31.15 -52.40 -7.52
N VAL Q 140 -30.88 -52.10 -6.26
CA VAL Q 140 -29.50 -51.96 -5.79
C VAL Q 140 -28.80 -53.32 -5.77
N HIS Q 141 -29.52 -54.38 -5.36
CA HIS Q 141 -29.05 -55.77 -5.48
C HIS Q 141 -28.62 -56.10 -6.91
N VAL Q 142 -29.48 -55.78 -7.88
CA VAL Q 142 -29.09 -56.14 -9.24
C VAL Q 142 -28.06 -55.17 -9.86
N LEU Q 143 -27.96 -53.91 -9.37
CA LEU Q 143 -26.86 -53.03 -9.77
C LEU Q 143 -25.51 -53.50 -9.27
N VAL Q 144 -25.44 -54.00 -8.03
CA VAL Q 144 -24.16 -54.51 -7.52
C VAL Q 144 -23.73 -55.74 -8.32
N VAL Q 145 -24.67 -56.65 -8.63
CA VAL Q 145 -24.39 -57.79 -9.52
C VAL Q 145 -23.93 -57.30 -10.89
N SER Q 146 -24.54 -56.23 -11.39
CA SER Q 146 -24.25 -55.65 -12.70
C SER Q 146 -22.83 -55.11 -12.78
N VAL Q 147 -22.40 -54.35 -11.75
CA VAL Q 147 -21.05 -53.78 -11.70
C VAL Q 147 -20.02 -54.90 -11.61
N ILE Q 148 -20.26 -55.89 -10.75
CA ILE Q 148 -19.32 -57.01 -10.57
C ILE Q 148 -19.22 -57.83 -11.86
N ALA Q 149 -20.34 -57.97 -12.58
CA ALA Q 149 -20.30 -58.68 -13.85
C ALA Q 149 -19.66 -57.84 -14.96
N ALA Q 150 -19.74 -56.51 -14.89
CA ALA Q 150 -19.07 -55.69 -15.90
C ALA Q 150 -17.55 -55.69 -15.72
N ILE Q 151 -17.09 -55.54 -14.49
CA ILE Q 151 -15.65 -55.41 -14.23
C ILE Q 151 -14.99 -56.77 -14.09
N ALA Q 152 -15.65 -57.73 -13.47
CA ALA Q 152 -15.13 -59.08 -13.31
C ALA Q 152 -16.13 -60.08 -13.87
N PRO Q 153 -16.23 -60.21 -15.19
CA PRO Q 153 -17.24 -61.11 -15.77
C PRO Q 153 -16.87 -62.57 -15.63
N PHE Q 154 -17.82 -63.43 -15.99
CA PHE Q 154 -17.57 -64.86 -16.01
C PHE Q 154 -16.66 -65.21 -17.18
N GLY Q 155 -16.13 -66.43 -17.15
CA GLY Q 155 -15.22 -66.87 -18.21
C GLY Q 155 -15.89 -66.97 -19.57
N PHE Q 156 -17.16 -67.37 -19.59
CA PHE Q 156 -17.90 -67.59 -20.81
C PHE Q 156 -18.83 -66.44 -21.17
N GLN Q 157 -19.10 -65.55 -20.21
CA GLN Q 157 -20.11 -64.51 -20.35
C GLN Q 157 -19.72 -63.51 -21.45
N ASP Q 158 -20.73 -63.07 -22.21
CA ASP Q 158 -20.52 -62.00 -23.17
C ASP Q 158 -20.19 -60.72 -22.41
N THR Q 159 -19.16 -60.03 -22.83
CA THR Q 159 -18.68 -58.88 -22.09
C THR Q 159 -19.35 -57.60 -22.57
N LEU Q 160 -19.56 -56.67 -21.64
CA LEU Q 160 -20.19 -55.36 -21.99
C LEU Q 160 -19.18 -54.54 -22.79
N VAL Q 161 -17.92 -54.51 -22.33
CA VAL Q 161 -16.87 -53.71 -23.02
C VAL Q 161 -15.99 -54.66 -23.83
N LYS Q 162 -15.83 -54.40 -25.13
CA LYS Q 162 -15.06 -55.32 -26.01
C LYS Q 162 -13.57 -54.97 -25.98
N GLU Q 163 -12.72 -55.85 -26.51
CA GLU Q 163 -11.25 -55.64 -26.53
C GLU Q 163 -10.89 -54.41 -27.36
N LYS Q 164 -11.61 -54.14 -28.46
CA LYS Q 164 -11.32 -53.04 -29.43
C LYS Q 164 -10.56 -53.67 -30.61
N GLY Q 165 -10.04 -54.88 -30.45
CA GLY Q 165 -9.42 -55.61 -31.57
C GLY Q 165 -10.39 -56.69 -32.02
N TYR Q 166 -11.59 -56.70 -31.45
CA TYR Q 166 -12.63 -57.73 -31.75
C TYR Q 166 -13.28 -57.48 -33.11
N THR Q 167 -13.94 -58.50 -33.66
CA THR Q 167 -14.70 -58.30 -34.93
C THR Q 167 -16.19 -58.25 -34.56
N PRO Q 168 -16.92 -57.16 -34.88
CA PRO Q 168 -18.31 -57.00 -34.45
C PRO Q 168 -19.31 -58.03 -35.02
N GLU Q 169 -20.31 -58.42 -34.22
CA GLU Q 169 -21.35 -59.30 -34.73
C GLU Q 169 -22.08 -58.61 -35.87
N SER Q 170 -22.53 -59.39 -36.84
CA SER Q 170 -23.18 -58.82 -38.01
C SER Q 170 -24.54 -58.28 -37.63
N PRO Q 171 -24.87 -57.04 -38.00
CA PRO Q 171 -26.18 -56.48 -37.68
C PRO Q 171 -27.30 -57.31 -38.27
N ALA Q 172 -28.36 -57.48 -37.48
CA ALA Q 172 -29.43 -58.41 -37.82
C ALA Q 172 -30.25 -57.94 -39.02
N GLY Q 173 -30.64 -56.68 -39.01
CA GLY Q 173 -31.50 -56.19 -40.07
C GLY Q 173 -32.92 -55.97 -39.59
N LEU Q 174 -33.89 -56.20 -40.46
CA LEU Q 174 -35.28 -55.86 -40.14
C LEU Q 174 -35.87 -56.83 -39.12
N ILE Q 175 -35.59 -58.13 -39.29
CA ILE Q 175 -35.95 -59.21 -38.36
C ILE Q 175 -34.91 -60.32 -38.55
N PRO Q 176 -34.35 -60.83 -37.45
CA PRO Q 176 -33.33 -61.89 -37.54
C PRO Q 176 -33.94 -63.19 -38.01
N PRO Q 177 -33.12 -64.19 -38.42
CA PRO Q 177 -33.69 -65.51 -38.77
C PRO Q 177 -34.35 -66.17 -37.58
N PHE Q 178 -35.55 -66.70 -37.81
CA PHE Q 178 -36.38 -67.26 -36.76
C PHE Q 178 -35.83 -68.59 -36.24
N LYS Q 179 -35.07 -68.52 -35.14
CA LYS Q 179 -34.49 -69.69 -34.43
C LYS Q 179 -35.08 -69.85 -33.03
N THR Q 180 -36.00 -70.81 -32.85
CA THR Q 180 -36.79 -71.00 -31.62
C THR Q 180 -35.96 -71.54 -30.42
N GLY Q 181 -34.66 -71.76 -30.56
CA GLY Q 181 -33.83 -72.24 -29.48
C GLY Q 181 -33.41 -71.12 -28.54
N LEU Q 182 -32.54 -71.49 -27.58
CA LEU Q 182 -31.78 -70.54 -26.76
C LEU Q 182 -30.65 -69.94 -27.58
N THR Q 183 -31.03 -69.15 -28.57
CA THR Q 183 -30.14 -68.65 -29.59
C THR Q 183 -29.96 -67.15 -29.43
N ALA Q 184 -29.04 -66.62 -30.22
CA ALA Q 184 -28.81 -65.18 -30.25
C ALA Q 184 -29.89 -64.46 -31.03
N GLU Q 185 -30.44 -65.14 -32.04
CA GLU Q 185 -31.55 -64.59 -32.82
C GLU Q 185 -32.80 -64.40 -31.97
N ALA Q 186 -33.16 -65.43 -31.17
CA ALA Q 186 -34.32 -65.34 -30.28
C ALA Q 186 -34.12 -64.25 -29.22
N GLU Q 187 -32.90 -64.17 -28.68
CA GLU Q 187 -32.55 -63.17 -27.67
C GLU Q 187 -32.67 -61.76 -28.23
N LEU Q 188 -32.18 -61.55 -29.46
CA LEU Q 188 -32.24 -60.24 -30.09
C LEU Q 188 -33.68 -59.85 -30.49
N ILE Q 189 -34.47 -60.81 -31.01
CA ILE Q 189 -35.88 -60.55 -31.35
C ILE Q 189 -36.67 -60.15 -30.12
N ASN Q 190 -36.56 -60.95 -29.05
CA ASN Q 190 -37.25 -60.67 -27.81
C ASN Q 190 -36.74 -59.39 -27.15
N GLY Q 191 -35.46 -59.06 -27.33
CA GLY Q 191 -34.92 -57.84 -26.77
C GLY Q 191 -35.42 -56.58 -27.45
N ARG Q 192 -35.47 -56.59 -28.79
CA ARG Q 192 -36.09 -55.51 -29.55
C ARG Q 192 -37.55 -55.33 -29.17
N LEU Q 193 -38.27 -56.46 -29.05
CA LEU Q 193 -39.67 -56.45 -28.66
C LEU Q 193 -39.89 -55.88 -27.25
N ALA Q 194 -39.00 -56.22 -26.31
CA ALA Q 194 -39.14 -55.72 -24.94
C ALA Q 194 -38.82 -54.24 -24.83
N MET Q 195 -37.80 -53.77 -25.55
CA MET Q 195 -37.49 -52.34 -25.58
C MET Q 195 -38.64 -51.53 -26.14
N LEU Q 196 -39.23 -52.03 -27.23
CA LEU Q 196 -40.45 -51.46 -27.80
C LEU Q 196 -41.60 -51.49 -26.79
N GLY Q 197 -41.68 -52.56 -25.99
CA GLY Q 197 -42.69 -52.63 -24.95
C GLY Q 197 -42.50 -51.60 -23.85
N VAL Q 198 -41.25 -51.38 -23.45
CA VAL Q 198 -40.90 -50.34 -22.45
C VAL Q 198 -41.40 -48.98 -22.89
N ILE Q 199 -41.01 -48.54 -24.11
CA ILE Q 199 -41.46 -47.25 -24.64
C ILE Q 199 -42.99 -47.18 -24.74
N SER Q 200 -43.63 -48.23 -25.32
CA SER Q 200 -45.09 -48.31 -25.47
C SER Q 200 -45.84 -48.12 -24.15
N ILE Q 201 -45.42 -48.84 -23.11
CA ILE Q 201 -46.05 -48.76 -21.79
C ILE Q 201 -45.89 -47.36 -21.19
N VAL Q 202 -44.68 -46.78 -21.29
CA VAL Q 202 -44.42 -45.40 -20.82
C VAL Q 202 -45.36 -44.39 -21.49
N THR Q 203 -45.41 -44.38 -22.84
CA THR Q 203 -46.25 -43.40 -23.56
C THR Q 203 -47.74 -43.63 -23.32
N ALA Q 204 -48.18 -44.90 -23.29
CA ALA Q 204 -49.56 -45.26 -23.00
C ALA Q 204 -49.99 -44.76 -21.62
N SER Q 205 -49.12 -44.96 -20.61
CA SER Q 205 -49.41 -44.50 -19.26
C SER Q 205 -49.45 -42.97 -19.19
N LEU Q 206 -48.54 -42.29 -19.90
CA LEU Q 206 -48.48 -40.84 -19.88
C LEU Q 206 -49.73 -40.21 -20.49
N PHE Q 207 -50.18 -40.70 -21.65
CA PHE Q 207 -51.38 -40.09 -22.25
C PHE Q 207 -52.67 -40.51 -21.57
N THR Q 208 -52.83 -41.79 -21.21
CA THR Q 208 -54.07 -42.23 -20.55
C THR Q 208 -54.29 -41.62 -19.17
N GLY Q 209 -53.23 -41.10 -18.54
CA GLY Q 209 -53.33 -40.51 -17.22
C GLY Q 209 -53.19 -41.50 -16.09
N THR Q 210 -53.28 -42.80 -16.37
CA THR Q 210 -53.19 -43.80 -15.33
C THR Q 210 -51.74 -44.03 -14.95
N SER Q 211 -51.55 -44.70 -13.81
CA SER Q 211 -50.22 -45.08 -13.39
C SER Q 211 -49.75 -46.24 -14.25
N VAL Q 212 -48.44 -46.47 -14.23
CA VAL Q 212 -47.81 -47.50 -15.08
C VAL Q 212 -48.23 -48.90 -14.62
N VAL Q 213 -48.37 -49.12 -13.30
CA VAL Q 213 -48.81 -50.40 -12.76
C VAL Q 213 -50.25 -50.72 -13.20
N ASP Q 214 -51.16 -49.74 -13.11
CA ASP Q 214 -52.55 -49.95 -13.54
C ASP Q 214 -52.63 -50.14 -15.05
N THR Q 215 -51.79 -49.41 -15.80
CA THR Q 215 -51.71 -49.54 -17.25
C THR Q 215 -51.27 -50.93 -17.66
N ILE Q 216 -50.28 -51.50 -16.95
CA ILE Q 216 -49.81 -52.87 -17.20
C ILE Q 216 -50.93 -53.86 -16.90
N ASN Q 217 -51.66 -53.65 -15.79
CA ASN Q 217 -52.78 -54.52 -15.44
C ASN Q 217 -53.89 -54.49 -16.50
N LEU Q 218 -54.23 -53.30 -17.00
CA LEU Q 218 -55.26 -53.17 -18.03
C LEU Q 218 -54.80 -53.76 -19.35
N GLY Q 219 -53.54 -53.52 -19.73
CA GLY Q 219 -53.01 -54.07 -20.99
C GLY Q 219 -52.96 -55.59 -20.99
N MET Q 220 -52.66 -56.18 -19.83
CA MET Q 220 -52.64 -57.62 -19.69
C MET Q 220 -54.01 -58.14 -19.28
N GLY Q 221 -55.01 -57.27 -19.20
CA GLY Q 221 -56.36 -57.72 -18.93
C GLY Q 221 -56.79 -58.04 -17.52
N LYS Q 222 -56.21 -57.36 -16.53
CA LYS Q 222 -56.48 -57.53 -15.10
C LYS Q 222 -56.30 -58.97 -14.61
N ILE Q 223 -55.31 -59.68 -15.18
CA ILE Q 223 -54.95 -60.99 -14.61
C ILE Q 223 -54.30 -60.76 -13.27
N LEU Q 224 -53.46 -59.72 -13.20
CA LEU Q 224 -52.65 -59.50 -12.02
C LEU Q 224 -53.48 -59.07 -10.82
N TYR Q 225 -54.38 -58.12 -11.00
CA TYR Q 225 -55.32 -57.71 -9.95
C TYR Q 225 -56.53 -57.02 -10.58
N ALA R 37 49.06 77.03 5.64
CA ALA R 37 47.74 77.63 5.59
C ALA R 37 46.91 77.25 6.82
N MET R 38 46.72 78.21 7.71
CA MET R 38 45.86 78.04 8.87
C MET R 38 44.76 79.07 8.77
N SER R 39 43.64 78.79 9.43
CA SER R 39 42.48 79.67 9.34
C SER R 39 42.80 80.99 10.02
N GLU R 40 42.44 82.08 9.37
CA GLU R 40 42.61 83.35 10.02
C GLU R 40 41.60 83.55 11.15
N SER R 41 40.39 83.00 11.03
CA SER R 41 39.43 83.20 12.11
C SER R 41 39.63 82.22 13.25
N VAL R 42 40.03 80.98 12.98
CA VAL R 42 40.26 79.99 14.03
C VAL R 42 41.70 79.51 13.90
N PRO R 43 42.67 80.14 14.58
CA PRO R 43 44.10 79.97 14.23
C PRO R 43 44.66 78.57 14.40
N PHE R 44 44.15 77.79 15.36
CA PHE R 44 44.65 76.44 15.57
C PHE R 44 44.10 75.44 14.56
N LEU R 45 43.15 75.86 13.72
CA LEU R 45 42.56 75.03 12.68
C LEU R 45 43.12 75.39 11.32
N LYS R 46 43.08 74.43 10.41
CA LYS R 46 43.58 74.62 9.06
C LYS R 46 42.61 75.45 8.24
N LYS R 47 43.12 76.01 7.14
CA LYS R 47 42.27 76.68 6.16
C LYS R 47 41.27 75.70 5.55
N PRO R 48 39.99 76.09 5.40
CA PRO R 48 38.94 75.12 5.07
C PRO R 48 38.88 74.64 3.62
N GLU R 49 39.90 74.88 2.78
CA GLU R 49 40.21 74.26 1.47
C GLU R 49 39.10 74.28 0.42
N ALA R 50 38.02 75.02 0.67
CA ALA R 50 36.96 75.26 -0.29
C ALA R 50 36.51 76.70 -0.25
N LEU R 51 37.07 77.50 0.65
CA LEU R 51 36.73 78.90 0.83
C LEU R 51 37.91 79.73 0.40
N ASP R 52 37.65 80.79 -0.35
CA ASP R 52 38.69 81.67 -0.87
C ASP R 52 38.25 83.11 -0.74
N SER R 53 39.24 84.01 -0.63
CA SER R 53 39.01 85.43 -0.30
C SER R 53 38.20 86.17 -1.35
N SER R 54 38.09 85.66 -2.58
CA SER R 54 37.15 86.16 -3.58
C SER R 54 35.68 86.05 -3.17
N MET R 55 35.34 85.29 -2.13
CA MET R 55 33.98 85.23 -1.64
C MET R 55 33.72 86.42 -0.71
N ALA R 56 32.44 86.73 -0.55
CA ALA R 56 32.01 87.88 0.23
C ALA R 56 31.74 87.46 1.67
N GLY R 57 32.33 88.19 2.61
CA GLY R 57 32.19 87.80 4.00
C GLY R 57 33.11 86.68 4.40
N TYR R 58 34.16 86.44 3.63
CA TYR R 58 35.09 85.37 3.96
C TYR R 58 35.92 85.77 5.17
N ALA R 59 35.96 84.87 6.14
CA ALA R 59 36.88 85.00 7.26
C ALA R 59 37.58 83.68 7.51
N GLY R 60 37.46 82.72 6.61
CA GLY R 60 38.02 81.41 6.85
C GLY R 60 37.31 80.60 7.90
N PHE R 61 36.05 80.92 8.16
CA PHE R 61 35.28 80.26 9.22
C PHE R 61 34.45 79.11 8.66
N ASP R 62 35.06 77.93 8.63
CA ASP R 62 34.31 76.68 8.42
C ASP R 62 34.94 75.55 9.24
N PRO R 63 34.86 75.64 10.58
CA PRO R 63 35.52 74.62 11.43
C PRO R 63 34.98 73.20 11.26
N LEU R 64 33.69 73.05 10.99
CA LEU R 64 33.11 71.71 10.87
C LEU R 64 33.28 71.10 9.48
N GLY R 65 33.91 71.82 8.55
CA GLY R 65 34.16 71.28 7.22
C GLY R 65 32.94 71.14 6.34
N LEU R 66 31.89 71.93 6.58
CA LEU R 66 30.64 71.84 5.82
C LEU R 66 30.79 72.29 4.36
N SER R 67 31.71 73.22 4.08
CA SER R 67 31.98 73.64 2.71
C SER R 67 32.57 72.51 1.85
N SER R 68 33.15 71.49 2.48
CA SER R 68 33.56 70.28 1.79
C SER R 68 32.40 69.32 1.57
N ILE R 69 31.35 69.41 2.38
CA ILE R 69 30.27 68.43 2.29
C ILE R 69 29.31 68.79 1.17
N ALA R 70 28.67 69.95 1.30
CA ALA R 70 27.76 70.50 0.31
C ALA R 70 28.55 71.28 -0.73
N ASP R 71 27.91 71.51 -1.88
CA ASP R 71 28.47 72.39 -2.89
C ASP R 71 28.49 73.81 -2.37
N ILE R 72 29.61 74.51 -2.60
CA ILE R 72 29.85 75.81 -1.99
C ILE R 72 28.95 76.90 -2.57
N LYS R 73 28.60 76.81 -3.88
CA LYS R 73 27.71 77.80 -4.50
C LYS R 73 26.32 77.74 -3.89
N PHE R 74 25.85 76.53 -3.58
CA PHE R 74 24.59 76.34 -2.88
C PHE R 74 24.65 76.96 -1.49
N LEU R 75 25.77 76.76 -0.78
CA LEU R 75 25.94 77.31 0.56
C LEU R 75 25.96 78.83 0.54
N GLN R 76 26.62 79.42 -0.45
CA GLN R 76 26.65 80.88 -0.57
C GLN R 76 25.27 81.43 -0.85
N GLU R 77 24.53 80.82 -1.80
CA GLU R 77 23.17 81.28 -2.11
C GLU R 77 22.24 81.12 -0.91
N SER R 78 22.39 80.01 -0.16
CA SER R 78 21.61 79.79 1.04
C SER R 78 21.93 80.82 2.11
N GLU R 79 23.22 81.18 2.24
CA GLU R 79 23.63 82.18 3.23
C GLU R 79 23.05 83.55 2.91
N ILE R 80 23.15 84.00 1.64
CA ILE R 80 22.60 85.30 1.25
C ILE R 80 21.08 85.33 1.37
N LYS R 81 20.41 84.21 1.02
CA LYS R 81 18.95 84.13 1.16
C LYS R 81 18.52 84.25 2.62
N HIS R 82 19.09 83.41 3.50
CA HIS R 82 18.91 83.50 4.95
C HIS R 82 19.19 84.90 5.48
N CYS R 83 20.26 85.54 4.96
CA CYS R 83 20.67 86.88 5.36
C CYS R 83 19.60 87.93 5.05
N ARG R 84 19.12 87.95 3.80
CA ARG R 84 18.13 88.95 3.38
C ARG R 84 16.77 88.75 4.06
N ILE R 85 16.33 87.49 4.18
CA ILE R 85 15.06 87.19 4.86
C ILE R 85 15.14 87.59 6.34
N ALA R 86 16.27 87.32 6.99
CA ALA R 86 16.43 87.70 8.38
C ALA R 86 16.56 89.22 8.58
N MET R 87 17.17 89.93 7.61
CA MET R 87 17.21 91.40 7.67
C MET R 87 15.81 91.99 7.61
N LEU R 88 14.99 91.46 6.68
CA LEU R 88 13.59 91.86 6.61
C LEU R 88 12.83 91.48 7.90
N ALA R 89 13.14 90.31 8.47
CA ALA R 89 12.45 89.84 9.68
C ALA R 89 12.76 90.72 10.89
N ALA R 90 14.04 91.09 11.05
CA ALA R 90 14.47 91.96 12.15
C ALA R 90 13.87 93.36 12.03
N ALA R 91 13.93 93.94 10.82
CA ALA R 91 13.32 95.26 10.58
C ALA R 91 11.82 95.23 10.77
N GLY R 92 11.18 94.11 10.40
CA GLY R 92 9.76 93.99 10.58
C GLY R 92 9.35 93.89 12.04
N SER R 93 10.13 93.17 12.84
CA SER R 93 9.93 93.15 14.30
C SER R 93 10.03 94.55 14.91
N ILE R 94 11.10 95.29 14.57
CA ILE R 94 11.30 96.67 15.06
C ILE R 94 10.15 97.58 14.65
N ALA R 95 9.80 97.56 13.35
CA ALA R 95 8.78 98.45 12.80
C ALA R 95 7.40 98.14 13.36
N GLN R 96 7.04 96.83 13.41
CA GLN R 96 5.82 96.36 14.05
C GLN R 96 5.70 96.78 15.50
N ASP R 97 6.83 96.84 16.23
CA ASP R 97 6.76 97.39 17.58
C ASP R 97 6.53 98.88 17.58
N ILE R 98 7.10 99.60 16.62
CA ILE R 98 6.93 101.06 16.58
C ILE R 98 5.52 101.42 16.13
N PHE R 99 5.15 101.02 14.92
CA PHE R 99 3.85 101.36 14.35
C PHE R 99 3.23 100.15 13.66
N THR R 100 1.97 100.30 13.27
CA THR R 100 1.18 99.24 12.67
C THR R 100 0.24 99.90 11.69
N PHE R 101 0.01 99.24 10.56
CA PHE R 101 -0.75 99.78 9.45
C PHE R 101 -2.23 99.96 9.84
N PRO R 102 -2.96 100.88 9.18
CA PRO R 102 -4.36 101.11 9.58
C PRO R 102 -5.26 99.88 9.47
N GLY R 103 -6.11 99.73 10.47
CA GLY R 103 -7.03 98.63 10.57
C GLY R 103 -6.51 97.36 11.20
N VAL R 104 -5.18 97.17 11.25
CA VAL R 104 -4.57 95.91 11.70
C VAL R 104 -4.80 95.68 13.20
N SER R 105 -4.83 96.76 14.00
CA SER R 105 -4.98 96.66 15.46
C SER R 105 -6.30 96.03 15.86
N LYS R 106 -7.38 96.30 15.12
CA LYS R 106 -8.69 95.70 15.41
C LYS R 106 -8.67 94.18 15.19
N VAL R 107 -8.14 93.73 14.05
CA VAL R 107 -8.11 92.30 13.74
C VAL R 107 -7.10 91.56 14.64
N VAL R 108 -5.91 92.12 14.85
CA VAL R 108 -4.96 91.54 15.79
C VAL R 108 -4.69 92.56 16.88
N GLY R 109 -5.01 92.21 18.12
CA GLY R 109 -4.94 93.18 19.21
C GLY R 109 -3.63 93.12 19.97
N THR R 110 -3.67 92.59 21.20
CA THR R 110 -2.48 92.47 22.04
C THR R 110 -1.43 91.53 21.47
N ALA R 111 -1.84 90.71 20.49
CA ALA R 111 -0.91 89.70 19.88
C ALA R 111 0.24 90.39 19.16
N LYS R 112 1.43 89.79 19.20
CA LYS R 112 2.62 90.37 18.50
C LYS R 112 3.54 89.23 18.06
N MET R 113 4.43 89.49 17.09
CA MET R 113 5.43 88.46 16.65
C MET R 113 4.72 87.20 16.15
N THR R 114 5.08 86.04 16.69
CA THR R 114 4.48 84.75 16.22
C THR R 114 2.98 84.73 16.51
N GLY R 115 2.53 85.46 17.54
CA GLY R 115 1.10 85.44 17.92
C GLY R 115 0.21 85.96 16.80
N VAL R 116 0.62 87.02 16.10
CA VAL R 116 -0.18 87.55 14.95
C VAL R 116 -0.26 86.49 13.84
N HIS R 117 0.82 85.75 13.60
CA HIS R 117 0.87 84.75 12.50
C HIS R 117 -0.39 83.87 12.47
N ASP R 118 -0.79 83.30 13.61
CA ASP R 118 -1.91 82.36 13.62
C ASP R 118 -3.21 83.06 13.28
N VAL R 119 -3.36 84.30 13.77
CA VAL R 119 -4.56 85.10 13.50
C VAL R 119 -4.61 85.44 12.03
N LEU R 120 -3.46 85.77 11.46
CA LEU R 120 -3.42 86.18 10.08
C LEU R 120 -3.39 84.99 9.15
N VAL R 121 -3.21 83.77 9.69
CA VAL R 121 -3.45 82.59 8.87
C VAL R 121 -4.96 82.38 8.67
N LYS R 122 -5.77 82.68 9.71
CA LYS R 122 -7.23 82.63 9.59
C LYS R 122 -7.72 83.59 8.53
N GLN R 123 -7.25 84.84 8.57
CA GLN R 123 -7.53 85.77 7.48
C GLN R 123 -6.63 85.40 6.29
N GLY R 124 -6.75 86.10 5.19
CA GLY R 124 -5.99 85.66 4.03
C GLY R 124 -4.60 86.22 3.89
N ALA R 125 -4.14 87.01 4.86
CA ALA R 125 -2.86 87.75 4.79
C ALA R 125 -1.62 86.88 4.62
N MET R 126 -1.47 85.88 5.50
CA MET R 126 -0.30 85.03 5.49
C MET R 126 -0.26 84.17 4.25
N GLY R 127 -1.43 83.68 3.84
CA GLY R 127 -1.52 82.86 2.64
C GLY R 127 -1.13 83.61 1.40
N GLN R 128 -1.56 84.87 1.31
CA GLN R 128 -1.22 85.73 0.17
C GLN R 128 0.28 85.98 0.10
N ILE R 129 0.91 86.21 1.27
CA ILE R 129 2.37 86.38 1.32
C ILE R 129 3.06 85.11 0.84
N LEU R 130 2.56 83.95 1.29
CA LEU R 130 3.16 82.66 0.92
C LEU R 130 3.09 82.44 -0.58
N LEU R 131 1.93 82.74 -1.16
CA LEU R 131 1.68 82.64 -2.60
C LEU R 131 2.68 83.48 -3.41
N TRP R 132 2.85 84.76 -3.04
CA TRP R 132 3.68 85.63 -3.87
C TRP R 132 5.18 85.36 -3.68
N THR R 133 5.62 85.04 -2.45
CA THR R 133 7.01 84.63 -2.24
C THR R 133 7.30 83.29 -2.90
N SER R 134 6.32 82.39 -2.92
CA SER R 134 6.45 81.10 -3.59
C SER R 134 6.59 81.28 -5.09
N PHE R 135 5.84 82.25 -5.64
CA PHE R 135 5.97 82.59 -7.05
C PHE R 135 7.38 83.05 -7.35
N LEU R 136 7.93 83.93 -6.50
CA LEU R 136 9.30 84.43 -6.67
C LEU R 136 10.31 83.30 -6.51
N GLU R 137 10.06 82.38 -5.57
CA GLU R 137 10.95 81.25 -5.34
C GLU R 137 10.98 80.24 -6.47
N VAL R 138 9.92 80.13 -7.28
CA VAL R 138 10.00 79.25 -8.47
C VAL R 138 11.10 79.73 -9.43
N PHE R 139 11.12 81.04 -9.69
CA PHE R 139 12.17 81.64 -10.50
C PHE R 139 13.50 81.63 -9.77
N GLY R 140 13.48 81.73 -8.45
CA GLY R 140 14.69 81.58 -7.66
C GLY R 140 15.24 80.17 -7.69
N THR R 141 14.36 79.16 -7.86
CA THR R 141 14.80 77.78 -8.05
C THR R 141 15.52 77.64 -9.38
N ILE R 142 14.94 78.21 -10.44
CA ILE R 142 15.58 78.22 -11.76
C ILE R 142 16.92 78.97 -11.71
N ALA R 143 16.96 80.09 -10.99
CA ALA R 143 18.18 80.87 -10.79
C ALA R 143 19.26 80.10 -10.03
N LEU R 144 18.87 79.38 -8.97
CA LEU R 144 19.82 78.59 -8.19
C LEU R 144 20.37 77.43 -9.01
N LEU R 145 19.52 76.81 -9.83
CA LEU R 145 19.97 75.70 -10.67
C LEU R 145 20.93 76.18 -11.74
N GLU R 146 20.72 77.40 -12.25
CA GLU R 146 21.69 78.04 -13.11
C GLU R 146 22.99 78.38 -12.36
N THR R 147 22.88 78.80 -11.09
CA THR R 147 24.07 79.06 -10.25
C THR R 147 24.91 77.79 -10.07
N LEU R 148 24.26 76.66 -9.76
CA LEU R 148 24.95 75.38 -9.65
C LEU R 148 25.50 74.92 -10.99
N ASP R 149 24.84 75.32 -12.09
CA ASP R 149 25.44 75.15 -13.42
C ASP R 149 26.70 75.98 -13.60
N GLY R 150 26.84 77.07 -12.86
CA GLY R 150 27.99 77.95 -12.95
C GLY R 150 27.84 79.14 -13.87
N LYS R 151 26.63 79.63 -14.08
CA LYS R 151 26.36 80.75 -14.97
C LYS R 151 25.85 81.99 -14.25
N ARG R 152 25.87 82.00 -12.92
CA ARG R 152 25.29 83.07 -12.13
C ARG R 152 25.97 83.07 -10.77
N ALA R 153 26.34 84.26 -10.29
CA ALA R 153 26.87 84.40 -8.95
C ALA R 153 25.76 84.13 -7.93
N PRO R 154 26.10 83.55 -6.77
CA PRO R 154 25.08 83.35 -5.74
C PRO R 154 24.53 84.68 -5.23
N GLY R 155 23.21 84.75 -5.11
CA GLY R 155 22.52 85.96 -4.70
C GLY R 155 22.38 87.00 -5.79
N ASP R 156 22.77 86.70 -7.02
CA ASP R 156 22.73 87.67 -8.13
C ASP R 156 21.40 87.56 -8.86
N PHE R 157 20.45 88.39 -8.45
CA PHE R 157 19.23 88.55 -9.21
C PHE R 157 19.25 89.80 -10.06
N LYS R 158 20.42 90.45 -10.16
CA LYS R 158 20.69 91.64 -10.99
C LYS R 158 19.83 92.83 -10.63
N PHE R 159 19.31 92.84 -9.41
CA PHE R 159 18.31 93.81 -8.98
C PHE R 159 19.04 95.02 -8.42
N ASP R 160 19.19 96.05 -9.24
CA ASP R 160 19.73 97.33 -8.81
C ASP R 160 18.97 98.47 -9.48
N PRO R 161 17.65 98.70 -9.09
CA PRO R 161 16.84 99.74 -9.76
C PRO R 161 17.41 101.14 -9.56
N LEU R 162 17.56 101.57 -8.31
CA LEU R 162 18.39 102.73 -8.03
C LEU R 162 19.86 102.34 -8.20
N GLY R 163 20.69 103.32 -8.56
CA GLY R 163 22.06 103.00 -8.85
C GLY R 163 22.99 103.16 -7.65
N PHE R 164 23.51 102.06 -7.16
CA PHE R 164 24.47 102.08 -6.07
C PHE R 164 25.75 101.36 -6.40
N SER R 165 25.68 100.25 -7.12
CA SER R 165 26.83 99.41 -7.44
C SER R 165 27.38 99.71 -8.82
N LYS R 166 27.37 100.98 -9.23
CA LYS R 166 28.00 101.40 -10.48
C LYS R 166 29.51 101.16 -10.46
N ASN R 167 30.16 101.67 -9.44
CA ASN R 167 31.59 101.56 -9.25
C ASN R 167 31.94 100.20 -8.63
N ALA R 168 33.13 99.69 -8.97
CA ALA R 168 33.54 98.35 -8.55
C ALA R 168 33.89 98.27 -7.05
N GLU R 169 34.67 99.25 -6.54
CA GLU R 169 35.05 99.27 -5.12
C GLU R 169 33.81 99.40 -4.22
N THR R 170 32.82 100.22 -4.61
CA THR R 170 31.60 100.37 -3.83
C THR R 170 30.78 99.10 -3.88
N ALA R 171 30.83 98.40 -5.02
CA ALA R 171 30.17 97.10 -5.15
C ALA R 171 30.76 96.09 -4.20
N LYS R 172 32.10 96.08 -4.07
CA LYS R 172 32.76 95.19 -3.10
C LYS R 172 32.42 95.57 -1.67
N ARG R 173 32.41 96.87 -1.38
CA ARG R 173 32.11 97.37 -0.03
C ARG R 173 30.70 97.02 0.36
N TYR R 174 29.75 97.17 -0.57
CA TYR R 174 28.36 96.76 -0.36
C TYR R 174 28.24 95.26 -0.19
N GLN R 175 28.98 94.48 -0.99
CA GLN R 175 28.88 93.03 -0.94
C GLN R 175 29.32 92.47 0.40
N LEU R 176 30.47 92.98 0.89
CA LEU R 176 30.94 92.61 2.23
C LEU R 176 29.97 93.09 3.30
N SER R 177 29.47 94.34 3.14
CA SER R 177 28.53 94.93 4.09
C SER R 177 27.24 94.13 4.19
N GLU R 178 26.65 93.77 3.04
CA GLU R 178 25.35 93.11 3.01
C GLU R 178 25.45 91.73 3.65
N ILE R 179 26.56 90.98 3.41
CA ILE R 179 26.72 89.71 4.13
C ILE R 179 26.89 89.95 5.64
N LYS R 180 27.67 90.98 6.02
CA LYS R 180 27.89 91.28 7.44
C LYS R 180 26.61 91.68 8.18
N ASN R 181 25.78 92.51 7.55
CA ASN R 181 24.53 92.96 8.16
C ASN R 181 23.51 91.84 8.16
N GLY R 182 23.50 91.03 7.10
CA GLY R 182 22.59 89.89 7.07
C GLY R 182 22.89 88.86 8.14
N ARG R 183 24.18 88.58 8.38
CA ARG R 183 24.62 87.69 9.47
C ARG R 183 24.21 88.23 10.84
N LEU R 184 24.44 89.53 11.05
CA LEU R 184 24.04 90.20 12.28
C LEU R 184 22.53 90.13 12.50
N ALA R 185 21.76 90.26 11.42
CA ALA R 185 20.31 90.19 11.55
C ALA R 185 19.81 88.77 11.72
N MET R 186 20.57 87.77 11.28
CA MET R 186 20.24 86.36 11.48
C MET R 186 20.25 86.03 12.97
N LEU R 187 21.36 86.41 13.63
CA LEU R 187 21.44 86.28 15.09
C LEU R 187 20.43 87.17 15.80
N ALA R 188 20.21 88.39 15.27
CA ALA R 188 19.23 89.32 15.82
C ALA R 188 17.83 88.72 15.86
N THR R 189 17.32 88.25 14.70
CA THR R 189 16.02 87.60 14.55
C THR R 189 15.84 86.47 15.55
N GLY R 190 16.86 85.60 15.66
CA GLY R 190 16.93 84.55 16.68
C GLY R 190 16.66 85.05 18.08
N GLY R 191 17.49 86.02 18.51
CA GLY R 191 17.32 86.67 19.80
C GLY R 191 15.95 87.29 20.04
N MET R 192 15.42 88.01 19.04
CA MET R 192 14.15 88.72 19.15
C MET R 192 12.99 87.76 19.38
N VAL R 193 12.91 86.71 18.55
CA VAL R 193 11.78 85.76 18.67
C VAL R 193 11.91 84.94 19.95
N HIS R 194 13.15 84.60 20.38
CA HIS R 194 13.29 83.80 21.59
C HIS R 194 12.99 84.63 22.84
N GLY R 195 13.33 85.93 22.80
CA GLY R 195 12.94 86.84 23.86
C GLY R 195 11.44 86.98 23.95
N TYR R 196 10.75 86.97 22.78
CA TYR R 196 9.29 86.97 22.77
C TYR R 196 8.72 85.71 23.45
N PHE R 197 9.32 84.54 23.20
CA PHE R 197 8.87 83.33 23.90
C PHE R 197 9.07 83.45 25.41
N ILE R 198 10.23 83.96 25.84
CA ILE R 198 10.53 84.06 27.28
C ILE R 198 9.61 85.06 27.97
N THR R 199 9.43 86.25 27.40
CA THR R 199 8.71 87.31 28.09
C THR R 199 7.35 87.69 27.53
N GLY R 200 7.07 87.43 26.25
CA GLY R 200 5.83 87.90 25.66
C GLY R 200 5.83 89.35 25.23
N LYS R 201 6.99 89.99 25.17
CA LYS R 201 7.03 91.41 24.85
C LYS R 201 7.44 91.72 23.41
N GLY R 202 8.64 91.35 23.02
CA GLY R 202 9.13 91.75 21.71
C GLY R 202 10.21 92.79 21.87
N PRO R 203 11.01 93.04 20.81
CA PRO R 203 12.28 93.79 20.93
C PRO R 203 12.27 95.18 21.53
N LEU R 204 11.31 96.03 21.16
CA LEU R 204 11.38 97.41 21.65
C LEU R 204 10.89 97.51 23.08
N GLU R 205 9.70 96.96 23.38
CA GLU R 205 9.22 96.97 24.75
C GLU R 205 10.08 96.10 25.68
N LEU R 206 10.81 95.10 25.17
CA LEU R 206 11.82 94.45 26.00
C LEU R 206 12.99 95.37 26.30
N LEU R 207 13.31 96.30 25.39
CA LEU R 207 14.30 97.31 25.78
C LEU R 207 13.74 98.26 26.84
N THR R 208 12.47 98.70 26.66
CA THR R 208 11.83 99.65 27.58
C THR R 208 11.66 99.08 28.99
N ASN R 209 11.21 97.83 29.08
CA ASN R 209 10.96 97.15 30.34
C ASN R 209 11.95 96.00 30.47
N PHE R 210 12.80 96.06 31.51
CA PHE R 210 13.80 95.05 31.92
C PHE R 210 14.95 94.97 30.94
N ASN S 35 37.51 -73.92 33.22
CA ASN S 35 38.57 -74.90 33.41
C ASN S 35 38.03 -76.02 34.28
N LEU S 36 38.49 -76.08 35.53
CA LEU S 36 38.10 -77.16 36.43
C LEU S 36 37.02 -76.78 37.41
N ALA S 37 36.90 -75.49 37.77
CA ALA S 37 35.91 -75.09 38.76
C ALA S 37 34.50 -75.07 38.18
N VAL S 38 34.35 -74.33 37.09
CA VAL S 38 33.12 -74.24 36.31
C VAL S 38 33.31 -75.04 35.02
N PRO S 39 32.90 -76.30 34.97
CA PRO S 39 33.26 -77.15 33.81
C PRO S 39 32.53 -76.84 32.51
N PHE S 40 31.36 -76.19 32.56
CA PHE S 40 30.62 -75.84 31.35
C PHE S 40 31.07 -74.52 30.74
N LEU S 41 32.23 -74.01 31.15
CA LEU S 41 32.83 -72.83 30.58
C LEU S 41 34.22 -73.20 30.09
N LYS S 42 34.83 -72.29 29.34
CA LYS S 42 36.17 -72.55 28.87
C LYS S 42 37.19 -72.32 29.98
N ALA S 43 38.36 -72.92 29.78
CA ALA S 43 39.52 -72.61 30.59
C ALA S 43 39.92 -71.15 30.35
N PRO S 44 40.22 -70.39 31.41
CA PRO S 44 40.62 -68.97 31.24
C PRO S 44 41.85 -68.76 30.37
N ALA S 45 42.83 -69.67 30.44
CA ALA S 45 44.08 -69.72 29.68
C ALA S 45 44.98 -68.51 29.90
N LYS S 46 44.72 -67.70 30.92
CA LYS S 46 45.61 -66.70 31.42
C LYS S 46 46.05 -67.02 32.83
N LEU S 47 45.50 -68.08 33.42
CA LEU S 47 45.86 -68.50 34.76
C LEU S 47 46.40 -69.91 34.62
N ASP S 48 47.22 -70.36 35.58
CA ASP S 48 47.80 -71.70 35.52
C ASP S 48 47.96 -72.24 36.94
N SER S 49 48.24 -73.54 37.04
CA SER S 49 48.50 -74.21 38.32
C SER S 49 49.77 -73.74 38.99
N SER S 50 50.65 -73.02 38.27
CA SER S 50 51.82 -72.36 38.84
C SER S 50 51.41 -71.36 39.91
N MET S 51 50.34 -70.60 39.65
CA MET S 51 49.88 -69.59 40.58
C MET S 51 49.33 -70.27 41.84
N PRO S 52 49.57 -69.66 43.05
CA PRO S 52 49.31 -70.36 44.33
C PRO S 52 47.92 -70.91 44.59
N GLY S 53 46.91 -70.06 44.54
CA GLY S 53 45.58 -70.47 44.93
C GLY S 53 44.69 -70.87 43.77
N TYR S 54 45.32 -71.22 42.63
CA TYR S 54 44.60 -71.49 41.38
C TYR S 54 43.60 -72.62 41.52
N ALA S 55 42.41 -72.40 40.97
CA ALA S 55 41.42 -73.45 40.86
C ALA S 55 40.73 -73.44 39.50
N GLY S 56 41.22 -72.66 38.54
CA GLY S 56 40.59 -72.57 37.25
C GLY S 56 39.29 -71.82 37.24
N PHE S 57 39.07 -70.96 38.22
CA PHE S 57 37.80 -70.27 38.42
C PHE S 57 37.94 -68.84 37.92
N ASP S 58 37.52 -68.61 36.68
CA ASP S 58 37.39 -67.25 36.17
C ASP S 58 36.25 -67.15 35.15
N PRO S 59 35.00 -67.16 35.62
CA PRO S 59 33.86 -67.12 34.66
C PRO S 59 33.74 -65.83 33.83
N LEU S 60 33.78 -64.65 34.47
CA LEU S 60 33.64 -63.38 33.73
C LEU S 60 34.78 -63.03 32.79
N GLY S 61 35.93 -63.70 32.84
CA GLY S 61 37.06 -63.31 32.01
C GLY S 61 37.65 -61.99 32.46
N CYS S 62 37.77 -61.78 33.78
CA CYS S 62 38.43 -60.60 34.30
C CYS S 62 39.93 -60.57 34.04
N SER S 63 40.55 -61.73 33.92
CA SER S 63 41.99 -61.78 33.66
C SER S 63 42.34 -61.46 32.21
N ASP S 64 41.35 -61.35 31.34
CA ASP S 64 41.61 -60.92 29.97
C ASP S 64 41.72 -59.41 29.85
N PHE S 65 41.09 -58.66 30.75
CA PHE S 65 41.11 -57.21 30.60
C PHE S 65 42.02 -56.47 31.56
N TYR S 66 42.57 -57.12 32.58
CA TYR S 66 43.50 -56.52 33.52
C TYR S 66 44.72 -57.41 33.67
N ASP S 67 45.83 -56.79 34.05
CA ASP S 67 47.07 -57.50 34.37
C ASP S 67 46.83 -58.49 35.50
N VAL S 68 47.34 -59.71 35.33
CA VAL S 68 47.08 -60.73 36.33
C VAL S 68 47.98 -60.59 37.53
N LYS S 69 49.13 -59.95 37.38
CA LYS S 69 49.97 -59.57 38.50
C LYS S 69 49.24 -58.63 39.44
N TRP S 70 48.55 -57.63 38.87
CA TRP S 70 47.75 -56.69 39.65
C TRP S 70 46.57 -57.38 40.31
N LEU S 71 45.96 -58.35 39.62
CA LEU S 71 44.82 -59.08 40.17
C LEU S 71 45.24 -59.95 41.34
N GLN S 72 46.39 -60.61 41.21
CA GLN S 72 46.92 -61.43 42.33
C GLN S 72 47.25 -60.50 43.49
N GLU S 73 47.90 -59.37 43.20
CA GLU S 73 48.33 -58.44 44.29
C GLU S 73 47.08 -57.95 45.02
N ALA S 74 46.03 -57.60 44.26
CA ALA S 74 44.78 -57.10 44.87
C ALA S 74 44.15 -58.21 45.72
N GLU S 75 44.13 -59.44 45.21
CA GLU S 75 43.44 -60.53 45.96
C GLU S 75 44.12 -60.74 47.30
N ILE S 76 45.46 -60.87 47.31
CA ILE S 76 46.17 -61.17 48.59
C ILE S 76 45.97 -60.00 49.56
N LYS S 77 46.15 -58.76 49.09
CA LYS S 77 46.06 -57.58 49.99
C LYS S 77 44.64 -57.46 50.54
N ASN S 78 43.61 -57.65 49.70
CA ASN S 78 42.20 -57.56 50.16
C ASN S 78 41.97 -58.65 51.21
N GLY S 79 42.51 -59.85 50.98
CA GLY S 79 42.38 -60.95 51.95
C GLY S 79 43.09 -60.62 53.26
N ARG S 80 44.28 -60.03 53.19
CA ARG S 80 45.07 -59.71 54.41
C ARG S 80 44.32 -58.67 55.24
N VAL S 81 43.76 -57.65 54.59
CA VAL S 81 42.98 -56.61 55.32
C VAL S 81 41.73 -57.28 55.93
N ALA S 82 41.09 -58.17 55.17
CA ALA S 82 39.88 -58.88 55.66
C ALA S 82 40.23 -59.77 56.85
N MET S 83 41.41 -60.44 56.80
CA MET S 83 41.82 -61.33 57.91
C MET S 83 42.01 -60.50 59.17
N LEU S 84 42.63 -59.31 59.06
CA LEU S 84 42.75 -58.40 60.22
C LEU S 84 41.35 -57.95 60.63
N GLY S 85 40.48 -57.67 59.65
CA GLY S 85 39.11 -57.19 59.93
C GLY S 85 38.28 -58.20 60.69
N VAL S 86 38.41 -59.48 60.37
CA VAL S 86 37.68 -60.56 61.12
C VAL S 86 38.07 -60.47 62.59
N VAL S 87 39.37 -60.53 62.90
CA VAL S 87 39.82 -60.37 64.29
C VAL S 87 39.39 -59.01 64.85
N GLY S 88 39.40 -57.99 63.98
CA GLY S 88 38.95 -56.66 64.38
C GLY S 88 37.48 -56.59 64.75
N LEU S 89 36.68 -57.51 64.20
CA LEU S 89 35.30 -57.66 64.63
C LEU S 89 35.14 -58.64 65.81
N LEU S 90 36.02 -59.63 65.96
CA LEU S 90 35.86 -60.63 67.02
C LEU S 90 36.37 -60.15 68.38
N VAL S 91 37.66 -59.78 68.43
CA VAL S 91 38.34 -59.49 69.72
C VAL S 91 37.75 -58.32 70.51
N PRO S 92 37.43 -57.14 69.90
CA PRO S 92 36.87 -56.02 70.72
C PRO S 92 35.57 -56.27 71.47
N GLU S 93 34.82 -57.34 71.15
CA GLU S 93 33.73 -57.76 72.01
C GLU S 93 34.23 -58.18 73.39
N PHE S 94 35.24 -59.06 73.43
CA PHE S 94 35.76 -59.54 74.71
C PHE S 94 36.56 -58.46 75.44
N PHE S 95 37.34 -57.68 74.69
CA PHE S 95 38.27 -56.73 75.32
C PHE S 95 38.36 -55.51 74.41
N HIS S 96 37.96 -54.37 74.96
CA HIS S 96 38.08 -53.08 74.29
C HIS S 96 39.04 -52.20 75.10
N LEU S 97 39.85 -51.42 74.38
CA LEU S 97 40.95 -50.65 74.94
C LEU S 97 40.43 -49.62 75.96
N PRO S 98 41.14 -49.39 77.07
CA PRO S 98 40.64 -48.43 78.09
C PRO S 98 40.54 -46.99 77.63
N MET S 99 41.28 -46.63 76.57
CA MET S 99 41.29 -45.29 76.02
C MET S 99 39.92 -44.90 75.49
N TYR S 100 39.24 -45.84 74.83
CA TYR S 100 38.05 -45.59 74.03
C TYR S 100 36.77 -45.95 74.78
N THR S 101 35.64 -45.86 74.09
CA THR S 101 34.41 -46.51 74.48
C THR S 101 33.95 -47.43 73.35
N ALA S 102 33.45 -48.61 73.72
CA ALA S 102 33.30 -49.68 72.75
C ALA S 102 32.04 -49.58 71.91
N GLY S 103 31.13 -48.64 72.21
CA GLY S 103 29.86 -48.63 71.52
C GLY S 103 29.01 -49.85 71.86
N ALA S 104 28.24 -50.30 70.87
CA ALA S 104 27.35 -51.45 71.04
C ALA S 104 27.93 -52.73 70.44
N THR S 105 28.45 -52.65 69.23
CA THR S 105 29.08 -53.78 68.55
C THR S 105 30.43 -53.31 68.03
N PRO S 106 31.40 -54.24 67.82
CA PRO S 106 32.70 -53.86 67.21
C PRO S 106 32.61 -53.20 65.85
N TYR S 107 31.58 -53.49 65.05
CA TYR S 107 31.33 -52.69 63.86
C TYR S 107 31.08 -51.23 64.21
N GLU S 108 30.09 -50.96 65.07
CA GLU S 108 29.61 -49.59 65.34
C GLU S 108 30.60 -48.73 66.10
N SER S 109 31.66 -49.33 66.62
CA SER S 109 32.68 -48.66 67.41
C SER S 109 33.40 -47.55 66.67
N TYR S 110 33.39 -47.54 65.33
CA TYR S 110 34.01 -46.47 64.55
C TYR S 110 33.25 -45.16 64.70
N THR S 111 31.98 -45.22 65.13
CA THR S 111 31.19 -44.04 65.38
C THR S 111 31.34 -43.48 66.78
N THR S 112 32.12 -44.13 67.65
CA THR S 112 32.28 -43.67 69.02
C THR S 112 33.72 -43.39 69.41
N VAL S 113 34.69 -43.95 68.72
CA VAL S 113 36.09 -43.58 68.88
C VAL S 113 36.25 -42.23 68.21
N PRO S 114 37.25 -41.41 68.55
CA PRO S 114 37.44 -40.14 67.83
C PRO S 114 37.77 -40.38 66.36
N ALA S 115 37.11 -39.62 65.49
CA ALA S 115 37.36 -39.77 64.05
C ALA S 115 38.76 -39.31 63.66
N PHE S 116 39.40 -38.47 64.46
CA PHE S 116 40.80 -38.16 64.19
C PHE S 116 41.71 -39.37 64.38
N ALA S 117 41.32 -40.30 65.27
CA ALA S 117 42.06 -41.56 65.46
C ALA S 117 42.08 -42.38 64.18
N LEU S 118 40.91 -42.55 63.56
CA LEU S 118 40.82 -43.26 62.29
C LEU S 118 41.47 -42.49 61.13
N ILE S 119 41.50 -41.15 61.18
CA ILE S 119 42.29 -40.40 60.19
C ILE S 119 43.77 -40.77 60.26
N GLN S 120 44.32 -40.88 61.48
CA GLN S 120 45.71 -41.35 61.57
C GLN S 120 45.85 -42.82 61.15
N ILE S 121 44.82 -43.65 61.39
CA ILE S 121 44.84 -45.03 60.88
C ILE S 121 44.99 -45.03 59.36
N PHE S 122 44.19 -44.17 58.71
CA PHE S 122 44.16 -44.01 57.25
C PHE S 122 45.51 -43.54 56.70
N LEU S 123 46.08 -42.49 57.32
CA LEU S 123 47.36 -41.97 56.84
C LEU S 123 48.55 -42.88 57.20
N GLY S 124 48.49 -43.60 58.32
CA GLY S 124 49.53 -44.57 58.64
C GLY S 124 49.54 -45.73 57.68
N CYS S 125 48.36 -46.26 57.33
CA CYS S 125 48.27 -47.30 56.30
C CYS S 125 48.73 -46.78 54.94
N GLY S 126 48.46 -45.50 54.65
CA GLY S 126 48.97 -44.89 53.42
C GLY S 126 50.48 -44.79 53.40
N ALA S 127 51.08 -44.46 54.55
CA ALA S 127 52.54 -44.45 54.71
C ALA S 127 53.12 -45.84 54.48
N VAL S 128 52.44 -46.87 54.99
CA VAL S 128 52.86 -48.25 54.76
C VAL S 128 52.78 -48.61 53.28
N GLU S 129 51.72 -48.14 52.59
CA GLU S 129 51.59 -48.35 51.15
C GLU S 129 52.71 -47.66 50.37
N TYR S 130 53.07 -46.43 50.74
CA TYR S 130 54.14 -45.74 50.01
C TYR S 130 55.52 -46.23 50.45
N PHE S 131 55.65 -46.95 51.56
CA PHE S 131 56.98 -47.37 51.96
C PHE S 131 57.28 -48.80 51.52
N THR S 132 56.42 -49.76 51.89
CA THR S 132 56.60 -51.17 51.50
C THR S 132 56.58 -51.37 49.99
N HIS S 133 55.71 -50.66 49.27
CA HIS S 133 55.87 -50.50 47.83
C HIS S 133 56.82 -49.33 47.61
N LYS S 134 57.92 -49.53 46.89
CA LYS S 134 58.98 -48.51 46.86
C LYS S 134 58.64 -47.31 45.95
N GLY S 135 57.57 -46.61 46.29
CA GLY S 135 57.03 -45.52 45.50
C GLY S 135 56.17 -45.94 44.32
N LYS S 136 55.99 -47.24 44.12
CA LYS S 136 55.20 -47.76 42.99
C LYS S 136 53.81 -48.13 43.50
N ILE S 137 52.80 -47.40 43.06
CA ILE S 137 51.45 -47.59 43.61
C ILE S 137 50.44 -47.76 42.48
N SER S 138 50.91 -48.01 41.27
CA SER S 138 50.05 -48.09 40.11
C SER S 138 50.32 -49.39 39.36
N PRO S 139 49.36 -49.87 38.52
CA PRO S 139 49.61 -51.09 37.73
C PRO S 139 50.83 -51.07 36.83
N ASP S 140 51.10 -49.95 36.15
CA ASP S 140 52.32 -49.83 35.33
C ASP S 140 53.57 -49.79 36.21
N ASN S 141 53.42 -49.34 37.45
CA ASN S 141 54.56 -49.09 38.34
C ASN S 141 54.96 -50.31 39.15
N MET S 142 54.02 -51.07 39.73
CA MET S 142 54.41 -52.30 40.42
C MET S 142 55.04 -53.32 39.44
N PHE S 143 55.76 -54.29 40.03
CA PHE S 143 56.40 -55.44 39.37
C PHE S 143 57.58 -55.04 38.49
N ASP S 144 58.13 -53.83 38.67
CA ASP S 144 59.20 -53.35 37.78
C ASP S 144 60.49 -54.12 37.97
N GLY S 145 60.83 -54.41 39.23
CA GLY S 145 62.04 -55.16 39.49
C GLY S 145 61.82 -56.66 39.61
N GLY S 146 60.69 -57.15 39.13
CA GLY S 146 60.42 -58.56 39.28
C GLY S 146 59.81 -58.93 40.61
N ARG S 147 59.16 -57.99 41.29
CA ARG S 147 58.49 -58.25 42.55
C ARG S 147 57.37 -59.27 42.39
N VAL S 148 57.49 -60.36 43.13
CA VAL S 148 56.47 -61.40 43.21
C VAL S 148 55.26 -60.82 43.94
N PRO S 149 53.98 -61.15 43.50
CA PRO S 149 52.76 -60.57 44.11
C PRO S 149 52.64 -60.55 45.62
N GLY S 150 52.72 -61.69 46.29
CA GLY S 150 52.55 -61.70 47.74
C GLY S 150 53.67 -61.00 48.49
N GLU S 151 54.90 -61.17 48.02
CA GLU S 151 56.09 -60.78 48.76
C GLU S 151 56.23 -59.27 48.95
N PHE S 152 56.46 -58.88 50.21
CA PHE S 152 56.87 -57.54 50.63
C PHE S 152 58.19 -57.62 51.37
N GLY S 153 58.90 -58.73 51.23
CA GLY S 153 60.16 -58.94 51.90
C GLY S 153 60.13 -59.70 53.21
N TRP S 154 59.00 -60.30 53.59
CA TRP S 154 58.97 -61.13 54.78
C TRP S 154 59.40 -62.57 54.52
N GLY S 155 59.62 -62.94 53.28
CA GLY S 155 60.21 -64.24 52.99
C GLY S 155 59.74 -64.78 51.65
N LYS S 156 60.19 -66.00 51.40
CA LYS S 156 59.81 -66.80 50.24
C LYS S 156 59.19 -68.08 50.79
N ALA S 157 58.06 -68.47 50.24
CA ALA S 157 57.30 -69.58 50.78
C ALA S 157 57.04 -70.62 49.70
N ASP S 158 56.76 -71.84 50.17
CA ASP S 158 56.37 -72.93 49.28
C ASP S 158 55.04 -72.60 48.64
N MET S 159 54.83 -73.13 47.42
CA MET S 159 53.56 -73.01 46.69
C MET S 159 52.35 -73.41 47.53
N THR S 160 52.52 -74.45 48.36
CA THR S 160 51.51 -74.88 49.32
C THR S 160 51.25 -73.80 50.36
N MET S 161 52.31 -73.14 50.85
CA MET S 161 52.18 -72.13 51.90
C MET S 161 51.47 -70.89 51.39
N GLN S 162 51.82 -70.49 50.17
CA GLN S 162 51.14 -69.38 49.50
C GLN S 162 49.68 -69.72 49.24
N THR S 163 49.39 -70.99 48.88
CA THR S 163 48.01 -71.45 48.69
C THR S 163 47.19 -71.36 49.96
N LYS S 164 47.79 -71.79 51.08
CA LYS S 164 47.18 -71.68 52.41
C LYS S 164 46.80 -70.24 52.72
N GLU S 165 47.75 -69.31 52.52
CA GLU S 165 47.49 -67.87 52.70
C GLU S 165 46.31 -67.37 51.85
N ILE S 166 46.32 -67.71 50.54
CA ILE S 166 45.26 -67.28 49.62
C ILE S 166 43.89 -67.78 50.04
N LYS S 167 43.77 -69.10 50.29
CA LYS S 167 42.47 -69.67 50.64
C LYS S 167 41.95 -69.18 51.99
N ASN S 168 42.83 -69.02 53.00
CA ASN S 168 42.42 -68.40 54.26
C ASN S 168 41.98 -66.96 54.05
N GLY S 169 42.64 -66.26 53.12
CA GLY S 169 42.25 -64.90 52.78
C GLY S 169 40.87 -64.81 52.16
N ARG S 170 40.59 -65.71 51.22
CA ARG S 170 39.28 -65.80 50.59
C ARG S 170 38.18 -66.11 51.61
N LEU S 171 38.47 -67.05 52.52
CA LEU S 171 37.53 -67.38 53.60
C LEU S 171 37.27 -66.17 54.50
N ALA S 172 38.34 -65.46 54.88
CA ALA S 172 38.17 -64.29 55.75
C ALA S 172 37.49 -63.12 55.05
N MET S 173 37.65 -63.00 53.71
CA MET S 173 36.90 -62.02 52.94
C MET S 173 35.40 -62.28 53.01
N LEU S 174 34.97 -63.53 52.77
CA LEU S 174 33.55 -63.88 52.90
C LEU S 174 33.06 -63.70 54.34
N ALA S 175 33.90 -64.10 55.29
CA ALA S 175 33.60 -64.05 56.73
C ALA S 175 33.31 -62.64 57.20
N PHE S 176 34.09 -61.66 56.71
CA PHE S 176 33.93 -60.27 57.12
C PHE S 176 32.55 -59.73 56.72
N GLY S 177 32.11 -60.08 55.50
CA GLY S 177 30.80 -59.63 55.05
C GLY S 177 29.69 -60.18 55.91
N GLY S 178 29.78 -61.48 56.23
CA GLY S 178 28.78 -62.09 57.11
C GLY S 178 28.77 -61.52 58.52
N ILE S 179 29.95 -61.36 59.12
CA ILE S 179 30.07 -60.84 60.48
C ILE S 179 29.62 -59.38 60.56
N LEU S 180 30.07 -58.56 59.60
CA LEU S 180 29.77 -57.12 59.61
C LEU S 180 28.29 -56.86 59.43
N HIS S 181 27.65 -57.51 58.45
CA HIS S 181 26.22 -57.31 58.23
C HIS S 181 25.39 -57.91 59.38
N GLN S 182 25.85 -59.03 59.97
CA GLN S 182 25.18 -59.59 61.15
C GLN S 182 25.19 -58.62 62.33
N GLN S 183 26.36 -58.03 62.62
CA GLN S 183 26.47 -57.04 63.68
C GLN S 183 25.68 -55.79 63.39
N LEU S 184 25.58 -55.41 62.10
CA LEU S 184 24.77 -54.29 61.65
C LEU S 184 23.30 -54.50 62.00
N PHE S 185 22.67 -55.53 61.40
CA PHE S 185 21.23 -55.75 61.58
C PHE S 185 20.86 -56.14 63.02
N THR S 186 21.58 -57.09 63.62
CA THR S 186 21.25 -57.56 64.97
C THR S 186 21.48 -56.52 66.05
N LYS S 187 22.56 -55.73 65.91
CA LYS S 187 23.06 -54.74 66.88
C LYS S 187 23.61 -55.44 68.12
N MET S 188 24.06 -56.68 67.95
CA MET S 188 24.60 -57.51 69.00
C MET S 188 25.96 -58.03 68.58
N GLY S 189 26.82 -58.24 69.58
CA GLY S 189 28.12 -58.85 69.34
C GLY S 189 27.96 -60.23 68.72
N THR S 190 28.91 -60.57 67.83
CA THR S 190 28.91 -61.81 67.05
C THR S 190 28.81 -63.06 67.93
N ILE S 191 29.65 -63.16 68.96
CA ILE S 191 29.67 -64.35 69.80
C ILE S 191 28.52 -64.33 70.80
N ALA S 192 28.12 -63.14 71.28
CA ALA S 192 26.90 -63.00 72.08
C ALA S 192 25.68 -63.49 71.30
N HIS S 193 25.63 -63.17 70.01
CA HIS S 193 24.57 -63.66 69.14
C HIS S 193 24.69 -65.17 68.89
N LEU S 194 25.90 -65.67 68.70
CA LEU S 194 26.09 -67.09 68.35
C LEU S 194 25.80 -68.02 69.54
N THR S 195 26.38 -67.72 70.71
CA THR S 195 26.17 -68.54 71.91
C THR S 195 24.76 -68.34 72.45
N GLY S 196 24.26 -67.09 72.41
CA GLY S 196 22.88 -66.81 72.75
C GLY S 196 21.96 -67.21 71.60
N GLY S 197 20.65 -66.95 71.78
CA GLY S 197 19.63 -67.32 70.80
C GLY S 197 19.93 -66.81 69.40
N PHE S 198 19.93 -67.75 68.45
CA PHE S 198 20.41 -67.51 67.10
C PHE S 198 19.28 -66.86 66.30
N LYS S 199 19.07 -65.55 66.59
CA LYS S 199 17.97 -64.79 65.97
C LYS S 199 18.30 -64.47 64.51
N PRO S 200 17.34 -64.66 63.58
CA PRO S 200 17.57 -64.29 62.17
C PRO S 200 17.88 -62.83 61.96
N LEU S 201 18.72 -62.58 60.96
CA LEU S 201 19.10 -61.22 60.60
C LEU S 201 17.97 -60.58 59.83
N THR S 202 17.52 -59.42 60.29
CA THR S 202 16.37 -58.77 59.70
C THR S 202 16.60 -57.26 59.65
N PHE S 203 16.19 -56.66 58.55
CA PHE S 203 16.28 -55.21 58.43
C PHE S 203 15.08 -54.67 57.66
N ASP T 64 14.91 93.77 -24.89
CA ASP T 64 15.96 93.30 -23.99
C ASP T 64 15.62 91.90 -23.46
N ASN T 65 16.43 91.44 -22.51
CA ASN T 65 16.14 90.21 -21.80
C ASN T 65 15.16 90.53 -20.66
N ALA T 66 14.04 89.79 -20.63
CA ALA T 66 13.03 90.00 -19.60
C ALA T 66 13.53 89.64 -18.21
N MET T 67 14.35 88.58 -18.11
CA MET T 67 14.89 88.11 -16.84
C MET T 67 16.42 88.12 -16.94
N PRO T 68 17.07 89.25 -16.60
CA PRO T 68 18.50 89.44 -16.90
C PRO T 68 19.45 88.50 -16.17
N PHE T 69 19.08 88.01 -14.99
CA PHE T 69 19.94 87.07 -14.28
C PHE T 69 19.92 85.70 -14.96
N LEU T 70 18.79 85.28 -15.50
CA LEU T 70 18.76 84.04 -16.24
C LEU T 70 19.36 84.20 -17.63
N GLU T 71 20.03 83.16 -18.10
CA GLU T 71 20.48 83.13 -19.48
C GLU T 71 19.28 83.08 -20.42
N ARG T 72 19.43 83.72 -21.60
CA ARG T 72 18.36 83.77 -22.58
C ARG T 72 18.13 82.37 -23.14
N PRO T 73 16.86 81.95 -23.25
CA PRO T 73 16.54 80.65 -23.84
C PRO T 73 17.04 80.55 -25.26
N PRO T 74 17.58 79.38 -25.64
CA PRO T 74 18.30 79.29 -26.92
C PRO T 74 17.41 79.35 -28.14
N LYS T 75 16.17 78.89 -28.02
CA LYS T 75 15.25 78.83 -29.14
C LYS T 75 14.45 80.11 -29.34
N LEU T 76 14.52 81.06 -28.41
CA LEU T 76 13.76 82.31 -28.54
C LEU T 76 14.58 83.33 -29.33
N ASP T 77 14.54 83.18 -30.64
CA ASP T 77 15.03 84.25 -31.48
C ASP T 77 13.97 85.33 -31.61
N GLY T 78 14.40 86.51 -32.04
CA GLY T 78 13.54 87.68 -32.06
C GLY T 78 12.49 87.70 -33.15
N SER T 79 12.47 86.68 -34.03
CA SER T 79 11.61 86.65 -35.22
C SER T 79 10.12 86.71 -34.87
N LEU T 80 9.71 85.99 -33.82
CA LEU T 80 8.32 86.06 -33.41
C LEU T 80 8.08 87.40 -32.71
N ALA T 81 6.90 87.97 -32.95
CA ALA T 81 6.56 89.21 -32.28
C ALA T 81 6.23 88.95 -30.81
N GLY T 82 6.41 89.98 -29.99
CA GLY T 82 6.22 89.81 -28.57
C GLY T 82 7.36 89.12 -27.84
N ASP T 83 8.44 88.79 -28.54
CA ASP T 83 9.59 88.13 -27.93
C ASP T 83 10.35 89.12 -27.07
N VAL T 84 10.30 88.92 -25.76
CA VAL T 84 11.16 89.65 -24.82
C VAL T 84 12.11 88.69 -24.10
N GLY T 85 12.26 87.47 -24.62
CA GLY T 85 13.11 86.44 -24.01
C GLY T 85 12.64 85.89 -22.69
N PHE T 86 11.35 85.62 -22.53
CA PHE T 86 10.79 85.19 -21.25
C PHE T 86 10.33 83.73 -21.34
N ASP T 87 11.25 82.81 -21.08
CA ASP T 87 10.90 81.41 -20.97
C ASP T 87 11.66 80.74 -19.83
N PRO T 88 11.44 81.16 -18.57
CA PRO T 88 12.25 80.58 -17.46
C PRO T 88 12.08 79.10 -17.17
N VAL T 89 10.84 78.55 -17.19
CA VAL T 89 10.59 77.17 -16.84
C VAL T 89 11.29 76.23 -17.80
N GLY T 90 11.25 76.54 -19.08
CA GLY T 90 12.01 75.71 -19.93
C GLY T 90 11.30 75.15 -21.12
N PHE T 91 10.10 75.66 -21.44
CA PHE T 91 9.42 75.28 -22.68
C PHE T 91 10.22 75.78 -23.89
N SER T 92 9.82 75.38 -25.10
CA SER T 92 10.46 75.64 -26.40
C SER T 92 11.82 74.90 -26.52
N ASN T 93 12.29 74.27 -25.43
CA ASN T 93 13.38 73.31 -25.35
C ASN T 93 12.82 71.90 -25.35
N TYR T 94 11.52 71.76 -25.15
CA TYR T 94 10.83 70.48 -25.23
C TYR T 94 9.77 70.47 -26.31
N PHE T 95 8.96 71.50 -26.40
CA PHE T 95 7.85 71.52 -27.33
C PHE T 95 8.17 72.36 -28.55
N ASP T 96 7.32 72.23 -29.56
CA ASP T 96 7.48 72.95 -30.80
C ASP T 96 7.04 74.39 -30.57
N LEU T 97 7.88 75.35 -30.95
CA LEU T 97 7.55 76.76 -30.74
C LEU T 97 6.43 77.20 -31.67
N ARG T 98 6.32 76.52 -32.80
CA ARG T 98 5.22 76.71 -33.73
C ARG T 98 3.88 76.34 -33.10
N TRP T 99 3.82 75.18 -32.41
CA TRP T 99 2.62 74.78 -31.67
C TRP T 99 2.33 75.71 -30.49
N LEU T 100 3.38 76.08 -29.74
CA LEU T 100 3.20 76.93 -28.56
C LEU T 100 2.71 78.32 -28.96
N ARG T 101 3.19 78.83 -30.10
CA ARG T 101 2.75 80.14 -30.58
C ARG T 101 1.30 80.06 -31.09
N GLU T 102 0.92 78.93 -31.72
CA GLU T 102 -0.48 78.75 -32.13
C GLU T 102 -1.41 78.68 -30.93
N SER T 103 -0.97 78.01 -29.85
CA SER T 103 -1.74 77.96 -28.61
C SER T 103 -1.82 79.33 -27.94
N GLU T 104 -0.75 80.12 -28.00
CA GLU T 104 -0.73 81.44 -27.37
C GLU T 104 -1.70 82.40 -28.05
N LEU T 105 -1.66 82.47 -29.39
CA LEU T 105 -2.65 83.28 -30.12
C LEU T 105 -4.07 82.77 -29.97
N LYS T 106 -4.29 81.44 -29.95
CA LYS T 106 -5.65 80.93 -29.78
C LYS T 106 -6.23 81.28 -28.42
N HIS T 107 -5.46 81.01 -27.34
CA HIS T 107 -5.81 81.42 -25.98
C HIS T 107 -6.07 82.92 -25.90
N GLY T 108 -5.23 83.71 -26.57
CA GLY T 108 -5.35 85.15 -26.51
C GLY T 108 -6.62 85.67 -27.17
N ARG T 109 -6.92 85.21 -28.39
CA ARG T 109 -8.14 85.64 -29.10
C ARG T 109 -9.41 85.19 -28.40
N VAL T 110 -9.44 83.94 -27.89
CA VAL T 110 -10.57 83.46 -27.08
C VAL T 110 -10.76 84.35 -25.85
N CYS T 111 -9.67 84.78 -25.20
CA CYS T 111 -9.84 85.61 -24.01
C CYS T 111 -10.21 87.07 -24.33
N MET T 112 -9.81 87.60 -25.50
CA MET T 112 -10.31 88.90 -25.93
C MET T 112 -11.82 88.87 -26.16
N LEU T 113 -12.29 87.83 -26.87
CA LEU T 113 -13.73 87.62 -27.04
C LEU T 113 -14.42 87.36 -25.71
N GLY T 114 -13.75 86.68 -24.79
CA GLY T 114 -14.33 86.38 -23.49
C GLY T 114 -14.51 87.62 -22.63
N VAL T 115 -13.51 88.52 -22.64
CA VAL T 115 -13.62 89.74 -21.86
C VAL T 115 -14.72 90.65 -22.42
N THR T 116 -14.80 90.76 -23.76
CA THR T 116 -15.91 91.49 -24.39
C THR T 116 -17.26 90.87 -24.05
N GLY T 117 -17.34 89.53 -24.06
CA GLY T 117 -18.57 88.85 -23.71
C GLY T 117 -18.98 89.09 -22.27
N LEU T 118 -18.03 89.00 -21.32
CA LEU T 118 -18.31 89.28 -19.91
C LEU T 118 -18.81 90.70 -19.69
N LEU T 119 -18.15 91.70 -20.30
CA LEU T 119 -18.60 93.09 -20.15
C LEU T 119 -19.98 93.32 -20.77
N VAL T 120 -20.22 92.81 -21.99
CA VAL T 120 -21.49 93.02 -22.68
C VAL T 120 -22.65 92.35 -21.93
N GLN T 121 -22.48 91.07 -21.56
CA GLN T 121 -23.55 90.31 -20.88
C GLN T 121 -23.92 90.85 -19.52
N GLU T 122 -23.06 91.65 -18.89
CA GLU T 122 -23.42 92.42 -17.72
C GLU T 122 -24.49 93.48 -18.01
N ALA T 123 -24.62 93.89 -19.27
CA ALA T 123 -25.60 94.91 -19.66
C ALA T 123 -26.67 94.34 -20.56
N VAL T 124 -26.30 93.74 -21.68
CA VAL T 124 -27.23 93.29 -22.71
C VAL T 124 -27.65 91.85 -22.41
N CYS T 125 -28.86 91.50 -22.84
CA CYS T 125 -29.37 90.13 -22.79
C CYS T 125 -30.34 89.95 -23.94
N LEU T 126 -30.17 88.88 -24.72
CA LEU T 126 -31.10 88.59 -25.81
C LEU T 126 -32.49 88.26 -25.25
N PRO T 127 -33.57 88.67 -25.93
CA PRO T 127 -34.94 88.48 -25.41
C PRO T 127 -35.35 87.03 -25.25
N GLN T 128 -34.84 86.14 -26.10
CA GLN T 128 -35.17 84.73 -26.01
C GLN T 128 -34.50 84.01 -24.85
N PHE T 129 -33.54 84.65 -24.18
CA PHE T 129 -32.79 84.03 -23.10
C PHE T 129 -33.13 84.73 -21.79
N SER T 130 -33.09 83.98 -20.69
CA SER T 130 -33.16 84.57 -19.35
C SER T 130 -31.89 85.36 -19.05
N ASN T 131 -31.83 85.97 -17.87
CA ASN T 131 -30.64 86.72 -17.47
C ASN T 131 -30.12 86.18 -16.16
N GLY T 132 -28.84 85.82 -16.13
CA GLY T 132 -28.22 85.40 -14.89
C GLY T 132 -27.91 86.56 -13.98
N LYS T 133 -27.56 86.20 -12.74
CA LYS T 133 -27.13 87.19 -11.77
C LYS T 133 -25.85 87.88 -12.19
N THR T 134 -24.94 87.13 -12.79
CA THR T 134 -23.64 87.59 -13.24
C THR T 134 -23.46 87.05 -14.66
N PRO T 135 -22.60 87.66 -15.50
CA PRO T 135 -22.26 87.04 -16.80
C PRO T 135 -21.67 85.64 -16.73
N VAL T 136 -21.07 85.23 -15.62
CA VAL T 136 -20.69 83.83 -15.49
C VAL T 136 -21.92 82.99 -15.15
N ASP T 137 -22.89 83.55 -14.41
CA ASP T 137 -24.16 82.86 -14.17
C ASP T 137 -25.07 82.83 -15.40
N ASP T 138 -24.71 83.57 -16.45
CA ASP T 138 -25.41 83.52 -17.73
C ASP T 138 -25.28 82.16 -18.40
N PHE T 139 -24.18 81.44 -18.10
CA PHE T 139 -23.98 80.10 -18.62
C PHE T 139 -25.04 79.14 -18.12
N PHE T 140 -25.57 79.38 -16.92
CA PHE T 140 -26.41 78.38 -16.30
C PHE T 140 -27.90 78.63 -16.55
N VAL T 141 -28.26 79.67 -17.30
CA VAL T 141 -29.65 79.91 -17.67
C VAL T 141 -29.91 79.78 -19.16
N VAL T 142 -28.89 79.51 -19.96
CA VAL T 142 -29.08 79.27 -21.37
C VAL T 142 -29.30 77.76 -21.52
N PRO T 143 -30.30 77.32 -22.32
CA PRO T 143 -30.61 75.88 -22.41
C PRO T 143 -29.43 75.05 -22.87
N ALA T 144 -29.37 73.83 -22.31
CA ALA T 144 -28.28 72.87 -22.53
C ALA T 144 -28.05 72.56 -24.00
N ALA T 145 -29.13 72.44 -24.78
CA ALA T 145 -29.05 72.19 -26.21
C ALA T 145 -28.37 73.35 -26.94
N GLY T 146 -28.58 74.58 -26.44
CA GLY T 146 -27.90 75.73 -27.02
C GLY T 146 -26.40 75.69 -26.81
N LEU T 147 -25.96 75.34 -25.60
CA LEU T 147 -24.54 75.15 -25.29
C LEU T 147 -23.93 74.06 -26.16
N TRP T 148 -24.69 72.99 -26.38
CA TRP T 148 -24.18 71.89 -27.21
C TRP T 148 -24.05 72.30 -28.68
N GLN T 149 -25.02 73.08 -29.18
CA GLN T 149 -24.92 73.63 -30.53
C GLN T 149 -23.74 74.58 -30.69
N VAL T 150 -23.49 75.43 -29.70
CA VAL T 150 -22.34 76.34 -29.74
C VAL T 150 -21.03 75.56 -29.74
N PHE T 151 -20.94 74.53 -28.87
CA PHE T 151 -19.77 73.64 -28.80
C PHE T 151 -19.47 72.98 -30.14
N PHE T 152 -20.48 72.42 -30.79
CA PHE T 152 -20.26 71.79 -32.09
C PHE T 152 -19.98 72.81 -33.20
N ALA T 153 -20.56 74.01 -33.15
CA ALA T 153 -20.23 75.05 -34.13
C ALA T 153 -18.77 75.47 -34.04
N ILE T 154 -18.26 75.65 -32.80
CA ILE T 154 -16.85 75.97 -32.57
C ILE T 154 -15.98 74.79 -33.03
N GLY T 155 -16.43 73.56 -32.77
CA GLY T 155 -15.72 72.37 -33.25
C GLY T 155 -15.63 72.28 -34.76
N ALA T 156 -16.72 72.60 -35.46
CA ALA T 156 -16.74 72.65 -36.93
C ALA T 156 -15.75 73.69 -37.46
N VAL T 157 -15.72 74.88 -36.84
CA VAL T 157 -14.75 75.92 -37.21
C VAL T 157 -13.32 75.43 -36.98
N GLU T 158 -13.07 74.76 -35.84
CA GLU T 158 -11.73 74.21 -35.54
C GLU T 158 -11.32 73.15 -36.54
N PHE T 159 -12.29 72.34 -36.98
CA PHE T 159 -12.02 71.31 -37.99
C PHE T 159 -11.67 71.93 -39.34
N PHE T 160 -12.49 72.88 -39.81
CA PHE T 160 -12.28 73.45 -41.16
C PHE T 160 -11.04 74.36 -41.20
N SER T 161 -10.84 75.17 -40.17
CA SER T 161 -9.71 76.13 -40.15
C SER T 161 -8.37 75.38 -40.20
N HIS T 162 -8.25 74.27 -39.48
CA HIS T 162 -6.96 73.53 -39.41
C HIS T 162 -6.88 72.47 -40.52
N GLY T 163 -7.92 72.35 -41.34
CA GLY T 163 -7.92 71.36 -42.44
C GLY T 163 -8.00 69.95 -41.91
N PHE T 164 -8.56 69.76 -40.71
CA PHE T 164 -8.75 68.41 -40.10
C PHE T 164 -7.43 67.89 -39.51
N LYS T 165 -6.37 68.71 -39.49
CA LYS T 165 -5.12 68.31 -38.80
C LYS T 165 -5.07 69.13 -37.52
N LEU T 166 -5.36 68.50 -36.36
CA LEU T 166 -5.45 69.28 -35.09
C LEU T 166 -4.34 68.87 -34.13
N THR T 167 -3.76 67.69 -34.32
CA THR T 167 -2.73 67.18 -33.38
C THR T 167 -1.41 67.94 -33.59
N PRO T 168 -0.50 67.99 -32.59
CA PRO T 168 0.80 68.64 -32.77
C PRO T 168 1.59 67.97 -33.90
N GLY T 169 1.47 66.65 -34.03
CA GLY T 169 2.20 65.91 -35.08
C GLY T 169 1.83 66.32 -36.50
N ASP T 170 0.55 66.60 -36.78
CA ASP T 170 0.14 66.85 -38.19
C ASP T 170 -0.30 68.30 -38.46
N MET T 171 -0.53 69.11 -37.42
CA MET T 171 -1.08 70.46 -37.68
C MET T 171 -0.20 71.29 -38.57
N PHE T 172 1.10 71.03 -38.56
CA PHE T 172 2.04 71.84 -39.30
C PHE T 172 2.82 71.02 -40.33
N SER T 173 2.13 70.10 -40.98
CA SER T 173 2.76 69.34 -42.06
C SER T 173 2.55 69.98 -43.41
N GLU T 174 1.71 71.03 -43.48
CA GLU T 174 1.40 71.71 -44.73
C GLU T 174 2.13 73.05 -44.80
N GLY T 175 3.11 73.25 -43.93
CA GLY T 175 3.82 74.52 -43.85
C GLY T 175 2.96 75.68 -43.43
N ARG T 176 2.02 75.44 -42.52
CA ARG T 176 1.18 76.49 -41.99
C ARG T 176 1.99 77.44 -41.10
N GLU T 177 1.58 78.68 -41.08
CA GLU T 177 2.21 79.69 -40.24
C GLU T 177 1.41 79.82 -38.96
N ALA T 178 2.12 79.87 -37.83
CA ALA T 178 1.47 79.89 -36.52
C ALA T 178 0.62 81.14 -36.37
N GLY T 179 -0.61 80.94 -35.96
CA GLY T 179 -1.58 81.99 -35.79
C GLY T 179 -2.31 82.40 -37.03
N ASP T 180 -1.95 81.85 -38.21
CA ASP T 180 -2.49 82.31 -39.48
C ASP T 180 -3.58 81.36 -39.96
N PHE T 181 -4.72 81.92 -40.36
CA PHE T 181 -5.87 81.21 -40.89
C PHE T 181 -6.38 81.91 -42.14
N GLY T 182 -5.58 82.82 -42.70
CA GLY T 182 -5.92 83.57 -43.89
C GLY T 182 -7.13 84.47 -43.71
N PHE T 183 -7.19 85.16 -42.59
CA PHE T 183 -8.35 85.93 -42.20
C PHE T 183 -8.03 87.42 -42.19
N ASP T 184 -8.35 88.10 -43.29
CA ASP T 184 -8.25 89.56 -43.35
C ASP T 184 -9.29 90.16 -44.32
N PRO T 185 -10.61 90.05 -44.01
CA PRO T 185 -11.61 90.66 -44.92
C PRO T 185 -11.47 92.17 -45.09
N LEU T 186 -11.19 92.90 -44.01
CA LEU T 186 -11.00 94.35 -44.11
C LEU T 186 -9.64 94.74 -44.66
N GLY T 187 -8.73 93.79 -44.86
CA GLY T 187 -7.41 94.08 -45.42
C GLY T 187 -6.55 94.95 -44.54
N CYS T 188 -6.62 94.78 -43.22
CA CYS T 188 -5.78 95.56 -42.32
C CYS T 188 -4.31 95.17 -42.40
N GLY T 189 -4.01 93.96 -42.85
CA GLY T 189 -2.64 93.49 -43.00
C GLY T 189 -2.09 93.63 -44.40
N LYS T 190 -2.66 94.55 -45.20
CA LYS T 190 -2.18 94.78 -46.57
C LYS T 190 -0.75 95.31 -46.56
N ASN T 191 -0.47 96.28 -45.70
CA ASN T 191 0.86 96.86 -45.54
C ASN T 191 1.73 95.92 -44.71
N PRO T 192 2.99 95.63 -45.11
CA PRO T 192 3.88 94.76 -44.32
C PRO T 192 4.33 95.27 -42.95
N ASP T 193 4.86 96.50 -42.89
CA ASP T 193 5.37 97.04 -41.62
C ASP T 193 4.23 97.27 -40.62
N ALA T 194 3.08 97.78 -41.12
CA ALA T 194 1.87 97.88 -40.31
C ALA T 194 1.42 96.52 -39.82
N LEU T 195 1.56 95.48 -40.66
CA LEU T 195 1.24 94.11 -40.27
C LEU T 195 2.12 93.63 -39.13
N ALA T 196 3.44 93.91 -39.19
CA ALA T 196 4.37 93.54 -38.13
C ALA T 196 4.00 94.20 -36.79
N ARG T 197 3.67 95.51 -36.85
CA ARG T 197 3.25 96.21 -35.64
C ARG T 197 1.94 95.61 -35.09
N ARG T 198 0.99 95.26 -35.97
CA ARG T 198 -0.28 94.68 -35.52
C ARG T 198 -0.09 93.26 -34.99
N ARG T 199 0.94 92.55 -35.44
CA ARG T 199 1.26 91.23 -34.88
C ARG T 199 1.68 91.33 -33.42
N LEU T 200 2.59 92.26 -33.14
CA LEU T 200 3.02 92.46 -31.75
C LEU T 200 1.87 92.99 -30.88
N VAL T 201 1.04 93.90 -31.44
CA VAL T 201 -0.14 94.43 -30.73
C VAL T 201 -1.10 93.29 -30.38
N GLU T 202 -1.32 92.37 -31.33
CA GLU T 202 -2.20 91.23 -31.14
C GLU T 202 -1.73 90.33 -30.01
N VAL T 203 -0.43 89.98 -30.03
CA VAL T 203 0.08 89.07 -29.00
C VAL T 203 0.03 89.72 -27.62
N LYS T 204 0.26 91.05 -27.53
CA LYS T 204 0.24 91.68 -26.21
C LYS T 204 -1.18 91.90 -25.69
N ASN T 205 -2.11 92.28 -26.57
CA ASN T 205 -3.52 92.40 -26.19
C ASN T 205 -4.12 91.04 -25.83
N GLY T 206 -3.68 89.98 -26.50
CA GLY T 206 -4.11 88.63 -26.15
C GLY T 206 -3.62 88.23 -24.77
N ARG T 207 -2.36 88.51 -24.46
CA ARG T 207 -1.79 88.22 -23.14
C ARG T 207 -2.51 89.00 -22.04
N LEU T 208 -2.81 90.26 -22.32
CA LEU T 208 -3.53 91.11 -21.37
C LEU T 208 -4.94 90.61 -21.12
N ALA T 209 -5.65 90.23 -22.20
CA ALA T 209 -7.00 89.69 -22.05
C ALA T 209 -7.01 88.34 -21.34
N MET T 210 -5.95 87.53 -21.49
CA MET T 210 -5.84 86.28 -20.73
C MET T 210 -5.83 86.52 -19.21
N ILE T 211 -4.93 87.40 -18.75
CA ILE T 211 -4.88 87.73 -17.32
C ILE T 211 -6.18 88.41 -16.88
N ALA T 212 -6.66 89.36 -17.68
CA ALA T 212 -7.88 90.12 -17.38
C ALA T 212 -9.11 89.24 -17.31
N PHE T 213 -9.21 88.24 -18.19
CA PHE T 213 -10.33 87.31 -18.16
C PHE T 213 -10.30 86.47 -16.90
N GLY T 214 -9.10 86.02 -16.51
CA GLY T 214 -8.95 85.32 -15.23
C GLY T 214 -9.45 86.15 -14.05
N GLY T 215 -9.05 87.43 -14.05
CA GLY T 215 -9.48 88.34 -12.99
C GLY T 215 -10.97 88.59 -12.95
N LEU T 216 -11.56 88.89 -14.13
CA LEU T 216 -12.99 89.16 -14.22
C LEU T 216 -13.83 87.97 -13.81
N LEU T 217 -13.46 86.77 -14.28
CA LEU T 217 -14.23 85.56 -13.95
C LEU T 217 -14.14 85.23 -12.46
N HIS T 218 -12.94 85.30 -11.87
CA HIS T 218 -12.85 84.94 -10.46
C HIS T 218 -13.46 85.98 -9.53
N GLN T 219 -13.35 87.27 -9.87
CA GLN T 219 -14.01 88.29 -9.05
C GLN T 219 -15.52 88.21 -9.18
N GLN T 220 -16.03 87.93 -10.38
CA GLN T 220 -17.46 87.74 -10.57
C GLN T 220 -17.97 86.51 -9.83
N LEU T 221 -17.20 85.42 -9.79
CA LEU T 221 -17.58 84.28 -8.96
C LEU T 221 -17.57 84.62 -7.47
N LEU T 222 -16.55 85.37 -7.03
CA LEU T 222 -16.37 85.63 -5.60
C LEU T 222 -17.43 86.60 -5.07
N THR T 223 -17.46 87.81 -5.63
CA THR T 223 -18.40 88.83 -5.21
C THR T 223 -19.84 88.47 -5.57
N GLY T 224 -20.05 88.01 -6.80
CA GLY T 224 -21.39 87.74 -7.29
C GLY T 224 -22.10 88.98 -7.77
N GLN T 225 -21.34 90.01 -8.11
CA GLN T 225 -21.88 91.30 -8.46
C GLN T 225 -21.16 91.88 -9.68
N GLY T 226 -21.02 91.10 -10.77
CA GLY T 226 -20.55 91.69 -12.05
C GLY T 226 -19.15 92.30 -12.05
N THR T 227 -18.91 93.14 -13.06
CA THR T 227 -17.69 93.93 -13.08
C THR T 227 -17.94 95.40 -12.81
N PHE T 228 -18.78 96.07 -13.59
CA PHE T 228 -19.03 97.50 -13.37
C PHE T 228 -19.85 97.79 -12.11
N GLU T 229 -20.89 96.98 -11.82
CA GLU T 229 -21.59 97.15 -10.55
C GLU T 229 -20.65 96.84 -9.36
N GLN T 230 -19.73 95.86 -9.51
CA GLN T 230 -18.70 95.63 -8.49
C GLN T 230 -17.86 96.86 -8.24
N LEU T 231 -17.37 97.50 -9.31
CA LEU T 231 -16.53 98.71 -9.18
C LEU T 231 -17.32 99.85 -8.56
N ALA T 232 -18.57 100.03 -8.98
CA ALA T 232 -19.40 101.09 -8.41
C ALA T 232 -19.88 100.78 -6.99
N ASN T 233 -19.72 99.55 -6.51
CA ASN T 233 -20.13 99.17 -5.16
C ASN T 233 -19.06 98.31 -4.50
N PHE T 234 -17.80 98.78 -4.54
CA PHE T 234 -16.66 97.98 -4.10
C PHE T 234 -16.73 97.67 -2.61
N LYS T 235 -16.55 96.39 -2.31
CA LYS T 235 -16.70 95.89 -0.96
C LYS T 235 -15.59 94.88 -0.72
N ALA T 236 -14.65 95.24 0.15
CA ALA T 236 -13.50 94.40 0.47
C ALA T 236 -13.91 93.08 1.13
N ILE T 237 -12.97 92.13 1.19
CA ILE T 237 -13.21 90.85 1.87
C ILE T 237 -13.31 91.10 3.37
N ALA T 238 -14.37 90.60 3.98
CA ALA T 238 -14.47 90.69 5.43
C ALA T 238 -14.74 89.28 5.96
N GLY U 67 -21.64 60.72 -57.36
CA GLY U 67 -20.46 60.84 -56.52
C GLY U 67 -20.77 61.21 -55.08
N PHE U 68 -22.01 60.99 -54.67
CA PHE U 68 -22.39 61.23 -53.28
C PHE U 68 -22.18 59.95 -52.47
N ASP U 69 -21.13 59.92 -51.67
CA ASP U 69 -20.83 58.90 -50.67
C ASP U 69 -19.84 59.46 -49.63
N PRO U 70 -20.19 60.52 -48.87
CA PRO U 70 -19.22 61.11 -47.94
C PRO U 70 -18.80 60.19 -46.80
N LEU U 71 -19.70 59.34 -46.32
CA LEU U 71 -19.36 58.46 -45.22
C LEU U 71 -18.67 57.19 -45.65
N GLY U 72 -18.40 57.01 -46.94
CA GLY U 72 -17.67 55.86 -47.47
C GLY U 72 -18.26 54.50 -47.20
N LEU U 73 -19.59 54.39 -47.22
CA LEU U 73 -20.25 53.13 -46.88
C LEU U 73 -20.16 52.08 -47.98
N SER U 74 -19.68 52.44 -49.18
CA SER U 74 -19.48 51.44 -50.21
C SER U 74 -18.19 50.66 -50.01
N THR U 75 -17.30 51.14 -49.15
CA THR U 75 -16.14 50.36 -48.75
C THR U 75 -16.49 49.28 -47.73
N LEU U 76 -17.64 49.39 -47.09
CA LEU U 76 -18.02 48.49 -46.01
C LEU U 76 -18.91 47.35 -46.47
N CYS U 77 -19.20 47.25 -47.76
CA CYS U 77 -20.01 46.17 -48.31
C CYS U 77 -19.73 46.10 -49.80
N ASN U 78 -20.22 45.03 -50.42
CA ASN U 78 -20.08 44.86 -51.86
C ASN U 78 -20.97 45.88 -52.57
N VAL U 79 -20.41 46.54 -53.59
CA VAL U 79 -21.15 47.56 -54.35
C VAL U 79 -22.35 46.95 -55.07
N GLU U 80 -22.22 45.71 -55.57
CA GLU U 80 -23.32 45.04 -56.28
C GLU U 80 -24.51 44.77 -55.37
N TRP U 81 -24.23 44.27 -54.15
CA TRP U 81 -25.29 43.99 -53.17
C TRP U 81 -25.99 45.27 -52.76
N LEU U 82 -25.21 46.33 -52.55
CA LEU U 82 -25.74 47.64 -52.19
C LEU U 82 -26.59 48.22 -53.31
N ARG U 83 -26.15 48.06 -54.56
CA ARG U 83 -26.85 48.62 -55.71
C ARG U 83 -28.21 47.96 -55.90
N GLU U 84 -28.27 46.61 -55.86
CA GLU U 84 -29.55 45.90 -55.97
C GLU U 84 -30.46 46.24 -54.79
N ALA U 85 -29.87 46.35 -53.57
CA ALA U 85 -30.64 46.70 -52.38
C ALA U 85 -31.24 48.10 -52.49
N GLU U 86 -30.46 49.05 -53.05
CA GLU U 86 -30.94 50.42 -53.27
C GLU U 86 -32.12 50.44 -54.24
N ILE U 87 -32.01 49.72 -55.36
CA ILE U 87 -33.08 49.70 -56.37
C ILE U 87 -34.34 49.05 -55.80
N LYS U 88 -34.18 47.96 -55.02
CA LYS U 88 -35.33 47.32 -54.38
C LYS U 88 -36.02 48.24 -53.38
N HIS U 89 -35.23 48.96 -52.57
CA HIS U 89 -35.77 49.91 -51.60
C HIS U 89 -36.53 51.03 -52.32
N CYS U 90 -35.97 51.48 -53.46
CA CYS U 90 -36.56 52.54 -54.26
C CYS U 90 -37.89 52.12 -54.86
N ARG U 91 -37.97 50.89 -55.40
CA ARG U 91 -39.21 50.39 -56.03
C ARG U 91 -40.31 50.14 -54.99
N VAL U 92 -39.95 49.53 -53.85
CA VAL U 92 -40.93 49.23 -52.79
C VAL U 92 -41.49 50.52 -52.23
N ALA U 93 -40.61 51.51 -52.04
CA ALA U 93 -41.04 52.80 -51.52
C ALA U 93 -41.87 53.58 -52.53
N MET U 94 -41.54 53.47 -53.83
CA MET U 94 -42.40 53.99 -54.91
C MET U 94 -43.81 53.52 -54.74
N LEU U 95 -43.97 52.20 -54.53
CA LEU U 95 -45.29 51.63 -54.33
C LEU U 95 -45.95 52.16 -53.07
N ALA U 96 -45.20 52.25 -51.98
CA ALA U 96 -45.75 52.72 -50.70
C ALA U 96 -46.24 54.19 -50.76
N ALA U 97 -45.41 55.06 -51.33
CA ALA U 97 -45.78 56.50 -51.42
C ALA U 97 -46.98 56.66 -52.35
N ALA U 98 -46.90 56.07 -53.54
CA ALA U 98 -48.00 56.20 -54.52
C ALA U 98 -49.26 55.58 -53.92
N GLY U 99 -49.10 54.44 -53.25
CA GLY U 99 -50.27 53.74 -52.67
C GLY U 99 -50.98 54.58 -51.63
N SER U 100 -50.21 55.27 -50.77
CA SER U 100 -50.84 56.10 -49.71
C SER U 100 -51.66 57.24 -50.32
N ILE U 101 -51.10 57.92 -51.32
CA ILE U 101 -51.83 59.04 -51.99
C ILE U 101 -53.07 58.46 -52.67
N ALA U 102 -52.92 57.32 -53.37
CA ALA U 102 -54.06 56.70 -54.07
C ALA U 102 -55.10 56.24 -53.05
N GLN U 103 -54.66 55.75 -51.90
CA GLN U 103 -55.62 55.21 -50.89
C GLN U 103 -56.55 56.35 -50.46
N ASP U 104 -56.01 57.55 -50.24
CA ASP U 104 -56.86 58.70 -49.89
C ASP U 104 -57.78 59.07 -51.07
N LEU U 105 -57.22 59.16 -52.29
CA LEU U 105 -58.01 59.61 -53.46
C LEU U 105 -59.10 58.60 -53.83
N TYR U 106 -58.78 57.30 -53.84
CA TYR U 106 -59.75 56.27 -54.27
C TYR U 106 -59.78 55.13 -53.24
N GLN U 107 -60.96 54.58 -52.98
CA GLN U 107 -61.07 53.43 -52.05
C GLN U 107 -61.72 52.24 -52.78
N PHE U 108 -60.97 51.15 -52.96
CA PHE U 108 -61.53 49.93 -53.56
C PHE U 108 -62.82 49.48 -52.86
N PRO U 109 -63.79 48.86 -53.57
CA PRO U 109 -65.11 48.63 -52.97
C PRO U 109 -65.14 47.72 -51.75
N GLY U 110 -66.04 48.05 -50.83
CA GLY U 110 -66.27 47.22 -49.68
C GLY U 110 -65.33 47.49 -48.52
N VAL U 111 -64.20 48.17 -48.76
CA VAL U 111 -63.15 48.30 -47.73
C VAL U 111 -63.56 49.20 -46.57
N GLU U 112 -64.56 50.08 -46.74
CA GLU U 112 -64.92 51.01 -45.66
C GLU U 112 -65.51 50.29 -44.45
N LYS U 113 -66.14 49.14 -44.64
CA LYS U 113 -66.60 48.41 -43.47
C LYS U 113 -65.46 47.65 -42.77
N ILE U 114 -64.43 47.19 -43.49
CA ILE U 114 -63.33 46.48 -42.84
C ILE U 114 -62.30 47.45 -42.24
N VAL U 115 -62.14 48.65 -42.80
CA VAL U 115 -61.08 49.55 -42.38
C VAL U 115 -61.61 50.85 -41.77
N GLY U 116 -62.84 51.23 -42.07
CA GLY U 116 -63.29 52.55 -41.62
C GLY U 116 -62.53 53.63 -42.36
N SER U 117 -62.07 54.62 -41.61
CA SER U 117 -61.39 55.78 -42.18
C SER U 117 -59.91 55.84 -41.81
N ALA U 118 -59.32 54.71 -41.40
CA ALA U 118 -57.90 54.66 -41.03
C ALA U 118 -57.00 55.01 -42.21
N LYS U 119 -55.92 55.70 -41.90
CA LYS U 119 -54.95 56.14 -42.88
C LYS U 119 -53.85 55.07 -42.98
N MET U 120 -52.69 55.40 -43.56
CA MET U 120 -51.75 54.47 -44.19
C MET U 120 -51.30 53.33 -43.26
N THR U 121 -50.65 53.65 -42.15
CA THR U 121 -50.13 52.66 -41.22
C THR U 121 -51.25 52.06 -40.41
N GLY U 122 -52.30 52.86 -40.16
CA GLY U 122 -53.44 52.39 -39.40
C GLY U 122 -54.15 51.24 -40.09
N VAL U 123 -54.17 51.25 -41.44
CA VAL U 123 -54.80 50.19 -42.22
C VAL U 123 -54.12 48.84 -41.97
N HIS U 124 -52.76 48.81 -41.91
CA HIS U 124 -52.00 47.57 -41.62
C HIS U 124 -52.43 46.95 -40.29
N ASP U 125 -52.43 47.77 -39.24
CA ASP U 125 -52.78 47.31 -37.90
C ASP U 125 -54.25 46.92 -37.83
N LYS U 126 -55.13 47.64 -38.53
CA LYS U 126 -56.55 47.36 -38.38
C LYS U 126 -56.99 46.12 -39.16
N ILE U 127 -56.48 45.94 -40.40
CA ILE U 127 -56.72 44.70 -41.16
C ILE U 127 -56.10 43.51 -40.46
N LEU U 128 -54.87 43.65 -39.92
CA LEU U 128 -54.30 42.53 -39.17
C LEU U 128 -55.03 42.27 -37.85
N ALA U 129 -55.66 43.30 -37.28
CA ALA U 129 -56.50 43.12 -36.10
C ALA U 129 -57.74 42.29 -36.44
N ALA U 130 -58.37 42.62 -37.57
CA ALA U 130 -59.51 41.85 -38.05
C ALA U 130 -59.09 40.42 -38.42
N ALA U 131 -57.91 40.26 -39.04
CA ALA U 131 -57.36 38.95 -39.38
C ALA U 131 -56.99 38.14 -38.16
N SER U 132 -56.76 38.79 -37.02
CA SER U 132 -56.43 38.15 -35.75
C SER U 132 -57.64 37.54 -35.04
N THR U 133 -58.78 37.39 -35.72
CA THR U 133 -60.02 36.90 -35.14
C THR U 133 -60.52 35.65 -35.84
N GLY U 134 -60.18 35.49 -37.11
CA GLY U 134 -60.73 34.41 -37.89
C GLY U 134 -61.51 34.97 -39.05
N ASP U 135 -61.39 36.29 -39.27
CA ASP U 135 -62.15 36.93 -40.33
C ASP U 135 -61.64 36.47 -41.68
N TYR U 136 -62.58 36.05 -42.52
CA TYR U 136 -62.22 35.61 -43.84
C TYR U 136 -61.87 36.81 -44.70
N LYS U 137 -62.61 37.88 -44.55
CA LYS U 137 -62.47 39.09 -45.36
C LYS U 137 -61.39 40.01 -44.81
N ALA U 138 -60.36 39.47 -44.15
CA ALA U 138 -59.29 40.33 -43.67
C ALA U 138 -57.92 39.72 -43.83
N GLN U 139 -57.72 38.87 -44.83
CA GLN U 139 -56.45 38.18 -44.95
C GLN U 139 -55.59 38.77 -46.05
N ALA U 140 -55.77 40.09 -46.29
CA ALA U 140 -55.00 40.79 -47.31
C ALA U 140 -53.52 40.82 -47.02
N MET U 141 -53.18 41.12 -45.76
CA MET U 141 -51.78 41.28 -45.34
C MET U 141 -51.00 39.99 -45.52
N SER U 142 -51.61 38.87 -45.11
CA SER U 142 -51.00 37.56 -45.25
C SER U 142 -50.80 37.21 -46.72
N GLN U 143 -51.77 37.58 -47.57
CA GLN U 143 -51.70 37.27 -48.99
C GLN U 143 -50.62 38.09 -49.70
N ILE U 144 -50.53 39.40 -49.40
CA ILE U 144 -49.46 40.23 -49.96
C ILE U 144 -48.10 39.75 -49.47
N LEU U 145 -48.01 39.37 -48.18
CA LEU U 145 -46.78 38.85 -47.61
C LEU U 145 -46.37 37.56 -48.29
N PHE U 146 -47.35 36.69 -48.56
CA PHE U 146 -47.13 35.41 -49.23
C PHE U 146 -46.58 35.61 -50.64
N TRP U 147 -47.22 36.49 -51.42
CA TRP U 147 -46.83 36.62 -52.82
C TRP U 147 -45.51 37.35 -52.98
N THR U 148 -45.26 38.36 -52.14
CA THR U 148 -43.96 39.03 -52.17
C THR U 148 -42.86 38.11 -51.67
N SER U 149 -43.15 37.29 -50.65
CA SER U 149 -42.18 36.31 -50.16
C SER U 149 -41.89 35.25 -51.20
N PHE U 150 -42.91 34.78 -51.93
CA PHE U 150 -42.72 33.81 -52.99
C PHE U 150 -41.86 34.38 -54.11
N LEU U 151 -42.13 35.64 -54.48
CA LEU U 151 -41.35 36.32 -55.51
C LEU U 151 -39.91 36.53 -55.06
N GLU U 152 -39.69 36.93 -53.80
CA GLU U 152 -38.33 37.08 -53.30
C GLU U 152 -37.61 35.76 -53.14
N ILE U 153 -38.35 34.66 -52.95
CA ILE U 153 -37.70 33.35 -52.84
C ILE U 153 -37.24 32.87 -54.20
N VAL U 154 -38.07 33.04 -55.23
CA VAL U 154 -37.66 32.47 -56.52
C VAL U 154 -36.75 33.38 -57.34
N THR U 155 -36.76 34.69 -57.08
CA THR U 155 -35.80 35.59 -57.70
C THR U 155 -34.56 35.76 -56.86
N LEU U 156 -34.48 35.05 -55.73
CA LEU U 156 -33.32 35.11 -54.84
C LEU U 156 -32.00 34.69 -55.48
N PRO U 157 -31.88 33.62 -56.30
CA PRO U 157 -30.55 33.32 -56.88
C PRO U 157 -29.99 34.39 -57.80
N ALA U 158 -30.82 35.32 -58.30
CA ALA U 158 -30.37 36.35 -59.23
C ALA U 158 -29.35 37.28 -58.59
N VAL U 159 -29.62 37.72 -57.34
CA VAL U 159 -28.74 38.65 -56.66
C VAL U 159 -27.42 37.96 -56.25
N PHE U 160 -27.39 36.64 -56.22
CA PHE U 160 -26.14 35.97 -55.95
C PHE U 160 -25.37 35.70 -57.24
N GLU U 161 -26.09 35.49 -58.34
CA GLU U 161 -25.45 35.39 -59.64
C GLU U 161 -24.76 36.69 -60.04
N THR U 162 -25.39 37.86 -59.77
CA THR U 162 -24.74 39.15 -60.08
C THR U 162 -23.42 39.33 -59.35
N MET U 163 -23.39 38.98 -58.06
CA MET U 163 -22.19 39.10 -57.25
C MET U 163 -21.09 38.16 -57.72
N ASN U 164 -21.46 36.95 -58.18
CA ASN U 164 -20.54 35.95 -58.71
C ASN U 164 -19.95 36.37 -60.08
N GLY U 165 -20.30 37.53 -60.61
CA GLY U 165 -19.84 37.95 -61.92
C GLY U 165 -20.79 37.68 -63.06
N GLY U 166 -22.05 37.38 -62.77
CA GLY U 166 -23.02 36.99 -63.76
C GLY U 166 -23.36 38.06 -64.79
N PRO U 167 -23.93 37.61 -65.92
CA PRO U 167 -24.36 38.54 -66.98
C PRO U 167 -25.33 39.62 -66.53
N ARG U 168 -26.28 39.31 -65.65
CA ARG U 168 -27.32 40.27 -65.33
C ARG U 168 -26.77 41.35 -64.41
N LYS U 169 -27.12 42.58 -64.72
CA LYS U 169 -26.77 43.77 -63.99
C LYS U 169 -27.69 43.91 -62.77
N PRO U 170 -27.30 44.71 -61.77
CA PRO U 170 -28.21 44.97 -60.64
C PRO U 170 -29.54 45.57 -61.08
N GLY U 171 -30.62 45.00 -60.56
CA GLY U 171 -31.96 45.48 -60.79
C GLY U 171 -32.65 45.05 -62.06
N VAL U 172 -31.96 44.41 -63.00
CA VAL U 172 -32.59 44.04 -64.28
C VAL U 172 -33.17 42.63 -64.16
N PHE U 173 -34.49 42.53 -64.25
CA PHE U 173 -35.15 41.23 -64.34
C PHE U 173 -35.69 40.98 -65.73
N PHE U 174 -35.31 41.84 -66.69
CA PHE U 174 -35.75 41.84 -68.10
C PHE U 174 -37.26 42.00 -68.22
N PHE U 175 -37.88 42.69 -67.26
CA PHE U 175 -39.33 42.84 -67.21
C PHE U 175 -39.70 44.10 -68.01
N ASP U 176 -39.90 43.89 -69.31
CA ASP U 176 -40.33 44.93 -70.26
C ASP U 176 -41.49 44.44 -71.12
N PRO U 177 -42.70 44.25 -70.55
CA PRO U 177 -43.83 43.78 -71.38
C PRO U 177 -44.19 44.76 -72.50
N LEU U 178 -44.33 46.04 -72.14
CA LEU U 178 -44.70 47.07 -73.14
C LEU U 178 -43.48 47.38 -74.01
N GLY U 179 -42.29 47.07 -73.50
CA GLY U 179 -41.05 47.30 -74.26
C GLY U 179 -40.81 48.77 -74.52
N LEU U 180 -41.33 49.65 -73.66
CA LEU U 180 -41.08 51.11 -73.79
C LEU U 180 -39.57 51.37 -73.60
N GLY U 181 -38.95 50.73 -72.60
CA GLY U 181 -37.50 50.88 -72.40
C GLY U 181 -36.72 50.28 -73.56
N LYS U 182 -37.17 49.12 -74.06
CA LYS U 182 -36.47 48.42 -75.18
C LYS U 182 -36.53 49.25 -76.47
N GLY U 183 -37.69 49.83 -76.78
CA GLY U 183 -37.86 50.62 -78.02
C GLY U 183 -36.83 51.73 -78.15
N ASP U 184 -36.96 52.79 -77.34
CA ASP U 184 -35.95 53.89 -77.35
C ASP U 184 -34.68 53.37 -76.65
N LYS U 185 -33.52 53.97 -76.91
CA LYS U 185 -32.32 53.51 -76.16
C LYS U 185 -32.56 53.81 -74.67
N MET U 186 -32.31 52.82 -73.80
CA MET U 186 -32.57 53.00 -72.35
C MET U 186 -31.33 53.60 -71.68
N GLY U 187 -30.96 54.84 -72.03
CA GLY U 187 -29.81 55.50 -71.40
C GLY U 187 -30.24 56.50 -70.35
N GLU U 188 -31.55 56.66 -70.15
CA GLU U 188 -32.07 57.69 -69.20
C GLU U 188 -33.12 57.08 -68.27
N MET U 189 -33.95 56.16 -68.78
CA MET U 189 -35.01 55.60 -67.95
C MET U 189 -34.47 55.02 -66.65
N GLU U 190 -33.24 54.51 -66.70
CA GLU U 190 -32.54 53.99 -65.53
C GLU U 190 -32.33 55.07 -64.47
N LEU U 191 -31.84 56.24 -64.91
CA LEU U 191 -31.59 57.37 -64.01
C LEU U 191 -32.92 57.97 -63.54
N LYS U 192 -33.94 57.96 -64.42
CA LYS U 192 -35.30 58.38 -64.04
C LYS U 192 -35.81 57.57 -62.86
N GLU U 193 -35.70 56.23 -62.96
CA GLU U 193 -36.16 55.34 -61.90
C GLU U 193 -35.39 55.56 -60.61
N ILE U 194 -34.05 55.68 -60.72
CA ILE U 194 -33.19 55.82 -59.53
C ILE U 194 -33.51 57.11 -58.78
N LYS U 195 -33.65 58.24 -59.50
CA LYS U 195 -33.94 59.53 -58.85
C LYS U 195 -35.35 59.56 -58.24
N ASN U 196 -36.35 59.06 -59.01
CA ASN U 196 -37.75 59.03 -58.56
C ASN U 196 -37.89 58.16 -57.32
N GLY U 197 -37.18 57.01 -57.30
CA GLY U 197 -37.22 56.12 -56.16
C GLY U 197 -36.54 56.67 -54.92
N ARG U 198 -35.39 57.35 -55.10
CA ARG U 198 -34.73 58.03 -53.97
C ARG U 198 -35.66 59.03 -53.30
N LEU U 199 -36.48 59.71 -54.12
CA LEU U 199 -37.51 60.61 -53.60
C LEU U 199 -38.63 59.83 -52.95
N ALA U 200 -38.95 58.68 -53.53
CA ALA U 200 -40.00 57.83 -53.01
C ALA U 200 -39.69 57.33 -51.62
N MET U 201 -38.43 56.95 -51.36
CA MET U 201 -38.01 56.53 -50.02
C MET U 201 -38.13 57.65 -49.02
N ILE U 202 -37.59 58.82 -49.36
CA ILE U 202 -37.69 59.95 -48.43
C ILE U 202 -39.15 60.40 -48.22
N GLY U 203 -39.95 60.38 -49.29
CA GLY U 203 -41.34 60.76 -49.20
C GLY U 203 -42.15 59.83 -48.34
N VAL U 204 -41.91 58.51 -48.45
CA VAL U 204 -42.54 57.52 -47.59
C VAL U 204 -42.22 57.81 -46.13
N GLY U 205 -40.92 58.05 -45.85
CA GLY U 205 -40.45 58.44 -44.50
C GLY U 205 -41.25 59.60 -43.91
N GLY U 206 -41.35 60.68 -44.69
CA GLY U 206 -42.17 61.83 -44.41
C GLY U 206 -43.60 61.49 -44.06
N MET U 207 -44.31 60.90 -45.04
CA MET U 207 -45.69 60.43 -44.93
C MET U 207 -45.97 59.63 -43.64
N VAL U 208 -45.16 58.59 -43.37
CA VAL U 208 -45.39 57.73 -42.20
C VAL U 208 -45.20 58.50 -40.89
N HIS U 209 -44.07 59.24 -40.72
CA HIS U 209 -43.86 59.93 -39.45
C HIS U 209 -44.82 61.09 -39.22
N HIS U 210 -45.23 61.79 -40.28
CA HIS U 210 -46.27 62.82 -40.17
C HIS U 210 -47.61 62.21 -39.80
N TYR U 211 -47.90 61.00 -40.30
CA TYR U 211 -49.09 60.33 -39.82
C TYR U 211 -48.91 59.99 -38.34
N LEU U 212 -47.72 59.53 -37.93
CA LEU U 212 -47.44 59.20 -36.54
C LEU U 212 -47.53 60.40 -35.58
N LEU U 213 -47.47 61.63 -36.09
CA LEU U 213 -47.75 62.79 -35.26
C LEU U 213 -49.19 63.30 -35.40
N THR U 214 -49.68 63.47 -36.62
CA THR U 214 -51.02 63.97 -36.89
C THR U 214 -51.77 62.97 -37.75
N GLY U 215 -53.04 62.72 -37.44
CA GLY U 215 -53.85 61.70 -38.14
C GLY U 215 -54.10 61.95 -39.63
N LYS U 216 -53.69 63.10 -40.16
CA LYS U 216 -53.83 63.44 -41.56
C LYS U 216 -53.03 62.49 -42.45
N GLY U 217 -53.56 62.24 -43.64
CA GLY U 217 -52.85 61.51 -44.67
C GLY U 217 -52.10 62.41 -45.59
N PRO U 218 -51.78 61.93 -46.79
CA PRO U 218 -51.10 62.78 -47.78
C PRO U 218 -51.86 64.06 -48.13
N ILE U 219 -53.08 63.86 -48.62
CA ILE U 219 -53.87 64.97 -49.13
C ILE U 219 -54.31 65.90 -48.01
N GLN U 220 -54.74 65.34 -46.85
CA GLN U 220 -55.17 66.13 -45.70
C GLN U 220 -54.04 67.02 -45.16
N PHE U 221 -52.83 66.44 -45.00
CA PHE U 221 -51.70 67.18 -44.44
C PHE U 221 -51.21 68.21 -45.44
N LEU U 222 -51.21 67.87 -46.73
CA LEU U 222 -50.79 68.84 -47.74
C LEU U 222 -51.78 69.99 -47.89
N SER U 223 -53.08 69.70 -47.73
CA SER U 223 -54.15 70.68 -47.97
C SER U 223 -54.09 71.86 -47.02
N GLY U 224 -53.92 71.60 -45.72
CA GLY U 224 -53.78 72.64 -44.73
C GLY U 224 -52.37 72.70 -44.17
N ILE U 225 -52.20 73.54 -43.15
CA ILE U 225 -50.90 73.73 -42.49
C ILE U 225 -51.08 73.89 -40.97
N PRO U 226 -51.18 72.76 -40.22
CA PRO U 226 -51.20 72.81 -38.74
C PRO U 226 -49.91 73.38 -38.12
N ALA V 37 10.03 -86.29 2.36
CA ALA V 37 10.42 -85.48 3.50
C ALA V 37 9.20 -84.83 4.13
N MET V 38 8.46 -85.63 4.88
CA MET V 38 7.23 -85.19 5.51
C MET V 38 7.43 -85.30 7.01
N SER V 39 6.73 -84.44 7.75
CA SER V 39 6.83 -84.44 9.20
C SER V 39 6.27 -85.75 9.74
N GLU V 40 6.96 -86.31 10.73
CA GLU V 40 6.57 -87.58 11.32
C GLU V 40 5.30 -87.41 12.16
N SER V 41 5.27 -86.36 12.98
CA SER V 41 4.17 -86.14 13.90
C SER V 41 2.91 -85.65 13.20
N VAL V 42 3.08 -84.83 12.17
CA VAL V 42 2.01 -84.23 11.40
C VAL V 42 2.22 -84.67 9.96
N PRO V 43 1.60 -85.79 9.51
CA PRO V 43 1.96 -86.40 8.21
C PRO V 43 1.72 -85.55 6.98
N PHE V 44 0.83 -84.56 7.05
CA PHE V 44 0.46 -83.78 5.88
C PHE V 44 1.31 -82.53 5.70
N LEU V 45 2.30 -82.31 6.55
CA LEU V 45 3.12 -81.12 6.47
C LEU V 45 4.53 -81.51 6.07
N LYS V 46 5.21 -80.61 5.36
CA LYS V 46 6.60 -80.84 5.00
C LYS V 46 7.45 -80.83 6.27
N LYS V 47 8.49 -81.67 6.27
CA LYS V 47 9.39 -81.82 7.41
C LYS V 47 10.08 -80.48 7.67
N PRO V 48 10.14 -80.02 8.93
CA PRO V 48 10.74 -78.71 9.23
C PRO V 48 12.21 -78.68 8.84
N GLU V 49 12.61 -77.58 8.22
CA GLU V 49 13.96 -77.50 7.66
C GLU V 49 15.02 -77.31 8.73
N ALA V 50 14.74 -76.46 9.73
CA ALA V 50 15.72 -76.17 10.78
C ALA V 50 15.92 -77.36 11.69
N LEU V 51 14.88 -78.18 11.82
CA LEU V 51 14.91 -79.32 12.70
C LEU V 51 15.58 -80.53 12.06
N ASP V 52 16.15 -81.41 12.89
CA ASP V 52 16.87 -82.60 12.44
C ASP V 52 16.69 -83.74 13.43
N SER V 53 16.78 -84.99 12.94
CA SER V 53 16.64 -86.19 13.78
C SER V 53 17.78 -86.40 14.78
N SER V 54 18.90 -85.66 14.66
CA SER V 54 19.95 -85.76 15.67
C SER V 54 19.51 -85.15 17.00
N MET V 55 18.59 -84.19 16.96
CA MET V 55 18.10 -83.54 18.17
C MET V 55 17.32 -84.51 19.03
N ALA V 56 17.57 -84.45 20.33
CA ALA V 56 16.84 -85.28 21.27
C ALA V 56 15.42 -84.78 21.44
N GLY V 57 14.47 -85.71 21.45
CA GLY V 57 13.07 -85.33 21.53
C GLY V 57 12.47 -84.89 20.22
N TYR V 58 13.16 -85.10 19.11
CA TYR V 58 12.67 -84.65 17.82
C TYR V 58 11.53 -85.54 17.35
N ALA V 59 10.45 -84.90 16.87
CA ALA V 59 9.36 -85.65 16.26
C ALA V 59 8.88 -84.99 14.98
N GLY V 60 9.56 -83.96 14.50
CA GLY V 60 9.11 -83.25 13.32
C GLY V 60 7.99 -82.28 13.61
N PHE V 61 7.85 -81.83 14.84
CA PHE V 61 6.72 -81.01 15.24
C PHE V 61 7.15 -79.54 15.29
N ASP V 62 6.94 -78.84 14.19
CA ASP V 62 6.94 -77.37 14.17
C ASP V 62 6.04 -76.90 13.04
N PRO V 63 4.71 -76.99 13.24
CA PRO V 63 3.80 -76.64 12.14
C PRO V 63 3.71 -75.14 11.85
N LEU V 64 4.16 -74.30 12.77
CA LEU V 64 4.04 -72.85 12.60
C LEU V 64 5.29 -72.21 12.04
N GLY V 65 6.40 -72.95 11.99
CA GLY V 65 7.61 -72.38 11.46
C GLY V 65 8.35 -71.46 12.42
N LEU V 66 8.27 -71.74 13.73
CA LEU V 66 8.97 -70.96 14.73
C LEU V 66 10.43 -71.33 14.85
N SER V 67 10.85 -72.47 14.28
CA SER V 67 12.25 -72.87 14.29
C SER V 67 13.09 -72.04 13.33
N SER V 68 12.45 -71.27 12.44
CA SER V 68 13.11 -70.37 11.50
C SER V 68 13.18 -68.93 12.01
N ILE V 69 12.18 -68.49 12.77
CA ILE V 69 12.16 -67.12 13.32
C ILE V 69 13.32 -66.91 14.29
N ALA V 70 13.37 -67.69 15.35
CA ALA V 70 14.45 -67.63 16.32
C ALA V 70 15.41 -68.77 16.02
N ASP V 71 16.65 -68.64 16.50
CA ASP V 71 17.67 -69.64 16.26
C ASP V 71 17.28 -70.91 17.00
N ILE V 72 17.48 -72.05 16.33
CA ILE V 72 17.08 -73.35 16.85
C ILE V 72 17.81 -73.70 18.15
N LYS V 73 19.06 -73.27 18.31
CA LYS V 73 19.83 -73.64 19.49
C LYS V 73 19.37 -72.85 20.72
N PHE V 74 18.99 -71.57 20.51
CA PHE V 74 18.33 -70.78 21.54
C PHE V 74 17.01 -71.44 21.95
N LEU V 75 16.25 -71.93 20.97
CA LEU V 75 14.98 -72.60 21.25
C LEU V 75 15.18 -73.89 22.04
N GLN V 76 16.24 -74.65 21.73
CA GLN V 76 16.51 -75.88 22.48
C GLN V 76 16.92 -75.58 23.91
N GLU V 77 17.81 -74.60 24.11
CA GLU V 77 18.21 -74.19 25.46
C GLU V 77 17.02 -73.70 26.27
N SER V 78 16.13 -72.93 25.62
CA SER V 78 14.91 -72.44 26.26
C SER V 78 13.98 -73.58 26.63
N GLU V 79 13.80 -74.55 25.73
CA GLU V 79 12.92 -75.69 25.97
C GLU V 79 13.42 -76.55 27.12
N ILE V 80 14.73 -76.84 27.16
CA ILE V 80 15.31 -77.68 28.21
C ILE V 80 15.24 -76.97 29.57
N LYS V 81 15.43 -75.64 29.57
CA LYS V 81 15.26 -74.84 30.77
C LYS V 81 13.84 -74.95 31.32
N HIS V 82 12.84 -74.65 30.47
CA HIS V 82 11.40 -74.79 30.78
C HIS V 82 11.06 -76.18 31.30
N CYS V 83 11.58 -77.21 30.62
CA CYS V 83 11.46 -78.62 31.01
C CYS V 83 11.86 -78.87 32.45
N ARG V 84 13.10 -78.48 32.81
CA ARG V 84 13.61 -78.73 34.16
C ARG V 84 12.82 -77.97 35.24
N ILE V 85 12.50 -76.68 34.97
CA ILE V 85 11.75 -75.86 35.93
C ILE V 85 10.37 -76.46 36.17
N ALA V 86 9.71 -76.91 35.09
CA ALA V 86 8.37 -77.48 35.22
C ALA V 86 8.40 -78.87 35.85
N MET V 87 9.50 -79.63 35.64
CA MET V 87 9.66 -80.93 36.32
C MET V 87 9.72 -80.73 37.83
N LEU V 88 10.53 -79.75 38.26
CA LEU V 88 10.59 -79.37 39.67
C LEU V 88 9.23 -78.89 40.17
N ALA V 89 8.56 -78.02 39.39
CA ALA V 89 7.25 -77.48 39.75
C ALA V 89 6.20 -78.57 39.95
N ALA V 90 6.16 -79.56 39.04
CA ALA V 90 5.18 -80.63 39.12
C ALA V 90 5.45 -81.55 40.30
N ALA V 91 6.72 -81.98 40.49
CA ALA V 91 7.06 -82.81 41.64
C ALA V 91 6.86 -82.06 42.95
N GLY V 92 7.10 -80.75 42.93
CA GLY V 92 6.88 -79.95 44.12
C GLY V 92 5.43 -79.85 44.47
N SER V 93 4.56 -79.67 43.46
CA SER V 93 3.10 -79.74 43.63
C SER V 93 2.68 -81.04 44.31
N ILE V 94 3.15 -82.17 43.76
CA ILE V 94 2.79 -83.49 44.29
C ILE V 94 3.32 -83.66 45.72
N ALA V 95 4.60 -83.34 45.95
CA ALA V 95 5.21 -83.51 47.28
C ALA V 95 4.61 -82.59 48.33
N GLN V 96 4.32 -81.32 47.97
CA GLN V 96 3.70 -80.37 48.90
C GLN V 96 2.30 -80.83 49.27
N ASP V 97 1.63 -81.58 48.39
CA ASP V 97 0.47 -82.34 48.86
C ASP V 97 0.87 -83.44 49.84
N ILE V 98 1.88 -84.27 49.47
CA ILE V 98 2.19 -85.50 50.22
C ILE V 98 2.65 -85.18 51.65
N PHE V 99 3.53 -84.19 51.80
CA PHE V 99 4.02 -83.82 53.12
C PHE V 99 4.51 -82.39 53.09
N THR V 100 4.75 -81.83 54.27
CA THR V 100 5.41 -80.54 54.38
C THR V 100 6.56 -80.67 55.37
N PHE V 101 7.50 -79.76 55.27
CA PHE V 101 8.70 -79.76 56.08
C PHE V 101 8.39 -79.30 57.51
N PRO V 102 9.23 -79.63 58.50
CA PRO V 102 8.95 -79.22 59.89
C PRO V 102 8.85 -77.71 60.08
N GLY V 103 7.76 -77.29 60.72
CA GLY V 103 7.54 -75.89 60.99
C GLY V 103 6.85 -75.12 59.89
N VAL V 104 6.66 -75.73 58.72
CA VAL V 104 6.04 -75.07 57.57
C VAL V 104 4.57 -74.75 57.83
N SER V 105 3.85 -75.68 58.49
CA SER V 105 2.44 -75.49 58.82
C SER V 105 2.20 -74.31 59.77
N LYS V 106 3.19 -73.96 60.58
CA LYS V 106 3.14 -72.75 61.41
C LYS V 106 2.99 -71.52 60.52
N VAL V 107 3.79 -71.45 59.46
CA VAL V 107 3.84 -70.25 58.64
C VAL V 107 2.72 -70.25 57.59
N VAL V 108 2.42 -71.41 57.00
CA VAL V 108 1.38 -71.48 55.97
C VAL V 108 0.20 -72.25 56.57
N GLY V 109 -0.93 -71.57 56.74
CA GLY V 109 -2.08 -72.22 57.35
C GLY V 109 -2.93 -73.04 56.41
N THR V 110 -3.51 -72.38 55.42
CA THR V 110 -4.49 -72.96 54.51
C THR V 110 -4.06 -72.81 53.07
N ALA V 111 -3.10 -71.92 52.80
CA ALA V 111 -2.52 -71.71 51.47
C ALA V 111 -1.92 -73.01 50.95
N LYS V 112 -2.24 -73.34 49.70
CA LYS V 112 -1.97 -74.69 49.22
C LYS V 112 -0.98 -74.73 48.07
N MET V 113 -1.29 -74.08 46.96
CA MET V 113 -0.47 -74.21 45.77
C MET V 113 0.21 -72.91 45.38
N THR V 114 -0.54 -71.86 45.08
CA THR V 114 0.07 -70.57 44.81
C THR V 114 -0.19 -69.55 45.90
N GLY V 115 -1.06 -69.85 46.85
CA GLY V 115 -1.18 -69.02 48.03
C GLY V 115 0.07 -69.01 48.89
N VAL V 116 0.79 -70.14 48.91
CA VAL V 116 2.04 -70.24 49.66
C VAL V 116 3.10 -69.31 49.08
N HIS V 117 3.09 -69.08 47.76
CA HIS V 117 3.93 -68.04 47.16
C HIS V 117 3.61 -66.67 47.74
N ASP V 118 2.31 -66.36 47.88
CA ASP V 118 1.87 -65.05 48.33
C ASP V 118 2.21 -64.80 49.80
N VAL V 119 2.08 -65.82 50.63
CA VAL V 119 2.39 -65.64 52.05
C VAL V 119 3.91 -65.74 52.29
N LEU V 120 4.66 -66.46 51.46
CA LEU V 120 6.10 -66.58 51.64
C LEU V 120 6.92 -65.56 50.86
N VAL V 121 6.29 -64.65 50.12
CA VAL V 121 6.97 -63.41 49.75
C VAL V 121 7.13 -62.50 50.99
N LYS V 122 6.11 -62.48 51.87
CA LYS V 122 6.21 -61.81 53.17
C LYS V 122 7.35 -62.39 54.00
N GLN V 123 7.37 -63.72 54.15
CA GLN V 123 8.51 -64.39 54.75
C GLN V 123 9.66 -64.37 53.71
N GLY V 124 10.81 -64.88 54.07
CA GLY V 124 11.91 -64.67 53.15
C GLY V 124 12.14 -65.70 52.08
N ALA V 125 11.30 -66.74 51.96
CA ALA V 125 11.61 -67.92 51.13
C ALA V 125 11.75 -67.56 49.65
N MET V 126 10.76 -66.83 49.10
CA MET V 126 10.74 -66.47 47.68
C MET V 126 11.87 -65.57 47.27
N GLY V 127 12.22 -64.60 48.11
CA GLY V 127 13.39 -63.77 47.86
C GLY V 127 14.67 -64.59 47.84
N GLN V 128 14.77 -65.57 48.74
CA GLN V 128 15.91 -66.47 48.77
C GLN V 128 16.07 -67.34 47.51
N ILE V 129 15.02 -68.07 47.10
CA ILE V 129 15.11 -68.89 45.88
C ILE V 129 15.31 -68.00 44.65
N LEU V 130 14.69 -66.81 44.63
CA LEU V 130 14.87 -65.86 43.53
C LEU V 130 16.32 -65.39 43.42
N LEU V 131 16.93 -65.05 44.56
CA LEU V 131 18.32 -64.62 44.62
C LEU V 131 19.29 -65.72 44.16
N TRP V 132 19.07 -66.95 44.63
CA TRP V 132 20.06 -67.99 44.32
C TRP V 132 19.88 -68.57 42.91
N THR V 133 18.64 -68.69 42.44
CA THR V 133 18.41 -69.07 41.05
C THR V 133 18.85 -67.95 40.09
N SER V 134 18.81 -66.69 40.53
CA SER V 134 19.30 -65.62 39.68
C SER V 134 20.83 -65.62 39.61
N PHE V 135 21.47 -65.93 40.75
CA PHE V 135 22.90 -66.23 40.80
C PHE V 135 23.30 -67.33 39.82
N LEU V 136 22.52 -68.42 39.76
CA LEU V 136 22.83 -69.49 38.83
C LEU V 136 22.60 -69.07 37.39
N GLU V 137 21.53 -68.32 37.16
CA GLU V 137 21.24 -67.74 35.85
C GLU V 137 22.32 -66.83 35.28
N VAL V 138 23.12 -66.16 36.12
CA VAL V 138 24.22 -65.34 35.61
C VAL V 138 25.21 -66.21 34.82
N PHE V 139 25.58 -67.34 35.40
CA PHE V 139 26.47 -68.29 34.73
C PHE V 139 25.73 -69.04 33.64
N GLY V 140 24.41 -69.23 33.80
CA GLY V 140 23.59 -69.70 32.70
C GLY V 140 23.55 -68.76 31.51
N THR V 141 23.65 -67.45 31.76
CA THR V 141 23.68 -66.47 30.68
C THR V 141 24.99 -66.54 29.93
N ILE V 142 26.10 -66.67 30.67
CA ILE V 142 27.41 -66.94 30.07
C ILE V 142 27.37 -68.22 29.23
N ALA V 143 26.74 -69.27 29.76
CA ALA V 143 26.67 -70.55 29.06
C ALA V 143 25.76 -70.49 27.84
N LEU V 144 24.68 -69.69 27.90
CA LEU V 144 23.82 -69.48 26.73
C LEU V 144 24.56 -68.74 25.62
N LEU V 145 25.36 -67.73 25.98
CA LEU V 145 26.18 -67.04 24.98
C LEU V 145 27.20 -68.00 24.36
N GLU V 146 27.79 -68.87 25.21
CA GLU V 146 28.74 -69.87 24.77
C GLU V 146 28.11 -70.88 23.80
N THR V 147 26.89 -71.34 24.10
CA THR V 147 26.23 -72.31 23.24
C THR V 147 25.68 -71.66 21.98
N LEU V 148 25.39 -70.35 22.01
CA LEU V 148 25.09 -69.62 20.78
C LEU V 148 26.30 -69.60 19.87
N ASP V 149 27.47 -69.22 20.42
CA ASP V 149 28.75 -69.27 19.69
C ASP V 149 29.07 -70.67 19.15
N GLY V 150 28.62 -71.72 19.84
CA GLY V 150 28.78 -73.08 19.35
C GLY V 150 29.69 -73.98 20.16
N LYS V 151 30.22 -73.53 21.28
CA LYS V 151 31.13 -74.37 22.04
C LYS V 151 30.39 -75.40 22.90
N ARG V 152 29.14 -75.13 23.27
CA ARG V 152 28.45 -75.93 24.27
C ARG V 152 27.13 -76.42 23.68
N ALA V 153 26.70 -77.62 24.09
CA ALA V 153 25.39 -78.14 23.73
C ALA V 153 24.31 -77.46 24.59
N PRO V 154 23.10 -77.24 24.04
CA PRO V 154 22.03 -76.63 24.85
C PRO V 154 21.65 -77.51 26.04
N GLY V 155 21.44 -76.87 27.19
CA GLY V 155 21.13 -77.60 28.41
C GLY V 155 22.24 -78.41 29.01
N ASP V 156 23.45 -78.34 28.48
CA ASP V 156 24.57 -79.17 28.92
C ASP V 156 25.43 -78.35 29.88
N PHE V 157 25.36 -78.68 31.17
CA PHE V 157 26.14 -78.01 32.21
C PHE V 157 27.16 -78.93 32.86
N LYS V 158 27.41 -80.11 32.28
CA LYS V 158 28.36 -81.14 32.75
C LYS V 158 27.99 -81.68 34.14
N PHE V 159 26.72 -81.54 34.54
CA PHE V 159 26.28 -81.97 35.85
C PHE V 159 25.84 -83.42 35.80
N ASP V 160 26.81 -84.29 35.94
CA ASP V 160 26.57 -85.72 36.10
C ASP V 160 27.40 -86.28 37.25
N PRO V 161 27.11 -85.89 38.52
CA PRO V 161 27.95 -86.36 39.65
C PRO V 161 27.88 -87.87 39.89
N LEU V 162 26.70 -88.47 39.72
CA LEU V 162 26.53 -89.92 40.00
C LEU V 162 26.94 -90.74 38.78
N GLY V 163 27.44 -90.09 37.72
CA GLY V 163 27.94 -90.81 36.53
C GLY V 163 26.89 -91.69 35.89
N PHE V 164 25.63 -91.25 35.84
CA PHE V 164 24.55 -92.02 35.18
C PHE V 164 24.82 -92.16 33.67
N SER V 165 25.34 -91.11 33.04
CA SER V 165 25.52 -91.12 31.55
C SER V 165 26.93 -91.52 31.13
N LYS V 166 27.75 -92.07 32.04
CA LYS V 166 29.17 -92.38 31.70
C LYS V 166 29.24 -93.40 30.55
N ASN V 167 28.37 -94.42 30.55
CA ASN V 167 28.42 -95.48 29.51
C ASN V 167 28.17 -94.85 28.13
N ALA V 168 27.23 -93.90 28.05
CA ALA V 168 26.89 -93.16 26.79
C ALA V 168 25.79 -93.88 26.02
N GLU V 169 25.62 -95.19 26.24
CA GLU V 169 24.45 -95.88 25.63
C GLU V 169 23.22 -95.35 26.38
N THR V 170 23.33 -95.25 27.72
CA THR V 170 22.24 -94.68 28.54
C THR V 170 22.11 -93.18 28.23
N ALA V 171 23.23 -92.49 28.02
CA ALA V 171 23.19 -91.03 27.79
C ALA V 171 22.10 -90.66 26.80
N LYS V 172 22.09 -91.28 25.61
CA LYS V 172 21.09 -90.92 24.59
C LYS V 172 19.66 -91.22 25.07
N ARG V 173 19.47 -92.37 25.73
CA ARG V 173 18.18 -92.74 26.31
C ARG V 173 17.73 -91.72 27.34
N TYR V 174 18.66 -91.36 28.25
CA TYR V 174 18.43 -90.32 29.26
C TYR V 174 18.12 -88.97 28.61
N GLN V 175 18.77 -88.66 27.47
CA GLN V 175 18.55 -87.37 26.81
C GLN V 175 17.13 -87.27 26.27
N LEU V 176 16.70 -88.31 25.54
CA LEU V 176 15.34 -88.34 25.00
C LEU V 176 14.31 -88.39 26.13
N SER V 177 14.56 -89.22 27.15
CA SER V 177 13.68 -89.38 28.31
C SER V 177 13.50 -88.07 29.07
N GLU V 178 14.60 -87.31 29.26
CA GLU V 178 14.55 -86.03 29.96
C GLU V 178 13.68 -85.05 29.20
N ILE V 179 13.80 -85.03 27.86
CA ILE V 179 12.98 -84.12 27.05
C ILE V 179 11.50 -84.52 27.13
N LYS V 180 11.19 -85.82 27.07
CA LYS V 180 9.79 -86.30 27.15
C LYS V 180 9.16 -85.97 28.49
N ASN V 181 9.83 -86.32 29.62
CA ASN V 181 9.30 -85.96 30.95
C ASN V 181 9.20 -84.46 31.15
N GLY V 182 10.14 -83.70 30.58
CA GLY V 182 10.04 -82.24 30.66
C GLY V 182 8.78 -81.70 29.99
N ARG V 183 8.50 -82.17 28.77
CA ARG V 183 7.28 -81.76 28.06
C ARG V 183 6.01 -82.15 28.82
N LEU V 184 5.99 -83.39 29.35
CA LEU V 184 4.88 -83.86 30.16
C LEU V 184 4.71 -83.04 31.43
N ALA V 185 5.83 -82.61 32.01
CA ALA V 185 5.76 -81.82 33.22
C ALA V 185 5.33 -80.39 32.96
N MET V 186 5.66 -79.84 31.79
CA MET V 186 5.12 -78.54 31.38
C MET V 186 3.60 -78.57 31.31
N LEU V 187 3.07 -79.58 30.60
CA LEU V 187 1.62 -79.75 30.47
C LEU V 187 0.97 -80.02 31.83
N ALA V 188 1.63 -80.82 32.65
CA ALA V 188 1.13 -81.21 33.96
C ALA V 188 1.11 -80.04 34.94
N THR V 189 2.21 -79.27 34.98
CA THR V 189 2.30 -78.08 35.82
C THR V 189 1.19 -77.10 35.50
N GLY V 190 0.97 -76.85 34.20
CA GLY V 190 -0.15 -76.02 33.78
C GLY V 190 -1.49 -76.59 34.20
N GLY V 191 -1.63 -77.91 34.08
CA GLY V 191 -2.92 -78.52 34.27
C GLY V 191 -3.40 -78.72 35.66
N MET V 192 -2.44 -78.81 36.60
CA MET V 192 -2.56 -78.79 38.06
C MET V 192 -2.79 -77.38 38.59
N VAL V 193 -1.98 -76.41 38.14
CA VAL V 193 -2.20 -75.04 38.63
C VAL V 193 -3.53 -74.51 38.15
N HIS V 194 -3.99 -74.93 36.97
CA HIS V 194 -5.30 -74.49 36.52
C HIS V 194 -6.42 -75.28 37.21
N GLY V 195 -6.20 -76.59 37.48
CA GLY V 195 -7.11 -77.30 38.37
C GLY V 195 -7.23 -76.69 39.76
N TYR V 196 -6.15 -76.10 40.27
CA TYR V 196 -6.21 -75.42 41.55
C TYR V 196 -6.87 -74.06 41.45
N PHE V 197 -6.68 -73.34 40.34
CA PHE V 197 -7.40 -72.08 40.14
C PHE V 197 -8.91 -72.32 40.09
N ILE V 198 -9.33 -73.46 39.52
CA ILE V 198 -10.74 -73.86 39.51
C ILE V 198 -11.22 -74.24 40.91
N THR V 199 -10.67 -75.31 41.49
CA THR V 199 -11.25 -75.87 42.71
C THR V 199 -10.60 -75.39 44.01
N GLY V 200 -9.33 -75.02 44.00
CA GLY V 200 -8.60 -74.75 45.21
C GLY V 200 -8.02 -75.96 45.90
N LYS V 201 -8.27 -77.16 45.38
CA LYS V 201 -7.89 -78.36 46.10
C LYS V 201 -6.39 -78.64 45.98
N GLY V 202 -5.83 -78.47 44.79
CA GLY V 202 -4.47 -78.92 44.56
C GLY V 202 -4.58 -80.31 43.97
N PRO V 203 -3.47 -80.83 43.39
CA PRO V 203 -3.52 -82.06 42.57
C PRO V 203 -4.07 -83.33 43.21
N LEU V 204 -3.41 -83.77 44.30
CA LEU V 204 -3.84 -84.98 44.98
C LEU V 204 -5.18 -84.79 45.68
N GLU V 205 -5.42 -83.61 46.26
CA GLU V 205 -6.72 -83.35 46.87
C GLU V 205 -7.83 -83.20 45.84
N LEU V 206 -7.50 -82.77 44.62
CA LEU V 206 -8.49 -82.80 43.55
C LEU V 206 -8.85 -84.23 43.19
N LEU V 207 -7.82 -85.09 43.10
CA LEU V 207 -8.06 -86.49 42.73
C LEU V 207 -8.87 -87.21 43.81
N THR V 208 -8.42 -87.15 45.07
CA THR V 208 -9.08 -87.87 46.17
C THR V 208 -10.47 -87.32 46.49
N ASN V 209 -10.67 -86.01 46.36
CA ASN V 209 -11.98 -85.40 46.50
C ASN V 209 -12.43 -84.98 45.10
N PHE V 210 -13.03 -85.92 44.36
CA PHE V 210 -13.55 -85.66 43.02
C PHE V 210 -14.70 -84.67 43.02
N ASP W 39 -35.86 -10.53 -73.66
CA ASP W 39 -35.34 -9.23 -73.22
C ASP W 39 -36.39 -8.55 -72.35
N MET W 40 -37.62 -8.43 -72.84
CA MET W 40 -38.70 -7.88 -72.04
C MET W 40 -39.67 -9.00 -71.70
N SER W 41 -40.18 -8.98 -70.46
CA SER W 41 -41.08 -10.03 -69.99
C SER W 41 -42.41 -9.96 -70.73
N ALA W 42 -42.96 -11.13 -71.05
CA ALA W 42 -44.25 -11.21 -71.71
C ALA W 42 -45.37 -10.73 -70.79
N SER W 43 -45.37 -11.19 -69.54
CA SER W 43 -46.39 -10.79 -68.58
C SER W 43 -46.27 -9.30 -68.24
N VAL W 44 -45.05 -8.82 -68.04
CA VAL W 44 -44.82 -7.43 -67.67
C VAL W 44 -43.95 -6.77 -68.74
N PRO W 45 -44.50 -5.93 -69.63
CA PRO W 45 -43.72 -5.39 -70.75
C PRO W 45 -42.56 -4.48 -70.35
N PHE W 46 -42.70 -3.70 -69.28
CA PHE W 46 -41.66 -2.76 -68.91
C PHE W 46 -40.48 -3.42 -68.20
N LEU W 47 -40.69 -4.55 -67.53
CA LEU W 47 -39.59 -5.16 -66.79
C LEU W 47 -38.76 -6.06 -67.69
N PRO W 48 -37.47 -6.24 -67.42
CA PRO W 48 -36.69 -7.21 -68.21
C PRO W 48 -37.05 -8.64 -67.84
N ARG W 49 -36.81 -9.51 -68.82
CA ARG W 49 -37.11 -10.92 -68.67
C ARG W 49 -36.21 -11.50 -67.58
N PRO W 50 -36.75 -12.35 -66.71
CA PRO W 50 -35.91 -13.08 -65.77
C PRO W 50 -35.02 -13.94 -66.62
N ALA W 51 -33.71 -13.80 -66.43
CA ALA W 51 -32.72 -14.49 -67.25
C ALA W 51 -32.83 -15.99 -67.14
N ALA W 52 -33.17 -16.48 -65.94
CA ALA W 52 -33.27 -17.90 -65.64
C ALA W 52 -34.33 -18.64 -66.43
N LEU W 53 -35.51 -18.04 -66.64
CA LEU W 53 -36.66 -18.77 -67.20
C LEU W 53 -36.45 -19.28 -68.62
N ASP W 54 -36.06 -18.40 -69.56
CA ASP W 54 -35.77 -18.71 -70.99
C ASP W 54 -36.91 -19.40 -71.74
N GLY W 55 -38.15 -19.23 -71.27
CA GLY W 55 -39.33 -19.81 -71.89
C GLY W 55 -39.26 -21.30 -72.12
N SER W 56 -38.69 -22.03 -71.17
CA SER W 56 -38.43 -23.45 -71.33
C SER W 56 -39.42 -24.30 -70.54
N MET W 57 -39.49 -24.10 -69.23
CA MET W 57 -40.46 -24.78 -68.38
C MET W 57 -41.88 -24.36 -68.81
N VAL W 58 -42.87 -25.21 -68.51
CA VAL W 58 -44.24 -24.81 -68.79
C VAL W 58 -44.65 -23.73 -67.80
N GLY W 59 -45.44 -22.78 -68.27
CA GLY W 59 -45.88 -21.68 -67.44
C GLY W 59 -45.00 -20.46 -67.43
N ASP W 60 -44.02 -20.37 -68.34
CA ASP W 60 -43.07 -19.26 -68.32
C ASP W 60 -43.59 -18.11 -69.17
N VAL W 61 -44.33 -17.21 -68.54
CA VAL W 61 -44.79 -16.00 -69.22
C VAL W 61 -43.89 -14.86 -68.81
N GLY W 62 -42.66 -15.18 -68.40
CA GLY W 62 -41.70 -14.18 -67.95
C GLY W 62 -42.09 -13.52 -66.65
N PHE W 63 -42.89 -14.18 -65.82
CA PHE W 63 -43.46 -13.54 -64.65
C PHE W 63 -42.64 -13.86 -63.41
N ASP W 64 -41.57 -13.10 -63.23
CA ASP W 64 -40.81 -13.12 -61.98
C ASP W 64 -40.31 -11.70 -61.73
N PRO W 65 -41.18 -10.79 -61.29
CA PRO W 65 -40.73 -9.40 -61.07
C PRO W 65 -39.82 -9.24 -59.86
N LEU W 66 -40.13 -9.89 -58.74
CA LEU W 66 -39.37 -9.72 -57.50
C LEU W 66 -38.06 -10.52 -57.43
N GLY W 67 -37.56 -11.08 -58.53
CA GLY W 67 -36.25 -11.75 -58.58
C GLY W 67 -36.08 -12.93 -57.64
N PHE W 68 -37.12 -13.75 -57.49
CA PHE W 68 -37.02 -14.89 -56.59
C PHE W 68 -36.18 -16.03 -57.15
N THR W 69 -36.04 -16.11 -58.48
CA THR W 69 -35.26 -17.16 -59.09
C THR W 69 -33.76 -16.93 -58.93
N THR W 70 -33.35 -15.72 -58.62
CA THR W 70 -31.93 -15.45 -58.40
C THR W 70 -31.44 -15.97 -57.05
N LYS W 71 -32.34 -16.08 -56.06
CA LYS W 71 -31.95 -16.52 -54.72
C LYS W 71 -32.14 -18.01 -54.48
N TYR W 72 -33.02 -18.67 -55.24
CA TYR W 72 -33.27 -20.10 -55.09
C TYR W 72 -33.29 -20.81 -56.44
N ASP W 73 -33.02 -22.11 -56.36
CA ASP W 73 -33.07 -23.00 -57.52
C ASP W 73 -34.51 -23.17 -57.99
N ILE W 74 -34.70 -23.10 -59.31
CA ILE W 74 -36.03 -23.09 -59.91
C ILE W 74 -36.67 -24.46 -59.96
N LYS W 75 -35.87 -25.54 -59.92
CA LYS W 75 -36.41 -26.91 -59.86
C LYS W 75 -37.18 -27.11 -58.55
N TRP W 76 -36.57 -26.67 -57.44
CA TRP W 76 -37.22 -26.70 -56.13
C TRP W 76 -38.47 -25.84 -56.09
N LEU W 77 -38.39 -24.65 -56.72
CA LEU W 77 -39.54 -23.74 -56.76
C LEU W 77 -40.68 -24.33 -57.57
N ARG W 78 -40.38 -25.00 -58.70
CA ARG W 78 -41.44 -25.57 -59.54
C ARG W 78 -42.12 -26.74 -58.84
N GLU W 79 -41.31 -27.65 -58.25
CA GLU W 79 -41.90 -28.77 -57.51
C GLU W 79 -42.70 -28.26 -56.31
N SER W 80 -42.24 -27.17 -55.66
CA SER W 80 -43.01 -26.54 -54.60
C SER W 80 -44.34 -25.98 -55.12
N GLU W 81 -44.29 -25.31 -56.29
CA GLU W 81 -45.48 -24.71 -56.91
C GLU W 81 -46.50 -25.78 -57.24
N LEU W 82 -46.03 -26.90 -57.82
CA LEU W 82 -46.88 -28.02 -58.17
C LEU W 82 -47.48 -28.65 -56.92
N LYS W 83 -46.67 -28.81 -55.86
CA LYS W 83 -47.17 -29.40 -54.62
C LYS W 83 -48.22 -28.52 -53.95
N HIS W 84 -47.98 -27.19 -53.88
CA HIS W 84 -48.95 -26.24 -53.34
C HIS W 84 -50.24 -26.24 -54.17
N GLY W 85 -50.12 -26.24 -55.50
CA GLY W 85 -51.29 -26.25 -56.36
C GLY W 85 -52.10 -27.55 -56.27
N ARG W 86 -51.41 -28.69 -56.11
CA ARG W 86 -52.09 -29.98 -55.94
C ARG W 86 -52.86 -30.05 -54.63
N VAL W 87 -52.23 -29.61 -53.53
CA VAL W 87 -52.89 -29.53 -52.22
C VAL W 87 -54.09 -28.59 -52.28
N CYS W 88 -53.92 -27.47 -52.99
CA CYS W 88 -55.00 -26.48 -53.06
C CYS W 88 -56.14 -26.96 -53.94
N MET W 89 -55.83 -27.73 -54.99
CA MET W 89 -56.86 -28.32 -55.83
C MET W 89 -57.70 -29.34 -55.05
N LEU W 90 -57.01 -30.22 -54.30
CA LEU W 90 -57.71 -31.18 -53.44
C LEU W 90 -58.54 -30.47 -52.38
N ALA W 91 -57.99 -29.40 -51.81
CA ALA W 91 -58.65 -28.70 -50.71
C ALA W 91 -59.86 -27.94 -51.21
N SER W 92 -59.76 -27.30 -52.40
CA SER W 92 -60.88 -26.58 -52.99
C SER W 92 -62.03 -27.53 -53.26
N LEU W 93 -61.73 -28.68 -53.90
CA LEU W 93 -62.77 -29.68 -54.22
C LEU W 93 -63.39 -30.21 -52.93
N GLY W 94 -62.55 -30.46 -51.92
CA GLY W 94 -63.03 -31.01 -50.66
C GLY W 94 -63.97 -30.06 -49.97
N CYS W 95 -63.55 -28.78 -49.78
CA CYS W 95 -64.39 -27.71 -49.19
C CYS W 95 -65.71 -27.54 -49.89
N ILE W 96 -65.70 -27.58 -51.24
CA ILE W 96 -66.94 -27.45 -52.02
C ILE W 96 -67.88 -28.59 -51.68
N VAL W 97 -67.38 -29.82 -51.77
CA VAL W 97 -68.28 -30.96 -51.53
C VAL W 97 -68.71 -31.11 -50.07
N GLN W 98 -67.96 -30.54 -49.07
CA GLN W 98 -68.31 -30.75 -47.64
C GLN W 98 -69.72 -30.27 -47.35
N GLU W 99 -70.05 -29.07 -47.86
CA GLU W 99 -71.38 -28.53 -47.70
C GLU W 99 -72.40 -29.35 -48.45
N ILE W 100 -72.09 -29.72 -49.70
CA ILE W 100 -73.04 -30.45 -50.55
C ILE W 100 -73.27 -31.89 -50.04
N VAL W 101 -72.19 -32.63 -49.76
CA VAL W 101 -72.32 -34.03 -49.34
C VAL W 101 -71.33 -34.34 -48.23
N HIS W 102 -71.82 -34.84 -47.11
CA HIS W 102 -70.98 -35.26 -46.01
C HIS W 102 -71.32 -36.71 -45.68
N LEU W 103 -70.29 -37.48 -45.28
CA LEU W 103 -70.46 -38.85 -44.80
C LEU W 103 -71.48 -38.85 -43.65
N PRO W 104 -72.44 -39.76 -43.65
CA PRO W 104 -73.54 -39.67 -42.66
C PRO W 104 -73.21 -40.26 -41.29
N PHE W 105 -72.33 -39.59 -40.56
CA PHE W 105 -72.01 -39.99 -39.21
C PHE W 105 -72.00 -38.73 -38.35
N GLU W 106 -72.20 -38.94 -37.04
CA GLU W 106 -72.21 -37.83 -36.09
C GLU W 106 -70.82 -37.22 -36.05
N ALA W 107 -70.78 -35.88 -35.99
CA ALA W 107 -69.64 -34.95 -35.87
C ALA W 107 -69.00 -34.74 -37.25
N THR W 108 -69.53 -35.36 -38.30
CA THR W 108 -69.08 -35.12 -39.66
C THR W 108 -70.09 -34.31 -40.44
N SER W 109 -71.04 -33.67 -39.75
CA SER W 109 -72.13 -32.93 -40.37
C SER W 109 -71.96 -31.41 -40.37
N ASN W 110 -70.78 -30.88 -39.98
CA ASN W 110 -70.55 -29.43 -40.03
C ASN W 110 -70.09 -29.06 -41.43
N PRO W 111 -70.90 -28.33 -42.22
CA PRO W 111 -70.51 -28.04 -43.61
C PRO W 111 -69.33 -27.09 -43.78
N VAL W 112 -69.27 -26.02 -42.98
CA VAL W 112 -68.23 -24.99 -43.04
C VAL W 112 -66.92 -25.67 -42.70
N ALA W 113 -66.03 -25.74 -43.70
CA ALA W 113 -64.70 -26.36 -43.64
C ALA W 113 -63.90 -25.97 -42.40
N SER W 114 -63.74 -24.64 -42.24
CA SER W 114 -62.99 -24.03 -41.14
C SER W 114 -63.46 -24.54 -39.79
N GLU W 115 -64.78 -24.51 -39.58
CA GLU W 115 -65.34 -24.98 -38.31
C GLU W 115 -65.27 -26.50 -38.21
N ALA W 116 -65.28 -27.20 -39.36
CA ALA W 116 -65.21 -28.67 -39.37
C ALA W 116 -63.86 -29.17 -38.86
N PHE W 117 -62.80 -28.35 -38.97
CA PHE W 117 -61.51 -28.70 -38.36
C PHE W 117 -61.65 -28.94 -36.86
N PHE W 118 -62.30 -28.01 -36.16
CA PHE W 118 -62.47 -28.15 -34.72
C PHE W 118 -63.58 -29.15 -34.39
N GLN W 119 -64.65 -29.14 -35.17
CA GLN W 119 -65.80 -30.04 -34.98
C GLN W 119 -65.55 -31.37 -35.71
N VAL W 120 -64.63 -32.17 -35.14
CA VAL W 120 -64.20 -33.48 -35.66
C VAL W 120 -63.28 -34.11 -34.61
N PRO W 121 -63.15 -35.45 -34.55
CA PRO W 121 -62.15 -36.07 -33.67
C PRO W 121 -60.75 -35.62 -34.03
N ALA W 122 -60.04 -35.10 -33.02
CA ALA W 122 -58.65 -34.65 -33.17
C ALA W 122 -57.75 -35.81 -33.57
N GLY W 123 -58.00 -36.99 -32.97
CA GLY W 123 -57.20 -38.18 -33.24
C GLY W 123 -57.27 -38.63 -34.68
N GLY W 124 -58.45 -38.61 -35.29
CA GLY W 124 -58.61 -39.08 -36.67
C GLY W 124 -57.86 -38.21 -37.68
N LEU W 125 -57.99 -36.89 -37.53
CA LEU W 125 -57.26 -35.94 -38.37
C LEU W 125 -55.75 -36.05 -38.11
N TRP W 126 -55.39 -36.32 -36.84
CA TRP W 126 -54.00 -36.54 -36.44
C TRP W 126 -53.42 -37.76 -37.17
N GLN W 127 -54.23 -38.81 -37.32
CA GLN W 127 -53.86 -40.01 -38.07
C GLN W 127 -53.59 -39.66 -39.52
N ILE W 128 -54.45 -38.78 -40.09
CA ILE W 128 -54.24 -38.33 -41.48
C ILE W 128 -52.91 -37.58 -41.60
N PHE W 129 -52.57 -36.76 -40.59
CA PHE W 129 -51.30 -35.99 -40.58
C PHE W 129 -50.10 -36.94 -40.60
N ALA W 130 -50.19 -38.01 -39.80
CA ALA W 130 -49.14 -39.03 -39.77
C ALA W 130 -49.06 -39.78 -41.10
N GLY W 131 -50.22 -40.00 -41.75
CA GLY W 131 -50.22 -40.57 -43.10
C GLY W 131 -49.50 -39.69 -44.12
N ILE W 132 -49.66 -38.36 -43.98
CA ILE W 132 -49.02 -37.39 -44.88
C ILE W 132 -47.50 -37.51 -44.78
N GLY W 133 -47.01 -37.83 -43.58
CA GLY W 133 -45.55 -38.00 -43.37
C GLY W 133 -44.98 -39.19 -44.12
N ILE W 134 -45.42 -40.40 -43.80
CA ILE W 134 -44.83 -41.63 -44.43
C ILE W 134 -44.93 -41.55 -45.96
N VAL W 135 -46.11 -41.27 -46.49
CA VAL W 135 -46.30 -41.28 -47.98
C VAL W 135 -45.29 -40.32 -48.62
N GLU W 136 -44.98 -39.19 -47.98
CA GLU W 136 -44.03 -38.20 -48.54
C GLU W 136 -42.63 -38.79 -48.53
N HIS W 137 -42.18 -39.30 -47.39
CA HIS W 137 -40.80 -39.82 -47.30
C HIS W 137 -40.60 -40.85 -48.41
N PHE W 138 -41.54 -41.78 -48.54
CA PHE W 138 -41.44 -42.86 -49.56
C PHE W 138 -41.55 -42.29 -50.98
N SER W 139 -42.43 -41.30 -51.17
CA SER W 139 -42.66 -40.78 -52.54
C SER W 139 -41.38 -40.16 -53.10
N ASN W 140 -40.72 -39.28 -52.33
CA ASN W 140 -39.55 -38.53 -52.85
C ASN W 140 -38.26 -39.33 -52.62
N ASN W 141 -38.37 -40.60 -52.23
CA ASN W 141 -37.18 -41.47 -52.01
C ASN W 141 -36.37 -40.97 -50.81
N PHE W 142 -36.92 -40.07 -49.99
CA PHE W 142 -36.26 -39.62 -48.76
C PHE W 142 -35.17 -38.57 -49.01
N LYS W 143 -35.58 -37.45 -49.63
CA LYS W 143 -34.68 -36.40 -50.04
C LYS W 143 -35.06 -35.03 -49.45
N MET W 144 -34.05 -34.13 -49.33
CA MET W 144 -34.08 -32.75 -48.85
C MET W 144 -34.10 -31.80 -50.09
N SER W 145 -33.86 -30.49 -49.89
CA SER W 145 -33.91 -29.46 -50.94
C SER W 145 -32.85 -29.65 -52.02
N GLY W 146 -31.60 -29.84 -51.62
CA GLY W 146 -30.59 -30.18 -52.60
C GLY W 146 -30.79 -31.60 -53.11
N SER W 147 -31.14 -32.52 -52.20
CA SER W 147 -31.25 -33.94 -52.48
C SER W 147 -32.38 -34.31 -53.46
N THR W 148 -33.52 -33.56 -53.45
CA THR W 148 -34.69 -33.90 -54.28
C THR W 148 -34.35 -33.97 -55.78
N MET W 149 -33.53 -33.03 -56.24
CA MET W 149 -33.02 -33.07 -57.59
C MET W 149 -31.76 -33.90 -57.65
N ARG W 154 -34.20 -36.37 -62.48
CA ARG W 154 -35.54 -36.31 -61.94
C ARG W 154 -36.18 -34.98 -62.33
N ALA W 155 -37.26 -35.03 -63.11
CA ALA W 155 -38.00 -33.82 -63.41
C ALA W 155 -38.65 -33.28 -62.13
N PRO W 156 -38.64 -31.97 -61.92
CA PRO W 156 -39.31 -31.39 -60.74
C PRO W 156 -40.81 -31.59 -60.76
N GLY W 157 -41.34 -32.11 -59.65
CA GLY W 157 -42.74 -32.39 -59.50
C GLY W 157 -43.18 -33.73 -60.04
N ASN W 158 -42.34 -34.39 -60.86
CA ASN W 158 -42.56 -35.73 -61.40
C ASN W 158 -42.19 -36.77 -60.35
N LEU W 159 -43.13 -37.04 -59.46
CA LEU W 159 -42.92 -38.01 -58.39
C LEU W 159 -43.32 -39.43 -58.78
N GLY W 160 -43.85 -39.63 -59.98
CA GLY W 160 -44.17 -40.95 -60.49
C GLY W 160 -45.54 -41.53 -60.17
N PHE W 161 -46.33 -40.91 -59.29
CA PHE W 161 -47.66 -41.44 -58.96
C PHE W 161 -48.64 -41.11 -60.08
N ASP W 162 -48.49 -41.82 -61.20
CA ASP W 162 -49.49 -41.85 -62.26
C ASP W 162 -49.79 -43.29 -62.67
N PRO W 163 -50.58 -44.02 -61.83
CA PRO W 163 -50.86 -45.44 -62.14
C PRO W 163 -51.60 -45.66 -63.46
N LEU W 164 -52.48 -44.74 -63.85
CA LEU W 164 -53.15 -44.86 -65.12
C LEU W 164 -52.32 -44.14 -66.18
N ASN W 165 -52.40 -44.63 -67.42
CA ASN W 165 -51.60 -44.17 -68.55
C ASN W 165 -52.28 -43.02 -69.30
N PHE W 166 -52.50 -41.90 -68.61
CA PHE W 166 -53.07 -40.72 -69.26
C PHE W 166 -52.08 -40.05 -70.20
N GLY W 167 -50.83 -39.92 -69.78
CA GLY W 167 -49.83 -39.25 -70.61
C GLY W 167 -49.23 -40.09 -71.72
N LYS W 168 -50.07 -40.73 -72.56
CA LYS W 168 -49.68 -41.56 -73.70
C LYS W 168 -48.76 -40.82 -74.65
N ASN W 169 -49.28 -39.80 -75.29
CA ASN W 169 -48.46 -38.97 -76.13
C ASN W 169 -47.64 -38.05 -75.24
N PRO W 170 -46.32 -37.96 -75.44
CA PRO W 170 -45.50 -37.01 -74.67
C PRO W 170 -45.89 -35.55 -74.89
N SER W 171 -46.40 -35.21 -76.08
CA SER W 171 -46.92 -33.87 -76.29
C SER W 171 -48.22 -33.64 -75.54
N ALA W 172 -49.10 -34.65 -75.53
CA ALA W 172 -50.27 -34.63 -74.64
C ALA W 172 -49.88 -34.57 -73.18
N ARG W 173 -48.75 -35.20 -72.82
CA ARG W 173 -48.20 -35.03 -71.48
C ARG W 173 -47.83 -33.57 -71.20
N ALA W 174 -47.17 -32.90 -72.17
CA ALA W 174 -46.79 -31.49 -72.01
C ALA W 174 -48.00 -30.57 -71.88
N ARG W 175 -49.03 -30.82 -72.71
CA ARG W 175 -50.30 -30.12 -72.63
C ARG W 175 -50.98 -30.34 -71.28
N TYR W 176 -50.99 -31.59 -70.79
CA TYR W 176 -51.54 -31.88 -69.46
C TYR W 176 -50.74 -31.23 -68.35
N GLU W 177 -49.42 -31.06 -68.53
CA GLU W 177 -48.61 -30.34 -67.55
C GLU W 177 -49.02 -28.87 -67.47
N LEU W 178 -49.24 -28.25 -68.65
CA LEU W 178 -49.75 -26.88 -68.70
C LEU W 178 -51.12 -26.77 -68.04
N ALA W 179 -51.98 -27.78 -68.26
CA ALA W 179 -53.28 -27.85 -67.59
C ALA W 179 -53.14 -27.96 -66.09
N GLU W 180 -52.20 -28.79 -65.62
CA GLU W 180 -52.00 -29.03 -64.18
C GLU W 180 -51.53 -27.76 -63.48
N ILE W 181 -50.55 -27.07 -64.08
CA ILE W 181 -50.02 -25.86 -63.44
C ILE W 181 -51.05 -24.73 -63.45
N LYS W 182 -51.84 -24.57 -64.54
CA LYS W 182 -52.82 -23.48 -64.58
C LYS W 182 -53.99 -23.73 -63.65
N ASN W 183 -54.52 -24.97 -63.61
CA ASN W 183 -55.57 -25.29 -62.65
C ASN W 183 -55.05 -25.27 -61.22
N GLY W 184 -53.78 -25.59 -61.00
CA GLY W 184 -53.20 -25.48 -59.68
C GLY W 184 -53.10 -24.04 -59.18
N ARG W 185 -52.67 -23.12 -60.07
CA ARG W 185 -52.63 -21.69 -59.74
C ARG W 185 -54.02 -21.13 -59.45
N LEU W 186 -55.02 -21.52 -60.26
CA LEU W 186 -56.41 -21.10 -60.03
C LEU W 186 -56.91 -21.66 -58.72
N ALA W 187 -56.54 -22.89 -58.41
CA ALA W 187 -57.05 -23.52 -57.21
C ALA W 187 -56.39 -22.96 -55.96
N MET W 188 -55.15 -22.46 -56.08
CA MET W 188 -54.52 -21.77 -54.94
C MET W 188 -55.25 -20.50 -54.58
N LEU W 189 -55.45 -19.61 -55.58
CA LEU W 189 -56.22 -18.39 -55.31
C LEU W 189 -57.68 -18.68 -54.94
N GLY W 190 -58.31 -19.65 -55.61
CA GLY W 190 -59.70 -19.98 -55.34
C GLY W 190 -59.94 -20.54 -53.95
N PHE W 191 -59.09 -21.49 -53.51
CA PHE W 191 -59.23 -22.06 -52.17
C PHE W 191 -58.95 -21.00 -51.11
N GLY W 192 -57.94 -20.13 -51.33
CA GLY W 192 -57.67 -19.05 -50.38
C GLY W 192 -58.86 -18.11 -50.29
N GLY W 193 -59.49 -17.85 -51.44
CA GLY W 193 -60.61 -16.94 -51.50
C GLY W 193 -61.88 -17.37 -50.86
N MET W 194 -62.19 -18.68 -51.00
CA MET W 194 -63.33 -19.29 -50.34
C MET W 194 -63.07 -19.43 -48.83
N ILE W 195 -61.88 -19.89 -48.39
CA ILE W 195 -61.60 -20.05 -46.95
C ILE W 195 -61.65 -18.70 -46.22
N HIS W 196 -61.25 -17.61 -46.90
CA HIS W 196 -61.46 -16.30 -46.30
C HIS W 196 -62.89 -15.80 -46.42
N GLY W 197 -63.62 -16.18 -47.49
CA GLY W 197 -65.07 -16.03 -47.49
C GLY W 197 -65.76 -16.74 -46.32
N CYS W 198 -65.32 -17.97 -46.02
CA CYS W 198 -65.89 -18.75 -44.93
C CYS W 198 -65.57 -18.14 -43.58
N PHE W 199 -64.42 -17.49 -43.46
CA PHE W 199 -64.17 -16.72 -42.24
C PHE W 199 -65.12 -15.52 -42.19
N ILE W 200 -65.38 -14.88 -43.33
CA ILE W 200 -66.32 -13.76 -43.37
C ILE W 200 -67.76 -14.25 -43.29
N THR W 201 -68.20 -15.02 -44.28
CA THR W 201 -69.62 -15.37 -44.39
C THR W 201 -70.04 -16.46 -43.42
N GLY W 202 -69.17 -17.43 -43.15
CA GLY W 202 -69.56 -18.53 -42.31
C GLY W 202 -70.50 -19.53 -42.94
N LYS W 203 -70.47 -19.67 -44.26
CA LYS W 203 -71.41 -20.55 -44.93
C LYS W 203 -70.75 -21.69 -45.71
N GLY W 204 -69.70 -21.40 -46.46
CA GLY W 204 -69.11 -22.37 -47.35
C GLY W 204 -69.18 -21.79 -48.74
N PRO W 205 -68.46 -22.42 -49.73
CA PRO W 205 -68.26 -21.80 -51.07
C PRO W 205 -69.54 -21.48 -51.85
N ILE W 206 -70.32 -22.53 -52.12
CA ILE W 206 -71.53 -22.39 -52.92
C ILE W 206 -72.59 -21.62 -52.14
N GLY W 207 -72.65 -21.84 -50.81
CA GLY W 207 -73.57 -21.08 -49.96
C GLY W 207 -73.27 -19.60 -49.89
N ALA W 208 -71.98 -19.24 -49.84
CA ALA W 208 -71.60 -17.83 -49.86
C ALA W 208 -71.88 -17.20 -51.22
N LEU W 209 -71.71 -17.97 -52.30
CA LEU W 209 -71.97 -17.41 -53.64
C LEU W 209 -73.47 -17.15 -53.85
N THR W 210 -74.33 -18.14 -53.54
CA THR W 210 -75.75 -18.05 -53.85
C THR W 210 -76.44 -16.91 -53.08
N SER W 211 -76.09 -16.72 -51.82
CA SER W 211 -76.69 -15.66 -51.02
C SER W 211 -75.58 -14.71 -50.62
N MET W 212 -75.28 -13.78 -51.52
CA MET W 212 -74.35 -12.71 -51.24
C MET W 212 -75.13 -11.43 -51.02
N ASP W 213 -74.88 -10.75 -49.90
CA ASP W 213 -75.74 -9.66 -49.45
C ASP W 213 -75.51 -8.43 -50.31
N TRP W 214 -76.29 -8.32 -51.39
CA TRP W 214 -76.21 -7.14 -52.25
C TRP W 214 -76.69 -5.90 -51.52
N HIS W 215 -77.65 -6.06 -50.61
CA HIS W 215 -78.23 -4.91 -49.93
C HIS W 215 -77.66 -4.66 -48.53
N GLN W 216 -76.32 -4.63 -48.32
CA GLN W 216 -75.56 -4.04 -47.20
C GLN W 216 -74.09 -4.33 -47.47
N SER W 217 -73.21 -3.72 -46.67
CA SER W 217 -71.76 -3.98 -46.67
C SER W 217 -71.45 -5.42 -46.23
N MET X 38 -28.66 31.03 -70.95
CA MET X 38 -29.63 31.57 -70.01
C MET X 38 -30.92 30.75 -70.05
N SER X 39 -31.81 31.02 -69.11
CA SER X 39 -33.02 30.22 -68.97
C SER X 39 -34.13 30.89 -69.76
N GLU X 40 -35.00 30.05 -70.34
CA GLU X 40 -36.11 30.52 -71.16
C GLU X 40 -37.24 31.10 -70.32
N SER X 41 -37.75 30.32 -69.36
CA SER X 41 -38.85 30.75 -68.51
C SER X 41 -38.46 31.94 -67.64
N VAL X 42 -37.27 31.89 -67.09
CA VAL X 42 -36.78 32.92 -66.17
C VAL X 42 -35.57 33.59 -66.80
N PRO X 43 -35.75 34.73 -67.49
CA PRO X 43 -34.65 35.33 -68.27
C PRO X 43 -33.45 35.82 -67.45
N PHE X 44 -33.67 36.35 -66.25
CA PHE X 44 -32.56 36.78 -65.40
C PHE X 44 -31.70 35.60 -64.91
N LEU X 45 -32.31 34.44 -64.66
CA LEU X 45 -31.57 33.29 -64.12
C LEU X 45 -30.93 32.44 -65.22
N LYS X 46 -29.89 31.72 -64.82
CA LYS X 46 -29.12 30.83 -65.68
C LYS X 46 -29.89 29.55 -66.01
N LYS X 47 -29.52 28.97 -67.16
CA LYS X 47 -30.11 27.72 -67.63
C LYS X 47 -29.80 26.62 -66.61
N PRO X 48 -30.78 25.80 -66.23
CA PRO X 48 -30.54 24.67 -65.34
C PRO X 48 -29.60 23.66 -65.97
N GLU X 49 -28.65 23.18 -65.15
CA GLU X 49 -27.66 22.23 -65.63
C GLU X 49 -28.26 20.89 -65.99
N ALA X 50 -28.96 20.26 -65.03
CA ALA X 50 -29.50 18.91 -65.22
C ALA X 50 -30.53 18.83 -66.34
N LEU X 51 -31.38 19.85 -66.47
CA LEU X 51 -32.46 19.85 -67.46
C LEU X 51 -31.91 19.91 -68.87
N ASP X 52 -32.62 19.26 -69.79
CA ASP X 52 -32.24 19.20 -71.21
C ASP X 52 -33.47 19.52 -72.03
N SER X 53 -33.26 19.97 -73.27
CA SER X 53 -34.34 20.33 -74.18
C SER X 53 -35.24 19.15 -74.50
N SER X 54 -34.64 17.95 -74.70
CA SER X 54 -35.40 16.76 -75.12
C SER X 54 -36.45 16.33 -74.10
N MET X 55 -36.07 16.35 -72.78
CA MET X 55 -36.90 16.04 -71.60
C MET X 55 -38.21 16.77 -71.78
N ALA X 56 -39.28 16.02 -71.98
CA ALA X 56 -40.60 16.55 -72.27
C ALA X 56 -41.09 17.54 -71.20
N GLY X 57 -41.84 18.54 -71.67
CA GLY X 57 -42.32 19.61 -70.84
C GLY X 57 -41.20 20.46 -70.28
N TYR X 58 -40.18 20.73 -71.10
CA TYR X 58 -39.04 21.56 -70.72
C TYR X 58 -39.33 23.03 -71.00
N ALA X 59 -39.29 23.86 -69.97
CA ALA X 59 -39.32 25.30 -70.15
C ALA X 59 -38.11 25.97 -69.53
N GLY X 60 -37.08 25.19 -69.18
CA GLY X 60 -35.92 25.71 -68.45
C GLY X 60 -36.28 26.26 -67.09
N PHE X 61 -37.24 25.65 -66.44
CA PHE X 61 -37.76 26.15 -65.18
C PHE X 61 -37.21 25.32 -64.01
N ASP X 62 -36.18 25.84 -63.39
CA ASP X 62 -35.66 25.32 -62.13
C ASP X 62 -34.91 26.43 -61.39
N PRO X 63 -35.59 27.48 -60.87
CA PRO X 63 -34.88 28.59 -60.22
C PRO X 63 -34.05 28.19 -59.00
N LEU X 64 -34.54 27.27 -58.18
CA LEU X 64 -33.83 26.87 -56.99
C LEU X 64 -32.79 25.78 -57.23
N GLY X 65 -32.66 25.30 -58.46
CA GLY X 65 -31.69 24.28 -58.79
C GLY X 65 -31.90 22.94 -58.13
N LEU X 66 -33.17 22.57 -57.91
CA LEU X 66 -33.49 21.28 -57.28
C LEU X 66 -33.05 20.09 -58.11
N SER X 67 -33.07 20.23 -59.44
CA SER X 67 -32.60 19.17 -60.35
C SER X 67 -31.14 18.83 -60.15
N SER X 68 -30.34 19.78 -59.64
CA SER X 68 -28.96 19.48 -59.29
C SER X 68 -28.87 18.56 -58.07
N ILE X 69 -29.80 18.68 -57.13
CA ILE X 69 -29.74 17.91 -55.89
C ILE X 69 -30.11 16.46 -56.11
N ALA X 70 -31.29 16.21 -56.67
CA ALA X 70 -31.79 14.87 -56.84
C ALA X 70 -31.44 14.40 -58.25
N ASP X 71 -31.41 13.07 -58.40
CA ASP X 71 -31.29 12.46 -59.72
C ASP X 71 -32.45 12.92 -60.59
N ILE X 72 -32.11 13.31 -61.83
CA ILE X 72 -33.09 13.93 -62.72
C ILE X 72 -34.16 12.92 -63.16
N LYS X 73 -33.77 11.63 -63.34
CA LYS X 73 -34.74 10.60 -63.72
C LYS X 73 -35.75 10.34 -62.60
N PHE X 74 -35.27 10.37 -61.35
CA PHE X 74 -36.16 10.23 -60.19
C PHE X 74 -37.19 11.36 -60.14
N LEU X 75 -36.73 12.61 -60.35
CA LEU X 75 -37.65 13.74 -60.40
C LEU X 75 -38.60 13.65 -61.56
N GLN X 76 -38.15 13.12 -62.70
CA GLN X 76 -39.00 12.99 -63.87
C GLN X 76 -40.11 11.97 -63.64
N GLU X 77 -39.75 10.79 -63.10
CA GLU X 77 -40.72 9.78 -62.71
C GLU X 77 -41.68 10.29 -61.64
N SER X 78 -41.15 11.04 -60.65
CA SER X 78 -41.98 11.58 -59.59
C SER X 78 -42.98 12.61 -60.11
N GLU X 79 -42.54 13.49 -61.02
CA GLU X 79 -43.44 14.46 -61.64
C GLU X 79 -44.52 13.78 -62.47
N ILE X 80 -44.14 12.76 -63.25
CA ILE X 80 -45.08 12.03 -64.11
C ILE X 80 -46.14 11.31 -63.26
N LYS X 81 -45.71 10.71 -62.15
CA LYS X 81 -46.64 10.03 -61.25
C LYS X 81 -47.60 11.02 -60.59
N HIS X 82 -47.06 12.13 -60.05
CA HIS X 82 -47.88 13.20 -59.48
C HIS X 82 -48.87 13.76 -60.49
N CYS X 83 -48.45 13.84 -61.76
CA CYS X 83 -49.31 14.29 -62.86
C CYS X 83 -50.51 13.37 -63.01
N ARG X 84 -50.26 12.05 -63.06
CA ARG X 84 -51.33 11.09 -63.32
C ARG X 84 -52.32 10.97 -62.15
N ILE X 85 -51.81 10.98 -60.90
CA ILE X 85 -52.68 10.97 -59.70
C ILE X 85 -53.53 12.23 -59.66
N ALA X 86 -52.91 13.38 -59.95
CA ALA X 86 -53.58 14.67 -59.93
C ALA X 86 -54.66 14.76 -60.99
N MET X 87 -54.41 14.19 -62.18
CA MET X 87 -55.37 14.20 -63.28
C MET X 87 -56.63 13.45 -62.87
N LEU X 88 -56.42 12.28 -62.26
CA LEU X 88 -57.52 11.45 -61.79
C LEU X 88 -58.31 12.17 -60.72
N ALA X 89 -57.62 12.83 -59.79
CA ALA X 89 -58.27 13.52 -58.68
C ALA X 89 -59.10 14.73 -59.13
N ALA X 90 -58.59 15.55 -60.05
CA ALA X 90 -59.38 16.70 -60.55
C ALA X 90 -60.62 16.23 -61.32
N ALA X 91 -60.46 15.18 -62.16
CA ALA X 91 -61.59 14.60 -62.89
C ALA X 91 -62.60 14.00 -61.92
N GLY X 92 -62.10 13.34 -60.89
CA GLY X 92 -62.95 12.78 -59.86
C GLY X 92 -63.74 13.82 -59.09
N SER X 93 -63.10 14.98 -58.80
CA SER X 93 -63.74 16.06 -58.06
C SER X 93 -64.96 16.57 -58.83
N ILE X 94 -64.76 16.81 -60.14
CA ILE X 94 -65.83 17.25 -61.02
C ILE X 94 -66.93 16.19 -61.13
N ALA X 95 -66.52 14.92 -61.29
CA ALA X 95 -67.48 13.82 -61.46
C ALA X 95 -68.33 13.62 -60.23
N GLN X 96 -67.73 13.79 -59.04
CA GLN X 96 -68.45 13.67 -57.77
C GLN X 96 -69.52 14.75 -57.69
N ASP X 97 -69.22 15.95 -58.19
CA ASP X 97 -70.29 16.94 -58.26
C ASP X 97 -71.34 16.60 -59.33
N ILE X 98 -70.94 15.94 -60.43
CA ILE X 98 -71.90 15.64 -61.49
C ILE X 98 -72.84 14.50 -61.11
N PHE X 99 -72.32 13.39 -60.57
CA PHE X 99 -73.17 12.24 -60.28
C PHE X 99 -72.59 11.44 -59.14
N THR X 100 -73.30 10.37 -58.79
CA THR X 100 -72.91 9.46 -57.73
C THR X 100 -73.29 8.03 -58.12
N PHE X 101 -72.30 7.10 -58.08
CA PHE X 101 -72.50 5.66 -58.33
C PHE X 101 -73.61 5.05 -57.46
N PRO X 102 -74.29 3.99 -57.91
CA PRO X 102 -75.43 3.42 -57.15
C PRO X 102 -75.11 2.97 -55.74
N GLY X 103 -75.83 3.55 -54.79
CA GLY X 103 -75.73 3.22 -53.39
C GLY X 103 -74.84 4.14 -52.57
N VAL X 104 -74.03 4.99 -53.22
CA VAL X 104 -73.09 5.87 -52.51
C VAL X 104 -73.85 6.98 -51.76
N SER X 105 -75.01 7.40 -52.27
CA SER X 105 -75.83 8.43 -51.62
C SER X 105 -76.32 7.97 -50.24
N LYS X 106 -76.47 6.66 -50.06
CA LYS X 106 -76.92 6.08 -48.79
C LYS X 106 -75.80 5.81 -47.80
N VAL X 107 -74.54 5.64 -48.23
CA VAL X 107 -73.45 5.64 -47.23
C VAL X 107 -73.11 7.06 -46.80
N VAL X 108 -72.95 7.97 -47.73
CA VAL X 108 -72.62 9.34 -47.39
C VAL X 108 -73.63 10.26 -48.05
N GLY X 109 -74.21 11.14 -47.25
CA GLY X 109 -75.23 12.01 -47.80
C GLY X 109 -74.70 13.36 -48.21
N THR X 110 -74.06 14.05 -47.26
CA THR X 110 -73.66 15.43 -47.50
C THR X 110 -72.25 15.57 -48.04
N ALA X 111 -71.27 14.85 -47.47
CA ALA X 111 -69.85 15.04 -47.76
C ALA X 111 -69.53 14.82 -49.24
N LYS X 112 -68.69 15.71 -49.77
CA LYS X 112 -68.45 15.73 -51.20
C LYS X 112 -67.00 15.46 -51.57
N MET X 113 -66.06 16.26 -51.06
CA MET X 113 -64.68 16.08 -51.48
C MET X 113 -63.82 15.21 -50.58
N THR X 114 -63.48 15.70 -49.39
CA THR X 114 -62.56 14.94 -48.50
C THR X 114 -63.35 14.31 -47.34
N GLY X 115 -64.58 14.77 -47.11
CA GLY X 115 -65.43 14.17 -46.06
C GLY X 115 -65.75 12.72 -46.38
N VAL X 116 -65.94 12.40 -47.66
CA VAL X 116 -66.31 11.01 -48.09
C VAL X 116 -65.21 10.04 -47.64
N HIS X 117 -63.95 10.46 -47.68
CA HIS X 117 -62.84 9.53 -47.34
C HIS X 117 -63.00 9.02 -45.90
N ASP X 118 -63.38 9.90 -44.97
CA ASP X 118 -63.49 9.50 -43.54
C ASP X 118 -64.58 8.42 -43.38
N VAL X 119 -65.73 8.62 -44.02
CA VAL X 119 -66.84 7.63 -43.90
C VAL X 119 -66.38 6.31 -44.52
N LEU X 120 -65.72 6.36 -45.68
CA LEU X 120 -65.29 5.14 -46.39
C LEU X 120 -64.18 4.37 -45.66
N VAL X 121 -63.28 5.05 -44.93
CA VAL X 121 -62.24 4.30 -44.17
C VAL X 121 -62.92 3.46 -43.07
N LYS X 122 -64.09 3.91 -42.57
CA LYS X 122 -64.84 3.06 -41.61
C LYS X 122 -65.26 1.80 -42.37
N GLN X 123 -65.65 1.96 -43.64
CA GLN X 123 -65.99 0.79 -44.50
C GLN X 123 -64.70 0.25 -45.13
N GLY X 124 -64.81 -0.67 -46.08
CA GLY X 124 -63.62 -1.23 -46.74
C GLY X 124 -63.26 -0.52 -48.04
N ALA X 125 -63.98 0.53 -48.41
CA ALA X 125 -63.77 1.16 -49.74
C ALA X 125 -62.35 1.72 -49.90
N MET X 126 -61.81 2.43 -48.91
CA MET X 126 -60.47 3.05 -49.07
C MET X 126 -59.39 1.98 -48.89
N GLY X 127 -59.49 1.19 -47.84
CA GLY X 127 -58.57 0.09 -47.59
C GLY X 127 -58.37 -0.76 -48.82
N GLN X 128 -59.44 -1.01 -49.56
CA GLN X 128 -59.36 -1.76 -50.79
C GLN X 128 -58.56 -1.06 -51.88
N ILE X 129 -58.89 0.22 -52.18
CA ILE X 129 -58.09 1.01 -53.10
C ILE X 129 -56.63 1.04 -52.66
N LEU X 130 -56.39 1.23 -51.35
CA LEU X 130 -55.05 1.28 -50.77
C LEU X 130 -54.27 -0.01 -51.01
N LEU X 131 -54.94 -1.16 -50.81
CA LEU X 131 -54.29 -2.46 -50.98
C LEU X 131 -53.92 -2.70 -52.44
N TRP X 132 -54.87 -2.45 -53.36
CA TRP X 132 -54.59 -2.71 -54.77
C TRP X 132 -53.58 -1.70 -55.35
N THR X 133 -53.69 -0.40 -55.00
CA THR X 133 -52.69 0.58 -55.43
C THR X 133 -51.31 0.30 -54.83
N SER X 134 -51.27 -0.19 -53.58
CA SER X 134 -50.00 -0.59 -52.97
C SER X 134 -49.37 -1.74 -53.77
N PHE X 135 -50.21 -2.68 -54.19
CA PHE X 135 -49.76 -3.78 -55.04
C PHE X 135 -49.24 -3.29 -56.38
N LEU X 136 -49.94 -2.33 -57.01
CA LEU X 136 -49.50 -1.77 -58.29
C LEU X 136 -48.21 -0.97 -58.15
N GLU X 137 -48.10 -0.22 -57.07
CA GLU X 137 -46.90 0.53 -56.75
C GLU X 137 -45.71 -0.38 -56.41
N VAL X 138 -45.93 -1.64 -55.97
CA VAL X 138 -44.82 -2.57 -55.73
C VAL X 138 -44.04 -2.82 -57.03
N PHE X 139 -44.77 -3.05 -58.12
CA PHE X 139 -44.12 -3.16 -59.42
C PHE X 139 -43.67 -1.80 -59.93
N GLY X 140 -44.31 -0.72 -59.45
CA GLY X 140 -43.79 0.62 -59.73
C GLY X 140 -42.43 0.85 -59.11
N THR X 141 -42.21 0.31 -57.90
CA THR X 141 -40.92 0.35 -57.22
C THR X 141 -39.86 -0.42 -58.00
N ILE X 142 -40.22 -1.60 -58.53
CA ILE X 142 -39.27 -2.38 -59.35
C ILE X 142 -38.93 -1.61 -60.62
N ALA X 143 -39.94 -0.96 -61.22
CA ALA X 143 -39.75 -0.14 -62.41
C ALA X 143 -38.81 1.03 -62.12
N LEU X 144 -38.97 1.65 -60.93
CA LEU X 144 -38.11 2.76 -60.51
C LEU X 144 -36.66 2.32 -60.39
N LEU X 145 -36.44 1.12 -59.82
CA LEU X 145 -35.09 0.59 -59.66
C LEU X 145 -34.43 0.35 -61.01
N GLU X 146 -35.20 -0.22 -61.95
CA GLU X 146 -34.69 -0.44 -63.30
C GLU X 146 -34.39 0.87 -64.02
N THR X 147 -35.23 1.90 -63.81
CA THR X 147 -35.01 3.22 -64.40
C THR X 147 -33.75 3.87 -63.88
N LEU X 148 -33.55 3.84 -62.55
CA LEU X 148 -32.40 4.48 -61.90
C LEU X 148 -31.06 3.81 -62.20
N ASP X 149 -31.06 2.65 -62.85
CA ASP X 149 -29.85 2.02 -63.36
C ASP X 149 -29.60 2.40 -64.82
N GLY X 150 -30.45 3.25 -65.40
CA GLY X 150 -30.29 3.74 -66.74
C GLY X 150 -30.97 2.97 -67.86
N LYS X 151 -31.85 2.02 -67.56
CA LYS X 151 -32.43 1.20 -68.62
C LYS X 151 -33.83 1.67 -69.04
N ARG X 152 -34.76 1.75 -68.10
CA ARG X 152 -36.13 2.15 -68.41
C ARG X 152 -36.19 3.68 -68.47
N ALA X 153 -37.27 4.21 -69.08
CA ALA X 153 -37.53 5.63 -69.26
C ALA X 153 -38.61 6.10 -68.28
N PRO X 154 -38.42 7.31 -67.66
CA PRO X 154 -39.42 7.91 -66.74
C PRO X 154 -40.87 7.89 -67.21
N GLY X 155 -41.72 7.27 -66.41
CA GLY X 155 -43.13 7.15 -66.70
C GLY X 155 -43.51 6.12 -67.73
N ASP X 156 -42.55 5.43 -68.34
CA ASP X 156 -42.81 4.47 -69.42
C ASP X 156 -43.08 3.10 -68.78
N PHE X 157 -44.36 2.75 -68.68
CA PHE X 157 -44.78 1.43 -68.23
C PHE X 157 -45.23 0.55 -69.39
N LYS X 158 -45.02 1.01 -70.64
CA LYS X 158 -45.43 0.35 -71.89
C LYS X 158 -46.95 0.10 -71.97
N PHE X 159 -47.76 0.91 -71.31
CA PHE X 159 -49.19 0.65 -71.26
C PHE X 159 -49.83 1.46 -72.37
N ASP X 160 -49.86 0.89 -73.57
CA ASP X 160 -50.52 1.51 -74.72
C ASP X 160 -51.38 0.50 -75.47
N PRO X 161 -52.50 0.04 -74.88
CA PRO X 161 -53.36 -0.94 -75.61
C PRO X 161 -53.98 -0.39 -76.89
N LEU X 162 -54.69 0.73 -76.81
CA LEU X 162 -55.19 1.38 -78.00
C LEU X 162 -54.03 1.98 -78.79
N GLY X 163 -54.24 2.10 -80.10
CA GLY X 163 -53.21 2.62 -80.97
C GLY X 163 -53.14 4.12 -80.96
N PHE X 164 -52.53 4.68 -79.91
CA PHE X 164 -52.40 6.12 -79.80
C PHE X 164 -50.97 6.63 -79.94
N SER X 165 -49.96 5.77 -79.82
CA SER X 165 -48.56 6.15 -80.01
C SER X 165 -47.94 5.15 -80.98
N LYS X 166 -48.12 5.39 -82.27
CA LYS X 166 -47.46 4.57 -83.29
C LYS X 166 -46.88 5.44 -84.39
N ASN X 167 -46.48 6.62 -84.06
CA ASN X 167 -45.97 7.55 -85.06
C ASN X 167 -44.59 8.09 -84.74
N ALA X 168 -44.28 8.30 -83.45
CA ALA X 168 -43.08 8.92 -82.86
C ALA X 168 -42.90 10.41 -83.17
N GLU X 169 -43.82 11.03 -83.90
CA GLU X 169 -43.97 12.47 -83.87
C GLU X 169 -45.26 12.88 -83.17
N THR X 170 -46.34 12.16 -83.47
CA THR X 170 -47.57 12.30 -82.71
C THR X 170 -47.38 11.85 -81.26
N ALA X 171 -46.48 10.88 -81.04
CA ALA X 171 -46.15 10.37 -79.70
C ALA X 171 -45.52 11.46 -78.83
N LYS X 172 -44.64 12.28 -79.43
CA LYS X 172 -43.99 13.38 -78.72
C LYS X 172 -45.00 14.44 -78.30
N ARG X 173 -45.99 14.70 -79.15
CA ARG X 173 -47.07 15.63 -78.81
C ARG X 173 -47.94 15.11 -77.67
N TYR X 174 -48.30 13.81 -77.68
CA TYR X 174 -49.06 13.26 -76.53
C TYR X 174 -48.25 13.24 -75.23
N GLN X 175 -46.93 13.02 -75.30
CA GLN X 175 -46.10 13.07 -74.08
C GLN X 175 -46.07 14.46 -73.48
N LEU X 176 -45.87 15.48 -74.33
CA LEU X 176 -45.87 16.86 -73.86
C LEU X 176 -47.27 17.26 -73.35
N SER X 177 -48.32 16.77 -74.03
CA SER X 177 -49.70 17.06 -73.61
C SER X 177 -50.02 16.41 -72.29
N GLU X 178 -49.46 15.22 -72.04
CA GLU X 178 -49.61 14.53 -70.76
C GLU X 178 -49.00 15.34 -69.63
N ILE X 179 -47.78 15.85 -69.85
CA ILE X 179 -47.12 16.65 -68.82
C ILE X 179 -47.85 17.97 -68.57
N LYS X 180 -48.30 18.66 -69.64
CA LYS X 180 -48.96 19.95 -69.43
C LYS X 180 -50.32 19.81 -68.76
N ASN X 181 -51.12 18.82 -69.20
CA ASN X 181 -52.39 18.53 -68.55
C ASN X 181 -52.19 18.02 -67.12
N GLY X 182 -51.11 17.28 -66.87
CA GLY X 182 -50.84 16.81 -65.52
C GLY X 182 -50.44 17.90 -64.56
N ARG X 183 -49.59 18.83 -65.01
CA ARG X 183 -49.21 20.00 -64.21
C ARG X 183 -50.42 20.88 -63.89
N LEU X 184 -51.26 21.13 -64.92
CA LEU X 184 -52.52 21.86 -64.72
C LEU X 184 -53.43 21.15 -63.72
N ALA X 185 -53.40 19.83 -63.76
CA ALA X 185 -54.23 19.03 -62.87
C ALA X 185 -53.73 19.05 -61.43
N MET X 186 -52.40 19.09 -61.19
CA MET X 186 -51.91 19.27 -59.82
C MET X 186 -52.36 20.59 -59.24
N LEU X 187 -52.26 21.67 -60.03
CA LEU X 187 -52.65 22.98 -59.54
C LEU X 187 -54.15 23.02 -59.28
N ALA X 188 -54.92 22.38 -60.17
CA ALA X 188 -56.36 22.29 -60.07
C ALA X 188 -56.82 21.48 -58.86
N THR X 189 -56.22 20.30 -58.64
CA THR X 189 -56.61 19.43 -57.54
C THR X 189 -56.36 20.12 -56.21
N GLY X 190 -55.21 20.80 -56.11
CA GLY X 190 -54.93 21.60 -54.93
C GLY X 190 -55.95 22.70 -54.77
N GLY X 191 -56.32 23.31 -55.89
CA GLY X 191 -57.28 24.41 -55.92
C GLY X 191 -58.67 24.12 -55.46
N MET X 192 -59.18 22.94 -55.90
CA MET X 192 -60.49 22.34 -55.59
C MET X 192 -60.57 21.84 -54.15
N VAL X 193 -59.55 21.07 -53.69
CA VAL X 193 -59.56 20.57 -52.32
C VAL X 193 -59.45 21.73 -51.34
N HIS X 194 -58.62 22.74 -51.65
CA HIS X 194 -58.50 23.88 -50.76
C HIS X 194 -59.79 24.71 -50.75
N GLY X 195 -60.45 24.87 -51.92
CA GLY X 195 -61.75 25.53 -51.95
C GLY X 195 -62.81 24.81 -51.12
N TYR X 196 -62.79 23.46 -51.14
CA TYR X 196 -63.64 22.69 -50.24
C TYR X 196 -63.28 22.94 -48.77
N PHE X 197 -61.98 23.09 -48.46
CA PHE X 197 -61.58 23.42 -47.09
C PHE X 197 -62.14 24.75 -46.61
N ILE X 198 -62.13 25.80 -47.46
CA ILE X 198 -62.81 27.04 -47.08
C ILE X 198 -64.31 26.83 -46.97
N THR X 199 -64.95 26.43 -48.06
CA THR X 199 -66.40 26.50 -48.15
C THR X 199 -67.14 25.20 -47.84
N GLY X 200 -66.60 24.02 -48.16
CA GLY X 200 -67.36 22.79 -48.11
C GLY X 200 -68.28 22.55 -49.28
N LYS X 201 -68.28 23.46 -50.25
CA LYS X 201 -69.22 23.37 -51.36
C LYS X 201 -68.90 22.24 -52.33
N GLY X 202 -67.61 22.00 -52.59
CA GLY X 202 -67.22 21.13 -53.66
C GLY X 202 -67.14 21.94 -54.95
N PRO X 203 -66.32 21.49 -55.95
CA PRO X 203 -65.87 22.36 -57.06
C PRO X 203 -66.93 23.06 -57.91
N LEU X 204 -67.78 22.25 -58.54
CA LEU X 204 -68.74 22.78 -59.49
C LEU X 204 -69.91 23.49 -58.81
N GLU X 205 -70.35 22.96 -57.67
CA GLU X 205 -71.40 23.64 -56.92
C GLU X 205 -70.90 24.98 -56.35
N LEU X 206 -69.63 25.04 -55.91
CA LEU X 206 -69.01 26.33 -55.55
C LEU X 206 -68.98 27.28 -56.74
N LEU X 207 -68.81 26.75 -57.95
CA LEU X 207 -68.92 27.59 -59.14
C LEU X 207 -70.33 28.16 -59.27
N THR X 208 -71.34 27.32 -59.02
CA THR X 208 -72.72 27.79 -59.14
C THR X 208 -73.06 28.77 -58.01
N ASN X 209 -72.57 28.51 -56.80
CA ASN X 209 -72.86 29.37 -55.66
C ASN X 209 -71.73 29.35 -54.62
N VAL Y 57 65.22 -12.75 44.75
CA VAL Y 57 66.51 -13.15 45.35
C VAL Y 57 66.85 -12.83 46.85
N PRO Y 58 66.41 -11.72 47.50
CA PRO Y 58 66.70 -11.60 48.94
C PRO Y 58 65.86 -12.59 49.73
N GLY Y 59 66.37 -12.96 50.91
CA GLY Y 59 65.71 -13.88 51.83
C GLY Y 59 65.40 -15.23 51.24
N ASP Y 60 66.35 -15.81 50.51
CA ASP Y 60 66.18 -17.06 49.79
C ASP Y 60 66.75 -18.20 50.63
N ALA Y 61 65.88 -18.84 51.40
CA ALA Y 61 66.24 -20.03 52.15
C ALA Y 61 66.01 -21.32 51.38
N GLY Y 62 65.78 -21.24 50.07
CA GLY Y 62 65.39 -22.40 49.28
C GLY Y 62 64.09 -23.05 49.69
N PHE Y 63 63.16 -22.29 50.24
CA PHE Y 63 61.91 -22.83 50.77
C PHE Y 63 60.81 -22.48 49.79
N ASP Y 64 60.58 -23.37 48.82
CA ASP Y 64 59.36 -23.33 48.03
C ASP Y 64 58.84 -24.76 47.84
N PRO Y 65 58.34 -25.39 48.93
CA PRO Y 65 57.92 -26.81 48.86
C PRO Y 65 56.85 -27.15 47.83
N LEU Y 66 55.83 -26.30 47.65
CA LEU Y 66 54.79 -26.55 46.66
C LEU Y 66 55.13 -26.04 45.28
N THR Y 67 56.26 -25.31 45.12
CA THR Y 67 56.74 -24.70 43.87
C THR Y 67 55.68 -23.77 43.25
N ILE Y 68 55.21 -22.79 44.03
CA ILE Y 68 54.34 -21.75 43.51
C ILE Y 68 55.07 -20.87 42.50
N SER Y 69 56.39 -20.68 42.68
CA SER Y 69 57.22 -19.85 41.80
C SER Y 69 57.23 -20.31 40.35
N ALA Y 70 56.94 -21.58 40.09
CA ALA Y 70 56.87 -22.08 38.72
C ALA Y 70 55.61 -21.64 38.01
N TRP Y 71 54.52 -21.33 38.73
CA TRP Y 71 53.24 -21.07 38.08
C TRP Y 71 52.65 -19.75 38.52
N LEU Y 72 53.50 -18.75 38.74
CA LEU Y 72 53.15 -17.35 39.01
C LEU Y 72 54.46 -16.57 38.97
N ASP Y 73 54.36 -15.31 38.54
CA ASP Y 73 55.54 -14.47 38.30
C ASP Y 73 56.27 -14.20 39.61
N SER Y 74 57.60 -14.36 39.57
CA SER Y 74 58.43 -14.12 40.74
C SER Y 74 58.37 -12.67 41.21
N ARG Y 75 58.28 -11.71 40.27
CA ARG Y 75 58.12 -10.30 40.66
C ARG Y 75 56.80 -10.04 41.37
N TRP Y 76 55.71 -10.62 40.87
CA TRP Y 76 54.40 -10.49 41.49
C TRP Y 76 54.39 -11.05 42.90
N LEU Y 77 55.04 -12.21 43.07
CA LEU Y 77 55.16 -12.87 44.37
C LEU Y 77 55.97 -12.02 45.36
N ARG Y 78 57.11 -11.49 44.91
CA ARG Y 78 57.94 -10.67 45.80
C ARG Y 78 57.26 -9.36 46.19
N GLU Y 79 56.60 -8.67 45.24
CA GLU Y 79 55.89 -7.44 45.57
C GLU Y 79 54.73 -7.70 46.54
N ALA Y 80 53.97 -8.79 46.31
CA ALA Y 80 52.90 -9.17 47.22
C ALA Y 80 53.42 -9.51 48.61
N GLU Y 81 54.55 -10.24 48.68
CA GLU Y 81 55.12 -10.64 49.96
C GLU Y 81 55.64 -9.43 50.74
N ILE Y 82 56.30 -8.49 50.06
CA ILE Y 82 56.85 -7.33 50.75
C ILE Y 82 55.73 -6.39 51.20
N LYS Y 83 54.63 -6.31 50.42
CA LYS Y 83 53.46 -5.57 50.86
C LYS Y 83 52.81 -6.20 52.08
N HIS Y 84 52.65 -7.54 52.07
CA HIS Y 84 52.11 -8.27 53.22
C HIS Y 84 53.00 -8.09 54.45
N CYS Y 85 54.32 -8.15 54.24
CA CYS Y 85 55.33 -7.91 55.28
C CYS Y 85 55.13 -6.56 55.95
N ARG Y 86 55.07 -5.49 55.15
CA ARG Y 86 55.00 -4.13 55.70
C ARG Y 86 53.66 -3.84 56.37
N VAL Y 87 52.56 -4.31 55.77
CA VAL Y 87 51.23 -4.17 56.37
C VAL Y 87 51.16 -4.84 57.73
N ALA Y 88 51.70 -6.06 57.84
CA ALA Y 88 51.66 -6.74 59.13
C ALA Y 88 52.62 -6.12 60.14
N MET Y 89 53.73 -5.53 59.68
CA MET Y 89 54.61 -4.74 60.55
C MET Y 89 53.87 -3.60 61.20
N LEU Y 90 53.18 -2.80 60.38
CA LEU Y 90 52.38 -1.68 60.88
C LEU Y 90 51.27 -2.19 61.78
N ALA Y 91 50.61 -3.29 61.40
CA ALA Y 91 49.49 -3.83 62.16
C ALA Y 91 49.94 -4.37 63.52
N ALA Y 92 51.06 -5.11 63.58
CA ALA Y 92 51.53 -5.69 64.84
C ALA Y 92 52.09 -4.63 65.78
N ALA Y 93 52.92 -3.71 65.25
CA ALA Y 93 53.46 -2.61 66.05
C ALA Y 93 52.34 -1.72 66.55
N GLY Y 94 51.32 -1.52 65.70
CA GLY Y 94 50.13 -0.81 66.13
C GLY Y 94 49.34 -1.54 67.18
N CYS Y 95 49.20 -2.87 67.02
CA CYS Y 95 48.46 -3.73 67.95
C CYS Y 95 49.01 -3.60 69.36
N ILE Y 96 50.34 -3.68 69.51
CA ILE Y 96 50.92 -3.47 70.84
C ILE Y 96 50.80 -1.99 71.27
N ALA Y 97 50.99 -1.04 70.33
CA ALA Y 97 51.01 0.41 70.65
C ALA Y 97 49.67 0.90 71.19
N GLN Y 98 48.56 0.39 70.63
CA GLN Y 98 47.19 0.71 71.08
C GLN Y 98 47.00 0.41 72.57
N ASP Y 99 47.57 -0.70 73.05
CA ASP Y 99 47.45 -1.00 74.49
C ASP Y 99 48.46 -0.19 75.31
N ILE Y 100 49.68 0.04 74.78
CA ILE Y 100 50.68 0.86 75.48
C ILE Y 100 50.14 2.26 75.77
N PHE Y 101 49.73 2.97 74.73
CA PHE Y 101 49.23 4.34 74.88
C PHE Y 101 48.08 4.56 73.90
N GLN Y 102 47.29 5.60 74.15
CA GLN Y 102 46.10 5.82 73.36
C GLN Y 102 46.00 7.27 72.87
N PHE Y 103 45.57 7.41 71.61
CA PHE Y 103 45.31 8.73 71.04
C PHE Y 103 44.00 9.28 71.60
N PRO Y 104 43.84 10.62 71.69
CA PRO Y 104 42.63 11.19 72.33
C PRO Y 104 41.34 10.93 71.58
N GLY Y 105 40.25 10.85 72.35
CA GLY Y 105 38.92 10.55 71.84
C GLY Y 105 38.69 9.08 71.67
N ALA Y 106 39.63 8.26 72.11
CA ALA Y 106 39.57 6.83 71.91
C ALA Y 106 39.77 6.04 73.20
N LYS Y 115 38.60 -3.50 70.54
CA LYS Y 115 39.95 -3.68 71.04
C LYS Y 115 40.87 -4.07 69.89
N MET Y 116 41.33 -5.32 69.86
CA MET Y 116 42.12 -5.74 68.70
C MET Y 116 41.28 -5.82 67.44
N THR Y 117 40.09 -6.41 67.52
CA THR Y 117 39.24 -6.62 66.36
C THR Y 117 37.93 -5.84 66.44
N ALA Y 118 37.38 -5.67 67.66
CA ALA Y 118 36.10 -4.96 67.87
C ALA Y 118 36.21 -3.50 67.46
N LEU Y 119 37.39 -2.92 67.70
CA LEU Y 119 37.72 -1.53 67.34
C LEU Y 119 37.55 -1.24 65.85
N HIS Y 120 37.62 -2.26 64.97
CA HIS Y 120 37.36 -2.07 63.55
C HIS Y 120 35.97 -1.52 63.36
N ASP Y 121 34.99 -2.18 63.98
CA ASP Y 121 33.62 -1.68 63.86
C ASP Y 121 33.32 -0.55 64.81
N ALA Y 122 34.10 -0.36 65.87
CA ALA Y 122 33.96 0.85 66.66
C ALA Y 122 34.53 2.07 65.95
N ALA Y 123 35.47 1.86 65.03
CA ALA Y 123 36.10 2.93 64.28
C ALA Y 123 35.40 3.24 62.96
N VAL Y 124 34.73 2.25 62.32
CA VAL Y 124 34.04 2.51 61.06
C VAL Y 124 32.86 3.47 61.25
N LYS Y 125 32.18 3.44 62.41
CA LYS Y 125 30.98 4.25 62.61
C LYS Y 125 31.30 5.75 62.67
N ALA Y 126 32.47 6.09 63.22
CA ALA Y 126 32.92 7.48 63.19
C ALA Y 126 33.21 7.92 61.77
N GLY Y 127 33.67 7.02 60.91
CA GLY Y 127 34.17 7.37 59.61
C GLY Y 127 35.67 7.41 59.51
N SER Y 128 36.38 6.90 60.52
CA SER Y 128 37.84 6.87 60.49
C SER Y 128 38.36 5.83 59.50
N MET Y 129 37.83 4.61 59.61
CA MET Y 129 38.24 3.53 58.71
C MET Y 129 37.88 3.81 57.26
N GLY Y 130 36.73 4.46 57.04
CA GLY Y 130 36.36 4.89 55.70
C GLY Y 130 37.36 5.87 55.12
N GLN Y 131 37.82 6.80 55.95
CA GLN Y 131 38.84 7.76 55.56
C GLN Y 131 40.17 7.09 55.24
N MET Y 132 40.62 6.21 56.15
CA MET Y 132 41.89 5.49 55.96
C MET Y 132 41.82 4.58 54.73
N LEU Y 133 40.65 3.98 54.47
CA LEU Y 133 40.42 3.20 53.26
C LEU Y 133 40.51 4.08 52.02
N PHE Y 134 39.98 5.30 52.09
CA PHE Y 134 40.05 6.22 50.94
C PHE Y 134 41.50 6.59 50.62
N TRP Y 135 42.31 6.84 51.64
CA TRP Y 135 43.69 7.25 51.37
C TRP Y 135 44.58 6.07 50.96
N ILE Y 136 44.40 4.90 51.60
CA ILE Y 136 45.07 3.68 51.16
C ILE Y 136 44.63 3.31 49.74
N GLY Y 137 43.34 3.54 49.42
CA GLY Y 137 42.84 3.27 48.09
C GLY Y 137 43.46 4.14 47.02
N PHE Y 138 43.66 5.43 47.35
CA PHE Y 138 44.39 6.33 46.46
C PHE Y 138 45.83 5.85 46.21
N VAL Y 139 46.57 5.60 47.32
CA VAL Y 139 47.97 5.14 47.24
C VAL Y 139 48.05 3.81 46.50
N GLU Y 140 47.06 2.94 46.71
CA GLU Y 140 47.04 1.63 46.08
C GLU Y 140 46.69 1.72 44.60
N ALA Y 141 45.99 2.77 44.17
CA ALA Y 141 45.81 3.01 42.74
C ALA Y 141 47.14 3.41 42.09
N ILE Y 142 47.88 4.33 42.72
CA ILE Y 142 49.23 4.63 42.21
C ILE Y 142 50.16 3.40 42.32
N SER Y 143 49.95 2.57 43.33
CA SER Y 143 50.75 1.37 43.47
C SER Y 143 50.34 0.29 42.48
N THR Y 144 49.09 0.30 41.99
CA THR Y 144 48.75 -0.64 40.92
C THR Y 144 49.34 -0.18 39.59
N ALA Y 145 49.45 1.14 39.36
CA ALA Y 145 50.27 1.65 38.25
C ALA Y 145 51.73 1.22 38.38
N ALA Y 146 52.27 1.27 39.60
CA ALA Y 146 53.65 0.88 39.88
C ALA Y 146 53.89 -0.60 39.59
N THR Y 147 53.05 -1.49 40.14
CA THR Y 147 53.23 -2.92 39.93
C THR Y 147 52.98 -3.34 38.48
N ILE Y 148 52.05 -2.69 37.77
CA ILE Y 148 51.85 -3.02 36.36
C ILE Y 148 53.08 -2.62 35.55
N GLN Y 149 53.65 -1.44 35.81
CA GLN Y 149 54.85 -1.03 35.09
C GLN Y 149 56.09 -1.81 35.54
N MET Y 150 56.06 -2.39 36.75
CA MET Y 150 57.12 -3.30 37.17
C MET Y 150 57.00 -4.62 36.42
N LEU Y 151 55.77 -5.06 36.19
CA LEU Y 151 55.46 -6.39 35.66
C LEU Y 151 55.51 -6.41 34.14
N GLN Y 152 55.07 -5.32 33.49
CA GLN Y 152 55.06 -5.18 32.03
C GLN Y 152 56.47 -5.11 31.43
N GLY Y 153 57.49 -4.87 32.23
CA GLY Y 153 58.86 -4.82 31.72
C GLY Y 153 59.75 -5.89 32.36
N GLY Y 173 75.87 -3.14 51.88
CA GLY Y 173 75.40 -2.60 53.15
C GLY Y 173 73.91 -2.37 53.16
N ARG Y 174 73.28 -2.58 52.01
CA ARG Y 174 71.85 -2.41 51.82
C ARG Y 174 71.10 -3.74 51.62
N ALA Y 175 71.73 -4.73 50.98
CA ALA Y 175 71.10 -6.04 50.79
C ALA Y 175 70.76 -6.70 52.13
N ARG Y 176 71.60 -6.50 53.14
CA ARG Y 176 71.29 -6.85 54.52
C ARG Y 176 70.05 -6.11 55.02
N MET Y 177 69.86 -4.85 54.62
CA MET Y 177 68.75 -4.05 55.13
C MET Y 177 67.42 -4.53 54.52
N GLU Y 178 67.43 -4.87 53.22
CA GLU Y 178 66.28 -5.52 52.58
C GLU Y 178 65.98 -6.87 53.19
N LEU Y 179 67.02 -7.67 53.46
CA LEU Y 179 66.82 -9.00 54.04
C LEU Y 179 66.28 -8.91 55.47
N SER Y 180 66.74 -7.92 56.24
CA SER Y 180 66.20 -7.66 57.57
C SER Y 180 64.74 -7.25 57.49
N GLU Y 181 64.39 -6.40 56.50
CA GLU Y 181 63.00 -6.00 56.28
C GLU Y 181 62.12 -7.21 56.01
N ILE Y 182 62.58 -8.10 55.13
CA ILE Y 182 61.77 -9.25 54.74
C ILE Y 182 61.60 -10.24 55.90
N LYS Y 183 62.67 -10.44 56.69
CA LYS Y 183 62.59 -11.34 57.85
C LYS Y 183 61.69 -10.79 58.95
N ASN Y 184 61.86 -9.51 59.32
CA ASN Y 184 60.98 -8.87 60.29
C ASN Y 184 59.53 -8.80 59.80
N GLY Y 185 59.31 -8.77 58.50
CA GLY Y 185 57.96 -8.76 57.98
C GLY Y 185 57.25 -10.09 58.03
N ARG Y 186 57.97 -11.17 57.71
CA ARG Y 186 57.45 -12.52 57.90
C ARG Y 186 57.15 -12.78 59.38
N LEU Y 187 58.06 -12.33 60.26
CA LEU Y 187 57.85 -12.40 61.70
C LEU Y 187 56.63 -11.59 62.14
N ALA Y 188 56.42 -10.44 61.50
CA ALA Y 188 55.26 -9.61 61.82
C ALA Y 188 53.96 -10.26 61.38
N MET Y 189 53.97 -10.96 60.23
CA MET Y 189 52.79 -11.72 59.80
C MET Y 189 52.43 -12.83 60.77
N ILE Y 190 53.44 -13.60 61.23
CA ILE Y 190 53.22 -14.62 62.26
C ILE Y 190 52.72 -14.00 63.56
N GLY Y 191 53.35 -12.90 63.98
CA GLY Y 191 52.97 -12.23 65.22
C GLY Y 191 51.57 -11.68 65.19
N PHE Y 192 51.17 -11.06 64.07
CA PHE Y 192 49.83 -10.51 63.93
C PHE Y 192 48.76 -11.60 63.91
N SER Y 193 49.02 -12.69 63.16
CA SER Y 193 48.15 -13.87 63.16
C SER Y 193 47.97 -14.42 64.58
N GLY Y 194 49.07 -14.45 65.33
CA GLY Y 194 49.03 -14.89 66.71
C GLY Y 194 48.14 -14.01 67.56
N MET Y 195 48.34 -12.67 67.48
CA MET Y 195 47.59 -11.71 68.29
C MET Y 195 46.09 -11.73 68.00
N VAL Y 196 45.71 -11.90 66.72
CA VAL Y 196 44.29 -11.86 66.41
C VAL Y 196 43.60 -13.17 66.84
N HIS Y 197 44.25 -14.33 66.65
CA HIS Y 197 43.65 -15.55 67.18
C HIS Y 197 43.67 -15.59 68.71
N HIS Y 198 44.73 -15.06 69.37
CA HIS Y 198 44.74 -14.92 70.84
C HIS Y 198 43.59 -14.03 71.31
N TYR Y 199 43.26 -12.99 70.53
CA TYR Y 199 42.06 -12.18 70.78
C TYR Y 199 40.81 -13.05 70.70
N PHE Y 200 40.71 -13.90 69.69
CA PHE Y 200 39.61 -14.87 69.65
C PHE Y 200 39.59 -15.79 70.87
N ILE Y 201 40.76 -16.22 71.34
CA ILE Y 201 40.87 -17.09 72.52
C ILE Y 201 40.36 -16.39 73.77
N THR Y 202 40.85 -15.18 74.05
CA THR Y 202 40.62 -14.56 75.35
C THR Y 202 39.93 -13.19 75.33
N GLY Y 203 39.59 -12.64 74.17
CA GLY Y 203 39.05 -11.28 74.09
C GLY Y 203 39.98 -10.21 74.59
N LYS Y 204 41.29 -10.37 74.36
CA LYS Y 204 42.26 -9.42 74.87
C LYS Y 204 43.35 -9.12 73.84
N GLY Y 205 44.02 -7.98 74.04
CA GLY Y 205 45.16 -7.61 73.25
C GLY Y 205 46.42 -8.35 73.67
N PRO Y 206 47.51 -8.17 72.88
CA PRO Y 206 48.73 -8.98 73.06
C PRO Y 206 49.45 -8.83 74.40
N ILE Y 207 49.90 -7.61 74.68
CA ILE Y 207 50.67 -7.34 75.88
C ILE Y 207 49.75 -7.28 77.09
N GLU Y 208 48.46 -7.00 76.89
CA GLU Y 208 47.48 -7.12 77.97
C GLU Y 208 47.38 -8.56 78.43
N LEU Y 209 47.34 -9.50 77.46
CA LEU Y 209 47.31 -10.93 77.77
C LEU Y 209 48.55 -11.33 78.55
N LEU Y 210 49.70 -10.78 78.16
CA LEU Y 210 50.95 -11.05 78.87
C LEU Y 210 50.90 -10.52 80.31
N THR Y 211 50.37 -9.28 80.48
CA THR Y 211 50.25 -8.68 81.82
C THR Y 211 49.25 -9.44 82.70
N SER Y 212 48.14 -9.86 82.11
CA SER Y 212 47.09 -10.55 82.85
C SER Y 212 47.11 -12.05 82.56
N ALA Z 37 -15.16 -81.53 -27.51
CA ALA Z 37 -14.98 -81.88 -26.11
C ALA Z 37 -16.20 -81.47 -25.30
N LYS Z 38 -17.25 -82.29 -25.35
CA LYS Z 38 -18.48 -82.05 -24.62
C LYS Z 38 -18.39 -82.70 -23.24
N SER Z 39 -19.39 -82.44 -22.41
CA SER Z 39 -19.42 -82.92 -21.03
C SER Z 39 -20.31 -84.15 -20.90
N LYS Z 40 -19.96 -85.03 -19.97
CA LYS Z 40 -20.77 -86.23 -19.73
C LYS Z 40 -22.12 -85.92 -19.08
N ALA Z 41 -22.12 -85.12 -17.98
CA ALA Z 41 -23.33 -84.86 -17.20
C ALA Z 41 -24.37 -84.08 -17.99
N ILE Z 42 -23.90 -83.08 -18.72
CA ILE Z 42 -24.68 -82.33 -19.69
C ILE Z 42 -24.08 -82.58 -21.06
N PRO Z 43 -24.69 -83.44 -21.89
CA PRO Z 43 -24.11 -83.76 -23.20
C PRO Z 43 -24.03 -82.58 -24.16
N PHE Z 44 -25.03 -81.69 -24.18
CA PHE Z 44 -24.99 -80.58 -25.12
C PHE Z 44 -23.95 -79.53 -24.72
N LEU Z 45 -23.69 -79.35 -23.42
CA LEU Z 45 -22.76 -78.31 -23.00
C LEU Z 45 -21.32 -78.73 -23.24
N ASP Z 46 -20.48 -77.73 -23.44
CA ASP Z 46 -19.06 -77.96 -23.67
C ASP Z 46 -18.36 -78.19 -22.33
N ALA Z 47 -17.40 -79.13 -22.34
CA ALA Z 47 -16.73 -79.60 -21.14
C ALA Z 47 -15.96 -78.46 -20.47
N PRO Z 48 -15.96 -78.39 -19.14
CA PRO Z 48 -15.27 -77.31 -18.45
C PRO Z 48 -13.77 -77.49 -18.55
N PRO Z 49 -13.04 -76.45 -19.00
CA PRO Z 49 -11.63 -76.61 -19.38
C PRO Z 49 -10.70 -77.04 -18.24
N ALA Z 50 -10.96 -76.58 -17.03
CA ALA Z 50 -10.03 -76.83 -15.93
C ALA Z 50 -10.13 -78.24 -15.38
N LEU Z 51 -11.29 -78.87 -15.48
CA LEU Z 51 -11.49 -80.21 -14.94
C LEU Z 51 -11.00 -81.28 -15.91
N SER Z 52 -10.53 -82.41 -15.36
CA SER Z 52 -9.55 -83.24 -16.09
C SER Z 52 -9.85 -84.71 -16.39
N GLU Z 53 -10.98 -85.29 -15.90
CA GLU Z 53 -11.39 -86.72 -15.99
C GLU Z 53 -10.53 -87.65 -15.11
N SER Z 54 -9.43 -87.15 -14.56
CA SER Z 54 -8.55 -87.87 -13.66
C SER Z 54 -8.81 -87.52 -12.20
N MET Z 55 -9.80 -86.68 -11.94
CA MET Z 55 -10.21 -86.17 -10.64
C MET Z 55 -11.41 -86.96 -10.14
N PRO Z 56 -11.40 -87.42 -8.90
CA PRO Z 56 -12.50 -88.25 -8.39
C PRO Z 56 -13.78 -87.45 -8.27
N GLY Z 57 -14.90 -88.13 -8.48
CA GLY Z 57 -16.20 -87.46 -8.48
C GLY Z 57 -16.37 -86.45 -9.59
N TYR Z 58 -15.98 -86.81 -10.80
CA TYR Z 58 -16.06 -85.91 -11.93
C TYR Z 58 -17.02 -86.51 -12.93
N VAL Z 59 -18.02 -85.72 -13.32
CA VAL Z 59 -18.90 -86.11 -14.40
C VAL Z 59 -19.02 -84.95 -15.38
N GLY Z 60 -18.07 -84.02 -15.37
CA GLY Z 60 -18.15 -82.89 -16.28
C GLY Z 60 -19.14 -81.83 -15.89
N PHE Z 61 -19.53 -81.80 -14.63
CA PHE Z 61 -20.53 -80.85 -14.19
C PHE Z 61 -19.85 -79.62 -13.61
N ASP Z 62 -19.77 -78.57 -14.40
CA ASP Z 62 -19.38 -77.23 -13.94
C ASP Z 62 -19.89 -76.23 -14.97
N PRO Z 63 -21.21 -76.00 -15.08
CA PRO Z 63 -21.72 -75.04 -16.09
C PRO Z 63 -21.25 -73.61 -15.89
N LEU Z 64 -21.05 -73.18 -14.65
CA LEU Z 64 -20.69 -71.79 -14.38
C LEU Z 64 -19.21 -71.52 -14.49
N TRP Z 65 -18.39 -72.55 -14.73
CA TRP Z 65 -16.93 -72.49 -14.88
C TRP Z 65 -16.27 -71.85 -13.66
N VAL Z 66 -16.73 -72.24 -12.46
CA VAL Z 66 -16.08 -71.83 -11.22
C VAL Z 66 -14.65 -72.38 -11.14
N SER Z 67 -14.38 -73.53 -11.78
CA SER Z 67 -13.03 -74.10 -11.76
C SER Z 67 -12.04 -73.29 -12.60
N SER Z 68 -12.50 -72.37 -13.43
CA SER Z 68 -11.63 -71.55 -14.25
C SER Z 68 -11.49 -70.14 -13.71
N MET Z 69 -12.09 -69.84 -12.55
CA MET Z 69 -12.11 -68.48 -12.02
C MET Z 69 -10.75 -67.99 -11.56
N LEU Z 70 -9.82 -68.89 -11.28
CA LEU Z 70 -8.47 -68.45 -10.98
C LEU Z 70 -7.54 -69.13 -11.96
N PRO Z 71 -6.56 -68.41 -12.52
CA PRO Z 71 -5.65 -69.02 -13.50
C PRO Z 71 -4.64 -69.95 -12.89
N ASP Z 72 -4.48 -69.94 -11.57
CA ASP Z 72 -3.37 -70.60 -10.88
C ASP Z 72 -3.45 -72.11 -11.02
N ALA Z 73 -2.29 -72.75 -10.83
CA ALA Z 73 -2.19 -74.20 -11.02
C ALA Z 73 -2.91 -74.97 -9.93
N GLY Z 74 -2.90 -74.46 -8.70
CA GLY Z 74 -3.47 -75.15 -7.57
C GLY Z 74 -4.85 -74.70 -7.16
N TYR Z 75 -5.56 -73.94 -7.99
CA TYR Z 75 -6.93 -73.57 -7.66
C TYR Z 75 -7.88 -74.76 -7.76
N VAL Z 76 -7.67 -75.61 -8.77
CA VAL Z 76 -8.46 -76.83 -8.93
C VAL Z 76 -8.25 -77.74 -7.74
N LYS Z 77 -7.00 -77.83 -7.28
CA LYS Z 77 -6.66 -78.60 -6.10
C LYS Z 77 -7.34 -78.03 -4.87
N PHE Z 78 -7.35 -76.68 -4.74
CA PHE Z 78 -7.99 -75.98 -3.62
C PHE Z 78 -9.48 -76.27 -3.56
N LEU Z 79 -10.14 -76.21 -4.73
CA LEU Z 79 -11.58 -76.44 -4.81
C LEU Z 79 -11.92 -77.88 -4.46
N GLN Z 80 -11.08 -78.82 -4.91
CA GLN Z 80 -11.29 -80.22 -4.58
C GLN Z 80 -11.17 -80.46 -3.06
N GLU Z 81 -10.17 -79.85 -2.41
CA GLU Z 81 -10.03 -79.97 -0.95
C GLU Z 81 -11.21 -79.32 -0.24
N ALA Z 82 -11.72 -78.22 -0.79
CA ALA Z 82 -12.88 -77.52 -0.24
C ALA Z 82 -14.13 -78.40 -0.29
N GLU Z 83 -14.42 -78.97 -1.46
CA GLU Z 83 -15.55 -79.89 -1.64
C GLU Z 83 -15.47 -81.07 -0.66
N ILE Z 84 -14.27 -81.65 -0.48
CA ILE Z 84 -14.13 -82.78 0.44
C ILE Z 84 -14.32 -82.35 1.90
N LYS Z 85 -13.76 -81.20 2.26
CA LYS Z 85 -13.86 -80.71 3.67
C LYS Z 85 -15.33 -80.40 3.98
N HIS Z 86 -16.01 -79.71 3.07
CA HIS Z 86 -17.45 -79.39 3.27
C HIS Z 86 -18.23 -80.68 3.39
N GLY Z 87 -17.93 -81.66 2.53
CA GLY Z 87 -18.66 -82.94 2.55
C GLY Z 87 -18.49 -83.67 3.86
N ARG Z 88 -17.25 -83.75 4.37
CA ARG Z 88 -16.98 -84.49 5.63
C ARG Z 88 -17.69 -83.82 6.80
N VAL Z 89 -17.63 -82.49 6.87
CA VAL Z 89 -18.30 -81.75 7.99
C VAL Z 89 -19.81 -82.00 7.90
N ALA Z 90 -20.35 -81.96 6.68
CA ALA Z 90 -21.80 -82.19 6.48
C ALA Z 90 -22.18 -83.61 6.90
N MET Z 91 -21.33 -84.60 6.59
CA MET Z 91 -21.62 -86.01 6.95
C MET Z 91 -21.67 -86.16 8.47
N LEU Z 92 -20.74 -85.52 9.19
CA LEU Z 92 -20.78 -85.56 10.68
C LEU Z 92 -22.08 -84.89 11.14
N ALA Z 93 -22.42 -83.74 10.54
CA ALA Z 93 -23.62 -83.00 10.95
C ALA Z 93 -24.87 -83.84 10.69
N ALA Z 94 -24.94 -84.50 9.53
CA ALA Z 94 -26.12 -85.34 9.20
C ALA Z 94 -26.23 -86.49 10.20
N ALA Z 95 -25.10 -87.15 10.50
CA ALA Z 95 -25.11 -88.26 11.47
C ALA Z 95 -25.50 -87.73 12.85
N GLY Z 96 -24.98 -86.56 13.22
CA GLY Z 96 -25.26 -85.99 14.54
C GLY Z 96 -26.74 -85.72 14.73
N ALA Z 97 -27.39 -85.15 13.70
CA ALA Z 97 -28.82 -84.82 13.81
C ALA Z 97 -29.64 -86.10 14.03
N ILE Z 98 -29.33 -87.15 13.27
CA ILE Z 98 -30.08 -88.43 13.38
C ILE Z 98 -29.86 -89.02 14.80
N VAL Z 99 -28.61 -89.04 15.26
CA VAL Z 99 -28.29 -89.64 16.59
C VAL Z 99 -28.91 -88.81 17.72
N GLN Z 100 -28.89 -87.47 17.60
CA GLN Z 100 -29.48 -86.59 18.64
C GLN Z 100 -30.98 -86.89 18.73
N ASP Z 101 -31.65 -87.10 17.60
CA ASP Z 101 -33.08 -87.50 17.63
C ASP Z 101 -33.23 -88.87 18.31
N ILE Z 102 -32.33 -89.81 18.02
CA ILE Z 102 -32.36 -91.16 18.65
C ILE Z 102 -32.21 -91.00 20.17
N PHE Z 103 -31.02 -90.58 20.63
CA PHE Z 103 -30.79 -90.46 22.08
C PHE Z 103 -29.89 -89.25 22.32
N THR Z 104 -29.51 -89.07 23.58
CA THR Z 104 -28.53 -88.08 24.00
C THR Z 104 -27.67 -88.71 25.08
N PHE Z 105 -26.49 -88.14 25.28
CA PHE Z 105 -25.56 -88.64 26.28
C PHE Z 105 -26.09 -88.32 27.69
N PRO Z 106 -25.64 -89.04 28.73
CA PRO Z 106 -26.13 -88.76 30.10
C PRO Z 106 -25.85 -87.35 30.59
N GLY Z 107 -26.86 -86.78 31.26
CA GLY Z 107 -26.76 -85.47 31.86
C GLY Z 107 -27.01 -84.30 30.94
N VAL Z 108 -27.01 -84.50 29.62
CA VAL Z 108 -27.23 -83.42 28.66
C VAL Z 108 -28.66 -82.87 28.77
N LYS Z 109 -29.64 -83.76 29.01
CA LYS Z 109 -31.06 -83.42 29.00
C LYS Z 109 -31.41 -82.48 30.14
N SER Z 110 -30.74 -82.62 31.28
CA SER Z 110 -30.96 -81.75 32.42
C SER Z 110 -30.37 -80.35 32.21
N VAL Z 111 -29.42 -80.17 31.29
CA VAL Z 111 -28.88 -78.85 31.04
C VAL Z 111 -29.63 -78.17 29.88
N ILE Z 112 -29.68 -78.83 28.72
CA ILE Z 112 -30.23 -78.14 27.56
C ILE Z 112 -31.75 -78.17 27.51
N GLY Z 113 -32.38 -79.19 28.08
CA GLY Z 113 -33.83 -79.28 28.03
C GLY Z 113 -34.26 -79.93 26.73
N ASP Z 114 -35.27 -79.34 26.08
CA ASP Z 114 -35.82 -79.86 24.83
C ASP Z 114 -35.40 -78.98 23.66
N VAL Z 115 -34.14 -79.08 23.25
CA VAL Z 115 -33.64 -78.33 22.10
C VAL Z 115 -32.90 -79.32 21.22
N LYS Z 116 -33.17 -79.24 19.92
CA LYS Z 116 -32.63 -80.17 18.96
C LYS Z 116 -32.30 -79.39 17.71
N MET Z 117 -31.21 -79.79 17.02
CA MET Z 117 -30.90 -79.34 15.65
C MET Z 117 -30.76 -77.82 15.54
N THR Z 118 -29.68 -77.24 16.10
CA THR Z 118 -29.21 -75.83 16.07
C THR Z 118 -29.77 -75.00 17.23
N SER Z 119 -30.92 -75.42 17.80
CA SER Z 119 -31.41 -74.78 19.03
C SER Z 119 -30.50 -75.12 20.21
N VAL Z 120 -29.94 -76.34 20.20
CA VAL Z 120 -28.98 -76.75 21.21
C VAL Z 120 -27.68 -75.91 21.10
N HIS Z 121 -27.28 -75.54 19.86
CA HIS Z 121 -26.13 -74.63 19.65
C HIS Z 121 -26.37 -73.29 20.34
N ASP Z 122 -27.57 -72.73 20.16
CA ASP Z 122 -27.88 -71.43 20.74
C ASP Z 122 -28.04 -71.56 22.25
N LYS Z 123 -28.51 -72.73 22.70
CA LYS Z 123 -28.80 -72.95 24.11
C LYS Z 123 -27.50 -73.06 24.88
N PHE Z 124 -26.57 -73.92 24.42
CA PHE Z 124 -25.20 -73.93 24.96
C PHE Z 124 -24.55 -72.56 24.91
N LEU Z 125 -24.68 -71.81 23.79
CA LEU Z 125 -24.01 -70.52 23.71
C LEU Z 125 -24.61 -69.48 24.64
N SER Z 126 -25.85 -69.68 25.11
CA SER Z 126 -26.41 -68.78 26.11
C SER Z 126 -25.79 -68.98 27.50
N MET Z 127 -25.15 -70.14 27.75
CA MET Z 127 -24.58 -70.48 29.04
C MET Z 127 -23.05 -70.58 29.02
N GLU Z 128 -22.39 -69.90 28.08
CA GLU Z 128 -20.95 -70.02 27.92
C GLU Z 128 -20.34 -68.64 28.08
N ALA Z 129 -19.15 -68.57 28.67
CA ALA Z 129 -18.48 -67.29 28.86
C ALA Z 129 -18.18 -66.62 27.51
N GLY Z 130 -18.24 -65.30 27.51
CA GLY Z 130 -18.03 -64.61 26.27
C GLY Z 130 -19.26 -64.40 25.41
N SER Z 131 -19.90 -65.50 25.01
CA SER Z 131 -21.11 -65.37 24.22
C SER Z 131 -22.34 -65.12 25.10
N GLY Z 132 -22.42 -65.80 26.25
CA GLY Z 132 -23.51 -65.68 27.20
C GLY Z 132 -22.98 -65.50 28.61
N LYS Z 133 -23.67 -66.11 29.57
CA LYS Z 133 -23.26 -66.11 30.98
C LYS Z 133 -23.62 -67.46 31.59
N GLY Z 134 -22.61 -68.25 31.95
CA GLY Z 134 -22.87 -69.58 32.47
C GLY Z 134 -21.59 -70.31 32.77
N ASP Z 135 -21.72 -71.62 33.02
CA ASP Z 135 -20.61 -72.46 33.47
C ASP Z 135 -20.16 -73.48 32.43
N MET Z 136 -20.47 -73.27 31.16
CA MET Z 136 -20.16 -74.24 30.12
C MET Z 136 -19.14 -73.67 29.15
N ALA Z 137 -18.34 -74.56 28.58
CA ALA Z 137 -17.63 -74.26 27.35
C ALA Z 137 -17.76 -75.51 26.49
N ALA Z 138 -18.88 -75.62 25.79
CA ALA Z 138 -19.12 -76.80 24.97
C ALA Z 138 -18.86 -76.48 23.51
N MET Z 139 -19.45 -75.40 23.01
CA MET Z 139 -19.15 -74.94 21.66
C MET Z 139 -17.74 -74.35 21.60
N HIS Z 140 -17.25 -73.78 22.71
CA HIS Z 140 -15.94 -73.15 22.72
C HIS Z 140 -14.81 -74.17 22.72
N GLN Z 141 -14.99 -75.28 23.43
CA GLN Z 141 -14.01 -76.35 23.37
C GLN Z 141 -13.92 -76.96 21.99
N LEU Z 142 -15.07 -77.14 21.33
CA LEU Z 142 -15.12 -77.61 19.94
C LEU Z 142 -14.40 -76.65 19.01
N LEU Z 143 -14.62 -75.34 19.22
CA LEU Z 143 -13.96 -74.30 18.42
C LEU Z 143 -12.46 -74.33 18.61
N LEU Z 144 -12.01 -74.52 19.85
CA LEU Z 144 -10.59 -74.59 20.19
C LEU Z 144 -9.90 -75.74 19.47
N TRP Z 145 -10.41 -76.98 19.63
CA TRP Z 145 -9.66 -78.11 19.09
C TRP Z 145 -9.82 -78.23 17.58
N LEU Z 146 -11.03 -77.95 17.06
CA LEU Z 146 -11.26 -77.88 15.62
C LEU Z 146 -10.42 -76.80 14.97
N GLY Z 147 -10.20 -75.68 15.68
CA GLY Z 147 -9.37 -74.63 15.15
C GLY Z 147 -7.89 -74.94 15.16
N LEU Z 148 -7.42 -75.67 16.17
CA LEU Z 148 -6.02 -76.14 16.18
C LEU Z 148 -5.72 -77.07 15.00
N LEU Z 149 -6.55 -78.12 14.84
CA LEU Z 149 -6.48 -79.02 13.68
C LEU Z 149 -6.61 -78.24 12.39
N GLU Z 150 -7.40 -77.16 12.39
CA GLU Z 150 -7.72 -76.52 11.15
C GLU Z 150 -6.67 -75.50 10.71
N ILE Z 151 -5.90 -74.94 11.65
CA ILE Z 151 -4.69 -74.19 11.29
C ILE Z 151 -3.62 -75.15 10.74
N ALA Z 152 -3.53 -76.37 11.30
CA ALA Z 152 -2.68 -77.39 10.66
C ALA Z 152 -3.09 -77.71 9.21
N THR Z 153 -4.41 -77.90 9.00
CA THR Z 153 -4.88 -78.14 7.63
C THR Z 153 -4.71 -76.91 6.75
N SER Z 154 -4.75 -75.69 7.34
CA SER Z 154 -4.43 -74.44 6.63
C SER Z 154 -3.06 -74.48 6.01
N VAL Z 155 -2.05 -74.90 6.80
CA VAL Z 155 -0.69 -74.98 6.28
C VAL Z 155 -0.60 -76.04 5.18
N ALA Z 156 -1.36 -77.15 5.33
CA ALA Z 156 -1.40 -78.18 4.29
C ALA Z 156 -2.01 -77.67 2.97
N ILE Z 157 -3.10 -76.90 3.06
CA ILE Z 157 -3.77 -76.34 1.88
C ILE Z 157 -2.89 -75.32 1.20
N ILE Z 158 -2.20 -74.47 1.99
CA ILE Z 158 -1.31 -73.45 1.45
C ILE Z 158 -0.14 -74.08 0.72
N GLN Z 159 0.48 -75.13 1.30
CA GLN Z 159 1.57 -75.83 0.64
C GLN Z 159 1.08 -76.57 -0.62
N SER Z 160 -0.11 -77.17 -0.57
CA SER Z 160 -0.63 -77.90 -1.72
C SER Z 160 -1.01 -76.97 -2.88
N PHE Z 161 -1.41 -75.73 -2.56
CA PHE Z 161 -1.79 -74.76 -3.59
C PHE Z 161 -0.60 -74.37 -4.45
N LYS Z 162 0.55 -74.12 -3.83
CA LYS Z 162 1.70 -73.61 -4.56
C LYS Z 162 2.59 -74.72 -5.12
N GLY Z 163 2.14 -75.97 -5.09
CA GLY Z 163 2.89 -77.03 -5.72
C GLY Z 163 4.12 -77.50 -4.97
N GLU Z 164 4.25 -77.16 -3.70
CA GLU Z 164 5.40 -77.59 -2.93
C GLU Z 164 5.28 -79.01 -2.43
N THR Z 165 4.13 -79.65 -2.66
CA THR Z 165 3.83 -80.95 -2.09
C THR Z 165 3.10 -81.76 -3.15
N SER Z 166 3.36 -83.06 -3.21
CA SER Z 166 2.71 -83.96 -4.15
C SER Z 166 1.53 -84.66 -3.52
N ARG Z 167 0.81 -83.96 -2.66
CA ARG Z 167 -0.32 -84.49 -1.92
C ARG Z 167 -1.60 -84.13 -2.65
N GLY Z 168 -2.50 -85.10 -2.72
CA GLY Z 168 -3.78 -84.90 -3.35
C GLY Z 168 -4.76 -84.25 -2.41
N PRO Z 169 -5.93 -83.95 -2.94
CA PRO Z 169 -6.97 -83.31 -2.14
C PRO Z 169 -7.61 -84.25 -1.12
N GLY Z 170 -7.76 -83.73 0.10
CA GLY Z 170 -8.42 -84.45 1.16
C GLY Z 170 -7.54 -85.37 1.95
N GLU Z 171 -6.35 -85.68 1.46
CA GLU Z 171 -5.50 -86.68 2.08
C GLU Z 171 -4.74 -86.00 3.21
N PHE Z 172 -5.04 -86.36 4.45
CA PHE Z 172 -4.27 -85.92 5.59
C PHE Z 172 -3.49 -87.07 6.21
N GLY Z 173 -3.44 -88.21 5.54
CA GLY Z 173 -2.76 -89.38 6.05
C GLY Z 173 -3.50 -90.13 7.14
N PHE Z 174 -4.77 -89.82 7.36
CA PHE Z 174 -5.51 -90.42 8.46
C PHE Z 174 -6.14 -91.70 7.94
N ASP Z 175 -5.58 -92.85 8.35
CA ASP Z 175 -6.13 -94.15 7.99
C ASP Z 175 -5.64 -95.20 9.00
N PRO Z 176 -5.98 -95.12 10.32
CA PRO Z 176 -5.35 -96.01 11.33
C PRO Z 176 -5.58 -97.51 11.14
N LEU Z 177 -6.82 -97.96 10.91
CA LEU Z 177 -7.03 -99.33 10.49
C LEU Z 177 -6.87 -99.36 8.98
N ASN Z 178 -6.09 -100.33 8.48
CA ASN Z 178 -5.78 -100.43 7.05
C ASN Z 178 -7.02 -100.69 6.22
N PHE Z 179 -7.46 -99.65 5.51
CA PHE Z 179 -8.63 -99.72 4.66
C PHE Z 179 -8.28 -99.61 3.18
N GLY Z 180 -7.27 -98.83 2.84
CA GLY Z 180 -6.79 -98.76 1.48
C GLY Z 180 -5.63 -99.67 1.17
N LYS Z 181 -5.28 -100.58 2.10
CA LYS Z 181 -4.30 -101.66 1.90
C LYS Z 181 -2.93 -101.14 1.49
N GLY Z 182 -2.41 -100.19 2.27
CA GLY Z 182 -1.06 -99.69 2.07
C GLY Z 182 -0.97 -98.23 1.68
N ASN Z 183 -2.07 -97.59 1.26
CA ASN Z 183 -2.06 -96.16 0.98
C ASN Z 183 -3.18 -95.46 1.74
N SER Z 184 -2.81 -94.43 2.51
CA SER Z 184 -3.79 -93.68 3.29
C SER Z 184 -4.76 -92.93 2.39
N ALA Z 185 -4.32 -92.57 1.17
CA ALA Z 185 -5.15 -91.90 0.18
C ALA Z 185 -6.38 -92.72 -0.22
N GLY Z 186 -6.28 -94.04 -0.18
CA GLY Z 186 -7.36 -94.92 -0.55
C GLY Z 186 -7.38 -95.22 -2.03
N SER Z 187 -8.28 -96.12 -2.41
CA SER Z 187 -8.47 -96.49 -3.79
C SER Z 187 -9.35 -95.46 -4.46
N ASP Z 188 -9.32 -95.45 -5.81
CA ASP Z 188 -10.17 -94.58 -6.64
C ASP Z 188 -11.65 -94.74 -6.32
N SER Z 189 -12.06 -95.99 -6.09
CA SER Z 189 -13.46 -96.27 -5.80
C SER Z 189 -13.87 -95.74 -4.44
N TYR Z 190 -13.01 -95.90 -3.43
CA TYR Z 190 -13.38 -95.45 -2.08
C TYR Z 190 -13.37 -93.93 -1.94
N LYS Z 191 -12.51 -93.22 -2.67
CA LYS Z 191 -12.62 -91.76 -2.66
C LYS Z 191 -13.82 -91.29 -3.47
N LEU Z 192 -14.20 -92.02 -4.54
CA LEU Z 192 -15.43 -91.71 -5.24
C LEU Z 192 -16.66 -91.91 -4.33
N LYS Z 193 -16.64 -92.97 -3.51
CA LYS Z 193 -17.67 -93.22 -2.49
C LYS Z 193 -17.72 -92.08 -1.47
N GLU Z 194 -16.54 -91.65 -0.99
CA GLU Z 194 -16.45 -90.54 -0.04
C GLU Z 194 -17.00 -89.24 -0.60
N ILE Z 195 -16.61 -88.89 -1.84
CA ILE Z 195 -17.03 -87.63 -2.46
C ILE Z 195 -18.55 -87.61 -2.74
N LYS Z 196 -19.11 -88.73 -3.23
CA LYS Z 196 -20.54 -88.79 -3.53
C LYS Z 196 -21.38 -88.78 -2.27
N ASN Z 197 -20.98 -89.56 -1.24
CA ASN Z 197 -21.66 -89.52 0.05
C ASN Z 197 -21.53 -88.15 0.73
N GLY Z 198 -20.41 -87.45 0.52
CA GLY Z 198 -20.28 -86.10 1.03
C GLY Z 198 -21.26 -85.13 0.39
N ARG Z 199 -21.39 -85.21 -0.94
CA ARG Z 199 -22.37 -84.38 -1.67
C ARG Z 199 -23.80 -84.66 -1.23
N LEU Z 200 -24.13 -85.94 -1.06
CA LEU Z 200 -25.42 -86.34 -0.52
C LEU Z 200 -25.67 -85.78 0.86
N ALA Z 201 -24.65 -85.81 1.72
CA ALA Z 201 -24.84 -85.32 3.07
C ALA Z 201 -24.93 -83.80 3.14
N MET Z 202 -24.27 -83.08 2.23
CA MET Z 202 -24.47 -81.63 2.12
C MET Z 202 -25.91 -81.28 1.80
N ILE Z 203 -26.48 -81.93 0.77
CA ILE Z 203 -27.90 -81.73 0.41
C ILE Z 203 -28.81 -82.11 1.58
N GLY Z 204 -28.53 -83.25 2.21
CA GLY Z 204 -29.39 -83.76 3.27
C GLY Z 204 -29.35 -82.92 4.53
N ILE Z 205 -28.16 -82.45 4.92
CA ILE Z 205 -28.06 -81.67 6.15
C ILE Z 205 -28.66 -80.28 5.93
N GLY Z 206 -28.59 -79.74 4.71
CA GLY Z 206 -29.33 -78.52 4.40
C GLY Z 206 -30.83 -78.69 4.51
N GLY Z 207 -31.33 -79.80 3.96
CA GLY Z 207 -32.74 -80.13 4.08
C GLY Z 207 -33.20 -80.27 5.52
N MET Z 208 -32.43 -81.02 6.33
CA MET Z 208 -32.77 -81.25 7.74
C MET Z 208 -32.78 -79.96 8.54
N VAL Z 209 -31.80 -79.08 8.26
CA VAL Z 209 -31.70 -77.81 8.96
C VAL Z 209 -32.92 -76.93 8.67
N HIS Z 210 -33.30 -76.80 7.39
CA HIS Z 210 -34.42 -75.90 7.07
C HIS Z 210 -35.78 -76.44 7.50
N HIS Z 211 -35.99 -77.76 7.34
CA HIS Z 211 -37.23 -78.40 7.81
C HIS Z 211 -37.36 -78.26 9.32
N TYR Z 212 -36.23 -78.29 10.05
CA TYR Z 212 -36.33 -77.96 11.46
C TYR Z 212 -36.66 -76.50 11.65
N LEU Z 213 -36.01 -75.60 10.88
CA LEU Z 213 -36.17 -74.14 11.05
C LEU Z 213 -37.61 -73.67 10.89
N LEU Z 214 -38.43 -74.44 10.19
CA LEU Z 214 -39.84 -74.12 10.07
C LEU Z 214 -40.75 -75.07 10.87
N THR Z 215 -40.59 -76.40 10.79
CA THR Z 215 -41.43 -77.28 11.60
C THR Z 215 -41.02 -77.35 13.06
N GLY Z 216 -39.73 -77.32 13.35
CA GLY Z 216 -39.31 -77.56 14.72
C GLY Z 216 -39.28 -79.02 15.12
N LYS Z 217 -39.44 -79.95 14.18
CA LYS Z 217 -39.59 -81.35 14.55
C LYS Z 217 -38.28 -82.10 14.71
N GLY Z 218 -37.27 -81.81 13.89
CA GLY Z 218 -36.09 -82.65 13.86
C GLY Z 218 -36.27 -83.80 12.88
N PRO Z 219 -35.15 -84.41 12.44
CA PRO Z 219 -35.14 -85.43 11.36
C PRO Z 219 -36.16 -86.57 11.45
N LEU Z 220 -36.20 -87.31 12.55
CA LEU Z 220 -37.03 -88.51 12.59
C LEU Z 220 -38.51 -88.18 12.77
N GLN Z 221 -38.84 -87.12 13.52
CA GLN Z 221 -40.24 -86.68 13.60
C GLN Z 221 -40.75 -86.15 12.26
N PHE Z 222 -39.91 -85.40 11.54
CA PHE Z 222 -40.29 -84.90 10.22
C PHE Z 222 -40.48 -86.06 9.24
N LEU Z 223 -39.55 -87.02 9.24
CA LEU Z 223 -39.68 -88.15 8.31
C LEU Z 223 -40.85 -89.05 8.70
N GLY Z 224 -41.15 -89.16 10.00
CA GLY Z 224 -42.36 -89.86 10.40
C GLY Z 224 -43.60 -89.05 10.05
N GLY Z 225 -43.58 -87.76 10.36
CA GLY Z 225 -44.71 -86.91 10.09
C GLY Z 225 -44.81 -86.47 8.64
N ILE Z 226 -45.01 -87.40 7.72
CA ILE Z 226 -45.13 -87.07 6.29
C ILE Z 226 -46.33 -86.17 5.98
N PRO Z 227 -47.47 -86.11 6.80
CA PRO Z 227 -48.26 -84.89 6.74
C PRO Z 227 -47.73 -83.87 7.73
N ASN Z 228 -47.24 -82.74 7.24
CA ASN Z 228 -46.53 -81.80 8.09
C ASN Z 228 -47.07 -80.41 7.79
N TYR Z 229 -46.85 -79.51 8.76
CA TYR Z 229 -47.49 -78.24 9.14
C TYR Z 229 -48.80 -78.48 9.90
N LYS Z 230 -49.28 -79.71 10.01
CA LYS Z 230 -50.53 -80.00 10.71
C LYS Z 230 -50.38 -79.80 12.21
N SER Z 231 -49.27 -80.28 12.77
CA SER Z 231 -48.95 -80.03 14.16
C SER Z 231 -47.44 -79.92 14.24
N CYS Z 232 -46.95 -78.75 14.67
CA CYS Z 232 -45.53 -78.49 14.72
C CYS Z 232 -45.09 -78.13 16.13
N VAL Z 233 -43.80 -78.30 16.37
CA VAL Z 233 -43.22 -78.10 17.69
C VAL Z 233 -42.89 -76.62 17.81
N SER Z 234 -43.27 -76.02 18.94
CA SER Z 234 -42.89 -74.65 19.26
C SER Z 234 -41.38 -74.63 19.53
N HIS Z 235 -40.63 -73.94 18.68
CA HIS Z 235 -39.19 -73.94 18.77
C HIS Z 235 -38.68 -72.51 18.70
N PRO Z 236 -37.55 -72.20 19.33
CA PRO Z 236 -37.11 -70.79 19.41
C PRO Z 236 -36.62 -70.25 18.08
N ASP Z 237 -36.69 -68.93 17.96
CA ASP Z 237 -36.00 -68.23 16.88
C ASP Z 237 -34.50 -68.44 17.04
N SER Z 238 -33.80 -68.54 15.92
CA SER Z 238 -32.37 -68.82 15.91
C SER Z 238 -31.56 -67.57 16.27
N LEU Z 239 -30.24 -67.65 16.19
CA LEU Z 239 -29.44 -66.43 16.34
C LEU Z 239 -29.44 -65.54 15.10
N LEU Z 240 -30.14 -65.90 14.03
CA LEU Z 240 -30.35 -65.00 12.88
C LEU Z 240 -31.85 -64.87 12.53
N PRO Z 241 -32.68 -64.17 13.36
CA PRO Z 241 -34.14 -64.16 13.08
C PRO Z 241 -34.56 -63.40 11.83
N TRP Z 242 -33.74 -62.41 11.39
CA TRP Z 242 -34.05 -61.58 10.22
C TRP Z 242 -34.37 -62.38 8.98
N LEU Z 243 -33.64 -63.49 8.78
CA LEU Z 243 -33.85 -64.39 7.65
C LEU Z 243 -35.26 -65.00 7.68
N PHE Z 244 -35.86 -65.10 8.88
CA PHE Z 244 -37.26 -65.46 9.06
C PHE Z 244 -38.10 -64.18 9.09
N LYS Z 245 -37.93 -63.31 8.09
CA LYS Z 245 -38.84 -62.16 8.07
C LYS Z 245 -39.65 -62.11 6.79
N ALA Z 246 -39.24 -62.82 5.74
CA ALA Z 246 -40.09 -62.90 4.56
C ALA Z 246 -41.05 -64.07 4.59
N VAL Z 247 -40.99 -64.89 5.65
CA VAL Z 247 -41.87 -66.03 5.73
C VAL Z 247 -43.31 -65.62 6.03
N GLY Z 248 -43.51 -64.57 6.81
CA GLY Z 248 -44.85 -64.11 7.14
C GLY Z 248 -45.53 -63.28 6.08
N PRO Z 249 -45.02 -62.06 5.77
CA PRO Z 249 -45.79 -61.13 4.92
C PRO Z 249 -45.59 -61.29 3.43
N VAL Z 250 -44.56 -61.98 2.98
CA VAL Z 250 -44.33 -62.19 1.55
C VAL Z 250 -44.63 -63.64 1.15
N LEU Z 251 -43.95 -64.60 1.75
CA LEU Z 251 -44.18 -66.00 1.47
C LEU Z 251 -45.39 -66.44 2.32
N PRO Z 252 -46.09 -67.54 1.92
CA PRO Z 252 -47.40 -67.86 2.55
C PRO Z 252 -47.48 -67.98 4.09
N LYS Z 253 -46.48 -68.55 4.78
CA LYS Z 253 -46.50 -68.87 6.23
C LYS Z 253 -47.70 -69.75 6.58
N ILE Z 254 -47.64 -70.97 6.08
CA ILE Z 254 -48.63 -71.97 6.42
C ILE Z 254 -48.59 -72.31 7.91
N CYS Z 255 -47.38 -72.39 8.48
CA CYS Z 255 -47.19 -72.62 9.89
C CYS Z 255 -47.68 -71.42 10.71
N PHE AA 40 -6.28 -6.85 -43.51
CA PHE AA 40 -5.79 -8.22 -43.51
C PHE AA 40 -6.46 -9.00 -44.61
N SER AA 41 -7.70 -8.64 -44.87
CA SER AA 41 -8.48 -9.02 -46.04
C SER AA 41 -9.07 -7.71 -46.55
N PRO AA 42 -9.48 -7.64 -47.83
CA PRO AA 42 -10.09 -6.41 -48.34
C PRO AA 42 -11.35 -6.01 -47.59
N VAL AA 43 -11.36 -4.78 -47.11
CA VAL AA 43 -12.50 -4.23 -46.39
C VAL AA 43 -13.47 -3.64 -47.41
N PRO AA 44 -14.72 -4.09 -47.45
CA PRO AA 44 -15.65 -3.57 -48.44
C PRO AA 44 -16.24 -2.25 -47.99
N SER AA 45 -16.52 -1.41 -48.96
CA SER AA 45 -17.25 -0.18 -48.74
C SER AA 45 -18.28 -0.14 -49.85
N PRO AA 46 -19.44 0.54 -49.67
CA PRO AA 46 -20.46 0.58 -50.74
C PRO AA 46 -19.96 1.24 -52.02
N GLU AA 47 -20.57 0.81 -53.13
CA GLU AA 47 -20.30 1.38 -54.44
C GLU AA 47 -20.62 2.88 -54.43
N GLY AA 48 -19.74 3.65 -55.05
CA GLY AA 48 -19.78 5.09 -54.91
C GLY AA 48 -18.90 5.65 -53.82
N THR AA 49 -18.14 4.81 -53.10
CA THR AA 49 -17.15 5.31 -52.16
C THR AA 49 -16.00 5.95 -52.92
N LYS AA 50 -15.67 7.18 -52.57
CA LYS AA 50 -14.61 7.94 -53.21
C LYS AA 50 -13.68 8.48 -52.13
N GLU AA 51 -12.60 9.12 -52.57
CA GLU AA 51 -11.59 9.62 -51.64
C GLU AA 51 -12.06 10.95 -51.09
N THR AA 52 -12.08 11.07 -49.77
CA THR AA 52 -12.64 12.25 -49.15
C THR AA 52 -11.59 12.95 -48.28
N TYR AA 53 -10.37 12.41 -48.22
CA TYR AA 53 -9.29 13.04 -47.46
C TYR AA 53 -8.85 14.32 -48.16
N TRP AA 54 -8.76 15.38 -47.39
CA TRP AA 54 -8.43 16.71 -47.90
C TRP AA 54 -7.38 17.34 -47.01
N GLU AA 55 -6.44 18.03 -47.63
CA GLU AA 55 -5.45 18.81 -46.90
C GLU AA 55 -5.40 20.25 -47.38
N THR AA 56 -6.43 20.68 -48.09
CA THR AA 56 -6.54 22.02 -48.64
C THR AA 56 -7.17 22.94 -47.61
N LYS AA 57 -7.58 24.14 -48.04
CA LYS AA 57 -8.30 25.05 -47.18
C LYS AA 57 -9.69 24.52 -46.87
N ALA AA 58 -10.38 24.03 -47.88
CA ALA AA 58 -11.72 23.50 -47.75
C ALA AA 58 -11.77 22.10 -48.35
N PRO AA 59 -12.65 21.23 -47.89
CA PRO AA 59 -12.79 19.92 -48.55
C PRO AA 59 -13.36 20.08 -49.94
N SER AA 60 -13.11 19.08 -50.78
CA SER AA 60 -13.76 19.01 -52.08
C SER AA 60 -15.28 18.96 -51.90
N SER AA 61 -16.01 19.44 -52.91
CA SER AA 61 -17.47 19.52 -52.85
C SER AA 61 -18.17 18.16 -52.78
N ASP AA 62 -17.42 17.07 -53.00
CA ASP AA 62 -17.90 15.71 -52.92
C ASP AA 62 -18.36 15.35 -51.51
N VAL AA 63 -17.81 16.03 -50.49
CA VAL AA 63 -18.21 15.85 -49.09
C VAL AA 63 -19.64 16.30 -48.82
N LEU AA 64 -20.29 16.94 -49.77
CA LEU AA 64 -21.64 17.40 -49.60
C LEU AA 64 -22.64 16.39 -50.15
N GLY AA 65 -22.16 15.28 -50.73
CA GLY AA 65 -23.07 14.24 -51.22
C GLY AA 65 -23.93 14.75 -52.35
N ILE AA 66 -25.24 14.60 -52.18
CA ILE AA 66 -26.23 15.12 -53.13
C ILE AA 66 -26.23 16.64 -53.24
N GLY AA 67 -25.58 17.36 -52.31
CA GLY AA 67 -25.53 18.81 -52.35
C GLY AA 67 -24.24 19.32 -52.95
N ALA AA 68 -23.54 18.48 -53.71
CA ALA AA 68 -22.25 18.86 -54.30
C ALA AA 68 -22.39 19.93 -55.38
N GLY AA 69 -23.54 19.99 -56.04
CA GLY AA 69 -23.76 20.97 -57.09
C GLY AA 69 -24.46 22.24 -56.67
N VAL AA 70 -24.89 22.36 -55.42
CA VAL AA 70 -25.55 23.56 -54.94
C VAL AA 70 -24.50 24.64 -54.72
N SER AA 71 -24.84 25.88 -55.05
CA SER AA 71 -23.96 27.03 -54.94
C SER AA 71 -23.87 27.50 -53.50
N SER AA 72 -22.79 28.25 -53.20
CA SER AA 72 -22.60 28.77 -51.85
C SER AA 72 -23.59 29.86 -51.48
N GLY AA 73 -24.04 30.65 -52.46
CA GLY AA 73 -25.09 31.63 -52.19
C GLY AA 73 -26.39 30.95 -51.79
N ASN AA 74 -26.70 29.81 -52.41
CA ASN AA 74 -27.95 29.12 -52.11
C ASN AA 74 -27.89 28.44 -50.75
N PHE AA 75 -26.73 27.87 -50.37
CA PHE AA 75 -26.59 27.36 -49.01
C PHE AA 75 -26.64 28.47 -47.97
N ALA AA 76 -26.01 29.63 -48.25
CA ALA AA 76 -25.98 30.71 -47.27
C ALA AA 76 -27.37 31.28 -47.05
N ALA AA 77 -28.15 31.42 -48.13
CA ALA AA 77 -29.50 31.94 -47.99
C ALA AA 77 -30.44 30.92 -47.38
N ALA AA 78 -30.30 29.63 -47.75
CA ALA AA 78 -31.08 28.56 -47.13
C ALA AA 78 -30.74 28.42 -45.65
N SER AA 79 -29.46 28.60 -45.28
CA SER AA 79 -29.04 28.52 -43.89
C SER AA 79 -29.67 29.63 -43.05
N VAL AA 80 -29.69 30.87 -43.58
CA VAL AA 80 -30.30 31.99 -42.85
C VAL AA 80 -31.80 31.80 -42.74
N PHE AA 81 -32.43 31.33 -43.84
CA PHE AA 81 -33.87 31.05 -43.86
C PHE AA 81 -34.24 29.97 -42.86
N ALA AA 82 -33.51 28.85 -42.88
CA ALA AA 82 -33.76 27.74 -41.97
C ALA AA 82 -33.51 28.13 -40.53
N ALA AA 83 -32.53 29.00 -40.26
CA ALA AA 83 -32.26 29.45 -38.89
C ALA AA 83 -33.41 30.30 -38.36
N LEU AA 84 -33.94 31.21 -39.20
CA LEU AA 84 -35.03 32.07 -38.73
C LEU AA 84 -36.34 31.30 -38.58
N VAL AA 85 -36.68 30.46 -39.55
CA VAL AA 85 -37.91 29.65 -39.47
C VAL AA 85 -37.81 28.64 -38.33
N GLY AA 86 -36.66 27.99 -38.18
CA GLY AA 86 -36.46 27.04 -37.08
C GLY AA 86 -36.51 27.69 -35.71
N GLY AA 87 -35.91 28.88 -35.58
CA GLY AA 87 -35.97 29.61 -34.33
C GLY AA 87 -37.36 30.12 -34.02
N TYR AA 88 -38.09 30.60 -35.04
CA TYR AA 88 -39.47 31.04 -34.87
C TYR AA 88 -40.39 29.90 -34.42
N CYS AA 89 -40.33 28.77 -35.13
CA CYS AA 89 -41.12 27.60 -34.78
C CYS AA 89 -40.75 27.03 -33.43
N THR AA 90 -39.45 27.02 -33.10
CA THR AA 90 -39.01 26.62 -31.77
C THR AA 90 -39.58 27.54 -30.70
N GLY AA 91 -39.50 28.86 -30.92
CA GLY AA 91 -40.01 29.84 -29.99
C GLY AA 91 -41.50 29.75 -29.77
N GLN AA 92 -42.26 29.38 -30.81
CA GLN AA 92 -43.70 29.29 -30.68
C GLN AA 92 -44.17 28.09 -29.85
N VAL AA 93 -43.29 27.14 -29.52
CA VAL AA 93 -43.65 25.96 -28.75
C VAL AA 93 -42.74 25.70 -27.55
N ILE AA 94 -42.03 26.74 -27.05
CA ILE AA 94 -41.19 26.57 -25.85
C ILE AA 94 -42.00 26.18 -24.61
N PRO AA 95 -43.16 26.85 -24.27
CA PRO AA 95 -44.06 26.15 -23.36
C PRO AA 95 -44.73 25.01 -24.12
N LEU AA 96 -44.23 23.79 -23.95
CA LEU AA 96 -44.79 22.65 -24.65
C LEU AA 96 -46.03 22.20 -23.90
N THR AA 97 -47.07 21.84 -24.64
CA THR AA 97 -48.32 21.37 -24.05
C THR AA 97 -48.64 20.00 -24.65
N VAL AA 98 -49.65 19.33 -24.04
CA VAL AA 98 -50.08 18.00 -24.45
C VAL AA 98 -50.58 18.02 -25.90
N GLU AA 99 -51.26 19.09 -26.30
CA GLU AA 99 -51.58 19.22 -27.71
C GLU AA 99 -50.80 20.38 -28.32
N PRO AA 100 -49.74 20.10 -29.08
CA PRO AA 100 -49.00 21.16 -29.78
C PRO AA 100 -49.34 21.24 -31.26
N ASN AA 101 -48.97 22.33 -31.91
CA ASN AA 101 -49.11 22.40 -33.36
C ASN AA 101 -48.04 21.50 -33.99
N PRO AA 102 -48.41 20.48 -34.78
CA PRO AA 102 -47.41 19.55 -35.33
C PRO AA 102 -46.42 20.16 -36.33
N LEU AA 103 -46.88 21.12 -37.15
CA LEU AA 103 -46.03 21.79 -38.12
C LEU AA 103 -44.92 22.59 -37.45
N PHE AA 104 -45.24 23.28 -36.35
CA PHE AA 104 -44.23 24.00 -35.56
C PHE AA 104 -43.14 23.08 -35.03
N LEU AA 105 -43.55 21.89 -34.57
CA LEU AA 105 -42.59 20.86 -34.16
C LEU AA 105 -41.64 20.50 -35.29
N ALA AA 106 -42.17 20.15 -36.47
CA ALA AA 106 -41.34 19.79 -37.62
C ALA AA 106 -40.46 20.96 -38.10
N GLY AA 107 -41.01 22.17 -38.08
CA GLY AA 107 -40.24 23.35 -38.45
C GLY AA 107 -39.15 23.72 -37.46
N SER AA 108 -39.24 23.27 -36.21
CA SER AA 108 -38.21 23.57 -35.22
C SER AA 108 -36.92 22.79 -35.49
N PHE AA 109 -36.98 21.71 -36.28
CA PHE AA 109 -35.81 20.92 -36.63
C PHE AA 109 -34.89 21.64 -37.62
N LEU AA 110 -35.30 22.80 -38.12
CA LEU AA 110 -34.52 23.58 -39.06
C LEU AA 110 -33.36 24.31 -38.39
N LEU AA 111 -33.42 24.56 -37.07
CA LEU AA 111 -32.29 25.19 -36.38
C LEU AA 111 -31.01 24.33 -36.41
N PRO AA 112 -30.98 23.04 -35.99
CA PRO AA 112 -29.73 22.28 -36.18
C PRO AA 112 -29.35 22.05 -37.64
N TYR AA 113 -30.34 21.96 -38.53
CA TYR AA 113 -30.09 21.76 -39.95
C TYR AA 113 -29.39 22.97 -40.58
N SER AA 114 -29.66 24.16 -40.04
CA SER AA 114 -29.05 25.39 -40.52
C SER AA 114 -27.56 25.46 -40.21
N TRP AA 115 -27.11 24.84 -39.10
CA TRP AA 115 -25.68 24.77 -38.80
C TRP AA 115 -24.92 24.03 -39.91
N ALA AA 116 -25.45 22.87 -40.30
CA ALA AA 116 -24.86 22.09 -41.39
C ALA AA 116 -24.97 22.80 -42.73
N LEU AA 117 -26.01 23.61 -42.91
CA LEU AA 117 -26.14 24.41 -44.12
C LEU AA 117 -25.09 25.50 -44.21
N HIS AA 118 -24.74 26.17 -43.09
CA HIS AA 118 -23.78 27.27 -43.25
C HIS AA 118 -22.37 26.72 -43.36
N VAL AA 119 -22.14 25.52 -42.78
CA VAL AA 119 -20.87 24.82 -42.99
C VAL AA 119 -20.71 24.45 -44.48
N ALA AA 120 -21.80 23.96 -45.10
CA ALA AA 120 -21.80 23.70 -46.54
C ALA AA 120 -21.61 24.98 -47.37
N ALA AA 121 -22.11 26.12 -46.89
CA ALA AA 121 -21.91 27.40 -47.59
C ALA AA 121 -20.46 27.84 -47.54
N TRP AA 122 -19.80 27.64 -46.40
CA TRP AA 122 -18.38 27.97 -46.29
C TRP AA 122 -17.54 27.04 -47.17
N ILE AA 123 -17.94 25.77 -47.26
CA ILE AA 123 -17.22 24.80 -48.10
C ILE AA 123 -17.34 25.17 -49.57
N GLN AA 124 -18.55 25.55 -50.01
CA GLN AA 124 -18.74 25.87 -51.43
C GLN AA 124 -18.14 27.21 -51.82
N LYS AA 125 -18.19 28.20 -50.93
CA LYS AA 125 -17.60 29.51 -51.23
C LYS AA 125 -16.09 29.41 -51.36
N ASN AA 126 -15.47 28.55 -50.56
CA ASN AA 126 -14.05 28.29 -50.64
C ASN AA 126 -13.69 27.24 -51.68
N ASN AA 127 -14.68 26.66 -52.36
CA ASN AA 127 -14.45 25.87 -53.56
C ASN AA 127 -14.84 26.60 -54.83
N GLY AA 128 -15.19 27.88 -54.74
CA GLY AA 128 -15.53 28.65 -55.91
C GLY AA 128 -16.86 28.28 -56.52
N LYS AA 129 -17.81 27.87 -55.70
CA LYS AA 129 -19.13 27.55 -56.20
C LYS AA 129 -20.12 28.52 -55.61
N LEU BA 38 63.65 74.58 32.68
CA LEU BA 38 63.53 74.45 31.23
C LEU BA 38 63.24 72.99 30.91
N TRP BA 39 63.78 72.51 29.77
CA TRP BA 39 63.67 71.10 29.45
C TRP BA 39 64.40 70.25 30.47
N ASN BA 40 65.65 70.64 30.78
CA ASN BA 40 66.54 69.98 31.76
C ASN BA 40 66.80 68.52 31.42
N GLU BA 41 66.88 68.23 30.10
CA GLU BA 41 67.12 66.91 29.50
C GLU BA 41 68.25 66.15 30.19
N GLY BA 42 67.92 64.99 30.74
CA GLY BA 42 68.91 64.19 31.42
C GLY BA 42 68.76 64.30 32.93
N LYS BA 43 68.48 65.51 33.42
CA LYS BA 43 68.30 65.75 34.88
C LYS BA 43 66.85 65.40 35.25
N ILE BA 44 65.88 66.15 34.72
CA ILE BA 44 64.44 65.86 34.98
C ILE BA 44 63.74 65.84 33.62
N GLN BA 45 62.61 65.13 33.52
CA GLN BA 45 61.86 65.04 32.23
C GLN BA 45 62.81 64.50 31.15
N GLY BA 46 62.86 65.14 29.97
CA GLY BA 46 63.81 64.73 28.92
C GLY BA 46 63.71 63.25 28.59
N LYS BA 47 64.85 62.56 28.53
CA LYS BA 47 64.87 61.10 28.24
C LYS BA 47 65.76 60.39 29.26
N GLY BA 48 65.43 59.15 29.62
CA GLY BA 48 66.28 58.37 30.55
C GLY BA 48 66.02 58.71 32.01
N VAL BA 49 65.01 59.53 32.28
CA VAL BA 49 64.72 59.95 33.69
C VAL BA 49 63.56 59.11 34.22
N SER BA 50 63.76 58.41 35.33
CA SER BA 50 62.69 57.62 35.94
C SER BA 50 62.45 58.15 37.34
N VAL BA 51 61.24 58.66 37.58
CA VAL BA 51 60.94 59.23 38.90
C VAL BA 51 60.71 58.13 39.92
N ILE BA 52 60.34 56.93 39.49
CA ILE BA 52 60.23 55.80 40.39
C ILE BA 52 61.11 54.73 39.79
N PRO BA 53 62.40 54.65 40.17
CA PRO BA 53 63.30 53.57 39.72
C PRO BA 53 62.83 52.15 40.06
N LEU BA 54 61.89 52.01 41.01
CA LEU BA 54 61.14 50.78 41.26
C LEU BA 54 60.53 50.19 39.99
N PHE BA 55 60.19 51.03 39.01
CA PHE BA 55 59.75 50.63 37.70
C PHE BA 55 60.83 51.09 36.73
N PRO BA 56 61.50 50.19 35.99
CA PRO BA 56 62.46 50.66 34.96
C PRO BA 56 61.75 51.42 33.86
N ARG BA 57 62.43 52.41 33.31
CA ARG BA 57 61.85 53.21 32.26
C ARG BA 57 61.73 52.40 30.98
N PRO BA 58 60.54 52.26 30.42
CA PRO BA 58 60.36 51.43 29.22
C PRO BA 58 60.92 52.10 27.99
N ALA BA 59 61.24 51.25 27.01
CA ALA BA 59 61.77 51.75 25.74
C ALA BA 59 60.66 52.22 24.83
N SER BA 60 59.42 51.78 25.10
CA SER BA 60 58.26 52.21 24.32
C SER BA 60 58.07 53.70 24.45
N LEU BA 61 58.24 54.21 25.66
CA LEU BA 61 58.06 55.62 25.94
C LEU BA 61 59.12 56.45 25.25
N ASP BA 62 58.71 57.56 24.68
CA ASP BA 62 59.64 58.41 23.93
C ASP BA 62 60.02 59.64 24.74
N GLY BA 63 61.29 60.00 24.67
CA GLY BA 63 61.79 61.11 25.45
C GLY BA 63 61.58 62.50 24.85
N THR BA 64 60.54 62.70 24.05
CA THR BA 64 60.31 63.98 23.39
C THR BA 64 58.94 64.60 23.69
N PHE BA 65 58.23 64.07 24.69
CA PHE BA 65 56.94 64.70 25.07
C PHE BA 65 57.14 65.57 26.32
N PRO BA 66 56.53 66.78 26.39
CA PRO BA 66 56.75 67.70 27.52
C PRO BA 66 56.26 67.10 28.84
N GLY BA 67 57.01 67.33 29.92
CA GLY BA 67 56.65 66.73 31.23
C GLY BA 67 56.60 65.22 31.16
N ASP BA 68 57.51 64.61 30.39
CA ASP BA 68 57.57 63.13 30.27
C ASP BA 68 58.78 62.61 31.05
N GLN BA 69 58.54 61.78 32.07
CA GLN BA 69 59.66 61.25 32.90
C GLN BA 69 59.46 59.75 33.18
N GLY BA 70 59.58 58.91 32.16
CA GLY BA 70 59.36 57.46 32.35
C GLY BA 70 57.97 57.22 32.90
N PHE BA 71 57.85 56.55 34.05
CA PHE BA 71 56.54 56.36 34.73
C PHE BA 71 55.50 55.75 33.79
N ASP BA 72 55.83 54.63 33.14
CA ASP BA 72 54.79 53.93 32.32
C ASP BA 72 54.70 52.48 32.84
N PRO BA 73 54.24 52.15 34.07
CA PRO BA 73 54.28 50.76 34.56
C PRO BA 73 53.51 49.75 33.71
N PHE BA 74 52.23 50.02 33.42
CA PHE BA 74 51.42 49.04 32.70
C PHE BA 74 51.65 49.00 31.19
N GLY BA 75 52.59 49.79 30.67
CA GLY BA 75 52.95 49.71 29.26
C GLY BA 75 51.90 50.20 28.29
N PHE BA 76 51.23 51.30 28.61
CA PHE BA 76 50.19 51.81 27.72
C PHE BA 76 50.74 52.49 26.48
N SER BA 77 51.92 53.13 26.57
CA SER BA 77 52.53 53.83 25.43
C SER BA 77 52.90 52.91 24.27
N SER BA 78 52.95 51.59 24.50
CA SER BA 78 53.27 50.62 23.47
C SER BA 78 52.23 50.65 22.35
N TRP BA 79 50.96 50.79 22.71
CA TRP BA 79 49.87 50.63 21.76
C TRP BA 79 48.96 51.85 21.64
N VAL BA 80 48.89 52.74 22.64
CA VAL BA 80 48.04 53.92 22.50
C VAL BA 80 48.71 54.93 21.57
N ASN BA 81 47.88 55.78 20.96
CA ASN BA 81 48.38 56.95 20.25
C ASN BA 81 48.93 57.90 21.30
N MET BA 82 50.22 58.25 21.17
CA MET BA 82 50.89 59.08 22.16
C MET BA 82 50.39 60.52 22.13
N LYS BA 83 50.10 61.05 20.94
CA LYS BA 83 49.56 62.40 20.79
C LYS BA 83 48.16 62.52 21.41
N PHE BA 84 47.31 61.50 21.23
CA PHE BA 84 45.95 61.54 21.77
C PHE BA 84 45.95 61.54 23.30
N VAL BA 85 46.72 60.62 23.91
CA VAL BA 85 46.78 60.56 25.36
C VAL BA 85 47.50 61.77 25.93
N ALA BA 86 48.43 62.37 25.18
CA ALA BA 86 49.09 63.60 25.61
C ALA BA 86 48.11 64.77 25.65
N GLU BA 87 47.32 64.93 24.59
CA GLU BA 87 46.27 65.96 24.54
C GLU BA 87 45.24 65.74 25.64
N ALA BA 88 44.86 64.48 25.87
CA ALA BA 88 43.92 64.13 26.94
C ALA BA 88 44.49 64.47 28.31
N GLU BA 89 45.79 64.22 28.52
CA GLU BA 89 46.44 64.54 29.79
C GLU BA 89 46.46 66.04 30.05
N ILE BA 90 46.81 66.84 29.03
CA ILE BA 90 46.82 68.30 29.15
C ILE BA 90 45.42 68.85 29.42
N LYS BA 91 44.42 68.28 28.75
CA LYS BA 91 43.04 68.75 28.91
C LYS BA 91 42.47 68.40 30.29
N HIS BA 92 42.74 67.17 30.77
CA HIS BA 92 42.40 66.77 32.14
C HIS BA 92 43.11 67.65 33.16
N CYS BA 93 44.38 68.03 32.88
CA CYS BA 93 45.15 68.93 33.73
C CYS BA 93 44.47 70.29 33.86
N ARG BA 94 44.02 70.84 32.72
CA ARG BA 94 43.40 72.16 32.73
C ARG BA 94 42.04 72.17 33.44
N LEU BA 95 41.21 71.13 33.24
CA LEU BA 95 40.00 70.99 34.06
C LEU BA 95 40.32 70.87 35.54
N ALA BA 96 41.34 70.09 35.88
CA ALA BA 96 41.72 69.90 37.28
C ALA BA 96 42.17 71.19 37.94
N MET BA 97 42.98 71.98 37.22
CA MET BA 97 43.44 73.26 37.75
C MET BA 97 42.28 74.24 37.93
N LEU BA 98 41.45 74.39 36.89
CA LEU BA 98 40.31 75.30 36.97
C LEU BA 98 39.32 74.85 38.01
N ALA BA 99 39.13 73.53 38.12
CA ALA BA 99 38.25 72.98 39.12
C ALA BA 99 38.81 73.23 40.51
N PHE BA 100 40.15 73.15 40.69
CA PHE BA 100 40.75 73.43 41.99
C PHE BA 100 40.55 74.87 42.39
N ALA BA 101 40.77 75.79 41.45
CA ALA BA 101 40.54 77.22 41.66
C ALA BA 101 39.09 77.49 42.06
N GLY BA 102 38.16 76.84 41.36
CA GLY BA 102 36.74 76.98 41.70
C GLY BA 102 36.37 76.39 43.04
N ILE BA 103 36.89 75.20 43.38
CA ILE BA 103 36.62 74.55 44.68
C ILE BA 103 37.13 75.41 45.83
N MET BA 104 38.35 75.97 45.69
CA MET BA 104 38.92 76.82 46.73
C MET BA 104 38.11 78.10 46.93
N VAL BA 105 37.76 78.77 45.83
CA VAL BA 105 36.97 80.00 45.92
C VAL BA 105 35.60 79.74 46.54
N GLU BA 106 34.93 78.66 46.10
CA GLU BA 106 33.59 78.38 46.59
C GLU BA 106 33.61 77.72 47.97
N SER BA 107 34.78 77.29 48.44
CA SER BA 107 34.97 76.80 49.80
C SER BA 107 35.52 77.86 50.74
N ALA BA 108 36.09 78.94 50.22
CA ALA BA 108 36.44 80.09 51.03
C ALA BA 108 35.26 81.03 51.26
N GLY BA 109 34.11 80.76 50.68
CA GLY BA 109 32.96 81.64 50.73
C GLY BA 109 32.96 82.77 49.74
N ILE BA 110 34.04 82.93 48.96
CA ILE BA 110 34.17 84.02 48.00
C ILE BA 110 33.19 83.79 46.84
N SER BA 111 32.53 84.86 46.38
CA SER BA 111 31.53 84.75 45.34
C SER BA 111 31.45 86.03 44.52
N PHE BA 112 30.74 85.92 43.39
CA PHE BA 112 30.33 87.05 42.56
C PHE BA 112 29.03 87.65 43.11
N PRO BA 113 28.78 88.95 42.86
CA PRO BA 113 27.60 89.61 43.44
C PRO BA 113 26.24 89.04 43.00
N GLY BA 114 25.47 88.65 44.00
CA GLY BA 114 24.16 88.11 43.79
C GLY BA 114 24.13 86.63 43.52
N ALA BA 115 25.30 85.99 43.40
CA ALA BA 115 25.37 84.55 43.19
C ALA BA 115 24.81 83.80 44.38
N THR BA 116 25.21 84.20 45.60
CA THR BA 116 24.71 83.58 46.83
C THR BA 116 23.25 83.89 47.08
N SER BA 117 22.71 84.95 46.49
CA SER BA 117 21.29 85.27 46.65
C SER BA 117 20.41 84.23 45.95
N VAL BA 118 20.69 83.96 44.68
CA VAL BA 118 19.93 82.96 43.93
C VAL BA 118 20.43 81.53 44.22
N LEU BA 119 21.74 81.27 44.22
CA LEU BA 119 22.25 79.96 44.60
C LEU BA 119 22.24 79.87 46.13
N GLY BA 120 22.78 78.80 46.67
CA GLY BA 120 22.84 78.70 48.10
C GLY BA 120 23.91 79.56 48.73
N SER BA 121 23.76 79.71 50.04
CA SER BA 121 24.77 80.36 50.87
C SER BA 121 25.76 79.35 51.45
N SER BA 122 25.58 78.06 51.20
CA SER BA 122 26.48 77.04 51.73
C SER BA 122 27.80 77.05 50.99
N LYS BA 123 28.81 76.41 51.59
CA LYS BA 123 30.11 76.24 50.95
C LYS BA 123 30.41 74.80 50.57
N ASN BA 124 29.46 73.89 50.70
CA ASN BA 124 29.64 72.52 50.22
C ASN BA 124 29.55 72.52 48.71
N ILE BA 125 30.63 72.09 48.04
CA ILE BA 125 30.76 72.13 46.58
C ILE BA 125 29.67 71.30 45.88
N PHE BA 126 29.30 70.14 46.46
CA PHE BA 126 28.29 69.22 45.92
C PHE BA 126 26.92 69.88 45.86
N GLU BA 127 26.54 70.55 46.96
CA GLU BA 127 25.26 71.22 47.06
C GLU BA 127 25.18 72.43 46.13
N ILE BA 128 26.28 73.17 45.99
CA ILE BA 128 26.36 74.28 45.04
C ILE BA 128 26.18 73.77 43.61
N HIS BA 129 26.79 72.61 43.29
CA HIS BA 129 26.62 72.03 41.95
C HIS BA 129 25.18 71.68 41.71
N ASP BA 130 24.53 71.11 42.73
CA ASP BA 130 23.14 70.67 42.59
C ASP BA 130 22.19 71.87 42.46
N LYS BA 131 22.46 72.97 43.17
CA LYS BA 131 21.55 74.09 43.06
C LYS BA 131 21.86 74.97 41.85
N ALA BA 132 23.13 74.98 41.39
CA ALA BA 132 23.47 75.65 40.15
C ALA BA 132 22.98 74.86 38.94
N VAL BA 133 22.85 73.54 39.06
CA VAL BA 133 22.11 72.75 38.08
C VAL BA 133 20.64 73.15 38.08
N ALA BA 134 20.04 73.28 39.27
CA ALA BA 134 18.64 73.69 39.39
C ALA BA 134 18.38 75.11 38.90
N SER BA 135 19.40 75.97 38.88
CA SER BA 135 19.26 77.33 38.39
C SER BA 135 19.46 77.47 36.90
N GLY BA 136 20.05 76.47 36.24
CA GLY BA 136 20.35 76.62 34.84
C GLY BA 136 21.73 77.15 34.52
N ALA BA 137 22.47 77.63 35.53
CA ALA BA 137 23.83 78.14 35.31
C ALA BA 137 24.76 77.03 34.82
N MET BA 138 24.69 75.86 35.47
CA MET BA 138 25.47 74.69 35.05
C MET BA 138 25.09 74.20 33.67
N GLY BA 139 23.81 74.32 33.31
CA GLY BA 139 23.39 74.00 31.95
C GLY BA 139 23.98 74.94 30.92
N GLN BA 140 24.11 76.23 31.27
CA GLN BA 140 24.72 77.20 30.37
C GLN BA 140 26.21 76.94 30.17
N ILE BA 141 26.92 76.59 31.25
CA ILE BA 141 28.33 76.24 31.12
C ILE BA 141 28.48 74.96 30.28
N LEU BA 142 27.57 74.00 30.50
CA LEU BA 142 27.56 72.75 29.73
C LEU BA 142 27.36 72.99 28.25
N LEU BA 143 26.40 73.87 27.92
CA LEU BA 143 26.10 74.30 26.56
C LEU BA 143 27.32 74.88 25.87
N TRP BA 144 27.95 75.91 26.48
CA TRP BA 144 29.04 76.59 25.78
C TRP BA 144 30.32 75.75 25.71
N VAL BA 145 30.63 74.95 26.76
CA VAL BA 145 31.76 74.02 26.72
C VAL BA 145 31.56 72.96 25.64
N SER BA 146 30.32 72.45 25.55
CA SER BA 146 29.97 71.46 24.53
C SER BA 146 30.06 72.05 23.14
N PHE BA 147 29.63 73.31 22.97
CA PHE BA 147 29.72 73.98 21.68
C PHE BA 147 31.17 74.13 21.26
N PHE BA 148 32.05 74.52 22.21
CA PHE BA 148 33.48 74.67 21.93
C PHE BA 148 34.11 73.34 21.54
N GLU BA 149 33.74 72.26 22.21
CA GLU BA 149 34.24 70.95 21.78
C GLU BA 149 33.70 70.54 20.41
N VAL BA 150 32.40 70.75 20.16
CA VAL BA 150 31.74 70.31 18.93
C VAL BA 150 32.33 71.01 17.70
N VAL BA 151 32.57 72.32 17.79
CA VAL BA 151 33.06 73.02 16.63
C VAL BA 151 34.57 73.22 16.65
N ALA BA 152 35.22 73.12 17.80
CA ALA BA 152 36.66 73.36 17.80
C ALA BA 152 37.46 72.21 18.40
N GLY BA 153 36.98 71.57 19.47
CA GLY BA 153 37.73 70.51 20.12
C GLY BA 153 37.90 69.27 19.25
N VAL BA 154 36.82 68.83 18.62
CA VAL BA 154 36.83 67.64 17.75
C VAL BA 154 37.60 67.92 16.46
N PRO BA 155 37.46 69.10 15.74
CA PRO BA 155 38.37 69.33 14.60
C PRO BA 155 39.85 69.41 14.97
N ALA BA 156 40.20 70.05 16.10
CA ALA BA 156 41.59 70.10 16.55
C ALA BA 156 42.13 68.70 16.83
N MET BA 157 41.31 67.85 17.46
CA MET BA 157 41.67 66.45 17.70
C MET BA 157 41.86 65.68 16.40
N ASN BA 158 40.89 65.78 15.48
CA ASN BA 158 40.91 65.04 14.22
C ASN BA 158 42.11 65.42 13.35
N GLU BA 159 42.44 66.71 13.30
CA GLU BA 159 43.57 67.16 12.50
C GLU BA 159 44.89 66.79 13.16
N MET BA 160 45.00 66.98 14.48
CA MET BA 160 46.21 66.62 15.22
C MET BA 160 46.51 65.12 15.20
N LEU BA 161 45.48 64.28 15.13
CA LEU BA 161 45.71 62.84 15.08
C LEU BA 161 45.87 62.29 13.67
N ASN BA 162 45.18 62.87 12.69
CA ASN BA 162 45.33 62.44 11.31
C ASN BA 162 46.74 62.71 10.79
N GLY BA 163 47.26 63.90 11.06
CA GLY BA 163 48.53 64.34 10.53
C GLY BA 163 48.40 65.33 9.40
N GLU BA 164 47.51 66.32 9.56
CA GLU BA 164 47.32 67.35 8.56
C GLU BA 164 47.67 68.76 9.01
N SER BA 165 47.95 68.99 10.29
CA SER BA 165 48.09 70.37 10.77
C SER BA 165 49.34 70.64 11.58
N SER BA 166 50.02 69.60 12.10
CA SER BA 166 51.21 69.69 12.94
C SER BA 166 50.99 70.58 14.16
N ARG BA 167 49.83 70.42 14.76
CA ARG BA 167 49.53 71.11 15.99
C ARG BA 167 50.02 70.22 17.12
N ILE BA 168 50.84 70.76 18.01
CA ILE BA 168 51.32 70.03 19.18
C ILE BA 168 50.11 69.80 20.09
N PRO BA 169 50.05 68.72 20.89
CA PRO BA 169 48.85 68.45 21.72
C PRO BA 169 48.53 69.59 22.68
N GLY BA 170 47.24 69.89 22.80
CA GLY BA 170 46.75 70.88 23.72
C GLY BA 170 46.94 72.32 23.30
N TYR BA 171 47.42 72.59 22.08
CA TYR BA 171 47.70 73.95 21.64
C TYR BA 171 46.49 74.55 20.96
N TYR BA 172 46.05 75.72 21.41
CA TYR BA 172 44.93 76.42 20.81
C TYR BA 172 45.25 77.87 20.51
N ALA BA 173 46.54 78.22 20.44
CA ALA BA 173 47.06 79.58 20.21
C ALA BA 173 46.52 80.59 21.21
N PHE BA 174 46.29 80.14 22.44
CA PHE BA 174 45.72 80.97 23.48
C PHE BA 174 46.86 81.42 24.38
N ASP BA 175 47.54 82.45 23.91
CA ASP BA 175 48.57 83.14 24.69
C ASP BA 175 48.38 84.66 24.65
N PRO BA 176 47.26 85.20 25.20
CA PRO BA 176 47.05 86.66 25.10
C PRO BA 176 48.06 87.52 25.85
N LEU BA 177 48.39 87.16 27.08
CA LEU BA 177 49.23 88.00 27.93
C LEU BA 177 50.71 87.66 27.82
N GLY BA 178 51.21 87.55 26.57
CA GLY BA 178 52.61 87.28 26.27
C GLY BA 178 53.03 85.96 26.87
N GLN BA 179 54.21 85.93 27.49
CA GLN BA 179 54.74 84.70 28.15
C GLN BA 179 54.93 83.58 27.12
N GLY BA 180 55.44 83.91 25.93
CA GLY BA 180 55.74 82.90 24.90
C GLY BA 180 57.24 82.62 24.82
N LYS BA 181 57.77 82.38 23.62
CA LYS BA 181 59.24 82.21 23.41
C LYS BA 181 59.75 80.87 23.94
N GLY BA 182 61.05 80.77 24.20
CA GLY BA 182 61.66 79.50 24.66
C GLY BA 182 61.12 79.03 25.99
N ASP BA 183 60.87 79.96 26.93
CA ASP BA 183 60.42 79.56 28.28
C ASP BA 183 59.07 78.82 28.16
N LYS BA 184 58.19 79.28 27.27
CA LYS BA 184 56.85 78.66 27.11
C LYS BA 184 57.00 77.21 26.64
N MET BA 185 57.92 76.94 25.71
CA MET BA 185 58.03 75.56 25.15
C MET BA 185 59.07 74.75 25.92
N GLY BA 186 59.72 75.34 26.93
CA GLY BA 186 60.74 74.62 27.66
C GLY BA 186 60.37 74.36 29.10
N ARG BA 187 60.15 75.44 29.85
CA ARG BA 187 59.84 75.32 31.27
C ARG BA 187 58.34 75.41 31.54
N MET BA 188 57.65 76.34 30.85
CA MET BA 188 56.22 76.55 31.05
C MET BA 188 55.42 75.32 30.64
N GLN BA 189 55.85 74.65 29.56
CA GLN BA 189 55.21 73.41 29.13
C GLN BA 189 55.30 72.34 30.21
N LEU BA 190 56.50 72.23 30.81
CA LEU BA 190 56.74 71.29 31.90
C LEU BA 190 55.90 71.68 33.12
N SER BA 191 55.80 72.99 33.39
CA SER BA 191 55.05 73.54 34.52
C SER BA 191 53.58 73.21 34.40
N GLU BA 192 53.04 73.33 33.17
CA GLU BA 192 51.62 73.07 32.93
C GLU BA 192 51.30 71.63 33.21
N ILE BA 193 52.15 70.72 32.69
CA ILE BA 193 51.91 69.29 32.85
C ILE BA 193 52.04 68.86 34.33
N GLN BA 194 53.01 69.41 35.08
CA GLN BA 194 53.19 68.93 36.44
C GLN BA 194 52.15 69.52 37.40
N ASN BA 195 52.04 70.85 37.42
CA ASN BA 195 50.96 71.55 38.15
C ASN BA 195 49.58 70.96 37.87
N GLY BA 196 49.34 70.49 36.64
CA GLY BA 196 48.07 69.87 36.35
C GLY BA 196 47.91 68.48 36.93
N ARG BA 197 48.99 67.68 36.87
CA ARG BA 197 48.95 66.36 37.49
C ARG BA 197 48.73 66.45 38.99
N LEU BA 198 49.42 67.40 39.62
CA LEU BA 198 49.21 67.70 41.04
C LEU BA 198 47.80 68.20 41.31
N ALA BA 199 47.24 69.01 40.39
CA ALA BA 199 45.87 69.50 40.51
C ALA BA 199 44.85 68.36 40.41
N MET BA 200 45.11 67.37 39.53
CA MET BA 200 44.26 66.18 39.43
C MET BA 200 44.23 65.41 40.73
N LEU BA 201 45.42 65.12 41.29
CA LEU BA 201 45.54 64.38 42.54
C LEU BA 201 44.87 65.13 43.68
N ALA BA 202 45.10 66.45 43.72
CA ALA BA 202 44.56 67.28 44.79
C ALA BA 202 43.05 67.42 44.72
N VAL BA 203 42.47 67.52 43.52
CA VAL BA 203 41.03 67.69 43.40
C VAL BA 203 40.31 66.40 43.74
N SER BA 204 40.83 65.26 43.24
CA SER BA 204 40.34 63.94 43.64
C SER BA 204 40.42 63.76 45.16
N GLY BA 205 41.54 64.22 45.74
CA GLY BA 205 41.70 64.20 47.18
C GLY BA 205 40.64 65.02 47.90
N ILE BA 206 40.42 66.28 47.45
CA ILE BA 206 39.48 67.20 48.10
C ILE BA 206 38.05 66.67 48.03
N VAL BA 207 37.61 66.20 46.85
CA VAL BA 207 36.23 65.75 46.68
C VAL BA 207 35.97 64.50 47.54
N HIS BA 208 36.95 63.59 47.58
CA HIS BA 208 36.78 62.38 48.43
C HIS BA 208 36.78 62.77 49.92
N HIS BA 209 37.72 63.63 50.34
CA HIS BA 209 37.79 64.03 51.78
C HIS BA 209 36.49 64.73 52.17
N THR BA 210 36.01 65.64 51.32
CA THR BA 210 34.79 66.42 51.68
C THR BA 210 33.62 65.45 51.83
N LEU BA 211 33.51 64.46 50.94
CA LEU BA 211 32.35 63.55 51.01
C LEU BA 211 32.38 62.73 52.30
N ILE BA 212 33.53 62.15 52.65
CA ILE BA 212 33.58 61.27 53.86
C ILE BA 212 33.41 62.09 55.13
N THR BA 213 34.12 63.23 55.24
CA THR BA 213 34.01 64.12 56.43
C THR BA 213 32.65 64.81 56.47
N GLY BA 214 32.11 65.19 55.31
CA GLY BA 214 30.87 65.99 55.29
C GLY BA 214 31.22 67.46 55.42
N LYS BA 215 32.53 67.77 55.41
CA LYS BA 215 32.99 69.19 55.55
C LYS BA 215 34.05 69.48 54.48
N GLY BA 216 34.07 70.71 53.95
CA GLY BA 216 35.01 71.10 52.92
C GLY BA 216 36.32 71.61 53.46
N PRO BA 217 37.18 72.04 52.53
CA PRO BA 217 38.47 72.60 52.93
C PRO BA 217 38.29 74.06 53.32
N LEU BA 218 39.39 74.65 53.81
CA LEU BA 218 39.47 76.06 54.27
C LEU BA 218 38.35 76.54 55.20
MG CLA CA . -8.17 -6.32 10.56
CHA CLA CA . -5.60 -8.11 12.10
CHB CLA CA . -6.59 -6.81 7.56
CHC CLA CA . -11.14 -5.75 8.93
CHD CLA CA . -9.98 -6.56 13.60
NA CLA CA . -6.35 -7.18 9.99
C1A CLA CA . -5.44 -7.92 10.76
C2A CLA CA . -4.21 -8.31 9.92
C3A CLA CA . -4.38 -7.38 8.69
C4A CLA CA . -5.88 -7.10 8.71
CMA CLA CA . -3.59 -6.10 8.85
CAA CLA CA . -4.14 -9.77 9.49
CBA CLA CA . -2.82 -9.96 8.77
CGA CLA CA . -2.58 -11.38 8.36
O1A CLA CA . -1.59 -11.85 7.79
O2A CLA CA . -3.61 -12.22 8.68
NB CLA CA . -8.75 -6.33 8.63
C1B CLA CA . -7.96 -6.52 7.54
C2B CLA CA . -8.76 -6.36 6.30
C3B CLA CA . -10.05 -6.07 6.69
C4B CLA CA . -10.05 -6.01 8.17
CMB CLA CA . -8.21 -6.52 4.95
CAB CLA CA . -11.24 -5.79 5.94
CBB CLA CA . -11.36 -4.90 4.94
NC CLA CA . -10.15 -6.03 11.18
C1C CLA CA . -11.18 -5.72 10.35
C2C CLA CA . -12.40 -5.50 11.10
C3C CLA CA . -12.10 -5.84 12.41
C4C CLA CA . -10.68 -6.17 12.46
CMC CLA CA . -13.68 -5.09 10.53
CAC CLA CA . -12.99 -5.78 13.58
CBC CLA CA . -13.04 -4.38 14.16
ND CLA CA . -7.80 -6.85 12.49
C1D CLA CA . -8.65 -6.91 13.63
C2D CLA CA . -7.87 -7.39 14.77
C3D CLA CA . -6.68 -7.85 14.26
C4D CLA CA . -6.73 -7.57 12.80
CMD CLA CA . -8.37 -7.41 16.15
CAD CLA CA . -5.36 -8.39 14.53
OBD CLA CA . -4.77 -8.50 15.59
CBD CLA CA . -4.79 -8.86 13.15
CGD CLA CA . -3.31 -8.66 13.02
O1D CLA CA . -2.69 -7.68 12.61
O2D CLA CA . -2.60 -9.76 13.38
CED CLA CA . -3.13 -11.04 13.03
C1 CLA CA . -3.26 -13.37 9.49
C2 CLA CA . -4.55 -13.99 9.86
C3 CLA CA . -4.65 -14.78 10.94
C4 CLA CA . -3.50 -15.08 11.83
C5 CLA CA . -5.96 -15.40 11.31
C6 CLA CA . -6.48 -14.83 12.62
C7 CLA CA . -7.97 -15.11 12.78
C8 CLA CA . -8.29 -16.59 12.70
C9 CLA CA . -9.79 -16.80 12.64
C10 CLA CA . -7.70 -17.34 13.89
C11 CLA CA . -7.99 -18.83 13.83
C12 CLA CA . -7.01 -19.60 14.68
C13 CLA CA . -7.34 -21.09 14.71
C14 CLA CA . -6.59 -21.80 15.82
C15 CLA CA . -7.04 -21.77 13.36
C16 CLA CA . -5.67 -21.42 12.81
C17 CLA CA . -5.56 -21.84 11.36
C18 CLA CA . -4.16 -21.66 10.78
C19 CLA CA . -3.29 -22.87 11.01
C20 CLA CA . -3.50 -20.41 11.34
MG CLA DA . -0.37 0.90 -4.85
CHA CLA DA . -0.05 3.10 -7.56
CHB CLA DA . -0.60 3.59 -2.82
CHC CLA DA . -1.86 -1.07 -2.45
CHD CLA DA . -0.75 -1.68 -7.18
NA CLA DA . -0.28 2.96 -5.15
C1A CLA DA . -0.16 3.69 -6.33
C2A CLA DA . -0.14 5.17 -6.05
C3A CLA DA . 0.24 5.19 -4.54
C4A CLA DA . -0.29 3.83 -4.12
CMA CLA DA . 1.71 5.29 -4.32
CAA CLA DA . -1.57 5.60 -6.33
CBA CLA DA . -2.11 6.64 -5.39
CGA CLA DA . -1.34 7.88 -5.64
O1A CLA DA . -0.89 8.16 -6.74
O2A CLA DA . -1.02 8.70 -4.57
NB CLA DA . -1.13 1.20 -3.01
C1B CLA DA . -1.07 2.37 -2.36
C2B CLA DA . -1.59 2.22 -0.99
C3B CLA DA . -1.98 0.92 -0.84
C4B CLA DA . -1.65 0.24 -2.13
CMB CLA DA . -1.59 3.41 -0.15
CAB CLA DA . -2.51 0.20 0.29
CBB CLA DA . -3.08 0.71 1.37
NC CLA DA . -1.07 -1.06 -4.79
C1C CLA DA . -1.57 -1.69 -3.70
C2C CLA DA . -1.85 -3.08 -4.02
C3C CLA DA . -1.63 -3.21 -5.38
C4C CLA DA . -1.14 -1.94 -5.86
CMC CLA DA . -2.31 -4.07 -3.07
CAC CLA DA . -1.76 -4.45 -6.18
CBC CLA DA . -0.46 -5.14 -6.50
ND CLA DA . -0.27 0.67 -6.85
C1D CLA DA . -0.34 -0.48 -7.66
C2D CLA DA . 0.05 -0.14 -9.04
C3D CLA DA . 0.13 1.24 -9.06
C4D CLA DA . -0.10 1.69 -7.68
CMD CLA DA . 0.20 -1.11 -10.10
CAD CLA DA . 0.48 2.40 -9.85
OBD CLA DA . 0.93 2.46 -10.97
CBD CLA DA . 0.21 3.64 -8.95
CGD CLA DA . 1.32 4.64 -9.01
O1D CLA DA . 2.49 4.49 -8.67
O2D CLA DA . 0.94 5.87 -9.47
CED CLA DA . 1.95 6.84 -9.76
C1 CLA DA . -1.17 8.24 -3.21
C2 CLA DA . 0.13 8.34 -2.48
C3 CLA DA . 0.32 7.73 -1.31
C4 CLA DA . -0.77 6.95 -0.67
C5 CLA DA . 1.62 7.85 -0.58
C6 CLA DA . 1.39 8.02 0.90
C7 CLA DA . 2.18 9.16 1.51
C8 CLA DA . 3.24 8.67 2.49
C9 CLA DA . 2.70 7.60 3.44
C10 CLA DA . 4.02 9.82 3.14
C11 CLA DA . 4.48 9.52 4.55
C12 CLA DA . 5.93 9.78 4.73
C13 CLA DA . 6.31 9.27 6.10
C14 CLA DA . 6.79 10.40 6.97
C15 CLA DA . 7.36 8.18 5.95
C16 CLA DA . 7.67 7.54 7.29
C17 CLA DA . 8.91 6.70 7.18
C18 CLA DA . 9.42 6.30 8.56
C19 CLA DA . 10.55 5.31 8.41
C20 CLA DA . 9.91 7.54 9.27
MG CLA EA . 26.72 0.73 11.11
CHA CLA EA . 29.66 1.73 9.56
CHB CLA EA . 28.51 -0.14 13.88
CHC CLA EA . 23.79 0.49 12.89
CHD CLA EA . 24.93 2.12 8.39
NA CLA EA . 28.75 0.78 11.61
C1A CLA EA . 29.83 1.20 10.81
C2A CLA EA . 31.15 1.02 11.56
C3A CLA EA . 30.73 0.11 12.73
C4A CLA EA . 29.22 0.26 12.78
CMA CLA EA . 31.00 -1.32 12.39
CAA CLA EA . 31.74 2.37 11.96
CBA CLA EA . 31.51 2.87 13.35
CGA CLA EA . 32.13 4.23 13.32
O1A CLA EA . 33.20 4.58 12.85
O2A CLA EA . 31.35 5.20 13.86
NB CLA EA . 26.25 0.24 13.01
C1B CLA EA . 27.11 -0.07 13.99
C2B CLA EA . 26.39 -0.36 15.25
C3B CLA EA . 25.05 -0.18 14.99
C4B CLA EA . 24.94 0.20 13.56
CMB CLA EA . 27.12 -0.69 16.47
CAB CLA EA . 23.86 -0.33 15.78
CBB CLA EA . 23.63 -1.27 16.70
NC CLA EA . 24.73 1.19 10.69
C1C CLA EA . 23.68 0.94 11.54
C2C CLA EA . 22.43 1.26 10.87
C3C CLA EA . 22.77 1.77 9.63
C4C CLA EA . 24.21 1.69 9.51
CMC CLA EA . 21.10 1.13 11.44
CAC CLA EA . 21.85 2.16 8.54
CBC CLA EA . 21.54 1.03 7.59
ND CLA EA . 27.12 1.77 9.41
C1D CLA EA . 26.29 2.21 8.34
C2D CLA EA . 27.14 2.67 7.23
C3D CLA EA . 28.43 2.53 7.66
C4D CLA EA . 28.37 1.97 9.02
CMD CLA EA . 26.68 3.14 5.92
CAD CLA EA . 29.82 2.63 7.27
OBD CLA EA . 30.31 2.95 6.20
CBD CLA EA . 30.64 2.19 8.50
CGD CLA EA . 31.69 1.15 8.18
O1D CLA EA . 32.90 1.34 8.19
O2D CLA EA . 31.24 -0.10 7.89
CED CLA EA . 32.19 -1.16 7.76
C1 CLA EA . 31.00 5.06 15.24
C2 CLA EA . 31.59 6.28 15.81
C3 CLA EA . 31.01 7.09 16.72
C4 CLA EA . 31.70 8.29 17.20
C5 CLA EA . 29.67 6.80 17.29
C6 CLA EA . 28.67 7.89 16.94
C7 CLA EA . 28.40 7.98 15.45
C8 CLA EA . 27.24 8.89 15.06
C9 CLA EA . 27.76 10.29 14.89
C10 CLA EA . 26.08 8.86 16.06
MG CLA FA . 27.28 -9.58 16.18
CHA CLA FA . 26.21 -11.65 18.76
CHB CLA FA . 25.51 -7.00 17.50
CHC CLA FA . 27.81 -7.75 13.31
CHD CLA FA . 28.49 -12.46 14.53
NA CLA FA . 26.08 -9.38 17.87
C1A CLA FA . 25.77 -10.34 18.84
C2A CLA FA . 24.93 -9.72 19.94
C3A CLA FA . 24.71 -8.28 19.45
C4A CLA FA . 25.51 -8.19 18.19
CMA CLA FA . 23.26 -8.02 19.25
CAA CLA FA . 25.79 -9.67 21.20
CBA CLA FA . 26.18 -8.36 21.80
CGA CLA FA . 25.07 -7.90 22.69
O1A CLA FA . 25.00 -6.77 23.15
O2A CLA FA . 24.09 -8.85 22.92
NB CLA FA . 26.79 -7.72 15.55
C1B CLA FA . 26.15 -6.79 16.27
C2B CLA FA . 26.17 -5.47 15.58
C3B CLA FA . 26.83 -5.67 14.38
C4B CLA FA . 27.22 -7.12 14.36
CMB CLA FA . 25.49 -4.32 16.16
CAB CLA FA . 27.14 -4.84 13.25
CBB CLA FA . 27.31 -3.52 13.19
NC CLA FA . 28.01 -10.03 14.29
C1C CLA FA . 28.14 -9.13 13.27
C2C CLA FA . 28.70 -9.81 12.14
C3C CLA FA . 28.87 -11.14 12.46
C4C CLA FA . 28.45 -11.27 13.82
CMC CLA FA . 28.96 -9.21 10.85
CAC CLA FA . 29.35 -12.20 11.57
CBC CLA FA . 28.25 -13.04 10.98
ND CLA FA . 27.30 -11.58 16.46
C1D CLA FA . 27.96 -12.62 15.77
C2D CLA FA . 27.97 -13.85 16.57
C3D CLA FA . 27.28 -13.54 17.71
C4D CLA FA . 26.88 -12.13 17.59
CMD CLA FA . 28.57 -15.11 16.23
CAD CLA FA . 26.80 -14.06 18.97
OBD CLA FA . 26.90 -15.17 19.45
CBD CLA FA . 26.10 -12.88 19.66
CGD CLA FA . 24.65 -13.14 19.95
O1D CLA FA . 23.97 -12.66 20.85
O2D CLA FA . 24.07 -13.98 19.06
CED CLA FA . 22.67 -14.25 19.17
C1 CLA FA . 22.75 -8.50 23.31
C2 CLA FA . 22.83 -8.33 24.78
C3 CLA FA . 22.95 -9.29 25.71
C4 CLA FA . 22.93 -10.74 25.39
C5 CLA FA . 23.05 -8.91 27.14
C6 CLA FA . 22.90 -7.43 27.41
C7 CLA FA . 22.95 -7.13 28.89
C8 CLA FA . 22.86 -5.64 29.08
C9 CLA FA . 24.17 -4.96 28.75
C10 CLA FA . 22.45 -5.33 30.52
C11 CLA FA . 23.48 -5.70 31.55
C12 CLA FA . 23.04 -5.09 32.85
C13 CLA FA . 23.89 -5.56 34.03
C14 CLA FA . 23.18 -5.20 35.31
C15 CLA FA . 25.30 -5.01 33.93
C16 CLA FA . 26.10 -5.11 35.21
C17 CLA FA . 27.48 -4.56 35.01
C18 CLA FA . 28.36 -4.79 36.22
C19 CLA FA . 29.59 -3.92 36.17
C20 CLA FA . 28.75 -6.23 36.32
MG CLA GA . 20.02 -5.00 18.80
CHA CLA GA . 20.73 -3.68 15.68
CHB CLA GA . 20.12 -8.13 17.47
CHC CLA GA . 18.86 -6.29 21.75
CHD CLA GA . 19.10 -1.76 19.90
NA CLA GA . 20.44 -5.75 16.90
C1A CLA GA . 20.77 -5.05 15.74
C2A CLA GA . 21.03 -6.00 14.60
C3A CLA GA . 20.69 -7.38 15.16
C4A CLA GA . 20.44 -7.08 16.63
CMA CLA GA . 19.46 -7.94 14.51
CAA CLA GA . 22.53 -6.12 14.39
CBA CLA GA . 23.08 -5.36 13.22
CGA CLA GA . 23.04 -6.11 11.93
O1A CLA GA . 23.94 -6.19 11.11
O2A CLA GA . 21.86 -6.76 11.70
NB CLA GA . 19.57 -6.84 19.48
C1B CLA GA . 19.80 -7.99 18.81
C2B CLA GA . 19.66 -9.14 19.73
C3B CLA GA . 19.30 -8.63 20.95
C4B CLA GA . 19.24 -7.17 20.79
CMB CLA GA . 19.83 -10.49 19.20
CAB CLA GA . 18.98 -9.23 22.21
CBB CLA GA . 19.63 -10.21 22.83
NC CLA GA . 19.16 -4.16 20.52
C1C CLA GA . 18.82 -4.89 21.62
C2C CLA GA . 18.32 -4.01 22.65
C3C CLA GA . 18.34 -2.73 22.12
C4C CLA GA . 18.90 -2.83 20.78
CMC CLA GA . 17.84 -4.45 23.96
CAC CLA GA . 17.92 -1.49 22.77
CBC CLA GA . 16.47 -1.22 22.48
ND CLA GA . 19.92 -3.14 18.05
C1D CLA GA . 19.57 -1.89 18.62
C2D CLA GA . 19.77 -0.83 17.62
C3D CLA GA . 20.23 -1.46 16.50
C4D CLA GA . 20.29 -2.90 16.80
CMD CLA GA . 19.53 0.58 17.81
CAD CLA GA . 20.62 -1.28 15.12
OBD CLA GA . 20.66 -0.26 14.45
CBD CLA GA . 20.97 -2.68 14.55
CGD CLA GA . 20.25 -2.90 13.25
O1D CLA GA . 20.71 -2.68 12.13
O2D CLA GA . 18.98 -3.39 13.34
CED CLA GA . 18.09 -3.09 12.27
C1 CLA GA . 21.28 -6.65 10.39
C2 CLA GA . 19.82 -6.40 10.46
C3 CLA GA . 18.90 -7.30 10.04
C4 CLA GA . 19.23 -8.61 9.46
C5 CLA GA . 17.48 -6.93 10.15
C6 CLA GA . 16.74 -7.74 11.18
C7 CLA GA . 15.76 -6.79 11.82
C8 CLA GA . 14.68 -7.40 12.68
C9 CLA GA . 13.78 -6.25 13.06
C10 CLA GA . 15.27 -8.13 13.89
C11 CLA GA . 14.27 -8.33 15.02
C12 CLA GA . 14.79 -9.08 16.23
C13 CLA GA . 15.81 -8.30 17.04
C14 CLA GA . 16.13 -9.05 18.32
C15 CLA GA . 15.41 -6.85 17.32
C16 CLA GA . 16.63 -6.02 17.59
C17 CLA GA . 16.33 -4.63 18.12
C18 CLA GA . 15.79 -3.69 17.05
C19 CLA GA . 16.66 -3.66 15.81
C20 CLA GA . 15.67 -2.30 17.60
MG CLA HA . 14.22 10.60 27.33
CHA CLA HA . 12.12 13.31 27.16
CHB CLA HA . 12.46 9.12 24.77
CHC CLA HA . 16.69 8.28 26.98
CHD CLA HA . 16.34 12.44 29.51
NA CLA HA . 12.56 11.14 26.17
C1A CLA HA . 11.81 12.31 26.27
C2A CLA HA . 10.67 12.32 25.26
C3A CLA HA . 10.67 10.88 24.71
C4A CLA HA . 11.99 10.33 25.23
CMA CLA HA . 9.47 10.12 25.18
CAA CLA HA . 10.84 13.37 24.16
CBA CLA HA . 12.23 13.52 23.63
CGA CLA HA . 12.17 14.60 22.61
O1A CLA HA . 11.30 14.83 21.76
O2A CLA HA . 13.25 15.42 22.65
NB CLA HA . 14.52 9.01 26.12
C1B CLA HA . 13.66 8.53 25.19
C2B CLA HA . 14.16 7.24 24.66
C3B CLA HA . 15.36 6.98 25.26
C4B CLA HA . 15.60 8.11 26.20
CMB CLA HA . 13.45 6.49 23.63
CAB CLA HA . 16.21 5.82 25.04
CBB CLA HA . 17.54 5.71 24.88
NC CLA HA . 16.15 10.40 28.11
C1C CLA HA . 16.97 9.35 27.86
C2C CLA HA . 18.20 9.46 28.60
C3C CLA HA . 18.13 10.65 29.30
C4C CLA HA . 16.81 11.22 29.01
CMC CLA HA . 19.31 8.51 28.53
CAC CLA HA . 19.14 11.19 30.22
CBC CLA HA . 20.01 12.25 29.60
ND CLA HA . 14.34 12.46 28.11
C1D CLA HA . 15.17 13.04 29.09
C2D CLA HA . 14.60 14.32 29.53
C3D CLA HA . 13.44 14.46 28.81
C4D CLA HA . 13.31 13.28 27.95
CMD CLA HA . 15.17 15.26 30.48
CAD CLA HA . 12.33 15.32 28.50
OBD CLA HA . 12.07 16.45 28.83
CBD CLA HA . 11.38 14.56 27.57
CGD CLA HA . 10.17 14.18 28.34
O1D CLA HA . 9.93 13.07 28.80
O2D CLA HA . 9.27 15.18 28.52
CED CLA HA . 8.09 14.92 29.28
C1 CLA HA . 13.64 15.93 21.38
C2 CLA HA . 14.82 16.80 21.64
C3 CLA HA . 15.60 17.27 20.67
C4 CLA HA . 16.77 18.12 20.99
C5 CLA HA . 15.35 16.93 19.25
C6 CLA HA . 16.58 16.33 18.62
C7 CLA HA . 16.25 15.74 17.28
C8 CLA HA . 17.52 15.46 16.53
C9 CLA HA . 17.46 16.24 15.23
C10 CLA HA . 17.74 13.95 16.38
C11 CLA HA . 18.91 13.74 15.46
C12 CLA HA . 19.93 12.64 15.75
C13 CLA HA . 21.19 12.77 14.89
C14 CLA HA . 20.96 13.42 13.50
C15 CLA HA . 21.98 11.47 14.84
C16 CLA HA . 23.20 11.63 13.96
C17 CLA HA . 24.29 12.45 14.60
C18 CLA HA . 25.01 13.40 13.63
C19 CLA HA . 26.45 13.67 13.96
C20 CLA HA . 24.81 13.20 12.14
MG CLA IA . 6.33 5.19 24.48
CHA CLA IA . 7.79 2.78 26.53
CHB CLA IA . 9.41 6.55 23.93
CHC CLA IA . 5.13 6.76 21.65
CHD CLA IA . 3.32 3.34 24.61
NA CLA IA . 8.24 4.77 25.18
C1A CLA IA . 8.65 3.70 26.01
C2A CLA IA . 10.15 3.79 26.27
C3A CLA IA . 10.49 5.21 25.78
C4A CLA IA . 9.31 5.55 24.88
CMA CLA IA . 10.64 6.20 26.90
CAA CLA IA . 10.96 2.75 25.48
CBA CLA IA . 10.61 2.53 24.02
CGA CLA IA . 11.80 2.28 23.17
O1A CLA IA . 12.92 2.78 23.20
O2A CLA IA . 11.49 1.42 22.17
NB CLA IA . 7.12 6.41 23.08
C1B CLA IA . 8.37 6.92 23.07
C2B CLA IA . 8.51 7.95 22.00
C3B CLA IA . 7.30 8.02 21.36
C4B CLA IA . 6.41 7.02 22.02
CMB CLA IA . 9.76 8.63 21.77
CAB CLA IA . 6.79 8.77 20.24
CBB CLA IA . 7.05 10.03 19.90
NC CLA IA . 4.54 5.12 23.39
C1C CLA IA . 4.25 5.88 22.30
C2C CLA IA . 2.90 5.62 21.84
C3C CLA IA . 2.40 4.62 22.66
C4C CLA IA . 3.43 4.33 23.64
CMC CLA IA . 2.24 6.26 20.71
CAC CLA IA . 1.05 4.06 22.64
CBC CLA IA . 0.17 4.79 23.63
ND CLA IA . 5.64 3.52 25.38
C1D CLA IA . 4.35 2.93 25.42
C2D CLA IA . 4.33 1.86 26.41
C3D CLA IA . 5.63 1.76 26.88
C4D CLA IA . 6.40 2.80 26.19
CMD CLA IA . 3.16 1.06 26.74
CAD CLA IA . 6.51 1.08 27.78
OBD CLA IA . 6.25 0.19 28.58
CBD CLA IA . 7.94 1.66 27.55
CGD CLA IA . 8.55 2.05 28.86
O1D CLA IA . 9.07 1.30 29.70
O2D CLA IA . 8.51 3.39 29.14
CED CLA IA . 9.19 3.86 30.29
C1 CLA IA . 12.30 1.42 20.99
C2 CLA IA . 11.56 0.53 20.08
C3 CLA IA . 11.92 0.26 18.81
C4 CLA IA . 13.12 0.86 18.18
C5 CLA IA . 11.11 -0.66 17.95
C6 CLA IA . 9.76 -1.03 18.54
C7 CLA IA . 8.89 -1.70 17.53
C8 CLA IA . 7.47 -1.83 18.06
C9 CLA IA . 7.39 -2.88 19.13
C10 CLA IA . 6.47 -2.12 16.95
C11 CLA IA . 5.05 -1.99 17.45
C12 CLA IA . 4.19 -1.10 16.58
C13 CLA IA . 4.65 0.34 16.51
C14 CLA IA . 4.37 1.03 17.83
C15 CLA IA . 3.99 1.16 15.41
C16 CLA IA . 3.82 0.39 14.12
C17 CLA IA . 2.65 0.88 13.30
C18 CLA IA . 2.84 2.26 12.70
C19 CLA IA . 3.42 2.11 11.32
C20 CLA IA . 1.52 2.98 12.66
MG CLA JA . 3.00 13.41 19.03
CHA CLA JA . 5.53 13.16 21.38
CHB CLA JA . 4.58 16.10 17.64
CHC CLA JA . 0.87 13.23 16.36
CHD CLA JA . 1.68 10.35 20.21
NA CLA JA . 4.79 14.44 19.45
C1A CLA JA . 5.71 14.19 20.48
C2A CLA JA . 6.84 15.24 20.45
C3A CLA JA . 6.40 16.22 19.34
C4A CLA JA . 5.18 15.54 18.75
CMA CLA JA . 6.05 17.55 19.92
CAA CLA JA . 8.28 14.79 20.23
CBA CLA JA . 8.44 13.51 19.48
CGA CLA JA . 9.49 12.77 20.22
O1A CLA JA . 9.36 12.34 21.37
O2A CLA JA . 10.66 12.57 19.55
NB CLA JA . 2.85 14.40 17.28
C1B CLA JA . 3.45 15.58 17.01
C2B CLA JA . 2.72 16.31 15.96
C3B CLA JA . 1.66 15.50 15.59
C4B CLA JA . 1.73 14.29 16.42
CMB CLA JA . 3.18 17.62 15.50
CAB CLA JA . 0.58 15.59 14.64
CBB CLA JA . 0.45 16.34 13.55
NC CLA JA . 1.57 12.03 18.39
C1C CLA JA . 0.81 12.15 17.27
C2C CLA JA . -0.09 11.04 17.14
C3C CLA JA . 0.12 10.21 18.24
C4C CLA JA . 1.16 10.86 19.03
CMC CLA JA . -1.01 10.86 16.02
CAC CLA JA . -0.56 8.95 18.57
CBC CLA JA . 0.09 7.76 17.90
ND CLA JA . 3.43 12.05 20.43
C1D CLA JA . 2.75 10.90 20.88
C2D CLA JA . 3.37 10.40 22.11
C3D CLA JA . 4.44 11.23 22.35
C4D CLA JA . 4.45 12.22 21.27
CMD CLA JA . 2.88 9.25 22.85
CAD CLA JA . 5.55 11.53 23.21
OBD CLA JA . 5.91 10.95 24.24
CBD CLA JA . 6.28 12.76 22.62
CGD CLA JA . 6.38 13.87 23.62
O1D CLA JA . 5.57 14.78 23.83
O2D CLA JA . 7.51 13.82 24.34
CED CLA JA . 7.53 14.45 25.62
C1 CLA JA . 11.55 11.65 20.20
C2 CLA JA . 12.94 11.91 19.78
C3 CLA JA . 13.98 11.28 20.34
C4 CLA JA . 13.85 10.30 21.44
C5 CLA JA . 15.36 11.59 19.89
C6 CLA JA . 16.07 10.41 19.25
C7 CLA JA . 17.32 10.90 18.56
C8 CLA JA . 18.37 9.82 18.22
C9 CLA JA . 17.75 8.45 17.91
C10 CLA JA . 19.45 9.75 19.31
C11 CLA JA . 20.46 8.67 19.00
C12 CLA JA . 21.72 8.72 19.87
C13 CLA JA . 22.82 7.78 19.38
C14 CLA JA . 22.97 7.69 17.86
C15 CLA JA . 22.57 6.39 19.92
C16 CLA JA . 23.82 5.57 20.09
C17 CLA JA . 24.64 6.06 21.26
C18 CLA JA . 25.97 5.33 21.41
C19 CLA JA . 26.76 6.05 22.49
C20 CLA JA . 26.75 5.29 20.12
MG CLA KA . 39.59 -4.57 26.97
CHA CLA KA . 43.06 -4.63 27.25
CHB CLA KA . 39.61 -7.94 26.36
CHC CLA KA . 36.27 -4.73 27.83
CHD CLA KA . 39.69 -1.23 28.22
NA CLA KA . 41.10 -6.01 26.78
C1A CLA KA . 42.48 -5.85 26.94
C2A CLA KA . 43.21 -7.15 26.69
C3A CLA KA . 42.11 -8.03 26.05
C4A CLA KA . 40.83 -7.29 26.42
CMA CLA KA . 42.30 -8.08 24.56
CAA CLA KA . 43.82 -7.68 28.00
CBA CLA KA . 42.87 -8.33 28.98
CGA CLA KA . 43.49 -8.47 30.34
O1A CLA KA . 44.61 -8.87 30.64
O2A CLA KA . 42.63 -8.17 31.34
NB CLA KA . 38.21 -6.04 27.07
C1B CLA KA . 38.39 -7.33 26.71
C2B CLA KA . 37.11 -8.08 26.75
C3B CLA KA . 36.15 -7.18 27.17
C4B CLA KA . 36.85 -5.87 27.37
CMB CLA KA . 37.05 -9.50 26.43
CAB CLA KA . 34.75 -7.33 27.42
CBB CLA KA . 33.84 -7.90 26.63
NC CLA KA . 38.24 -3.21 27.81
C1C CLA KA . 36.92 -3.48 28.02
C2C CLA KA . 36.28 -2.28 28.56
C3C CLA KA . 37.25 -1.31 28.69
C4C CLA KA . 38.47 -1.90 28.19
CMC CLA KA . 34.89 -2.15 28.93
CAC CLA KA . 37.07 0.08 29.15
CBC CLA KA . 37.39 0.30 30.61
ND CLA KA . 40.97 -3.21 27.56
C1D CLA KA . 40.88 -1.85 27.97
C2D CLA KA . 42.22 -1.26 28.04
C3D CLA KA . 43.09 -2.28 27.79
C4D CLA KA . 42.27 -3.48 27.51
CMD CLA KA . 42.51 0.12 28.37
CAD CLA KA . 44.47 -2.65 27.62
OBD CLA KA . 45.48 -1.95 27.66
CBD CLA KA . 44.50 -4.16 27.35
CGD CLA KA . 45.28 -4.47 26.12
O1D CLA KA . 45.07 -4.07 24.97
O2D CLA KA . 46.33 -5.32 26.34
CED CLA KA . 47.23 -5.58 25.28
C1 CLA KA . 42.73 -9.04 32.49
C2 CLA KA . 42.25 -8.36 33.71
C3 CLA KA . 42.86 -7.32 34.31
C4 CLA KA . 44.15 -6.74 33.87
C5 CLA KA . 42.36 -6.69 35.55
C6 CLA KA . 41.59 -5.40 35.36
C7 CLA KA . 40.13 -5.64 35.03
C8 CLA KA . 39.17 -4.75 35.83
C9 CLA KA . 39.66 -4.36 37.22
C10 CLA KA . 37.74 -5.34 35.87
C11 CLA KA . 37.41 -6.14 37.11
MG CLA LA . 36.01 3.81 14.05
CHA CLA LA . 35.87 2.13 11.01
CHB CLA LA . 36.75 6.69 12.34
CHC CLA LA . 34.90 5.72 16.72
CHD CLA LA . 34.40 1.00 15.51
NA CLA LA . 36.32 4.30 12.04
C1A CLA LA . 36.21 3.47 10.92
C2A CLA LA . 36.52 4.24 9.64
C3A CLA LA . 37.19 5.52 10.17
C4A CLA LA . 36.71 5.53 11.62
CMA CLA LA . 38.69 5.49 10.07
CAA CLA LA . 35.30 4.68 8.84
CBA CLA LA . 33.95 4.56 9.54
CGA CLA LA . 32.89 5.41 8.94
O1A CLA LA . 32.54 5.49 7.76
O2A CLA LA . 32.18 6.09 9.89
NB CLA LA . 35.86 5.80 14.45
C1B CLA LA . 36.30 6.80 13.66
C2B CLA LA . 36.25 8.10 14.37
C3B CLA LA . 35.73 7.84 15.62
C4B CLA LA . 35.48 6.37 15.69
CMB CLA LA . 36.63 9.37 13.77
CAB CLA LA . 35.45 8.78 16.67
CBB CLA LA . 36.06 8.77 17.87
NC CLA LA . 34.93 3.41 15.81
C1C CLA LA . 34.62 4.33 16.77
C2C CLA LA . 33.88 3.71 17.86
C3C CLA LA . 33.69 2.38 17.49
C4C CLA LA . 34.39 2.20 16.22
CMC CLA LA . 33.35 4.40 19.02
CAC CLA LA . 32.96 1.37 18.27
CBC CLA LA . 31.58 1.09 17.72
ND CLA LA . 35.39 1.97 13.51
C1D CLA LA . 34.87 0.88 14.23
C2D CLA LA . 34.83 -0.32 13.38
C3D CLA LA . 35.18 0.12 12.13
C4D CLA LA . 35.48 1.55 12.25
CMD CLA LA . 34.42 -1.64 13.81
CAD CLA LA . 35.39 -0.26 10.75
OBD CLA LA . 35.32 -1.35 10.23
CBD CLA LA . 35.76 1.04 9.98
CGD CLA LA . 37.02 0.80 9.21
O1D CLA LA . 38.17 1.15 9.50
O2D CLA LA . 36.83 0.10 8.06
CED CLA LA . 37.96 -0.20 7.24
C1 CLA LA . 30.86 6.53 9.54
C2 CLA LA . 29.88 5.56 10.10
C3 CLA LA . 28.84 5.90 10.87
C4 CLA LA . 28.57 7.30 11.28
C5 CLA LA . 27.92 4.85 11.38
C6 CLA LA . 27.74 4.93 12.87
C7 CLA LA . 26.63 4.03 13.35
C8 CLA LA . 26.48 4.15 14.86
C9 CLA LA . 27.51 3.29 15.56
C10 CLA LA . 25.08 3.85 15.40
C11 CLA LA . 23.97 3.89 14.38
C12 CLA LA . 22.64 3.41 14.92
C13 CLA LA . 22.03 4.50 15.79
C14 CLA LA . 21.75 3.99 17.18
C15 CLA LA . 20.74 5.03 15.16
C16 CLA LA . 19.75 3.94 14.87
C17 CLA LA . 18.76 4.46 13.86
MG CLA MA . 41.20 -14.85 32.63
CHA CLA MA . 42.86 -14.40 29.62
CHB CLA MA . 43.12 -17.60 33.25
CHC CLA MA . 40.11 -14.86 35.89
CHD CLA MA . 39.64 -11.72 32.18
NA CLA MA . 42.73 -15.83 31.58
C1A CLA MA . 43.29 -15.49 30.34
C2A CLA MA . 44.35 -16.51 29.92
C3A CLA MA . 44.20 -17.63 31.00
C4A CLA MA . 43.30 -16.98 32.04
CMA CLA MA . 43.59 -18.87 30.46
CAA CLA MA . 45.76 -15.92 29.84
CBA CLA MA . 46.15 -15.24 31.12
CGA CLA MA . 46.28 -13.75 30.94
O1A CLA MA . 47.05 -13.16 30.18
O2A CLA MA . 45.43 -12.97 31.68
NB CLA MA . 41.53 -16.02 34.25
C1B CLA MA . 42.31 -17.11 34.28
C2B CLA MA . 42.23 -17.77 35.61
C3B CLA MA . 41.39 -17.03 36.39
C4B CLA MA . 40.94 -15.89 35.52
CMB CLA MA . 43.00 -18.97 35.95
CAB CLA MA . 41.08 -17.33 37.76
CBB CLA MA . 40.18 -16.88 38.63
NC CLA MA . 40.09 -13.52 33.81
C1C CLA MA . 39.73 -13.75 35.10
C2C CLA MA . 38.88 -12.66 35.59
C3C CLA MA . 38.79 -11.75 34.56
C4C CLA MA . 39.52 -12.31 33.44
CMC CLA MA . 38.30 -12.57 36.92
CAC CLA MA . 38.02 -10.50 34.58
CBC CLA MA . 38.89 -9.30 34.84
ND CLA MA . 41.28 -13.31 31.32
C1D CLA MA . 40.45 -12.18 31.19
C2D CLA MA . 40.63 -11.61 29.85
C3D CLA MA . 41.55 -12.40 29.22
C4D CLA MA . 41.92 -13.46 30.17
CMD CLA MA . 39.88 -10.44 29.39
CAD CLA MA . 42.28 -12.65 27.99
OBD CLA MA . 42.26 -12.02 26.94
CBD CLA MA . 43.12 -13.94 28.21
CGD CLA MA . 42.76 -15.02 27.22
O1D CLA MA . 41.97 -15.94 27.39
O2D CLA MA . 43.42 -14.94 26.04
CED CLA MA . 42.87 -15.62 24.93
C1 CLA MA . 45.07 -13.38 33.02
C2 CLA MA . 44.16 -12.39 33.66
C3 CLA MA . 43.66 -12.57 34.89
C4 CLA MA . 43.98 -13.80 35.69
C5 CLA MA . 42.75 -11.54 35.48
C6 CLA MA . 42.49 -11.68 36.97
C7 CLA MA . 41.85 -10.46 37.60
C8 CLA MA . 41.44 -10.81 39.02
C9 CLA MA . 40.30 -9.93 39.47
MG CLA NA . 33.98 -12.17 26.84
CHA CLA NA . 31.88 -10.70 24.50
CHB CLA NA . 32.07 -10.87 29.32
CHC CLA NA . 36.36 -13.06 29.12
CHD CLA NA . 36.25 -12.94 24.22
NA CLA NA . 32.24 -11.01 26.88
C1A CLA NA . 31.49 -10.55 25.81
C2A CLA NA . 30.24 -9.82 26.33
C3A CLA NA . 30.38 -9.85 27.85
C4A CLA NA . 31.64 -10.67 28.04
CMA CLA NA . 30.65 -8.48 28.38
CAA CLA NA . 29.02 -10.65 25.95
CBA CLA NA . 27.73 -9.91 25.73
CGA CLA NA . 27.09 -9.75 27.05
O1A CLA NA . 26.39 -10.58 27.62
O2A CLA NA . 27.43 -8.57 27.64
NB CLA NA . 34.18 -12.00 28.83
C1B CLA NA . 33.24 -11.53 29.67
C2B CLA NA . 33.64 -11.74 31.07
C3B CLA NA . 34.87 -12.36 31.05
C4B CLA NA . 35.23 -12.51 29.61
CMB CLA NA . 32.76 -11.25 32.14
CAB CLA NA . 35.78 -12.82 32.07
CBB CLA NA . 35.53 -13.14 33.35
NC CLA NA . 35.92 -12.94 26.69
C1C CLA NA . 36.67 -13.31 27.76
C2C CLA NA . 37.91 -13.90 27.31
C3C CLA NA . 37.92 -13.80 25.93
C4C CLA NA . 36.66 -13.21 25.54
CMC CLA NA . 38.94 -14.45 28.16
CAC CLA NA . 38.99 -14.30 25.05
CBC CLA NA . 38.82 -15.73 24.61
ND CLA NA . 34.10 -11.94 24.83
C1D CLA NA . 35.07 -12.33 23.88
C2D CLA NA . 34.60 -11.97 22.54
C3D CLA NA . 33.38 -11.35 22.71
C4D CLA NA . 33.12 -11.34 24.16
CMD CLA NA . 35.34 -12.23 21.31
CAD CLA NA . 32.27 -10.68 22.06
OBD CLA NA . 32.07 -10.45 20.87
CBD CLA NA . 31.31 -10.25 23.18
CGD CLA NA . 31.01 -8.78 23.21
O1D CLA NA . 29.90 -8.26 23.28
O2D CLA NA . 32.12 -8.00 23.18
CED CLA NA . 31.97 -6.67 23.64
C1 CLA NA . 26.46 -7.91 28.46
C2 CLA NA . 26.55 -8.36 29.86
C3 CLA NA . 27.20 -7.66 30.79
C4 CLA NA . 27.21 -8.23 32.14
C5 CLA NA . 27.88 -6.36 30.49
C6 CLA NA . 29.12 -6.26 31.36
C7 CLA NA . 30.29 -5.42 30.92
C8 CLA NA . 31.59 -5.77 31.65
C9 CLA NA . 32.69 -5.88 30.62
C10 CLA NA . 31.55 -7.07 32.46
C11 CLA NA . 32.69 -7.27 33.40
C12 CLA NA . 32.95 -6.10 34.32
C13 CLA NA . 33.83 -6.42 35.53
C14 CLA NA . 34.56 -7.75 35.48
C15 CLA NA . 32.91 -6.42 36.74
C16 CLA NA . 33.49 -5.74 37.96
C17 CLA NA . 32.62 -6.06 39.17
C18 CLA NA . 32.85 -5.15 40.36
C19 CLA NA . 31.87 -4.00 40.37
C20 CLA NA . 32.83 -5.93 41.65
MG CLA OA . 22.88 -4.26 44.29
CHA CLA OA . 21.92 -1.07 45.07
CHB CLA OA . 21.97 -3.86 41.09
CHC CLA OA . 25.07 -6.83 43.32
CHD CLA OA . 24.73 -4.28 47.44
NA CLA OA . 21.98 -2.71 43.26
C1A CLA OA . 21.67 -1.46 43.78
C2A CLA OA . 20.99 -0.68 42.66
C3A CLA OA . 20.70 -1.73 41.56
C4A CLA OA . 21.62 -2.86 41.97
CMA CLA OA . 19.28 -2.22 41.57
CAA CLA OA . 21.72 0.60 42.24
CBA CLA OA . 22.73 0.49 41.15
CGA CLA OA . 23.47 1.77 41.24
O1A CLA OA . 23.03 2.88 41.55
O2A CLA OA . 24.78 1.67 40.88
NB CLA OA . 23.42 -5.15 42.56
C1B CLA OA . 22.84 -4.92 41.37
C2B CLA OA . 23.24 -5.95 40.38
C3B CLA OA . 24.11 -6.79 41.03
C4B CLA OA . 24.25 -6.28 42.41
CMB CLA OA . 22.76 -5.91 38.99
CAB CLA OA . 24.86 -7.95 40.64
CBB CLA OA . 25.49 -8.18 39.51
NC CLA OA . 24.49 -5.36 45.21
C1C CLA OA . 25.18 -6.41 44.65
C2C CLA OA . 26.15 -7.00 45.56
C3C CLA OA . 26.10 -6.24 46.71
C4C CLA OA . 25.04 -5.25 46.50
CMC CLA OA . 27.04 -8.12 45.25
CAC CLA OA . 26.88 -6.44 47.96
CBC CLA OA . 26.26 -7.48 48.87
ND CLA OA . 23.20 -3.09 45.92
C1D CLA OA . 23.88 -3.24 47.15
C2D CLA OA . 23.54 -2.13 48.07
C3D CLA OA . 22.78 -1.28 47.32
C4D CLA OA . 22.65 -1.89 45.98
CMD CLA OA . 23.96 -1.98 49.46
CAD CLA OA . 22.06 -0.03 47.31
OBD CLA OA . 21.87 0.76 48.23
CBD CLA OA . 21.55 0.16 45.86
CGD CLA OA . 20.07 0.26 45.74
O1D CLA OA . 19.45 0.87 44.88
O2D CLA OA . 19.37 -0.46 46.65
CED CLA OA . 18.28 -1.16 46.09
MG CLA PA . 26.90 -12.34 51.85
CHA CLA PA . 27.67 -11.64 55.14
CHB CLA PA . 29.07 -9.89 50.85
CHC CLA PA . 26.96 -13.65 48.66
CHD CLA PA . 25.24 -15.28 52.96
NA CLA PA . 28.14 -11.00 52.85
C1A CLA PA . 28.32 -10.85 54.23
C2A CLA PA . 29.33 -9.76 54.53
C3A CLA PA . 29.46 -9.03 53.18
C4A CLA PA . 28.89 -10.05 52.21
CMA CLA PA . 28.68 -7.75 53.17
CAA CLA PA . 30.63 -10.44 54.89
CBA CLA PA . 31.00 -10.21 56.33
CGA CLA PA . 31.89 -11.29 56.85
O1A CLA PA . 32.92 -11.75 56.35
O2A CLA PA . 31.52 -11.75 58.11
NB CLA PA . 27.83 -11.87 50.12
C1B CLA PA . 28.57 -10.77 49.88
C2B CLA PA . 28.84 -10.60 48.43
C3B CLA PA . 28.25 -11.67 47.79
C4B CLA PA . 27.62 -12.49 48.86
CMB CLA PA . 29.63 -9.48 47.93
CAB CLA PA . 28.17 -12.08 46.41
CBB CLA PA . 29.10 -12.01 45.45
NC CLA PA . 26.19 -14.10 50.98
C1C CLA PA . 26.28 -14.39 49.65
C2C CLA PA . 25.63 -15.65 49.38
C3C CLA PA . 25.20 -16.16 50.60
C4C CLA PA . 25.53 -15.15 51.60
CMC CLA PA . 25.56 -16.22 48.04
CAC CLA PA . 24.47 -17.41 50.85
CBC CLA PA . 25.37 -18.53 51.33
ND CLA PA . 26.53 -13.30 53.59
C1D CLA PA . 25.73 -14.42 53.92
C2D CLA PA . 25.52 -14.48 55.37
C3D CLA PA . 26.25 -13.44 55.89
C4D CLA PA . 26.86 -12.75 54.75
CMD CLA PA . 24.74 -15.49 56.09
CAD CLA PA . 26.66 -12.74 57.08
OBD CLA PA . 26.41 -12.96 58.26
CBD CLA PA . 27.58 -11.57 56.64
CGD CLA PA . 27.11 -10.24 57.16
O1D CLA PA . 27.79 -9.30 57.56
O2D CLA PA . 25.76 -10.09 57.16
CED CLA PA . 25.25 -8.81 56.81
C1 CLA PA . 30.64 -12.89 58.17
C2 CLA PA . 30.41 -13.39 59.54
C3 CLA PA . 31.20 -14.27 60.19
C4 CLA PA . 30.87 -14.72 61.57
C5 CLA PA . 32.42 -14.83 59.55
MG CLA QA . 25.66 2.32 48.99
CHA CLA QA . 24.45 5.52 49.15
CHB CLA QA . 24.82 2.18 45.67
CHC CLA QA . 27.46 -0.59 48.65
CHD CLA QA . 27.19 2.76 52.16
NA CLA QA . 24.76 3.64 47.64
C1A CLA QA . 24.31 4.94 47.91
C2A CLA QA . 23.69 5.57 46.66
C3A CLA QA . 23.65 4.40 45.65
C4A CLA QA . 24.47 3.31 46.34
CMA CLA QA . 22.24 3.99 45.36
CAA CLA QA . 24.52 6.75 46.15
CBA CLA QA . 25.85 6.39 45.56
CGA CLA QA . 26.90 6.67 46.57
O1A CLA QA . 26.98 7.63 47.34
O2A CLA QA . 27.84 5.68 46.64
NB CLA QA . 26.03 1.05 47.49
C1B CLA QA . 25.58 1.15 46.23
C2B CLA QA . 25.98 -0.03 45.47
C3B CLA QA . 26.73 -0.83 46.30
C4B CLA QA . 26.76 -0.13 47.60
CMB CLA QA . 25.61 -0.08 44.09
CAB CLA QA . 27.44 -2.08 46.24
CBB CLA QA . 27.41 -2.96 45.25
NC CLA QA . 27.04 1.28 50.19
C1C CLA QA . 27.61 0.08 49.86
C2C CLA QA . 28.41 -0.42 50.94
C3C CLA QA . 28.41 0.57 51.91
C4C CLA QA . 27.52 1.62 51.44
CMC CLA QA . 29.16 -1.69 50.90
CAC CLA QA . 29.02 0.51 53.23
CBC CLA QA . 28.10 -0.22 54.17
ND CLA QA . 25.88 3.78 50.35
C1D CLA QA . 26.45 3.79 51.64
C2D CLA QA . 26.04 5.02 52.33
C3D CLA QA . 25.23 5.69 51.45
C4D CLA QA . 25.18 4.89 50.22
CMD CLA QA . 26.43 5.36 53.69
CAD CLA QA . 24.41 6.86 51.23
OBD CLA QA . 24.08 7.75 52.01
CBD CLA QA . 23.94 6.81 49.75
CGD CLA QA . 22.45 6.93 49.57
O1D CLA QA . 21.56 6.40 50.20
O2D CLA QA . 22.09 7.75 48.55
CED CLA QA . 22.28 9.16 48.73
MG CLA RA . 20.84 -25.85 48.16
CHA CLA RA . 18.45 -27.52 50.04
CHB CLA RA . 21.96 -24.36 51.05
CHC CLA RA . 23.81 -25.02 46.62
CHD CLA RA . 20.27 -28.23 45.59
NA CLA RA . 20.24 -25.89 50.18
C1A CLA RA . 19.23 -26.66 50.75
C2A CLA RA . 19.14 -26.42 52.27
C3A CLA RA . 20.08 -25.22 52.48
C4A CLA RA . 20.84 -25.14 51.16
CMA CLA RA . 19.32 -23.99 52.84
CAA CLA RA . 19.66 -27.51 53.23
CBA CLA RA . 20.06 -28.91 52.78
CGA CLA RA . 21.29 -28.89 51.93
O1A CLA RA . 22.38 -28.43 52.21
O2A CLA RA . 21.12 -29.42 50.68
NB CLA RA . 22.52 -24.90 48.72
C1B CLA RA . 22.73 -24.25 49.90
C2B CLA RA . 23.94 -23.38 49.81
C3B CLA RA . 24.46 -23.57 48.55
C4B CLA RA . 23.57 -24.53 47.86
CMB CLA RA . 24.36 -22.59 50.97
CAB CLA RA . 25.61 -23.12 47.82
CBB CLA RA . 26.70 -22.50 48.25
NC CLA RA . 21.80 -26.44 46.40
C1C CLA RA . 22.97 -25.92 45.93
C2C CLA RA . 23.32 -26.52 44.66
C3C CLA RA . 22.38 -27.49 44.41
C4C CLA RA . 21.41 -27.43 45.50
CMC CLA RA . 24.51 -26.18 43.88
CAC CLA RA . 22.30 -28.40 43.27
CBC CLA RA . 21.47 -27.87 42.13
ND CLA RA . 19.63 -27.42 47.79
C1D CLA RA . 19.39 -28.20 46.64
C2D CLA RA . 18.19 -29.03 46.82
C3D CLA RA . 17.80 -28.82 48.13
C4D CLA RA . 18.74 -27.85 48.69
CMD CLA RA . 17.62 -29.89 45.80
CAD CLA RA . 16.90 -29.18 49.21
OBD CLA RA . 16.03 -30.03 49.31
CBD CLA RA . 17.26 -28.35 50.45
CGD CLA RA . 16.06 -27.61 50.96
O1D CLA RA . 15.06 -28.08 51.50
O2D CLA RA . 16.11 -26.27 50.81
CED CLA RA . 15.70 -25.51 51.95
C1 CLA RA . 22.06 -28.99 49.68
C2 CLA RA . 22.43 -30.25 49.01
C3 CLA RA . 23.23 -30.47 47.97
C4 CLA RA . 23.38 -31.88 47.58
C5 CLA RA . 24.00 -29.40 47.26
C6 CLA RA . 25.07 -29.92 46.31
C7 CLA RA . 26.13 -28.91 45.92
C8 CLA RA . 27.27 -29.64 45.24
C9 CLA RA . 28.08 -30.45 46.22
C10 CLA RA . 28.18 -28.67 44.50
C11 CLA RA . 28.60 -29.13 43.13
C12 CLA RA . 27.43 -29.62 42.32
C13 CLA RA . 27.70 -29.78 40.84
C14 CLA RA . 26.42 -29.39 40.17
C15 CLA RA . 28.06 -31.20 40.44
C16 CLA RA . 29.25 -31.17 39.51
C17 CLA RA . 29.43 -32.46 38.74
C18 CLA RA . 30.78 -32.50 38.03
C19 CLA RA . 30.74 -33.48 36.88
C20 CLA RA . 31.88 -32.87 39.00
MG CLA SA . 15.20 -22.88 39.56
CHA CLA SA . 12.43 -21.51 38.01
CHB CLA SA . 13.75 -22.24 42.58
CHC CLA SA . 17.69 -24.68 41.10
CHD CLA SA . 16.34 -24.02 36.43
NA CLA SA . 13.37 -22.04 40.17
C1A CLA SA . 12.38 -21.48 39.37
C2A CLA SA . 11.22 -20.95 40.23
C3A CLA SA . 11.83 -20.97 41.64
C4A CLA SA . 13.06 -21.83 41.48
CMA CLA SA . 12.23 -19.59 42.06
CAA CLA SA . 9.98 -21.82 40.15
CBA CLA SA . 9.27 -22.09 41.45
CGA CLA SA . 9.56 -23.48 41.90
O1A CLA SA . 9.01 -24.10 42.81
O2A CLA SA . 10.54 -24.13 41.22
NB CLA SA . 15.62 -23.39 41.46
C1B CLA SA . 14.91 -23.00 42.53
C2B CLA SA . 15.60 -23.40 43.78
C3B CLA SA . 16.71 -24.10 43.41
C4B CLA SA . 16.76 -24.09 41.91
CMB CLA SA . 15.08 -23.04 45.08
CAB CLA SA . 17.68 -24.71 44.27
CBB CLA SA . 18.01 -25.99 44.26
NC CLA SA . 16.74 -24.11 38.88
C1C CLA SA . 17.68 -24.68 39.67
C2C CLA SA . 18.67 -25.36 38.85
C3C CLA SA . 18.25 -25.23 37.53
C4C CLA SA . 17.06 -24.42 37.56
CMC CLA SA . 19.83 -26.05 39.37
CAC CLA SA . 18.91 -25.72 36.31
CBC CLA SA . 18.67 -27.19 36.04
ND CLA SA . 14.55 -22.91 37.66
C1D CLA SA . 15.16 -23.33 36.45
C2D CLA SA . 14.36 -22.87 35.32
C3D CLA SA . 13.30 -22.18 35.87
C4D CLA SA . 13.46 -22.22 37.32
CMD CLA SA . 14.67 -23.12 33.92
CAD CLA SA . 12.13 -21.38 35.59
OBD CLA SA . 11.64 -21.05 34.54
CBD CLA SA . 11.53 -20.93 36.95
CGD CLA SA . 11.36 -19.44 37.03
O1D CLA SA . 12.17 -18.61 37.46
O2D CLA SA . 10.16 -18.98 36.59
CED CLA SA . 10.08 -17.66 36.08
C1 CLA SA . 11.33 -25.07 41.98
C2 CLA SA . 12.52 -25.40 41.17
C3 CLA SA . 12.62 -26.50 40.42
C4 CLA SA . 11.53 -27.50 40.33
C5 CLA SA . 13.85 -26.74 39.62
C6 CLA SA . 14.70 -27.82 40.26
C7 CLA SA . 15.88 -28.23 39.41
C8 CLA SA . 16.67 -29.28 40.20
C9 CLA SA . 17.31 -28.63 41.42
C10 CLA SA . 17.63 -30.03 39.26
C11 CLA SA . 19.10 -29.75 39.43
C12 CLA SA . 19.93 -30.66 38.56
C13 CLA SA . 21.32 -30.09 38.32
C14 CLA SA . 21.44 -29.57 36.90
C15 CLA SA . 22.40 -31.12 38.63
C16 CLA SA . 22.23 -32.29 37.68
C17 CLA SA . 22.99 -33.53 38.06
C18 CLA SA . 22.65 -34.73 37.18
C19 CLA SA . 21.19 -34.83 36.75
C20 CLA SA . 23.02 -36.00 37.91
MG CLA TA . 17.98 -14.91 36.93
CHA CLA TA . 15.89 -12.33 37.86
CHB CLA TA . 15.21 -16.92 36.70
CHC CLA TA . 19.76 -17.22 35.14
CHD CLA TA . 20.61 -12.60 36.53
NA CLA TA . 15.93 -14.66 37.28
C1A CLA TA . 15.24 -13.51 37.66
C2A CLA TA . 13.75 -13.76 37.79
C3A CLA TA . 13.70 -15.29 37.82
C4A CLA TA . 15.04 -15.68 37.22
CMA CLA TA . 13.54 -15.84 39.21
CAA CLA TA . 13.07 -13.15 36.57
CBA CLA TA . 12.45 -14.10 35.57
CGA CLA TA . 13.43 -14.51 34.54
O1A CLA TA . 14.61 -14.23 34.47
O2A CLA TA . 12.84 -15.33 33.65
NB CLA TA . 17.59 -16.71 36.11
C1B CLA TA . 16.40 -17.34 36.12
C2B CLA TA . 16.50 -18.63 35.44
C3B CLA TA . 17.78 -18.77 34.98
C4B CLA TA . 18.49 -17.55 35.44
CMB CLA TA . 15.32 -19.44 35.33
CAB CLA TA . 18.45 -19.83 34.26
CBB CLA TA . 18.26 -21.15 34.35
NC CLA TA . 19.86 -14.90 36.02
C1C CLA TA . 20.39 -15.98 35.37
C2C CLA TA . 21.73 -15.70 34.93
C3C CLA TA . 21.99 -14.36 35.29
C4C CLA TA . 20.81 -13.89 36.01
CMC CLA TA . 22.45 -16.73 34.16
CAC CLA TA . 23.23 -13.55 35.16
CBC CLA TA . 23.87 -13.38 33.80
ND CLA TA . 18.24 -12.91 37.09
C1D CLA TA . 19.41 -12.11 37.00
C2D CLA TA . 19.06 -10.75 37.51
C3D CLA TA . 17.74 -10.80 37.88
C4D CLA TA . 17.28 -12.15 37.59
CMD CLA TA . 20.00 -9.64 37.55
CAD CLA TA . 16.60 -10.06 38.40
OBD CLA TA . 16.47 -8.89 38.70
CBD CLA TA . 15.40 -11.02 38.43
CGD CLA TA . 14.90 -11.20 39.82
O1D CLA TA . 15.57 -11.43 40.82
O2D CLA TA . 13.56 -11.08 39.98
CED CLA TA . 12.95 -11.77 41.06
C1 CLA TA . 13.16 -16.73 33.66
C2 CLA TA . 14.33 -17.09 32.82
C3 CLA TA . 14.29 -18.22 32.07
C4 CLA TA . 13.13 -19.14 32.06
C5 CLA TA . 15.39 -18.72 31.20
C6 CLA TA . 16.78 -18.16 31.43
C7 CLA TA . 17.79 -19.11 30.83
C8 CLA TA . 19.24 -18.62 30.94
C9 CLA TA . 19.43 -17.30 30.24
C10 CLA TA . 20.25 -19.63 30.38
C11 CLA TA . 20.53 -20.78 31.33
C12 CLA TA . 20.68 -22.08 30.56
C13 CLA TA . 20.95 -23.30 31.44
C14 CLA TA . 22.12 -24.08 30.90
C15 CLA TA . 19.76 -24.26 31.67
C16 CLA TA . 18.37 -23.83 31.25
C17 CLA TA . 17.89 -24.36 29.91
C18 CLA TA . 16.52 -23.84 29.50
C19 CLA TA . 16.47 -22.33 29.39
C20 CLA TA . 15.43 -24.33 30.41
MG CLA UA . 39.20 -21.69 38.63
CHA CLA UA . 41.19 -22.56 35.96
CHB CLA UA . 41.08 -23.67 40.70
CHC CLA UA . 37.58 -20.39 41.37
CHD CLA UA . 37.90 -19.01 36.70
NA CLA UA . 40.86 -22.93 38.34
C1A CLA UA . 41.54 -23.18 37.14
C2A CLA UA . 42.69 -24.20 37.38
C3A CLA UA . 42.52 -24.59 38.87
C4A CLA UA . 41.41 -23.67 39.36
CMA CLA UA . 42.08 -26.02 39.04
CAA CLA UA . 44.08 -23.70 36.99
CBA CLA UA . 44.67 -22.63 37.87
CGA CLA UA . 46.06 -23.07 38.16
O1A CLA UA . 46.45 -24.11 38.68
O2A CLA UA . 46.96 -22.13 37.78
NB CLA UA . 39.29 -21.99 40.63
C1B CLA UA . 40.08 -22.88 41.27
C2B CLA UA . 39.70 -22.95 42.71
C3B CLA UA . 38.71 -22.04 42.92
C4B CLA UA . 38.43 -21.40 41.60
CMB CLA UA . 40.35 -23.80 43.70
CAB CLA UA . 38.10 -21.71 44.20
CBB CLA UA . 36.82 -21.55 44.52
NC CLA UA . 37.96 -20.04 38.96
C1C CLA UA . 37.36 -19.75 40.15
C2C CLA UA . 36.52 -18.59 40.04
C3C CLA UA . 36.70 -18.15 38.74
C4C CLA UA . 37.57 -19.08 38.06
CMC CLA UA . 35.79 -18.07 41.20
CAC CLA UA . 36.16 -16.99 38.04
CBC CLA UA . 34.73 -17.18 37.79
ND CLA UA . 39.45 -20.88 36.79
C1D CLA UA . 38.78 -19.85 36.09
C2D CLA UA . 39.17 -19.88 34.67
C3D CLA UA . 40.04 -20.94 34.55
C4D CLA UA . 40.22 -21.49 35.91
CMD CLA UA . 38.68 -19.00 33.62
CAD CLA UA . 40.90 -21.66 33.65
OBD CLA UA . 41.11 -21.50 32.45
CBD CLA UA . 41.65 -22.70 34.52
CGD CLA UA . 41.54 -24.12 34.06
O1D CLA UA . 42.47 -24.86 33.76
O2D CLA UA . 40.26 -24.61 34.00
CED CLA UA . 40.10 -25.93 33.51
MG CLA VA . 27.95 -26.85 28.40
CHA CLA VA . 28.90 -29.23 26.07
CHB CLA VA . 27.33 -24.67 25.85
CHC CLA VA . 26.11 -24.89 30.54
CHD CLA VA . 28.09 -29.35 30.88
NA CLA VA . 28.11 -26.94 26.33
C1A CLA VA . 28.52 -28.03 25.54
C2A CLA VA . 28.52 -27.67 24.06
C3A CLA VA . 28.36 -26.15 24.09
C4A CLA VA . 27.87 -25.87 25.51
CMA CLA VA . 29.67 -25.48 23.84
CAA CLA VA . 27.39 -28.40 23.32
CBA CLA VA . 26.09 -28.45 24.10
CGA CLA VA . 25.21 -29.53 23.60
O1A CLA VA . 25.46 -30.72 23.47
O2A CLA VA . 24.00 -29.02 23.24
NB CLA VA . 26.90 -25.14 28.22
C1B CLA VA . 26.87 -24.36 27.12
C2B CLA VA . 26.23 -23.08 27.43
C3B CLA VA . 25.86 -23.10 28.75
C4B CLA VA . 26.28 -24.43 29.27
CMB CLA VA . 26.12 -22.10 26.38
CAB CLA VA . 25.17 -22.16 29.62
CBB CLA VA . 24.23 -21.27 29.29
NC CLA VA . 27.26 -27.07 30.36
C1C CLA VA . 26.58 -26.12 31.05
C2C CLA VA . 26.36 -26.57 32.41
C3C CLA VA . 26.85 -27.88 32.50
C4C CLA VA . 27.45 -28.15 31.21
CMC CLA VA . 25.68 -25.78 33.41
CAC CLA VA . 26.90 -28.70 33.72
CBC CLA VA . 26.12 -30.00 33.78
ND CLA VA . 28.38 -28.81 28.52
C1D CLA VA . 28.49 -29.68 29.63
C2D CLA VA . 29.11 -30.93 29.19
C3D CLA VA . 29.29 -30.81 27.83
C4D CLA VA . 28.80 -29.48 27.47
CMD CLA VA . 29.42 -32.03 30.09
CAD CLA VA . 29.78 -31.44 26.63
OBD CLA VA . 30.27 -32.53 26.49
CBD CLA VA . 29.53 -30.47 25.47
CGD CLA VA . 30.80 -30.14 24.74
O1D CLA VA . 31.66 -29.33 25.09
O2D CLA VA . 31.01 -30.84 23.60
CED CLA VA . 32.00 -30.39 22.68
C1 CLA VA . 22.97 -29.99 23.10
C2 CLA VA . 22.03 -29.50 22.07
C3 CLA VA . 20.91 -28.82 22.30
C4 CLA VA . 20.48 -28.45 23.66
C5 CLA VA . 20.06 -28.38 21.16
C6 CLA VA . 20.59 -28.80 19.80
C7 CLA VA . 20.50 -27.56 18.97
C8 CLA VA . 20.90 -27.57 17.52
C9 CLA VA . 21.29 -26.17 17.07
C10 CLA VA . 19.79 -28.22 16.70
C11 CLA VA . 19.87 -27.92 15.22
C12 CLA VA . 18.72 -28.64 14.56
C13 CLA VA . 18.74 -28.56 13.05
C14 CLA VA . 17.73 -29.56 12.52
C15 CLA VA . 20.11 -28.87 12.48
C16 CLA VA . 20.19 -28.52 11.01
C17 CLA VA . 21.50 -29.02 10.47
C18 CLA VA . 21.74 -28.57 9.04
C19 CLA VA . 22.84 -29.39 8.42
C20 CLA VA . 22.09 -27.11 9.01
MG CLA WA . 35.22 -34.38 32.19
CHA CLA WA . 38.54 -35.28 32.47
CHB CLA WA . 34.46 -37.50 31.07
CHC CLA WA . 31.88 -33.67 32.55
CHD CLA WA . 35.99 -31.43 33.96
NA CLA WA . 36.34 -36.11 31.86
C1A CLA WA . 37.72 -36.29 32.05
C2A CLA WA . 38.15 -37.70 31.66
C3A CLA WA . 36.85 -38.31 31.07
C4A CLA WA . 35.79 -37.25 31.36
CMA CLA WA . 37.03 -38.58 29.60
CAA CLA WA . 38.66 -38.53 32.83
CBA CLA WA . 37.69 -38.51 33.98
CGA CLA WA . 37.49 -39.92 34.38
O1A CLA WA . 37.83 -40.93 33.76
O2A CLA WA . 36.76 -40.06 35.53
NB CLA WA . 33.51 -35.41 31.92
C1B CLA WA . 33.42 -36.59 31.30
C2B CLA WA . 32.03 -36.85 30.86
C3B CLA WA . 31.28 -35.77 31.28
C4B CLA WA . 32.21 -34.85 31.96
CMB CLA WA . 31.70 -38.09 30.17
CAB CLA WA . 29.88 -35.43 31.20
CBB CLA WA . 28.92 -35.88 30.39
NC CLA WA . 34.14 -32.83 33.10
C1C CLA WA . 32.78 -32.73 33.09
C2C CLA WA . 32.38 -31.50 33.74
C3C CLA WA . 33.55 -30.90 34.21
C4C CLA WA . 34.64 -31.73 33.77
CMC CLA WA . 31.00 -31.05 33.93
CAC CLA WA . 33.68 -29.64 34.95
CBC CLA WA . 33.99 -29.82 36.42
ND CLA WA . 36.82 -33.52 33.07
C1D CLA WA . 37.02 -32.24 33.63
C2D CLA WA . 38.46 -31.95 33.77
C3D CLA WA . 39.08 -33.08 33.30
C4D CLA WA . 38.02 -34.03 32.91
CMD CLA WA . 39.02 -30.71 34.29
CAD CLA WA . 40.35 -33.70 33.02
OBD CLA WA . 41.47 -33.22 33.11
CBD CLA WA . 40.05 -35.14 32.55
CGD CLA WA . 40.69 -35.44 31.23
O1D CLA WA . 41.75 -36.02 31.06
O2D CLA WA . 39.98 -35.02 30.14
CED CLA WA . 40.60 -35.11 28.86
C1 CLA WA . 37.36 -39.79 36.81
C2 CLA WA . 36.28 -40.01 37.80
C3 CLA WA . 36.37 -39.71 39.11
C4 CLA WA . 37.59 -39.14 39.71
MG CLA XA . 29.80 -38.96 25.19
CHA CLA XA . 33.16 -39.13 25.97
CHB CLA XA . 29.93 -42.21 24.13
CHC CLA XA . 26.39 -39.00 25.04
CHD CLA XA . 29.66 -35.81 26.82
NA CLA XA . 31.31 -40.41 25.09
C1A CLA XA . 32.66 -40.27 25.44
C2A CLA XA . 33.44 -41.56 25.15
C3A CLA XA . 32.43 -42.37 24.31
C4A CLA XA . 31.11 -41.64 24.53
CMA CLA XA . 32.85 -42.32 22.86
CAA CLA XA . 33.91 -42.35 26.36
CBA CLA XA . 32.93 -42.34 27.50
CGA CLA XA . 33.61 -41.76 28.70
O1A CLA XA . 34.31 -40.77 28.79
O2A CLA XA . 33.38 -42.43 29.87
NB CLA XA . 28.43 -40.34 24.66
C1B CLA XA . 28.67 -41.60 24.27
C2B CLA XA . 27.41 -42.29 23.92
C3B CLA XA . 26.41 -41.40 24.17
C4B CLA XA . 27.03 -40.13 24.66
CMB CLA XA . 27.32 -43.67 23.46
CAB CLA XA . 25.01 -41.62 24.02
CBB CLA XA . 24.21 -41.72 25.07
NC CLA XA . 28.31 -37.63 25.80
C1C CLA XA . 26.99 -37.82 25.57
C2C CLA XA . 26.23 -36.65 26.03
C3C CLA XA . 27.16 -35.79 26.61
C4C CLA XA . 28.46 -36.41 26.42
CMC CLA XA . 24.79 -36.54 25.94
CAC CLA XA . 26.97 -34.47 27.23
CBC CLA XA . 26.75 -33.35 26.24
ND CLA XA . 31.03 -37.75 26.24
C1D CLA XA . 30.87 -36.44 26.75
C2D CLA XA . 32.19 -35.93 27.14
C3D CLA XA . 33.09 -36.89 26.84
C4D CLA XA . 32.33 -38.02 26.28
CMD CLA XA . 32.48 -34.65 27.73
CAD CLA XA . 34.48 -37.26 26.88
OBD CLA XA . 35.45 -36.64 27.30
CBD CLA XA . 34.57 -38.68 26.27
CGD CLA XA . 35.31 -38.59 24.98
O1D CLA XA . 34.89 -38.07 23.94
O2D CLA XA . 36.56 -39.12 24.99
CED CLA XA . 37.47 -38.63 24.03
C1 CLA XA . 32.73 -41.60 30.87
C2 CLA XA . 33.24 -42.01 32.19
C3 CLA XA . 32.97 -41.40 33.36
C4 CLA XA . 33.55 -41.92 34.62
C5 CLA XA . 32.10 -40.19 33.48
C6 CLA XA . 32.74 -39.07 34.28
MG CLA YA . 25.64 -34.26 17.11
CHA CLA YA . 26.81 -32.83 20.04
CHB CLA YA . 24.46 -36.90 18.93
CHC CLA YA . 23.70 -35.20 14.43
CHD CLA YA . 26.43 -31.27 15.41
NA CLA YA . 25.64 -34.75 19.14
C1A CLA YA . 26.16 -34.01 20.22
C2A CLA YA . 25.96 -34.77 21.55
C3A CLA YA . 25.50 -36.15 21.08
C4A CLA YA . 25.13 -35.92 19.61
CMA CLA YA . 26.63 -37.11 21.23
CAA CLA YA . 24.97 -34.14 22.52
CBA CLA YA . 23.65 -33.70 21.92
CGA CLA YA . 22.59 -33.53 22.96
O1A CLA YA . 22.70 -33.09 24.09
O2A CLA YA . 21.31 -33.83 22.56
NB CLA YA . 24.32 -35.74 16.77
C1B CLA YA . 24.07 -36.79 17.59
C2B CLA YA . 23.26 -37.82 16.88
C3B CLA YA . 23.03 -37.35 15.62
C4B CLA YA . 23.71 -36.02 15.53
CMB CLA YA . 22.78 -39.06 17.48
CAB CLA YA . 22.30 -37.97 14.55
CBB CLA YA . 21.15 -37.54 14.06
NC CLA YA . 25.19 -33.40 15.25
C1C CLA YA . 24.39 -33.97 14.31
C2C CLA YA . 24.34 -33.15 13.12
C3C CLA YA . 25.10 -32.02 13.39
C4C CLA YA . 25.63 -32.19 14.73
CMC CLA YA . 23.58 -33.46 11.92
CAC CLA YA . 25.37 -30.90 12.48
CBC CLA YA . 26.53 -31.13 11.54
ND CLA YA . 26.44 -32.45 17.54
C1D CLA YA . 26.80 -31.35 16.73
C2D CLA YA . 27.64 -30.42 17.51
C3D CLA YA . 27.71 -30.96 18.78
C4D CLA YA . 26.92 -32.20 18.75
CMD CLA YA . 28.24 -29.20 16.99
CAD CLA YA . 28.24 -30.82 20.12
OBD CLA YA . 29.04 -30.00 20.56
CBD CLA YA . 27.63 -31.98 20.97
CGD CLA YA . 28.73 -32.80 21.59
O1D CLA YA . 29.80 -33.09 21.07
O2D CLA YA . 28.44 -33.27 22.83
CED CLA YA . 29.26 -34.30 23.37
C1 CLA YA . 20.50 -32.83 21.91
C2 CLA YA . 19.21 -33.54 21.73
C3 CLA YA . 18.18 -33.25 20.94
C4 CLA YA . 16.99 -34.14 20.95
C5 CLA YA . 18.13 -32.06 20.03
C6 CLA YA . 17.63 -32.47 18.66
C7 CLA YA . 17.19 -31.32 17.77
C8 CLA YA . 16.80 -31.80 16.35
C9 CLA YA . 15.41 -32.41 16.30
C10 CLA YA . 17.81 -32.78 15.81
MG CLA ZA . 28.34 -22.69 21.38
CHA CLA ZA . 28.36 -19.81 23.33
CHB CLA ZA . 25.03 -23.04 21.92
CHC CLA ZA . 28.51 -25.91 20.17
CHD CLA ZA . 31.88 -22.55 21.27
NA CLA ZA . 26.92 -21.53 22.38
C1A CLA ZA . 27.09 -20.34 23.13
C2A CLA ZA . 25.70 -19.85 23.62
C3A CLA ZA . 24.70 -20.77 22.90
C4A CLA ZA . 25.59 -21.86 22.33
CMA CLA ZA . 23.65 -21.38 23.79
CAA CLA ZA . 25.43 -18.39 23.20
CBA CLA ZA . 24.06 -17.78 23.34
CGA CLA ZA . 24.19 -16.35 22.94
O1A CLA ZA . 23.86 -15.83 21.88
O2A CLA ZA . 24.61 -15.54 23.96
NB CLA ZA . 27.03 -24.18 21.10
C1B CLA ZA . 25.72 -24.14 21.39
C2B CLA ZA . 25.07 -25.42 21.02
C3B CLA ZA . 26.06 -26.25 20.52
C4B CLA ZA . 27.31 -25.46 20.56
CMB CLA ZA . 23.64 -25.62 21.20
CAB CLA ZA . 26.12 -27.61 20.05
CBB CLA ZA . 25.17 -28.50 19.79
NC CLA ZA . 29.89 -23.95 20.76
C1C CLA ZA . 29.73 -25.20 20.24
C2C CLA ZA . 31.01 -25.77 19.85
C3C CLA ZA . 31.95 -24.84 20.19
C4C CLA ZA . 31.27 -23.69 20.75
CMC CLA ZA . 31.22 -27.10 19.27
CAC CLA ZA . 33.39 -24.99 19.96
CBC CLA ZA . 33.87 -24.21 18.77
ND CLA ZA . 29.81 -21.46 22.03
C1D CLA ZA . 31.22 -21.53 21.90
C2D CLA ZA . 31.81 -20.36 22.55
C3D CLA ZA . 30.78 -19.69 23.15
C4D CLA ZA . 29.55 -20.41 22.80
CMD CLA ZA . 33.24 -20.07 22.60
CAD CLA ZA . 30.43 -18.53 23.93
OBD CLA ZA . 31.12 -17.62 24.38
CBD CLA ZA . 28.90 -18.62 24.11
CGD CLA ZA . 28.38 -18.58 25.52
O1D CLA ZA . 27.67 -17.68 25.97
O2D CLA ZA . 28.70 -19.62 26.32
CED CLA ZA . 28.42 -19.50 27.72
C1 CLA ZA . 24.96 -14.18 23.65
C2 CLA ZA . 26.43 -14.11 23.45
C3 CLA ZA . 27.37 -14.18 24.41
C4 CLA ZA . 27.06 -14.31 25.85
C5 CLA ZA . 28.82 -14.11 24.10
C6 CLA ZA . 29.14 -14.26 22.63
C7 CLA ZA . 30.61 -14.07 22.34
C8 CLA ZA . 30.98 -14.46 20.92
C9 CLA ZA . 30.48 -13.42 19.96
C10 CLA ZA . 30.39 -15.83 20.55
C11 CLA ZA . 31.44 -16.84 20.18
C12 CLA ZA . 31.85 -16.72 18.72
C13 CLA ZA . 33.09 -17.53 18.34
C14 CLA ZA . 33.28 -18.85 19.07
C15 CLA ZA . 34.35 -16.69 18.45
C16 CLA ZA . 35.40 -17.06 17.42
C17 CLA ZA . 34.83 -17.11 16.03
C18 CLA ZA . 35.82 -17.54 14.97
C19 CLA ZA . 35.16 -17.39 13.63
C20 CLA ZA . 37.01 -16.63 14.98
MG CLA AB . 10.84 -24.48 18.53
CHA CLA AB . 8.76 -24.73 21.31
CHB CLA AB . 12.35 -27.38 19.48
CHC CLA AB . 12.15 -24.81 15.35
CHD CLA AB . 8.92 -21.78 17.40
NA CLA AB . 10.59 -25.81 20.13
C1A CLA AB . 9.68 -25.72 21.20
C2A CLA AB . 9.84 -26.88 22.14
C3A CLA AB . 11.20 -27.46 21.75
C4A CLA AB . 11.40 -26.88 20.34
CMA CLA AB . 12.21 -27.04 22.78
CAA CLA AB . 8.76 -27.90 21.86
CBA CLA AB . 8.83 -29.10 22.77
CGA CLA AB . 7.58 -29.89 22.60
O1A CLA AB . 6.49 -29.48 22.20
O2A CLA AB . 7.69 -31.18 23.00
NB CLA AB . 12.07 -25.80 17.62
C1B CLA AB . 12.58 -26.92 18.18
C2B CLA AB . 13.42 -27.64 17.19
C3B CLA AB . 13.38 -26.91 16.01
C4B CLA AB . 12.50 -25.75 16.27
CMB CLA AB . 14.08 -28.89 17.55
CAB CLA AB . 13.93 -27.10 14.68
CBB CLA AB . 14.40 -28.19 14.08
NC CLA AB . 10.60 -23.45 16.72
C1C CLA AB . 11.23 -23.73 15.55
C2C CLA AB . 10.86 -22.77 14.52
C3C CLA AB . 9.93 -21.92 15.11
C4C CLA AB . 9.80 -22.33 16.49
CMC CLA AB . 11.29 -22.74 13.12
CAC CLA AB . 9.31 -20.76 14.44
CBC CLA AB . 7.87 -20.93 14.05
ND CLA AB . 9.17 -23.52 19.09
C1D CLA AB . 8.59 -22.35 18.60
C2D CLA AB . 7.60 -21.89 19.55
C3D CLA AB . 7.59 -22.77 20.60
C4D CLA AB . 8.62 -23.75 20.28
CMD CLA AB . 6.77 -20.75 19.26
CAD CLA AB . 7.01 -23.12 21.88
OBD CLA AB . 6.09 -22.59 22.48
CBD CLA AB . 7.81 -24.33 22.42
CGD CLA AB . 8.65 -23.90 23.60
O1D CLA AB . 9.86 -23.72 23.60
O2D CLA AB . 7.97 -23.70 24.76
CED CLA AB . 8.73 -23.19 25.86
C1 CLA AB . 6.45 -31.81 23.38
C2 CLA AB . 6.72 -32.74 24.50
C3 CLA AB . 7.04 -34.02 24.32
C4 CLA AB . 7.15 -34.64 23.00
C5 CLA AB . 7.30 -34.91 25.48
C6 CLA AB . 8.75 -35.31 25.52
C7 CLA AB . 9.01 -36.19 26.72
C8 CLA AB . 10.44 -36.72 26.88
C9 CLA AB . 11.13 -36.97 25.55
C10 CLA AB . 10.35 -38.01 27.67
C11 CLA AB . 11.15 -37.98 28.96
C12 CLA AB . 12.64 -38.18 28.77
C13 CLA AB . 13.46 -38.12 30.05
C14 CLA AB . 14.83 -38.75 29.81
C15 CLA AB . 12.74 -38.68 31.28
C16 CLA AB . 13.63 -38.98 32.46
C17 CLA AB . 12.83 -39.28 33.70
C18 CLA AB . 13.69 -39.31 34.95
C19 CLA AB . 14.12 -37.93 35.41
C20 CLA AB . 14.87 -40.26 34.86
MG CLA BB . 8.95 -25.51 31.08
CHA CLA BB . 9.73 -26.71 27.94
CHB CLA BB . 11.86 -26.80 32.29
CHC CLA BB . 7.85 -24.98 34.24
CHD CLA BB . 5.65 -24.80 29.88
NA CLA BB . 10.54 -26.53 30.22
C1A CLA BB . 10.71 -26.88 28.88
C2A CLA BB . 12.07 -27.59 28.70
C3A CLA BB . 12.71 -27.55 30.09
C4A CLA BB . 11.65 -26.88 30.93
CMA CLA BB . 12.91 -28.94 30.58
CAA CLA BB . 12.97 -26.81 27.75
CBA CLA BB . 14.37 -27.35 27.59
CGA CLA BB . 14.95 -26.66 26.42
O1A CLA BB . 14.44 -26.51 25.32
O2A CLA BB . 16.16 -26.11 26.67
NB CLA BB . 9.71 -25.86 32.92
C1B CLA BB . 10.96 -26.27 33.20
C2B CLA BB . 11.29 -26.05 34.62
C3B CLA BB . 10.16 -25.53 35.21
C4B CLA BB . 9.13 -25.44 34.12
CMB CLA BB . 12.61 -26.45 35.10
CAB CLA BB . 9.83 -25.15 36.56
CBB CLA BB . 10.62 -24.84 37.58
NC CLA BB . 7.11 -24.94 31.88
C1C CLA BB . 6.93 -24.72 33.19
C2C CLA BB . 5.59 -24.24 33.41
C3C CLA BB . 4.93 -24.24 32.17
C4C CLA BB . 5.92 -24.65 31.23
CMC CLA BB . 5.17 -23.89 34.73
CAC CLA BB . 3.57 -23.79 31.80
CBC CLA BB . 2.49 -24.84 31.75
ND CLA BB . 7.89 -25.66 29.37
C1D CLA BB . 6.57 -25.30 29.01
C2D CLA BB . 6.35 -25.57 27.59
C3D CLA BB . 7.50 -26.15 27.17
C4D CLA BB . 8.44 -26.18 28.30
CMD CLA BB . 5.12 -25.32 26.87
CAD CLA BB . 8.17 -26.73 26.03
OBD CLA BB . 7.74 -26.88 24.90
CBD CLA BB . 9.59 -27.10 26.48
CGD CLA BB . 10.08 -28.49 26.18
O1D CLA BB . 10.95 -28.81 25.39
O2D CLA BB . 9.48 -29.48 26.90
CED CLA BB . 9.55 -30.80 26.39
C1 CLA BB . 17.14 -26.40 25.67
C2 CLA BB . 18.26 -25.45 25.85
C3 CLA BB . 18.28 -24.16 25.48
C4 CLA BB . 17.16 -23.53 24.75
C5 CLA BB . 19.49 -23.31 25.74
C6 CLA BB . 20.50 -23.98 26.65
C7 CLA BB . 21.92 -23.56 26.39
C8 CLA BB . 22.85 -24.75 26.17
C9 CLA BB . 22.71 -25.23 24.76
C10 CLA BB . 22.54 -25.98 27.00
C11 CLA BB . 23.73 -26.85 27.18
C12 CLA BB . 23.44 -27.63 28.42
C13 CLA BB . 24.45 -28.72 28.77
C14 CLA BB . 24.64 -29.68 27.62
C15 CLA BB . 24.08 -29.48 30.06
C16 CLA BB . 23.24 -28.71 31.05
C17 CLA BB . 22.76 -29.53 32.23
C18 CLA BB . 21.74 -28.77 33.06
C19 CLA BB . 20.48 -28.53 32.25
C20 CLA BB . 22.26 -27.43 33.53
MG CLA CB . 8.35 -5.34 21.86
CHA CLA CB . 9.53 -2.81 23.92
CHB CLA CB . 5.47 -5.41 23.71
CHC CLA CB . 6.73 -6.91 19.28
CHD CLA CB . 11.09 -4.72 19.70
NA CLA CB . 7.67 -4.34 23.56
C1A CLA CB . 8.31 -3.34 24.30
C2A CLA CB . 7.45 -2.94 25.51
C3A CLA CB . 6.40 -4.07 25.58
C4A CLA CB . 6.50 -4.66 24.18
CMA CLA CB . 6.73 -5.09 26.63
CAA CLA CB . 6.84 -1.54 25.43
CBA CLA CB . 5.72 -1.24 24.47
CGA CLA CB . 6.26 -1.09 23.09
O1A CLA CB . 6.19 -1.90 22.16
O2A CLA CB . 6.92 0.08 22.88
NB CLA CB . 6.50 -6.08 21.59
C1B CLA CB . 5.46 -5.95 22.44
C2B CLA CB . 4.20 -6.41 21.84
C3B CLA CB . 4.52 -6.84 20.56
C4B CLA CB . 6.00 -6.65 20.40
CMB CLA CB . 2.96 -6.35 22.59
CAB CLA CB . 3.73 -7.34 19.47
CBB CLA CB . 2.42 -7.40 19.23
NC CLA CB . 8.88 -5.84 19.90
C1C CLA CB . 8.10 -6.57 19.06
C2C CLA CB . 8.80 -6.82 17.82
C3C CLA CB . 10.00 -6.12 17.88
C4C CLA CB . 10.05 -5.53 19.21
CMC CLA CB . 8.25 -7.59 16.72
CAC CLA CB . 11.06 -6.12 16.86
CBC CLA CB . 11.28 -4.83 16.11
ND CLA CB . 9.97 -4.12 21.78
C1D CLA CB . 11.05 -4.04 20.88
C2D CLA CB . 12.05 -3.08 21.39
C3D CLA CB . 11.47 -2.54 22.52
C4D CLA CB . 10.19 -3.22 22.72
CMD CLA CB . 13.31 -2.76 20.75
CAD CLA CB . 11.64 -1.59 23.59
OBD CLA CB . 12.54 -0.79 23.78
CBD CLA CB . 10.41 -1.73 24.50
CGD CLA CB . 10.85 -1.95 25.91
O1D CLA CB . 11.38 -2.96 26.37
O2D CLA CB . 10.65 -0.88 26.71
CED CLA CB . 11.46 -0.79 27.86
C1 CLA CB . 7.64 0.18 21.62
C2 CLA CB . 8.10 1.57 21.44
C3 CLA CB . 7.26 2.58 21.15
C4 CLA CB . 5.76 2.47 21.02
C5 CLA CB . 7.81 3.93 20.98
C6 CLA CB . 8.66 4.10 19.75
C7 CLA CB . 7.89 3.96 18.45
C8 CLA CB . 8.77 4.14 17.24
C9 CLA CB . 7.91 3.83 16.05
C10 CLA CB . 9.92 3.16 17.32
C11 CLA CB . 10.86 3.36 16.16
C12 CLA CB . 11.46 4.76 16.05
C13 CLA CB . 12.52 4.90 14.94
C14 CLA CB . 12.81 3.63 14.13
C15 CLA CB . 13.80 5.55 15.46
C16 CLA CB . 14.87 4.59 15.93
C17 CLA CB . 16.08 5.35 16.42
MG CLA DB . 13.75 -9.24 27.40
CHA CLA DB . 12.75 -8.59 30.62
CHB CLA DB . 13.08 -6.01 26.56
CHC CLA DB . 15.31 -9.72 24.38
CHD CLA DB . 14.88 -12.44 28.43
NA CLA DB . 12.98 -7.58 28.43
C1A CLA DB . 12.60 -7.51 29.77
C2A CLA DB . 12.01 -6.13 30.10
C3A CLA DB . 11.87 -5.49 28.71
C4A CLA DB . 12.68 -6.41 27.81
CMA CLA DB . 10.42 -5.45 28.32
CAA CLA DB . 12.79 -5.26 31.08
CBA CLA DB . 14.16 -4.94 30.58
CGA CLA DB . 15.12 -5.09 31.69
O1A CLA DB . 15.52 -4.28 32.52
O2A CLA DB . 15.62 -6.35 31.74
NB CLA DB . 14.14 -8.08 25.80
C1B CLA DB . 13.79 -6.79 25.65
C2B CLA DB . 14.17 -6.30 24.30
C3B CLA DB . 14.80 -7.36 23.66
C4B CLA DB . 14.78 -8.49 24.61
CMB CLA DB . 13.87 -4.94 23.88
CAB CLA DB . 15.41 -7.52 22.36
CBB CLA DB . 15.12 -6.94 21.20
NC CLA DB . 14.88 -10.81 26.57
C1C CLA DB . 15.34 -10.81 25.29
C2C CLA DB . 15.94 -12.09 24.98
C3C CLA DB . 15.92 -12.83 26.17
C4C CLA DB . 15.19 -12.03 27.14
CMC CLA DB . 16.52 -12.46 23.69
CAC CLA DB . 16.38 -14.21 26.33
CBC CLA DB . 17.73 -14.26 26.99
ND CLA DB . 13.90 -10.30 29.10
C1D CLA DB . 14.31 -11.62 29.37
C2D CLA DB . 13.99 -11.94 30.77
C3D CLA DB . 13.40 -10.81 31.31
C4D CLA DB . 13.36 -9.82 30.22
CMD CLA DB . 14.31 -13.20 31.37
CAD CLA DB . 12.80 -10.20 32.47
OBD CLA DB . 12.64 -10.65 33.59
CBD CLA DB . 12.35 -8.79 32.06
CGD CLA DB . 10.88 -8.60 32.20
O1D CLA DB . 10.01 -8.87 31.37
O2D CLA DB . 10.52 -8.06 33.38
CED CLA DB . 9.17 -7.64 33.54
C1 CLA DB . 15.69 -6.85 33.07
C2 CLA DB . 15.99 -8.31 33.08
C3 CLA DB . 16.08 -8.98 34.22
C4 CLA DB . 15.86 -8.30 35.51
C5 CLA DB . 16.37 -10.44 34.31
C6 CLA DB . 17.11 -11.05 33.13
C7 CLA DB . 17.61 -12.42 33.50
C8 CLA DB . 18.22 -13.15 32.32
C9 CLA DB . 17.99 -14.64 32.47
C10 CLA DB . 19.70 -12.82 32.21
C11 CLA DB . 20.39 -13.52 31.07
C12 CLA DB . 21.72 -12.87 30.78
C13 CLA DB . 22.66 -13.65 29.89
C14 CLA DB . 23.84 -12.79 29.50
C15 CLA DB . 21.98 -14.18 28.63
C16 CLA DB . 22.48 -15.58 28.33
C17 CLA DB . 21.69 -16.19 27.20
C18 CLA DB . 21.85 -17.71 27.09
C19 CLA DB . 23.29 -18.17 27.15
C20 CLA DB . 21.13 -18.22 25.87
MG CLA EB . 21.34 -11.45 9.95
CHA CLA EB . 22.22 -10.52 6.68
CHB CLA EB . 24.11 -9.86 11.09
CHC CLA EB . 19.96 -11.26 13.11
CHD CLA EB . 18.13 -12.33 8.70
NA CLA EB . 22.92 -10.43 9.02
C1A CLA EB . 23.11 -10.13 7.66
C2A CLA EB . 24.44 -9.38 7.44
C3A CLA EB . 25.12 -9.48 8.82
C4A CLA EB . 23.98 -9.94 9.73
CMA CLA EB . 26.17 -10.55 8.75
CAA CLA EB . 24.31 -7.97 6.84
CBA CLA EB . 23.72 -6.94 7.74
CGA CLA EB . 23.46 -5.64 7.05
O1A CLA EB . 24.21 -5.01 6.31
O2A CLA EB . 22.22 -5.13 7.29
NB CLA EB . 21.88 -10.65 11.71
C1B CLA EB . 23.13 -10.25 11.99
C2B CLA EB . 23.36 -10.25 13.45
C3B CLA EB . 22.19 -10.66 14.07
C4B CLA EB . 21.24 -10.90 12.96
CMB CLA EB . 24.64 -9.81 13.95
CAB CLA EB . 21.77 -10.81 15.45
CBB CLA EB . 22.51 -10.99 16.54
NC CLA EB . 19.43 -11.80 10.75
C1C CLA EB . 19.10 -11.68 12.08
C2C CLA EB . 17.70 -12.01 12.29
C3C CLA EB . 17.17 -12.27 11.03
C4C CLA EB . 18.25 -12.17 10.08
CMC CLA EB . 17.06 -11.96 13.59
CAC CLA EB . 15.78 -12.66 10.76
CBC CLA EB . 14.91 -11.56 10.18
ND CLA EB . 20.41 -11.60 8.17
C1D CLA EB . 19.12 -12.08 7.80
C2D CLA EB . 19.02 -12.14 6.34
C3D CLA EB . 20.16 -11.52 5.88
C4D CLA EB . 20.98 -11.17 7.04
CMD CLA EB . 17.91 -12.65 5.56
CAD CLA EB . 20.86 -11.10 4.70
OBD CLA EB . 20.51 -11.19 3.53
CBD CLA EB . 22.18 -10.42 5.16
CGD CLA EB . 23.33 -10.94 4.34
O1D CLA EB . 23.36 -11.05 3.12
O2D CLA EB . 24.45 -11.33 5.01
CED CLA EB . 25.44 -12.06 4.30
C1 CLA EB . 22.06 -3.69 7.25
C2 CLA EB . 20.92 -3.29 8.10
C3 CLA EB . 19.77 -2.76 7.63
C4 CLA EB . 19.57 -2.49 6.18
C5 CLA EB . 18.67 -2.40 8.59
C6 CLA EB . 17.27 -2.34 8.00
C7 CLA EB . 16.45 -3.53 8.44
C8 CLA EB . 15.02 -3.20 8.89
C9 CLA EB . 14.10 -3.07 7.70
C10 CLA EB . 14.96 -1.92 9.72
C11 CLA EB . 14.41 -2.20 11.09
C12 CLA EB . 13.01 -1.67 11.33
C13 CLA EB . 12.86 -1.17 12.76
C14 CLA EB . 13.28 -2.20 13.79
C15 CLA EB . 11.44 -0.72 13.08
C16 CLA EB . 11.07 0.58 12.41
C17 CLA EB . 9.94 1.25 13.15
C18 CLA EB . 8.84 1.70 12.20
C19 CLA EB . 7.55 1.86 12.94
C20 CLA EB . 9.19 3.03 11.54
MG CLA FB . 18.36 -38.44 8.44
CHA CLA FB . 21.03 -40.61 8.24
CHB CLA FB . 16.36 -40.86 7.12
CHC CLA FB . 15.59 -36.61 9.32
CHD CLA FB . 20.38 -36.16 10.17
NA CLA FB . 18.67 -40.40 7.82
C1A CLA FB . 19.87 -41.14 7.82
C2A CLA FB . 19.66 -42.53 7.23
C3A CLA FB . 18.23 -42.44 6.66
C4A CLA FB . 17.68 -41.14 7.25
CMA CLA FB . 18.25 -42.33 5.16
CAA CLA FB . 19.83 -43.64 8.26
CBA CLA FB . 18.61 -43.89 9.09
CGA CLA FB . 18.60 -45.25 9.66
O1A CLA FB . 18.79 -46.33 9.11
O2A CLA FB . 18.23 -45.22 10.97
NB CLA FB . 16.39 -38.67 8.23
C1B CLA FB . 15.77 -39.70 7.63
C2B CLA FB . 14.31 -39.47 7.55
C3B CLA FB . 14.08 -38.27 8.17
C4B CLA FB . 15.38 -37.76 8.63
CMB CLA FB . 13.44 -40.48 6.93
CAB CLA FB . 12.86 -37.56 8.44
CBB CLA FB . 11.77 -38.06 9.01
NC CLA FB . 18.05 -36.70 9.56
C1C CLA FB . 16.84 -36.11 9.76
C2C CLA FB . 16.99 -34.88 10.50
C3C CLA FB . 18.35 -34.74 10.77
C4C CLA FB . 19.00 -35.89 10.16
CMC CLA FB . 15.86 -34.02 10.84
CAC CLA FB . 19.01 -33.62 11.46
CBC CLA FB . 19.56 -33.96 12.82
ND CLA FB . 20.21 -38.40 9.24
C1D CLA FB . 20.96 -37.34 9.78
C2D CLA FB . 22.37 -37.68 9.77
C3D CLA FB . 22.45 -38.92 9.21
C4D CLA FB . 21.09 -39.32 8.88
CMD CLA FB . 23.43 -36.84 10.27
CAD CLA FB . 23.32 -39.97 8.78
OBD CLA FB . 24.53 -40.02 8.84
CBD CLA FB . 22.47 -41.07 8.14
CGD CLA FB . 22.94 -41.35 6.73
O1D CLA FB . 23.56 -42.35 6.37
O2D CLA FB . 22.65 -40.41 5.80
CED CLA FB . 23.33 -40.47 4.54
C1 CLA FB . 16.94 -45.76 11.28
C2 CLA FB . 16.62 -45.23 12.61
C3 CLA FB . 17.04 -45.79 13.76
C4 CLA FB . 17.84 -47.04 13.80
C5 CLA FB . 16.67 -45.18 15.07
MG CLA GB . -6.53 -39.45 8.38
CHA CLA GB . -4.31 -39.13 5.74
CHB CLA GB . -8.99 -38.11 6.46
CHC CLA GB . -8.87 -40.50 10.67
CHD CLA GB . -4.09 -41.36 10.10
NA CLA GB . -6.60 -38.71 6.43
C1A CLA GB . -5.57 -38.64 5.49
C2A CLA GB . -6.07 -37.95 4.22
C3A CLA GB . -7.45 -37.41 4.61
C4A CLA GB . -7.72 -38.12 5.93
CMA CLA GB . -7.44 -35.92 4.76
CAA CLA GB . -6.19 -38.90 3.07
CBA CLA GB . -5.27 -38.51 1.95
CGA CLA GB . -5.67 -37.31 1.20
O1A CLA GB . -6.81 -36.96 0.89
O2A CLA GB . -4.60 -36.59 0.77
NB CLA GB . -8.54 -39.33 8.53
C1B CLA GB . -9.37 -38.73 7.64
C2B CLA GB . -10.78 -38.85 8.13
C3B CLA GB . -10.74 -39.53 9.31
C4B CLA GB . -9.32 -39.83 9.59
CMB CLA GB . -11.95 -38.30 7.45
CAB CLA GB . -11.81 -39.89 10.20
CBB CLA GB . -12.44 -41.06 10.24
NC CLA GB . -6.46 -40.64 10.11
C1C CLA GB . -7.53 -40.85 10.92
C2C CLA GB . -7.12 -41.62 12.07
C3C CLA GB . -5.79 -41.95 11.88
C4C CLA GB . -5.37 -41.31 10.65
CMC CLA GB . -8.00 -42.02 13.17
CAC CLA GB . -4.94 -42.70 12.80
CBC CLA GB . -4.19 -41.78 13.73
ND CLA GB . -4.64 -40.12 8.08
C1D CLA GB . -3.73 -40.83 8.89
C2D CLA GB . -2.42 -40.88 8.23
C3D CLA GB . -2.60 -40.27 7.02
C4D CLA GB . -3.99 -39.82 6.96
CMD CLA GB . -1.22 -41.52 8.76
CAD CLA GB . -1.96 -39.90 5.77
OBD CLA GB . -0.84 -40.14 5.37
CBD CLA GB . -3.03 -39.14 4.95
CGD CLA GB . -2.50 -37.76 4.76
O1D CLA GB . -2.85 -36.74 5.37
O2D CLA GB . -1.53 -37.69 3.83
CED CLA GB . -0.74 -36.51 3.78
C1 CLA GB . -4.86 -35.55 -0.17
C2 CLA GB . -3.57 -35.13 -0.76
C3 CLA GB . -3.47 -34.06 -1.54
C4 CLA GB . -2.18 -33.63 -2.13
C5 CLA GB . -4.64 -33.17 -1.80
C6 CLA GB . -5.07 -33.13 -3.24
C7 CLA GB . -6.45 -32.49 -3.23
C8 CLA GB . -6.90 -32.13 -4.62
C9 CLA GB . -8.22 -31.40 -4.55
C10 CLA GB . -6.96 -33.38 -5.48
C11 CLA GB . -6.76 -33.02 -6.91
C12 CLA GB . -6.42 -34.21 -7.79
C13 CLA GB . -5.99 -33.87 -9.22
C14 CLA GB . -4.49 -34.06 -9.27
C15 CLA GB . -6.42 -32.48 -9.70
C16 CLA GB . -7.28 -32.46 -10.94
C17 CLA GB . -6.51 -32.88 -12.16
C18 CLA GB . -7.19 -32.37 -13.43
C19 CLA GB . -6.85 -30.90 -13.67
C20 CLA GB . -6.71 -33.19 -14.59
MG CLA HB . -15.27 -34.40 8.58
CHA CLA HB . -17.93 -36.59 8.68
CHB CLA HB . -13.47 -36.56 10.56
CHC CLA HB . -12.37 -32.79 7.76
CHD CLA HB . -16.94 -32.52 6.09
NA CLA HB . -15.66 -36.25 9.48
C1A CLA HB . -16.84 -36.99 9.40
C2A CLA HB . -16.72 -38.27 10.24
C3A CLA HB . -15.41 -38.06 11.04
C4A CLA HB . -14.78 -36.88 10.32
CMA CLA HB . -15.66 -37.83 12.50
CAA CLA HB . -16.70 -39.51 9.36
CBA CLA HB . -15.51 -39.76 8.49
CGA CLA HB . -15.80 -41.07 7.86
O1A CLA HB . -16.75 -41.80 8.06
O2A CLA HB . -14.83 -41.43 6.99
NB CLA HB . -13.33 -34.59 9.10
C1B CLA HB . -12.79 -35.53 9.90
C2B CLA HB . -11.32 -35.41 9.97
C3B CLA HB . -10.99 -34.35 9.17
C4B CLA HB . -12.25 -33.84 8.60
CMB CLA HB . -10.50 -36.32 10.77
CAB CLA HB . -9.72 -33.79 8.80
CBB CLA HB . -8.68 -34.47 8.28
NC CLA HB . -14.78 -32.88 7.25
C1C CLA HB . -13.55 -32.32 7.15
C2C CLA HB . -13.54 -31.21 6.23
C3C CLA HB . -14.82 -31.17 5.66
C4C CLA HB . -15.59 -32.21 6.33
CMC CLA HB . -12.30 -30.46 6.03
CAC CLA HB . -15.40 -30.19 4.72
CBC CLA HB . -14.78 -30.05 3.36
ND CLA HB . -17.00 -34.49 7.55
C1D CLA HB . -17.61 -33.61 6.62
C2D CLA HB . -18.99 -34.05 6.38
C3D CLA HB . -19.18 -35.17 7.16
C4D CLA HB . -17.90 -35.41 7.86
CMD CLA HB . -19.96 -33.40 5.50
CAD CLA HB . -20.10 -36.20 7.56
OBD CLA HB . -21.26 -36.42 7.22
CBD CLA HB . -19.33 -37.13 8.54
CGD CLA HB . -20.05 -37.27 9.85
O1D CLA HB . -21.09 -37.89 10.01
O2D CLA HB . -19.52 -36.67 10.94
CED CLA HB . -19.79 -37.25 12.22
C1 CLA HB . -14.32 -42.77 7.12
C2 CLA HB . -12.86 -42.56 7.13
C3 CLA HB . -11.98 -43.32 6.48
C4 CLA HB . -12.36 -44.44 5.60
C5 CLA HB . -10.53 -43.02 6.56
C6 CLA HB . -9.71 -43.90 7.43
C7 CLA HB . -8.36 -43.25 7.52
C8 CLA HB . -7.45 -44.23 8.19
C9 CLA HB . -7.77 -44.28 9.67
C10 CLA HB . -6.02 -43.86 7.93
C11 CLA HB . -5.14 -45.04 8.21
C12 CLA HB . -3.68 -44.76 8.06
C13 CLA HB . -2.89 -45.84 8.76
C14 CLA HB . -2.81 -45.54 10.24
C15 CLA HB . -1.50 -45.86 8.14
C16 CLA HB . -0.59 -46.88 8.77
C17 CLA HB . -1.02 -48.30 8.44
C18 CLA HB . 0.06 -49.01 7.64
C19 CLA HB . -0.34 -50.44 7.38
C20 CLA HB . 1.38 -49.04 8.37
MG CLA IB . 7.46 -32.67 34.59
CHA CLA IB . 8.78 -31.95 37.70
CHB CLA IB . 8.24 -29.49 33.56
CHC CLA IB . 6.99 -33.60 31.31
CHD CLA IB . 7.38 -36.08 35.52
NA CLA IB . 8.30 -31.00 35.51
C1A CLA IB . 8.83 -30.91 36.81
C2A CLA IB . 9.35 -29.50 37.10
C3A CLA IB . 8.76 -28.72 35.91
C4A CLA IB . 8.42 -29.80 34.89
CMA CLA IB . 7.52 -27.97 36.33
CAA CLA IB . 10.86 -29.33 37.12
CBA CLA IB . 11.60 -30.27 36.20
CGA CLA IB . 13.08 -30.20 36.36
O1A CLA IB . 13.78 -30.53 37.32
O2A CLA IB . 13.68 -29.73 35.22
NB CLA IB . 7.56 -31.74 32.82
C1B CLA IB . 7.90 -30.44 32.59
C2B CLA IB . 7.81 -30.15 31.15
C3B CLA IB . 7.45 -31.31 30.51
C4B CLA IB . 7.27 -32.32 31.57
CMB CLA IB . 8.12 -28.86 30.60
CAB CLA IB . 7.25 -31.65 29.14
CBB CLA IB . 6.46 -31.02 28.28
NC CLA IB . 7.19 -34.51 33.61
C1C CLA IB . 6.96 -34.65 32.28
C2C CLA IB . 6.74 -36.03 31.93
C3C CLA IB . 6.94 -36.75 33.10
C4C CLA IB . 7.20 -35.78 34.15
CMC CLA IB . 6.47 -36.53 30.58
CAC CLA IB . 6.85 -38.21 33.27
CBC CLA IB . 8.22 -38.84 33.48
ND CLA IB . 7.91 -33.81 36.19
C1D CLA IB . 7.72 -35.18 36.48
C2D CLA IB . 7.94 -35.43 37.92
C3D CLA IB . 8.32 -34.21 38.42
C4D CLA IB . 8.32 -33.24 37.31
CMD CLA IB . 7.78 -36.71 38.60
CAD CLA IB . 8.69 -33.49 39.62
OBD CLA IB . 8.72 -33.89 40.77
CBD CLA IB . 9.07 -32.04 39.18
CGD CLA IB . 8.27 -31.03 39.95
O1D CLA IB . 7.05 -30.86 39.90
O2D CLA IB . 9.00 -30.25 40.77
CED CLA IB . 8.35 -29.48 41.77
C1 CLA IB . 15.09 -29.95 35.04
C2 CLA IB . 15.68 -28.68 34.54
C3 CLA IB . 16.18 -28.50 33.31
C4 CLA IB . 16.22 -29.58 32.29
C5 CLA IB . 16.75 -27.19 32.87
MG CLA JB . 1.14 -25.63 25.56
CHA CLA JB . 1.37 -28.06 28.03
CHB CLA JB . 3.63 -27.21 23.86
CHC CLA JB . 1.55 -22.86 23.56
CHD CLA JB . -0.63 -23.63 27.88
NA CLA JB . 2.24 -27.38 25.87
C1A CLA JB . 2.16 -28.28 26.93
C2A CLA JB . 3.15 -29.43 26.73
C3A CLA JB . 3.80 -29.14 25.37
C4A CLA JB . 3.18 -27.82 24.98
CMA CLA JB . 5.28 -29.01 25.55
CAA CLA JB . 2.44 -30.75 26.56
CBA CLA JB . 3.04 -31.70 27.56
CGA CLA JB . 2.58 -33.04 27.16
O1A CLA JB . 1.52 -33.31 26.61
O2A CLA JB . 3.52 -33.99 27.37
NB CLA JB . 2.36 -25.13 24.03
C1B CLA JB . 3.19 -25.97 23.40
C2B CLA JB . 3.67 -25.42 22.12
C3B CLA JB . 3.07 -24.17 22.00
C4B CLA JB . 2.24 -23.97 23.23
CMB CLA JB . 4.60 -26.21 21.31
CAB CLA JB . 3.16 -23.11 21.04
CBB CLA JB . 3.82 -23.08 19.89
NC CLA JB . 0.48 -23.64 25.67
C1C CLA JB . 0.70 -22.71 24.69
C2C CLA JB . 0.05 -21.47 25.06
C3C CLA JB . -0.48 -21.65 26.33
C4C CLA JB . -0.22 -23.03 26.69
CMC CLA JB . 0.08 -20.25 24.25
CAC CLA JB . -1.20 -20.66 27.14
CBC CLA JB . -2.69 -20.80 27.12
ND CLA JB . 0.39 -25.78 27.43
C1D CLA JB . -0.36 -24.91 28.24
C2D CLA JB . -0.70 -25.56 29.50
C3D CLA JB . -0.09 -26.76 29.44
C4D CLA JB . 0.62 -26.85 28.16
CMD CLA JB . -1.50 -24.98 30.56
CAD CLA JB . 0.21 -27.95 30.18
OBD CLA JB . -0.07 -28.21 31.32
CBD CLA JB . 1.13 -28.82 29.32
CGD CLA JB . 2.36 -29.14 30.09
O1D CLA JB . 2.60 -30.18 30.69
O2D CLA JB . 3.28 -28.13 30.11
CED CLA JB . 4.44 -28.30 30.92
C1 CLA JB . 3.18 -35.28 26.86
C2 CLA JB . 4.12 -36.30 27.29
C3 CLA JB . 4.17 -37.48 26.67
C4 CLA JB . 3.34 -37.90 25.52
C5 CLA JB . 5.14 -38.49 27.13
C6 CLA JB . 6.10 -38.81 26.02
MG CLA KB . -0.30 -34.88 19.12
CHA CLA KB . -0.31 -33.71 22.36
CHB CLA KB . 2.36 -32.83 18.43
CHC CLA KB . 0.29 -36.60 16.21
CHD CLA KB . -2.46 -37.53 20.14
NA CLA KB . 0.81 -33.49 20.23
C1A CLA KB . 0.64 -33.11 21.56
C2A CLA KB . 1.65 -32.06 21.99
C3A CLA KB . 2.30 -31.65 20.64
C4A CLA KB . 1.80 -32.74 19.67
CMA CLA KB . 1.90 -30.27 20.21
CAA CLA KB . 2.69 -32.58 22.98
CBA CLA KB . 3.47 -33.79 22.56
CGA CLA KB . 2.86 -35.08 22.98
O1A CLA KB . 2.02 -35.33 23.82
O2A CLA KB . 3.32 -36.11 22.25
NB CLA KB . 1.06 -34.75 17.63
C1B CLA KB . 2.00 -33.78 17.48
C2B CLA KB . 2.63 -33.87 16.14
C3B CLA KB . 2.06 -34.94 15.49
C4B CLA KB . 1.05 -35.51 16.43
CMB CLA KB . 3.67 -32.98 15.66
CAB CLA KB . 2.37 -35.43 14.16
CBB CLA KB . 2.64 -36.66 13.73
NC CLA KB . -1.00 -36.69 18.32
C1C CLA KB . -0.68 -37.16 17.08
C2C CLA KB . -1.40 -38.37 16.78
C3C CLA KB . -2.10 -38.71 17.93
C4C CLA KB . -1.88 -37.63 18.88
CMC CLA KB . -1.30 -39.15 15.54
CAC CLA KB . -2.99 -39.87 18.05
CBC CLA KB . -2.38 -40.96 18.90
ND CLA KB . -1.21 -35.52 20.80
C1D CLA KB . -2.16 -36.54 21.05
C2D CLA KB . -2.71 -36.40 22.41
C3D CLA KB . -2.02 -35.33 22.97
C4D CLA KB . -1.08 -34.83 21.93
CMD CLA KB . -3.73 -37.25 22.97
CAD CLA KB . -1.79 -34.52 24.15
OBD CLA KB . -2.23 -34.62 25.27
CBD CLA KB . -0.73 -33.46 23.79
CGD CLA KB . -1.07 -32.02 24.07
O1D CLA KB . -0.30 -31.18 24.57
O2D CLA KB . -2.33 -31.64 23.74
CED CLA KB . -2.76 -30.37 24.24
C1 CLA KB . 2.62 -36.32 21.03
C2 CLA KB . 1.73 -37.48 21.24
C3 CLA KB . 1.64 -38.48 20.36
C4 CLA KB . 0.75 -39.63 20.57
C5 CLA KB . 2.49 -38.49 19.12
C6 CLA KB . 2.20 -39.55 18.09
C7 CLA KB . 3.17 -39.45 16.92
C8 CLA KB . 3.04 -40.71 16.08
C9 CLA KB . 4.28 -41.55 16.26
C10 CLA KB . 2.82 -40.36 14.61
C11 CLA KB . 2.09 -41.47 13.85
C12 CLA KB . 1.66 -41.04 12.47
C13 CLA KB . 1.36 -42.24 11.56
C14 CLA KB . 0.21 -43.04 12.11
C15 CLA KB . 2.59 -43.12 11.37
C16 CLA KB . 2.32 -44.29 10.43
C17 CLA KB . 2.63 -44.01 8.98
C18 CLA KB . 3.91 -44.61 8.41
C19 CLA KB . 3.65 -45.19 7.04
C20 CLA KB . 4.56 -45.70 9.23
MG CLA LB . 8.55 -33.42 14.41
CHA CLA LB . 7.93 -32.03 17.51
CHB CLA LB . 11.04 -31.13 13.88
CHC CLA LB . 9.54 -35.13 11.59
CHD CLA LB . 6.40 -36.11 15.23
NA CLA LB . 9.35 -31.84 15.53
C1A CLA LB . 8.92 -31.39 16.79
C2A CLA LB . 9.73 -30.16 17.20
C3A CLA LB . 10.62 -29.85 15.97
C4A CLA LB . 10.32 -31.02 15.05
CMA CLA LB . 10.25 -28.55 15.33
CAA CLA LB . 10.51 -30.28 18.49
CBA CLA LB . 11.36 -31.51 18.62
CGA CLA LB . 11.70 -31.54 20.06
O1A CLA LB . 10.89 -31.84 20.94
O2A CLA LB . 12.98 -31.15 20.36
NB CLA LB . 9.95 -33.14 12.98
C1B CLA LB . 10.88 -32.16 12.95
C2B CLA LB . 11.74 -32.31 11.75
C3B CLA LB . 11.32 -33.44 11.09
C4B CLA LB . 10.19 -33.98 11.88
CMB CLA LB . 12.84 -31.37 11.52
CAB CLA LB . 11.77 -34.15 9.91
CBB CLA LB . 12.49 -33.73 8.88
NC CLA LB . 8.07 -35.27 13.58
C1C CLA LB . 8.56 -35.76 12.40
C2C CLA LB . 7.95 -37.03 12.09
C3C CLA LB . 7.08 -37.32 13.12
C4C CLA LB . 7.13 -36.20 14.05
CMC CLA LB . 8.29 -37.85 10.92
CAC CLA LB . 6.20 -38.49 13.27
CBC CLA LB . 6.88 -39.65 13.94
ND CLA LB . 7.55 -34.09 16.03
C1D CLA LB . 6.62 -35.14 16.18
C2D CLA LB . 5.90 -34.99 17.46
C3D CLA LB . 6.36 -33.81 17.99
C4D CLA LB . 7.38 -33.28 17.06
CMD CLA LB . 4.90 -35.90 17.98
CAD CLA LB . 6.29 -32.93 19.12
OBD CLA LB . 5.65 -33.06 20.15
CBD CLA LB . 7.18 -31.72 18.80
CGD CLA LB . 6.30 -30.53 18.59
O1D CLA LB . 5.17 -30.53 18.12
O2D CLA LB . 6.85 -29.33 18.95
CED CLA LB . 6.24 -28.16 18.43
C1 CLA LB . 13.41 -31.15 21.74
C2 CLA LB . 13.71 -32.56 22.03
C3 CLA LB . 13.27 -33.18 23.12
C4 CLA LB . 12.44 -32.55 24.17
C5 CLA LB . 13.61 -34.61 23.26
C6 CLA LB . 14.62 -34.88 24.36
C7 CLA LB . 15.02 -36.34 24.25
C8 CLA LB . 16.33 -36.71 24.98
C9 CLA LB . 16.01 -37.43 26.26
C10 CLA LB . 17.25 -35.51 25.22
C11 CLA LB . 18.71 -35.80 25.44
C12 CLA LB . 19.27 -36.66 24.35
C13 CLA LB . 20.68 -37.00 24.77
C14 CLA LB . 21.59 -37.00 23.57
C15 CLA LB . 20.70 -38.30 25.57
C16 CLA LB . 20.56 -39.55 24.73
C17 CLA LB . 20.43 -40.71 25.69
C18 CLA LB . 20.68 -42.09 25.10
C19 CLA LB . 19.83 -42.44 23.90
C20 CLA LB . 20.50 -43.11 26.19
MG CLA MB . 8.79 2.27 4.15
CHA CLA MB . 11.87 0.73 4.29
CHB CLA MB . 8.53 1.96 7.55
CHC CLA MB . 6.16 4.45 4.17
CHD CLA MB . 9.39 3.07 0.75
NA CLA MB . 10.01 1.47 5.65
C1A CLA MB . 11.25 0.86 5.50
C2A CLA MB . 11.78 0.37 6.85
C3A CLA MB . 10.52 0.46 7.73
C4A CLA MB . 9.63 1.39 6.94
CMA CLA MB . 9.84 -0.88 7.86
CAA CLA MB . 12.89 1.27 7.35
CBA CLA MB . 12.72 1.75 8.76
CGA CLA MB . 13.51 2.99 8.79
O1A CLA MB . 13.52 3.83 7.88
O2A CLA MB . 14.24 3.13 9.93
NB CLA MB . 7.59 3.05 5.58
C1B CLA MB . 7.62 2.79 6.90
C2B CLA MB . 6.51 3.47 7.61
C3B CLA MB . 5.83 4.18 6.64
C4B CLA MB . 6.52 3.92 5.35
CMB CLA MB . 6.31 3.34 9.05
CAB CLA MB . 4.69 5.05 6.65
CBB CLA MB . 4.34 5.94 7.57
NC CLA MB . 7.92 3.48 2.70
C1C CLA MB . 6.81 4.23 2.93
C2C CLA MB . 6.42 4.87 1.70
C3C CLA MB . 7.37 4.58 0.73
C4C CLA MB . 8.31 3.68 1.37
CMC CLA MB . 5.27 5.72 1.54
CAC CLA MB . 7.32 5.07 -0.65
CBC CLA MB . 6.74 4.13 -1.67
ND CLA MB . 10.26 2.03 2.79
C1D CLA MB . 10.31 2.28 1.40
C2D CLA MB . 11.51 1.63 0.84
C3D CLA MB . 12.15 1.04 1.92
C4D CLA MB . 11.33 1.32 3.10
CMD CLA MB . 11.88 1.67 -0.56
CAD CLA MB . 13.31 0.30 2.36
OBD CLA MB . 14.29 -0.08 1.75
CBD CLA MB . 13.12 0.00 3.87
CGD CLA MB . 12.99 -1.48 4.06
O1D CLA MB . 11.96 -2.16 3.97
O2D CLA MB . 14.15 -2.11 4.34
CED CLA MB . 14.27 -3.49 3.95
C1 CLA MB . 14.09 4.29 10.78
C2 CLA MB . 14.73 5.51 10.21
C3 CLA MB . 14.64 6.71 10.80
C4 CLA MB . 13.89 6.95 12.06
C5 CLA MB . 15.29 7.88 10.18
C6 CLA MB . 14.24 8.93 9.90
C7 CLA MB . 14.88 10.17 9.36
C8 CLA MB . 13.92 11.35 9.49
C9 CLA MB . 14.11 12.25 8.28
C10 CLA MB . 14.16 12.10 10.79
C11 CLA MB . 13.31 13.35 10.90
C12 CLA MB . 11.86 13.07 11.21
C13 CLA MB . 11.09 14.38 11.19
C14 CLA MB . 11.30 15.18 12.44
C15 CLA MB . 9.60 14.16 10.90
C16 CLA MB . 9.22 15.12 9.79
C17 CLA MB . 7.72 15.33 9.65
C18 CLA MB . 7.33 16.22 8.48
C19 CLA MB . 5.93 16.73 8.70
C20 CLA MB . 8.23 17.43 8.32
MG CLA NB . 24.81 -45.18 18.52
CHA CLA NB . 23.97 -48.54 17.95
CHB CLA NB . 21.53 -44.51 19.10
CHC CLA NB . 25.68 -42.28 20.14
CHD CLA NB . 28.20 -46.21 18.78
NA CLA NB . 23.06 -46.32 18.44
C1A CLA NB . 22.91 -47.70 18.19
C2A CLA NB . 21.44 -48.08 18.23
C3A CLA NB . 20.73 -46.72 18.23
C4A CLA NB . 21.83 -45.77 18.63
CMA CLA NB . 20.16 -46.37 16.89
CAA CLA NB . 21.12 -48.88 19.48
CBA CLA NB . 20.09 -49.95 19.22
CGA CLA NB . 18.73 -49.54 19.70
O1A CLA NB . 18.04 -48.57 19.37
O2A CLA NB . 18.24 -50.41 20.64
NB CLA NB . 23.81 -43.72 19.47
C1B CLA NB . 22.48 -43.56 19.49
C2B CLA NB . 22.10 -42.23 20.02
C3B CLA NB . 23.28 -41.59 20.33
C4B CLA NB . 24.37 -42.53 19.97
CMB CLA NB . 20.69 -41.88 20.15
CAB CLA NB . 23.65 -40.29 20.86
CBB CLA NB . 22.88 -39.25 21.13
NC CLA NB . 26.61 -44.36 19.20
C1C CLA NB . 26.74 -43.13 19.75
C2C CLA NB . 28.13 -42.84 20.03
C3C CLA NB . 28.84 -43.99 19.75
C4C CLA NB . 27.88 -44.92 19.21
CMC CLA NB . 28.62 -41.59 20.60
CAC CLA NB . 30.29 -44.17 19.88
CBC CLA NB . 30.66 -44.88 21.15
ND CLA NB . 25.89 -46.85 18.22
C1D CLA NB . 27.27 -47.11 18.35
C2D CLA NB . 27.53 -48.49 17.92
C3D CLA NB . 26.31 -49.07 17.72
C4D CLA NB . 25.32 -48.03 18.01
CMD CLA NB . 28.87 -48.99 17.77
CAD CLA NB . 25.61 -50.27 17.34
OBD CLA NB . 26.04 -51.29 16.85
CBD CLA NB . 24.12 -50.02 17.65
CGD CLA NB . 23.35 -50.50 16.46
O1D CLA NB . 23.38 -50.02 15.34
O2D CLA NB . 22.56 -51.59 16.66
CED CLA NB . 21.47 -51.77 15.75
C1 CLA NB . 17.14 -49.99 21.49
C2 CLA NB . 15.83 -50.49 21.03
C3 CLA NB . 14.66 -50.05 21.55
C4 CLA NB . 14.63 -49.01 22.61
C5 CLA NB . 13.36 -50.59 21.07
C6 CLA NB . 12.18 -49.64 21.15
C7 CLA NB . 10.90 -50.27 20.64
MG CLA OB . -5.89 0.10 0.91
CHA CLA OB . -6.81 -0.95 4.10
CHB CLA OB . -6.47 3.33 1.86
CHC CLA OB . -5.41 1.10 -2.32
CHD CLA OB . -6.09 -3.26 -0.17
NA CLA OB . -6.57 1.01 2.67
C1A CLA OB . -6.89 0.40 3.90
C2A CLA OB . -7.32 1.44 4.94
C3A CLA OB . -7.35 2.75 4.14
C4A CLA OB . -6.76 2.36 2.79
CMA CLA OB . -8.75 3.28 4.00
CAA CLA OB . -6.33 1.48 6.09
CBA CLA OB . -6.72 2.43 7.21
CGA CLA OB . -6.04 3.76 7.07
O1A CLA OB . -6.24 4.65 6.25
O2A CLA OB . -5.07 3.96 8.01
NB CLA OB . -6.03 1.87 -0.06
C1B CLA OB . -5.95 3.06 0.59
C2B CLA OB . -5.26 4.08 -0.25
C3B CLA OB . -4.95 3.46 -1.44
C4B CLA OB . -5.46 2.06 -1.34
CMB CLA OB . -5.06 5.45 0.21
CAB CLA OB . -4.34 3.95 -2.64
CBB CLA OB . -3.94 5.20 -2.87
NC CLA OB . -5.79 -0.91 -0.92
C1C CLA OB . -5.59 -0.30 -2.13
C2C CLA OB . -5.55 -1.29 -3.19
C3C CLA OB . -5.76 -2.52 -2.58
C4C CLA OB . -5.92 -2.27 -1.15
CMC CLA OB . -5.33 -1.00 -4.60
CAC CLA OB . -5.83 -3.85 -3.24
CBC CLA OB . -7.25 -4.28 -3.50
ND CLA OB . -6.34 -1.71 1.69
C1D CLA OB . -6.29 -3.01 1.17
C2D CLA OB . -6.39 -4.00 2.26
C3D CLA OB . -6.49 -3.25 3.43
C4D CLA OB . -6.53 -1.84 3.01
CMD CLA OB . -6.29 -5.45 2.08
CAD CLA OB . -6.58 -3.26 4.88
OBD CLA OB . -6.39 -4.17 5.67
CBD CLA OB . -6.93 -1.82 5.33
CGD CLA OB . -8.29 -1.82 5.97
O1D CLA OB . -9.28 -2.46 5.63
O2D CLA OB . -8.39 -1.04 7.08
CED CLA OB . -9.03 -1.61 8.22
C1 CLA OB . -4.50 5.29 8.11
C2 CLA OB . -5.30 6.04 9.10
C3 CLA OB . -4.76 6.51 10.25
C4 CLA OB . -5.55 7.26 11.24
C5 CLA OB . -3.32 6.30 10.56
C6 CLA OB . -2.66 7.50 11.22
C7 CLA OB . -1.36 7.09 11.87
C8 CLA OB . -0.62 8.23 12.55
C9 CLA OB . -0.26 9.32 11.55
C10 CLA OB . 0.63 7.72 13.26
C11 CLA OB . 1.89 7.87 12.43
C12 CLA OB . 3.08 7.23 13.13
C13 CLA OB . 4.38 7.39 12.36
C14 CLA OB . 4.15 7.76 10.91
C15 CLA OB . 5.23 6.12 12.43
C16 CLA OB . 6.67 6.41 12.09
C17 CLA OB . 7.41 7.03 13.25
C18 CLA OB . 8.62 7.84 12.78
C19 CLA OB . 8.27 9.31 12.62
C20 CLA OB . 9.80 7.66 13.70
MG CLA PB . 12.42 -36.05 42.53
CHA CLA PB . 14.20 -34.11 44.77
CHB CLA PB . 12.75 -33.59 40.18
CHC CLA PB . 11.35 -38.20 40.10
CHD CLA PB . 12.90 -38.82 44.69
NA CLA PB . 13.29 -34.15 42.51
C1A CLA PB . 13.98 -33.50 43.55
C2A CLA PB . 14.44 -32.11 43.10
C3A CLA PB . 13.82 -31.95 41.68
C4A CLA PB . 13.23 -33.33 41.42
CMA CLA PB . 12.78 -30.87 41.56
CAA CLA PB . 15.95 -31.98 43.02
CBA CLA PB . 16.57 -33.14 42.29
CGA CLA PB . 18.02 -32.87 42.16
O1A CLA PB . 18.62 -31.80 42.07
O2A CLA PB . 18.71 -34.02 42.01
NB CLA PB . 12.03 -35.89 40.55
C1B CLA PB . 12.23 -34.82 39.78
C2B CLA PB . 11.84 -35.09 38.38
C3B CLA PB . 11.43 -36.39 38.31
C4B CLA PB . 11.55 -36.93 39.71
CMB CLA PB . 11.98 -34.10 37.34
CAB CLA PB . 11.02 -37.03 37.08
CBB CLA PB . 10.66 -38.28 36.77
NC CLA PB . 12.15 -38.11 42.44
C1C CLA PB . 11.65 -38.76 41.37
C2C CLA PB . 11.50 -40.17 41.65
C3C CLA PB . 12.04 -40.36 42.91
C4C CLA PB . 12.41 -39.06 43.41
CMC CLA PB . 10.98 -41.14 40.69
CAC CLA PB . 12.19 -41.61 43.67
CBC CLA PB . 10.97 -41.99 44.42
ND CLA PB . 13.36 -36.46 44.27
C1D CLA PB . 13.34 -37.60 45.11
C2D CLA PB . 13.89 -37.25 46.44
C3D CLA PB . 14.24 -35.92 46.35
C4D CLA PB . 13.89 -35.48 44.99
CMD CLA PB . 14.01 -38.17 47.55
CAD CLA PB . 14.80 -34.80 47.06
OBD CLA PB . 15.23 -34.72 48.21
CBD CLA PB . 14.76 -33.63 46.07
CGD CLA PB . 13.85 -32.60 46.63
O1D CLA PB . 13.01 -32.74 47.52
O2D CLA PB . 14.00 -31.40 46.07
CED CLA PB . 13.84 -30.33 46.96
C1 CLA PB . 19.69 -33.90 40.95
C2 CLA PB . 20.82 -34.68 41.43
C3 CLA PB . 20.84 -36.02 41.44
C4 CLA PB . 19.79 -36.93 40.91
C5 CLA PB . 22.07 -36.62 41.96
C6 CLA PB . 21.91 -37.59 43.13
C7 CLA PB . 22.89 -38.76 43.03
C8 CLA PB . 24.29 -38.52 43.58
C9 CLA PB . 25.34 -38.02 42.55
C10 CLA PB . 24.67 -39.80 44.39
C11 CLA PB . 26.05 -40.30 44.00
C12 CLA PB . 26.97 -41.21 44.78
C13 CLA PB . 28.34 -41.35 44.07
C14 CLA PB . 29.37 -41.11 45.15
C15 CLA PB . 28.58 -40.49 42.80
C16 CLA PB . 29.90 -39.73 42.66
C17 CLA PB . 29.88 -38.72 41.52
C18 CLA PB . 31.29 -38.18 41.32
C19 CLA PB . 32.15 -39.14 40.53
C20 CLA PB . 31.34 -36.77 40.78
MG CLA QB . 9.94 -43.22 5.55
CHA CLA QB . 12.85 -44.54 4.28
CHB CLA QB . 8.47 -43.60 2.47
CHC CLA QB . 6.88 -42.61 6.97
CHD CLA QB . 11.37 -43.38 8.79
NA CLA QB . 10.57 -43.97 3.70
C1A CLA QB . 11.84 -44.46 3.37
C2A CLA QB . 11.90 -44.88 1.90
C3A CLA QB . 10.58 -44.32 1.33
C4A CLA QB . 9.79 -43.95 2.58
CMA CLA QB . 10.82 -43.13 0.44
CAA CLA QB . 12.00 -46.39 1.67
CBA CLA QB . 11.27 -47.22 2.69
CGA CLA QB . 11.27 -48.65 2.26
O1A CLA QB . 12.03 -49.21 1.46
O2A CLA QB . 10.26 -49.38 2.80
NB CLA QB . 8.05 -43.15 4.87
C1B CLA QB . 7.68 -43.22 3.57
C2B CLA QB . 6.26 -42.84 3.42
C3B CLA QB . 5.79 -42.55 4.69
C4B CLA QB . 6.92 -42.77 5.61
CMB CLA QB . 5.65 -42.82 2.09
CAB CLA QB . 4.49 -42.18 5.21
CBB CLA QB . 3.39 -41.76 4.58
NC CLA QB . 9.26 -43.02 7.53
C1C CLA QB . 7.98 -42.72 7.88
C2C CLA QB . 7.88 -42.57 9.33
C3C CLA QB . 9.14 -42.85 9.84
C4C CLA QB . 10.00 -43.11 8.70
CMC CLA QB . 6.66 -42.21 10.05
CAC CLA QB . 9.59 -42.82 11.25
CBC CLA QB . 9.98 -41.45 11.75
ND CLA QB . 11.65 -43.85 6.42
C1D CLA QB . 12.16 -43.74 7.73
C2D CLA QB . 13.59 -44.06 7.73
C3D CLA QB . 13.91 -44.35 6.44
C4D CLA QB . 12.67 -44.22 5.66
CMD CLA QB . 14.45 -44.03 8.92
CAD CLA QB . 14.95 -44.73 5.51
OBD CLA QB . 16.14 -44.90 5.73
CBD CLA QB . 14.31 -44.85 4.11
CGD CLA QB . 14.92 -43.89 3.15
O1D CLA QB . 14.56 -42.73 2.93
O2D CLA QB . 15.97 -44.38 2.44
CED CLA QB . 16.80 -43.46 1.73
C1 CLA QB . 10.54 -50.11 4.00
C2 CLA QB . 9.25 -50.69 4.43
C3 CLA QB . 9.00 -51.06 5.70
C4 CLA QB . 10.02 -50.90 6.77
C5 CLA QB . 7.65 -51.62 6.03
C6 CLA QB . 7.30 -51.53 7.49
C7 CLA QB . 6.21 -50.49 7.70
C8 CLA QB . 5.10 -50.94 8.61
C9 CLA QB . 5.70 -51.27 9.96
C10 CLA QB . 4.35 -52.12 8.00
C11 CLA QB . 3.43 -52.84 8.98
C12 CLA QB . 2.08 -53.29 8.47
C13 CLA QB . 1.94 -54.78 8.09
C14 CLA QB . 0.78 -55.38 8.88
C15 CLA QB . 3.25 -55.60 8.15
C16 CLA QB . 3.39 -56.61 9.28
C17 CLA QB . 4.82 -57.07 9.45
C18 CLA QB . 4.90 -58.28 10.37
C19 CLA QB . 4.99 -59.57 9.58
C20 CLA QB . 6.01 -58.16 11.40
MG CLA RB . 22.01 6.57 4.94
CHA CLA RB . 20.31 7.93 2.24
CHB CLA RB . 19.07 6.36 6.64
CHC CLA RB . 23.73 5.99 7.86
CHD CLA RB . 25.04 7.56 3.43
NA CLA RB . 20.01 7.00 4.46
C1A CLA RB . 19.50 7.54 3.28
C2A CLA RB . 17.98 7.65 3.38
C3A CLA RB . 17.62 7.09 4.76
C4A CLA RB . 18.98 6.76 5.33
CMA CLA RB . 16.95 8.16 5.56
CAA CLA RB . 17.31 6.72 2.40
CBA CLA RB . 16.02 7.32 1.93
CGA CLA RB . 16.11 7.30 0.43
O1A CLA RB . 16.42 6.37 -0.29
O2A CLA RB . 15.82 8.47 -0.20
NB CLA RB . 21.50 6.23 6.86
C1B CLA RB . 20.24 6.10 7.32
C2B CLA RB . 20.25 5.70 8.75
C3B CLA RB . 21.57 5.58 9.11
C4B CLA RB . 22.38 5.91 7.90
CMB CLA RB . 18.96 5.55 9.44
CAB CLA RB . 22.27 5.24 10.34
CBB CLA RB . 21.78 4.95 11.53
NC CLA RB . 24.01 6.70 5.51
C1C CLA RB . 24.51 6.36 6.73
C2C CLA RB . 25.96 6.52 6.75
C3C CLA RB . 26.31 7.02 5.51
C4C CLA RB . 25.10 7.10 4.74
CMC CLA RB . 26.81 6.27 7.90
CAC CLA RB . 27.65 7.35 5.01
CBC CLA RB . 28.00 8.80 5.19
ND CLA RB . 22.61 7.47 3.24
C1D CLA RB . 23.89 7.74 2.71
C2D CLA RB . 23.76 8.28 1.36
C3D CLA RB . 22.42 8.39 1.13
C4D CLA RB . 21.74 7.89 2.34
CMD CLA RB . 24.89 8.64 0.50
CAD CLA RB . 21.42 8.83 0.20
OBD CLA RB . 21.52 9.40 -0.87
CBD CLA RB . 20.06 8.51 0.86
CGD CLA RB . 19.14 9.68 0.84
O1D CLA RB . 18.32 9.95 -0.04
O2D CLA RB . 19.25 10.49 1.91
CED CLA RB . 18.19 11.42 2.11
C1 CLA RB . 14.68 9.22 0.25
C2 CLA RB . 14.77 10.60 -0.25
C3 CLA RB . 14.54 10.96 -1.53
C4 CLA RB . 14.18 10.03 -2.62
C5 CLA RB . 14.69 12.37 -1.90
C6 CLA RB . 13.74 13.25 -1.14
C7 CLA RB . 12.30 12.99 -1.51
C8 CLA RB . 11.33 13.24 -0.38
C9 CLA RB . 11.65 14.58 0.30
C10 CLA RB . 11.33 12.01 0.53
C11 CLA RB . 9.99 11.83 1.18
C12 CLA RB . 10.02 12.24 2.65
C13 CLA RB . 8.75 12.95 3.09
C14 CLA RB . 8.47 14.09 2.11
C15 CLA RB . 8.82 13.38 4.55
C16 CLA RB . 7.94 14.57 4.89
C17 CLA RB . 6.58 14.10 5.30
C18 CLA RB . 5.54 14.73 4.38
C19 CLA RB . 4.34 13.80 4.36
C20 CLA RB . 5.17 16.15 4.71
C1 PQN SB . 6.78 -1.60 -5.95
O1 PQN SB . 5.73 -1.91 -5.52
C2 PQN SB . 7.15 -0.15 -6.06
C2M PQN SB . 6.16 0.91 -5.62
C3 PQN SB . 8.47 0.23 -6.61
C4 PQN SB . 9.44 -0.83 -7.04
O4 PQN SB . 10.49 -0.53 -7.48
C5 PQN SB . 9.06 -2.34 -6.92
C6 PQN SB . 9.96 -3.32 -7.33
C7 PQN SB . 9.61 -4.67 -7.23
C8 PQN SB . 8.35 -5.03 -6.72
C9 PQN SB . 7.45 -4.05 -6.30
C10 PQN SB . 7.80 -2.71 -6.41
C11 PQN SB . 8.89 1.70 -6.73
C12 PQN SB . 9.32 2.21 -5.35
C13 PQN SB . 10.30 3.07 -5.26
C14 PQN SB . 11.02 3.58 -6.52
C15 PQN SB . 10.74 3.58 -3.88
C16 PQN SB . 10.98 5.08 -3.94
C17 PQN SB . 10.27 5.76 -2.77
C18 PQN SB . 11.04 7.01 -2.37
C19 PQN SB . 11.99 7.41 -3.48
C20 PQN SB . 11.83 6.75 -1.09
C21 PQN SB . 10.89 6.24 0.00
C22 PQN SB . 11.12 7.03 1.29
C23 PQN SB . 9.85 6.97 2.14
C24 PQN SB . 9.48 8.38 2.62
C25 PQN SB . 10.06 6.05 3.34
C26 PQN SB . 11.56 5.89 3.59
C27 PQN SB . 11.81 4.60 4.36
C28 PQN SB . 13.29 4.50 4.69
C29 PQN SB . 13.87 5.91 4.83
C30 PQN SB . 14.02 3.79 3.55
O1 LHG TB . 25.93 -4.94 -4.12
C1 LHG TB . 24.78 -5.65 -4.60
C2 LHG TB . 23.83 -5.84 -3.43
O2 LHG TB . 24.29 -6.92 -2.61
C3 LHG TB . 22.44 -6.16 -3.94
O3 LHG TB . 21.57 -6.15 -2.81
P LHG TB . 20.06 -6.65 -2.93
O4 LHG TB . 19.32 -5.65 -3.76
O5 LHG TB . 20.08 -8.10 -3.33
O6 LHG TB . 19.55 -6.55 -1.41
C4 LHG TB . 18.16 -6.42 -1.10
C5 LHG TB . 17.96 -6.08 0.36
C6 LHG TB . 18.63 -7.16 1.21
O7 LHG TB . 18.49 -4.77 0.59
C7 LHG TB . 17.49 -3.77 0.95
O9 LHG TB . 16.35 -4.11 1.13
C8 LHG TB . 17.87 -2.33 1.13
C9 LHG TB . 17.70 -1.97 2.59
C10 LHG TB . 17.70 -0.47 2.83
O8 LHG TB . 18.59 -6.86 2.59
C23 LHG TB . 19.77 -6.98 3.43
O10 LHG TB . 20.79 -7.38 2.92
C24 LHG TB . 19.77 -6.63 4.90
C11 LHG TB . 17.03 -0.21 4.16
C12 LHG TB . 16.66 1.25 4.34
C13 LHG TB . 17.81 2.08 4.86
C14 LHG TB . 17.54 2.65 6.25
C15 LHG TB . 17.48 1.60 7.35
C16 LHG TB . 17.22 2.24 8.71
C17 LHG TB . 17.27 1.21 9.83
C18 LHG TB . 17.01 1.86 11.19
C19 LHG TB . 16.99 0.83 12.31
C20 LHG TB . 16.62 1.47 13.64
C21 LHG TB . 16.69 0.51 14.81
C25 LHG TB . 18.89 -7.56 5.73
C26 LHG TB . 17.42 -7.15 5.65
C27 LHG TB . 16.46 -8.29 5.98
C28 LHG TB . 15.11 -7.96 5.36
C29 LHG TB . 14.08 -9.08 5.52
C30 LHG TB . 13.50 -9.17 6.92
C31 LHG TB . 12.80 -7.87 7.31
C32 LHG TB . 12.30 -7.91 8.75
C33 LHG TB . 11.93 -6.49 9.20
C34 LHG TB . 10.96 -6.45 10.37
C35 LHG TB . 10.54 -5.00 10.60
C36 LHG TB . 9.27 -4.87 11.42
C37 LHG TB . 9.45 -5.28 12.87
C38 LHG TB . 8.18 -5.03 13.65
O1 LHG UB . 27.20 -38.87 18.47
C1 LHG UB . 26.39 -39.77 17.73
C2 LHG UB . 27.13 -40.29 16.53
O2 LHG UB . 26.73 -39.56 15.38
C3 LHG UB . 26.74 -41.74 16.41
O3 LHG UB . 25.37 -41.96 16.11
P LHG UB . 24.94 -43.35 15.44
O4 LHG UB . 25.80 -43.56 14.24
O5 LHG UB . 24.90 -44.41 16.49
O6 LHG UB . 23.45 -43.07 14.94
C4 LHG UB . 22.47 -42.77 15.91
C5 LHG UB . 21.08 -42.77 15.32
C6 LHG UB . 20.17 -42.21 16.39
O7 LHG UB . 21.09 -41.85 14.25
C7 LHG UB . 20.50 -42.38 13.02
O9 LHG UB . 20.41 -43.57 12.86
C8 LHG UB . 19.98 -41.44 11.97
C9 LHG UB . 18.53 -41.17 12.36
C10 LHG UB . 17.93 -40.08 11.51
O8 LHG UB . 18.93 -41.76 15.85
C23 LHG UB . 17.73 -41.91 16.64
O10 LHG UB . 17.87 -42.42 17.73
C24 LHG UB . 16.36 -41.49 16.16
C11 LHG UB . 16.48 -39.86 11.86
C12 LHG UB . 15.63 -41.06 11.43
C13 LHG UB . 14.16 -40.79 11.70
C25 LHG UB . 16.36 -40.00 15.85
C10 WVN VB . 21.32 -1.37 35.50
C11 WVN VB . 35.00 -16.60 46.68
C12 WVN VB . 21.93 -0.33 34.56
C13 WVN VB . 23.53 -1.51 36.68
C14 WVN VB . 23.44 -0.46 34.42
C01 WVN VB . 36.60 -18.28 47.71
C02 WVN VB . 35.84 -16.97 47.91
C03 WVN VB . 35.62 -19.46 47.68
C04 WVN VB . 34.65 -19.50 48.87
C05 WVN VB . 34.93 -17.08 49.13
C06 WVN VB . 22.02 -1.42 36.85
C07 WVN VB . 37.33 -18.23 46.37
C08 WVN VB . 37.66 -18.49 48.79
C09 WVN VB . 34.14 -18.11 49.27
C15 WVN VB . 24.15 -0.82 35.73
C16 WVN VB . 34.86 -15.93 50.15
C17 WVN VB . 21.46 -2.62 37.60
C18 WVN VB . 21.68 -0.18 37.66
C19 WVN VB . 34.96 -15.33 46.33
C20 WVN VB . 24.34 -2.32 37.70
C21 WVN VB . 25.61 -1.16 35.45
C22 WVN VB . 34.18 -14.80 45.14
C23 WVN VB . 24.75 -1.80 38.84
C24 WVN VB . 33.87 -15.69 43.95
C25 WVN VB . 25.54 -2.63 39.81
C26 WVN VB . 33.81 -13.53 45.16
C27 WVN VB . 25.26 -2.31 41.25
C28 WVN VB . 26.41 -3.57 39.48
C29 WVN VB . 33.04 -12.85 44.04
C30 WVN VB . 27.13 -4.32 40.60
C31 WVN VB . 32.51 -11.66 44.28
C32 WVN VB . 31.74 -10.91 43.21
C33 WVN VB . 27.91 -5.35 40.38
C34 WVN VB . 28.58 -6.03 41.57
C35 WVN VB . 31.33 -11.63 41.94
C36 WVN VB . 31.41 -9.65 43.42
C37 WVN VB . 29.13 -7.21 41.46
C38 WVN VB . 28.61 -5.33 42.92
C39 WVN VB . 30.65 -8.86 42.37
C40 WVN VB . 29.81 -7.90 42.65
C10 WVN WB . 18.30 -9.73 26.89
C11 WVN WB . 35.95 -11.09 41.37
C12 WVN WB . 18.59 -8.36 26.30
C13 WVN WB . 18.94 -8.52 29.06
C14 WVN WB . 17.88 -7.32 27.13
C01 WVN WB . 37.15 -11.58 43.49
C02 WVN WB . 36.38 -12.21 42.32
C03 WVN WB . 37.71 -12.62 44.48
C04 WVN WB . 37.75 -14.09 43.99
C05 WVN WB . 37.27 -13.29 41.69
C06 WVN WB . 18.81 -9.87 28.31
C07 WVN WB . 38.25 -10.62 43.02
C08 WVN WB . 36.16 -10.70 44.28
C09 WVN WB . 37.93 -14.14 42.47
C15 WVN WB . 18.24 -7.47 28.62
C16 WVN WB . 37.04 -13.72 40.26
C17 WVN WB . 20.08 -10.68 28.25
C18 WVN WB . 17.93 -10.83 29.08
C19 WVN WB . 34.74 -10.93 40.85
C20 WVN WB . 19.88 -8.34 30.26
C21 WVN WB . 18.20 -6.19 29.44
C22 WVN WB . 34.57 -9.71 39.96
C23 WVN WB . 19.72 -8.92 31.43
C24 WVN WB . 35.56 -8.55 40.12
C25 WVN WB . 20.69 -8.69 32.56
C26 WVN WB . 33.63 -9.51 39.06
C27 WVN WB . 20.23 -7.83 33.74
C28 WVN WB . 21.89 -9.24 32.50
C29 WVN WB . 32.45 -10.36 38.58
C30 WVN WB . 22.85 -9.01 33.64
C31 WVN WB . 31.78 -9.68 37.68
C32 WVN WB . 30.58 -10.01 36.79
C33 WVN WB . 23.82 -9.84 33.91
C34 WVN WB . 24.71 -9.53 35.10
C35 WVN WB . 30.91 -10.64 35.45
C36 WVN WB . 29.32 -9.72 37.11
C37 WVN WB . 26.01 -9.78 35.06
C38 WVN WB . 24.05 -8.93 36.33
C39 WVN WB . 28.22 -10.03 36.09
C40 WVN WB . 27.03 -9.46 36.13
C10 WVN XB . 11.01 -33.69 33.81
C11 WVN XB . 16.50 -23.91 13.55
C12 WVN XB . 10.93 -35.20 33.72
C13 WVN XB . 11.95 -33.83 31.49
C14 WVN XB . 10.57 -35.68 32.30
C01 WVN XB . 16.30 -24.77 11.10
C02 WVN XB . 17.05 -23.85 12.09
C03 WVN XB . 16.90 -24.60 9.72
C04 WVN XB . 18.41 -24.88 9.64
C05 WVN XB . 18.60 -23.93 11.96
C06 WVN XB . 12.17 -33.26 32.91
C07 WVN XB . 14.88 -24.21 11.00
C08 WVN XB . 16.16 -26.26 11.47
C09 WVN XB . 19.17 -24.43 10.88
C15 WVN XB . 10.90 -34.60 31.27
C16 WVN XB . 19.47 -22.89 12.68
C17 WVN XB . 13.46 -33.68 33.62
C18 WVN XB . 12.13 -31.75 32.85
C19 WVN XB . 17.00 -24.61 14.55
C20 WVN XB . 12.72 -33.44 30.23
C21 WVN XB . 10.15 -34.52 29.94
C22 WVN XB . 16.37 -24.55 15.92
C23 WVN XB . 14.02 -33.52 30.12
C24 WVN XB . 15.40 -23.43 16.31
C25 WVN XB . 14.61 -33.16 28.79
C26 WVN XB . 16.72 -25.47 16.78
C27 WVN XB . 15.47 -34.26 28.18
C28 WVN XB . 14.40 -32.00 28.20
C29 WVN XB . 16.15 -25.51 18.18
C30 WVN XB . 15.05 -31.79 26.85
C31 WVN XB . 16.55 -26.50 18.92
C32 WVN XB . 16.05 -26.70 20.34
C33 WVN XB . 15.36 -30.61 26.42
C34 WVN XB . 15.99 -30.52 25.04
C35 WVN XB . 15.18 -25.65 21.01
C36 WVN XB . 16.40 -27.80 20.94
C37 WVN XB . 15.75 -29.44 24.35
C38 WVN XB . 16.86 -31.64 24.52
C39 WVN XB . 15.93 -28.12 22.36
C40 WVN XB . 16.30 -29.22 22.95
C10 WVN YB . 29.86 -14.66 51.44
C11 WVN YB . 38.24 -31.84 37.61
C12 WVN YB . 31.00 -13.67 51.29
C13 WVN YB . 30.54 -15.82 49.31
C14 WVN YB . 31.49 -13.54 49.87
C01 WVN YB . 39.78 -33.86 37.60
C02 WVN YB . 38.31 -33.37 37.70
C03 WVN YB . 39.99 -35.30 37.12
C04 WVN YB . 38.72 -36.11 36.82
C05 WVN YB . 37.37 -34.04 36.69
C06 WVN YB . 30.13 -16.02 50.78
C07 WVN YB . 40.70 -32.96 36.76
C08 WVN YB . 40.40 -33.79 38.99
C09 WVN YB . 37.68 -35.21 36.18
C15 WVN YB . 31.04 -14.65 48.91
C16 WVN YB . 35.88 -33.73 36.77
C17 WVN YB . 28.83 -16.78 50.94
C18 WVN YB . 31.19 -16.81 51.55
C19 WVN YB . 37.93 -31.15 38.67
C20 WVN YB . 30.84 -17.09 48.49
C21 WVN YB . 31.11 -14.24 47.44
C22 WVN YB . 37.88 -29.63 38.69
C23 WVN YB . 29.96 -17.60 47.64
C24 WVN YB . 38.99 -28.84 38.01
C25 WVN YB . 30.23 -18.85 46.83
C26 WVN YB . 36.90 -29.03 39.32
C27 WVN YB . 29.18 -19.96 46.89
C28 WVN YB . 31.33 -18.96 46.11
C29 WVN YB . 36.84 -27.52 39.44
C30 WVN YB . 31.58 -20.23 45.31
C31 WVN YB . 36.17 -27.13 40.49
C32 WVN YB . 35.97 -25.69 40.93
C33 WVN YB . 32.27 -20.30 44.21
C34 WVN YB . 32.40 -21.70 43.62
C35 WVN YB . 37.21 -24.83 40.97
C36 WVN YB . 34.81 -25.23 41.31
C37 WVN YB . 33.57 -22.15 43.30
C38 WVN YB . 31.15 -22.55 43.43
C39 WVN YB . 34.66 -23.79 41.79
C40 WVN YB . 33.78 -23.55 42.73
O1 LHG ZB . 2.40 5.08 10.22
C1 LHG ZB . 1.32 5.75 9.60
C2 LHG ZB . 0.65 4.78 8.68
O2 LHG ZB . 1.49 4.54 7.58
C3 LHG ZB . -0.53 5.53 8.10
O3 LHG ZB . 0.02 6.55 7.30
P LHG ZB . -0.91 7.23 6.20
O4 LHG ZB . -0.17 7.31 4.91
O5 LHG ZB . -2.26 6.59 6.19
O6 LHG ZB . -1.00 8.71 6.80
C4 LHG ZB . -0.87 9.81 5.92
C5 LHG ZB . 0.51 10.37 6.17
C6 LHG ZB . 0.72 11.51 5.20
O7 LHG ZB . 0.59 10.86 7.49
C7 LHG ZB . 1.67 10.20 8.21
O9 LHG ZB . 1.46 9.14 8.77
C8 LHG ZB . 3.03 10.83 8.20
C9 LHG ZB . 2.92 12.29 8.56
C10 LHG ZB . 4.27 12.86 8.99
O8 LHG ZB . 0.52 11.09 3.86
C23 LHG ZB . -0.33 11.82 2.94
O10 LHG ZB . -1.03 11.22 2.14
C24 LHG ZB . -0.35 13.31 2.99
C11 LHG ZB . 4.31 13.18 10.49
C12 LHG ZB . 4.93 12.10 11.36
C13 LHG ZB . 3.92 11.11 11.90
C14 LHG ZB . 2.87 11.75 12.81
C15 LHG ZB . 3.46 12.03 14.18
C16 LHG ZB . 3.77 10.73 14.89
C17 LHG ZB . 4.27 10.95 16.31
C18 LHG ZB . 4.86 9.69 16.92
C19 LHG ZB . 4.02 8.45 16.64
C20 LHG ZB . 4.70 7.16 17.05
C21 LHG ZB . 3.85 6.05 16.46
C22 LHG ZB . 4.40 4.68 16.79
C25 LHG ZB . 0.96 13.87 2.46
C26 LHG ZB . 1.16 15.26 3.01
C27 LHG ZB . 0.98 15.36 4.52
C1B LMT AC . 44.22 12.06 8.84
C2B LMT AC . 43.89 11.56 7.41
C3B LMT AC . 43.95 10.02 7.33
C4B LMT AC . 45.12 9.42 8.18
C5B LMT AC . 44.80 9.84 9.63
C6B LMT AC . 46.05 9.90 10.51
O1B LMT AC . 43.50 13.22 9.22
O2B LMT AC . 42.63 11.97 7.12
O3B LMT AC . 43.94 9.58 6.04
O4' LMT AC . 45.15 8.05 8.09
O5B LMT AC . 44.02 11.02 9.76
O6B LMT AC . 45.70 9.65 11.82
C1' LMT AC . 40.96 14.00 12.59
C2' LMT AC . 42.36 13.35 12.87
C3' LMT AC . 43.33 13.57 11.69
C4' LMT AC . 42.64 13.15 10.36
C5' LMT AC . 41.49 14.18 10.26
C6' LMT AC . 40.85 14.37 8.91
O1' LMT AC . 40.02 13.36 13.33
O2' LMT AC . 42.96 13.93 13.97
O3' LMT AC . 44.46 12.86 11.99
O5' LMT AC . 40.52 13.87 11.23
O6' LMT AC . 41.06 13.23 8.22
C1 LMT AC . 39.73 14.01 14.54
C2 LMT AC . 39.80 12.95 15.59
C3 LMT AC . 38.57 12.16 15.75
C4 LMT AC . 38.20 12.24 17.19
C5 LMT AC . 37.47 13.50 17.47
C6 LMT AC . 36.19 13.26 18.19
C7 LMT AC . 36.46 12.70 19.55
C8 LMT AC . 35.25 11.99 20.06
C9 LMT AC . 34.23 12.84 20.72
C10 LMT AC . 32.96 12.82 19.92
C11 LMT AC . 32.07 13.97 20.29
C12 LMT AC . 32.65 15.28 19.88
MG CLA BC . -4.28 -17.85 6.34
CHA CLA BC . -7.11 -15.90 6.78
CHB CLA BC . -5.97 -20.52 7.62
CHC CLA BC . -1.38 -19.65 6.36
CHD CLA BC . -2.41 -14.88 5.77
NA CLA BC . -6.21 -18.13 7.11
C1A CLA BC . -7.24 -17.19 7.21
C2A CLA BC . -8.50 -17.79 7.82
C3A CLA BC . -8.07 -19.23 8.18
C4A CLA BC . -6.66 -19.32 7.61
CMA CLA BC . -8.08 -19.47 9.67
CAA CLA BC . -9.64 -17.79 6.81
CBA CLA BC . -11.00 -18.07 7.42
CGA CLA BC . -11.32 -19.54 7.37
O1A CLA BC . -10.84 -20.47 8.01
O2A CLA BC . -12.29 -19.82 6.45
NB CLA BC . -3.75 -19.68 7.01
C1B CLA BC . -4.67 -20.68 7.15
C2B CLA BC . -4.11 -21.98 6.69
C3B CLA BC . -2.81 -21.75 6.33
C4B CLA BC . -2.56 -20.30 6.56
CMB CLA BC . -4.90 -23.22 6.74
CAB CLA BC . -1.78 -22.64 5.87
CBB CLA BC . -1.88 -23.96 5.68
NC CLA BC . -2.26 -17.35 6.13
C1C CLA BC . -1.23 -18.25 6.18
C2C CLA BC . 0.04 -17.58 5.98
C3C CLA BC . -0.25 -16.22 5.83
C4C CLA BC . -1.70 -16.08 5.94
CMC CLA BC . 1.34 -18.24 5.97
CAC CLA BC . 0.72 -15.13 5.62
CBC CLA BC . 1.28 -14.60 6.92
ND CLA BC . -4.61 -15.87 6.22
C1D CLA BC . -3.78 -14.76 5.91
C2D CLA BC . -4.62 -13.57 5.68
C3D CLA BC . -5.93 -13.97 5.94
C4D CLA BC . -5.84 -15.38 6.35
CMD CLA BC . -4.13 -12.27 5.23
CAD CLA BC . -7.33 -13.62 5.95
OBD CLA BC . -7.90 -12.65 5.46
CBD CLA BC . -8.09 -14.75 6.67
CGD CLA BC . -8.58 -14.32 8.01
O1D CLA BC . -7.94 -14.19 9.05
O2D CLA BC . -9.92 -14.03 8.04
CED CLA BC . -10.47 -13.64 9.30
C1 CLA BC . -13.31 -20.77 6.82
C2 CLA BC . -13.71 -21.42 5.55
C3 CLA BC . -14.70 -22.32 5.44
C4 CLA BC . -15.52 -22.76 6.59
C5 CLA BC . -15.01 -22.91 4.10
C6 CLA BC . -14.36 -24.28 3.95
C7 CLA BC . -14.65 -24.93 2.61
C8 CLA BC . -13.67 -26.06 2.33
C9 CLA BC . -12.26 -25.54 2.21
C10 CLA BC . -14.03 -26.85 1.09
C11 CLA BC . -15.52 -26.87 0.80
C12 CLA BC . -15.82 -27.74 -0.40
C13 CLA BC . -17.29 -27.67 -0.82
C14 CLA BC . -18.17 -28.45 0.13
C15 CLA BC . -17.46 -28.15 -2.25
C16 CLA BC . -18.91 -28.45 -2.57
C17 CLA BC . -19.06 -28.77 -4.05
C18 CLA BC . -20.51 -29.10 -4.41
C19 CLA BC . -20.57 -29.71 -5.80
C20 CLA BC . -21.39 -27.87 -4.33
MG CLA CC . 9.55 15.01 -9.45
CHA CLA CC . 6.44 14.45 -10.89
CHB CLA CC . 9.41 18.27 -10.54
CHC CLA CC . 12.11 15.83 -7.30
CHD CLA CC . 9.37 11.82 -7.94
NA CLA CC . 8.17 16.14 -10.55
C1A CLA CC . 6.93 15.71 -11.07
C2A CLA CC . 6.25 16.86 -11.83
C3A CLA CC . 7.39 17.87 -11.98
C4A CLA CC . 8.39 17.43 -10.94
CMA CLA CC . 7.97 17.69 -13.35
CAA CLA CC . 5.00 17.50 -11.20
CBA CLA CC . 5.06 18.05 -9.80
CGA CLA CC . 4.83 16.90 -8.89
O1A CLA CC . 4.10 15.97 -9.17
O2A CLA CC . 5.57 16.88 -7.74
NB CLA CC . 10.55 16.71 -9.01
C1B CLA CC . 10.39 17.92 -9.60
C2B CLA CC . 11.44 18.85 -9.12
C3B CLA CC . 12.20 18.16 -8.22
C4B CLA CC . 11.64 16.80 -8.13
CMB CLA CC . 11.50 20.24 -9.56
CAB CLA CC . 13.35 18.56 -7.44
CBB CLA CC . 13.41 19.54 -6.54
NC CLA CC . 10.57 13.99 -7.94
C1C CLA CC . 11.61 14.51 -7.22
C2C CLA CC . 12.11 13.53 -6.27
C3C CLA CC . 11.34 12.40 -6.44
C4C CLA CC . 10.38 12.68 -7.51
CMC CLA CC . 13.20 13.77 -5.32
CAC CLA CC . 11.50 11.14 -5.69
CBC CLA CC . 10.50 11.04 -4.57
ND CLA CC . 8.25 13.47 -9.38
C1D CLA CC . 8.34 12.17 -8.80
C2D CLA CC . 7.19 11.37 -9.26
C3D CLA CC . 6.41 12.20 -10.03
C4D CLA CC . 7.12 13.48 -10.08
CMD CLA CC . 6.93 9.98 -8.88
CAD CLA CC . 5.22 12.32 -10.84
OBD CLA CC . 4.34 11.50 -11.09
CBD CLA CC . 5.20 13.77 -11.40
CGD CLA CC . 5.06 13.80 -12.90
O1D CLA CC . 5.76 13.22 -13.71
O2D CLA CC . 4.04 14.58 -13.33
CED CLA CC . 3.99 14.94 -14.71
C1 CLA CC . 5.66 15.58 -7.13
C2 CLA CC . 6.85 15.51 -6.27
C3 CLA CC . 7.24 14.36 -5.69
C4 CLA CC . 6.50 13.08 -5.88
C5 CLA CC . 8.44 14.26 -4.84
C6 CLA CC . 9.03 15.59 -4.43
C7 CLA CC . 9.88 15.40 -3.22
C8 CLA CC . 10.47 16.69 -2.70
C9 CLA CC . 9.39 17.49 -2.01
C10 CLA CC . 11.12 17.52 -3.79
C11 CLA CC . 12.59 17.24 -3.86
C12 CLA CC . 13.37 18.15 -2.95
C13 CLA CC . 14.83 18.20 -3.30
C14 CLA CC . 15.61 17.31 -2.35
C15 CLA CC . 15.30 19.65 -3.41
C16 CLA CC . 16.64 19.99 -2.79
C17 CLA CC . 17.05 21.40 -3.16
C18 CLA CC . 18.42 21.78 -2.61
C19 CLA CC . 18.74 23.21 -2.94
C20 CLA CC . 19.50 20.87 -3.15
FE1 SF4 DC . 11.38 -11.84 -12.07
FE2 SF4 DC . 10.88 -14.81 -11.84
FE3 SF4 DC . 13.65 -13.82 -12.40
FE4 SF4 DC . 11.50 -13.56 -14.52
S1 SF4 DC . 12.32 -15.17 -13.39
S2 SF4 DC . 12.85 -12.22 -13.57
S3 SF4 DC . 10.04 -13.22 -13.00
S4 SF4 DC . 12.19 -13.42 -10.89
MG CLA EC . 1.21 -38.93 -3.95
CHA CLA EC . 2.67 -38.39 -0.86
CHB CLA EC . 1.28 -42.29 -3.34
CHC CLA EC . -1.12 -39.38 -6.39
CHD CLA EC . 0.60 -35.43 -4.16
NA CLA EC . 1.94 -40.12 -2.39
C1A CLA EC . 2.51 -39.71 -1.18
C2A CLA EC . 2.95 -40.94 -0.36
C3A CLA EC . 2.89 -42.06 -1.41
C4A CLA EC . 1.95 -41.48 -2.46
CMA CLA EC . 4.27 -42.25 -1.96
CAA CLA EC . 2.19 -41.31 0.91
CBA CLA EC . 0.73 -41.01 0.78
CGA CLA EC . 0.34 -39.67 1.34
O1A CLA EC . 0.65 -39.34 2.46
O2A CLA EC . -0.35 -38.72 0.60
NB CLA EC . 0.23 -40.52 -4.70
C1B CLA EC . 0.42 -41.80 -4.34
C2B CLA EC . -0.41 -42.67 -5.20
C3B CLA EC . -1.10 -41.90 -6.07
C4B CLA EC . -0.69 -40.50 -5.77
CMB CLA EC . -0.42 -44.10 -5.10
CAB CLA EC . -2.04 -42.41 -7.04
CBB CLA EC . -2.47 -41.94 -8.21
NC CLA EC . 0.08 -37.64 -5.12
C1C CLA EC . -0.73 -38.05 -6.13
C2C CLA EC . -1.30 -36.94 -6.84
C3C CLA EC . -0.91 -35.80 -6.14
C4C CLA EC . -0.03 -36.24 -5.08
CMC CLA EC . -2.20 -37.08 -7.98
CAC CLA EC . -1.23 -34.42 -6.51
CBC CLA EC . -2.49 -33.95 -5.85
ND CLA EC . 1.69 -37.27 -2.92
C1D CLA EC . 1.37 -35.90 -3.13
C2D CLA EC . 2.02 -35.10 -2.10
C3D CLA EC . 2.56 -35.99 -1.20
C4D CLA EC . 2.27 -37.33 -1.73
CMD CLA EC . 1.95 -33.65 -2.14
CAD CLA EC . 3.33 -36.17 0.01
OBD CLA EC . 3.95 -35.36 0.67
CBD CLA EC . 3.25 -37.68 0.35
CGD CLA EC . 4.49 -38.31 0.91
O1D CLA EC . 4.46 -39.13 1.82
O2D CLA EC . 5.68 -37.99 0.37
CED CLA EC . 6.81 -38.34 1.18
C1 CLA EC . -1.10 -39.02 -0.60
C2 CLA EC . -2.32 -39.70 -0.14
C3 CLA EC . -2.97 -40.59 -0.87
C4 CLA EC . -4.10 -41.20 -0.17
C5 CLA EC . -2.59 -41.08 -2.25
C6 CLA EC . -3.59 -42.06 -2.87
C7 CLA EC . -4.68 -41.41 -3.70
C8 CLA EC . -5.77 -42.41 -4.06
C9 CLA EC . -5.81 -42.60 -5.56
C10 CLA EC . -7.14 -41.97 -3.57
C11 CLA EC . -7.16 -41.32 -2.20
C12 CLA EC . -8.46 -41.45 -1.42
C13 CLA EC . -8.92 -42.89 -1.31
C14 CLA EC . -10.37 -42.92 -0.91
C15 CLA EC . -8.07 -43.68 -0.34
C16 CLA EC . -8.24 -45.18 -0.50
C17 CLA EC . -7.89 -45.85 0.79
C18 CLA EC . -7.55 -47.34 0.75
C19 CLA EC . -7.89 -47.98 2.07
C20 CLA EC . -8.26 -48.11 -0.35
MG CLA FC . 15.94 21.61 30.32
CHA CLA FC . 14.97 21.21 33.66
CHB CLA FC . 17.97 24.18 31.17
CHC CLA FC . 16.26 22.45 27.00
CHD CLA FC . 13.65 19.11 29.43
NA CLA FC . 16.37 22.53 32.13
C1A CLA FC . 15.88 22.22 33.40
C2A CLA FC . 16.52 23.20 34.39
C3A CLA FC . 17.63 23.89 33.61
C4A CLA FC . 17.31 23.53 32.19
CMA CLA FC . 17.51 25.36 33.89
CAA CLA FC . 17.27 22.61 35.53
NB CLA FC . 16.85 23.08 29.30
C1B CLA FC . 17.76 23.94 29.81
C2B CLA FC . 18.50 24.64 28.73
C3B CLA FC . 18.00 24.16 27.55
C4B CLA FC . 16.96 23.17 27.90
CMB CLA FC . 19.55 25.62 28.98
CAB CLA FC . 18.33 24.42 26.17
CBB CLA FC . 19.28 23.78 25.48
NC CLA FC . 15.11 20.90 28.55
C1C CLA FC . 15.41 21.38 27.31
C2C CLA FC . 14.71 20.63 26.30
C3C CLA FC . 13.97 19.68 26.97
C4C CLA FC . 14.24 19.84 28.39
CMC CLA FC . 14.84 20.92 24.87
CAC CLA FC . 13.18 18.61 26.37
CBC CLA FC . 13.99 17.43 25.91
ND CLA FC . 14.63 20.40 31.26
C1D CLA FC . 13.80 19.37 30.77
C2D CLA FC . 13.18 18.70 31.93
C3D CLA FC . 13.57 19.36 33.04
C4D CLA FC . 14.49 20.41 32.58
CMD CLA FC . 12.25 17.60 31.89
CAD CLA FC . 13.48 19.40 34.48
OBD CLA FC . 12.87 18.68 35.26
CBD CLA FC . 14.36 20.59 34.92
CGD CLA FC . 13.63 21.59 35.77
O1D CLA FC . 12.51 22.06 35.60
O2D CLA FC . 14.33 22.02 36.85
CED CLA FC . 14.29 21.27 38.06
MG CLA GC . -12.58 -9.21 6.98
CHA CLA GC . -13.86 -7.69 4.11
CHB CLA GC . -9.67 -9.79 5.27
CHC CLA GC . -10.94 -9.68 9.97
CHD CLA GC . -15.37 -7.97 8.77
NA CLA GC . -11.95 -8.90 5.01
C1A CLA GC . -12.62 -8.23 3.96
C2A CLA GC . -11.79 -8.29 2.68
C3A CLA GC . -10.77 -9.40 3.02
C4A CLA GC . -10.76 -9.37 4.55
CMA CLA GC . -11.22 -10.74 2.50
CAA CLA GC . -11.09 -7.00 2.32
CBA CLA GC . -10.36 -7.22 1.01
CGA CLA GC . -9.64 -6.01 0.51
O1A CLA GC . -8.92 -5.92 -0.48
O2A CLA GC . -9.83 -4.89 1.26
NB CLA GC . -10.68 -9.66 7.51
C1B CLA GC . -9.61 -9.79 6.67
C2B CLA GC . -8.36 -9.99 7.48
C3B CLA GC . -8.74 -9.95 8.80
C4B CLA GC . -10.22 -9.78 8.84
CMB CLA GC . -7.03 -10.16 6.91
CAB CLA GC . -7.97 -10.11 10.01
CBB CLA GC . -7.24 -11.17 10.32
NC CLA GC . -13.12 -8.99 8.99
C1C CLA GC . -12.32 -9.34 10.04
C2C CLA GC . -13.04 -9.16 11.30
C3C CLA GC . -14.25 -8.58 10.96
C4C CLA GC . -14.30 -8.50 9.51
CMC CLA GC . -12.49 -9.46 12.63
CAC CLA GC . -15.34 -8.22 11.88
CBC CLA GC . -16.29 -9.39 12.08
ND CLA GC . -14.30 -8.26 6.58
C1D CLA GC . -15.38 -7.83 7.41
C2D CLA GC . -16.43 -7.22 6.57
C3D CLA GC . -15.90 -7.12 5.31
C4D CLA GC . -14.55 -7.74 5.37
CMD CLA GC . -17.72 -6.77 7.07
CAD CLA GC . -16.13 -6.72 3.94
OBD CLA GC . -17.15 -6.29 3.42
CBD CLA GC . -14.79 -6.94 3.16
CGD CLA GC . -15.04 -7.61 1.85
O1D CLA GC . -15.96 -8.37 1.56
O2D CLA GC . -14.15 -7.30 0.86
CED CLA GC . -14.51 -6.25 -0.04
C1 CLA GC . -10.65 -3.88 0.64
C2 CLA GC . -10.49 -2.63 1.42
C3 CLA GC . -11.19 -1.53 1.09
C4 CLA GC . -12.15 -1.53 -0.04
C5 CLA GC . -11.04 -0.26 1.86
C6 CLA GC . -10.45 -0.48 3.24
C7 CLA GC . -11.54 -0.54 4.28
C8 CLA GC . -11.86 0.85 4.83
C9 CLA GC . -11.44 0.94 6.29
C10 CLA GC . -13.34 1.19 4.69
C11 CLA GC . -13.60 2.03 3.46
C12 CLA GC . -12.88 3.37 3.51
C13 CLA GC . -13.35 4.27 2.37
C14 CLA GC . -14.55 3.67 1.67
C15 CLA GC . -12.25 4.52 1.35
C16 CLA GC . -11.17 5.45 1.87
C17 CLA GC . -10.39 6.03 0.71
C18 CLA GC . -9.00 6.53 1.09
C19 CLA GC . -8.53 7.62 0.17
C20 CLA GC . -8.97 7.00 2.54
MG CLA HC . 0.58 -21.76 1.80
CHA CLA HC . 2.62 -24.53 2.37
CHB CLA HC . -2.15 -23.72 2.30
CHC CLA HC . -1.26 -18.95 2.50
CHD CLA HC . 3.46 -19.81 1.52
NA CLA HC . 0.31 -23.79 2.20
C1A CLA HC . 1.28 -24.77 2.43
C2A CLA HC . 0.61 -26.13 2.63
C3A CLA HC . -0.84 -25.87 2.14
C4A CLA HC . -0.93 -24.35 2.25
CMA CLA HC . -1.02 -26.31 0.72
CAA CLA HC . 0.71 -26.63 4.08
CBA CLA HC . 0.43 -28.10 4.15
CGA CLA HC . -0.98 -28.34 4.54
O1A CLA HC . -1.54 -27.82 5.49
O2A CLA HC . -1.70 -29.14 3.72
NB CLA HC . -1.33 -21.40 2.34
C1B CLA HC . -2.30 -22.34 2.43
C2B CLA HC . -3.59 -21.73 2.76
C3B CLA HC . -3.37 -20.36 2.84
C4B CLA HC . -1.92 -20.14 2.56
CMB CLA HC . -4.75 -22.61 2.91
CAB CLA HC . -4.26 -19.26 3.07
CBB CLA HC . -5.40 -19.28 3.77
NC CLA HC . 1.04 -19.73 1.93
C1C CLA HC . 0.12 -18.76 2.19
C2C CLA HC . 0.77 -17.49 2.09
C3C CLA HC . 2.11 -17.67 1.83
C4C CLA HC . 2.27 -19.12 1.71
CMC CLA HC . 0.08 -16.24 2.25
CAC CLA HC . 2.99 -16.51 1.58
CBC CLA HC . 4.40 -16.48 2.09
ND CLA HC . 2.57 -22.04 1.82
C1D CLA HC . 3.65 -21.16 1.61
C2D CLA HC . 4.91 -21.89 1.56
C3D CLA HC . 4.58 -23.16 1.95
C4D CLA HC . 3.11 -23.22 2.06
CMD CLA HC . 6.21 -21.26 1.32
CAD CLA HC . 5.07 -24.50 2.13
OBD CLA HC . 6.21 -24.92 2.02
CBD CLA HC . 3.85 -25.38 2.51
CGD CLA HC . 3.85 -26.66 1.74
O1D CLA HC . 3.47 -26.86 0.60
O2D CLA HC . 4.36 -27.69 2.45
CED CLA HC . 3.59 -28.88 2.55
C1 CLA HC . -3.08 -29.38 4.08
C2 CLA HC . -3.89 -28.36 3.38
C3 CLA HC . -4.62 -27.41 3.98
C4 CLA HC . -4.71 -27.23 5.46
C5 CLA HC . -5.40 -26.47 3.14
C6 CLA HC . -6.86 -26.44 3.55
C7 CLA HC . -7.53 -27.77 3.21
C8 CLA HC . -8.68 -28.01 4.18
C9 CLA HC . -8.42 -29.15 5.12
C10 CLA HC . -9.95 -28.26 3.39
C11 CLA HC . -9.81 -29.30 2.31
C12 CLA HC . -11.07 -29.30 1.47
C13 CLA HC . -11.13 -30.46 0.50
C14 CLA HC . -9.83 -30.69 -0.24
C15 CLA HC . -12.30 -30.30 -0.45
C16 CLA HC . -12.36 -31.39 -1.49
C17 CLA HC . -13.55 -31.28 -2.40
C18 CLA HC . -13.44 -30.08 -3.32
C19 CLA HC . -12.31 -30.27 -4.32
C20 CLA HC . -14.74 -29.95 -4.09
MG CLA IC . -17.35 -13.06 -29.08
CHA CLA IC . -19.28 -10.19 -28.66
CHB CLA IC . -19.29 -14.65 -26.76
CHC CLA IC . -15.15 -15.67 -28.99
CHD CLA IC . -14.97 -11.12 -30.81
NA CLA IC . -19.03 -12.51 -27.98
C1A CLA IC . -19.71 -11.28 -27.94
C2A CLA IC . -20.91 -11.35 -27.01
C3A CLA IC . -20.79 -12.75 -26.42
C4A CLA IC . -19.63 -13.38 -27.13
CMA CLA IC . -20.49 -12.62 -24.96
CAA CLA IC . -22.23 -11.27 -27.80
CBA CLA IC . -23.21 -12.42 -27.72
CGA CLA IC . -24.04 -12.43 -26.47
O1A CLA IC . -24.85 -13.28 -26.10
O2A CLA IC . -23.81 -11.39 -25.61
NB CLA IC . -17.25 -14.81 -28.06
C1B CLA IC . -18.21 -15.34 -27.28
C2B CLA IC . -17.94 -16.76 -26.97
C3B CLA IC . -16.75 -17.06 -27.61
C4B CLA IC . -16.30 -15.82 -28.30
CMB CLA IC . -18.85 -17.51 -26.11
CAB CLA IC . -15.91 -18.23 -27.71
CBB CLA IC . -15.95 -19.37 -27.02
NC CLA IC . -15.40 -13.33 -29.79
C1C CLA IC . -14.70 -14.49 -29.67
C2C CLA IC . -13.41 -14.36 -30.31
C3C CLA IC . -13.33 -13.06 -30.78
C4C CLA IC . -14.60 -12.42 -30.47
CMC CLA IC . -12.40 -15.41 -30.35
CAC CLA IC . -12.20 -12.45 -31.51
CBC CLA IC . -11.30 -11.57 -30.69
ND CLA IC . -17.13 -11.14 -29.67
C1D CLA IC . -16.15 -10.50 -30.45
C2D CLA IC . -16.59 -9.14 -30.75
C3D CLA IC . -17.77 -8.97 -30.08
C4D CLA IC . -18.06 -10.24 -29.40
CMD CLA IC . -15.87 -8.18 -31.57
CAD CLA IC . -18.85 -8.04 -29.79
OBD CLA IC . -19.04 -6.91 -30.20
CBD CLA IC . -19.81 -8.77 -28.82
CGD CLA IC . -19.98 -8.07 -27.50
O1D CLA IC . -21.01 -7.57 -27.05
O2D CLA IC . -18.86 -8.00 -26.72
CED CLA IC . -18.86 -7.08 -25.62
C1 CLA IC . -24.87 -10.46 -25.37
C2 CLA IC . -24.23 -9.15 -25.57
C3 CLA IC . -24.86 -7.98 -25.41
C4 CLA IC . -26.29 -7.91 -25.04
C5 CLA IC . -24.17 -6.67 -25.63
C6 CLA IC . -24.62 -5.98 -26.90
C7 CLA IC . -24.02 -6.66 -28.13
C8 CLA IC . -24.34 -6.02 -29.46
C9 CLA IC . -25.75 -5.49 -29.57
C10 CLA IC . -24.14 -7.03 -30.56
C11 CLA IC . -22.68 -7.10 -30.97
C12 CLA IC . -22.35 -8.40 -31.64
C13 CLA IC . -21.43 -8.12 -32.81
C14 CLA IC . -22.26 -7.95 -34.06
C15 CLA IC . -20.31 -9.14 -32.89
C16 CLA IC . -19.69 -9.27 -34.26
C17 CLA IC . -18.53 -10.23 -34.27
C18 CLA IC . -18.16 -10.58 -35.71
C19 CLA IC . -17.26 -11.77 -35.74
C20 CLA IC . -17.53 -9.41 -36.42
MG CLA JC . -21.17 -14.79 -20.86
CHA CLA JC . -18.48 -16.92 -21.17
CHB CLA JC . -19.15 -12.19 -21.71
CHC CLA JC . -23.70 -12.60 -20.16
CHD CLA JC . -22.91 -17.31 -19.07
NA CLA JC . -19.16 -14.62 -21.41
C1A CLA JC . -18.20 -15.64 -21.54
C2A CLA JC . -16.86 -15.07 -22.00
C3A CLA JC . -17.09 -13.57 -22.04
C4A CLA JC . -18.58 -13.43 -21.73
CMA CLA JC . -16.25 -12.90 -20.99
CAA CLA JC . -16.53 -15.56 -23.41
CBA CLA JC . -15.25 -15.08 -24.04
CGA CLA JC . -14.02 -15.76 -23.55
O1A CLA JC . -13.49 -16.79 -23.95
O2A CLA JC . -13.38 -15.06 -22.55
NB CLA JC . -21.38 -12.79 -20.92
C1B CLA JC . -20.49 -11.92 -21.41
C2B CLA JC . -21.12 -10.59 -21.61
C3B CLA JC . -22.42 -10.70 -21.18
C4B CLA JC . -22.60 -12.10 -20.73
CMB CLA JC . -20.34 -9.46 -22.12
CAB CLA JC . -23.53 -9.79 -21.05
CBB CLA JC . -23.86 -8.76 -21.83
NC CLA JC . -22.98 -14.94 -19.81
C1C CLA JC . -23.88 -13.93 -19.70
C2C CLA JC . -25.07 -14.37 -19.02
C3C CLA JC . -24.83 -15.69 -18.63
C4C CLA JC . -23.52 -16.06 -19.16
CMC CLA JC . -26.23 -13.53 -18.75
CAC CLA JC . -25.77 -16.56 -17.92
CBC CLA JC . -25.65 -16.46 -16.42
ND CLA JC . -20.86 -16.68 -20.23
C1D CLA JC . -21.67 -17.62 -19.55
C2D CLA JC . -20.97 -18.91 -19.50
C3D CLA JC . -19.78 -18.69 -20.15
C4D CLA JC . -19.73 -17.29 -20.55
CMD CLA JC . -21.47 -20.15 -18.92
CAD CLA JC . -18.52 -19.27 -20.55
OBD CLA JC . -18.18 -20.40 -20.47
CBD CLA JC . -17.65 -18.17 -21.15
CGD CLA JC . -16.39 -17.91 -20.38
O1D CLA JC . -16.21 -17.35 -19.30
O2D CLA JC . -15.31 -18.36 -21.03
CED CLA JC . -14.62 -19.35 -20.32
C1 CLA JC . -12.87 -15.87 -21.50
C2 CLA JC . -12.96 -15.04 -20.29
C3 CLA JC . -12.01 -14.19 -19.88
C4 CLA JC . -10.75 -14.02 -20.61
C5 CLA JC . -12.18 -13.39 -18.63
C6 CLA JC . -13.53 -13.50 -17.95
C7 CLA JC . -13.36 -13.16 -16.48
C8 CLA JC . -14.64 -12.78 -15.74
C9 CLA JC . -15.45 -14.02 -15.40
C10 CLA JC . -15.34 -11.69 -16.55
C11 CLA JC . -16.84 -11.69 -16.39
C12 CLA JC . -17.61 -10.74 -17.30
C13 CLA JC . -18.99 -11.26 -17.72
C14 CLA JC . -19.98 -10.12 -17.72
C15 CLA JC . -19.52 -12.45 -16.89
C16 CLA JC . -19.83 -13.63 -17.76
C17 CLA JC . -20.69 -14.60 -16.98
C18 CLA JC . -19.88 -15.59 -16.16
C19 CLA JC . -18.67 -16.16 -16.87
C20 CLA JC . -20.77 -16.70 -15.67
MG CLA KC . -32.54 -26.97 -12.63
CHA CLA KC . -32.86 -28.89 -9.75
CHB CLA KC . -30.17 -25.06 -11.12
CHC CLA KC . -32.43 -24.99 -15.37
CHD CLA KC . -35.32 -28.67 -13.99
NA CLA KC . -31.67 -27.00 -10.74
C1A CLA KC . -31.93 -27.87 -9.68
C2A CLA KC . -31.02 -27.56 -8.50
C3A CLA KC . -30.35 -26.24 -8.91
C4A CLA KC . -30.72 -26.09 -10.38
CMA CLA KC . -31.01 -25.14 -8.13
CAA CLA KC . -29.95 -28.62 -8.27
CBA CLA KC . -29.11 -29.06 -9.46
CGA CLA KC . -29.73 -30.22 -10.17
O1A CLA KC . -30.20 -31.25 -9.71
O2A CLA KC . -29.79 -29.99 -11.51
NB CLA KC . -31.55 -25.27 -13.10
C1B CLA KC . -30.48 -24.78 -12.46
C2B CLA KC . -29.72 -23.82 -13.32
C3B CLA KC . -30.37 -23.81 -14.53
C4B CLA KC . -31.50 -24.75 -14.40
CMB CLA KC . -28.51 -23.14 -12.82
CAB CLA KC . -30.18 -23.13 -15.79
CBB CLA KC . -29.09 -22.52 -16.30
NC CLA KC . -33.71 -26.83 -14.35
C1C CLA KC . -33.49 -25.94 -15.35
C2C CLA KC . -34.46 -26.11 -16.41
C3C CLA KC . -35.30 -27.16 -16.03
C4C CLA KC . -34.80 -27.61 -14.74
CMC CLA KC . -34.54 -25.30 -17.62
CAC CLA KC . -36.45 -27.67 -16.77
CBC CLA KC . -36.21 -28.91 -17.58
ND CLA KC . -33.79 -28.46 -12.10
C1D CLA KC . -34.86 -29.08 -12.76
C2D CLA KC . -35.38 -30.19 -11.94
C3D CLA KC . -34.61 -30.19 -10.80
C4D CLA KC . -33.66 -29.09 -10.92
CMD CLA KC . -36.48 -31.03 -12.37
CAD CLA KC . -34.36 -30.81 -9.52
OBD CLA KC . -34.84 -31.83 -9.08
CBD CLA KC . -33.33 -29.95 -8.76
CGD CLA KC . -33.96 -29.31 -7.54
O1D CLA KC . -34.94 -28.57 -7.52
O2D CLA KC . -33.36 -29.59 -6.34
CED CLA KC . -33.82 -28.91 -5.17
C1 CLA KC . -30.70 -30.81 -12.29
C2 CLA KC . -31.17 -30.01 -13.43
C3 CLA KC . -31.65 -30.56 -14.55
C4 CLA KC . -31.76 -32.03 -14.75
C5 CLA KC . -32.13 -29.73 -15.69
C6 CLA KC . -31.13 -29.51 -16.81
C7 CLA KC . -30.23 -28.34 -16.49
C8 CLA KC . -30.03 -27.29 -17.59
C9 CLA KC . -31.17 -27.23 -18.62
C10 CLA KC . -28.68 -27.43 -18.27
C11 CLA KC . -27.90 -26.13 -18.17
C12 CLA KC . -26.49 -26.23 -18.72
C13 CLA KC . -25.80 -24.87 -18.57
C14 CLA KC . -26.48 -23.85 -19.45
C15 CLA KC . -24.30 -24.92 -18.88
C16 CLA KC . -23.56 -25.89 -17.98
C17 CLA KC . -22.09 -26.01 -18.31
C18 CLA KC . -21.20 -25.19 -17.39
C19 CLA KC . -19.98 -26.00 -16.99
C20 CLA KC . -20.75 -23.90 -18.06
MG CLA LC . -29.39 -20.77 -5.77
CHA CLA LC . -30.91 -18.15 -7.47
CHB CLA LC . -28.89 -22.31 -8.79
CHC CLA LC . -26.93 -22.73 -4.38
CHD CLA LC . -29.04 -18.60 -2.98
NA CLA LC . -29.94 -20.36 -7.74
C1A CLA LC . -30.59 -19.23 -8.25
C2A CLA LC . -30.70 -19.31 -9.77
C3A CLA LC . -30.49 -20.82 -10.02
C4A CLA LC . -29.72 -21.22 -8.77
CMA CLA LC . -31.79 -21.57 -10.13
CAA CLA LC . -29.65 -18.42 -10.47
CBA CLA LC . -28.14 -18.55 -10.24
CGA CLA LC . -27.70 -17.99 -8.91
O1A CLA LC . -28.07 -16.93 -8.46
O2A CLA LC . -26.90 -18.79 -8.13
NB CLA LC . -28.17 -22.23 -6.44
C1B CLA LC . -28.14 -22.73 -7.69
C2B CLA LC . -27.19 -23.84 -7.79
C3B CLA LC . -26.60 -23.99 -6.56
C4B CLA LC . -27.24 -22.97 -5.68
CMB CLA LC . -26.94 -24.57 -9.02
CAB CLA LC . -25.59 -24.97 -6.25
CBB CLA LC . -24.50 -24.85 -5.51
NC CLA LC . -28.33 -20.75 -3.96
C1C CLA LC . -27.45 -21.71 -3.56
C2C CLA LC . -26.97 -21.45 -2.23
C3C CLA LC . -27.48 -20.21 -1.87
C4C CLA LC . -28.35 -19.81 -2.95
CMC CLA LC . -26.01 -22.29 -1.53
CAC CLA LC . -27.33 -19.49 -0.60
CBC CLA LC . -26.11 -18.61 -0.55
ND CLA LC . -30.01 -18.94 -5.22
C1D CLA LC . -29.77 -18.17 -4.05
C2D CLA LC . -30.42 -16.88 -4.18
C3D CLA LC . -30.93 -16.83 -5.45
C4D CLA LC . -30.57 -18.12 -6.08
CMD CLA LC . -30.41 -15.89 -3.13
CAD CLA LC . -31.62 -16.02 -6.44
OBD CLA LC . -32.17 -14.94 -6.34
CBD CLA LC . -31.52 -16.80 -7.77
CGD CLA LC . -32.84 -16.83 -8.51
O1D CLA LC . -33.38 -15.87 -9.05
O2D CLA LC . -33.46 -18.03 -8.57
CED CLA LC . -34.73 -18.09 -9.20
C1 CLA LC . -26.73 -18.38 -6.76
C2 CLA LC . -25.68 -19.20 -6.10
C3 CLA LC . -25.14 -18.88 -4.92
C4 CLA LC . -25.50 -17.66 -4.17
C5 CLA LC . -24.08 -19.70 -4.27
C6 CLA LC . -22.89 -20.00 -5.14
C7 CLA LC . -22.73 -21.50 -5.27
C8 CLA LC . -21.92 -21.98 -6.46
C9 CLA LC . -20.43 -21.80 -6.23
C10 CLA LC . -22.27 -21.25 -7.73
C11 CLA LC . -23.37 -21.95 -8.45
C12 CLA LC . -23.92 -20.98 -9.47
C13 CLA LC . -24.72 -21.61 -10.58
C14 CLA LC . -24.05 -22.88 -11.11
C15 CLA LC . -25.04 -20.53 -11.62
C16 CLA LC . -24.57 -20.83 -13.04
C17 CLA LC . -24.83 -19.79 -14.09
C18 CLA LC . -24.56 -20.33 -15.49
C19 CLA LC . -25.78 -21.03 -16.03
C20 CLA LC . -23.33 -21.21 -15.64
MG CLA MC . -25.01 -27.48 1.16
CHA CLA MC . -27.03 -26.77 -1.59
CHB CLA MC . -23.47 -29.89 -0.70
CHC CLA MC . -22.42 -27.54 3.43
CHD CLA MC . -26.20 -24.54 2.68
NA CLA MC . -25.30 -28.27 -0.76
C1A CLA MC . -26.18 -27.84 -1.76
C2A CLA MC . -26.07 -28.73 -3.01
C3A CLA MC . -25.21 -29.92 -2.51
C4A CLA MC . -24.60 -29.34 -1.23
CMA CLA MC . -26.00 -31.17 -2.25
CAA CLA MC . -25.44 -28.07 -4.22
CBA CLA MC . -24.95 -29.13 -5.16
CGA CLA MC . -25.43 -28.94 -6.56
O1A CLA MC . -26.48 -28.43 -6.94
O2A CLA MC . -24.57 -29.48 -7.48
NB CLA MC . -23.30 -28.53 1.35
C1B CLA MC . -22.85 -29.44 0.47
C2B CLA MC . -21.58 -29.99 0.97
C3B CLA MC . -21.26 -29.35 2.15
C4B CLA MC . -22.37 -28.42 2.40
CMB CLA MC . -20.88 -30.98 0.19
CAB CLA MC . -20.15 -29.46 3.06
CBB CLA MC . -19.40 -30.53 3.37
NC CLA MC . -24.47 -26.31 2.79
C1C CLA MC . -23.41 -26.56 3.62
C2C CLA MC . -23.38 -25.59 4.70
C3C CLA MC . -24.41 -24.70 4.45
C4C CLA MC . -25.11 -25.18 3.27
CMC CLA MC . -22.39 -25.55 5.76
CAC CLA MC . -24.81 -23.56 5.27
CBC CLA MC . -25.92 -23.88 6.24
ND CLA MC . -26.36 -26.05 0.77
C1D CLA MC . -26.79 -24.92 1.51
C2D CLA MC . -27.89 -24.26 0.80
C3D CLA MC . -28.03 -24.92 -0.38
C4D CLA MC . -27.04 -26.01 -0.37
CMD CLA MC . -28.60 -23.08 1.28
CAD CLA MC . -28.73 -24.99 -1.64
OBD CLA MC . -29.64 -24.29 -2.05
CBD CLA MC . -28.09 -26.14 -2.46
CGD CLA MC . -29.17 -27.12 -2.80
O1D CLA MC . -29.70 -27.92 -2.03
O2D CLA MC . -29.58 -27.10 -4.09
CED CLA MC . -30.12 -28.31 -4.60
C1 CLA MC . -24.07 -28.58 -8.47
C2 CLA MC . -22.89 -27.89 -7.89
C3 CLA MC . -22.37 -26.77 -8.42
C4 CLA MC . -22.95 -26.15 -9.62
C5 CLA MC . -21.19 -26.15 -7.74
C6 CLA MC . -19.83 -26.45 -8.35
C7 CLA MC . -19.37 -25.39 -9.32
C8 CLA MC . -18.03 -25.68 -9.98
C9 CLA MC . -16.99 -26.00 -8.95
C10 CLA MC . -17.59 -24.46 -10.77
C11 CLA MC . -16.58 -24.77 -11.85
C12 CLA MC . -17.07 -25.83 -12.80
C13 CLA MC . -16.00 -26.09 -13.84
C14 CLA MC . -16.67 -26.02 -15.19
C15 CLA MC . -15.25 -27.39 -13.59
C16 CLA MC . -16.07 -28.60 -13.99
C17 CLA MC . -15.46 -29.89 -13.52
C18 CLA MC . -16.30 -31.12 -13.87
C19 CLA MC . -17.81 -30.90 -13.91
C20 CLA MC . -16.05 -32.09 -12.75
MG CLA NC . -29.31 -17.22 -40.37
CHA CLA NC . -29.20 -17.59 -43.84
CHB CLA NC . -27.47 -14.38 -40.69
CHC CLA NC . -30.20 -16.28 -37.16
CHD CLA NC . -31.84 -19.70 -40.28
NA CLA NC . -28.43 -16.22 -41.99
C1A CLA NC . -28.51 -16.52 -43.36
C2A CLA NC . -27.69 -15.55 -44.20
C3A CLA NC . -26.85 -14.84 -43.12
C4A CLA NC . -27.62 -15.14 -41.83
CMA CLA NC . -25.51 -15.52 -43.13
CAA CLA NC . -28.52 -14.63 -45.08
CBA CLA NC . -29.68 -13.98 -44.36
CGA CLA NC . -30.40 -13.10 -45.31
O1A CLA NC . -29.94 -12.48 -46.27
O2A CLA NC . -31.72 -13.01 -45.03
NB CLA NC . -28.90 -15.65 -39.16
C1B CLA NC . -28.11 -14.60 -39.47
C2B CLA NC . -27.94 -13.72 -38.28
C3B CLA NC . -28.70 -14.24 -37.28
C4B CLA NC . -29.32 -15.48 -37.82
CMB CLA NC . -27.14 -12.51 -38.29
CAB CLA NC . -28.90 -13.75 -35.95
NC CLA NC . -30.70 -17.90 -38.98
C1C CLA NC . -30.85 -17.43 -37.71
C2C CLA NC . -31.84 -18.20 -36.98
C3C CLA NC . -32.36 -19.11 -37.89
C4C CLA NC . -31.63 -18.94 -39.13
CMC CLA NC . -32.24 -17.94 -35.60
CAC CLA NC . -33.38 -20.14 -37.69
CBC CLA NC . -32.84 -21.45 -37.17
ND CLA NC . -30.28 -18.42 -41.66
C1D CLA NC . -31.24 -19.45 -41.48
C2D CLA NC . -31.42 -20.16 -42.76
C3D CLA NC . -30.64 -19.51 -43.68
C4D CLA NC . -29.99 -18.41 -42.96
CMD CLA NC . -32.28 -21.31 -42.97
CAD CLA NC . -30.21 -19.46 -45.06
OBD CLA NC . -30.49 -20.21 -45.99
CBD CLA NC . -29.30 -18.21 -45.21
CGD CLA NC . -27.94 -18.59 -45.74
O1D CLA NC . -26.87 -18.53 -45.16
O2D CLA NC . -27.95 -19.04 -47.03
CED CLA NC . -26.76 -19.59 -47.57
C1 CLA NC . -32.44 -11.86 -45.48
C2 CLA NC . -33.74 -11.87 -44.76
C3 CLA NC . -34.69 -10.91 -44.81
C4 CLA NC . -34.54 -9.67 -45.60
C5 CLA NC . -35.95 -11.01 -44.04
C6 CLA NC . -36.06 -12.29 -43.23
C7 CLA NC . -37.36 -12.35 -42.46
C8 CLA NC . -37.48 -13.67 -41.71
C9 CLA NC . -37.39 -14.87 -42.64
C10 CLA NC . -38.76 -13.72 -40.90
MG CLA OC . -32.50 -7.32 -43.80
CHA CLA OC . -29.81 -8.85 -45.31
CHB CLA OC . -32.79 -5.25 -46.50
CHC CLA OC . -35.55 -6.30 -42.70
CHD CLA OC . -32.51 -9.88 -41.35
NA CLA OC . -31.47 -7.11 -45.60
C1A CLA OC . -30.36 -7.83 -46.05
C2A CLA OC . -29.90 -7.32 -47.43
C3A CLA OC . -30.73 -6.04 -47.61
C4A CLA OC . -31.76 -6.14 -46.50
CMA CLA OC . -29.92 -4.79 -47.42
CAA CLA OC . -30.13 -8.38 -48.50
CBA CLA OC . -31.57 -8.69 -48.80
CGA CLA OC . -31.69 -10.16 -49.02
O1A CLA OC . -30.91 -10.93 -49.60
O2A CLA OC . -32.85 -10.63 -48.47
NB CLA OC . -33.92 -6.06 -44.48
C1B CLA OC . -33.79 -5.23 -45.54
C2B CLA OC . -34.86 -4.23 -45.58
C3B CLA OC . -35.69 -4.48 -44.52
C4B CLA OC . -35.10 -5.67 -43.81
CMB CLA OC . -34.90 -3.22 -46.62
CAB CLA OC . -36.89 -3.74 -44.23
CBB CLA OC . -37.87 -3.92 -43.35
NC CLA OC . -33.78 -7.98 -42.29
C1C CLA OC . -34.95 -7.36 -41.99
C2C CLA OC . -35.55 -7.95 -40.83
C3C CLA OC . -34.77 -9.03 -40.47
C4C CLA OC . -33.63 -9.03 -41.39
CMC CLA OC . -36.78 -7.43 -40.27
CAC CLA OC . -34.98 -9.88 -39.29
CBC CLA OC . -35.33 -11.32 -39.57
ND CLA OC . -31.49 -9.01 -43.40
C1D CLA OC . -31.51 -9.89 -42.29
C2D CLA OC . -30.30 -10.73 -42.31
C3D CLA OC . -29.61 -10.38 -43.44
C4D CLA OC . -30.39 -9.31 -44.09
CMD CLA OC . -29.99 -11.72 -41.28
CAD CLA OC . -28.42 -10.58 -44.24
OBD CLA OC . -27.46 -11.33 -44.05
CBD CLA OC . -28.53 -9.63 -45.47
CGD CLA OC . -27.42 -8.63 -45.57
O1D CLA OC . -27.39 -7.52 -45.03
O2D CLA OC . -26.38 -9.00 -46.36
CED CLA OC . -25.19 -8.23 -46.31
C1 CLA OC . -34.09 -10.47 -49.21
C2 CLA OC . -34.33 -11.75 -49.89
C3 CLA OC . -35.01 -12.78 -49.33
C4 CLA OC . -35.22 -14.04 -50.07
C5 CLA OC . -35.64 -12.74 -47.97
C6 CLA OC . -37.15 -12.83 -48.05
C7 CLA OC . -37.78 -12.91 -46.67
C8 CLA OC . -39.21 -12.41 -46.64
C9 CLA OC . -39.27 -11.00 -46.09
C10 CLA OC . -40.09 -13.32 -45.79
MG CLA PC . -27.04 -9.45 -36.21
CHA CLA PC . -25.06 -11.03 -33.88
CHB CLA PC . -29.67 -9.57 -34.02
CHC CLA PC . -29.12 -8.35 -38.68
CHD CLA PC . -24.47 -9.87 -38.62
NA CLA PC . -27.28 -10.15 -34.26
C1A CLA PC . -26.33 -10.73 -33.43
C2A CLA PC . -26.93 -11.00 -32.05
C3A CLA PC . -28.38 -10.53 -32.15
C4A CLA PC . -28.46 -10.02 -33.57
CMA CLA PC . -29.31 -11.68 -31.86
CAA CLA PC . -26.28 -10.06 -31.06
CBA CLA PC . -26.23 -10.53 -29.62
CGA CLA PC . -27.52 -10.20 -28.96
O1A CLA PC . -28.47 -10.93 -28.70
O2A CLA PC . -27.56 -8.89 -28.63
NB CLA PC . -29.00 -9.03 -36.32
C1B CLA PC . -29.92 -9.12 -35.33
C2B CLA PC . -31.25 -8.67 -35.80
C3B CLA PC . -31.10 -8.32 -37.12
C4B CLA PC . -29.67 -8.55 -37.45
CMB CLA PC . -32.43 -8.67 -34.94
CAB CLA PC . -32.01 -7.83 -38.11
CBB CLA PC . -32.94 -6.89 -37.99
NC CLA PC . -26.80 -9.13 -38.27
C1C CLA PC . -27.79 -8.62 -39.05
C2C CLA PC . -27.29 -8.43 -40.40
C3C CLA PC . -25.98 -8.87 -40.44
C4C CLA PC . -25.67 -9.30 -39.08
CMC CLA PC . -28.12 -7.90 -41.47
CAC CLA PC . -25.07 -8.83 -41.61
CBC CLA PC . -24.54 -7.52 -42.18
ND CLA PC . -25.18 -10.23 -36.30
C1D CLA PC . -24.23 -10.32 -37.35
C2D CLA PC . -23.02 -10.97 -36.82
C3D CLA PC . -23.28 -11.27 -35.50
C4D CLA PC . -24.65 -10.81 -35.23
CMD CLA PC . -21.81 -11.22 -37.59
CAD CLA PC . -22.77 -11.88 -34.29
OBD CLA PC . -21.70 -12.42 -34.07
CBD CLA PC . -23.89 -11.75 -33.24
CGD CLA PC . -24.40 -13.04 -32.68
O1D CLA PC . -24.51 -13.29 -31.48
O2D CLA PC . -24.80 -13.96 -33.58
CED CLA PC . -25.62 -15.01 -33.09
C1 CLA PC . -28.82 -8.40 -28.15
C2 CLA PC . -28.75 -6.94 -28.10
C3 CLA PC . -29.79 -6.20 -27.70
C4 CLA PC . -31.09 -6.76 -27.29
C5 CLA PC . -29.64 -4.73 -27.67
C6 CLA PC . -28.43 -4.35 -26.86
C7 CLA PC . -29.00 -3.87 -25.58
C8 CLA PC . -28.18 -2.88 -24.76
C9 CLA PC . -26.82 -3.47 -24.50
C10 CLA PC . -28.87 -2.48 -23.45
C11 CLA PC . -30.36 -2.72 -23.37
C12 CLA PC . -30.89 -2.45 -22.00
C13 CLA PC . -32.38 -2.67 -22.01
C14 CLA PC . -32.87 -1.67 -20.98
C15 CLA PC . -32.61 -4.15 -21.71
C16 CLA PC . -33.41 -4.46 -20.46
C17 CLA PC . -33.37 -5.94 -20.13
C18 CLA PC . -34.37 -6.47 -19.13
C19 CLA PC . -33.74 -7.55 -18.30
C20 CLA PC . -35.01 -5.42 -18.24
MG CLA QC . -45.02 -9.73 -24.87
CHA CLA QC . -46.50 -12.25 -22.98
CHB CLA QC . -42.04 -10.44 -23.42
CHC CLA QC . -43.40 -8.04 -27.38
CHD CLA QC . -48.01 -9.61 -26.77
NA CLA QC . -44.41 -11.10 -23.42
C1A CLA QC . -45.16 -12.08 -22.77
C2A CLA QC . -44.29 -12.84 -21.79
C3A CLA QC . -43.08 -11.91 -21.66
C4A CLA QC . -43.13 -11.11 -22.95
CMA CLA QC . -43.28 -11.03 -20.47
CAA CLA QC . -43.76 -14.21 -22.19
CBA CLA QC . -44.57 -15.14 -23.05
CGA CLA QC . -43.76 -15.42 -24.25
O1A CLA QC . -43.19 -14.62 -24.97
O2A CLA QC . -43.75 -16.75 -24.53
NB CLA QC . -43.09 -9.36 -25.32
C1B CLA QC . -42.01 -9.65 -24.57
C2B CLA QC . -40.79 -9.00 -25.11
C3B CLA QC . -41.18 -8.31 -26.25
C4B CLA QC . -42.65 -8.52 -26.37
CMB CLA QC . -39.48 -9.17 -24.48
CAB CLA QC . -40.50 -7.48 -27.21
CBB CLA QC . -39.44 -6.67 -27.04
NC CLA QC . -45.61 -8.91 -26.68
C1C CLA QC . -44.80 -8.21 -27.52
C2C CLA QC . -45.58 -7.73 -28.66
C3C CLA QC . -46.86 -8.24 -28.51
C4C CLA QC . -46.88 -8.96 -27.26
CMC CLA QC . -45.04 -6.94 -29.76
CAC CLA QC . -48.02 -8.04 -29.37
CBC CLA QC . -48.82 -6.82 -28.98
ND CLA QC . -46.86 -10.60 -24.88
C1D CLA QC . -48.02 -10.39 -25.65
C2D CLA QC . -49.15 -11.15 -25.08
C3D CLA QC . -48.62 -11.84 -24.03
C4D CLA QC . -47.19 -11.52 -23.98
CMD CLA QC . -50.51 -11.10 -25.58
CAD CLA QC . -48.87 -12.78 -22.98
OBD CLA QC . -49.90 -13.27 -22.59
CBD CLA QC . -47.53 -13.13 -22.31
CGD CLA QC . -47.70 -12.94 -20.84
O1D CLA QC . -47.83 -13.81 -19.99
O2D CLA QC . -47.74 -11.64 -20.47
CED CLA QC . -47.60 -11.36 -19.08
C1 CLA QC . -44.90 -17.23 -25.25
C2 CLA QC . -44.73 -16.84 -26.68
C3 CLA QC . -45.58 -17.17 -27.65
C4 CLA QC . -46.82 -17.94 -27.39
C5 CLA QC . -45.36 -16.75 -29.07
C6 CLA QC . -44.18 -15.82 -29.28
C7 CLA QC . -43.79 -15.82 -30.75
C8 CLA QC . -42.82 -14.70 -31.13
C9 CLA QC . -43.43 -13.85 -32.22
C10 CLA QC . -41.51 -15.27 -31.62
C11 CLA QC . -40.31 -14.45 -31.19
C12 CLA QC . -39.03 -15.16 -31.61
C13 CLA QC . -37.70 -14.46 -31.30
C14 CLA QC . -37.74 -13.69 -30.00
C15 CLA QC . -37.21 -13.55 -32.42
MG CLA RC . -50.68 -2.10 -31.06
CHA CLA RC . -54.04 -2.51 -31.87
CHB CLA RC . -49.96 -4.95 -32.81
CHC CLA RC . -47.44 -1.03 -31.44
CHD CLA RC . -51.51 1.14 -29.89
NA CLA RC . -51.83 -3.52 -32.07
C1A CLA RC . -53.21 -3.51 -32.33
C2A CLA RC . -53.62 -4.79 -33.07
C3A CLA RC . -52.37 -5.68 -32.92
C4A CLA RC . -51.29 -4.67 -32.60
CMA CLA RC . -52.55 -6.67 -31.80
CAA CLA RC . -54.07 -4.53 -34.50
CBA CLA RC . -53.25 -3.46 -35.14
CGA CLA RC . -53.74 -3.10 -36.49
O1A CLA RC . -54.89 -3.16 -36.93
O2A CLA RC . -52.72 -2.65 -37.26
NB CLA RC . -49.05 -2.82 -32.01
C1B CLA RC . -48.93 -4.05 -32.54
C2B CLA RC . -47.51 -4.36 -32.86
C3B CLA RC . -46.78 -3.24 -32.50
C4B CLA RC . -47.76 -2.25 -31.95
CMB CLA RC . -47.18 -5.64 -33.47
CAB CLA RC . -45.37 -2.95 -32.50
CBB CLA RC . -44.39 -3.41 -33.28
NC CLA RC . -49.67 -0.33 -30.61
C1C CLA RC . -48.33 -0.14 -30.76
C2C CLA RC . -47.96 1.18 -30.28
C3C CLA RC . -49.14 1.83 -29.92
C4C CLA RC . -50.19 0.85 -30.12
CMC CLA RC . -46.61 1.70 -30.29
CAC CLA RC . -49.36 3.19 -29.38
CBC CLA RC . -49.62 4.25 -30.41
ND CLA RC . -52.33 -1.00 -30.72
C1D CLA RC . -52.53 0.30 -30.18
C2D CLA RC . -53.95 0.58 -30.05
C3D CLA RC . -54.59 -0.45 -30.70
C4D CLA RC . -53.53 -1.39 -31.14
CMD CLA RC . -54.48 1.79 -29.42
CAD CLA RC . -55.85 -1.05 -31.06
OBD CLA RC . -56.99 -0.70 -30.76
CBD CLA RC . -55.53 -2.29 -31.94
CGD CLA RC . -56.35 -3.47 -31.53
O1D CLA RC . -57.23 -4.03 -32.19
O2D CLA RC . -56.07 -3.95 -30.30
CED CLA RC . -56.40 -5.32 -30.09
C1 CLA RC . -52.95 -2.74 -38.68
C2 CLA RC . -52.06 -1.77 -39.34
C3 CLA RC . -51.26 -2.16 -40.34
C4 CLA RC . -50.39 -1.17 -41.00
C5 CLA RC . -51.16 -3.58 -40.80
C6 CLA RC . -49.79 -4.22 -40.78
C7 CLA RC . -49.23 -4.42 -42.18
C8 CLA RC . -47.78 -3.97 -42.31
C9 CLA RC . -47.67 -3.00 -43.48
C10 CLA RC . -46.86 -5.19 -42.39
C11 CLA RC . -45.58 -5.03 -43.19
C12 CLA RC . -45.42 -6.11 -44.23
C13 CLA RC . -46.58 -6.18 -45.22
C14 CLA RC . -46.29 -5.40 -46.47
MG CLA SC . -44.38 11.54 -28.03
CHA CLA SC . -45.88 14.04 -26.22
CHB CLA SC . -47.49 10.34 -28.84
CHC CLA SC . -43.02 9.72 -30.60
CHD CLA SC . -41.29 13.25 -27.70
NA CLA SC . -46.34 12.10 -27.58
C1A CLA SC . -46.76 13.20 -26.82
C2A CLA SC . -48.28 13.22 -26.73
C3A CLA SC . -48.70 11.85 -27.28
C4A CLA SC . -47.43 11.40 -27.98
CMA CLA SC . -49.12 10.91 -26.16
CAA CLA SC . -48.97 14.28 -27.58
CBA CLA SC . -48.14 14.95 -28.66
CGA CLA SC . -48.91 15.07 -29.92
O1A CLA SC . -50.09 15.36 -30.05
O2A CLA SC . -48.13 14.86 -31.02
NB CLA SC . -45.11 10.29 -29.43
C1B CLA SC . -46.38 9.86 -29.54
C2B CLA SC . -46.50 8.78 -30.54
C3B CLA SC . -45.24 8.59 -31.05
C4B CLA SC . -44.34 9.55 -30.35
CMB CLA SC . -47.81 8.18 -30.78
CAB CLA SC . -44.68 7.73 -32.07
CBB CLA SC . -45.31 7.09 -33.06
NC CLA SC . -42.50 11.47 -28.94
C1C CLA SC . -42.16 10.63 -29.95
C2C CLA SC . -40.77 10.81 -30.30
C3C CLA SC . -40.27 11.84 -29.53
C4C CLA SC . -41.36 12.24 -28.66
CMC CLA SC . -40.08 10.05 -31.33
CAC CLA SC . -38.90 12.35 -29.52
CBC CLA SC . -38.72 13.56 -30.40
ND CLA SC . -43.67 13.24 -27.20
C1D CLA SC . -42.37 13.75 -27.02
C2D CLA SC . -42.39 14.82 -26.02
C3D CLA SC . -43.72 14.97 -25.67
C4D CLA SC . -44.47 13.97 -26.45
CMD CLA SC . -41.21 15.55 -25.57
CAD CLA SC . -44.69 15.65 -24.84
OBD CLA SC . -44.51 16.50 -23.96
CBD CLA SC . -46.10 15.12 -25.20
CGD CLA SC . -46.71 14.44 -24.00
O1D CLA SC . -46.49 13.28 -23.66
O2D CLA SC . -47.58 15.18 -23.26
CED CLA SC . -48.18 14.56 -22.12
C1 CLA SC . -47.83 16.02 -31.82
C2 CLA SC . -46.97 15.64 -32.97
C3 CLA SC . -47.41 15.12 -34.14
C4 CLA SC . -48.84 14.87 -34.39
C5 CLA SC . -46.49 14.76 -35.25
C6 CLA SC . -45.02 15.08 -35.00
C7 CLA SC . -44.08 14.53 -36.06
C8 CLA SC . -42.65 15.05 -35.93
C9 CLA SC . -42.57 16.54 -35.66
C10 CLA SC . -41.79 14.71 -37.15
MG CLA TC . -36.49 8.33 -21.48
CHA CLA TC . -35.16 7.63 -18.36
CHB CLA TC . -39.56 8.66 -20.02
CHC CLA TC . -37.67 9.89 -24.32
CHD CLA TC . -33.20 8.60 -22.74
NA CLA TC . -37.22 8.18 -19.52
C1A CLA TC . -36.50 7.87 -18.37
C2A CLA TC . -37.43 7.87 -17.17
C3A CLA TC . -38.81 7.78 -17.81
C4A CLA TC . -38.53 8.28 -19.20
CMA CLA TC . -39.32 6.37 -17.86
CAA CLA TC . -37.26 9.22 -16.53
CBA CLA TC . -37.73 9.23 -15.11
CGA CLA TC . -38.51 10.47 -14.79
O1A CLA TC . -39.15 10.73 -13.77
O2A CLA TC . -38.45 11.41 -15.79
NB CLA TC . -38.22 9.22 -22.01
C1B CLA TC . -39.39 9.10 -21.33
C2B CLA TC . -40.52 9.43 -22.22
C3B CLA TC . -40.01 9.79 -23.43
C4B CLA TC . -38.54 9.65 -23.31
CMB CLA TC . -41.89 9.28 -21.80
CAB CLA TC . -40.63 10.27 -24.63
CBB CLA TC . -41.45 11.31 -24.71
NC CLA TC . -35.60 9.04 -23.22
C1C CLA TC . -36.28 9.57 -24.27
C2C CLA TC . -35.38 9.87 -25.36
C3C CLA TC . -34.10 9.61 -24.89
C4C CLA TC . -34.25 9.06 -23.55
CMC CLA TC . -35.81 10.39 -26.66
CAC CLA TC . -32.86 9.71 -25.66
CBC CLA TC . -32.24 11.09 -25.65
ND CLA TC . -34.60 8.10 -20.80
C1D CLA TC . -33.35 8.15 -21.45
C2D CLA TC . -32.32 7.69 -20.50
C3D CLA TC . -32.96 7.45 -19.30
C4D CLA TC . -34.37 7.77 -19.53
CMD CLA TC . -30.93 7.54 -20.85
CAD CLA TC . -32.83 7.02 -17.93
OBD CLA TC . -31.86 6.58 -17.33
CBD CLA TC . -34.23 7.15 -17.27
CGD CLA TC . -34.67 5.77 -16.86
O1D CLA TC . -35.11 4.90 -17.60
O2D CLA TC . -34.52 5.49 -15.54
CED CLA TC . -34.59 4.12 -15.13
C1 CLA TC . -38.83 12.77 -15.50
C2 CLA TC . -38.52 13.52 -16.73
C3 CLA TC . -37.29 13.95 -17.06
C4 CLA TC . -36.10 13.75 -16.19
C5 CLA TC . -37.07 14.68 -18.35
C6 CLA TC . -36.09 13.95 -19.26
C7 CLA TC . -36.54 12.54 -19.64
C8 CLA TC . -35.79 11.96 -20.83
C9 CLA TC . -34.47 11.47 -20.34
C10 CLA TC . -35.55 12.95 -21.94
C11 CLA TC . -36.74 13.07 -22.84
C12 CLA TC . -36.42 14.09 -23.90
C13 CLA TC . -37.51 14.18 -24.95
C14 CLA TC . -37.05 15.08 -26.06
MG CLA UC . -35.99 -0.39 -21.86
CHA CLA UC . -37.33 -2.17 -19.22
CHB CLA UC . -35.16 2.13 -19.70
CHC CLA UC . -33.99 1.05 -24.29
CHD CLA UC . -36.29 -3.27 -23.87
NA CLA UC . -36.23 -0.08 -19.81
C1A CLA UC . -36.84 -0.93 -18.89
C2A CLA UC . -36.83 -0.31 -17.49
C3A CLA UC . -36.49 1.17 -17.80
C4A CLA UC . -35.88 1.08 -19.19
CMA CLA UC . -37.72 2.04 -17.85
CAA CLA UC . -35.87 -1.02 -16.52
CBA CLA UC . -34.75 -0.23 -15.88
CGA CLA UC . -33.62 -0.15 -16.84
O1A CLA UC . -33.60 -0.78 -17.88
O2A CLA UC . -32.63 0.72 -16.45
NB CLA UC . -34.88 1.28 -21.99
C1B CLA UC . -34.61 2.14 -20.97
C2B CLA UC . -33.63 3.15 -21.42
C3B CLA UC . -33.29 2.87 -22.72
C4B CLA UC . -34.09 1.67 -23.10
CMB CLA UC . -33.16 4.18 -20.50
CAB CLA UC . -32.39 3.50 -23.65
CBB CLA UC . -32.28 4.79 -23.92
NC CLA UC . -35.29 -0.99 -23.74
C1C CLA UC . -34.54 -0.22 -24.59
C2C CLA UC . -34.35 -0.91 -25.85
C3C CLA UC . -34.95 -2.17 -25.71
C4C CLA UC . -35.56 -2.19 -24.40
CMC CLA UC . -33.59 -0.37 -26.98
CAC CLA UC . -35.08 -3.24 -26.70
CBC CLA UC . -33.97 -4.25 -26.73
ND CLA UC . -36.52 -2.33 -21.62
C1D CLA UC . -36.71 -3.36 -22.57
C2D CLA UC . -37.42 -4.48 -21.92
C3D CLA UC . -37.71 -4.06 -20.65
C4D CLA UC . -37.14 -2.71 -20.52
CMD CLA UC . -37.72 -5.75 -22.56
CAD CLA UC . -38.29 -4.41 -19.37
OBD CLA UC . -38.78 -5.46 -18.99
CBD CLA UC . -38.16 -3.17 -18.46
CGD CLA UC . -39.50 -2.57 -18.16
O1D CLA UC . -40.13 -1.80 -18.89
O2D CLA UC . -40.06 -2.93 -16.98
CED CLA UC . -41.20 -2.22 -16.50
C1 CLA UC . -32.33 1.94 -17.19
C2 CLA UC . -31.64 1.58 -18.45
C3 CLA UC . -30.49 2.12 -18.87
C4 CLA UC . -29.79 3.18 -18.12
C5 CLA UC . -29.91 1.64 -20.14
C6 CLA UC . -29.54 2.79 -21.05
C7 CLA UC . -29.14 2.35 -22.45
C8 CLA UC . -28.79 3.52 -23.38
C9 CLA UC . -28.04 3.01 -24.58
C10 CLA UC . -27.94 4.53 -22.61
C11 CLA UC . -28.13 6.01 -22.72
C12 CLA UC . -26.91 6.63 -23.38
MG CLA VC . -24.73 6.20 -34.32
CHA CLA VC . -21.87 7.59 -35.68
CHB CLA VC . -22.85 3.65 -33.07
CHC CLA VC . -27.23 5.49 -32.13
CHD CLA VC . -26.40 9.27 -35.01
NA CLA VC . -22.71 5.69 -34.43
C1A CLA VC . -21.66 6.40 -35.03
C2A CLA VC . -20.33 5.68 -34.89
C3A CLA VC . -20.79 4.27 -34.46
C4A CLA VC . -22.21 4.52 -33.92
CMA CLA VC . -20.77 3.42 -35.69
CAA CLA VC . -19.36 6.37 -33.93
CBA CLA VC . -19.94 6.78 -32.60
CGA CLA VC . -19.02 7.69 -31.87
O1A CLA VC . -18.36 8.62 -32.34
O2A CLA VC . -18.96 7.45 -30.52
NB CLA VC . -24.98 4.87 -32.83
C1B CLA VC . -24.14 3.85 -32.56
C2B CLA VC . -24.81 2.94 -31.61
C3B CLA VC . -26.08 3.40 -31.28
C4B CLA VC . -26.18 4.65 -32.11
CMB CLA VC . -24.04 1.78 -31.25
CAB CLA VC . -27.12 2.83 -30.40
CBB CLA VC . -28.48 3.05 -30.20
NC CLA VC . -26.51 7.15 -33.77
C1C CLA VC . -27.42 6.63 -32.91
C2C CLA VC . -28.59 7.47 -32.78
C3C CLA VC . -28.31 8.60 -33.52
C4C CLA VC . -27.02 8.38 -34.16
CMC CLA VC . -29.75 7.18 -31.93
CAC CLA VC . -29.19 9.76 -33.72
CBC CLA VC . -30.05 9.63 -34.95
ND CLA VC . -24.35 7.95 -35.26
C1D CLA VC . -25.14 9.09 -35.53
C2D CLA VC . -24.40 10.00 -36.40
C3D CLA VC . -23.15 9.45 -36.53
C4D CLA VC . -23.15 8.21 -35.74
CMD CLA VC . -24.95 11.23 -36.96
CAD CLA VC . -21.84 9.58 -37.12
OBD CLA VC . -21.42 10.36 -37.95
CBD CLA VC . -20.97 8.45 -36.51
CGD CLA VC . -20.42 7.67 -37.64
O1D CLA VC . -21.04 6.95 -38.42
O2D CLA VC . -19.09 7.79 -37.76
CED CLA VC . -18.56 7.53 -39.03
C1 CLA VC . -18.56 8.57 -29.71
C2 CLA VC . -19.04 8.37 -28.33
C3 CLA VC . -18.98 9.34 -27.40
C4 CLA VC . -18.49 10.71 -27.68
C5 CLA VC . -19.46 9.09 -26.02
C6 CLA VC . -20.52 10.06 -25.55
C7 CLA VC . -21.87 9.91 -26.22
C8 CLA VC . -22.95 10.79 -25.58
C9 CLA VC . -22.93 12.19 -26.14
C10 CLA VC . -22.84 10.83 -24.05
C11 CLA VC . -24.12 11.26 -23.39
C12 CLA VC . -25.24 10.27 -23.62
C13 CLA VC . -26.60 10.94 -23.40
C14 CLA VC . -27.47 10.19 -22.43
C15 CLA VC . -27.37 11.14 -24.71
C16 CLA VC . -27.74 12.60 -24.96
C17 CLA VC . -26.51 13.50 -24.99
C18 CLA VC . -26.72 14.97 -25.29
C19 CLA VC . -25.36 15.63 -25.33
C20 CLA VC . -27.36 15.10 -26.65
MG CLA WC . -26.73 12.48 -43.23
CHA CLA WC . -27.11 12.56 -46.66
CHB CLA WC . -24.70 15.22 -43.40
CHC CLA WC . -26.91 12.81 -39.82
CHD CLA WC . -29.24 10.01 -43.11
NA CLA WC . -26.07 13.72 -44.78
C1A CLA WC . -26.33 13.57 -46.15
C2A CLA WC . -25.63 14.66 -46.95
C3A CLA WC . -24.72 15.35 -45.93
C4A CLA WC . -25.21 14.76 -44.60
CMA CLA WC . -23.28 15.03 -46.25
CAA CLA WC . -26.69 15.58 -47.52
CBA CLA WC . -26.29 17.00 -47.82
CGA CLA WC . -27.58 17.58 -48.26
O1A CLA WC . -28.68 17.47 -47.73
O2A CLA WC . -27.47 18.32 -49.40
NB CLA WC . -25.96 13.76 -41.88
C1B CLA WC . -25.08 14.74 -42.14
C2B CLA WC . -24.55 15.32 -40.88
C3B CLA WC . -25.17 14.64 -39.84
C4B CLA WC . -26.08 13.65 -40.48
CMB CLA WC . -23.56 16.40 -40.93
CAB CLA WC . -25.13 14.73 -38.40
CBB CLA WC . -24.61 15.66 -37.59
NC CLA WC . -27.88 11.58 -41.74
C1C CLA WC . -27.76 11.83 -40.41
C2C CLA WC . -28.64 10.96 -39.66
C3C CLA WC . -29.36 10.22 -40.60
C4C CLA WC . -28.84 10.60 -41.90
CMC CLA WC . -28.74 10.95 -38.21
CAC CLA WC . -30.38 9.19 -40.35
CBC CLA WC . -31.77 9.71 -40.65
ND CLA WC . -28.01 11.57 -44.51
C1D CLA WC . -28.87 10.46 -44.34
C2D CLA WC . -29.23 9.88 -45.63
C3D CLA WC . -28.57 10.64 -46.56
C4D CLA WC . -27.83 11.67 -45.82
CMD CLA WC . -30.10 8.72 -45.82
CAD CLA WC . -28.30 10.83 -47.97
OBD CLA WC . -28.69 10.20 -48.94
CBD CLA WC . -27.35 12.06 -48.07
CGD CLA WC . -26.06 11.75 -48.78
O1D CLA WC . -25.75 12.08 -49.91
O2D CLA WC . -25.15 11.05 -48.04
CED CLA WC . -23.83 10.90 -48.57
C1 CLA WC . -28.47 19.33 -49.61
MG CLA XC . -18.93 16.45 -39.47
CHA CLA XC . -19.55 15.55 -42.75
CHB CLA XC . -17.39 19.31 -40.58
CHC CLA XC . -19.01 17.72 -36.29
CHD CLA XC . -21.16 13.90 -38.42
NA CLA XC . -18.50 17.25 -41.36
C1A CLA XC . -18.82 16.71 -42.61
C2A CLA XC . -18.30 17.61 -43.73
C3A CLA XC . -17.44 18.64 -43.00
C4A CLA XC . -17.78 18.41 -41.53
CMA CLA XC . -15.97 18.47 -43.30
CAA CLA XC . -19.41 18.30 -44.52
CBA CLA XC . -20.52 18.77 -43.63
CGA CLA XC . -21.60 19.45 -44.40
O1A CLA XC . -21.52 20.47 -45.07
O2A CLA XC . -22.77 18.77 -44.28
NB CLA XC . -18.23 18.13 -38.59
C1B CLA XC . -17.67 19.18 -39.23
C2B CLA XC . -17.40 20.27 -38.27
C3B CLA XC . -17.84 19.85 -37.04
C4B CLA XC . -18.41 18.48 -37.25
CMB CLA XC . -16.87 21.55 -38.72
CAB CLA XC . -17.85 20.54 -35.77
CBB CLA XC . -16.78 21.05 -35.19
NC CLA XC . -19.85 15.86 -37.68
C1C CLA XC . -19.66 16.47 -36.48
C2C CLA XC . -20.33 15.72 -35.42
C3C CLA XC . -21.04 14.70 -36.06
C4C CLA XC . -20.70 14.79 -37.45
CMC CLA XC . -20.32 16.07 -34.01
CAC CLA XC . -21.88 13.65 -35.46
CBC CLA XC . -21.10 12.47 -34.94
ND CLA XC . -20.16 15.10 -40.30
C1D CLA XC . -20.93 14.06 -39.75
C2D CLA XC . -21.39 13.22 -40.84
C3D CLA XC . -20.89 13.71 -42.00
C4D CLA XC . -20.13 14.90 -41.62
CMD CLA XC . -22.23 12.07 -40.67
CAD CLA XC . -20.83 13.58 -43.44
OBD CLA XC . -21.36 12.76 -44.16
CBD CLA XC . -19.93 14.71 -43.94
CGD CLA XC . -18.71 14.08 -44.51
O1D CLA XC . -17.78 13.59 -43.85
O2D CLA XC . -18.65 14.01 -45.86
CED CLA XC . -18.07 12.84 -46.39
C1 CLA XC . -23.92 19.36 -44.90
C2 CLA XC . -25.09 18.67 -44.33
C3 CLA XC . -26.36 19.00 -44.63
C4 CLA XC . -26.69 20.13 -45.53
C5 CLA XC . -27.51 18.30 -44.01
C6 CLA XC . -27.23 17.64 -42.68
C7 CLA XC . -28.32 16.66 -42.31
C8 CLA XC . -29.01 16.80 -40.97
C9 CLA XC . -28.16 17.42 -39.87
C10 CLA XC . -29.46 15.41 -40.55
MG CLA YC . -11.80 10.40 -33.17
CHA CLA YC . -14.94 9.64 -34.39
CHB CLA YC . -12.83 13.62 -32.75
CHC CLA YC . -9.15 10.95 -31.06
CHD CLA YC . -11.15 6.90 -32.98
NA CLA YC . -13.58 11.44 -33.53
C1A CLA YC . -14.78 10.95 -34.04
C2A CLA YC . -15.83 12.04 -34.14
C3A CLA YC . -14.99 13.31 -34.00
C4A CLA YC . -13.72 12.78 -33.34
CMA CLA YC . -14.73 13.91 -35.36
CAA CLA YC . -16.84 11.85 -33.01
CBA CLA YC . -17.94 12.88 -32.98
CGA CLA YC . -18.78 12.60 -31.79
O1A CLA YC . -18.85 11.57 -31.14
O2A CLA YC . -19.57 13.66 -31.41
NB CLA YC . -11.14 11.96 -32.08
C1B CLA YC . -11.65 13.21 -32.12
C2B CLA YC . -10.79 14.15 -31.37
C3B CLA YC . -9.75 13.41 -30.89
C4B CLA YC . -9.94 12.00 -31.34
CMB CLA YC . -11.10 15.57 -31.24
CAB CLA YC . -8.63 13.83 -30.09
CBB CLA YC . -8.65 14.02 -28.78
NC CLA YC . -10.38 9.16 -32.27
C1C CLA YC . -9.35 9.61 -31.51
C2C CLA YC . -8.50 8.49 -31.13
C3C CLA YC . -9.10 7.33 -31.58
C4C CLA YC . -10.28 7.76 -32.31
CMC CLA YC . -7.29 8.63 -30.35
CAC CLA YC . -8.56 5.95 -31.47
CBC CLA YC . -9.24 5.07 -30.45
ND CLA YC . -12.72 8.67 -33.64
C1D CLA YC . -12.31 7.30 -33.57
C2D CLA YC . -13.31 6.49 -34.30
C3D CLA YC . -14.30 7.35 -34.69
C4D CLA YC . -13.92 8.67 -34.20
CMD CLA YC . -13.23 5.05 -34.53
CAD CLA YC . -15.55 7.53 -35.39
OBD CLA YC . -16.13 6.79 -36.14
CBD CLA YC . -16.08 8.94 -35.09
CGD CLA YC . -16.54 9.63 -36.35
O1D CLA YC . -16.04 9.58 -37.47
O2D CLA YC . -17.64 10.39 -36.18
CED CLA YC . -17.94 11.41 -37.13
C1 CLA YC . -20.81 13.32 -30.76
C2 CLA YC . -21.59 14.58 -30.69
C3 CLA YC . -21.53 15.46 -29.68
C4 CLA YC . -20.64 15.28 -28.50
C5 CLA YC . -22.35 16.70 -29.74
C6 CLA YC . -23.46 16.74 -28.72
C7 CLA YC . -24.00 18.15 -28.63
C8 CLA YC . -25.41 18.22 -28.04
MG CLA ZC . -18.85 0.46 -33.51
CHA CLA ZC . -21.34 -1.93 -32.93
CHB CLA ZC . -19.19 1.55 -30.30
CHC CLA ZC . -17.01 3.27 -34.27
CHD CLA ZC . -18.92 -0.40 -36.93
NA CLA ZC . -20.04 -0.15 -31.89
C1A CLA ZC . -21.01 -1.17 -31.83
C2A CLA ZC . -21.59 -1.25 -30.40
C3A CLA ZC . -20.70 -0.28 -29.59
C4A CLA ZC . -19.90 0.43 -30.66
CMA CLA ZC . -21.47 0.76 -28.86
CAA CLA ZC . -21.48 -2.65 -29.79
CBA CLA ZC . -22.18 -2.82 -28.45
CGA CLA ZC . -23.61 -2.34 -28.47
O1A CLA ZC . -24.38 -2.17 -29.42
O2A CLA ZC . -24.09 -2.08 -27.21
NB CLA ZC . -18.20 2.06 -32.49
C1B CLA ZC . -18.43 2.32 -31.19
C2B CLA ZC . -17.76 3.57 -30.77
C3B CLA ZC . -17.13 4.08 -31.88
C4B CLA ZC . -17.42 3.12 -32.99
CMB CLA ZC . -17.88 4.07 -29.40
CAB CLA ZC . -16.35 5.28 -32.08
CBB CLA ZC . -15.35 5.72 -31.31
NC CLA ZC . -18.09 1.25 -35.27
C1C CLA ZC . -17.33 2.40 -35.34
C2C CLA ZC . -16.91 2.61 -36.72
C3C CLA ZC . -17.46 1.60 -37.47
C4C CLA ZC . -18.19 0.73 -36.57
CMC CLA ZC . -16.08 3.72 -37.17
CAC CLA ZC . -17.27 1.36 -38.92
CBC CLA ZC . -16.03 0.53 -39.18
ND CLA ZC . -19.87 -0.82 -34.71
C1D CLA ZC . -19.73 -1.11 -36.09
C2D CLA ZC . -20.58 -2.27 -36.42
C3D CLA ZC . -21.23 -2.61 -35.26
C4D CLA ZC . -20.75 -1.68 -34.21
CMD CLA ZC . -20.68 -2.84 -37.75
CAD CLA ZC . -22.16 -3.53 -34.63
OBD CLA ZC . -22.77 -4.47 -35.13
CBD CLA ZC . -22.28 -3.10 -33.15
CGD CLA ZC . -23.72 -2.77 -32.84
O1D CLA ZC . -24.58 -3.51 -32.37
O2D CLA ZC . -24.06 -1.48 -33.11
CED CLA ZC . -25.45 -1.17 -33.15
C1 CLA ZC . -24.83 -0.85 -27.06
C2 CLA ZC . -24.03 0.00 -26.14
C3 CLA ZC . -23.95 1.34 -26.23
C4 CLA ZC . -23.13 2.10 -25.28
C5 CLA ZC . -24.63 2.19 -27.24
C6 CLA ZC . -23.97 3.55 -27.16
C7 CLA ZC . -24.43 4.53 -28.21
C8 CLA ZC . -23.29 5.21 -28.95
C9 CLA ZC . -21.93 4.70 -28.50
C10 CLA ZC . -23.36 6.72 -28.76
C11 CLA ZC . -22.72 7.45 -29.92
C12 CLA ZC . -23.71 7.72 -31.03
C13 CLA ZC . -23.28 8.93 -31.84
C14 CLA ZC . -22.11 9.63 -31.20
C15 CLA ZC . -24.41 9.94 -31.97
C16 CLA ZC . -23.81 11.26 -32.39
C17 CLA ZC . -24.86 12.23 -32.88
C18 CLA ZC . -25.90 12.53 -31.80
C19 CLA ZC . -27.19 13.02 -32.43
C20 CLA ZC . -25.39 13.55 -30.82
MG CLA AD . -15.51 4.71 -15.87
CHA CLA AD . -18.31 5.90 -14.23
CHB CLA AD . -15.54 7.53 -17.78
CHC CLA AD . -12.30 4.04 -16.85
CHD CLA AD . -15.31 2.11 -13.50
NA CLA AD . -16.71 6.41 -15.97
C1A CLA AD . -17.83 6.72 -15.20
C2A CLA AD . -18.43 8.05 -15.62
C3A CLA AD . -17.78 8.30 -16.98
C4A CLA AD . -16.57 7.39 -16.89
CMA CLA AD . -18.70 7.93 -18.11
CAA CLA AD . -17.97 9.10 -14.64
CBA CLA AD . -18.36 10.49 -15.05
CGA CLA AD . -17.93 11.44 -13.99
O1A CLA AD . -17.98 11.32 -12.78
O2A CLA AD . -17.44 12.60 -14.52
NB CLA AD . -14.18 5.62 -17.06
C1B CLA AD . -14.40 6.74 -17.79
C2B CLA AD . -13.24 7.04 -18.65
C3B CLA AD . -12.30 6.07 -18.40
C4B CLA AD . -12.90 5.14 -17.40
CMB CLA AD . -13.29 8.24 -19.49
CAB CLA AD . -11.00 5.77 -18.97
CBB CLA AD . -10.17 6.55 -19.66
NC CLA AD . -14.09 3.29 -15.31
C1C CLA AD . -12.86 3.16 -15.89
C2C CLA AD . -12.16 2.03 -15.30
C3C CLA AD . -13.00 1.50 -14.33
C4C CLA AD . -14.21 2.30 -14.35
CMC CLA AD . -10.81 1.60 -15.70
CAC CLA AD . -12.77 0.36 -13.44
CBC CLA AD . -12.17 0.77 -12.13
ND CLA AD . -16.51 4.10 -14.23
C1D CLA AD . -16.36 2.97 -13.42
C2D CLA AD . -17.54 2.91 -12.54
C3D CLA AD . -18.36 3.96 -12.85
C4D CLA AD . -17.65 4.69 -13.89
CMD CLA AD . -17.72 1.88 -11.56
CAD CLA AD . -19.58 4.67 -12.54
OBD CLA AD . -20.46 4.40 -11.74
CBD CLA AD . -19.58 5.93 -13.44
CGD CLA AD . -20.77 5.91 -14.36
O1D CLA AD . -20.78 5.82 -15.58
O2D CLA AD . -21.93 6.02 -13.70
CED CLA AD . -23.09 6.11 -14.51
C1 CLA AD . -17.94 13.83 -13.97
C2 CLA AD . -17.03 14.89 -14.48
C3 CLA AD . -17.39 16.17 -14.61
C4 CLA AD . -18.76 16.64 -14.29
C5 CLA AD . -16.44 17.19 -15.13
C6 CLA AD . -15.99 18.19 -14.09
C7 CLA AD . -16.03 19.62 -14.56
C8 CLA AD . -14.87 20.49 -14.09
C9 CLA AD . -14.90 21.86 -14.74
C10 CLA AD . -13.55 19.78 -14.33
C11 CLA AD . -12.72 20.05 -15.56
C12 CLA AD . -11.26 20.01 -15.12
C13 CLA AD . -10.36 20.89 -15.95
C14 CLA AD . -10.91 22.31 -16.12
C15 CLA AD . -10.08 20.16 -17.27
C16 CLA AD . -9.45 21.03 -18.33
C17 CLA AD . -9.15 20.22 -19.58
C18 CLA AD . -9.08 21.15 -20.76
C19 CLA AD . -7.77 21.91 -20.74
MG CLA BD . -27.43 9.93 -14.68
CHA CLA BD . -24.13 9.91 -15.71
CHB CLA BD . -28.33 10.91 -17.80
CHC CLA BD . -30.55 10.64 -13.52
CHD CLA BD . -26.29 9.65 -11.32
NA CLA BD . -26.39 10.26 -16.46
C1A CLA BD . -25.01 10.17 -16.71
C2A CLA BD . -24.70 10.48 -18.18
C3A CLA BD . -26.08 10.73 -18.79
C4A CLA BD . -27.02 10.60 -17.62
CMA CLA BD . -26.12 12.11 -19.34
CAA CLA BD . -24.13 9.30 -18.95
CBA CLA BD . -23.30 9.70 -20.15
CGA CLA BD . -23.15 8.52 -21.06
O1A CLA BD . -24.04 7.75 -21.41
O2A CLA BD . -21.89 8.35 -21.57
NB CLA BD . -29.09 10.74 -15.49
C1B CLA BD . -29.30 10.88 -16.81
C2B CLA BD . -30.74 10.96 -17.11
C3B CLA BD . -31.40 10.89 -15.90
C4B CLA BD . -30.34 10.73 -14.86
CMB CLA BD . -31.16 11.07 -18.50
CAB CLA BD . -32.78 10.91 -15.49
CBB CLA BD . -33.88 10.93 -16.25
NC CLA BD . -28.25 10.09 -12.76
C1C CLA BD . -29.56 10.35 -12.55
C2C CLA BD . -29.82 10.31 -11.14
C3C CLA BD . -28.62 10.08 -10.47
C4C CLA BD . -27.64 9.90 -11.53
CMC CLA BD . -31.11 10.56 -10.56
CAC CLA BD . -28.43 9.95 -9.03
CBC CLA BD . -27.87 11.21 -8.41
ND CLA BD . -25.69 9.70 -13.69
C1D CLA BD . -25.37 9.56 -12.31
C2D CLA BD . -23.93 9.35 -12.16
C3D CLA BD . -23.43 9.51 -13.43
C4D CLA BD . -24.55 9.74 -14.34
CMD CLA BD . -23.23 9.14 -10.90
CAD CLA BD . -22.22 9.52 -14.20
OBD CLA BD . -21.11 9.31 -13.79
CBD CLA BD . -22.61 9.80 -15.68
CGD CLA BD . -21.94 10.94 -16.41
O1D CLA BD . -21.30 10.83 -17.45
O2D CLA BD . -22.09 12.18 -15.88
CED CLA BD . -21.23 13.21 -16.39
C1 CLA BD . -21.81 7.53 -22.76
C2 CLA BD . -20.43 7.01 -22.86
C3 CLA BD . -20.14 5.88 -23.52
C4 CLA BD . -21.17 5.08 -24.20
C5 CLA BD . -18.76 5.33 -23.62
C6 CLA BD . -18.19 5.24 -25.01
C7 CLA BD . -16.74 4.83 -24.88
C8 CLA BD . -16.00 4.83 -26.21
C9 CLA BD . -14.67 4.13 -26.08
C10 CLA BD . -15.88 6.24 -26.81
C11 CLA BD . -15.30 7.27 -25.86
C12 CLA BD . -15.11 8.65 -26.46
C13 CLA BD . -14.61 9.61 -25.39
C14 CLA BD . -14.73 11.02 -25.90
C15 CLA BD . -13.18 9.32 -24.90
C16 CLA BD . -12.93 10.10 -23.63
C17 CLA BD . -11.45 10.31 -23.34
C18 CLA BD . -11.13 11.21 -22.13
C19 CLA BD . -10.59 10.42 -20.99
C20 CLA BD . -12.24 12.10 -21.61
MG CLA CD . -23.91 -11.33 -9.33
CHA CLA CD . -26.69 -13.34 -9.93
CHB CLA CD . -25.45 -10.17 -6.53
CHC CLA CD . -20.95 -9.97 -8.33
CHD CLA CD . -22.17 -13.15 -11.82
NA CLA CD . -25.80 -11.62 -8.47
C1A CLA CD . -26.83 -12.49 -8.87
C2A CLA CD . -28.06 -12.30 -7.97
C3A CLA CD . -27.71 -11.04 -7.14
C4A CLA CD . -26.22 -10.91 -7.38
CMA CLA CD . -28.45 -9.83 -7.64
CAA CLA CD . -28.60 -13.45 -7.13
CBA CLA CD . -27.63 -14.39 -6.47
CGA CLA CD . -26.96 -13.81 -5.30
O1A CLA CD . -27.46 -13.28 -4.31
O2A CLA CD . -25.62 -13.99 -5.36
NB CLA CD . -23.32 -10.26 -7.75
C1B CLA CD . -24.07 -9.96 -6.66
C2B CLA CD . -23.26 -9.30 -5.63
C3B CLA CD . -21.96 -9.23 -6.13
C4B CLA CD . -22.00 -9.82 -7.50
CMB CLA CD . -23.88 -8.87 -4.38
CAB CLA CD . -20.73 -8.71 -5.61
CBB CLA CD . -20.31 -8.65 -4.34
NC CLA CD . -21.96 -11.45 -10.03
C1C CLA CD . -20.92 -10.72 -9.55
C2C CLA CD . -19.74 -10.92 -10.36
C3C CLA CD . -20.06 -11.92 -11.27
C4C CLA CD . -21.46 -12.22 -11.08
CMC CLA CD . -18.45 -10.26 -10.13
CAC CLA CD . -19.23 -12.48 -12.35
CBC CLA CD . -18.59 -13.79 -12.01
ND CLA CD . -24.29 -12.79 -10.67
C1D CLA CD . -23.48 -13.45 -11.63
C2D CLA CD . -24.27 -14.47 -12.32
C3D CLA CD . -25.51 -14.45 -11.73
C4D CLA CD . -25.46 -13.42 -10.68
CMD CLA CD . -23.76 -15.29 -13.39
CAD CLA CD . -26.81 -15.07 -11.69
OBD CLA CD . -27.29 -15.96 -12.36
CBD CLA CD . -27.58 -14.40 -10.53
CGD CLA CD . -28.84 -13.83 -11.10
O1D CLA CD . -28.89 -12.85 -11.83
O2D CLA CD . -29.99 -14.47 -10.79
CED CLA CD . -31.13 -14.24 -11.63
C1 CLA CD . -24.75 -13.28 -4.47
C2 CLA CD . -23.53 -13.24 -5.30
C3 CLA CD . -22.53 -14.10 -5.13
C4 CLA CD . -22.53 -15.18 -4.12
C5 CLA CD . -21.34 -14.02 -6.00
C6 CLA CD . -21.71 -14.21 -7.44
C7 CLA CD . -21.89 -15.68 -7.75
C8 CLA CD . -22.70 -15.88 -9.02
C9 CLA CD . -24.12 -16.30 -8.69
C10 CLA CD . -22.06 -16.95 -9.89
C11 CLA CD . -20.67 -16.51 -10.31
C12 CLA CD . -20.05 -17.41 -11.36
C13 CLA CD . -19.74 -18.81 -10.88
C14 CLA CD . -18.90 -18.84 -9.61
C15 CLA CD . -18.96 -19.54 -11.96
C16 CLA CD . -19.79 -20.51 -12.78
C17 CLA CD . -19.53 -20.32 -14.25
C18 CLA CD . -18.27 -21.03 -14.72
C19 CLA CD . -18.52 -22.48 -15.06
C20 CLA CD . -17.63 -20.29 -15.88
MG CLA DD . -28.22 -7.46 -15.62
CHA CLA DD . -31.58 -7.12 -14.82
CHB CLA DD . -28.28 -10.57 -14.19
CHC CLA DD . -25.25 -8.23 -17.18
CHD CLA DD . -28.48 -4.58 -17.64
NA CLA DD . -29.67 -8.60 -14.62
C1A CLA DD . -31.02 -8.29 -14.40
C2A CLA DD . -31.72 -9.38 -13.59
C3A CLA DD . -30.53 -10.24 -13.13
C4A CLA DD . -29.41 -9.80 -14.04
CMA CLA DD . -30.20 -9.86 -11.72
CAA CLA DD . -32.81 -10.18 -14.31
CBA CLA DD . -32.35 -11.35 -15.14
CGA CLA DD . -32.41 -10.93 -16.56
O1A CLA DD . -31.77 -10.01 -17.07
O2A CLA DD . -33.24 -11.66 -17.35
NB CLA DD . -27.00 -9.07 -15.67
C1B CLA DD . -27.20 -10.22 -15.00
C2B CLA DD . -26.05 -11.11 -15.20
C3B CLA DD . -25.17 -10.48 -16.05
C4B CLA DD . -25.78 -9.16 -16.35
CMB CLA DD . -26.06 -12.41 -14.57
CAB CLA DD . -23.89 -10.82 -16.63
CBB CLA DD . -23.02 -11.77 -16.30
NC CLA DD . -27.05 -6.53 -17.08
C1C CLA DD . -25.84 -6.98 -17.52
C2C CLA DD . -25.25 -6.05 -18.45
C3C CLA DD . -26.20 -5.05 -18.65
C4C CLA DD . -27.31 -5.35 -17.77
CMC CLA DD . -23.94 -6.19 -19.10
CAC CLA DD . -26.04 -3.85 -19.46
CBC CLA DD . -26.73 -3.95 -20.79
ND CLA DD . -29.63 -6.11 -16.12
C1D CLA DD . -29.58 -4.93 -16.90
C2D CLA DD . -30.86 -4.22 -16.74
C3D CLA DD . -31.65 -5.00 -15.94
C4D CLA DD . -30.85 -6.18 -15.61
CMD CLA DD . -31.18 -2.96 -17.37
CAD CLA DD . -32.94 -5.15 -15.30
OBD CLA DD . -33.91 -4.41 -15.27
CBD CLA DD . -32.95 -6.52 -14.61
CGD CLA DD . -33.31 -6.39 -13.16
O1D CLA DD . -32.88 -5.56 -12.36
O2D CLA DD . -34.21 -7.32 -12.73
CED CLA DD . -34.78 -7.14 -11.43
C1 CLA DD . -32.70 -12.05 -18.64
C2 CLA DD . -33.45 -11.40 -19.76
C3 CLA DD . -33.37 -11.82 -21.05
C4 CLA DD . -32.55 -12.97 -21.46
C5 CLA DD . -34.13 -11.16 -22.16
C6 CLA DD . -34.65 -9.78 -21.84
C7 CLA DD . -35.30 -9.07 -23.02
C8 CLA DD . -34.28 -8.58 -24.04
C9 CLA DD . -33.34 -7.53 -23.48
C10 CLA DD . -34.95 -7.95 -25.25
C11 CLA DD . -35.64 -9.01 -26.06
C12 CLA DD . -36.01 -8.44 -27.40
C13 CLA DD . -36.99 -9.34 -28.12
C14 CLA DD . -36.34 -10.67 -28.41
C15 CLA DD . -37.51 -8.64 -29.36
C16 CLA DD . -38.57 -9.43 -30.07
C17 CLA DD . -39.14 -8.58 -31.20
C18 CLA DD . -40.33 -9.21 -31.89
C19 CLA DD . -40.05 -10.64 -32.34
C20 CLA DD . -40.75 -8.40 -33.08
MG CLA ED . -10.93 -11.17 -23.16
CHA CLA ED . -8.07 -13.15 -23.52
CHB CLA ED . -12.45 -13.04 -25.56
CHC CLA ED . -14.00 -10.11 -22.07
CHD CLA ED . -9.55 -10.03 -20.10
NA CLA ED . -10.32 -12.76 -24.39
C1A CLA ED . -9.10 -13.47 -24.38
C2A CLA ED . -9.10 -14.55 -25.45
C3A CLA ED . -10.40 -14.31 -26.22
C4A CLA ED . -11.13 -13.30 -25.34
CMA CLA ED . -10.12 -13.75 -27.59
CAA CLA ED . -8.99 -15.97 -24.88
CBA CLA ED . -9.86 -16.35 -23.72
CGA CLA ED . -9.38 -17.70 -23.29
O1A CLA ED . -8.65 -18.46 -23.90
O2A CLA ED . -9.82 -18.07 -22.06
NB CLA ED . -12.85 -11.56 -23.66
C1B CLA ED . -13.22 -12.15 -24.81
C2B CLA ED . -14.60 -11.75 -25.20
C3B CLA ED . -15.05 -10.91 -24.20
C4B CLA ED . -13.95 -10.78 -23.24
CMB CLA ED . -15.20 -12.28 -26.40
CAB CLA ED . -16.31 -10.24 -23.92
CBB CLA ED . -17.47 -10.25 -24.57
NC CLA ED . -11.62 -10.22 -21.42
C1C CLA ED . -12.92 -9.86 -21.21
C2C CLA ED . -13.06 -9.20 -19.93
C3C CLA ED . -11.80 -9.24 -19.32
C4C CLA ED . -10.92 -9.86 -20.28
CMC CLA ED . -14.34 -8.71 -19.43
CAC CLA ED . -11.43 -8.75 -17.99
CBC CLA ED . -11.50 -9.81 -16.92
ND CLA ED . -9.21 -11.33 -22.14
C1D CLA ED . -8.73 -10.68 -20.98
C2D CLA ED . -7.31 -10.96 -20.86
C3D CLA ED . -7.01 -11.93 -21.77
C4D CLA ED . -8.24 -12.16 -22.51
CMD CLA ED . -6.43 -10.37 -19.92
CAD CLA ED . -5.95 -12.74 -22.30
OBD CLA ED . -4.76 -12.83 -21.98
CBD CLA ED . -6.64 -13.64 -23.35
CGD CLA ED . -5.87 -13.77 -24.62
O1D CLA ED . -5.63 -14.81 -25.20
O2D CLA ED . -5.42 -12.60 -25.12
CED CLA ED . -4.55 -12.65 -26.23
C1 CLA ED . -10.64 -19.26 -22.03
C2 CLA ED . -10.67 -19.81 -20.64
C3 CLA ED . -11.30 -20.97 -20.33
C4 CLA ED . -11.99 -21.79 -21.36
C5 CLA ED . -11.30 -21.53 -18.95
C6 CLA ED . -12.42 -21.16 -17.99
MG CLA FD . -3.05 14.22 -25.99
CHA CLA FD . -2.31 15.66 -29.07
CHB CLA FD . -0.99 16.50 -24.50
CHC CLA FD . -4.41 13.43 -22.92
CHD CLA FD . -5.65 12.41 -27.57
NA CLA FD . -1.88 15.81 -26.68
C1A CLA FD . -1.70 16.26 -28.00
C2A CLA FD . -0.75 17.43 -28.07
C3A CLA FD . -0.12 17.44 -26.65
C4A CLA FD . -1.08 16.54 -25.86
CMA CLA FD . 1.27 16.88 -26.67
CAA CLA FD . -1.54 18.70 -28.37
CBA CLA FD . -1.54 19.74 -27.28
CGA CLA FD . -2.91 19.79 -26.68
O1A CLA FD . -3.40 19.00 -25.88
O2A CLA FD . -3.65 20.86 -27.10
NB CLA FD . -2.78 14.86 -24.09
C1B CLA FD . -1.81 15.72 -23.69
C2B CLA FD . -1.72 15.75 -22.22
C3B CLA FD . -2.68 14.90 -21.76
C4B CLA FD . -3.37 14.31 -22.94
CMB CLA FD . -0.77 16.58 -21.50
CAB CLA FD . -3.03 14.60 -20.40
CBB CLA FD . -3.62 15.43 -19.54
NC CLA FD . -4.69 13.08 -25.36
C1C CLA FD . -5.02 12.84 -24.06
C2C CLA FD . -6.14 11.93 -24.00
C3C CLA FD . -6.55 11.72 -25.32
C4C CLA FD . -5.62 12.43 -26.17
CMC CLA FD . -6.74 11.42 -22.78
CAC CLA FD . -7.64 10.84 -25.79
CBC CLA FD . -8.91 11.60 -26.05
ND CLA FD . -3.84 14.02 -27.85
C1D CLA FD . -4.80 13.12 -28.38
C2D CLA FD . -4.70 13.13 -29.86
C3D CLA FD . -3.76 14.08 -30.17
C4D CLA FD . -3.29 14.63 -28.89
CMD CLA FD . -5.44 12.27 -30.77
CAD CLA FD . -3.03 14.73 -31.23
OBD CLA FD . -3.06 14.53 -32.43
CBD CLA FD . -2.13 15.81 -30.58
CGD CLA FD . -0.69 15.67 -30.99
O1D CLA FD . -0.03 16.49 -31.63
O2D CLA FD . -0.06 14.54 -30.58
CED CLA FD . 1.18 14.17 -31.18
C1 CLA FD . -4.06 21.76 -26.06
C2 CLA FD . -5.48 21.45 -25.76
C3 CLA FD . -6.13 21.90 -24.67
C4 CLA FD . -7.55 21.54 -24.45
C5 CLA FD . -5.47 22.76 -23.66
MG CLA GD . 0.97 19.60 -18.12
CHA CLA GD . 2.41 19.86 -21.26
CHB CLA GD . 4.09 19.77 -16.72
CHC CLA GD . -0.45 20.17 -15.01
CHD CLA GD . -2.16 20.17 -19.62
NA CLA GD . 2.91 19.74 -18.87
C1A CLA GD . 3.32 19.83 -20.22
C2A CLA GD . 4.83 19.91 -20.33
C3A CLA GD . 5.30 19.53 -18.91
C4A CLA GD . 4.03 19.70 -18.08
CMA CLA GD . 5.83 18.13 -18.87
CAA CLA GD . 5.31 21.30 -20.77
CBA CLA GD . 4.49 22.43 -20.18
CGA CLA GD . 4.86 23.72 -20.79
O1A CLA GD . 4.89 23.99 -21.99
O2A CLA GD . 5.18 24.72 -19.90
NB CLA GD . 1.69 19.87 -16.25
C1B CLA GD . 2.98 19.91 -15.89
C2B CLA GD . 3.13 20.09 -14.44
C3B CLA GD . 1.86 20.20 -13.93
C4B CLA GD . 0.91 20.07 -15.07
CMB CLA GD . 4.47 20.17 -13.85
CAB CLA GD . 1.34 20.42 -12.60
CBB CLA GD . 1.91 20.82 -11.45
NC CLA GD . -0.96 20.02 -17.44
C1C CLA GD . -1.34 20.13 -16.13
C2C CLA GD . -2.79 20.31 -16.05
C3C CLA GD . -3.24 20.39 -17.36
C4C CLA GD . -2.10 20.19 -18.22
CMC CLA GD . -3.56 20.45 -14.82
CAC CLA GD . -4.64 20.56 -17.80
CBC CLA GD . -5.33 19.28 -18.17
ND CLA GD . 0.22 19.96 -19.96
C1D CLA GD . -1.10 20.08 -20.46
C2D CLA GD . -1.08 20.09 -21.93
C3D CLA GD . 0.24 19.99 -22.30
C4D CLA GD . 1.00 19.93 -21.03
CMD CLA GD . -2.25 20.19 -22.82
CAD CLA GD . 1.17 19.96 -23.39
OBD CLA GD . 0.98 20.01 -24.59
CBD CLA GD . 2.58 19.85 -22.77
CGD CLA GD . 3.23 18.59 -23.21
O1D CLA GD . 2.93 17.45 -22.86
O2D CLA GD . 4.27 18.77 -24.06
CED CLA GD . 4.82 17.62 -24.71
C1 CLA GD . 4.13 25.59 -19.43
C2 CLA GD . 4.84 26.72 -18.78
C3 CLA GD . 4.32 27.59 -17.89
C4 CLA GD . 2.93 27.53 -17.38
MG CLA HD . -3.94 18.59 9.35
CHA CLA HD . -3.67 20.98 11.82
CHB CLA HD . -4.08 21.10 7.01
CHC CLA HD . -2.76 16.47 6.80
CHD CLA HD . -2.65 16.21 11.67
NA CLA HD . -3.94 20.69 9.43
C1A CLA HD . -3.78 21.51 10.55
C2A CLA HD . -3.84 22.99 10.15
C3A CLA HD . -4.31 22.95 8.68
C4A CLA HD . -4.08 21.49 8.32
CMA CLA HD . -5.78 23.27 8.52
CAA CLA HD . -2.50 23.70 10.42
CBA CLA HD . -2.48 25.14 9.98
CGA CLA HD . -1.14 25.66 10.37
O1A CLA HD . -0.03 25.17 10.14
O2A CLA HD . -1.18 26.85 11.02
NB CLA HD . -3.49 18.76 7.37
C1B CLA HD . -3.86 19.80 6.60
C2B CLA HD . -4.04 19.39 5.18
C3B CLA HD . -3.65 18.08 5.09
C4B CLA HD . -3.27 17.68 6.47
CMB CLA HD . -4.43 20.33 4.13
CAB CLA HD . -3.57 17.26 3.91
CBB CLA HD . -2.73 17.41 2.88
NC CLA HD . -2.98 16.71 9.27
C1C CLA HD . -2.61 16.02 8.13
C2C CLA HD . -2.02 14.73 8.44
C3C CLA HD . -1.92 14.68 9.82
C4C CLA HD . -2.53 15.91 10.31
CMC CLA HD . -1.56 13.74 7.45
CAC CLA HD . -1.44 13.55 10.63
CBC CLA HD . 0.00 13.69 11.06
ND CLA HD . -3.34 18.51 11.27
C1D CLA HD . -3.01 17.45 12.13
C2D CLA HD . -3.16 17.89 13.53
C3D CLA HD . -3.43 19.23 13.47
C4D CLA HD . -3.44 19.59 12.04
CMD CLA HD . -3.06 17.01 14.68
CAD CLA HD . -3.74 20.42 14.23
OBD CLA HD . -3.96 20.57 15.41
CBD CLA HD . -3.77 21.58 13.18
CGD CLA HD . -4.96 22.49 13.22
O1D CLA HD . -4.84 23.70 13.29
O2D CLA HD . -6.20 21.97 13.08
CED CLA HD . -7.25 22.85 12.69
C1 CLA HD . -0.12 27.12 11.95
C2 CLA HD . 0.07 28.59 12.04
C3 CLA HD . 0.64 29.37 11.10
C4 CLA HD . 0.77 30.82 11.30
C5 CLA HD . 1.19 28.81 9.83
MG CLA ID . -28.60 18.06 -14.64
CHA CLA ID . -31.82 17.77 -15.84
CHB CLA ID . -28.34 14.64 -14.65
CHC CLA ID . -25.18 18.33 -14.57
CHD CLA ID . -28.81 21.56 -15.14
NA CLA ID . -29.91 16.49 -15.08
C1A CLA ID . -31.21 16.58 -15.59
C2A CLA ID . -31.82 15.18 -15.74
C3A CLA ID . -30.83 14.32 -14.95
C4A CLA ID . -29.58 15.18 -14.87
CMA CLA ID . -31.49 14.11 -13.62
CAA CLA ID . -32.00 14.74 -17.17
CBA CLA ID . -30.85 15.06 -18.08
CGA CLA ID . -31.31 14.85 -19.47
O1A CLA ID . -32.22 15.49 -20.02
O2A CLA ID . -30.67 13.85 -20.12
NB CLA ID . -27.08 16.74 -14.55
C1B CLA ID . -27.16 15.39 -14.59
C2B CLA ID . -25.81 14.78 -14.58
C3B CLA ID . -24.91 15.82 -14.55
C4B CLA ID . -25.71 17.08 -14.52
CMB CLA ID . -25.63 13.33 -14.68
CAB CLA ID . -23.48 15.88 -14.54
CBB CLA ID . -22.68 15.13 -13.77
NC CLA ID . -27.26 19.66 -14.77
C1C CLA ID . -25.91 19.54 -14.68
C2C CLA ID . -25.29 20.86 -14.77
C3C CLA ID . -26.32 21.77 -14.92
C4C CLA ID . -27.55 21.01 -14.90
CMC CLA ID . -23.84 21.08 -14.73
CAC CLA ID . -26.23 23.24 -15.01
CBC CLA ID . -26.25 23.82 -16.40
ND CLA ID . -29.95 19.41 -15.32
C1D CLA ID . -29.95 20.82 -15.36
C2D CLA ID . -31.29 21.28 -15.73
C3D CLA ID . -32.04 20.16 -15.97
C4D CLA ID . -31.16 19.01 -15.69
CMD CLA ID . -31.69 22.67 -15.87
CAD CLA ID . -33.33 19.64 -16.36
OBD CLA ID . -34.34 20.23 -16.71
CBD CLA ID . -33.24 18.10 -16.25
CGD CLA ID . -34.16 17.58 -15.21
O1D CLA ID . -33.95 17.54 -14.00
O2D CLA ID . -35.34 17.09 -15.67
CED CLA ID . -36.40 17.12 -14.72
C1 CLA ID . -29.40 14.06 -20.77
C2 CLA ID . -29.54 15.21 -21.69
C3 CLA ID . -30.21 15.17 -22.85
C4 CLA ID . -30.88 13.96 -23.39
C5 CLA ID . -30.35 16.38 -23.71
C6 CLA ID . -29.83 17.64 -23.06
C7 CLA ID . -28.57 18.18 -23.69
C8 CLA ID . -28.18 19.59 -23.25
C9 CLA ID . -27.07 19.57 -22.21
C10 CLA ID . -29.32 20.44 -22.71
C11 CLA ID . -28.99 21.88 -22.97
C12 CLA ID . -30.17 22.77 -22.68
C13 CLA ID . -29.88 24.16 -23.21
C14 CLA ID . -28.78 24.85 -22.41
C15 CLA ID . -31.11 25.04 -23.28
C16 CLA ID . -32.18 24.32 -24.07
C17 CLA ID . -33.24 25.21 -24.71
C18 CLA ID . -34.37 24.46 -25.43
C19 CLA ID . -34.73 25.18 -26.70
C20 CLA ID . -34.06 23.02 -25.83
MG CLA JD . -32.83 22.45 -19.99
CHA CLA JD . -35.68 21.76 -21.84
CHB CLA JD . -32.07 19.14 -19.92
CHC CLA JD . -29.69 23.22 -18.87
CHD CLA JD . -33.40 25.90 -20.56
NA CLA JD . -33.74 20.74 -20.75
C1A CLA JD . -34.95 20.64 -21.46
C2A CLA JD . -35.24 19.18 -21.81
C3A CLA JD . -34.21 18.40 -20.95
C4A CLA JD . -33.24 19.49 -20.52
CMA CLA JD . -34.76 17.66 -19.76
CAA CLA JD . -35.07 18.79 -23.28
CBA CLA JD . -34.22 19.69 -24.15
CGA CLA JD . -33.70 19.01 -25.37
O1A CLA JD . -34.27 18.16 -26.07
O2A CLA JD . -32.48 19.47 -25.78
NB CLA JD . -31.23 21.38 -19.43
C1B CLA JD . -31.10 20.04 -19.49
C2B CLA JD . -29.73 19.65 -19.05
C3B CLA JD . -29.05 20.80 -18.77
C4B CLA JD . -29.99 21.91 -19.02
CMB CLA JD . -29.29 18.28 -19.02
CAB CLA JD . -27.68 21.00 -18.36
CBB CLA JD . -26.70 21.46 -19.13
NC CLA JD . -31.78 24.23 -19.70
C1C CLA JD . -30.54 24.31 -19.16
C2C CLA JD . -30.12 25.69 -19.02
C3C CLA JD . -31.14 26.45 -19.57
C4C CLA JD . -32.19 25.53 -19.96
CMC CLA JD . -28.83 26.10 -18.47
CAC CLA JD . -31.21 27.91 -19.66
CBC CLA JD . -30.79 28.41 -21.02
ND CLA JD . -34.12 23.61 -21.01
C1D CLA JD . -34.28 25.02 -21.09
C2D CLA JD . -35.54 25.31 -21.81
C3D CLA JD . -36.09 24.10 -22.13
C4D CLA JD . -35.19 23.08 -21.60
CMD CLA JD . -36.01 26.62 -22.16
CAD CLA JD . -37.18 23.45 -22.82
OBD CLA JD . -38.10 23.91 -23.48
CBD CLA JD . -36.98 21.95 -22.58
CGD CLA JD . -38.20 21.53 -21.84
O1D CLA JD . -38.53 21.84 -20.71
O2D CLA JD . -39.03 20.71 -22.54
CED CLA JD . -40.41 20.67 -22.15
MG CLA KD . -21.84 10.03 -7.32
CHA CLA KD . -23.37 13.01 -8.10
CHB CLA KD . -19.84 10.41 -10.07
CHC CLA KD . -20.85 6.76 -7.04
CHD CLA KD . -24.45 9.37 -5.00
NA CLA KD . -21.61 11.51 -8.79
C1A CLA KD . -22.33 12.70 -8.93
C2A CLA KD . -21.80 13.51 -10.10
C3A CLA KD . -20.69 12.64 -10.70
C4A CLA KD . -20.68 11.44 -9.79
CMA CLA KD . -21.09 12.26 -12.10
CAA CLA KD . -21.09 14.77 -9.63
CBA CLA KD . -21.40 15.91 -10.56
CGA CLA KD . -20.66 17.15 -10.27
O1A CLA KD . -20.30 17.63 -9.20
O2A CLA KD . -20.33 17.77 -11.45
NB CLA KD . -20.56 8.85 -8.31
C1B CLA KD . -19.80 9.21 -9.37
C2B CLA KD . -18.96 8.09 -9.82
C3B CLA KD . -19.23 7.03 -8.97
C4B CLA KD . -20.26 7.51 -8.01
CMB CLA KD . -18.08 8.28 -10.97
CAB CLA KD . -18.78 5.67 -8.90
CBB CLA KD . -17.88 5.03 -9.65
NC CLA KD . -22.48 8.41 -6.17
C1C CLA KD . -21.86 7.19 -6.15
C2C CLA KD . -22.52 6.32 -5.20
C3C CLA KD . -23.60 7.03 -4.70
C4C CLA KD . -23.55 8.35 -5.30
CMC CLA KD . -22.11 4.96 -4.93
CAC CLA KD . -24.63 6.56 -3.77
CBC CLA KD . -24.33 6.77 -2.33
ND CLA KD . -23.50 10.93 -6.63
C1D CLA KD . -24.45 10.58 -5.64
C2D CLA KD . -25.39 11.69 -5.44
C3D CLA KD . -25.00 12.64 -6.35
C4D CLA KD . -23.85 12.12 -7.09
CMD CLA KD . -26.48 11.72 -4.47
CAD CLA KD . -25.31 13.93 -6.90
OBD CLA KD . -26.18 14.71 -6.59
CBD CLA KD . -24.30 14.21 -8.02
CGD CLA KD . -24.94 14.51 -9.33
O1D CLA KD . -24.68 15.46 -10.08
O2D CLA KD . -25.92 13.66 -9.70
CED CLA KD . -26.29 13.64 -11.08
C1 CLA KD . -19.47 18.93 -11.47
C2 CLA KD . -20.14 20.20 -11.20
C3 CLA KD . -20.09 21.24 -12.04
C4 CLA KD . -20.81 22.50 -11.77
C5 CLA KD . -19.23 21.19 -13.25
C6 CLA KD . -19.99 21.05 -14.54
C7 CLA KD . -19.06 21.39 -15.67
C8 CLA KD . -19.50 20.96 -17.06
C9 CLA KD . -20.91 21.42 -17.36
C10 CLA KD . -19.37 19.46 -17.20
C11 CLA KD . -18.88 19.04 -18.57
C12 CLA KD . -18.57 17.55 -18.59
C13 CLA KD . -18.11 17.07 -19.96
MG CLA LD . -13.15 17.90 -6.88
CHA CLA LD . -16.61 17.50 -6.85
CHB CLA LD . -12.92 15.31 -9.08
CHC CLA LD . -9.90 18.77 -7.52
CHD CLA LD . -13.59 20.94 -5.13
NA CLA LD . -14.54 16.61 -7.78
C1A CLA LD . -15.93 16.57 -7.58
C2A CLA LD . -16.54 15.47 -8.46
C3A CLA LD . -15.31 14.64 -8.85
C4A CLA LD . -14.16 15.59 -8.57
CMA CLA LD . -15.20 13.45 -7.94
CAA CLA LD . -17.29 16.01 -9.68
CBA CLA LD . -16.57 16.84 -10.74
CGA CLA LD . -16.15 18.22 -10.33
O1A CLA LD . -16.78 19.06 -9.70
O2A CLA LD . -14.88 18.51 -10.65
NB CLA LD . -11.72 17.21 -8.11
C1B CLA LD . -11.79 16.10 -8.88
C2B CLA LD . -10.48 15.77 -9.46
C3B CLA LD . -9.60 16.74 -9.04
C4B CLA LD . -10.38 17.67 -8.16
CMB CLA LD . -10.31 14.57 -10.27
CAB CLA LD . -8.21 16.99 -9.28
CBB CLA LD . -7.50 16.77 -10.40
NC CLA LD . -11.95 19.51 -6.32
C1C CLA LD . -10.62 19.61 -6.62
C2C CLA LD . -10.07 20.80 -5.96
C3C CLA LD . -11.13 21.45 -5.37
C4C CLA LD . -12.31 20.63 -5.58
CMC CLA LD . -8.67 21.21 -6.01
CAC CLA LD . -11.07 22.67 -4.56
CBC CLA LD . -11.00 22.36 -3.08
ND CLA LD . -14.66 18.97 -6.07
C1D CLA LD . -14.70 20.20 -5.36
C2D CLA LD . -16.08 20.50 -4.96
C3D CLA LD . -16.84 19.49 -5.51
C4D CLA LD . -15.92 18.59 -6.22
CMD CLA LD . -16.51 21.65 -4.17
CAD CLA LD . -18.17 18.97 -5.68
OBD CLA LD . -19.22 19.39 -5.29
CBD CLA LD . -18.07 17.72 -6.57
CGD CLA LD . -18.81 16.52 -6.06
O1D CLA LD . -19.54 15.76 -6.72
O2D CLA LD . -18.62 16.26 -4.75
CED CLA LD . -19.33 15.17 -4.17
C1 CLA LD . -14.26 19.56 -9.87
C2 CLA LD . -13.09 19.93 -10.67
C3 CLA LD . -12.26 20.92 -10.34
C4 CLA LD . -12.44 21.77 -9.15
C5 CLA LD . -11.13 21.15 -11.26
C6 CLA LD . -9.80 20.98 -10.58
C7 CLA LD . -8.70 20.96 -11.62
C8 CLA LD . -7.39 21.53 -11.12
C9 CLA LD . -6.24 21.16 -12.03
C10 CLA LD . -7.07 21.01 -9.73
C11 CLA LD . -6.12 21.93 -9.05
C12 CLA LD . -6.60 23.36 -8.83
C13 CLA LD . -5.61 24.14 -7.95
C14 CLA LD . -4.87 23.33 -6.89
C15 CLA LD . -6.28 25.33 -7.31
C16 CLA LD . -5.52 26.54 -7.79
C17 CLA LD . -5.09 27.51 -6.71
C18 CLA LD . -6.22 28.26 -6.03
C19 CLA LD . -5.85 29.72 -6.00
C20 CLA LD . -6.29 27.83 -4.58
MG CLA MD . -9.42 12.92 -15.62
CHA CLA MD . -12.54 12.49 -14.20
CHB CLA MD . -9.54 9.90 -17.05
CHC CLA MD . -6.33 13.52 -16.93
CHD CLA MD . -9.28 16.14 -14.07
NA CLA MD . -10.83 11.41 -15.59
C1A CLA MD . -12.08 11.40 -14.94
C2A CLA MD . -12.77 10.06 -15.21
C3A CLA MD . -11.72 9.24 -15.99
C4A CLA MD . -10.60 10.24 -16.24
CMA CLA MD . -11.19 8.05 -15.26
CAA CLA MD . -14.02 10.25 -16.05
CBA CLA MD . -13.79 11.21 -17.19
CGA CLA MD . -14.93 11.35 -18.11
O1A CLA MD . -14.89 11.37 -19.34
O2A CLA MD . -16.12 11.54 -17.45
NB CLA MD . -8.10 11.86 -16.69
C1B CLA MD . -8.45 10.72 -17.34
C2B CLA MD . -7.48 10.44 -18.41
C3B CLA MD . -6.57 11.44 -18.40
C4B CLA MD . -6.95 12.38 -17.31
CMB CLA MD . -7.52 9.26 -19.28
CAB CLA MD . -5.47 11.58 -19.31
CBB CLA MD . -4.19 11.72 -18.96
NC CLA MD . -8.06 14.52 -15.47
C1C CLA MD . -6.83 14.52 -16.06
C2C CLA MD . -6.11 15.73 -15.71
C3C CLA MD . -6.96 16.50 -14.94
C4C CLA MD . -8.17 15.72 -14.79
CMC CLA MD . -4.75 16.08 -16.14
CAC CLA MD . -6.65 17.80 -14.31
CBC CLA MD . -7.27 18.99 -14.99
ND CLA MD . -10.60 14.14 -14.52
C1D CLA MD . -10.44 15.43 -13.97
C2D CLA MD . -11.64 15.81 -13.25
C3D CLA MD . -12.48 14.73 -13.31
C4D CLA MD . -11.78 13.70 -14.10
CMD CLA MD . -11.81 17.08 -12.59
CAD CLA MD . -13.76 14.22 -12.94
OBD CLA MD . -14.66 14.75 -12.33
CBD CLA MD . -13.82 12.75 -13.42
CGD CLA MD . -13.93 11.81 -12.26
O1D CLA MD . -13.00 11.33 -11.63
O2D CLA MD . -15.20 11.45 -11.93
CED CLA MD . -15.40 10.87 -10.64
C1 CLA MD . -17.16 12.17 -18.21
C2 CLA MD . -16.88 13.63 -18.28
MG CLA ND . -0.19 -35.83 -10.93
CHA CLA ND . -1.76 -38.79 -11.78
CHB CLA ND . -2.73 -34.13 -12.44
CHC CLA ND . 0.80 -32.95 -9.39
CHD CLA ND . 1.83 -37.66 -8.66
NA CLA ND . -1.94 -36.39 -11.95
C1A CLA ND . -2.43 -37.67 -12.21
C2A CLA ND . -3.75 -37.63 -12.98
C3A CLA ND . -3.89 -36.12 -13.30
C4A CLA ND . -2.78 -35.48 -12.51
CMA CLA ND . -3.70 -35.81 -14.75
CAA CLA ND . -4.95 -38.12 -12.16
CBA CLA ND . -4.98 -37.56 -10.76
CGA CLA ND . -4.97 -38.62 -9.71
O1A CLA ND . -4.34 -39.67 -9.69
O2A CLA ND . -5.75 -38.32 -8.64
NB CLA ND . -0.87 -33.93 -10.87
C1B CLA ND . -1.79 -33.42 -11.72
C2B CLA ND . -1.69 -31.95 -11.81
C3B CLA ND . -0.68 -31.58 -10.96
C4B CLA ND . -0.16 -32.83 -10.34
CMB CLA ND . -2.58 -31.15 -12.65
CAB CLA ND . -0.23 -30.24 -10.66
CBB CLA ND . 1.01 -29.79 -10.76
NC CLA ND . 1.11 -35.39 -9.35
C1C CLA ND . 1.39 -34.14 -8.91
C2C CLA ND . 2.38 -34.17 -7.85
C3C CLA ND . 2.64 -35.51 -7.60
C4C CLA ND . 1.84 -36.27 -8.56
CMC CLA ND . 2.91 -32.97 -7.20
CAC CLA ND . 3.57 -36.08 -6.61
CBC CLA ND . 4.91 -36.40 -7.20
ND CLA ND . 0.10 -37.74 -10.39
C1D CLA ND . 1.01 -38.36 -9.50
C2D CLA ND . 0.89 -39.83 -9.67
C3D CLA ND . -0.10 -40.02 -10.60
C4D CLA ND . -0.61 -38.70 -10.95
CMD CLA ND . 1.65 -40.86 -9.01
CAD CLA ND . -0.89 -41.01 -11.30
OBD CLA ND . -0.77 -42.21 -11.39
CBD CLA ND . -2.00 -40.26 -12.03
CGD CLA ND . -1.97 -40.54 -13.50
O1D CLA ND . -1.52 -39.82 -14.39
O2D CLA ND . -2.50 -41.74 -13.82
CED CLA ND . -2.15 -42.30 -15.08
C1 CLA ND . -5.41 -38.93 -7.37
C2 CLA ND . -6.33 -38.30 -6.40
C3 CLA ND . -5.98 -37.75 -5.23
C4 CLA ND . -4.58 -37.72 -4.73
C5 CLA ND . -7.05 -37.15 -4.40
C6 CLA ND . -7.08 -37.53 -2.94
C7 CLA ND . -8.12 -36.68 -2.22
C8 CLA ND . -9.52 -36.74 -2.81
C9 CLA ND . -10.22 -35.42 -2.60
C10 CLA ND . -10.26 -37.85 -2.09
C11 CLA ND . -11.17 -38.75 -2.90
C12 CLA ND . -12.61 -38.29 -2.98
C13 CLA ND . -13.71 -39.36 -2.86
C14 CLA ND . -13.24 -40.79 -3.08
C15 CLA ND . -14.92 -39.12 -3.77
C16 CLA ND . -14.52 -38.91 -5.22
C17 CLA ND . -15.51 -38.05 -5.98
C18 CLA ND . -16.81 -38.74 -6.37
C19 CLA ND . -17.64 -37.85 -7.26
C20 CLA ND . -16.52 -39.98 -7.17
MG CLA OD . -7.75 -23.42 -5.09
CHA CLA OD . -8.52 -23.43 -8.46
CHB CLA OD . -11.06 -22.86 -4.37
CHC CLA OD . -7.14 -24.14 -1.81
CHD CLA OD . -4.57 -24.67 -5.90
NA CLA OD . -9.48 -23.17 -6.23
C1A CLA OD . -9.58 -23.18 -7.63
C2A CLA OD . -11.02 -22.92 -8.05
C3A CLA OD . -11.71 -22.46 -6.74
C4A CLA OD . -10.70 -22.86 -5.69
CMA CLA OD . -11.91 -20.97 -6.72
CAA CLA OD . -11.63 -24.21 -8.58
CBA CLA OD . -13.13 -24.30 -8.56
CGA CLA OD . -13.42 -25.45 -9.47
O1A CLA OD . -13.35 -25.48 -10.69
O2A CLA OD . -13.76 -26.59 -8.80
NB CLA OD . -8.87 -23.46 -3.42
C1B CLA OD . -10.19 -23.20 -3.32
C2B CLA OD . -10.62 -23.27 -1.92
C3B CLA OD . -9.54 -23.62 -1.16
C4B CLA OD . -8.41 -23.76 -2.11
CMB CLA OD . -11.98 -23.03 -1.49
CAB CLA OD . -9.55 -23.84 0.26
CBB CLA OD . -8.63 -23.56 1.19
NC CLA OD . -6.12 -24.22 -4.05
C1C CLA OD . -6.08 -24.35 -2.71
C2C CLA OD . -4.77 -24.78 -2.27
C3C CLA OD . -4.04 -25.03 -3.41
C4C CLA OD . -4.90 -24.66 -4.55
CMC CLA OD . -4.37 -24.97 -0.87
CAC CLA OD . -2.62 -25.39 -3.34
CBC CLA OD . -2.03 -26.51 -4.15
ND CLA OD . -6.73 -23.98 -6.74
C1D CLA OD . -5.39 -24.38 -6.93
C2D CLA OD . -5.08 -24.39 -8.38
C3D CLA OD . -6.24 -24.02 -9.00
C4D CLA OD . -7.25 -23.80 -7.95
CMD CLA OD . -3.79 -24.71 -8.97
CAD CLA OD . -6.89 -23.77 -10.27
OBD CLA OD . -6.43 -23.83 -11.40
CBD CLA OD . -8.35 -23.41 -9.96
CGD CLA OD . -8.75 -22.11 -10.58
O1D CLA OD . -8.50 -20.97 -10.18
O2D CLA OD . -9.48 -22.27 -11.70
CED CLA OD . -10.29 -21.19 -12.15
C1 CLA OD . -13.65 -27.80 -9.56
C2 CLA OD . -12.83 -28.70 -8.73
C3 CLA OD . -12.69 -29.99 -8.99
C4 CLA OD . -13.29 -30.66 -10.17
C5 CLA OD . -11.83 -30.75 -8.03
C6 CLA OD . -11.61 -32.19 -8.39
C7 CLA OD . -12.22 -33.19 -7.41
C8 CLA OD . -11.29 -34.34 -6.98
C9 CLA OD . -10.05 -34.45 -7.85
C10 CLA OD . -12.02 -35.69 -6.84
C11 CLA OD . -11.32 -36.86 -6.16
C12 CLA OD . -10.63 -37.89 -7.06
C13 CLA OD . -11.13 -39.30 -6.94
C14 CLA OD . -10.09 -40.13 -6.20
C15 CLA OD . -11.30 -39.82 -8.37
C16 CLA OD . -12.67 -40.41 -8.55
C17 CLA OD . -13.45 -39.77 -9.69
C18 CLA OD . -13.39 -40.50 -11.03
C19 CLA OD . -13.25 -42.00 -10.96
C20 CLA OD . -12.40 -39.86 -11.97
MG CLA PD . -15.02 -23.85 -24.54
CHA CLA PD . -13.26 -25.85 -26.75
CHB CLA PD . -17.10 -22.94 -27.13
CHC CLA PD . -17.38 -22.79 -22.35
CHD CLA PD . -13.31 -25.44 -21.86
NA CLA PD . -15.10 -24.27 -26.59
C1A CLA PD . -14.29 -25.13 -27.32
C2A CLA PD . -14.71 -25.12 -28.80
C3A CLA PD . -15.71 -23.95 -28.89
C4A CLA PD . -16.01 -23.69 -27.44
CMA CLA PD . -15.12 -22.71 -29.52
CAA CLA PD . -15.31 -26.45 -29.26
CBA CLA PD . -16.46 -26.98 -28.44
CGA CLA PD . -15.95 -28.05 -27.51
O1A CLA PD . -15.03 -28.84 -27.66
O2A CLA PD . -16.64 -28.09 -26.35
NB CLA PD . -16.90 -23.10 -24.71
C1B CLA PD . -17.48 -22.65 -25.84
C2B CLA PD . -18.65 -21.80 -25.57
C3B CLA PD . -18.75 -21.73 -24.20
C4B CLA PD . -17.64 -22.56 -23.65
CMB CLA PD . -19.38 -21.23 -26.70
CAB CLA PD . -19.68 -21.08 -23.30
CBB CLA PD . -20.61 -20.16 -23.55
NC CLA PD . -15.25 -24.01 -22.47
C1C CLA PD . -16.27 -23.45 -21.78
C2C CLA PD . -16.12 -23.68 -20.35
C3C CLA PD . -14.99 -24.47 -20.22
C4C CLA PD . -14.43 -24.67 -21.56
CMC CLA PD . -17.03 -23.21 -19.31
CAC CLA PD . -14.40 -24.95 -18.97
CBC CLA PD . -15.04 -26.21 -18.50
ND CLA PD . -13.48 -25.14 -24.30
C1D CLA PD . -12.88 -25.69 -23.15
C2D CLA PD . -11.74 -26.52 -23.58
C3D CLA PD . -11.83 -26.62 -24.95
C4D CLA PD . -12.97 -25.77 -25.34
CMD CLA PD . -10.81 -27.16 -22.67
CAD CLA PD . -11.22 -27.13 -26.16
OBD CLA PD . -10.16 -27.71 -26.35
CBD CLA PD . -12.24 -26.83 -27.29
CGD CLA PD . -11.60 -26.39 -28.57
O1D CLA PD . -11.21 -27.12 -29.48
O2D CLA PD . -11.46 -25.04 -28.71
CED CLA PD . -10.95 -24.54 -29.95
C1 CLA PD . -16.03 -27.42 -25.24
C2 CLA PD . -15.09 -28.27 -24.50
C3 CLA PD . -15.41 -28.70 -23.26
C4 CLA PD . -14.46 -29.53 -22.50
C5 CLA PD . -16.75 -28.44 -22.66
C6 CLA PD . -16.71 -27.49 -21.49
C7 CLA PD . -18.06 -27.29 -20.83
C8 CLA PD . -18.69 -28.62 -20.42
C9 CLA PD . -20.20 -28.57 -20.37
C10 CLA PD . -18.14 -29.12 -19.09
C11 CLA PD . -18.03 -30.63 -19.13
C12 CLA PD . -17.06 -31.10 -20.20
C13 CLA PD . -17.30 -32.48 -20.80
C14 CLA PD . -18.77 -32.93 -20.72
C15 CLA PD . -16.30 -33.51 -20.25
C16 CLA PD . -16.40 -34.82 -21.01
C17 CLA PD . -15.98 -34.62 -22.45
C18 CLA PD . -14.49 -34.66 -22.64
C19 CLA PD . -14.07 -33.56 -23.61
C20 CLA PD . -14.24 -35.98 -23.30
MG CLA QD . -36.45 1.04 -43.67
CHA CLA QD . -33.77 0.53 -45.78
CHB CLA QD . -38.00 2.90 -46.11
CHC CLA QD . -39.34 1.02 -41.82
CHD CLA QD . -35.13 -1.45 -41.51
NA CLA QD . -35.94 1.62 -45.61
C1A CLA QD . -34.78 1.33 -46.31
C2A CLA QD . -34.80 1.99 -47.69
C3A CLA QD . -36.04 2.90 -47.64
C4A CLA QD . -36.73 2.45 -46.37
CMA CLA QD . -35.66 4.35 -47.56
CAA CLA QD . -34.96 0.93 -48.73
CBA CLA QD . -35.08 1.33 -50.18
CGA CLA QD . -35.30 0.08 -51.00
O1A CLA QD . -35.40 0.03 -52.22
O2A CLA QD . -35.36 -1.13 -50.34
NB CLA QD . -38.29 1.80 -43.91
C1B CLA QD . -38.71 2.55 -44.96
C2B CLA QD . -40.09 3.03 -44.72
C3B CLA QD . -40.48 2.52 -43.51
C4B CLA QD . -39.35 1.72 -42.99
CMB CLA QD . -40.81 3.87 -45.66
CAB CLA QD . -41.72 2.63 -42.84
CBB CLA QD . -42.19 3.75 -42.28
NC CLA QD . -37.09 0.01 -41.95
C1C CLA QD . -38.29 0.22 -41.34
C2C CLA QD . -38.35 -0.54 -40.10
C3C CLA QD . -37.23 -1.35 -40.07
C4C CLA QD . -36.41 -0.98 -41.23
CMC CLA QD . -39.48 -0.49 -39.18
CAC CLA QD . -36.87 -2.26 -38.98
CBC CLA QD . -36.97 -3.71 -39.33
ND CLA QD . -34.85 -0.20 -43.60
C1D CLA QD . -34.37 -1.08 -42.61
C2D CLA QD . -33.01 -1.51 -42.95
C3D CLA QD . -32.71 -0.90 -44.15
C4D CLA QD . -33.91 -0.12 -44.52
CMD CLA QD . -32.20 -2.38 -42.13
CAD CLA QD . -31.71 -0.69 -45.20
OBD CLA QD . -30.56 -1.07 -45.28
CBD CLA QD . -32.39 0.16 -46.29
CGD CLA QD . -31.66 1.40 -46.69
O1D CLA QD . -31.30 1.70 -47.83
O2D CLA QD . -31.41 2.28 -45.68
CED CLA QD . -30.75 3.50 -45.98
C1 CLA QD . -36.57 -1.94 -50.33
C2 CLA QD . -37.60 -1.29 -49.48
C3 CLA QD . -38.34 -1.96 -48.56
C4 CLA QD . -38.21 -3.43 -48.37
C5 CLA QD . -39.34 -1.26 -47.71
C6 CLA QD . -38.95 -1.22 -46.24
C7 CLA QD . -40.13 -0.82 -45.38
C8 CLA QD . -40.62 -1.89 -44.39
C9 CLA QD . -41.04 -3.20 -45.04
C10 CLA QD . -41.66 -1.41 -43.38
C11 CLA QD . -43.12 -1.51 -43.79
C12 CLA QD . -43.65 -0.28 -44.51
MG CLA RD . -21.49 -35.71 0.46
CHA CLA RD . -21.77 -37.88 3.15
CHB CLA RD . -24.40 -36.89 -0.80
CHC CLA RD . -20.99 -33.80 -2.31
CHD CLA RD . -18.17 -34.97 1.52
NA CLA RD . -22.87 -37.13 1.13
C1A CLA RD . -22.85 -37.88 2.30
C2A CLA RD . -24.10 -38.76 2.40
C3A CLA RD . -24.76 -38.58 1.03
C4A CLA RD . -24.01 -37.40 0.42
CMA CLA RD . -24.55 -39.82 0.24
CAA CLA RD . -25.09 -38.10 3.34
CBA CLA RD . -25.16 -38.66 4.74
CGA CLA RD . -26.08 -39.84 4.83
O1A CLA RD . -27.31 -39.86 4.91
O2A CLA RD . -25.40 -41.03 4.88
NB CLA RD . -22.45 -35.49 -1.30
C1B CLA RD . -23.75 -35.87 -1.50
C2B CLA RD . -24.36 -35.07 -2.59
C3B CLA RD . -23.41 -34.19 -3.03
C4B CLA RD . -22.18 -34.45 -2.22
CMB CLA RD . -25.73 -35.26 -3.04
CAB CLA RD . -23.58 -33.21 -4.09
CBB CLA RD . -22.67 -32.53 -4.79
NC CLA RD . -19.87 -34.59 -0.24
C1C CLA RD . -19.91 -33.86 -1.39
C2C CLA RD . -18.66 -33.13 -1.56
C3C CLA RD . -17.85 -33.48 -0.49
C4C CLA RD . -18.62 -34.38 0.34
CMC CLA RD . -18.39 -32.23 -2.67
CAC CLA RD . -16.49 -32.98 -0.22
CBC CLA RD . -16.49 -31.73 0.62
ND CLA RD . -20.26 -36.16 2.00
C1D CLA RD . -18.92 -35.81 2.31
C2D CLA RD . -18.47 -36.51 3.53
C3D CLA RD . -19.53 -37.32 3.88
C4D CLA RD . -20.60 -37.09 2.89
CMD CLA RD . -17.15 -36.37 4.13
CAD CLA RD . -20.00 -38.33 4.80
OBD CLA RD . -19.43 -38.86 5.75
CBD CLA RD . -21.42 -38.75 4.34
CGD CLA RD . -21.32 -40.19 3.94
O1D CLA RD . -20.52 -40.72 3.16
O2D CLA RD . -22.22 -41.00 4.53
CED CLA RD . -21.73 -42.30 4.86
C1 CLA RD . -25.91 -42.12 4.11
C2 CLA RD . -24.87 -42.42 3.09
C3 CLA RD . -24.68 -43.66 2.62
C4 CLA RD . -25.51 -44.77 3.10
C5 CLA RD . -23.61 -43.94 1.60
C6 CLA RD . -23.95 -43.59 0.17
C7 CLA RD . -23.01 -44.28 -0.79
C8 CLA RD . -23.39 -44.09 -2.25
C9 CLA RD . -24.89 -44.02 -2.42
C10 CLA RD . -22.85 -45.20 -3.13
C11 CLA RD . -22.84 -44.79 -4.59
C12 CLA RD . -21.80 -45.52 -5.41
C13 CLA RD . -20.81 -44.56 -6.05
C14 CLA RD . -21.37 -43.15 -6.08
C15 CLA RD . -20.46 -44.95 -7.47
C16 CLA RD . -20.33 -43.70 -8.33
C17 CLA RD . -19.25 -43.82 -9.39
C18 CLA RD . -19.02 -42.48 -10.07
C19 CLA RD . -19.55 -41.34 -9.22
C20 CLA RD . -19.70 -42.45 -11.43
MG CLA SD . -0.51 19.92 -1.75
CHA CLA SD . 1.41 18.67 -4.32
CHB CLA SD . 1.50 18.33 0.48
CHC CLA SD . -1.88 21.78 0.80
CHD CLA SD . -2.11 21.97 -4.08
NA CLA SD . 1.15 18.66 -1.92
C1A CLA SD . 1.81 18.22 -3.08
C2A CLA SD . 2.94 17.23 -2.74
C3A CLA SD . 2.80 17.07 -1.21
C4A CLA SD . 1.74 18.08 -0.84
CMA CLA SD . 2.28 15.73 -0.81
CAA CLA SD . 4.34 17.57 -3.24
CBA CLA SD . 4.89 18.69 -2.44
CGA CLA SD . 5.53 19.67 -3.34
O1A CLA SD . 4.89 20.54 -3.92
O2A CLA SD . 6.88 19.46 -3.55
NB CLA SD . -0.28 19.98 0.24
C1B CLA SD . 0.58 19.25 0.97
C2B CLA SD . 0.47 19.57 2.41
C3B CLA SD . -0.48 20.56 2.53
C4B CLA SD . -0.96 20.83 1.15
CMB CLA SD . 1.34 18.91 3.38
CAB CLA SD . -1.02 21.31 3.64
CBB CLA SD . -0.80 21.25 4.95
NC CLA SD . -1.82 21.55 -1.67
C1C CLA SD . -2.29 22.11 -0.52
C2C CLA SD . -3.22 23.17 -0.84
C3C CLA SD . -3.27 23.29 -2.23
C4C CLA SD . -2.42 22.22 -2.74
CMC CLA SD . -3.88 23.98 0.18
CAC CLA SD . -4.12 24.22 -3.00
CBC CLA SD . -3.49 25.16 -4.02
ND CLA SD . -0.41 20.30 -3.74
C1D CLA SD . -1.16 21.15 -4.58
C2D CLA SD . -0.77 20.97 -5.99
C3D CLA SD . 0.18 19.98 -5.96
C4D CLA SD . 0.38 19.62 -4.54
CMD CLA SD . -1.30 21.70 -7.13
CAD CLA SD . 1.11 19.22 -6.74
OBD CLA SD . 1.33 19.20 -7.93
CBD CLA SD . 1.85 18.35 -5.72
CGD CLA SD . 1.39 16.96 -5.90
O1D CLA SD . 0.65 16.28 -5.18
O2D CLA SD . 1.91 16.42 -7.03
CED CLA SD . 1.76 15.04 -7.15
C1 CLA SD . 7.80 20.54 -3.85
C2 CLA SD . 7.67 20.95 -5.28
C3 CLA SD . 8.07 20.30 -6.39
C4 CLA SD . 8.78 19.01 -6.34
C5 CLA SD . 7.78 20.84 -7.75
C6 CLA SD . 6.79 21.99 -7.79
C7 CLA SD . 5.35 21.52 -7.87
C8 CLA SD . 4.41 22.68 -7.58
C9 CLA SD . 3.04 22.17 -7.21
C10 CLA SD . 4.32 23.67 -8.71
C11 CLA SD . 3.61 24.90 -8.25
C12 CLA SD . 3.63 25.98 -9.31
C13 CLA SD . 2.77 25.61 -10.50
C14 CLA SD . 2.90 26.65 -11.58
C15 CLA SD . 1.31 25.47 -10.06
C16 CLA SD . 0.38 24.88 -11.09
C17 CLA SD . -0.76 24.24 -10.34
C18 CLA SD . -1.83 23.70 -11.29
C19 CLA SD . -3.07 23.35 -10.55
C20 CLA SD . -1.49 22.50 -12.11
MG CLA TD . -13.65 22.50 -36.57
CHA CLA TD . -12.86 19.36 -35.42
CHB CLA TD . -13.66 23.67 -33.40
CHC CLA TD . -13.77 25.69 -37.79
CHD CLA TD . -13.52 21.25 -39.90
NA CLA TD . -13.24 21.64 -34.73
C1A CLA TD . -12.92 20.30 -34.43
C2A CLA TD . -12.75 20.09 -32.92
C3A CLA TD . -13.22 21.45 -32.33
C4A CLA TD . -13.34 22.34 -33.56
CMA CLA TD . -14.55 21.36 -31.65
CAA CLA TD . -11.34 19.72 -32.45
CBA CLA TD . -10.26 20.37 -33.27
CGA CLA TD . -8.88 20.16 -32.73
O1A CLA TD . -7.87 20.70 -33.16
O2A CLA TD . -8.77 19.29 -31.68
NB CLA TD . -13.60 24.33 -35.74
C1B CLA TD . -13.83 24.58 -34.45
C2B CLA TD . -14.31 25.96 -34.24
C3B CLA TD . -14.34 26.55 -35.49
C4B CLA TD . -13.87 25.52 -36.45
CMB CLA TD . -14.65 26.46 -32.90
CAB CLA TD . -14.68 27.86 -35.99
CBB CLA TD . -15.50 28.78 -35.48
NC CLA TD . -13.59 23.32 -38.50
C1C CLA TD . -13.63 24.65 -38.76
C2C CLA TD . -13.57 24.87 -40.19
C3C CLA TD . -13.55 23.64 -40.79
C4C CLA TD . -13.57 22.64 -39.73
CMC CLA TD . -13.57 26.18 -40.85
CAC CLA TD . -13.49 23.39 -42.23
CBC CLA TD . -14.86 23.11 -42.82
ND CLA TD . -13.21 20.77 -37.52
C1D CLA TD . -13.35 20.36 -38.86
C2D CLA TD . -13.23 18.90 -38.93
C3D CLA TD . -12.99 18.47 -37.65
C4D CLA TD . -13.02 19.68 -36.80
CMD CLA TD . -13.31 18.13 -40.17
CAD CLA TD . -12.76 17.33 -36.80
OBD CLA TD . -12.59 16.16 -37.09
CBD CLA TD . -12.71 17.87 -35.35
CGD CLA TD . -13.81 17.27 -34.55
O1D CLA TD . -13.72 16.63 -33.51
O2D CLA TD . -15.03 17.51 -35.10
CED CLA TD . -16.13 17.25 -34.29
C1 CLA TD . -7.43 19.07 -31.20
C2 CLA TD . -7.50 18.18 -30.02
C3 CLA TD . -6.43 17.77 -29.30
C4 CLA TD . -5.05 18.15 -29.64
C5 CLA TD . -6.60 16.88 -28.14
C6 CLA TD . -6.47 17.53 -26.80
C7 CLA TD . -6.70 16.42 -25.81
C8 CLA TD . -6.88 16.94 -24.41
C9 CLA TD . -5.57 17.46 -23.87
C10 CLA TD . -7.42 15.78 -23.58
C11 CLA TD . -7.52 16.17 -22.13
C12 CLA TD . -8.23 15.12 -21.31
C13 CLA TD . -8.57 15.71 -19.95
C14 CLA TD . -7.32 16.17 -19.22
C15 CLA TD . -9.28 14.67 -19.11
C16 CLA TD . -10.15 15.34 -18.08
C17 CLA TD . -11.58 14.86 -18.14
C18 CLA TD . -12.48 15.82 -17.37
C19 CLA TD . -12.82 17.06 -18.17
C20 CLA TD . -13.70 15.13 -16.84
C1 PQN UD . 2.28 -21.62 -5.51
O1 PQN UD . 1.95 -20.83 -4.70
C2 PQN UD . 1.92 -23.08 -5.33
C2M PQN UD . 1.14 -23.51 -4.11
C3 PQN UD . 2.36 -24.06 -6.34
C4 PQN UD . 3.13 -23.62 -7.55
O4 PQN UD . 3.46 -24.41 -8.36
C5 PQN UD . 3.50 -22.11 -7.73
C6 PQN UD . 4.23 -21.70 -8.85
C7 PQN UD . 4.56 -20.36 -9.00
C8 PQN UD . 4.16 -19.43 -8.05
C9 PQN UD . 3.43 -19.83 -6.92
C10 PQN UD . 3.10 -21.17 -6.76
C11 PQN UD . 2.00 -25.54 -6.20
C12 PQN UD . 0.57 -25.74 -6.70
C13 PQN UD . 0.27 -26.79 -7.44
C14 PQN UD . 1.37 -27.80 -7.79
C15 PQN UD . -1.15 -27.00 -7.96
C16 PQN UD . -1.60 -28.43 -7.70
C17 PQN UD . -3.00 -28.41 -7.10
C18 PQN UD . -3.74 -29.71 -7.45
C19 PQN UD . -2.74 -30.76 -7.93
C20 PQN UD . -4.76 -29.42 -8.55
C21 PQN UD . -5.59 -28.20 -8.20
C22 PQN UD . -7.07 -28.57 -8.32
C23 PQN UD . -7.93 -27.33 -8.11
C24 PQN UD . -8.88 -27.54 -6.93
C25 PQN UD . -8.74 -27.07 -9.37
C26 PQN UD . -8.62 -28.25 -10.33
C27 PQN UD . -9.01 -27.84 -11.74
C28 PQN UD . -10.40 -27.20 -11.75
C29 PQN UD . -10.32 -25.83 -12.39
C30 PQN UD . -11.35 -28.08 -12.56
C1A DGD VD . -2.55 -20.57 -17.50
C2A DGD VD . -3.54 -20.75 -16.39
C3A DGD VD . -4.08 -22.15 -16.34
C4A DGD VD . -4.92 -22.34 -15.10
C5A DGD VD . -6.20 -21.52 -15.13
C6A DGD VD . -7.08 -22.08 -16.22
C7A DGD VD . -8.43 -21.38 -16.24
C8A DGD VD . -8.32 -19.87 -16.41
C9A DGD VD . -9.72 -19.29 -16.33
CAA DGD VD . -9.75 -17.79 -16.16
CBA DGD VD . -11.20 -17.30 -16.00
CCA DGD VD . -11.90 -17.92 -14.81
O1A DGD VD . -2.31 -21.49 -18.25
C1B DGD VD . -4.37 -16.88 -19.58
C2B DGD VD . -4.99 -15.51 -19.40
C3B DGD VD . -6.33 -15.51 -20.11
C4B DGD VD . -7.53 -15.47 -19.18
C5B DGD VD . -7.69 -14.13 -18.46
C6B DGD VD . -8.72 -14.36 -17.37
C7B DGD VD . -8.96 -13.15 -16.51
C8B DGD VD . -9.62 -13.55 -15.20
C9B DGD VD . -9.71 -12.35 -14.27
CAB DGD VD . -10.16 -12.73 -12.86
CBB DGD VD . -11.41 -13.60 -12.90
CCB DGD VD . -11.94 -13.88 -11.50
CDB DGD VD . -12.90 -15.04 -11.57
CEB DGD VD . -13.72 -15.14 -10.30
CFB DGD VD . -14.64 -13.94 -10.15
CGB DGD VD . -15.57 -14.14 -8.97
CHB DGD VD . -16.47 -15.34 -9.20
CIB DGD VD . -17.47 -15.47 -8.09
O1B DGD VD . -5.11 -17.80 -19.86
O1G DGD VD . -1.86 -19.31 -17.66
C1G DGD VD . -1.39 -18.98 -18.96
C2G DGD VD . -2.55 -18.47 -19.78
O2G DGD VD . -2.94 -17.12 -19.46
C3G DGD VD . -2.19 -18.64 -21.25
O3G DGD VD . -1.15 -17.76 -21.65
C1D DGD VD . -0.78 -18.00 -23.00
C2D DGD VD . -0.15 -16.75 -23.60
O2D DGD VD . -1.10 -15.68 -23.68
C3D DGD VD . 0.38 -17.02 -25.02
O3D DGD VD . 1.17 -15.91 -25.43
C4D DGD VD . 1.25 -18.27 -25.06
O4D DGD VD . 2.39 -18.06 -24.25
C5D DGD VD . 0.45 -19.42 -24.49
O5D DGD VD . 1.75 -20.90 -25.87
C6D DGD VD . 1.23 -20.72 -24.56
O6D DGD VD . 0.10 -19.11 -23.14
C1E DGD VD . 1.33 -22.12 -26.47
C2E DGD VD . 2.21 -22.43 -27.66
O2E DGD VD . 3.59 -22.39 -27.25
C3E DGD VD . 1.99 -21.41 -28.77
O3E DGD VD . 2.74 -21.79 -29.92
C4E DGD VD . 0.51 -21.33 -29.16
O4E DGD VD . 0.13 -22.58 -29.76
C5E DGD VD . -0.33 -21.05 -27.91
O6E DGD VD . -0.05 -22.04 -26.89
C6E DGD VD . -1.81 -20.93 -28.22
O5E DGD VD . -2.35 -22.20 -28.57
C10 WVN WD . -28.50 -9.03 -19.20
C11 WVN WD . -40.04 -9.67 -40.23
C12 WVN WD . -29.78 -8.22 -19.04
C13 WVN WD . -29.18 -8.98 -21.65
C14 WVN WD . -29.86 -7.15 -20.12
C01 WVN WD . -42.43 -9.58 -41.12
C02 WVN WD . -41.24 -8.77 -40.54
C03 WVN WD . -43.06 -8.86 -42.32
C04 WVN WD . -41.98 -8.62 -43.37
C05 WVN WD . -40.78 -7.63 -41.47
C06 WVN WD . -28.58 -9.83 -20.50
C07 WVN WD . -42.11 -11.01 -41.54
C08 WVN WD . -43.47 -9.67 -40.00
C09 WVN WD . -40.81 -7.84 -42.77
C15 WVN WD . -29.38 -7.68 -21.47
C16 WVN WD . -40.64 -6.20 -40.94
C17 WVN WD . -29.45 -11.04 -20.18
C18 WVN WD . -27.20 -10.31 -20.90
C19 WVN WD . -39.25 -9.77 -39.18
C20 WVN WD . -29.20 -9.57 -23.07
C21 WVN WD . -29.34 -6.69 -22.64
C22 WVN WD . -39.05 -9.04 -37.84
C23 WVN WD . -30.32 -10.08 -23.53
C24 WVN WD . -39.80 -7.82 -37.32
C25 WVN WD . -30.42 -10.69 -24.92
C26 WVN WD . -38.09 -9.54 -37.12
C27 WVN WD . -29.65 -11.97 -25.18
C28 WVN WD . -31.19 -10.15 -25.82
C29 WVN WD . -37.69 -9.01 -35.77
C30 WVN WD . -31.36 -10.73 -27.22
C31 WVN WD . -36.52 -9.41 -35.36
C32 WVN WD . -35.98 -8.98 -34.01
C33 WVN WD . -32.36 -10.25 -27.89
C34 WVN WD . -32.74 -10.68 -29.30
C35 WVN WD . -36.06 -7.52 -33.59
C36 WVN WD . -35.43 -9.90 -33.27
C37 WVN WD . -33.28 -9.78 -30.09
C38 WVN WD . -32.50 -12.11 -29.76
C39 WVN WD . -34.86 -9.61 -31.90
C40 WVN WD . -33.73 -10.13 -31.51
C10 WVN XD . -25.47 17.67 -18.06
C11 WVN XD . -9.58 1.63 -25.22
C12 WVN XD . -26.20 16.35 -17.85
C13 WVN XD . -24.34 16.33 -19.86
C14 WVN XD . -26.62 15.76 -19.17
C01 WVN XD . -9.02 1.19 -27.64
C02 WVN XD . -8.56 1.85 -26.31
C03 WVN XD . -7.90 0.94 -28.64
C04 WVN XD . -6.58 1.64 -28.34
C05 WVN XD . -7.16 1.37 -25.96
C06 WVN XD . -24.18 17.46 -18.85
C07 WVN XD . -9.72 -0.14 -27.42
C08 WVN XD . -10.04 2.11 -28.30
C09 WVN XD . -6.22 1.37 -26.89
C15 WVN XD . -25.53 15.94 -20.21
C16 WVN XD . -6.80 0.96 -24.53
C17 WVN XD . -23.02 17.16 -17.90
C18 WVN XD . -23.90 18.75 -19.57
C19 WVN XD . -10.04 2.73 -24.72
C20 WVN XD . -23.18 15.69 -20.58
C21 WVN XD . -25.93 15.91 -21.68
C22 WVN XD . -11.10 2.71 -23.66
C23 WVN XD . -22.87 14.44 -20.33
C24 WVN XD . -11.38 1.46 -22.87
C25 WVN XD . -21.70 13.88 -21.12
C26 WVN XD . -11.74 3.83 -23.51
C27 WVN XD . -21.06 14.72 -22.22
C28 WVN XD . -21.26 12.69 -20.82
C29 WVN XD . -12.86 4.07 -22.53
C30 WVN XD . -20.11 12.10 -21.60
C31 WVN XD . -13.41 5.22 -22.77
C32 WVN XD . -14.57 5.76 -21.98
C33 WVN XD . -19.61 10.97 -21.19
C34 WVN XD . -18.44 10.36 -21.95
C35 WVN XD . -15.20 4.99 -20.85
C36 WVN XD . -15.04 6.93 -22.32
C37 WVN XD . -18.01 9.20 -21.54
C38 WVN XD . -17.81 11.10 -23.12
C39 WVN XD . -16.22 7.57 -21.60
C40 WVN XD . -16.84 8.53 -22.22
C10 WVN YD . -56.44 -8.60 -36.34
C11 WVN YD . -38.91 -13.22 -22.95
C12 WVN YD . -56.57 -7.39 -37.27
C13 WVN YD . -53.92 -8.09 -36.52
C14 WVN YD . -55.51 -7.52 -38.34
C01 WVN YD . -38.85 -12.33 -20.58
C02 WVN YD . -39.66 -13.13 -21.61
C03 WVN YD . -39.58 -12.29 -19.24
C04 WVN YD . -40.17 -13.61 -18.73
C05 WVN YD . -40.05 -14.49 -21.03
C06 WVN YD . -55.06 -8.74 -35.72
C07 WVN YD . -37.44 -12.89 -20.46
C08 WVN YD . -38.75 -10.89 -21.06
C09 WVN YD . -40.63 -14.52 -19.85
C15 WVN YD . -54.12 -7.51 -37.70
C16 WVN YD . -40.39 -15.62 -21.97
C17 WVN YD . -54.86 -10.25 -35.55
C18 WVN YD . -55.11 -8.11 -34.34
C19 WVN YD . -39.63 -12.86 -23.97
C20 WVN YD . -52.53 -7.99 -35.87
C21 WVN YD . -53.14 -6.50 -38.30
C22 WVN YD . -39.26 -12.80 -25.43
C23 WVN YD . -51.61 -8.88 -36.12
C24 WVN YD . -37.87 -13.15 -25.95
C25 WVN YD . -50.21 -8.85 -35.53
C26 WVN YD . -40.27 -12.44 -26.18
C27 WVN YD . -49.19 -7.87 -36.09
C28 WVN YD . -49.91 -9.70 -34.57
C29 WVN YD . -40.14 -12.30 -27.67
C30 WVN YD . -48.52 -9.78 -33.97
C31 WVN YD . -41.10 -12.08 -28.55
C32 WVN YD . -42.63 -11.93 -28.51
C33 WVN YD . -48.25 -9.73 -32.69
C34 WVN YD . -46.78 -9.87 -32.34
C35 WVN YD . -43.59 -12.46 -27.45
C36 WVN YD . -43.13 -11.30 -29.53
C37 WVN YD . -46.45 -10.63 -31.32
C38 WVN YD . -45.72 -9.20 -33.21
C39 WVN YD . -44.63 -11.07 -29.71
C40 WVN YD . -45.01 -10.84 -30.95
C10 WVN ZD . 3.20 -28.99 -2.68
C11 WVN ZD . -20.02 -23.95 -2.46
C12 WVN ZD . 3.14 -28.66 -4.16
C13 WVN ZD . 0.88 -29.90 -2.98
C14 WVN ZD . 2.37 -29.74 -4.94
C01 WVN ZD . -21.99 -24.46 -0.90
C02 WVN ZD . -20.79 -23.54 -1.20
C03 WVN ZD . -22.94 -23.97 0.21
C04 WVN ZD . -22.57 -22.63 0.84
C05 WVN ZD . -21.25 -22.07 -1.19
C06 WVN ZD . 1.78 -29.00 -2.14
C07 WVN ZD . -22.84 -24.73 -2.14
C08 WVN ZD . -21.44 -25.79 -0.41
C09 WVN ZD . -22.13 -21.68 -0.27
C15 WVN ZD . 1.36 -30.49 -4.07
C16 WVN ZD . -20.19 -21.01 -1.48
C17 WVN ZD . 1.85 -29.52 -0.71
C18 WVN ZD . 1.23 -27.56 -2.12
C19 WVN ZD . -18.74 -24.22 -2.28
C20 WVN ZD . -0.62 -29.67 -2.95
C21 WVN ZD . 0.46 -31.48 -4.83
C22 WVN ZD . -17.74 -24.67 -3.34
C23 WVN ZD . -1.48 -30.00 -2.03
C24 WVN ZD . -18.14 -24.90 -4.78
C25 WVN ZD . -2.93 -29.66 -2.37
C26 WVN ZD . -16.51 -24.88 -2.92
C27 WVN ZD . -3.29 -29.99 -3.81
C28 WVN ZD . -3.74 -29.17 -1.44
C29 WVN ZD . -15.34 -25.32 -3.77
C30 WVN ZD . -5.21 -28.73 -1.44
C31 WVN ZD . -14.25 -25.62 -3.10
C32 WVN ZD . -12.97 -26.09 -3.78
C33 WVN ZD . -5.95 -28.18 -2.39
C34 WVN ZD . -7.40 -27.81 -2.08
C35 WVN ZD . -12.88 -26.14 -5.28
C36 WVN ZD . -11.97 -26.45 -3.00
C37 WVN ZD . -8.32 -27.76 -3.03
C38 WVN ZD . -7.76 -27.53 -0.61
C39 WVN ZD . -10.61 -26.90 -3.53
C40 WVN ZD . -9.74 -27.34 -2.65
C10 WVN AE . -49.90 -0.54 -34.40
C11 WVN AE . -32.56 11.38 -45.37
C12 WVN AE . -50.05 -1.60 -35.48
C13 WVN AE . -47.67 0.12 -35.44
C14 WVN AE . -48.70 -2.14 -35.95
C01 WVN AE . -32.14 13.51 -46.68
C02 WVN AE . -32.37 12.90 -45.28
C03 WVN AE . -31.45 14.86 -46.59
C04 WVN AE . -30.14 14.80 -45.83
C05 WVN AE . -31.34 13.28 -44.21
C06 WVN AE . -49.04 0.61 -34.91
C07 WVN AE . -31.40 12.61 -47.66
C08 WVN AE . -33.53 13.75 -47.25
C09 WVN AE . -30.33 14.08 -44.49
C15 WVN AE . -47.53 -1.18 -35.78
C16 WVN AE . -31.60 12.96 -42.75
C17 WVN AE . -48.90 1.61 -33.76
C18 WVN AE . -49.87 1.38 -35.93
C19 WVN AE . -33.70 10.95 -44.92
C20 WVN AE . -46.69 1.19 -35.95
C21 WVN AE . -46.18 -1.81 -36.15
C22 WVN AE . -34.15 9.51 -44.91
C23 WVN AE . -45.65 1.61 -35.24
C24 WVN AE . -33.91 8.60 -46.10
C25 WVN AE . -44.66 2.68 -35.67
C26 WVN AE . -34.78 9.14 -43.82
C27 WVN AE . -44.68 4.00 -34.92
C28 WVN AE . -43.78 2.46 -36.63
C29 WVN AE . -35.36 7.77 -43.53
C30 WVN AE . -42.80 3.56 -37.04
C31 WVN AE . -36.50 7.84 -42.90
C32 WVN AE . -37.31 6.64 -42.47
C33 WVN AE . -41.78 3.31 -37.82
C34 WVN AE . -40.89 4.48 -38.20
C35 WVN AE . -37.66 5.58 -43.49
C36 WVN AE . -37.70 6.55 -41.23
C37 WVN AE . -40.38 4.50 -39.41
C38 WVN AE . -40.59 5.60 -37.21
C39 WVN AE . -38.54 5.39 -40.74
C40 WVN AE . -39.50 5.63 -39.89
C10 WVN BE . 2.51 -47.79 1.91
C11 WVN BE . -18.10 -40.84 0.53
C12 WVN BE . 3.07 -47.05 0.70
C13 WVN BE . 0.40 -46.50 1.57
C14 WVN BE . 2.46 -45.67 0.56
C01 WVN BE . -19.73 -39.73 -1.11
C02 WVN BE . -18.73 -40.88 -0.86
C03 WVN BE . -20.74 -39.97 -2.24
C04 WVN BE . -20.32 -41.11 -3.17
C05 WVN BE . -19.44 -42.22 -1.16
C06 WVN BE . 0.99 -47.87 1.92
C07 WVN BE . -20.56 -39.40 0.10
C08 WVN BE . -18.94 -38.48 -1.47
C09 WVN BE . -20.06 -42.34 -2.31
C15 WVN BE . 0.95 -45.77 0.63
C16 WVN BE . -18.94 -43.49 -0.48
C17 WVN BE . 0.53 -48.36 3.29
C18 WVN BE . 0.59 -48.90 0.88
C19 WVN BE . -16.80 -40.75 0.48
C20 WVN BE . -0.42 -45.77 2.63
C21 WVN BE . 0.13 -45.25 -0.53
C22 WVN BE . -15.89 -40.68 1.69
C23 WVN BE . -0.04 -44.58 3.04
C24 WVN BE . -16.40 -40.13 3.02
C25 WVN BE . -0.88 -43.90 4.10
C26 WVN BE . -14.67 -41.10 1.50
C27 WVN BE . -0.24 -43.48 5.42
C28 WVN BE . -2.16 -43.69 3.84
C29 WVN BE . -13.61 -41.08 2.59
C30 WVN BE . -3.05 -43.03 4.88
C31 WVN BE . -12.39 -41.09 2.13
C32 WVN BE . -11.21 -41.04 3.08
C33 WVN BE . -4.31 -42.65 4.84
C34 WVN BE . -5.45 -42.75 3.80
C35 WVN BE . -11.37 -40.24 4.35
C36 WVN BE . -10.11 -41.66 2.76
C37 WVN BE . -6.59 -42.23 4.18
C38 WVN BE . -5.40 -43.39 2.43
C39 WVN BE . -8.90 -41.63 3.68
C40 WVN BE . -7.82 -42.23 3.29
MG CLA CE . -56.00 8.48 -45.94
CHA CLA CE . -55.83 6.84 -42.90
CHB CLA CE . -54.35 11.17 -44.48
CHC CLA CE . -55.10 9.75 -49.01
CHD CLA CE . -56.61 5.35 -47.47
NA CLA CE . -55.29 8.93 -44.03
C1A CLA CE . -55.32 8.11 -42.90
C2A CLA CE . -54.69 8.82 -41.71
C3A CLA CE . -54.55 10.29 -42.18
C4A CLA CE . -54.74 10.14 -43.68
CMA CLA CE . -55.57 11.21 -41.56
CAA CLA CE . -53.36 8.20 -41.27
CBA CLA CE . -52.36 7.98 -42.37
CGA CLA CE . -51.24 7.10 -41.92
O1A CLA CE . -51.23 5.89 -41.72
O2A CLA CE . -50.08 7.78 -41.74
NB CLA CE . -55.02 10.13 -46.60
C1B CLA CE . -54.46 11.13 -45.87
C2B CLA CE . -54.08 12.29 -46.72
C3B CLA CE . -54.28 11.90 -48.01
C4B CLA CE . -54.86 10.52 -47.94
CMB CLA CE . -53.45 13.50 -46.20
CAB CLA CE . -53.91 12.56 -49.23
CBB CLA CE . -54.68 12.94 -50.23
NC CLA CE . -55.93 7.70 -47.88
C1C CLA CE . -55.58 8.42 -48.98
C2C CLA CE . -55.69 7.64 -50.18
C3C CLA CE . -56.03 6.36 -49.75
C4C CLA CE . -56.22 6.41 -48.30
CMC CLA CE . -55.35 8.19 -51.50
CAC CLA CE . -56.25 5.17 -50.57
CBC CLA CE . -57.58 5.27 -51.23
ND CLA CE . -56.14 6.53 -45.40
C1D CLA CE . -56.58 5.38 -46.11
C2D CLA CE . -56.94 4.32 -45.15
C3D CLA CE . -56.70 4.83 -43.90
C4D CLA CE . -56.17 6.19 -44.11
CMD CLA CE . -57.44 2.99 -45.48
CAD CLA CE . -56.67 4.57 -42.48
OBD CLA CE . -56.92 3.54 -41.87
CBD CLA CE . -56.21 5.87 -41.79
CGD CLA CE . -57.39 6.33 -40.99
O1D CLA CE . -57.88 5.78 -40.00
O2D CLA CE . -58.00 7.47 -41.42
CED CLA CE . -58.72 8.26 -40.48
C1 CLA CE . -49.43 8.22 -42.95
C2 CLA CE . -48.28 9.05 -42.53
C3 CLA CE . -47.14 8.53 -42.07
C4 CLA CE . -46.88 7.06 -41.97
C5 CLA CE . -46.04 9.44 -41.66
C6 CLA CE . -45.86 9.39 -40.16
FE1 SF4 DE . 20.39 -20.12 -21.46
FE2 SF4 DE . 22.31 -20.85 -23.24
FE3 SF4 DE . 21.04 -18.51 -23.57
FE4 SF4 DE . 19.68 -20.85 -23.93
S1 SF4 DE . 21.48 -20.04 -25.12
S2 SF4 DE . 18.97 -19.11 -22.84
S3 SF4 DE . 20.63 -22.10 -22.41
S4 SF4 DE . 22.36 -19.09 -21.88
FE1 SF4 EE . 26.66 -10.48 -27.48
FE2 SF4 EE . 27.57 -13.03 -27.66
FE3 SF4 EE . 29.31 -10.98 -27.42
FE4 SF4 EE . 27.93 -11.30 -29.71
S1 SF4 EE . 29.44 -12.70 -28.83
S2 SF4 EE . 28.25 -9.40 -28.60
S3 SF4 EE . 25.98 -12.05 -28.91
S4 SF4 EE . 27.80 -11.65 -25.92
MG CLA FE . 16.09 11.03 -6.74
CHA CLA FE . 17.24 14.10 -5.59
CHB CLA FE . 17.59 9.53 -4.10
CHC CLA FE . 13.97 8.35 -7.13
CHD CLA FE . 14.19 12.78 -9.16
NA CLA FE . 17.29 11.71 -5.18
C1A CLA FE . 17.65 13.03 -4.85
C2A CLA FE . 18.60 13.06 -3.65
C3A CLA FE . 18.94 11.56 -3.43
C4A CLA FE . 17.87 10.85 -4.28
CMA CLA FE . 20.35 11.27 -3.85
CAA CLA FE . 18.05 13.68 -2.39
CBA CLA FE . 19.13 14.34 -1.58
CGA CLA FE . 18.55 14.93 -0.35
O1A CLA FE . 17.96 14.40 0.58
O2A CLA FE . 18.78 16.27 -0.28
NB CLA FE . 15.79 9.32 -5.74
C1B CLA FE . 16.61 8.81 -4.80
C2B CLA FE . 16.26 7.39 -4.54
C3B CLA FE . 15.23 7.06 -5.39
C4B CLA FE . 14.94 8.27 -6.18
CMB CLA FE . 16.99 6.62 -3.54
CAB CLA FE . 14.48 5.88 -5.68
CBB CLA FE . 14.86 4.61 -5.63
NC CLA FE . 14.45 10.63 -7.97
C1C CLA FE . 13.74 9.46 -7.99
C2C CLA FE . 12.67 9.53 -8.96
C3C CLA FE . 12.74 10.78 -9.53
C4C CLA FE . 13.87 11.45 -8.93
CMC CLA FE . 11.71 8.46 -9.23
CAC CLA FE . 11.86 11.33 -10.57
CBC CLA FE . 12.34 11.03 -11.96
ND CLA FE . 15.89 12.93 -7.42
C1D CLA FE . 15.14 13.49 -8.46
C2D CLA FE . 15.43 14.93 -8.57
C3D CLA FE . 16.15 15.22 -7.44
C4D CLA FE . 16.42 13.95 -6.75
CMD CLA FE . 14.90 15.83 -9.56
CAD CLA FE . 16.82 16.25 -6.70
OBD CLA FE . 16.88 17.46 -6.89
CBD CLA FE . 17.46 15.60 -5.47
CGD CLA FE . 18.88 16.00 -5.47
O1D CLA FE . 19.60 15.86 -6.44
O2D CLA FE . 19.38 16.58 -4.35
CED CLA FE . 20.57 17.36 -4.49
C1 CLA FE . 19.32 16.69 0.99
C2 CLA FE . 18.99 18.13 1.11
C3 CLA FE . 17.82 18.60 1.52
C4 CLA FE . 16.72 17.71 1.95
C5 CLA FE . 17.55 20.06 1.64
C6 CLA FE . 18.82 20.85 1.83
C7 CLA FE . 18.61 22.35 1.83
C8 CLA FE . 19.69 23.09 2.61
C9 CLA FE . 20.84 23.44 1.71
C10 CLA FE . 20.26 22.33 3.81
C11 CLA FE . 21.17 23.21 4.63
C12 CLA FE . 21.13 22.74 6.06
C13 CLA FE . 21.09 23.94 6.97
C14 CLA FE . 22.45 24.54 7.18
C15 CLA FE . 20.48 23.54 8.30
C16 CLA FE . 19.29 24.40 8.60
C17 CLA FE . 18.68 23.99 9.91
C18 CLA FE . 19.46 24.58 11.06
C19 CLA FE . 18.91 25.95 11.39
C20 CLA FE . 19.32 23.68 12.27
MG CLA GE . 10.18 23.32 3.11
CHA CLA GE . 11.63 26.19 1.84
CHB CLA GE . 7.76 25.23 4.56
CHC CLA GE . 8.37 20.47 3.72
CHD CLA GE . 12.29 21.43 0.95
NA CLA GE . 9.80 25.38 3.20
C1A CLA GE . 10.54 26.44 2.63
C2A CLA GE . 9.94 27.81 2.98
C3A CLA GE . 8.82 27.44 3.96
C4A CLA GE . 8.77 25.91 3.92
CMA CLA GE . 9.09 27.97 5.34
CAA CLA GE . 9.40 28.64 1.81
CBA CLA GE . 8.91 30.02 2.16
CGA CLA GE . 9.95 30.77 2.92
O1A CLA GE . 11.17 30.76 2.80
O2A CLA GE . 9.40 31.58 3.86
NB CLA GE . 8.41 22.92 4.00
C1B CLA GE . 7.60 23.84 4.57
C2B CLA GE . 6.47 23.15 5.24
C3B CLA GE . 6.62 21.80 5.03
C4B CLA GE . 7.87 21.63 4.22
CMB CLA GE . 5.41 23.88 5.93
CAB CLA GE . 5.70 20.77 5.47
CBB CLA GE . 5.95 19.56 5.97
NC CLA GE . 10.34 21.33 2.48
C1C CLA GE . 9.53 20.31 2.91
C2C CLA GE . 9.96 19.05 2.34
C3C CLA GE . 11.02 19.34 1.50
C4C CLA GE . 11.26 20.77 1.62
CMC CLA GE . 9.32 17.75 2.57
CAC CLA GE . 11.79 18.41 0.68
CBC CLA GE . 13.07 17.92 1.30
ND CLA GE . 11.60 23.65 1.72
C1D CLA GE . 12.46 22.78 0.98
C2D CLA GE . 13.47 23.55 0.27
C3D CLA GE . 13.21 24.85 0.61
C4D CLA GE . 12.04 24.87 1.48
CMD CLA GE . 14.51 23.02 -0.60
CAD CLA GE . 13.58 26.22 0.38
OBD CLA GE . 14.42 26.64 -0.37
CBD CLA GE . 12.62 27.11 1.19
CGD CLA GE . 13.32 27.91 2.22
O1D CLA GE . 13.64 27.54 3.36
O2D CLA GE . 13.58 29.17 1.83
CED CLA GE . 14.48 29.91 2.64
C1 CLA GE . 8.79 32.77 3.35
C2 CLA GE . 9.87 33.74 3.07
C3 CLA GE . 9.63 34.97 2.59
C4 CLA GE . 8.26 35.46 2.34
C5 CLA GE . 10.74 35.93 2.34
C6 CLA GE . 10.55 36.75 1.07
C7 CLA GE . 11.77 37.57 0.74
C8 CLA GE . 11.65 39.09 0.80
C9 CLA GE . 13.02 39.65 1.09
C10 CLA GE . 10.52 39.56 1.74
C11 CLA GE . 10.95 40.14 3.06
C12 CLA GE . 9.82 40.71 3.91
C13 CLA GE . 10.19 41.11 5.34
C14 CLA GE . 11.64 40.92 5.76
C15 CLA GE . 9.37 40.39 6.40
C16 CLA GE . 8.64 41.34 7.33
C17 CLA GE . 7.64 42.26 6.66
C18 CLA GE . 6.17 41.94 6.90
C19 CLA GE . 5.67 42.42 8.25
C20 CLA GE . 5.70 40.52 6.61
MG CLA HE . -16.94 29.36 -8.70
CHA CLA HE . -16.18 32.71 -8.07
CHB CLA HE . -14.14 29.08 -10.62
CHC CLA HE . -18.12 26.40 -10.01
CHD CLA HE . -20.09 29.89 -7.21
NA CLA HE . -15.39 30.66 -9.18
C1A CLA HE . -15.23 32.02 -8.81
C2A CLA HE . -13.90 32.56 -9.36
C3A CLA HE . -13.30 31.36 -10.13
C4A CLA HE . -14.32 30.26 -9.94
CMA CLA HE . -13.19 31.68 -11.60
CAA CLA HE . -12.94 32.91 -8.22
CBA CLA HE . -11.51 32.45 -8.39
CGA CLA HE . -10.63 33.62 -8.59
O1A CLA HE . -9.73 33.93 -7.78
O2A CLA HE . -10.91 34.30 -9.79
NB CLA HE . -16.23 27.98 -10.00
C1B CLA HE . -15.04 28.01 -10.64
C2B CLA HE . -14.86 26.78 -11.46
C3B CLA HE . -15.97 26.01 -11.30
C4B CLA HE . -16.88 26.77 -10.39
CMB CLA HE . -13.69 26.54 -12.30
CAB CLA HE . -16.28 24.76 -11.94
CBB CLA HE . -16.62 23.60 -11.37
NC CLA HE . -18.75 28.32 -8.58
C1C CLA HE . -19.00 27.12 -9.15
C2C CLA HE . -20.35 26.67 -8.84
C3C CLA HE . -20.91 27.67 -8.05
C4C CLA HE . -19.89 28.69 -7.88
CMC CLA HE . -20.98 25.45 -9.31
CAC CLA HE . -22.24 27.68 -7.47
CBC CLA HE . -23.22 28.47 -8.29
ND CLA HE . -17.95 30.88 -7.84
C1D CLA HE . -19.21 30.94 -7.20
C2D CLA HE . -19.40 32.26 -6.59
C3D CLA HE . -18.29 32.99 -6.93
C4D CLA HE . -17.41 32.09 -7.70
CMD CLA HE . -20.59 32.67 -5.84
CAD CLA HE . -17.63 34.27 -6.80
OBD CLA HE . -17.96 35.30 -6.22
CBD CLA HE . -16.29 34.13 -7.56
CGD CLA HE . -16.15 35.16 -8.64
O1D CLA HE . -15.46 36.19 -8.62
O2D CLA HE . -16.85 34.90 -9.77
CED CLA HE . -16.20 35.12 -11.01
C1 CLA HE . -11.22 35.73 -9.91
C2 CLA HE . -10.00 36.48 -9.55
C3 CLA HE . -8.92 36.73 -10.31
C4 CLA HE . -8.84 36.32 -11.73
C5 CLA HE . -7.72 37.43 -9.74
C6 CLA HE . -7.74 37.49 -8.22
C7 CLA HE . -6.41 37.89 -7.61
C10 WVN IE . -0.01 27.06 4.44
C11 WVN IE . 6.73 7.45 -4.92
C12 WVN IE . 1.20 27.46 5.33
C13 WVN IE . 0.85 24.78 4.89
C14 WVN IE . 1.28 26.56 6.56
C01 WVN IE . 6.02 6.00 -6.83
C02 WVN IE . 6.94 7.15 -6.41
C03 WVN IE . 6.29 5.63 -8.28
C04 WVN IE . 7.75 5.30 -8.60
C05 WVN IE . 8.42 6.88 -6.78
C06 WVN IE . -0.34 25.56 4.33
C07 WVN IE . 6.09 4.80 -5.88
C08 WVN IE . 4.58 6.50 -6.80
C09 WVN IE . 8.74 6.19 -7.86
C15 WVN IE . 1.18 25.07 6.13
C16 WVN IE . 9.52 7.82 -6.30
C17 WVN IE . -0.60 25.18 2.89
C18 WVN IE . -1.67 25.16 4.95
C19 WVN IE . 6.52 8.69 -4.60
C20 WVN IE . 1.93 24.35 3.88
C21 WVN IE . 1.26 23.96 7.17
C22 WVN IE . 6.29 9.19 -3.19
C23 WVN IE . 2.44 23.17 3.86
C24 WVN IE . 5.39 8.40 -2.25
C25 WVN IE . 3.48 22.88 2.82
C26 WVN IE . 6.91 10.29 -2.84
C27 WVN IE . 4.19 24.01 2.14
C28 WVN IE . 3.69 21.63 2.55
C29 WVN IE . 6.71 10.91 -1.48
C30 WVN IE . 4.71 21.08 1.58
C31 WVN IE . 6.38 12.16 -1.63
C32 WVN IE . 5.98 13.22 -0.63
C33 WVN IE . 4.93 19.82 1.80
C34 WVN IE . 5.88 19.00 0.98
C35 WVN IE . 5.27 12.85 0.66
C36 WVN IE . 6.26 14.47 -0.94
C37 WVN IE . 5.71 17.70 1.00
C38 WVN IE . 7.05 19.71 0.30
C39 WVN IE . 5.83 15.65 -0.10
C40 WVN IE . 6.52 16.71 0.21
C10 WVN JE . -11.21 26.36 -6.35
C11 WVN JE . 6.36 24.44 -12.90
C12 WVN JE . -11.91 27.70 -6.30
C13 WVN JE . -10.75 26.88 -8.78
C14 WVN JE . -11.10 28.71 -7.09
C01 WVN JE . 8.35 25.30 -11.52
C02 WVN JE . 7.38 24.12 -11.78
C03 WVN JE . 9.76 24.84 -11.16
C04 WVN JE . 10.29 23.93 -12.26
C05 WVN JE . 8.09 22.79 -12.04
C06 WVN JE . -11.25 25.83 -7.78
C07 WVN JE . 8.48 26.29 -12.67
C08 WVN JE . 7.83 26.07 -10.31
C09 WVN JE . 9.33 22.77 -12.48
C15 WVN JE . -10.66 28.18 -8.46
C16 WVN JE . 7.59 21.50 -11.40
C17 WVN JE . -12.68 25.46 -8.15
C18 WVN JE . -10.39 24.58 -7.74
C19 WVN JE . 6.19 23.62 -13.90
C20 WVN JE . -9.71 26.43 -9.81
C21 WVN JE . -9.89 29.19 -9.31
C22 WVN JE . 5.20 23.90 -15.01
C23 WVN JE . -9.85 25.96 -11.04
C24 WVN JE . 5.70 24.02 -16.44
C25 WVN JE . -8.50 25.70 -11.71
C26 WVN JE . 3.92 24.02 -14.71
C27 WVN JE . -7.24 26.34 -11.07
C28 WVN JE . -8.43 24.97 -12.80
C29 WVN JE . 2.86 24.30 -15.76
C30 WVN JE . -7.01 24.81 -13.37
C31 WVN JE . 1.76 23.62 -15.64
C32 WVN JE . 0.53 23.68 -16.51
C33 WVN JE . -6.57 24.62 -14.59
C34 WVN JE . -5.04 24.59 -14.64
C35 WVN JE . 0.55 23.42 -18.02
C36 WVN JE . -0.59 23.93 -15.89
C37 WVN JE . -4.39 24.01 -15.62
C38 WVN JE . -4.28 25.34 -13.54
C39 WVN JE . -1.97 23.98 -16.52
C40 WVN JE . -2.86 24.02 -15.56
C1 LMG KE . 15.93 35.29 -14.96
O1 LMG KE . 14.88 35.90 -14.21
C2 LMG KE . 15.45 34.10 -15.77
O2 LMG KE . 14.95 33.07 -14.92
C3 LMG KE . 16.63 33.56 -16.58
O3 LMG KE . 16.19 32.51 -17.44
C4 LMG KE . 17.31 34.64 -17.44
O4 LMG KE . 16.44 35.02 -18.50
C5 LMG KE . 17.63 35.86 -16.58
O5 LMG KE . 19.41 36.84 -17.89
C6 LMG KE . 18.09 37.06 -17.40
O6 LMG KE . 16.45 36.27 -15.87
C7 LMG KE . 15.45 37.06 -13.59
C8 LMG KE . 14.45 38.21 -13.53
C9 LMG KE . 13.84 38.51 -14.88
O7 LMG KE . 13.38 38.04 -12.62
C10 LMG KE . 13.46 39.08 -11.59
O9 LMG KE . 14.42 39.81 -11.50
C11 LMG KE . 12.33 39.28 -10.64
C12 LMG KE . 12.20 40.75 -10.28
C13 LMG KE . 10.82 41.24 -10.67
C14 LMG KE . 10.13 41.88 -9.47
C15 LMG KE . 9.93 40.93 -8.30
C16 LMG KE . 8.93 41.40 -7.25
C17 LMG KE . 9.22 42.82 -6.78
C18 LMG KE . 7.96 43.64 -6.61
C19 LMG KE . 7.09 43.18 -5.44
C20 LMG KE . 6.11 44.29 -5.07
C21 LMG KE . 5.13 43.88 -3.98
C22 LMG KE . 5.79 43.15 -2.81
C23 LMG KE . 4.76 42.61 -1.80
C24 LMG KE . 3.88 41.52 -2.41
C25 LMG KE . 4.71 40.37 -2.98
C26 LMG KE . 4.05 39.74 -4.19
C27 LMG KE . 4.30 40.50 -5.48
O8 LMG KE . 12.51 38.92 -14.62
C28 LMG KE . 12.07 40.29 -14.84
O10 LMG KE . 12.89 41.14 -15.10
C29 LMG KE . 10.60 40.62 -14.75
C30 LMG KE . 10.35 42.06 -14.32
C31 LMG KE . 8.88 42.35 -14.51
C32 LMG KE . 8.40 43.50 -13.63
C33 LMG KE . 6.90 43.73 -13.78
C34 LMG KE . 6.47 44.76 -12.73
C35 LMG KE . 5.04 44.50 -12.24
C36 LMG KE . 4.80 45.28 -10.95
C37 LMG KE . 5.67 44.75 -9.80
C38 LMG KE . 5.34 43.31 -9.41
C10 WVN LE . -11.07 -33.82 3.32
C11 WVN LE . -23.70 -28.11 -12.67
C12 WVN LE . -10.63 -33.88 1.87
C13 WVN LE . -12.05 -36.09 2.68
C14 WVN LE . -10.00 -35.24 1.59
C01 WVN LE . -25.53 -26.61 -13.60
C02 WVN LE . -24.76 -27.94 -13.77
C03 WVN LE . -26.88 -26.68 -14.31
C04 WVN LE . -27.76 -27.81 -13.75
C05 WVN LE . -25.68 -29.18 -13.91
C06 WVN LE . -12.06 -34.93 3.69
C07 WVN LE . -25.72 -26.14 -12.17
C08 WVN LE . -24.72 -25.52 -14.29
C09 WVN LE . -26.97 -29.12 -13.63
C15 WVN LE . -10.88 -36.37 2.12
C16 WVN LE . -25.23 -30.37 -14.74
C17 WVN LE . -13.46 -34.34 3.89
C18 WVN LE . -11.58 -35.43 5.05
C19 WVN LE . -22.57 -28.70 -12.96
C20 WVN LE . -13.34 -36.42 1.92
C21 WVN LE . -10.45 -37.79 1.76
C22 WVN LE . -21.47 -28.89 -11.94
C23 WVN LE . -13.39 -36.07 0.65
C24 WVN LE . -20.28 -27.93 -12.00
C25 WVN LE . -14.58 -36.33 -0.24
C26 WVN LE . -21.54 -29.82 -11.02
C27 WVN LE . -15.71 -37.26 0.18
C28 WVN LE . -14.55 -35.74 -1.40
C29 WVN LE . -20.42 -29.97 -9.99
C30 WVN LE . -15.66 -35.86 -2.43
C31 WVN LE . -19.76 -31.10 -9.90
C32 WVN LE . -18.64 -31.32 -8.90
C33 WVN LE . -15.66 -34.90 -3.31
C34 WVN LE . -16.72 -34.82 -4.39
C35 WVN LE . -17.35 -30.53 -8.97
C36 WVN LE . -18.83 -32.22 -7.95
C37 WVN LE . -16.57 -33.97 -5.39
C38 WVN LE . -17.96 -35.68 -4.23
C39 WVN LE . -17.80 -32.56 -6.90
C40 WVN LE . -17.62 -33.79 -6.47
C10 WVN ME . 0.24 18.55 8.08
C11 WVN ME . 15.12 5.42 20.61
C12 WVN ME . 0.01 20.04 8.26
C13 WVN ME . 1.53 18.61 10.20
C14 WVN ME . -0.16 20.38 9.74
C01 WVN ME . 17.06 3.76 20.62
C02 WVN ME . 16.63 5.24 20.48
C03 WVN ME . 18.51 3.54 21.06
C04 WVN ME . 19.42 4.75 20.86
C05 WVN ME . 17.44 6.14 21.44
C06 WVN ME . 1.57 18.20 8.72
C07 WVN ME . 16.19 2.96 21.59
C08 WVN ME . 16.93 3.11 19.25
C09 WVN ME . 18.74 5.93 21.54
C15 WVN ME . 0.63 19.47 10.67
C16 WVN ME . 16.94 7.54 21.81
C17 WVN ME . 2.69 18.84 7.91
C18 WVN ME . 1.70 16.69 8.62
C19 WVN ME . 14.53 6.03 19.61
C20 WVN ME . 2.45 17.90 11.21
C21 WVN ME . 0.53 19.80 12.17
C22 WVN ME . 13.06 6.32 19.52
C23 WVN ME . 3.72 18.17 11.25
C24 WVN ME . 12.04 5.49 20.28
C25 WVN ME . 4.76 17.57 12.15
C26 WVN ME . 12.71 7.35 18.79
C27 WVN ME . 5.82 18.56 12.53
C28 WVN ME . 4.82 16.31 12.54
C29 WVN ME . 11.28 7.77 18.56
C30 WVN ME . 6.01 15.83 13.39
C31 WVN ME . 11.14 8.70 17.66
C32 WVN ME . 9.85 9.30 17.16
C33 WVN ME . 5.98 14.73 14.12
C34 WVN ME . 7.23 14.28 14.86
C35 WVN ME . 8.60 8.43 17.07
C36 WVN ME . 9.83 10.57 16.80
C37 WVN ME . 7.26 13.07 15.37
C38 WVN ME . 8.45 15.19 14.97
C39 WVN ME . 8.59 11.22 16.20
C40 WVN ME . 8.51 12.53 16.05
C10 WVN NE . -8.33 16.36 -3.46
C11 WVN NE . -1.88 33.71 11.54
C12 WVN NE . -7.63 16.85 -4.71
C13 WVN NE . -7.89 18.64 -2.35
C14 WVN NE . -6.64 17.96 -4.41
C01 WVN NE . -0.71 35.70 12.61
C02 WVN NE . -2.07 34.96 12.44
C03 WVN NE . -0.64 36.75 13.72
C04 WVN NE . -1.87 36.91 14.59
C05 WVN NE . -2.67 34.71 13.84
C06 WVN NE . -8.88 17.48 -2.59
C07 WVN NE . 0.45 34.73 12.82
C08 WVN NE . -0.41 36.52 11.36
C09 WVN NE . -2.42 35.53 14.85
C15 WVN NE . -6.83 18.79 -3.14
C16 WVN NE . -4.13 34.31 13.94
C17 WVN NE . -9.27 16.75 -1.31
C18 WVN NE . -10.15 18.05 -3.21
C19 WVN NE . -2.18 33.73 10.24
C20 WVN NE . -8.28 19.72 -1.31
C21 WVN NE . -5.86 19.98 -3.04
C22 WVN NE . -2.00 32.64 9.20
C23 WVN NE . -7.83 19.76 -0.07
C24 WVN NE . -0.82 32.75 8.22
C25 WVN NE . -8.29 20.83 0.90
C26 WVN NE . -2.83 31.63 9.20
C27 WVN NE . -9.78 21.12 1.03
C28 WVN NE . -7.40 21.46 1.63
C29 WVN NE . -2.83 30.48 8.22
C30 WVN NE . -7.76 22.54 2.64
C31 WVN NE . -3.91 29.73 8.17
C32 WVN NE . -3.95 28.59 7.18
C33 WVN NE . -6.79 22.95 3.41
C34 WVN NE . -6.90 24.01 4.49
C35 WVN NE . -2.80 28.53 6.21
C36 WVN NE . -4.93 27.70 7.12
C37 WVN NE . -5.90 24.85 4.68
C38 WVN NE . -8.17 24.12 5.34
C39 WVN NE . -4.88 26.60 6.06
C40 WVN NE . -5.95 25.92 5.75
MG CLA OE . 11.82 26.23 20.54
CHA CLA OE . 11.40 28.14 23.42
CHB CLA OE . 11.62 29.09 18.69
CHC CLA OE . 13.10 24.56 17.83
CHD CLA OE . 12.88 23.56 22.62
NA CLA OE . 11.53 28.25 20.99
C1A CLA OE . 11.36 28.85 22.25
C2A CLA OE . 11.18 30.36 22.12
C3A CLA OE . 11.05 30.58 20.60
C4A CLA OE . 11.44 29.22 20.04
CMA CLA OE . 9.68 31.01 20.16
CAA CLA OE . 12.45 31.10 22.53
CBA CLA OE . 12.17 31.95 23.75
NB CLA OE . 12.31 26.74 18.66
C1B CLA OE . 12.00 27.91 18.05
C2B CLA OE . 12.17 27.82 16.59
C3B CLA OE . 12.60 26.54 16.34
C4B CLA OE . 12.69 25.83 17.65
CMB CLA OE . 11.90 29.00 15.77
CAB CLA OE . 12.94 25.81 15.15
CBB CLA OE . 12.97 26.19 13.89
NC CLA OE . 12.73 24.36 20.27
C1C CLA OE . 13.12 23.85 19.07
C2C CLA OE . 13.64 22.50 19.23
C3C CLA OE . 13.65 22.25 20.60
C4C CLA OE . 13.06 23.42 21.24
CMC CLA OE . 14.12 21.63 18.17
CAC CLA OE . 14.07 21.01 21.26
CBC CLA OE . 12.94 20.10 21.67
ND CLA OE . 12.00 25.85 22.52
C1D CLA OE . 12.40 24.69 23.22
C2D CLA OE . 12.21 24.92 24.66
C3D CLA OE . 11.76 26.20 24.80
C4D CLA OE . 11.71 26.75 23.43
CMD CLA OE . 12.50 23.92 25.68
CAD CLA OE . 11.39 27.26 25.72
OBD CLA OE . 11.28 27.24 26.94
CBD CLA OE . 11.18 28.54 24.87
CGD CLA OE . 9.82 29.11 25.08
O1D CLA OE . 8.80 28.88 24.44
O2D CLA OE . 9.77 30.01 26.10
CED CLA OE . 8.68 29.90 27.03
C03 II0 PE . 8.46 22.29 24.01
C04 II0 PE . 21.60 9.87 9.81
C05 II0 PE . 7.54 22.21 25.36
C06 II0 PE . 22.93 9.56 8.88
C07 II0 PE . 6.32 22.74 25.15
C08 II0 PE . 24.07 9.84 9.58
C09 II0 PE . 7.68 21.96 22.78
C10 II0 PE . 21.67 9.10 11.03
C11 II0 PE . 5.40 21.84 24.05
C12 II0 PE . 24.29 8.91 10.94
C13 II0 PE . 6.18 21.47 22.91
C14 II0 PE . 23.05 8.47 11.56
C15 II0 PE . 8.96 23.77 23.87
C16 II0 PE . 9.69 21.32 24.16
C17 II0 PE . 21.54 11.37 10.19
C18 II0 PE . 20.31 9.49 9.01
C19 II0 PE . 5.54 20.80 21.72
C20 II0 PE . 23.10 7.96 13.01
C21 II0 PE . 8.43 21.45 21.52
C22 II0 PE . 20.41 9.02 11.92
C23 II0 PE . 9.03 21.03 20.59
C24 II0 PE . 19.43 9.04 12.58
C25 II0 PE . 9.86 20.47 19.41
C26 II0 PE . 18.21 9.18 13.51
C27 II0 PE . 10.30 21.40 18.29
C28 II0 PE . 17.56 7.98 14.17
C29 II0 PE . 10.24 19.15 19.46
C30 II0 PE . 17.82 10.44 13.63
C31 II0 PE . 11.10 18.49 18.33
C32 II0 PE . 16.62 10.96 14.47
C33 II0 PE . 10.71 17.36 17.73
C34 II0 PE . 15.38 10.89 14.03
C35 II0 PE . 11.64 16.80 16.66
C36 II0 PE . 14.39 11.51 15.01
C37 II0 PE . 12.10 17.67 15.52
C38 II0 PE . 13.75 10.69 16.13
C39 II0 PE . 12.05 15.53 16.79
C40 II0 PE . 14.15 12.82 14.88
C41 II0 PE . 13.02 14.88 15.76
C42 II0 PE . 13.19 13.53 15.86
O01 II0 PE . 5.60 22.64 26.34
O02 II0 PE . 25.19 9.68 8.71
MG CLA QE . -1.09 41.56 9.52
CHA CLA QE . -3.28 40.28 11.93
CHB CLA QE . -0.53 44.26 11.45
CHC CLA QE . 0.60 42.98 6.91
CHD CLA QE . -1.84 38.76 7.47
NA CLA QE . -1.80 42.14 11.40
C1A CLA QE . -2.69 41.49 12.29
C2A CLA QE . -2.84 42.33 13.56
C3A CLA QE . -1.58 43.20 13.48
C4A CLA QE . -1.29 43.25 11.99
CMA CLA QE . -1.61 44.48 14.27
CAA CLA QE . -2.76 41.64 14.91
CBA CLA QE . -4.05 41.93 15.62
CGA CLA QE . -4.09 41.37 17.02
O1A CLA QE . -3.52 40.36 17.43
O2A CLA QE . -4.75 42.15 17.94
NB CLA QE . -0.21 43.35 9.22
C1B CLA QE . -0.10 44.34 10.12
C2B CLA QE . 0.64 45.48 9.53
C3B CLA QE . 0.96 45.12 8.25
C4B CLA QE . 0.45 43.74 8.03
CMB CLA QE . 0.96 46.70 10.25
CAB CLA QE . 1.72 45.81 7.26
CBB CLA QE . 3.06 45.76 7.17
NC CLA QE . -0.66 40.93 7.58
C1C CLA QE . 0.12 41.65 6.71
C2C CLA QE . 0.31 40.91 5.48
C3C CLA QE . -0.44 39.73 5.60
C4C CLA QE . -1.01 39.75 6.94
CMC CLA QE . 1.10 41.39 4.35
CAC CLA QE . -0.55 38.63 4.62
CBC CLA QE . 0.46 37.53 4.90
ND CLA QE . -2.18 39.88 9.64
C1D CLA QE . -2.40 38.82 8.73
C2D CLA QE . -3.32 37.86 9.34
C3D CLA QE . -3.69 38.35 10.55
C4D CLA QE . -2.96 39.63 10.70
CMD CLA QE . -3.78 36.63 8.76
CAD CLA QE . -4.47 38.11 11.73
OBD CLA QE . -5.18 37.17 12.05
CBD CLA QE . -4.27 39.35 12.61
CGD CLA QE . -5.56 40.06 12.90
O1D CLA QE . -6.03 41.01 12.28
O2D CLA QE . -6.23 39.54 13.97
CED CLA QE . -7.41 40.21 14.40
C1 CLA QE . -5.81 43.03 17.54
C2 CLA QE . -5.55 44.31 18.25
C3 CLA QE . -5.36 45.47 17.59
C4 CLA QE . -5.37 45.57 16.11
C5 CLA QE . -5.11 46.74 18.34
C6 CLA QE . -4.62 46.54 19.76
C1 LMG RE . 30.82 22.01 3.17
O1 LMG RE . 30.39 23.31 3.56
C2 LMG RE . 30.12 21.62 1.86
O2 LMG RE . 28.71 21.49 2.09
C3 LMG RE . 30.66 20.29 1.34
O3 LMG RE . 30.08 19.95 0.09
C4 LMG RE . 32.18 20.33 1.23
O4 LMG RE . 32.51 21.35 0.28
C5 LMG RE . 32.76 20.71 2.59
O5 LMG RE . 34.60 20.63 4.00
C6 LMG RE . 34.28 20.73 2.62
O6 LMG RE . 32.25 21.99 2.98
C7 LMG RE . 30.99 23.68 4.78
C8 LMG RE . 29.89 24.10 5.73
C9 LMG RE . 29.41 25.46 5.33
O7 LMG RE . 28.77 23.27 5.49
C10 LMG RE . 28.40 22.44 6.61
O9 LMG RE . 28.84 22.67 7.71
C11 LMG RE . 27.47 21.28 6.37
C12 LMG RE . 26.51 21.15 7.55
C13 LMG RE . 25.54 22.30 7.76
C14 LMG RE . 24.80 22.15 9.11
C15 LMG RE . 23.98 20.87 9.25
C16 LMG RE . 24.51 19.98 10.37
C17 LMG RE . 24.28 20.62 11.74
C18 LMG RE . 24.66 19.67 12.87
C19 LMG RE . 23.92 18.36 12.73
C20 LMG RE . 24.26 17.31 13.78
C21 LMG RE . 22.97 16.63 14.18
C22 LMG RE . 22.21 17.41 15.25
C23 LMG RE . 21.78 16.44 16.36
C24 LMG RE . 23.01 15.79 16.99
C25 LMG RE . 22.68 14.93 18.19
C26 LMG RE . 23.80 13.92 18.43
C27 LMG RE . 25.11 14.62 18.76
O8 LMG RE . 28.43 25.81 6.30
C28 LMG RE . 27.21 26.42 5.83
O10 LMG RE . 27.15 26.77 4.66
C29 LMG RE . 26.06 26.61 6.79
C30 LMG RE . 25.84 28.07 7.20
C31 LMG RE . 27.10 28.93 7.07
C32 LMG RE . 27.08 30.18 7.94
C33 LMG RE . 25.85 30.99 7.61
C34 LMG RE . 25.40 31.74 8.86
C35 LMG RE . 24.17 32.60 8.63
C36 LMG RE . 22.92 31.79 8.32
C37 LMG RE . 22.68 30.72 9.38
C38 LMG RE . 21.35 30.01 9.21
C39 LMG RE . 20.24 30.93 9.73
C40 LMG RE . 19.13 30.07 10.30
C41 LMG RE . 17.91 30.92 10.58
C42 LMG RE . 16.74 30.01 10.91
C43 LMG RE . 15.45 30.82 10.99
C44 LMG RE . 15.18 31.33 12.40
C45 LMG RE . 15.41 30.30 13.49
O1 LHG SE . -5.24 39.15 6.62
C1 LHG SE . -6.61 39.53 6.71
C2 LHG SE . -6.98 40.02 8.11
O2 LHG SE . -8.08 40.92 8.05
C3 LHG SE . -5.78 40.70 8.75
O3 LHG SE . -4.97 41.20 7.69
P LHG SE . -4.19 42.59 7.72
O4 LHG SE . -2.84 42.29 8.36
O5 LHG SE . -5.10 43.63 8.30
O6 LHG SE . -4.08 42.80 6.13
C4 LHG SE . -3.23 41.93 5.39
C5 LHG SE . -3.67 41.58 3.97
C6 LHG SE . -2.85 42.39 2.97
O7 LHG SE . -3.32 40.24 3.68
C7 LHG SE . -4.41 39.50 3.06
O9 LHG SE . -5.52 39.98 2.98
C8 LHG SE . -4.14 38.12 2.58
C9 LHG SE . -3.84 38.14 1.10
C10 LHG SE . -3.20 36.83 0.67
O8 LHG SE . -2.83 41.79 1.68
C23 LHG SE . -1.75 42.05 0.77
O10 LHG SE . -0.61 42.22 1.21
C24 LHG SE . -2.06 42.16 -0.70
C11 LHG SE . -2.08 36.42 1.62
C12 LHG SE . -0.92 35.99 0.79
C13 LHG SE . -1.17 34.67 0.07
C14 LHG SE . -0.02 34.35 -0.87
C15 LHG SE . 1.34 34.69 -0.26
C16 LHG SE . 2.50 34.27 -1.12
C17 LHG SE . 2.37 34.66 -2.59
C18 LHG SE . 2.94 36.01 -3.00
C19 LHG SE . 1.91 37.12 -2.86
C20 LHG SE . 0.61 36.76 -3.57
C21 LHG SE . -0.45 37.83 -3.31
C22 LHG SE . -1.46 37.85 -4.44
C25 LHG SE . -1.18 43.19 -1.38
C26 LHG SE . -0.41 42.59 -2.55
C27 LHG SE . 0.26 43.67 -3.38
C28 LHG SE . -0.65 44.16 -4.50
C29 LHG SE . -0.02 45.30 -5.31
C30 LHG SE . -0.24 46.67 -4.65
C31 LHG SE . -1.69 47.16 -4.64
C32 LHG SE . -2.19 47.71 -3.31
C33 LHG SE . -1.94 46.73 -2.18
C34 LHG SE . -2.54 47.14 -0.85
C35 LHG SE . -4.02 46.78 -0.74
C36 LHG SE . -4.29 46.19 0.64
C37 LHG SE . -4.60 47.26 1.67
C38 LHG SE . -5.28 46.66 2.88
C10 WVN TE . -6.48 -49.81 -3.46
C11 WVN TE . -11.42 -31.24 -15.90
C12 WVN TE . -5.24 -50.62 -3.17
C13 WVN TE . -5.10 -48.78 -5.36
C14 WVN TE . -4.62 -51.08 -4.48
C01 WVN TE . -12.77 -30.08 -17.68
C02 WVN TE . -11.36 -30.42 -17.18
C03 WVN TE . -12.71 -29.77 -19.18
C04 WVN TE . -12.19 -30.99 -19.95
C05 WVN TE . -10.42 -30.99 -18.27
C06 WVN TE . -6.25 -48.61 -4.36
C07 WVN TE . -13.89 -31.07 -17.34
C08 WVN TE . -13.04 -28.82 -16.89
C09 WVN TE . -10.95 -31.60 -19.30
C15 WVN TE . -4.40 -49.92 -5.44
C16 WVN TE . -8.98 -30.49 -18.43
C17 WVN TE . -6.07 -47.34 -3.52
C18 WVN TE . -7.57 -48.43 -5.10
C19 WVN TE . -10.65 -32.29 -15.75
C20 WVN TE . -5.24 -47.95 -6.63
C21 WVN TE . -3.16 -50.05 -6.32
C22 WVN TE . -10.67 -33.07 -14.46
C23 WVN TE . -4.59 -46.85 -6.89
C24 WVN TE . -10.95 -32.32 -13.16
C25 WVN TE . -4.87 -46.20 -8.23
C26 WVN TE . -10.39 -34.34 -14.48
C27 WVN TE . -4.43 -46.87 -9.52
C28 WVN TE . -5.44 -45.04 -8.22
C29 WVN TE . -10.29 -35.15 -13.20
C30 WVN TE . -5.76 -44.30 -9.51
C31 WVN TE . -9.51 -36.20 -13.32
C32 WVN TE . -9.16 -37.13 -12.18
C33 WVN TE . -6.51 -43.26 -9.36
C34 WVN TE . -6.88 -42.43 -10.57
C35 WVN TE . -9.21 -36.64 -10.74
C36 WVN TE . -8.79 -38.36 -12.42
C37 WVN TE . -7.46 -41.29 -10.35
C38 WVN TE . -6.58 -42.93 -11.97
C39 WVN TE . -8.42 -39.28 -11.27
C40 WVN TE . -7.84 -40.41 -11.52
MG CLA UE . -1.13 -62.95 3.15
CHA CLA UE . -0.95 -66.21 2.00
CHB CLA UE . -4.53 -63.22 3.31
CHC CLA UE . -1.20 -60.19 5.11
CHD CLA UE . 2.42 -62.99 3.49
NA CLA UE . -2.50 -64.46 2.67
C1A CLA UE . -2.23 -65.75 2.20
C2A CLA UE . -3.53 -66.50 1.94
C3A CLA UE . -4.62 -65.40 2.06
C4A CLA UE . -3.85 -64.27 2.74
CMA CLA UE . -5.22 -65.01 0.75
CAA CLA UE . -3.77 -67.67 2.88
CBA CLA UE . -4.63 -67.38 4.09
CGA CLA UE . -3.72 -67.35 5.27
O1A CLA UE . -2.94 -66.46 5.61
O2A CLA UE . -3.86 -68.47 6.02
NB CLA UE . -2.60 -61.91 4.05
C1B CLA UE . -3.92 -62.16 3.97
C2B CLA UE . -4.68 -61.12 4.70
C3B CLA UE . -3.78 -60.24 5.23
C4B CLA UE . -2.42 -60.73 4.82
CMB CLA UE . -6.14 -61.17 4.76
CAB CLA UE . -4.08 -59.06 6.02
CBB CLA UE . -3.36 -58.36 6.90
NC CLA UE . 0.35 -61.76 4.03
C1C CLA UE . 0.08 -60.63 4.71
C2C CLA UE . 1.29 -59.95 5.12
C3C CLA UE . 2.34 -60.80 4.75
C4C CLA UE . 1.73 -61.91 4.04
CMC CLA UE . 1.33 -58.69 5.86
CAC CLA UE . 3.78 -60.57 4.91
CBC CLA UE . 4.41 -61.40 6.02
ND CLA UE . 0.41 -64.19 2.78
C1D CLA UE . 1.82 -64.08 2.92
C2D CLA UE . 2.48 -65.26 2.38
C3D CLA UE . 1.47 -66.10 2.00
C4D CLA UE . 0.20 -65.41 2.30
CMD CLA UE . 3.92 -65.47 2.31
CAD CLA UE . 1.15 -67.37 1.40
OBD CLA UE . 1.91 -68.21 0.93
CBD CLA UE . -0.39 -67.52 1.47
CGD CLA UE . -0.96 -67.87 0.13
O1D CLA UE . -1.36 -68.97 -0.25
O2D CLA UE . -1.05 -66.82 -0.71
CED CLA UE . -2.18 -66.79 -1.58
C1 CLA UE . -3.30 -68.44 7.35
C2 CLA UE . -4.42 -68.06 8.25
C3 CLA UE . -4.27 -67.95 9.58
C4 CLA UE . -5.43 -67.56 10.41
MG CLA VE . -2.83 -50.69 1.55
CHA CLA VE . -0.87 -53.54 1.59
CHB CLA VE . -2.98 -50.82 4.95
CHC CLA VE . -3.81 -47.39 1.67
CHD CLA VE . -1.94 -50.27 -1.82
NA CLA VE . -2.05 -51.97 3.01
C1A CLA VE . -1.25 -53.11 2.82
C2A CLA VE . -0.90 -53.77 4.16
C3A CLA VE . -1.79 -53.00 5.15
C4A CLA VE . -2.30 -51.82 4.33
CMA CLA VE . -2.92 -53.83 5.68
CAA CLA VE . 0.58 -53.64 4.56
CBA CLA VE . 1.34 -52.43 4.04
CGA CLA VE . 2.75 -52.40 4.59
O1A CLA VE . 3.45 -53.37 4.88
O2A CLA VE . 3.28 -51.16 4.75
NB CLA VE . -3.30 -49.38 3.01
C1B CLA VE . -3.46 -49.69 4.31
C2B CLA VE . -4.17 -48.62 5.04
C3B CLA VE . -4.41 -47.64 4.12
C4B CLA VE . -3.85 -48.10 2.82
CMB CLA VE . -4.43 -48.65 6.47
CAB CLA VE . -5.04 -46.37 4.27
CBB CLA VE . -6.25 -46.10 4.77
NC CLA VE . -2.89 -49.13 0.17
C1C CLA VE . -3.34 -47.87 0.43
C2C CLA VE . -3.25 -47.05 -0.77
C3C CLA VE . -2.68 -47.85 -1.76
C4C CLA VE . -2.49 -49.16 -1.17
CMC CLA VE . -3.63 -45.64 -0.84
CAC CLA VE . -2.38 -47.46 -3.15
CBC CLA VE . -0.92 -47.34 -3.49
ND CLA VE . -1.67 -51.60 0.17
C1D CLA VE . -1.54 -51.42 -1.22
C2D CLA VE . -0.91 -52.59 -1.84
C3D CLA VE . -0.65 -53.45 -0.80
C4D CLA VE . -1.12 -52.77 0.41
CMD CLA VE . -0.62 -52.73 -3.27
CAD CLA VE . -0.07 -54.70 -0.39
OBD CLA VE . 0.50 -55.55 -1.07
CBD CLA VE . -0.27 -54.83 1.13
CGD CLA VE . -1.29 -55.86 1.41
O1D CLA VE . -2.49 -55.75 1.14
O2D CLA VE . -0.87 -57.00 2.01
CED CLA VE . -1.88 -57.91 2.45
C1 CLA VE . 4.50 -50.83 4.04
C2 CLA VE . 4.73 -49.40 4.34
C3 CLA VE . 5.54 -48.56 3.68
C4 CLA VE . 6.38 -48.94 2.53
C5 CLA VE . 5.62 -47.14 4.15
C6 CLA VE . 6.92 -46.82 4.84
C7 CLA VE . 6.88 -46.93 6.36
C8 CLA VE . 8.16 -46.58 7.12
C9 CLA VE . 9.40 -46.70 6.28
C10 CLA VE . 8.34 -47.41 8.40
C11 CLA VE . 9.51 -46.95 9.25
C12 CLA VE . 9.77 -47.86 10.44
C13 CLA VE . 10.84 -47.44 11.46
C14 CLA VE . 11.60 -46.16 11.14
C15 CLA VE . 11.87 -48.53 11.85
C16 CLA VE . 12.02 -49.76 10.95
C17 CLA VE . 12.94 -50.78 11.60
C18 CLA VE . 13.38 -51.99 10.78
C19 CLA VE . 12.34 -52.51 9.82
C20 CLA VE . 14.75 -51.88 10.12
MG CLA WE . -10.61 -50.90 12.18
CHA CLA WE . -11.67 -53.88 13.58
CHB CLA WE . -13.15 -49.30 13.78
CHC CLA WE . -9.05 -47.90 11.57
CHD CLA WE . -7.64 -52.57 11.18
NA CLA WE . -12.15 -51.52 13.46
C1A CLA WE . -12.43 -52.81 13.93
C2A CLA WE . -13.67 -52.85 14.81
C3A CLA WE . -14.26 -51.46 14.58
C4A CLA WE . -13.12 -50.68 13.92
CMA CLA WE . -15.40 -51.72 13.65
CAA CLA WE . -13.47 -53.29 16.28
CBA CLA WE . -13.34 -52.29 17.39
CGA CLA WE . -11.96 -52.46 17.94
O1A CLA WE . -10.91 -52.26 17.34
O2A CLA WE . -11.89 -52.99 19.20
NB CLA WE . -11.03 -48.98 12.58
C1B CLA WE . -12.14 -48.53 13.20
C2B CLA WE . -12.14 -47.04 13.18
C3B CLA WE . -10.99 -46.62 12.55
C4B CLA WE . -10.27 -47.86 12.17
CMB CLA WE . -13.21 -46.28 13.79
CAB CLA WE . -10.43 -45.33 12.25
CBB CLA WE . -11.04 -44.18 11.90
NC CLA WE . -8.73 -50.36 11.44
C1C CLA WE . -8.34 -49.08 11.20
C2C CLA WE . -7.01 -49.07 10.63
C3C CLA WE . -6.56 -50.38 10.59
C4C CLA WE . -7.66 -51.19 11.09
CMC CLA WE . -6.28 -47.88 10.25
CAC CLA WE . -5.26 -50.86 10.08
CBC CLA WE . -5.29 -51.47 8.72
ND CLA WE . -9.79 -52.74 12.31
C1D CLA WE . -8.63 -53.31 11.75
C2D CLA WE . -8.71 -54.77 11.92
C3D CLA WE . -9.86 -55.05 12.56
C4D CLA WE . -10.49 -53.74 12.81
CMD CLA WE . -7.74 -55.75 11.47
CAD CLA WE . -10.67 -56.09 13.13
OBD CLA WE . -10.52 -57.29 13.17
CBD CLA WE . -11.87 -55.37 13.75
CGD CLA WE . -13.07 -55.66 12.95
O1D CLA WE . -13.46 -55.01 11.96
O2D CLA WE . -13.76 -56.76 13.33
CED CLA WE . -14.66 -57.29 12.37
C1 CLA WE . -10.65 -53.65 19.52
C2 CLA WE . -10.07 -53.00 20.72
C3 CLA WE . -9.34 -53.64 21.64
C4 CLA WE . -8.99 -55.08 21.52
C5 CLA WE . -8.81 -52.93 22.82
C10 WVN XE . -17.99 -65.42 1.97
C11 WVN XE . -0.14 -54.01 12.63
C12 WVN XE . -17.44 -66.06 0.69
C13 WVN XE . -15.91 -63.94 1.97
C14 WVN XE . -15.93 -65.93 0.59
C01 WVN XE . 2.12 -53.22 13.40
C02 WVN XE . 0.68 -53.54 13.83
C03 WVN XE . 3.00 -53.01 14.62
C04 WVN XE . 2.98 -54.18 15.62
C05 WVN XE . 0.62 -54.61 14.93
C06 WVN XE . -17.42 -64.04 2.27
C07 WVN XE . 2.15 -51.90 12.63
C08 WVN XE . 2.72 -54.29 12.47
C09 WVN XE . 1.57 -54.72 15.85
C15 WVN XE . -15.47 -64.51 0.87
C16 WVN XE . -0.68 -55.38 15.17
C17 WVN XE . -17.75 -63.69 3.72
C18 WVN XE . -18.18 -63.06 1.37
C19 WVN XE . -1.15 -53.26 12.24
C20 WVN XE . -14.94 -63.64 3.13
C21 WVN XE . -14.89 -63.74 -0.33
C22 WVN XE . -2.02 -53.64 11.05
C23 WVN XE . -13.63 -63.57 3.00
C24 WVN XE . -1.93 -52.75 9.82
C25 WVN XE . -12.70 -63.25 4.17
C26 WVN XE . -2.84 -54.66 11.10
C27 WVN XE . -12.46 -64.30 5.24
C28 WVN XE . -12.11 -62.06 4.27
C29 WVN XE . -3.72 -54.97 9.90
C30 WVN XE . -11.18 -61.70 5.43
C31 WVN XE . -4.54 -55.98 9.97
C32 WVN XE . -5.48 -56.30 8.81
C33 WVN XE . -10.45 -60.61 5.40
C34 WVN XE . -9.51 -60.25 6.55
C35 WVN XE . -5.74 -55.20 7.82
C36 WVN XE . -6.10 -57.45 8.68
C37 WVN XE . -8.69 -59.24 6.43
C38 WVN XE . -9.50 -61.10 7.82
C39 WVN XE . -7.05 -57.73 7.53
C40 WVN XE . -7.73 -58.85 7.55
MG CLA YE . -7.32 -51.40 27.70
CHA CLA YE . -9.64 -48.80 27.39
CHB CLA YE . -9.67 -53.56 26.45
CHC CLA YE . -4.86 -53.72 27.01
CHD CLA YE . -4.80 -48.92 27.95
NA CLA YE . -9.32 -51.20 27.11
C1A CLA YE . -10.11 -50.04 27.04
C2A CLA YE . -11.54 -50.40 26.56
C3A CLA YE . -11.56 -51.93 26.62
C4A CLA YE . -10.08 -52.28 26.73
CMA CLA YE . -12.32 -52.49 27.79
CAA CLA YE . -11.86 -49.93 25.14
CBA CLA YE . -10.66 -49.87 24.20
CGA CLA YE . -10.98 -49.07 22.98
O1A CLA YE . -11.58 -48.00 22.91
O2A CLA YE . -10.48 -49.59 21.82
NB CLA YE . -7.28 -53.24 26.88
C1B CLA YE . -8.34 -53.98 26.52
C2B CLA YE . -7.95 -55.39 26.23
C3B CLA YE . -6.58 -55.45 26.39
C4B CLA YE . -6.14 -54.09 26.81
CMB CLA YE . -8.95 -56.36 25.81
CAB CLA YE . -5.56 -56.47 26.21
CBB CLA YE . -5.67 -57.77 25.97
NC CLA YE . -5.23 -51.35 27.65
C1C CLA YE . -4.42 -52.44 27.44
C2C CLA YE . -3.03 -52.08 27.52
C3C CLA YE . -3.01 -50.70 27.65
C4C CLA YE . -4.39 -50.25 27.74
CMC CLA YE . -1.90 -52.99 27.38
CAC CLA YE . -1.82 -49.86 27.71
CBC CLA YE . -1.46 -49.55 29.11
ND CLA YE . -7.19 -49.38 27.85
C1D CLA YE . -6.10 -48.49 28.00
C2D CLA YE . -6.60 -47.13 28.22
C3D CLA YE . -7.96 -47.19 28.05
C4D CLA YE . -8.27 -48.60 27.75
CMD CLA YE . -5.75 -45.98 28.53
CAD CLA YE . -9.21 -46.47 28.05
OBD CLA YE . -9.45 -45.32 28.43
CBD CLA YE . -10.28 -47.44 27.47
CGD CLA YE . -11.51 -47.39 28.33
O1D CLA YE . -11.78 -48.10 29.31
O2D CLA YE . -12.39 -46.42 27.97
CED CLA YE . -13.39 -46.02 28.91
C1 CLA YE . -9.79 -48.65 20.95
C2 CLA YE . -8.70 -49.38 20.29
C3 CLA YE . -7.57 -48.84 19.79
C4 CLA YE . -7.27 -47.39 19.86
C5 CLA YE . -6.54 -49.69 19.15
C6 CLA YE . -6.31 -50.99 19.89
O1 LHG ZE . -33.78 -51.89 10.44
C1 LHG ZE . -32.64 -51.73 11.29
C2 LHG ZE . -31.53 -52.69 10.88
O2 LHG ZE . -30.81 -52.22 9.75
C3 LHG ZE . -32.15 -54.02 10.52
O3 LHG ZE . -31.17 -54.77 9.82
P LHG ZE . -30.26 -55.83 10.60
O4 LHG ZE . -31.12 -56.67 11.50
O5 LHG ZE . -29.05 -55.10 11.14
O6 LHG ZE . -29.80 -56.80 9.42
C4 LHG ZE . -29.44 -58.13 9.81
C5 LHG ZE . -28.89 -58.91 8.65
C6 LHG ZE . -29.03 -58.14 7.34
O7 LHG ZE . -27.50 -59.10 8.91
C7 LHG ZE . -27.21 -60.52 8.96
O9 LHG ZE . -28.02 -61.28 9.45
C8 LHG ZE . -25.90 -61.04 8.40
C9 LHG ZE . -25.99 -62.55 8.36
C10 LHG ZE . -25.09 -63.10 7.26
O8 LHG ZE . -29.78 -58.90 6.41
C23 LHG ZE . -29.09 -59.56 5.31
O10 LHG ZE . -27.92 -59.32 5.07
C24 LHG ZE . -29.90 -60.53 4.49
C11 LHG ZE . -24.67 -64.55 7.50
C12 LHG ZE . -24.02 -64.77 8.85
C13 LHG ZE . -23.52 -66.22 9.00
C14 LHG ZE . -23.05 -66.47 10.41
C15 LHG ZE . -22.00 -67.57 10.50
C16 LHG ZE . -20.62 -67.10 10.07
C17 LHG ZE . -20.11 -67.93 8.91
C18 LHG ZE . -18.81 -67.37 8.37
C19 LHG ZE . -18.37 -68.14 7.14
C20 LHG ZE . -17.32 -67.36 6.36
C21 LHG ZE . -17.19 -67.89 4.94
C22 LHG ZE . -15.87 -67.44 4.35
C25 LHG ZE . -29.02 -61.31 3.53
C26 LHG ZE . -29.69 -62.63 3.23
C27 LHG ZE . -29.07 -63.34 2.05
C28 LHG ZE . -27.58 -63.54 2.26
C29 LHG ZE . -26.92 -64.06 0.98
C30 LHG ZE . -25.47 -64.40 1.31
C31 LHG ZE . -24.65 -64.72 0.06
C32 LHG ZE . -25.29 -65.85 -0.74
C33 LHG ZE . -24.63 -66.00 -2.11
C34 LHG ZE . -25.18 -67.20 -2.86
C35 LHG ZE . -25.29 -66.95 -4.36
C36 LHG ZE . -24.02 -66.41 -5.02
C37 LHG ZE . -24.06 -66.64 -6.53
C38 LHG ZE . -23.23 -67.84 -6.94
C1 LMG AF . -16.03 -63.14 20.78
O1 LMG AF . -15.60 -62.84 19.46
C2 LMG AF . -16.07 -64.68 20.91
O2 LMG AF . -17.21 -65.23 20.25
C3 LMG AF . -16.04 -65.25 22.32
O3 LMG AF . -14.97 -66.18 22.42
C4 LMG AF . -15.85 -64.23 23.44
O4 LMG AF . -14.72 -64.56 24.21
C5 LMG AF . -15.83 -62.75 23.04
O5 LMG AF . -15.36 -60.53 23.79
C6 LMG AF . -15.20 -61.90 24.14
O6 LMG AF . -15.17 -62.61 21.78
C7 LMG AF . -14.23 -62.50 19.27
C8 LMG AF . -13.75 -63.11 17.95
C9 LMG AF . -14.03 -64.62 17.91
O7 LMG AF . -14.28 -62.44 16.82
C10 LMG AF . -13.20 -62.09 15.91
O9 LMG AF . -12.39 -62.95 15.68
C11 LMG AF . -13.06 -60.74 15.25
C12 LMG AF . -11.84 -60.63 14.34
C13 LMG AF . -10.55 -60.38 15.12
C14 LMG AF . -10.70 -59.19 16.06
C15 LMG AF . -9.43 -59.03 16.89
C16 LMG AF . -9.56 -57.90 17.89
C17 LMG AF . -9.85 -56.61 17.13
C18 LMG AF . -8.57 -56.04 16.51
C19 LMG AF . -8.85 -54.57 16.25
C20 LMG AF . -7.61 -53.71 16.41
C21 LMG AF . -7.11 -53.14 15.09
C22 LMG AF . -7.09 -51.61 15.10
C23 LMG AF . -8.46 -51.00 15.40
C24 LMG AF . -8.42 -49.50 15.12
C25 LMG AF . -9.18 -48.66 16.14
C26 LMG AF . -10.61 -49.14 16.33
C27 LMG AF . -11.39 -48.21 17.23
O8 LMG AF . -15.37 -64.95 17.63
C28 LMG AF . -15.80 -66.34 17.67
O10 LMG AF . -15.16 -67.12 18.35
C29 LMG AF . -16.95 -66.77 16.84
C30 LMG AF . -16.67 -68.20 16.37
C31 LMG AF . -17.63 -68.55 15.26
C32 LMG AF . -17.54 -70.01 14.90
C33 LMG AF . -18.56 -70.32 13.80
C34 LMG AF . -18.28 -71.65 13.11
C35 LMG AF . -18.08 -71.46 11.60
C36 LMG AF . -16.82 -70.66 11.34
C37 LMG AF . -15.90 -71.35 10.36
C38 LMG AF . -14.77 -70.43 9.91
C39 LMG AF . -14.13 -69.64 11.04
C40 LMG AF . -12.68 -69.16 10.83
C41 LMG AF . -12.39 -68.90 9.36
C42 LMG AF . -11.31 -67.84 9.13
C43 LMG AF . -10.98 -67.79 7.65
C44 LMG AF . -12.20 -67.75 6.74
C45 LMG AF . -11.73 -67.86 5.31
C10 WVN BF . -40.94 -39.10 -21.45
C11 WVN BF . -23.19 -25.08 -24.70
C12 WVN BF . -41.40 -37.83 -20.74
C13 WVN BF . -38.85 -38.55 -20.14
C14 WVN BF . -41.03 -37.91 -19.26
C01 WVN BF . -21.43 -25.04 -26.45
C02 WVN BF . -21.74 -24.69 -24.98
C03 WVN BF . -19.95 -25.18 -26.69
C04 WVN BF . -19.40 -26.28 -25.80
C05 WVN BF . -20.74 -25.30 -23.95
C06 WVN BF . -39.46 -39.42 -21.25
C07 WVN BF . -22.12 -26.30 -27.03
C08 WVN BF . -21.92 -23.91 -27.33
C09 WVN BF . -19.79 -26.11 -24.33
C15 WVN BF . -39.58 -38.32 -19.05
C16 WVN BF . -20.47 -24.57 -22.63
C17 WVN BF . -38.75 -39.11 -22.58
C18 WVN BF . -39.33 -40.90 -20.96
C19 WVN BF . -23.61 -25.80 -23.70
C20 WVN BF . -37.38 -38.11 -20.28
C21 WVN BF . -39.34 -39.05 -17.72
C22 WVN BF . -25.08 -26.09 -23.58
C23 WVN BF . -36.81 -37.23 -19.49
C24 WVN BF . -26.09 -25.20 -24.31
C25 WVN BF . -35.36 -36.89 -19.72
C26 WVN BF . -25.46 -27.07 -22.80
C27 WVN BF . -34.39 -37.98 -20.16
C28 WVN BF . -34.98 -35.66 -19.54
C29 WVN BF . -26.92 -27.43 -22.64
C30 WVN BF . -33.54 -35.24 -19.76
C31 WVN BF . -27.20 -28.42 -21.84
C32 WVN BF . -28.62 -28.90 -21.61
C33 WVN BF . -33.22 -34.04 -19.37
C34 WVN BF . -31.80 -33.56 -19.57
C35 WVN BF . -29.82 -28.14 -22.17
C36 WVN BF . -28.77 -29.99 -20.91
C37 WVN BF . -31.64 -32.30 -19.88
C38 WVN BF . -30.63 -34.53 -19.41
C39 WVN BF . -30.14 -30.57 -20.65
C40 WVN BF . -30.24 -31.75 -20.10
C10 WVN CF . 14.31 -42.84 27.09
C11 WVN CF . 24.76 -26.57 13.47
C12 WVN CF . 13.43 -41.66 27.45
C13 WVN CF . 14.69 -41.67 24.86
C14 WVN CF . 12.62 -41.29 26.23
C01 WVN CF . 26.35 -25.97 11.60
C02 WVN CF . 24.88 -26.16 12.00
C03 WVN CF . 26.40 -25.24 10.27
C04 WVN CF . 25.75 -23.87 10.32
C05 WVN CF . 23.97 -24.96 11.69
C06 WVN CF . 15.30 -42.52 25.99
C07 WVN CF . 27.21 -25.26 12.65
C08 WVN CF . 26.99 -27.32 11.36
C09 WVN CF . 24.36 -23.95 10.95
C15 WVN CF . 13.57 -40.97 25.09
C16 WVN CF . 22.74 -24.70 12.56
C17 WVN CF . 15.76 -43.86 25.42
C18 WVN CF . 16.45 -41.84 26.74
C19 WVN CF . 24.27 -27.75 13.70
C20 WVN CF . 15.34 -41.42 23.49
C21 WVN CF . 13.24 -39.73 24.25
C22 WVN CF . 24.09 -28.32 15.08
C23 WVN CF . 16.58 -41.04 23.29
C24 WVN CF . 24.71 -27.63 16.29
C25 WVN CF . 17.08 -40.78 21.88
C26 WVN CF . 23.39 -29.43 15.16
C27 WVN CF . 16.81 -41.80 20.77
C28 WVN CF . 17.73 -39.66 21.71
C29 WVN CF . 23.08 -30.17 16.44
C30 WVN CF . 18.31 -39.13 20.40
C31 WVN CF . 22.79 -31.45 16.35
C32 WVN CF . 22.41 -32.24 17.58
C33 WVN CF . 19.01 -38.03 20.51
C34 WVN CF . 19.61 -37.35 19.30
C35 WVN CF . 22.86 -31.74 18.93
C36 WVN CF . 21.66 -33.31 17.38
C37 WVN CF . 20.38 -36.30 19.48
C38 WVN CF . 19.26 -37.88 17.92
C39 WVN CF . 21.13 -34.24 18.45
C40 WVN CF . 20.99 -35.53 18.30
MG CLA DF . 28.27 -49.83 29.39
CHA CLA DF . 31.35 -49.30 27.91
CHB CLA DF . 28.10 -46.53 30.21
CHC CLA DF . 24.96 -50.24 30.19
CHD CLA DF . 28.28 -53.10 28.00
NA CLA DF . 29.55 -48.20 29.10
C1A CLA DF . 30.79 -48.17 28.45
C2A CLA DF . 31.40 -46.75 28.49
C3A CLA DF . 30.44 -46.00 29.46
C4A CLA DF . 29.26 -46.96 29.59
CMA CLA DF . 31.11 -45.74 30.78
CAA CLA DF . 31.54 -46.00 27.17
CBA CLA DF . 30.74 -46.50 25.98
CGA CLA DF . 29.31 -46.14 26.08
O1A CLA DF . 28.31 -46.88 26.11
O2A CLA DF . 29.13 -44.79 26.09
NB CLA DF . 26.79 -48.59 29.96
C1B CLA DF . 26.96 -47.32 30.41
C2B CLA DF . 25.76 -46.86 31.15
C3B CLA DF . 24.88 -47.92 31.14
C4B CLA DF . 25.52 -49.03 30.40
CMB CLA DF . 25.67 -45.53 31.76
CAB CLA DF . 23.56 -48.11 31.70
CBB CLA DF . 22.52 -47.30 31.58
NC CLA DF . 26.90 -51.40 29.18
C1C CLA DF . 25.62 -51.37 29.64
C2C CLA DF . 24.98 -52.66 29.43
C3C CLA DF . 25.90 -53.45 28.72
C4C CLA DF . 27.10 -52.65 28.60
CMC CLA DF . 23.61 -52.98 29.84
CAC CLA DF . 25.78 -54.87 28.30
CBC CLA DF . 24.97 -55.20 27.07
ND CLA DF . 29.51 -51.00 28.32
C1D CLA DF . 29.40 -52.33 27.84
C2D CLA DF . 30.68 -52.72 27.22
C3D CLA DF . 31.48 -51.61 27.26
C4D CLA DF . 30.69 -50.55 27.90
CMD CLA DF . 30.97 -54.03 26.68
CAD CLA DF . 32.78 -51.06 26.96
OBD CLA DF . 33.81 -51.64 26.60
CBD CLA DF . 32.68 -49.53 27.24
CGD CLA DF . 33.82 -49.07 28.11
O1D CLA DF . 34.32 -47.94 28.13
O2D CLA DF . 34.29 -50.01 28.94
CED CLA DF . 34.26 -49.74 30.35
C1 CLA DF . 28.20 -44.26 27.02
C2 CLA DF . 28.76 -42.97 27.48
C3 CLA DF . 28.47 -42.41 28.66
C4 CLA DF . 27.54 -43.00 29.64
C5 CLA DF . 29.06 -41.12 29.08
C6 CLA DF . 28.40 -39.97 28.35
C7 CLA DF . 27.67 -39.07 29.32
C8 CLA DF . 26.23 -38.80 28.88
C9 CLA DF . 25.58 -37.78 29.82
C10 CLA DF . 25.45 -40.09 28.60
C11 CLA DF . 24.15 -40.25 29.33
C12 CLA DF . 23.21 -41.20 28.62
C13 CLA DF . 22.01 -41.47 29.50
C14 CLA DF . 21.19 -40.21 29.70
C15 CLA DF . 22.45 -42.09 30.82
C16 CLA DF . 21.35 -42.98 31.35
C17 CLA DF . 21.63 -43.52 32.73
C18 CLA DF . 20.43 -44.20 33.38
C19 CLA DF . 19.45 -43.17 33.87
C20 CLA DF . 19.73 -45.17 32.45
C03 II0 EF . 18.41 -54.80 20.83
C04 II0 EF . -2.50 -53.53 32.15
C05 II0 EF . 20.05 -55.00 20.64
C06 II0 EF . -4.02 -52.98 32.52
C07 II0 EF . 20.48 -55.03 19.35
C08 II0 EF . -4.77 -52.82 31.40
C09 II0 EF . 17.70 -54.64 19.53
C10 II0 EF . -2.47 -54.64 31.22
C11 II0 EF . 19.83 -53.75 18.42
C12 II0 EF . -4.96 -54.24 30.55
C13 II0 EF . 18.41 -53.66 18.51
C14 II0 EF . -3.84 -55.16 30.61
C15 II0 EF . 17.81 -55.98 21.65
C16 II0 EF . 18.20 -53.54 21.75
C17 II0 EF . -1.77 -52.41 31.41
C18 II0 EF . -1.71 -53.90 33.46
C19 II0 EF . 17.63 -52.55 17.79
C20 II0 EF . -3.75 -56.24 29.52
C21 II0 EF . 16.14 -54.70 19.51
C22 II0 EF . -1.11 -55.27 30.77
C23 II0 EF . 14.94 -54.65 19.58
C24 II0 EF . -0.05 -55.72 30.45
C25 II0 EF . 13.42 -54.49 19.85
C26 II0 EF . 1.35 -56.27 30.03
C27 II0 EF . 12.51 -53.81 18.84
C28 II0 EF . 2.10 -57.22 30.93
C29 II0 EF . 12.94 -54.99 21.04
C30 II0 EF . 1.87 -55.84 28.89
C31 II0 EF . 11.44 -54.85 21.45
C32 II0 EF . 3.28 -56.32 28.42
C33 II0 EF . 10.58 -55.86 21.70
C34 II0 EF . 3.78 -55.71 27.35
C35 II0 EF . 9.17 -55.46 22.13
C36 II0 EF . 5.15 -56.10 26.83
C37 II0 EF . 8.20 -54.82 21.18
C38 II0 EF . 6.06 -57.03 27.63
C39 II0 EF . 8.81 -55.72 23.41
C40 II0 EF . 5.55 -55.59 25.63
C41 II0 EF . 7.41 -55.35 23.94
C42 II0 EF . 6.95 -55.96 25.08
O01 II0 EF . 21.88 -54.91 19.35
O02 II0 EF . -6.05 -52.33 31.75
C02 IHT FF . 31.00 -60.66 27.59
C03 IHT FF . 17.85 -45.61 41.10
C04 IHT FF . 32.10 -61.16 26.47
C05 IHT FF . 16.53 -45.59 42.12
C06 IHT FF . 33.34 -60.70 26.75
C07 IHT FF . 30.95 -59.22 27.71
C08 IHT FF . 15.56 -44.66 41.91
C09 IHT FF . 33.40 -59.04 26.88
C10 IHT FF . 32.37 -58.48 27.70
C11 IHT FF . 17.79 -44.65 40.00
C12 IHT FF . 15.23 -44.20 40.30
C13 IHT FF . 31.38 -61.27 28.99
C14 IHT FF . 29.56 -61.22 27.17
C15 IHT FF . 16.37 -44.10 39.46
C16 IHT FF . 19.09 -45.36 41.93
C17 IHT FF . 17.96 -46.98 40.50
C18 IHT FF . 29.68 -58.57 28.31
C19 IHT FF . 32.53 -57.05 28.22
C20 IHT FF . 16.32 -43.13 38.27
C21 IHT FF . 18.84 -44.95 38.93
C22 IHT FF . 29.62 -58.19 29.58
C23 IHT FF . 28.30 -57.56 30.19
C24 IHT FF . 19.70 -45.30 38.14
C25 IHT FF . 26.94 -58.27 29.97
C26 IHT FF . 20.87 -45.73 37.23
C27 IHT FF . 28.36 -56.41 30.91
C28 IHT FF . 22.23 -45.06 37.39
C29 IHT FF . 20.65 -46.73 36.34
C30 IHT FF . 27.08 -55.76 31.55
C31 IHT FF . 21.82 -47.21 35.46
C32 IHT FF . 27.24 -54.65 32.27
C33 IHT FF . 26.06 -53.97 32.94
C34 IHT FF . 22.49 -48.24 35.95
C35 IHT FF . 23.71 -48.86 35.20
C36 IHT FF . 25.03 -54.81 33.70
C37 IHT FF . 25.92 -52.63 32.86
C38 IHT FF . 23.59 -50.09 34.69
C39 IHT FF . 25.04 -48.07 35.07
C40 IHT FF . 24.71 -51.98 33.58
C41 IHT FF . 24.80 -50.72 33.96
O01 IHT FF . 14.38 -45.27 42.40
C1 LMG GF . 15.44 -41.09 49.98
O1 LMG GF . 16.34 -41.85 49.19
C2 LMG GF . 14.01 -41.64 49.81
O2 LMG GF . 13.63 -41.57 48.43
C3 LMG GF . 13.06 -40.81 50.69
O3 LMG GF . 11.74 -41.31 50.64
C4 LMG GF . 13.52 -40.85 52.14
O4 LMG GF . 13.51 -42.22 52.55
C5 LMG GF . 14.95 -40.31 52.21
O5 LMG GF . 14.54 -39.39 54.36
C6 LMG GF . 15.47 -40.23 53.64
O6 LMG GF . 15.79 -41.12 51.36
C7 LMG GF . 17.69 -41.52 49.49
C8 LMG GF . 18.55 -42.13 48.40
C9 LMG GF . 18.46 -41.25 47.16
O7 LMG GF . 19.91 -42.14 48.81
C10 LMG GF . 20.61 -43.29 48.25
O9 LMG GF . 19.98 -44.24 47.84
C11 LMG GF . 22.11 -43.33 48.23
C12 LMG GF . 22.57 -44.56 47.47
O8 LMG GF . 17.79 -41.93 46.09
C28 LMG GF . 18.50 -42.13 44.85
O10 LMG GF . 19.63 -42.59 44.88
C29 LMG GF . 17.84 -41.80 43.53
C30 LMG GF . 18.91 -41.75 42.45
C31 LMG GF . 19.50 -40.37 42.22
MG CLA HF . 7.32 -53.34 28.50
CHA CLA HF . 4.45 -51.57 27.68
CHB CLA HF . 8.75 -52.37 25.56
CHC CLA HF . 9.82 -55.66 28.97
CHD CLA HF . 5.60 -54.70 31.27
NA CLA HF . 6.69 -52.12 26.90
C1A CLA HF . 5.47 -51.45 26.74
C2A CLA HF . 5.48 -50.62 25.45
C3A CLA HF . 6.91 -50.81 24.90
C4A CLA HF . 7.51 -51.84 25.85
CMA CLA HF . 6.88 -51.33 23.49
CAA CLA HF . 5.32 -49.12 25.67
CBA CLA HF . 6.46 -48.50 26.47
CGA CLA HF . 6.05 -47.21 27.11
O1A CLA HF . 5.59 -47.02 28.25
O2A CLA HF . 6.17 -46.14 26.29
NB CLA HF . 8.95 -53.92 27.45
C1B CLA HF . 9.42 -53.33 26.32
C2B CLA HF . 10.74 -53.90 25.98
C3B CLA HF . 11.05 -54.83 26.93
C4B CLA HF . 9.91 -54.85 27.89
CMB CLA HF . 11.51 -53.49 24.81
CAB CLA HF . 12.21 -55.67 27.07
CBB CLA HF . 12.37 -56.86 26.49
NC CLA HF . 7.65 -54.87 29.88
C1C CLA HF . 8.76 -55.66 29.91
C2C CLA HF . 8.69 -56.58 31.04
C3C CLA HF . 7.48 -56.34 31.67
C4C CLA HF . 6.85 -55.25 30.95
CMC CLA HF . 9.73 -57.57 31.34
CAC CLA HF . 6.95 -57.01 32.87
CBC CLA HF . 5.90 -58.06 32.60
ND CLA HF . 5.51 -53.21 29.34
C1D CLA HF . 4.95 -53.77 30.52
C2D CLA HF . 3.63 -53.19 30.76
C3D CLA HF . 3.39 -52.38 29.69
C4D CLA HF . 4.58 -52.41 28.83
CMD CLA HF . 2.74 -53.50 31.89
CAD CLA HF . 2.44 -51.47 29.12
OBD CLA HF . 1.36 -51.11 29.56
CBD CLA HF . 3.05 -50.97 27.80
CGD CLA HF . 2.17 -51.33 26.64
O1D CLA HF . 1.64 -50.56 25.84
O2D CLA HF . 1.96 -52.67 26.50
CED CLA HF . 1.52 -53.17 25.25
C1 CLA HF . 7.51 -45.63 26.10
C2 CLA HF . 7.38 -44.19 25.79
C3 CLA HF . 8.39 -43.44 25.32
C4 CLA HF . 9.73 -44.04 25.05
C5 CLA HF . 8.14 -41.99 25.04
C6 CLA HF . 9.33 -41.23 24.46
C7 CLA HF . 8.96 -39.86 23.94
C8 CLA HF . 8.89 -39.84 22.43
C9 CLA HF . 10.26 -40.22 21.87
C10 CLA HF . 8.40 -38.47 21.97
C11 CLA HF . 8.70 -38.17 20.51
C12 CLA HF . 8.61 -36.69 20.24
C13 CLA HF . 9.99 -36.10 20.00
C14 CLA HF . 10.47 -35.40 21.24
C15 CLA HF . 10.00 -35.14 18.83
C16 CLA HF . 10.11 -35.91 17.54
C17 CLA HF . 10.90 -35.14 16.51
C18 CLA HF . 11.78 -36.02 15.64
C19 CLA HF . 10.99 -37.11 14.94
C20 CLA HF . 12.50 -35.16 14.63
MG CLA IF . 24.18 -36.45 46.61
CHA CLA IF . 21.10 -34.95 45.99
CHB CLA IF . 22.63 -38.92 48.34
CHC CLA IF . 27.19 -38.07 46.95
CHD CLA IF . 25.62 -34.35 44.16
NA CLA IF . 22.19 -36.86 47.07
C1A CLA IF . 21.04 -36.11 46.73
C2A CLA IF . 19.78 -36.79 47.34
C3A CLA IF . 20.32 -38.12 47.91
C4A CLA IF . 21.83 -37.96 47.78
CMA CLA IF . 19.95 -38.36 49.34
CAA CLA IF . 18.55 -36.96 46.46
CBA CLA IF . 18.73 -37.85 45.26
CGA CLA IF . 17.35 -38.15 44.77
O1A CLA IF . 16.57 -39.00 45.16
O2A CLA IF . 16.96 -37.32 43.75
NB CLA IF . 24.77 -38.20 47.42
C1B CLA IF . 24.03 -38.93 48.28
C2B CLA IF . 24.89 -39.77 49.15
C3B CLA IF . 26.18 -39.53 48.76
C4B CLA IF . 26.13 -38.54 47.66
CMB CLA IF . 24.36 -40.69 50.17
CAB CLA IF . 27.41 -40.11 49.24
CBB CLA IF . 27.91 -41.28 48.87
NC CLA IF . 26.05 -36.24 45.69
C1C CLA IF . 27.14 -37.00 46.01
C2C CLA IF . 28.29 -36.56 45.24
C3C CLA IF . 27.86 -35.54 44.40
C4C CLA IF . 26.44 -35.34 44.70
CMC CLA IF . 29.63 -37.15 45.35
CAC CLA IF . 28.67 -34.80 43.42
CBC CLA IF . 29.02 -33.40 43.85
ND CLA IF . 23.58 -35.00 45.34
C1D CLA IF . 24.29 -34.17 44.44
C2D CLA IF . 23.39 -33.10 43.96
C3D CLA IF . 22.19 -33.31 44.58
C4D CLA IF . 22.33 -34.53 45.38
CMD CLA IF . 23.81 -32.02 43.06
CAD CLA IF . 20.83 -32.82 44.77
OBD CLA IF . 20.35 -31.74 44.45
CBD CLA IF . 20.07 -33.93 45.55
CGD CLA IF . 19.26 -33.37 46.68
O1D CLA IF . 18.03 -33.25 46.74
O2D CLA IF . 19.97 -32.93 47.76
CED CLA IF . 19.22 -32.39 48.84
C1 CLA IF . 16.12 -37.98 42.78
C2 CLA IF . 15.93 -37.05 41.65
C3 CLA IF . 15.64 -37.56 40.45
C4 CLA IF . 15.44 -36.71 39.25
C5 CLA IF . 15.53 -39.03 40.29
C6 CLA IF . 14.74 -39.44 39.07
MG CLA JF . 38.43 -26.83 52.60
CHA CLA JF . 38.82 -29.17 55.09
CHB CLA JF . 41.84 -26.42 52.49
CHC CLA JF . 38.04 -23.95 50.79
CHD CLA JF . 34.95 -26.71 53.37
NA CLA JF . 40.04 -27.73 53.58
C1A CLA JF . 40.02 -28.72 54.57
C2A CLA JF . 41.44 -29.11 54.98
C3A CLA JF . 42.33 -28.33 54.01
C4A CLA JF . 41.34 -27.43 53.29
CMA CLA JF . 43.37 -27.56 54.78
CAA CLA JF . 41.81 -30.56 54.68
CBA CLA JF . 41.40 -30.97 53.28
NB CLA JF . 39.68 -25.47 51.80
C1B CLA JF . 41.03 -25.51 51.80
C2B CLA JF . 41.58 -24.40 50.99
C3B CLA JF . 40.51 -23.70 50.52
C4B CLA JF . 39.29 -24.38 51.01
CMB CLA JF . 43.01 -24.17 50.83
CAB CLA JF . 40.42 -22.54 49.66
CBB CLA JF . 40.78 -22.54 48.38
NC CLA JF . 36.79 -25.62 52.12
C1C CLA JF . 36.87 -24.55 51.30
C2C CLA JF . 35.56 -23.98 51.10
C3C CLA JF . 34.67 -24.68 51.87
C4C CLA JF . 35.45 -25.74 52.49
CMC CLA JF . 35.36 -22.80 50.28
CAC CLA JF . 33.23 -24.45 51.98
CBC CLA JF . 32.40 -25.36 51.11
ND CLA JF . 37.12 -27.74 53.83
C1D CLA JF . 35.71 -27.63 54.00
C2D CLA JF . 35.27 -28.63 54.98
C3D CLA JF . 36.43 -29.23 55.45
C4D CLA JF . 37.55 -28.62 54.72
CMD CLA JF . 33.89 -28.86 55.39
CAD CLA JF . 36.97 -30.20 56.36
OBD CLA JF . 36.37 -30.90 57.14
CBD CLA JF . 38.51 -30.16 56.20
CGD CLA JF . 39.24 -29.75 57.45
O1D CLA JF . 39.05 -28.75 58.15
O2D CLA JF . 40.24 -30.60 57.79
CED CLA JF . 39.92 -31.65 58.68
C10 WVN KF . 55.86 -32.05 48.85
C11 WVN KF . 33.86 -25.32 46.11
C12 WVN KF . 56.29 -32.56 50.23
C13 WVN KF . 53.75 -31.47 50.13
C14 WVN KF . 55.90 -31.54 51.30
C01 WVN KF . 31.50 -26.21 46.28
C02 WVN KF . 32.54 -25.26 46.90
C03 WVN KF . 30.12 -25.96 46.89
C04 WVN KF . 29.67 -24.51 46.75
C05 WVN KF . 32.03 -23.82 47.03
C06 WVN KF . 54.34 -32.00 48.81
C07 WVN KF . 31.42 -26.12 44.76
C08 WVN KF . 31.90 -27.63 46.65
C09 WVN KF . 30.76 -23.57 47.25
C15 WVN KF . 54.59 -30.82 50.95
C16 WVN KF . 32.99 -22.72 47.44
C17 WVN KF . 53.80 -33.41 48.59
C18 WVN KF . 53.92 -31.12 47.63
C19 WVN KF . 34.94 -25.64 46.78
C20 WVN KF . 52.23 -31.31 50.26
C21 WVN KF . 54.64 -29.29 51.00
C22 WVN KF . 36.33 -25.74 46.20
C23 WVN KF . 51.65 -31.11 51.44
C24 WVN KF . 36.58 -25.80 44.69
C25 WVN KF . 50.15 -30.92 51.60
C26 WVN KF . 37.32 -25.76 47.06
C27 WVN KF . 49.44 -31.57 52.77
C28 WVN KF . 49.52 -30.19 50.71
C29 WVN KF . 38.80 -25.85 46.70
C30 WVN KF . 48.02 -29.95 50.84
C31 WVN KF . 39.51 -26.37 47.65
C32 WVN KF . 41.02 -26.59 47.55
C33 WVN KF . 47.42 -29.04 50.12
C34 WVN KF . 45.92 -28.87 50.28
C35 WVN KF . 41.68 -26.54 46.19
C36 WVN KF . 41.71 -26.85 48.64
C37 WVN KF . 45.23 -28.27 49.34
C38 WVN KF . 45.24 -29.38 51.56
C39 WVN KF . 43.21 -27.11 48.65
C40 WVN KF . 43.72 -28.06 49.39
NB KC2 LF . 10.76 60.92 -6.73
ND KC2 LF . 12.64 58.51 -9.41
C1A KC2 LF . 13.72 57.79 -6.37
C1B KC2 LF . 10.94 60.93 -5.42
C1C KC2 LF . 9.53 61.42 -9.42
C1D KC2 LF . 12.51 58.30 -10.74
C2A KC2 LF . 14.07 57.44 -5.00
C2B KC2 LF . 10.02 61.80 -4.70
C2C KC2 LF . 8.92 61.57 -10.73
C2D KC2 LF . 13.37 57.16 -11.10
C3A KC2 LF . 13.35 58.40 -4.16
C3B KC2 LF . 9.20 62.38 -5.76
C3C KC2 LF . 9.66 60.68 -11.63
C3D KC2 LF . 14.02 56.73 -9.87
C4A KC2 LF . 12.61 59.20 -5.14
C4B KC2 LF . 9.76 61.78 -6.99
C4C KC2 LF . 10.68 60.10 -10.70
C4D KC2 LF . 13.55 57.58 -8.87
CAA KC2 LF . 15.01 56.46 -4.48
CAB KC2 LF . 8.09 63.37 -5.83
CAC KC2 LF . 9.37 60.50 -13.09
CAD KC2 LF . 14.98 55.73 -9.35
CBA KC2 LF . 16.20 56.91 -4.19
CBB KC2 LF . 7.98 64.36 -4.95
CBC KC2 LF . 8.58 59.23 -13.25
CBD KC2 LF . 15.01 55.98 -7.93
CED KC2 LF . 13.02 53.02 -6.66
CGA KC2 LF . 16.60 58.21 -4.81
CGD KC2 LF . 14.66 54.67 -7.31
CHA KC2 LF . 14.18 57.15 -7.61
CHB KC2 LF . 11.81 60.23 -4.52
CHC KC2 LF . 9.12 62.15 -8.23
CHD KC2 LF . 11.56 59.16 -11.46
CMA KC2 LF . 13.32 58.56 -2.66
CMB KC2 LF . 9.99 61.98 -3.21
CMC KC2 LF . 7.73 62.46 -10.99
CMD KC2 LF . 13.45 56.67 -12.50
NA KC2 LF . 12.78 58.90 -6.44
NC KC2 LF . 10.55 60.61 -9.31
O1A KC2 LF . 17.06 58.18 -5.95
O1D KC2 LF . 15.52 53.87 -6.95
O2A KC2 LF . 16.40 59.29 -4.18
O2D KC2 LF . 13.28 54.30 -7.21
OBD KC2 LF . 15.42 54.89 -10.22
MG KC2 LF . 11.90 59.82 -8.02
MG CLA MF . -14.47 67.13 -13.93
CHA CLA MF . -13.01 70.20 -13.33
CHB CLA MF . -17.16 68.79 -15.25
CHC CLA MF . -15.49 64.21 -15.46
CHD CLA MF . -11.45 65.56 -13.01
NA CLA MF . -15.03 69.13 -14.12
C1A CLA MF . -14.28 70.28 -13.82
C2A CLA MF . -15.10 71.53 -14.10
C3A CLA MF . -16.54 70.99 -14.21
C4A CLA MF . -16.25 69.54 -14.56
CMA CLA MF . -17.31 71.19 -12.93
CAA CLA MF . -14.77 72.02 -15.47
CBA CLA MF . -14.20 73.40 -15.49
CGA CLA MF . -13.04 73.23 -16.40
O1A CLA MF . -12.18 72.35 -16.25
O2A CLA MF . -13.02 74.15 -17.42
NB CLA MF . -16.03 66.60 -15.09
C1B CLA MF . -16.98 67.45 -15.58
C2B CLA MF . -17.87 66.71 -16.49
C3B CLA MF . -17.42 65.43 -16.58
C4B CLA MF . -16.24 65.33 -15.66
CMB CLA MF . -18.99 67.37 -17.15
CAB CLA MF . -17.94 64.34 -17.36
CBB CLA MF . -17.33 63.80 -18.40
NC CLA MF . -13.67 65.22 -14.10
C1C CLA MF . -14.28 64.16 -14.70
C2C CLA MF . -13.48 62.96 -14.55
C3C CLA MF . -12.32 63.36 -13.89
C4C CLA MF . -12.45 64.77 -13.59
CMC CLA MF . -13.83 61.63 -15.06
CAC CLA MF . -11.21 62.51 -13.47
CBC CLA MF . -11.49 61.91 -12.12
ND CLA MF . -12.66 67.67 -13.22
C1D CLA MF . -11.50 66.93 -12.89
C2D CLA MF . -10.47 67.88 -12.41
C3D CLA MF . -10.99 69.13 -12.57
C4D CLA MF . -12.36 68.95 -13.09
CMD CLA MF . -9.11 67.61 -11.94
CAD CLA MF . -10.76 70.55 -12.38
OBD CLA MF . -9.82 71.13 -11.87
CBD CLA MF . -12.01 71.27 -12.96
CGD CLA MF . -12.55 72.32 -12.04
O1D CLA MF . -12.82 73.48 -12.35
O2D CLA MF . -12.72 71.93 -10.75
CED CLA MF . -13.05 72.93 -9.79
C1 CLA MF . -11.81 74.45 -18.14
C2 CLA MF . -11.45 73.36 -19.10
C3 CLA MF . -10.26 72.76 -19.07
C4 CLA MF . -9.25 73.10 -18.04
C5 CLA MF . -9.86 71.67 -20.01
C6 CLA MF . -8.53 71.94 -20.71
C7 CLA MF . -7.87 70.63 -21.07
C8 CLA MF . -6.78 70.74 -22.15
C9 CLA MF . -7.17 69.95 -23.38
C10 CLA MF . -5.41 70.28 -21.66
C11 CLA MF . -5.08 70.72 -20.26
C12 CLA MF . -4.54 72.13 -20.22
C13 CLA MF . -4.74 72.72 -18.83
C14 CLA MF . -5.74 73.84 -19.01
C15 CLA MF . -3.50 73.29 -18.19
C16 CLA MF . -3.81 73.84 -16.82
C17 CLA MF . -2.54 74.31 -16.13
C18 CLA MF . -2.84 74.76 -14.71
C19 CLA MF . -2.81 73.58 -13.76
C20 CLA MF . -1.84 75.81 -14.30
MG CLA NF . -5.52 61.88 -5.80
CHA CLA NF . -5.25 61.08 -2.44
CHB CLA NF . -2.40 63.29 -5.67
CHC CLA NF . -5.33 61.85 -9.23
CHD CLA NF . -8.37 59.79 -6.00
NA CLA NF . -4.08 62.13 -4.31
C1A CLA NF . -4.16 61.74 -2.97
C2A CLA NF . -2.89 62.15 -2.21
C3A CLA NF . -2.14 63.04 -3.22
C4A CLA NF . -2.90 62.79 -4.51
CMA CLA NF . -2.21 64.48 -2.79
CAA CLA NF . -2.05 60.96 -1.76
CBA CLA NF . -1.53 61.36 -0.41
CGA CLA NF . -0.56 60.35 0.10
O1A CLA NF . -0.94 59.47 0.81
O2A CLA NF . 0.77 60.45 -0.18
NB CLA NF . -4.18 62.52 -7.17
C1B CLA NF . -2.99 63.12 -6.93
C2B CLA NF . -2.36 63.54 -8.21
C3B CLA NF . -3.20 63.13 -9.21
C4B CLA NF . -4.33 62.45 -8.56
CMB CLA NF . -1.06 64.19 -8.26
CAB CLA NF . -3.10 63.15 -10.64
CBB CLA NF . -2.83 64.18 -11.43
NC CLA NF . -6.67 61.03 -7.32
C1C CLA NF . -6.44 61.19 -8.66
C2C CLA NF . -7.45 60.53 -9.44
C3C CLA NF . -8.29 59.89 -8.54
C4C CLA NF . -7.80 60.22 -7.21
CMC CLA NF . -7.51 60.54 -10.90
CAC CLA NF . -9.48 59.08 -8.87
CBC CLA NF . -10.74 59.92 -8.93
ND CLA NF . -6.54 60.63 -4.60
C1D CLA NF . -7.79 59.99 -4.78
C2D CLA NF . -8.29 59.56 -3.46
C3D CLA NF . -7.35 59.94 -2.54
C4D CLA NF . -6.29 60.61 -3.29
CMD CLA NF . -9.52 58.85 -3.26
CAD CLA NF . -6.97 59.91 -1.15
OBD CLA NF . -7.51 59.35 -0.21
CBD CLA NF . -5.66 60.72 -1.02
CGD CLA NF . -5.93 61.87 -0.09
O1D CLA NF . -6.74 61.94 0.84
O2D CLA NF . -5.20 63.00 -0.31
CED CLA NF . -5.99 64.08 -0.76
C1 CLA NF . 1.66 59.51 0.50
C2 CLA NF . 2.94 60.23 0.51
C3 CLA NF . 4.12 59.82 0.02
C4 CLA NF . 4.38 58.51 -0.63
C5 CLA NF . 5.26 60.77 0.14
C6 CLA NF . 6.00 60.97 -1.18
C7 CLA NF . 6.42 62.42 -1.39
C8 CLA NF . 6.96 63.16 -0.17
C9 CLA NF . 6.12 64.39 0.10
C10 CLA NF . 8.41 63.60 -0.33
C11 CLA NF . 9.11 63.77 1.00
C12 CLA NF . 10.57 64.17 0.87
C13 CLA NF . 11.53 63.01 0.65
C14 CLA NF . 11.37 61.91 1.66
C15 CLA NF . 12.95 63.55 0.68
C16 CLA NF . 13.69 63.16 -0.58
C17 CLA NF . 15.20 63.29 -0.49
C18 CLA NF . 15.63 64.61 0.12
C19 CLA NF . 16.64 64.27 1.17
C20 CLA NF . 16.33 65.50 -0.88
NB KC2 OF . 9.42 65.03 -12.99
ND KC2 OF . 10.14 63.40 -16.67
C1A KC2 OF . 12.38 62.20 -14.55
C1B KC2 OF . 10.12 64.83 -11.89
C1C KC2 OF . 7.22 65.96 -14.83
C1D KC2 OF . 9.50 63.49 -17.86
C2A KC2 OF . 13.33 61.62 -13.59
C2B KC2 OF . 9.51 65.45 -10.70
C2C KC2 OF . 6.15 66.34 -15.73
C2D KC2 OF . 10.13 62.53 -18.80
C3A KC2 OF . 12.96 62.37 -12.39
C3B KC2 OF . 8.28 66.07 -11.20
C3C KC2 OF . 6.54 65.79 -17.05
C3D KC2 OF . 11.21 61.86 -18.03
C4A KC2 OF . 11.85 63.28 -12.74
C4B KC2 OF . 8.34 65.75 -12.65
C4C KC2 OF . 7.84 65.11 -16.73
C4D KC2 OF . 11.18 62.45 -16.75
CAA KC2 OF . 14.40 60.59 -13.66
CAB KC2 OF . 7.14 66.87 -10.65
CAC KC2 OF . 5.76 65.93 -18.32
CAD KC2 OF . 12.34 60.86 -18.10
CBA KC2 OF . 15.63 60.66 -14.15
CBB KC2 OF . 6.73 66.81 -9.39
CBC KC2 OF . 5.59 67.34 -18.80
CBD KC2 OF . 12.88 60.79 -16.77
CED KC2 OF . 11.20 57.80 -15.17
CGA KC2 OF . 16.50 59.58 -13.72
CGD KC2 OF . 12.60 59.41 -16.28
CHA KC2 OF . 12.27 61.83 -15.95
CHB KC2 OF . 11.34 64.11 -11.66
CHC KC2 OF . 7.23 66.28 -13.41
CHD KC2 OF . 8.39 64.48 -17.95
CMA KC2 OF . 13.57 62.24 -11.04
CMB KC2 OF . 10.02 65.43 -9.29
CMC KC2 OF . 4.95 67.14 -15.28
CMD KC2 OF . 9.54 62.47 -20.18
NA KC2 OF . 11.47 63.22 -14.02
NC KC2 OF . 8.22 65.25 -15.30
O1A KC2 OF . 16.35 59.06 -12.60
O1D KC2 OF . 13.47 58.57 -16.25
O2A KC2 OF . 17.50 59.37 -14.46
O2D KC2 OF . 11.34 59.10 -15.69
OBD KC2 OF . 12.63 60.40 -19.28
MG KC2 OF . 9.98 64.35 -14.85
C10 WVN PF . 1.28 58.88 -9.67
C11 WVN PF . 6.85 76.10 3.47
C12 WVN PF . 0.78 60.29 -9.40
C13 WVN PF . 0.63 58.55 -7.26
C14 WVN PF . -0.57 60.19 -8.69
C01 WVN PF . 6.70 77.38 5.76
C02 WVN PF . 7.51 76.45 4.82
C03 WVN PF . 7.57 78.40 6.51
C04 WVN PF . 8.91 77.79 6.96
C05 WVN PF . 8.94 76.99 4.61
C06 WVN PF . 1.67 58.23 -8.35
C07 WVN PF . 5.66 78.19 5.01
C08 WVN PF . 6.01 76.50 6.79
C09 WVN PF . 9.63 77.34 5.68
C15 WVN PF . -0.53 59.03 -7.68
C16 WVN PF . 9.67 76.73 3.30
C17 WVN PF . 3.06 58.72 -7.96
C18 WVN PF . 1.71 56.72 -8.51
C19 WVN PF . 6.43 74.86 3.33
C20 WVN PF . 1.18 59.03 -5.93
C21 WVN PF . -1.81 58.25 -7.40
C22 WVN PF . 5.78 74.29 2.08
C23 WVN PF . 0.73 60.14 -5.42
C24 WVN PF . 5.49 75.16 0.86
C25 WVN PF . 1.30 60.64 -4.12
C26 WVN PF . 5.52 73.00 2.10
C27 WVN PF . 1.92 59.63 -3.19
C28 WVN PF . 1.17 61.90 -3.86
C29 WVN PF . 4.91 72.18 0.97
C30 WVN PF . 1.68 62.51 -2.57
C31 WVN PF . 4.37 71.02 1.28
C32 WVN PF . 3.78 70.11 0.22
C33 WVN PF . 1.57 63.80 -2.47
C34 WVN PF . 2.07 64.51 -1.23
C35 WVN PF . 3.42 70.65 -1.15
C36 WVN PF . 3.59 68.85 0.53
C37 WVN PF . 2.35 65.77 -1.38
C38 WVN PF . 2.27 63.80 0.10
C39 WVN PF . 3.03 67.88 -0.50
C40 WVN PF . 2.90 66.60 -0.23
MG CLA QF . 22.26 62.03 29.96
CHA CLA QF . 19.08 63.39 29.59
CHB CLA QF . 20.84 59.14 31.08
CHC CLA QF . 25.22 60.37 29.36
CHD CLA QF . 23.52 64.79 28.11
NA CLA QF . 20.29 61.41 30.30
C1A CLA QF . 19.09 62.11 30.07
C2A CLA QF . 17.88 61.25 30.45
C3A CLA QF . 18.50 60.10 31.23
C4A CLA QF . 19.98 60.18 30.83
CMA CLA QF . 18.28 60.22 32.72
CAA CLA QF . 17.28 60.61 29.21
CBA CLA QF . 16.14 61.36 28.58
CGA CLA QF . 16.54 61.81 27.20
O1A CLA QF . 16.16 62.82 26.60
O2A CLA QF . 17.36 60.94 26.54
NB CLA QF . 22.89 60.12 30.16
C1B CLA QF . 22.21 59.14 30.78
C2B CLA QF . 23.12 58.00 31.10
C3B CLA QF . 24.38 58.33 30.61
C4B CLA QF . 24.23 59.68 30.00
CMB CLA QF . 22.59 56.80 31.76
CAB CLA QF . 25.65 57.68 30.57
CBB CLA QF . 26.05 56.46 30.96
NC CLA QF . 24.04 62.51 28.97
C1C CLA QF . 25.14 61.70 28.88
C2C CLA QF . 26.20 62.40 28.14
C3C CLA QF . 25.68 63.62 27.76
C4C CLA QF . 24.34 63.69 28.30
CMC CLA QF . 27.51 61.86 27.81
CAC CLA QF . 26.31 64.71 26.98
CBC CLA QF . 27.08 65.70 27.81
ND CLA QF . 21.56 63.72 29.09
C1D CLA QF . 22.20 64.82 28.47
C2D CLA QF . 21.24 65.92 28.28
C3D CLA QF . 20.04 65.43 28.72
C4D CLA QF . 20.27 64.05 29.18
CMD CLA QF . 21.55 67.21 27.69
CAD CLA QF . 18.64 65.72 28.89
OBD CLA QF . 18.01 66.76 28.73
CBD CLA QF . 17.98 64.42 29.42
CGD CLA QF . 17.43 64.88 30.71
O1D CLA QF . 18.10 65.44 31.58
O2D CLA QF . 16.10 64.75 30.92
CED CLA QF . 15.54 65.82 31.67
C1 CLA QF . 17.77 61.33 25.20
C2 CLA QF . 18.34 60.16 24.50
C3 CLA QF . 18.74 60.20 23.22
C4 CLA QF . 18.65 61.43 22.39
C5 CLA QF . 19.31 58.97 22.60
C6 CLA QF . 20.50 59.25 21.69
C7 CLA QF . 21.37 58.02 21.54
C8 CLA QF . 22.36 57.85 22.68
C9 CLA QF . 23.37 58.98 22.67
C10 CLA QF . 23.03 56.48 22.56
C11 CLA QF . 24.17 56.30 23.53
C12 CLA QF . 24.59 54.87 23.72
C13 CLA QF . 25.80 54.84 24.64
C14 CLA QF . 27.08 55.03 23.85
C15 CLA QF . 25.80 53.63 25.57
C16 CLA QF . 26.56 52.44 25.05
C17 CLA QF . 27.08 51.64 26.21
C18 CLA QF . 27.98 50.49 25.79
C19 CLA QF . 27.32 49.61 24.77
C20 CLA QF . 28.31 49.68 27.02
C10 WVN RF . 17.83 73.34 22.26
C11 WVN RF . 23.90 51.88 29.91
C12 WVN RF . 16.77 72.79 21.31
C13 WVN RF . 19.06 71.20 21.59
C14 WVN RF . 17.44 72.28 20.04
C01 WVN RF . 25.03 49.57 30.05
C02 WVN RF . 25.12 51.07 30.37
C03 WVN RF . 23.85 48.95 30.78
C04 WVN RF . 23.94 49.21 32.27
C05 WVN RF . 25.16 51.26 31.88
C06 WVN RF . 18.78 72.23 22.70
C07 WVN RF . 24.81 49.27 28.58
C08 WVN RF . 26.32 48.84 30.41
C09 WVN RF . 24.22 50.68 32.60
C15 WVN RF . 18.71 71.47 20.34
C16 WVN RF . 25.91 52.44 32.49
C17 WVN RF . 20.08 72.88 23.16
C18 WVN RF . 18.14 71.51 23.89
C19 WVN RF . 24.11 53.08 29.41
C20 WVN RF . 19.59 69.80 21.95
C21 WVN RF . 19.72 71.40 19.20
C22 WVN RF . 23.00 54.01 28.96
C23 WVN RF . 20.89 69.59 22.07
C24 WVN RF . 21.52 53.71 29.21
C25 WVN RF . 21.52 68.27 22.41
C26 WVN RF . 23.38 55.11 28.38
C27 WVN RF . 22.57 67.73 21.44
C28 WVN RF . 21.18 67.63 23.51
C29 WVN RF . 22.39 56.17 27.91
C30 WVN RF . 21.86 66.31 23.86
C31 WVN RF . 22.94 57.32 27.56
C32 WVN RF . 22.09 58.49 27.11
C33 WVN RF . 21.23 65.24 24.28
C34 WVN RF . 22.09 64.04 24.63
C35 WVN RF . 20.57 58.38 27.11
C36 WVN RF . 22.68 59.61 26.74
C37 WVN RF . 21.60 63.09 25.40
C38 WVN RF . 23.51 63.95 24.08
C39 WVN RF . 21.86 60.82 26.33
C40 WVN RF . 22.43 61.87 25.79
MG CLA SF . 3.92 79.60 9.15
CHA CLA SF . 1.37 77.33 8.64
CHB CLA SF . 5.44 77.34 11.20
CHC CLA SF . 6.93 81.26 8.92
CHD CLA SF . 2.80 81.36 6.28
NA CLA SF . 3.46 77.68 9.80
C1A CLA SF . 2.34 76.89 9.50
C2A CLA SF . 2.43 75.54 10.21
C3A CLA SF . 3.62 75.75 11.20
C4A CLA SF . 4.24 77.01 10.68
CMA CLA SF . 3.35 76.10 12.64
CAA CLA SF . 2.66 74.40 9.21
CBA CLA SF . 4.11 74.02 8.91
CGA CLA SF . 4.21 72.92 7.91
O1A CLA SF . 3.46 71.97 7.78
O2A CLA SF . 5.33 72.91 7.13
NB CLA SF . 5.74 79.42 9.98
C1B CLA SF . 6.15 78.44 10.80
C2B CLA SF . 7.51 78.63 11.28
C3B CLA SF . 8.00 79.73 10.65
C4B CLA SF . 6.88 80.23 9.79
CMB CLA SF . 8.14 77.65 12.16
CAB CLA SF . 9.35 80.23 10.70
CBB CLA SF . 9.80 81.47 10.78
NC CLA SF . 4.66 81.09 7.91
C1C CLA SF . 5.89 81.66 8.06
C2C CLA SF . 6.07 82.71 7.10
C3C CLA SF . 4.96 82.69 6.27
C4C CLA SF . 4.07 81.68 6.80
CMC CLA SF . 7.31 83.50 7.06
CAC CLA SF . 4.64 83.57 5.13
CBC CLA SF . 5.38 83.13 3.89
ND CLA SF . 2.48 79.42 7.72
C1D CLA SF . 2.05 80.28 6.69
C2D CLA SF . 0.73 79.85 6.21
C3D CLA SF . 0.39 78.77 6.97
C4D CLA SF . 1.53 78.51 7.87
CMD CLA SF . -0.03 80.50 5.16
CAD CLA SF . -0.60 77.74 7.22
OBD CLA SF . -1.73 77.59 6.75
CBD CLA SF . 0.01 76.79 8.28
CGD CLA SF . -0.87 76.75 9.50
O1D CLA SF . -1.50 75.80 9.98
O2D CLA SF . -1.00 77.94 10.16
CED CLA SF . -1.56 77.91 11.47
C1 CLA SF . 6.15 71.74 7.35
C2 CLA SF . 7.23 71.65 6.33
C3 CLA SF . 7.14 71.01 5.14
C4 CLA SF . 5.91 70.31 4.73
C5 CLA SF . 8.28 70.97 4.18
C6 CLA SF . 9.51 71.76 4.61
MG CLA TF . -9.34 79.36 -10.18
CHA CLA TF . -11.70 79.39 -7.60
CHB CLA TF . -6.97 80.40 -7.94
CHC CLA TF . -6.85 78.31 -12.32
CHD CLA TF . -11.66 77.47 -12.08
NA CLA TF . -9.37 79.88 -8.14
C1A CLA TF . -10.44 79.82 -7.24
C2A CLA TF . -10.02 80.29 -5.84
C3A CLA TF . -8.65 80.91 -6.13
C4A CLA TF . -8.27 80.36 -7.50
CMA CLA TF . -8.78 82.39 -6.17
CAA CLA TF . -9.95 79.21 -4.77
CBA CLA TF . -8.93 78.08 -4.97
CGA CLA TF . -9.53 77.00 -5.81
O1A CLA TF . -10.70 76.62 -5.79
O2A CLA TF . -8.68 76.40 -6.67
NB CLA TF . -7.32 79.31 -10.11
C1B CLA TF . -6.55 79.92 -9.19
C2B CLA TF . -5.13 79.99 -9.66
C3B CLA TF . -5.10 79.40 -10.89
C4B CLA TF . -6.48 78.97 -11.20
CMB CLA TF . -4.08 80.60 -8.85
CAB CLA TF . -4.01 79.15 -11.80
CBB CLA TF . -3.18 78.11 -11.74
NC CLA TF . -9.29 78.20 -11.92
C1C CLA TF . -8.18 77.96 -12.67
C2C CLA TF . -8.49 77.17 -13.85
C3C CLA TF . -9.84 76.84 -13.73
C4C CLA TF . -10.34 77.50 -12.52
CMC CLA TF . -7.51 76.79 -14.85
CAC CLA TF . -10.65 76.03 -14.65
CBC CLA TF . -10.42 74.56 -14.42
ND CLA TF . -11.27 78.75 -10.03
C1D CLA TF . -12.12 78.05 -10.93
C2D CLA TF . -13.49 78.05 -10.37
C3D CLA TF . -13.39 78.56 -9.10
C4D CLA TF . -11.98 78.92 -8.91
CMD CLA TF . -14.68 77.54 -11.06
CAD CLA TF . -14.09 78.94 -7.89
OBD CLA TF . -15.29 78.98 -7.64
CBD CLA TF . -13.01 79.32 -6.85
CGD CLA TF . -13.40 80.56 -6.11
O1D CLA TF . -13.77 80.64 -4.94
O2D CLA TF . -13.32 81.70 -6.84
CED CLA TF . -13.02 82.90 -6.15
C1 CLA TF . -9.26 75.87 -7.88
C2 CLA TF . -8.13 75.53 -8.79
C3 CLA TF . -8.26 74.76 -9.88
C4 CLA TF . -9.54 74.18 -10.29
C5 CLA TF . -7.09 74.44 -10.76
C6 CLA TF . -6.44 73.10 -10.46
C1 LMG UF . 18.10 70.97 33.34
O1 LMG UF . 18.27 70.06 32.28
C2 LMG UF . 18.05 72.41 32.83
O2 LMG UF . 19.27 73.09 33.10
C3 LMG UF . 16.92 73.19 33.50
O3 LMG UF . 15.70 72.70 32.95
C4 LMG UF . 16.90 72.98 35.00
O4 LMG UF . 15.77 73.67 35.54
C5 LMG UF . 16.81 71.47 35.31
O5 LMG UF . 15.60 69.77 36.53
C6 LMG UF . 15.54 71.13 36.07
O6 LMG UF . 16.92 70.68 34.11
C7 LMG UF . 19.50 69.37 32.45
C8 LMG UF . 19.86 68.67 31.16
C9 LMG UF . 19.53 69.63 30.03
O7 LMG UF . 21.26 68.48 31.11
C10 LMG UF . 21.71 67.20 31.62
O9 LMG UF . 20.92 66.36 32.02
C11 LMG UF . 23.18 66.97 31.66
C12 LMG UF . 23.46 65.66 32.36
C13 LMG UF . 24.96 65.54 32.59
C14 LMG UF . 25.74 65.69 31.30
C15 LMG UF . 27.24 65.68 31.57
C16 LMG UF . 27.62 66.73 32.60
C17 LMG UF . 29.08 67.13 32.44
C18 LMG UF . 30.02 65.92 32.41
C19 LMG UF . 30.35 65.33 33.79
C20 LMG UF . 29.52 64.10 34.15
C21 LMG UF . 30.31 63.02 34.86
C22 LMG UF . 29.41 61.86 35.23
C23 LMG UF . 30.20 60.70 35.83
C24 LMG UF . 29.28 59.54 36.14
C25 LMG UF . 28.05 59.97 36.94
C26 LMG UF . 27.06 58.82 37.07
C27 LMG UF . 25.82 59.25 37.82
O8 LMG UF . 20.73 69.97 29.35
C28 LMG UF . 21.07 71.33 29.03
O10 LMG UF . 20.52 72.24 29.64
C29 LMG UF . 22.08 71.62 27.94
C30 LMG UF . 21.64 70.90 26.67
C31 LMG UF . 22.75 70.72 25.64
C32 LMG UF . 23.96 70.03 26.26
C33 LMG UF . 25.09 69.97 25.26
C34 LMG UF . 24.89 68.91 24.18
C35 LMG UF . 25.64 69.25 22.90
C36 LMG UF . 25.23 70.64 22.40
C37 LMG UF . 25.93 71.03 21.11
C38 LMG UF . 25.47 72.41 20.67
C39 LMG UF . 23.98 72.41 20.37
C40 LMG UF . 23.41 73.82 20.51
C41 LMG UF . 23.99 74.76 19.46
C42 LMG UF . 23.56 74.37 18.05
C43 LMG UF . 24.11 75.38 17.04
C44 LMG UF . 23.86 74.96 15.61
C45 LMG UF . 24.39 76.02 14.66
MG CLA VF . 56.85 12.73 44.22
CHA CLA VF . 56.87 16.08 43.40
CHB CLA VF . 60.08 13.03 45.31
CHC CLA VF . 56.49 9.84 46.02
CHD CLA VF . 53.34 12.76 43.69
NA CLA VF . 58.25 14.28 44.26
C1A CLA VF . 58.04 15.63 43.92
C2A CLA VF . 59.34 16.41 44.09
C3A CLA VF . 60.40 15.31 44.33
C4A CLA VF . 59.53 14.11 44.67
CMA CLA VF . 61.22 15.08 43.10
CAA CLA VF . 59.37 17.37 45.28
CBA CLA VF . 58.34 17.13 46.37
CGA CLA VF . 58.70 16.14 47.44
O1A CLA VF . 59.81 15.86 47.88
O2A CLA VF . 57.60 15.53 47.99
NB CLA VF . 58.04 11.66 45.44
C1B CLA VF . 59.36 11.89 45.67
C2B CLA VF . 59.96 10.73 46.39
C3B CLA VF . 58.97 9.81 46.58
C4B CLA VF . 57.73 10.40 46.00
CMB CLA VF . 61.37 10.68 46.79
CAB CLA VF . 59.08 8.54 47.28
CBB CLA VF . 58.69 7.34 46.85
NC CLA VF . 55.22 11.52 44.72
C1C CLA VF . 55.33 10.36 45.42
C2C CLA VF . 54.03 9.71 45.53
C3C CLA VF . 53.11 10.56 44.94
C4C CLA VF . 53.88 11.69 44.41
CMC CLA VF . 53.81 8.43 46.22
CAC CLA VF . 51.67 10.35 44.79
CBC CLA VF . 51.35 9.84 43.41
ND CLA VF . 55.42 14.03 43.64
C1D CLA VF . 54.07 13.84 43.30
C2D CLA VF . 53.57 15.01 42.59
C3D CLA VF . 54.58 15.96 42.67
C4D CLA VF . 55.70 15.28 43.35
CMD CLA VF . 52.24 15.00 42.03
CAD CLA VF . 55.05 17.29 42.31
OBD CLA VF . 54.47 18.19 41.73
CBD CLA VF . 56.51 17.43 42.81
CGD CLA VF . 57.45 17.91 41.74
O1D CLA VF . 57.64 19.07 41.41
O2D CLA VF . 58.16 16.94 41.11
CED CLA VF . 59.42 17.28 40.55
C1 CLA VF . 57.00 14.44 47.28
C2 CLA VF . 55.54 14.32 47.44
C3 CLA VF . 54.97 13.54 48.37
C4 CLA VF . 55.77 12.70 49.31
C5 CLA VF . 53.49 13.45 48.49
C6 CLA VF . 52.98 12.03 48.56
MG CLA WF . 46.47 18.27 35.74
CHA CLA WF . 49.26 16.79 34.26
CHB CLA WF . 44.77 17.79 32.82
CHC CLA WF . 43.53 18.73 37.40
CHD CLA WF . 48.09 17.84 38.86
NA CLA WF . 46.96 17.47 33.88
C1A CLA WF . 48.17 16.91 33.45
C2A CLA WF . 48.09 16.44 32.00
C3A CLA WF . 46.82 17.19 31.52
C4A CLA WF . 46.10 17.49 32.83
CMA CLA WF . 47.18 18.43 30.76
CAA CLA WF . 47.91 14.93 32.00
CBA CLA WF . 46.63 14.42 31.35
CGA CLA WF . 45.85 13.81 32.45
O1A CLA WF . 46.33 13.25 33.42
O2A CLA WF . 44.49 13.96 32.43
NB CLA WF . 44.53 18.18 35.22
C1B CLA WF . 44.06 18.11 33.96
C2B CLA WF . 42.63 18.48 33.92
C3B CLA WF . 42.26 18.75 35.22
C4B CLA WF . 43.47 18.58 36.06
CMB CLA WF . 41.92 18.47 32.66
CAB CLA WF . 41.01 19.19 35.79
CBB CLA WF . 39.79 18.75 35.54
NC CLA WF . 45.94 18.40 37.77
C1C CLA WF . 44.69 18.69 38.22
C2C CLA WF . 44.71 18.76 39.69
C3C CLA WF . 45.98 18.41 40.09
C4C CLA WF . 46.74 18.18 38.89
CMC CLA WF . 43.66 19.08 40.63
CAC CLA WF . 46.32 18.34 41.52
CBC CLA WF . 47.37 19.28 42.04
ND CLA WF . 48.25 17.67 36.43
C1D CLA WF . 48.79 17.58 37.74
C2D CLA WF . 50.19 17.19 37.67
C3D CLA WF . 50.46 16.97 36.34
C4D CLA WF . 49.20 17.18 35.63
CMD CLA WF . 51.03 17.12 38.86
CAD CLA WF . 51.44 16.56 35.36
OBD CLA WF . 52.64 16.41 35.47
CBD CLA WF . 50.68 16.32 34.04
CGD CLA WF . 51.43 17.02 32.96
O1D CLA WF . 52.50 16.67 32.48
O2D CLA WF . 50.88 18.16 32.47
CED CLA WF . 50.97 18.32 31.04
C1 CLA WF . 43.90 14.40 33.67
C2 CLA WF . 42.48 13.96 33.72
C3 CLA WF . 41.67 14.16 34.78
C4 CLA WF . 42.13 14.87 36.00
C5 CLA WF . 40.27 13.69 34.78
MG CLA XF . 34.97 18.87 34.62
CHA CLA XF . 35.27 18.34 31.20
CHB CLA XF . 37.25 16.45 35.21
CHC CLA XF . 34.92 19.69 37.95
CHD CLA XF . 32.66 21.45 33.95
NA CLA XF . 36.12 17.65 33.38
C1A CLA XF . 36.10 17.57 31.97
C2A CLA XF . 37.08 16.51 31.49
C3A CLA XF . 37.55 15.83 32.80
C4A CLA XF . 36.97 16.72 33.88
CMA CLA XF . 36.99 14.44 32.95
CAA CLA XF . 38.27 17.11 30.76
CBA CLA XF . 39.42 16.13 30.65
CGA CLA XF . 39.07 15.03 29.70
O1A CLA XF . 38.84 15.11 28.49
O2A CLA XF . 39.12 13.82 30.36
NB CLA XF . 35.99 18.27 36.25
C1B CLA XF . 36.76 17.15 36.30
C2B CLA XF . 37.01 16.75 37.71
C3B CLA XF . 36.35 17.67 38.51
C4B CLA XF . 35.69 18.63 37.58
CMB CLA XF . 37.82 15.56 38.00
CAB CLA XF . 36.17 17.80 39.93
CBB CLA XF . 36.05 16.82 40.84
NC CLA XF . 34.00 20.34 35.72
C1C CLA XF . 34.12 20.49 37.08
C2C CLA XF . 33.30 21.59 37.54
C3C CLA XF . 32.64 22.09 36.42
C4C CLA XF . 33.08 21.29 35.28
CMC CLA XF . 33.23 22.03 38.92
CAC CLA XF . 31.71 23.23 36.43
CBC CLA XF . 30.25 22.86 36.19
ND CLA XF . 34.17 19.78 33.01
C1D CLA XF . 33.15 20.76 32.88
C2D CLA XF . 32.77 20.88 31.46
C3D CLA XF . 33.58 20.00 30.77
C4D CLA XF . 34.41 19.33 31.78
CMD CLA XF . 31.75 21.79 30.95
CAD CLA XF . 33.90 19.46 29.48
OBD CLA XF . 33.44 19.75 28.38
CBD CLA XF . 34.99 18.37 29.71
CGD CLA XF . 34.65 17.02 29.11
O1D CLA XF . 35.39 16.30 28.43
O2D CLA XF . 33.38 16.57 29.33
CED CLA XF . 33.17 15.52 30.28
C1 CLA XF . 39.21 12.55 29.70
C2 CLA XF . 37.88 12.16 29.18
C3 CLA XF . 36.95 11.50 29.87
C4 CLA XF . 37.16 11.06 31.27
C5 CLA XF . 35.64 11.18 29.24
C6 CLA XF . 34.53 12.07 29.75
MG CLA YF . 30.88 36.38 42.81
CHA CLA YF . 27.92 37.78 43.94
CHB CLA YF . 29.10 34.17 40.91
CHC CLA YF . 33.77 35.42 41.21
CHD CLA YF . 32.63 39.18 44.12
NA CLA YF . 28.83 36.03 42.49
C1A CLA YF . 27.75 36.70 43.10
C2A CLA YF . 26.42 36.15 42.58
C3A CLA YF . 26.84 34.93 41.71
C4A CLA YF . 28.37 35.03 41.69
CMA CLA YF . 26.29 33.66 42.29
CAA CLA YF . 25.65 37.17 41.74
CBA CLA YF . 26.42 37.79 40.60
CGA CLA YF . 27.15 39.05 40.92
O1A CLA YF . 26.74 40.12 41.35
O2A CLA YF . 28.48 38.90 40.68
NB CLA YF . 31.34 35.02 41.39
C1B CLA YF . 30.49 34.17 40.78
C2B CLA YF . 31.26 33.20 39.96
C3B CLA YF . 32.58 33.53 40.04
C4B CLA YF . 32.64 34.72 40.94
CMB CLA YF . 30.57 32.20 39.15
CAB CLA YF . 33.80 33.03 39.45
CBB CLA YF . 34.12 31.75 39.21
NC CLA YF . 32.81 37.16 42.69
C1C CLA YF . 33.84 36.58 41.99
C2C CLA YF . 35.06 37.34 42.19
C3C CLA YF . 34.74 38.43 43.00
C4C CLA YF . 33.33 38.28 43.32
CMC CLA YF . 36.35 37.00 41.59
CAC CLA YF . 35.59 39.50 43.53
CBC CLA YF . 35.83 40.64 42.58
ND CLA YF . 30.45 38.15 43.71
C1D CLA YF . 31.27 39.13 44.29
C2D CLA YF . 30.46 40.03 45.11
C3D CLA YF . 29.18 39.56 45.01
C4D CLA YF . 29.21 38.39 44.12
CMD CLA YF . 30.97 41.17 45.86
CAD CLA YF . 27.80 39.79 45.39
OBD CLA YF . 27.30 40.72 46.02
CBD CLA YF . 26.98 38.64 44.78
CGD CLA YF . 26.26 37.89 45.86
O1D CLA YF . 25.13 38.10 46.29
O2D CLA YF . 26.98 36.89 46.42
CED CLA YF . 26.91 36.77 47.84
C1 CLA YF . 29.34 40.00 40.99
C2 CLA YF . 30.73 39.52 40.71
C3 CLA YF . 31.66 40.28 40.14
C4 CLA YF . 31.42 41.69 39.72
C5 CLA YF . 33.04 39.76 39.90
C6 CLA YF . 33.33 39.49 38.45
C7 CLA YF . 34.83 39.33 38.29
C8 CLA YF . 35.20 38.30 37.24
C9 CLA YF . 34.79 36.92 37.70
C10 CLA YF . 36.71 38.30 37.05
C11 CLA YF . 37.12 39.16 35.89
C12 CLA YF . 38.42 38.60 35.36
C13 CLA YF . 38.83 39.01 33.95
C14 CLA YF . 39.52 40.36 33.99
C15 CLA YF . 37.67 38.98 32.95
C16 CLA YF . 37.28 37.56 32.56
C17 CLA YF . 37.29 37.30 31.07
C18 CLA YF . 38.71 37.31 30.50
C19 CLA YF . 39.54 36.22 31.15
C20 CLA YF . 38.69 37.08 29.00
MG CLA ZF . 22.84 41.54 32.74
CHA CLA ZF . 20.72 41.65 35.51
CHB CLA ZF . 20.61 43.51 31.06
CHC CLA ZF . 25.36 42.56 30.61
CHD CLA ZF . 25.30 40.06 34.80
NA CLA ZF . 20.96 42.33 33.19
C1A CLA ZF . 20.25 42.28 34.40
C2A CLA ZF . 18.90 42.98 34.26
C3A CLA ZF . 18.76 43.07 32.73
C4A CLA ZF . 20.20 42.98 32.27
CMA CLA ZF . 17.95 41.92 32.19
CAA CLA ZF . 18.87 44.35 34.89
CBA CLA ZF . 17.49 44.76 35.35
CGA CLA ZF . 17.49 46.25 35.36
O1A CLA ZF . 17.56 46.95 34.36
O2A CLA ZF . 17.39 46.83 36.60
NB CLA ZF . 22.94 42.75 31.13
C1B CLA ZF . 21.93 43.47 30.60
C2B CLA ZF . 22.43 44.28 29.45
C3B CLA ZF . 23.76 44.02 29.33
C4B CLA ZF . 24.11 43.06 30.40
CMB CLA ZF . 21.61 45.18 28.65
CAB CLA ZF . 24.71 44.53 28.36
CBB CLA ZF . 25.69 45.39 28.59
NC CLA ZF . 24.92 41.26 32.67
C1C CLA ZF . 25.73 41.70 31.66
C2C CLA ZF . 27.08 41.25 31.87
C3C CLA ZF . 27.11 40.62 33.10
C4C CLA ZF . 25.72 40.59 33.58
CMC CLA ZF . 28.19 41.53 30.95
CAC CLA ZF . 28.28 39.95 33.66
CBC CLA ZF . 28.37 38.49 33.30
ND CLA ZF . 23.02 40.92 34.66
C1D CLA ZF . 24.06 40.25 35.36
C2D CLA ZF . 23.57 39.83 36.69
C3D CLA ZF . 22.31 40.38 36.81
C4D CLA ZF . 22.03 41.05 35.54
CMD CLA ZF . 24.35 39.07 37.66
CAD CLA ZF . 21.13 40.52 37.67
OBD CLA ZF . 20.90 40.10 38.79
CBD CLA ZF . 20.12 41.39 36.88
CGD CLA ZF . 18.72 40.83 36.90
O1D CLA ZF . 17.76 41.29 37.50
O2D CLA ZF . 18.56 39.70 36.18
CED CLA ZF . 17.23 39.31 35.84
C1 CLA ZF . 18.61 47.17 37.29
C2 CLA ZF . 19.30 48.27 36.58
C3 CLA ZF . 20.58 48.55 36.76
C4 CLA ZF . 21.49 47.73 37.61
C5 CLA ZF . 21.15 49.69 36.01
C6 CLA ZF . 22.58 49.51 35.58
MG CLA AG . 24.32 25.90 38.82
CHA CLA AG . 21.17 24.96 37.73
CHB CLA AG . 24.98 22.62 39.57
CHC CLA AG . 27.68 26.53 38.77
CHD CLA AG . 23.80 29.11 37.42
NA CLA AG . 23.24 24.11 38.69
C1A CLA AG . 21.94 23.91 38.21
C2A CLA AG . 21.54 22.44 38.32
C3A CLA AG . 22.59 21.89 39.29
C4A CLA AG . 23.70 22.92 39.15
CMA CLA AG . 22.11 21.78 40.71
CAA CLA AG . 21.82 21.68 37.04
CBA CLA AG . 20.57 21.44 36.23
CGA CLA AG . 19.83 20.15 36.49
O1A CLA AG . 20.08 19.02 36.07
O2A CLA AG . 18.71 20.28 37.28
NB CLA AG . 25.99 24.83 39.21
C1B CLA AG . 26.04 23.51 39.47
C2B CLA AG . 27.44 23.11 39.69
C3B CLA AG . 28.25 24.18 39.48
C4B CLA AG . 27.32 25.30 39.12
CMB CLA AG . 27.77 21.73 39.96
CAB CLA AG . 29.69 24.19 39.47
CBB CLA AG . 30.58 25.13 39.76
NC CLA AG . 25.49 27.52 38.26
C1C CLA AG . 26.84 27.58 38.38
C2C CLA AG . 27.36 28.85 37.97
C3C CLA AG . 26.27 29.59 37.54
C4C CLA AG . 25.10 28.76 37.75
CMC CLA AG . 28.78 29.16 37.99
CAC CLA AG . 26.28 30.97 37.08
CBC CLA AG . 26.18 31.90 38.27
ND CLA AG . 22.92 26.83 37.72
C1D CLA AG . 22.79 28.20 37.37
C2D CLA AG . 21.39 28.47 36.98
C3D CLA AG . 20.74 27.25 37.07
C4D CLA AG . 21.73 26.27 37.54
CMD CLA AG . 20.94 29.79 36.59
CAD CLA AG . 19.48 26.55 36.94
OBD CLA AG . 18.41 27.02 36.58
CBD CLA AG . 19.71 25.08 37.38
CGD CLA AG . 18.86 24.76 38.58
O1D CLA AG . 19.03 25.11 39.75
O2D CLA AG . 17.77 23.99 38.38
CED CLA AG . 16.50 24.47 38.84
C1 CLA AG . 18.80 19.79 38.64
C2 CLA AG . 17.53 20.16 39.33
C3 CLA AG . 17.44 20.38 40.66
C4 CLA AG . 18.63 20.24 41.54
C5 CLA AG . 16.15 20.76 41.29
C6 CLA AG . 16.27 21.67 42.51
C7 CLA AG . 14.94 22.26 42.90
MG CLA BG . 32.64 25.47 27.99
CHA CLA BG . 35.07 22.99 28.03
CHB CLA BG . 32.10 24.71 24.71
CHC CLA BG . 29.45 26.80 28.16
CHD CLA BG . 32.70 25.42 31.55
NA CLA BG . 33.52 24.17 26.61
C1A CLA BG . 34.50 23.19 26.81
C2A CLA BG . 34.83 22.47 25.51
C3A CLA BG . 34.25 23.42 24.45
C4A CLA BG . 33.20 24.15 25.29
CMA CLA BG . 35.34 24.30 23.88
CAA CLA BG . 33.99 21.20 25.44
CBA CLA BG . 34.35 20.28 24.30
CGA CLA BG . 35.55 19.43 24.58
O1A CLA BG . 35.74 18.68 25.54
O2A CLA BG . 36.52 19.52 23.62
NB CLA BG . 31.09 25.69 26.70
C1B CLA BG . 31.10 25.40 25.38
C2B CLA BG . 29.90 25.95 24.69
C3B CLA BG . 29.13 26.54 25.67
C4B CLA BG . 29.89 26.39 26.94
CMB CLA BG . 29.70 25.76 23.25
CAB CLA BG . 27.86 27.22 25.67
CBB CLA BG . 26.97 27.50 24.71
NC CLA BG . 31.40 26.12 29.55
C1C CLA BG . 30.17 26.71 29.37
C2C CLA BG . 29.59 27.07 30.63
C3C CLA BG . 30.46 26.60 31.62
C4C CLA BG . 31.60 26.02 30.93
CMC CLA BG . 28.28 27.73 30.77
CAC CLA BG . 30.26 26.68 33.08
CBC CLA BG . 30.59 28.01 33.73
ND CLA BG . 33.74 24.65 29.47
C1D CLA BG . 33.71 24.77 30.87
C2D CLA BG . 34.87 24.05 31.45
C3D CLA BG . 35.43 23.38 30.39
C4D CLA BG . 34.65 23.73 29.20
CMD CLA BG . 35.25 24.04 32.86
CAD CLA BG . 36.50 22.51 29.96
OBD CLA BG . 37.46 22.12 30.58
CBD CLA BG . 36.20 22.11 28.48
CGD CLA BG . 37.37 22.33 27.59
O1D CLA BG . 38.06 23.33 27.46
O2D CLA BG . 37.62 21.24 26.84
CED CLA BG . 38.98 21.01 26.51
C1 CLA BG . 36.52 18.46 22.63
MG CLA CG . 46.42 33.67 33.63
CHA CLA CG . 47.28 34.72 30.45
CHB CLA CG . 49.66 34.20 34.61
CHC CLA CG . 45.45 33.67 36.90
CHD CLA CG . 43.02 34.21 32.69
NA CLA CG . 48.16 34.29 32.66
C1A CLA CG . 48.32 34.70 31.33
C2A CLA CG . 49.77 35.10 31.02
C3A CLA CG . 50.49 34.60 32.28
C4A CLA CG . 49.37 34.35 33.28
CMA CLA CG . 51.28 33.41 31.89
CAA CLA CG . 49.94 36.60 30.81
CBA CLA CG . 50.99 37.15 31.73
CGA CLA CG . 50.25 38.09 32.61
O1A CLA CG . 50.03 39.27 32.41
O2A CLA CG . 49.63 37.51 33.67
NB CLA CG . 47.37 33.95 35.40
C1B CLA CG . 48.70 33.98 35.59
C2B CLA CG . 49.05 33.70 37.02
C3B CLA CG . 47.84 33.54 37.68
C4B CLA CG . 46.78 33.70 36.65
CMB CLA CG . 50.44 33.67 37.47
CAB CLA CG . 47.46 33.34 39.06
CBB CLA CG . 48.12 33.60 40.17
NC CLA CG . 44.58 33.78 34.59
C1C CLA CG . 44.41 33.68 35.94
C2C CLA CG . 43.01 33.74 36.26
C3C CLA CG . 42.33 34.01 35.09
C4C CLA CG . 43.33 34.04 34.04
CMC CLA CG . 42.47 33.61 37.60
CAC CLA CG . 40.90 34.16 34.86
CBC CLA CG . 40.52 35.60 34.85
ND CLA CG . 45.34 34.11 31.98
C1D CLA CG . 43.96 34.25 31.71
C2D CLA CG . 43.73 34.44 30.27
C3D CLA CG . 44.98 34.52 29.73
C4D CLA CG . 45.94 34.43 30.85
CMD CLA CG . 42.44 34.48 29.59
CAD CLA CG . 45.77 34.71 28.55
OBD CLA CG . 45.44 34.71 27.39
CBD CLA CG . 47.22 34.99 28.97
CGD CLA CG . 48.21 34.11 28.26
O1D CLA CG . 48.39 32.90 28.47
O2D CLA CG . 49.04 34.69 27.34
CED CLA CG . 49.06 36.10 27.02
C1 CLA CG . 50.23 37.73 34.94
C2 CLA CG . 49.16 37.50 35.95
C3 CLA CG . 49.36 37.68 37.26
C4 CLA CG . 50.65 38.13 37.82
C5 CLA CG . 48.27 37.47 38.24
C6 CLA CG . 47.83 38.81 38.79
C7 CLA CG . 46.87 38.64 39.93
C8 CLA CG . 46.41 39.97 40.49
C9 CLA CG . 47.50 40.40 41.46
C10 CLA CG . 44.98 39.87 41.05
C11 CLA CG . 44.85 39.97 42.57
C12 CLA CG . 43.44 39.96 43.13
C13 CLA CG . 42.55 41.16 42.81
C14 CLA CG . 43.27 42.48 43.04
C15 CLA CG . 41.27 40.97 43.63
C16 CLA CG . 40.72 42.15 44.41
C17 CLA CG . 40.27 41.72 45.79
C18 CLA CG . 41.47 41.61 46.73
C19 CLA CG . 41.89 42.99 47.20
C20 CLA CG . 41.21 40.71 47.92
MG CLA DG . 55.94 25.31 45.73
CHA CLA DG . 56.03 28.16 43.76
CHB CLA DG . 59.37 25.42 45.89
CHC CLA DG . 55.91 23.15 48.41
CHD CLA DG . 52.44 25.77 46.11
NA CLA DG . 57.42 26.53 44.89
C1A CLA DG . 57.26 27.68 44.12
C2A CLA DG . 58.64 28.24 43.69
C3A CLA DG . 59.63 27.11 44.09
C4A CLA DG . 58.76 26.29 45.02
CMA CLA DG . 60.16 26.33 42.92
CAA CLA DG . 59.00 29.58 44.31
CBA CLA DG . 58.63 29.81 45.76
CGA CLA DG . 59.59 29.15 46.70
O1A CLA DG . 60.83 29.19 46.67
O2A CLA DG . 58.99 28.43 47.70
NB CLA DG . 57.35 24.47 46.90
C1B CLA DG . 58.69 24.61 46.79
C2B CLA DG . 59.41 23.76 47.75
C3B CLA DG . 58.45 23.11 48.49
C4B CLA DG . 57.13 23.54 47.94
CMB CLA DG . 60.87 23.76 47.83
CAB CLA DG . 58.57 22.16 49.57
CBB CLA DG . 59.28 21.04 49.55
NC CLA DG . 54.44 24.55 46.96
C1C CLA DG . 54.65 23.63 47.95
C2C CLA DG . 53.40 23.23 48.56
C3C CLA DG . 52.40 24.03 47.97
C4C CLA DG . 53.07 24.84 46.96
CMC CLA DG . 53.28 22.25 49.63
CAC CLA DG . 50.95 23.98 48.21
CBC CLA DG . 50.43 24.58 49.49
ND CLA DG . 54.50 26.56 45.04
C1D CLA DG . 53.10 26.58 45.20
C2D CLA DG . 52.53 27.58 44.27
C3D CLA DG . 53.61 28.21 43.69
C4D CLA DG . 54.81 27.56 44.23
CMD CLA DG . 51.11 27.83 44.08
CAD CLA DG . 54.08 29.21 42.73
OBD CLA DG . 53.47 29.90 41.93
CBD CLA DG . 55.61 29.27 42.85
CGD CLA DG . 56.27 29.13 41.50
O1D CLA DG . 56.64 28.09 40.98
O2D CLA DG . 56.45 30.29 40.82
CED CLA DG . 57.30 30.24 39.67
NB KC2 EG . 48.64 33.94 45.12
ND KC2 EG . 52.37 32.31 45.45
C1A KC2 EG . 52.46 34.56 43.03
C1B KC2 EG . 48.29 34.98 44.35
C1C KC2 EG . 48.52 31.87 47.35
C1D KC2 EG . 52.92 31.45 46.34
C2A KC2 EG . 52.53 35.67 42.06
C2B KC2 EG . 46.89 35.41 44.60
C2C KC2 EG . 48.58 30.97 48.51
C2D KC2 EG . 54.37 31.33 46.05
C3A KC2 EG . 51.15 36.21 42.13
C3B KC2 EG . 46.40 34.47 45.63
C3C KC2 EG . 49.98 30.51 48.58
C3D KC2 EG . 54.61 32.20 44.88
C4A KC2 EG . 50.43 35.38 43.13
C4B KC2 EG . 47.57 33.61 45.87
C4C KC2 EG . 50.60 31.22 47.42
C4D KC2 EG . 53.36 32.77 44.55
CAA KC2 EG . 53.63 36.17 41.20
CAB KC2 EG . 45.14 34.24 46.38
CAC KC2 EG . 50.52 29.56 49.62
CAD KC2 EG . 55.67 32.69 43.95
CBA KC2 EG . 54.13 35.53 40.14
CBB KC2 EG . 44.26 35.21 46.60
CBC KC2 EG . 50.45 28.15 49.11
CBD KC2 EG . 55.03 33.78 43.22
CED KC2 EG . 55.28 36.97 45.31
CGA KC2 EG . 55.59 35.43 40.05
CGD KC2 EG . 55.56 35.05 43.79
CHA KC2 EG . 53.57 33.66 43.38
CHB KC2 EG . 49.03 35.75 43.36
CHC KC2 EG . 47.33 32.58 46.88
CHD KC2 EG . 52.03 30.85 47.36
CMA KC2 EG . 50.52 37.38 41.39
CMB KC2 EG . 46.13 36.53 43.94
CMC KC2 EG . 47.42 30.62 49.41
CMD KC2 EG . 55.18 30.42 46.94
NA KC2 EG . 51.15 34.39 43.69
NC KC2 EG . 49.64 32.08 46.67
O1A KC2 EG . 56.08 34.62 39.24
O1D KC2 EG . 56.62 35.54 43.43
O2A KC2 EG . 56.25 36.36 40.59
O2D KC2 EG . 54.79 35.73 44.80
OBD KC2 EG . 56.87 32.32 44.25
MG KC2 EG . 50.48 33.04 45.09
MG CLA FG . 39.05 20.05 53.69
CHA CLA FG . 37.73 19.13 56.74
CHB CLA FG . 41.81 21.31 55.33
CHC CLA FG . 40.82 20.20 50.70
CHD CLA FG . 36.62 18.06 52.08
NA CLA FG . 39.63 20.20 55.69
C1A CLA FG . 38.93 19.76 56.83
C2A CLA FG . 39.71 20.07 58.11
C3A CLA FG . 40.87 20.97 57.62
C4A CLA FG . 40.79 20.81 56.10
CMA CLA FG . 40.66 22.41 57.98
CAA CLA FG . 40.18 18.77 58.74
CBA CLA FG . 41.40 18.80 59.63
CGA CLA FG . 42.50 18.00 59.00
O1A CLA FG . 43.56 17.64 59.50
O2A CLA FG . 42.29 17.68 57.68
NB CLA FG . 40.87 20.71 53.12
C1B CLA FG . 41.84 21.21 53.94
C2B CLA FG . 43.00 21.70 53.15
C3B CLA FG . 42.74 21.39 51.84
C4B CLA FG . 41.40 20.73 51.81
CMB CLA FG . 44.18 22.24 53.82
CAB CLA FG . 43.51 21.57 50.63
CBB CLA FG . 44.32 22.56 50.25
NC CLA FG . 38.77 19.25 51.76
C1C CLA FG . 39.61 19.45 50.70
C2C CLA FG . 39.01 18.88 49.51
C3C CLA FG . 37.85 18.21 49.89
C4C CLA FG . 37.70 18.48 51.30
CMC CLA FG . 39.58 18.97 48.18
CAC CLA FG . 36.86 17.56 49.01
CBC CLA FG . 36.94 16.06 48.83
ND CLA FG . 37.62 18.74 54.21
C1D CLA FG . 36.58 18.15 53.44
C2D CLA FG . 35.49 17.71 54.32
C3D CLA FG . 35.88 18.05 55.60
C4D CLA FG . 37.21 18.68 55.48
CMD CLA FG . 34.29 17.05 53.83
CAD CLA FG . 35.54 18.05 57.01
OBD CLA FG . 34.59 17.55 57.60
CBD CLA FG . 36.68 18.77 57.78
CGD CLA FG . 36.18 19.97 58.53
O1D CLA FG . 35.26 20.74 58.23
O2D CLA FG . 36.85 20.21 59.69
CED CLA FG . 36.11 20.15 60.91
MG CLA GG . 31.75 15.63 46.58
CHA CLA GG . 29.59 14.88 49.18
CHB CLA GG . 34.08 13.52 48.01
CHC CLA GG . 33.49 15.44 43.60
CHD CLA GG . 28.98 17.02 44.82
NA CLA GG . 31.83 14.47 48.32
C1A CLA GG . 30.82 14.29 49.28
C2A CLA GG . 31.31 13.37 50.38
C3A CLA GG . 32.83 13.34 50.17
C4A CLA GG . 32.94 13.78 48.72
CMA CLA GG . 33.48 14.36 51.06
CAA CLA GG . 30.63 12.01 50.23
CBA CLA GG . 30.97 11.01 51.30
CGA CLA GG . 29.69 10.30 51.64
O1A CLA GG . 29.09 9.41 51.01
O2A CLA GG . 29.22 10.66 52.86
NB CLA GG . 33.43 14.71 45.95
C1B CLA GG . 34.26 13.92 46.68
C2B CLA GG . 35.46 13.51 45.91
C3B CLA GG . 35.31 14.06 44.65
C4B CLA GG . 34.03 14.83 44.68
CMB CLA GG . 36.45 12.64 46.54
CAB CLA GG . 36.08 14.05 43.43
CBB CLA GG . 37.07 13.22 43.06
NC CLA GG . 31.34 16.20 44.61
C1C CLA GG . 32.23 16.09 43.57
C2C CLA GG . 31.67 16.61 42.35
C3C CLA GG . 30.36 16.98 42.67
C4C CLA GG . 30.17 16.75 44.09
CMC CLA GG . 32.37 16.63 41.06
CAC CLA GG . 29.37 17.55 41.74
CBC CLA GG . 29.58 19.02 41.61
ND CLA GG . 29.78 15.96 46.88
C1D CLA GG . 28.78 16.64 46.13
C2D CLA GG . 27.58 16.84 46.98
C3D CLA GG . 27.86 16.20 48.17
C4D CLA GG . 29.21 15.64 48.04
CMD CLA GG . 26.36 17.54 46.59
CAD CLA GG . 27.37 15.87 49.50
OBD CLA GG . 26.33 16.20 50.07
CBD CLA GG . 28.44 14.96 50.15
CGD CLA GG . 28.95 15.46 51.47
O1D CLA GG . 29.92 16.19 51.67
O2D CLA GG . 28.24 15.04 52.54
CED CLA GG . 27.58 16.03 53.32
C1 CLA GG . 28.35 9.77 53.58
C2 CLA GG . 29.13 8.67 54.22
C3 CLA GG . 28.77 8.07 55.38
C4 CLA GG . 27.56 8.48 56.13
C5 CLA GG . 29.55 6.97 56.01
C6 CLA GG . 30.63 6.39 55.11
C7 CLA GG . 30.19 5.18 54.32
C8 CLA GG . 31.20 4.90 53.21
C9 CLA GG . 30.79 3.63 52.50
C10 CLA GG . 32.65 4.79 53.70
C11 CLA GG . 33.60 5.58 52.83
C12 CLA GG . 34.48 4.73 51.92
C13 CLA GG . 33.91 4.46 50.52
C14 CLA GG . 33.72 2.96 50.31
C15 CLA GG . 34.70 5.13 49.39
C16 CLA GG . 35.85 4.32 48.82
C17 CLA GG . 36.67 4.96 47.72
C18 CLA GG . 37.65 4.00 47.04
C19 CLA GG . 37.01 2.96 46.14
C20 CLA GG . 38.67 3.40 47.98
C03 II0 HG . 45.30 40.92 34.66
C04 II0 HG . 42.41 26.30 54.25
C05 II0 HG . 46.20 41.57 33.43
C06 II0 HG . 41.29 25.76 55.36
C07 II0 HG . 47.19 40.73 33.05
C08 II0 HG . 40.02 25.95 54.85
C09 II0 HG . 45.24 39.45 34.67
C10 II0 HG . 42.22 25.72 52.92
C11 II0 HG . 46.60 39.25 32.47
C12 II0 HG . 39.74 25.10 53.44
C13 II0 HG . 45.78 38.60 33.43
C14 II0 HG . 40.93 24.79 52.68
C15 II0 HG . 45.94 41.34 36.03
C16 II0 HG . 43.83 41.47 34.52
C17 II0 HG . 43.80 25.84 54.73
C18 II0 HG . 42.42 27.87 54.18
C19 II0 HG . 45.64 37.10 33.48
C20 II0 HG . 40.71 24.24 51.26
C21 II0 HG . 44.46 38.75 35.82
C22 II0 HG . 43.06 26.23 51.70
C23 II0 HG . 43.90 38.26 36.76
C24 II0 HG . 43.70 26.63 50.79
C25 II0 HG . 43.26 37.64 38.02
C26 II0 HG . 44.52 27.24 49.64
C27 II0 HG . 41.84 37.97 38.45
C28 II0 HG . 45.92 26.81 49.33
C29 II0 HG . 44.07 36.78 38.76
C30 II0 HG . 43.92 28.26 48.98
C31 II0 HG . 43.58 36.08 40.05
C32 II0 HG . 44.62 29.00 47.80
C33 II0 HG . 44.33 35.03 40.43
C34 II0 HG . 44.22 28.72 46.57
C35 II0 HG . 43.92 34.24 41.66
C36 II0 HG . 44.90 29.46 45.42
C37 II0 HG . 42.57 34.54 42.24
C38 II0 HG . 46.32 29.15 44.97
C39 II0 HG . 44.73 33.28 42.18
C40 II0 HG . 44.20 30.45 44.84
C41 II0 HG . 44.22 32.48 43.40
C42 II0 HG . 44.76 31.27 43.65
O01 II0 HG . 47.95 41.33 32.02
O02 II0 HG . 39.00 25.62 55.80
C03 II0 IG . 44.58 11.21 38.03
C04 II0 IG . 30.98 30.65 43.38
C05 II0 IG . 45.52 10.19 37.15
C06 II0 IG . 30.08 31.31 44.62
C07 II0 IG . 45.96 10.77 36.01
C08 II0 IG . 28.92 31.79 44.16
C09 II0 IG . 44.83 12.65 37.80
C10 II0 IG . 30.24 30.30 42.20
C11 II0 IG . 46.92 12.12 36.40
C12 II0 IG . 28.02 30.54 43.54
C13 II0 IG . 46.17 13.12 37.06
C14 II0 IG . 28.76 29.81 42.53
C15 II0 IG . 43.09 10.89 37.66
C16 II0 IG . 44.83 10.96 39.55
C17 II0 IG . 32.12 31.64 43.06
C18 II0 IG . 31.55 29.30 43.87
C19 II0 IG . 46.37 14.59 36.72
C20 II0 IG . 28.18 28.65 41.71
C21 II0 IG . 44.13 13.66 38.74
C22 II0 IG . 31.03 29.40 41.20
C23 II0 IG . 43.53 14.43 39.44
C24 II0 IG . 31.72 28.69 40.52
C25 II0 IG . 42.65 15.40 40.26
C26 II0 IG . 32.65 27.80 39.68
C27 II0 IG . 42.84 15.58 41.76
C28 II0 IG . 32.56 27.76 38.16
C29 II0 IG . 41.67 16.05 39.55
C30 II0 IG . 33.54 27.07 40.35
C31 II0 IG . 40.73 17.07 40.24
C32 II0 IG . 34.51 26.13 39.58
C33 II0 IG . 40.38 18.15 39.50
C34 II0 IG . 35.11 25.15 40.23
C35 II0 IG . 39.50 19.21 40.13
C36 II0 IG . 36.03 24.22 39.45
C37 II0 IG . 39.41 19.28 41.62
C38 II0 IG . 36.21 24.36 37.93
C39 II0 IG . 38.83 20.07 39.35
C40 II0 IG . 36.69 23.26 40.11
C41 II0 IG . 37.94 21.13 40.02
C42 II0 IG . 37.61 22.27 39.35
O01 II0 IG . 46.72 9.85 35.26
O02 II0 IG . 28.23 32.44 45.22
C03 II0 JG . 50.74 22.07 43.05
C04 II0 JG . 32.99 10.77 56.25
C05 II0 JG . 51.09 22.26 41.44
C06 II0 JG . 32.11 10.98 57.66
C07 II0 JG . 52.11 21.48 41.04
C08 II0 JG . 31.34 12.12 57.71
C09 II0 JG . 51.03 20.75 43.63
C10 II0 JG . 32.91 11.91 55.37
C11 II0 JG . 51.70 19.86 41.25
C12 II0 JG . 30.53 12.45 56.28
C13 II0 JG . 51.25 19.58 42.56
C14 II0 JG . 31.44 12.53 55.14
C15 II0 JG . 51.61 23.09 43.86
C16 II0 JG . 49.22 22.39 43.33
C17 II0 JG . 34.48 10.55 56.61
C18 II0 JG . 32.55 9.48 55.46
C19 II0 JG . 50.77 18.21 42.94
C20 II0 JG . 31.26 13.61 54.07
C21 II0 JG . 50.31 20.40 44.99
C22 II0 JG . 33.99 11.96 54.25
C23 II0 JG . 49.68 20.19 45.99
C24 II0 JG . 34.85 12.00 53.43
C25 II0 JG . 48.78 19.97 47.24
C26 II0 JG . 35.94 12.17 52.34
C27 II0 JG . 48.73 20.94 48.42
C28 II0 JG . 35.93 11.32 51.08
C29 II0 JG . 47.97 18.86 47.25
C30 II0 JG . 36.86 13.11 52.53
C31 II0 JG . 47.03 18.55 48.45
C32 II0 JG . 37.94 13.38 51.45
C33 II0 JG . 45.77 18.18 48.17
C34 II0 JG . 38.72 14.44 51.65
C35 II0 JG . 44.79 17.84 49.28
C36 II0 JG . 39.76 14.84 50.61
C37 II0 JG . 45.01 18.29 50.70
C38 II0 JG . 40.02 14.00 49.37
C39 II0 JG . 43.71 17.11 48.93
C40 II0 JG . 40.44 15.99 50.77
C41 II0 JG . 42.71 16.75 50.05
C42 II0 JG . 41.48 16.37 49.68
O01 II0 JG . 52.37 21.69 39.66
O02 II0 JG . 30.38 11.94 58.75
C02 IHT KG . 48.46 14.27 44.49
C03 IHT KG . 26.56 24.46 44.29
C04 IHT KG . 48.88 15.86 44.67
C05 IHT KG . 25.12 24.50 45.08
C06 IHT KG . 49.65 16.07 45.75
C07 IHT KG . 47.80 13.79 45.68
C08 IHT KG . 24.24 24.14 44.14
C09 IHT KG . 48.96 15.51 47.17
C10 IHT KG . 48.52 14.15 47.04
C11 IHT KG . 26.89 23.08 43.91
C12 IHT KG . 24.33 22.45 43.87
C13 IHT KG . 49.76 13.42 44.23
C14 IHT KG . 47.49 14.11 43.22
C15 IHT KG . 25.69 22.01 43.77
C16 IHT KG . 26.42 25.24 42.98
C17 IHT KG . 27.66 25.07 45.15
C18 IHT KG . 46.27 13.85 45.66
C19 IHT KG . 49.23 13.05 47.86
C20 IHT KG . 25.95 20.66 43.08
C21 IHT KG . 28.38 22.76 43.63
C22 IHT KG . 45.51 13.22 46.55
C23 IHT KG . 43.95 13.41 46.37
C24 IHT KG . 29.57 22.53 43.49
C25 IHT KG . 42.98 12.21 46.56
C26 IHT KG . 31.09 22.24 43.42
C27 IHT KG . 43.48 14.64 46.04
C28 IHT KG . 32.05 23.13 42.62
C29 IHT KG . 31.61 21.17 44.10
C30 IHT KG . 41.95 14.86 45.84
C31 IHT KG . 33.12 20.86 44.07
C32 IHT KG . 41.43 16.09 45.75
C33 IHT KG . 39.93 16.24 45.56
C34 IHT KG . 33.69 19.83 43.43
C35 IHT KG . 35.24 19.71 43.59
C36 IHT KG . 39.00 15.17 46.13
C37 IHT KG . 39.41 17.28 44.86
C38 IHT KG . 35.78 18.65 44.21
C39 IHT KG . 36.16 20.84 43.04
C40 IHT KG . 37.88 17.37 44.70
C41 IHT KG . 37.31 18.54 44.39
O01 IHT KG . 22.93 24.48 44.53
C03 II0 LG . 37.53 31.89 31.99
C04 II0 LG . 17.98 44.32 40.63
C05 II0 LG . 38.45 31.63 30.66
C06 II0 LG . 16.75 44.80 41.66
C07 II0 LG . 37.82 30.82 29.77
C08 II0 LG . 17.09 45.86 42.47
C09 II0 LG . 36.09 32.02 31.71
C10 II0 LG . 19.15 45.17 40.68
C11 II0 LG . 36.36 31.51 29.20
C12 II0 LG . 17.71 47.12 41.61
C13 II0 LG . 35.61 32.21 30.20
C14 II0 LG . 18.85 46.72 40.80
C15 II0 LG . 37.69 30.66 32.95
C16 II0 LG . 38.01 33.19 32.73
C17 II0 LG . 18.46 42.93 41.08
C18 II0 LG . 17.40 44.20 39.17
C19 II0 LG . 34.11 32.40 30.02
C20 II0 LG . 20.08 47.58 41.02
C21 II0 LG . 35.20 32.65 32.82
C22 II0 LG . 20.43 44.77 39.87
C23 II0 LG . 34.49 33.10 33.68
C24 II0 LG . 21.38 44.45 39.22
C25 II0 LG . 33.52 33.76 34.72
C26 II0 LG . 22.57 43.99 38.37
C27 II0 LG . 33.07 32.97 35.94
C28 II0 LG . 22.65 44.32 36.90
C29 II0 LG . 33.08 35.07 34.55
C30 II0 LG . 23.52 43.24 38.94
C31 II0 LG . 32.12 35.64 35.63
C32 II0 LG . 24.73 42.69 38.13
C33 II0 LG . 31.71 36.91 35.57
C34 II0 LG . 25.99 43.04 38.35
C35 II0 LG . 30.77 37.43 36.66
C36 II0 LG . 27.03 42.33 37.47
C37 II0 LG . 30.49 36.60 37.90
C38 II0 LG . 27.32 42.81 36.05
C39 II0 LG . 30.22 38.64 36.49
C40 II0 LG . 27.66 41.26 38.02
C41 II0 LG . 29.23 39.27 37.49
C42 II0 LG . 28.72 40.50 37.15
O01 II0 LG . 38.72 30.60 28.71
O02 II0 LG . 15.93 46.34 43.15
O1 LHG MG . 61.05 20.59 44.80
C1 LHG MG . 59.83 21.31 44.98
C2 LHG MG . 59.40 21.86 43.64
O2 LHG MG . 60.45 22.64 43.08
C3 LHG MG . 58.13 22.68 43.80
O3 LHG MG . 57.18 21.89 44.51
P LHG MG . 55.61 22.09 44.23
O4 LHG MG . 55.36 21.54 42.85
O5 LHG MG . 55.31 23.54 44.54
O6 LHG MG . 54.89 21.14 45.31
C4 LHG MG . 54.27 19.90 44.99
C5 LHG MG . 54.09 19.05 46.25
C6 LHG MG . 53.19 17.84 45.98
O7 LHG MG . 55.34 18.52 46.66
C7 LHG MG . 56.02 19.36 47.64
O9 LHG MG . 56.96 20.03 47.25
C8 LHG MG . 55.60 19.47 49.08
C9 LHG MG . 56.09 18.32 49.95
C10 LHG MG . 55.27 17.08 49.67
O8 LHG MG . 51.89 18.09 46.52
C23 LHG MG . 51.70 18.27 47.96
O10 LHG MG . 51.65 19.39 48.43
C24 LHG MG . 51.60 17.06 48.88
C11 LHG MG . 55.35 16.09 50.83
C12 LHG MG . 54.71 16.63 52.11
C13 LHG MG . 54.32 15.46 53.01
C14 LHG MG . 53.25 14.59 52.36
C25 LHG MG . 51.31 17.48 50.31
C26 LHG MG . 49.82 17.76 50.59
C27 LHG MG . 48.99 16.48 50.62
C28 LHG MG . 49.10 15.88 52.01
C29 LHG MG . 48.04 14.81 52.24
C30 LHG MG . 48.42 13.49 51.59
C31 LHG MG . 49.67 12.86 52.21
C32 LHG MG . 49.77 11.40 51.80
C33 LHG MG . 48.55 10.61 52.26
C34 LHG MG . 48.64 9.14 51.91
C1 LMG NG . 17.45 29.82 33.96
O1 LMG NG . 18.16 28.89 33.14
C2 LMG NG . 16.51 30.70 33.14
O2 LMG NG . 17.16 31.16 31.97
C3 LMG NG . 16.01 31.89 33.98
O3 LMG NG . 14.72 32.28 33.52
C4 LMG NG . 16.02 31.70 35.51
O4 LMG NG . 14.97 32.46 36.12
C5 LMG NG . 15.91 30.22 35.92
O5 LMG NG . 14.35 28.65 36.90
C6 LMG NG . 14.45 29.79 36.05
O6 LMG NG . 16.67 29.30 35.07
C7 LMG NG . 19.52 29.26 33.24
C8 LMG NG . 20.37 28.65 32.16
C9 LMG NG . 20.38 27.17 32.46
O7 LMG NG . 19.93 29.03 30.85
C10 LMG NG . 21.01 29.03 29.84
O9 LMG NG . 21.76 28.07 29.76
C11 LMG NG . 21.24 30.23 28.93
C12 LMG NG . 22.54 30.11 28.17
C13 LMG NG . 22.38 29.27 26.91
C14 LMG NG . 21.67 29.93 25.76
C15 LMG NG . 22.69 30.78 25.03
C16 LMG NG . 23.93 29.98 24.63
C17 LMG NG . 24.53 30.58 23.39
C18 LMG NG . 24.96 32.01 23.70
C19 LMG NG . 25.20 32.74 22.39
C20 LMG NG . 24.01 32.63 21.44
C21 LMG NG . 24.37 33.19 20.07
C22 LMG NG . 23.47 32.65 18.97
C23 LMG NG . 23.68 31.18 18.67
C24 LMG NG . 24.96 30.98 17.85
C25 LMG NG . 25.16 29.52 17.48
C26 LMG NG . 26.45 29.33 16.69
C27 LMG NG . 27.69 29.22 17.54
O8 LMG NG . 21.00 26.97 33.73
C28 LMG NG . 21.94 25.86 33.82
O10 LMG NG . 21.54 24.74 33.58
C29 LMG NG . 23.34 26.13 34.25
C30 LMG NG . 24.05 24.82 34.58
C31 LMG NG . 25.24 25.15 35.46
C32 LMG NG . 26.49 24.33 35.12
C33 LMG NG . 26.37 22.84 35.43
C34 LMG NG . 27.07 22.02 34.36
C35 LMG NG . 27.55 20.69 34.92
C36 LMG NG . 28.39 19.93 33.90
C37 LMG NG . 27.44 19.16 33.01
C38 LMG NG . 27.67 19.31 31.51
C39 LMG NG . 26.63 18.52 30.70
C40 LMG NG . 25.22 18.46 31.34
C41 LMG NG . 24.25 19.54 30.86
C42 LMG NG . 24.33 20.81 31.70
C43 LMG NG . 23.60 20.75 33.04
C44 LMG NG . 22.09 20.59 32.87
C45 LMG NG . 21.50 21.74 32.07
C02 IHT OG . 6.15 43.85 15.88
C03 IHT OG . 29.27 41.85 20.26
C04 IHT OG . 4.65 43.29 16.31
C05 IHT OG . 30.70 42.68 20.35
C06 IHT OG . 4.41 43.43 17.64
C07 IHT OG . 7.20 43.48 16.81
C08 IHT OG . 30.67 43.59 21.33
C09 IHT OG . 5.51 42.57 18.56
C10 IHT OG . 6.83 43.03 18.30
C11 IHT OG . 28.87 41.36 21.59
C12 IHT OG . 30.58 42.85 22.86
C13 IHT OG . 6.46 43.24 14.47
C14 IHT OG . 6.11 45.45 15.76
C15 IHT OG . 29.42 42.05 22.94
C16 IHT OG . 28.19 42.78 19.78
C17 IHT OG . 29.40 40.68 19.32
C18 IHT OG . 8.66 43.87 16.56
C19 IHT OG . 7.88 43.10 19.42
C20 IHT OG . 28.37 42.43 24.01
C21 IHT OG . 27.44 40.80 21.68
C22 IHT OG . 9.49 42.96 16.06
C23 IHT OG . 11.01 43.34 15.82
C24 IHT OG . 26.28 40.42 21.74
C25 IHT OG . 11.42 44.33 14.68
C26 IHT OG . 24.79 40.10 21.78
C27 IHT OG . 11.93 42.78 16.64
C28 IHT OG . 24.25 38.84 22.46
C29 IHT OG . 24.02 41.03 21.19
C30 IHT OG . 13.44 43.06 16.51
C31 IHT OG . 22.49 40.96 21.11
C32 IHT OG . 14.19 41.97 16.65
C33 IHT OG . 15.71 41.97 16.62
C34 IHT OG . 21.95 40.28 20.10
C35 IHT OG . 20.39 40.24 20.01
C36 IHT OG . 16.51 42.48 15.41
C37 IHT OG . 16.32 41.52 17.72
C38 IHT OG . 19.83 41.17 19.23
C39 IHT OG . 19.54 39.21 20.79
C40 IHT OG . 17.85 41.48 17.84
C41 IHT OG . 18.31 41.24 19.06
O01 IHT OG . 31.85 44.36 21.26
O1 LHG PG . 37.96 50.30 19.51
C1 LHG PG . 39.09 51.02 19.03
C2 LHG PG . 38.88 51.61 17.64
O2 LHG PG . 39.04 53.03 17.67
C3 LHG PG . 37.50 51.26 17.14
O3 LHG PG . 36.59 52.10 17.80
P LHG PG . 35.05 51.67 17.72
O4 LHG PG . 34.94 50.68 16.60
O5 LHG PG . 34.19 52.92 17.73
O6 LHG PG . 34.88 50.86 19.12
C4 LHG PG . 34.80 49.43 19.14
C5 LHG PG . 34.88 48.86 20.55
C6 LHG PG . 34.14 49.81 21.46
O7 LHG PG . 34.18 47.62 20.60
C7 LHG PG . 34.97 46.57 21.23
O9 LHG PG . 36.15 46.51 21.07
C8 LHG PG . 34.37 45.62 22.24
C9 LHG PG . 35.11 44.29 22.24
C10 LHG PG . 36.08 44.19 23.41
O8 LHG PG . 32.82 49.33 21.60
C23 LHG PG . 32.34 48.86 22.87
O10 LHG PG . 32.72 49.41 23.89
C24 LHG PG . 31.39 47.68 22.93
C11 LHG PG . 36.38 42.74 23.80
C12 LHG PG . 35.14 41.86 23.90
C13 LHG PG . 35.32 40.93 25.09
C14 LHG PG . 34.22 39.89 25.17
C25 LHG PG . 30.71 47.69 24.29
C26 LHG PG . 30.38 46.28 24.73
C27 LHG PG . 29.62 46.36 26.05
C28 LHG PG . 28.88 45.07 26.37
C29 LHG PG . 29.74 44.20 27.27
C30 LHG PG . 29.04 42.88 27.53
C31 LHG PG . 29.90 41.71 27.09
C32 LHG PG . 31.11 41.53 27.97
C33 LHG PG . 31.60 40.10 28.19
C34 LHG PG . 31.14 39.12 27.11
O1 LHG QG . -9.56 27.14 -39.87
C1 LHG QG . -8.43 27.24 -39.01
C2 LHG QG . -8.81 26.67 -37.65
O2 LHG QG . -7.65 26.36 -36.88
C3 LHG QG . -9.66 25.44 -37.88
O3 LHG QG . -10.21 25.05 -36.65
P LHG QG . -10.12 23.51 -36.23
O4 LHG QG . -8.77 23.05 -36.65
O5 LHG QG . -11.39 22.83 -36.70
O6 LHG QG . -10.17 23.66 -34.63
C4 LHG QG . -9.14 24.27 -33.86
C5 LHG QG . -9.67 25.59 -33.33
C6 LHG QG . -10.70 25.34 -32.24
O7 LHG QG . -8.63 26.40 -32.77
C7 LHG QG . -8.41 27.60 -33.55
O9 LHG QG . -7.35 27.78 -34.12
C8 LHG QG . -9.49 28.64 -33.60
C9 LHG QG . -9.76 29.17 -32.21
C10 LHG QG . -11.26 29.08 -31.95
O8 LHG QG . -10.33 24.20 -31.46
C23 LHG QG . -10.96 24.06 -30.16
O10 LHG QG . -12.07 24.56 -30.04
C24 LHG QG . -10.29 23.34 -29.00
C11 LHG QG . -11.96 30.10 -32.82
C12 LHG QG . -12.59 31.14 -31.92
C13 LHG QG . -13.72 30.56 -31.07
C14 LHG QG . -14.38 31.66 -30.27
C15 LHG QG . -13.35 32.34 -29.38
C16 LHG QG . -13.90 33.48 -28.55
C17 LHG QG . -15.19 33.10 -27.84
C18 LHG QG . -15.70 34.21 -26.94
C19 LHG QG . -14.65 34.56 -25.90
C20 LHG QG . -15.04 35.80 -25.10
C21 LHG QG . -16.24 35.55 -24.19
C22 LHG QG . -15.89 34.61 -23.05
C25 LHG QG . -9.80 21.94 -29.39
C26 LHG QG . -9.29 21.10 -28.22
C27 LHG QG . -10.38 20.71 -27.22
C28 LHG QG . -11.27 19.57 -27.68
C29 LHG QG . -10.44 18.35 -28.06
C30 LHG QG . -11.02 16.99 -27.69
C31 LHG QG . -10.89 16.64 -26.21
C32 LHG QG . -10.96 15.13 -25.98
C33 LHG QG . -12.27 14.63 -26.54
C34 LHG QG . -13.42 14.99 -25.63
C35 LHG QG . -14.73 14.75 -26.37
C36 LHG QG . -15.95 14.75 -25.45
C37 LHG QG . -17.21 14.52 -26.28
C38 LHG QG . -18.40 14.33 -25.38
O1B LMT RG . -21.51 39.12 -8.31
C1' LMT RG . -20.37 35.96 -9.46
C2' LMT RG . -21.74 36.06 -8.75
C3' LMT RG . -21.62 36.87 -7.42
C4' LMT RG . -20.78 38.17 -7.57
C5' LMT RG . -19.50 37.84 -8.40
C6' LMT RG . -18.24 38.41 -7.82
O1' LMT RG . -20.07 34.67 -9.69
O2' LMT RG . -22.58 36.74 -9.57
O3' LMT RG . -21.09 36.10 -6.44
O5' LMT RG . -19.34 36.47 -8.62
O6' LMT RG . -18.40 38.52 -6.47
C1 LMT RG . -20.52 34.18 -10.93
C2 LMT RG . -20.58 32.70 -10.72
C3 LMT RG . -19.29 31.93 -10.77
C4 LMT RG . -18.59 32.29 -12.05
C5 LMT RG . -17.45 31.36 -12.29
C6 LMT RG . -17.91 30.00 -12.63
C7 LMT RG . -16.87 29.32 -13.45
C8 LMT RG . -17.43 28.03 -13.95
C9 LMT RG . -16.47 27.26 -14.79
C10 LMT RG . -17.16 26.04 -15.30
C11 LMT RG . -16.24 25.26 -16.18
C12 LMT RG . -16.94 24.18 -16.93
MG CLA SG . 10.64 52.93 -17.52
CHA CLA SG . 8.76 54.48 -20.00
CHB CLA SG . 12.77 55.59 -17.53
CHC CLA SG . 12.10 51.74 -14.64
CHD CLA SG . 8.00 50.59 -17.09
NA CLA SG . 10.75 54.72 -18.61
C1A CLA SG . 9.88 55.19 -19.61
C2A CLA SG . 10.39 56.53 -20.19
C3A CLA SG . 11.71 56.78 -19.43
C4A CLA SG . 11.77 55.61 -18.46
CMA CLA SG . 12.88 56.85 -20.35
CAA CLA SG . 9.42 57.72 -20.17
CBA CLA SG . 9.76 58.83 -19.24
CGA CLA SG . 8.81 58.70 -18.12
O1A CLA SG . 8.80 57.77 -17.35
O2A CLA SG . 7.93 59.74 -17.96
NB CLA SG . 12.12 53.56 -16.30
C1B CLA SG . 12.93 54.61 -16.54
C2B CLA SG . 14.07 54.61 -15.61
C3B CLA SG . 13.92 53.53 -14.77
C4B CLA SG . 12.67 52.84 -15.21
CMB CLA SG . 15.06 55.68 -15.73
CAB CLA SG . 14.68 53.05 -13.64
CBB CLA SG . 15.99 53.18 -13.38
NC CLA SG . 10.14 51.42 -16.15
C1C CLA SG . 10.92 51.08 -15.08
C2C CLA SG . 10.34 49.94 -14.40
C3C CLA SG . 9.11 49.65 -15.02
C4C CLA SG . 9.03 50.59 -16.12
CMC CLA SG . 10.96 49.33 -13.23
CAC CLA SG . 8.11 48.61 -14.72
CBC CLA SG . 8.49 47.18 -14.98
ND CLA SG . 8.85 52.53 -18.33
C1D CLA SG . 7.92 51.49 -18.12
C2D CLA SG . 6.90 51.57 -19.19
C3D CLA SG . 7.16 52.69 -19.91
C4D CLA SG . 8.37 53.28 -19.32
CMD CLA SG . 5.80 50.66 -19.42
CAD CLA SG . 6.74 53.50 -21.04
OBD CLA SG . 5.83 53.36 -21.85
CBD CLA SG . 7.70 54.71 -21.05
CGD CLA SG . 8.24 55.14 -22.38
O1D CLA SG . 7.84 56.08 -23.07
O2D CLA SG . 9.30 54.43 -22.83
CED CLA SG . 10.09 54.95 -23.90
C1 CLA SG . 7.09 59.58 -16.81
C2 CLA SG . 7.02 60.83 -16.01
C3 CLA SG . 6.08 60.98 -15.07
C4 CLA SG . 5.11 59.90 -14.71
C5 CLA SG . 6.00 62.24 -14.27
C6 CLA SG . 4.57 62.69 -14.05
C7 CLA SG . 4.40 63.32 -12.69
MG CLA TG . 0.97 46.16 -24.73
CHA CLA TG . 4.21 46.35 -25.94
CHB CLA TG . 0.69 43.07 -26.19
CHC CLA TG . -1.84 45.55 -22.89
CHD CLA TG . 1.71 48.91 -22.59
NA CLA TG . 2.23 44.97 -25.90
C1A CLA TG . 3.55 45.22 -26.31
C2A CLA TG . 4.10 44.09 -27.16
C3A CLA TG . 2.81 43.32 -27.53
C4A CLA TG . 1.82 43.79 -26.46
CMA CLA TG . 2.38 43.69 -28.91
CAA CLA TG . 5.11 43.21 -26.42
CBA CLA TG . 4.62 41.81 -26.05
CGA CLA TG . 4.04 41.94 -24.70
O1A CLA TG . 4.43 42.75 -23.90
O2A CLA TG . 2.96 41.16 -24.40
NB CLA TG . -0.31 44.60 -24.56
C1B CLA TG . -0.29 43.45 -25.28
C2B CLA TG . -1.51 42.65 -25.04
C3B CLA TG . -2.25 43.34 -24.10
C4B CLA TG . -1.48 44.59 -23.80
CMB CLA TG . -1.68 41.38 -25.74
CAB CLA TG . -3.49 43.10 -23.41
CBB CLA TG . -4.26 42.02 -23.39
NC CLA TG . 0.07 47.11 -23.10
C1C CLA TG . -1.13 46.75 -22.56
C2C CLA TG . -1.52 47.70 -21.54
C3C CLA TG . -0.45 48.57 -21.38
C4C CLA TG . 0.52 48.22 -22.38
CMC CLA TG . -2.75 47.68 -20.75
CAC CLA TG . -0.38 49.74 -20.48
CBC CLA TG . 0.22 49.41 -19.14
ND CLA TG . 2.50 47.42 -24.37
C1D CLA TG . 2.65 48.55 -23.51
C2D CLA TG . 3.94 49.20 -23.82
C3D CLA TG . 4.54 48.44 -24.79
C4D CLA TG . 3.64 47.31 -25.05
CMD CLA TG . 4.44 50.41 -23.20
CAD CLA TG . 5.70 48.27 -25.62
OBD CLA TG . 6.65 48.99 -25.80
CBD CLA TG . 5.56 46.92 -26.34
CGD CLA TG . 5.70 47.16 -27.81
O1D CLA TG . 6.74 47.17 -28.45
O2D CLA TG . 4.53 47.44 -28.46
CED CLA TG . 4.56 47.48 -29.89
C1 CLA TG . 2.24 41.48 -23.18
C2 CLA TG . 1.17 40.48 -23.08
C3 CLA TG . 0.29 40.36 -22.08
C4 CLA TG . 0.25 41.22 -20.89
C5 CLA TG . -0.72 39.28 -22.16
MG CLA UG . -7.53 38.59 -23.08
CHA CLA UG . -6.40 36.47 -25.57
CHB CLA UG . -4.36 38.72 -21.82
CHC CLA UG . -8.74 40.09 -20.23
CHD CLA UG . -10.87 37.86 -24.05
NA CLA UG . -5.68 37.75 -23.65
C1A CLA UG . -5.41 36.92 -24.74
C2A CLA UG . -3.92 36.61 -24.81
C3A CLA UG . -3.33 37.29 -23.58
C4A CLA UG . -4.52 38.00 -22.97
CMA CLA UG . -2.79 36.25 -22.65
CAA CLA UG . -3.31 37.34 -26.00
CBA CLA UG . -1.82 37.14 -26.14
CGA CLA UG . -1.39 35.71 -26.30
O1A CLA UG . -1.71 34.94 -27.20
O2A CLA UG . -0.55 35.29 -25.29
NB CLA UG . -6.71 39.31 -21.39
C1B CLA UG . -5.39 39.34 -21.10
C2B CLA UG . -5.17 40.06 -19.83
C3B CLA UG . -6.39 40.44 -19.36
C4B CLA UG . -7.39 39.96 -20.35
CMB CLA UG . -3.83 40.21 -19.25
CAB CLA UG . -6.79 41.12 -18.16
CBB CLA UG . -6.58 40.66 -16.93
NC CLA UG . -9.44 38.95 -22.31
C1C CLA UG . -9.69 39.62 -21.16
C2C CLA UG . -11.12 39.75 -20.95
C3C CLA UG . -11.73 39.08 -21.99
C4C CLA UG . -10.68 38.60 -22.87
CMC CLA UG . -11.74 40.41 -19.79
CAC CLA UG . -13.18 38.93 -22.21
CBC CLA UG . -13.75 40.06 -23.00
ND CLA UG . -8.48 37.44 -24.45
C1D CLA UG . -9.85 37.30 -24.78
C2D CLA UG . -9.95 36.46 -25.99
C3D CLA UG . -8.67 36.11 -26.30
C4D CLA UG . -7.78 36.73 -25.32
CMD CLA UG . -11.17 36.05 -26.66
CAD CLA UG . -7.85 35.36 -27.22
OBD CLA UG . -8.21 34.68 -28.16
CBD CLA UG . -6.38 35.54 -26.78
CGD CLA UG . -5.70 34.24 -26.49
O1D CLA UG . -5.05 33.54 -27.26
O2D CLA UG . -5.85 33.81 -25.20
CED CLA UG . -5.38 32.50 -24.85
C1 CLA UG . -0.29 33.87 -25.26
C2 CLA UG . -1.05 33.20 -24.16
C3 CLA UG . -0.70 33.25 -22.86
C4 CLA UG . 0.50 33.99 -22.38
C5 CLA UG . -1.54 32.51 -21.86
C6 CLA UG . -1.37 32.89 -20.40
MG CLA VG . -23.37 49.79 -23.11
CHA CLA VG . -26.70 49.65 -22.17
CHB CLA VG . -23.15 46.39 -22.71
CHC CLA VG . -20.51 49.75 -24.99
CHD CLA VG . -23.97 53.13 -24.20
NA CLA VG . -24.70 48.30 -22.50
C1A CLA VG . -26.03 48.46 -22.13
C2A CLA VG . -26.66 47.12 -21.82
C3A CLA VG . -25.43 46.22 -21.62
C4A CLA VG . -24.33 46.98 -22.34
CMA CLA VG . -25.21 46.07 -20.16
CAA CLA VG . -27.54 46.64 -23.00
CBA CLA VG . -27.04 46.61 -24.44
CGA CLA VG . -27.23 47.95 -25.08
O1A CLA VG . -28.26 48.56 -25.31
O2A CLA VG . -26.03 48.53 -25.29
NB CLA VG . -22.12 48.35 -23.76
C1B CLA VG . -22.11 47.06 -23.36
C2B CLA VG . -20.83 46.39 -23.71
C3B CLA VG . -20.07 47.34 -24.36
C4B CLA VG . -20.89 48.58 -24.40
CMB CLA VG . -20.63 44.97 -23.39
CAB CLA VG . -18.75 47.35 -24.94
CBB CLA VG . -17.70 46.63 -24.54
NC CLA VG . -22.40 51.20 -24.31
C1C CLA VG . -21.21 50.98 -24.96
C2C CLA VG . -20.80 52.19 -25.66
C3C CLA VG . -21.81 53.13 -25.46
C4C CLA VG . -22.79 52.51 -24.59
CMC CLA VG . -19.60 52.37 -26.47
CAC CLA VG . -21.84 54.52 -25.92
CBC CLA VG . -22.63 54.70 -27.20
ND CLA VG . -24.89 51.14 -23.13
C1D CLA VG . -24.99 52.50 -23.54
C2D CLA VG . -26.30 53.03 -23.16
C3D CLA VG . -26.99 51.99 -22.61
C4D CLA VG . -26.08 50.83 -22.64
CMD CLA VG . -26.75 54.41 -23.41
CAD CLA VG . -28.23 51.56 -22.02
OBD CLA VG . -29.24 52.20 -21.76
CBD CLA VG . -28.10 50.05 -21.75
CGD CLA VG . -28.22 49.78 -20.30
O1D CLA VG . -28.79 48.86 -19.73
O2D CLA VG . -27.58 50.71 -19.55
CED CLA VG . -28.17 51.02 -18.30
C1 CLA VG . -26.01 49.69 -26.12
C2 CLA VG . -24.61 49.73 -26.61
C3 CLA VG . -24.20 50.51 -27.61
C4 CLA VG . -25.12 51.38 -28.37
C5 CLA VG . -22.78 50.51 -28.05
C6 CLA VG . -22.60 50.29 -29.53
C7 CLA VG . -21.18 49.83 -29.75
C8 CLA VG . -20.85 49.70 -31.23
C9 CLA VG . -20.43 48.29 -31.59
C10 CLA VG . -19.73 50.64 -31.56
C11 CLA VG . -19.94 51.13 -32.96
C12 CLA VG . -18.75 51.93 -33.42
C13 CLA VG . -19.13 52.85 -34.57
C14 CLA VG . -20.32 53.75 -34.20
C15 CLA VG . -19.26 52.07 -35.89
C16 CLA VG . -19.94 52.91 -36.94
C17 CLA VG . -19.45 52.65 -38.35
C18 CLA VG . -19.17 53.92 -39.17
C19 CLA VG . -20.00 53.95 -40.45
C20 CLA VG . -19.32 55.26 -38.48
MG CLA WG . -32.33 43.72 -31.39
CHA CLA WG . -33.87 43.55 -28.33
CHB CLA WG . -35.35 43.20 -32.90
CHC CLA WG . -30.87 44.20 -34.46
CHD CLA WG . -29.31 44.54 -29.83
NA CLA WG . -34.28 43.43 -30.70
C1A CLA WG . -34.72 43.35 -29.37
C2A CLA WG . -36.22 43.01 -29.32
C3A CLA WG . -36.61 42.81 -30.80
C4A CLA WG . -35.33 43.16 -31.54
CMA CLA WG . -36.98 41.38 -31.08
CAA CLA WG . -37.15 44.01 -28.67
CBA CLA WG . -37.88 43.47 -27.45
CGA CLA WG . -38.98 42.57 -27.86
O1A CLA WG . -39.39 42.37 -29.00
O2A CLA WG . -39.60 41.95 -26.81
NB CLA WG . -32.96 43.63 -33.30
C1B CLA WG . -34.25 43.50 -33.69
C2B CLA WG . -34.36 43.70 -35.16
C3B CLA WG . -33.11 43.98 -35.60
C4B CLA WG . -32.20 43.93 -34.43
CMB CLA WG . -35.62 43.62 -35.88
CAB CLA WG . -32.65 44.26 -36.92
CBB CLA WG . -32.32 43.29 -37.77
NC CLA WG . -30.42 44.29 -32.02
C1C CLA WG . -30.04 44.36 -33.32
C2C CLA WG . -28.65 44.72 -33.43
C3C CLA WG . -28.20 44.88 -32.13
C4C CLA WG . -29.31 44.56 -31.24
CMC CLA WG . -27.92 44.91 -34.68
CAC CLA WG . -26.83 45.32 -31.85
CBC CLA WG . -25.96 44.29 -31.23
ND CLA WG . -31.71 44.20 -29.54
C1D CLA WG . -30.41 44.40 -29.01
C2D CLA WG . -30.49 44.39 -27.54
C3D CLA WG . -31.81 44.12 -27.22
C4D CLA WG . -32.50 43.95 -28.49
CMD CLA WG . -29.40 44.66 -26.64
CAD CLA WG . -32.76 43.90 -26.14
OBD CLA WG . -32.64 44.02 -24.92
CBD CLA WG . -34.07 43.45 -26.83
CGD CLA WG . -34.56 42.06 -26.54
O1D CLA WG . -34.36 41.08 -27.26
O2D CLA WG . -35.35 41.89 -25.44
CED CLA WG . -36.29 40.81 -25.44
MG CLA XG . -12.87 37.23 -30.75
CHA CLA XG . -9.39 37.09 -30.47
CHB CLA XG . -12.74 34.69 -33.04
CHC CLA XG . -16.16 36.54 -30.14
CHD CLA XG . -12.90 39.37 -27.90
NA CLA XG . -11.32 36.13 -31.61
C1A CLA XG . -9.94 36.21 -31.37
C2A CLA XG . -9.21 35.18 -32.22
C3A CLA XG . -10.23 34.88 -33.32
C4A CLA XG . -11.53 35.20 -32.61
CMA CLA XG . -10.01 35.69 -34.56
CAA CLA XG . -9.19 33.95 -31.33
CBA CLA XG . -7.84 33.31 -31.14
CGA CLA XG . -7.90 32.11 -30.24
O1A CLA XG . -6.97 31.35 -29.97
O2A CLA XG . -9.13 31.83 -29.70
NB CLA XG . -14.19 35.90 -31.46
C1B CLA XG . -13.97 34.98 -32.44
C2B CLA XG . -15.23 34.29 -32.79
C3B CLA XG . -16.22 34.80 -31.98
C4B CLA XG . -15.57 35.82 -31.13
CMB CLA XG . -15.32 33.24 -33.79
CAB CLA XG . -17.60 34.34 -31.94
CBB CLA XG . -18.75 34.98 -31.71
NC CLA XG . -14.28 37.91 -29.35
C1C CLA XG . -15.58 37.52 -29.32
C2C CLA XG . -16.30 38.18 -28.24
C3C CLA XG . -15.37 38.96 -27.58
C4C CLA XG . -14.11 38.78 -28.29
CMC CLA XG . -17.71 37.98 -27.93
CAC CLA XG . -15.64 39.79 -26.40
CBC CLA XG . -16.10 41.19 -26.72
ND CLA XG . -11.54 38.11 -29.50
C1D CLA XG . -11.69 39.04 -28.45
C2D CLA XG . -10.38 39.54 -28.05
C3D CLA XG . -9.46 38.81 -28.76
C4D CLA XG . -10.23 37.91 -29.65
CMD CLA XG . -10.18 40.56 -27.01
CAD CLA XG . -8.06 38.60 -29.06
OBD CLA XG . -7.09 39.19 -28.63
CBD CLA XG . -7.96 37.44 -30.07
CGD CLA XG . -6.95 37.79 -31.13
O1D CLA XG . -5.72 37.75 -31.02
O2D CLA XG . -7.47 38.23 -32.31
CED CLA XG . -6.64 38.19 -33.47
C1 CLA XG . -9.16 30.84 -28.65
C2 CLA XG . -9.65 31.55 -27.45
C3 CLA XG . -10.53 31.12 -26.54
C4 CLA XG . -11.17 29.78 -26.54
C5 CLA XG . -10.89 32.03 -25.42
C6 CLA XG . -10.07 31.80 -24.19
C7 CLA XG . -9.02 32.89 -24.05
C8 CLA XG . -9.03 33.35 -22.59
C9 CLA XG . -10.29 34.18 -22.39
C10 CLA XG . -7.69 33.95 -22.12
C11 CLA XG . -7.81 35.28 -21.42
C12 CLA XG . -6.95 35.45 -20.18
C13 CLA XG . -7.59 36.26 -19.02
C14 CLA XG . -7.28 35.56 -17.72
C15 CLA XG . -9.09 36.58 -19.23
C16 CLA XG . -10.11 36.11 -18.22
C17 CLA XG . -11.28 37.07 -18.10
C18 CLA XG . -12.62 36.39 -18.32
C19 CLA XG . -13.78 37.33 -18.07
C20 CLA XG . -12.73 35.79 -19.71
MG CLA YG . -9.49 52.45 -34.81
CHA CLA YG . -8.56 51.41 -37.99
CHB CLA YG . -7.41 55.11 -35.07
CHC CLA YG . -10.81 53.68 -31.92
CHD CLA YG . -12.06 49.98 -34.88
NA CLA YG . -8.15 53.09 -36.27
C1A CLA YG . -7.90 52.53 -37.53
C2A CLA YG . -6.78 53.29 -38.24
C3A CLA YG . -6.28 54.26 -37.15
C4A CLA YG . -7.35 54.17 -36.07
CMA CLA YG . -4.98 53.69 -36.68
CAA CLA YG . -7.11 53.99 -39.54
CBA CLA YG . -8.43 54.68 -39.50
CGA CLA YG . -8.31 56.05 -38.96
O1A CLA YG . -7.52 56.92 -39.32
O2A CLA YG . -9.18 56.29 -37.95
NB CLA YG . -9.22 54.14 -33.74
C1B CLA YG . -8.29 55.08 -33.99
C2B CLA YG . -8.25 56.06 -32.86
C3B CLA YG . -9.21 55.67 -31.95
C4B CLA YG . -9.82 54.42 -32.50
CMB CLA YG . -7.29 57.17 -32.89
CAB CLA YG . -9.65 56.16 -30.66
CBB CLA YG . -9.03 56.96 -29.78
NC CLA YG . -11.10 51.89 -33.61
C1C CLA YG . -11.39 52.48 -32.42
C2C CLA YG . -12.46 51.76 -31.76
C3C CLA YG . -12.90 50.79 -32.67
C4C CLA YG . -12.03 50.87 -33.82
CMC CLA YG . -13.01 52.01 -30.44
CAC CLA YG . -13.94 49.79 -32.44
CBC CLA YG . -15.31 50.24 -32.87
ND CLA YG . -10.13 50.96 -36.02
C1D CLA YG . -11.16 50.00 -35.91
C2D CLA YG . -11.10 49.08 -37.05
C3D CLA YG . -10.12 49.57 -37.89
C4D CLA YG . -9.58 50.77 -37.22
CMD CLA YG . -11.95 47.91 -37.18
CAD CLA YG . -9.39 49.38 -39.12
OBD CLA YG . -9.47 48.49 -39.96
CBD CLA YG . -8.43 50.58 -39.26
CGD CLA YG . -7.03 50.15 -39.54
O1D CLA YG . -6.47 50.12 -40.63
O2D CLA YG . -6.34 49.75 -38.43
CED CLA YG . -4.92 49.90 -38.39
C1 CLA YG . -9.09 57.58 -37.31
C2 CLA YG . -9.88 57.49 -36.07
C3 CLA YG . -9.99 58.50 -35.21
C4 CLA YG . -9.37 59.82 -35.42
C5 CLA YG . -10.82 58.32 -34.00
C6 CLA YG . -11.90 59.37 -33.93
C7 CLA YG . -12.99 58.94 -33.00
C8 CLA YG . -14.00 60.02 -32.58
C9 CLA YG . -14.03 61.28 -33.42
C10 CLA YG . -13.73 60.38 -31.14
C11 CLA YG . -14.53 59.51 -30.20
C12 CLA YG . -16.02 59.68 -30.39
C13 CLA YG . -16.78 58.99 -29.29
C14 CLA YG . -17.58 57.80 -29.80
C15 CLA YG . -17.68 59.98 -28.55
C16 CLA YG . -17.21 60.15 -27.11
C17 CLA YG . -18.13 60.99 -26.27
C18 CLA YG . -17.59 61.19 -24.87
C19 CLA YG . -16.60 62.33 -24.79
C20 CLA YG . -18.71 61.40 -23.85
MG CLA ZG . 1.16 60.42 -23.13
CHA CLA ZG . -0.26 60.60 -26.29
CHB CLA ZG . 3.70 62.49 -24.20
CHC CLA ZG . 1.98 61.11 -19.87
CHD CLA ZG . -1.85 58.97 -21.97
NA CLA ZG . 1.66 61.32 -24.95
C1A CLA ZG . 0.92 61.29 -26.16
C2A CLA ZG . 1.66 62.06 -27.25
C3A CLA ZG . 3.06 62.32 -26.63
C4A CLA ZG . 2.81 62.04 -25.15
CMA CLA ZG . 4.09 61.43 -27.26
CAA CLA ZG . 0.97 63.37 -27.61
CBA CLA ZG . 0.28 64.05 -26.46
CGA CLA ZG . 0.12 65.50 -26.73
O1A CLA ZG . 0.92 66.28 -27.26
O2A CLA ZG . -1.08 65.96 -26.30
NB CLA ZG . 2.56 61.55 -22.23
C1B CLA ZG . 3.54 62.29 -22.83
C2B CLA ZG . 4.42 62.91 -21.80
C3B CLA ZG . 3.92 62.52 -20.60
C4B CLA ZG . 2.75 61.66 -20.84
CMB CLA ZG . 5.57 63.76 -22.11
CAB CLA ZG . 4.35 62.83 -19.28
CBB CLA ZG . 5.27 62.12 -18.66
NC CLA ZG . 0.28 60.01 -21.28
C1C CLA ZG . 0.84 60.31 -20.08
C2C CLA ZG . 0.05 59.79 -19.01
C3C CLA ZG . -1.11 59.28 -19.58
C4C CLA ZG . -0.94 59.40 -21.01
CMC CLA ZG . 0.45 59.95 -17.62
CAC CLA ZG . -2.24 58.60 -18.90
CBC CLA ZG . -3.30 59.54 -18.36
ND CLA ZG . -0.59 59.79 -23.90
C1D CLA ZG . -1.70 59.13 -23.33
C2D CLA ZG . -2.62 58.73 -24.40
C3D CLA ZG . -2.11 59.26 -25.55
C4D CLA ZG . -0.87 59.95 -25.19
CMD CLA ZG . -3.83 57.94 -24.21
CAD CLA ZG . -2.28 59.40 -26.98
OBD CLA ZG . -3.14 58.90 -27.70
CBD CLA ZG . -1.15 60.34 -27.49
CGD CLA ZG . -0.40 59.78 -28.66
O1D CLA ZG . 0.15 58.70 -28.75
O2D CLA ZG . -0.36 60.58 -29.76
CED CLA ZG . 0.46 60.17 -30.86
C1 CLA ZG . -1.93 66.48 -27.34
C2 CLA ZG . -3.28 66.62 -26.75
C3 CLA ZG . -3.52 67.24 -25.58
MG CLA AH . -8.24 60.04 -24.95
CHA CLA AH . -6.09 61.46 -27.27
CHB CLA AH . -10.72 59.96 -27.33
CHC CLA AH . -10.59 59.37 -22.55
CHD CLA AH . -6.05 61.15 -22.39
NA CLA AH . -8.34 60.55 -26.98
C1A CLA AH . -7.32 61.08 -27.79
C2A CLA AH . -7.83 61.25 -29.22
C3A CLA AH . -9.26 60.69 -29.22
C4A CLA AH . -9.47 60.34 -27.75
CMA CLA AH . -10.24 61.74 -29.66
CAA CLA AH . -7.01 60.39 -30.18
CBA CLA AH . -7.20 60.78 -31.63
CGA CLA AH . -6.09 61.71 -32.00
O1A CLA AH . -4.87 61.57 -31.96
O2A CLA AH . -6.47 62.94 -32.45
NB CLA AH . -10.22 59.66 -24.96
C1B CLA AH . -11.05 59.67 -26.02
C2B CLA AH . -12.44 59.34 -25.62
C3B CLA AH . -12.42 59.17 -24.25
C4B CLA AH . -11.01 59.38 -23.82
CMB CLA AH . -13.51 59.34 -26.60
CAB CLA AH . -13.40 58.88 -23.22
CBB CLA AH . -14.64 58.43 -23.36
NC CLA AH . -8.26 60.15 -22.87
C1C CLA AH . -9.30 59.73 -22.11
C2C CLA AH . -8.95 59.81 -20.70
C3C CLA AH . -7.72 60.46 -20.63
C4C CLA AH . -7.29 60.64 -22.01
CMC CLA AH . -9.86 59.35 -19.66
CAC CLA AH . -6.92 60.79 -19.44
CBC CLA AH . -6.91 62.25 -19.09
ND CLA AH . -6.49 61.04 -24.78
C1D CLA AH . -5.66 61.34 -23.67
C2D CLA AH . -4.40 61.92 -24.12
C3D CLA AH . -4.52 62.00 -25.48
C4D CLA AH . -5.84 61.46 -25.85
CMD CLA AH . -3.30 62.36 -23.27
CAD CLA AH . -3.89 62.48 -26.68
OBD CLA AH . -2.88 63.13 -26.82
CBD CLA AH . -4.83 62.08 -27.85
CGD CLA AH . -5.06 63.27 -28.72
O1D CLA AH . -4.30 63.71 -29.59
O2D CLA AH . -6.23 63.90 -28.49
CED CLA AH . -6.37 65.26 -28.88
C1 CLA AH . -7.58 63.04 -33.36
C2 CLA AH . -8.53 63.93 -32.67
C3 CLA AH . -9.65 64.41 -33.25
C4 CLA AH . -10.04 64.04 -34.62
C5 CLA AH . -10.54 65.29 -32.45
C6 CLA AH . -11.70 64.47 -31.90
C7 CLA AH . -12.47 65.18 -30.80
C8 CLA AH . -13.62 64.29 -30.36
C9 CLA AH . -14.83 64.57 -31.21
C10 CLA AH . -13.97 64.46 -28.87
C11 CLA AH . -13.08 63.62 -28.01
C12 CLA AH . -13.48 63.64 -26.55
C13 CLA AH . -12.41 62.97 -25.71
C14 CLA AH . -12.85 62.88 -24.27
C15 CLA AH . -11.13 63.77 -25.79
C16 CLA AH . -9.92 63.06 -25.22
C17 CLA AH . -8.69 63.94 -25.19
C18 CLA AH . -8.39 64.55 -23.82
C19 CLA AH . -6.91 64.81 -23.62
C20 CLA AH . -8.90 63.79 -22.61
MG CLA BH . -8.26 51.70 -8.34
CHA CLA BH . -10.04 51.86 -5.36
CHB CLA BH . -8.65 55.09 -8.72
CHC CLA BH . -6.91 51.49 -11.51
CHD CLA BH . -8.51 48.18 -8.23
NA CLA BH . -9.09 53.24 -7.15
C1A CLA BH . -9.78 53.08 -5.93
C2A CLA BH . -10.22 54.45 -5.41
C3A CLA BH . -9.76 55.44 -6.50
C4A CLA BH . -9.08 54.55 -7.52
CMA CLA BH . -10.98 56.11 -7.08
CAA CLA BH . -9.50 54.85 -4.11
CBA CLA BH . -8.09 54.33 -3.95
CGA CLA BH . -7.18 55.46 -3.62
O1A CLA BH . -7.04 56.53 -4.23
O2A CLA BH . -6.43 55.23 -2.50
NB CLA BH . -7.94 53.03 -9.87
C1B CLA BH . -8.03 54.38 -9.76
C2B CLA BH . -7.38 55.03 -10.94
C3B CLA BH . -6.90 54.02 -11.73
C4B CLA BH . -7.22 52.73 -11.06
CMB CLA BH . -7.33 56.49 -11.12
CAB CLA BH . -6.16 54.09 -12.98
CBB CLA BH . -6.67 54.42 -14.16
NC CLA BH . -7.78 50.11 -9.63
C1C CLA BH . -7.16 50.26 -10.83
C2C CLA BH . -6.83 48.95 -11.39
C3C CLA BH . -7.37 48.02 -10.50
C4C CLA BH . -7.93 48.75 -9.38
CMC CLA BH . -6.13 48.79 -12.67
CAC CLA BH . -7.27 46.55 -10.53
CBC CLA BH . -8.07 45.94 -11.64
ND CLA BH . -8.88 50.26 -7.01
C1D CLA BH . -8.97 48.86 -7.13
C2D CLA BH . -9.61 48.34 -5.91
C3D CLA BH . -10.02 49.43 -5.18
C4D CLA BH . -9.60 50.61 -5.94
CMD CLA BH . -9.78 46.92 -5.60
CAD CLA BH . -10.66 49.91 -3.97
OBD CLA BH . -10.99 49.30 -2.96
CBD CLA BH . -10.87 51.44 -4.16
CGD CLA BH . -12.32 51.73 -4.44
O1D CLA BH . -12.83 52.08 -5.51
O2D CLA BH . -13.16 51.60 -3.38
CED CLA BH . -14.51 52.03 -3.59
C1 CLA BH . -6.03 53.87 -2.29
C2 CLA BH . -4.59 53.77 -2.64
C3 CLA BH . -3.72 52.99 -1.97
C4 CLA BH . -4.14 52.15 -0.83
C5 CLA BH . -2.30 52.93 -2.37
C6 CLA BH . -2.01 51.81 -3.36
C7 CLA BH . -0.56 51.42 -3.31
C8 CLA BH . 0.03 51.26 -4.70
C9 CLA BH . 1.32 52.06 -4.82
C10 CLA BH . -0.97 51.67 -5.77
C11 CLA BH . -0.64 51.12 -7.15
C12 CLA BH . -0.62 52.20 -8.21
C13 CLA BH . 0.43 51.90 -9.27
C14 CLA BH . 0.76 50.42 -9.30
C15 CLA BH . 1.70 52.73 -9.07
C16 CLA BH . 2.94 51.87 -9.21
C17 CLA BH . 4.22 52.68 -9.20
C18 CLA BH . 5.21 52.17 -10.24
C19 CLA BH . 5.04 50.69 -10.50
C20 CLA BH . 6.64 52.48 -9.82
MG CLA CH . -9.75 40.98 -10.06
CHA CLA CH . -11.17 40.82 -6.91
CHB CLA CH . -6.72 41.63 -8.55
CHC CLA CH . -8.11 40.06 -12.94
CHD CLA CH . -12.71 39.52 -11.36
NA CLA CH . -9.10 41.26 -8.08
C1A CLA CH . -9.85 41.14 -6.91
C2A CLA CH . -8.98 41.44 -5.68
C3A CLA CH . -7.76 42.12 -6.30
C4A CLA CH . -7.84 41.63 -7.75
CMA CLA CH . -7.84 43.62 -6.20
CAA CLA CH . -8.52 40.16 -5.03
CBA CLA CH . -8.22 40.31 -3.54
CGA CLA CH . -9.41 39.98 -2.70
O1A CLA CH . -10.60 39.94 -3.02
O2A CLA CH . -9.10 39.69 -1.40
NB CLA CH . -7.81 40.91 -10.64
C1B CLA CH . -6.73 41.20 -9.87
C2B CLA CH . -5.49 40.97 -10.64
C3B CLA CH . -5.86 40.54 -11.89
C4B CLA CH . -7.35 40.50 -11.90
CMB CLA CH . -4.15 41.16 -10.06
CAB CLA CH . -5.07 40.18 -13.02
CBB CLA CH . -4.48 39.01 -13.22
NC CLA CH . -10.33 40.06 -11.84
C1C CLA CH . -9.53 39.85 -12.92
C2C CLA CH . -10.28 39.30 -14.01
C3C CLA CH . -11.56 39.03 -13.53
C4C CLA CH . -11.58 39.54 -12.17
CMC CLA CH . -9.73 38.98 -15.32
CAC CLA CH . -12.70 38.47 -14.26
CBC CLA CH . -12.85 36.98 -14.02
ND CLA CH . -11.54 40.37 -9.38
C1D CLA CH . -12.69 39.89 -10.04
C2D CLA CH . -13.80 39.86 -9.09
C3D CLA CH . -13.28 40.22 -7.86
C4D CLA CH . -11.86 40.49 -8.10
CMD CLA CH . -15.14 39.48 -9.46
CAD CLA CH . -13.55 40.47 -6.46
OBD CLA CH . -14.61 40.47 -5.86
CBD CLA CH . -12.19 40.78 -5.80
CGD CLA CH . -12.20 42.10 -5.10
O1D CLA CH . -11.72 42.41 -4.02
O2D CLA CH . -12.85 43.04 -5.83
CED CLA CH . -12.38 44.37 -5.69
C1 CLA CH . -9.94 38.71 -0.76
C2 CLA CH . -10.84 39.47 0.14
C3 CLA CH . -12.16 39.23 0.19
C03 II0 DH . -14.36 56.67 -37.83
C04 II0 DH . -11.85 57.50 -13.48
C05 II0 DH . -13.97 56.41 -39.41
C06 II0 DH . -12.66 57.44 -12.03
C07 II0 DH . -12.64 56.26 -39.60
C08 II0 DH . -12.83 56.16 -11.54
C09 II0 DH . -13.45 56.02 -36.86
C10 II0 DH . -11.33 56.23 -13.91
C11 II0 DH . -12.07 54.90 -38.77
C12 II0 DH . -11.37 55.41 -11.47
C13 II0 DH . -12.53 54.86 -37.43
C14 II0 DH . -10.82 55.21 -12.80
C15 II0 DH . -14.38 58.20 -37.54
C16 II0 DH . -15.79 56.07 -37.55
C17 II0 DH . -12.85 57.96 -14.57
C18 II0 DH . -10.65 58.51 -13.43
C19 II0 DH . -12.25 53.67 -36.53
C20 II0 DH . -10.27 53.85 -13.22
C21 II0 DH . -13.98 55.73 -35.43
C22 II0 DH . -10.72 56.20 -15.31
C23 II0 DH . -14.34 55.48 -34.31
C24 II0 DH . -10.31 56.16 -16.40
C25 II0 DH . -14.75 55.23 -32.83
C26 II0 DH . -9.79 56.03 -17.83
C27 II0 DH . -16.12 54.64 -32.47
C28 II0 DH . -8.35 56.24 -18.11
C29 II0 DH . -13.82 55.56 -31.90
C30 II0 DH . -10.64 55.68 -18.79
C31 II0 DH . -14.08 55.39 -30.38
C32 II0 DH . -10.07 55.58 -20.22
C33 II0 DH . -13.11 55.82 -29.55
C34 II0 DH . -10.93 55.92 -21.14
C35 II0 DH . -13.29 55.71 -28.06
C36 II0 DH . -10.52 55.91 -22.59
C37 II0 DH . -14.63 55.30 -27.49
C38 II0 DH . -9.07 56.12 -23.02
C39 II0 DH . -12.25 55.96 -27.26
C40 II0 DH . -11.53 55.76 -23.45
C41 II0 DH . -12.39 55.90 -25.73
C42 II0 DH . -11.29 55.78 -24.97
O01 II0 DH . -12.34 56.08 -40.96
O02 II0 DH . -13.44 56.23 -10.24
C03 II0 EH . 4.02 42.85 -18.32
C04 II0 EH . -20.06 44.68 -19.04
C05 II0 EH . 5.49 42.31 -18.86
C06 II0 EH . -21.60 45.13 -18.66
C07 II0 EH . 5.54 42.18 -20.21
C08 II0 EH . -21.63 46.45 -18.38
C09 II0 EH . 3.35 43.84 -19.19
C10 II0 EH . -19.38 45.61 -19.93
C11 II0 EH . 5.17 43.67 -20.93
C12 II0 EH . -21.29 47.40 -19.70
C13 II0 EH . 3.80 43.98 -20.70
C14 II0 EH . -20.06 47.01 -20.34
C15 II0 EH . 3.06 41.62 -18.10
C16 II0 EH . 4.28 43.57 -16.95
C17 II0 EH . -20.13 43.31 -19.75
C18 II0 EH . -19.24 44.51 -17.71
C19 II0 EH . 2.98 44.84 -21.66
C20 II0 EH . -19.19 48.13 -20.92
C21 II0 EH . 1.90 44.28 -18.86
C22 II0 EH . -18.20 45.06 -20.78
C23 II0 EH . 0.77 44.57 -18.64
C24 II0 EH . -17.24 44.65 -21.35
C25 II0 EH . -0.73 44.87 -18.40
C26 II0 EH . -15.97 44.12 -22.04
C27 II0 EH . -1.17 45.96 -17.42
C28 II0 EH . -16.01 43.05 -23.10
C29 II0 EH . -1.61 44.10 -19.10
C30 II0 EH . -14.86 44.65 -21.59
C31 II0 EH . -3.15 44.30 -18.93
C32 II0 EH . -13.40 44.37 -22.03
C33 II0 EH . -3.97 44.15 -19.98
C34 II0 EH . -12.63 43.55 -21.34
C35 II0 EH . -5.45 44.35 -19.72
C36 II0 EH . -11.20 43.33 -21.81
C37 II0 EH . -5.90 45.10 -18.49
C38 II0 EH . -10.86 42.85 -23.23
C39 II0 EH . -6.34 43.84 -20.59
C40 II0 EH . -10.25 43.60 -20.90
C41 II0 EH . -7.86 44.02 -20.34
C42 II0 EH . -8.73 43.43 -21.19
O01 II0 EH . 6.83 41.81 -20.62
O02 II0 EH . -22.92 46.78 -17.88
C03 II0 FH . -0.22 54.24 -21.17
C04 II0 FH . -7.98 44.15 -1.36
C05 II0 FH . 0.41 53.79 -22.62
C06 II0 FH . -8.45 44.53 0.18
C07 II0 FH . 1.75 53.96 -22.62
C08 II0 FH . -9.05 43.45 0.77
C09 II0 FH . 0.60 53.93 -19.98
C10 II0 FH . -7.11 42.99 -1.37
C11 II0 FH . 2.52 53.01 -21.43
C12 II0 FH . -8.00 42.16 0.97
C13 II0 FH . 1.88 53.01 -20.17
C14 II0 FH . -6.96 42.07 -0.05
C15 II0 FH . -0.39 55.78 -21.20
C16 II0 FH . -1.63 53.59 -20.95
C17 II0 FH . -9.23 43.81 -2.20
C18 II0 FH . -7.29 45.40 -2.02
C19 II0 FH . 2.64 52.53 -18.93
C20 II0 FH . -6.16 40.76 -0.21
C21 II0 FH . -0.10 53.96 -18.60
C22 II0 FH . -5.99 42.92 -2.46
C23 II0 FH . -0.66 53.90 -17.53
C24 II0 FH . -5.16 42.90 -3.30
C25 II0 FH . -1.37 53.78 -16.17
C26 II0 FH . -4.35 43.09 -4.61
C27 II0 FH . -2.56 54.69 -15.84
C28 II0 FH . -3.59 41.96 -5.24
C29 II0 FH . -0.95 52.81 -15.33
C30 II0 FH . -4.41 44.33 -5.12
C31 II0 FH . -1.61 52.57 -13.94
C32 II0 FH . -3.68 44.74 -6.42
C33 II0 FH . -1.82 51.30 -13.51
C34 II0 FH . -4.11 45.86 -6.98
C35 II0 FH . -2.47 51.07 -12.14
C36 II0 FH . -3.44 46.35 -8.26
C37 II0 FH . -3.14 52.22 -11.43
C38 II0 FH . -2.43 45.45 -8.98
C39 II0 FH . -2.42 49.83 -11.64
C40 II0 FH . -3.78 47.56 -8.74
C41 II0 FH . -3.03 49.45 -10.28
C42 II0 FH . -3.14 48.10 -10.06
O01 II0 FH . 2.21 53.56 -23.89
O02 II0 FH . -9.58 43.86 2.03
C02 IHT GH . 3.29 48.46 -15.70
C03 IHT GH . -17.97 39.55 -12.97
C04 IHT GH . 4.06 49.52 -16.70
C05 IHT GH . -19.33 39.13 -12.11
C06 IHT GH . 4.48 50.62 -16.05
C07 IHT GH . 2.16 49.09 -15.04
C08 IHT GH . -20.40 39.94 -12.29
C09 IHT GH . 3.23 51.45 -15.31
C10 IHT GH . 2.35 50.60 -14.55
C11 IHT GH . -18.30 39.84 -14.37
C12 IHT GH . -20.88 40.06 -13.92
C13 IHT GH . 4.30 47.95 -14.61
C14 IHT GH . 2.76 47.20 -16.55
C15 IHT GH . -19.81 40.16 -14.85
C16 IHT GH . -17.33 40.79 -12.36
C17 IHT GH . -17.00 38.40 -12.92
C18 IHT GH . 0.92 48.26 -14.69
C19 IHT GH . 1.83 51.06 -13.19
C20 IHT GH . -20.05 40.90 -16.18
C21 IHT GH . -17.15 40.33 -15.29
C22 IHT GH . 0.84 47.71 -13.48
C23 IHT GH . -0.41 46.83 -13.06
C24 IHT GH . -16.23 40.76 -15.96
C25 IHT GH . -0.27 45.78 -11.92
C26 IHT GH . -15.00 41.33 -16.70
C27 IHT GH . -1.61 46.99 -13.68
C28 IHT GH . -15.09 41.85 -18.13
C29 IHT GH . -13.86 41.36 -16.00
C30 IHT GH . -2.82 46.10 -13.21
C31 IHT GH . -12.54 41.93 -16.52
C32 IHT GH . -3.66 45.57 -14.11
C33 IHT GH . -4.84 44.73 -13.64
C34 IHT GH . -11.68 42.25 -15.55
C35 IHT GH . -10.27 42.89 -15.82
C36 IHT GH . -4.94 44.28 -12.19
C37 IHT GH . -5.78 44.39 -14.54
C38 IHT GH . -9.36 42.91 -14.82
C39 IHT GH . -9.97 43.52 -17.21
C40 IHT GH . -7.04 43.59 -14.16
C41 IHT GH . -8.01 43.60 -15.06
O01 IHT GH . -21.49 39.41 -11.56
C03 II0 HH . -14.73 45.50 -32.18
C04 II0 HH . -38.52 47.88 -27.94
C05 II0 HH . -13.59 45.16 -33.31
C06 II0 HH . -39.51 48.53 -26.74
C07 II0 HH . -12.82 44.09 -32.96
C08 II0 HH . -39.48 48.00 -25.46
C09 II0 HH . -15.40 44.33 -31.55
C10 II0 HH . -37.26 47.30 -27.44
C11 II0 HH . -13.78 42.70 -32.74
C12 II0 HH . -38.45 46.71 -25.20
C13 II0 HH . -14.73 42.88 -31.68
C14 II0 HH . -37.19 46.85 -25.90
C15 II0 HH . -14.07 46.32 -31.01
C16 II0 HH . -15.85 46.39 -32.85
C17 II0 HH . -38.20 49.02 -28.93
C18 II0 HH . -39.37 46.84 -28.76
C19 II0 HH . -14.69 41.93 -30.49
C20 II0 HH . -35.87 46.39 -25.26
C21 II0 HH . -16.59 44.59 -30.58
C22 II0 HH . -35.96 47.33 -28.31
C23 II0 HH . -17.55 44.80 -29.86
C24 II0 HH . -35.03 47.33 -29.08
C25 II0 HH . -18.83 45.00 -29.00
C26 II0 HH . -34.04 47.32 -30.28
C27 II0 HH . -18.77 44.78 -27.48
C28 II0 HH . -34.68 47.04 -31.62
C29 II0 HH . -19.99 45.35 -29.66
C30 II0 HH . -32.71 47.56 -30.32
C31 II0 HH . -21.41 45.57 -29.04
C32 II0 HH . -31.58 47.89 -29.30
C33 II0 HH . -21.84 46.64 -28.32
C34 II0 HH . -30.47 47.89 -30.05
C35 II0 HH . -23.30 46.58 -27.88
C36 II0 HH . -28.94 48.06 -29.87
C37 II0 HH . -23.63 46.25 -26.45
C38 II0 HH . -28.19 48.74 -31.02
C39 II0 HH . -24.25 46.83 -28.82
C40 II0 HH . -28.20 47.59 -28.83
C41 II0 HH . -25.81 46.79 -28.64
C42 II0 HH . -26.66 47.82 -28.99
O01 II0 HH . -11.88 43.83 -33.97
O02 II0 HH . -39.11 49.04 -24.56
O1 LHG IH . 8.68 59.30 -23.96
C1 LHG IH . 7.84 60.43 -24.19
C2 LHG IH . 6.56 60.25 -23.40
O2 LHG IH . 6.92 59.91 -22.06
C3 LHG IH . 5.71 59.10 -23.91
O3 LHG IH . 4.97 58.64 -22.79
P LHG IH . 3.62 57.81 -22.93
O4 LHG IH . 3.90 56.55 -23.70
O5 LHG IH . 2.56 58.75 -23.42
O6 LHG IH . 3.31 57.46 -21.40
C4 LHG IH . 4.00 56.44 -20.71
C5 LHG IH . 4.18 56.83 -19.25
C6 LHG IH . 2.86 57.36 -18.79
O7 LHG IH . 4.40 55.67 -18.45
C7 LHG IH . 5.69 55.64 -17.80
O9 LHG IH . 6.54 56.36 -18.24
C8 LHG IH . 5.96 54.72 -16.64
C9 LHG IH . 7.34 55.03 -16.09
C10 LHG IH . 7.63 54.30 -14.80
O8 LHG IH . 2.23 56.37 -17.98
C23 LHG IH . 2.16 56.60 -16.54
O10 LHG IH . 2.48 57.68 -16.10
C24 LHG IH . 1.77 55.50 -15.59
C11 LHG IH . 9.01 54.68 -14.32
C12 LHG IH . 9.40 53.87 -13.11
C13 LHG IH . 10.29 54.70 -12.22
C14 LHG IH . 10.82 53.80 -11.13
C15 LHG IH . 11.26 54.54 -9.88
C16 LHG IH . 10.10 55.29 -9.24
C17 LHG IH . 10.17 55.29 -7.72
C18 LHG IH . 9.47 54.06 -7.16
C19 LHG IH . 9.25 54.16 -5.65
C20 LHG IH . 8.30 53.08 -5.16
C21 LHG IH . 6.99 53.16 -5.93
C22 LHG IH . 5.86 53.70 -5.09
C25 LHG IH . 2.85 55.52 -14.52
C26 LHG IH . 2.32 55.14 -13.15
C27 LHG IH . 3.19 55.82 -12.10
C28 LHG IH . 4.66 55.49 -12.29
C29 LHG IH . 5.54 56.07 -11.18
C30 LHG IH . 5.61 57.59 -11.32
C31 LHG IH . 6.04 58.24 -10.00
C32 LHG IH . 7.31 57.62 -9.43
C33 LHG IH . 7.85 58.30 -8.19
C34 LHG IH . 6.76 58.60 -7.16
C35 LHG IH . 7.29 58.81 -5.74
C36 LHG IH . 8.21 57.66 -5.34
C37 LHG IH . 8.75 57.70 -3.91
C38 LHG IH . 7.65 57.78 -2.87
C1B LMT JH . -10.09 52.15 4.39
C2B LMT JH . -11.47 52.12 5.04
C3B LMT JH . -12.30 53.35 4.69
C4B LMT JH . -11.49 54.62 4.89
C5B LMT JH . -10.21 54.51 4.09
C6B LMT JH . -9.36 55.78 4.11
O1B LMT JH . -10.24 51.86 3.00
O2B LMT JH . -12.16 50.95 4.59
O3B LMT JH . -13.47 53.38 5.50
O4' LMT JH . -12.27 55.74 4.45
O5B LMT JH . -9.45 53.41 4.59
O6B LMT JH . -9.67 56.57 5.26
C1' LMT JH . -8.53 50.18 -0.29
C2' LMT JH . -8.46 49.32 0.96
C3' LMT JH . -9.39 49.83 2.04
C4' LMT JH . -9.08 51.27 2.42
C5' LMT JH . -8.68 52.15 1.23
C6' LMT JH . -7.25 52.66 1.35
O1' LMT JH . -7.26 50.19 -0.93
O2' LMT JH . -8.84 47.98 0.61
O3' LMT JH . -9.27 48.98 3.19
O5' LMT JH . -8.95 51.54 -0.04
O6' LMT JH . -6.93 52.87 2.73
C1 LMT JH . -7.42 50.35 -2.33
C2 LMT JH . -6.92 49.09 -3.01
C3 LMT JH . -5.63 49.38 -3.75
C4 LMT JH . -5.68 48.80 -5.16
C5 LMT JH . -4.97 49.75 -6.11
C6 LMT JH . -5.46 51.18 -5.89
C7 LMT JH . -5.64 51.87 -7.23
C8 LMT JH . -5.32 53.34 -7.07
C9 LMT JH . -4.36 53.79 -8.15
C10 LMT JH . -4.43 55.30 -8.30
C11 LMT JH . -5.23 55.89 -7.14
C12 LMT JH . -5.65 57.30 -7.43
MG CLA KH . 38.82 42.03 20.86
CHA CLA KH . 38.47 45.13 19.34
CHB CLA KH . 41.69 43.12 22.35
CHC CLA KH . 38.78 39.26 22.88
CHD CLA KH . 35.53 41.26 19.83
NA CLA KH . 39.90 43.83 20.82
C1A CLA KH . 39.59 45.01 20.12
C2A CLA KH . 40.65 46.08 20.35
C3A CLA KH . 41.77 45.29 21.06
C4A CLA KH . 41.10 43.98 21.46
CMA CLA KH . 42.94 45.10 20.13
CAA CLA KH . 40.16 47.26 21.19
CBA CLA KH . 39.30 46.81 22.36
CGA CLA KH . 38.72 47.92 23.15
O1A CLA KH . 37.53 48.13 23.41
O2A CLA KH . 39.68 48.80 23.57
NB CLA KH . 39.98 41.36 22.36
C1B CLA KH . 41.16 41.89 22.76
C2B CLA KH . 41.87 40.93 23.65
C3B CLA KH . 41.06 39.84 23.81
C4B CLA KH . 39.85 40.09 22.97
CMB CLA KH . 43.17 41.23 24.23
CAB CLA KH . 41.27 38.62 24.56
CBB CLA KH . 40.57 38.19 25.63
NC CLA KH . 37.42 40.54 21.27
C1C CLA KH . 37.63 39.48 22.09
C2C CLA KH . 36.50 38.58 22.08
C3C CLA KH . 35.55 39.20 21.28
C4C CLA KH . 36.15 40.40 20.74
CMC CLA KH . 36.43 37.34 22.86
CAC CLA KH . 34.23 38.71 20.89
CBC CLA KH . 34.48 37.80 19.74
ND CLA KH . 37.33 42.91 19.81
C1D CLA KH . 36.07 42.43 19.38
C2D CLA KH . 35.47 43.40 18.43
C3D CLA KH . 36.35 44.45 18.37
C4D CLA KH . 37.48 44.11 19.27
CMD CLA KH . 34.21 43.21 17.75
CAD CLA KH . 36.62 45.75 17.81
OBD CLA KH . 35.95 46.43 17.05
CBD CLA KH . 37.97 46.24 18.41
CGD CLA KH . 38.96 46.75 17.41
O1D CLA KH . 39.00 47.90 16.96
O2D CLA KH . 39.92 45.88 16.98
CED CLA KH . 41.26 46.38 16.83
C1 CLA KH . 40.13 48.67 24.93
C2 CLA KH . 41.61 48.50 24.83
C3 CLA KH . 42.28 47.42 25.30
C4 CLA KH . 43.76 47.29 25.16
C5 CLA KH . 41.61 46.30 26.02
C6 CLA KH . 42.04 44.92 25.55
MG CLA LH . 29.14 43.26 10.60
CHA CLA LH . 32.42 42.55 9.76
CHB CLA LH . 28.12 41.41 7.93
CHC CLA LH . 25.97 43.20 11.88
CHD CLA LH . 30.31 44.61 13.66
NA CLA LH . 30.13 42.18 9.11
C1A CLA LH . 31.50 42.01 8.91
C2A CLA LH . 31.79 41.15 7.69
C3A CLA LH . 30.43 41.22 6.96
C4A CLA LH . 29.47 41.60 8.08
CMA CLA LH . 30.45 42.28 5.89
CAA CLA LH . 32.15 39.73 8.11
CBA CLA LH . 31.22 38.67 7.56
CGA CLA LH . 30.37 38.27 8.72
O1A CLA LH . 30.76 38.27 9.86
O2A CLA LH . 29.06 37.95 8.49
NB CLA LH . 27.41 42.39 10.05
C1B CLA LH . 27.17 41.76 8.88
C2B CLA LH . 25.71 41.59 8.66
C3B CLA LH . 25.10 42.10 9.77
C4B CLA LH . 26.17 42.62 10.66
CMB CLA LH . 25.20 40.96 7.44
CAB CLA LH . 23.71 42.24 10.16
CBB CLA LH . 22.75 41.34 10.04
NC CLA LH . 28.28 43.86 12.41
C1C CLA LH . 26.96 43.80 12.70
C2C CLA LH . 26.71 44.39 14.00
C3C CLA LH . 27.95 44.74 14.50
C4C CLA LH . 28.94 44.42 13.50
CMC CLA LH . 25.43 44.55 14.67
CAC CLA LH . 28.27 45.42 15.76
CBC CLA LH . 28.60 44.41 16.80
ND CLA LH . 30.90 43.60 11.53
C1D CLA LH . 31.25 44.20 12.76
C2D CLA LH . 32.71 44.34 12.85
C3D CLA LH . 33.21 43.77 11.70
C4D CLA LH . 32.04 43.27 10.94
CMD CLA LH . 33.44 44.97 13.95
CAD CLA LH . 34.38 43.44 10.96
OBD CLA LH . 35.54 43.70 11.21
CBD CLA LH . 33.93 42.62 9.72
CGD CLA LH . 34.55 43.20 8.49
O1D CLA LH . 35.77 43.25 8.32
O2D CLA LH . 33.75 43.68 7.50
CED CLA LH . 34.32 43.72 6.19
C1 CLA LH . 28.17 38.25 9.59
C2 CLA LH . 27.08 37.26 9.73
C3 CLA LH . 26.11 37.39 10.65
C4 CLA LH . 26.04 38.53 11.59
C5 CLA LH . 25.04 36.38 10.77
C6 CLA LH . 24.91 35.89 12.20
C7 CLA LH . 23.73 34.96 12.36
C8 CLA LH . 24.12 33.55 12.77
C9 CLA LH . 22.87 32.75 13.03
C10 CLA LH . 25.02 33.55 14.00
MG CLA MH . 18.64 39.70 8.80
CHA CLA MH . 19.45 38.40 5.71
CHB CLA MH . 21.33 38.11 10.16
CHC CLA MH . 17.53 40.52 11.93
CHD CLA MH . 15.48 40.67 7.48
NA CLA MH . 20.16 38.48 8.02
C1A CLA MH . 20.36 38.09 6.70
C2A CLA MH . 21.62 37.21 6.58
C3A CLA MH . 22.15 37.13 8.03
C4A CLA MH . 21.16 37.98 8.80
CMA CLA MH . 22.10 35.72 8.54
CAA CLA MH . 22.71 37.85 5.72
CBA CLA MH . 23.87 36.91 5.51
CGA CLA MH . 23.47 35.86 4.54
O1A CLA MH . 23.09 35.97 3.37
O2A CLA MH . 23.53 34.62 5.09
NB CLA MH . 19.30 39.38 10.67
C1B CLA MH . 20.48 38.81 11.01
C2B CLA MH . 20.75 38.98 12.46
C3B CLA MH . 19.67 39.67 12.98
C4B CLA MH . 18.74 39.92 11.85
CMB CLA MH . 21.96 38.42 13.06
CAB CLA MH . 19.35 40.09 14.33
CBB CLA MH . 19.47 39.41 15.47
NC CLA MH . 16.87 40.49 9.55
C1C CLA MH . 16.65 40.81 10.86
C2C CLA MH . 15.34 41.41 11.03
C3C CLA MH . 14.74 41.39 9.78
C4C CLA MH . 15.71 40.84 8.86
CMC CLA MH . 14.80 41.85 12.30
CAC CLA MH . 13.42 41.87 9.39
CBC CLA MH . 12.40 40.75 9.47
ND CLA MH . 17.64 39.59 7.05
C1D CLA MH . 16.37 40.08 6.63
C2D CLA MH . 16.22 39.84 5.19
C3D CLA MH . 17.37 39.23 4.78
C4D CLA MH . 18.22 39.08 5.97
CMD CLA MH . 15.05 40.18 4.40
CAD CLA MH . 18.06 38.65 3.68
OBD CLA MH . 17.73 38.52 2.52
CBD CLA MH . 19.40 38.09 4.24
CGD CLA MH . 19.47 36.62 3.99
O1D CLA MH . 19.05 35.71 4.72
O2D CLA MH . 20.08 36.33 2.83
CED CLA MH . 19.84 35.03 2.33
C1 CLA MH . 22.82 33.57 4.44
C2 CLA MH . 21.54 33.39 5.15
C3 CLA MH . 20.82 32.26 5.06
C4 CLA MH . 21.33 31.08 4.29
C5 CLA MH . 19.54 32.16 5.80
C6 CLA MH . 18.60 31.14 5.20
C7 CLA MH . 17.69 30.51 6.21
C8 CLA MH . 17.82 28.98 6.21
C9 CLA MH . 17.88 28.35 4.83
C10 CLA MH . 16.65 28.44 7.00
C11 CLA MH . 15.35 28.54 6.22
C12 CLA MH . 14.32 29.22 7.07
C13 CLA MH . 13.41 30.22 6.40
C14 CLA MH . 13.80 31.61 6.86
C15 CLA MH . 11.92 29.99 6.72
C16 CLA MH . 11.64 29.14 7.96
C17 CLA MH . 10.36 29.46 8.67
C18 CLA MH . 10.61 29.96 10.09
C19 CLA MH . 9.36 29.94 10.95
C20 CLA MH . 11.81 29.40 10.85
MG CLA NH . 7.99 56.40 11.84
CHA CLA NH . 4.71 57.19 12.44
CHB CLA NH . 7.02 53.21 10.97
CHC CLA NH . 11.13 55.77 10.62
CHD CLA NH . 8.83 59.82 12.14
NA CLA NH . 6.16 55.38 11.70
C1A CLA NH . 4.90 55.89 12.05
C2A CLA NH . 3.81 54.84 11.80
C3A CLA NH . 4.61 53.56 11.54
C4A CLA NH . 6.03 54.07 11.36
CMA CLA NH . 4.50 52.61 12.70
CAA CLA NH . 2.90 55.18 10.61
CBA CLA NH . 3.52 55.55 9.28
CGA CLA NH . 3.86 57.01 9.17
O1A CLA NH . 3.14 57.99 9.36
O2A CLA NH . 5.16 57.21 8.88
NB CLA NH . 8.88 54.80 11.00
C1B CLA NH . 8.35 53.58 10.79
C2B CLA NH . 9.39 52.62 10.32
C3B CLA NH . 10.56 53.34 10.21
C4B CLA NH . 10.24 54.73 10.63
CMB CLA NH . 9.01 51.25 9.99
CAB CLA NH . 11.89 53.04 9.79
CBB CLA NH . 12.53 51.87 9.82
NC CLA NH . 9.66 57.59 11.45
C1C CLA NH . 10.85 57.11 10.98
C2C CLA NH . 11.83 58.19 10.90
C3C CLA NH . 11.17 59.35 11.29
C4C CLA NH . 9.83 58.95 11.67
CMC CLA NH . 13.20 58.04 10.46
CAC CLA NH . 11.76 60.69 11.41
CBC CLA NH . 11.62 61.47 10.13
ND CLA NH . 7.03 58.16 12.06
C1D CLA NH . 7.52 59.47 12.32
C2D CLA NH . 6.41 60.31 12.80
C3D CLA NH . 5.31 59.49 12.85
C4D CLA NH . 5.75 58.17 12.40
CMD CLA NH . 6.53 61.72 13.12
CAD CLA NH . 3.90 59.40 13.15
OBD CLA NH . 3.12 60.27 13.49
CBD CLA NH . 3.50 57.91 12.96
CGD CLA NH . 3.12 57.26 14.24
O1D CLA NH . 2.24 56.43 14.48
O2D CLA NH . 3.95 57.67 15.22
CED CLA NH . 3.44 57.59 16.53
C1 CLA NH . 5.66 58.56 8.93
C2 CLA NH . 7.06 58.48 8.44
C3 CLA NH . 7.86 59.55 8.32
C4 CLA NH . 7.40 60.93 8.63
C5 CLA NH . 9.24 59.43 7.81
C6 CLA NH . 9.69 58.03 7.50
C7 CLA NH . 10.51 58.03 6.24
C8 CLA NH . 11.75 57.16 6.41
C9 CLA NH . 12.91 58.08 6.73
C10 CLA NH . 12.00 56.27 5.20
C11 CLA NH . 12.71 56.93 4.06
C12 CLA NH . 13.64 56.03 3.25
C13 CLA NH . 12.87 55.25 2.19
C14 CLA NH . 13.00 53.76 2.39
C15 CLA NH . 13.33 55.63 0.79
C16 CLA NH . 14.77 55.21 0.55
C17 CLA NH . 15.17 55.30 -0.89
C18 CLA NH . 16.58 54.80 -1.20
C19 CLA NH . 17.62 55.07 -0.12
C20 CLA NH . 16.57 53.33 -1.53
MG CLA OH . -0.92 56.50 1.01
CHA CLA OH . -2.62 56.94 3.97
CHB CLA OH . -3.83 57.12 -0.71
CHC CLA OH . 0.73 55.91 -1.91
CHD CLA OH . 1.93 55.46 2.81
NA CLA OH . -2.90 56.91 1.56
C1A CLA OH . -3.40 57.12 2.85
C2A CLA OH . -4.90 57.44 2.81
C3A CLA OH . -5.26 57.34 1.32
C4A CLA OH . -3.90 57.11 0.65
CMA CLA OH . -6.19 56.19 1.11
CAA CLA OH . -5.30 58.84 3.29
CBA CLA OH . -4.48 59.90 2.61
CGA CLA OH . -4.76 61.25 3.19
O1A CLA OH . -5.63 61.56 4.00
O2A CLA OH . -3.90 62.19 2.68
NB CLA OH . -1.46 56.47 -0.92
C1B CLA OH . -2.66 56.88 -1.43
C2B CLA OH . -2.59 56.97 -2.90
C3B CLA OH . -1.31 56.62 -3.23
C4B CLA OH . -0.57 56.30 -1.99
CMB CLA OH . -3.73 57.37 -3.72
CAB CLA OH . -0.70 56.51 -4.50
CBB CLA OH . -0.75 55.43 -5.30
NC CLA OH . 1.00 55.81 0.55
C1C CLA OH . 1.47 55.69 -0.72
C2C CLA OH . 2.85 55.25 -0.69
C3C CLA OH . 3.19 55.08 0.64
C4C CLA OH . 2.02 55.45 1.42
CMC CLA OH . 3.66 55.00 -1.89
CAC CLA OH . 4.47 54.60 1.18
CBC CLA OH . 5.57 55.62 1.37
ND CLA OH . -0.40 56.22 2.92
C1D CLA OH . 0.82 55.84 3.53
C2D CLA OH . 0.64 55.88 4.99
C3D CLA OH . -0.65 56.31 5.21
C4D CLA OH . -1.26 56.51 3.89
CMD CLA OH . 1.65 55.51 5.96
CAD CLA OH . -1.65 56.58 6.20
OBD CLA OH . -1.59 56.46 7.40
CBD CLA OH . -2.94 57.01 5.44
CGD CLA OH . -4.09 56.09 5.75
O1D CLA OH . -4.27 54.95 5.32
O2D CLA OH . -5.02 56.64 6.57
CED CLA OH . -6.35 56.13 6.57
C1 CLA OH . -3.93 63.47 3.31
C2 CLA OH . -2.77 63.52 4.23
C3 CLA OH . -1.54 63.99 3.92
C4 CLA OH . -1.22 64.57 2.60
C5 CLA OH . -0.49 63.96 4.97
C6 CLA OH . 0.89 63.68 4.43
C7 CLA OH . 1.91 63.35 5.52
C8 CLA OH . 3.40 63.51 5.17
C9 CLA OH . 3.65 64.01 3.74
C10 CLA OH . 4.20 62.25 5.50
C11 CLA OH . 5.67 62.35 5.14
C12 CLA OH . 6.15 61.36 4.10
C13 CLA OH . 7.50 60.74 4.42
C14 CLA OH . 8.58 61.79 4.23
C15 CLA OH . 7.71 59.45 3.63
C16 CLA OH . 9.08 59.17 3.04
C17 CLA OH . 9.19 57.74 2.55
C18 CLA OH . 8.94 57.58 1.05
C19 CLA OH . 9.22 56.14 0.66
C20 CLA OH . 9.78 58.53 0.24
MG CLA PH . 14.51 43.26 1.00
CHA CLA PH . 17.65 41.75 1.11
CHB CLA PH . 14.08 41.98 -2.14
CHC CLA PH . 11.12 43.80 1.27
CHD CLA PH . 14.87 44.12 4.40
NA CLA PH . 15.69 42.11 -0.29
C1A CLA PH . 16.97 41.57 -0.07
C2A CLA PH . 17.45 40.82 -1.31
C3A CLA PH . 16.49 41.32 -2.39
C4A CLA PH . 15.31 41.81 -1.56
CMA CLA PH . 17.09 42.45 -3.18
CAA CLA PH . 17.46 39.30 -1.17
CBA CLA PH . 16.31 38.63 -0.44
CGA CLA PH . 16.65 37.19 -0.26
O1A CLA PH . 17.78 36.69 -0.22
O2A CLA PH . 15.60 36.33 -0.10
NB CLA PH . 12.94 43.01 -0.22
C1B CLA PH . 12.96 42.44 -1.44
C2B CLA PH . 11.59 42.34 -2.00
C3B CLA PH . 10.75 42.85 -1.06
C4B CLA PH . 11.58 43.28 0.10
CMB CLA PH . 11.28 41.78 -3.31
CAB CLA PH . 9.32 42.92 -1.12
CBB CLA PH . 8.48 42.08 -0.51
NC CLA PH . 13.26 43.92 2.54
C1C CLA PH . 11.91 44.11 2.42
C2C CLA PH . 11.36 44.61 3.66
C3C CLA PH . 12.42 44.66 4.56
C4C CLA PH . 13.61 44.25 3.83
CMC CLA PH . 9.96 44.90 3.92
CAC CLA PH . 12.40 45.14 5.95
CBC CLA PH . 12.54 46.63 6.01
ND CLA PH . 15.88 43.01 2.47
C1D CLA PH . 15.94 43.54 3.78
C2D CLA PH . 17.27 43.26 4.33
C3D CLA PH . 17.94 42.54 3.38
C4D CLA PH . 17.04 42.43 2.22
CMD CLA PH . 17.67 43.65 5.67
CAD CLA PH . 19.16 41.84 3.04
OBD CLA PH . 20.10 41.60 3.79
CBD CLA PH . 19.07 41.40 1.55
CGD CLA PH . 20.12 42.11 0.77
O1D CLA PH . 20.00 42.88 -0.18
O2D CLA PH . 21.38 41.87 1.23
CED CLA PH . 22.32 41.23 0.39
C1 CLA PH . 15.11 36.15 1.24
C2 CLA PH . 15.48 34.80 1.70
C3 CLA PH . 15.65 34.51 3.00
C4 CLA PH . 16.06 33.14 3.35
C5 CLA PH . 15.45 35.55 4.08
C6 CLA PH . 15.89 35.08 5.45
C7 CLA PH . 15.51 35.93 6.66
C8 CLA PH . 16.65 35.98 7.69
C9 CLA PH . 17.37 34.64 7.88
C10 CLA PH . 16.12 36.49 9.02
C11 CLA PH . 17.18 36.49 10.09
C12 CLA PH . 16.58 36.57 11.48
C13 CLA PH . 17.05 35.36 12.26
C14 CLA PH . 15.99 34.97 13.28
C15 CLA PH . 18.40 35.60 12.93
C16 CLA PH . 19.40 34.51 12.58
MG CLA QH . 24.42 56.20 3.28
CHA CLA QH . 25.45 55.99 -0.04
CHB CLA QH . 27.20 58.04 3.98
CHC CLA QH . 22.98 57.20 6.25
CHD CLA QH . 21.21 55.22 2.15
NA CLA QH . 26.06 56.85 2.15
C1A CLA QH . 26.30 56.69 0.77
C2A CLA QH . 27.63 57.31 0.37
C3A CLA QH . 28.29 57.64 1.74
C4A CLA QH . 27.11 57.53 2.71
CMA CLA QH . 29.42 56.70 2.06
CAA CLA QH . 27.52 58.53 -0.54
CBA CLA QH . 26.42 59.48 -0.16
CGA CLA QH . 26.99 60.50 0.77
O1A CLA QH . 28.12 60.98 0.75
O2A CLA QH . 26.16 60.82 1.81
NB CLA QH . 24.94 57.46 4.76
C1B CLA QH . 26.19 57.94 4.95
C2B CLA QH . 26.42 58.25 6.38
C3B CLA QH . 25.25 58.02 7.04
C4B CLA QH . 24.29 57.52 6.03
CMB CLA QH . 27.68 58.77 6.87
CAB CLA QH . 24.96 58.20 8.44
CBB CLA QH . 24.71 59.33 9.10
NC CLA QH . 22.49 56.17 4.06
C1C CLA QH . 22.14 56.55 5.31
C2C CLA QH . 20.74 56.30 5.56
C3C CLA QH . 20.23 55.90 4.31
C4C CLA QH . 21.34 55.80 3.40
CMC CLA QH . 20.13 56.56 6.87
CAC CLA QH . 18.92 55.56 3.78
CBC CLA QH . 18.20 54.57 4.57
ND CLA QH . 23.51 55.64 1.56
C1D CLA QH . 22.25 55.07 1.29
C2D CLA QH . 22.24 54.43 -0.02
C3D CLA QH . 23.46 54.75 -0.59
C4D CLA QH . 24.17 55.57 0.40
CMD CLA QH . 21.12 53.61 -0.49
CAD CLA QH . 24.33 54.64 -1.74
OBD CLA QH . 24.17 54.02 -2.79
CBD CLA QH . 25.61 55.45 -1.43
CGD CLA QH . 26.84 54.59 -1.46
O1D CLA QH . 27.77 54.59 -2.25
O2D CLA QH . 26.88 53.68 -0.43
CED CLA QH . 28.13 53.11 -0.08
C1 CLA QH . 26.75 61.57 2.88
C2 CLA QH . 25.96 61.39 4.12
C3 CLA QH . 26.13 62.20 5.18
C4 CLA QH . 27.07 63.33 5.21
C5 CLA QH . 25.31 61.99 6.40
C6 CLA QH . 23.84 61.97 6.09
C7 CLA QH . 23.15 62.96 7.01
C8 CLA QH . 22.15 63.85 6.32
C9 CLA QH . 22.86 64.97 5.61
C10 CLA QH . 21.17 64.44 7.33
C11 CLA QH . 19.99 63.51 7.53
C12 CLA QH . 19.23 63.78 8.81
C13 CLA QH . 18.02 62.88 9.00
C14 CLA QH . 16.79 63.61 8.50
C15 CLA QH . 17.96 62.44 10.47
C16 CLA QH . 16.82 63.05 11.26
C17 CLA QH . 17.34 63.74 12.50
C18 CLA QH . 16.55 63.31 13.72
C19 CLA QH . 17.21 63.93 14.93
C20 CLA QH . 15.15 63.85 13.57
MG CLA RH . 33.34 54.92 18.21
CHA CLA RH . 33.34 57.09 15.52
CHB CLA RH . 36.66 55.64 18.73
CHC CLA RH . 33.20 53.48 21.35
CHD CLA RH . 29.79 54.97 18.14
NA CLA RH . 34.74 56.15 17.26
C1A CLA RH . 34.54 56.97 16.15
C2A CLA RH . 35.85 57.69 15.74
C3A CLA RH . 36.89 57.00 16.65
C4A CLA RH . 36.05 56.20 17.64
CMA CLA RH . 37.84 56.14 15.86
CAA CLA RH . 35.83 59.20 15.95
CBA CLA RH . 35.29 59.58 17.31
CGA CLA RH . 34.98 61.03 17.34
O1A CLA RH . 35.44 61.92 16.61
O2A CLA RH . 34.05 61.32 18.29
NB CLA RH . 34.65 54.66 19.74
C1B CLA RH . 35.98 54.88 19.69
C2B CLA RH . 36.68 54.19 20.80
C3B CLA RH . 35.71 53.57 21.56
C4B CLA RH . 34.42 53.87 20.89
CMB CLA RH . 38.12 54.27 20.96
CAB CLA RH . 35.79 52.81 22.78
CBB CLA RH . 36.63 51.83 23.09
NC CLA RH . 31.78 54.29 19.47
C1C CLA RH . 31.96 53.67 20.68
C2C CLA RH . 30.68 53.30 21.25
C3C CLA RH . 29.72 53.79 20.38
C4C CLA RH . 30.42 54.40 19.26
CMC CLA RH . 30.47 52.59 22.52
CAC CLA RH . 28.27 53.66 20.55
CBC CLA RH . 27.75 52.41 19.90
ND CLA RH . 31.86 55.78 17.13
C1D CLA RH . 30.45 55.64 17.13
C2D CLA RH . 29.90 56.25 15.90
C3D CLA RH . 30.98 56.76 15.21
C4D CLA RH . 32.16 56.50 16.04
CMD CLA RH . 28.49 56.26 15.52
CAD CLA RH . 31.43 57.50 14.04
OBD CLA RH . 30.79 57.93 13.09
CBD CLA RH . 32.96 57.72 14.20
CGD CLA RH . 33.77 57.07 13.09
O1D CLA RH . 34.38 57.61 12.16
O2D CLA RH . 33.84 55.71 13.16
CED CLA RH . 35.13 55.08 13.23
C1 CLA RH . 33.68 62.71 18.38
C2 CLA RH . 32.23 62.83 18.57
C3 CLA RH . 31.48 63.61 17.77
C4 CLA RH . 32.08 64.37 16.65
C5 CLA RH . 30.01 63.76 17.98
C6 CLA RH . 29.23 64.18 16.74
C7 CLA RH . 27.78 64.24 17.07
C8 CLA RH . 26.84 64.08 15.88
C9 CLA RH . 26.90 65.26 14.94
C10 CLA RH . 25.39 63.77 16.27
C11 CLA RH . 25.22 63.22 17.67
C12 CLA RH . 23.81 62.87 18.02
C13 CLA RH . 23.68 62.77 19.53
C14 CLA RH . 24.52 61.65 20.10
C15 CLA RH . 22.22 62.70 20.03
C16 CLA RH . 21.27 63.50 19.16
C17 CLA RH . 20.78 64.75 19.86
C18 CLA RH . 19.28 64.86 19.67
C19 CLA RH . 18.65 65.42 20.94
C20 CLA RH . 18.98 65.76 18.50
MG CLA SH . 26.29 60.93 14.41
CHA CLA SH . 29.42 61.55 13.16
CHB CLA SH . 24.89 62.07 11.53
CHC CLA SH . 23.20 60.00 15.60
CHD CLA SH . 27.78 59.46 17.27
NA CLA SH . 27.06 61.68 12.62
C1A CLA SH . 28.41 61.88 12.29
C2A CLA SH . 28.52 62.43 10.88
C3A CLA SH . 27.07 62.73 10.48
C4A CLA SH . 26.26 62.10 11.61
CMA CLA SH . 26.81 64.19 10.34
CAA CLA SH . 29.01 61.32 9.97
CBA CLA SH . 29.27 61.74 8.55
CGA CLA SH . 30.44 62.67 8.52
O1A CLA SH . 31.60 62.46 8.86
O2A CLA SH . 30.08 63.89 8.04
NB CLA SH . 24.41 61.04 13.73
C1B CLA SH . 24.05 61.55 12.53
C2B CLA SH . 22.58 61.53 12.38
C3B CLA SH . 22.07 60.97 13.54
C4B CLA SH . 23.25 60.63 14.39
CMB CLA SH . 21.96 62.00 11.15
CAB CLA SH . 20.75 60.64 13.99
CBB CLA SH . 19.57 61.20 13.71
NC CLA SH . 25.64 59.87 16.09
C1C CLA SH . 24.33 59.62 16.38
C2C CLA SH . 24.24 58.91 17.64
C3C CLA SH . 25.54 58.77 18.12
C4C CLA SH . 26.41 59.40 17.14
CMC CLA SH . 22.99 58.45 18.22
CAC CLA SH . 26.01 58.11 19.35
CBC CLA SH . 26.24 56.64 19.13
ND CLA SH . 28.14 60.45 15.07
C1D CLA SH . 28.62 59.95 16.31
C2D CLA SH . 30.09 60.05 16.35
C3D CLA SH . 30.45 60.66 15.17
C4D CLA SH . 29.20 60.92 14.42
CMD CLA SH . 30.92 59.57 17.44
CAD CLA SH . 31.54 61.15 14.36
OBD CLA SH . 32.75 61.11 14.59
CBD CLA SH . 30.92 61.76 13.07
CGD CLA SH . 31.28 63.19 12.84
O1D CLA SH . 30.67 64.19 13.21
O2D CLA SH . 32.41 63.34 12.11
CED CLA SH . 33.32 64.38 12.48
C1 CLA SH . 30.86 64.98 8.57
C2 CLA SH . 29.91 65.98 9.09
C3 CLA SH . 30.28 66.96 9.94
C4 CLA SH . 31.66 67.08 10.46
C5 CLA SH . 29.30 67.96 10.44
C6 CLA SH . 28.87 67.74 11.88
MG CLA TH . 19.21 46.98 26.80
CHA CLA TH . 17.80 46.52 29.96
CHB CLA TH . 20.82 49.74 27.98
CHC CLA TH . 21.37 46.84 24.12
CHD CLA TH . 18.04 43.75 25.93
NA CLA TH . 19.25 47.97 28.65
C1A CLA TH . 18.61 47.62 29.85
C2A CLA TH . 18.90 48.65 30.96
C3A CLA TH . 19.58 49.79 30.17
C4A CLA TH . 19.93 49.13 28.84
CMA CLA TH . 18.67 50.97 29.98
CAA CLA TH . 19.82 48.21 32.09
CBA CLA TH . 20.75 47.09 31.73
CGA CLA TH . 21.49 46.60 32.92
O1A CLA TH . 21.13 46.61 34.10
O2A CLA TH . 22.69 46.05 32.62
NB CLA TH . 20.81 48.05 26.20
C1B CLA TH . 21.22 49.23 26.74
C2B CLA TH . 22.19 49.90 25.85
C3B CLA TH . 22.35 49.09 24.76
C4B CLA TH . 21.47 47.91 24.95
CMB CLA TH . 22.80 51.20 26.14
CAB CLA TH . 23.22 49.29 23.62
CBB CLA TH . 22.98 50.14 22.63
NC CLA TH . 19.60 45.57 25.29
C1C CLA TH . 20.50 45.74 24.28
C2C CLA TH . 20.46 44.59 23.37
C3C CLA TH . 19.55 43.70 23.93
C4C CLA TH . 19.00 44.33 25.12
CMC CLA TH . 21.28 44.43 22.18
CAC CLA TH . 19.16 42.39 23.42
CBC CLA TH . 18.06 42.49 22.40
ND CLA TH . 18.12 45.49 27.63
C1D CLA TH . 17.61 44.28 27.11
C2D CLA TH . 16.66 43.69 28.07
C3D CLA TH . 16.71 44.50 29.19
C4D CLA TH . 17.64 45.59 28.87
CMD CLA TH . 15.91 42.47 27.82
CAD CLA TH . 16.20 44.74 30.52
OBD CLA TH . 15.36 44.13 31.17
CBD CLA TH . 16.91 46.02 31.07
CGD CLA TH . 15.85 47.00 31.48
O1D CLA TH . 15.39 47.26 32.58
O2D CLA TH . 15.26 47.64 30.45
CED CLA TH . 13.84 47.44 30.44
C1 CLA TH . 23.63 45.84 33.69
C2 CLA TH . 24.84 45.27 33.05
C3 CLA TH . 26.08 45.75 33.24
C4 CLA TH . 26.34 46.92 34.12
C5 CLA TH . 27.21 45.09 32.53
C6 CLA TH . 28.60 45.67 32.77
C7 CLA TH . 29.52 45.26 31.63
C8 CLA TH . 30.22 46.44 30.98
C9 CLA TH . 29.44 46.91 29.78
C10 CLA TH . 31.70 46.21 30.62
C11 CLA TH . 32.15 44.76 30.52
C12 CLA TH . 33.63 44.61 30.23
C13 CLA TH . 33.89 43.63 29.10
C14 CLA TH . 34.78 42.48 29.54
C15 CLA TH . 34.50 44.36 27.91
C16 CLA TH . 33.47 44.57 26.81
C17 CLA TH . 33.84 45.74 25.91
C18 CLA TH . 34.29 46.97 26.69
C19 CLA TH . 35.28 47.82 25.93
C20 CLA TH . 33.09 47.77 27.18
MG CLA UH . 13.04 38.82 20.56
CHA CLA UH . 12.23 37.88 23.80
CHB CLA UH . 16.20 37.52 21.01
CHC CLA UH . 13.47 38.70 17.16
CHD CLA UH . 9.56 39.37 20.01
NA CLA UH . 14.04 37.92 22.15
C1A CLA UH . 13.53 37.62 23.43
C2A CLA UH . 14.61 36.96 24.29
C3A CLA UH . 15.90 37.24 23.50
C4A CLA UH . 15.36 37.55 22.11
CMA CLA UH . 16.63 38.43 24.05
CAA CLA UH . 14.26 35.49 24.39
CBA CLA UH . 15.35 34.57 24.86
CGA CLA UH . 15.38 33.33 24.01
O1A CLA UH . 15.57 32.17 24.37
O2A CLA UH . 15.11 33.58 22.70
NB CLA UH . 14.57 38.31 19.34
C1B CLA UH . 15.77 37.79 19.70
C2B CLA UH . 16.60 37.52 18.49
C3B CLA UH . 15.84 37.85 17.40
C4B CLA UH . 14.53 38.33 17.93
CMB CLA UH . 17.93 36.93 18.52
CAB CLA UH . 16.18 37.69 16.00
CBB CLA UH . 16.14 38.58 15.01
NC CLA UH . 11.77 39.09 18.91
C1C CLA UH . 12.18 39.08 17.61
C2C CLA UH . 11.07 39.38 16.72
C3C CLA UH . 9.93 39.44 17.50
C4C CLA UH . 10.39 39.30 18.89
CMC CLA UH . 11.16 39.45 15.27
CAC CLA UH . 8.57 39.72 17.04
CBC CLA UH . 7.63 38.53 17.11
ND CLA UH . 11.30 38.70 21.58
C1D CLA UH . 9.97 39.08 21.27
C2D CLA UH . 9.14 39.08 22.48
C3D CLA UH . 9.96 38.61 23.47
C4D CLA UH . 11.28 38.39 22.87
CMD CLA UH . 7.74 39.44 22.55
CAD CLA UH . 10.05 38.29 24.87
OBD CLA UH . 9.18 38.36 25.73
CBD CLA UH . 11.49 37.77 25.11
CGD CLA UH . 12.20 38.53 26.18
O1D CLA UH . 13.08 38.13 26.94
O2D CLA UH . 11.87 39.83 26.24
CED CLA UH . 12.95 40.74 26.20
C1 CLA UH . 16.22 33.36 21.81
C2 CLA UH . 15.67 33.32 20.44
C3 CLA UH . 16.23 32.64 19.42
C4 CLA UH . 17.48 31.86 19.59
C5 CLA UH . 15.59 32.64 18.08
C6 CLA UH . 14.90 33.96 17.81
C7 CLA UH . 13.62 33.81 17.02
C8 CLA UH . 12.36 34.28 17.76
C9 CLA UH . 11.42 35.00 16.79
C10 CLA UH . 12.62 35.10 19.04
C11 CLA UH . 11.35 35.60 19.67
C12 CLA UH . 11.13 35.16 21.11
C13 CLA UH . 9.67 34.80 21.41
C14 CLA UH . 8.64 35.49 20.49
C15 CLA UH . 9.35 34.96 22.91
C16 CLA UH . 7.85 34.95 23.19
C17 CLA UH . 7.38 35.04 24.62
C18 CLA UH . 7.52 33.75 25.40
C19 CLA UH . 8.15 34.02 26.73
C20 CLA UH . 6.12 33.17 25.59
C03 II0 VH . 19.11 54.37 24.43
C04 II0 VH . 20.77 62.39 1.73
C05 II0 VH . 18.07 54.14 25.69
C06 II0 VH . 21.36 62.79 0.24
C07 II0 VH . 17.58 52.87 25.81
C08 II0 VH . 22.71 62.55 0.12
C09 II0 VH . 19.42 53.15 23.63
C10 II0 VH . 21.58 61.42 2.45
C11 II0 VH . 18.78 51.69 25.62
C12 II0 VH . 23.06 60.95 0.38
C13 II0 VH . 19.19 51.72 24.28
C14 II0 VH . 22.56 60.48 1.64
C15 II0 VH . 18.46 55.43 23.48
C16 II0 VH . 20.46 54.97 24.97
C17 II0 VH . 20.67 63.67 2.57
C18 II0 VH . 19.34 61.75 1.58
C19 II0 VH . 19.40 50.46 23.46
C20 II0 VH . 23.27 59.39 2.44
C21 II0 VH . 20.47 53.20 22.49
C22 II0 VH . 21.01 60.88 3.77
C23 II0 VH . 21.26 53.28 21.59
C24 II0 VH . 20.42 60.55 4.75
C25 II0 VH . 22.17 53.56 20.37
C26 II0 VH . 19.93 60.15 6.15
C27 II0 VH . 23.67 53.33 20.38
C28 II0 VH . 18.46 59.90 6.32
C29 II0 VH . 21.50 54.05 19.30
C30 II0 VH . 20.83 60.10 7.15
C31 II0 VH . 22.25 54.42 17.99
C32 II0 VH . 20.32 59.71 8.55
C33 II0 VH . 21.57 55.28 17.22
C34 II0 VH . 21.15 58.97 9.27
C35 II0 VH . 22.17 55.77 15.92
C36 II0 VH . 20.66 58.50 10.62
C37 II0 VH . 23.67 55.71 15.69
C38 II0 VH . 19.16 58.58 10.90
C39 II0 VH . 21.34 56.25 14.99
C40 II0 VH . 21.52 57.95 11.48
C41 II0 VH . 21.89 56.75 13.64
C42 II0 VH . 21.02 57.41 12.85
O01 II0 VH . 17.02 52.69 27.09
O02 II0 VH . 23.13 62.90 -1.19
C03 II0 WH . 8.29 48.93 14.10
C04 II0 WH . 29.27 37.01 14.92
C05 II0 WH . 7.00 49.86 14.49
C06 II0 WH . 30.62 36.16 14.48
C07 II0 WH . 7.41 50.93 15.22
C08 II0 WH . 30.88 36.41 13.16
C09 II0 WH . 9.40 49.72 13.53
C10 II0 WH . 29.26 38.39 14.44
C11 II0 WH . 8.39 51.98 14.33
C12 II0 WH . 31.34 37.99 12.99
C13 II0 WH . 9.49 51.30 13.75
C14 II0 WH . 30.15 38.80 13.18
C15 II0 WH . 8.81 48.18 15.39
C16 II0 WH . 7.86 47.88 13.01
C17 II0 WH . 28.00 36.27 14.44
C18 II0 WH . 29.24 37.08 16.49
C19 II0 WH . 10.85 51.87 14.06
C20 II0 WH . 29.96 40.16 12.49
C21 II0 WH . 10.44 49.03 12.63
C22 II0 WH . 28.06 39.29 14.83
C23 II0 WH . 11.20 48.43 11.94
C24 II0 WH . 27.08 39.89 15.17
C25 II0 WH . 12.20 47.56 11.15
C26 II0 WH . 25.75 40.57 15.54
C27 II0 WH . 12.02 47.36 9.65
C28 II0 WH . 25.50 40.96 17.01
C29 II0 WH . 13.14 46.93 11.92
C30 II0 WH . 24.83 40.75 14.63
C31 II0 WH . 14.24 46.01 11.32
C32 II0 WH . 23.49 41.44 14.98
C33 II0 WH . 15.40 46.06 11.99
C34 II0 WH . 22.88 42.06 13.98
C35 II0 WH . 16.57 45.21 11.51
C36 II0 WH . 21.58 42.82 14.15
C37 II0 WH . 16.76 44.94 10.04
C38 II0 WH . 21.17 43.33 15.53
C39 II0 WH . 17.33 44.66 12.47
C40 II0 WH . 20.82 43.04 13.08
C41 II0 WH . 18.57 43.80 12.21
C42 II0 WH . 19.50 43.85 13.21
O01 II0 WH . 6.30 51.65 15.66
O02 II0 WH . 31.91 35.56 12.64
C02 IHT XH . 13.64 39.90 32.16
C03 IHT XH . 30.99 49.70 16.74
C04 IHT XH . 12.48 39.66 33.35
C05 IHT XH . 31.89 49.35 15.38
C06 IHT XH . 12.89 39.76 34.65
C07 IHT XH . 14.89 39.20 32.35
C08 IHT XH . 33.05 48.71 15.67
C09 IHT XH . 14.18 38.72 34.86
C10 IHT XH . 14.94 38.33 33.69
C11 IHT XH . 31.16 48.68 17.76
C12 IHT XH . 32.76 47.18 16.38
C13 IHT XH . 13.07 39.41 30.78
C14 IHT XH . 13.93 41.46 32.06
C15 IHT XH . 31.73 47.22 17.35
C16 IHT XH . 29.51 49.78 16.40
C17 IHT XH . 31.41 51.02 17.34
C18 IHT XH . 15.75 38.82 31.10
C19 IHT XH . 15.56 36.93 33.63
C20 IHT XH . 31.59 46.05 18.34
C21 IHT XH . 30.08 48.66 18.83
C22 IHT XH . 16.69 39.66 30.59
C23 IHT XH . 17.66 39.45 29.32
C24 IHT XH . 29.18 48.55 19.63
C25 IHT XH . 17.56 38.15 28.46
C26 IHT XH . 28.03 48.27 20.59
C27 IHT XH . 18.59 40.42 28.98
C28 IHT XH . 27.35 49.36 21.41
C29 IHT XH . 27.63 47.00 20.64
C30 IHT XH . 19.62 40.36 27.76
C31 IHT XH . 26.49 46.68 21.58
C32 IHT XH . 20.41 41.45 27.44
C33 IHT XH . 21.45 41.50 26.28
C34 IHT XH . 26.82 45.82 22.53
C35 IHT XH . 25.70 45.41 23.60
C36 IHT XH . 21.60 40.29 25.35
C37 IHT XH . 22.24 42.61 26.09
C38 IHT XH . 25.04 44.22 23.65
C39 IHT XH . 25.30 46.47 24.67
C40 IHT XH . 23.32 42.77 24.97
C41 IHT XH . 23.95 43.94 24.76
O01 IHT XH . 33.79 48.52 14.49
C03 II0 YH . -3.53 62.51 9.16
C04 II0 YH . 16.56 50.96 2.72
C05 II0 YH . -4.52 62.13 10.41
C06 II0 YH . 17.91 50.20 2.09
C07 II0 YH . -5.83 62.31 10.10
C08 II0 YH . 17.63 49.46 0.97
C09 II0 YH . -3.89 61.75 7.94
C10 II0 YH . 15.30 50.24 2.70
C11 II0 YH . -6.28 61.29 8.81
C12 II0 YH . 16.30 48.47 1.17
C13 II0 YH . -5.18 60.83 8.04
C14 II0 YH . 15.09 49.13 1.60
C15 II0 YH . -3.72 64.03 9.00
C16 II0 YH . -1.98 62.50 9.45
C17 II0 YH . 16.78 51.27 4.19
C18 II0 YH . 16.44 52.38 2.12
C19 II0 YH . -5.49 59.90 6.87
C20 II0 YH . 13.93 49.37 0.64
C21 II0 YH . -2.76 61.27 7.00
C22 II0 YH . 14.17 50.48 3.73
C23 II0 YH . -1.90 60.89 6.27
C24 II0 YH . 13.25 50.69 4.46
C25 II0 YH . -0.72 60.33 5.46
C26 II0 YH . 12.09 51.02 5.41
C27 II0 YH . -0.97 60.10 3.97
C28 II0 YH . 11.84 50.27 6.69
C29 II0 YH . 0.49 60.04 6.01
C30 II0 YH . 11.32 52.02 5.03
C31 II0 YH . 1.60 59.45 5.11
C32 II0 YH . 10.11 52.57 5.83
C33 II0 YH . 2.66 58.94 5.74
C34 II0 YH . 9.61 53.64 5.26
C35 II0 YH . 3.78 58.30 4.97
C36 II0 YH . 8.43 54.39 5.86
C37 II0 YH . 3.90 58.44 3.48
C38 II0 YH . 8.07 54.18 7.33
C39 II0 YH . 4.64 57.55 5.68
C40 II0 YH . 7.74 55.26 5.09
C41 II0 YH . 5.80 56.82 4.99
C42 II0 YH . 6.57 56.01 5.76
O01 II0 YH . -6.59 61.99 11.25
O02 II0 YH . 17.45 50.28 -0.17
O1B LMT ZH . 38.41 26.80 4.93
C1' LMT ZH . 34.82 25.96 6.76
C2' LMT ZH . 34.73 25.97 5.21
C3' LMT ZH . 36.14 26.22 4.55
C4' LMT ZH . 37.12 27.12 5.35
C5' LMT ZH . 37.00 26.72 6.83
C6' LMT ZH . 37.93 27.43 7.79
O1' LMT ZH . 33.57 26.15 7.28
O2' LMT ZH . 34.30 24.73 4.81
O3' LMT ZH . 35.97 26.73 3.29
O5' LMT ZH . 35.69 26.97 7.22
O6' LMT ZH . 37.13 28.01 8.74
C1 LMT ZH . 33.30 27.39 7.88
C2 LMT ZH . 31.94 27.24 8.42
C3 LMT ZH . 31.22 28.51 8.61
C4 LMT ZH . 29.97 28.12 9.27
C5 LMT ZH . 29.68 29.06 10.37
C6 LMT ZH . 29.44 28.28 11.61
C7 LMT ZH . 27.98 28.28 11.88
C8 LMT ZH . 27.48 29.66 12.16
C9 LMT ZH . 26.00 29.82 12.48
C10 LMT ZH . 25.50 28.63 13.26
C11 LMT ZH . 24.02 28.58 13.36
C12 LMT ZH . 23.40 28.25 12.05
O1 LHG AI . 10.23 25.57 33.90
C1 LHG AI . 11.32 26.34 34.39
C2 LHG AI . 12.58 25.56 34.73
O2 LHG AI . 13.33 26.42 35.60
C3 LHG AI . 13.48 25.34 33.52
O3 LHG AI . 12.93 25.00 32.24
P LHG AI . 14.03 24.71 31.09
O4 LHG AI . 14.34 23.25 30.81
O5 LHG AI . 15.14 25.55 31.64
O6 LHG AI . 13.56 25.50 29.75
C4 LHG AI . 14.42 25.52 28.62
C5 LHG AI . 14.83 26.92 28.16
C6 LHG AI . 15.44 27.67 29.31
O7 LHG AI . 15.90 26.81 27.25
C7 LHG AI . 15.42 26.83 25.89
O9 LHG AI . 15.43 25.76 25.31
C8 LHG AI . 14.91 28.13 25.33
C9 LHG AI . 15.58 28.53 24.03
C10 LHG AI . 15.00 27.83 22.83
O8 LHG AI . 15.39 29.05 29.13
C23 LHG AI . 16.61 29.74 28.83
O10 LHG AI . 17.64 29.10 28.68
C24 LHG AI . 16.52 31.21 28.75
C11 LHG AI . 15.96 26.82 22.21
C12 LHG AI . 15.75 26.75 20.71
C13 LHG AI . 15.84 28.15 20.10
C14 LHG AI . 15.44 28.14 18.64
C15 LHG AI . 16.41 27.29 17.86
C16 LHG AI . 16.78 28.02 16.57
C17 LHG AI . 18.06 27.45 16.01
C18 LHG AI . 19.22 27.70 16.98
C19 LHG AI . 19.47 29.17 17.34
C20 LHG AI . 20.30 29.31 18.61
C21 LHG AI . 19.68 28.50 19.75
C22 LHG AI . 20.36 28.69 21.08
C25 LHG AI . 17.92 31.76 28.88
C26 LHG AI . 18.34 32.17 27.49
C27 LHG AI . 19.14 33.45 27.53
C28 LHG AI . 19.10 34.16 26.17
C29 LHG AI . 18.80 33.32 24.94
C30 LHG AI . 19.39 33.90 23.68
C31 LHG AI . 19.11 35.41 23.55
C32 LHG AI . 20.26 36.07 22.80
C33 LHG AI . 20.59 35.32 21.51
C34 LHG AI . 21.83 35.92 20.89
C35 LHG AI . 21.60 36.23 19.43
C36 LHG AI . 22.91 36.71 18.81
C37 LHG AI . 22.66 37.30 17.43
C38 LHG AI . 23.95 37.33 16.64
O1 LHG BI . -2.32 43.53 18.69
C1 LHG BI . -1.88 43.65 20.04
C2 LHG BI . -2.73 42.76 20.94
O2 LHG BI . -2.41 43.05 22.31
C3 LHG BI . -2.47 41.28 20.69
O3 LHG BI . -1.39 41.15 19.76
P LHG BI . -0.36 39.92 19.77
O4 LHG BI . -1.08 38.65 19.38
O5 LHG BI . 0.50 39.95 21.01
O6 LHG BI . 0.53 40.34 18.52
C4 LHG BI . 0.00 40.94 17.33
C5 LHG BI . 0.80 40.29 16.20
C6 LHG BI . 0.89 41.17 14.96
O7 LHG BI . 2.11 39.99 16.65
C7 LHG BI . 2.33 38.54 16.73
O9 LHG BI . 1.48 37.86 17.31
C8 LHG BI . 3.55 37.92 16.15
C9 LHG BI . 3.27 37.71 14.67
C10 LHG BI . 4.46 37.06 13.98
O8 LHG BI . 0.82 40.29 13.84
C23 LHG BI . 1.41 40.66 12.58
O10 LHG BI . 2.14 41.63 12.47
C24 LHG BI . 1.16 39.79 11.39
C11 LHG BI . 5.62 38.03 13.94
C12 LHG BI . 5.51 38.96 12.72
C13 LHG BI . 6.82 39.70 12.45
C14 LHG BI . 8.01 38.75 12.34
C25 LHG BI . 2.18 39.83 10.27
C26 LHG BI . 1.96 38.60 9.39
C27 LHG BI . 3.13 38.23 8.51
C28 LHG BI . 3.20 36.72 8.31
C1 LMG CI . 24.52 68.90 -8.39
O1 LMG CI . 24.39 68.88 -6.96
C2 LMG CI . 25.05 67.55 -8.92
O2 LMG CI . 26.44 67.44 -8.57
C3 LMG CI . 24.90 67.36 -10.44
O3 LMG CI . 24.80 65.96 -10.73
C4 LMG CI . 23.71 68.08 -11.09
O4 LMG CI . 22.57 67.22 -11.06
C5 LMG CI . 23.36 69.39 -10.40
O5 LMG CI . 22.27 70.72 -12.07
C6 LMG CI . 22.04 69.94 -10.91
O6 LMG CI . 23.26 69.14 -8.99
C7 LMG CI . 24.55 70.16 -6.34
C8 LMG CI . 23.66 70.33 -5.11
C9 LMG CI . 22.38 69.57 -5.38
O7 LMG CI . 24.25 69.68 -4.00
C10 LMG CI . 24.24 70.30 -2.68
O9 LMG CI . 25.24 70.84 -2.27
C11 LMG CI . 22.99 70.24 -1.83
C12 LMG CI . 23.30 70.40 -0.35
C13 LMG CI . 22.04 69.97 0.41
C14 LMG CI . 22.23 69.88 1.92
C15 LMG CI . 22.04 68.49 2.52
C16 LMG CI . 21.41 68.56 3.92
C17 LMG CI . 20.33 67.51 4.19
C18 LMG CI . 19.11 67.67 3.31
C19 LMG CI . 17.86 67.10 4.01
C20 LMG CI . 18.02 65.62 4.34
C21 LMG CI . 16.69 65.00 4.76
C22 LMG CI . 16.84 63.48 4.86
C23 LMG CI . 15.50 62.79 5.11
C24 LMG CI . 15.08 62.01 3.87
C25 LMG CI . 14.85 60.54 4.19
C26 LMG CI . 14.59 59.82 2.88
C27 LMG CI . 15.83 59.78 2.01
O8 LMG CI . 21.48 70.44 -6.04
C28 LMG CI . 20.22 69.91 -6.54
O10 LMG CI . 20.12 69.60 -7.71
C29 LMG CI . 19.09 69.70 -5.58
C30 LMG CI . 19.03 70.82 -4.57
C31 LMG CI . 17.97 71.81 -5.00
C32 LMG CI . 16.59 71.19 -4.87
C33 LMG CI . 15.53 72.22 -5.21
C34 LMG CI . 14.14 71.70 -4.95
C35 LMG CI . 13.12 72.68 -5.50
C36 LMG CI . 12.19 73.12 -4.38
C37 LMG CI . 11.21 72.03 -4.00
C38 LMG CI . 10.12 72.47 -3.03
C39 LMG CI . 10.67 73.32 -1.90
MG CLA DI . -30.40 -42.08 -6.10
CHA CLA DI . -33.57 -42.54 -4.72
CHB CLA DI . -29.23 -41.27 -3.02
CHC CLA DI . -27.22 -42.61 -7.24
CHD CLA DI . -31.63 -43.42 -9.15
NA CLA DI . -31.27 -41.94 -4.20
C1A CLA DI . -32.60 -42.17 -3.82
C2A CLA DI . -32.81 -41.90 -2.33
C3A CLA DI . -31.50 -41.18 -1.96
C4A CLA DI . -30.58 -41.51 -3.11
CMA CLA DI . -31.83 -39.72 -1.94
CAA CLA DI . -32.97 -43.13 -1.46
CBA CLA DI . -33.81 -42.81 -0.25
CGA CLA DI . -34.01 -43.96 0.68
O1A CLA DI . -34.77 -44.00 1.63
O2A CLA DI . -33.28 -45.09 0.42
NB CLA DI . -28.58 -42.01 -5.28
C1B CLA DI . -28.32 -41.54 -4.05
C2B CLA DI . -26.88 -41.31 -3.91
C3B CLA DI . -26.27 -41.68 -5.08
C4B CLA DI . -27.36 -42.14 -5.98
CMB CLA DI . -26.38 -40.73 -2.67
CAB CLA DI . -24.89 -41.71 -5.43
CBB CLA DI . -24.33 -41.04 -6.43
NC CLA DI . -29.58 -42.82 -7.88
C1C CLA DI . -28.25 -42.91 -8.15
C2C CLA DI . -28.04 -43.43 -9.50
C3C CLA DI . -29.30 -43.71 -10.01
C4C CLA DI . -30.25 -43.30 -9.00
CMC CLA DI . -26.76 -43.68 -10.16
CAC CLA DI . -29.61 -44.24 -11.33
CBC CLA DI . -29.69 -45.75 -11.32
ND CLA DI . -32.14 -42.79 -6.84
C1D CLA DI . -32.53 -43.21 -8.14
C2D CLA DI . -33.99 -43.34 -8.17
C3D CLA DI . -34.43 -43.13 -6.89
C4D CLA DI . -33.24 -42.81 -6.09
CMD CLA DI . -34.82 -43.67 -9.34
CAD CLA DI . -35.58 -43.04 -6.04
OBD CLA DI . -36.75 -43.17 -6.32
CBD CLA DI . -35.07 -42.71 -4.62
CGD CLA DI . -35.78 -41.43 -4.32
O1D CLA DI . -35.44 -40.32 -4.67
O2D CLA DI . -36.96 -41.53 -3.66
CED CLA DI . -37.98 -40.56 -3.91
C1 CLA DI . -32.76 -45.93 1.50
C2 CLA DI . -32.09 -45.20 2.63
C3 CLA DI . -30.99 -44.43 2.58
C4 CLA DI . -30.41 -43.74 3.75
C5 CLA DI . -30.29 -44.23 1.30
C6 CLA DI . -29.09 -45.11 1.07
C7 CLA DI . -28.76 -45.00 -0.41
C8 CLA DI . -29.91 -45.55 -1.24
C9 CLA DI . -29.89 -47.07 -1.21
C10 CLA DI . -29.94 -44.96 -2.63
C11 CLA DI . -28.94 -45.61 -3.54
C12 CLA DI . -29.35 -45.47 -4.99
C13 CLA DI . -28.25 -45.83 -5.98
C14 CLA DI . -28.90 -46.30 -7.26
C15 CLA DI . -27.23 -46.81 -5.43
C16 CLA DI . -25.99 -47.02 -6.27
C17 CLA DI . -25.36 -48.28 -5.73
C18 CLA DI . -23.99 -48.60 -6.30
C19 CLA DI . -23.72 -50.08 -6.18
C20 CLA DI . -23.85 -48.28 -7.77
MG CLA EI . -31.44 -51.78 -33.04
CHA CLA EI . -30.59 -51.84 -36.38
CHB CLA EI . -28.37 -50.45 -32.33
CHC CLA EI . -32.64 -50.55 -30.07
CHD CLA EI . -34.79 -52.51 -34.01
NA CLA EI . -29.77 -51.27 -34.17
C1A CLA EI . -29.60 -51.37 -35.55
C2A CLA EI . -28.23 -50.87 -35.98
C3A CLA EI . -27.46 -50.86 -34.65
C4A CLA EI . -28.60 -50.81 -33.62
CMA CLA EI . -26.68 -52.14 -34.59
CAA CLA EI . -28.28 -49.49 -36.67
CBA CLA EI . -29.48 -48.59 -36.37
CGA CLA EI . -29.17 -47.15 -36.07
O1A CLA EI . -28.61 -46.33 -36.82
O2A CLA EI . -29.52 -46.73 -34.82
NB CLA EI . -30.66 -50.73 -31.49
C1B CLA EI . -29.37 -50.38 -31.34
C2B CLA EI . -29.12 -49.87 -29.97
C3B CLA EI . -30.34 -49.90 -29.32
C4B CLA EI . -31.32 -50.43 -30.29
CMB CLA EI . -27.78 -49.40 -29.60
CAB CLA EI . -30.82 -49.50 -28.01
CBB CLA EI . -30.27 -48.67 -27.14
NC CLA EI . -33.34 -51.60 -32.20
C1C CLA EI . -33.60 -51.07 -30.98
C2C CLA EI . -35.02 -51.10 -30.73
C3C CLA EI . -35.64 -51.67 -31.83
C4C CLA EI . -34.57 -52.01 -32.74
CMC CLA EI . -35.65 -50.53 -29.56
CAC CLA EI . -37.09 -51.89 -32.01
CBC CLA EI . -37.80 -50.73 -32.64
ND CLA EI . -32.50 -52.10 -34.73
C1D CLA EI . -33.82 -52.56 -34.97
C2D CLA EI . -33.97 -52.97 -36.36
C3D CLA EI . -32.76 -52.66 -36.98
C4D CLA EI . -31.89 -52.13 -35.91
CMD CLA EI . -35.20 -53.50 -36.92
CAD CLA EI . -31.99 -52.66 -38.20
OBD CLA EI . -32.31 -52.93 -39.35
CBD CLA EI . -30.57 -52.16 -37.85
CGD CLA EI . -29.53 -53.18 -38.20
O1D CLA EI . -29.36 -54.31 -37.71
O2D CLA EI . -28.71 -52.78 -39.20
CED CLA EI . -28.83 -53.47 -40.44
C1 CLA EI . -30.82 -46.97 -34.25
C2 CLA EI . -30.70 -46.49 -32.86
C3 CLA EI . -31.56 -46.79 -31.88
C4 CLA EI . -32.74 -47.63 -32.14
C5 CLA EI . -31.38 -46.29 -30.49
MG CLA FI . -28.73 -48.42 -22.09
CHA CLA FI . -25.37 -48.95 -22.85
CHB CLA FI . -28.24 -49.95 -19.08
CHC CLA FI . -31.66 -47.06 -20.95
CHD CLA FI . -28.93 -46.34 -24.95
NA CLA FI . -27.08 -49.32 -21.16
C1A CLA FI . -25.77 -49.43 -21.63
C2A CLA FI . -24.90 -50.20 -20.63
C3A CLA FI . -25.96 -50.77 -19.66
C4A CLA FI . -27.20 -49.95 -19.96
CMA CLA FI . -26.22 -52.23 -19.92
CAA CLA FI . -23.81 -49.38 -19.91
CBA CLA FI . -24.28 -48.35 -18.90
CGA CLA FI . -24.03 -46.94 -19.32
O1A CLA FI . -24.69 -46.27 -20.09
O2A CLA FI . -22.92 -46.37 -18.78
NB CLA FI . -29.73 -48.47 -20.36
C1B CLA FI . -29.41 -49.21 -19.28
C2B CLA FI . -30.49 -49.14 -18.28
C3B CLA FI . -31.47 -48.32 -18.78
C4B CLA FI . -30.99 -47.90 -20.12
CMB CLA FI . -30.39 -49.86 -17.02
CAB CLA FI . -32.73 -47.89 -18.22
CBB CLA FI . -33.02 -46.68 -17.76
NC CLA FI . -30.09 -47.03 -22.85
C1C CLA FI . -31.25 -46.68 -22.25
C2C CLA FI . -32.00 -45.74 -23.06
C3C CLA FI . -31.20 -45.47 -24.17
C4C CLA FI . -30.01 -46.30 -24.04
CMC CLA FI . -33.29 -45.18 -22.71
CAC CLA FI . -31.53 -44.57 -25.29
CBC CLA FI . -32.00 -45.26 -26.55
ND CLA FI . -27.52 -47.82 -23.61
C1D CLA FI . -27.78 -47.05 -24.77
C2D CLA FI . -26.60 -47.11 -25.65
C3D CLA FI . -25.65 -47.83 -24.97
C4D CLA FI . -26.27 -48.23 -23.69
CMD CLA FI . -26.54 -46.47 -26.96
CAD CLA FI . -24.30 -48.35 -24.98
OBD CLA FI . -23.43 -48.26 -25.83
CBD CLA FI . -24.09 -49.09 -23.62
CGD CLA FI . -23.88 -50.55 -23.85
O1D CLA FI . -24.76 -51.39 -23.97
O2D CLA FI . -22.59 -50.95 -23.90
CED CLA FI . -22.31 -52.20 -24.51
C1 CLA FI . -22.70 -46.26 -17.34
C2 CLA FI . -23.73 -45.39 -16.70
C3 CLA FI . -23.69 -45.07 -15.39
C4 CLA FI . -22.60 -45.51 -14.49
C5 CLA FI . -24.72 -44.20 -14.77
MG CLA GI . -29.84 -58.91 0.40
CHA CLA GI . -32.83 -58.94 2.18
CHB CLA GI . -30.78 -61.74 -1.22
CHC CLA GI . -26.55 -59.50 -0.49
CHD CLA GI . -28.65 -56.40 2.62
NA CLA GI . -31.57 -60.09 0.44
C1A CLA GI . -32.73 -59.94 1.22
C2A CLA GI . -33.74 -61.07 0.86
C3A CLA GI . -33.12 -61.74 -0.39
C4A CLA GI . -31.72 -61.16 -0.41
CMA CLA GI . -33.06 -63.23 -0.28
CAA CLA GI . -35.19 -60.64 0.58
CBA CLA GI . -35.79 -60.79 -0.80
CGA CLA GI . -37.26 -60.52 -0.65
O1A CLA GI . -37.93 -60.57 0.40
O2A CLA GI . -37.87 -60.12 -1.82
NB CLA GI . -28.88 -60.31 -0.67
C1B CLA GI . -29.44 -61.35 -1.30
C2B CLA GI . -28.43 -62.11 -2.08
C3B CLA GI . -27.23 -61.49 -1.87
C4B CLA GI . -27.50 -60.34 -0.96
CMB CLA GI . -28.86 -63.30 -2.82
CAB CLA GI . -25.86 -61.71 -2.29
CBB CLA GI . -25.36 -62.64 -3.09
NC CLA GI . -27.99 -58.05 0.90
C1C CLA GI . -26.78 -58.39 0.37
C2C CLA GI . -25.73 -57.55 0.89
C3C CLA GI . -26.34 -56.71 1.82
C4C CLA GI . -27.74 -57.02 1.79
CMC CLA GI . -24.31 -57.64 0.53
CAC CLA GI . -25.75 -55.65 2.63
CBC CLA GI . -25.18 -56.18 3.90
ND CLA GI . -30.53 -57.83 1.96
C1D CLA GI . -29.95 -56.79 2.71
C2D CLA GI . -30.92 -56.25 3.63
C3D CLA GI . -32.03 -57.04 3.52
C4D CLA GI . -31.74 -58.03 2.46
CMD CLA GI . -30.58 -55.16 4.52
CAD CLA GI . -33.37 -57.30 4.00
OBD CLA GI . -34.01 -56.77 4.90
CBD CLA GI . -33.89 -58.50 3.18
CGD CLA GI . -34.39 -59.64 4.03
O1D CLA GI . -35.47 -59.71 4.61
O2D CLA GI . -33.52 -60.68 4.15
CED CLA GI . -33.98 -61.88 4.77
C1 CLA GI . -39.24 -59.69 -1.70
C2 CLA GI . -39.59 -58.67 -2.73
C3 CLA GI . -40.49 -57.68 -2.53
C4 CLA GI . -41.21 -57.53 -1.24
C5 CLA GI . -40.84 -56.65 -3.56
C6 CLA GI . -40.25 -56.86 -4.94
MG CLA HI . -27.35 -54.28 -15.75
CHA CLA HI . -26.53 -57.65 -15.56
CHB CLA HI . -30.22 -54.98 -13.99
CHC CLA HI . -27.58 -51.00 -14.79
CHD CLA HI . -24.00 -53.69 -16.75
NA CLA HI . -28.25 -56.01 -15.03
C1A CLA HI . -27.74 -57.31 -15.03
C2A CLA HI . -28.75 -58.25 -14.37
C3A CLA HI . -30.04 -57.43 -14.40
C4A CLA HI . -29.48 -56.03 -14.45
CMA CLA HI . -30.72 -57.68 -15.70
CAA CLA HI . -28.30 -58.45 -12.94
CBA CLA HI . -28.37 -59.92 -12.61
CGA CLA HI . -29.74 -60.42 -12.38
O1A CLA HI . -30.58 -60.03 -11.59
O2A CLA HI . -30.07 -61.50 -13.14
NB CLA HI . -28.61 -53.22 -14.57
C1B CLA HI . -29.78 -53.66 -14.04
C2B CLA HI . -30.59 -52.55 -13.55
C3B CLA HI . -29.86 -51.41 -13.77
C4B CLA HI . -28.60 -51.82 -14.43
CMB CLA HI . -31.90 -52.77 -12.94
CAB CLA HI . -30.09 -50.02 -13.48
CBB CLA HI . -30.63 -49.50 -12.38
NC CLA HI . -26.08 -52.64 -15.86
C1C CLA HI . -26.39 -51.37 -15.48
C2C CLA HI . -25.30 -50.46 -15.74
C3C CLA HI . -24.25 -51.24 -16.21
C4C CLA HI . -24.76 -52.60 -16.31
CMC CLA HI . -25.35 -49.04 -15.42
CAC CLA HI . -22.88 -50.85 -16.60
CBC CLA HI . -21.87 -51.05 -15.50
ND CLA HI . -25.72 -55.35 -16.31
C1D CLA HI . -24.43 -54.98 -16.74
C2D CLA HI . -23.66 -56.18 -17.11
C3D CLA HI . -24.43 -57.24 -16.67
C4D CLA HI . -25.67 -56.66 -16.11
CMD CLA HI . -22.35 -56.20 -17.72
CAD CLA HI . -24.55 -58.68 -16.57
OBD CLA HI . -23.81 -59.55 -17.02
CBD CLA HI . -25.81 -58.96 -15.72
CGD CLA HI . -26.70 -60.01 -16.31
O1D CLA HI . -27.51 -59.86 -17.23
O2D CLA HI . -26.55 -61.23 -15.76
CED CLA HI . -27.46 -62.26 -16.15
C1 CLA HI . -29.24 -62.64 -12.95
C2 CLA HI . -29.83 -63.83 -13.60
C3 CLA HI . -30.02 -65.00 -12.98
C4 CLA HI . -29.68 -65.21 -11.56
C5 CLA HI . -30.61 -66.14 -13.75
C6 CLA HI . -30.12 -67.51 -13.32
MG CLA II . -29.33 -64.15 -22.56
CHA CLA II . -26.07 -65.30 -22.58
CHB CLA II . -30.14 -66.66 -24.72
CHC CLA II . -32.66 -63.56 -21.97
CHD CLA II . -28.50 -62.07 -19.81
NA CLA II . -28.28 -65.70 -23.48
C1A CLA II . -26.92 -66.02 -23.37
C2A CLA II . -26.56 -67.25 -24.22
C3A CLA II . -27.85 -67.49 -25.05
C4A CLA II . -28.84 -66.57 -24.36
CMA CLA II . -27.70 -67.12 -26.49
CAA CLA II . -26.17 -68.48 -23.42
CBA CLA II . -27.21 -69.01 -22.45
CGA CLA II . -27.03 -68.41 -21.09
O1A CLA II . -26.00 -68.12 -20.48
O2A CLA II . -28.23 -68.11 -20.50
NB CLA II . -31.05 -64.99 -23.17
C1B CLA II . -31.15 -65.89 -24.17
C2B CLA II . -32.52 -66.01 -24.68
C3B CLA II . -33.27 -65.15 -23.91
C4B CLA II . -32.35 -64.48 -22.93
CMB CLA II . -32.83 -66.94 -25.76
CAB CLA II . -34.68 -64.85 -23.93
CBB CLA II . -35.58 -64.87 -24.91
NC CLA II . -30.38 -62.98 -21.16
C1C CLA II . -31.73 -62.84 -21.14
C2C CLA II . -32.12 -61.90 -20.10
C3C CLA II . -30.94 -61.53 -19.44
C4C CLA II . -29.85 -62.21 -20.12
CMC CLA II . -33.49 -61.50 -19.82
CAC CLA II . -30.81 -60.58 -18.32
CBC CLA II . -31.08 -61.19 -16.96
ND CLA II . -27.71 -63.70 -21.45
C1D CLA II . -27.49 -62.77 -20.40
C2D CLA II . -26.04 -62.66 -20.16
C3D CLA II . -25.46 -63.57 -21.01
C4D CLA II . -26.54 -64.22 -21.75
CMD CLA II . -25.39 -61.76 -19.23
CAD CLA II . -24.23 -64.13 -21.52
OBD CLA II . -23.10 -63.72 -21.36
CBD CLA II . -24.58 -65.33 -22.41
CGD CLA II . -23.92 -65.22 -23.74
O1D CLA II . -24.28 -64.50 -24.68
O2D CLA II . -22.81 -66.00 -23.89
CED CLA II . -21.77 -65.49 -24.73
C1 CLA II . -28.39 -66.78 -19.99
C2 CLA II . -29.85 -66.57 -19.90
C3 CLA II . -30.49 -65.79 -19.01
C4 CLA II . -29.74 -65.03 -17.97
C5 CLA II . -31.96 -65.65 -18.98
C6 CLA II . -32.64 -66.70 -19.83
C7 CLA II . -34.12 -66.49 -20.08
C8 CLA II . -34.94 -67.77 -20.29
C9 CLA II . -36.06 -67.74 -19.28
C10 CLA II . -34.14 -69.09 -20.28
C11 CLA II . -34.80 -70.32 -19.70
C12 CLA II . -34.95 -71.37 -20.78
C13 CLA II . -36.35 -71.99 -20.85
C14 CLA II . -36.21 -73.46 -20.54
C15 CLA II . -37.04 -71.79 -22.21
C16 CLA II . -36.08 -72.21 -23.30
C17 CLA II . -36.63 -72.76 -24.60
C18 CLA II . -36.07 -74.14 -24.97
C19 CLA II . -34.80 -74.62 -24.29
C20 CLA II . -37.15 -75.20 -24.96
MG CLA JI . -40.61 -64.38 -25.62
CHA CLA JI . -39.73 -66.44 -28.25
CHB CLA JI . -42.83 -62.76 -27.70
CHC CLA JI . -42.31 -63.19 -22.89
CHD CLA JI . -38.93 -66.67 -23.45
NA CLA JI . -41.14 -64.57 -27.63
C1A CLA JI . -40.68 -65.49 -28.56
C2A CLA JI . -41.32 -65.29 -29.92
C3A CLA JI . -41.99 -63.91 -29.78
C4A CLA JI . -42.03 -63.72 -28.26
CMA CLA JI . -41.14 -62.87 -30.47
CAA CLA JI . -42.38 -66.34 -30.15
CBA CLA JI . -42.08 -67.19 -31.35
CGA CLA JI . -41.68 -68.56 -30.90
O1A CLA JI . -40.88 -69.32 -31.44
O2A CLA JI . -42.28 -69.00 -29.75
NB CLA JI . -42.28 -63.27 -25.35
C1B CLA JI . -42.91 -62.54 -26.32
C2B CLA JI . -43.73 -61.45 -25.72
C3B CLA JI . -43.58 -61.57 -24.35
C4B CLA JI . -42.67 -62.72 -24.11
CMB CLA JI . -44.52 -60.52 -26.49
CAB CLA JI . -44.17 -60.80 -23.29
CBB CLA JI . -45.12 -61.18 -22.44
NC CLA JI . -40.55 -64.79 -23.56
C1C CLA JI . -41.29 -64.15 -22.62
C2C CLA JI . -40.99 -64.64 -21.29
C3C CLA JI . -40.08 -65.70 -21.45
C4C CLA JI . -39.82 -65.77 -22.87
CMC CLA JI . -41.59 -64.15 -20.05
CAC CLA JI . -39.49 -66.54 -20.40
CBC CLA JI . -40.17 -67.85 -20.13
ND CLA JI . -39.49 -66.06 -25.75
C1D CLA JI . -38.77 -66.83 -24.80
C2D CLA JI . -37.88 -67.77 -25.50
C3D CLA JI . -38.19 -67.65 -26.84
C4D CLA JI . -39.24 -66.61 -26.93
CMD CLA JI . -36.91 -68.65 -24.85
CAD CLA JI . -37.90 -68.09 -28.18
OBD CLA JI . -37.05 -68.87 -28.59
CBD CLA JI . -38.94 -67.41 -29.10
CGD CLA JI . -38.27 -66.69 -30.24
O1D CLA JI . -37.96 -65.49 -30.27
O2D CLA JI . -38.02 -67.46 -31.33
CED CLA JI . -37.16 -66.94 -32.34
C1 CLA JI . -41.59 -70.09 -29.08
C2 CLA JI . -41.59 -69.74 -27.65
C3 CLA JI . -40.71 -70.13 -26.68
C4 CLA JI . -39.56 -71.02 -26.94
C5 CLA JI . -40.89 -69.67 -25.28
C6 CLA JI . -42.27 -69.07 -25.05
C7 CLA JI . -42.34 -68.00 -24.00
C8 CLA JI . -43.16 -66.77 -24.43
C9 CLA JI . -44.33 -66.63 -23.48
C10 CLA JI . -43.58 -66.69 -25.91
C11 CLA JI . -44.64 -65.65 -26.22
C12 CLA JI . -45.04 -65.62 -27.68
MG CLA KI . -53.52 -57.64 -23.82
CHA CLA KI . -56.82 -57.22 -22.76
CHB CLA KI . -53.38 -60.69 -22.27
CHC CLA KI . -50.12 -57.71 -24.25
CHD CLA KI . -53.47 -54.21 -24.77
NA CLA KI . -54.92 -58.79 -22.78
C1A CLA KI . -56.27 -58.47 -22.45
C2A CLA KI . -56.89 -59.69 -21.71
C3A CLA KI . -55.87 -60.84 -21.96
C4A CLA KI . -54.62 -60.07 -22.35
CMA CLA KI . -55.79 -61.82 -20.81
CAA CLA KI . -58.26 -60.23 -22.10
CBA CLA KI . -58.76 -60.11 -23.54
CGA CLA KI . -57.81 -60.60 -24.58
O1A CLA KI . -57.52 -61.77 -24.84
O2A CLA KI . -57.18 -59.59 -25.29
NB CLA KI . -52.07 -58.98 -23.42
C1B CLA KI . -52.18 -60.09 -22.64
C2B CLA KI . -50.84 -60.62 -22.27
C3B CLA KI . -49.92 -59.77 -22.83
C4B CLA KI . -50.69 -58.75 -23.60
CMB CLA KI . -50.64 -61.81 -21.44
CAB CLA KI . -48.48 -59.77 -22.81
CBB CLA KI . -47.74 -58.95 -22.06
NC CLA KI . -52.10 -56.26 -24.48
C1C CLA KI . -50.79 -56.55 -24.68
C2C CLA KI . -50.08 -55.43 -25.26
C3C CLA KI . -50.99 -54.38 -25.26
C4C CLA KI . -52.27 -54.91 -24.80
CMC CLA KI . -48.67 -55.47 -25.59
CAC CLA KI . -50.72 -53.01 -25.72
CBC CLA KI . -50.30 -52.16 -24.54
ND CLA KI . -54.80 -56.07 -23.87
C1D CLA KI . -54.66 -54.74 -24.34
C2D CLA KI . -55.98 -54.06 -24.27
C3D CLA KI . -56.83 -54.97 -23.68
C4D CLA KI . -56.05 -56.20 -23.42
CMD CLA KI . -56.26 -52.72 -24.73
CAD CLA KI . -58.19 -55.20 -23.25
OBD CLA KI . -59.19 -54.47 -23.36
CBD CLA KI . -58.21 -56.60 -22.58
CGD CLA KI . -58.68 -56.50 -21.15
O1D CLA KI . -59.31 -57.34 -20.51
O2D CLA KI . -58.31 -55.34 -20.52
CED CLA KI . -58.90 -55.01 -19.25
C1 CLA KI . -56.66 -59.94 -26.59
C2 CLA KI . -55.17 -59.95 -26.60
C3 CLA KI . -54.41 -58.93 -27.05
C4 CLA KI . -55.00 -57.69 -27.59
C5 CLA KI . -52.91 -58.98 -27.05
C6 CLA KI . -52.32 -60.38 -26.97
C10 WVN LI . -45.19 -51.43 -33.90
C11 WVN LI . -37.13 -63.53 -17.25
C12 WVN LI . -44.43 -50.43 -33.01
C13 WVN LI . -46.24 -52.01 -31.65
C14 WVN LI . -45.44 -49.73 -32.09
C01 WVN LI . -37.03 -65.24 -15.34
C02 WVN LI . -36.32 -64.09 -16.09
C03 WVN LI . -36.89 -65.16 -13.81
C04 WVN LI . -35.53 -64.64 -13.38
C05 WVN LI . -35.88 -62.96 -15.15
C06 WVN LI . -45.89 -52.51 -33.06
C07 WVN LI . -38.51 -65.38 -15.67
C08 WVN LI . -36.33 -66.52 -15.76
C09 WVN LI . -35.36 -63.24 -13.96
C15 WVN LI . -46.44 -50.72 -31.49
C16 WVN LI . -35.90 -61.53 -15.65
C17 WVN LI . -45.01 -53.76 -32.99
C18 WVN LI . -47.17 -52.91 -33.78
C19 WVN LI . -36.58 -63.71 -18.42
C20 WVN LI . -46.03 -52.89 -30.41
C21 WVN LI . -47.86 -50.23 -31.21
C22 WVN LI . -37.26 -63.21 -19.67
C23 WVN LI . -45.38 -52.46 -29.35
C24 WVN LI . -36.89 -64.01 -20.91
C25 WVN LI . -45.19 -53.37 -28.13
C26 WVN LI . -38.10 -62.20 -19.67
C27 WVN LI . -46.06 -53.15 -26.91
C28 WVN LI . -44.29 -54.34 -28.15
C29 WVN LI . -38.71 -61.76 -21.00
C30 WVN LI . -44.09 -55.22 -26.91
C31 WVN LI . -39.44 -60.67 -21.08
C32 WVN LI . -40.00 -60.24 -22.43
C33 WVN LI . -44.55 -56.42 -26.64
C34 WVN LI . -44.10 -56.96 -25.29
C35 WVN LI . -39.51 -60.93 -23.70
C36 WVN LI . -40.84 -59.24 -22.50
C37 WVN LI . -42.82 -57.22 -25.12
C38 WVN LI . -45.11 -57.15 -24.15
C39 WVN LI . -41.40 -58.74 -23.82
C40 WVN LI . -42.26 -57.75 -23.80
C03 II0 MI . -34.88 -51.71 -15.48
C05 II0 MI . -35.75 -52.27 -14.18
C07 II0 MI . -36.82 -51.47 -13.92
C09 II0 MI . -35.72 -51.23 -16.57
C11 II0 MI . -37.93 -51.33 -15.21
C13 II0 MI . -37.31 -51.20 -16.48
C15 II0 MI . -34.00 -50.48 -15.04
C16 II0 MI . -33.94 -52.83 -16.05
C19 II0 MI . -38.13 -51.17 -17.77
C21 II0 MI . -35.06 -51.06 -17.96
C23 II0 MI . -34.58 -50.86 -19.03
C25 II0 MI . -34.02 -50.55 -20.43
C27 II0 MI . -32.62 -50.95 -20.91
C29 II0 MI . -34.88 -49.85 -21.24
C30 II0 MI . -36.06 -46.53 -34.33
C31 II0 MI . -34.39 -49.48 -22.65
C32 II0 MI . -36.27 -47.15 -32.90
C33 II0 MI . -35.26 -48.92 -23.50
C34 II0 MI . -36.34 -46.30 -31.87
C35 II0 MI . -34.71 -48.54 -24.86
C36 II0 MI . -36.56 -46.85 -30.45
C37 II0 MI . -33.22 -48.49 -25.06
C38 II0 MI . -37.86 -47.59 -30.21
C39 II0 MI . -35.57 -48.24 -25.84
C40 II0 MI . -35.67 -46.65 -29.45
C41 II0 MI . -35.06 -47.79 -27.23
C42 II0 MI . -35.98 -47.19 -28.02
O01 II0 MI . -37.49 -51.95 -12.78
C03 II0 NI . -25.42 -66.21 -15.66
C04 II0 NI . -38.19 -56.86 2.91
C05 II0 NI . -24.90 -66.58 -17.17
C06 II0 NI . -38.85 -56.09 4.22
C07 II0 NI . -24.67 -65.50 -17.95
C08 II0 NI . -37.92 -55.89 5.19
C09 II0 NI . -24.74 -65.06 -15.03
C10 II0 NI . -36.83 -56.48 2.60
C11 II0 NI . -23.65 -64.38 -17.20
C12 II0 NI . -36.74 -54.89 4.61
C13 II0 NI . -24.12 -63.91 -15.95
C14 II0 NI . -36.36 -55.10 3.23
C15 II0 NI . -26.97 -65.98 -15.65
C16 II0 NI . -25.15 -67.45 -14.75
C17 II0 NI . -38.21 -58.38 3.13
C18 II0 NI . -39.08 -56.54 1.66
C19 II0 NI . -23.49 -62.68 -15.31
C20 II0 NI . -35.38 -54.19 2.48
C21 II0 NI . -24.93 -64.80 -13.53
C22 II0 NI . -36.32 -56.75 1.17
C23 II0 NI . -25.09 -64.55 -12.36
C24 II0 NI . -35.86 -56.99 0.11
C25 II0 NI . -25.35 -64.20 -10.89
C26 II0 NI . -35.54 -57.19 -1.38
C27 II0 NI . -24.34 -64.51 -9.77
C28 II0 NI . -36.55 -56.83 -2.46
C29 II0 NI . -26.54 -63.60 -10.62
C30 II0 NI . -34.36 -57.65 -1.68
C31 II0 NI . -26.91 -63.21 -9.18
C32 II0 NI . -33.90 -57.93 -3.14
C33 II0 NI . -28.08 -62.59 -9.03
C34 II0 NI . -33.42 -59.14 -3.34
C35 II0 NI . -28.52 -62.16 -7.64
C36 II0 NI . -32.90 -59.62 -4.68
C37 II0 NI . -27.94 -62.84 -6.43
C38 II0 NI . -33.49 -59.14 -6.00
C39 II0 NI . -29.41 -61.16 -7.58
C40 II0 NI . -31.85 -60.46 -4.64
C41 II0 NI . -29.94 -60.65 -6.23
C42 II0 NI . -31.23 -60.97 -5.96
O01 II0 NI . -23.98 -66.00 -19.06
O02 II0 NI . -38.48 -55.24 6.33
C03 II0 OI . -18.56 -63.57 -8.82
C04 II0 OI . -34.20 -51.96 5.84
C05 II0 OI . -17.38 -63.53 -9.96
C06 II0 OI . -35.79 -51.89 6.39
C07 II0 OI . -17.87 -63.96 -11.16
C08 II0 OI . -36.49 -50.78 6.01
C09 II0 OI . -19.87 -63.08 -9.30
C10 II0 OI . -33.96 -51.18 4.62
C11 II0 OI . -19.04 -62.91 -11.78
C12 II0 OI . -36.45 -50.50 4.38
C13 II0 OI . -19.97 -62.47 -10.78
C14 II0 OI . -35.10 -50.31 3.91
C15 II0 OI . -18.75 -65.08 -8.39
C16 II0 OI . -18.16 -62.73 -7.55
C17 II0 OI . -33.32 -51.67 7.06
C18 II0 OI . -33.62 -53.40 5.67
C19 II0 OI . -21.07 -61.47 -11.13
C20 II0 OI . -34.68 -48.90 3.47
C21 II0 OI . -20.86 -62.50 -8.26
C22 II0 OI . -32.61 -51.19 3.85
C23 II0 OI . -21.68 -62.09 -7.48
C24 II0 OI . -31.59 -51.21 3.27
C25 II0 OI . -22.78 -61.57 -6.54
C26 II0 OI . -30.26 -51.31 2.50
C27 II0 OI . -24.09 -62.39 -6.47
C28 II0 OI . -29.36 -50.09 2.26
C29 II0 OI . -22.61 -60.42 -5.81
C30 II0 OI . -29.95 -52.50 2.10
C31 II0 OI . -23.79 -59.97 -4.90
C32 II0 OI . -28.65 -52.78 1.32
C33 II0 OI . -24.22 -58.72 -5.07
C34 II0 OI . -28.74 -53.63 0.32
C35 II0 OI . -25.37 -58.21 -4.23
C36 II0 OI . -27.50 -53.96 -0.48
C37 II0 OI . -26.73 -58.86 -4.36
C38 II0 OI . -26.24 -53.10 -0.36
C39 II0 OI . -25.14 -57.21 -3.37
C40 II0 OI . -27.56 -55.02 -1.28
C41 II0 OI . -26.30 -56.68 -2.53
C42 II0 OI . -26.32 -55.39 -2.13
O01 II0 OI . -16.82 -64.08 -12.10
O02 II0 OI . -37.85 -50.99 6.38
MG CLA PI . -38.55 -48.08 -11.96
CHA CLA PI . -41.10 -47.48 -9.63
CHB CLA PI . -40.88 -47.80 -14.46
CHC CLA PI . -36.05 -47.55 -14.27
CHD CLA PI . -36.23 -47.30 -9.39
NA CLA PI . -40.62 -47.80 -12.01
C1A CLA PI . -41.50 -47.57 -10.94
C2A CLA PI . -42.93 -47.36 -11.45
C3A CLA PI . -42.84 -47.83 -12.92
C4A CLA PI . -41.34 -47.81 -13.18
CMA CLA PI . -43.43 -49.21 -13.09
CAA CLA PI . -43.37 -45.88 -11.35
CBA CLA PI . -42.55 -44.80 -12.04
CGA CLA PI . -41.33 -44.31 -11.28
O1A CLA PI . -41.24 -43.85 -10.15
O2A CLA PI . -40.18 -44.52 -12.01
NB CLA PI . -38.49 -47.67 -13.95
C1B CLA PI . -39.53 -47.77 -14.80
C2B CLA PI . -39.08 -47.84 -16.21
C3B CLA PI . -37.70 -47.78 -16.18
C4B CLA PI . -37.32 -47.68 -14.74
CMB CLA PI . -40.05 -47.93 -17.30
CAB CLA PI . -36.71 -47.80 -17.23
CBB CLA PI . -36.73 -47.15 -18.39
NC CLA PI . -36.50 -47.64 -11.83
C1C CLA PI . -35.66 -47.55 -12.90
C2C CLA PI . -34.30 -47.32 -12.47
C3C CLA PI . -34.37 -47.14 -11.08
C4C CLA PI . -35.75 -47.37 -10.70
CMC CLA PI . -33.17 -47.17 -13.37
CAC CLA PI . -33.29 -46.87 -10.13
CBC CLA PI . -32.47 -48.06 -9.72
ND CLA PI . -38.57 -47.75 -9.96
C1D CLA PI . -37.55 -47.45 -9.04
C2D CLA PI . -38.15 -47.35 -7.70
C3D CLA PI . -39.50 -47.44 -7.86
C4D CLA PI . -39.72 -47.59 -9.30
CMD CLA PI . -37.38 -47.16 -6.49
CAD CLA PI . -40.81 -47.44 -7.20
OBD CLA PI . -41.12 -47.55 -6.03
CBD CLA PI . -41.84 -47.25 -8.33
CGD CLA PI . -43.12 -48.05 -8.16
O1D CLA PI . -44.25 -47.65 -8.41
O2D CLA PI . -42.98 -49.30 -7.68
CED CLA PI . -44.09 -49.86 -6.99
C1 CLA PI . -38.91 -44.33 -11.35
C2 CLA PI . -37.85 -44.49 -12.39
C3 CLA PI . -37.23 -43.46 -12.98
C4 CLA PI . -37.57 -42.04 -12.68
C5 CLA PI . -36.17 -43.71 -14.00
C6 CLA PI . -34.96 -42.80 -13.87
C7 CLA PI . -33.79 -43.25 -14.72
C8 CLA PI . -32.44 -42.96 -14.10
C9 CLA PI . -32.35 -41.53 -13.65
C10 CLA PI . -31.31 -43.14 -15.09
C11 CLA PI . -30.76 -44.55 -15.15
C12 CLA PI . -29.89 -44.61 -16.37
C13 CLA PI . -29.18 -45.94 -16.63
C14 CLA PI . -28.48 -46.44 -15.38
C15 CLA PI . -28.18 -45.88 -17.79
C16 CLA PI . -28.45 -44.82 -18.84
C17 CLA PI . -27.73 -45.15 -20.13
C18 CLA PI . -27.40 -43.92 -20.95
C19 CLA PI . -26.62 -44.32 -22.18
C20 CLA PI . -28.67 -43.17 -21.35
MG CLA QI . 38.62 83.25 16.06
CHA CLA QI . 37.68 86.08 14.32
CHB CLA QI . 41.40 84.91 17.17
CHC CLA QI . 39.13 80.81 18.44
CHD CLA QI . 35.37 81.91 15.46
NA CLA QI . 39.40 85.16 15.76
C1A CLA QI . 38.85 86.20 14.99
C2A CLA QI . 39.74 87.43 15.01
C3A CLA QI . 41.03 86.92 15.69
C4A CLA QI . 40.59 85.57 16.27
CMA CLA QI . 42.15 86.75 14.70
CAA CLA QI . 39.09 88.54 15.83
CBA CLA QI . 40.08 89.65 16.13
NB CLA QI . 39.96 82.95 17.55
C1B CLA QI . 41.09 83.67 17.75
C2B CLA QI . 42.01 82.96 18.67
C3B CLA QI . 41.39 81.80 19.04
C4B CLA QI . 40.07 81.77 18.33
CMB CLA QI . 43.31 83.48 19.08
CAB CLA QI . 41.83 80.77 19.93
CBB CLA QI . 41.15 80.24 20.95
NC CLA QI . 37.48 81.63 16.77
C1C CLA QI . 37.92 80.74 17.70
C2C CLA QI . 36.93 79.70 17.91
C3C CLA QI . 35.82 80.05 17.14
C4C CLA QI . 36.19 81.25 16.41
CMC CLA QI . 37.08 78.57 18.84
CAC CLA QI . 34.56 79.30 17.00
CBC CLA QI . 34.73 78.06 16.17
ND CLA QI . 36.94 83.76 15.07
C1D CLA QI . 35.71 83.09 14.84
C2D CLA QI . 34.92 83.87 13.85
C3D CLA QI . 35.65 85.01 13.59
C4D CLA QI . 36.87 84.91 14.41
CMD CLA QI . 33.63 83.47 13.31
CAD CLA QI . 35.72 86.25 12.84
OBD CLA QI . 34.99 86.68 11.96
CBD CLA QI . 36.97 87.03 13.37
CGD CLA QI . 37.88 87.46 12.26
O1D CLA QI . 38.33 88.60 12.04
O2D CLA QI . 38.26 86.46 11.42
CED CLA QI . 39.38 86.69 10.57
MG CLA RI . 27.94 81.70 6.91
CHA CLA RI . 31.18 81.10 5.86
CHB CLA RI . 26.84 79.34 4.69
CHC CLA RI . 24.96 81.55 8.58
CHD CLA RI . 29.30 83.45 9.68
NA CLA RI . 28.87 80.46 5.51
C1A CLA RI . 30.24 80.36 5.22
C2A CLA RI . 30.48 79.34 4.11
C3A CLA RI . 29.06 79.13 3.55
C4A CLA RI . 28.18 79.65 4.66
CMA CLA RI . 28.87 79.96 2.32
CAA CLA RI . 31.12 78.08 4.69
CBA CLA RI . 30.26 76.83 4.75
CGA CLA RI . 29.49 76.88 6.03
O1A CLA RI . 29.60 77.72 6.91
O2A CLA RI . 28.59 75.86 6.20
NB CLA RI . 26.25 80.62 6.70
C1B CLA RI . 25.97 79.79 5.67
C2B CLA RI . 24.54 79.42 5.68
C3B CLA RI . 23.99 80.03 6.77
C4B CLA RI . 25.07 80.81 7.43
CMB CLA RI . 23.98 78.53 4.69
CAB CLA RI . 22.66 80.01 7.28
CBB CLA RI . 21.86 79.00 7.55
NC CLA RI . 27.24 82.45 8.74
C1C CLA RI . 25.95 82.35 9.18
C2C CLA RI . 25.81 83.07 10.44
C3C CLA RI . 27.08 83.48 10.82
C4C CLA RI . 27.97 83.10 9.73
CMC CLA RI . 24.61 83.26 11.24
CAC CLA RI . 27.40 84.15 12.08
CBC CLA RI . 27.74 85.60 12.08
ND CLA RI . 29.74 82.26 7.61
C1D CLA RI . 30.15 83.09 8.68
C2D CLA RI . 31.58 83.41 8.55
C3D CLA RI . 32.00 82.70 7.47
C4D CLA RI . 30.85 81.96 6.95
CMD CLA RI . 32.32 84.31 9.41
CAD CLA RI . 33.13 82.39 6.65
OBD CLA RI . 34.27 82.83 6.68
CBD CLA RI . 32.65 81.32 5.62
CGD CLA RI . 32.94 81.89 4.27
O1D CLA RI . 33.99 81.82 3.63
O2D CLA RI . 31.90 82.56 3.73
CED CLA RI . 32.15 83.41 2.61
C1 CLA RI . 27.20 76.21 6.37
C2 CLA RI . 26.83 76.35 7.79
C3 CLA RI . 25.57 76.13 8.23
C4 CLA RI . 24.48 75.81 7.28
C5 CLA RI . 25.18 76.25 9.66
C6 CLA RI . 25.40 74.99 10.48
C7 CLA RI . 24.34 73.92 10.41
C8 CLA RI . 24.46 72.90 11.53
C9 CLA RI . 25.10 71.62 11.04
C10 CLA RI . 23.08 72.68 12.13
C11 CLA RI . 22.15 71.88 11.24
MG CLA SI . 17.61 77.29 7.27
CHA CLA SI . 18.04 75.30 4.46
CHB CLA SI . 20.52 76.04 8.56
CHC CLA SI . 16.91 78.74 10.29
CHD CLA SI . 14.28 77.92 6.22
NA CLA SI . 19.07 75.97 6.58
C1A CLA SI . 19.07 75.27 5.36
C2A CLA SI . 20.37 74.48 5.25
C3A CLA SI . 21.11 74.70 6.58
C4A CLA SI . 20.19 75.67 7.29
CMA CLA SI . 21.26 73.43 7.38
CAA CLA SI . 21.19 75.22 4.21
CBA CLA SI . 22.66 74.98 4.24
CGA CLA SI . 22.88 73.58 3.85
O1A CLA SI . 22.11 72.91 3.16
O2A CLA SI . 24.08 73.08 4.32
NB CLA SI . 18.56 77.42 9.05
C1B CLA SI . 19.76 76.88 9.37
C2B CLA SI . 20.15 77.26 10.75
C3B CLA SI . 19.12 78.02 11.26
C4B CLA SI . 18.11 78.12 10.18
CMB CLA SI . 21.41 76.79 11.33
CAB CLA SI . 18.86 78.59 12.56
CBB CLA SI . 19.17 78.14 13.78
NC CLA SI . 15.92 78.22 8.08
C1C CLA SI . 15.90 78.80 9.30
C2C CLA SI . 14.61 79.43 9.53
C3C CLA SI . 13.83 79.14 8.42
C4C CLA SI . 14.67 78.39 7.50
CMC CLA SI . 14.24 80.14 10.75
CAC CLA SI . 12.45 79.58 8.23
CBC CLA SI . 12.36 80.73 7.27
ND CLA SI . 16.40 76.79 5.74
C1D CLA SI . 15.08 77.17 5.40
C2D CLA SI . 14.72 76.59 4.10
C3D CLA SI . 15.81 75.87 3.70
C4D CLA SI . 16.83 76.01 4.76
CMD CLA SI . 13.44 76.75 3.41
CAD CLA SI . 16.34 74.99 2.71
OBD CLA SI . 15.79 74.55 1.72
CBD CLA SI . 17.78 74.61 3.13
CGD CLA SI . 18.00 73.12 3.18
O1D CLA SI . 17.67 72.34 4.08
O2D CLA SI . 18.63 72.62 2.09
CED CLA SI . 18.35 71.28 1.71
C1 CLA SI . 24.24 71.65 4.40
C2 CLA SI . 23.37 71.14 5.48
C3 CLA SI . 23.69 70.10 6.26
C4 CLA SI . 24.91 69.29 6.04
C5 CLA SI . 22.74 69.66 7.32
C6 CLA SI . 23.49 69.33 8.59
C7 CLA SI . 22.71 68.41 9.48
C8 CLA SI . 23.57 67.27 10.01
C9 CLA SI . 24.28 66.54 8.88
C10 CLA SI . 22.62 66.32 10.70
C11 CLA SI . 22.94 66.13 12.16
C12 CLA SI . 21.88 65.26 12.78
C13 CLA SI . 21.81 65.37 14.29
C14 CLA SI . 21.17 64.17 14.93
C15 CLA SI . 21.00 66.60 14.66
C16 CLA SI . 21.61 67.15 15.92
C17 CLA SI . 22.83 67.99 15.58
C18 CLA SI . 22.72 69.41 16.11
C19 CLA SI . 21.50 70.15 15.59
C20 CLA SI . 22.68 69.39 17.63
MG CLA TI . 6.01 92.36 8.93
CHA CLA TI . 2.65 93.00 9.65
CHB CLA TI . 5.23 89.08 8.41
CHC CLA TI . 8.94 91.86 7.18
CHD CLA TI . 6.52 95.85 8.74
NA CLA TI . 4.24 91.26 9.01
C1A CLA TI . 2.94 91.70 9.32
C2A CLA TI . 1.92 90.57 9.25
C3A CLA TI . 2.85 89.36 9.07
C4A CLA TI . 4.21 89.93 8.76
CMA CLA TI . 2.98 88.90 10.44
CAA CLA TI . 0.92 90.77 8.11
CBA CLA TI . 1.60 91.04 6.79
CGA CLA TI . 1.52 92.47 6.37
O1A CLA TI . 0.59 93.13 5.88
O2A CLA TI . 2.73 93.08 6.53
NB CLA TI . 6.91 90.79 8.01
C1B CLA TI . 6.52 89.50 8.09
C2B CLA TI . 7.58 88.58 7.64
C3B CLA TI . 8.66 89.36 7.28
C4B CLA TI . 8.23 90.77 7.49
CMB CLA TI . 7.30 87.16 7.56
CAB CLA TI . 9.97 89.03 6.75
CBB CLA TI . 10.74 87.98 7.03
NC CLA TI . 7.45 93.62 8.10
C1C CLA TI . 8.57 93.20 7.42
C2C CLA TI . 9.36 94.36 7.02
C3C CLA TI . 8.66 95.50 7.45
C4C CLA TI . 7.48 95.02 8.14
CMC CLA TI . 10.60 94.27 6.25
CAC CLA TI . 8.97 96.94 7.31
CBC CLA TI . 10.22 97.47 7.98
ND CLA TI . 4.90 94.06 9.06
C1D CLA TI . 5.30 95.42 9.18
C2D CLA TI . 4.21 96.20 9.80
C3D CLA TI . 3.14 95.34 9.93
C4D CLA TI . 3.63 94.02 9.47
CMD CLA TI . 4.27 97.62 10.14
CAD CLA TI . 1.79 95.19 10.40
OBD CLA TI . 1.01 96.00 10.87
CBD CLA TI . 1.42 93.68 10.22
CGD CLA TI . 0.96 93.02 11.49
O1D CLA TI . 0.29 92.00 11.61
O2D CLA TI . 1.39 93.66 12.61
CED CLA TI . 0.75 93.35 13.86
C1 CLA TI . 2.91 94.39 5.97
C2 CLA TI . 4.38 94.51 5.76
C3 CLA TI . 4.91 95.18 4.73
C4 CLA TI . 4.09 95.86 3.70
C5 CLA TI . 6.39 95.29 4.54
C6 CLA TI . 6.89 94.28 3.52
C7 CLA TI . 8.37 94.42 3.32
C8 CLA TI . 8.88 93.92 1.97
C9 CLA TI . 9.42 92.53 2.11
C10 CLA TI . 9.98 94.81 1.43
C11 CLA TI . 10.54 94.29 0.12
C12 CLA TI . 10.98 95.40 -0.79
C13 CLA TI . 12.26 94.97 -1.48
C14 CLA TI . 12.93 96.12 -2.19
C15 CLA TI . 12.02 93.80 -2.43
C16 CLA TI . 11.26 94.18 -3.67
C17 CLA TI . 10.70 92.95 -4.37
C18 CLA TI . 11.49 92.62 -5.64
C19 CLA TI . 12.61 91.63 -5.41
C20 CLA TI . 10.56 92.12 -6.73
MG CLA UI . -5.28 97.81 6.72
CHA CLA UI . -8.19 99.64 6.89
CHB CLA UI . -6.93 95.06 7.91
CHC CLA UI . -2.58 95.85 5.91
CHD CLA UI . -3.90 100.39 4.68
NA CLA UI . -7.26 97.43 7.33
C1A CLA UI . -8.34 98.34 7.33
C2A CLA UI . -9.61 97.67 7.90
C3A CLA UI . -9.18 96.21 8.14
C4A CLA UI . -7.68 96.22 7.81
CMA CLA UI . -9.59 95.69 9.49
CAA CLA UI . -10.88 97.67 7.05
CBA CLA UI . -12.13 98.08 7.81
NB CLA UI . -4.88 95.84 6.84
C1B CLA UI . -5.59 94.93 7.56
C2B CLA UI . -4.76 93.74 7.86
C3B CLA UI . -3.54 94.01 7.28
C4B CLA UI . -3.60 95.31 6.61
CMB CLA UI . -5.24 92.55 8.56
CAB CLA UI . -2.33 93.27 7.15
CBB CLA UI . -2.28 92.08 6.57
NC CLA UI . -3.56 98.10 5.56
C1C CLA UI . -2.54 97.19 5.42
C2C CLA UI . -1.47 97.76 4.63
C3C CLA UI . -1.90 98.98 4.18
C4C CLA UI . -3.20 99.20 4.78
CMC CLA UI . -0.21 97.11 4.29
CAC CLA UI . -1.15 99.90 3.28
CBC CLA UI . -0.46 101.11 3.85
ND CLA UI . -5.81 99.61 6.00
C1D CLA UI . -5.11 100.60 5.25
C2D CLA UI . -5.91 101.84 5.22
C3D CLA UI . -7.06 101.55 5.91
C4D CLA UI . -6.99 100.13 6.31
CMD CLA UI . -5.46 103.09 4.62
CAD CLA UI . -8.34 102.06 6.35
OBD CLA UI . -8.77 103.20 6.32
CBD CLA UI . -9.11 100.85 6.93
CGD CLA UI . -9.47 101.04 8.35
O1D CLA UI . -10.58 100.90 8.89
O2D CLA UI . -8.39 101.38 9.12
CED CLA UI . -8.61 102.31 10.18
MG CLA VI . -2.73 90.05 -2.35
CHA CLA VI . -5.02 90.19 0.25
CHB CLA VI . -5.34 89.86 -4.58
CHC CLA VI . -0.56 90.82 -4.90
CHD CLA VI . -0.15 90.58 -0.01
NA CLA VI . -4.81 90.03 -2.17
C1A CLA VI . -5.55 90.08 -1.00
C2A CLA VI . -7.02 89.99 -1.34
C3A CLA VI . -7.06 89.50 -2.79
C4A CLA VI . -5.65 89.85 -3.24
CMA CLA VI . -7.33 88.02 -2.86
CAA CLA VI . -7.57 91.38 -1.23
CBA CLA VI . -9.05 91.25 -1.38
CGA CLA VI . -9.72 92.52 -1.01
O1A CLA VI . -10.90 92.70 -0.71
O2A CLA VI . -8.87 93.58 -0.95
NB CLA VI . -2.93 90.31 -4.34
C1B CLA VI . -4.06 90.15 -5.07
C2B CLA VI . -3.77 90.35 -6.52
C3B CLA VI . -2.43 90.62 -6.62
C4B CLA VI . -1.87 90.62 -5.24
CMB CLA VI . -4.80 90.24 -7.54
CAB CLA VI . -1.65 90.87 -7.82
CBB CLA VI . -0.96 91.97 -8.15
NC CLA VI . -0.71 90.55 -2.44
C1C CLA VI . -0.01 90.77 -3.59
C2C CLA VI . 1.40 90.99 -3.29
C3C CLA VI . 1.50 90.96 -1.90
C4C CLA VI . 0.18 90.68 -1.38
CMC CLA VI . 2.46 91.19 -4.26
CAC CLA VI . 2.77 91.08 -1.17
CBC CLA VI . 3.30 89.77 -0.62
ND CLA VI . -2.55 90.37 -0.36
C1D CLA VI . -1.42 90.44 0.48
C2D CLA VI . -1.85 90.40 1.89
C3D CLA VI . -3.23 90.39 1.87
C4D CLA VI . -3.61 90.33 0.44
CMD CLA VI . -0.93 90.46 3.02
CAD CLA VI . -4.46 90.36 2.64
OBD CLA VI . -4.63 90.50 3.85
CBD CLA VI . -5.64 90.17 1.63
CGD CLA VI . -6.46 88.93 1.89
O1D CLA VI . -6.28 87.80 1.46
O2D CLA VI . -7.53 89.16 2.70
CED CLA VI . -8.54 88.15 2.84
C1 CLA VI . -9.34 94.90 -1.25
C2 CLA VI . -8.22 95.77 -0.83
C3 CLA VI . -7.74 96.80 -1.57
C4 CLA VI . -8.37 97.22 -2.84
C5 CLA VI . -6.61 97.63 -1.06
C6 CLA VI . -5.24 97.30 -1.63
C7 CLA VI . -4.20 98.26 -1.08
C8 CLA VI . -3.14 97.65 -0.16
C9 CLA VI . -3.66 97.66 1.26
C10 CLA VI . -1.87 98.47 -0.15
C11 CLA VI . -0.61 97.67 0.15
C12 CLA VI . 0.61 98.44 -0.34
C13 CLA VI . 1.93 97.69 -0.15
C14 CLA VI . 2.76 98.32 0.97
C15 CLA VI . 2.70 97.52 -1.46
C16 CLA VI . 4.10 96.94 -1.30
C17 CLA VI . 4.47 95.84 -2.28
C18 CLA VI . 5.47 94.79 -1.79
C19 CLA VI . 5.70 94.70 -0.29
C20 CLA VI . 5.33 93.43 -2.43
MG CLA WI . 12.70 78.82 -0.57
CHA CLA WI . 15.92 77.73 -0.06
CHB CLA WI . 12.47 76.69 -3.24
CHC CLA WI . 9.28 79.12 -0.52
CHD CLA WI . 12.86 80.55 2.53
NA CLA WI . 14.01 77.48 -1.51
C1A CLA WI . 15.31 77.15 -1.14
C2A CLA WI . 15.91 76.13 -2.12
C3A CLA WI . 14.92 76.21 -3.29
C4A CLA WI . 13.69 76.82 -2.64
CMA CLA WI . 15.44 77.10 -4.38
CAA CLA WI . 16.06 74.74 -1.50
CBA CLA WI . 14.99 73.72 -1.87
CGA CLA WI . 14.88 72.57 -0.91
O1A CLA WI . 14.38 72.56 0.21
O2A CLA WI . 15.40 71.41 -1.42
NB CLA WI . 11.19 78.05 -1.65
C1B CLA WI . 11.31 77.22 -2.72
C2B CLA WI . 9.98 76.93 -3.30
C3B CLA WI . 9.06 77.61 -2.55
C4B CLA WI . 9.81 78.32 -1.48
CMB CLA WI . 9.87 76.08 -4.48
CAB CLA WI . 7.63 77.67 -2.64
CBB CLA WI . 6.77 76.65 -2.78
NC CLA WI . 11.35 79.76 0.71
C1C CLA WI . 10.01 79.84 0.48
C2C CLA WI . 9.39 80.67 1.49
C3C CLA WI . 10.37 80.97 2.43
C4C CLA WI . 11.61 80.42 1.92
CMC CLA WI . 7.98 80.99 1.48
CAC CLA WI . 10.24 81.82 3.63
CBC CLA WI . 9.59 81.18 4.83
ND CLA WI . 14.04 79.20 0.87
C1D CLA WI . 14.01 79.98 2.07
C2D CLA WI . 15.37 80.01 2.64
C3D CLA WI . 16.14 79.20 1.85
C4D CLA WI . 15.27 78.69 0.79
CMD CLA WI . 15.75 80.74 3.84
CAD CLA WI . 17.46 78.66 1.61
OBD CLA WI . 18.52 78.92 2.15
CBD CLA WI . 17.33 77.65 0.45
CGD CLA WI . 18.27 78.02 -0.65
O1D CLA WI . 18.08 78.85 -1.54
O2D CLA WI . 19.43 77.32 -0.64
CED CLA WI . 20.33 77.51 -1.74
C1 CLA WI . 14.91 70.20 -0.81
C2 CLA WI . 13.56 69.91 -1.39
C3 CLA WI . 12.52 69.54 -0.63
C4 CLA WI . 12.62 69.41 0.85
C5 CLA WI . 11.19 69.28 -1.25
C6 CLA WI . 10.55 68.03 -0.69
C7 CLA WI . 9.21 67.70 -1.33
C8 CLA WI . 8.08 68.63 -0.93
C9 CLA WI . 7.98 68.88 0.56
C10 CLA WI . 6.77 68.00 -1.37
C11 CLA WI . 6.43 68.27 -2.82
C12 CLA WI . 5.54 67.18 -3.36
C13 CLA WI . 4.89 67.54 -4.71
C14 CLA WI . 4.15 68.85 -4.57
C15 CLA WI . 3.91 66.46 -5.17
C16 CLA WI . 4.11 66.01 -6.60
C17 CLA WI . 4.87 64.71 -6.70
C18 CLA WI . 3.97 63.49 -6.64
C19 CLA WI . 4.68 62.26 -6.12
C20 CLA WI . 3.45 63.17 -8.03
MG CLA XI . 21.04 93.37 -1.22
CHA CLA XI . 21.73 93.38 -4.62
CHB CLA XI . 23.50 95.72 -0.81
CHC CLA XI . 19.64 94.33 1.76
CHD CLA XI . 17.94 91.83 -2.06
NA CLA XI . 22.43 94.30 -2.49
C1A CLA XI . 22.54 94.19 -3.88
C2A CLA XI . 23.69 95.08 -4.40
C3A CLA XI . 24.48 95.33 -3.10
C4A CLA XI . 23.40 95.12 -2.05
CMA CLA XI . 25.58 94.33 -2.97
CAA CLA XI . 23.14 96.33 -5.07
CBA CLA XI . 23.59 97.69 -4.55
CGA CLA XI . 22.73 98.11 -3.40
O1A CLA XI . 21.53 97.88 -3.33
O2A CLA XI . 23.41 98.75 -2.39
NB CLA XI . 21.42 94.82 0.13
C1B CLA XI . 22.56 95.53 0.21
C2B CLA XI . 22.78 96.08 1.57
C3B CLA XI . 21.68 95.69 2.32
C4B CLA XI . 20.81 94.89 1.41
CMB CLA XI . 23.97 96.87 1.86
CAB CLA XI . 21.29 95.90 3.69
CBB CLA XI . 22.05 96.09 4.77
NC CLA XI . 19.22 92.99 -0.26
C1C CLA XI . 18.90 93.40 1.00
C2C CLA XI . 17.62 92.87 1.41
C3C CLA XI . 17.08 92.29 0.27
C4C CLA XI . 18.08 92.36 -0.78
CMC CLA XI . 17.00 93.03 2.72
CAC CLA XI . 15.81 91.56 0.21
CBC CLA XI . 14.61 92.38 -0.16
ND CLA XI . 20.18 92.45 -2.81
C1D CLA XI . 18.89 91.88 -3.03
C2D CLA XI . 18.82 91.35 -4.40
C3D CLA XI . 19.95 91.82 -5.03
C4D CLA XI . 20.68 92.62 -4.04
CMD CLA XI . 17.75 90.52 -4.94
CAD CLA XI . 20.70 91.86 -6.26
OBD CLA XI . 20.61 91.16 -7.27
CBD CLA XI . 21.71 93.03 -6.10
CGD CLA XI . 23.06 92.68 -6.64
O1D CLA XI . 23.73 93.33 -7.44
O2D CLA XI . 23.53 91.48 -6.19
CED CLA XI . 24.73 90.97 -6.75
C1 CLA XI . 22.77 99.76 -1.55
C2 CLA XI . 21.89 99.16 -0.50
C3 CLA XI . 21.38 99.84 0.53
C4 CLA XI . 21.66 101.28 0.74
C5 CLA XI . 20.51 99.17 1.53
C6 CLA XI . 19.14 99.81 1.64
MG CLA YI . 32.73 94.92 12.39
CHA CLA YI . 31.81 96.16 9.28
CHB CLA YI . 35.88 96.18 11.95
CHC CLA YI . 33.47 94.28 15.69
CHD CLA YI . 29.32 94.21 13.07
NA CLA YI . 33.67 95.99 10.84
C1A CLA YI . 33.13 96.40 9.61
C2A CLA YI . 34.21 97.12 8.77
C3A CLA YI . 35.49 96.98 9.62
C4A CLA YI . 35.00 96.33 10.90
CMA CLA YI . 36.55 96.16 8.94
CAA CLA YI . 33.88 98.57 8.46
CBA CLA YI . 34.17 99.48 9.62
CGA CLA YI . 32.83 99.86 10.15
O1A CLA YI . 32.04 99.12 10.74
O2A CLA YI . 32.50 101.16 9.94
NB CLA YI . 34.35 95.20 13.57
C1B CLA YI . 35.57 95.64 13.18
C2B CLA YI . 36.55 95.50 14.29
C3B CLA YI . 35.86 94.96 15.34
C4B CLA YI . 34.47 94.76 14.91
CMB CLA YI . 37.95 95.91 14.20
CAB CLA YI . 36.32 94.64 16.66
CBB CLA YI . 36.49 95.55 17.62
NC CLA YI . 31.60 94.32 14.05
C1C CLA YI . 32.13 94.07 15.27
C2C CLA YI . 31.13 93.56 16.18
C3C CLA YI . 29.91 93.61 15.48
C4C CLA YI . 30.23 94.08 14.13
CMC CLA YI . 31.48 93.17 17.55
CAC CLA YI . 28.56 93.17 15.89
CBC CLA YI . 27.91 93.95 17.00
ND CLA YI . 30.95 95.10 11.46
C1D CLA YI . 29.64 94.69 11.82
C2D CLA YI . 28.75 94.85 10.65
C3D CLA YI . 29.52 95.39 9.65
C4D CLA YI . 30.88 95.55 10.21
CMD CLA YI . 27.34 94.48 10.62
CAD CLA YI . 29.55 95.84 8.27
OBD CLA YI . 28.65 95.84 7.44
CBD CLA YI . 30.99 96.41 8.02
CGD CLA YI . 31.73 95.94 6.79
O1D CLA YI . 32.60 95.06 6.75
O2D CLA YI . 31.43 96.59 5.63
CED CLA YI . 32.39 96.51 4.56
C1 CLA YI . 31.48 101.70 10.82
C2 CLA YI . 30.78 102.77 10.07
C3 CLA YI . 29.45 102.90 10.00
C4 CLA YI . 28.81 103.99 9.23
C5 CLA YI . 28.53 101.95 10.69
C6 CLA YI . 27.72 102.52 11.84
C7 CLA YI . 27.05 101.38 12.62
C8 CLA YI . 25.61 101.61 13.07
C9 CLA YI . 24.62 101.12 12.02
C10 CLA YI . 25.32 103.06 13.42
NB KC2 ZI . 21.30 98.32 10.26
ND KC2 ZI . 25.36 98.39 10.48
C1A KC2 ZI . 24.48 99.20 7.39
C1B KC2 ZI . 20.54 98.67 9.21
C1C KC2 ZI . 22.07 97.73 13.15
C1D KC2 ZI . 26.25 98.30 11.51
C2A KC2 ZI . 24.08 99.71 6.06
C2B KC2 ZI . 19.10 98.73 9.55
C2C KC2 ZI . 22.50 97.58 14.55
C2D KC2 ZI . 27.60 98.62 11.01
C3A KC2 ZI . 22.60 99.66 6.16
C3B KC2 ZI . 19.05 98.34 10.96
C3C KC2 ZI . 23.97 97.65 14.51
C3D KC2 ZI . 27.43 98.91 9.57
C4A KC2 ZI . 22.30 99.14 7.52
C4B KC2 ZI . 20.47 98.11 11.31
C4C KC2 ZI . 24.23 97.83 13.04
C4D KC2 ZI . 26.07 98.76 9.29
CAA KC2 ZI . 24.87 100.15 4.88
CAB KC2 ZI . 18.00 98.16 12.01
CAC KC2 ZI . 24.87 97.55 15.70
CAD KC2 ZI . 28.18 99.30 8.32
CBA KC2 ZI . 26.17 100.05 4.68
CBB KC2 ZI . 16.83 98.78 11.96
CBC KC2 ZI . 25.00 96.13 16.17
CBD KC2 ZI . 27.15 99.50 7.30
CED KC2 ZI . 28.50 102.88 6.30
CGA KC2 ZI . 26.64 100.51 3.37
CGD KC2 ZI . 27.12 100.95 6.94
CHA KC2 ZI . 25.86 99.05 7.85
CHB KC2 ZI . 20.87 99.01 7.83
CHC KC2 ZI . 20.68 97.72 12.69
CHD KC2 ZI . 25.70 97.93 12.83
CMA KC2 ZI . 21.56 100.04 5.14
CMB KC2 ZI . 17.94 99.08 8.64
CMC KC2 ZI . 21.58 97.41 15.73
CMD KC2 ZI . 28.74 98.58 11.99
NA KC2 ZI . 23.37 98.86 8.29
NC KC2 ZI . 22.99 97.88 12.21
O1A KC2 ZI . 25.96 101.35 2.73
O1D KC2 ZI . 26.34 101.73 7.47
O2A KC2 ZI . 27.70 99.98 2.93
O2D KC2 ZI . 28.29 101.47 6.28
OBD KC2 ZI . 29.44 99.50 8.48
MG KC2 ZI . 23.33 98.14 10.22
MG CLA AJ . 19.42 86.81 22.83
CHA CLA AJ . 18.65 86.91 26.21
CHB CLA AJ . 20.44 90.05 23.04
CHC CLA AJ . 21.04 86.46 19.84
CHD CLA AJ . 18.81 83.34 22.89
NA CLA AJ . 19.47 88.23 24.37
C1A CLA AJ . 19.13 88.08 25.71
C2A CLA AJ . 19.31 89.41 26.46
C3A CLA AJ . 19.42 90.42 25.32
C4A CLA AJ . 19.85 89.52 24.15
CMA CLA AJ . 18.12 91.13 25.07
CAA CLA AJ . 20.61 89.63 27.23
CBA CLA AJ . 20.80 88.88 28.53
CGA CLA AJ . 21.84 87.84 28.32
O1A CLA AJ . 21.69 86.64 28.34
O2A CLA AJ . 23.12 88.31 28.10
NB CLA AJ . 20.54 88.02 21.67
C1B CLA AJ . 20.83 89.31 21.92
C2B CLA AJ . 21.60 89.90 20.80
C3B CLA AJ . 21.77 88.91 19.87
C4B CLA AJ . 21.09 87.69 20.41
CMB CLA AJ . 22.02 91.31 20.82
CAB CLA AJ . 22.47 88.91 18.61
CBB CLA AJ . 22.31 89.75 17.59
NC CLA AJ . 19.81 85.20 21.58
C1C CLA AJ . 20.45 85.30 20.39
C2C CLA AJ . 20.50 84.01 19.75
C3C CLA AJ . 19.88 83.09 20.60
C4C CLA AJ . 19.45 83.87 21.76
CMC CLA AJ . 21.13 83.86 18.44
CAC CLA AJ . 19.68 81.66 20.39
CBC CLA AJ . 18.27 81.19 20.12
ND CLA AJ . 18.82 85.42 24.15
C1D CLA AJ . 18.52 84.04 24.02
C2D CLA AJ . 17.90 83.57 25.26
C3D CLA AJ . 17.94 84.62 26.11
C4D CLA AJ . 18.53 85.75 25.40
CMD CLA AJ . 17.42 82.22 25.51
CAD CLA AJ . 17.60 85.06 27.43
OBD CLA AJ . 17.03 84.41 28.30
CBD CLA AJ . 18.08 86.53 27.56
CGD CLA AJ . 16.96 87.45 27.92
O1D CLA AJ . 17.03 88.55 28.45
O2D CLA AJ . 15.73 86.95 27.61
CED CLA AJ . 14.64 87.47 28.36
C1 CLA AJ . 23.84 87.57 27.12
C2 CLA AJ . 25.32 87.50 27.34
C3 CLA AJ . 25.98 86.76 28.25
C4 CLA AJ . 25.25 85.92 29.21
C5 CLA AJ . 27.48 86.82 28.31
C6 CLA AJ . 28.18 85.81 29.20
MG CLA BJ . 14.60 77.78 19.73
CHA CLA BJ . 12.76 77.38 22.66
CHB CLA BJ . 17.43 77.19 21.57
CHC CLA BJ . 16.27 76.88 16.88
CHD CLA BJ . 11.56 77.53 17.92
NA CLA BJ . 15.01 77.45 21.76
C1A CLA BJ . 14.12 77.30 22.83
C2A CLA BJ . 14.86 77.07 24.14
C3A CLA BJ . 16.29 77.49 23.77
C4A CLA BJ . 16.26 77.35 22.26
CMA CLA BJ . 16.61 78.90 24.16
CAA CLA BJ . 14.81 75.58 24.43
CBA CLA BJ . 14.61 75.27 25.90
CGA CLA BJ . 14.53 73.78 26.06
NB CLA BJ . 16.49 77.20 19.31
C1B CLA BJ . 17.49 77.02 20.19
C2B CLA BJ . 18.71 76.55 19.51
C3B CLA BJ . 18.40 76.43 18.18
C4B CLA BJ . 16.99 76.87 18.03
CMB CLA BJ . 19.94 76.25 20.24
CAB CLA BJ . 19.24 75.99 17.09
CBB CLA BJ . 19.08 74.91 16.33
NC CLA BJ . 14.03 77.44 17.76
C1C CLA BJ . 14.89 77.18 16.75
C2C CLA BJ . 14.23 77.03 15.48
C3C CLA BJ . 12.85 77.11 15.77
C4C CLA BJ . 12.76 77.37 17.21
CMC CLA BJ . 15.02 76.75 14.28
CAC CLA BJ . 11.62 76.97 14.94
CBC CLA BJ . 11.54 77.60 13.58
ND CLA BJ . 12.62 77.69 20.13
C1D CLA BJ . 11.48 77.65 19.29
C2D CLA BJ . 10.28 77.76 20.13
C3D CLA BJ . 10.72 77.71 21.44
C4D CLA BJ . 12.18 77.60 21.38
CMD CLA BJ . 8.92 77.88 19.63
CAD CLA BJ . 10.35 77.76 22.84
OBD CLA BJ . 9.28 78.07 23.35
CBD CLA BJ . 11.61 77.37 23.65
CGD CLA BJ . 11.79 78.24 24.86
O1D CLA BJ . 11.85 77.86 26.03
O2D CLA BJ . 11.88 79.56 24.59
CED CLA BJ . 13.15 80.20 24.69
C03 II0 CJ . 17.09 99.04 -3.10
C04 II0 CJ . 17.53 94.09 20.66
C05 II0 CJ . 17.64 99.49 -4.60
C06 II0 CJ . 16.63 93.65 21.99
C07 II0 CJ . 18.84 98.91 -4.87
C08 II0 CJ . 15.76 92.63 21.65
C09 II0 CJ . 17.77 97.87 -2.51
C10 II0 CJ . 18.06 92.94 19.95
C11 II0 CJ . 18.68 97.22 -4.86
C12 II0 CJ . 16.52 91.23 21.22
C13 II0 CJ . 18.29 96.79 -3.56
C14 II0 CJ . 17.73 91.46 20.45
C15 II0 CJ . 17.31 100.19 -2.06
C16 II0 CJ . 15.55 98.73 -3.21
C17 II0 CJ . 16.63 94.88 19.68
C18 II0 CJ . 18.74 95.01 21.08
C19 II0 CJ . 18.65 95.40 -3.06
C20 II0 CJ . 18.27 90.31 19.60
C21 II0 CJ . 17.26 97.39 -1.12
C22 II0 CJ . 19.07 93.14 18.79
C23 II0 CJ . 16.81 97.11 -0.04
C24 II0 CJ . 19.76 93.28 17.81
C25 II0 CJ . 16.32 96.71 1.37
C26 II0 CJ . 20.60 93.53 16.54
C27 II0 CJ . 14.92 96.15 1.55
C28 II0 CJ . 22.07 93.22 16.49
C29 II0 CJ . 17.22 96.85 2.42
C30 II0 CJ . 19.90 94.02 15.52
C31 II0 CJ . 16.86 96.45 3.89
C32 II0 CJ . 20.43 94.32 14.09
C33 II0 CJ . 17.89 96.48 4.77
C34 II0 CJ . 19.70 93.86 13.08
C35 II0 CJ . 17.64 96.08 6.21
C36 II0 CJ . 20.12 94.17 11.64
C37 II0 CJ . 16.22 96.07 6.66
C38 II0 CJ . 21.59 94.08 11.20
C39 II0 CJ . 18.65 95.76 7.05
C40 II0 CJ . 19.14 94.53 10.79
C41 II0 CJ . 18.39 95.38 8.54
C42 II0 CJ . 19.42 94.88 9.30
O01 II0 CJ . 19.35 99.35 -6.11
O02 II0 CJ . 14.88 92.36 22.74
C03 II0 DJ . 29.29 76.42 12.54
C04 II0 DJ . 8.38 87.59 12.08
C05 II0 DJ . 30.52 75.53 11.89
C06 II0 DJ . 7.26 88.35 13.03
C07 II0 DJ . 30.52 75.57 10.52
C08 II0 DJ . 6.03 88.26 12.45
C09 II0 DJ . 28.74 77.44 11.62
C10 II0 DJ . 7.85 86.63 11.13
C11 II0 DJ . 30.70 77.16 9.95
C12 II0 DJ . 5.51 86.69 12.19
C13 II0 DJ . 29.64 77.99 10.43
C14 II0 DJ . 6.50 85.88 11.52
C15 II0 DJ . 29.78 77.15 13.84
C16 II0 DJ . 28.14 75.43 12.97
C17 II0 DJ . 9.15 88.65 11.25
C18 II0 DJ . 9.38 86.83 13.02
C19 II0 DJ . 29.27 79.32 9.78
C20 II0 DJ . 6.09 84.56 10.83
C21 II0 DJ . 27.58 78.36 12.10
C22 II0 DJ . 8.94 85.89 10.35
C23 II0 DJ . 26.64 79.03 12.42
C24 II0 DJ . 9.85 85.36 9.83
C25 II0 DJ . 25.34 79.78 12.83
C26 II0 DJ . 11.03 84.60 9.25
C27 II0 DJ . 25.35 80.73 14.02
C28 II0 DJ . 10.96 84.09 7.84
C29 II0 DJ . 24.21 79.55 12.10
C30 II0 DJ . 12.05 84.45 10.09
C31 II0 DJ . 22.93 80.31 12.53
C32 II0 DJ . 13.36 83.69 9.74
C33 II0 DJ . 22.07 80.75 11.59
C34 II0 DJ . 14.47 84.39 9.55
C35 II0 DJ . 20.84 81.54 12.02
C36 II0 DJ . 15.72 83.57 9.28
C37 II0 DJ . 20.89 82.41 13.25
C38 II0 DJ . 15.97 82.84 7.95
C39 II0 DJ . 19.77 81.55 11.19
C40 II0 DJ . 16.57 83.50 10.32
C41 II0 DJ . 18.48 82.34 11.41
C42 II0 DJ . 17.88 82.69 10.25
O01 II0 DJ . 31.57 74.80 9.98
O02 II0 DJ . 5.04 88.93 13.23
C03 II0 EJ . 16.52 77.87 29.32
C04 II0 EJ . 29.46 89.23 12.14
C05 II0 EJ . 15.98 77.42 30.80
C06 II0 EJ . 30.00 88.69 10.66
C07 II0 EJ . 15.14 76.34 30.76
C08 II0 EJ . 31.34 88.37 10.63
C09 II0 EJ . 17.03 76.70 28.57
C10 II0 EJ . 29.99 88.43 13.24
C11 II0 EJ . 15.86 74.96 30.06
C12 II0 EJ . 31.72 87.17 11.72
C13 II0 EJ . 17.00 75.26 29.26
C14 II0 EJ . 30.86 87.13 12.89
C15 II0 EJ . 15.38 78.56 28.49
C16 II0 EJ . 17.71 78.91 29.46
C17 II0 EJ . 29.88 90.70 12.26
C18 II0 EJ . 27.90 89.30 12.20
C19 II0 EJ . 17.87 74.14 28.69
C20 II0 EJ . 31.19 86.17 14.04
C21 II0 EJ . 18.03 76.92 27.41
C22 II0 EJ . 29.27 88.36 14.61
C23 II0 EJ . 18.78 77.12 26.50
C24 II0 EJ . 28.68 88.23 15.65
C25 II0 EJ . 19.63 77.44 25.26
C26 II0 EJ . 27.89 87.99 16.96
C27 II0 EJ . 19.86 76.41 24.16
C28 II0 EJ . 27.10 89.13 17.56
C29 II0 EJ . 20.16 78.70 25.18
C30 II0 EJ . 27.89 86.76 17.49
C31 II0 EJ . 21.01 79.04 23.92
C32 II0 EJ . 27.10 86.39 18.78
C33 II0 EJ . 21.50 80.28 23.87
C34 II0 EJ . 25.85 85.92 18.64
C35 II0 EJ . 22.34 80.66 22.66
C36 II0 EJ . 25.02 85.52 19.85
C37 II0 EJ . 22.83 79.58 21.72
C38 II0 EJ . 24.50 86.59 20.81
C39 II0 EJ . 22.66 81.96 22.48
C40 II0 EJ . 24.75 84.21 20.03
C41 II0 EJ . 23.52 82.38 21.28
C42 II0 EJ . 23.89 83.70 21.22
O01 II0 EJ . 14.77 76.00 32.08
O02 II0 EJ . 31.66 87.90 9.33
C02 IHT FJ . 30.02 81.61 16.60
C03 IHT FJ . 5.93 78.60 15.98
C04 IHT FJ . 31.52 81.17 17.14
C05 IHT FJ . 4.37 78.07 15.74
C06 IHT FJ . 31.59 80.96 18.47
C07 IHT FJ . 29.05 81.89 17.65
C08 IHT FJ . 3.46 79.08 15.74
C09 IHT FJ . 30.98 82.25 19.34
C10 IHT FJ . 29.60 82.46 19.04
C11 IHT FJ . 6.22 79.74 15.12
C12 IHT FJ . 3.73 80.22 14.49
C13 IHT FJ . 29.49 80.48 15.65
C14 IHT FJ . 30.20 82.95 15.74
C15 IHT FJ . 5.09 80.35 14.13
C16 IHT FJ . 6.10 79.05 17.41
C17 IHT FJ . 6.87 77.45 15.68
C18 IHT FJ . 27.60 81.39 17.60
C19 IHT FJ . 28.70 83.24 19.99
C20 IHT FJ . 5.47 81.44 13.11
C21 IHT FJ . 7.64 80.33 15.08
C22 IHT FJ . 27.21 80.49 18.51
C23 IHT FJ . 25.73 79.95 18.51
C24 IHT FJ . 8.76 80.82 14.98
C25 IHT FJ . 25.37 78.58 19.16
C26 IHT FJ . 10.17 81.43 14.78
C27 IHT FJ . 24.77 80.72 17.95
C28 IHT FJ . 10.33 82.77 14.09
C29 IHT FJ . 11.24 80.73 15.23
C30 IHT FJ . 23.27 80.25 17.93
C31 IHT FJ . 12.67 81.26 15.08
C32 IHT FJ . 22.41 80.84 17.09
C33 IHT FJ . 20.97 80.34 17.13
C34 IHT FJ . 13.71 80.42 15.20
C35 IHT FJ . 15.16 81.00 15.05
C36 IHT FJ . 20.64 79.10 17.94
C37 IHT FJ . 19.99 81.00 16.44
C38 IHT FJ . 16.18 80.40 15.71
C39 IHT FJ . 15.42 82.23 14.14
C40 IHT FJ . 18.53 80.49 16.50
C41 IHT FJ . 17.63 80.92 15.62
O01 IHT FJ . 2.18 78.55 15.55
O1 LHG GJ . 38.60 92.11 10.86
C1 LHG GJ . 38.97 92.24 12.24
C2 LHG GJ . 37.72 92.33 13.10
O2 LHG GJ . 38.04 91.90 14.43
C3 LHG GJ . 36.65 91.41 12.52
O3 LHG GJ . 35.58 92.21 12.02
P LHG GJ . 34.10 91.60 12.13
O4 LHG GJ . 34.00 90.52 11.09
O5 LHG GJ . 33.12 92.75 12.16
O6 LHG GJ . 34.15 90.91 13.59
C4 LHG GJ . 32.96 90.57 14.29
C5 LHG GJ . 33.24 89.68 15.49
C6 LHG GJ . 32.02 89.69 16.41
O7 LHG GJ . 33.53 88.35 15.10
C7 LHG GJ . 34.62 87.83 15.91
O9 LHG GJ . 35.61 88.50 16.10
C8 LHG GJ . 34.51 86.45 16.49
C9 LHG GJ . 35.62 86.23 17.50
C10 LHG GJ . 35.42 84.89 18.18
O8 LHG GJ . 31.82 88.43 17.05
C23 LHG GJ . 31.62 88.35 18.47
O10 LHG GJ . 31.86 89.34 19.14
C24 LHG GJ . 31.26 87.05 19.13
C11 LHG GJ . 36.27 84.80 19.42
C12 LHG GJ . 36.55 83.35 19.75
C13 LHG GJ . 35.41 82.71 20.51
C14 LHG GJ . 35.92 81.38 21.02
C25 LHG GJ . 30.88 87.37 20.57
C26 LHG GJ . 30.57 86.07 21.28
C27 LHG GJ . 31.78 85.12 21.38
C28 LHG GJ . 32.67 85.50 22.54
C29 LHG GJ . 33.13 84.25 23.33
C30 LHG GJ . 31.99 83.26 23.62
C31 LHG GJ . 32.55 81.88 23.95
C32 LHG GJ . 32.22 80.90 22.84
C33 LHG GJ . 33.20 79.75 22.84
C34 LHG GJ . 32.56 78.49 22.28
MG CLA HJ . 32.00 -75.51 40.51
CHA CLA HJ . 34.90 -75.95 42.32
CHB CLA HJ . 32.02 -78.74 39.56
CHC CLA HJ . 29.17 -74.92 38.66
CHD CLA HJ . 32.14 -72.05 41.25
NA CLA HJ . 33.33 -77.09 40.83
C1A CLA HJ . 34.46 -77.10 41.67
C2A CLA HJ . 35.12 -78.50 41.61
C3A CLA HJ . 34.16 -79.33 40.70
C4A CLA HJ . 33.10 -78.33 40.31
CMA CLA HJ . 34.84 -80.04 39.55
CAA CLA HJ . 35.32 -79.23 42.95
CBA CLA HJ . 34.39 -80.39 43.24
CGA CLA HJ . 33.48 -80.03 44.37
O1A CLA HJ . 32.87 -80.78 45.14
O2A CLA HJ . 33.29 -78.68 44.50
NB CLA HJ . 30.92 -76.58 39.21
C1B CLA HJ . 30.95 -77.94 39.16
C2B CLA HJ . 29.65 -78.48 38.69
C3B CLA HJ . 28.84 -77.41 38.43
C4B CLA HJ . 29.62 -76.19 38.77
CMB CLA HJ . 29.39 -79.91 38.54
CAB CLA HJ . 27.48 -77.38 38.01
CBB CLA HJ . 27.01 -77.06 36.80
NC CLA HJ . 30.92 -73.79 39.99
C1C CLA HJ . 29.79 -73.79 39.23
C2C CLA HJ . 29.25 -72.44 39.11
C3C CLA HJ . 30.11 -71.63 39.84
C4C CLA HJ . 31.12 -72.49 40.41
CMC CLA HJ . 28.05 -72.08 38.36
CAC CLA HJ . 29.99 -70.20 40.09
CBC CLA HJ . 29.18 -70.02 41.35
ND CLA HJ . 33.23 -74.21 41.46
C1D CLA HJ . 33.13 -72.84 41.76
C2D CLA HJ . 34.21 -72.42 42.65
C3D CLA HJ . 34.90 -73.58 42.93
C4D CLA HJ . 34.26 -74.67 42.16
CMD CLA HJ . 34.41 -71.05 43.13
CAD CLA HJ . 36.04 -74.15 43.61
OBD CLA HJ . 36.89 -73.61 44.31
CBD CLA HJ . 36.01 -75.67 43.31
CGD CLA HJ . 37.31 -76.25 42.89
O1D CLA HJ . 38.17 -76.75 43.62
O2D CLA HJ . 37.52 -76.22 41.54
CED CLA HJ . 38.73 -76.81 41.04
MG CLA IJ . 39.97 -64.48 43.74
CHA CLA IJ . 41.00 -66.42 41.07
CHB CLA IJ . 41.32 -61.73 42.20
CHC CLA IJ . 38.18 -62.43 45.84
CHD CLA IJ . 38.12 -67.24 44.94
NA CLA IJ . 41.02 -64.16 41.97
C1A CLA IJ . 41.34 -65.09 40.98
C2A CLA IJ . 42.15 -64.42 39.89
C3A CLA IJ . 42.56 -63.09 40.51
C4A CLA IJ . 41.56 -62.96 41.65
CMA CLA IJ . 43.96 -63.25 40.99
CAA CLA IJ . 41.38 -64.17 38.62
CBA CLA IJ . 40.97 -62.74 38.25
CGA CLA IJ . 39.53 -62.49 38.58
O1A CLA IJ . 38.62 -63.30 38.49
O2A CLA IJ . 39.21 -61.21 38.96
NB CLA IJ . 39.83 -62.49 44.00
C1B CLA IJ . 40.43 -61.54 43.25
C2B CLA IJ . 40.04 -60.20 43.71
C3B CLA IJ . 39.13 -60.38 44.73
C4B CLA IJ . 39.00 -61.84 44.94
CMB CLA IJ . 40.55 -59.02 43.03
CAB CLA IJ . 38.41 -59.46 45.54
CBB CLA IJ . 38.97 -58.47 46.23
NC CLA IJ . 38.47 -64.78 45.15
C1C CLA IJ . 37.93 -63.82 45.95
C2C CLA IJ . 36.99 -64.43 46.89
C3C CLA IJ . 36.94 -65.79 46.56
C4C CLA IJ . 37.88 -65.99 45.50
CMC CLA IJ . 36.22 -63.73 47.90
CAC CLA IJ . 36.17 -66.87 47.19
CBC CLA IJ . 34.82 -67.12 46.56
ND CLA IJ . 39.57 -66.37 43.18
C1D CLA IJ . 38.90 -67.43 43.82
C2D CLA IJ . 39.18 -68.70 43.14
C3D CLA IJ . 39.96 -68.36 42.05
C4D CLA IJ . 40.19 -66.91 42.12
CMD CLA IJ . 38.67 -70.00 43.55
CAD CLA IJ . 40.70 -68.86 40.91
OBD CLA IJ . 40.83 -70.00 40.50
CBD CLA IJ . 41.38 -67.64 40.25
CGD CLA IJ . 42.84 -67.93 40.33
O1D CLA IJ . 43.54 -68.53 39.51
O2D CLA IJ . 43.43 -67.49 41.48
CED CLA IJ . 44.78 -67.06 41.39
C1 CLA IJ . 38.25 -61.13 40.04
C2 CLA IJ . 37.32 -59.98 39.83
C3 CLA IJ . 36.46 -59.55 40.77
C4 CLA IJ . 36.33 -60.20 42.10
C5 CLA IJ . 35.55 -58.40 40.50
MG CLA JJ . 38.41 -54.29 47.11
CHA CLA JJ . 40.37 -53.11 44.47
CHB CLA JJ . 36.72 -56.25 44.86
CHC CLA JJ . 35.85 -54.79 49.38
CHD CLA JJ . 39.46 -51.49 49.04
NA CLA JJ . 38.61 -54.69 45.06
C1A CLA JJ . 39.52 -54.14 44.14
C2A CLA JJ . 39.33 -54.73 42.73
C3A CLA JJ . 38.24 -55.80 42.95
C4A CLA JJ . 37.84 -55.61 44.40
CMA CLA JJ . 37.04 -55.42 42.13
CAA CLA JJ . 40.56 -55.46 42.18
CBA CLA JJ . 40.45 -55.83 40.73
CGA CLA JJ . 40.20 -54.66 39.82
O1A CLA JJ . 41.00 -53.84 39.38
O2A CLA JJ . 38.90 -54.61 39.42
NB CLA JJ . 36.74 -55.44 47.17
C1B CLA JJ . 36.18 -56.09 46.12
C2B CLA JJ . 34.81 -56.57 46.44
C3B CLA JJ . 34.54 -56.16 47.73
C4B CLA JJ . 35.77 -55.43 48.19
CMB CLA JJ . 34.02 -57.26 45.42
CAB CLA JJ . 33.40 -56.21 48.61
CBB CLA JJ . 32.16 -56.64 48.39
NC CLA JJ . 37.86 -53.41 48.92
C1C CLA JJ . 36.85 -53.85 49.73
C2C CLA JJ . 36.80 -53.10 50.96
C3C CLA JJ . 37.74 -52.07 50.82
C4C CLA JJ . 38.42 -52.29 49.55
CMC CLA JJ . 35.82 -53.36 52.02
CAC CLA JJ . 38.09 -50.99 51.76
CBC CLA JJ . 37.08 -49.88 51.73
ND CLA JJ . 39.62 -52.68 46.90
C1D CLA JJ . 40.01 -51.66 47.79
C2D CLA JJ . 41.05 -50.84 47.14
C3D CLA JJ . 41.21 -51.35 45.89
C4D CLA JJ . 40.30 -52.49 45.76
CMD CLA JJ . 41.72 -49.66 47.67
CAD CLA JJ . 41.89 -51.19 44.62
OBD CLA JJ . 42.71 -50.38 44.24
CBD CLA JJ . 41.39 -52.30 43.70
CGD CLA JJ . 40.92 -51.67 42.42
O1D CLA JJ . 41.47 -51.77 41.33
O2D CLA JJ . 39.81 -50.88 42.53
CED CLA JJ . 39.23 -50.36 41.34
C1 CLA JJ . 38.43 -53.40 38.79
C2 CLA JJ . 37.01 -53.18 39.13
C3 CLA JJ . 35.97 -53.88 38.62
C4 CLA JJ . 36.12 -54.99 37.65
C5 CLA JJ . 34.58 -53.50 39.04
C6 CLA JJ . 33.74 -54.62 39.58
MG CLA KJ . 40.18 -52.29 65.86
CHA CLA KJ . 39.16 -50.03 68.30
CHB CLA KJ . 39.64 -49.92 63.45
CHC CLA KJ . 41.69 -54.30 63.51
CHD CLA KJ . 41.40 -54.43 68.41
NA CLA KJ . 39.53 -50.31 65.90
C1A CLA KJ . 39.12 -49.55 67.01
C2A CLA KJ . 38.73 -48.14 66.58
C3A CLA KJ . 38.81 -48.19 65.03
C4A CLA KJ . 39.37 -49.58 64.75
CMA CLA KJ . 37.49 -47.89 64.36
CAA CLA KJ . 39.72 -47.08 67.05
CBA CLA KJ . 41.08 -47.05 66.35
CGA CLA KJ . 42.05 -47.85 67.13
O1A CLA KJ . 42.53 -47.55 68.22
O2A CLA KJ . 42.43 -49.05 66.58
NB CLA KJ . 40.55 -52.14 63.89
C1B CLA KJ . 40.19 -51.14 63.06
C2B CLA KJ . 40.49 -51.47 61.64
C3B CLA KJ . 41.07 -52.71 61.66
C4B CLA KJ . 41.13 -53.15 63.08
CMB CLA KJ . 40.21 -50.52 60.56
CAB CLA KJ . 41.60 -53.54 60.62
CBB CLA KJ . 40.93 -53.94 59.53
NC CLA KJ . 41.33 -54.03 65.96
C1C CLA KJ . 41.81 -54.70 64.86
C2C CLA KJ . 42.47 -55.92 65.28
C3C CLA KJ . 42.46 -55.94 66.66
C4C CLA KJ . 41.71 -54.76 67.08
CMC CLA KJ . 43.07 -56.89 64.36
CAC CLA KJ . 42.98 -57.01 67.53
CBC CLA KJ . 44.43 -56.83 67.90
ND CLA KJ . 40.39 -52.25 67.87
C1D CLA KJ . 40.77 -53.25 68.79
C2D CLA KJ . 40.40 -52.84 70.16
C3D CLA KJ . 39.77 -51.63 70.02
C4D CLA KJ . 39.78 -51.30 68.58
CMD CLA KJ . 40.67 -53.62 71.35
CAD CLA KJ . 39.14 -50.54 70.72
OBD CLA KJ . 38.94 -50.42 71.92
CBD CLA KJ . 38.65 -49.53 69.65
CGD CLA KJ . 37.15 -49.59 69.82
O1D CLA KJ . 36.40 -48.81 70.39
O2D CLA KJ . 36.56 -50.73 69.36
CED CLA KJ . 35.77 -51.42 70.34
C1 CLA KJ . 42.91 -50.00 67.54
C2 CLA KJ . 43.57 -51.12 66.83
C3 CLA KJ . 44.35 -52.02 67.46
C4 CLA KJ . 44.59 -51.99 68.92
C5 CLA KJ . 45.02 -53.14 66.74
C6 CLA KJ . 45.03 -52.92 65.25
C7 CLA KJ . 46.34 -53.37 64.67
C8 CLA KJ . 46.24 -54.36 63.50
C9 CLA KJ . 46.63 -55.73 63.99
C10 CLA KJ . 47.16 -53.99 62.35
C11 CLA KJ . 48.51 -53.48 62.86
C12 CLA KJ . 49.76 -53.81 62.08
C13 CLA KJ . 49.61 -55.03 61.18
C14 CLA KJ . 50.34 -56.22 61.78
C15 CLA KJ . 50.07 -54.73 59.76
C16 CLA KJ . 49.38 -53.50 59.23
C17 CLA KJ . 50.42 -52.58 58.66
C18 CLA KJ . 49.90 -51.16 58.60
C19 CLA KJ . 49.29 -50.59 59.87
C20 CLA KJ . 49.09 -50.96 57.34
MG CLA LJ . 48.12 -40.58 66.34
CHA CLA LJ . 45.70 -40.30 68.80
CHB CLA LJ . 49.65 -37.76 67.55
CHC CLA LJ . 50.98 -41.33 64.55
CHD CLA LJ . 46.93 -43.84 65.62
NA CLA LJ . 47.73 -39.27 67.92
C1A CLA LJ . 46.65 -39.32 68.82
C2A CLA LJ . 46.73 -38.14 69.78
C3A CLA LJ . 47.84 -37.25 69.19
C4A CLA LJ . 48.48 -38.16 68.15
CMA CLA LJ . 47.32 -36.00 68.54
CAA CLA LJ . 47.16 -38.56 71.17
CBA CLA LJ . 47.02 -37.35 72.06
CGA CLA LJ . 45.58 -36.96 72.08
O1A CLA LJ . 44.59 -37.69 72.16
O2A CLA LJ . 45.42 -35.60 72.03
NB CLA LJ . 49.93 -39.70 66.08
C1B CLA LJ . 50.33 -38.52 66.60
C2B CLA LJ . 51.67 -38.15 66.06
C3B CLA LJ . 52.04 -39.17 65.22
C4B CLA LJ . 50.95 -40.16 65.23
CMB CLA LJ . 52.39 -36.93 66.45
CAB CLA LJ . 53.23 -39.40 64.45
CBB CLA LJ . 53.39 -39.03 63.17
NC CLA LJ . 48.79 -42.25 65.26
C1C CLA LJ . 49.97 -42.31 64.57
C2C CLA LJ . 50.11 -43.57 63.88
C3C CLA LJ . 49.00 -44.34 64.23
C4C CLA LJ . 48.17 -43.49 65.09
CMC CLA LJ . 51.27 -43.92 63.05
CAC CLA LJ . 48.73 -45.73 63.81
CBC CLA LJ . 48.10 -45.86 62.46
ND CLA LJ . 46.71 -41.83 67.03
C1D CLA LJ . 46.23 -43.06 66.51
C2D CLA LJ . 44.95 -43.39 67.14
C3D CLA LJ . 44.69 -42.38 68.05
C4D CLA LJ . 45.82 -41.44 67.94
CMD CLA LJ . 44.27 -44.63 66.77
CAD CLA LJ . 43.83 -41.84 69.10
OBD CLA LJ . 42.83 -42.32 69.62
CBD CLA LJ . 44.40 -40.46 69.53
CGD CLA LJ . 43.41 -39.50 69.00
O1D CLA LJ . 43.38 -39.16 67.82
O2D CLA LJ . 42.47 -39.00 69.86
CED CLA LJ . 41.83 -37.78 69.49
C1 CLA LJ . 44.23 -35.03 71.43
C2 CLA LJ . 44.71 -33.82 70.71
C3 CLA LJ . 44.64 -33.57 69.40
C4 CLA LJ . 43.92 -34.45 68.45
C5 CLA LJ . 45.19 -32.30 68.85
C6 CLA LJ . 46.71 -32.27 68.75
C7 CLA LJ . 47.30 -31.15 69.58
C8 CLA LJ . 48.50 -31.51 70.47
C9 CLA LJ . 49.56 -32.26 69.70
C10 CLA LJ . 48.00 -32.19 71.76
C11 CLA LJ . 48.74 -33.43 72.24
C12 CLA LJ . 48.09 -33.94 73.51
C13 CLA LJ . 48.95 -34.70 74.52
C14 CLA LJ . 50.10 -35.46 73.89
C15 CLA LJ . 48.11 -35.68 75.36
C16 CLA LJ . 46.74 -35.16 75.74
C17 CLA LJ . 46.01 -35.99 76.78
C18 CLA LJ . 46.83 -36.28 78.02
C19 CLA LJ . 46.43 -37.61 78.62
C20 CLA LJ . 46.65 -35.18 79.04
MG CLA MJ . 45.76 -49.03 49.86
CHA CLA MJ . 45.35 -51.05 47.03
CHB CLA MJ . 47.51 -46.80 47.94
CHC CLA MJ . 45.17 -46.56 52.20
CHD CLA MJ . 43.16 -50.91 51.38
NA CLA MJ . 46.44 -49.02 47.88
C1A CLA MJ . 46.18 -49.95 46.85
C2A CLA MJ . 46.91 -49.52 45.58
C3A CLA MJ . 47.93 -48.49 46.12
C4A CLA MJ . 47.26 -48.04 47.40
CMA CLA MJ . 49.26 -49.11 46.47
CAA CLA MJ . 46.01 -49.00 44.47
CBA CLA MJ . 44.87 -48.07 44.83
CGA CLA MJ . 45.37 -46.68 44.92
O1A CLA MJ . 46.25 -46.22 44.20
O2A CLA MJ . 44.78 -45.94 45.91
NB CLA MJ . 46.30 -47.10 50.06
C1B CLA MJ . 46.92 -46.34 49.12
C2B CLA MJ . 46.86 -44.91 49.50
C3B CLA MJ . 46.19 -44.83 50.69
C4B CLA MJ . 45.86 -46.23 51.08
CMB CLA MJ . 47.45 -43.87 48.63
CAB CLA MJ . 45.83 -43.74 51.57
CBB CLA MJ . 46.56 -42.67 51.90
NC CLA MJ . 44.55 -48.86 51.55
C1C CLA MJ . 44.58 -47.83 52.43
C2C CLA MJ . 43.72 -48.10 53.57
C3C CLA MJ . 43.00 -49.23 53.23
C4C CLA MJ . 43.56 -49.72 51.99
CMC CLA MJ . 43.52 -47.24 54.73
CAC CLA MJ . 41.97 -49.92 54.02
CBC CLA MJ . 42.61 -50.82 55.03
ND CLA MJ . 44.68 -50.70 49.48
C1D CLA MJ . 43.69 -51.38 50.21
C2D CLA MJ . 43.23 -52.58 49.49
C3D CLA MJ . 43.83 -52.49 48.27
C4D CLA MJ . 44.70 -51.29 48.28
CMD CLA MJ . 42.28 -53.56 50.01
CAD CLA MJ . 43.95 -53.12 46.98
OBD CLA MJ . 43.45 -54.15 46.56
CBD CLA MJ . 44.84 -52.17 46.13
CGD CLA MJ . 45.83 -53.04 45.47
O1D CLA MJ . 45.67 -53.87 44.56
O2D CLA MJ . 47.01 -52.85 46.04
CED CLA MJ . 48.14 -53.27 45.32
C1 CLA MJ . 43.34 -45.93 45.98
C2 CLA MJ . 43.04 -46.02 47.44
C3 CLA MJ . 42.94 -44.97 48.29
C4 CLA MJ . 43.10 -43.58 47.85
C5 CLA MJ . 42.63 -45.17 49.74
C6 CLA MJ . 41.85 -46.46 49.93
C7 CLA MJ . 41.06 -46.60 51.21
C8 CLA MJ . 39.62 -47.12 51.02
C9 CLA MJ . 39.31 -47.77 49.66
C10 CLA MJ . 38.52 -46.16 51.50
C11 CLA MJ . 37.62 -45.63 50.40
C12 CLA MJ . 36.18 -45.38 50.78
C13 CLA MJ . 35.19 -45.55 49.63
C14 CLA MJ . 34.26 -46.68 50.01
C15 CLA MJ . 35.79 -45.79 48.23
C16 CLA MJ . 34.75 -46.09 47.17
C17 CLA MJ . 34.60 -44.94 46.18
C18 CLA MJ . 33.19 -44.41 45.97
C19 CLA MJ . 32.95 -43.12 46.72
C20 CLA MJ . 32.07 -45.39 46.30
MG CLA NJ . 50.75 -63.30 54.96
CHA CLA NJ . 53.89 -62.90 53.58
CHB CLA NJ . 51.26 -66.72 54.98
CHC CLA NJ . 48.36 -63.65 57.30
CHD CLA NJ . 50.81 -59.79 55.67
NA CLA NJ . 52.30 -64.56 54.35
C1A CLA NJ . 53.53 -64.20 53.79
C2A CLA NJ . 54.36 -65.45 53.46
C3A CLA NJ . 53.38 -66.62 53.67
C4A CLA NJ . 52.23 -65.93 54.40
CMA CLA NJ . 52.90 -67.21 52.37
CAA CLA NJ . 55.58 -65.51 54.37
CBA CLA NJ . 56.74 -66.07 53.60
CGA CLA NJ . 57.46 -66.99 54.51
O1A CLA NJ . 58.24 -66.68 55.40
O2A CLA NJ . 57.23 -68.33 54.27
NB CLA NJ . 50.01 -64.87 55.97
C1B CLA NJ . 50.16 -66.19 55.67
C2B CLA NJ . 49.04 -66.99 56.18
C3B CLA NJ . 48.22 -66.11 56.83
C4B CLA NJ . 48.85 -64.78 56.75
CMB CLA NJ . 48.96 -68.44 56.05
CAB CLA NJ . 46.98 -66.36 57.52
CBB CLA NJ . 46.83 -67.04 58.64
NC CLA NJ . 49.69 -61.95 56.15
C1C CLA NJ . 48.67 -62.30 56.98
C2C CLA NJ . 48.07 -61.11 57.59
C3C CLA NJ . 48.85 -60.05 57.22
C4C CLA NJ . 49.86 -60.58 56.32
CMC CLA NJ . 46.92 -61.00 58.49
CAC CLA NJ . 48.63 -58.66 57.57
CBC CLA NJ . 49.52 -58.25 58.71
ND CLA NJ . 51.94 -61.68 54.65
C1D CLA NJ . 51.80 -60.30 54.90
C2D CLA NJ . 52.86 -59.55 54.20
C3D CLA NJ . 53.68 -60.51 53.64
C4D CLA NJ . 53.10 -61.81 54.02
CMD CLA NJ . 52.97 -58.10 54.13
CAD CLA NJ . 54.86 -60.78 52.85
OBD CLA NJ . 55.64 -60.07 52.27
CBD CLA NJ . 55.07 -62.29 52.86
CGD CLA NJ . 55.12 -62.90 51.50
O1D CLA NJ . 56.12 -63.37 50.95
O2D CLA NJ . 53.93 -62.98 50.86
CED CLA NJ . 53.61 -64.21 50.21
C1 CLA NJ . 56.76 -69.22 55.32
C2 CLA NJ . 55.47 -68.68 55.79
C3 CLA NJ . 55.17 -68.41 57.06
C4 CLA NJ . 56.16 -68.63 58.14
C5 CLA NJ . 53.85 -67.83 57.39
C6 CLA NJ . 53.30 -68.35 58.70
C7 CLA NJ . 51.81 -68.14 58.83
C8 CLA NJ . 51.47 -67.16 59.98
C9 CLA NJ . 52.41 -67.25 61.19
C10 CLA NJ . 49.99 -67.30 60.32
C11 CLA NJ . 49.65 -67.69 61.75
C12 CLA NJ . 48.30 -67.19 62.20
C13 CLA NJ . 48.33 -67.06 63.71
C14 CLA NJ . 47.34 -68.06 64.32
C15 CLA NJ . 48.15 -65.60 64.13
C16 CLA NJ . 46.77 -65.21 64.60
C17 CLA NJ . 46.70 -63.75 64.95
C18 CLA NJ . 45.26 -63.24 64.93
C19 CLA NJ . 44.35 -64.02 65.86
C20 CLA NJ . 45.26 -61.76 65.24
MG CLA OJ . 39.34 -76.98 52.31
CHA CLA OJ . 42.66 -75.93 52.43
CHB CLA OJ . 40.31 -79.84 50.73
CHC CLA OJ . 36.04 -77.86 51.95
CHD CLA OJ . 38.34 -73.83 53.53
NA CLA OJ . 41.19 -77.73 51.66
C1A CLA OJ . 42.48 -77.17 51.85
C2A CLA OJ . 43.55 -78.10 51.25
C3A CLA OJ . 42.74 -79.28 50.66
C4A CLA OJ . 41.30 -78.94 51.05
CMA CLA OJ . 42.95 -79.47 49.18
CAA CLA OJ . 44.54 -78.77 52.22
CBA CLA OJ . 44.21 -78.77 53.70
CGA CLA OJ . 43.08 -79.72 53.95
O1A CLA OJ . 43.06 -80.91 53.68
O2A CLA OJ . 41.96 -79.11 54.42
NB CLA OJ . 38.36 -78.51 51.45
C1B CLA OJ . 38.94 -79.65 51.00
C2B CLA OJ . 37.93 -80.72 50.82
C3B CLA OJ . 36.72 -80.17 51.16
C4B CLA OJ . 36.98 -78.75 51.56
CMB CLA OJ . 38.24 -82.06 50.34
CAB CLA OJ . 35.41 -80.76 51.16
CBB CLA OJ . 34.58 -80.74 50.12
NC CLA OJ . 37.53 -76.00 52.64
C1C CLA OJ . 36.29 -76.56 52.46
C2C CLA OJ . 35.24 -75.62 52.85
C3C CLA OJ . 35.89 -74.47 53.28
C4C CLA OJ . 37.33 -74.73 53.19
CMC CLA OJ . 33.81 -75.91 52.75
CAC CLA OJ . 35.28 -73.23 53.79
CBC CLA OJ . 34.93 -73.30 55.25
ND CLA OJ . 40.21 -75.22 52.79
C1D CLA OJ . 39.68 -74.03 53.34
C2D CLA OJ . 40.78 -73.11 53.67
C3D CLA OJ . 41.95 -73.80 53.37
C4D CLA OJ . 41.54 -75.11 52.83
CMD CLA OJ . 40.60 -71.77 54.22
CAD CLA OJ . 43.39 -73.73 53.32
OBD CLA OJ . 44.14 -72.80 53.60
CBD CLA OJ . 43.90 -75.11 52.78
CGD CLA OJ . 44.95 -74.88 51.71
O1D CLA OJ . 45.11 -73.87 51.01
O2D CLA OJ . 45.84 -75.88 51.51
CED CLA OJ . 46.53 -75.98 50.27
C1 CLA OJ . 40.74 -79.90 54.42
NB KC2 PJ . 42.01 -69.80 60.60
ND KC2 PJ . 41.37 -72.99 58.16
C1A KC2 PJ . 44.63 -72.50 58.35
C1B KC2 PJ . 43.19 -69.29 60.97
C1C KC2 PJ . 39.02 -70.38 60.62
C1D KC2 PJ . 40.26 -73.71 57.83
C2A KC2 PJ . 46.10 -72.34 58.54
C2B KC2 PJ . 43.05 -68.25 62.02
C2C KC2 PJ . 37.61 -70.79 60.66
C2D KC2 PJ . 40.67 -74.90 57.06
C3A KC2 PJ . 46.16 -71.15 59.42
C3B KC2 PJ . 41.60 -68.18 62.26
C3C KC2 PJ . 37.50 -71.92 59.74
C3D KC2 PJ . 42.13 -74.82 56.96
C4A KC2 PJ . 44.74 -70.75 59.66
C4B KC2 PJ . 41.05 -69.18 61.32
C4C KC2 PJ . 38.90 -72.06 59.25
C4D KC2 PJ . 42.52 -73.65 57.64
CAA KC2 PJ . 47.25 -73.11 57.98
CAB KC2 PJ . 40.68 -67.41 63.14
CAC KC2 PJ . 36.23 -72.68 59.44
CAD KC2 PJ . 43.34 -75.53 56.41
CBA KC2 PJ . 48.43 -73.36 58.50
CBB KC2 PJ . 40.94 -66.17 63.52
CBC KC2 PJ . 35.26 -71.88 58.63
CBD KC2 PJ . 44.46 -74.85 57.06
CED KC2 PJ . 46.20 -77.70 57.40
CGA KC2 PJ . 49.58 -72.99 57.66
CGD KC2 PJ . 44.94 -75.74 58.18
CHA KC2 PJ . 43.99 -73.55 57.55
CHB KC2 PJ . 44.56 -69.58 60.53
CHC KC2 PJ . 39.60 -69.30 61.38
CHD KC2 PJ . 38.96 -73.19 58.28
CMA KC2 PJ . 47.35 -70.42 60.01
CMB KC2 PJ . 44.13 -67.45 62.70
CMC KC2 PJ . 36.55 -70.11 61.52
CMD KC2 PJ . 39.60 -75.85 56.60
NA KC2 PJ . 43.80 -71.51 59.07
NC KC2 PJ . 39.84 -71.07 59.83
O1A KC2 PJ . 50.64 -73.64 57.75
O1D KC2 PJ . 44.53 -75.63 59.33
O2A KC2 PJ . 49.48 -71.91 57.03
O2D KC2 PJ . 46.20 -76.41 57.98
OBD KC2 PJ . 43.07 -76.67 55.90
MG KC2 PJ . 41.77 -71.25 59.18
MG CLA QJ . 26.27 -65.49 56.84
CHA CLA QJ . 23.23 -66.36 58.16
CHB CLA QJ . 27.61 -68.36 58.16
CHC CLA QJ . 28.99 -65.13 54.79
CHD CLA QJ . 24.63 -62.92 55.00
NA CLA QJ . 25.53 -67.07 58.01
C1A CLA QJ . 24.22 -67.26 58.44
C2A CLA QJ . 24.10 -68.52 59.32
C3A CLA QJ . 25.56 -68.98 59.49
C4A CLA QJ . 26.31 -68.09 58.48
CMA CLA QJ . 26.01 -68.76 60.91
CAA CLA QJ . 23.20 -69.65 58.81
CBA CLA QJ . 23.21 -69.83 57.31
CGA CLA QJ . 21.83 -70.21 56.92
O1A CLA QJ . 20.78 -69.85 57.47
O2A CLA QJ . 21.76 -71.01 55.81
NB CLA QJ . 27.94 -66.56 56.53
C1B CLA QJ . 28.37 -67.62 57.25
C2B CLA QJ . 29.78 -67.94 56.93
C3B CLA QJ . 30.18 -67.02 55.98
C4B CLA QJ . 29.02 -66.14 55.70
CMB CLA QJ . 30.49 -69.05 57.57
CAB CLA QJ . 31.41 -66.85 55.28
CBB CLA QJ . 32.02 -67.81 54.59
NC CLA QJ . 26.73 -64.23 55.23
C1C CLA QJ . 27.92 -64.23 54.56
C2C CLA QJ . 27.92 -63.19 53.54
C3C CLA QJ . 26.65 -62.58 53.58
C4C CLA QJ . 25.94 -63.24 54.66
CMC CLA QJ . 29.01 -62.89 52.63
CAC CLA QJ . 26.14 -61.48 52.77
CBC CLA QJ . 26.34 -60.11 53.37
ND CLA QJ . 24.42 -64.73 56.61
C1D CLA QJ . 23.88 -63.63 55.89
C2D CLA QJ . 22.50 -63.39 56.31
C3D CLA QJ . 22.21 -64.37 57.21
C4D CLA QJ . 23.42 -65.20 57.34
CMD CLA QJ . 21.66 -62.30 55.80
CAD CLA QJ . 21.23 -64.92 58.12
OBD CLA QJ . 20.15 -64.49 58.50
CBD CLA QJ . 21.83 -66.24 58.65
CGD CLA QJ . 21.96 -66.10 60.11
O1D CLA QJ . 22.94 -65.64 60.74
O2D CLA QJ . 20.86 -66.52 60.77
CED CLA QJ . 20.79 -66.05 62.07
C1 CLA QJ . 20.43 -71.35 55.36
C2 CLA QJ . 20.49 -71.84 53.97
C3 CLA QJ . 20.47 -73.14 53.65
C4 CLA QJ . 20.38 -74.23 54.64
C5 CLA QJ . 20.54 -73.56 52.22
C6 CLA QJ . 21.79 -74.35 51.93
C7 CLA QJ . 23.00 -73.44 51.84
C8 CLA QJ . 24.17 -73.94 52.68
C9 CLA QJ . 24.82 -72.78 53.41
C10 CLA QJ . 25.21 -74.71 51.86
C11 CLA QJ . 24.94 -76.19 51.88
C12 CLA QJ . 25.22 -76.82 53.23
C13 CLA QJ . 24.31 -77.99 53.66
C14 CLA QJ . 23.58 -78.69 52.53
C15 CLA QJ . 23.28 -77.55 54.70
C16 CLA QJ . 23.90 -76.71 55.81
C17 CLA QJ . 22.94 -76.34 56.94
C18 CLA QJ . 23.47 -75.21 57.84
C19 CLA QJ . 24.97 -75.24 58.10
C20 CLA QJ . 23.12 -73.87 57.24
MG CLA RJ . 25.61 -53.77 52.42
CHA CLA RJ . 25.19 -51.11 54.61
CHB CLA RJ . 28.78 -52.73 51.80
CHC CLA RJ . 26.07 -56.51 50.40
CHD CLA RJ . 22.40 -54.91 53.26
NA CLA RJ . 26.82 -52.24 53.19
C1A CLA RJ . 26.45 -51.23 54.08
C2A CLA RJ . 27.62 -50.30 54.34
C3A CLA RJ . 28.74 -50.82 53.43
C4A CLA RJ . 28.10 -52.04 52.77
CMA CLA RJ . 29.18 -49.79 52.41
CAA CLA RJ . 28.15 -50.46 55.74
CBA CLA RJ . 28.94 -49.22 56.08
CGA CLA RJ . 28.10 -47.99 56.14
O1A CLA RJ . 27.25 -47.70 56.98
O2A CLA RJ . 28.32 -47.09 55.13
NB CLA RJ . 27.18 -54.55 51.42
C1B CLA RJ . 28.28 -53.82 51.10
C2B CLA RJ . 28.93 -54.35 49.88
C3B CLA RJ . 28.17 -55.42 49.47
C4B CLA RJ . 27.05 -55.57 50.45
CMB CLA RJ . 30.14 -53.75 49.32
CAB CLA RJ . 28.36 -56.29 48.35
CBB CLA RJ . 27.80 -56.12 47.15
NC CLA RJ . 24.47 -55.45 51.99
C1C CLA RJ . 24.85 -56.46 51.14
C2C CLA RJ . 23.80 -57.45 51.05
C3C CLA RJ . 22.75 -56.99 51.84
C4C CLA RJ . 23.18 -55.74 52.43
CMC CLA RJ . 23.85 -58.66 50.23
CAC CLA RJ . 21.47 -57.66 52.04
CBC CLA RJ . 20.46 -57.08 51.07
ND CLA RJ . 24.15 -53.28 53.73
C1D CLA RJ . 22.82 -53.75 53.85
C2D CLA RJ . 22.04 -52.80 54.68
C3D CLA RJ . 22.90 -51.77 54.99
C4D CLA RJ . 24.20 -52.11 54.37
CMD CLA RJ . 20.64 -52.93 55.03
CAD CLA RJ . 23.04 -50.50 55.66
OBD CLA RJ . 22.20 -49.90 56.33
CBD CLA RJ . 24.50 -50.02 55.41
CGD CLA RJ . 24.56 -48.68 54.73
O1D CLA RJ . 25.13 -48.39 53.68
O2D CLA RJ . 23.91 -47.69 55.40
CED CLA RJ . 23.43 -46.58 54.64
C1 CLA RJ . 29.66 -46.64 54.87
C2 CLA RJ . 29.87 -45.43 55.72
C3 CLA RJ . 30.18 -44.21 55.26
C4 CLA RJ . 30.38 -43.89 53.84
C5 CLA RJ . 30.40 -43.13 56.25
C6 CLA RJ . 31.57 -43.52 57.08
C7 CLA RJ . 32.34 -42.25 57.23
C8 CLA RJ . 32.75 -41.93 58.66
C9 CLA RJ . 33.05 -40.45 58.78
C10 CLA RJ . 34.01 -42.75 59.01
C11 CLA RJ . 35.02 -42.50 57.89
C12 CLA RJ . 36.42 -43.07 57.82
C13 CLA RJ . 37.41 -42.28 56.97
C14 CLA RJ . 36.70 -41.84 55.72
C15 CLA RJ . 38.70 -43.01 56.58
C16 CLA RJ . 38.86 -44.39 57.19
C17 CLA RJ . 39.29 -45.47 56.23
C18 CLA RJ . 39.23 -46.81 56.94
C19 CLA RJ . 39.40 -47.97 55.98
C20 CLA RJ . 40.21 -46.90 58.09
C03 II0 SJ . 54.75 -63.80 60.79
C04 II0 SJ . 30.21 -67.05 62.42
C05 II0 SJ . 56.13 -64.49 60.20
C06 II0 SJ . 28.67 -66.59 62.88
C07 II0 SJ . 56.14 -64.91 58.90
C08 II0 SJ . 28.37 -65.29 62.59
C09 II0 SJ . 53.58 -64.13 59.94
C10 II0 SJ . 30.67 -66.47 61.18
C11 II0 SJ . 55.09 -64.10 57.81
C12 II0 SJ . 28.53 -64.94 60.97
C13 II0 SJ . 53.81 -63.87 58.40
C14 II0 SJ . 29.74 -65.45 60.36
C15 II0 SJ . 54.50 -64.34 62.24
C16 II0 SJ . 54.95 -62.24 60.99
C17 II0 SJ . 31.22 -66.62 63.51
C18 II0 SJ . 30.26 -68.61 62.28
C19 II0 SJ . 52.76 -63.04 57.70
C20 II0 SJ . 30.13 -65.02 58.95
C21 II0 SJ . 52.17 -63.63 60.39
C22 II0 SJ . 32.06 -66.88 60.63
C23 II0 SJ . 51.05 -63.32 60.74
C24 II0 SJ . 33.15 -67.17 60.22
C25 II0 SJ . 49.57 -62.91 60.99
C26 II0 SJ . 34.58 -67.39 59.67
C27 II0 SJ . 49.23 -61.40 61.36
C28 II0 SJ . 34.77 -68.28 58.46
C29 II0 SJ . 48.63 -63.84 60.97
C30 II0 SJ . 35.55 -66.73 60.32
C31 II0 SJ . 47.12 -63.54 61.25
C32 II0 SJ . 37.08 -66.77 60.00
C33 II0 SJ . 46.21 -64.26 60.53
C34 II0 SJ . 37.68 -66.21 58.94
C35 II0 SJ . 44.71 -64.05 60.66
C36 II0 SJ . 39.21 -66.37 58.84
C37 II0 SJ . 44.21 -62.81 61.36
C38 II0 SJ . 39.84 -67.43 57.93
C39 II0 SJ . 43.86 -64.96 60.12
C40 II0 SJ . 39.97 -65.56 59.59
C41 II0 SJ . 42.32 -64.77 60.20
C42 II0 SJ . 41.52 -65.68 59.55
O01 II0 SJ . 57.46 -64.82 58.39
O02 II0 SJ . 27.02 -65.06 62.98
C03 II0 TJ . 33.12 -63.49 40.23
C04 II0 TJ . 36.37 -52.67 61.67
C05 II0 TJ . 33.57 -63.83 38.69
C06 II0 TJ . 35.71 -52.03 63.05
C07 II0 TJ . 34.89 -63.67 38.43
C08 II0 TJ . 35.46 -50.68 62.97
C09 II0 TJ . 34.15 -63.87 41.23
C10 II0 TJ . 36.69 -51.67 60.66
C11 II0 TJ . 35.80 -64.70 39.42
C12 II0 TJ . 34.75 -50.18 61.55
C13 II0 TJ . 35.61 -64.34 40.77
C14 II0 TJ . 35.52 -50.60 60.39
C15 II0 TJ . 32.81 -61.96 40.29
C16 II0 TJ . 31.81 -64.32 40.54
C17 II0 TJ . 37.62 -53.47 62.08
C18 II0 TJ . 35.40 -53.75 61.05
C19 II0 TJ . 36.75 -64.48 41.76
C20 II0 TJ . 34.86 -50.56 59.00
C21 II0 TJ . 33.93 -63.45 42.71
C22 II0 TJ . 37.37 -52.15 59.35
C23 II0 TJ . 33.73 -63.12 43.86
C24 II0 TJ . 37.81 -52.44 58.28
C25 II0 TJ . 33.55 -62.53 45.28
C26 II0 TJ . 38.22 -52.83 56.85
C27 II0 TJ . 32.70 -63.29 46.33
C28 II0 TJ . 38.80 -51.81 55.89
C29 II0 TJ . 34.16 -61.37 45.58
C30 II0 TJ . 38.01 -54.09 56.48
C31 II0 TJ . 34.03 -60.74 47.00
C32 II0 TJ . 38.35 -54.59 55.05
C33 II0 TJ . 35.15 -60.28 47.58
C34 II0 TJ . 37.59 -55.53 54.54
C35 II0 TJ . 35.06 -59.66 48.96
C36 II0 TJ . 37.83 -56.09 53.14
C37 II0 TJ . 33.92 -60.04 49.87
C38 II0 TJ . 39.05 -55.68 52.30
C39 II0 TJ . 36.02 -58.80 49.33
C40 II0 TJ . 36.91 -56.94 52.66
C41 II0 TJ . 35.95 -58.15 50.73
C42 II0 TJ . 37.06 -57.56 51.24
O01 II0 TJ . 35.13 -64.01 37.08
O02 II0 TJ . 34.60 -50.32 64.06
C03 II0 UJ . 37.16 -70.76 49.69
C04 II0 UJ . 16.11 -59.85 54.84
C05 II0 UJ . 38.46 -70.91 48.68
C06 II0 UJ . 15.05 -58.90 55.70
C07 II0 UJ . 38.24 -71.87 47.74
C08 II0 UJ . 14.78 -57.67 55.12
C09 II0 UJ . 35.90 -71.34 49.21
C10 II0 UJ . 16.39 -59.41 53.47
C11 II0 UJ . 36.86 -71.48 46.81
C12 II0 UJ . 14.35 -57.80 53.52
C13 II0 UJ . 35.71 -71.28 47.63
C14 II0 UJ . 15.34 -58.49 52.70
C15 II0 UJ . 37.53 -71.39 51.08
C16 II0 UJ . 36.75 -69.28 49.97
C17 II0 UJ . 17.42 -59.98 55.66
C18 II0 UJ . 15.52 -61.31 54.80
C19 II0 UJ . 34.39 -70.82 47.02
C20 II0 UJ . 15.82 -57.78 51.44
C21 II0 UJ . 34.65 -71.03 50.08
C22 II0 UJ . 17.55 -59.99 52.60
C23 II0 UJ . 33.69 -70.86 50.79
C24 II0 UJ . 18.48 -60.34 51.92
C25 II0 UJ . 32.39 -70.51 51.54
C26 II0 UJ . 19.75 -60.76 51.13
C27 II0 UJ . 32.10 -71.20 52.88
C28 II0 UJ . 19.93 -60.50 49.65
C29 II0 UJ . 31.56 -69.59 50.98
C30 II0 UJ . 20.72 -61.34 51.84
C31 II0 UJ . 30.19 -69.14 51.59
C32 II0 UJ . 22.06 -61.81 51.21
C33 II0 UJ . 29.74 -67.93 51.20
C34 II0 UJ . 22.38 -63.09 51.26
C35 II0 UJ . 28.41 -67.42 51.71
C36 II0 UJ . 23.70 -63.56 50.68
C37 II0 UJ . 27.76 -68.10 52.90
C38 II0 UJ . 24.29 -62.93 49.41
C39 II0 UJ . 27.83 -66.38 51.09
C40 II0 UJ . 24.36 -64.54 51.33
C41 II0 UJ . 26.47 -65.86 51.60
C42 II0 UJ . 25.73 -65.05 50.80
O01 II0 UJ . 39.35 -71.94 46.87
O02 II0 UJ . 13.69 -57.07 55.80
C10 WVN VJ . 29.72 -70.29 45.64
C11 WVN VJ . 33.53 -49.31 55.39
C12 WVN VJ . 31.18 -70.14 45.25
C13 WVN VJ . 29.74 -67.74 45.79
C14 WVN VJ . 31.31 -69.00 44.27
C01 WVN VJ . 34.51 -46.98 55.17
C02 WVN VJ . 33.36 -47.83 55.76
C03 WVN VJ . 35.05 -45.95 56.13
C04 WVN VJ . 35.35 -46.55 57.50
C05 WVN VJ . 33.19 -47.72 57.29
C06 WVN VJ . 29.27 -69.07 46.42
C07 WVN VJ . 35.78 -47.76 54.78
C08 WVN VJ . 33.99 -46.26 53.93
C09 WVN VJ . 34.03 -47.05 58.05
C15 WVN VJ . 30.56 -67.75 44.74
C16 WVN VJ . 31.80 -47.82 57.86
C17 WVN VJ . 29.90 -69.17 47.80
C18 WVN VJ . 27.75 -69.27 46.58
C19 WVN VJ . 32.54 -50.13 55.14
C20 WVN VJ . 29.53 -66.40 46.53
C21 WVN VJ . 31.02 -66.43 44.08
C22 WVN VJ . 32.90 -51.56 54.78
C23 WVN VJ . 28.37 -65.77 46.46
C24 WVN VJ . 34.21 -52.15 55.25
C25 WVN VJ . 28.08 -64.46 47.15
C26 WVN VJ . 32.06 -52.26 54.06
C27 WVN VJ . 26.85 -63.66 46.67
C28 WVN VJ . 28.85 -64.03 48.13
C29 WVN VJ . 32.38 -53.68 53.63
C30 WVN VJ . 28.53 -62.71 48.80
C31 WVN VJ . 31.39 -54.48 53.26
C32 WVN VJ . 31.64 -55.90 52.76
C33 WVN VJ . 29.51 -61.87 49.04
C34 WVN VJ . 29.20 -60.53 49.67
C35 WVN VJ . 33.00 -56.55 52.95
C36 WVN VJ . 30.66 -56.51 52.14
C37 WVN VJ . 30.11 -59.92 50.41
C38 WVN VJ . 27.84 -59.90 49.42
C39 WVN VJ . 30.84 -57.91 51.56
C40 WVN VJ . 29.84 -58.56 51.02
C03 II0 WJ . 48.04 -54.84 55.03
C04 II0 WJ . 44.53 -40.06 75.14
C05 II0 WJ . 48.38 -55.31 53.50
C06 II0 WJ . 43.70 -38.65 75.51
C07 II0 WJ . 49.08 -54.40 52.74
C08 II0 WJ . 42.34 -38.64 75.27
C09 II0 WJ . 47.45 -53.48 55.08
C10 II0 WJ . 43.97 -40.81 74.03
C11 II0 WJ . 48.75 -52.74 53.00
C12 II0 WJ . 41.88 -39.27 73.81
C13 II0 WJ . 47.59 -52.54 53.79
C14 II0 WJ . 42.44 -40.62 73.66
C15 II0 WJ . 47.01 -55.85 55.68
C16 II0 WJ . 49.35 -54.98 55.90
C17 II0 WJ . 44.59 -41.00 76.36
C18 II0 WJ . 46.01 -39.67 74.79
C19 II0 WJ . 46.58 -51.42 53.49
C20 II0 WJ . 41.75 -41.64 72.76
C21 II0 WJ . 46.52 -53.05 56.25
C22 II0 WJ . 44.91 -41.61 73.08
C23 II0 WJ . 45.89 -52.63 57.20
C24 II0 WJ . 45.59 -42.23 72.31
C25 II0 WJ . 45.18 -52.03 58.44
C26 II0 WJ . 46.39 -43.01 71.25
C27 II0 WJ . 43.71 -51.63 58.44
C28 II0 WJ . 47.74 -42.53 70.74
C29 II0 WJ . 45.93 -51.83 59.58
C30 II0 WJ . 45.84 -44.14 70.78
C31 II0 WJ . 45.28 -51.22 60.86
C32 II0 WJ . 46.52 -44.99 69.66
C33 II0 WJ . 46.11 -50.61 61.73
C34 II0 WJ . 46.10 -46.23 69.40
C35 II0 WJ . 45.56 -49.99 63.01
C36 II0 WJ . 46.78 -46.98 68.25
C37 II0 WJ . 44.05 -50.06 63.20
C38 II0 WJ . 48.18 -46.54 67.79
C39 II0 WJ . 46.45 -49.44 63.89
C40 II0 WJ . 46.14 -48.01 67.64
C41 II0 WJ . 46.11 -48.77 65.27
C42 II0 WJ . 46.77 -48.82 66.46
O01 II0 WJ . 50.47 -54.61 52.83
O02 II0 WJ . 41.66 -39.38 76.29
O1 LHG XJ . 37.60 -80.72 47.10
C1 LHG XJ . 36.42 -80.06 46.61
C2 LHG XJ . 36.45 -78.60 47.07
O2 LHG XJ . 35.61 -77.75 46.28
C3 LHG XJ . 37.87 -78.05 47.02
O3 LHG XJ . 38.27 -77.81 48.36
P LHG XJ . 38.26 -76.30 48.88
O4 LHG XJ . 38.65 -75.39 47.75
O5 LHG XJ . 39.01 -76.29 50.20
O6 LHG XJ . 36.70 -76.09 49.23
C4 LHG XJ . 36.04 -74.86 48.91
C5 LHG XJ . 34.68 -75.11 48.27
C6 LHG XJ . 33.73 -74.18 49.02
O7 LHG XJ . 34.75 -74.83 46.86
C7 LHG XJ . 33.47 -74.69 46.17
O9 LHG XJ . 33.21 -73.61 45.68
C8 LHG XJ . 32.50 -75.83 45.97
C9 LHG XJ . 31.76 -75.65 44.65
C10 LHG XJ . 30.28 -75.30 44.86
O8 LHG XJ . 32.61 -74.91 49.49
C23 LHG XJ . 31.42 -74.22 49.95
O10 LHG XJ . 30.94 -74.54 51.02
C24 LHG XJ . 30.84 -73.09 49.16
C11 LHG XJ . 29.55 -75.07 43.54
C12 LHG XJ . 29.03 -73.64 43.40
C13 LHG XJ . 27.74 -73.45 42.58
C14 LHG XJ . 27.01 -74.73 42.16
C25 LHG XJ . 29.65 -72.50 49.89
C26 LHG XJ . 28.42 -72.88 49.10
C27 LHG XJ . 27.09 -72.36 49.63
C28 LHG XJ . 25.87 -72.63 48.71
C29 LHG XJ . 26.18 -73.41 47.44
C30 LHG XJ . 25.68 -72.73 46.19
C31 LHG XJ . 24.55 -73.50 45.55
C32 LHG XJ . 24.19 -72.94 44.18
C33 LHG XJ . 24.19 -71.43 44.10
C34 LHG XJ . 22.75 -71.02 43.91
C10 WVN YJ . -0.46 57.47 -12.57
C11 WVN YJ . -17.96 71.37 -20.37
C12 WVN YJ . -1.34 56.22 -12.62
C13 WVN YJ . -2.60 58.72 -12.82
C14 WVN YJ . -2.66 56.44 -11.87
C01 WVN YJ . -19.27 71.66 -22.60
C02 WVN YJ . -19.29 71.17 -21.14
C03 WVN YJ . -20.66 71.59 -23.28
C04 WVN YJ . -21.88 71.34 -22.39
C05 WVN YJ . -20.47 71.84 -20.41
C06 WVN YJ . -1.17 58.57 -13.33
C07 WVN YJ . -18.76 73.08 -22.65
C08 WVN YJ . -18.31 70.78 -23.40
C09 WVN YJ . -21.67 71.92 -20.99
C15 WVN YJ . -3.01 57.94 -11.83
C16 WVN YJ . -20.22 72.54 -19.09
C17 WVN YJ . -1.20 58.21 -14.80
C18 WVN YJ . -0.46 59.90 -13.12
C19 WVN YJ . -17.34 70.29 -19.95
C20 WVN YJ . -3.63 59.38 -13.72
C21 WVN YJ . -3.65 58.53 -10.56
C22 WVN YJ . -16.02 70.28 -19.18
C23 WVN YJ . -4.72 58.69 -13.91
C24 WVN YJ . -15.08 71.48 -19.21
C25 WVN YJ . -5.85 59.20 -14.74
C26 WVN YJ . -15.69 69.18 -18.54
C27 WVN YJ . -6.46 58.26 -15.74
C28 WVN YJ . -6.21 60.46 -14.64
C29 WVN YJ . -14.39 69.00 -17.77
C30 WVN YJ . -7.38 60.96 -15.45
C31 WVN YJ . -13.86 67.81 -17.88
C32 WVN YJ . -12.57 67.37 -17.21
C33 WVN YJ . -7.70 62.23 -15.37
C34 WVN YJ . -8.91 62.68 -16.14
C35 WVN YJ . -11.67 68.40 -16.53
C36 WVN YJ . -12.24 66.10 -17.27
C37 WVN YJ . -9.24 63.96 -16.18
C38 WVN YJ . -9.82 61.64 -16.79
C39 WVN YJ . -10.96 65.59 -16.61
C40 WVN YJ . -10.50 64.40 -16.90
C03 II0 ZJ . 12.43 85.21 -0.91
C04 II0 ZJ . -8.48 93.73 3.66
C05 II0 ZJ . 13.85 84.68 -1.54
C06 II0 ZJ . -10.10 93.97 3.88
C07 II0 ZJ . 14.52 85.68 -2.16
C08 II0 ZJ . -10.37 95.16 4.47
C09 II0 ZJ . 12.57 86.45 -0.11
C10 II0 ZJ . -7.70 94.94 3.58
C11 II0 ZJ . 14.94 86.95 -1.12
C12 II0 ZJ . -9.81 96.47 3.63
C13 II0 ZJ . 14.04 87.11 -0.03
C14 II0 ZJ . -8.41 96.34 3.27
C15 II0 ZJ . 11.81 84.09 0.01
C16 II0 ZJ . 11.41 85.45 -2.09
C17 II0 ZJ . -7.95 92.94 4.87
C18 II0 ZJ . -8.33 92.89 2.33
C19 II0 ZJ . 14.27 88.29 0.90
C20 II0 ZJ . -7.51 97.59 3.22
C21 II0 ZJ . 11.52 86.73 1.01
C22 II0 ZJ . -6.27 94.74 3.02
C23 II0 ZJ . 10.69 86.89 1.89
C24 II0 ZJ . -5.21 94.51 2.57
C25 II0 ZJ . 9.37 87.14 2.67
C26 II0 ZJ . -3.88 94.20 1.89
C27 II0 ZJ . 8.87 86.25 3.79
C28 II0 ZJ . -3.91 93.89 0.43
C29 II0 ZJ . 8.71 88.28 2.25
C30 II0 ZJ . -2.74 94.18 2.58
C31 II0 ZJ . 7.36 88.90 2.71
C32 II0 ZJ . -1.44 93.83 1.83
C33 II0 ZJ . 7.28 90.04 3.42
C34 II0 ZJ . -0.32 94.04 2.49
C35 II0 ZJ . 5.90 90.60 3.70
C36 II0 ZJ . 1.02 93.70 1.85
C37 II0 ZJ . 5.26 90.59 5.06
C38 II0 ZJ . 1.33 94.09 0.42
C39 II0 ZJ . 5.25 91.13 2.64
C40 II0 ZJ . 1.89 93.06 2.63
C41 II0 ZJ . 3.85 91.72 2.89
C42 II0 ZJ . 3.30 92.67 2.11
O01 II0 ZJ . 15.71 85.18 -2.74
O02 II0 ZJ . -11.78 95.30 4.63
MG CLA AK . 11.90 90.59 -15.45
CHA CLA AK . 10.45 92.45 -18.02
CHB CLA AK . 14.13 93.12 -14.90
CHC CLA AK . 12.64 89.25 -12.36
CHD CLA AK . 9.17 88.36 -15.68
NA CLA AK . 12.25 92.44 -16.36
C1A CLA AK . 11.53 93.06 -17.40
C2A CLA AK . 12.18 94.39 -17.80
C3A CLA AK . 13.49 94.40 -16.98
C4A CLA AK . 13.30 93.25 -15.99
CMA CLA AK . 14.66 94.20 -17.90
CAA CLA AK . 11.33 95.62 -17.55
CBA CLA AK . 10.77 95.67 -16.17
CGA CLA AK . 10.11 97.00 -16.02
O1A CLA AK . 10.56 98.11 -16.31
O2A CLA AK . 8.86 96.90 -15.48
NB CLA AK . 13.08 91.13 -13.91
C1B CLA AK . 14.02 92.11 -13.94
C2B CLA AK . 14.94 91.99 -12.76
C3B CLA AK . 14.52 90.89 -12.05
C4B CLA AK . 13.34 90.34 -12.77
CMB CLA AK . 16.06 92.89 -12.53
CAB CLA AK . 15.03 90.31 -10.85
CBB CLA AK . 14.65 90.60 -9.61
NC CLA AK . 11.11 89.04 -14.29
C1C CLA AK . 11.61 88.62 -13.09
C2C CLA AK . 10.88 87.48 -12.60
C3C CLA AK . 9.85 87.28 -13.50
C4C CLA AK . 10.00 88.25 -14.56
CMC CLA AK . 11.17 86.76 -11.36
CAC CLA AK . 8.84 86.23 -13.47
CBC CLA AK . 7.65 86.74 -12.72
ND CLA AK . 10.30 90.30 -16.64
C1D CLA AK . 9.28 89.30 -16.65
C2D CLA AK . 8.45 89.51 -17.85
C3D CLA AK . 8.84 90.70 -18.41
C4D CLA AK . 9.96 91.18 -17.58
CMD CLA AK . 7.39 88.62 -18.30
CAD CLA AK . 8.66 91.62 -19.51
OBD CLA AK . 7.98 91.53 -20.53
CBD CLA AK . 9.55 92.85 -19.19
CGD CLA AK . 10.29 93.38 -20.38
O1D CLA AK . 9.98 94.33 -21.10
O2D CLA AK . 11.43 92.69 -20.66
CED CLA AK . 12.43 93.30 -21.48
C1 CLA AK . 8.14 98.12 -15.22
C2 CLA AK . 6.94 98.12 -16.08
MG CLA BK . 3.13 83.24 -23.83
CHA CLA BK . 6.50 83.34 -24.70
CHB CLA BK . 2.98 80.06 -25.09
CHC CLA BK . 0.17 82.75 -22.19
CHD CLA BK . 3.68 86.15 -21.88
NA CLA BK . 4.50 81.97 -24.77
C1A CLA BK . 5.85 82.19 -25.02
C2A CLA BK . 6.47 81.00 -25.75
C3A CLA BK . 5.23 80.25 -26.21
C4A CLA BK . 4.14 80.77 -25.28
CMA CLA BK . 4.93 80.71 -27.60
CAA CLA BK . 7.39 80.20 -24.84
CBA CLA BK . 6.90 78.80 -24.51
CGA CLA BK . 6.10 78.93 -23.27
O1A CLA BK . 6.24 79.86 -22.50
O2A CLA BK . 5.16 77.98 -22.97
NB CLA BK . 1.85 81.70 -23.65
C1B CLA BK . 1.92 80.51 -24.30
C2B CLA BK . 0.67 79.75 -24.11
C3B CLA BK . -0.13 80.50 -23.30
C4B CLA BK . 0.61 81.76 -23.00
CMB CLA BK . 0.46 78.41 -24.65
CAB CLA BK . -1.44 80.24 -22.80
CBB CLA BK . -1.73 79.37 -21.85
NC CLA BK . 2.09 84.31 -22.37
C1C CLA BK . 0.86 83.97 -21.88
C2C CLA BK . 0.40 85.00 -20.96
C3C CLA BK . 1.45 85.90 -20.81
C4C CLA BK . 2.49 85.46 -21.70
CMC CLA BK . -0.88 85.03 -20.25
CAC CLA BK . 1.52 87.12 -20.00
CBC CLA BK . 2.10 86.91 -18.62
ND CLA BK . 4.64 84.51 -23.41
C1D CLA BK . 4.70 85.71 -22.65
C2D CLA BK . 5.98 86.38 -22.90
C3D CLA BK . 6.70 85.54 -23.73
C4D CLA BK . 5.83 84.37 -23.96
CMD CLA BK . 6.35 87.67 -22.33
CAD CLA BK . 7.92 85.34 -24.45
OBD CLA BK . 8.84 86.11 -24.64
CBD CLA BK . 7.87 83.88 -25.01
CGD CLA BK . 8.18 83.98 -26.49
O1D CLA BK . 9.21 84.40 -26.98
O2D CLA BK . 7.25 83.57 -27.40
CED CLA BK . 7.77 82.91 -28.55
C1 CLA BK . 4.16 78.45 -22.04
C2 CLA BK . 3.59 77.34 -21.27
C3 CLA BK . 2.60 77.51 -20.39
C4 CLA BK . 2.00 78.84 -20.07
C5 CLA BK . 2.13 76.31 -19.66
C6 CLA BK . 1.74 76.55 -18.23
C7 CLA BK . 2.42 75.57 -17.27
C8 CLA BK . 2.66 76.06 -15.83
C9 CLA BK . 2.20 74.97 -14.89
C10 CLA BK . 1.97 77.39 -15.53
C11 CLA BK . 1.75 77.78 -14.08
C12 CLA BK . 1.66 79.29 -14.07
C13 CLA BK . 0.36 79.70 -13.45
C14 CLA BK . -0.73 79.79 -14.50
C15 CLA BK . 0.51 81.04 -12.74
C16 CLA BK . 1.07 80.88 -11.35
C17 CLA BK . 0.29 79.90 -10.50
C18 CLA BK . -0.35 80.48 -9.24
C19 CLA BK . -0.50 79.40 -8.20
C20 CLA BK . 0.34 81.68 -8.64
MG CLA CK . -4.93 76.03 -22.00
CHA CLA CK . -3.33 73.78 -24.17
CHB CLA CK . -2.00 76.33 -20.28
CHC CLA CK . -6.58 77.75 -19.52
CHD CLA CK . -8.02 74.91 -23.25
NA CLA CK . -2.99 75.26 -22.26
C1A CLA CK . -2.51 74.38 -23.25
C2A CLA CK . -1.02 74.11 -23.04
C3A CLA CK . -0.68 74.85 -21.74
C4A CLA CK . -1.97 75.58 -21.42
CMA CLA CK . -0.45 73.85 -20.65
CAA CLA CK . -0.18 74.69 -24.17
CBA CLA CK . 1.28 74.55 -23.85
CGA CLA CK . 1.74 73.15 -24.11
O1A CLA CK . 1.68 72.50 -25.16
O2A CLA CK . 2.34 72.59 -23.02
NB CLA CK . -4.38 76.90 -20.27
C1B CLA CK . -3.13 77.00 -19.79
C2B CLA CK . -3.08 77.90 -18.61
C3B CLA CK . -4.38 78.31 -18.39
C4B CLA CK . -5.22 77.67 -19.44
CMB CLA CK . -1.84 78.15 -17.88
CAB CLA CK . -4.94 79.12 -17.34
CBB CLA CK . -4.82 78.93 -16.03
NC CLA CK . -6.93 76.33 -21.52
C1C CLA CK . -7.38 77.12 -20.50
C2C CLA CK . -8.85 77.15 -20.51
C3C CLA CK . -9.26 76.29 -21.52
C4C CLA CK . -8.04 75.80 -22.17
CMC CLA CK . -9.68 77.87 -19.56
CAC CLA CK . -10.64 75.97 -21.90
CBC CLA CK . -11.12 76.68 -23.13
ND CLA CK . -5.59 74.72 -23.40
C1D CLA CK . -6.89 74.40 -23.82
C2D CLA CK . -6.82 73.43 -24.91
C3D CLA CK . -5.48 73.17 -25.11
C4D CLA CK . -4.74 73.98 -24.12
CMD CLA CK . -8.02 72.90 -25.56
CAD CLA CK . -4.50 72.40 -25.84
OBD CLA CK . -4.66 71.58 -26.73
CBD CLA CK . -3.10 72.75 -25.27
CGD CLA CK . -2.32 71.52 -24.85
O1D CLA CK . -1.44 70.95 -25.50
O2D CLA CK . -2.66 71.00 -23.64
CED CLA CK . -1.94 69.85 -23.15
C1 CLA CK . 2.65 71.18 -23.11
C2 CLA CK . 1.84 70.29 -22.23
C3 CLA CK . 2.03 70.16 -20.90
C4 CLA CK . 3.08 70.92 -20.18
C5 CLA CK . 1.16 69.21 -20.13
C6 CLA CK . 1.59 68.87 -18.71
MG CLA DK . -21.49 85.05 -24.62
CHA CLA DK . -24.85 84.31 -24.13
CHB CLA DK . -20.72 81.74 -24.09
CHC CLA DK . -18.41 85.52 -26.01
CHD CLA DK . -22.48 88.22 -25.84
NA CLA DK . -22.61 83.35 -24.16
C1A CLA DK . -23.99 83.25 -24.01
C2A CLA DK . -24.40 81.83 -23.70
C3A CLA DK . -23.06 81.13 -23.49
C4A CLA DK . -22.04 82.13 -23.96
CMA CLA DK . -22.95 80.87 -22.05
CAA CLA DK . -25.07 81.12 -24.86
CBA CLA DK . -24.48 81.27 -26.23
CGA CLA DK . -25.28 82.33 -26.90
O1A CLA DK . -26.42 82.72 -26.67
O2A CLA DK . -24.54 82.98 -27.82
NB CLA DK . -19.89 83.86 -24.97
C1B CLA DK . -19.72 82.60 -24.53
C2B CLA DK . -18.29 82.20 -24.62
C3B CLA DK . -17.63 83.28 -25.16
C4B CLA DK . -18.64 84.33 -25.39
CMB CLA DK . -17.86 80.84 -24.25
CAB CLA DK . -16.24 83.53 -25.53
CBB CLA DK . -15.14 83.11 -24.90
NC CLA DK . -20.62 86.57 -25.76
C1C CLA DK . -19.35 86.55 -26.25
C2C CLA DK . -19.10 87.79 -27.00
C3C CLA DK . -20.24 88.57 -26.89
C4C CLA DK . -21.18 87.80 -26.09
CMC CLA DK . -17.90 88.17 -27.74
CAC CLA DK . -20.46 89.91 -27.44
CBC CLA DK . -21.23 90.00 -28.73
ND CLA DK . -23.20 86.04 -25.00
C1D CLA DK . -23.44 87.39 -25.37
C2D CLA DK . -24.84 87.75 -25.09
C3D CLA DK . -25.44 86.60 -24.63
C4D CLA DK . -24.38 85.57 -24.58
CMD CLA DK . -25.38 89.08 -25.31
CAD CLA DK . -26.65 86.00 -24.13
OBD CLA DK . -27.74 86.52 -23.96
CBD CLA DK . -26.32 84.50 -23.84
CGD CLA DK . -26.70 84.12 -22.44
O1D CLA DK . -27.05 83.01 -22.01
O2D CLA DK . -26.67 85.14 -21.56
CED CLA DK . -27.88 85.31 -20.87
C1 CLA DK . -24.60 84.41 -27.85
C2 CLA DK . -23.30 84.87 -28.39
C3 CLA DK . -23.20 85.98 -29.13
C4 CLA DK . -24.38 86.84 -29.45
C5 CLA DK . -21.90 86.46 -29.68
C6 CLA DK . -20.85 85.39 -29.85
C7 CLA DK . -19.85 85.81 -30.92
C8 CLA DK . -18.58 84.97 -30.87
C9 CLA DK . -17.97 84.87 -29.50
C10 CLA DK . -17.52 85.52 -31.78
C11 CLA DK . -16.87 84.39 -32.52
C12 CLA DK . -16.96 84.84 -33.95
C13 CLA DK . -15.54 84.96 -34.47
C14 CLA DK . -15.47 86.06 -35.51
C15 CLA DK . -15.11 83.65 -35.10
C16 CLA DK . -13.86 83.16 -34.39
C17 CLA DK . -13.13 82.01 -35.06
C18 CLA DK . -12.69 82.36 -36.49
C19 CLA DK . -11.84 83.62 -36.56
C20 CLA DK . -11.87 81.27 -37.16
MG CLA EK . -29.44 76.83 -33.24
CHA CLA EK . -31.25 76.54 -30.26
CHB CLA EK . -31.72 74.92 -34.83
CHC CLA EK . -27.25 76.32 -35.87
CHD CLA EK . -26.76 78.23 -31.38
NA CLA EK . -31.21 75.88 -32.62
C1A CLA EK . -31.83 75.86 -31.34
C2A CLA EK . -33.11 74.94 -31.47
C3A CLA EK . -33.35 74.81 -33.00
C4A CLA EK . -31.98 75.20 -33.52
CMA CLA EK . -33.72 73.43 -33.51
CAA CLA EK . -34.35 75.27 -30.64
CBA CLA EK . -35.51 74.30 -30.47
CGA CLA EK . -36.13 74.35 -29.09
O1A CLA EK . -36.25 75.29 -28.29
O2A CLA EK . -36.60 73.14 -28.64
NB CLA EK . -29.44 75.73 -34.93
C1B CLA EK . -30.56 75.22 -35.50
C2B CLA EK . -30.43 75.05 -36.96
C3B CLA EK . -29.16 75.44 -37.27
C4B CLA EK . -28.52 75.88 -36.00
CMB CLA EK . -31.50 74.52 -37.80
CAB CLA EK . -28.51 75.46 -38.56
CBB CLA EK . -28.01 74.37 -39.15
NC CLA EK . -27.41 77.23 -33.56
C1C CLA EK . -26.73 76.95 -34.71
C2C CLA EK . -25.34 77.36 -34.63
C3C CLA EK . -25.17 77.89 -33.35
C4C CLA EK . -26.48 77.82 -32.69
CMC CLA EK . -24.44 77.13 -35.77
CAC CLA EK . -23.98 78.46 -32.70
CBC CLA EK . -23.37 79.66 -33.40
ND CLA EK . -29.07 77.39 -31.34
C1D CLA EK . -27.96 78.03 -30.74
C2D CLA EK . -28.30 78.40 -29.36
C3D CLA EK . -29.55 77.89 -29.13
C4D CLA EK . -29.98 77.21 -30.37
CMD CLA EK . -27.41 79.14 -28.47
CAD CLA EK . -30.60 77.71 -28.13
OBD CLA EK . -30.67 78.13 -26.98
CBD CLA EK . -31.67 76.82 -28.81
CGD CLA EK . -31.96 75.52 -28.12
O1D CLA EK . -31.73 74.39 -28.56
O2D CLA EK . -32.61 75.60 -26.92
CED CLA EK . -33.36 74.46 -26.49
C1 CLA EK . -35.81 71.95 -28.84
C2 CLA EK . -35.55 71.40 -27.50
C3 CLA EK . -34.88 70.27 -27.27
C4 CLA EK . -34.66 69.78 -25.88
C5 CLA EK . -34.29 69.45 -28.38
C6 CLA EK . -32.81 69.66 -28.57
C7 CLA EK . -32.50 70.57 -29.75
C8 CLA EK . -32.17 69.91 -31.08
C9 CLA EK . -31.35 68.64 -30.87
C10 CLA EK . -31.42 70.93 -31.93
C11 CLA EK . -30.71 70.33 -33.13
C12 CLA EK . -30.01 71.32 -34.05
C13 CLA EK . -29.01 70.59 -34.95
C14 CLA EK . -28.15 69.57 -34.20
C15 CLA EK . -28.15 71.54 -35.80
C16 CLA EK . -26.94 72.10 -35.05
C17 CLA EK . -25.61 71.77 -35.73
C18 CLA EK . -24.39 72.31 -34.97
C19 CLA EK . -24.62 73.69 -34.42
C20 CLA EK . -23.12 72.25 -35.79
MG CLA FK . -10.17 73.69 -29.64
CHA CLA FK . -6.74 73.70 -29.16
CHB CLA FK . -9.85 70.87 -31.53
CHC CLA FK . -13.51 73.02 -29.17
CHD CLA FK . -10.42 76.35 -27.31
NA CLA FK . -8.55 72.53 -30.26
C1A CLA FK . -7.19 72.67 -29.93
C2A CLA FK . -6.33 71.64 -30.65
C3A CLA FK . -7.33 71.15 -31.72
C4A CLA FK . -8.69 71.49 -31.13
CMA CLA FK . -7.11 72.03 -32.92
CAA CLA FK . -5.70 70.56 -29.76
CBA CLA FK . -6.38 69.21 -29.73
CGA CLA FK . -6.68 68.84 -28.32
O1A CLA FK . -5.96 68.31 -27.48
O2A CLA FK . -7.93 69.23 -27.95
NB CLA FK . -11.44 72.24 -30.26
C1B CLA FK . -11.13 71.16 -31.02
C2B CLA FK . -12.33 70.30 -31.21
C3B CLA FK . -13.37 70.91 -30.53
C4B CLA FK . -12.81 72.15 -29.94
CMB CLA FK . -12.24 69.07 -32.00
CAB CLA FK . -14.76 70.61 -30.28
CBB CLA FK . -15.53 69.61 -30.69
NC CLA FK . -11.70 74.58 -28.52
C1C CLA FK . -13.00 74.19 -28.53
C2C CLA FK . -13.80 75.05 -27.69
C3C CLA FK . -12.92 75.96 -27.11
C4C CLA FK . -11.60 75.68 -27.66
CMC CLA FK . -15.24 74.88 -27.46
CAC CLA FK . -13.22 77.07 -26.19
CBC CLA FK . -13.87 78.28 -26.80
ND CLA FK . -8.93 74.81 -28.50
C1D CLA FK . -9.16 75.94 -27.68
C2D CLA FK . -7.87 76.52 -27.29
C3D CLA FK . -6.91 75.67 -27.80
C4D CLA FK . -7.62 74.64 -28.56
CMD CLA FK . -7.69 77.71 -26.45
CAD CLA FK . -5.49 75.42 -27.94
OBD CLA FK . -4.53 76.02 -27.48
CBD CLA FK . -5.34 74.15 -28.81
CGD CLA FK . -4.57 74.48 -30.05
O1D CLA FK . -5.03 74.63 -31.19
O2D CLA FK . -3.25 74.61 -29.83
CED CLA FK . -2.41 74.79 -30.97
C1 CLA FK . -9.03 68.43 -28.40
C2 CLA FK . -10.17 69.02 -27.67
C3 CLA FK . -11.29 68.38 -27.28
C4 CLA FK . -11.50 66.96 -27.56
C5 CLA FK . -12.39 69.07 -26.54
C6 CLA FK . -12.11 70.55 -26.36
C7 CLA FK . -12.93 71.16 -25.27
C8 CLA FK . -12.09 72.27 -24.67
C9 CLA FK . -11.24 71.77 -23.52
C10 CLA FK . -12.99 73.40 -24.20
C11 CLA FK . -13.92 72.94 -23.12
C12 CLA FK . -15.17 73.78 -23.10
C13 CLA FK . -14.95 75.18 -22.55
C14 CLA FK . -14.24 75.19 -21.20
C15 CLA FK . -16.30 75.86 -22.38
C16 CLA FK . -16.88 76.24 -23.73
C17 CLA FK . -18.30 76.74 -23.60
C18 CLA FK . -19.02 76.81 -24.94
C19 CLA FK . -20.34 77.53 -24.79
C20 CLA FK . -19.26 75.44 -25.50
MG CLA GK . -6.08 88.44 -35.02
CHA CLA GK . -4.93 87.32 -38.10
CHB CLA GK . -4.10 91.19 -35.38
CHC CLA GK . -7.86 90.01 -32.55
CHD CLA GK . -8.76 86.11 -35.32
NA CLA GK . -4.73 89.09 -36.47
C1A CLA GK . -4.38 88.49 -37.69
C2A CLA GK . -3.35 89.32 -38.44
C3A CLA GK . -2.88 90.31 -37.36
C4A CLA GK . -3.99 90.23 -36.33
CMA CLA GK . -1.62 89.81 -36.76
CAA CLA GK . -3.90 90.01 -39.69
CBA CLA GK . -3.90 91.52 -39.67
CGA CLA GK . -5.24 92.03 -39.29
O1A CLA GK . -6.28 91.99 -39.93
O2A CLA GK . -5.29 92.52 -38.02
NB CLA GK . -6.01 90.25 -34.15
C1B CLA GK . -5.10 91.22 -34.41
C2B CLA GK . -5.29 92.38 -33.50
C3B CLA GK . -6.36 92.08 -32.68
C4B CLA GK . -6.82 90.71 -33.09
CMB CLA GK . -4.41 93.55 -33.62
CAB CLA GK . -7.02 92.77 -31.59
CBB CLA GK . -6.49 93.65 -30.73
NC CLA GK . -7.87 88.02 -34.00
C1C CLA GK . -8.33 88.72 -32.93
C2C CLA GK . -9.49 88.08 -32.36
C3C CLA GK . -9.87 87.10 -33.27
C4C CLA GK . -8.84 87.07 -34.30
CMC CLA GK . -10.15 88.49 -31.12
CAC CLA GK . -10.98 86.14 -33.17
CBC CLA GK . -12.30 86.71 -33.59
ND CLA GK . -6.64 86.94 -36.23
C1D CLA GK . -7.73 86.03 -36.22
C2D CLA GK . -7.53 85.07 -37.31
C3D CLA GK . -6.41 85.46 -38.00
C4D CLA GK . -5.97 86.70 -37.36
CMD CLA GK . -8.35 83.92 -37.57
CAD CLA GK . -5.53 85.19 -39.11
OBD CLA GK . -5.45 84.22 -39.83
CBD CLA GK . -4.63 86.43 -39.27
CGD CLA GK . -3.17 86.07 -39.22
O1D CLA GK . -2.36 85.94 -40.14
O2D CLA GK . -2.73 85.87 -37.94
CED CLA GK . -1.33 85.84 -37.66
C1 CLA GK . -6.58 92.67 -37.37
C2 CLA GK . -6.74 94.07 -36.92
C3 CLA GK . -7.63 94.37 -35.96
C4 CLA GK . -8.48 93.36 -35.29
C5 CLA GK . -7.83 95.75 -35.47
C6 CLA GK . -9.19 96.25 -35.85
MG CLA HK . 2.30 98.73 -22.23
CHA CLA HK . 1.83 98.21 -25.62
CHB CLA HK . 4.98 100.74 -22.94
CHC CLA HK . 3.14 98.78 -18.90
CHD CLA HK . -0.11 96.22 -21.58
NA CLA HK . 3.24 99.35 -23.99
C1A CLA HK . 2.89 99.04 -25.32
C2A CLA HK . 3.81 99.72 -26.31
C3A CLA HK . 4.77 100.54 -25.43
C4A CLA HK . 4.32 100.20 -24.02
CMA CLA HK . 6.21 100.15 -25.67
CAA CLA HK . 3.02 100.67 -27.21
CBA CLA HK . 2.14 101.59 -26.39
CGA CLA HK . 1.38 102.52 -27.29
O1A CLA HK . 1.82 103.22 -28.20
O2A CLA HK . 0.05 102.55 -27.02
NB CLA HK . 3.79 99.56 -21.14
C1B CLA HK . 4.67 100.48 -21.60
C2B CLA HK . 5.32 101.20 -20.45
C3B CLA HK . 4.80 100.64 -19.31
C4B CLA HK . 3.84 99.59 -19.74
CMB CLA HK . 6.32 102.23 -20.66
CAB CLA HK . 5.07 100.90 -17.92
CBB CLA HK . 6.20 101.40 -17.42
NC CLA HK . 1.64 97.68 -20.55
C1C CLA HK . 2.12 97.87 -19.29
C2C CLA HK . 1.42 97.01 -18.35
C3C CLA HK . 0.51 96.27 -19.09
C4C CLA HK . 0.64 96.70 -20.49
CMC CLA HK . 1.68 96.97 -16.90
CAC CLA HK . -0.44 95.27 -18.58
CBC CLA HK . -1.62 95.93 -17.91
ND CLA HK . 1.15 97.44 -23.28
C1D CLA HK . 0.11 96.55 -22.89
C2D CLA HK . -0.60 96.09 -24.10
C3D CLA HK . 0.02 96.68 -25.17
C4D CLA HK . 1.11 97.50 -24.61
CMD CLA HK . -1.74 95.17 -24.09
CAD CLA HK . 0.05 96.82 -26.62
OBD CLA HK . -0.65 96.29 -27.47
CBD CLA HK . 1.21 97.83 -26.94
CGD CLA HK . 2.22 97.27 -27.90
O1D CLA HK . 3.24 96.66 -27.63
O2D CLA HK . 1.94 97.52 -29.21
CED CLA HK . 2.95 98.15 -30.00
C1 CLA HK . -0.76 103.27 -27.99
C2 CLA HK . -2.20 103.16 -27.61
C3 CLA HK . -2.74 103.79 -26.56
C4 CLA HK . -1.95 104.66 -25.66
C5 CLA HK . -4.19 103.64 -26.25
C6 CLA HK . -4.45 103.07 -24.87
C7 CLA HK . -4.89 101.64 -24.96
C8 CLA HK . -6.37 101.51 -25.28
C9 CLA HK . -7.19 101.32 -24.02
C10 CLA HK . -6.62 100.35 -26.24
C11 CLA HK . -6.82 100.85 -27.66
C12 CLA HK . -8.22 101.38 -27.88
C13 CLA HK . -9.23 100.25 -27.92
C14 CLA HK . -9.59 99.91 -29.35
C15 CLA HK . -10.49 100.61 -27.14
C16 CLA HK . -10.37 100.20 -25.68
NB KC2 IK . -7.86 96.98 -26.02
ND KC2 IK . -4.02 98.32 -26.04
C1A KC2 IK . -5.00 97.97 -29.18
C1B KC2 IK . -8.62 96.72 -27.09
C1C KC2 IK . -7.10 97.64 -23.14
C1D KC2 IK . -3.20 98.79 -25.06
C2A KC2 IK . -5.51 97.90 -30.57
C2B KC2 IK . -10.04 96.50 -26.72
C2C KC2 IK . -6.69 98.07 -21.80
C2D KC2 IK . -2.02 99.42 -25.68
C3A KC2 IK . -6.86 97.35 -30.39
C3B KC2 IK . -10.06 96.67 -25.26
C3C KC2 IK . -5.29 98.46 -21.92
C3D KC2 IK . -2.22 99.28 -27.14
C4A KC2 IK . -7.02 97.16 -28.91
C4B KC2 IK . -8.65 96.96 -24.94
C4C KC2 IK . -5.02 98.21 -23.37
C4D KC2 IK . -3.45 98.61 -27.30
CAA KC2 IK . -4.86 98.28 -31.86
CAB KC2 IK . -11.07 96.61 -24.18
CAC KC2 IK . -4.42 99.01 -20.80
CAD KC2 IK . -1.61 99.58 -28.47
CBA KC2 IK . -5.37 98.79 -32.97
CBB KC2 IK . -12.30 97.08 -24.34
CBC KC2 IK . -4.11 97.98 -19.75
CBD KC2 IK . -2.62 99.19 -29.45
CED KC2 IK . -4.61 102.36 -30.16
CGA KC2 IK . -4.36 99.30 -33.91
CGD KC2 IK . -3.08 100.45 -30.11
CHA KC2 IK . -3.69 98.46 -28.76
CHB KC2 IK . -8.30 96.62 -28.51
CHC KC2 IK . -8.42 97.15 -23.51
CHD KC2 IK . -3.62 98.58 -23.66
CMA KC2 IK . -7.95 97.02 -31.39
CMB KC2 IK . -11.21 96.20 -27.62
CMC KC2 IK . -7.61 98.07 -20.59
CMD KC2 IK . -0.98 100.00 -24.75
NA KC2 IK . -5.96 97.49 -28.15
NC KC2 IK . -6.19 97.67 -24.12
O1A KC2 IK . -4.70 100.18 -34.73
O1D KC2 IK . -2.55 100.90 -31.11
O2A KC2 IK . -3.16 99.07 -33.61
O2D KC2 IK . -4.20 101.15 -29.54
OBD KC2 IK . -0.44 100.11 -28.45
MG KC2 IK . -5.84 97.34 -26.10
MG CLA JK . -8.27 90.14 -9.42
CHA CLA JK . -9.52 90.84 -6.28
CHB CLA JK . -7.78 93.50 -9.90
CHC CLA JK . -6.16 89.46 -12.06
CHD CLA JK . -8.14 86.72 -8.52
NA CLA JK . -8.65 91.86 -8.29
C1A CLA JK . -9.17 91.95 -6.99
C2A CLA JK . -9.30 93.41 -6.54
C3A CLA JK . -8.95 94.21 -7.81
C4A CLA JK . -8.43 93.13 -8.75
CMA CLA JK . -10.12 94.99 -8.34
CAA CLA JK . -8.37 93.88 -5.43
CBA CLA JK . -6.99 93.28 -5.50
CGA CLA JK . -6.21 93.82 -4.34
O1A CLA JK . -6.22 94.92 -3.81
O2A CLA JK . -5.36 92.91 -3.82
NB CLA JK . -7.20 91.24 -10.72
C1B CLA JK . -7.23 92.60 -10.81
C2B CLA JK . -6.56 93.04 -12.05
C3B CLA JK . -6.09 91.92 -12.67
C4B CLA JK . -6.48 90.75 -11.83
CMB CLA JK . -6.42 94.45 -12.38
CAB CLA JK . -5.31 91.80 -13.87
CBB CLA JK . -5.70 92.14 -15.10
NC CLA JK . -7.34 88.42 -10.16
C1C CLA JK . -6.54 88.36 -11.26
C2C CLA JK . -6.12 86.99 -11.53
C3C CLA JK . -6.65 86.24 -10.48
C4C CLA JK . -7.43 87.13 -9.65
CMC CLA JK . -5.28 86.61 -12.65
CAC CLA JK . -6.54 84.81 -10.23
CBC CLA JK . -7.54 84.05 -11.03
ND CLA JK . -8.71 88.98 -7.83
C1D CLA JK . -8.76 87.58 -7.64
C2D CLA JK . -9.45 87.29 -6.37
C3D CLA JK . -9.71 88.51 -5.79
C4D CLA JK . -9.24 89.52 -6.73
CMD CLA JK . -9.71 85.97 -5.82
CAD CLA JK . -10.23 89.20 -4.63
OBD CLA JK . -10.53 88.78 -3.52
CBD CLA JK . -10.19 90.72 -4.94
CGD CLA JK . -11.54 91.39 -4.90
O1D CLA JK . -12.44 91.33 -5.72
O2D CLA JK . -11.72 92.15 -3.80
CED CLA JK . -13.04 92.16 -3.23
C1 CLA JK . -4.17 93.39 -3.18
C2 CLA JK . -3.17 93.77 -4.20
C3 CLA JK . -1.89 94.04 -3.86
C4 CLA JK . -1.42 93.99 -2.45
C5 CLA JK . -0.94 94.41 -4.95
C6 CLA JK . 0.52 94.41 -4.57
C7 CLA JK . 1.30 94.32 -5.87
C8 CLA JK . 2.65 95.03 -5.80
C9 CLA JK . 2.47 96.43 -6.35
C10 CLA JK . 3.69 94.26 -6.59
C11 CLA JK . 5.03 94.94 -6.47
C12 CLA JK . 6.22 94.02 -6.32
C13 CLA JK . 7.53 94.82 -6.37
C14 CLA JK . 7.57 95.85 -5.27
C15 CLA JK . 7.72 95.46 -7.73
C16 CLA JK . 8.01 94.41 -8.77
C17 CLA JK . 7.77 94.89 -10.18
C18 CLA JK . 6.28 94.89 -10.48
C19 CLA JK . 5.76 93.47 -10.56
C20 CLA JK . 6.01 95.62 -11.79
C03 II0 KK . -11.56 91.84 -38.35
C04 II0 KK . -10.56 95.62 -13.90
C05 II0 KK . -10.93 92.05 -39.86
C06 II0 KK . -11.14 95.35 -12.36
C07 II0 KK . -9.59 91.87 -39.90
C08 II0 KK . -11.83 94.17 -12.31
C09 II0 KK . -10.68 91.11 -37.41
C10 II0 KK . -9.98 94.44 -14.51
C11 II0 KK . -9.17 90.31 -39.38
C12 II0 KK . -10.88 92.84 -12.64
C13 II0 KK . -9.63 90.10 -38.05
C14 II0 KK . -9.93 93.07 -13.70
C15 II0 KK . -11.72 93.27 -37.73
C16 II0 KK . -12.96 91.11 -38.42
C17 II0 KK . -11.72 96.09 -14.81
C18 II0 KK . -9.44 96.71 -13.85
C19 II0 KK . -8.69 89.40 -37.10
C20 II0 KK . -9.23 91.85 -14.32
C21 II0 KK . -11.08 90.95 -35.92
C22 II0 KK . -9.32 94.60 -15.91
C23 II0 KK . -11.37 90.97 -34.75
C24 II0 KK . -8.83 94.71 -16.99
C25 II0 KK . -11.73 91.06 -33.25
C26 II0 KK . -8.26 94.72 -18.41
C27 II0 KK . -13.04 90.36 -32.73
C28 II0 KK . -6.77 94.88 -18.61
C29 II0 KK . -10.94 91.77 -32.43
C30 II0 KK . -9.14 94.54 -19.40
C31 II0 KK . -11.26 91.87 -30.91
C32 II0 KK . -8.81 94.50 -20.92
C33 II0 KK . -10.46 92.57 -30.08
C34 II0 KK . -8.43 93.37 -21.51
C35 II0 KK . -10.80 92.58 -28.59
C36 II0 KK . -8.17 93.40 -23.03
C37 II0 KK . -12.16 92.09 -28.18
C38 II0 KK . -6.77 93.63 -23.63
C39 II0 KK . -9.88 92.97 -27.69
C40 II0 KK . -9.23 93.22 -23.83
C41 II0 KK . -10.15 92.95 -26.17
C42 II0 KK . -9.06 93.22 -25.36
O01 II0 KK . -9.12 92.01 -41.21
O02 II0 KK . -12.42 94.04 -11.02
C03 II0 LK . 5.68 80.78 -16.97
C04 II0 LK . -17.66 83.13 -20.23
C05 II0 LK . 7.26 80.47 -17.31
C06 II0 LK . -19.26 83.49 -19.97
C07 II0 LK . 7.39 79.98 -18.57
C08 II0 LK . -20.13 82.51 -20.30
C09 II0 LK . 4.97 81.48 -18.05
C10 II0 LK . -17.40 81.85 -20.87
C11 II0 LK . 6.97 81.21 -19.67
C12 II0 LK . -19.61 80.97 -19.92
C13 II0 LK . 5.60 81.55 -19.52
C14 II0 LK . -18.36 80.62 -20.55
C15 II0 LK . 4.95 79.41 -16.68
C16 II0 LK . 5.62 81.72 -15.69
C17 II0 LK . -17.16 84.21 -21.20
C18 II0 LK . -16.98 83.21 -18.81
C19 II0 LK . 4.80 82.21 -20.62
C20 II0 LK . -17.71 79.29 -20.14
C21 II0 LK . 3.50 81.95 -17.87
C22 II0 LK . -15.96 81.53 -21.36
C23 II0 LK . 2.35 82.27 -17.74
C24 II0 LK . -14.86 81.22 -21.71
C25 II0 LK . 0.84 82.59 -17.59
C26 II0 LK . -13.49 80.70 -22.22
C27 II0 LK . 0.37 83.77 -16.73
C28 II0 LK . -13.48 79.59 -23.23
C29 II0 LK . -0.05 81.77 -18.23
C30 II0 LK . -12.36 81.25 -21.77
C31 II0 LK . -1.58 82.02 -18.11
C32 II0 LK . -10.98 80.73 -22.24
C33 II0 LK . -2.38 81.91 -19.19
C34 II0 LK . -9.89 80.94 -21.50
C35 II0 LK . -3.87 82.18 -18.98
C36 II0 LK . -8.57 80.39 -22.03
C37 II0 LK . -4.24 83.16 -17.89
C38 II0 LK . -8.58 79.53 -23.30
C39 II0 LK . -4.82 81.61 -19.76
C40 II0 LK . -7.39 80.65 -21.41
C41 II0 LK . -6.30 81.95 -19.44
C42 II0 LK . -7.41 81.54 -20.12
O01 II0 LK . 8.71 79.55 -18.85
O02 II0 LK . -21.30 82.77 -19.53
C03 II0 MK . 1.85 91.91 -21.04
C04 II0 MK . -7.30 83.42 0.55
C05 II0 MK . 2.66 91.12 -22.24
C06 II0 MK . -8.42 84.14 1.57
C07 II0 MK . 4.00 91.35 -22.16
C08 II0 MK . -9.53 83.42 1.90
C09 II0 MK . 2.46 91.69 -19.71
C10 II0 MK . -7.85 82.62 -0.54
C11 II0 MK . 4.66 90.70 -20.74
C12 II0 MK . -10.07 82.36 0.73
C13 II0 MK . 3.75 90.78 -19.64
C14 II0 MK . -9.44 82.48 -0.57
C15 II0 MK . 1.96 93.44 -21.37
C16 II0 MK . 0.32 91.53 -20.99
C17 II0 MK . -6.55 84.62 -0.11
C18 II0 MK . -6.23 82.60 1.39
C19 II0 MK . 4.04 90.18 -18.28
C20 II0 MK . -10.21 83.21 -1.68
C21 II0 MK . 1.57 91.78 -18.41
C22 II0 MK . -7.06 82.48 -1.87
C23 II0 MK . 0.86 91.82 -17.44
C24 II0 MK . -6.44 82.47 -2.89
C25 II0 MK . 0.02 91.71 -16.14
C26 II0 MK . -5.61 82.56 -4.19
C27 II0 MK . -1.12 92.68 -15.94
C28 II0 MK . -4.73 81.42 -4.64
C29 II0 MK . 0.26 90.75 -15.16
C30 II0 MK . -5.69 83.71 -4.87
C31 II0 MK . -0.67 90.72 -13.89
C32 II0 MK . -4.89 83.94 -6.19
C33 II0 MK . -0.92 89.59 -13.22
C34 II0 MK . -4.46 85.18 -6.41
C35 II0 MK . -1.82 89.59 -11.99
C36 II0 MK . -3.66 85.51 -7.67
C37 II0 MK . -2.48 90.88 -11.55
C38 II0 MK . -2.54 84.56 -8.11
C39 II0 MK . -2.02 88.43 -11.34
C40 II0 MK . -3.90 86.66 -8.35
C41 II0 MK . -2.91 88.27 -10.09
C42 II0 MK . -3.05 86.99 -9.60
O01 II0 MK . 4.64 90.73 -23.26
O02 II0 MK . -9.29 82.68 3.10
C10 WVN NK . -18.92 76.41 -15.37
C11 WVN NK . 2.14 86.92 -13.47
C12 WVN NK . -18.17 75.11 -15.06
C13 WVN NK . -16.68 76.92 -16.41
C14 WVN NK . -17.65 74.64 -16.42
C01 WVN NK . 3.83 88.85 -13.31
C02 WVN NK . 3.62 87.32 -13.54
C03 WVN NK . 4.28 89.57 -14.57
C04 WVN NK . 5.52 88.90 -15.11
C05 WVN NK . 4.25 86.79 -14.85
C06 WVN NK . -17.87 77.50 -15.60
C07 WVN NK . 2.66 89.60 -12.72
C08 WVN NK . 4.87 89.11 -12.22
C09 WVN NK . 5.22 87.45 -15.45
C15 WVN NK . -16.94 75.82 -17.12
C16 WVN NK . 4.16 85.29 -15.19
C17 WVN NK . -18.51 78.63 -16.40
C18 WVN NK . -17.47 78.00 -14.21
C19 WVN NK . 1.82 86.05 -12.52
C20 WVN NK . -15.51 77.81 -16.86
C21 WVN NK . -17.07 75.91 -18.64
C22 WVN NK . 0.43 85.50 -12.23
C23 WVN NK . -14.44 77.95 -16.11
C24 WVN NK . 0.20 85.04 -10.80
C25 WVN NK . -13.27 78.82 -16.53
C26 WVN NK . -0.52 85.44 -13.14
C27 WVN NK . -13.25 79.42 -17.93
C28 WVN NK . -12.30 79.07 -15.67
C29 WVN NK . -1.88 84.86 -12.77
C30 WVN NK . -11.10 79.93 -16.04
C31 WVN NK . -2.43 84.02 -13.59
C32 WVN NK . -3.77 83.34 -13.29
C33 WVN NK . -10.23 80.29 -15.12
C34 WVN NK . -9.01 81.13 -15.47
C35 WVN NK . -3.94 82.76 -11.90
C36 WVN NK . -4.72 83.24 -14.20
C37 WVN NK . -8.04 81.25 -14.59
C38 WVN NK . -8.89 81.79 -16.84
C39 WVN NK . -6.03 82.52 -13.90
C40 WVN NK . -6.74 82.02 -14.87
C03 II0 OK . -11.73 79.17 -31.99
C04 II0 OK . -36.01 79.24 -29.39
C05 II0 OK . -10.18 79.07 -32.56
C06 II0 OK . -37.09 79.75 -28.24
C07 II0 OK . -9.84 80.11 -33.38
C08 II0 OK . -37.65 80.99 -28.44
C09 II0 OK . -12.17 80.56 -31.80
C10 II0 OK . -35.65 80.26 -30.35
C11 II0 OK . -9.96 81.61 -32.60
C12 II0 OK . -38.04 81.30 -30.03
C13 II0 OK . -11.04 81.69 -31.69
C14 II0 OK . -36.82 81.23 -30.86
C15 II0 OK . -12.68 78.48 -33.03
C16 II0 OK . -11.83 78.43 -30.61
C17 II0 OK . -34.74 78.89 -28.57
C18 II0 OK . -36.64 77.98 -30.13
C19 II0 OK . -11.40 83.04 -31.09
C20 II0 OK . -36.44 82.44 -31.71
C21 II0 OK . -13.51 80.83 -31.07
C22 II0 OK . -34.22 80.21 -31.02
C23 II0 OK . -14.57 81.01 -30.53
C24 II0 OK . -33.09 80.23 -31.48
C25 II0 OK . -15.96 81.21 -29.89
C26 II0 OK . -31.64 80.34 -32.04
C27 II0 OK . -16.07 81.41 -28.39
C28 II0 OK . -31.30 79.83 -33.44
C29 II0 OK . -17.11 81.16 -30.67
C30 II0 OK . -30.69 80.92 -31.28
C31 II0 OK . -18.48 81.31 -29.95
C32 II0 OK . -29.20 81.08 -31.73
C33 II0 OK . -19.60 81.54 -30.66
C34 II0 OK . -28.40 81.99 -31.15
C35 II0 OK . -20.93 81.69 -29.94
C36 II0 OK . -26.93 82.11 -31.59
C37 II0 OK . -21.03 81.93 -28.45
C38 II0 OK . -26.55 82.12 -33.08
C39 II0 OK . -21.99 81.61 -30.77
C40 II0 OK . -25.95 82.18 -30.65
C41 II0 OK . -23.48 81.63 -30.38
C42 II0 OK . -24.45 82.26 -31.12
O01 II0 OK . -8.50 79.93 -33.76
O02 II0 OK . -38.84 80.94 -27.68
O1 LHG PK . 9.34 98.98 -21.65
C1 LHG PK . 9.42 98.44 -20.32
C2 LHG PK . 8.06 97.92 -19.88
O2 LHG PK . 8.20 96.79 -19.01
C3 LHG PK . 7.25 97.54 -21.11
O3 LHG PK . 5.98 97.09 -20.70
P LHG PK . 5.18 96.07 -21.63
O4 LHG PK . 6.16 95.37 -22.54
O5 LHG PK . 4.00 96.85 -22.19
O6 LHG PK . 4.73 95.06 -20.46
C4 LHG PK . 5.69 94.19 -19.86
C5 LHG PK . 5.64 94.35 -18.34
C6 LHG PK . 4.18 94.44 -17.95
O7 LHG PK . 6.11 93.18 -17.66
C7 LHG PK . 7.08 93.50 -16.63
O9 LHG PK . 7.74 94.51 -16.74
C8 LHG PK . 7.24 92.63 -15.40
C9 LHG PK . 8.27 93.26 -14.48
C10 LHG PK . 9.11 92.26 -13.67
O8 LHG PK . 4.14 94.86 -16.60
C23 LHG PK . 3.75 93.94 -15.54
O10 LHG PK . 3.67 92.74 -15.75
C24 LHG PK . 3.34 94.54 -14.23
C11 LHG PK . 8.31 91.08 -13.16
C12 LHG PK . 8.61 90.64 -11.71
C13 LHG PK . 9.81 91.30 -11.03
C25 LHG PK . 3.09 93.46 -13.18
C26 LHG PK . 1.72 93.54 -12.50
C27 LHG PK . 0.92 94.82 -12.73
C28 LHG PK . -0.57 94.59 -12.60
C29 LHG PK . -1.33 95.55 -13.51
C30 LHG PK . -2.80 95.16 -13.61
MG CLA QK . -28.30 55.55 -52.30
CHA CLA QK . -25.28 56.13 -53.95
CHB CLA QK . -27.19 52.44 -51.48
CHC CLA QK . -30.84 55.24 -50.03
CHD CLA QK . -29.06 59.01 -52.62
NA CLA QK . -26.54 54.49 -52.67
C1A CLA QK . -25.38 54.90 -53.38
C2A CLA QK . -24.33 53.79 -53.41
C3A CLA QK . -25.11 52.56 -52.85
C4A CLA QK . -26.36 53.20 -52.27
CMA CLA QK . -25.45 51.60 -53.94
CAA CLA QK . -23.09 54.11 -52.57
CBA CLA QK . -22.91 53.34 -51.27
CGA CLA QK . -23.73 53.97 -50.20
O1A CLA QK . -23.88 55.18 -49.98
O2A CLA QK . -24.35 53.05 -49.40
NB CLA QK . -28.86 54.14 -50.97
C1B CLA QK . -28.37 52.89 -50.90
C2B CLA QK . -29.30 52.00 -50.15
C3B CLA QK . -30.35 52.79 -49.73
C4B CLA QK . -30.07 54.15 -50.25
CMB CLA QK . -28.99 50.59 -49.93
CAB CLA QK . -31.53 52.54 -48.94
CBB CLA QK . -31.63 51.81 -47.83
NC CLA QK . -29.72 56.88 -51.51
C1C CLA QK . -30.68 56.52 -50.62
C2C CLA QK . -31.54 57.66 -50.31
C3C CLA QK . -31.01 58.75 -51.00
C4C CLA QK . -29.87 58.24 -51.77
CMC CLA QK . -32.68 57.61 -49.39
CAC CLA QK . -31.53 60.13 -51.05
CBC CLA QK . -31.17 61.00 -49.87
ND CLA QK . -27.46 57.21 -53.12
C1D CLA QK . -27.91 58.55 -53.23
C2D CLA QK . -26.99 59.27 -54.13
C3D CLA QK . -25.99 58.38 -54.47
C4D CLA QK . -26.31 57.12 -53.78
CMD CLA QK . -27.14 60.66 -54.56
CAD CLA QK . -24.78 58.17 -55.22
OBD CLA QK . -24.21 58.90 -56.03
CBD CLA QK . -24.25 56.77 -54.85
CGD CLA QK . -24.01 55.98 -56.09
O1D CLA QK . -22.94 55.73 -56.66
O2D CLA QK . -25.16 55.48 -56.63
CED CLA QK . -25.10 54.24 -57.34
C1 CLA QK . -25.26 53.60 -48.43
C2 CLA QK . -26.11 52.54 -47.83
C3 CLA QK . -27.11 52.83 -46.98
C4 CLA QK . -27.48 54.21 -46.56
C5 CLA QK . -27.93 51.75 -46.39
MG CLA RK . -33.90 48.19 -45.25
CHA CLA RK . -31.55 45.65 -45.69
CHB CLA RK . -31.33 50.36 -44.66
CHC CLA RK . -36.08 50.45 -43.82
CHD CLA RK . -36.41 45.69 -45.02
NA CLA RK . -31.82 48.03 -45.28
C1A CLA RK . -31.02 46.90 -45.52
C2A CLA RK . -29.54 47.28 -45.50
C3A CLA RK . -29.53 48.79 -45.20
C4A CLA RK . -30.99 49.10 -45.07
CMA CLA RK . -28.85 49.09 -43.88
CAA CLA RK . -28.95 47.20 -46.90
CBA CLA RK . -27.49 47.55 -46.95
CGA CLA RK . -26.71 46.32 -46.62
O1A CLA RK . -26.95 45.17 -46.96
O2A CLA RK . -25.60 46.55 -45.84
NB CLA RK . -33.74 50.04 -44.47
C1B CLA RK . -32.61 50.77 -44.37
C2B CLA RK . -32.86 52.10 -43.77
C3B CLA RK . -34.22 52.15 -43.50
C4B CLA RK . -34.79 50.84 -43.96
CMB CLA RK . -31.75 53.03 -43.54
CAB CLA RK . -35.06 53.17 -42.91
CBB CLA RK . -34.78 54.08 -41.97
NC CLA RK . -35.90 48.09 -44.63
C1C CLA RK . -36.60 49.15 -44.14
C2C CLA RK . -37.97 48.76 -43.87
C3C CLA RK . -38.07 47.40 -44.12
C4C CLA RK . -36.76 46.99 -44.64
CMC CLA RK . -38.98 49.66 -43.31
CAC CLA RK . -39.28 46.57 -43.97
CBC CLA RK . -39.23 45.65 -42.77
ND CLA RK . -34.04 46.17 -45.37
C1D CLA RK . -35.14 45.29 -45.36
C2D CLA RK . -34.69 43.93 -45.64
C3D CLA RK . -33.32 44.01 -45.71
C4D CLA RK . -32.96 45.43 -45.54
CMD CLA RK . -35.56 42.76 -45.72
CAD CLA RK . -32.10 43.27 -45.85
OBD CLA RK . -31.94 42.07 -45.84
CBD CLA RK . -30.92 44.28 -45.90
CGD CLA RK . -29.88 43.91 -44.88
O1D CLA RK . -28.69 43.71 -45.07
O2D CLA RK . -30.34 43.81 -43.60
CED CLA RK . -29.46 43.30 -42.58
C1 CLA RK . -25.23 45.52 -44.91
C2 CLA RK . -26.05 45.61 -43.66
C3 CLA RK . -25.62 46.24 -42.54
C4 CLA RK . -24.30 46.90 -42.45
C5 CLA RK . -26.48 46.31 -41.31
C6 CLA RK . -25.78 45.85 -40.04
MG CLA SK . -52.28 49.93 -50.71
CHA CLA SK . -55.47 49.04 -49.70
CHB CLA SK . -51.03 47.60 -48.49
CHC CLA SK . -49.27 49.73 -52.40
CHD CLA SK . -53.74 51.28 -53.68
NA CLA SK . -53.12 48.62 -49.30
C1A CLA SK . -54.47 48.39 -49.02
C2A CLA SK . -54.65 47.31 -47.93
C3A CLA SK . -53.20 47.06 -47.47
C4A CLA SK . -52.38 47.81 -48.49
CMA CLA SK . -52.84 47.61 -46.12
CAA CLA SK . -55.29 46.02 -48.46
CBA CLA SK . -54.63 45.42 -49.70
CGA CLA SK . -55.20 45.88 -51.01
O1A CLA SK . -56.32 45.78 -51.48
O2A CLA SK . -54.28 46.53 -51.78
NB CLA SK . -50.55 48.90 -50.50
C1B CLA SK . -50.18 48.19 -49.41
C2B CLA SK . -48.72 48.03 -49.30
C3B CLA SK . -48.18 48.64 -50.41
C4B CLA SK . -49.34 49.17 -51.18
CMB CLA SK . -48.17 47.21 -48.22
CAB CLA SK . -46.84 48.78 -50.94
CBB CLA SK . -45.67 48.66 -50.31
NC CLA SK . -51.64 50.45 -52.62
C1C CLA SK . -50.36 50.30 -53.07
C2C CLA SK . -50.25 50.78 -54.43
C3C CLA SK . -51.52 51.18 -54.83
C4C CLA SK . -52.38 50.98 -53.68
CMC CLA SK . -49.00 50.73 -55.17
CAC CLA SK . -51.97 51.72 -56.12
CBC CLA SK . -51.51 53.12 -56.33
ND CLA SK . -54.10 50.23 -51.50
C1D CLA SK . -54.56 50.93 -52.65
C2D CLA SK . -56.01 51.16 -52.54
C3D CLA SK . -56.41 50.47 -51.43
C4D CLA SK . -55.20 49.85 -50.85
CMD CLA SK . -56.75 51.94 -53.51
CAD CLA SK . -57.52 50.12 -50.56
OBD CLA SK . -58.68 50.49 -50.57
CBD CLA SK . -56.96 49.09 -49.53
CGD CLA SK . -57.31 49.48 -48.14
O1D CLA SK . -57.59 48.74 -47.19
O2D CLA SK . -57.27 50.83 -47.97
CED CLA SK . -58.07 51.42 -46.94
C1 CLA SK . -54.72 46.93 -53.09
C2 CLA SK . -53.51 47.40 -53.79
C3 CLA SK . -53.40 47.37 -55.12
C4 CLA SK . -54.44 46.86 -56.03
C5 CLA SK . -52.14 47.84 -55.75
C6 CLA SK . -51.36 46.73 -56.42
C7 CLA SK . -50.30 47.36 -57.29
C8 CLA SK . -49.28 46.37 -57.79
C9 CLA SK . -48.27 46.03 -56.71
C10 CLA SK . -48.58 46.95 -59.02
C11 CLA SK . -47.72 45.90 -59.67
C12 CLA SK . -47.36 46.29 -61.10
C13 CLA SK . -46.39 45.37 -61.84
C14 CLA SK . -47.00 44.96 -63.16
C15 CLA SK . -45.90 44.16 -61.04
C16 CLA SK . -44.44 43.85 -61.28
C17 CLA SK . -44.13 42.43 -60.85
C18 CLA SK . -42.62 42.20 -60.81
C19 CLA SK . -42.03 42.58 -59.47
C20 CLA SK . -42.33 40.75 -61.11
MG CLA TK . -64.02 44.70 -50.47
CHA CLA TK . -67.18 43.45 -49.62
CHB CLA TK . -64.94 44.65 -53.77
CHC CLA TK . -60.72 44.65 -51.43
CHD CLA TK . -62.96 43.68 -47.23
NA CLA TK . -65.81 44.29 -51.48
C1A CLA TK . -67.02 43.77 -50.98
C2A CLA TK . -68.03 43.65 -52.13
C3A CLA TK . -67.37 44.42 -53.29
C4A CLA TK . -65.92 44.48 -52.84
CMA CLA TK . -67.52 43.73 -54.62
CAA CLA TK . -69.40 44.31 -51.92
CBA CLA TK . -69.33 45.81 -51.82
CGA CLA TK . -69.69 46.31 -50.46
O1A CLA TK . -70.11 45.70 -49.48
O2A CLA TK . -69.55 47.67 -50.34
NB CLA TK . -63.04 44.67 -52.23
C1B CLA TK . -63.58 44.71 -53.46
C2B CLA TK . -62.54 44.84 -54.50
C3B CLA TK . -61.33 44.85 -53.84
C4B CLA TK . -61.64 44.75 -52.40
CMB CLA TK . -62.88 44.89 -55.92
CAB CLA TK . -59.96 44.88 -54.30
CBB CLA TK . -59.49 44.10 -55.28
NC CLA TK . -62.21 44.39 -49.47
C1C CLA TK . -60.99 44.51 -50.06
C2C CLA TK . -59.92 44.28 -49.13
C3C CLA TK . -60.52 43.91 -47.92
C4C CLA TK . -61.97 43.97 -48.18
CMC CLA TK . -58.53 44.44 -49.57
CAC CLA TK . -59.95 43.53 -46.63
CBC CLA TK . -59.04 42.34 -46.70
ND CLA TK . -64.85 44.03 -48.73
C1D CLA TK . -64.31 43.73 -47.44
C2D CLA TK . -65.40 43.39 -46.50
C3D CLA TK . -66.51 43.22 -47.29
C4D CLA TK . -66.11 43.58 -48.68
CMD CLA TK . -65.34 43.16 -45.07
CAD CLA TK . -67.91 42.89 -47.29
OBD CLA TK . -68.67 42.58 -46.37
CBD CLA TK . -68.33 42.92 -48.78
CGD CLA TK . -68.84 41.60 -49.31
O1D CLA TK . -68.22 40.73 -49.92
O2D CLA TK . -70.17 41.42 -49.07
CED CLA TK . -70.89 40.46 -49.82
MG CLA UK . -54.86 36.36 -53.35
CHA CLA UK . -57.37 37.40 -51.20
CHB CLA UK . -56.58 33.42 -53.82
CHC CLA UK . -52.99 35.76 -56.13
CHD CLA UK . -53.41 39.56 -53.06
NA CLA UK . -56.63 35.56 -52.61
C1A CLA UK . -57.52 36.16 -51.73
C2A CLA UK . -58.64 35.20 -51.43
C3A CLA UK . -58.11 33.83 -51.88
C4A CLA UK . -57.05 34.28 -52.88
CMA CLA UK . -57.49 33.14 -50.70
CAA CLA UK . -59.79 35.57 -52.31
CBA CLA UK . -61.01 35.30 -51.50
CGA CLA UK . -62.12 34.81 -52.35
O1A CLA UK . -63.07 34.09 -52.02
O2A CLA UK . -61.99 35.23 -53.64
NB CLA UK . -54.81 34.89 -54.71
C1B CLA UK . -55.56 33.76 -54.73
C2B CLA UK . -55.11 32.86 -55.83
C3B CLA UK . -54.10 33.52 -56.48
C4B CLA UK . -53.89 34.81 -55.77
CMB CLA UK . -55.72 31.57 -56.11
CAB CLA UK . -53.32 33.13 -57.61
CBB CLA UK . -53.69 33.28 -58.88
NC CLA UK . -53.45 37.47 -54.39
C1C CLA UK . -52.77 37.01 -55.49
C2C CLA UK . -51.81 38.01 -55.92
C3C CLA UK . -51.95 39.09 -55.07
C4C CLA UK . -52.96 38.74 -54.09
CMC CLA UK . -50.92 37.87 -57.07
CAC CLA UK . -51.16 40.33 -55.11
CBC CLA UK . -50.03 40.36 -54.11
ND CLA UK . -55.26 38.11 -52.42
C1D CLA UK . -54.49 39.27 -52.28
C2D CLA UK . -55.07 40.11 -51.24
C3D CLA UK . -56.25 39.50 -50.84
C4D CLA UK . -56.28 38.24 -51.58
CMD CLA UK . -54.47 41.37 -50.89
CAD CLA UK . -57.41 39.53 -49.98
OBD CLA UK . -57.83 40.43 -49.27
CBD CLA UK . -58.12 38.15 -50.13
CGD CLA UK . -57.99 37.37 -48.86
O1D CLA UK . -56.94 36.91 -48.41
O2D CLA UK . -59.13 37.11 -48.17
CED CLA UK . -59.48 35.71 -48.09
C1 CLA UK . -62.95 36.20 -54.06
C2 CLA UK . -62.22 37.26 -54.78
C3 CLA UK . -62.45 37.53 -56.06
C4 CLA UK . -63.46 36.83 -56.88
C5 CLA UK . -61.69 38.62 -56.75
C6 CLA UK . -62.29 39.98 -56.46
MG CLA VK . -46.58 43.38 -39.92
CHA CLA VK . -46.92 40.60 -37.82
CHB CLA VK . -44.66 44.79 -37.42
CHC CLA VK . -44.97 45.34 -42.24
CHD CLA VK . -47.59 41.26 -42.63
NA CLA VK . -46.04 42.85 -37.96
C1A CLA VK . -46.23 41.63 -37.27
C2A CLA VK . -45.70 41.70 -35.82
C3A CLA VK . -45.47 43.21 -35.65
C4A CLA VK . -45.37 43.67 -37.10
CMA CLA VK . -46.64 43.83 -34.93
CAA CLA VK . -44.51 40.82 -35.38
CBA CLA VK . -43.62 40.25 -36.47
CGA CLA VK . -42.42 41.13 -36.74
O1A CLA VK . -41.61 41.54 -35.91
O2A CLA VK . -42.25 41.59 -38.03
NB CLA VK . -45.22 44.86 -39.83
C1B CLA VK . -44.50 45.25 -38.74
C2B CLA VK . -43.47 46.23 -39.10
C3B CLA VK . -43.54 46.42 -40.46
C4B CLA VK . -44.66 45.53 -40.93
CMB CLA VK . -42.54 46.78 -38.12
CAB CLA VK . -42.69 47.22 -41.31
CBB CLA VK . -43.02 48.14 -42.21
NC CLA VK . -46.47 43.39 -42.02
C1C CLA VK . -45.82 44.35 -42.74
C2C CLA VK . -45.95 44.14 -44.17
C3C CLA VK . -46.58 42.91 -44.30
C4C CLA VK . -46.92 42.44 -42.95
CMC CLA VK . -45.38 45.00 -45.20
CAC CLA VK . -46.88 42.29 -45.59
CBC CLA VK . -48.17 42.77 -46.20
ND CLA VK . -47.26 41.49 -40.20
C1D CLA VK . -47.73 40.79 -41.34
C2D CLA VK . -48.37 39.53 -40.91
C3D CLA VK . -48.12 39.43 -39.56
C4D CLA VK . -47.36 40.63 -39.18
CMD CLA VK . -49.06 38.61 -41.80
CAD CLA VK . -48.30 38.64 -38.34
OBD CLA VK . -49.00 37.66 -38.16
CBD CLA VK . -47.43 39.29 -37.24
CGD CLA VK . -48.19 39.49 -35.96
O1D CLA VK . -48.79 40.51 -35.62
O2D CLA VK . -48.17 38.42 -35.12
CED CLA VK . -46.94 38.04 -34.50
C1 CLA VK . -42.97 40.95 -39.13
C2 CLA VK . -42.65 41.50 -40.46
C3 CLA VK . -43.18 40.93 -41.57
C4 CLA VK . -44.09 39.76 -41.53
C5 CLA VK . -42.88 41.46 -42.93
C6 CLA VK . -41.62 42.30 -43.00
MG CLA WK . -36.37 39.94 -49.40
CHA CLA WK . -33.39 41.78 -49.33
CHB CLA WK . -34.56 37.08 -49.22
CHC CLA WK . -39.13 38.27 -48.17
CHD CLA WK . -38.03 43.00 -48.64
NA CLA WK . -34.33 39.51 -49.39
C1A CLA WK . -33.24 40.41 -49.33
C2A CLA WK . -31.94 39.63 -49.32
C3A CLA WK . -32.38 38.24 -49.80
C4A CLA WK . -33.86 38.25 -49.43
CMA CLA WK . -32.22 38.15 -51.29
CAA CLA WK . -31.27 39.71 -47.94
CBA CLA WK . -31.45 38.66 -46.85
CGA CLA WK . -30.81 39.11 -45.56
O1A CLA WK . -29.92 39.97 -45.43
O2A CLA WK . -31.10 38.38 -44.42
NB CLA WK . -36.75 38.07 -48.78
C1B CLA WK . -35.91 37.01 -48.89
C2B CLA WK . -36.63 35.74 -48.59
C3B CLA WK . -37.93 36.08 -48.29
C4B CLA WK . -38.01 37.55 -48.42
CMB CLA WK . -36.01 34.42 -48.59
CAB CLA WK . -39.05 35.27 -47.90
CBB CLA WK . -39.24 34.73 -46.70
NC CLA WK . -38.26 40.53 -48.71
C1C CLA WK . -39.24 39.67 -48.33
C2C CLA WK . -40.43 40.40 -47.94
C3C CLA WK . -40.10 41.75 -47.96
C4C CLA WK . -38.73 41.81 -48.45
CMC CLA WK . -41.66 39.78 -47.51
CAC CLA WK . -40.95 42.89 -47.62
CBC CLA WK . -41.71 43.43 -48.79
ND CLA WK . -35.95 41.93 -49.33
C1D CLA WK . -36.74 43.08 -49.05
C2D CLA WK . -35.93 44.29 -49.25
C3D CLA WK . -34.65 43.83 -49.40
C4D CLA WK . -34.69 42.37 -49.34
CMD CLA WK . -36.44 45.66 -49.24
CAD CLA WK . -33.29 44.21 -49.65
OBD CLA WK . -32.82 45.27 -50.05
CBD CLA WK . -32.43 42.96 -49.35
CGD CLA WK . -31.34 42.99 -50.35
O1D CLA WK . -30.16 43.31 -50.18
O2D CLA WK . -31.75 42.64 -51.58
CED CLA WK . -30.86 41.73 -52.19
C1 CLA WK . -30.73 39.00 -43.17
C2 CLA WK . -31.50 38.56 -41.98
C3 CLA WK . -32.63 39.14 -41.56
C4 CLA WK . -33.35 38.72 -40.34
C5 CLA WK . -33.28 40.21 -42.36
C6 CLA WK . -33.82 41.35 -41.55
C7 CLA WK . -33.05 42.65 -41.75
C8 CLA WK . -33.72 43.82 -41.05
C9 CLA WK . -35.21 43.87 -41.39
C10 CLA WK . -32.92 45.12 -41.28
C11 CLA WK . -33.80 46.34 -41.46
C12 CLA WK . -33.85 47.19 -40.22
C13 CLA WK . -34.53 48.53 -40.54
C14 CLA WK . -33.79 49.68 -39.88
C15 CLA WK . -36.03 48.52 -40.16
C16 CLA WK . -36.47 47.52 -39.09
C17 CLA WK . -37.84 46.91 -39.34
C18 CLA WK . -38.11 45.74 -38.38
C19 CLA WK . -38.48 46.20 -36.99
C20 CLA WK . -39.19 44.83 -38.92
MG CLA XK . -38.99 49.72 -62.34
CHA CLA XK . -37.48 47.54 -64.48
CHB CLA XK . -38.21 52.26 -64.55
CHC CLA XK . -41.22 51.76 -60.80
CHD CLA XK . -40.41 46.92 -60.62
NA CLA XK . -37.94 49.86 -64.14
C1A CLA XK . -37.39 48.83 -64.89
C2A CLA XK . -36.66 49.38 -66.14
C3A CLA XK . -36.66 50.90 -65.92
C4A CLA XK . -37.66 51.04 -64.78
CMA CLA XK . -35.26 51.39 -65.60
CAA CLA XK . -37.30 49.02 -67.46
CBA CLA XK . -38.82 49.03 -67.40
CGA CLA XK . -39.36 50.35 -67.82
O1A CLA XK . -38.86 51.15 -68.60
O2A CLA XK . -40.57 50.60 -67.28
NB CLA XK . -39.56 51.65 -62.60
C1B CLA XK . -39.13 52.50 -63.55
C2B CLA XK . -39.73 53.84 -63.40
C3B CLA XK . -40.59 53.75 -62.33
C4B CLA XK . -40.53 52.33 -61.83
CMB CLA XK . -39.39 54.91 -64.34
CAB CLA XK . -41.51 54.73 -61.81
CBB CLA XK . -41.34 56.04 -61.58
NC CLA XK . -40.43 49.40 -60.89
C1C CLA XK . -41.13 50.41 -60.33
C2C CLA XK . -41.92 49.87 -59.24
C3C CLA XK . -41.85 48.49 -59.29
C4C CLA XK . -40.90 48.20 -60.34
CMC CLA XK . -42.68 50.65 -58.32
CAC CLA XK . -42.45 47.54 -58.33
CBC CLA XK . -43.71 46.86 -58.81
ND CLA XK . -38.93 47.72 -62.39
C1D CLA XK . -39.47 46.69 -61.57
C2D CLA XK . -38.90 45.39 -61.97
C3D CLA XK . -38.14 45.66 -63.09
C4D CLA XK . -38.22 47.12 -63.33
CMD CLA XK . -39.15 44.11 -61.32
CAD CLA XK . -37.30 45.14 -64.13
OBD CLA XK . -36.96 44.03 -64.40
CBD CLA XK . -36.88 46.31 -65.05
CGD CLA XK . -35.39 46.50 -65.13
O1D CLA XK . -34.68 47.11 -64.31
O2D CLA XK . -34.76 45.96 -66.21
CED CLA XK . -35.39 45.81 -67.49
C1 CLA XK . -40.82 51.97 -66.97
C2 CLA XK . -41.70 51.99 -65.79
C3 CLA XK . -42.51 53.02 -65.53
C4 CLA XK . -42.57 54.22 -66.39
C5 CLA XK . -43.39 53.05 -64.34
C6 CLA XK . -44.83 53.33 -64.66
C7 CLA XK . -45.46 54.22 -63.61
C8 CLA XK . -46.86 54.58 -64.09
C9 CLA XK . -46.76 55.63 -65.17
C10 CLA XK . -47.82 55.03 -63.00
C11 CLA XK . -47.76 54.16 -61.76
C12 CLA XK . -49.17 53.84 -61.33
C13 CLA XK . -49.17 53.38 -59.88
C14 CLA XK . -50.15 52.24 -59.67
C15 CLA XK . -49.42 54.55 -58.95
C16 CLA XK . -50.34 55.67 -59.45
C17 CLA XK . -50.10 56.98 -58.73
C18 CLA XK . -50.93 57.11 -57.46
C19 CLA XK . -50.39 58.28 -56.67
C20 CLA XK . -52.31 57.47 -57.95
MG CLA YK . -34.34 67.18 -59.30
CHA CLA YK . -35.31 64.79 -61.73
CHB CLA YK . -32.98 69.07 -61.83
CHC CLA YK . -34.37 69.98 -57.28
CHD CLA YK . -36.47 65.57 -56.97
NA CLA YK . -34.15 66.94 -61.38
C1A CLA YK . -34.63 65.89 -62.21
C2A CLA YK . -34.22 66.17 -63.67
C3A CLA YK . -33.27 67.36 -63.60
C4A CLA YK . -33.49 67.85 -62.17
CMA CLA YK . -31.86 66.92 -63.86
CAA CLA YK . -35.42 66.32 -64.60
CBA CLA YK . -35.87 67.73 -64.84
CGA CLA YK . -37.10 67.94 -64.02
O1A CLA YK . -38.28 67.86 -64.37
O2A CLA YK . -36.79 68.29 -62.74
NB CLA YK . -33.80 69.12 -59.52
C1B CLA YK . -33.14 69.66 -60.57
C2B CLA YK . -32.60 71.01 -60.23
C3B CLA YK . -33.01 71.26 -58.95
C4B CLA YK . -33.76 70.08 -58.48
CMB CLA YK . -31.88 71.86 -61.18
CAB CLA YK . -32.83 72.42 -58.11
CBB CLA YK . -31.87 72.53 -57.18
NC CLA YK . -35.20 67.64 -57.45
C1C CLA YK . -35.07 68.85 -56.81
C2C CLA YK . -35.78 68.86 -55.55
C3C CLA YK . -36.36 67.62 -55.43
C4C CLA YK . -36.01 66.85 -56.63
CMC CLA YK . -35.84 70.01 -54.63
CAC CLA YK . -37.15 67.20 -54.25
CBC CLA YK . -36.19 66.56 -53.29
ND CLA YK . -35.56 65.58 -59.28
C1D CLA YK . -36.29 64.99 -58.22
C2D CLA YK . -36.75 63.68 -58.72
C3D CLA YK . -36.38 63.55 -60.01
C4D CLA YK . -35.67 64.78 -60.35
CMD CLA YK . -37.50 62.68 -58.04
CAD CLA YK . -36.43 62.65 -61.14
OBD CLA YK . -36.88 61.50 -61.19
CBD CLA YK . -35.81 63.45 -62.33
CGD CLA YK . -34.81 62.59 -63.08
O1D CLA YK . -34.56 61.40 -62.93
O2D CLA YK . -34.05 63.19 -64.03
CED CLA YK . -33.96 62.75 -65.39
C1 CLA YK . -37.31 69.57 -62.29
C2 CLA YK . -37.83 69.44 -60.89
C3 CLA YK . -37.88 70.45 -60.01
C4 CLA YK . -37.41 71.81 -60.37
C5 CLA YK . -38.38 70.29 -58.61
C6 CLA YK . -38.89 68.90 -58.24
NB KC2 ZK . -44.02 60.83 -59.31
ND KC2 ZK . -41.09 63.17 -60.89
C1A KC2 ZK . -41.80 60.81 -63.08
C1B KC2 ZK . -44.56 59.74 -59.87
C1C KC2 ZK . -43.62 63.21 -57.43
C1D KC2 ZK . -40.51 64.33 -60.48
C2A KC2 ZK . -42.17 59.77 -64.08
C2B KC2 ZK . -45.74 59.26 -59.12
C2C KC2 ZK . -43.42 64.40 -56.60
C2D KC2 ZK . -39.67 64.84 -61.57
C3A KC2 ZK . -43.17 58.98 -63.32
C3B KC2 ZK . -45.85 60.20 -57.99
C3C KC2 ZK . -42.28 65.12 -57.22
C3D KC2 ZK . -39.79 63.86 -62.67
C4A KC2 ZK . -43.27 59.62 -61.98
C4B KC2 ZK . -44.73 61.13 -58.21
C4C KC2 ZK . -41.96 64.23 -58.38
C4D KC2 ZK . -40.67 62.87 -62.20
CAA KC2 ZK . -41.71 59.55 -65.48
CAB KC2 ZK . -46.76 60.36 -56.83
CAC KC2 ZK . -41.70 66.43 -56.75
CAD KC2 ZK . -39.34 63.56 -64.07
CBA KC2 ZK . -41.47 58.43 -66.13
CBB KC2 ZK . -46.89 59.39 -55.95
CBC KC2 ZK . -40.74 66.27 -55.60
CBD KC2 ZK . -40.26 62.50 -64.50
CED KC2 ZK . -42.98 64.62 -64.46
CGA KC2 ZK . -41.42 58.58 -67.60
CGD KC2 ZK . -41.29 63.07 -65.42
CHA KC2 ZK . -40.83 61.88 -63.29
CHB KC2 ZK . -44.21 58.99 -61.07
CHC KC2 ZK . -44.64 62.18 -57.19
CHD KC2 ZK . -40.83 64.82 -59.12
CMA KC2 ZK . -43.97 57.76 -63.74
CMB KC2 ZK . -46.62 58.08 -59.43
CMC KC2 ZK . -44.23 64.76 -55.37
CMD KC2 ZK . -38.93 66.13 -61.32
NA KC2 ZK . -42.49 60.69 -61.78
NC KC2 ZK . -42.83 63.01 -58.47
O1A KC2 ZK . -41.34 59.73 -68.09
O1D KC2 ZK . -41.19 62.93 -66.62
O2A KC2 ZK . -41.33 57.52 -68.27
O2D KC2 ZK . -42.61 63.31 -64.88
OBD KC2 ZK . -38.59 64.45 -64.62
MG KC2 ZK . -42.37 61.81 -60.05
NB KC2 AL . -39.69 64.83 -42.35
ND KC2 AL . -42.05 68.07 -42.88
C1A KC2 AL . -42.19 67.20 -39.69
C1B KC2 AL . -39.39 64.22 -41.20
C1C KC2 AL . -39.99 65.30 -45.34
C1D KC2 AL . -42.48 68.74 -43.99
C2A KC2 AL . -42.25 66.71 -38.29
C2B KC2 AL . -38.74 62.90 -41.41
C2C KC2 AL . -40.20 65.55 -46.77
C2D KC2 AL . -43.58 69.64 -43.62
C3A KC2 AL . -41.20 65.65 -38.26
C3B KC2 AL . -38.67 62.78 -42.87
C3C KC2 AL . -40.92 66.82 -46.82
C3D KC2 AL . -43.77 69.43 -42.17
C4A KC2 AL . -40.65 65.62 -39.63
C4B KC2 AL . -39.28 64.02 -43.35
C4C KC2 AL . -41.04 67.17 -45.38
C4D KC2 AL . -42.82 68.47 -41.76
CAA KC2 AL . -43.10 67.11 -37.14
CAB KC2 AL . -38.16 61.77 -43.84
CAC KC2 AL . -41.37 67.50 -48.09
CAD KC2 AL . -44.60 69.85 -41.00
CBA KC2 AL . -43.17 66.58 -35.94
CBB KC2 AL . -36.88 61.78 -44.19
CBC KC2 AL . -40.27 68.40 -48.62
CBD KC2 AL . -44.44 68.66 -40.16
CED KC2 AL . -46.92 67.67 -39.25
CGA KC2 AL . -44.31 67.07 -35.18
CGD KC2 AL . -44.92 69.06 -38.81
CHA KC2 AL . -43.02 68.25 -40.29
CHB KC2 AL . -39.61 64.62 -39.82
CHC KC2 AL . -39.31 64.12 -44.81
CHD KC2 AL . -41.77 68.46 -45.26
CMA KC2 AL . -40.72 64.73 -37.17
CMB KC2 AL . -38.26 61.90 -40.39
CMC KC2 AL . -39.74 64.64 -47.89
CMD KC2 AL . -44.22 70.49 -44.68
NA KC2 AL . -41.16 66.51 -40.51
NC KC2 AL . -40.43 66.19 -44.46
O1A KC2 AL . -45.40 67.08 -35.77
O1D KC2 AL . -44.85 70.22 -38.45
O2A KC2 AL . -44.03 67.82 -34.21
O2D KC2 AL . -46.04 68.30 -38.32
OBD KC2 AL . -45.48 70.75 -41.28
MG KC2 AL . -40.61 66.66 -42.48
NB KC2 BL . -42.32 72.83 -41.34
ND KC2 BL . -41.87 71.15 -37.65
C1A KC2 BL . -44.36 73.33 -37.48
C1B KC2 BL . -43.22 73.76 -41.69
C1C KC2 BL . -40.16 70.69 -41.57
C1D KC2 BL . -41.07 70.15 -37.17
C2A KC2 BL . -45.52 74.25 -37.45
C2B KC2 BL . -43.20 74.04 -43.14
C2C KC2 BL . -39.19 69.61 -41.63
C2D KC2 BL . -41.47 69.86 -35.77
C3A KC2 BL . -45.52 74.79 -38.83
C3B KC2 BL . -42.14 73.15 -43.66
C3C KC2 BL . -39.08 69.10 -40.25
C3D KC2 BL . -42.56 70.79 -35.47
C4A KC2 BL . -44.38 74.13 -39.52
C4B KC2 BL . -41.66 72.45 -42.45
C4C KC2 BL . -40.04 69.98 -39.53
C4D KC2 BL . -42.77 71.56 -36.64
CAA KC2 BL . -46.48 74.63 -36.37
CAB KC2 BL . -41.51 72.85 -44.97
CAC KC2 BL . -38.19 67.96 -39.82
CAD KC2 BL . -43.53 71.23 -34.40
CBA KC2 BL . -46.25 74.91 -35.10
CBB KC2 BL . -42.16 73.00 -46.13
CBC KC2 BL . -36.80 68.46 -39.50
CBD KC2 BL . -44.53 71.97 -35.16
CED KC2 BL . -46.97 69.31 -34.30
CGA KC2 BL . -47.34 74.60 -34.17
CGD KC2 BL . -45.65 71.03 -35.47
CHA KC2 BL . -43.88 72.50 -36.36
CHB KC2 BL . -44.20 74.51 -40.91
CHC KC2 BL . -40.59 71.51 -42.70
CHD KC2 BL . -40.05 69.58 -38.09
CMA KC2 BL . -46.46 75.80 -39.47
CMB KC2 BL . -44.05 75.01 -43.92
CMC KC2 BL . -38.46 69.16 -42.88
CMD KC2 BL . -40.72 68.77 -35.04
NA KC2 BL . -43.66 73.26 -38.78
NC KC2 BL . -40.71 70.99 -40.40
O1A KC2 BL . -47.39 75.20 -33.07
O1D KC2 BL . -46.69 71.41 -35.97
O2A KC2 BL . -48.05 73.61 -34.45
O2D KC2 BL . -45.69 69.84 -34.66
OBD KC2 BL . -43.08 71.12 -33.20
MG KC2 BL . -42.04 72.18 -39.41
MG CLA CL . -38.99 56.55 -36.56
CHA CLA CL . -40.61 57.50 -33.62
CHB CLA CL . -36.84 59.21 -36.03
CHC CLA CL . -36.61 55.08 -38.60
CHD CLA CL . -40.45 53.32 -36.17
NA CLA CL . -38.85 58.12 -35.16
C1A CLA CL . -39.61 58.34 -33.99
C2A CLA CL . -39.15 59.61 -33.25
C3A CLA CL . -38.36 60.32 -34.35
C4A CLA CL . -37.96 59.15 -35.25
CMA CLA CL . -39.25 61.31 -35.05
CAA CLA CL . -38.19 59.39 -32.08
CBA CLA CL . -38.76 58.96 -30.74
CGA CLA CL . -38.43 57.53 -30.45
O1A CLA CL . -37.39 56.93 -30.76
O2A CLA CL . -39.41 56.82 -29.82
NB CLA CL . -37.19 57.11 -37.28
C1B CLA CL . -36.44 58.17 -36.88
C2B CLA CL . -35.09 58.14 -37.48
C3B CLA CL . -35.02 56.99 -38.22
C4B CLA CL . -36.34 56.31 -38.11
CMB CLA CL . -34.08 59.16 -37.18
CAB CLA CL . -33.93 56.42 -38.94
CBB CLA CL . -33.03 55.55 -38.43
NC CLA CL . -38.69 54.63 -37.35
C1C CLA CL . -37.72 54.28 -38.24
C2C CLA CL . -37.85 52.90 -38.67
C3C CLA CL . -38.84 52.35 -37.85
C4C CLA CL . -39.38 53.45 -37.05
CMC CLA CL . -36.96 52.27 -39.64
CAC CLA CL . -39.37 50.96 -37.79
CBC CLA CL . -40.14 50.44 -38.97
ND CLA CL . -40.26 55.60 -35.31
C1D CLA CL . -40.88 54.33 -35.33
C2D CLA CL . -41.99 54.29 -34.35
C3D CLA CL . -41.97 55.52 -33.72
C4D CLA CL . -40.84 56.27 -34.29
CMD CLA CL . -42.90 53.18 -34.14
CAD CLA CL . -42.58 56.35 -32.70
OBD CLA CL . -43.57 56.16 -32.02
CBD CLA CL . -41.68 57.61 -32.56
CGD CLA CL . -42.50 58.86 -32.73
O1D CLA CL . -42.59 59.57 -33.74
O2D CLA CL . -43.25 59.20 -31.64
CED CLA CL . -42.59 59.57 -30.43
C1 CLA CL . -39.03 55.93 -28.74
C2 CLA CL . -38.44 56.77 -27.67
C3 CLA CL . -39.18 57.44 -26.76
C4 CLA CL . -38.60 58.30 -25.69
C5 CLA CL . -40.67 57.39 -26.76
C6 CLA CL . -41.24 58.77 -26.97
C03 II0 DL . -45.09 48.30 -66.24
C04 II0 DL . -45.08 64.94 -46.99
C05 II0 DL . -44.37 47.68 -67.60
C06 II0 DL . -46.11 64.06 -46.02
C07 II0 DL . -43.11 48.16 -67.76
C08 II0 DL . -47.41 64.42 -46.19
C09 II0 DL . -44.25 48.20 -65.02
C10 II0 DL . -45.39 64.82 -48.41
C11 II0 DL . -42.11 47.82 -66.43
C12 II0 DL . -47.82 64.16 -47.77
C13 II0 DL . -42.68 48.30 -65.23
C14 II0 DL . -46.96 64.78 -48.74
C15 II0 DL . -45.38 49.82 -66.50
C16 II0 DL . -46.44 47.54 -65.93
C17 II0 DL . -45.13 66.43 -46.60
C18 II0 DL . -43.65 64.38 -46.71
C19 II0 DL . -41.82 48.48 -63.99
C20 II0 DL . -47.54 65.19 -50.10
C21 II0 DL . -44.72 48.82 -63.70
C22 II0 DL . -44.45 64.07 -49.40
C23 II0 DL . -44.99 49.37 -62.68
C24 II0 DL . -43.80 63.53 -50.25
C25 II0 DL . -45.23 50.19 -61.42
C26 II0 DL . -42.98 62.89 -51.40
C27 II0 DL . -45.94 49.58 -60.20
C28 II0 DL . -41.73 63.60 -51.88
C29 II0 DL . -44.82 51.50 -61.46
C30 II0 DL . -43.38 61.73 -51.96
C31 II0 DL . -44.99 52.45 -60.26
C32 II0 DL . -42.64 61.02 -53.15
C33 II0 DL . -44.23 53.58 -60.06
C34 II0 DL . -43.39 60.15 -53.84
C35 II0 DL . -44.50 54.39 -58.78
C36 II0 DL . -43.00 59.31 -55.08
C37 II0 DL . -45.43 53.69 -57.85
C38 II0 DL . -41.85 59.73 -55.99
C39 II0 DL . -43.95 55.62 -58.51
C40 II0 DL . -43.69 58.18 -55.39
C41 II0 DL . -44.25 56.44 -57.21
C42 II0 DL . -43.33 57.34 -56.67
O01 II0 DL . -42.48 47.55 -68.87
O02 II0 DL . -48.25 63.70 -45.28
C03 II0 EL . -25.40 58.36 -45.66
C04 II0 EL . -47.81 51.18 -46.10
C05 II0 EL . -24.01 57.51 -45.96
C06 II0 EL . -49.32 51.38 -45.46
C07 II0 EL . -23.49 57.44 -47.24
C08 II0 EL . -50.14 50.29 -45.67
C09 II0 EL . -26.35 58.52 -46.80
C10 II0 EL . -47.37 49.81 -45.99
C11 II0 EL . -24.44 58.14 -48.46
C12 II0 EL . -49.56 48.91 -44.96
C13 II0 EL . -25.82 57.97 -48.20
C14 II0 EL . -48.12 48.84 -44.97
C15 II0 EL . -26.13 57.58 -44.50
C16 II0 EL . -25.03 59.79 -45.11
C17 II0 EL . -47.89 51.57 -47.60
C18 II0 EL . -46.78 52.10 -45.33
C19 II0 EL . -26.69 57.01 -48.99
C20 II0 EL . -47.33 47.99 -43.97
C21 II0 EL . -27.87 58.40 -46.54
C22 II0 EL . -45.89 49.50 -46.18
C23 II0 EL . -29.05 58.24 -46.31
C24 II0 EL . -44.74 49.28 -46.26
C25 II0 EL . -30.50 57.91 -45.94
C26 II0 EL . -43.24 49.08 -46.28
C27 II0 EL . -31.55 59.03 -45.77
C28 II0 EL . -42.60 47.70 -46.39
C29 II0 EL . -30.83 56.59 -45.77
C30 II0 EL . -42.55 50.20 -46.19
C31 II0 EL . -32.29 56.21 -45.41
C32 II0 EL . -41.01 50.13 -46.21
C33 II0 EL . -32.87 55.34 -46.25
C34 II0 EL . -40.43 51.05 -46.93
C35 II0 EL . -34.31 54.91 -46.03
C36 II0 EL . -38.91 51.07 -47.05
C37 II0 EL . -35.26 55.91 -45.42
C38 II0 EL . -38.15 49.77 -47.31
C39 II0 EL . -34.73 53.69 -46.44
C40 II0 EL . -38.33 52.27 -46.95
C41 II0 EL . -36.21 53.37 -46.23
C42 II0 EL . -36.81 52.53 -47.10
O01 II0 EL . -22.25 58.12 -47.27
O02 II0 EL . -51.38 50.58 -45.03
C03 II0 FL . -33.07 63.06 -54.24
C04 II0 FL . -39.18 66.30 -30.49
C05 II0 FL . -32.16 62.06 -55.18
C06 II0 FL . -40.57 66.96 -31.13
C07 II0 FL . -30.90 62.51 -55.33
C08 II0 FL . -41.22 66.13 -32.02
C09 II0 FL . -32.42 63.76 -53.11
C10 II0 FL . -39.03 64.88 -30.77
C11 II0 FL . -30.18 62.60 -53.79
C12 II0 FL . -41.56 64.65 -31.31
C13 II0 FL . -30.85 63.51 -52.93
C14 II0 FL . -40.39 64.05 -30.67
C15 II0 FL . -33.77 64.05 -55.22
C16 II0 FL . -34.17 62.22 -53.53
C17 II0 FL . -37.98 67.09 -31.06
C18 II0 FL . -39.19 66.45 -28.92
C19 II0 FL . -30.00 64.48 -52.13
C20 II0 FL . -40.29 62.52 -30.61
C21 II0 FL . -33.27 64.38 -51.93
C22 II0 FL . -37.94 64.38 -31.78
C23 II0 FL . -33.84 64.84 -50.95
C24 II0 FL . -37.15 64.00 -32.60
C25 II0 FL . -34.54 65.43 -49.67
C26 II0 FL . -36.21 63.53 -33.73
C27 II0 FL . -36.05 65.71 -49.66
C28 II0 FL . -34.92 62.79 -33.43
C29 II0 FL . -33.83 65.65 -48.49
C30 II0 FL . -36.57 63.80 -34.99
C31 II0 FL . -34.63 66.15 -47.22
C32 II0 FL . -35.72 63.39 -36.22
C33 II0 FL . -34.42 65.42 -46.07
C34 II0 FL . -35.98 64.03 -37.37
C35 II0 FL . -35.12 65.57 -44.72
C36 II0 FL . -35.24 63.77 -38.68
C37 II0 FL . -36.20 66.61 -44.54
C38 II0 FL . -33.96 62.92 -38.69
C39 II0 FL . -34.82 64.70 -43.71
C40 II0 FL . -35.71 64.32 -39.82
C41 II0 FL . -35.52 64.80 -42.32
C42 II0 FL . -35.01 64.14 -41.21
O01 II0 FL . -30.19 61.58 -56.11
O02 II0 FL . -42.43 66.72 -32.47
C02 IHT GL . -28.57 63.69 -47.40
C03 IHT GL . -45.06 50.20 -37.93
C04 IHT GL . -28.28 63.94 -49.01
C05 IHT GL . -45.52 48.78 -37.21
C06 IHT GL . -28.29 65.26 -49.30
C07 IHT GL . -29.77 64.36 -46.94
C08 IHT GL . -46.68 48.29 -37.71
C09 IHT GL . -29.77 65.96 -48.98
C10 IHT GL . -30.21 65.73 -47.64
C11 IHT GL . -45.03 50.02 -39.38
C12 IHT GL . -46.58 48.01 -39.39
C13 IHT GL . -28.69 62.15 -47.14
C14 IHT GL . -27.31 64.26 -46.58
C15 IHT GL . -46.23 49.19 -40.08
C16 IHT GL . -46.06 51.29 -37.58
C17 IHT GL . -43.68 50.60 -37.44
C18 IHT GL . -30.58 63.76 -45.79
C19 IHT GL . -30.75 66.90 -46.81
C20 IHT GL . -47.30 49.91 -40.91
C21 IHT GL . -44.14 50.93 -40.26
C22 IHT GL . -30.42 64.19 -44.54
C23 IHT GL . -31.29 63.51 -43.41
C24 IHT GL . -43.45 51.63 -40.96
C25 IHT GL . -31.31 64.04 -41.95
C26 IHT GL . -42.50 52.52 -41.80
C27 IHT GL . -32.04 62.43 -43.77
C28 IHT GL . -42.74 52.72 -43.30
C29 IHT GL . -41.46 53.09 -41.18
C30 IHT GL . -32.94 61.67 -42.75
C31 IHT GL . -40.49 53.97 -41.97
C32 IHT GL . -33.54 60.57 -43.21
C33 IHT GL . -34.45 59.71 -42.35
C34 IHT GL . -39.51 54.59 -41.33
C35 IHT GL . -38.54 55.49 -42.18
C36 IHT GL . -35.09 60.26 -41.09
C37 IHT GL . -34.67 58.43 -42.73
C38 IHT GL . -37.75 56.37 -41.56
C39 IHT GL . -38.52 55.33 -43.73
C40 IHT GL . -35.59 57.54 -41.88
C41 IHT GL . -36.79 57.27 -42.37
O01 IHT GL . -46.99 47.07 -37.07
C03 II0 HL . -64.36 40.16 -51.78
C04 II0 HL . -40.02 42.67 -53.32
C05 II0 HL . -65.62 39.10 -51.55
C06 II0 HL . -38.71 42.30 -54.29
C07 II0 HL . -65.26 37.78 -51.64
C08 II0 HL . -38.73 42.74 -55.58
C09 II0 HL . -63.04 39.54 -51.69
C10 II0 HL . -40.70 43.89 -53.66
C11 II0 HL . -63.90 37.37 -50.68
C12 II0 HL . -39.19 44.33 -55.69
C13 II0 HL . -62.92 38.39 -50.62
C14 II0 HL . -40.52 44.47 -55.13
C15 II0 HL . -64.49 40.90 -53.15
C16 II0 HL . -64.41 41.18 -50.59
C17 II0 HL . -41.06 41.53 -53.36
C18 II0 HL . -39.54 42.87 -51.85
C19 II0 HL . -61.82 38.43 -49.56
C20 II0 HL . -41.76 44.51 -56.02
C21 II0 HL . -61.73 40.16 -52.27
C22 II0 HL . -42.02 44.23 -52.91
C23 II0 HL . -60.70 40.54 -52.76
C24 II0 HL . -43.06 44.53 -52.40
C25 II0 HL . -59.29 40.80 -53.36
C26 II0 HL . -44.48 44.74 -51.87
C27 II0 HL . -58.92 40.09 -54.67
C28 II0 HL . -44.80 44.84 -50.38
C29 II0 HL . -58.39 41.65 -52.75
C30 II0 HL . -45.44 44.78 -52.79
C31 II0 HL . -56.99 41.89 -53.39
C32 II0 HL . -46.92 44.93 -52.37
C33 II0 HL . -56.52 43.01 -53.97
C34 II0 HL . -47.83 44.68 -53.32
C35 II0 HL . -55.09 42.97 -54.50
C36 II0 HL . -49.32 44.75 -52.97
C37 II0 HL . -54.76 42.37 -55.85
C38 II0 HL . -49.82 45.70 -51.87
C39 II0 HL . -54.11 43.47 -53.72
C40 II0 HL . -50.20 44.01 -53.68
C41 II0 HL . -52.61 43.44 -54.11
C42 II0 HL . -51.72 44.08 -53.30
O01 II0 HL . -66.33 36.93 -51.26
O02 II0 HL . -37.40 42.60 -56.09
O1 LHG IL . -26.94 69.68 -61.26
C1 LHG IL . -27.95 69.73 -60.25
C2 LHG IL . -28.80 68.47 -60.29
O2 LHG IL . -29.54 68.38 -61.52
C3 LHG IL . -29.74 68.50 -59.11
O3 LHG IL . -30.71 67.47 -59.20
P LHG IL . -31.13 66.55 -57.95
O4 LHG IL . -30.00 65.61 -57.63
O5 LHG IL . -32.54 66.08 -58.30
O6 LHG IL . -31.27 67.61 -56.74
C4 LHG IL . -32.13 67.33 -55.64
C5 LHG IL . -31.55 67.81 -54.30
C6 LHG IL . -32.55 67.47 -53.21
O7 LHG IL . -30.29 67.21 -54.03
C7 LHG IL . -29.52 67.95 -53.02
O9 LHG IL . -29.66 67.76 -51.81
C8 LHG IL . -28.45 68.91 -53.47
C9 LHG IL . -28.02 69.71 -52.25
C10 LHG IL . -28.86 70.98 -52.09
O8 LHG IL . -33.43 68.55 -52.98
C23 LHG IL . -33.38 69.26 -51.71
O10 LHG IL . -32.34 69.84 -51.44
C24 LHG IL . -34.61 69.27 -50.81
C11 LHG IL . -28.38 71.86 -50.93
C12 LHG IL . -26.87 72.05 -50.98
C13 LHG IL . -26.35 72.92 -49.84
C14 LHG IL . -24.83 73.01 -49.91
C25 LHG IL . -34.45 70.12 -49.55
C26 LHG IL . -33.61 69.46 -48.46
C27 LHG IL . -33.63 70.30 -47.20
C28 LHG IL . -32.20 70.53 -46.71
C29 LHG IL . -31.43 71.43 -47.66
C30 LHG IL . -29.98 71.61 -47.21
C31 LHG IL . -29.24 70.28 -47.27
C32 LHG IL . -27.76 70.44 -46.93
C33 LHG IL . -26.99 69.13 -47.09
C34 LHG IL . -27.26 68.46 -48.43
MG CLA JL . -0.04 -86.48 15.10
CHA CLA JL . 2.57 -87.84 16.93
CHB CLA JL . -0.14 -89.32 13.19
CHC CLA JL . -2.19 -84.93 12.93
CHD CLA JL . 0.60 -83.35 16.66
NA CLA JL . 1.05 -88.27 15.07
C1A CLA JL . 2.09 -88.66 15.93
C2A CLA JL . 2.60 -90.05 15.60
C3A CLA JL . 1.69 -90.50 14.43
C4A CLA JL . 0.79 -89.29 14.20
CMA CLA JL . 2.50 -90.84 13.20
CAA CLA JL . 2.45 -91.01 16.77
CBA CLA JL . 1.00 -91.37 17.06
CGA CLA JL . 0.33 -90.29 17.88
O1A CLA JL . 0.61 -89.90 19.01
O2A CLA JL . -0.71 -89.70 17.22
NB CLA JL . -0.96 -87.01 13.38
C1B CLA JL . -1.00 -88.27 12.87
C2B CLA JL . -2.11 -88.38 11.87
C3B CLA JL . -2.70 -87.15 11.78
C4B CLA JL . -1.97 -86.25 12.73
CMB CLA JL . -2.39 -89.61 11.13
CAB CLA JL . -3.78 -86.75 10.92
CBB CLA JL . -4.64 -85.74 11.10
NC CLA JL . -0.67 -84.51 14.86
C1C CLA JL . -1.59 -84.11 13.92
C2C CLA JL . -1.86 -82.68 14.06
C3C CLA JL . -1.04 -82.21 15.09
C4C CLA JL . -0.31 -83.37 15.58
CMC CLA JL . -2.81 -81.94 13.22
CAC CLA JL . -0.96 -80.85 15.61
CBC CLA JL . -0.31 -79.86 14.67
ND CLA JL . 1.26 -85.70 16.44
C1D CLA JL . 1.34 -84.44 17.07
C2D CLA JL . 2.31 -84.51 18.18
C3D CLA JL . 2.79 -85.80 18.20
C4D CLA JL . 2.12 -86.50 17.08
CMD CLA JL . 2.64 -83.39 19.07
CAD CLA JL . 3.69 -86.76 18.83
OBD CLA JL . 4.42 -86.61 19.80
CBD CLA JL . 3.58 -88.09 18.03
CGD CLA JL . 4.92 -88.55 17.54
O1D CLA JL . 5.74 -89.26 18.14
O2D CLA JL . 5.25 -88.12 16.29
CED CLA JL . 6.11 -88.96 15.51
C1 CLA JL . -1.08 -88.38 17.66
C2 CLA JL . -2.12 -87.89 16.72
MG CLA KL . 9.14 -77.99 22.40
CHA CLA KL . 10.22 -79.05 19.27
CHB CLA KL . 10.90 -75.10 21.98
CHC CLA KL . 7.39 -76.56 25.00
CHD CLA KL . 6.72 -80.58 22.31
NA CLA KL . 10.38 -77.24 20.89
C1A CLA KL . 10.71 -77.84 19.65
C2A CLA KL . 11.67 -76.95 18.85
C3A CLA KL . 12.12 -75.96 19.93
C4A CLA KL . 11.05 -76.07 21.01
CMA CLA KL . 13.43 -76.51 20.41
CAA CLA KL . 11.00 -76.28 17.65
CBA CLA KL . 10.79 -74.78 17.77
CGA CLA KL . 9.38 -74.65 18.22
O1A CLA KL . 8.63 -75.60 18.39
O2A CLA KL . 8.88 -73.39 18.42
NB CLA KL . 9.12 -76.16 23.28
C1B CLA KL . 9.98 -75.15 23.02
C2B CLA KL . 9.84 -74.10 24.07
C3B CLA KL . 8.85 -74.53 24.93
C4B CLA KL . 8.38 -75.84 24.43
CMB CLA KL . 10.64 -72.87 24.09
CAB CLA KL . 8.28 -73.94 26.09
CBB CLA KL . 7.33 -73.01 26.10
NC CLA KL . 7.45 -78.53 23.52
C1C CLA KL . 6.97 -77.85 24.60
C2C CLA KL . 5.86 -78.57 25.20
C3C CLA KL . 5.60 -79.62 24.35
C4C CLA KL . 6.59 -79.60 23.30
CMC CLA KL . 5.11 -78.24 26.41
CAC CLA KL . 4.54 -80.61 24.55
CBC CLA KL . 3.26 -80.14 23.90
ND CLA KL . 8.63 -79.53 21.21
C1D CLA KL . 7.66 -80.56 21.33
C2D CLA KL . 7.87 -81.55 20.25
C3D CLA KL . 8.88 -81.04 19.47
C4D CLA KL . 9.26 -79.75 20.06
CMD CLA KL . 7.14 -82.80 20.10
CAD CLA KL . 9.68 -81.24 18.29
OBD CLA KL . 9.76 -82.20 17.55
CBD CLA KL . 10.52 -79.95 18.10
CGD CLA KL . 11.95 -80.43 18.14
O1D CLA KL . 12.78 -80.51 17.23
O2D CLA KL . 12.35 -80.87 19.36
CED CLA KL . 13.73 -80.75 19.71
C1 CLA KL . 8.87 -72.79 19.73
C2 CLA KL . 7.89 -73.48 20.63
C3 CLA KL . 7.19 -72.90 21.62
C4 CLA KL . 6.26 -73.71 22.44
C5 CLA KL . 7.34 -71.45 21.92
C6 CLA KL . 6.10 -70.77 22.43
C7 CLA KL . 5.18 -70.36 21.29
C8 CLA KL . 3.78 -69.99 21.78
C9 CLA KL . 3.83 -68.76 22.68
C10 CLA KL . 3.16 -71.19 22.48
C11 CLA KL . 1.86 -70.90 23.19
C12 CLA KL . 0.77 -71.71 22.55
C13 CLA KL . 0.38 -72.86 23.45
C14 CLA KL . -0.13 -74.01 22.59
C15 CLA KL . -0.57 -72.38 24.55
C16 CLA KL . -2.02 -72.49 24.16
C17 CLA KL . -2.72 -71.16 23.99
C18 CLA KL . -3.95 -71.33 23.11
C19 CLA KL . -3.54 -71.65 21.70
C20 CLA KL . -4.92 -72.38 23.65
MG CLA LL . 8.36 -69.02 29.17
CHA CLA LL . 10.80 -67.28 27.39
CHB CLA LL . 6.75 -69.64 26.24
CHC CLA LL . 5.64 -70.22 30.92
CHD CLA LL . 9.63 -67.64 32.17
NA CLA LL . 8.78 -68.60 27.16
C1A CLA LL . 9.87 -67.90 26.60
C2A CLA LL . 9.79 -67.88 25.07
C3A CLA LL . 8.48 -68.61 24.77
C4A CLA LL . 7.98 -69.03 26.14
CMA CLA LL . 7.51 -67.65 24.12
CAA CLA LL . 10.92 -68.69 24.45
CBA CLA LL . 10.99 -68.65 22.94
CGA CLA LL . 11.18 -67.25 22.41
O1A CLA LL . 12.17 -66.53 22.41
O2A CLA LL . 10.07 -66.79 21.80
NB CLA LL . 6.57 -69.79 28.68
C1B CLA LL . 6.12 -70.03 27.42
C2B CLA LL . 4.85 -70.79 27.45
C3B CLA LL . 4.51 -70.95 28.78
C4B CLA LL . 5.61 -70.32 29.57
CMB CLA LL . 4.16 -71.15 26.21
CAB CLA LL . 3.37 -71.52 29.45
CBB CLA LL . 2.09 -71.45 29.09
NC CLA LL . 7.78 -68.97 31.18
C1C CLA LL . 6.66 -69.58 31.67
C2C CLA LL . 6.59 -69.43 33.12
C3C CLA LL . 7.67 -68.64 33.48
C4C CLA LL . 8.43 -68.38 32.26
CMC CLA LL . 5.53 -69.96 33.97
CAC CLA LL . 8.00 -68.23 34.85
CBC CLA LL . 8.97 -69.16 35.53
ND CLA LL . 9.85 -67.79 29.72
C1D CLA LL . 10.29 -67.36 31.00
C2D CLA LL . 11.51 -66.55 30.83
C3D CLA LL . 11.73 -66.46 29.47
C4D CLA LL . 10.66 -67.25 28.81
CMD CLA LL . 12.26 -65.95 31.91
CAD CLA LL . 12.54 -65.87 28.42
OBD CLA LL . 13.49 -65.11 28.49
CBD CLA LL . 12.01 -66.41 27.07
CGD CLA LL . 11.78 -65.30 26.07
O1D CLA LL . 12.58 -64.89 25.22
O2D CLA LL . 10.55 -64.73 26.13
CED CLA LL . 10.16 -63.84 25.08
C1 CLA LL . 10.24 -66.32 20.45
C2 CLA LL . 8.89 -65.93 19.97
C3 CLA LL . 7.95 -66.81 19.56
C4 CLA LL . 8.17 -68.27 19.52
C5 CLA LL . 6.62 -66.32 19.09
C6 CLA LL . 5.45 -67.03 19.74
MG CLA ML . 8.20 -76.41 46.82
CHA CLA ML . 7.67 -75.46 50.13
CHB CLA ML . 8.20 -73.10 45.96
CHC CLA ML . 9.80 -77.14 43.88
CHD CLA ML . 8.93 -79.66 48.02
NA CLA ML . 7.93 -74.63 47.87
C1A CLA ML . 7.74 -74.45 49.25
C2A CLA ML . 7.62 -73.00 49.64
C3A CLA ML . 7.40 -72.39 48.26
C4A CLA ML . 7.90 -73.42 47.26
CMA CLA ML . 6.01 -71.84 48.03
CAA CLA ML . 8.93 -72.48 50.27
CBA CLA ML . 10.28 -72.93 49.73
CGA CLA ML . 10.79 -74.17 50.42
O1A CLA ML . 10.88 -74.41 51.61
O2A CLA ML . 11.12 -75.12 49.50
NB CLA ML . 8.86 -75.33 45.24
C1B CLA ML . 8.66 -74.01 45.01
C2B CLA ML . 8.95 -73.65 43.61
C3B CLA ML . 9.40 -74.80 43.00
C4B CLA ML . 9.35 -75.88 44.03
CMB CLA ML . 8.83 -72.25 43.18
CAB CLA ML . 9.87 -75.14 41.67
CBB CLA ML . 9.92 -74.40 40.55
NC CLA ML . 9.18 -78.08 46.09
C1C CLA ML . 9.77 -78.16 44.87
C2C CLA ML . 10.36 -79.48 44.68
C3C CLA ML . 10.10 -80.21 45.85
C4C CLA ML . 9.35 -79.33 46.71
CMC CLA ML . 11.11 -79.87 43.50
CAC CLA ML . 10.48 -81.59 46.22
CBC CLA ML . 9.87 -82.73 45.43
ND CLA ML . 8.30 -77.38 48.59
C1D CLA ML . 8.46 -78.75 48.92
C2D CLA ML . 8.05 -78.98 50.32
C3D CLA ML . 7.75 -77.74 50.82
C4D CLA ML . 7.94 -76.79 49.72
CMD CLA ML . 8.02 -80.28 50.99
CAD CLA ML . 7.30 -77.00 51.97
OBD CLA ML . 7.01 -77.45 53.07
CBD CLA ML . 7.25 -75.50 51.57
CGD CLA ML . 5.88 -74.92 51.72
O1D CLA ML . 5.58 -73.81 52.16
O2D CLA ML . 4.91 -75.76 51.29
CED CLA ML . 3.57 -75.49 51.66
C1 CLA ML . 11.55 -76.41 49.95
C2 CLA ML . 11.82 -77.16 48.71
C3 CLA ML . 12.85 -78.00 48.53
C4 CLA ML . 13.87 -78.25 49.58
C5 CLA ML . 13.03 -78.69 47.22
C6 CLA ML . 14.24 -78.20 46.45
C7 CLA ML . 14.58 -79.13 45.30
C8 CLA ML . 15.87 -78.75 44.55
C9 CLA ML . 15.88 -77.33 44.06
C10 CLA ML . 16.12 -79.67 43.36
C11 CLA ML . 17.50 -79.43 42.80
C12 CLA ML . 18.43 -80.54 43.23
C13 CLA ML . 19.74 -80.54 42.45
C14 CLA ML . 20.65 -81.64 43.01
C15 CLA ML . 20.47 -79.21 42.49
C16 CLA ML . 21.29 -79.02 41.22
C17 CLA ML . 21.53 -77.57 40.86
C18 CLA ML . 21.79 -77.41 39.36
C19 CLA ML . 21.11 -76.18 38.83
C20 CLA ML . 23.26 -77.35 39.05
MG CLA NL . 11.22 -75.41 59.30
CHA CLA NL . 11.33 -75.60 62.75
CHB CLA NL . 9.75 -72.33 59.49
CHC CLA NL . 11.62 -75.01 55.91
CHD CLA NL . 13.53 -78.14 59.16
NA CLA NL . 10.63 -74.18 60.88
C1A CLA NL . 10.76 -74.43 62.27
C2A CLA NL . 10.15 -73.25 63.08
C3A CLA NL . 9.75 -72.21 61.99
C4A CLA NL . 10.05 -72.96 60.68
CMA CLA NL . 8.33 -71.72 62.09
CAA CLA NL . 11.03 -72.66 64.19
CBA CLA NL . 10.40 -72.90 65.54
CGA CLA NL . 11.41 -72.94 66.65
O1A CLA NL . 11.21 -72.98 67.87
O2A CLA NL . 12.71 -73.02 66.21
NB CLA NL . 10.74 -73.98 57.96
C1B CLA NL . 10.04 -72.85 58.21
C2B CLA NL . 9.66 -72.19 56.93
C3B CLA NL . 10.18 -72.96 55.92
C4B CLA NL . 10.88 -74.08 56.56
CMB CLA NL . 8.94 -70.92 56.85
CAB CLA NL . 10.21 -72.78 54.49
CBB CLA NL . 10.66 -71.72 53.82
NC CLA NL . 12.36 -76.39 57.84
C1C CLA NL . 12.34 -76.08 56.51
C2C CLA NL . 13.20 -77.00 55.77
C3C CLA NL . 13.80 -77.83 56.70
C4C CLA NL . 13.25 -77.45 57.99
CMC CLA NL . 13.43 -76.96 54.34
CAC CLA NL . 14.78 -78.91 56.47
CBC CLA NL . 14.20 -80.22 56.02
ND CLA NL . 12.27 -76.58 60.58
C1D CLA NL . 13.08 -77.74 60.39
C2D CLA NL . 13.28 -78.43 61.66
C3D CLA NL . 12.58 -77.69 62.60
C4D CLA NL . 12.01 -76.53 61.88
CMD CLA NL . 14.01 -79.68 61.83
CAD CLA NL . 12.22 -77.58 63.99
OBD CLA NL . 12.44 -78.34 64.93
CBD CLA NL . 11.46 -76.24 64.12
CGD CLA NL . 10.11 -76.36 64.77
O1D CLA NL . 9.83 -76.20 65.96
O2D CLA NL . 9.10 -76.64 63.91
CED CLA NL . 8.27 -77.76 64.23
MG CLA OL . 18.92 -68.90 52.54
CHA CLA OL . 16.31 -68.56 54.79
CHB CLA OL . 20.98 -67.32 54.77
CHC CLA OL . 21.66 -70.12 50.85
CHD CLA OL . 16.86 -71.01 50.59
NA CLA OL . 18.67 -68.07 54.44
C1A CLA OL . 17.49 -68.03 55.20
C2A CLA OL . 17.73 -67.27 56.49
C3A CLA OL . 19.06 -66.55 56.19
C4A CLA OL . 19.65 -67.39 55.08
CMA CLA OL . 18.78 -65.20 55.61
CAA CLA OL . 17.80 -68.21 57.67
CBA CLA OL . 17.66 -67.38 58.91
CGA CLA OL . 17.81 -68.26 60.08
O1A CLA OL . 17.11 -68.32 61.09
O2A CLA OL . 18.83 -69.17 59.94
NB CLA OL . 20.91 -68.69 52.73
C1B CLA OL . 21.58 -68.05 53.72
C2B CLA OL . 23.05 -68.19 53.54
C3B CLA OL . 23.25 -68.97 52.43
C4B CLA OL . 21.89 -69.32 51.92
CMB CLA OL . 24.03 -67.59 54.43
CAB CLA OL . 24.51 -69.45 51.92
CBB CLA OL . 25.02 -69.55 50.68
NC CLA OL . 19.20 -70.29 50.99
C1C CLA OL . 20.39 -70.55 50.40
C2C CLA OL . 20.22 -71.45 49.27
C3C CLA OL . 18.88 -71.77 49.23
C4C CLA OL . 18.23 -71.01 50.29
CMC CLA OL . 21.32 -71.93 48.42
CAC CLA OL . 18.23 -72.62 48.23
CBC CLA OL . 17.54 -71.84 47.13
ND CLA OL . 17.08 -69.73 52.66
C1D CLA OL . 16.31 -70.43 51.70
C2D CLA OL . 14.89 -70.41 52.10
C3D CLA OL . 14.85 -69.74 53.31
C4D CLA OL . 16.22 -69.33 53.60
CMD CLA OL . 13.79 -71.02 51.37
CAD CLA OL . 14.00 -69.25 54.37
OBD CLA OL . 12.80 -69.40 54.54
CBD CLA OL . 14.91 -68.45 55.34
CGD CLA OL . 14.46 -67.02 55.42
O1D CLA OL . 13.86 -66.44 56.32
O2D CLA OL . 14.78 -66.32 54.30
CED CLA OL . 15.27 -65.00 54.52
C1 CLA OL . 18.78 -70.27 60.84
C2 CLA OL . 18.23 -71.47 60.15
C3 CLA OL . 19.02 -72.45 59.69
C4 CLA OL . 20.51 -72.40 59.82
C5 CLA OL . 18.37 -73.62 59.02
C6 CLA OL . 19.27 -74.75 58.57
MG CLA PL . 6.37 -64.17 42.14
CHA CLA PL . 6.33 -60.93 43.39
CHB CLA PL . 3.89 -63.25 39.93
CHC CLA PL . 6.87 -67.05 40.32
CHD CLA PL . 9.50 -64.70 43.72
NA CLA PL . 5.26 -62.42 41.80
C1A CLA PL . 5.39 -61.16 42.43
C2A CLA PL . 4.37 -60.16 41.88
C3A CLA PL . 3.46 -61.03 41.00
C4A CLA PL . 4.25 -62.34 40.89
CMA CLA PL . 2.10 -61.21 41.62
CAA CLA PL . 5.00 -59.02 41.08
CBA CLA PL . 4.82 -59.11 39.58
CGA CLA PL . 6.18 -59.44 39.12
O1A CLA PL . 7.23 -59.13 39.70
O2A CLA PL . 6.23 -60.17 37.97
NB CLA PL . 5.48 -65.03 40.53
C1B CLA PL . 4.52 -64.49 39.75
C2B CLA PL . 4.12 -65.45 38.68
C3B CLA PL . 4.93 -66.53 38.77
C4B CLA PL . 5.83 -66.28 39.95
CMB CLA PL . 3.10 -65.17 37.68
CAB CLA PL . 4.96 -67.65 37.86
CBB CLA PL . 5.14 -68.95 38.07
NC CLA PL . 7.88 -65.62 42.09
C1C CLA PL . 7.82 -66.74 41.32
C2C CLA PL . 8.97 -67.60 41.54
C3C CLA PL . 9.79 -66.90 42.42
C4C CLA PL . 9.09 -65.66 42.79
CMC CLA PL . 9.18 -68.85 40.82
CAC CLA PL . 11.12 -67.33 42.86
CBC CLA PL . 11.09 -68.34 43.95
ND CLA PL . 7.67 -63.11 43.26
C1D CLA PL . 8.85 -63.51 43.95
C2D CLA PL . 9.21 -62.43 44.91
C3D CLA PL . 8.27 -61.43 44.75
C4D CLA PL . 7.35 -61.90 43.69
CMD CLA PL . 10.35 -62.48 45.81
CAD CLA PL . 7.85 -60.11 45.16
OBD CLA PL . 8.32 -59.35 46.00
CBD CLA PL . 6.59 -59.76 44.32
CGD CLA PL . 5.38 -59.45 45.16
O1D CLA PL . 4.96 -58.35 45.50
O2D CLA PL . 4.69 -60.56 45.54
CED CLA PL . 3.42 -60.39 46.17
C1 CLA PL . 6.63 -59.53 36.74
C2 CLA PL . 8.11 -59.67 36.75
C3 CLA PL . 8.90 -60.02 35.74
C4 CLA PL . 10.36 -60.10 36.00
C5 CLA PL . 8.30 -60.37 34.42
C6 CLA PL . 9.33 -60.82 33.42
C7 CLA PL . 8.78 -61.41 32.14
C8 CLA PL . 9.67 -62.48 31.53
C9 CLA PL . 11.15 -62.41 31.88
C10 CLA PL . 9.66 -62.33 30.02
C11 CLA PL . 8.35 -62.77 29.43
C12 CLA PL . 8.02 -64.23 29.65
C13 CLA PL . 7.45 -64.95 28.41
C14 CLA PL . 7.10 -64.06 27.21
C15 CLA PL . 6.38 -66.01 28.71
C16 CLA PL . 4.96 -65.58 28.39
C17 CLA PL . 4.05 -66.73 28.03
C18 CLA PL . 3.58 -66.71 26.57
C19 CLA PL . 2.21 -67.31 26.39
C20 CLA PL . 3.66 -65.38 25.82
MG CLA QL . 16.47 -66.76 33.20
CHA CLA QL . 15.66 -67.63 29.92
CHB CLA QL . 18.75 -64.52 31.98
CHC CLA QL . 16.49 -65.14 36.24
CHD CLA QL . 13.57 -68.54 34.23
NA CLA QL . 17.14 -66.25 31.29
C1A CLA QL . 16.67 -66.70 30.05
C2A CLA QL . 17.46 -66.07 28.90
C3A CLA QL . 18.64 -65.39 29.63
C4A CLA QL . 18.15 -65.36 31.07
CMA CLA QL . 19.92 -66.16 29.52
CAA CLA QL . 16.62 -65.06 28.15
CBA CLA QL . 17.44 -64.33 27.11
CGA CLA QL . 16.55 -63.46 26.28
O1A CLA QL . 15.55 -63.78 25.63
O2A CLA QL . 16.97 -62.16 26.25
NB CLA QL . 17.33 -65.08 33.92
C1B CLA QL . 18.37 -64.43 33.33
C2B CLA QL . 19.12 -63.62 34.32
C3B CLA QL . 18.49 -63.79 35.53
C4B CLA QL . 17.35 -64.72 35.29
CMB CLA QL . 20.31 -62.84 33.94
CAB CLA QL . 18.77 -63.26 36.84
CBB CLA QL . 19.83 -62.53 37.20
NC CLA QL . 15.32 -66.91 34.94
C1C CLA QL . 15.55 -66.21 36.09
C2C CLA QL . 14.61 -66.60 37.13
C3C CLA QL . 13.73 -67.50 36.53
C4C CLA QL . 14.19 -67.69 35.16
CMC CLA QL . 14.60 -66.07 38.50
CAC CLA QL . 12.59 -68.19 37.17
CBC CLA QL . 13.01 -69.45 37.88
ND CLA QL . 15.13 -68.05 32.39
C1D CLA QL . 13.99 -68.71 32.93
C2D CLA QL . 13.37 -69.55 31.88
C3D CLA QL . 14.00 -69.18 30.70
C4D CLA QL . 15.02 -68.18 31.07
CMD CLA QL . 12.27 -70.49 32.08
CAD CLA QL . 14.12 -69.42 29.28
OBD CLA QL . 13.65 -70.32 28.59
CBD CLA QL . 15.01 -68.27 28.72
CGD CLA QL . 15.97 -68.76 27.67
O1D CLA QL . 15.87 -68.64 26.45
O2D CLA QL . 17.05 -69.40 28.18
CED CLA QL . 18.14 -69.60 27.28
C1 CLA QL . 15.99 -61.16 25.87
C2 CLA QL . 15.62 -60.43 27.11
C3 CLA QL . 14.57 -60.74 27.90
C4 CLA QL . 13.66 -61.86 27.61
C5 CLA QL . 14.29 -59.94 29.12
C6 CLA QL . 14.34 -60.76 30.39
C7 CLA QL . 15.68 -61.43 30.57
C8 CLA QL . 15.65 -62.41 31.73
C9 CLA QL . 15.01 -63.70 31.28
C10 CLA QL . 14.86 -61.83 32.89
C11 CLA QL . 14.42 -62.91 33.86
C12 CLA QL . 13.66 -62.31 35.01
C13 CLA QL . 13.34 -63.35 36.07
C14 CLA QL . 11.92 -63.87 35.91
C15 CLA QL . 13.56 -62.77 37.46
C16 CLA QL . 14.79 -61.89 37.48
C17 CLA QL . 15.10 -61.34 38.84
C18 CLA QL . 13.99 -60.45 39.39
C19 CLA QL . 14.50 -59.68 40.60
C20 CLA QL . 13.53 -59.46 38.34
MG CLA RL . 18.56 -83.53 33.62
CHA CLA RL . 21.96 -83.44 32.84
CHB CLA RL . 18.46 -86.76 32.51
CHC CLA RL . 15.61 -84.01 35.33
CHD CLA RL . 19.09 -80.57 35.56
NA CLA RL . 19.95 -84.81 32.73
C1A CLA RL . 21.32 -84.61 32.51
C2A CLA RL . 21.94 -85.81 31.80
C3A CLA RL . 20.71 -86.64 31.38
C4A CLA RL . 19.61 -86.05 32.26
CMA CLA RL . 20.43 -86.46 29.92
CAA CLA RL . 22.98 -86.63 32.57
CBA CLA RL . 22.62 -86.97 33.99
CGA CLA RL . 21.78 -88.20 34.11
O1A CLA RL . 21.68 -89.15 33.33
O2A CLA RL . 21.07 -88.21 35.27
NB CLA RL . 17.31 -85.09 33.90
C1B CLA RL . 17.39 -86.30 33.29
C2B CLA RL . 16.18 -87.11 33.54
C3B CLA RL . 15.36 -86.34 34.34
C4B CLA RL . 16.07 -85.04 34.57
CMB CLA RL . 16.05 -88.46 32.99
CAB CLA RL . 14.05 -86.58 34.92
CBB CLA RL . 13.00 -87.16 34.34
NC CLA RL . 17.50 -82.42 35.06
C1C CLA RL . 16.27 -82.76 35.54
C2C CLA RL . 15.79 -81.72 36.42
C3C CLA RL . 16.84 -80.83 36.61
C4C CLA RL . 17.90 -81.27 35.74
CMC CLA RL . 14.49 -81.66 37.06
CAC CLA RL . 16.81 -79.59 37.40
CBC CLA RL . 17.47 -79.76 38.76
ND CLA RL . 20.03 -82.17 33.96
C1D CLA RL . 20.10 -80.98 34.73
C2D CLA RL . 21.39 -80.32 34.49
C3D CLA RL . 22.12 -81.20 33.73
C4D CLA RL . 21.27 -82.38 33.50
CMD CLA RL . 21.76 -79.00 35.02
CAD CLA RL . 23.37 -81.45 33.05
OBD CLA RL . 24.30 -80.69 32.82
CBD CLA RL . 23.36 -82.94 32.60
CGD CLA RL . 23.73 -83.05 31.16
O1D CLA RL . 24.71 -83.60 30.66
O2D CLA RL . 22.84 -82.44 30.33
CED CLA RL . 22.91 -82.68 28.93
C1 CLA RL . 19.80 -88.88 35.24
C2 CLA RL . 19.01 -88.30 36.35
C3 CLA RL . 18.08 -88.98 37.01
C4 CLA RL . 17.77 -90.40 36.70
C5 CLA RL . 17.32 -88.30 38.13
C6 CLA RL . 15.88 -88.74 38.14
C7 CLA RL . 14.94 -88.26 39.22
C8 CLA RL . 15.40 -88.74 40.59
C9 CLA RL . 14.89 -90.15 40.83
C10 CLA RL . 15.01 -87.69 41.64
C11 CLA RL . 13.92 -88.08 42.60
C12 CLA RL . 13.50 -86.95 43.52
C13 CLA RL . 12.75 -85.87 42.77
C14 CLA RL . 12.82 -84.55 43.51
C15 CLA RL . 11.32 -86.32 42.47
C16 CLA RL . 10.37 -86.15 43.64
C17 CLA RL . 8.97 -86.62 43.33
C18 CLA RL . 7.96 -86.12 44.35
C19 CLA RL . 8.37 -86.36 45.78
C20 CLA RL . 6.58 -86.68 44.08
MG CLA SL . 5.46 -92.37 25.51
CHA CLA SL . 8.64 -92.66 26.85
CHB CLA SL . 6.02 -95.30 23.76
CHC CLA SL . 2.09 -92.75 24.99
CHD CLA SL . 4.73 -89.97 28.05
NA CLA SL . 7.08 -93.70 25.30
C1A CLA SL . 8.33 -93.65 25.95
C2A CLA SL . 9.22 -94.82 25.49
C3A CLA SL . 8.44 -95.45 24.32
C4A CLA SL . 7.08 -94.78 24.46
CMA CLA SL . 9.10 -95.25 22.99
CAA CLA SL . 9.57 -95.84 26.57
CBA CLA SL . 8.91 -97.19 26.45
CGA CLA SL . 7.79 -97.28 27.43
O1A CLA SL . 6.65 -97.70 27.24
O2A CLA SL . 8.15 -96.79 28.66
NB CLA SL . 4.30 -93.73 24.58
C1B CLA SL . 4.72 -94.79 23.84
C2B CLA SL . 3.59 -95.41 23.13
C3B CLA SL . 2.46 -94.71 23.47
C4B CLA SL . 2.90 -93.63 24.39
CMB CLA SL . 3.73 -96.60 22.29
CAB CLA SL . 1.10 -94.93 23.09
CBB CLA SL . 0.48 -94.31 22.10
NC CLA SL . 3.76 -91.46 26.30
C1C CLA SL . 2.48 -91.72 25.88
C2C CLA SL . 1.53 -90.86 26.53
C3C CLA SL . 2.26 -90.16 27.49
C4C CLA SL . 3.66 -90.52 27.32
CMC CLA SL . 0.09 -90.88 26.27
CAC CLA SL . 1.74 -89.14 28.38
CBC CLA SL . 1.84 -87.85 27.60
ND CLA SL . 6.41 -91.42 27.01
C1D CLA SL . 6.03 -90.37 27.90
C2D CLA SL . 7.22 -89.89 28.63
C3D CLA SL . 8.26 -90.72 28.24
C4D CLA SL . 7.69 -91.68 27.27
CMD CLA SL . 7.21 -88.78 29.56
CAD CLA SL . 9.66 -91.02 28.39
OBD CLA SL . 10.53 -90.43 29.04
CBD CLA SL . 9.92 -92.32 27.57
CGD CLA SL . 11.04 -92.24 26.57
O1D CLA SL . 11.00 -91.76 25.44
O2D CLA SL . 12.20 -92.80 27.01
CED CLA SL . 13.29 -92.90 26.09
C1 CLA SL . 8.46 -97.69 29.77
C2 CLA SL . 7.23 -98.28 30.33
C3 CLA SL . 6.42 -97.69 31.22
C4 CLA SL . 5.22 -98.40 31.73
C5 CLA SL . 6.70 -96.30 31.72
C6 CLA SL . 5.69 -95.69 32.70
C7 CLA SL . 6.18 -95.41 34.10
C8 CLA SL . 7.62 -95.83 34.40
C9 CLA SL . 7.63 -96.93 35.46
C10 CLA SL . 8.51 -94.62 34.66
C11 CLA SL . 8.54 -94.28 36.12
C12 CLA SL . 8.47 -92.80 36.40
C13 CLA SL . 8.53 -92.52 37.90
C14 CLA SL . 9.65 -93.28 38.62
C15 CLA SL . 7.17 -92.78 38.55
C16 CLA SL . 6.02 -92.15 37.78
C17 CLA SL . 4.69 -92.14 38.51
C18 CLA SL . 3.74 -93.16 37.92
C19 CLA SL . 2.42 -93.15 38.67
C20 CLA SL . 3.51 -93.00 36.44
NB KC2 TL . 8.77 -89.56 36.03
ND KC2 TL . 8.35 -91.70 32.59
C1A KC2 TL . 11.52 -91.94 33.56
C1B KC2 TL . 9.88 -89.42 36.76
C1C KC2 TL . 5.80 -89.54 35.27
C1D KC2 TL . 7.27 -92.05 31.83
C2A KC2 TL . 12.89 -92.11 34.07
C2B KC2 TL . 9.62 -88.74 38.04
C2C KC2 TL . 4.39 -89.64 34.89
C2D KC2 TL . 7.70 -93.01 30.80
C3A KC2 TL . 12.87 -91.26 35.28
C3B KC2 TL . 8.18 -88.46 38.02
C3C KC2 TL . 4.37 -90.40 33.63
C3D KC2 TL . 9.15 -93.21 31.02
C4A KC2 TL . 11.50 -90.70 35.36
C4B KC2 TL . 7.74 -89.01 36.72
C4C KC2 TL . 5.83 -90.66 33.43
C4D KC2 TL . 9.49 -92.39 32.11
CAA KC2 TL . 14.04 -92.90 33.52
CAB KC2 TL . 7.18 -87.82 38.92
CAC KC2 TL . 3.13 -90.76 32.85
CAD KC2 TL . 10.36 -93.94 30.51
CBA KC2 TL . 15.17 -93.32 34.04
CBB KC2 TL . 7.23 -87.98 40.23
CBC KC2 TL . 2.72 -92.19 33.06
CBD KC2 TL . 11.45 -93.53 31.37
CED KC2 TL . 11.45 -96.89 33.11
CGA KC2 TL . 16.03 -94.06 33.11
CGD KC2 TL . 11.99 -94.78 31.97
CHA KC2 TL . 10.95 -92.56 32.37
CHB KC2 TL . 11.26 -89.82 36.51
CHC KC2 TL . 6.32 -88.86 36.47
CHD KC2 TL . 5.98 -91.43 32.17
CMA KC2 TL . 13.95 -90.98 36.29
CMB KC2 TL . 10.61 -88.41 39.13
CMC KC2 TL . 3.23 -89.06 35.67
CMD KC2 TL . 6.64 -93.52 29.85
NA KC2 TL . 10.65 -91.06 34.38
NC KC2 TL . 6.71 -90.09 34.48
O1A KC2 TL . 16.82 -94.92 33.55
O1D KC2 TL . 12.99 -95.33 31.55
O2A KC2 TL . 16.04 -93.64 31.92
O2D KC2 TL . 11.11 -95.53 32.82
OBD KC2 TL . 10.10 -94.91 29.71
MG KC2 TL . 8.69 -90.45 34.18
MG CLA UL . -5.94 -79.98 33.45
CHA CLA UL . -9.31 -80.19 34.36
CHB CLA UL . -5.82 -83.43 33.87
CHC CLA UL . -3.32 -80.27 31.21
CHD CLA UL . -6.69 -76.83 31.99
NA CLA UL . -7.26 -81.47 34.17
C1A CLA UL . -8.64 -81.38 34.47
C2A CLA UL . -9.19 -82.73 35.00
C3A CLA UL . -7.94 -83.62 35.12
C4A CLA UL . -6.92 -82.78 34.37
CMA CLA UL . -7.57 -83.98 36.54
CAA CLA UL . -10.29 -83.44 34.22
CBA CLA UL . -9.94 -83.72 32.78
CGA CLA UL . -10.96 -83.03 31.94
O1A CLA UL . -11.96 -82.46 32.31
O2A CLA UL . -10.69 -83.10 30.61
NB CLA UL . -4.85 -81.51 32.68
C1B CLA UL . -4.85 -82.80 33.11
C2B CLA UL . -3.66 -83.55 32.66
C3B CLA UL . -2.91 -82.68 31.90
C4B CLA UL . -3.67 -81.38 31.91
CMB CLA UL . -3.48 -84.96 33.02
CAB CLA UL . -1.67 -82.82 31.19
CBB CLA UL . -0.56 -83.43 31.63
NC CLA UL . -5.15 -78.75 31.93
C1C CLA UL . -4.04 -79.05 31.18
C2C CLA UL . -3.63 -77.93 30.39
C3C CLA UL . -4.62 -76.97 30.52
C4C CLA UL . -5.55 -77.48 31.52
CMC CLA UL . -2.42 -77.99 29.59
CAC CLA UL . -4.54 -75.62 29.89
CBC CLA UL . -4.43 -74.40 30.76
ND CLA UL . -7.50 -78.69 33.36
C1D CLA UL . -7.63 -77.40 32.83
C2D CLA UL . -8.90 -76.79 33.26
C3D CLA UL . -9.61 -77.83 33.84
C4D CLA UL . -8.71 -79.02 33.82
CMD CLA UL . -9.29 -75.42 33.00
CAD CLA UL . -10.82 -78.24 34.50
OBD CLA UL . -11.78 -77.57 34.83
CBD CLA UL . -10.72 -79.78 34.73
CGD CLA UL . -10.99 -80.17 36.15
O1D CLA UL . -11.84 -80.95 36.57
O2D CLA UL . -10.17 -79.57 37.04
CED CLA UL . -10.81 -78.79 38.04
C1 CLA UL . -11.79 -83.52 29.79
C2 CLA UL . -11.18 -84.36 28.74
C3 CLA UL . -11.72 -84.57 27.53
C4 CLA UL . -13.01 -83.97 27.15
C5 CLA UL . -11.01 -85.44 26.54
C6 CLA UL . -11.74 -85.77 25.25
MG CLA VL . -4.15 -69.37 32.85
CHA CLA VL . -7.08 -68.82 34.60
CHB CLA VL . -5.97 -70.62 30.23
CHC CLA VL . -1.34 -69.36 30.91
CHD CLA VL . -2.38 -67.60 35.35
NA CLA VL . -6.19 -69.68 32.51
C1A CLA VL . -7.27 -69.39 33.37
C2A CLA VL . -8.59 -69.84 32.73
C3A CLA VL . -8.16 -70.54 31.42
C4A CLA VL . -6.67 -70.26 31.36
CMA CLA VL . -8.46 -72.01 31.46
CAA CLA VL . -9.63 -68.77 32.48
CBA CLA VL . -9.45 -67.96 31.23
CGA CLA VL . -9.79 -66.54 31.54
O1A CLA VL . -9.48 -65.59 30.83
O2A CLA VL . -10.46 -66.26 32.72
NB CLA VL . -3.71 -70.00 30.98
C1B CLA VL . -4.61 -70.38 30.04
C2B CLA VL . -3.97 -70.43 28.70
C3B CLA VL . -2.66 -70.07 28.86
C4B CLA VL . -2.48 -69.79 30.32
CMB CLA VL . -4.71 -70.77 27.49
CAB CLA VL . -1.68 -69.97 27.79
CBB CLA VL . -0.65 -69.16 27.58
NC CLA VL . -2.21 -68.65 33.12
C1C CLA VL . -1.21 -68.82 32.21
C2C CLA VL . 0.04 -68.32 32.73
C3C CLA VL . -0.25 -67.72 33.94
C4C CLA VL . -1.67 -67.96 34.19
CMC CLA VL . 1.31 -68.39 31.99
CAC CLA VL . 0.70 -67.08 34.85
CBC CLA VL . 0.77 -65.58 34.68
ND CLA VL . -4.57 -68.32 34.52
C1D CLA VL . -3.73 -67.76 35.53
C2D CLA VL . -4.55 -67.39 36.70
C3D CLA VL . -5.85 -67.76 36.40
C4D CLA VL . -5.80 -68.34 35.04
CMD CLA VL . -4.04 -66.77 37.91
CAD CLA VL . -7.22 -67.81 36.86
OBD CLA VL . -7.72 -67.36 37.90
CBD CLA VL . -8.03 -68.52 35.74
CGD CLA VL . -8.75 -69.78 36.10
O1D CLA VL . -8.33 -70.93 35.95
O2D CLA VL . -10.02 -69.62 36.55
CED CLA VL . -10.27 -69.60 37.96
C1 CLA VL . -11.85 -65.86 32.69
C2 CLA VL . -12.51 -66.41 33.91
C3 CLA VL . -12.40 -65.92 35.17
C4 CLA VL . -13.10 -66.56 36.31
C5 CLA VL . -11.57 -64.73 35.49
C6 CLA VL . -10.13 -65.07 35.83
C7 CLA VL . -9.27 -63.99 35.24
C8 CLA VL . -7.82 -64.43 35.07
C9 CLA VL . -6.94 -63.50 35.90
C10 CLA VL . -7.48 -64.46 33.58
C11 CLA VL . -6.24 -65.26 33.29
C12 CLA VL . -5.01 -64.46 32.90
C13 CLA VL . -4.32 -64.85 31.59
C14 CLA VL . -4.99 -65.92 30.75
C15 CLA VL . -2.91 -65.30 31.94
C16 CLA VL . -1.93 -64.22 31.53
C17 CLA VL . -1.61 -64.26 30.05
C18 CLA VL . -0.11 -64.27 29.74
C19 CLA VL . 0.14 -63.74 28.34
C20 CLA VL . 0.75 -63.46 30.69
C03 II0 WL . 21.21 -85.96 40.10
C04 II0 WL . -3.43 -84.55 38.31
C05 II0 WL . 22.64 -86.62 39.62
C06 II0 WL . -4.61 -83.55 38.94
C07 II0 WL . 22.68 -86.90 38.29
C08 II0 WL . -4.37 -82.23 38.61
C09 II0 WL . 20.59 -85.00 39.15
C10 II0 WL . -2.64 -83.95 37.26
C11 II0 WL . 22.39 -85.52 37.36
C12 II0 WL . -4.39 -82.06 36.95
C13 II0 WL . 21.11 -84.99 37.65
C14 II0 WL . -3.29 -82.81 36.36
C15 II0 WL . 20.17 -87.10 40.40
C16 II0 WL . 21.48 -85.15 41.42
C17 II0 WL . -2.44 -84.97 39.42
C18 II0 WL . -4.10 -85.84 37.71
C19 II0 WL . 20.27 -84.35 36.56
C20 II0 WL . -2.29 -82.07 35.46
C21 II0 WL . 19.09 -84.69 39.38
C22 II0 WL . -1.35 -84.63 36.74
C23 II0 WL . 17.94 -84.44 39.58
C24 II0 WL . -0.33 -85.05 36.30
C25 II0 WL . 16.45 -84.05 39.74
C26 II0 WL . 1.05 -85.47 35.75
C27 II0 WL . 16.06 -82.86 40.65
C28 II0 WL . 1.17 -86.00 34.34
C29 II0 WL . 15.54 -84.79 39.04
C30 II0 WL . 2.10 -85.27 36.56
C31 II0 WL . 14.01 -84.52 39.07
C32 II0 WL . 3.58 -85.58 36.14
C33 II0 WL . 13.23 -85.06 38.11
C34 II0 WL . 4.50 -84.62 36.17
C35 II0 WL . 11.73 -84.77 38.16
C36 II0 WL . 5.94 -85.00 35.78
C37 II0 WL . 11.26 -83.88 39.27
C38 II0 WL . 6.18 -85.73 34.46
C39 II0 WL . 10.84 -85.25 37.25
C40 II0 WL . 6.94 -84.73 36.63
C41 II0 WL . 9.33 -84.91 37.38
C42 II0 WL . 8.43 -85.08 36.35
O01 II0 WL . 23.94 -87.40 37.94
O02 II0 WL . -5.28 -81.32 39.21
C03 II0 XL . 3.12 -74.82 18.72
C04 II0 XL . 4.64 -74.12 42.50
C05 II0 XL . 3.58 -74.80 17.14
C06 II0 XL . 3.97 -74.29 43.99
C07 II0 XL . 4.93 -74.83 17.02
C08 II0 XL . 4.67 -73.55 44.92
C09 II0 XL . 4.06 -75.48 19.65
C10 II0 XL . 5.28 -72.83 42.32
C11 II0 XL . 5.55 -76.27 17.69
C12 II0 XL . 4.60 -71.92 44.61
C13 II0 XL . 5.30 -76.31 19.10
C14 II0 XL . 4.86 -71.59 43.21
C15 II0 XL . 2.85 -73.34 19.18
C16 II0 XL . 1.77 -75.63 18.82
C17 II0 XL . 5.73 -75.20 42.41
C18 II0 XL . 3.55 -74.32 41.37
C19 II0 XL . 6.20 -77.05 20.10
C20 II0 XL . 5.56 -70.26 42.91
C21 II0 XL . 3.63 -75.72 21.12
C22 II0 XL . 6.06 -72.64 41.02
C23 II0 XL . 3.30 -75.83 22.27
C24 II0 XL . 6.58 -72.53 39.98
C25 II0 XL . 2.93 -75.87 23.77
C26 II0 XL . 7.16 -72.35 38.59
C27 II0 XL . 1.80 -76.76 24.28
C28 II0 XL . 8.43 -71.58 38.39
C29 II0 XL . 3.62 -75.05 24.62
C30 II0 XL . 6.44 -72.88 37.61
C31 II0 XL . 3.29 -75.07 26.14
C32 II0 XL . 6.86 -72.77 36.13
C33 II0 XL . 4.35 -74.84 26.96
C34 II0 XL . 6.49 -73.77 35.35
C35 II0 XL . 4.18 -74.88 28.47
C36 II0 XL . 6.84 -73.70 33.89
C37 II0 XL . 2.92 -75.46 29.06
C38 II0 XL . 8.05 -72.95 33.34
C39 II0 XL . 5.17 -74.42 29.24
C40 II0 XL . 5.93 -74.28 33.08
C41 II0 XL . 5.02 -74.43 30.77
C42 II0 XL . 6.12 -74.24 31.55
O01 II0 XL . 5.29 -74.70 15.67
O02 II0 XL . 4.12 -73.88 46.18
C03 II0 YL . 5.00 -85.87 25.29
C04 II0 YL . -13.89 -70.19 31.51
C05 II0 YL . 6.48 -85.50 24.68
C06 II0 YL . -15.50 -69.93 31.82
C07 II0 YL . 6.62 -85.93 23.40
C08 II0 YL . -16.20 -70.94 32.47
C09 II0 YL . 3.87 -85.58 24.38
C10 II0 YL . -13.65 -71.55 31.06
C11 II0 YL . 5.47 -85.20 22.41
C12 II0 YL . -15.74 -72.52 32.14
C13 II0 YL . 4.32 -84.77 23.09
C14 II0 YL . -14.32 -72.71 31.91
C15 II0 YL . 5.04 -87.40 25.57
C16 II0 YL . 4.76 -85.08 26.62
C17 II0 YL . -13.38 -69.24 30.40
C18 II0 YL . -13.10 -69.91 32.85
C19 II0 YL . 3.61 -83.53 22.59
C20 II0 YL . -13.76 -74.12 31.70
C21 II0 YL . 2.47 -85.24 25.00
C22 II0 YL . -12.49 -71.91 30.10
C23 II0 YL . 1.41 -84.93 25.49
C24 II0 YL . -11.58 -72.27 29.41
C25 II0 YL . 0.07 -84.50 26.14
C26 II0 YL . -10.39 -72.81 28.59
C27 II0 YL . -0.36 -84.93 27.55
C28 II0 YL . -9.56 -71.88 27.70
C29 II0 YL . -0.72 -83.60 25.47
C30 II0 YL . -10.09 -74.09 28.71
C31 II0 YL . -2.04 -83.12 26.13
C32 II0 YL . -8.89 -74.71 27.95
C33 II0 YL . -2.05 -81.83 26.52
C34 II0 YL . -8.39 -75.88 28.35
C35 II0 YL . -3.29 -81.30 27.20
C36 II0 YL . -7.20 -76.47 27.59
C37 II0 YL . -3.93 -82.17 28.24
C38 II0 YL . -6.53 -75.68 26.48
C39 II0 YL . -3.76 -80.08 26.86
C40 II0 YL . -6.73 -77.69 27.95
C41 II0 YL . -5.02 -79.51 27.56
C42 II0 YL . -5.48 -78.27 27.21
O01 II0 YL . 7.87 -85.55 22.90
O02 II0 YL . -16.17 -70.72 33.88
C02 IHT ZL . -0.33 -80.53 21.17
C03 IHT ZL . 1.55 -66.85 41.77
C04 IHT ZL . -1.00 -80.82 19.69
C05 IHT ZL . 0.44 -66.92 43.00
C06 IHT ZL . -2.36 -80.80 19.71
C07 IHT ZL . -1.31 -80.57 22.24
C08 IHT ZL . -0.52 -65.97 42.90
C09 IHT ZL . -2.99 -81.87 20.81
C10 IHT ZL . -2.48 -81.65 22.13
C11 IHT ZL . 0.85 -67.03 40.51
C12 IHT ZL . -1.33 -65.95 41.39
C13 IHT ZL . 0.39 -79.14 21.15
C14 IHT ZL . 0.73 -81.68 21.48
C15 IHT ZL . -0.49 -66.15 40.28
C16 IHT ZL . 2.16 -65.48 41.82
C17 IHT ZL . 2.62 -67.91 41.93
C18 IHT ZL . -1.49 -79.39 23.22
C19 IHT ZL . -3.44 -81.80 23.32
C20 IHT ZL . -0.68 -65.31 39.00
C21 IHT ZL . 1.18 -68.23 39.57
C22 IHT ZL . -2.43 -78.46 22.97
C23 IHT ZL . -2.59 -77.27 23.99
C24 IHT ZL . 1.44 -69.15 38.80
C25 IHT ZL . -3.30 -75.96 23.55
C26 IHT ZL . 1.73 -70.28 37.80
C27 IHT ZL . -2.10 -77.42 25.26
C28 IHT ZL . 2.60 -71.48 38.20
C29 IHT ZL . 1.20 -70.20 36.55
C30 IHT ZL . -2.24 -76.28 26.33
C31 IHT ZL . 1.46 -71.29 35.51
C32 IHT ZL . -1.16 -75.87 27.01
C33 IHT ZL . -1.31 -74.78 28.07
C34 IHT ZL . 0.71 -71.28 34.39
C35 IHT ZL . 0.92 -72.39 33.28
C36 IHT ZL . -2.21 -73.57 27.80
C37 IHT ZL . -0.65 -74.89 29.25
C38 IHT ZL . 0.03 -72.49 32.28
C39 IHT ZL . 2.17 -73.32 33.34
C40 IHT ZL . -0.80 -73.81 30.34
C41 IHT ZL . 0.21 -73.58 31.18
O01 IHT ZL . -1.47 -66.22 43.91
C03 II0 AM . 16.69 -75.01 36.89
C04 II0 AM . 13.22 -69.91 59.60
C05 II0 AM . 17.52 -75.28 35.48
C06 II0 AM . 12.93 -69.31 61.14
C07 II0 AM . 18.36 -74.28 35.06
C08 II0 AM . 12.86 -70.27 62.10
C09 II0 AM . 16.24 -73.62 37.09
C10 II0 AM . 13.51 -71.33 59.45
C11 II0 AM . 17.79 -72.68 35.33
C12 II0 AM . 14.07 -71.40 62.00
C13 II0 AM . 17.25 -72.47 36.63
C14 II0 AM . 13.93 -72.15 60.76
C15 II0 AM . 15.44 -75.94 36.97
C16 II0 AM . 17.53 -75.44 38.14
C17 II0 AM . 11.98 -69.58 58.77
C18 II0 AM . 14.39 -69.07 59.01
C19 II0 AM . 18.14 -71.77 37.67
C20 II0 AM . 14.40 -73.60 60.63
C21 II0 AM . 15.37 -73.39 38.36
C22 II0 AM . 14.15 -71.84 58.12
C23 II0 AM . 14.77 -73.29 39.39
C24 II0 AM . 14.67 -72.19 57.10
C25 II0 AM . 14.18 -73.20 40.81
C26 II0 AM . 15.40 -72.62 55.79
C27 II0 AM . 12.91 -72.39 41.10
C28 II0 AM . 16.83 -72.17 55.61
C29 II0 AM . 14.86 -73.93 41.77
C30 II0 AM . 14.81 -73.35 54.84
C31 II0 AM . 14.51 -73.98 43.29
C32 II0 AM . 15.58 -73.71 53.53
C33 II0 AM . 13.51 -74.67 43.85
C34 II0 AM . 14.89 -74.25 52.53
C35 II0 AM . 13.40 -74.54 45.37
C36 II0 AM . 15.47 -74.64 51.18
C37 II0 AM . 12.04 -74.48 46.01
C38 II0 AM . 16.93 -75.09 51.04
C39 II0 AM . 14.51 -74.49 46.15
C40 II0 AM . 14.65 -74.59 50.12
C41 II0 AM . 14.34 -74.35 47.69
C42 II0 AM . 15.08 -74.96 48.67
O01 II0 AM . 19.61 -74.41 35.70
O02 II0 AM . 12.95 -69.67 63.40
O1 LHG BM . 8.37 -59.00 52.12
C1 LHG BM . 7.25 -58.48 51.40
C2 LHG BM . 7.74 -57.36 50.51
O2 LHG BM . 6.56 -56.65 50.14
C3 LHG BM . 8.32 -58.03 49.28
O3 LHG BM . 9.71 -57.76 49.26
P LHG BM . 10.64 -59.04 49.55
O4 LHG BM . 10.06 -60.22 48.80
O5 LHG BM . 10.82 -59.11 51.05
O6 LHG BM . 12.06 -58.71 48.91
C4 LHG BM . 12.96 -59.79 48.65
C5 LHG BM . 13.65 -59.65 47.30
C6 LHG BM . 13.04 -58.47 46.54
O7 LHG BM . 15.03 -59.41 47.51
C7 LHG BM . 15.84 -60.56 47.14
O9 LHG BM . 16.41 -61.21 48.00
C8 LHG BM . 15.94 -60.90 45.68
C9 LHG BM . 17.09 -60.13 45.07
C10 LHG BM . 16.75 -59.86 43.62
O8 LHG BM . 12.08 -59.01 45.64
C23 LHG BM . 12.11 -58.66 44.24
O10 LHG BM . 13.16 -58.40 43.70
C24 LHG BM . 10.80 -58.58 43.50
C11 LHG BM . 17.50 -60.82 42.70
C12 LHG BM . 18.99 -60.62 42.80
C13 LHG BM . 19.55 -60.16 41.45
C14 LHG BM . 21.01 -60.58 41.21
C15 LHG BM . 21.39 -61.89 41.91
C16 LHG BM . 22.88 -62.06 42.14
C17 LHG BM . 23.68 -61.73 40.91
C18 LHG BM . 25.13 -61.66 41.31
C19 LHG BM . 25.96 -61.39 40.06
C20 LHG BM . 27.00 -62.49 39.87
C21 LHG BM . 28.24 -62.08 39.05
C22 LHG BM . 28.17 -60.75 38.31
C25 LHG BM . 11.01 -59.07 42.09
C26 LHG BM . 9.80 -59.88 41.70
C27 LHG BM . 10.11 -60.55 40.38
C28 LHG BM . 9.24 -61.78 40.26
C29 LHG BM . 10.04 -63.07 40.34
C30 LHG BM . 9.63 -64.17 39.37
C31 LHG BM . 8.37 -63.87 38.56
C32 LHG BM . 8.07 -64.93 37.53
C33 LHG BM . 7.19 -64.26 36.50
C34 LHG BM . 7.77 -64.51 35.13
C35 LHG BM . 6.74 -64.69 34.01
C36 LHG BM . 5.28 -64.90 34.47
C37 LHG BM . 4.41 -65.74 33.54
C38 LHG BM . 4.85 -65.75 32.08
C1B LMU CM . -26.30 -14.90 -49.66
C2B LMU CM . -25.16 -15.94 -49.69
C3B LMU CM . -24.53 -16.11 -48.34
C4B LMU CM . -24.24 -14.83 -47.61
C5B LMU CM . -25.49 -13.95 -47.49
C6B LMU CM . -25.24 -12.59 -48.04
O1B LMU CM . -27.40 -15.23 -50.44
O2B LMU CM . -25.61 -17.22 -50.18
O3B LMU CM . -23.28 -16.85 -48.47
O4' LMU CM . -23.71 -15.17 -46.32
O5B LMU CM . -26.63 -14.53 -48.23
O6B LMU CM . -26.45 -11.91 -48.18
C1' LMU CM . -31.15 -16.00 -48.51
C2' LMU CM . -30.80 -14.53 -48.73
C3' LMU CM . -29.62 -14.30 -49.64
C4' LMU CM . -28.63 -15.46 -49.70
C5' LMU CM . -29.47 -16.59 -50.34
C6' LMU CM . -28.82 -17.92 -50.20
O1' LMU CM . -32.43 -16.20 -48.07
O2' LMU CM . -31.92 -13.88 -49.32
O3' LMU CM . -29.02 -13.04 -49.26
O5' LMU CM . -30.86 -16.72 -49.80
O6' LMU CM . -29.74 -18.83 -49.69
C1 LMU CM . -32.52 -16.89 -46.82
C2 LMU CM . -33.33 -16.05 -45.80
C3 LMU CM . -33.28 -16.63 -44.35
C4 LMU CM . -32.92 -15.52 -43.31
C5 LMU CM . -33.03 -15.99 -41.83
C6 LMU CM . -32.26 -14.99 -40.92
C7 LMU CM . -33.15 -14.46 -39.81
C8 LMU CM . -32.30 -13.57 -38.89
C9 LMU CM . -33.03 -13.46 -37.57
C10 LMU CM . -32.29 -12.58 -36.59
C11 LMU CM . -33.08 -12.72 -35.29
C12 LMU CM . -32.20 -12.30 -34.11
MG CLA DM . -49.36 -8.39 -67.75
CHA CLA DM . -50.49 -11.51 -68.77
CHB CLA DM . -50.18 -7.11 -70.80
CHC CLA DM . -49.09 -5.24 -66.49
CHD CLA DM . -49.26 -9.67 -64.43
NA CLA DM . -50.18 -9.20 -69.49
C1A CLA DM . -50.61 -10.51 -69.72
C2A CLA DM . -51.16 -10.66 -71.14
C3A CLA DM . -50.79 -9.33 -71.80
C4A CLA DM . -50.38 -8.46 -70.63
CMA CLA DM . -49.67 -9.48 -72.80
CAA CLA DM . -52.66 -10.95 -71.12
CBA CLA DM . -53.54 -9.82 -71.61
CGA CLA DM . -54.10 -8.99 -70.49
O1A CLA DM . -54.84 -8.01 -70.60
O2A CLA DM . -53.74 -9.37 -69.22
NB CLA DM . -49.64 -6.53 -68.48
C1B CLA DM . -49.80 -6.23 -69.79
C2B CLA DM . -49.50 -4.79 -70.04
C3B CLA DM . -49.18 -4.22 -68.84
C4B CLA DM . -49.28 -5.33 -67.83
CMB CLA DM . -49.61 -4.18 -71.37
CAB CLA DM . -48.86 -2.81 -68.65
CBB CLA DM . -48.53 -2.07 -67.58
NC CLA DM . -49.17 -7.61 -65.82
C1C CLA DM . -49.04 -6.29 -65.54
C2C CLA DM . -48.89 -6.06 -64.12
C3C CLA DM . -48.98 -7.31 -63.53
C4C CLA DM . -49.17 -8.28 -64.59
CMC CLA DM . -48.70 -4.74 -63.50
CAC CLA DM . -48.87 -7.58 -62.09
CBC CLA DM . -47.44 -8.02 -61.85
ND CLA DM . -49.68 -10.14 -66.78
C1D CLA DM . -49.51 -10.56 -65.44
C2D CLA DM . -49.61 -12.02 -65.34
C3D CLA DM . -49.93 -12.45 -66.61
C4D CLA DM . -50.02 -11.23 -67.45
CMD CLA DM . -49.39 -12.80 -64.13
CAD CLA DM . -50.20 -13.58 -67.47
OBD CLA DM . -50.07 -14.78 -67.23
CBD CLA DM . -50.68 -13.00 -68.83
CGD CLA DM . -49.95 -13.59 -70.02
O1D CLA DM . -50.32 -14.51 -70.76
O2D CLA DM . -48.75 -13.00 -70.28
CED CLA DM . -48.18 -13.19 -71.58
C1 CLA DM . -53.46 -8.27 -68.32
C2 CLA DM . -53.26 -8.79 -66.95
C3 CLA DM . -52.97 -8.01 -65.90
C4 CLA DM . -52.82 -6.54 -66.00
C5 CLA DM . -52.77 -8.59 -64.53
C6 CLA DM . -53.58 -7.89 -63.46
MG CLA EM . -46.21 -19.70 -59.37
CHA CLA EM . -44.04 -18.57 -61.84
CHB CLA EM . -43.48 -20.68 -57.56
CHC CLA EM . -48.05 -19.60 -56.49
CHD CLA EM . -48.70 -17.70 -60.94
NA CLA EM . -44.15 -19.69 -59.71
C1A CLA EM . -43.43 -19.17 -60.79
C2A CLA EM . -41.94 -19.38 -60.60
C3A CLA EM . -41.89 -20.44 -59.47
C4A CLA EM . -43.26 -20.26 -58.84
CMA CLA EM . -41.68 -21.82 -60.03
CAA CLA EM . -41.25 -18.08 -60.23
CBA CLA EM . -40.32 -18.23 -59.05
CGA CLA EM . -40.78 -17.23 -58.06
O1A CLA EM . -41.00 -16.03 -58.27
O2A CLA EM . -41.00 -17.71 -56.82
NB CLA EM . -45.80 -19.96 -57.41
C1B CLA EM . -44.71 -20.58 -56.92
C2B CLA EM . -44.96 -21.19 -55.59
C3B CLA EM . -46.27 -20.89 -55.27
C4B CLA EM . -46.80 -20.10 -56.41
CMB CLA EM . -43.92 -21.92 -54.87
CAB CLA EM . -47.10 -21.16 -54.13
CBB CLA EM . -46.77 -21.16 -52.84
NC CLA EM . -48.09 -18.97 -58.88
C1C CLA EM . -48.69 -19.14 -57.67
C2C CLA EM . -50.03 -18.56 -57.68
C3C CLA EM . -50.13 -17.90 -58.89
C4C CLA EM . -48.93 -18.17 -59.64
CMC CLA EM . -51.00 -18.60 -56.59
CAC CLA EM . -51.27 -17.12 -59.38
CBC CLA EM . -50.99 -15.69 -59.00
ND CLA EM . -46.49 -18.69 -61.11
C1D CLA EM . -47.56 -17.94 -61.65
C2D CLA EM . -47.19 -17.44 -62.99
C3D CLA EM . -45.87 -17.72 -63.13
C4D CLA EM . -45.45 -18.40 -61.89
CMD CLA EM . -47.99 -16.74 -63.97
CAD CLA EM . -44.74 -17.57 -63.98
OBD CLA EM . -44.66 -17.17 -65.13
CBD CLA EM . -43.52 -17.98 -63.13
CGD CLA EM . -42.67 -18.86 -63.98
O1D CLA EM . -42.02 -18.48 -64.95
O2D CLA EM . -42.64 -20.18 -63.67
CED CLA EM . -41.35 -20.81 -63.72
C1 CLA EM . -42.32 -17.47 -56.33
C2 CLA EM . -42.36 -17.90 -54.91
C3 CLA EM . -43.51 -17.89 -54.20
C4 CLA EM . -44.82 -17.48 -54.75
C5 CLA EM . -43.51 -18.31 -52.79
MG CLA FM . -46.38 -22.68 -48.07
CHA CLA FM . -43.03 -23.62 -48.27
CHB CLA FM . -45.58 -19.75 -49.62
CHC CLA FM . -49.44 -21.36 -47.18
CHD CLA FM . -46.85 -25.23 -45.67
NA CLA FM . -44.61 -21.89 -48.87
C1A CLA FM . -43.33 -22.45 -48.92
C2A CLA FM . -42.33 -21.50 -49.61
C3A CLA FM . -43.19 -20.29 -49.97
C4A CLA FM . -44.58 -20.68 -49.50
CMA CLA FM . -42.79 -19.07 -49.17
CAA CLA FM . -41.74 -22.08 -50.91
CBA CLA FM . -41.07 -21.03 -51.77
CGA CLA FM . -39.82 -20.54 -51.12
O1A CLA FM . -38.81 -21.18 -50.81
O2A CLA FM . -39.89 -19.19 -50.87
NB CLA FM . -47.35 -20.96 -48.43
C1B CLA FM . -46.87 -19.91 -49.12
C2B CLA FM . -47.88 -18.83 -49.22
C3B CLA FM . -48.99 -19.26 -48.54
C4B CLA FM . -48.66 -20.62 -48.00
CMB CLA FM . -47.52 -17.57 -49.86
CAB CLA FM . -50.25 -18.61 -48.26
CBB CLA FM . -50.44 -17.38 -47.78
NC CLA FM . -47.88 -23.23 -46.73
C1C CLA FM . -49.08 -22.59 -46.56
C2C CLA FM . -49.91 -23.31 -45.59
C3C CLA FM . -49.12 -24.37 -45.13
C4C CLA FM . -47.89 -24.32 -45.87
CMC CLA FM . -51.25 -22.91 -45.16
CAC CLA FM . -49.45 -25.41 -44.15
CBC CLA FM . -49.05 -24.98 -42.75
ND CLA FM . -45.26 -24.08 -47.12
C1D CLA FM . -45.62 -25.12 -46.23
C2D CLA FM . -44.47 -26.00 -46.00
C3D CLA FM . -43.45 -25.45 -46.74
C4D CLA FM . -43.99 -24.26 -47.43
CMD CLA FM . -44.48 -27.14 -45.09
CAD CLA FM . -42.04 -25.53 -47.07
OBD CLA FM . -41.17 -26.26 -46.65
CBD CLA FM . -41.76 -24.43 -48.12
CGD CLA FM . -40.55 -23.62 -47.71
O1D CLA FM . -39.38 -23.89 -47.98
O2D CLA FM . -40.86 -22.53 -46.96
CED CLA FM . -39.82 -21.55 -46.79
C1 CLA FM . -38.77 -18.51 -50.26
C2 CLA FM . -38.64 -18.71 -48.79
C3 CLA FM . -38.90 -17.75 -47.90
C4 CLA FM . -39.30 -16.37 -48.28
C5 CLA FM . -38.76 -17.99 -46.43
C6 CLA FM . -37.70 -17.11 -45.80
MG CLA GM . -62.26 -33.41 -46.39
CHA CLA GM . -64.25 -34.81 -43.93
CHB CLA GM . -59.96 -32.63 -43.92
CHC CLA GM . -59.72 -33.06 -48.71
CHD CLA GM . -64.11 -35.27 -48.80
NA CLA GM . -62.17 -33.61 -44.30
C1A CLA GM . -63.10 -34.25 -43.45
C2A CLA GM . -62.67 -34.19 -41.99
C3A CLA GM . -61.42 -33.28 -42.02
C4A CLA GM . -61.15 -33.15 -43.52
CMA CLA GM . -61.63 -31.96 -41.33
CAA CLA GM . -62.34 -35.53 -41.34
CBA CLA GM . -61.37 -36.35 -42.15
CGA CLA GM . -62.03 -37.44 -42.94
O1A CLA GM . -62.82 -38.29 -42.51
O2A CLA GM . -61.66 -37.44 -44.25
NB CLA GM . -60.29 -32.93 -46.33
C1B CLA GM . -59.59 -32.51 -45.24
C2B CLA GM . -58.30 -31.87 -45.63
C3B CLA GM . -58.20 -31.98 -47.00
C4B CLA GM . -59.45 -32.67 -47.45
CMB CLA GM . -57.39 -31.37 -44.58
CAB CLA GM . -57.17 -31.63 -47.96
CBB CLA GM . -56.25 -30.64 -47.88
NC CLA GM . -62.02 -33.98 -48.39
C1C CLA GM . -60.92 -33.69 -49.16
C2C CLA GM . -61.10 -34.16 -50.50
C3C CLA GM . -62.29 -34.88 -50.52
C4C CLA GM . -62.87 -34.74 -49.19
CMC CLA GM . -60.13 -33.98 -51.57
CAC CLA GM . -62.89 -35.56 -51.68
CBC CLA GM . -63.69 -34.62 -52.55
ND CLA GM . -63.82 -34.70 -46.44
C1D CLA GM . -64.56 -35.27 -47.51
C2D CLA GM . -65.84 -35.78 -46.99
C3D CLA GM . -65.79 -35.60 -45.62
C4D CLA GM . -64.48 -34.99 -45.33
CMD CLA GM . -66.90 -36.37 -47.82
CAD CLA GM . -66.49 -35.77 -44.35
OBD CLA GM . -67.63 -36.16 -44.14
CBD CLA GM . -65.49 -35.33 -43.24
CGD CLA GM . -66.05 -34.24 -42.40
O1D CLA GM . -65.98 -34.12 -41.17
O2D CLA GM . -66.69 -33.28 -43.14
CED CLA GM . -67.23 -32.15 -42.45
C1 CLA GM . -62.51 -38.24 -45.11
C2 CLA GM . -61.99 -38.17 -46.49
C3 CLA GM . -62.69 -38.68 -47.54
C4 CLA GM . -64.01 -39.33 -47.39
C5 CLA GM . -62.17 -38.62 -48.94
C6 CLA GM . -60.74 -38.15 -49.07
C7 CLA GM . -60.18 -38.62 -50.40
C8 CLA GM . -58.86 -38.02 -50.87
C9 CLA GM . -58.20 -36.99 -49.96
C10 CLA GM . -59.10 -37.41 -52.25
C11 CLA GM . -58.58 -38.26 -53.38
C12 CLA GM . -57.08 -38.13 -53.39
C13 CLA GM . -56.30 -39.08 -54.31
C14 CLA GM . -57.01 -40.39 -54.58
C15 CLA GM . -54.87 -39.41 -53.82
C16 CLA GM . -54.54 -38.96 -52.40
C17 CLA GM . -53.10 -38.98 -52.02
C18 CLA GM . -53.03 -38.68 -50.53
C19 CLA GM . -51.63 -38.24 -50.15
C20 CLA GM . -53.53 -39.84 -49.68
MG CLA HM . -57.97 -44.30 -39.28
CHA CLA HM . -60.39 -43.51 -36.91
CHB CLA HM . -57.42 -47.26 -37.61
CHC CLA HM . -56.41 -45.59 -42.04
CHD CLA HM . -59.19 -41.62 -41.27
NA CLA HM . -58.75 -45.19 -37.54
C1A CLA HM . -59.75 -44.70 -36.70
C2A CLA HM . -60.03 -45.68 -35.57
C3A CLA HM . -58.80 -46.61 -35.61
C4A CLA HM . -58.29 -46.37 -37.04
CMA CLA HM . -57.77 -46.24 -34.58
CAA CLA HM . -61.26 -46.43 -36.02
CBA CLA HM . -61.94 -47.19 -34.91
CGA CLA HM . -62.66 -46.27 -33.96
O1A CLA HM . -63.51 -45.41 -34.24
O2A CLA HM . -62.32 -46.42 -32.63
NB CLA HM . -57.15 -46.09 -39.76
C1B CLA HM . -56.89 -47.11 -38.89
C2B CLA HM . -55.90 -48.06 -39.46
C3B CLA HM . -55.60 -47.60 -40.72
C4B CLA HM . -56.38 -46.34 -40.91
CMB CLA HM . -55.50 -49.25 -38.68
CAB CLA HM . -54.73 -48.08 -41.78
CBB CLA HM . -53.60 -48.79 -41.67
NC CLA HM . -57.80 -43.68 -41.26
C1C CLA HM . -57.07 -44.35 -42.21
C2C CLA HM . -57.11 -43.64 -43.48
C3C CLA HM . -57.95 -42.53 -43.28
C4C CLA HM . -58.35 -42.56 -41.88
CMC CLA HM . -56.44 -44.12 -44.69
CAC CLA HM . -58.33 -41.48 -44.26
CBC CLA HM . -57.24 -40.49 -44.58
ND CLA HM . -59.36 -42.82 -39.14
C1D CLA HM . -59.67 -41.72 -39.98
C2D CLA HM . -60.59 -40.80 -39.25
C3D CLA HM . -60.89 -41.44 -38.06
C4D CLA HM . -60.12 -42.70 -38.06
CMD CLA HM . -61.07 -39.52 -39.76
CAD CLA HM . -61.61 -41.37 -36.80
OBD CLA HM . -62.31 -40.46 -36.35
CBD CLA HM . -61.37 -42.73 -36.07
CGD CLA HM . -60.90 -42.58 -34.64
O1D CLA HM . -61.38 -43.13 -33.65
O2D CLA HM . -59.81 -41.77 -34.50
CED CLA HM . -59.20 -41.64 -33.21
C1 CLA HM . -62.03 -47.72 -32.10
C2 CLA HM . -62.64 -47.80 -30.75
C3 CLA HM . -63.94 -48.07 -30.54
C4 CLA HM . -64.91 -48.31 -31.64
C5 CLA HM . -64.46 -48.12 -29.16
C6 CLA HM . -65.53 -47.07 -28.92
MG CLA IM . -45.20 -31.68 -45.77
CHA CLA IM . -43.25 -29.51 -47.67
CHB CLA IM . -42.34 -32.87 -44.32
CHC CLA IM . -47.05 -32.86 -43.08
CHD CLA IM . -48.02 -29.73 -46.74
NA CLA IM . -43.15 -31.30 -46.03
C1A CLA IM . -42.54 -30.35 -46.85
C2A CLA IM . -41.01 -30.42 -46.73
C3A CLA IM . -40.82 -31.78 -46.05
C4A CLA IM . -42.18 -32.00 -45.39
CMA CLA IM . -40.50 -32.81 -47.08
CAA CLA IM . -40.43 -29.32 -45.85
CBA CLA IM . -38.93 -29.17 -46.05
CGA CLA IM . -38.33 -28.06 -45.22
O1A CLA IM . -38.27 -27.94 -44.00
O2A CLA IM . -37.72 -27.08 -45.97
NB CLA IM . -44.77 -32.62 -44.02
C1B CLA IM . -43.56 -33.14 -43.69
C2B CLA IM . -43.66 -34.10 -42.56
C3B CLA IM . -45.00 -34.13 -42.17
C4B CLA IM . -45.71 -33.19 -43.11
CMB CLA IM . -42.46 -34.77 -42.07
CAB CLA IM . -45.73 -34.84 -41.14
CBB CLA IM . -45.26 -35.43 -40.02
NC CLA IM . -47.16 -31.42 -45.10
C1C CLA IM . -47.74 -32.03 -44.02
C2C CLA IM . -49.14 -31.65 -43.93
C3C CLA IM . -49.38 -30.70 -44.91
C4C CLA IM . -48.15 -30.58 -45.65
CMC CLA IM . -50.10 -32.10 -42.93
CAC CLA IM . -50.62 -29.99 -45.23
CBC CLA IM . -51.54 -30.74 -46.15
ND CLA IM . -45.64 -30.15 -47.02
C1D CLA IM . -46.85 -29.52 -47.41
C2D CLA IM . -46.62 -28.59 -48.52
C3D CLA IM . -45.25 -28.55 -48.67
C4D CLA IM . -44.68 -29.50 -47.69
CMD CLA IM . -47.65 -27.83 -49.22
CAD CLA IM . -44.15 -27.97 -49.40
OBD CLA IM . -44.18 -27.19 -50.35
CBD CLA IM . -42.84 -28.51 -48.73
CGD CLA IM . -41.97 -29.14 -49.76
O1D CLA IM . -41.67 -30.33 -49.89
O2D CLA IM . -41.48 -28.24 -50.65
CED CLA IM . -41.28 -28.68 -51.98
C1 CLA IM . -36.28 -27.07 -45.96
C2 CLA IM . -35.89 -25.97 -46.88
C3 CLA IM . -35.66 -24.71 -46.46
C4 CLA IM . -35.28 -23.64 -47.42
C5 CLA IM . -35.77 -24.35 -45.02
C6 CLA IM . -36.37 -22.98 -44.75
C7 CLA IM . -36.82 -22.86 -43.30
C8 CLA IM . -38.29 -23.20 -43.11
C9 CLA IM . -39.05 -21.95 -42.73
C10 CLA IM . -38.47 -24.34 -42.10
C11 CLA IM . -39.87 -24.47 -41.50
C12 CLA IM . -39.96 -25.58 -40.48
C13 CLA IM . -39.73 -26.92 -41.16
C14 CLA IM . -41.02 -27.44 -41.76
C15 CLA IM . -39.08 -27.93 -40.22
C16 CLA IM . -37.59 -27.75 -40.17
MG CLA JM . -51.27 -34.32 -60.84
CHA CLA JM . -48.70 -36.45 -61.62
CHB CLA JM . -51.70 -33.70 -64.20
CHC CLA JM . -54.29 -32.85 -60.16
CHD CLA JM . -51.17 -35.55 -57.51
NA CLA JM . -50.30 -34.93 -62.59
C1A CLA JM . -49.23 -35.81 -62.71
C2A CLA JM . -48.79 -35.94 -64.18
C3A CLA JM . -49.58 -34.83 -64.91
C4A CLA JM . -50.61 -34.43 -63.83
CMA CLA JM . -48.69 -33.74 -65.46
CAA CLA JM . -48.97 -37.28 -64.89
CBA CLA JM . -50.34 -37.91 -64.93
CGA CLA JM . -51.44 -37.36 -65.77
O1A CLA JM . -51.49 -37.23 -66.99
O2A CLA JM . -52.47 -37.02 -64.96
NB CLA JM . -52.70 -33.45 -61.96
C1B CLA JM . -52.69 -33.30 -63.31
C2B CLA JM . -53.88 -32.58 -63.78
C3B CLA JM . -54.65 -32.33 -62.65
C4B CLA JM . -53.89 -32.87 -61.47
CMB CLA JM . -54.06 -32.31 -65.20
CAB CLA JM . -55.90 -31.65 -62.45
CBB CLA JM . -56.53 -30.76 -63.20
NC CLA JM . -52.46 -34.17 -59.13
C1C CLA JM . -53.61 -33.45 -59.05
C2C CLA JM . -54.10 -33.45 -57.67
C3C CLA JM . -53.27 -34.33 -56.96
C4C CLA JM . -52.23 -34.72 -57.87
CMC CLA JM . -55.30 -32.77 -57.18
CAC CLA JM . -53.32 -34.66 -55.52
CBC CLA JM . -53.85 -36.04 -55.21
ND CLA JM . -50.22 -35.65 -59.76
C1D CLA JM . -50.24 -36.02 -58.39
C2D CLA JM . -49.14 -36.92 -58.07
C3D CLA JM . -48.48 -37.12 -59.28
C4D CLA JM . -49.21 -36.32 -60.29
CMD CLA JM . -48.98 -37.41 -56.69
CAD CLA JM . -47.39 -37.76 -60.01
OBD CLA JM . -46.46 -38.47 -59.64
CBD CLA JM . -47.53 -37.37 -61.48
CGD CLA JM . -46.27 -36.72 -61.98
O1D CLA JM . -45.32 -37.31 -62.48
O2D CLA JM . -46.21 -35.36 -61.86
CED CLA JM . -45.74 -34.61 -62.99
C1 CLA JM . -53.67 -36.49 -65.54
C2 CLA JM . -54.46 -36.12 -64.36
C3 CLA JM . -55.72 -35.68 -64.39
C4 CLA JM . -56.50 -35.50 -65.63
C5 CLA JM . -56.40 -35.36 -63.11
C6 CLA JM . -57.53 -36.32 -62.80
MG CLA KM . -56.82 -19.50 -69.17
CHA CLA KM . -56.23 -22.91 -69.56
CHB CLA KM . -56.52 -19.14 -72.57
CHC CLA KM . -58.41 -16.45 -69.00
CHD CLA KM . -58.00 -20.18 -65.89
NA CLA KM . -56.39 -20.80 -70.76
C1A CLA KM . -56.18 -22.19 -70.72
C2A CLA KM . -55.90 -22.72 -72.13
C3A CLA KM . -55.64 -21.45 -72.95
C4A CLA KM . -56.25 -20.38 -72.05
CMA CLA KM . -54.16 -21.25 -73.17
CAA CLA KM . -56.97 -23.60 -72.78
CBA CLA KM . -58.39 -23.61 -72.21
CGA CLA KM . -59.06 -22.28 -72.36
O1A CLA KM . -59.19 -21.63 -73.39
O2A CLA KM . -59.56 -21.80 -71.18
NB CLA KM . -57.34 -18.08 -70.51
C1B CLA KM . -57.09 -18.09 -71.84
C2B CLA KM . -57.53 -16.81 -72.45
C3B CLA KM . -58.06 -16.04 -71.44
C4B CLA KM . -57.95 -16.85 -70.20
CMB CLA KM . -57.37 -16.55 -73.89
CAB CLA KM . -58.71 -14.76 -71.38
CBB CLA KM . -59.60 -14.26 -72.25
NC CLA KM . -57.87 -18.47 -67.68
C1C CLA KM . -58.35 -17.20 -67.81
C2C CLA KM . -58.95 -16.73 -66.59
C3C CLA KM . -58.96 -17.80 -65.72
C4C CLA KM . -58.27 -18.91 -66.40
CMC CLA KM . -59.50 -15.38 -66.41
CAC CLA KM . -59.46 -17.72 -64.34
CBC CLA KM . -60.93 -18.06 -64.21
ND CLA KM . -56.94 -21.08 -67.94
C1D CLA KM . -57.39 -21.19 -66.61
C2D CLA KM . -57.10 -22.55 -66.17
C3D CLA KM . -56.59 -23.26 -67.24
C4D CLA KM . -56.59 -22.29 -68.34
CMD CLA KM . -57.33 -22.98 -64.82
CAD CLA KM . -56.06 -24.52 -67.73
OBD CLA KM . -55.74 -25.54 -67.12
CBD CLA KM . -55.97 -24.37 -69.27
CGD CLA KM . -54.70 -24.85 -69.92
O1D CLA KM . -53.75 -24.21 -70.38
O2D CLA KM . -54.63 -26.20 -70.06
CED CLA KM . -55.22 -26.78 -71.21
C1 CLA KM . -60.13 -20.47 -71.20
NB KC2 LM . -61.98 -27.74 -62.32
ND KC2 LM . -60.75 -25.56 -65.55
C1A KC2 LM . -59.75 -28.70 -65.99
C1B KC2 LM . -61.74 -29.03 -62.09
C1C KC2 LM . -63.11 -24.92 -62.01
C1D KC2 LM . -60.95 -24.26 -65.92
C2A KC2 LM . -59.34 -30.11 -66.16
C2B KC2 LM . -62.46 -29.52 -60.89
C2C KC2 LM . -63.66 -23.56 -61.94
C2D KC2 LM . -60.40 -24.07 -67.28
C3A KC2 LM . -59.80 -30.73 -64.89
C3B KC2 LM . -63.17 -28.34 -60.38
C3C KC2 LM . -63.10 -22.85 -63.12
C3D KC2 LM . -59.85 -25.39 -67.67
C4A KC2 LM . -60.41 -29.62 -64.11
C4B KC2 LM . -62.81 -27.28 -61.34
C4C KC2 LM . -62.27 -23.93 -63.74
C4D KC2 LM . -60.09 -26.25 -66.58
CAA KC2 LM . -58.66 -30.85 -67.25
CAB KC2 LM . -64.07 -28.06 -59.23
CAC KC2 LM . -63.37 -21.42 -63.47
CAD KC2 LM . -59.16 -26.12 -68.77
CBA KC2 LM . -57.41 -31.26 -67.24
CBB KC2 LM . -63.62 -28.13 -57.99
CBC KC2 LM . -64.53 -21.33 -64.44
CBD KC2 LM . -58.82 -27.42 -68.21
CED KC2 LM . -58.62 -29.14 -71.53
CGA KC2 LM . -56.98 -32.11 -68.35
CGD KC2 LM . -59.21 -28.40 -69.26
CHA KC2 LM . -59.55 -27.59 -66.94
CHB KC2 LM . -60.94 -30.01 -62.80
CHC KC2 LM . -63.40 -25.98 -61.06
CHD KC2 LM . -61.63 -23.37 -64.96
CMA KC2 LM . -59.71 -32.16 -64.41
CMB KC2 LM . -62.47 -30.90 -60.29
CMC KC2 LM . -64.60 -23.04 -60.88
CMD KC2 LM . -60.50 -22.71 -67.90
NA KC2 LM . -60.41 -28.41 -64.70
NC KC2 LM . -62.30 -25.23 -63.02
O1A KC2 LM . -56.24 -33.08 -68.10
O1D KC2 LM . -60.39 -28.61 -69.54
O2A KC2 LM . -57.08 -31.60 -69.50
O2D KC2 LM . -58.20 -28.71 -70.25
OBD KC2 LM . -59.40 -25.61 -69.94
MG KC2 LM . -61.17 -26.68 -63.88
MG CLA MM . -62.42 -13.91 -51.53
CHA CLA MM . -64.99 -11.86 -50.26
CHB CLA MM . -64.31 -14.17 -54.40
CHC CLA MM . -59.56 -14.39 -53.48
CHD CLA MM . -60.29 -12.36 -49.09
NA CLA MM . -64.32 -13.22 -52.14
C1A CLA MM . -65.23 -12.38 -51.48
C2A CLA MM . -66.51 -12.14 -52.31
C3A CLA MM . -66.38 -13.20 -53.44
C4A CLA MM . -64.90 -13.55 -53.34
CMA CLA MM . -67.27 -14.38 -53.22
CAA CLA MM . -66.66 -10.69 -52.82
CBA CLA MM . -66.84 -10.44 -54.31
CGA CLA MM . -65.75 -9.52 -54.80
O1A CLA MM . -64.60 -9.84 -55.07
O2A CLA MM . -66.13 -8.21 -54.92
NB CLA MM . -62.03 -14.17 -53.52
C1B CLA MM . -62.97 -14.52 -54.42
C2B CLA MM . -62.43 -15.37 -55.49
C3B CLA MM . -61.06 -15.46 -55.27
C4B CLA MM . -60.79 -14.62 -54.05
CMB CLA MM . -63.32 -15.81 -56.58
CAB CLA MM . -59.97 -16.07 -56.00
CBB CLA MM . -59.94 -16.69 -57.19
NC CLA MM . -60.35 -13.59 -51.26
C1C CLA MM . -59.36 -13.93 -52.15
C2C CLA MM . -58.05 -13.73 -51.59
C3C CLA MM . -58.25 -13.03 -50.41
C4C CLA MM . -59.69 -12.95 -50.20
CMC CLA MM . -56.85 -14.16 -52.29
CAC CLA MM . -57.26 -12.59 -49.43
CBC CLA MM . -56.93 -13.62 -48.38
ND CLA MM . -62.57 -12.64 -49.95
C1D CLA MM . -61.64 -12.18 -48.96
C2D CLA MM . -62.38 -11.48 -47.89
C3D CLA MM . -63.68 -11.36 -48.32
C4D CLA MM . -63.72 -12.02 -49.65
CMD CLA MM . -61.85 -10.94 -46.65
CAD CLA MM . -64.97 -10.81 -48.03
OBD CLA MM . -65.39 -10.16 -47.07
CBD CLA MM . -65.84 -11.07 -49.29
CGD CLA MM . -67.08 -11.85 -48.95
O1D CLA MM . -67.24 -13.07 -48.90
O2D CLA MM . -68.16 -11.03 -48.77
CED CLA MM . -69.16 -11.18 -47.77
C1 CLA MM . -65.19 -7.18 -55.30
C2 CLA MM . -64.90 -7.19 -56.78
C3 CLA MM . -64.47 -6.14 -57.53
C4 CLA MM . -64.25 -4.76 -57.04
C5 CLA MM . -64.20 -6.30 -58.98
C6 CLA MM . -62.83 -5.79 -59.40
MG CLA NM . -55.70 -15.01 -43.54
CHA CLA NM . -57.93 -13.52 -41.31
CHB CLA NM . -55.43 -11.96 -45.14
CHC CLA NM . -52.60 -15.88 -44.82
CHD CLA NM . -55.31 -17.63 -41.15
NA CLA NM . -56.61 -13.15 -43.34
C1A CLA NM . -57.49 -12.70 -42.33
C2A CLA NM . -57.89 -11.24 -42.59
C3A CLA NM . -57.47 -11.04 -44.06
C4A CLA NM . -56.40 -12.11 -44.20
CMA CLA NM . -58.53 -11.28 -45.08
CAA CLA NM . -57.07 -10.22 -41.82
CBA CLA NM . -57.42 -10.01 -40.36
CGA CLA NM . -56.57 -10.88 -39.48
O1A CLA NM . -56.78 -11.23 -38.31
O2A CLA NM . -55.43 -11.33 -40.09
NB CLA NM . -54.35 -14.13 -44.77
C1B CLA NM . -54.41 -12.90 -45.32
C2B CLA NM . -53.24 -12.63 -46.20
C3B CLA NM . -52.44 -13.74 -46.12
C4B CLA NM . -53.12 -14.70 -45.21
CMB CLA NM . -53.10 -11.34 -46.86
CAB CLA NM . -51.15 -14.08 -46.68
CBB CLA NM . -50.61 -13.74 -47.85
NC CLA NM . -54.34 -16.56 -43.17
C1C CLA NM . -53.19 -16.76 -43.88
C2C CLA NM . -52.50 -17.95 -43.43
C3C CLA NM . -53.19 -18.39 -42.30
C4C CLA NM . -54.36 -17.51 -42.16
CMC CLA NM . -51.24 -18.45 -44.01
CAC CLA NM . -52.87 -19.55 -41.47
CBC CLA NM . -52.08 -19.08 -40.27
ND CLA NM . -56.54 -15.61 -41.79
C1D CLA NM . -56.32 -16.72 -40.93
C2D CLA NM . -57.36 -16.74 -39.87
C3D CLA NM . -58.06 -15.57 -40.02
C4D CLA NM . -57.44 -14.86 -41.16
CMD CLA NM . -57.55 -17.80 -38.88
CAD CLA NM . -59.14 -14.76 -39.53
OBD CLA NM . -60.05 -15.02 -38.75
CBD CLA NM . -58.95 -13.36 -40.20
CGD CLA NM . -60.25 -12.74 -40.63
O1D CLA NM . -60.71 -11.66 -40.23
O2D CLA NM . -60.97 -13.47 -41.51
CED CLA NM . -61.02 -13.02 -42.87
C1 CLA NM . -54.72 -12.39 -39.42
C2 CLA NM . -53.65 -12.86 -40.34
C3 CLA NM . -52.95 -13.97 -40.12
C4 CLA NM . -53.16 -14.85 -38.95
C5 CLA NM . -51.88 -14.36 -41.08
C6 CLA NM . -50.57 -14.65 -40.39
C03 II0 OM . -44.65 -12.70 -56.44
C04 II0 OM . -58.98 -27.79 -43.14
C05 II0 OM . -43.36 -12.11 -57.28
C06 II0 OM . -60.28 -28.69 -42.62
C07 II0 OM . -42.61 -13.08 -57.85
C08 II0 OM . -61.36 -28.44 -43.41
C09 II0 OM . -45.01 -14.11 -56.77
C10 II0 OM . -58.80 -27.88 -44.58
C11 II0 OM . -43.53 -14.05 -58.91
C12 II0 OM . -61.22 -28.80 -45.01
C13 II0 OM . -44.68 -14.59 -58.27
C14 II0 OM . -59.84 -28.72 -45.46
C15 II0 OM . -44.39 -12.63 -54.88
C16 II0 OM . -45.90 -11.80 -56.76
C17 II0 OM . -59.22 -26.29 -42.79
C18 II0 OM . -57.69 -28.29 -42.39
C19 II0 OM . -45.10 -16.01 -58.64
C20 II0 OM . -59.65 -28.77 -46.98
C21 II0 OM . -46.35 -14.62 -56.17
C22 II0 OM . -57.35 -27.74 -45.09
C23 II0 OM . -47.37 -15.06 -55.73
C24 II0 OM . -56.21 -27.57 -45.44
C25 II0 OM . -48.61 -15.66 -55.01
C26 II0 OM . -54.80 -27.20 -45.92
C27 II0 OM . -50.00 -15.02 -55.18
C28 II0 OM . -53.54 -27.53 -45.14
C29 II0 OM . -48.44 -16.78 -54.26
C30 II0 OM . -54.81 -26.55 -47.07
C31 II0 OM . -49.64 -17.44 -53.53
C32 II0 OM . -53.58 -25.99 -47.84
C33 II0 OM . -49.44 -18.52 -52.75
C34 II0 OM . -53.44 -24.68 -47.83
C35 II0 OM . -50.61 -19.18 -52.04
C36 II0 OM . -52.27 -24.06 -48.59
C37 II0 OM . -51.94 -18.46 -51.94
C38 II0 OM . -50.94 -24.78 -48.65
C39 II0 OM . -50.44 -20.40 -51.50
C40 II0 OM . -52.47 -22.87 -49.21
C41 II0 OM . -51.61 -21.07 -50.76
C42 II0 OM . -51.33 -22.18 -50.00
O01 II0 OM . -41.51 -12.50 -58.53
O02 II0 OM . -62.51 -29.12 -42.89
C03 II0 PM . -54.08 -18.18 -63.60
C04 II0 PM . -62.82 -5.55 -44.52
C05 II0 PM . -52.68 -18.93 -64.02
C06 II0 PM . -63.92 -6.78 -44.81
C07 II0 PM . -51.89 -18.19 -64.84
C08 II0 PM . -64.22 -7.61 -43.73
C09 II0 PM . -54.06 -16.73 -63.35
C10 II0 PM . -61.64 -6.06 -43.87
C11 II0 PM . -51.61 -16.63 -64.22
C12 II0 PM . -62.90 -8.01 -42.78
C13 II0 PM . -52.58 -16.15 -63.28
C14 II0 PM . -61.94 -6.93 -42.57
C15 II0 PM . -55.13 -18.45 -64.71
C16 II0 PM . -54.64 -18.91 -62.36
C17 II0 PM . -62.42 -4.96 -45.90
C18 II0 PM . -63.44 -4.38 -43.66
C19 II0 PM . -52.32 -14.92 -62.41
C20 II0 PM . -60.79 -7.20 -41.59
C21 II0 PM . -55.05 -16.18 -62.28
C22 II0 PM . -60.47 -6.58 -44.76
C23 II0 PM . -55.88 -15.82 -61.47
C24 II0 PM . -59.60 -7.02 -45.44
C25 II0 PM . -56.98 -15.40 -60.47
C26 II0 PM . -58.54 -7.65 -46.40
C27 II0 PM . -58.28 -16.18 -60.34
C28 II0 PM . -57.11 -7.73 -45.99
C29 II0 PM . -56.69 -14.31 -59.71
C30 II0 PM . -58.98 -8.12 -47.59
C31 II0 PM . -57.54 -13.63 -58.60
C32 II0 PM . -57.96 -8.78 -48.57
C33 II0 PM . -56.83 -13.15 -57.55
C34 II0 PM . -58.29 -8.80 -49.85
C35 II0 PM . -57.57 -12.47 -56.41
C36 II0 PM . -57.36 -9.42 -50.90
C37 II0 PM . -59.06 -12.66 -56.49
C38 II0 PM . -55.84 -9.37 -50.72
C39 II0 PM . -56.95 -11.79 -55.41
C40 II0 PM . -57.93 -10.01 -51.98
C41 II0 PM . -57.75 -11.12 -54.26
C42 II0 PM . -57.10 -10.67 -53.12
O01 II0 PM . -50.65 -18.85 -64.94
O02 II0 PM . -65.25 -7.05 -42.92
C10 WVN QM . -57.64 -24.25 -38.63
C11 WVN QM . -52.74 -11.64 -57.08
C12 WVN QM . -56.30 -24.98 -38.52
C13 WVN QM . -56.18 -22.51 -39.76
C14 WVN QM . -55.16 -24.05 -38.11
C01 WVN QM . -53.18 -10.78 -59.43
C02 WVN QM . -52.12 -11.01 -58.34
C03 WVN QM . -52.47 -10.39 -60.73
C04 WVN QM . -51.53 -11.48 -61.23
C05 WVN QM . -50.85 -11.75 -58.85
C06 WVN QM . -57.58 -22.83 -39.20
C07 WVN QM . -54.10 -11.95 -59.60
C08 WVN QM . -54.08 -9.61 -59.06
C09 WVN QM . -50.63 -12.03 -60.12
C15 WVN QM . -55.11 -22.82 -39.04
C16 WVN QM . -49.67 -11.95 -57.90
C17 WVN QM . -58.03 -21.77 -38.17
C18 WVN QM . -58.66 -22.78 -40.28
C19 WVN QM . -52.57 -10.94 -55.98
C20 WVN QM . -55.94 -22.07 -41.21
C21 WVN QM . -54.20 -21.69 -38.61
C22 WVN QM . -53.05 -11.32 -54.58
C23 WVN QM . -55.63 -22.93 -42.16
C24 WVN QM . -53.52 -10.21 -53.64
C25 WVN QM . -55.40 -22.48 -43.60
C26 WVN QM . -53.05 -12.58 -54.19
C27 WVN QM . -55.28 -23.55 -44.69
C28 WVN QM . -55.28 -21.20 -43.89
C29 WVN QM . -53.48 -12.95 -52.77
C30 WVN QM . -55.04 -20.76 -45.33
C31 WVN QM . -53.20 -14.16 -52.33
C32 WVN QM . -53.58 -14.53 -50.90
C33 WVN QM . -54.71 -19.50 -45.58
C34 WVN QM . -54.47 -19.07 -47.03
C35 WVN QM . -53.56 -13.39 -49.90
C36 WVN QM . -53.88 -15.75 -50.53
C37 WVN QM . -54.18 -17.82 -47.29
C38 WVN QM . -54.58 -20.09 -48.16
C39 WVN QM . -54.20 -16.11 -49.09
C40 WVN QM . -53.93 -17.34 -48.72
O1 LHG RM . -53.29 -17.74 -73.01
C1 LHG RM . -52.83 -16.43 -72.67
C2 LHG RM . -53.74 -15.87 -71.60
O2 LHG RM . -53.14 -14.73 -70.99
C3 LHG RM . -53.83 -16.95 -70.55
O3 LHG RM . -54.56 -16.47 -69.43
P LHG RM . -54.30 -17.26 -68.08
O4 LHG RM . -52.84 -17.63 -68.05
O5 LHG RM . -55.41 -18.28 -67.99
O6 LHG RM . -54.38 -16.12 -66.97
C4 LHG RM . -53.84 -14.87 -67.33
C5 LHG RM . -54.99 -13.89 -67.29
C6 LHG RM . -55.28 -13.41 -65.88
O7 LHG RM . -54.69 -12.71 -68.04
C7 LHG RM . -55.70 -12.62 -69.09
O9 LHG RM . -55.70 -13.48 -69.96
C8 LHG RM . -56.73 -11.51 -69.12
C9 LHG RM . -57.81 -11.69 -68.04
C10 LHG RM . -58.08 -10.41 -67.26
O8 LHG RM . -55.97 -14.41 -65.13
C23 LHG RM . -56.96 -14.01 -64.13
O10 LHG RM . -57.65 -14.89 -63.65
C24 LHG RM . -57.19 -12.57 -63.71
C11 LHG RM . -56.88 -10.03 -66.40
C12 LHG RM . -57.23 -8.78 -65.62
C13 LHG RM . -57.38 -7.59 -66.56
C14 LHG RM . -57.82 -6.36 -65.78
C25 LHG RM . -56.20 -12.06 -62.65
C26 LHG RM . -56.57 -10.69 -62.10
C27 LHG RM . -57.86 -10.71 -61.29
C28 LHG RM . -58.03 -9.48 -60.40
C29 LHG RM . -58.59 -8.25 -61.12
C30 LHG RM . -57.59 -7.21 -61.64
C31 LHG RM . -56.78 -6.51 -60.55
C32 LHG RM . -55.71 -5.65 -61.22
C33 LHG RM . -54.88 -4.87 -60.22
C34 LHG RM . -55.69 -3.77 -59.56
NB KC2 SM . -38.12 -38.00 -42.51
ND KC2 SM . -38.29 -41.17 -39.94
C1A KC2 SM . -40.68 -39.09 -39.09
C1B KC2 SM . -38.70 -36.80 -42.28
C1C KC2 SM . -36.28 -40.16 -43.58
C1D KC2 SM . -37.49 -42.25 -39.74
C2A KC2 SM . -41.63 -38.10 -38.56
C2B KC2 SM . -38.49 -35.91 -43.46
C2C KC2 SM . -35.25 -41.18 -43.89
C2D KC2 SM . -38.11 -43.12 -38.72
C3A KC2 SM . -41.23 -36.88 -39.33
C3B KC2 SM . -37.70 -36.68 -44.44
C3C KC2 SM . -35.19 -42.08 -42.72
C3D KC2 SM . -39.34 -42.42 -38.30
C4A KC2 SM . -40.08 -37.28 -40.21
C4B KC2 SM . -37.52 -38.00 -43.73
C4C KC2 SM . -36.21 -41.48 -41.82
C4D KC2 SM . -39.41 -41.24 -39.07
CAA KC2 SM . -42.72 -38.20 -37.57
CAB KC2 SM . -37.17 -36.38 -45.81
CAC KC2 SM . -34.29 -43.27 -42.58
CAD KC2 SM . -40.54 -42.50 -37.41
CBA KC2 SM . -42.93 -37.50 -36.46
CBB KC2 SM . -35.87 -36.23 -46.04
CBC KC2 SM . -33.04 -42.88 -41.83
CBD KC2 SM . -41.21 -41.21 -37.54
CED KC2 SM . -44.57 -40.86 -39.21
CGA KC2 SM . -44.28 -37.56 -35.91
CGD KC2 SM . -42.67 -41.45 -37.75
CHA KC2 SM . -40.62 -40.49 -38.70
CHB KC2 SM . -39.46 -36.29 -41.12
CHC KC2 SM . -36.74 -39.03 -44.42
CHD KC2 SM . -36.26 -42.29 -40.58
CMA KC2 SM . -41.87 -35.53 -39.16
CMB KC2 SM . -38.95 -34.48 -43.67
CMC KC2 SM . -34.41 -41.32 -45.13
CMD KC2 SM . -37.38 -44.39 -38.36
NA KC2 SM . -39.74 -38.57 -40.09
NC KC2 SM . -36.87 -40.28 -42.39
O1A KC2 SM . -44.60 -36.72 -35.04
O1D KC2 SM . -43.45 -41.45 -36.81
O2A KC2 SM . -45.13 -38.25 -36.57
O2D KC2 SM . -43.20 -41.21 -39.08
OBD KC2 SM . -40.92 -43.72 -37.19
MG KC2 SM . -38.22 -39.49 -41.10
C03 II0 TM . -50.17 4.30 -58.41
C04 II0 TM . -71.09 -2.91 -50.69
C05 II0 TM . -48.66 4.58 -59.06
C06 II0 TM . -72.60 -2.48 -50.17
C07 II0 TM . -48.58 4.32 -60.40
C08 II0 TM . -73.64 -3.02 -50.93
C09 II0 TM . -51.19 5.07 -59.14
C10 II0 TM . -70.97 -2.74 -52.10
C11 II0 TM . -49.85 4.94 -61.36
C12 II0 TM . -73.49 -3.05 -52.59
C13 II0 TM . -50.85 5.61 -60.61
C14 II0 TM . -72.14 -3.24 -53.07
C15 II0 TM . -50.17 4.75 -56.92
C16 II0 TM . -50.52 2.77 -58.45
C17 II0 TM . -70.05 -1.98 -50.03
C18 II0 TM . -70.75 -4.38 -50.28
C19 II0 TM . -51.91 6.37 -61.36
C20 II0 TM . -71.85 -3.68 -54.51
C21 II0 TM . -52.63 5.27 -58.58
C22 II0 TM . -69.62 -2.70 -52.78
C23 II0 TM . -53.74 5.47 -58.16
C24 II0 TM . -68.67 -2.69 -53.45
C25 II0 TM . -55.18 5.55 -57.60
C26 II0 TM . -67.49 -2.64 -54.37
C27 II0 TM . -55.61 6.58 -56.52
C28 II0 TM . -66.87 -3.99 -54.62
C29 II0 TM . -56.01 4.60 -58.14
C30 II0 TM . -67.13 -1.49 -54.96
C31 II0 TM . -57.51 4.32 -57.78
C32 II0 TM . -65.88 -1.37 -55.89
C33 II0 TM . -58.59 4.84 -58.37
C34 II0 TM . -65.71 -0.21 -56.54
C35 II0 TM . -59.89 4.32 -57.76
C36 II0 TM . -64.47 0.04 -57.39
C37 II0 TM . -60.69 5.25 -56.89
C38 II0 TM . -64.26 -0.70 -58.72
C39 II0 TM . -60.31 3.04 -57.97
C40 II0 TM . -63.61 1.00 -56.97
C41 II0 TM . -61.63 2.56 -57.30
C42 II0 TM . -62.29 1.43 -57.71
O01 II0 TM . -47.39 4.86 -60.95
O02 II0 TM . -74.02 -4.36 -50.56
MG CLA UM . -41.09 33.19 -66.21
CHA CLA UM . -42.74 31.05 -68.41
CHB CLA UM . -40.90 35.51 -68.69
CHC CLA UM . -40.46 35.61 -63.86
CHD CLA UM . -42.27 31.11 -63.59
NA CLA UM . -41.67 33.23 -68.22
C1A CLA UM . -42.37 32.25 -68.95
C2A CLA UM . -42.56 32.69 -70.41
C3A CLA UM . -41.72 33.97 -70.51
C4A CLA UM . -41.41 34.28 -69.05
CMA CLA UM . -40.51 33.77 -71.37
CAA CLA UM . -44.00 32.95 -70.84
CBA CLA UM . -44.84 33.56 -69.73
CGA CLA UM . -44.95 35.05 -69.76
O1A CLA UM . -45.50 35.75 -70.63
O2A CLA UM . -44.38 35.66 -68.68
NB CLA UM . -40.82 35.18 -66.26
C1B CLA UM . -40.61 35.91 -67.39
C2B CLA UM . -40.06 37.25 -67.05
C3B CLA UM . -39.93 37.31 -65.69
C4B CLA UM . -40.40 35.98 -65.16
CMB CLA UM . -39.76 38.25 -68.06
CAB CLA UM . -39.43 38.44 -64.93
CBB CLA UM . -39.86 38.98 -63.79
NC CLA UM . -41.21 33.27 -64.13
C1C CLA UM . -40.81 34.33 -63.37
C2C CLA UM . -40.92 34.04 -61.95
C3C CLA UM . -41.59 32.83 -61.90
C4C CLA UM . -41.75 32.35 -63.25
CMC CLA UM . -40.51 34.96 -60.89
CAC CLA UM . -41.98 32.04 -60.72
CBC CLA UM . -40.84 31.16 -60.29
ND CLA UM . -42.03 31.41 -65.99
C1D CLA UM . -42.40 30.64 -64.87
C2D CLA UM . -42.91 29.32 -65.31
C3D CLA UM . -42.99 29.40 -66.67
C4D CLA UM . -42.53 30.76 -67.03
CMD CLA UM . -43.24 28.20 -64.45
CAD CLA UM . -43.29 28.70 -67.89
OBD CLA UM . -43.45 27.50 -68.11
CBD CLA UM . -43.38 29.79 -68.99
CGD CLA UM . -42.73 29.29 -70.25
O1D CLA UM . -43.24 28.54 -71.08
O2D CLA UM . -41.45 29.69 -70.44
CED CLA UM . -40.78 29.34 -71.64
C1 CLA UM . -44.23 37.09 -68.71
C2 CLA UM . -43.63 37.48 -67.42
C3 CLA UM . -44.31 37.66 -66.27
C4 CLA UM . -45.79 37.51 -66.20
C5 CLA UM . -43.59 38.04 -65.02
C6 CLA UM . -44.21 39.25 -64.33
MG CLA VM . -42.37 19.90 -62.29
CHA CLA VM . -39.57 20.80 -64.12
CHB CLA VM . -40.49 17.58 -60.62
CHC CLA VM . -44.85 19.62 -59.94
CHD CLA VM . -44.00 22.77 -63.60
NA CLA VM . -40.38 19.30 -62.39
C1A CLA VM . -39.36 19.80 -63.21
C2A CLA VM . -38.05 19.06 -62.99
C3A CLA VM . -38.54 17.83 -62.22
C4A CLA VM . -39.89 18.26 -61.66
CMA CLA VM . -38.75 16.76 -63.24
CAA CLA VM . -37.00 19.87 -62.25
CBA CLA VM . -37.51 20.81 -61.17
CGA CLA VM . -37.59 20.11 -59.85
O1A CLA VM . -36.69 19.47 -59.29
O2A CLA VM . -38.78 20.27 -59.21
NB CLA VM . -42.61 18.83 -60.61
C1B CLA VM . -41.75 17.91 -60.12
C2B CLA VM . -42.37 17.19 -58.98
C3B CLA VM . -43.62 17.78 -58.80
C4B CLA VM . -43.77 18.82 -59.82
CMB CLA VM . -41.61 16.14 -58.32
CAB CLA VM . -44.71 17.62 -57.88
CBB CLA VM . -44.73 16.89 -56.78
NC CLA VM . -44.13 20.95 -61.90
C1C CLA VM . -45.05 20.61 -60.94
C2C CLA VM . -46.19 21.49 -61.04
C3C CLA VM . -45.88 22.44 -61.99
C4C CLA VM . -44.60 22.09 -62.54
CMC CLA VM . -47.42 21.48 -60.25
CAC CLA VM . -46.73 23.53 -62.42
CBC CLA VM . -46.28 24.74 -61.62
ND CLA VM . -41.98 21.42 -63.57
C1D CLA VM . -42.76 22.46 -64.09
C2D CLA VM . -42.05 23.13 -65.19
C3D CLA VM . -40.83 22.51 -65.27
C4D CLA VM . -40.82 21.48 -64.22
CMD CLA VM . -42.57 24.24 -65.98
CAD CLA VM . -39.55 22.46 -65.93
OBD CLA VM . -39.14 23.10 -66.88
CBD CLA VM . -38.71 21.38 -65.21
CGD CLA VM . -38.35 20.38 -66.27
O1D CLA VM . -37.46 20.44 -67.11
O2D CLA VM . -39.17 19.30 -66.28
CED CLA VM . -38.80 18.13 -67.02
C1 CLA VM . -38.84 19.84 -57.84
C2 CLA VM . -40.15 20.28 -57.28
C3 CLA VM . -40.57 20.00 -56.04
C4 CLA VM . -39.76 19.20 -55.09
C5 CLA VM . -41.89 20.51 -55.56
MG CLA WM . -45.45 14.29 -53.21
CHA CLA WM . -42.47 12.55 -52.94
CHB CLA WM . -43.66 17.19 -53.54
CHC CLA WM . -48.32 16.14 -52.90
CHD CLA WM . -47.20 11.46 -52.01
NA CLA WM . -43.41 14.76 -53.30
C1A CLA WM . -42.32 13.89 -53.22
C2A CLA WM . -41.01 14.66 -53.38
C3A CLA WM . -41.45 16.13 -53.51
C4A CLA WM . -42.95 16.02 -53.49
CMA CLA WM . -40.99 16.94 -52.33
CAA CLA WM . -40.34 14.33 -54.71
CBA CLA WM . -39.13 15.17 -55.02
CGA CLA WM . -37.91 14.75 -54.24
O1A CLA WM . -37.15 13.84 -54.55
O2A CLA WM . -37.66 15.47 -53.09
NB CLA WM . -45.91 16.25 -53.36
C1B CLA WM . -45.03 17.27 -53.43
C2B CLA WM . -45.72 18.58 -53.35
C3B CLA WM . -47.07 18.30 -53.17
C4B CLA WM . -47.18 16.82 -53.15
CMB CLA WM . -44.95 19.82 -53.40
CAB CLA WM . -48.22 19.10 -52.89
CBB CLA WM . -48.31 20.29 -52.30
NC CLA WM . -47.40 13.86 -52.62
C1C CLA WM . -48.43 14.76 -52.64
C2C CLA WM . -49.67 14.12 -52.30
C3C CLA WM . -49.35 12.81 -51.92
C4C CLA WM . -47.93 12.65 -52.17
CMC CLA WM . -50.97 14.80 -52.23
CAC CLA WM . -50.31 11.80 -51.49
CBC CLA WM . -50.26 11.63 -49.99
ND CLA WM . -45.01 12.45 -52.51
C1D CLA WM . -45.83 11.35 -52.16
C2D CLA WM . -44.98 10.16 -51.97
C3D CLA WM . -43.70 10.58 -52.25
C4D CLA WM . -43.76 12.01 -52.59
CMD CLA WM . -45.43 8.83 -51.55
CAD CLA WM . -42.32 10.19 -52.27
OBD CLA WM . -41.83 9.14 -51.92
CBD CLA WM . -41.50 11.41 -52.79
CGD CLA WM . -40.39 11.79 -51.84
O1D CLA WM . -39.17 11.65 -52.03
O2D CLA WM . -40.83 12.35 -50.69
CED CLA WM . -39.88 12.62 -49.66
C1 CLA WM . -36.68 14.88 -52.20
C2 CLA WM . -37.18 14.80 -50.81
C3 CLA WM . -37.20 15.83 -49.94
C4 CLA WM . -36.69 17.18 -50.29
C5 CLA WM . -37.74 15.66 -48.57
C6 CLA WM . -38.89 16.60 -48.29
MG CLA XM . -63.78 9.38 -57.01
CHA CLA XM . -66.70 8.39 -55.38
CHB CLA XM . -61.98 8.01 -54.45
CHC CLA XM . -60.95 9.11 -58.98
CHD CLA XM . -65.71 9.68 -59.96
NA CLA XM . -64.28 8.38 -55.24
C1A CLA XM . -65.55 8.04 -54.75
C2A CLA XM . -65.48 7.31 -53.43
C3A CLA XM . -64.00 7.46 -53.09
C4A CLA XM . -63.35 7.94 -54.37
CMA CLA XM . -64.00 8.67 -52.26
CAA CLA XM . -65.94 5.86 -53.44
CBA CLA XM . -64.92 4.85 -53.91
CGA CLA XM . -65.38 4.50 -55.28
O1A CLA XM . -66.31 3.77 -55.60
O2A CLA XM . -64.66 5.15 -56.24
NB CLA XM . -61.89 8.65 -56.78
C1B CLA XM . -61.30 8.44 -55.58
C2B CLA XM . -59.84 8.70 -55.61
C3B CLA XM . -59.53 9.02 -56.91
C4B CLA XM . -60.82 8.95 -57.65
CMB CLA XM . -59.01 8.49 -54.42
CAB CLA XM . -58.30 9.29 -57.64
CBB CLA XM . -57.16 9.82 -57.19
NC CLA XM . -63.41 9.43 -59.07
C1C CLA XM . -62.18 9.32 -59.65
C2C CLA XM . -62.25 9.41 -61.08
C3C CLA XM . -63.61 9.53 -61.40
C4C CLA XM . -64.33 9.54 -60.13
CMC CLA XM . -61.05 9.32 -61.92
CAC CLA XM . -64.24 9.61 -62.74
CBC CLA XM . -63.98 10.85 -63.56
ND CLA XM . -65.71 9.21 -57.58
C1D CLA XM . -66.38 9.56 -58.76
C2D CLA XM . -67.83 9.68 -58.49
C3D CLA XM . -68.00 9.28 -57.18
C4D CLA XM . -66.66 8.94 -56.70
CMD CLA XM . -68.84 10.12 -59.44
CAD CLA XM . -68.93 9.02 -56.11
OBD CLA XM . -70.13 9.18 -56.05
CBD CLA XM . -68.13 8.43 -54.94
CGD CLA XM . -68.28 9.36 -53.77
O1D CLA XM . -68.23 9.10 -52.56
O2D CLA XM . -68.50 10.65 -54.14
CED CLA XM . -69.47 11.42 -53.41
C1 CLA XM . -64.73 4.50 -57.51
C2 CLA XM . -64.10 5.40 -58.50
C3 CLA XM . -63.88 5.00 -59.76
C4 CLA XM . -64.26 3.67 -60.28
C5 CLA XM . -63.23 5.89 -60.73
C6 CLA XM . -61.82 5.41 -60.91
C7 CLA XM . -61.46 5.61 -62.35
C8 CLA XM . -59.99 5.59 -62.63
C9 CLA XM . -59.87 6.16 -64.04
C10 CLA XM . -59.42 4.18 -62.39
C11 CLA XM . -58.49 3.71 -63.49
C12 CLA XM . -57.52 2.57 -63.25
C13 CLA XM . -56.58 2.51 -64.47
C14 CLA XM . -57.27 2.46 -65.81
C15 CLA XM . -55.63 1.33 -64.36
C16 CLA XM . -54.34 1.69 -65.06
C17 CLA XM . -53.39 0.51 -65.10
C18 CLA XM . -51.99 0.98 -65.43
C19 CLA XM . -51.36 1.67 -64.24
C20 CLA XM . -51.15 -0.20 -65.88
MG CLA YM . -73.40 0.49 -54.19
CHA CLA YM . -76.44 -0.92 -53.31
CHB CLA YM . -72.73 1.15 -50.90
CHC CLA YM . -70.20 1.49 -55.03
CHD CLA YM . -73.73 -0.88 -57.42
NA CLA YM . -74.46 0.19 -52.41
C1A CLA YM . -75.73 -0.42 -52.24
C2A CLA YM . -76.13 -0.34 -50.73
C3A CLA YM . -74.88 0.23 -50.03
C4A CLA YM . -73.96 0.59 -51.19
CMA CLA YM . -75.20 1.45 -49.22
CAA CLA YM . -76.85 -1.51 -50.01
CBA CLA YM . -77.72 -1.14 -48.82
CGA CLA YM . -78.73 -0.09 -49.17
O1A CLA YM . -78.55 1.09 -49.46
O2A CLA YM . -80.02 -0.56 -49.20
NB CLA YM . -71.85 1.31 -53.19
C1B CLA YM . -71.74 1.46 -51.85
C2B CLA YM . -70.37 1.96 -51.50
C3B CLA YM . -69.69 2.06 -52.69
C4B CLA YM . -70.59 1.62 -53.75
CMB CLA YM . -69.92 2.17 -50.13
CAB CLA YM . -68.33 2.36 -53.07
CBB CLA YM . -67.19 2.09 -52.43
NC CLA YM . -72.20 0.34 -55.90
C1C CLA YM . -70.93 0.85 -56.05
C2C CLA YM . -70.45 0.65 -57.40
C3C CLA YM . -71.41 -0.10 -58.05
C4C CLA YM . -72.52 -0.28 -57.11
CMC CLA YM . -69.15 1.11 -57.92
CAC CLA YM . -71.39 -0.55 -59.45
CBC CLA YM . -72.02 0.48 -60.35
ND CLA YM . -74.66 -0.75 -55.16
C1D CLA YM . -74.75 -1.10 -56.53
C2D CLA YM . -76.07 -1.70 -56.81
C3D CLA YM . -76.75 -1.64 -55.62
C4D CLA YM . -75.84 -1.05 -54.62
CMD CLA YM . -76.52 -2.19 -58.11
CAD CLA YM . -77.99 -1.97 -54.97
OBD CLA YM . -79.00 -2.50 -55.42
CBD CLA YM . -77.83 -1.51 -53.50
CGD CLA YM . -78.89 -0.53 -53.14
O1D CLA YM . -79.65 -0.57 -52.18
O2D CLA YM . -78.96 0.50 -54.02
CED CLA YM . -80.27 1.00 -54.29
MG CLA ZM . -62.53 -5.22 -53.06
CHA CLA ZM . -65.16 -4.09 -51.10
CHB CLA ZM . -62.97 -8.41 -51.85
CHC CLA ZM . -60.70 -6.44 -55.65
CHD CLA ZM . -62.46 -2.03 -54.64
NA CLA ZM . -63.82 -6.08 -51.69
C1A CLA ZM . -64.83 -5.43 -50.97
C2A CLA ZM . -65.46 -6.45 -50.05
C3A CLA ZM . -64.50 -7.65 -50.02
C4A CLA ZM . -63.72 -7.39 -51.29
CMA CLA ZM . -63.59 -7.62 -48.82
CAA CLA ZM . -66.77 -6.75 -50.71
CBA CLA ZM . -67.79 -6.38 -49.68
CGA CLA ZM . -68.52 -7.56 -49.13
O1A CLA ZM . -69.08 -7.67 -48.04
O2A CLA ZM . -68.58 -8.57 -50.03
NB CLA ZM . -61.89 -7.05 -53.58
C1B CLA ZM . -62.23 -8.24 -53.02
C2B CLA ZM . -61.70 -9.36 -53.83
C3B CLA ZM . -61.08 -8.81 -54.91
C4B CLA ZM . -61.18 -7.34 -54.77
CMB CLA ZM . -61.89 -10.77 -53.48
CAB CLA ZM . -60.44 -9.51 -55.98
CBB CLA ZM . -60.12 -9.32 -57.28
NC CLA ZM . -61.72 -4.38 -54.80
C1C CLA ZM . -60.93 -5.05 -55.66
C2C CLA ZM . -60.37 -4.18 -56.69
C3C CLA ZM . -60.96 -2.95 -56.46
C4C CLA ZM . -61.75 -3.07 -55.24
CMC CLA ZM . -59.47 -4.60 -57.76
CAC CLA ZM . -60.70 -1.71 -57.18
CBC CLA ZM . -59.54 -0.94 -56.60
ND CLA ZM . -63.60 -3.50 -53.05
C1D CLA ZM . -63.34 -2.23 -53.62
C2D CLA ZM . -64.14 -1.19 -52.95
C3D CLA ZM . -64.94 -1.87 -52.06
C4D CLA ZM . -64.54 -3.30 -52.11
CMD CLA ZM . -64.10 0.23 -53.29
CAD CLA ZM . -65.94 -1.72 -51.04
OBD CLA ZM . -66.57 -0.72 -50.72
CBD CLA ZM . -66.13 -3.13 -50.39
CGD CLA ZM . -66.17 -3.02 -48.88
O1D CLA ZM . -66.84 -2.20 -48.22
O2D CLA ZM . -65.40 -3.92 -48.22
CED CLA ZM . -65.95 -4.50 -47.04
C1 CLA ZM . -69.78 -8.85 -50.79
C2 CLA ZM . -69.56 -8.33 -52.17
C3 CLA ZM . -70.53 -7.96 -53.01
C4 CLA ZM . -70.22 -7.46 -54.37
C5 CLA ZM . -71.95 -8.04 -52.64
C6 CLA ZM . -72.59 -6.69 -52.48
MG CLA AN . -45.76 5.41 -54.07
CHA CLA AN . -43.36 7.68 -55.15
CHB CLA AN . -43.22 3.26 -53.19
CHC CLA AN . -47.96 3.62 -52.14
CHD CLA AN . -48.18 8.00 -54.37
NA CLA AN . -43.67 5.46 -54.22
C1A CLA AN . -42.86 6.50 -54.69
C2A CLA AN . -41.39 6.11 -54.65
C3A CLA AN . -41.44 4.60 -54.36
C4A CLA AN . -42.87 4.40 -53.88
CMA CLA AN . -41.16 3.77 -55.57
CAA CLA AN . -40.66 6.86 -53.56
CBA CLA AN . -39.19 6.56 -53.53
CGA CLA AN . -38.54 7.39 -52.47
O1A CLA AN . -38.60 8.61 -52.32
O2A CLA AN . -37.82 6.65 -51.58
NB CLA AN . -45.60 3.84 -52.81
C1B CLA AN . -44.53 3.00 -52.73
C2B CLA AN . -44.90 1.71 -52.10
C3B CLA AN . -46.24 1.80 -51.80
C4B CLA AN . -46.69 3.14 -52.26
CMB CLA AN . -43.93 0.63 -51.92
CAB CLA AN . -47.14 0.86 -51.19
CBB CLA AN . -46.83 -0.34 -50.68
NC CLA AN . -47.73 5.72 -53.45
C1C CLA AN . -48.46 4.82 -52.71
C2C CLA AN . -49.81 5.31 -52.52
C3C CLA AN . -49.85 6.59 -53.08
C4C CLA AN . -48.54 6.82 -53.68
CMC CLA AN . -50.86 4.60 -51.79
CAC CLA AN . -51.02 7.50 -53.14
CBC CLA AN . -51.91 7.21 -54.32
ND CLA AN . -45.87 7.29 -54.79
C1D CLA AN . -46.93 8.24 -54.88
C2D CLA AN . -46.44 9.44 -55.57
C3D CLA AN . -45.08 9.28 -55.71
C4D CLA AN . -44.77 7.96 -55.16
CMD CLA AN . -47.29 10.58 -55.95
CAD CLA AN . -43.84 9.85 -56.23
OBD CLA AN . -43.66 10.84 -56.90
CBD CLA AN . -42.68 8.91 -55.73
CGD CLA AN . -41.74 8.56 -56.85
O1D CLA AN . -40.63 9.06 -57.07
O2D CLA AN . -42.19 7.58 -57.67
CED CLA AN . -41.21 6.72 -58.25
MG CLA BN . -50.67 8.42 -69.41
CHA CLA BN . -48.62 6.09 -70.85
CHB CLA BN . -50.71 10.11 -72.43
CHC CLA BN . -53.37 10.25 -68.38
CHD CLA BN . -51.19 6.20 -66.69
NA CLA BN . -49.76 8.16 -71.28
C1A CLA BN . -48.92 7.12 -71.69
C2A CLA BN . -48.44 7.33 -73.13
C3A CLA BN . -48.84 8.78 -73.43
C4A CLA BN . -49.85 9.05 -72.31
CMA CLA BN . -47.66 9.71 -73.42
CAA CLA BN . -48.99 6.32 -74.13
CBA CLA BN . -50.48 6.09 -74.13
CGA CLA BN . -51.23 7.13 -74.90
O1A CLA BN . -50.94 7.58 -76.00
O2A CLA BN . -52.34 7.60 -74.25
NB CLA BN . -51.80 9.88 -70.23
C1B CLA BN . -51.65 10.44 -71.46
C2B CLA BN . -52.55 11.60 -71.64
C3B CLA BN . -53.33 11.66 -70.49
C4B CLA BN . -52.85 10.58 -69.59
CMB CLA BN . -52.52 12.36 -72.89
CAB CLA BN . -54.44 12.50 -70.07
CBB CLA BN . -54.81 13.70 -70.53
NC CLA BN . -52.00 8.27 -67.81
C1C CLA BN . -52.99 9.18 -67.54
C2C CLA BN . -53.65 8.86 -66.30
C3C CLA BN . -53.12 7.66 -65.87
C4C CLA BN . -52.05 7.30 -66.79
CMC CLA BN . -54.74 9.64 -65.72
CAC CLA BN . -53.49 6.97 -64.63
CBC CLA BN . -54.60 5.96 -64.77
ND CLA BN . -50.09 6.58 -68.83
C1D CLA BN . -50.25 5.84 -67.63
C2D CLA BN . -49.34 4.69 -67.64
C3D CLA BN . -48.70 4.72 -68.87
C4D CLA BN . -49.21 5.91 -69.57
CMD CLA BN . -49.19 3.71 -66.57
CAD CLA BN . -47.77 4.09 -69.78
OBD CLA BN . -47.20 3.03 -69.77
CBD CLA BN . -47.63 4.97 -71.03
CGD CLA BN . -46.24 5.52 -71.18
O1D CLA BN . -45.77 6.52 -70.64
O2D CLA BN . -45.45 4.80 -72.03
CED CLA BN . -45.00 5.48 -73.20
C1 CLA BN . -53.08 8.68 -74.84
C2 CLA BN . -54.00 9.11 -73.76
C3 CLA BN . -55.01 9.98 -73.87
C4 CLA BN . -55.37 10.62 -75.14
C5 CLA BN . -55.83 10.33 -72.67
C6 CLA BN . -57.29 9.94 -72.79
MG CLA CN . -51.04 26.17 -72.82
CHA CLA CN . -51.30 23.05 -74.32
CHB CLA CN . -50.15 27.51 -75.86
CHC CLA CN . -51.74 29.31 -71.66
CHD CLA CN . -52.89 24.87 -70.09
NA CLA CN . -50.71 25.39 -74.73
C1A CLA CN . -50.88 24.08 -75.15
C2A CLA CN . -50.52 23.95 -76.64
C3A CLA CN . -49.89 25.31 -77.01
C4A CLA CN . -50.27 26.14 -75.80
CMA CLA CN . -48.41 25.18 -77.24
CAA CLA CN . -51.77 23.65 -77.41
CBA CLA CN . -51.99 24.41 -78.68
CGA CLA CN . -53.46 24.54 -78.90
O1A CLA CN . -53.97 25.24 -79.78
O2A CLA CN . -54.27 23.90 -77.97
NB CLA CN . -50.99 28.02 -73.61
C1B CLA CN . -50.49 28.37 -74.82
C2B CLA CN . -50.33 29.84 -74.90
C3B CLA CN . -50.79 30.37 -73.73
C4B CLA CN . -51.19 29.21 -72.89
CMB CLA CN . -49.82 30.53 -76.08
CAB CLA CN . -50.86 31.75 -73.31
CBB CLA CN . -51.98 32.44 -73.09
NC CLA CN . -52.03 26.92 -71.14
C1C CLA CN . -52.11 28.24 -70.84
C2C CLA CN . -52.73 28.48 -69.57
C3C CLA CN . -53.19 27.22 -69.15
C4C CLA CN . -52.72 26.25 -70.15
CMC CLA CN . -52.87 29.84 -69.04
CAC CLA CN . -53.83 26.85 -67.88
CBC CLA CN . -55.17 27.45 -67.51
ND CLA CN . -51.77 24.40 -72.21
C1D CLA CN . -52.47 24.00 -71.06
C2D CLA CN . -52.60 22.54 -71.07
C3D CLA CN . -52.07 22.09 -72.25
C4D CLA CN . -51.66 23.31 -72.97
CMD CLA CN . -53.18 21.80 -69.98
CAD CLA CN . -51.79 20.94 -73.09
OBD CLA CN . -51.82 19.74 -72.85
CBD CLA CN . -51.45 21.54 -74.48
CGD CLA CN . -50.22 21.01 -75.17
O1D CLA CN . -49.14 21.57 -75.14
O2D CLA CN . -50.30 19.93 -75.97
CED CLA CN . -49.57 20.06 -77.21
C1 CLA CN . -55.30 24.71 -77.33
C2 CLA CN . -56.55 24.57 -78.12
C3 CLA CN . -57.68 24.03 -77.65
C4 CLA CN . -58.90 23.91 -78.49
C5 CLA CN . -57.75 23.52 -76.27
C6 CLA CN . -58.97 24.04 -75.53
C7 CLA CN . -59.04 23.61 -74.08
C8 CLA CN . -59.88 22.36 -73.76
C9 CLA CN . -60.59 21.70 -74.95
C10 CLA CN . -60.92 22.69 -72.69
C11 CLA CN . -60.94 21.63 -71.61
C12 CLA CN . -61.95 20.52 -71.78
C13 CLA CN . -61.24 19.18 -71.57
C14 CLA CN . -60.24 18.78 -72.64
C15 CLA CN . -62.22 18.03 -71.35
C16 CLA CN . -63.03 17.80 -72.60
NB KC2 DN . -58.50 18.03 -69.96
ND KC2 DN . -56.31 20.51 -72.33
C1A KC2 DN . -56.12 17.47 -73.61
C1B KC2 DN . -58.71 16.72 -70.15
C1C KC2 DN . -58.90 20.88 -68.94
C1D KC2 DN . -56.16 21.86 -72.38
C2A KC2 DN . -56.16 16.13 -74.23
C2B KC2 DN . -59.75 16.19 -69.24
C2C KC2 DN . -59.14 22.28 -68.59
C2D KC2 DN . -55.44 22.24 -73.60
C3A KC2 DN . -56.96 15.37 -73.25
C3B KC2 DN . -60.15 17.35 -68.43
C3C KC2 DN . -58.27 23.07 -69.48
C3D KC2 DN . -55.17 20.96 -74.30
C4A KC2 DN . -57.32 16.32 -72.18
C4B KC2 DN . -59.31 18.44 -68.96
C4C KC2 DN . -57.62 22.00 -70.29
C4D KC2 DN . -55.72 19.95 -73.49
CAA KC2 DN . -55.57 15.57 -75.49
CAB KC2 DN . -61.10 17.62 -67.32
CAC KC2 DN . -58.16 24.58 -69.53
CAD KC2 DN . -54.54 20.38 -75.53
CBA KC2 DN . -54.28 15.48 -75.79
CBB KC2 DN . -62.29 17.06 -67.27
CBC KC2 DN . -57.75 25.17 -68.21
CBD KC2 DN . -54.96 18.98 -75.51
CED KC2 DN . -56.33 19.09 -78.98
CGA KC2 DN . -53.94 14.90 -77.08
CGD KC2 DN . -56.00 18.83 -76.56
CHA KC2 DN . -55.46 18.65 -74.17
CHB KC2 DN . -58.13 15.77 -71.09
CHC KC2 DN . -59.54 19.73 -68.32
CHD KC2 DN . -56.72 22.64 -71.26
CMA KC2 DN . -57.37 13.90 -73.28
CMB KC2 DN . -60.27 14.77 -69.14
CMC KC2 DN . -60.08 22.75 -67.51
CMD KC2 DN . -55.17 23.70 -73.82
NA KC2 DN . -56.86 17.58 -72.33
NC KC2 DN . -58.04 20.61 -69.92
O1A KC2 DN . -54.84 14.78 -77.94
O1D KC2 DN . -57.14 19.28 -76.42
O2A KC2 DN . -52.71 14.87 -77.37
O2D KC2 DN . -55.52 18.64 -77.90
OBD KC2 DN . -54.21 21.26 -76.41
MG KC2 DN . -57.16 19.16 -71.03
MG CLA EN . -58.06 28.45 -56.16
CHA CLA EN . -60.12 30.65 -54.45
CHB CLA EN . -59.70 29.20 -59.06
CHC CLA EN . -55.57 26.87 -57.95
CHD CLA EN . -56.02 28.26 -53.27
NA CLA EN . -59.66 29.72 -56.65
C1A CLA EN . -60.38 30.56 -55.79
C2A CLA EN . -61.50 31.28 -56.55
C3A CLA EN . -61.46 30.62 -57.95
C4A CLA EN . -60.17 29.79 -57.91
CMA CLA EN . -62.67 29.75 -58.20
CAA CLA EN . -61.38 32.80 -56.62
CBA CLA EN . -59.99 33.36 -56.78
CGA CLA EN . -60.10 34.76 -57.28
O1A CLA EN . -60.60 35.17 -58.33
O2A CLA EN . -59.54 35.68 -56.43
NB CLA EN . -57.70 28.11 -58.11
C1B CLA EN . -58.53 28.43 -59.15
C2B CLA EN . -58.01 27.85 -60.41
C3B CLA EN . -56.84 27.18 -60.10
C4B CLA EN . -56.63 27.35 -58.64
CMB CLA EN . -58.71 28.06 -61.69
CAB CLA EN . -55.89 26.48 -60.93
CBB CLA EN . -56.15 25.52 -61.82
NC CLA EN . -56.17 27.70 -55.68
C1C CLA EN . -55.34 27.05 -56.57
C2C CLA EN . -54.15 26.58 -55.88
C3C CLA EN . -54.24 27.02 -54.57
C4C CLA EN . -55.52 27.71 -54.45
CMC CLA EN . -53.06 25.82 -56.50
CAC CLA EN . -53.28 26.79 -53.49
CBC CLA EN . -53.70 25.82 -52.43
ND CLA EN . -58.01 29.24 -54.30
C1D CLA EN . -57.19 28.98 -53.18
C2D CLA EN . -57.78 29.57 -51.97
C3D CLA EN . -58.92 30.21 -52.39
C4D CLA EN . -59.01 30.00 -53.85
CMD CLA EN . -57.16 29.43 -50.65
CAD CLA EN . -60.08 31.00 -52.01
OBD CLA EN . -60.46 31.39 -50.90
CBD CLA EN . -60.86 31.33 -53.32
CGD CLA EN . -62.27 30.83 -53.26
O1D CLA EN . -63.31 31.45 -53.43
O2D CLA EN . -62.34 29.50 -52.99
CED CLA EN . -63.20 29.12 -51.91
C1 CLA EN . -58.12 35.55 -56.31
C2 CLA EN . -57.53 36.89 -56.04
C3 CLA EN . -56.62 37.40 -56.87
C4 CLA EN . -56.00 38.73 -56.66
C5 CLA EN . -56.20 36.66 -58.09
C6 CLA EN . -55.11 37.37 -58.86
MG CLA FN . -53.20 23.10 -47.38
CHA CLA FN . -55.14 24.57 -44.91
CHB CLA FN . -51.88 26.21 -48.04
CHC CLA FN . -50.51 21.62 -48.92
CHD CLA FN . -54.03 19.93 -45.98
NA CLA FN . -53.55 25.06 -46.68
C1A CLA FN . -54.38 25.46 -45.63
C2A CLA FN . -54.36 26.99 -45.47
C3A CLA FN . -53.65 27.45 -46.77
C4A CLA FN . -52.96 26.16 -47.22
CMA CLA FN . -54.64 27.98 -47.76
CAA CLA FN . -53.71 27.59 -44.21
CBA CLA FN . -52.29 27.20 -43.86
CGA CLA FN . -52.26 26.00 -42.96
O1A CLA FN . -52.82 25.84 -41.87
O2A CLA FN . -51.48 25.01 -43.45
NB CLA FN . -51.62 23.78 -48.42
C1B CLA FN . -51.19 25.06 -48.44
C2B CLA FN . -49.78 25.14 -48.91
C3B CLA FN . -49.39 23.85 -49.17
C4B CLA FN . -50.55 22.97 -48.88
CMB CLA FN . -49.06 26.41 -48.99
CAB CLA FN . -48.14 23.31 -49.63
CBB CLA FN . -46.97 23.40 -48.99
NC CLA FN . -52.50 21.13 -47.53
C1C CLA FN . -51.42 20.75 -48.29
C2C CLA FN . -51.26 19.31 -48.25
C3C CLA FN . -52.17 18.85 -47.32
C4C CLA FN . -52.96 19.99 -46.89
CMC CLA FN . -50.22 18.57 -48.96
CAC CLA FN . -52.39 17.45 -46.90
CBC CLA FN . -51.54 17.09 -45.71
ND CLA FN . -54.34 22.35 -45.88
C1D CLA FN . -54.68 21.03 -45.49
C2D CLA FN . -55.78 21.11 -44.50
C3D CLA FN . -55.99 22.43 -44.27
C4D CLA FN . -55.06 23.17 -45.13
CMD CLA FN . -56.47 20.01 -43.86
CAD CLA FN . -56.79 23.39 -43.53
OBD CLA FN . -57.74 23.19 -42.79
CBD CLA FN . -56.20 24.78 -43.87
CGD CLA FN . -57.26 25.70 -44.36
O1D CLA FN . -57.74 26.67 -43.77
O2D CLA FN . -57.72 25.38 -45.59
CED CLA FN . -57.95 26.47 -46.48
C1 CLA FN . -51.86 23.67 -43.10
C2 CLA FN . -50.84 22.84 -43.76
C3 CLA FN . -50.80 21.50 -43.69
C4 CLA FN . -51.80 20.71 -42.91
C5 CLA FN . -49.73 20.72 -44.36
C6 CLA FN . -48.63 21.57 -45.01
C7 CLA FN . -47.30 20.83 -45.11
C8 CLA FN . -47.33 19.43 -45.69
C9 CLA FN . -46.89 18.40 -44.65
C10 CLA FN . -46.47 19.39 -46.96
C11 CLA FN . -46.30 17.98 -47.47
C12 CLA FN . -45.76 17.80 -48.88
C13 CLA FN . -46.03 16.40 -49.45
C14 CLA FN . -47.37 15.80 -49.01
C15 CLA FN . -44.80 15.48 -49.32
C16 CLA FN . -45.07 14.06 -48.84
C17 CLA FN . -43.83 13.25 -48.53
C18 CLA FN . -44.12 11.77 -48.24
C19 CLA FN . -45.40 11.54 -47.43
C20 CLA FN . -42.96 11.17 -47.49
C03 II0 GN . -62.85 24.73 -61.47
C04 II0 GN . -53.81 5.31 -71.10
C05 II0 GN . -63.70 25.06 -60.10
C06 II0 GN . -53.07 4.26 -72.18
C07 II0 GN . -63.16 24.63 -58.94
C08 II0 GN . -53.79 3.95 -73.32
C09 II0 GN . -61.38 24.70 -61.29
C10 II0 GN . -55.23 5.44 -71.25
C11 II0 GN . -61.59 25.26 -58.74
C12 II0 GN . -55.37 3.56 -73.01
C13 II0 GN . -60.74 25.02 -59.85
C14 II0 GN . -56.05 4.67 -72.39
C15 II0 GN . -63.37 23.36 -62.03
C16 II0 GN . -63.16 25.81 -62.58
C17 II0 GN . -53.19 6.72 -71.21
C18 II0 GN . -53.53 4.98 -69.59
C19 II0 GN . -59.35 24.47 -59.54
C20 II0 GN . -57.23 5.37 -73.07
C21 II0 GN . -60.56 23.89 -62.37
C22 II0 GN . -55.97 6.36 -70.27
C23 II0 GN . -60.02 23.15 -63.13
C24 II0 GN . -56.53 7.11 -69.56
C25 II0 GN . -59.72 21.89 -64.01
C26 II0 GN . -57.21 8.16 -68.68
C27 II0 GN . -60.89 21.00 -64.39
C28 II0 GN . -57.76 7.80 -67.32
C29 II0 GN . -58.47 21.50 -64.35
C30 II0 GN . -57.28 9.38 -69.19
C31 II0 GN . -58.25 20.17 -65.09
C32 II0 GN . -57.93 10.48 -68.33
C33 II0 GN . -57.02 19.76 -65.37
C34 II0 GN . -57.08 11.39 -67.90
C35 II0 GN . -56.91 18.46 -66.12
C36 II0 GN . -57.59 12.49 -67.00
C37 II0 GN . -56.06 18.50 -67.35
C38 II0 GN . -58.30 12.03 -65.74
C39 II0 GN . -57.56 17.34 -65.72
C40 II0 GN . -57.41 13.77 -67.32
C41 II0 GN . -57.31 16.07 -66.57
C42 II0 GN . -57.90 14.87 -66.34
O01 II0 GN . -63.95 25.09 -57.86
O02 II0 GN . -53.75 5.04 -74.25
C03 II0 HN . -40.20 25.63 -57.27
C04 II0 HN . -59.79 13.09 -53.42
C05 II0 HN . -38.59 25.90 -57.55
C06 II0 HN . -61.40 12.90 -53.23
C07 II0 HN . -38.01 24.84 -58.17
C08 II0 HN . -61.74 11.62 -52.97
C09 II0 HN . -40.82 24.61 -58.13
C10 II0 HN . -59.02 12.06 -52.76
C11 II0 HN . -38.75 24.50 -59.65
C12 II0 HN . -61.08 11.08 -51.54
C13 II0 HN . -40.14 24.26 -59.53
C14 II0 HN . -59.63 11.26 -51.50
C15 II0 HN . -40.36 25.12 -55.78
C16 II0 HN . -41.01 26.99 -57.39
C17 II0 HN . -59.57 12.97 -54.95
C18 II0 HN . -59.41 14.53 -52.95
C19 II0 HN . -40.72 23.09 -60.34
C20 II0 HN . -58.77 10.11 -50.93
C21 II0 HN . -42.36 24.39 -57.99
C22 II0 HN . -57.60 11.78 -53.27
C23 II0 HN . -43.53 24.20 -57.82
C24 II0 HN . -56.48 11.76 -53.66
C25 II0 HN . -45.01 23.86 -57.50
C26 II0 HN . -55.03 12.02 -54.06
C27 II0 HN . -46.10 24.93 -57.61
C28 II0 HN . -53.92 11.08 -53.67
C29 II0 HN . -45.29 22.57 -57.13
C30 II0 HN . -54.86 13.16 -54.72
C31 II0 HN . -46.72 22.08 -56.79
C32 II0 HN . -53.44 13.59 -55.14
C33 II0 HN . -46.90 20.74 -56.78
C34 II0 HN . -53.25 14.82 -55.59
C35 II0 HN . -48.26 20.14 -56.48
C36 II0 HN . -51.83 15.19 -55.99
C37 II0 HN . -49.46 21.04 -56.41
C38 II0 HN . -50.76 14.11 -56.22
C39 II0 HN . -48.37 18.80 -56.34
C40 II0 HN . -51.55 16.50 -56.12
C41 II0 HN . -49.75 18.19 -56.03
C42 II0 HN . -50.13 16.97 -56.51
O01 II0 HN . -36.64 25.11 -58.40
O02 II0 HN . -63.15 11.73 -52.93
C03 II0 IN . -48.89 24.67 -67.06
C04 II0 IN . -57.28 31.44 -45.18
C05 II0 IN . -47.62 23.69 -67.43
C06 II0 IN . -58.11 31.09 -43.78
C07 II0 IN . -46.59 24.34 -68.02
C08 II0 IN . -57.41 30.18 -43.01
C09 II0 IN . -48.50 26.00 -66.53
C10 II0 IN . -55.85 31.60 -44.98
C11 II0 IN . -45.98 25.60 -67.04
C12 II0 IN . -55.97 30.82 -42.47
C13 II0 IN . -46.97 26.11 -66.13
C14 II0 IN . -55.24 31.54 -43.50
C15 II0 IN . -49.75 24.86 -68.34
C16 II0 IN . -49.73 23.98 -65.95
C17 II0 IN . -57.85 32.73 -45.79
C18 II0 IN . -57.50 30.26 -46.19
C19 II0 IN . -46.61 26.69 -64.78
C20 II0 IN . -53.71 31.59 -43.37
C21 II0 IN . -49.52 26.72 -65.58
C22 II0 IN . -54.86 31.64 -46.20
C23 II0 IN . -50.29 27.25 -64.80
C24 II0 IN . -54.04 31.60 -47.08
C25 II0 IN . -51.30 27.81 -63.76
C26 II0 IN . -52.97 31.43 -48.19
C27 II0 IN . -52.80 27.64 -63.96
C28 II0 IN . -51.51 31.64 -47.88
C29 II0 IN . -50.79 28.44 -62.63
C30 II0 IN . -53.35 31.05 -49.42
C31 II0 IN . -51.66 29.06 -61.49
C32 II0 IN . -52.33 30.84 -50.57
C33 II0 IN . -51.55 28.52 -60.25
C34 II0 IN . -52.88 30.47 -51.73
C35 II0 IN . -52.34 29.06 -59.06
C36 II0 IN . -52.11 30.17 -53.02
C37 II0 IN . -53.74 29.58 -59.27
C38 II0 IN . -50.79 29.40 -52.94
C39 II0 IN . -51.77 29.03 -57.83
C40 II0 IN . -52.63 30.50 -54.23
C41 II0 IN . -52.49 29.51 -56.54
C42 II0 IN . -51.82 30.10 -55.50
O01 II0 IN . -45.57 23.38 -68.22
O02 II0 IN . -58.20 29.79 -41.89
C02 IHT JN . -46.74 28.93 -60.78
C03 IHT JN . -58.53 13.41 -46.56
C04 IHT JN . -46.59 29.79 -62.18
C05 IHT JN . -59.80 13.76 -45.54
C06 IHT JN . -46.07 31.01 -61.91
C07 IHT JN . -47.26 29.74 -59.71
C08 IHT JN . -59.39 14.27 -44.35
C09 IHT JN . -47.08 31.95 -60.98
C10 IHT JN . -47.91 31.12 -60.15
C11 IHT JN . -57.68 14.59 -46.69
C12 IHT JN . -58.56 15.75 -44.55
C13 IHT JN . -45.34 28.38 -60.37
C14 IHT JN . -47.77 27.72 -61.01
C15 IHT JN . -57.46 15.56 -45.41
C16 IHT JN . -57.71 12.28 -45.98
C17 IHT JN . -59.05 13.00 -47.93
C18 IHT JN . -47.81 29.04 -58.46
C19 IHT JN . -49.22 31.63 -59.54
C20 IHT JN . -56.24 16.51 -45.31
C21 IHT JN . -57.16 15.06 -48.08
C22 IHT JN . -47.41 29.44 -57.26
C23 IHT JN . -48.01 28.69 -56.02
C24 IHT JN . -56.70 15.47 -49.13
C25 IHT JN . -47.62 29.11 -54.58
C26 IHT JN . -56.04 16.09 -50.38
C27 IHT JN . -48.87 27.65 -56.25
C28 IHT JN . -56.36 15.58 -51.79
C29 IHT JN . -55.15 17.08 -50.19
C30 IHT JN . -49.51 26.85 -55.07
C31 IHT JN . -54.46 17.75 -51.38
C32 IHT JN . -49.64 25.52 -55.16
C33 IHT JN . -50.27 24.75 -54.01
C34 IHT JN . -53.70 18.82 -51.14
C35 IHT JN . -52.98 19.55 -52.33
C36 IHT JN . -50.02 25.18 -52.57
C37 IHT JN . -51.05 23.67 -54.30
C38 IHT JN . -52.48 20.77 -52.12
C39 IHT JN . -52.88 18.86 -53.72
C40 IHT JN . -51.71 22.87 -53.17
C41 IHT JN . -51.79 21.55 -53.27
O01 IHT JN . -60.51 14.49 -43.52
O1 LHG KN . -46.98 28.14 -74.75
C1 LHG KN . -45.98 29.15 -74.61
C2 LHG KN . -46.53 30.24 -73.72
O2 LHG KN . -45.55 31.28 -73.59
C3 LHG KN . -46.75 29.65 -72.35
O3 LHG KN . -47.81 28.70 -72.42
P LHG KN . -47.87 27.47 -71.40
O4 LHG KN . -46.46 26.99 -71.14
O5 LHG KN . -48.94 26.54 -71.94
O6 LHG KN . -48.39 28.19 -70.07
C4 LHG KN . -47.55 28.41 -68.94
C5 LHG KN . -47.82 29.77 -68.29
C6 LHG KN . -49.31 29.86 -68.09
O7 LHG KN . -47.20 29.84 -67.01
C7 LHG KN . -46.66 31.16 -66.69
O9 LHG KN . -46.66 32.00 -67.56
C8 LHG KN . -46.19 31.55 -65.31
C9 LHG KN . -45.86 33.04 -65.29
C10 LHG KN . -45.21 33.36 -63.96
O8 LHG KN . -49.64 31.08 -67.42
C23 LHG KN . -50.49 31.08 -66.24
O10 LHG KN . -51.23 30.13 -66.06
C24 LHG KN . -50.47 32.23 -65.27
C11 LHG KN . -45.12 34.85 -63.66
C12 LHG KN . -44.65 35.02 -62.22
C13 LHG KN . -44.78 36.46 -61.75
C14 LHG KN . -44.25 36.56 -60.33
C25 LHG KN . -49.71 31.72 -64.05
C26 LHG KN . -49.75 32.72 -62.90
C27 LHG KN . -48.90 33.96 -63.22
MG CLA LN . 57.32 -15.97 51.58
CHA CLA LN . 59.75 -17.52 49.61
CHB CLA LN . 55.67 -15.11 48.72
CHC CLA LN . 54.53 -15.26 53.43
CHD CLA LN . 58.69 -17.66 54.38
NA CLA LN . 57.71 -16.21 49.53
C1A CLA LN . 58.77 -16.89 48.90
C2A CLA LN . 58.67 -16.80 47.38
C3A CLA LN . 57.64 -15.67 47.21
C4A CLA LN . 56.93 -15.64 48.57
CMA CLA LN . 58.34 -14.38 46.88
CAA CLA LN . 58.26 -18.14 46.77
CBA CLA LN . 56.88 -18.30 46.18
CGA CLA LN . 55.99 -18.53 47.34
O1A CLA LN . 56.42 -18.98 48.37
O2A CLA LN . 54.66 -18.20 47.24
NB CLA LN . 55.44 -15.36 51.14
C1B CLA LN . 54.97 -15.02 49.93
C2B CLA LN . 53.61 -14.43 50.04
C3B CLA LN . 53.29 -14.47 51.39
C4B CLA LN . 54.46 -15.04 52.09
CMB CLA LN . 52.89 -13.97 48.86
CAB CLA LN . 52.17 -14.06 52.19
CBB CLA LN . 50.92 -13.79 51.83
NC CLA LN . 56.76 -16.32 53.55
C1C CLA LN . 55.62 -15.85 54.14
C2C CLA LN . 55.62 -16.15 55.56
C3C CLA LN . 56.75 -16.94 55.79
C4C CLA LN . 57.46 -17.02 54.54
CMC CLA LN . 54.60 -15.76 56.52
CAC CLA LN . 57.21 -17.50 57.06
CBC CLA LN . 56.56 -18.81 57.42
ND CLA LN . 58.89 -17.17 51.99
C1D CLA LN . 59.36 -17.75 53.20
C2D CLA LN . 60.64 -18.41 52.96
C3D CLA LN . 60.87 -18.29 51.60
C4D CLA LN . 59.71 -17.59 51.04
CMD CLA LN . 61.48 -19.00 53.99
CAD CLA LN . 61.78 -18.57 50.51
OBD CLA LN . 62.94 -18.99 50.54
CBD CLA LN . 61.03 -18.22 49.20
CGD CLA LN . 61.90 -17.40 48.29
O1D CLA LN . 62.64 -17.82 47.40
O2D CLA LN . 61.84 -16.06 48.50
CED CLA LN . 62.39 -15.20 47.51
C1 CLA LN . 53.95 -18.36 48.48
C2 CLA LN . 52.55 -17.94 48.38
C3 CLA LN . 51.74 -17.98 49.45
C4 CLA LN . 52.15 -18.42 50.80
C5 CLA LN . 50.34 -17.59 49.34
MG CLA MN . 46.69 -11.72 51.01
CHA CLA MN . 46.85 -11.76 47.56
CHB CLA MN . 47.77 -14.97 51.03
CHC CLA MN . 45.95 -11.94 54.35
CHD CLA MN . 44.73 -8.76 50.83
NA CLA MN . 47.26 -13.08 49.53
C1A CLA MN . 47.32 -12.89 48.15
C2A CLA MN . 47.82 -14.14 47.42
C3A CLA MN . 48.01 -15.14 48.55
C4A CLA MN . 47.70 -14.34 49.81
CMA CLA MN . 47.02 -16.26 48.37
CAA CLA MN . 49.19 -13.96 46.73
CBA CLA MN . 49.50 -15.06 45.75
CGA CLA MN . 48.54 -15.07 44.58
O1A CLA MN . 48.45 -14.30 43.62
O2A CLA MN . 47.71 -16.15 44.64
NB CLA MN . 46.88 -13.15 52.41
C1B CLA MN . 47.41 -14.39 52.24
C2B CLA MN . 47.48 -15.12 53.53
C3B CLA MN . 46.95 -14.26 54.48
C4B CLA MN . 46.56 -13.02 53.77
CMB CLA MN . 47.99 -16.49 53.60
CAB CLA MN . 46.65 -14.38 55.88
CBB CLA MN . 46.38 -15.46 56.61
NC CLA MN . 45.62 -10.51 52.33
C1C CLA MN . 45.53 -10.76 53.68
C2C CLA MN . 44.80 -9.69 54.34
C3C CLA MN . 44.36 -8.83 53.34
C4C CLA MN . 44.89 -9.35 52.08
CMC CLA MN . 44.58 -9.68 55.79
CAC CLA MN . 43.57 -7.59 53.49
CBC CLA MN . 42.09 -7.82 53.70
ND CLA MN . 45.95 -10.50 49.60
C1D CLA MN . 45.20 -9.30 49.65
C2D CLA MN . 45.05 -8.76 48.29
C3D CLA MN . 45.70 -9.64 47.46
C4D CLA MN . 46.21 -10.72 48.31
CMD CLA MN . 44.33 -7.53 47.96
CAD CLA MN . 46.06 -9.99 46.11
OBD CLA MN . 45.91 -9.44 45.06
CBD CLA MN . 46.75 -11.35 46.11
CGD CLA MN . 45.95 -12.29 45.27
O1D CLA MN . 46.05 -12.48 44.05
O2D CLA MN . 45.02 -12.99 45.96
CED CLA MN . 43.74 -13.19 45.34
C1 CLA MN . 46.80 -16.36 43.54
C2 CLA MN . 45.43 -16.39 44.08
C3 CLA MN . 44.91 -17.39 44.81
C4 CLA MN . 45.63 -18.64 45.17
C5 CLA MN . 43.51 -17.29 45.31
C6 CLA MN . 43.45 -17.33 46.82
MG CLA NN . 46.83 1.83 65.02
CHA CLA NN . 44.65 3.99 66.68
CHB CLA NN . 44.39 1.25 62.72
CHC CLA NN . 49.20 1.02 62.60
CHD CLA NN . 49.46 3.28 66.94
NA CLA NN . 44.86 2.46 64.80
C1A CLA NN . 44.14 3.40 65.57
C2A CLA NN . 42.72 3.56 65.02
C3A CLA NN . 42.60 2.36 64.08
C4A CLA NN . 44.05 2.00 63.80
CMA CLA NN . 42.05 1.23 64.88
CAA CLA NN . 42.46 4.92 64.37
CBA CLA NN . 43.29 5.35 63.17
CGA CLA NN . 44.57 6.02 63.58
O1A CLA NN . 44.71 7.01 64.29
O2A CLA NN . 45.69 5.41 63.08
NB CLA NN . 46.81 1.36 63.03
C1B CLA NN . 45.70 0.90 62.42
C2B CLA NN . 46.03 -0.07 61.34
C3B CLA NN . 47.39 -0.15 61.29
C4B CLA NN . 47.90 0.77 62.34
CMB CLA NN . 45.01 -0.73 60.54
CAB CLA NN . 48.23 -0.90 60.40
CBB CLA NN . 48.28 -0.82 59.06
NC CLA NN . 48.91 2.06 64.84
C1C CLA NN . 49.67 1.63 63.79
C2C CLA NN . 51.09 1.91 64.02
C3C CLA NN . 51.16 2.59 65.23
C4C CLA NN . 49.80 2.68 65.73
CMC CLA NN . 52.18 1.55 63.11
CAC CLA NN . 52.38 3.07 65.92
CBC CLA NN . 52.70 4.51 65.62
ND CLA NN . 47.05 3.12 66.56
C1D CLA NN . 48.17 3.51 67.34
C2D CLA NN . 47.69 4.19 68.55
C3D CLA NN . 46.35 4.41 68.34
C4D CLA NN . 46.02 3.79 67.06
CMD CLA NN . 48.53 4.60 69.68
CAD CLA NN . 45.12 4.93 68.91
OBD CLA NN . 44.93 5.36 70.04
CBD CLA NN . 44.04 4.85 67.77
CGD CLA NN . 42.75 4.30 68.26
O1D CLA NN . 41.61 4.51 67.81
O2D CLA NN . 42.89 3.44 69.30
CED CLA NN . 41.74 3.14 70.06
C1 CLA NN . 46.88 5.56 63.88
C2 CLA NN . 48.00 5.04 63.06
C3 CLA NN . 49.25 5.53 63.07
C4 CLA NN . 49.65 6.69 63.90
C5 CLA NN . 50.31 4.95 62.19
C6 CLA NN . 49.73 4.42 60.90
C7 CLA NN . 50.75 3.77 59.99
C8 CLA NN . 50.69 4.25 58.53
C9 CLA NN . 51.58 5.45 58.31
C10 CLA NN . 49.27 4.57 58.05
C11 CLA NN . 48.96 3.92 56.72
C12 CLA NN . 48.20 4.88 55.85
C13 CLA NN . 49.13 5.63 54.92
C14 CLA NN . 49.01 7.13 55.15
C15 CLA NN . 48.81 5.30 53.46
C16 CLA NN . 49.65 4.16 52.92
C17 CLA NN . 51.00 4.65 52.45
C18 CLA NN . 52.14 3.79 52.98
C19 CLA NN . 53.04 3.34 51.85
C20 CLA NN . 52.94 4.52 54.04
MG CLA ON . 41.17 12.57 57.47
CHA CLA ON . 39.15 12.38 60.30
CHB CLA ON . 39.75 15.59 56.70
CHC CLA ON . 43.72 13.19 55.21
CHD CLA ON . 42.90 9.71 58.58
NA CLA ON . 39.71 13.77 58.36
C1A CLA ON . 38.97 13.50 59.52
C2A CLA ON . 38.00 14.63 59.79
C3A CLA ON . 37.94 15.35 58.43
C4A CLA ON . 39.25 14.92 57.79
CMA CLA ON . 36.79 14.80 57.63
CAA CLA ON . 38.72 15.52 60.78
CBA CLA ON . 37.89 16.65 61.36
CGA CLA ON . 38.66 17.30 62.49
O1A CLA ON . 38.23 18.08 63.34
O2A CLA ON . 39.99 16.98 62.51
NB CLA ON . 41.62 14.07 56.19
C1B CLA ON . 40.92 15.22 56.02
C2B CLA ON . 41.54 16.02 54.94
C3B CLA ON . 42.66 15.36 54.51
C4B CLA ON . 42.73 14.11 55.33
CMB CLA ON . 41.05 17.32 54.51
CAB CLA ON . 43.63 15.72 53.53
CBB CLA ON . 44.85 16.21 53.80
NC CLA ON . 42.95 11.60 56.97
C1C CLA ON . 43.81 11.98 55.99
C2C CLA ON . 44.89 11.02 55.84
C3C CLA ON . 44.68 10.06 56.84
C4C CLA ON . 43.45 10.43 57.51
CMC CLA ON . 45.97 11.10 54.89
CAC CLA ON . 45.47 8.85 57.11
CBC CLA ON . 45.03 7.70 56.23
ND CLA ON . 41.17 11.36 59.09
C1D CLA ON . 41.85 10.16 59.35
C2D CLA ON . 41.24 9.48 60.51
C3D CLA ON . 40.22 10.31 60.94
C4D CLA ON . 40.21 11.45 60.01
CMD CLA ON . 41.72 8.21 61.06
CAD CLA ON . 39.16 10.50 61.90
OBD CLA ON . 38.84 9.81 62.85
CBD CLA ON . 38.42 11.83 61.52
CGD CLA ON . 36.93 11.59 61.40
O1D CLA ON . 36.18 11.37 62.36
O2D CLA ON . 36.38 11.62 60.16
CED CLA ON . 34.96 11.76 60.08
C1 CLA ON . 40.81 17.48 63.58
C2 CLA ON . 42.22 17.49 63.09
C3 CLA ON . 43.22 16.77 63.64
C4 CLA ON . 44.60 16.82 63.10
C5 CLA ON . 42.98 15.87 64.80
C6 CLA ON . 44.04 15.95 65.89
MG CLA PN . 37.38 -4.15 57.01
CHA CLA PN . 34.24 -3.61 55.61
CHB CLA PN . 37.01 -7.53 56.49
CHC CLA PN . 40.75 -4.62 57.51
CHD CLA PN . 38.10 -0.73 56.26
NA CLA PN . 35.83 -5.36 56.27
C1A CLA PN . 34.59 -4.94 55.73
C2A CLA PN . 33.76 -6.16 55.30
C3A CLA PN . 34.61 -7.35 55.78
C4A CLA PN . 35.91 -6.72 56.23
CMA CLA PN . 33.94 -8.07 56.93
CAA CLA PN . 33.51 -6.23 53.79
CBA CLA PN . 34.54 -7.02 53.00
CGA CLA PN . 33.90 -8.29 52.55
O1A CLA PN . 33.35 -9.17 53.21
O2A CLA PN . 34.01 -8.44 51.20
NB CLA PN . 38.63 -5.74 56.95
C1B CLA PN . 38.26 -7.04 56.91
C2B CLA PN . 39.35 -7.91 57.44
C3B CLA PN . 40.41 -7.09 57.74
C4B CLA PN . 39.96 -5.71 57.42
CMB CLA PN . 39.22 -9.37 57.49
CAB CLA PN . 41.75 -7.32 58.20
CBB CLA PN . 42.17 -8.15 59.16
NC CLA PN . 39.06 -2.91 56.99
C1C CLA PN . 40.33 -3.29 57.30
C2C CLA PN . 41.24 -2.16 57.31
C3C CLA PN . 40.49 -1.10 56.79
C4C CLA PN . 39.14 -1.58 56.61
CMC CLA PN . 42.65 -2.23 57.68
CAC CLA PN . 40.85 0.28 56.55
CBC CLA PN . 41.61 0.38 55.27
ND CLA PN . 36.42 -2.50 56.33
C1D CLA PN . 36.81 -1.15 56.15
C2D CLA PN . 35.66 -0.32 55.81
C3D CLA PN . 34.60 -1.20 55.66
C4D CLA PN . 35.17 -2.56 55.90
CMD CLA PN . 35.71 1.13 55.69
CAD CLA PN . 33.21 -1.36 55.34
OBD CLA PN . 32.34 -0.51 55.20
CBD CLA PN . 32.97 -2.89 55.17
CGD CLA PN . 31.74 -3.35 55.93
O1D CLA PN . 30.99 -4.28 55.60
O2D CLA PN . 31.42 -2.62 57.05
CED CLA PN . 32.06 -2.86 58.32
C1 CLA PN . 32.92 -9.12 50.55
C2 CLA PN . 33.47 -9.67 49.29
C3 CLA PN . 34.22 -10.79 49.24
C4 CLA PN . 34.59 -11.59 50.43
C5 CLA PN . 34.73 -11.27 47.94
C6 CLA PN . 36.24 -11.43 47.96
MG CLA QN . 45.80 -3.32 47.89
CHA CLA QN . 47.47 -6.11 46.61
CHB CLA QN . 44.90 -2.51 44.69
CHC CLA QN . 43.25 -1.41 49.13
CHD CLA QN . 46.29 -4.67 51.14
NA CLA QN . 46.22 -4.11 46.01
C1A CLA QN . 46.89 -5.29 45.67
C2A CLA QN . 46.97 -5.47 44.15
C3A CLA QN . 46.65 -4.04 43.70
C4A CLA QN . 45.84 -3.48 44.86
CMA CLA QN . 47.96 -3.31 43.60
CAA CLA QN . 46.03 -6.51 43.54
CBA CLA QN . 44.65 -6.59 44.18
CGA CLA QN . 43.69 -7.49 43.47
O1A CLA QN . 43.82 -8.68 43.19
O2A CLA QN . 42.54 -6.85 43.04
NB CLA QN . 44.34 -2.20 47.07
C1B CLA QN . 44.14 -1.98 45.75
C2B CLA QN . 43.01 -1.04 45.54
C3B CLA QN . 42.53 -0.72 46.78
C4B CLA QN . 43.39 -1.43 47.78
CMB CLA QN . 42.58 -0.61 44.21
CAB CLA QN . 41.43 0.16 47.08
CBB CLA QN . 40.35 -0.06 47.83
NC CLA QN . 45.01 -3.03 49.79
C1C CLA QN . 44.01 -2.14 50.08
C2C CLA QN . 43.73 -2.12 51.49
C3C CLA QN . 44.53 -3.10 52.08
C4C CLA QN . 45.35 -3.65 51.00
CMC CLA QN . 42.71 -1.29 52.12
CAC CLA QN . 44.58 -3.46 53.50
CBC CLA QN . 45.52 -2.61 54.32
ND CLA QN . 46.78 -4.87 48.74
C1D CLA QN . 46.95 -5.27 50.09
C2D CLA QN . 47.90 -6.39 50.15
C3D CLA QN . 48.13 -6.76 48.84
C4D CLA QN . 47.38 -5.81 48.00
CMD CLA QN . 48.37 -7.00 51.38
CAD CLA QN . 48.83 -7.65 47.95
OBD CLA QN . 49.65 -8.52 48.20
CBD CLA QN . 48.36 -7.32 46.49
CGD CLA QN . 49.56 -7.04 45.63
O1D CLA QN . 50.06 -5.94 45.43
O2D CLA QN . 50.12 -8.12 45.02
CED CLA QN . 51.10 -7.90 44.02
C1 CLA QN . 41.88 -5.84 43.85
MG CLA RN . 60.80 -0.55 54.18
CHA CLA RN . 62.11 0.84 51.30
CHB CLA RN . 63.97 -1.36 55.19
CHC CLA RN . 59.63 -1.29 57.31
CHD CLA RN . 57.68 0.98 53.41
NA CLA RN . 62.71 -0.27 53.37
C1A CLA RN . 63.05 0.32 52.14
C2A CLA RN . 64.56 0.30 51.91
C3A CLA RN . 65.07 -0.53 53.11
C4A CLA RN . 63.85 -0.73 53.97
CMA CLA RN . 65.64 -1.83 52.64
CAA CLA RN . 65.22 1.66 51.97
NB CLA RN . 61.63 -1.20 55.91
C1B CLA RN . 62.92 -1.59 56.08
C2B CLA RN . 63.05 -2.31 57.38
C3B CLA RN . 61.83 -2.31 57.99
C4B CLA RN . 60.93 -1.56 57.07
CMB CLA RN . 64.33 -2.85 57.80
CAB CLA RN . 61.38 -2.77 59.30
CBB CLA RN . 61.76 -3.80 60.05
NC CLA RN . 58.98 -0.24 55.16
C1C CLA RN . 58.72 -0.67 56.42
C2C CLA RN . 57.33 -0.38 56.78
C3C CLA RN . 56.80 0.34 55.73
C4C CLA RN . 57.83 0.41 54.69
CMC CLA RN . 56.68 -0.72 58.03
CAC CLA RN . 55.42 0.80 55.66
CBC CLA RN . 55.26 2.25 56.03
ND CLA RN . 60.03 0.67 52.77
C1D CLA RN . 58.70 1.11 52.49
C2D CLA RN . 58.63 1.65 51.12
C3D CLA RN . 59.90 1.52 50.61
C4D CLA RN . 60.74 0.94 51.67
CMD CLA RN . 57.43 2.16 50.47
CAD CLA RN . 60.75 1.75 49.45
OBD CLA RN . 60.47 2.14 48.33
CBD CLA RN . 62.19 1.33 49.88
CGD CLA RN . 62.71 0.25 48.97
O1D CLA RN . 62.64 -0.96 49.15
O2D CLA RN . 63.30 0.72 47.84
CED CLA RN . 64.35 -0.05 47.23
MG CLA SN . 67.20 -15.66 62.92
CHA CLA SN . 68.23 -12.59 61.63
CHB CLA SN . 70.45 -16.73 62.79
CHC CLA SN . 66.46 -18.21 65.07
CHD CLA SN . 64.02 -14.20 63.64
NA CLA SN . 69.01 -14.80 62.29
C1A CLA SN . 69.23 -13.50 61.80
C2A CLA SN . 70.71 -13.32 61.46
C3A CLA SN . 71.28 -14.74 61.54
C4A CLA SN . 70.19 -15.49 62.29
CMA CLA SN . 71.52 -15.33 60.16
CAA CLA SN . 71.39 -12.43 62.50
NB CLA SN . 68.27 -17.10 63.83
C1B CLA SN . 69.51 -17.50 63.48
C2B CLA SN . 69.78 -18.90 63.88
C3B CLA SN . 68.64 -19.34 64.53
C4B CLA SN . 67.69 -18.19 64.52
CMB CLA SN . 71.06 -19.55 63.59
CAB CLA SN . 68.29 -20.57 65.19
CBB CLA SN . 69.06 -21.36 65.94
NC CLA SN . 65.53 -16.12 64.10
C1C CLA SN . 65.45 -17.25 64.87
C2C CLA SN . 64.16 -17.36 65.50
C3C CLA SN . 63.44 -16.20 65.17
C4C CLA SN . 64.32 -15.43 64.26
CMC CLA SN . 63.81 -18.51 66.36
CAC CLA SN . 62.05 -15.89 65.54
CBC CLA SN . 61.84 -15.46 66.97
ND CLA SN . 66.26 -13.88 62.64
C1D CLA SN . 64.91 -13.46 62.89
C2D CLA SN . 64.71 -12.15 62.21
C3D CLA SN . 65.94 -11.78 61.72
C4D CLA SN . 66.89 -12.87 62.05
CMD CLA SN . 63.44 -11.44 62.15
CAD CLA SN . 66.68 -10.79 60.96
OBD CLA SN . 66.24 -9.79 60.38
CBD CLA SN . 68.19 -11.21 60.99
CGD CLA SN . 68.84 -11.13 59.63
O1D CLA SN . 69.36 -12.03 58.97
O2D CLA SN . 68.81 -9.88 59.08
CED CLA SN . 70.06 -9.27 58.73
NB KC2 TN . 62.47 -5.32 64.79
ND KC2 TN . 65.45 -8.09 64.48
C1A KC2 TN . 66.33 -5.43 62.72
C1B KC2 TN . 62.45 -4.12 64.22
C1C KC2 TN . 61.76 -7.65 66.63
C1D KC2 TN . 65.67 -9.29 65.09
C2A KC2 TN . 66.75 -4.20 62.02
C2B KC2 TN . 61.29 -3.31 64.71
C2C KC2 TN . 61.52 -8.76 67.55
C2D KC2 TN . 67.04 -9.75 64.74
C3A KC2 TN . 65.56 -3.33 62.19
C3B KC2 TN . 60.60 -4.19 65.65
C3C KC2 TN . 62.62 -9.70 67.31
C3D KC2 TN . 67.60 -8.69 63.87
C4A KC2 TN . 64.58 -4.14 62.97
C4B KC2 TN . 61.42 -5.42 65.62
C4C KC2 TN . 63.41 -9.01 66.26
C4D KC2 TN . 66.60 -7.71 63.74
CAA KC2 TN . 68.01 -3.86 61.29
CAB KC2 TN . 59.39 -4.13 66.51
CAC KC2 TN . 62.81 -11.01 68.05
CAD KC2 TN . 68.83 -8.30 63.09
CBA KC2 TN . 68.90 -2.92 61.53
CBB KC2 TN . 59.10 -3.04 67.21
CBC KC2 TN . 61.79 -12.03 67.62
CBD KC2 TN . 68.58 -6.90 62.74
CED KC2 TN . 69.34 -4.37 65.46
CGA KC2 TN . 70.09 -2.98 60.68
CGD KC2 TN . 69.40 -6.04 63.65
CHA KC2 TN . 67.14 -6.64 62.87
CHB KC2 TN . 63.32 -3.46 63.26
CHC KC2 TN . 60.91 -6.47 66.49
CHD KC2 TN . 64.58 -9.85 65.91
CMA KC2 TN . 65.31 -1.92 61.70
CMB KC2 TN . 60.91 -1.89 64.32
CMC KC2 TN . 60.34 -8.85 68.51
CMD KC2 TN . 67.51 -11.06 65.30
NA KC2 TN . 64.98 -5.37 63.32
NC KC2 TN . 62.82 -7.71 65.84
O1A KC2 TN . 70.01 -3.60 59.59
O1D KC2 TN . 70.47 -5.57 63.31
O2A KC2 TN . 71.18 -2.67 61.23
O2D KC2 TN . 68.74 -5.49 64.81
OBD KC2 TN . 69.84 -9.09 63.22
MG KC2 TN . 63.89 -6.75 64.39
NB KC2 UN . 51.53 -18.10 69.51
ND KC2 UN . 47.78 -19.64 69.91
C1A KC2 UN . 49.23 -19.64 72.89
C1B KC2 UN . 52.38 -17.82 70.49
C1C KC2 UN . 50.34 -18.52 66.72
C1D KC2 UN . 46.78 -19.94 69.04
C2A KC2 UN . 49.87 -19.63 74.22
C2B KC2 UN . 53.71 -17.43 69.94
C2C KC2 UN . 49.71 -18.72 65.41
C2D KC2 UN . 45.73 -20.67 69.76
C3A KC2 UN . 51.14 -18.90 73.93
C3B KC2 UN . 53.55 -17.52 68.49
C3C KC2 UN . 48.34 -19.13 65.71
C3D KC2 UN . 46.20 -20.78 71.15
C4A KC2 UN . 51.09 -18.56 72.47
C4B KC2 UN . 52.15 -17.93 68.32
C4C KC2 UN . 48.32 -19.09 67.19
C4D KC2 UN . 47.45 -20.14 71.18
CAA KC2 UN . 49.40 -20.20 75.51
CAB KC2 UN . 54.40 -17.28 67.29
CAC KC2 UN . 47.27 -19.43 64.72
CAD KC2 UN . 45.85 -21.30 72.52
CBA KC2 UN . 49.32 -19.65 76.71
CBB KC2 UN . 55.11 -16.17 67.17
CBC KC2 UN . 47.18 -20.88 64.37
CBD KC2 UN . 46.77 -20.59 73.39
CED KC2 UN . 45.63 -18.18 76.06
CGA KC2 UN . 48.42 -20.31 77.66
CGD KC2 UN . 46.16 -19.36 73.95
CHA KC2 UN . 47.93 -20.23 72.57
CHB KC2 UN . 52.24 -17.83 71.94
CHC KC2 UN . 51.72 -18.10 66.94
CHD KC2 UN . 46.96 -19.48 67.65
CMA KC2 UN . 52.28 -18.54 74.86
CMB KC2 UN . 54.97 -17.04 70.68
CMC KC2 UN . 50.42 -18.55 64.09
CMD KC2 UN . 44.53 -21.10 68.97
NA KC2 UN . 49.99 -18.97 71.83
NC KC2 UN . 49.61 -18.70 67.81
O1A KC2 UN . 48.20 -19.74 78.75
O1D KC2 UN . 46.30 -18.26 73.44
O2A KC2 UN . 47.67 -21.20 77.20
O2D KC2 UN . 45.77 -19.41 75.34
OBD KC2 UN . 44.69 -21.90 72.59
MG KC2 UN . 49.59 -18.68 69.84
MG CLA VN . 41.38 -18.85 62.15
CHA CLA VN . 38.54 -19.21 64.11
CHB CLA VN . 42.76 -21.55 63.75
CHC CLA VN . 43.60 -19.32 59.53
CHD CLA VN . 39.67 -16.45 60.20
NA CLA VN . 40.75 -20.13 63.67
C1A CLA VN . 39.53 -20.14 64.37
C2A CLA VN . 39.55 -21.27 65.41
C3A CLA VN . 41.06 -21.52 65.57
C4A CLA VN . 41.56 -21.09 64.21
CMA CLA VN . 41.65 -20.63 66.63
CAA CLA VN . 38.93 -22.58 64.90
CBA CLA VN . 37.43 -22.55 64.60
CGA CLA VN . 36.62 -22.49 65.87
O1A CLA VN . 36.94 -22.10 66.99
O2A CLA VN . 35.33 -22.93 65.70
NB CLA VN . 42.94 -20.08 61.79
C1B CLA VN . 43.28 -21.17 62.51
C2B CLA VN . 44.31 -21.98 61.84
C3B CLA VN . 44.55 -21.37 60.62
C4B CLA VN . 43.68 -20.16 60.59
CMB CLA VN . 44.79 -23.21 62.47
CAB CLA VN . 45.39 -21.69 59.50
CBB CLA VN . 46.53 -22.40 59.46
NC CLA VN . 41.63 -17.99 60.26
C1C CLA VN . 42.64 -18.29 59.39
C2C CLA VN . 42.54 -17.46 58.20
C3C CLA VN . 41.39 -16.69 58.36
C4C CLA VN . 40.85 -17.01 59.67
CMC CLA VN . 43.45 -17.54 57.06
CAC CLA VN . 40.87 -15.68 57.42
CBC CLA VN . 39.83 -16.25 56.50
ND CLA VN . 39.52 -18.07 62.04
C1D CLA VN . 39.03 -16.94 61.32
C2D CLA VN . 37.75 -16.49 61.91
C3D CLA VN . 37.49 -17.37 62.93
C4D CLA VN . 38.63 -18.30 63.01
CMD CLA VN . 36.93 -15.39 61.41
CAD CLA VN . 36.55 -17.75 63.96
OBD CLA VN . 35.40 -17.35 64.14
CBD CLA VN . 37.25 -18.83 64.82
CGD CLA VN . 37.47 -18.25 66.20
O1D CLA VN . 37.02 -17.19 66.64
O2D CLA VN . 38.25 -18.99 67.04
CED CLA VN . 37.80 -19.19 68.38
C1 CLA VN . 34.32 -21.90 65.75
C2 CLA VN . 33.00 -22.59 65.78
C3 CLA VN . 31.83 -21.96 65.99
C4 CLA VN . 30.54 -22.68 66.02
C5 CLA VN . 31.79 -20.48 66.21
C6 CLA VN . 30.70 -19.77 65.42
C03 II0 WN . 53.55 -22.61 51.41
C04 II0 WN . 44.10 -3.84 63.52
C05 II0 WN . 53.58 -22.38 49.78
C06 II0 WN . 43.33 -3.00 64.72
C07 II0 WN . 54.79 -22.33 49.16
C08 II0 WN . 42.13 -2.45 64.41
C09 II0 WN . 54.45 -21.65 52.10
C10 II0 WN . 43.40 -3.82 62.25
C11 II0 WN . 56.03 -21.62 50.10
C12 II0 WN . 41.13 -3.38 63.46
C13 II0 WN . 55.51 -20.88 51.19
C14 II0 WN . 41.81 -3.98 62.32
C15 II0 WN . 52.06 -22.38 51.86
C16 II0 WN . 53.88 -24.09 51.80
C17 II0 WN . 45.52 -3.30 63.28
C18 II0 WN . 44.14 -5.31 64.08
C19 II0 WN . 55.98 -19.48 51.59
C20 II0 WN . 41.05 -4.93 61.37
C21 II0 WN . 53.90 -20.76 53.26
C22 II0 WN . 44.05 -4.40 60.96
C23 II0 WN . 53.43 -20.07 54.11
C24 II0 WN . 44.54 -4.90 59.99
C25 II0 WN . 52.72 -19.16 55.15
C26 II0 WN . 45.22 -5.54 58.76
C27 II0 WN . 52.87 -19.36 56.66
C28 II0 WN . 45.35 -4.83 57.45
C29 II0 WN . 51.89 -18.17 54.67
C30 II0 WN . 45.89 -6.70 58.99
C31 II0 WN . 51.15 -17.25 55.69
C32 II0 WN . 46.71 -7.47 57.92
C33 II0 WN . 51.15 -15.92 55.49
C34 II0 WN . 47.53 -8.44 58.33
C35 II0 WN . 50.43 -15.00 56.45
C36 II0 WN . 48.30 -9.30 57.34
C37 II0 WN . 50.01 -15.49 57.81
C38 II0 WN . 49.20 -8.71 56.25
C39 II0 WN . 50.19 -13.73 56.06
C40 II0 WN . 48.18 -10.65 57.47
C41 II0 WN . 49.47 -12.74 57.03
C42 II0 WN . 48.92 -11.62 56.50
O01 II0 WN . 55.19 -23.61 48.71
O02 II0 WN . 41.48 -2.30 65.67
C03 II0 XN . 61.21 -16.55 60.16
C04 II0 XN . 40.17 -26.23 71.53
C05 II0 XN . 62.33 -16.12 59.01
C06 II0 XN . 38.75 -26.09 72.39
C07 II0 XN . 62.92 -17.19 58.39
C08 II0 XN . 37.63 -25.75 71.67
C09 II0 XN . 60.83 -17.98 60.19
C10 II0 XN . 40.24 -25.48 70.28
C11 II0 XN . 61.78 -18.29 57.78
C12 II0 XN . 37.85 -24.42 70.69
C13 II0 XN . 60.84 -18.70 58.77
C14 II0 XN . 39.07 -24.44 69.90
C15 II0 XN . 61.71 -16.10 61.58
C16 II0 XN . 59.87 -15.75 59.90
C17 II0 XN . 41.33 -25.76 72.44
C18 II0 XN . 40.41 -27.75 71.19
C19 II0 XN . 60.00 -19.96 58.56
C20 II0 XN . 39.47 -23.15 69.14
C21 II0 XN . 59.69 -18.43 61.17
C22 II0 XN . 41.53 -25.53 69.38
C23 II0 XN . 58.81 -18.75 61.95
C24 II0 XN . 42.47 -25.58 68.64
C25 II0 XN . 57.64 -19.06 62.94
C26 II0 XN . 43.66 -25.67 67.64
C27 II0 XN . 57.66 -18.38 64.33
C28 II0 XN . 43.37 -26.19 66.26
C29 II0 XN . 56.58 -19.89 62.61
C30 II0 XN . 44.92 -25.32 67.97
C31 II0 XN . 55.43 -20.15 63.63
C32 II0 XN . 46.08 -25.42 66.91
C33 II0 XN . 54.69 -21.30 63.57
C34 II0 XN . 46.77 -24.31 66.63
C35 II0 XN . 53.58 -21.52 64.59
C36 II0 XN . 47.93 -24.20 65.60
C37 II0 XN . 53.74 -20.88 65.96
C38 II0 XN . 47.88 -24.97 64.28
C39 II0 XN . 52.50 -22.29 64.30
C40 II0 XN . 48.99 -23.39 65.90
C41 II0 XN . 51.33 -22.52 65.32
C42 II0 XN . 50.19 -23.18 64.91
O01 II0 XN . 63.74 -16.76 57.32
O02 II0 XN . 37.20 -26.86 70.87
C03 II0 YN . 36.30 -7.67 61.22
C04 II0 YN . 55.54 -23.27 57.42
C05 II0 YN . 35.25 -7.01 62.31
C06 II0 YN . 57.11 -23.73 57.15
C07 II0 YN . 34.26 -7.85 62.78
C08 II0 YN . 58.02 -23.07 57.94
C09 II0 YN . 36.21 -9.16 61.17
C10 II0 YN . 55.37 -22.66 58.75
C11 II0 YN . 33.70 -9.07 61.73
C12 II0 YN . 57.75 -23.32 59.56
C13 II0 YN . 34.78 -9.86 61.26
C14 II0 YN . 56.33 -23.25 59.87
C15 II0 YN . 36.03 -6.98 59.83
C16 II0 YN . 37.78 -7.23 61.54
C17 II0 YN . 55.22 -22.23 56.33
C18 II0 YN . 54.56 -24.49 57.21
C19 II0 YN . 34.53 -11.14 60.45
C20 II0 YN . 55.75 -24.31 60.82
C21 II0 YN . 37.50 -10.00 60.92
C22 II0 YN . 53.95 -22.18 59.20
C23 II0 YN . 38.45 -10.69 60.66
C24 II0 YN . 52.85 -21.82 59.51
C25 II0 YN . 39.59 -11.67 60.30
C26 II0 YN . 51.42 -21.33 59.84
C27 II0 YN . 39.24 -12.93 59.48
C28 II0 YN . 50.27 -22.31 59.77
C29 II0 YN . 40.88 -11.42 60.66
C30 II0 YN . 51.21 -20.04 60.14
C31 II0 YN . 41.98 -12.46 60.29
C32 II0 YN . 49.74 -19.58 60.43
C33 II0 YN . 43.25 -12.13 60.57
C34 II0 YN . 49.28 -18.43 59.94
C35 II0 YN . 44.44 -13.04 60.28
C36 II0 YN . 47.83 -18.05 60.24
C37 II0 YN . 45.75 -12.37 59.92
C38 II0 YN . 47.00 -18.88 61.21
C39 II0 YN . 44.35 -14.40 60.36
C40 II0 YN . 47.26 -16.97 59.66
C41 II0 YN . 45.65 -15.20 60.06
C42 II0 YN . 45.79 -16.56 59.98
O01 II0 YN . 34.76 -8.43 63.98
O02 II0 YN . 59.35 -23.49 57.58
O1 LHG ZN . 71.22 -19.88 59.14
C1 LHG ZN . 70.67 -21.19 59.32
C2 LHG ZN . 69.30 -21.10 59.97
O2 LHG ZN . 68.62 -22.36 59.91
C3 LHG ZN . 68.46 -20.02 59.29
O3 LHG ZN . 67.77 -19.29 60.29
P LHG ZN . 66.83 -18.03 59.96
O4 LHG ZN . 66.99 -17.73 58.50
O5 LHG ZN . 66.95 -16.96 61.04
O6 LHG ZN . 65.43 -18.80 60.15
C4 LHG ZN . 64.66 -18.66 61.33
C5 LHG ZN . 63.91 -19.96 61.53
C6 LHG ZN . 62.90 -19.79 62.65
O7 LHG ZN . 63.20 -20.35 60.35
C7 LHG ZN . 63.74 -21.50 59.63
O9 LHG ZN . 64.78 -21.41 59.02
C8 LHG ZN . 63.00 -22.84 59.64
C9 LHG ZN . 63.22 -23.57 60.96
C10 LHG ZN . 62.12 -24.57 61.26
O8 LHG ZN . 61.99 -20.87 62.54
C23 LHG ZN . 60.82 -20.96 63.40
O10 LHG ZN . 60.56 -20.07 64.18
C24 LHG ZN . 59.93 -22.16 63.22
C11 LHG ZN . 62.05 -25.62 60.15
C12 LHG ZN . 60.97 -26.63 60.47
C13 LHG ZN . 60.62 -27.44 59.23
C14 LHG ZN . 59.51 -28.43 59.56
C25 LHG ZN . 59.08 -22.42 64.47
C26 LHG ZN . 58.33 -23.75 64.45
C27 LHG ZN . 59.14 -24.87 63.79
C28 LHG ZN . 58.73 -26.25 64.25
C29 LHG ZN . 57.31 -26.65 63.87
C30 LHG ZN . 57.28 -27.32 62.50
C31 LHG ZN . 56.18 -28.37 62.47
C32 LHG ZN . 56.15 -29.22 61.20
C33 LHG ZN . 55.66 -28.39 60.02
C34 LHG ZN . 55.72 -29.19 58.72
O1 LHG AO . 5.99 -94.55 19.09
C1 LHG AO . 4.94 -93.67 18.67
C2 LHG AO . 4.26 -93.13 19.91
O2 LHG AO . 2.94 -92.69 19.59
C3 LHG AO . 5.06 -91.94 20.43
O3 LHG AO . 4.60 -91.73 21.76
P LHG AO . 4.79 -90.37 22.56
O4 LHG AO . 5.59 -89.40 21.74
O5 LHG AO . 5.21 -90.76 23.96
O6 LHG AO . 3.23 -89.97 22.52
C4 LHG AO . 2.75 -88.68 22.87
C5 LHG AO . 1.23 -88.63 22.71
C6 LHG AO . 0.59 -87.93 23.91
O7 LHG AO . 0.74 -88.04 21.47
C7 LHG AO . 0.91 -86.61 21.13
O9 LHG AO . 1.84 -85.96 21.47
C8 LHG AO . -0.07 -85.85 20.29
C9 LHG AO . -1.36 -85.60 21.07
C10 LHG AO . -2.54 -85.63 20.11
O8 LHG AO . -0.74 -87.55 23.60
C23 LHG AO . -1.91 -87.96 24.34
O10 LHG AO . -2.26 -89.13 24.26
C24 LHG AO . -2.64 -86.97 25.20
C11 LHG AO . -2.32 -84.72 18.91
C12 LHG AO . -3.56 -84.75 18.05
C13 LHG AO . -3.57 -83.50 17.21
C14 LHG AO . -4.76 -83.62 16.27
C25 LHG AO . -4.14 -87.22 25.06
C26 LHG AO . -4.76 -86.71 23.77
C27 LHG AO . -4.27 -85.31 23.39
C28 LHG AO . -5.41 -84.47 22.83
C29 LHG AO . -5.91 -85.07 21.52
C30 LHG AO . -6.71 -84.03 20.76
C31 LHG AO . -7.02 -84.50 19.33
C32 LHG AO . -7.78 -83.46 18.52
C33 LHG AO . -7.18 -82.06 18.71
C34 LHG AO . -7.25 -81.25 17.43
MG CLA BO . -27.43 -84.14 -16.51
CHA CLA BO . -25.70 -86.45 -14.60
CHB CLA BO . -27.88 -86.42 -18.95
CHC CLA BO . -29.12 -81.76 -18.34
CHD CLA BO . -26.80 -81.67 -14.03
NA CLA BO . -26.84 -86.12 -16.73
C1A CLA BO . -26.17 -86.94 -15.81
C2A CLA BO . -26.00 -88.35 -16.42
C3A CLA BO . -26.65 -88.26 -17.82
C4A CLA BO . -27.17 -86.83 -17.85
CMA CLA BO . -25.71 -88.51 -18.98
CAA CLA BO . -26.73 -89.42 -15.61
CBA CLA BO . -26.73 -90.82 -16.22
NB CLA BO . -28.32 -84.09 -18.30
C1B CLA BO . -28.42 -85.14 -19.14
C2B CLA BO . -29.22 -84.76 -20.34
C3B CLA BO . -29.58 -83.45 -20.17
C4B CLA BO . -29.01 -83.00 -18.87
CMB CLA BO . -29.51 -85.68 -21.44
CAB CLA BO . -30.33 -82.60 -21.06
CBB CLA BO . -31.56 -82.12 -20.82
NC CLA BO . -27.82 -82.09 -16.24
C1C CLA BO . -28.54 -81.33 -17.11
C2C CLA BO . -28.68 -79.97 -16.65
C3C CLA BO . -28.04 -79.93 -15.41
C4C CLA BO . -27.51 -81.27 -15.16
CMC CLA BO . -29.37 -78.92 -17.40
CAC CLA BO . -27.89 -78.73 -14.56
CBC CLA BO . -29.11 -78.44 -13.72
ND CLA BO . -26.39 -83.97 -14.79
C1D CLA BO . -26.27 -82.93 -13.85
C2D CLA BO . -25.50 -83.42 -12.69
C3D CLA BO . -25.24 -84.75 -12.92
C4D CLA BO . -25.85 -85.06 -14.23
CMD CLA BO . -25.11 -82.59 -11.55
CAD CLA BO . -24.59 -85.95 -12.44
OBD CLA BO . -23.88 -86.14 -11.45
CBD CLA BO . -24.95 -87.08 -13.45
CGD CLA BO . -23.77 -87.79 -14.06
O1D CLA BO . -23.18 -87.45 -15.08
O2D CLA BO . -23.40 -88.97 -13.49
CED CLA BO . -23.03 -90.01 -14.39
MG CLA CO . -18.86 -79.95 -5.93
CHA CLA CO . -17.51 -80.24 -9.12
CHB CLA CO . -16.48 -77.61 -5.23
CHC CLA CO . -20.74 -78.83 -3.30
CHD CLA CO . -21.62 -81.88 -7.04
NA CLA CO . -17.28 -79.10 -6.99
C1A CLA CO . -16.91 -79.32 -8.32
C2A CLA CO . -15.69 -78.48 -8.69
C3A CLA CO . -15.17 -78.10 -7.30
C4A CLA CO . -16.40 -78.23 -6.44
CMA CLA CO . -14.19 -79.16 -6.87
CAA CLA CO . -16.08 -77.29 -9.58
CBA CLA CO . -15.94 -75.86 -9.02
CGA CLA CO . -17.04 -75.42 -8.10
O1A CLA CO . -18.21 -75.78 -8.09
O2A CLA CO . -16.63 -74.53 -7.12
NB CLA CO . -18.66 -78.47 -4.58
C1B CLA CO . -17.56 -77.73 -4.37
C2B CLA CO . -17.61 -77.03 -3.07
C3B CLA CO . -18.83 -77.39 -2.52
C4B CLA CO . -19.51 -78.28 -3.49
CMB CLA CO . -16.50 -76.16 -2.66
CAB CLA CO . -19.53 -77.06 -1.33
CBB CLA CO . -19.48 -75.90 -0.71
NC CLA CO . -20.79 -80.35 -5.26
C1C CLA CO . -21.33 -79.82 -4.12
C2C CLA CO . -22.66 -80.36 -3.91
C3C CLA CO . -22.95 -81.17 -5.01
C4C CLA CO . -21.76 -81.15 -5.85
CMC CLA CO . -23.49 -80.06 -2.74
CAC CLA CO . -24.16 -81.97 -5.26
CBC CLA CO . -25.36 -81.15 -5.70
ND CLA CO . -19.46 -80.91 -7.60
C1D CLA CO . -20.54 -81.77 -7.88
C2D CLA CO . -20.30 -82.46 -9.16
C3D CLA CO . -19.14 -81.92 -9.67
C4D CLA CO . -18.67 -80.94 -8.68
CMD CLA CO . -21.16 -83.47 -9.75
CAD CLA CO . -18.20 -81.94 -10.75
OBD CLA CO . -18.18 -82.64 -11.75
CBD CLA CO . -17.13 -80.85 -10.44
CGD CLA CO . -15.83 -81.58 -10.40
O1D CLA CO . -15.14 -81.91 -11.35
O2D CLA CO . -15.42 -81.94 -9.15
CED CLA CO . -14.18 -82.64 -9.01
C1 CLA CO . -17.49 -74.30 -5.97
C2 CLA CO . -18.43 -73.19 -6.22
C3 CLA CO . -19.62 -73.05 -5.60
C4 CLA CO . -20.12 -74.02 -4.61
C5 CLA CO . -20.48 -71.88 -5.94
MG CLA DO . -18.88 -72.90 2.45
CHA CLA DO . -15.83 -71.53 1.53
CHB CLA DO . -19.95 -72.51 -0.77
CHC CLA DO . -22.07 -73.79 3.41
CHD CLA DO . -18.01 -72.50 5.85
NA CLA DO . -18.00 -72.19 0.68
C1A CLA DO . -16.70 -71.71 0.48
C2A CLA DO . -16.46 -71.37 -1.00
C3A CLA DO . -17.81 -71.69 -1.68
C4A CLA DO . -18.65 -72.20 -0.52
CMA CLA DO . -18.43 -70.46 -2.30
CAA CLA DO . -15.44 -72.33 -1.61
CBA CLA DO . -15.25 -72.21 -3.11
CGA CLA DO . -14.70 -70.86 -3.45
O1A CLA DO . -13.82 -70.22 -2.87
O2A CLA DO . -15.33 -70.36 -4.56
NB CLA DO . -20.63 -73.21 1.50
C1B CLA DO . -20.87 -72.95 0.19
C2B CLA DO . -22.28 -73.21 -0.15
C3B CLA DO . -22.91 -73.58 1.03
C4B CLA DO . -21.85 -73.57 2.09
CMB CLA DO . -22.73 -72.98 -1.52
CAB CLA DO . -24.28 -73.89 1.39
CBB CLA DO . -25.41 -73.75 0.69
NC CLA DO . -19.84 -73.13 4.30
C1C CLA DO . -21.12 -73.59 4.46
C2C CLA DO . -21.43 -73.75 5.87
C3C CLA DO . -20.32 -73.29 6.57
C4C CLA DO . -19.31 -72.94 5.57
CMC CLA DO . -22.70 -74.22 6.40
CAC CLA DO . -20.15 -73.22 8.02
CBC CLA DO . -20.63 -71.88 8.55
ND CLA DO . -17.37 -72.11 3.51
C1D CLA DO . -17.09 -72.14 4.90
C2D CLA DO . -15.73 -71.65 5.11
C3D CLA DO . -15.21 -71.38 3.87
C4D CLA DO . -16.27 -71.69 2.89
CMD CLA DO . -15.09 -71.49 6.40
CAD CLA DO . -14.12 -70.84 3.14
OBD CLA DO . -13.14 -70.23 3.53
CBD CLA DO . -14.39 -71.04 1.63
CGD CLA DO . -14.14 -69.79 0.84
O1D CLA DO . -14.99 -69.02 0.40
O2D CLA DO . -12.83 -69.51 0.58
CED CLA DO . -12.48 -68.17 0.24
C1 CLA DO . -14.72 -69.30 -5.31
C2 CLA DO . -15.17 -68.02 -4.74
C3 CLA DO . -16.38 -67.45 -4.98
C4 CLA DO . -17.37 -68.05 -5.90
C5 CLA DO . -16.72 -66.16 -4.34
C6 CLA DO . -17.97 -66.25 -3.48
MG CLA EO . -23.47 -83.42 18.18
CHA CLA EO . -24.35 -82.94 21.47
CHB CLA EO . -22.30 -80.21 18.05
CHC CLA EO . -21.72 -84.13 15.31
CHD CLA EO . -23.83 -86.93 18.70
NA CLA EO . -23.38 -81.84 19.54
C1A CLA EO . -23.81 -81.84 20.86
C2A CLA EO . -23.52 -80.48 21.51
C3A CLA EO . -23.09 -79.60 20.32
C4A CLA EO . -22.88 -80.61 19.21
CMA CLA EO . -24.15 -78.62 19.92
CAA CLA EO . -22.40 -80.55 22.54
CBA CLA EO . -21.10 -81.24 22.21
CGA CLA EO . -21.18 -82.67 22.66
O1A CLA EO . -21.32 -83.13 23.79
O2A CLA EO . -21.01 -83.49 21.60
NB CLA EO . -22.23 -82.40 16.96
C1B CLA EO . -22.08 -81.07 16.97
C2B CLA EO . -21.66 -80.60 15.64
C3B CLA EO . -21.48 -81.69 14.83
C4B CLA EO . -21.84 -82.85 15.68
CMB CLA EO . -21.39 -79.19 15.47
CAB CLA EO . -21.03 -81.92 13.48
CBB CLA EO . -21.02 -81.06 12.46
NC CLA EO . -22.89 -85.18 17.21
C1C CLA EO . -22.18 -85.23 16.05
C2C CLA EO . -21.93 -86.59 15.63
C3C CLA EO . -22.54 -87.41 16.59
C4C CLA EO . -23.15 -86.51 17.55
CMC CLA EO . -21.12 -86.91 14.45
CAC CLA EO . -22.56 -88.87 16.69
CBC CLA EO . -23.24 -89.66 15.59
ND CLA EO . -23.98 -84.69 19.67
C1D CLA EO . -24.22 -86.08 19.70
C2D CLA EO . -24.91 -86.43 20.96
C3D CLA EO . -24.98 -85.26 21.68
C4D CLA EO . -24.36 -84.21 20.84
CMD CLA EO . -25.36 -87.77 21.32
CAD CLA EO . -25.39 -84.65 22.92
OBD CLA EO . -25.92 -85.16 23.89
CBD CLA EO . -24.99 -83.16 22.81
CGD CLA EO . -26.25 -82.36 22.93
O1D CLA EO . -26.38 -81.24 23.42
O2D CLA EO . -27.36 -83.01 22.51
CED CLA EO . -28.25 -82.35 21.61
C1 CLA EO . -20.79 -84.89 21.86
C2 CLA EO . -20.61 -85.53 20.53
C3 CLA EO . -19.78 -86.56 20.33
C4 CLA EO . -18.96 -87.15 21.42
C5 CLA EO . -19.62 -87.21 19.00
C6 CLA EO . -18.31 -86.82 18.33
C7 CLA EO . -17.91 -87.76 17.19
C8 CLA EO . -16.91 -87.08 16.27
C9 CLA EO . -17.64 -86.12 15.37
C10 CLA EO . -16.18 -88.06 15.38
C11 CLA EO . -14.68 -88.04 15.57
C12 CLA EO . -14.00 -88.84 14.46
C13 CLA EO . -12.48 -88.76 14.43
C14 CLA EO . -11.90 -89.90 15.25
C15 CLA EO . -11.87 -87.44 14.90
C16 CLA EO . -11.78 -86.46 13.77
C17 CLA EO . -10.41 -85.83 13.63
C18 CLA EO . -9.54 -86.76 12.79
C19 CLA EO . -10.02 -86.68 11.37
C20 CLA EO . -8.09 -86.31 12.82
MG CLA FO . -22.86 -85.78 30.95
CHA CLA FO . -23.32 -86.74 34.23
CHB CLA FO . -23.66 -82.54 31.80
CHC CLA FO . -21.81 -84.68 27.86
CHD CLA FO . -21.09 -88.80 30.38
NA CLA FO . -23.42 -84.82 32.74
C1A CLA FO . -23.57 -85.40 34.01
C2A CLA FO . -24.00 -84.33 35.04
C3A CLA FO . -24.12 -83.04 34.20
C4A CLA FO . -23.71 -83.48 32.80
CMA CLA FO . -25.50 -82.42 34.24
CAA CLA FO . -22.96 -84.19 36.17
CBA CLA FO . -23.45 -83.99 37.58
CGA CLA FO . -22.30 -84.20 38.54
O1A CLA FO . -22.34 -84.12 39.77
O2A CLA FO . -21.10 -84.58 37.99
NB CLA FO . -22.80 -83.99 30.01
C1B CLA FO . -23.25 -82.80 30.48
C2B CLA FO . -23.22 -81.77 29.41
C3B CLA FO . -22.70 -82.38 28.30
C4B CLA FO . -22.41 -83.78 28.68
CMB CLA FO . -23.62 -80.38 29.63
CAB CLA FO . -22.35 -81.88 27.01
CBB CLA FO . -21.38 -80.99 26.79
NC CLA FO . -21.70 -86.61 29.40
C1C CLA FO . -21.46 -86.00 28.21
C2C CLA FO . -20.71 -86.88 27.35
C3C CLA FO . -20.40 -88.02 28.08
C4C CLA FO . -21.04 -87.84 29.37
CMC CLA FO . -20.29 -86.56 25.99
CAC CLA FO . -19.60 -89.17 27.59
CBC CLA FO . -20.33 -90.43 27.27
ND CLA FO . -22.27 -87.39 31.99
C1D CLA FO . -21.67 -88.62 31.61
C2D CLA FO . -21.80 -89.60 32.69
C3D CLA FO . -22.51 -88.96 33.69
C4D CLA FO . -22.72 -87.57 33.22
CMD CLA FO . -21.33 -90.98 32.64
CAD CLA FO . -23.06 -89.08 35.02
OBD CLA FO . -23.11 -90.07 35.74
CBD CLA FO . -23.55 -87.66 35.40
CGD CLA FO . -25.01 -87.54 35.76
O1D CLA FO . -25.96 -88.05 35.16
O2D CLA FO . -25.27 -86.73 36.83
CED CLA FO . -26.61 -86.55 37.24
C1 CLA FO . -20.54 -85.79 38.55
C2 CLA FO . -19.83 -86.54 37.47
C3 CLA FO . -18.59 -86.26 37.04
C4 CLA FO . -17.77 -85.17 37.60
C5 CLA FO . -17.95 -87.06 35.94
C6 CLA FO . -18.81 -88.17 35.37
MG CLA GO . -12.48 -80.51 26.67
CHA CLA GO . -15.22 -79.65 28.58
CHB CLA GO . -10.48 -80.11 29.42
CHC CLA GO . -9.95 -82.19 25.07
CHD CLA GO . -14.64 -81.23 23.97
NA CLA GO . -12.81 -79.95 28.66
C1A CLA GO . -14.03 -79.64 29.25
C2A CLA GO . -13.81 -79.21 30.70
C3A CLA GO . -12.28 -79.03 30.79
C4A CLA GO . -11.80 -79.77 29.55
CMA CLA GO . -11.91 -77.58 30.71
CAA CLA GO . -14.32 -80.28 31.65
CBA CLA GO . -14.32 -79.80 33.08
CGA CLA GO . -14.85 -80.87 33.97
O1A CLA GO . -15.10 -80.83 35.17
O2A CLA GO . -15.11 -82.05 33.31
NB CLA GO . -10.58 -81.00 27.13
C1B CLA GO . -9.95 -80.77 28.31
C2B CLA GO . -8.56 -81.30 28.26
C3B CLA GO . -8.41 -81.89 27.03
C4B CLA GO . -9.69 -81.71 26.31
CMB CLA GO . -7.65 -81.20 29.40
CAB CLA GO . -7.31 -82.59 26.44
CBB CLA GO . -6.84 -83.76 26.88
NC CLA GO . -12.33 -81.51 24.85
C1C CLA GO . -11.18 -82.10 24.38
C2C CLA GO . -11.41 -82.65 23.06
C3C CLA GO . -12.74 -82.41 22.74
C4C CLA GO . -13.31 -81.67 23.87
CMC CLA GO . -10.37 -83.37 22.31
CAC CLA GO . -13.44 -82.74 21.50
CBC CLA GO . -13.13 -81.75 20.40
ND CLA GO . -14.47 -80.57 26.32
C1D CLA GO . -15.21 -80.73 25.12
C2D CLA GO . -16.60 -80.30 25.36
C3D CLA GO . -16.69 -79.96 26.69
C4D CLA GO . -15.33 -80.10 27.23
CMD CLA GO . -17.66 -80.32 24.34
CAD CLA GO . -17.53 -79.46 27.76
OBD CLA GO . -18.74 -79.23 27.78
CBD CLA GO . -16.62 -79.22 28.99
CGD CLA GO . -16.63 -77.79 29.48
O1D CLA GO . -15.94 -76.85 29.09
O2D CLA GO . -17.49 -77.55 30.51
CED CLA GO . -17.09 -76.58 31.49
C1 CLA GO . -14.98 -83.29 34.01
C2 CLA GO . -14.84 -84.33 32.97
C3 CLA GO . -14.42 -85.58 33.23
C4 CLA GO . -14.08 -86.04 34.59
C5 CLA GO . -14.28 -86.60 32.15
C6 CLA GO . -12.84 -87.03 31.93
MG CLA HO . -21.58 -70.89 16.12
CHA CLA HO . -20.78 -67.84 17.61
CHB CLA HO . -23.27 -69.15 13.67
CHC CLA HO . -21.37 -73.56 13.97
CHD CLA HO . -18.96 -72.35 18.05
NA CLA HO . -22.05 -68.88 15.79
C1A CLA HO . -21.60 -67.76 16.52
C2A CLA HO . -22.19 -66.50 15.92
C3A CLA HO . -23.22 -67.01 14.90
C4A CLA HO . -22.86 -68.47 14.77
CMA CLA HO . -24.63 -66.79 15.38
CAA CLA HO . -21.14 -65.65 15.25
CBA CLA HO . -20.53 -66.12 13.96
CGA CLA HO . -19.72 -64.97 13.49
O1A CLA HO . -20.06 -64.00 12.82
O2A CLA HO . -18.44 -65.04 13.94
NB CLA HO . -22.19 -71.27 14.22
C1B CLA HO . -22.94 -70.48 13.43
C2B CLA HO . -23.35 -71.20 12.21
C3B CLA HO . -22.82 -72.47 12.28
C4B CLA HO . -22.08 -72.50 13.55
CMB CLA HO . -24.14 -70.52 11.18
CAB CLA HO . -22.83 -73.64 11.44
CBB CLA HO . -23.24 -73.81 10.19
NC CLA HO . -20.47 -72.66 16.10
C1C CLA HO . -20.63 -73.61 15.16
C2C CLA HO . -19.86 -74.78 15.47
C3C CLA HO . -19.04 -74.42 16.54
C4C CLA HO . -19.46 -73.08 16.96
CMC CLA HO . -19.91 -75.96 14.60
CAC CLA HO . -18.15 -75.32 17.24
CBC CLA HO . -16.84 -75.45 16.55
ND CLA HO . -20.32 -70.34 17.61
C1D CLA HO . -19.35 -71.06 18.34
C2D CLA HO . -18.85 -70.21 19.43
C3D CLA HO . -19.40 -68.96 19.23
C4D CLA HO . -20.24 -69.09 18.03
CMD CLA HO . -17.94 -70.66 20.46
CAD CLA HO . -19.50 -67.60 19.72
OBD CLA HO . -19.11 -67.09 20.77
CBD CLA HO . -20.24 -66.80 18.60
CGD CLA HO . -21.29 -65.84 19.09
O1D CLA HO . -21.18 -64.62 19.22
O2D CLA HO . -22.48 -66.43 19.40
CED CLA HO . -23.37 -65.70 20.23
C1 CLA HO . -17.55 -65.52 12.94
C2 CLA HO . -16.22 -65.66 13.57
C3 CLA HO . -15.12 -66.02 12.89
C4 CLA HO . -15.16 -66.18 11.42
C5 CLA HO . -13.80 -66.16 13.57
C6 CLA HO . -12.67 -65.51 12.79
C7 CLA HO . -11.46 -65.28 13.67
C8 CLA HO . -10.13 -65.24 12.94
C9 CLA HO . -10.17 -64.57 11.57
C10 CLA HO . -9.64 -66.67 12.84
C11 CLA HO . -8.17 -66.78 13.18
C12 CLA HO . -7.73 -66.12 14.48
C13 CLA HO . -6.24 -66.25 14.87
C14 CLA HO . -5.53 -67.37 14.12
C15 CLA HO . -6.08 -66.37 16.40
C16 CLA HO . -4.80 -67.07 16.85
C17 CLA HO . -4.71 -67.48 18.30
C18 CLA HO . -3.27 -67.83 18.71
C19 CLA HO . -2.49 -66.59 19.07
C20 CLA HO . -2.51 -68.66 17.68
MG CLA IO . -12.12 -73.47 8.84
CHA CLA IO . -11.86 -73.64 5.36
CHB CLA IO . -9.46 -71.39 8.98
CHC CLA IO . -12.68 -73.04 12.20
CHD CLA IO . -15.14 -75.34 8.62
NA CLA IO . -10.86 -72.68 7.38
C1A CLA IO . -10.89 -72.86 5.98
C2A CLA IO . -9.73 -72.09 5.33
C3A CLA IO . -9.04 -71.43 6.52
C4A CLA IO . -9.85 -71.86 7.73
CMA CLA IO . -7.70 -72.01 6.65
CAA CLA IO . -10.11 -70.99 4.38
CBA CLA IO . -9.02 -70.11 3.80
CGA CLA IO . -7.97 -71.00 3.19
O1A CLA IO . -8.12 -72.08 2.62
O2A CLA IO . -6.72 -70.50 3.31
NB CLA IO . -11.27 -72.37 10.29
C1B CLA IO . -10.11 -71.68 10.18
C2B CLA IO . -9.63 -71.22 11.51
C3B CLA IO . -10.55 -71.69 12.42
C4B CLA IO . -11.59 -72.43 11.67
CMB CLA IO . -8.41 -70.44 11.70
CAB CLA IO . -10.59 -71.52 13.85
CBB CLA IO . -10.73 -70.36 14.48
NC CLA IO . -13.62 -74.09 10.14
C1C CLA IO . -13.62 -73.83 11.48
C2C CLA IO . -14.80 -74.42 12.10
C3C CLA IO . -15.52 -75.06 11.08
C4C CLA IO . -14.76 -74.85 9.87
CMC CLA IO . -15.11 -74.27 13.51
CAC CLA IO . -16.82 -75.76 11.16
CBC CLA IO . -16.84 -77.14 11.78
ND CLA IO . -13.23 -74.39 7.41
C1D CLA IO . -14.44 -75.12 7.47
C2D CLA IO . -14.79 -75.59 6.12
C3D CLA IO . -13.86 -75.04 5.28
C4D CLA IO . -12.90 -74.29 6.12
CMD CLA IO . -15.94 -76.42 5.82
CAD CLA IO . -13.37 -75.00 3.92
OBD CLA IO . -13.75 -75.63 2.95
CBD CLA IO . -12.24 -73.95 3.91
CGD CLA IO . -11.19 -74.18 2.86
O1D CLA IO . -10.67 -73.31 2.16
O2D CLA IO . -10.82 -75.46 2.59
CED CLA IO . -10.09 -75.70 1.38
C1 CLA IO . -5.78 -71.04 2.36
C2 CLA IO . -5.74 -70.10 1.22
C3 CLA IO . -5.36 -70.42 -0.03
C4 CLA IO . -4.95 -71.79 -0.39
C5 CLA IO . -5.32 -69.40 -1.11
C6 CLA IO . -6.48 -69.37 -2.08
C7 CLA IO . -7.61 -68.58 -1.46
C8 CLA IO . -7.98 -67.37 -2.30
C9 CLA IO . -8.12 -66.15 -1.40
C10 CLA IO . -9.21 -67.69 -3.17
C11 CLA IO . -10.51 -67.03 -2.78
C12 CLA IO . -11.56 -67.15 -3.86
C13 CLA IO . -11.77 -65.83 -4.59
C14 CLA IO . -12.71 -64.92 -3.83
C15 CLA IO . -12.28 -66.12 -6.00
C16 CLA IO . -12.48 -64.86 -6.79
C17 CLA IO . -12.56 -65.08 -8.28
C18 CLA IO . -12.94 -63.80 -9.00
C19 CLA IO . -13.30 -64.08 -10.45
C20 CLA IO . -11.82 -62.79 -8.92
MG CLA JO . -12.82 -89.68 4.94
CHA CLA JO . -9.43 -90.14 4.52
CHB CLA JO . -13.35 -92.33 2.82
CHC CLA JO . -16.09 -89.90 5.99
CHD CLA JO . -12.11 -87.60 7.73
NA CLA JO . -11.59 -90.98 3.86
C1A CLA JO . -10.19 -91.02 3.82
C2A CLA JO . -9.68 -92.11 2.87
C3A CLA JO . -10.97 -92.56 2.14
C4A CLA JO . -12.06 -91.93 3.00
CMA CLA JO . -10.97 -92.18 0.67
CAA CLA JO . -8.96 -93.23 3.61
CBA CLA JO . -9.72 -94.22 4.44
CGA CLA JO . -10.09 -95.37 3.55
O1A CLA JO . -9.34 -95.98 2.80
O2A CLA JO . -11.42 -95.70 3.51
NB CLA JO . -14.40 -90.84 4.47
C1B CLA JO . -14.41 -91.84 3.58
C2B CLA JO . -15.75 -92.47 3.45
C3B CLA JO . -16.56 -91.81 4.35
C4B CLA JO . -15.71 -90.76 5.02
CMB CLA JO . -15.93 -93.57 2.50
CAB CLA JO . -17.94 -91.99 4.75
CBB CLA JO . -18.92 -92.69 4.20
NC CLA JO . -13.90 -88.82 6.50
C1C CLA JO . -15.24 -88.96 6.66
C2C CLA JO . -15.69 -88.10 7.74
C3C CLA JO . -14.56 -87.61 8.36
C4C CLA JO . -13.42 -88.06 7.57
CMC CLA JO . -17.08 -87.88 8.13
CAC CLA JO . -14.52 -86.72 9.52
CBC CLA JO . -14.32 -87.50 10.79
ND CLA JO . -11.21 -89.00 5.94
C1D CLA JO . -11.06 -88.02 6.96
C2D CLA JO . -9.65 -87.59 6.99
C3D CLA JO . -8.99 -88.36 6.07
C4D CLA JO . -10.00 -89.26 5.48
CMD CLA JO . -9.10 -86.54 7.82
CAD CLA JO . -7.74 -88.66 5.42
OBD CLA JO . -6.65 -88.14 5.54
CBD CLA JO . -7.97 -89.84 4.46
CGD CLA JO . -7.52 -89.51 3.07
O1D CLA JO . -6.49 -89.87 2.51
O2D CLA JO . -8.36 -88.72 2.34
CED CLA JO . -8.55 -89.05 0.97
C1 CLA JO . -12.33 -95.34 4.58
C2 CLA JO . -13.65 -95.92 4.26
C3 CLA JO . -14.66 -95.89 5.14
C4 CLA JO . -15.97 -96.49 4.81
C5 CLA JO . -14.51 -95.27 6.50
C6 CLA JO . -15.60 -94.26 6.82
MG CLA KO . -25.67 -93.03 -7.12
CHA CLA KO . -22.90 -94.40 -5.46
CHB CLA KO . -25.50 -95.56 -9.41
CHC CLA KO . -28.85 -92.32 -8.13
CHD CLA KO . -26.32 -91.16 -4.16
NA CLA KO . -24.38 -94.65 -7.40
C1A CLA KO . -23.28 -95.07 -6.60
C2A CLA KO . -22.65 -96.34 -7.18
C3A CLA KO . -23.37 -96.52 -8.53
C4A CLA KO . -24.51 -95.51 -8.46
CMA CLA KO . -22.45 -96.30 -9.71
CAA CLA KO . -22.84 -97.53 -6.24
CBA CLA KO . -24.28 -97.96 -6.03
CGA CLA KO . -24.46 -98.80 -4.81
O1A CLA KO . -23.78 -99.76 -4.42
O2A CLA KO . -25.58 -98.44 -4.12
NB CLA KO . -26.94 -93.83 -8.46
C1B CLA KO . -26.62 -94.72 -9.43
C2B CLA KO . -27.63 -94.72 -10.52
C3B CLA KO . -28.60 -93.81 -10.15
C4B CLA KO . -28.17 -93.23 -8.85
CMB CLA KO . -27.57 -95.59 -11.69
CAB CLA KO . -29.80 -93.46 -10.87
CBB CLA KO . -31.07 -93.53 -10.44
NC CLA KO . -27.24 -91.88 -6.33
C1C CLA KO . -28.43 -91.68 -6.95
C2C CLA KO . -29.30 -90.78 -6.21
C3C CLA KO . -28.61 -90.53 -5.04
C4C CLA KO . -27.33 -91.21 -5.12
CMC CLA KO . -30.63 -90.35 -6.61
CAC CLA KO . -29.08 -89.69 -3.94
CBC CLA KO . -29.78 -90.53 -2.92
ND CLA KO . -24.79 -92.70 -5.34
C1D CLA KO . -25.16 -91.86 -4.27
C2D CLA KO . -24.07 -91.86 -3.30
C3D CLA KO . -23.12 -92.75 -3.74
C4D CLA KO . -23.68 -93.31 -4.97
CMD CLA KO . -24.13 -91.03 -2.15
CAD CLA KO . -21.84 -93.36 -3.46
OBD CLA KO . -21.00 -93.10 -2.61
CBD CLA KO . -21.73 -94.53 -4.48
CGD CLA KO . -20.37 -94.70 -5.12
O1D CLA KO . -19.58 -93.85 -5.51
O2D CLA KO . -19.98 -95.99 -5.25
CED CLA KO . -19.17 -96.31 -6.39
C1 CLA KO . -25.62 -98.70 -2.71
C2 CLA KO . -26.96 -98.28 -2.25
C3 CLA KO . -27.30 -98.17 -0.95
C4 CLA KO . -28.67 -97.73 -0.59
C5 CLA KO . -26.32 -98.39 0.15
C6 CLA KO . -26.41 -97.31 1.21
C7 CLA KO . -25.64 -97.71 2.45
C8 CLA KO . -25.58 -96.61 3.52
C9 CLA KO . -26.92 -95.94 3.74
NB KC2 LO . -24.89 -93.25 4.62
ND KC2 LO . -24.79 -94.32 0.68
C1A KC2 LO . -22.06 -95.51 2.13
C1B KC2 LO . -24.00 -93.57 5.56
C1C KC2 LO . -27.51 -92.33 3.36
C1D KC2 LO . -25.69 -94.21 -0.33
C2A KC2 LO . -20.90 -96.11 2.84
C2B KC2 LO . -24.45 -93.17 6.92
C2C KC2 LO . -28.78 -92.00 2.71
C2D KC2 LO . -25.19 -94.95 -1.50
C3A KC2 LO . -21.08 -95.63 4.22
C3B KC2 LO . -25.77 -92.56 6.70
C3C KC2 LO . -28.63 -92.42 1.31
C3D KC2 LO . -23.89 -95.51 -1.08
C4A KC2 LO . -22.32 -94.79 4.19
C4B KC2 LO . -25.94 -92.65 5.23
C4C KC2 LO . -27.23 -92.96 1.30
C4D KC2 LO . -23.70 -95.10 0.25
CAA KC2 LO . -19.77 -96.98 2.38
CAB KC2 LO . -26.82 -91.93 7.53
CAC KC2 LO . -29.69 -92.29 0.25
CAD KC2 LO . -22.73 -96.34 -1.55
CBA KC2 LO . -18.72 -96.62 1.69
CBB KC2 LO . -26.54 -90.99 8.42
CBC KC2 LO . -30.44 -93.59 0.10
CBD KC2 LO . -21.83 -96.43 -0.41
CED KC2 LO . -22.57 -99.89 1.00
CGA KC2 LO . -17.73 -97.67 1.43
CGD KC2 LO . -21.69 -97.88 -0.12
CHA KC2 LO . -22.39 -95.65 0.71
CHB KC2 LO . -22.70 -94.21 5.48
CHC KC2 LO . -27.20 -92.10 4.77
CHD KC2 LO . -26.91 -93.42 -0.07
CMA KC2 LO . -20.24 -95.88 5.45
CMB KC2 LO . -23.74 -93.36 8.24
CMC KC2 LO . -29.97 -91.38 3.40
CMD KC2 LO . -26.06 -94.96 -2.73
NA KC2 LO . -22.93 -94.69 3.00
NC KC2 LO . -26.55 -92.87 2.62
O1A KC2 LO . -18.13 -98.85 1.32
O1D KC2 LO . -20.86 -98.59 -0.67
O2A KC2 LO . -16.53 -97.33 1.50
O2D KC2 LO . -22.65 -98.48 0.77
OBD KC2 LO . -22.91 -96.94 -2.68
MG KC2 LO . -24.65 -93.62 2.61
NB KC2 MO . -36.09 -81.32 1.01
ND KC2 MO . -37.76 -77.75 2.01
C1A KC2 MO . -40.07 -80.09 2.42
C1B KC2 MO . -36.65 -82.53 1.13
C1C KC2 MO . -33.90 -79.21 0.83
C1D KC2 MO . -37.24 -76.52 2.22
C2A KC2 MO . -41.01 -81.19 2.76
C2B KC2 MO . -35.68 -83.62 0.90
C2C KC2 MO . -32.86 -78.19 0.92
C2D KC2 MO . -38.26 -75.65 2.82
C3A KC2 MO . -40.23 -82.39 2.38
C3B KC2 MO . -34.42 -82.93 0.61
C3C KC2 MO . -33.55 -76.95 1.32
C3D KC2 MO . -39.47 -76.50 2.96
C4A KC2 MO . -38.93 -81.89 1.87
C4B KC2 MO . -34.79 -81.51 0.70
C4C KC2 MO . -34.97 -77.43 1.43
C4D KC2 MO . -39.11 -77.77 2.45
CAA KC2 MO . -42.38 -81.19 3.33
CAB KC2 MO . -33.02 -83.30 0.29
CAC KC2 MO . -32.83 -75.64 1.55
CAD KC2 MO . -40.89 -76.49 3.42
CBA KC2 MO . -43.05 -82.15 3.94
CBB KC2 MO . -32.42 -84.35 0.85
CBC KC2 MO . -33.23 -74.52 0.65
CBD KC2 MO . -41.33 -77.87 3.29
CED KC2 MO . -43.26 -78.88 6.40
CGA KC2 MO . -44.38 -81.81 4.44
CGD KC2 MO . -41.59 -78.35 4.67
CHA KC2 MO . -40.30 -78.66 2.59
CHB KC2 MO . -38.01 -82.94 1.44
CHC KC2 MO . -33.67 -80.60 0.45
CHD KC2 MO . -35.83 -76.29 1.83
CMA KC2 MO . -40.55 -83.87 2.45
CMB KC2 MO . -35.92 -85.11 0.94
CMC KC2 MO . -31.40 -78.43 0.64
CMD KC2 MO . -37.88 -74.23 3.13
NA KC2 MO . -38.78 -80.55 1.86
NC KC2 MO . -35.16 -78.87 1.09
O1A KC2 MO . -45.11 -82.74 4.87
O1D KC2 MO . -40.69 -78.66 5.45
O2A KC2 MO . -44.81 -80.67 4.16
O2D KC2 MO . -42.96 -78.39 5.10
OBD KC2 MO . -41.42 -75.32 3.46
MG KC2 MO . -37.09 -79.54 1.24
NB KC2 NO . -44.73 -82.23 0.96
ND KC2 NO . -46.07 -78.45 1.73
C1A KC2 NO . -48.38 -80.59 2.76
C1B KC2 NO . -45.35 -83.37 1.27
C1C KC2 NO . -42.75 -80.27 -0.28
C1D KC2 NO . -45.59 -77.23 1.42
C2A KC2 NO . -49.43 -81.58 3.15
C2B KC2 NO . -44.66 -84.54 0.67
C2C KC2 NO . -41.87 -79.28 -0.91
C2D KC2 NO . -46.62 -76.22 1.75
C3A KC2 NO . -48.74 -82.87 2.89
C3B KC2 NO . -43.52 -83.97 -0.05
C3C KC2 NO . -42.39 -77.97 -0.49
C3D KC2 NO . -47.76 -76.98 2.29
C4A KC2 NO . -47.40 -82.52 2.38
C4B KC2 NO . -43.65 -82.53 0.20
C4C KC2 NO . -43.57 -78.37 0.35
C4D KC2 NO . -47.37 -78.34 2.27
CAA KC2 NO . -50.82 -81.44 3.67
CAB KC2 NO . -42.40 -84.48 -0.87
CAC KC2 NO . -41.85 -76.63 -0.90
CAD KC2 NO . -49.14 -76.83 2.85
CBA KC2 NO . -51.93 -81.36 2.96
CBB KC2 NO . -41.80 -85.64 -0.63
CBC KC2 NO . -40.52 -76.31 -0.28
CBD KC2 NO . -49.62 -78.19 3.03
CED KC2 NO . -51.87 -77.35 5.95
CGA KC2 NO . -53.14 -80.98 3.69
CGD KC2 NO . -50.18 -78.27 4.40
CHA KC2 NO . -48.50 -79.13 2.81
CHB KC2 NO . -46.54 -83.67 2.05
CHC KC2 NO . -42.60 -81.73 -0.41
CHD KC2 NO . -44.23 -77.14 0.85
CMA KC2 NO . -49.26 -84.28 3.07
CMB KC2 NO . -45.06 -86.00 0.76
CMC KC2 NO . -40.69 -79.61 -1.79
CMD KC2 NO . -46.30 -74.77 1.48
NA KC2 NO . -47.13 -81.20 2.28
NC KC2 NO . -43.76 -79.84 0.47
O1A KC2 NO . -53.02 -80.53 4.85
O1D KC2 NO . -49.49 -78.48 5.38
O2A KC2 NO . -54.17 -80.80 2.99
O2D KC2 NO . -51.48 -77.67 4.61
OBD KC2 NO . -49.65 -75.66 2.65
MG KC2 NO . -45.35 -80.38 1.62
MG CLA OO . -31.15 -70.94 4.34
CHA CLA OO . -33.82 -69.17 5.61
CHB CLA OO . -32.72 -70.87 1.25
CHC CLA OO . -28.17 -71.58 2.74
CHD CLA OO . -29.34 -70.20 7.31
NA CLA OO . -32.96 -70.21 3.60
C1A CLA OO . -33.93 -69.47 4.29
C2A CLA OO . -35.10 -69.11 3.39
C3A CLA OO . -34.85 -69.98 2.13
C4A CLA OO . -33.40 -70.37 2.32
CMA CLA OO . -35.75 -71.16 2.06
CAA CLA OO . -35.02 -67.65 3.00
CBA CLA OO . -36.35 -66.98 3.21
CGA CLA OO . -36.73 -66.40 1.91
O1A CLA OO . -37.13 -67.04 0.94
O2A CLA OO . -36.65 -65.02 1.86
NB CLA OO . -30.60 -71.32 2.43
C1B CLA OO . -31.38 -71.20 1.33
C2B CLA OO . -30.58 -71.34 0.09
C3B CLA OO . -29.29 -71.55 0.49
C4B CLA OO . -29.28 -71.52 1.98
CMB CLA OO . -31.21 -71.16 -1.23
CAB CLA OO . -28.10 -71.68 -0.29
CBB CLA OO . -27.35 -70.65 -0.69
NC CLA OO . -29.14 -70.98 4.95
C1C CLA OO . -28.11 -71.32 4.13
C2C CLA OO . -26.86 -71.29 4.86
C3C CLA OO . -27.16 -70.83 6.15
C4C CLA OO . -28.61 -70.65 6.21
CMC CLA OO . -25.56 -71.61 4.26
CAC CLA OO . -26.20 -70.65 7.26
CBC CLA OO . -25.84 -69.20 7.54
ND CLA OO . -31.43 -69.91 6.06
C1D CLA OO . -30.66 -69.81 7.25
C2D CLA OO . -31.55 -69.28 8.32
C3D CLA OO . -32.77 -69.05 7.75
C4D CLA OO . -32.63 -69.44 6.34
CMD CLA OO . -31.17 -69.03 9.70
CAD CLA OO . -34.13 -68.60 7.98
OBD CLA OO . -34.68 -68.23 9.01
CBD CLA OO . -34.81 -68.61 6.59
CGD CLA OO . -36.03 -69.46 6.60
O1D CLA OO . -37.19 -69.11 6.61
O2D CLA OO . -35.74 -70.79 6.57
CED CLA OO . -36.64 -71.65 5.89
C1 CLA OO . -36.63 -64.40 0.56
C2 CLA OO . -38.04 -64.15 0.12
C3 CLA OO . -38.34 -63.89 -1.17
C4 CLA OO . -39.73 -63.65 -1.63
C5 CLA OO . -37.29 -63.87 -2.22
C6 CLA OO . -37.52 -64.93 -3.27
C03 II0 PO . -12.03 -94.30 10.73
C04 II0 PO . -34.26 -87.08 6.57
C05 II0 PO . -10.44 -94.55 10.40
C06 II0 PO . -35.19 -86.31 7.71
C07 II0 PO . -10.27 -94.71 9.06
C08 II0 PO . -35.34 -84.96 7.49
C09 II0 PO . -12.63 -93.39 9.74
C10 II0 PO . -33.65 -86.18 5.60
C11 II0 PO . -10.50 -93.28 8.18
C12 II0 PO . -35.59 -84.51 5.91
C13 II0 PO . -11.81 -92.81 8.50
C14 II0 PO . -34.53 -84.97 5.03
C15 II0 PO . -12.84 -95.65 10.74
C16 II0 PO . -12.16 -93.60 12.14
C17 II0 PO . -33.11 -87.80 7.31
C18 II0 PO . -35.08 -88.17 5.80
C19 II0 PO . -12.62 -92.01 7.51
C20 II0 PO . -33.76 -83.93 4.21
C21 II0 PO . -13.87 -92.58 10.15
C22 II0 PO . -32.34 -86.59 4.88
C23 II0 PO . -14.86 -91.97 10.36
C24 II0 PO . -31.32 -86.87 4.34
C25 II0 PO . -16.28 -91.42 10.44
C26 II0 PO . -29.92 -87.16 3.76
C27 II0 PO . -16.87 -90.78 11.70
C28 II0 PO . -29.69 -87.35 2.28
C29 II0 PO . -16.95 -91.54 9.25
C30 II0 PO . -28.93 -87.17 4.64
C31 II0 PO . -18.39 -91.01 9.19
C32 II0 PO . -27.42 -87.39 4.38
C33 II0 PO . -19.16 -91.25 8.12
C34 II0 PO . -26.89 -88.53 4.79
C35 II0 PO . -20.54 -90.64 8.21
C36 II0 PO . -25.42 -88.96 4.68
C37 II0 PO . -21.04 -90.13 9.52
C38 II0 PO . -24.81 -89.43 3.36
C39 II0 PO . -21.33 -90.56 7.11
C40 II0 PO . -24.73 -89.01 5.84
C41 II0 PO . -22.76 -89.96 7.04
C42 II0 PO . -23.28 -89.53 5.85
O01 II0 PO . -9.07 -95.39 8.75
O02 II0 PO . -36.34 -84.41 8.34
C03 II0 QO . -22.72 -74.44 -9.16
C04 II0 QO . -25.76 -79.51 14.00
C05 II0 QO . -21.45 -73.79 -9.96
C06 II0 QO . -26.67 -79.74 15.37
C07 II0 QO . -20.65 -74.65 -10.68
C08 II0 QO . -25.97 -79.41 16.50
C09 II0 QO . -22.29 -75.63 -8.40
C10 II0 QO . -24.69 -78.54 14.17
C11 II0 QO . -20.63 -76.31 -10.29
C12 II0 QO . -25.49 -77.82 16.53
C13 II0 QO . -21.21 -76.63 -9.03
C14 II0 QO . -24.82 -77.42 15.31
C15 II0 QO . -23.17 -73.36 -8.11
C16 II0 QO . -23.97 -74.74 -10.09
C17 II0 QO . -25.14 -80.86 13.61
C18 II0 QO . -26.71 -79.04 12.82
C19 II0 QO . -20.80 -77.86 -8.23
C20 II0 QO . -23.74 -76.34 15.42
C21 II0 QO . -23.03 -76.05 -7.11
C22 II0 QO . -23.74 -78.29 13.00
C23 II0 QO . -23.60 -76.40 -6.12
C24 II0 QO . -23.06 -78.05 12.06
C25 II0 QO . -24.27 -76.70 -4.76
C26 II0 QO . -22.31 -77.68 10.79
C27 II0 QO . -25.55 -77.52 -4.71
C28 II0 QO . -21.10 -76.78 10.80
C29 II0 QO . -23.71 -76.16 -3.62
C30 II0 QO . -22.82 -78.17 9.67
C31 II0 QO . -24.33 -76.49 -2.24
C32 II0 QO . -22.20 -77.82 8.30
C33 II0 QO . -23.42 -76.80 -1.30
C34 II0 QO . -22.70 -78.45 7.26
C35 II0 QO . -23.85 -77.18 0.09
C36 II0 QO . -22.15 -78.10 5.89
C37 II0 QO . -25.26 -77.67 0.34
C38 II0 QO . -20.68 -77.72 5.70
C39 II0 QO . -22.96 -77.11 1.10
C40 II0 QO . -23.01 -78.15 4.87
C41 II0 QO . -23.41 -77.50 2.51
C42 II0 QO . -22.49 -77.79 3.46
O01 II0 QO . -21.00 -74.52 -12.03
O02 II0 QO . -26.82 -79.63 17.59
C03 II0 RO . -25.37 -86.46 -5.54
C04 II0 RO . -42.79 -71.87 2.10
C05 II0 RO . -23.82 -86.70 -6.05
C06 II0 RO . -43.67 -72.30 3.45
C07 II0 RO . -23.75 -86.84 -7.41
C08 II0 RO . -43.45 -71.54 4.58
C09 II0 RO . -26.21 -85.65 -6.43
C10 II0 RO . -41.46 -71.38 2.37
C11 II0 RO . -24.40 -85.51 -8.26
C12 II0 RO . -41.83 -71.46 4.97
C13 II0 RO . -25.44 -84.84 -7.56
C14 II0 RO . -41.02 -70.99 3.85
C15 II0 RO . -26.08 -87.84 -5.48
C16 II0 RO . -25.51 -85.76 -4.15
C17 II0 RO . -42.64 -73.12 1.19
C18 II0 RO . -43.54 -70.88 1.15
C19 II0 RO . -26.19 -83.68 -8.19
C20 II0 RO . -39.65 -70.34 4.08
C21 II0 RO . -27.58 -85.15 -5.87
C22 II0 RO . -40.42 -71.23 1.23
C23 II0 RO . -28.60 -84.74 -5.38
C24 II0 RO . -39.59 -71.21 0.39
C25 II0 RO . -29.87 -84.16 -4.70
C26 II0 RO . -38.41 -71.26 -0.61
C27 II0 RO . -30.65 -84.99 -3.67
C28 II0 RO . -37.78 -70.01 -1.19
C29 II0 RO . -30.26 -82.89 -5.05
C30 II0 RO . -38.00 -72.49 -0.90
C31 II0 RO . -31.49 -82.18 -4.42
C32 II0 RO . -36.83 -72.85 -1.87
C33 II0 RO . -31.35 -80.87 -4.10
C34 II0 RO . -36.22 -73.97 -1.50
C35 II0 RO . -32.52 -80.10 -3.49
C36 II0 RO . -35.04 -74.58 -2.26
C37 II0 RO . -33.71 -80.86 -2.96
C38 II0 RO . -34.20 -73.78 -3.25
C39 II0 RO . -32.47 -78.75 -3.44
C40 II0 RO . -34.77 -75.88 -1.98
C41 II0 RO . -33.65 -77.98 -2.80
C42 II0 RO . -33.59 -76.62 -2.66
O01 II0 RO . -22.39 -86.98 -7.77
O02 II0 RO . -43.96 -70.22 4.39
C02 IHT SO . -27.88 -79.83 -10.00
C03 IHT SO . -28.32 -70.89 12.28
C04 IHT SO . -27.90 -80.86 -11.30
C05 IHT SO . -28.63 -69.90 13.59
C06 IHT SO . -29.13 -81.32 -11.62
C07 IHT SO . -29.08 -79.97 -9.20
C08 IHT SO . -28.38 -70.52 14.76
C09 IHT SO . -29.84 -82.15 -10.36
C10 IHT SO . -29.80 -81.39 -9.16
C11 IHT SO . -27.49 -72.03 12.66
C12 IHT SO . -26.74 -70.97 14.88
C13 IHT SO . -27.80 -78.35 -10.51
C14 IHT SO . -26.61 -80.13 -9.09
C15 IHT SO . -26.49 -71.98 13.92
C16 IHT SO . -27.63 -70.09 11.20
C17 IHT SO . -29.63 -71.43 11.74
C18 IHT SO . -29.45 -78.86 -8.21
C19 IHT SO . -30.93 -81.57 -8.15
C20 IHT SO . -25.73 -73.25 14.35
C21 IHT SO . -27.20 -73.08 11.56
C22 IHT SO . -29.27 -79.06 -6.91
C23 IHT SO . -29.67 -77.91 -5.91
C24 IHT SO . -26.97 -73.87 10.66
C25 IHT SO . -30.73 -76.84 -6.30
C26 IHT SO . -26.73 -74.80 9.46
C27 IHT SO . -29.05 -77.87 -4.71
C28 IHT SO . -26.02 -76.14 9.63
C29 IHT SO . -27.17 -74.36 8.26
C30 IHT SO . -29.36 -76.76 -3.65
C31 IHT SO . -27.00 -75.17 6.98
C32 IHT SO . -29.14 -77.12 -2.38
C33 IHT SO . -29.39 -76.18 -1.22
C34 IHT SO . -27.58 -74.68 5.89
C35 IHT SO . -27.47 -75.46 4.54
C36 IHT SO . -30.36 -75.01 -1.34
C37 IHT SO . -28.72 -76.44 -0.08
C38 IHT SO . -28.37 -75.22 3.58
C39 IHT SO . -26.32 -76.49 4.31
C40 IHT SO . -28.90 -75.57 1.17
C41 IHT SO . -28.26 -76.00 2.25
O01 IHT SO . -28.66 -69.64 15.82
C03 II0 TO . -13.05 -82.24 10.27
C04 II0 TO . -19.63 -80.57 32.84
C05 II0 TO . -11.79 -82.00 9.24
C06 II0 TO . -20.32 -80.20 34.32
C07 II0 TO . -12.02 -80.95 8.42
C08 II0 TO . -20.97 -81.29 34.84
C09 II0 TO . -13.70 -80.99 10.72
C10 II0 TO . -19.41 -81.98 32.55
C11 II0 TO . -12.22 -79.50 9.28
C12 II0 TO . -19.93 -82.59 34.99
C13 II0 TO . -12.97 -79.60 10.48
C14 II0 TO . -19.36 -83.04 33.74
C15 II0 TO . -14.15 -83.06 9.51
C16 II0 TO . -12.53 -83.02 11.54
C17 II0 TO . -20.44 -79.97 31.67
C18 II0 TO . -18.22 -79.88 32.93
C19 II0 TO . -13.34 -78.35 11.26
C20 II0 TO . -19.41 -84.53 33.39
C21 II0 TO . -14.89 -81.07 11.71
C22 II0 TO . -18.89 -82.40 31.16
C23 II0 TO . -15.75 -81.10 12.53
C24 II0 TO . -18.43 -82.70 30.10
C25 II0 TO . -16.70 -81.15 13.74
C26 II0 TO . -17.70 -83.00 28.77
C27 II0 TO . -17.88 -80.17 13.85
C28 II0 TO . -16.21 -83.17 28.85
C29 II0 TO . -16.42 -82.07 14.72
C30 II0 TO . -18.38 -83.12 27.62
C31 II0 TO . -17.28 -82.21 16.02
C32 II0 TO . -17.70 -83.39 26.24
C33 II0 TO . -16.78 -83.03 16.97
C34 II0 TO . -17.36 -84.56 25.70
C35 II0 TO . -17.51 -83.20 18.29
C36 II0 TO . -16.73 -84.55 24.31
C37 II0 TO . -18.95 -82.74 18.41
C38 II0 TO . -15.24 -84.91 24.13
C39 II0 TO . -16.82 -83.69 19.35
C40 II0 TO . -17.47 -84.23 23.23
C41 II0 TO . -17.53 -83.78 20.73
C42 II0 TO . -16.82 -84.19 21.82
O01 II0 TO . -10.89 -80.79 7.59
O02 II0 TO . -21.52 -80.95 36.11
O1 LHG UO . -25.20 -94.03 -14.26
C1 LHG UO . -24.27 -93.38 -13.39
C2 LHG UO . -25.03 -92.82 -12.20
O2 LHG UO . -25.92 -91.77 -12.58
C3 LHG UO . -24.07 -92.30 -11.13
O3 LHG UO . -24.92 -92.01 -10.03
P LHG UO . -24.88 -90.61 -9.25
O4 LHG UO . -23.69 -89.80 -9.71
O5 LHG UO . -25.11 -90.95 -7.80
O6 LHG UO . -26.23 -89.92 -9.80
C4 LHG UO . -27.02 -89.15 -8.91
C5 LHG UO . -27.87 -88.08 -9.61
C6 LHG UO . -28.45 -87.31 -8.44
O7 LHG UO . -27.02 -87.23 -10.41
C7 LHG UO . -27.80 -86.18 -11.07
O9 LHG UO . -27.78 -85.03 -10.69
C8 LHG UO . -28.59 -86.48 -12.32
C9 LHG UO . -29.28 -85.19 -12.77
C10 LHG UO . -29.77 -85.28 -14.20
O8 LHG UO . -29.82 -87.54 -8.18
C23 LHG UO . -30.69 -86.38 -8.32
O10 LHG UO . -30.68 -85.78 -9.38
C24 LHG UO . -31.62 -85.97 -7.19
C11 LHG UO . -30.41 -83.98 -14.67
C12 LHG UO . -31.57 -83.55 -13.76
C13 LHG UO . -32.50 -82.59 -14.49
C14 LHG UO . -31.78 -81.34 -14.98
C25 LHG UO . -32.27 -84.67 -7.64
C26 LHG UO . -33.41 -84.13 -6.77
C27 LHG UO . -34.04 -82.85 -7.34
C28 LHG UO . -34.10 -82.88 -8.87
C29 LHG UO . -34.48 -81.58 -9.54
C30 LHG UO . -34.07 -81.72 -11.00
C31 LHG UO . -34.40 -80.46 -11.78
C32 LHG UO . -33.67 -79.25 -11.21
C33 LHG UO . -32.15 -79.34 -11.37
C34 LHG UO . -31.52 -78.09 -10.77
MG CLA VO . -12.01 -65.31 22.97
CHA CLA VO . -12.10 -68.00 25.20
CHB CLA VO . -12.04 -63.16 25.62
CHC CLA VO . -10.85 -62.80 20.93
CHD CLA VO . -11.48 -67.63 20.36
NA CLA VO . -12.08 -65.56 25.05
C1A CLA VO . -12.11 -66.76 25.79
C2A CLA VO . -12.16 -66.48 27.29
C3A CLA VO . -12.56 -64.99 27.30
C4A CLA VO . -12.16 -64.50 25.92
CMA CLA VO . -14.05 -64.85 27.50
CAA CLA VO . -10.83 -66.79 27.97
CBA CLA VO . -9.57 -66.37 27.22
CGA CLA VO . -8.49 -67.41 27.18
O1A CLA VO . -7.93 -67.99 28.11
O2A CLA VO . -8.10 -67.67 25.88
NB CLA VO . -11.49 -63.38 23.24
C1B CLA VO . -11.69 -62.66 24.37
C2B CLA VO . -11.49 -61.22 24.07
C3B CLA VO . -11.15 -61.09 22.74
C4B CLA VO . -11.15 -62.48 22.20
CMB CLA VO . -11.66 -60.21 25.10
CAB CLA VO . -10.80 -59.95 21.93
CBB CLA VO . -9.84 -59.05 22.22
NC CLA VO . -11.35 -65.23 20.99
C1C CLA VO . -10.95 -64.10 20.35
C2C CLA VO . -10.56 -64.37 18.98
C3C CLA VO . -10.72 -65.73 18.79
C4C CLA VO . -11.24 -66.27 20.05
CMC CLA VO . -10.04 -63.38 18.04
CAC CLA VO . -10.43 -66.38 17.49
CBC CLA VO . -9.45 -67.53 17.46
ND CLA VO . -11.90 -67.31 22.75
C1D CLA VO . -11.75 -68.13 21.61
C2D CLA VO . -11.89 -69.54 22.00
C3D CLA VO . -12.01 -69.55 23.36
C4D CLA VO . -12.01 -68.14 23.79
CMD CLA VO . -11.80 -70.72 21.13
CAD CLA VO . -12.14 -70.38 24.52
OBD CLA VO . -12.21 -71.59 24.60
CBD CLA VO . -12.17 -69.44 25.75
CGD CLA VO . -13.31 -69.85 26.61
O1D CLA VO . -13.39 -70.94 27.20
O2D CLA VO . -14.33 -68.97 26.74
CED CLA VO . -15.59 -69.55 27.00
C1 CLA VO . -8.56 -68.91 25.28
C2 CLA VO . -7.98 -69.28 23.94
C3 CLA VO . -7.94 -68.54 22.81
C4 CLA VO . -7.34 -69.04 21.54
C5 CLA VO . -8.51 -67.18 22.73
C6 CLA VO . -7.39 -66.17 22.84
C7 CLA VO . -7.51 -65.05 21.82
C8 CLA VO . -7.41 -63.68 22.48
C9 CLA VO . -5.96 -63.24 22.58
C10 CLA VO . -8.13 -63.64 23.83
C11 CLA VO . -7.91 -62.36 24.54
C12 CLA VO . -7.56 -62.60 25.99
C13 CLA VO . -8.34 -61.67 26.90
C14 CLA VO . -8.22 -60.25 26.42
C15 CLA VO . -7.88 -61.82 28.34
C16 CLA VO . -8.51 -63.03 28.97
C17 CLA VO . -10.02 -62.93 29.00
C18 CLA VO . -10.64 -62.20 30.18
C19 CLA VO . -12.06 -62.69 30.38
C20 CLA VO . -9.88 -62.35 31.49
C10 WVN WO . -6.22 5.55 -23.41
C11 WVN WO . -21.24 20.21 -33.17
C12 WVN WO . -4.95 6.20 -23.93
C13 WVN WO . -7.41 6.34 -25.40
C14 WVN WO . -4.92 6.09 -25.43
C01 WVN WO . -23.59 19.36 -33.90
C02 WVN WO . -22.78 20.37 -33.06
C03 WVN WO . -24.79 19.97 -34.63
C04 WVN WO . -25.53 21.01 -33.81
C05 WVN WO . -23.26 21.82 -33.21
C06 WVN WO . -7.42 6.34 -23.85
C07 WVN WO . -22.79 18.68 -35.00
C08 WVN WO . -24.13 18.31 -32.95
C09 WVN WO . -24.53 22.07 -33.44
C15 WVN WO . -6.30 6.03 -26.09
C16 WVN WO . -22.58 22.92 -32.41
C17 WVN WO . -7.38 7.73 -23.23
C18 WVN WO . -8.64 5.69 -23.25
C19 WVN WO . -20.70 19.69 -32.09
C20 WVN WO . -8.62 7.04 -26.03
C21 WVN WO . -6.19 5.20 -27.37
C22 WVN WO . -19.24 19.38 -31.82
C23 WVN WO . -9.42 6.37 -26.80
C24 WVN WO . -18.19 20.46 -31.94
C25 WVN WO . -10.63 7.00 -27.45
C26 WVN WO . -18.95 18.17 -31.41
C27 WVN WO . -11.89 6.16 -27.50
C28 WVN WO . -10.56 8.21 -27.94
C29 WVN WO . -17.56 17.68 -31.04
C30 WVN WO . -11.82 8.78 -28.56
C31 WVN WO . -17.43 16.39 -30.77
C32 WVN WO . -16.11 15.78 -30.38
C33 WVN WO . -11.87 10.04 -28.90
C34 WVN WO . -13.18 10.53 -29.47
C35 WVN WO . -14.93 16.67 -29.99
C36 WVN WO . -16.01 14.48 -30.35
C37 WVN WO . -13.42 11.82 -29.36
C38 WVN WO . -14.15 9.59 -30.18
C39 WVN WO . -14.73 13.77 -29.91
C40 WVN WO . -14.69 12.46 -29.84
C10 WVN XO . -48.33 1.80 -41.81
C11 WVN XO . -39.98 18.82 -28.30
C12 WVN XO . -47.09 1.71 -42.70
C13 WVN XO . -46.57 2.52 -40.10
C14 WVN XO . -45.99 0.98 -41.95
C01 WVN XO . -38.39 20.81 -28.58
C02 WVN XO . -39.50 20.15 -27.75
C03 WVN XO . -37.43 21.72 -27.78
C04 WVN XO . -38.06 22.24 -26.50
C05 WVN XO . -39.03 19.97 -26.30
C06 WVN XO . -48.05 2.54 -40.51
C07 WVN XO . -37.52 19.78 -29.28
C08 WVN XO . -39.10 21.67 -29.61
C09 WVN XO . -38.50 21.02 -25.71
C15 WVN XO . -45.86 1.47 -40.49
C16 WVN XO . -38.62 18.60 -25.79
C17 WVN XO . -48.76 1.77 -39.42
C18 WVN XO . -48.73 3.91 -40.57
C19 WVN XO . -41.22 18.80 -28.69
C20 WVN XO . -45.79 3.83 -39.98
C21 WVN XO . -45.22 0.53 -39.47
C22 WVN XO . -41.82 17.52 -29.22
C23 WVN XO . -45.65 4.45 -38.83
C24 WVN XO . -43.18 17.15 -28.66
C25 WVN XO . -44.85 5.73 -38.76
C26 WVN XO . -41.17 16.80 -30.12
C27 WVN XO . -43.91 6.10 -39.92
C28 WVN XO . -44.94 6.46 -37.68
C29 WVN XO . -41.88 15.54 -30.58
C30 WVN XO . -44.16 7.76 -37.47
C31 WVN XO . -41.95 15.23 -31.83
C32 WVN XO . -42.71 13.96 -32.15
C33 WVN XO . -43.87 8.10 -36.24
C34 WVN XO . -43.12 9.38 -35.94
C35 WVN XO . -44.06 13.70 -31.49
C36 WVN XO . -42.16 13.10 -32.96
C37 WVN XO . -43.25 9.91 -34.75
C38 WVN XO . -42.24 10.02 -37.00
C39 WVN XO . -42.88 11.83 -33.32
C40 WVN XO . -42.52 11.19 -34.40
MG CLA YO . -20.52 28.94 -37.57
CHA CLA YO . -19.02 30.83 -40.05
CHB CLA YO . -18.03 26.61 -37.94
CHC CLA YO . -21.30 27.60 -34.50
CHD CLA YO . -22.47 31.80 -36.73
NA CLA YO . -18.84 28.75 -38.81
C1A CLA YO . -18.40 29.63 -39.80
C2A CLA YO . -17.11 29.09 -40.44
C3A CLA YO . -17.15 27.61 -40.07
C4A CLA YO . -18.04 27.65 -38.83
CMA CLA YO . -17.68 26.74 -41.17
CAA CLA YO . -15.89 29.52 -39.66
CBA CLA YO . -15.57 30.99 -39.76
CGA CLA YO . -16.09 31.80 -38.62
O1A CLA YO . -15.92 33.00 -38.47
O2A CLA YO . -16.75 31.14 -37.62
NB CLA YO . -19.85 27.37 -36.47
C1B CLA YO . -18.82 26.55 -36.80
C2B CLA YO . -18.63 25.51 -35.77
C3B CLA YO . -19.54 25.76 -34.76
C4B CLA YO . -20.33 26.96 -35.21
CMB CLA YO . -17.55 24.53 -35.96
CAB CLA YO . -19.80 25.15 -33.47
CBB CLA YO . -19.25 24.06 -32.91
NC CLA YO . -21.74 29.54 -35.97
C1C CLA YO . -21.99 28.80 -34.85
C2C CLA YO . -22.95 29.50 -34.00
C3C CLA YO . -23.19 30.72 -34.61
C4C CLA YO . -22.46 30.72 -35.85
CMC CLA YO . -23.46 29.08 -32.70
CAC CLA YO . -24.09 31.78 -34.12
CBC CLA YO . -25.47 31.70 -34.72
ND CLA YO . -20.73 30.86 -38.17
C1D CLA YO . -21.64 31.90 -37.81
C2D CLA YO . -21.51 33.03 -38.75
C3D CLA YO . -20.55 32.64 -39.65
C4D CLA YO . -20.09 31.31 -39.23
CMD CLA YO . -22.24 34.28 -38.69
CAD CLA YO . -19.77 33.05 -40.78
OBD CLA YO . -19.74 34.07 -41.43
CBD CLA YO . -18.81 31.90 -41.09
CGD CLA YO . -19.11 31.47 -42.48
O1D CLA YO . -18.41 31.65 -43.48
O2D CLA YO . -20.30 30.85 -42.61
CED CLA YO . -20.83 30.67 -43.92
C1 CLA YO . -17.58 31.97 -36.78
C2 CLA YO . -18.04 31.29 -35.53
C3 CLA YO . -18.91 31.89 -34.67
C4 CLA YO . -19.44 33.25 -34.92
C5 CLA YO . -19.39 31.24 -33.41
C6 CLA YO . -18.62 30.03 -32.94
C02 IHT ZO . -21.53 37.47 -43.66
C03 IHT ZO . -33.21 19.68 -31.58
C04 IHT ZO . -20.53 38.38 -44.60
C05 IHT ZO . -34.44 19.70 -32.69
C06 IHT ZO . -20.76 38.17 -45.92
C07 IHT ZO . -21.33 36.06 -43.88
C08 IHT ZO . -35.56 20.14 -32.09
C09 IHT ZO . -20.74 36.56 -46.36
C10 IHT ZO . -20.60 35.66 -45.24
C11 IHT ZO . -32.92 21.07 -31.23
C12 IHT ZO . -35.43 21.78 -31.62
C13 IHT ZO . -21.24 37.80 -42.14
C14 IHT ZO . -23.05 37.85 -43.98
C15 IHT ZO . -34.17 22.10 -31.04
C16 IHT ZO . -33.66 18.94 -30.34
C17 IHT ZO . -31.97 19.02 -32.18
C18 IHT ZO . -22.23 35.05 -43.17
C19 IHT ZO . -20.02 34.26 -45.46
C20 IHT ZO . -33.90 23.57 -30.64
C21 IHT ZO . -31.50 21.66 -31.48
C22 IHT ZO . -23.07 34.29 -43.87
C23 IHT ZO . -24.01 33.26 -43.11
C24 IHT ZO . -30.40 22.15 -31.70
C25 IHT ZO . -25.24 32.67 -43.84
C26 IHT ZO . -29.05 22.83 -31.99
C27 IHT ZO . -23.74 32.88 -41.84
C28 IHT ZO . -27.79 22.44 -31.22
C29 IHT ZO . -29.02 23.78 -32.94
C30 IHT ZO . -24.73 31.86 -41.17
C31 IHT ZO . -27.77 24.56 -33.35
C32 IHT ZO . -24.42 31.27 -40.01
C33 IHT ZO . -25.44 30.29 -39.40
C34 IHT ZO . -27.94 25.46 -34.33
C35 IHT ZO . -26.78 26.36 -34.88
C36 IHT ZO . -26.85 30.23 -39.96
C37 IHT ZO . -25.08 29.51 -38.36
C38 IHT ZO . -27.02 27.14 -35.95
C39 IHT ZO . -25.38 26.37 -34.18
C40 IHT ZO . -26.12 28.56 -37.76
C41 IHT ZO . -25.93 28.06 -36.54
O01 IHT ZO . -36.65 19.98 -32.98
MG CLA AP . 60.86 59.17 43.06
CHA CLA AP . 62.72 61.81 41.83
CHB CLA AP . 63.79 57.58 43.89
CHC CLA AP . 59.09 56.94 44.99
CHD CLA AP . 57.96 61.18 42.79
NA CLA AP . 62.89 59.62 42.86
C1A CLA AP . 63.47 60.77 42.32
C2A CLA AP . 64.99 60.70 42.35
C3A CLA AP . 65.25 59.23 42.68
C4A CLA AP . 63.89 58.76 43.21
CMA CLA AP . 65.63 58.45 41.46
CAA CLA AP . 65.51 61.54 43.50
CBA CLA AP . 66.67 62.41 43.11
CGA CLA AP . 66.21 63.82 43.10
O1A CLA AP . 66.44 64.70 42.28
O2A CLA AP . 65.42 64.11 44.17
NB CLA AP . 61.35 57.59 44.23
C1B CLA AP . 62.58 57.04 44.37
C2B CLA AP . 62.49 55.72 45.05
C3B CLA AP . 61.16 55.53 45.36
C4B CLA AP . 60.42 56.71 44.84
CMB CLA AP . 63.67 54.90 45.33
CAB CLA AP . 60.50 54.46 46.07
CBB CLA AP . 60.06 53.34 45.50
NC CLA AP . 58.89 59.08 43.74
C1C CLA AP . 58.37 58.04 44.48
C2C CLA AP . 56.95 58.27 44.73
C3C CLA AP . 56.64 59.50 44.15
C4C CLA AP . 57.86 59.98 43.52
CMC CLA AP . 56.08 57.38 45.49
CAC CLA AP . 55.34 60.17 44.13
CBC CLA AP . 55.16 61.13 45.29
ND CLA AP . 60.37 61.03 42.46
C1D CLA AP . 59.14 61.69 42.29
C2D CLA AP . 59.34 62.94 41.52
C3D CLA AP . 60.71 63.04 41.31
C4D CLA AP . 61.30 61.83 41.93
CMD CLA AP . 58.27 63.84 41.12
CAD CLA AP . 61.79 63.80 40.73
OBD CLA AP . 61.77 64.82 40.06
CBD CLA AP . 63.11 63.07 41.07
CGD CLA AP . 63.88 62.71 39.83
O1D CLA AP . 63.50 62.00 38.89
O2D CLA AP . 65.12 63.25 39.76
CED CLA AP . 66.14 62.46 39.12
MG CLA BP . 49.84 60.97 32.77
CHA CLA BP . 52.65 59.64 31.24
CHB CLA BP . 48.01 60.16 30.01
CHC CLA BP . 46.97 61.49 34.57
CHD CLA BP . 51.74 61.27 35.76
NA CLA BP . 50.28 60.04 30.95
C1A CLA BP . 51.51 59.53 30.51
C2A CLA BP . 51.39 58.97 29.10
C3A CLA BP . 50.05 59.57 28.67
C4A CLA BP . 49.35 59.89 29.97
CMA CLA BP . 50.33 60.90 28.03
CAA CLA BP . 51.43 57.44 29.02
CBA CLA BP . 50.59 56.61 29.99
CGA CLA BP . 49.18 56.38 29.50
O1A CLA BP . 48.81 56.23 28.34
O2A CLA BP . 48.24 56.26 30.48
NB CLA BP . 47.87 60.79 32.37
C1B CLA BP . 47.32 60.55 31.16
C2B CLA BP . 45.86 60.81 31.19
C3B CLA BP . 45.56 61.20 32.49
C4B CLA BP . 46.84 61.19 33.24
CMB CLA BP . 45.05 60.63 29.97
CAB CLA BP . 44.35 61.56 33.20
CBB CLA BP . 43.09 61.34 32.87
NC CLA BP . 49.43 61.33 34.78
C1C CLA BP . 48.19 61.56 35.30
C2C CLA BP . 48.29 61.85 36.72
C3C CLA BP . 49.63 61.74 37.06
C4C CLA BP . 50.34 61.40 35.85
CMC CLA BP . 47.17 62.18 37.60
CAC CLA BP . 50.27 61.93 38.38
CBC CLA BP . 50.21 60.70 39.24
ND CLA BP . 51.71 60.59 33.42
C1D CLA BP . 52.39 60.90 34.62
C2D CLA BP . 53.84 60.78 34.41
C3D CLA BP . 53.98 60.31 33.13
C4D CLA BP . 52.63 60.18 32.56
CMD CLA BP . 54.86 61.11 35.39
CAD CLA BP . 54.90 60.01 32.08
OBD CLA BP . 56.09 60.29 32.05
CBD CLA BP . 54.11 59.46 30.88
CGD CLA BP . 54.47 60.46 29.84
O1D CLA BP . 54.59 61.68 30.01
O2D CLA BP . 54.70 59.96 28.60
CED CLA BP . 54.84 60.90 27.54
C1 CLA BP . 46.87 56.57 30.14
C2 CLA BP . 45.98 55.74 30.98
C3 CLA BP . 45.51 56.06 32.21
C4 CLA BP . 44.61 55.14 32.95
C5 CLA BP . 45.83 57.36 32.86
MG CLA CP . 39.06 60.84 31.81
CHA CLA CP . 39.09 59.93 28.45
CHB CLA CP . 41.28 58.34 32.47
CHC CLA CP . 38.56 61.31 35.17
CHD CLA CP . 36.28 62.95 31.15
NA CLA CP . 40.06 59.44 30.63
C1A CLA CP . 39.98 59.24 29.24
C2A CLA CP . 40.95 58.14 28.81
C3A CLA CP . 41.64 57.69 30.12
C4A CLA CP . 40.98 58.56 31.15
CMA CLA CP . 41.34 56.24 30.39
CAA CLA CP . 42.06 58.81 28.02
CBA CLA CP . 42.53 58.00 26.83
CGA CLA CP . 43.39 56.87 27.31
O1A CLA CP . 44.42 56.97 27.97
O2A CLA CP . 42.95 55.63 26.96
NB CLA CP . 39.87 60.08 33.49
C1B CLA CP . 40.70 59.01 33.55
C2B CLA CP . 40.86 58.54 34.94
C3B CLA CP . 40.09 59.35 35.74
C4B CLA CP . 39.46 60.36 34.82
CMB CLA CP . 41.67 57.38 35.30
CAB CLA CP . 39.91 59.24 37.17
CBB CLA CP . 38.77 59.22 37.87
NC CLA CP . 37.71 61.97 32.93
C1C CLA CP . 37.74 62.07 34.29
C2C CLA CP . 36.75 63.01 34.75
C3C CLA CP . 36.07 63.43 33.62
C4C CLA CP . 36.69 62.80 32.48
CMC CLA CP . 36.49 63.34 36.16
CAC CLA CP . 34.98 64.40 33.57
CBC CLA CP . 33.67 63.66 33.56
ND CLA CP . 37.87 61.31 30.24
C1D CLA CP . 36.80 62.23 30.10
C2D CLA CP . 36.40 62.29 28.68
C3D CLA CP . 37.25 61.44 28.02
C4D CLA CP . 38.15 60.85 29.01
CMD CLA CP . 35.31 63.09 28.15
CAD CLA CP . 37.58 60.87 26.73
OBD CLA CP . 37.04 61.05 25.65
CBD CLA CP . 38.78 59.92 26.95
CGD CLA CP . 38.53 58.54 26.41
O1D CLA CP . 39.16 57.93 25.54
O2D CLA CP . 37.47 57.92 26.98
CED CLA CP . 37.67 56.53 27.24
C1 CLA CP . 44.01 54.69 26.71
C2 CLA CP . 43.40 53.34 26.85
C3 CLA CP . 43.20 52.68 28.01
C4 CLA CP . 43.62 53.22 29.32
C5 CLA CP . 42.58 51.34 27.99
C6 CLA CP . 41.52 51.14 29.07
MG CLA DP . 33.13 77.92 39.72
CHA CLA DP . 30.29 79.50 40.98
CHB CLA DP . 31.15 75.58 38.31
CHC CLA DP . 35.73 76.97 37.65
CHD CLA DP . 34.95 80.87 40.49
NA CLA DP . 31.07 77.58 39.71
C1A CLA DP . 30.04 78.33 40.31
C2A CLA DP . 28.68 77.70 40.02
C3A CLA DP . 29.06 76.29 39.56
C4A CLA DP . 30.51 76.48 39.12
CMA CLA DP . 28.93 75.30 40.68
CAA CLA DP . 27.81 78.31 38.90
CBA CLA DP . 28.01 79.75 38.42
CGA CLA DP . 29.26 80.05 37.64
O1A CLA DP . 29.64 79.53 36.62
O2A CLA DP . 30.12 80.90 38.27
NB CLA DP . 33.38 76.56 38.27
C1B CLA DP . 32.48 75.65 37.89
C2B CLA DP . 33.11 74.65 36.98
C3B CLA DP . 34.42 75.03 36.78
C4B CLA DP . 34.60 76.25 37.61
CMB CLA DP . 32.31 73.58 36.43
CAB CLA DP . 35.51 74.49 35.99
CBB CLA DP . 35.83 73.20 35.81
NC CLA DP . 34.99 78.74 39.22
C1C CLA DP . 35.91 78.15 38.41
C2C CLA DP . 37.13 78.96 38.36
C3C CLA DP . 36.86 80.12 39.09
C4C CLA DP . 35.55 79.93 39.66
CMC CLA DP . 38.30 78.67 37.55
CAC CLA DP . 37.72 81.28 39.37
CBC CLA DP . 38.81 81.07 40.39
ND CLA DP . 32.80 79.72 40.56
C1D CLA DP . 33.66 80.78 40.93
C2D CLA DP . 32.91 81.75 41.75
C3D CLA DP . 31.63 81.34 41.75
C4D CLA DP . 31.59 80.07 41.00
CMD CLA DP . 33.43 82.94 42.36
CAD CLA DP . 30.30 81.65 42.21
OBD CLA DP . 29.90 82.63 42.84
CBD CLA DP . 29.42 80.48 41.74
CGD CLA DP . 28.91 79.91 43.01
O1D CLA DP . 29.39 78.94 43.58
O2D CLA DP . 27.87 80.62 43.55
CED CLA DP . 27.58 80.44 44.92
C1 CLA DP . 31.00 81.72 37.46
C2 CLA DP . 32.34 81.09 37.29
C3 CLA DP . 33.34 81.69 36.62
C4 CLA DP . 33.17 83.03 35.98
C5 CLA DP . 34.67 81.03 36.45
C6 CLA DP . 35.17 81.11 35.02
C7 CLA DP . 36.57 80.58 34.75
C8 CLA DP . 37.07 80.69 33.29
C9 CLA DP . 36.22 81.59 32.39
C10 CLA DP . 37.33 79.29 32.69
C11 CLA DP . 37.40 79.25 31.17
C12 CLA DP . 37.95 77.96 30.61
C13 CLA DP . 38.00 78.01 29.09
C14 CLA DP . 37.58 76.70 28.50
C15 CLA DP . 39.40 78.35 28.61
MG CLA EP . 25.70 88.29 39.64
CHA CLA EP . 23.52 90.95 40.17
CHB CLA EP . 28.09 90.50 38.56
CHC CLA EP . 27.53 85.75 38.17
CHD CLA EP . 22.95 86.04 39.82
NA CLA EP . 25.80 90.38 39.49
C1A CLA EP . 24.80 91.35 39.76
C2A CLA EP . 25.35 92.78 39.53
C3A CLA EP . 26.84 92.54 39.14
C4A CLA EP . 26.93 91.02 39.07
CMA CLA EP . 27.23 93.17 37.83
CAA CLA EP . 25.31 93.67 40.78
CBA CLA EP . 26.64 94.08 41.38
CGA CLA EP . 26.53 94.99 42.57
O1A CLA EP . 25.86 96.01 42.71
O2A CLA EP . 27.25 94.50 43.63
NB CLA EP . 27.46 88.14 38.67
C1B CLA EP . 28.31 89.15 38.36
C2B CLA EP . 29.53 88.64 37.68
C3B CLA EP . 29.38 87.28 37.57
C4B CLA EP . 28.07 86.98 38.19
CMB CLA EP . 30.58 89.56 37.19
CAB CLA EP . 30.14 86.24 36.95
CBB CLA EP . 30.67 86.25 35.73
NC CLA EP . 25.32 86.28 39.18
C1C CLA EP . 26.24 85.44 38.64
C2C CLA EP . 25.74 84.12 38.43
C3C CLA EP . 24.42 84.15 38.83
C4C CLA EP . 24.15 85.52 39.31
CMC CLA EP . 26.52 83.04 37.83
CAC CLA EP . 23.54 83.00 38.65
CBC CLA EP . 23.49 81.81 39.56
ND CLA EP . 23.70 88.38 39.97
C1D CLA EP . 22.72 87.38 40.12
C2D CLA EP . 21.49 88.00 40.63
C3D CLA EP . 21.73 89.36 40.67
C4D CLA EP . 23.12 89.56 40.20
CMD CLA EP . 20.26 87.29 40.98
CAD CLA EP . 21.19 90.67 41.00
OBD CLA EP . 20.11 90.97 41.50
CBD CLA EP . 22.26 91.71 40.59
CGD CLA EP . 21.79 92.62 39.49
O1D CLA EP . 21.10 92.34 38.51
O2D CLA EP . 22.20 93.92 39.64
CED CLA EP . 22.36 94.73 38.46
C1 CLA EP . 26.53 93.99 44.79
C2 CLA EP . 27.57 93.65 45.80
C3 CLA EP . 27.36 92.96 46.93
C4 CLA EP . 26.04 92.42 47.32
C5 CLA EP . 28.48 92.67 47.87
C6 CLA EP . 28.23 93.30 49.23
MG CLA FP . 24.81 82.38 29.06
CHA CLA FP . 22.72 82.64 31.80
CHB CLA FP . 22.40 83.82 27.10
CHC CLA FP . 27.16 82.98 26.65
CHD CLA FP . 27.43 81.33 31.24
NA CLA FP . 22.88 83.06 29.41
C1A CLA FP . 22.20 83.09 30.62
C2A CLA FP . 20.78 83.61 30.39
C3A CLA FP . 20.61 83.56 28.87
C4A CLA FP . 22.06 83.50 28.40
CMA CLA FP . 19.81 82.35 28.44
CAA CLA FP . 20.57 85.00 30.92
CBA CLA FP . 19.24 84.92 31.61
CGA CLA FP . 18.52 86.23 31.62
O1A CLA FP . 19.04 87.35 31.51
O2A CLA FP . 17.17 86.18 31.85
NB CLA FP . 24.77 83.21 27.22
C1B CLA FP . 23.70 83.78 26.61
C2B CLA FP . 24.12 84.42 25.33
C3B CLA FP . 25.47 84.20 25.20
C4B CLA FP . 25.89 83.42 26.39
CMB CLA FP . 23.19 85.12 24.45
CAB CLA FP . 26.34 84.58 24.12
CBB CLA FP . 27.46 85.33 24.16
NC CLA FP . 26.88 82.12 28.94
C1C CLA FP . 27.61 82.34 27.82
C2C CLA FP . 28.99 81.95 28.00
C3C CLA FP . 29.10 81.59 29.34
C4C CLA FP . 27.76 81.66 29.91
CMC CLA FP . 30.02 82.04 26.98
CAC CLA FP . 30.29 81.04 29.99
CBC CLA FP . 30.37 79.54 29.90
ND CLA FP . 25.09 82.04 31.02
C1D CLA FP . 26.18 81.52 31.77
C2D CLA FP . 25.72 81.24 33.16
C3D CLA FP . 24.43 81.70 33.23
C4D CLA FP . 24.08 82.19 31.89
CMD CLA FP . 26.54 80.63 34.19
CAD CLA FP . 23.26 81.83 34.07
OBD CLA FP . 23.10 81.53 35.24
CBD CLA FP . 22.14 82.48 33.19
CGD CLA FP . 20.88 81.68 33.26
O1D CLA FP . 19.83 81.98 33.84
O2D CLA FP . 20.92 80.47 32.63
CED CLA FP . 19.72 79.70 32.54
C1 CLA FP . 16.40 85.05 31.40
C2 CLA FP . 14.97 85.21 31.75
C3 CLA FP . 14.49 84.88 32.95
C4 CLA FP . 15.33 84.33 34.05
C5 CLA FP . 13.04 85.06 33.23
C6 CLA FP . 12.83 85.97 34.42
MG CLA GP . 27.30 67.54 36.98
CHA CLA GP . 24.05 66.50 36.32
CHB CLA GP . 27.90 64.37 38.21
CHC CLA GP . 30.72 67.92 36.58
CHD CLA GP . 26.85 70.10 34.53
NA CLA GP . 26.14 65.82 37.33
C1A CLA GP . 24.81 65.58 36.98
C2A CLA GP . 24.34 64.18 37.41
C3A CLA GP . 25.49 63.77 38.36
C4A CLA GP . 26.61 64.73 37.97
CMA CLA GP . 25.16 64.00 39.81
CAA CLA GP . 24.12 63.23 36.23
CBA CLA GP . 25.30 63.05 35.30
CGA CLA GP . 25.06 62.15 34.14
O1A CLA GP . 24.18 62.23 33.28
O2A CLA GP . 26.00 61.16 34.01
NB CLA GP . 28.94 66.42 37.35
C1B CLA GP . 28.98 65.19 37.91
C2B CLA GP . 30.35 64.82 38.31
C3B CLA GP . 31.18 65.82 37.86
C4B CLA GP . 30.29 66.83 37.23
CMB CLA GP . 30.58 63.52 38.93
CAB CLA GP . 32.60 66.02 37.81
CBB CLA GP . 33.56 65.10 37.73
NC CLA GP . 28.52 68.83 35.87
C1C CLA GP . 29.87 68.87 35.94
C2C CLA GP . 30.44 69.93 35.17
C3C CLA GP . 29.37 70.48 34.45
C4C CLA GP . 28.16 69.80 34.93
CMC CLA GP . 31.88 70.15 35.12
CAC CLA GP . 29.39 71.60 33.50
CBC CLA GP . 29.95 71.23 32.15
ND CLA GP . 25.83 68.26 35.80
C1D CLA GP . 25.75 69.37 34.92
C2D CLA GP . 24.34 69.58 34.56
C3D CLA GP . 23.64 68.54 35.12
C4D CLA GP . 24.62 67.70 35.82
CMD CLA GP . 23.84 70.69 33.75
CAD CLA GP . 22.35 67.92 35.30
OBD CLA GP . 21.25 68.34 35.01
CBD CLA GP . 22.58 66.58 36.00
CGD CLA GP . 21.75 66.65 37.24
O1D CLA GP . 20.54 66.44 37.35
O2D CLA GP . 22.44 67.07 38.35
CED CLA GP . 21.76 67.20 39.60
C1 CLA GP . 26.64 61.17 32.72
C2 CLA GP . 27.44 59.95 32.56
C3 CLA GP . 28.55 59.91 31.81
C4 CLA GP . 29.11 61.10 31.11
C5 CLA GP . 29.32 58.66 31.64
C6 CLA GP . 30.67 58.82 32.29
C7 CLA GP . 31.29 57.50 32.68
C8 CLA GP . 32.68 57.60 33.34
C9 CLA GP . 32.60 57.19 34.81
C10 CLA GP . 33.35 58.98 33.19
C11 CLA GP . 34.80 58.84 32.76
C12 CLA GP . 34.97 58.13 31.42
C13 CLA GP . 36.31 57.43 31.20
C14 CLA GP . 35.98 56.11 30.51
C15 CLA GP . 37.14 57.28 32.48
C16 CLA GP . 37.35 55.89 33.04
C17 CLA GP . 38.37 55.76 34.16
C18 CLA GP . 37.71 55.44 35.50
C19 CLA GP . 37.24 54.01 35.46
C20 CLA GP . 36.57 56.33 35.99
MG CLA HP . 35.02 66.80 25.41
CHA CLA HP . 37.81 64.68 25.19
CHB CLA HP . 34.14 65.78 22.26
CHC CLA HP . 31.77 67.75 26.01
CHD CLA HP . 35.64 67.01 28.90
NA CLA HP . 35.89 65.55 23.97
C1A CLA HP . 37.05 64.77 24.05
C2A CLA HP . 37.33 64.05 22.72
C3A CLA HP . 36.47 64.92 21.78
C4A CLA HP . 35.39 65.44 22.71
CMA CLA HP . 37.26 66.12 21.37
CAA CLA HP . 37.09 62.54 22.71
CBA CLA HP . 36.05 62.01 21.74
CGA CLA HP . 34.81 61.69 22.49
O1A CLA HP . 34.68 61.23 23.63
O2A CLA HP . 33.68 62.01 21.79
NB CLA HP . 33.26 66.67 24.38
C1B CLA HP . 33.13 66.31 23.07
C2B CLA HP . 31.77 66.64 22.58
C3B CLA HP . 31.09 67.19 23.62
C4B CLA HP . 32.04 67.26 24.77
CMB CLA HP . 31.35 66.39 21.19
CAB CLA HP . 29.75 67.67 23.65
CBB CLA HP . 28.79 67.11 24.37
NC CLA HP . 33.96 67.42 27.11
C1C CLA HP . 32.68 67.86 27.09
C2C CLA HP . 32.28 68.30 28.41
C3C CLA HP . 33.34 67.99 29.26
C4C CLA HP . 34.41 67.47 28.43
CMC CLA HP . 30.97 68.84 28.74
CAC CLA HP . 33.43 68.25 30.70
CBC CLA HP . 33.90 69.65 31.02
ND CLA HP . 36.46 66.24 26.72
C1D CLA HP . 36.60 66.40 28.12
C2D CLA HP . 37.87 65.78 28.56
C3D CLA HP . 38.35 65.09 27.47
C4D CLA HP . 37.43 65.38 26.37
CMD CLA HP . 38.41 65.79 29.90
CAD CLA HP . 39.43 64.27 26.97
OBD CLA HP . 40.47 63.90 27.51
CBD CLA HP . 39.07 63.91 25.51
CGD CLA HP . 40.15 64.36 24.58
O1D CLA HP . 40.18 65.42 23.94
O2D CLA HP . 41.22 63.53 24.46
CED CLA HP . 42.26 63.88 23.54
C1 CLA HP . 32.59 61.07 21.88
C2 CLA HP . 33.00 59.91 21.09
C3 CLA HP . 32.31 58.76 21.04
C4 CLA HP . 32.80 57.66 20.22
C5 CLA HP . 31.04 58.54 21.79
C6 CLA HP . 29.91 58.02 20.91
MG CLA IP . 47.96 76.36 29.64
CHA CLA IP . 48.76 76.94 26.34
CHB CLA IP . 51.26 76.83 30.48
CHC CLA IP . 47.12 76.52 32.94
CHD CLA IP . 44.53 76.71 28.78
NA CLA IP . 49.68 76.81 28.57
C1A CLA IP . 49.82 76.98 27.19
C2A CLA IP . 51.27 77.29 26.81
C3A CLA IP . 52.03 77.00 28.12
C4A CLA IP . 50.92 76.90 29.16
CMA CLA IP . 52.63 75.68 27.88
CAA CLA IP . 51.48 78.71 26.32
CBA CLA IP . 50.72 79.70 27.15
CGA CLA IP . 51.69 80.27 28.12
O1A CLA IP . 52.88 80.01 28.21
O2A CLA IP . 51.11 81.08 29.03
NB CLA IP . 49.00 76.61 31.36
C1B CLA IP . 50.33 76.72 31.51
C2B CLA IP . 50.75 76.67 32.92
C3B CLA IP . 49.58 76.61 33.65
C4B CLA IP . 48.46 76.60 32.66
CMB CLA IP . 52.18 76.73 33.27
CAB CLA IP . 49.29 76.67 35.07
CBB CLA IP . 50.07 76.86 36.13
NC CLA IP . 46.15 76.44 30.66
C1C CLA IP . 46.05 76.36 32.01
C2C CLA IP . 44.64 76.28 32.39
C3C CLA IP . 43.92 76.53 31.22
C4C CLA IP . 44.87 76.63 30.13
CMC CLA IP . 44.09 76.04 33.71
CAC CLA IP . 42.46 76.54 31.09
CBC CLA IP . 41.95 77.95 31.31
ND CLA IP . 46.84 76.71 27.99
C1D CLA IP . 45.44 76.74 27.76
C2D CLA IP . 45.19 76.79 26.29
C3D CLA IP . 46.43 76.83 25.70
C4D CLA IP . 47.41 76.83 26.80
CMD CLA IP . 43.87 76.76 25.69
CAD CLA IP . 47.20 76.93 24.48
OBD CLA IP . 46.87 77.03 23.32
CBD CLA IP . 48.70 76.97 24.84
CGD CLA IP . 49.58 75.85 24.36
O1D CLA IP . 50.67 75.96 23.80
O2D CLA IP . 49.13 74.61 24.66
CED CLA IP . 50.05 73.51 24.61
C1 CLA IP . 51.09 80.54 30.35
C2 CLA IP . 51.10 81.66 31.34
C3 CLA IP . 50.93 81.47 32.69
C4 CLA IP . 50.75 80.10 33.18
C5 CLA IP . 50.92 82.55 33.73
C6 CLA IP . 50.23 82.22 35.05
C7 CLA IP . 48.73 82.49 35.10
C8 CLA IP . 48.07 81.72 36.24
C9 CLA IP . 48.23 80.25 35.96
C10 CLA IP . 46.59 82.04 36.37
C11 CLA IP . 46.08 81.72 37.77
C12 CLA IP . 44.57 81.85 37.89
C13 CLA IP . 44.10 82.05 39.33
C14 CLA IP . 44.87 83.20 39.96
C15 CLA IP . 44.07 80.74 40.18
C16 CLA IP . 44.67 80.77 41.57
C17 CLA IP . 43.72 81.02 42.73
C18 CLA IP . 42.86 79.81 43.05
C19 CLA IP . 41.66 80.20 43.87
C20 CLA IP . 43.58 78.75 43.84
MG CLA JP . 58.89 68.82 41.29
CHA CLA JP . 58.37 71.57 39.34
CHB CLA JP . 62.28 69.20 40.89
CHC CLA JP . 59.39 66.48 43.68
CHD CLA JP . 55.46 69.03 42.32
NA CLA JP . 60.11 70.18 40.25
C1A CLA JP . 59.70 71.26 39.47
C2A CLA JP . 60.90 72.00 38.86
C3A CLA JP . 62.11 71.12 39.28
C4A CLA JP . 61.48 70.09 40.21
CMA CLA JP . 62.82 70.52 38.10
CAA CLA JP . 61.10 73.45 39.32
CBA CLA JP . 62.02 73.66 40.50
CGA CLA JP . 61.18 73.77 41.74
O1A CLA JP . 60.81 72.85 42.48
O2A CLA JP . 60.75 75.04 42.02
NB CLA JP . 60.52 68.02 42.14
C1B CLA JP . 61.81 68.23 41.77
C2B CLA JP . 62.70 67.25 42.45
C3B CLA JP . 61.92 66.46 43.26
C4B CLA JP . 60.51 66.95 43.06
CMB CLA JP . 64.14 67.23 42.23
CAB CLA JP . 62.40 65.38 44.10
CBB CLA JP . 61.81 64.31 44.67
NC CLA JP . 57.63 67.88 42.67
C1C CLA JP . 58.05 66.89 43.48
C2C CLA JP . 56.96 66.32 44.25
C3C CLA JP . 55.85 67.11 43.97
C4C CLA JP . 56.28 68.10 42.97
CMC CLA JP . 57.11 65.17 45.15
CAC CLA JP . 54.49 66.94 44.48
CBC CLA JP . 54.22 67.36 45.91
ND CLA JP . 57.25 69.91 40.90
C1D CLA JP . 55.91 69.87 41.34
C2D CLA JP . 55.12 70.84 40.57
C3D CLA JP . 55.98 71.44 39.71
C4D CLA JP . 57.32 70.90 40.02
CMD CLA JP . 53.69 71.01 40.66
CAD CLA JP . 56.12 72.44 38.68
OBD CLA JP . 55.28 73.08 38.04
CBD CLA JP . 57.65 72.60 38.51
CGD CLA JP . 57.94 72.59 37.05
O1D CLA JP . 57.31 71.92 36.23
O2D CLA JP . 58.99 73.39 36.66
CED CLA JP . 59.30 73.36 35.27
C1 CLA JP . 60.47 75.35 43.41
C2 CLA JP . 59.46 76.43 43.37
C3 CLA JP . 58.46 76.55 44.27
C4 CLA JP . 58.25 75.58 45.37
C5 CLA JP . 57.47 77.67 44.16
C6 CLA JP . 56.11 77.21 43.67
C7 CLA JP . 54.99 78.11 44.17
C8 CLA JP . 53.73 77.92 43.33
C9 CLA JP . 53.60 79.07 42.36
C10 CLA JP . 52.49 77.89 44.20
C11 CLA JP . 52.57 76.97 45.41
C12 CLA JP . 51.62 77.31 46.54
C13 CLA JP . 50.12 77.28 46.22
C14 CLA JP . 49.52 78.68 46.20
C15 CLA JP . 49.39 76.27 47.13
C16 CLA JP . 48.31 76.84 48.04
C17 CLA JP . 47.75 75.91 49.08
C18 CLA JP . 47.06 74.68 48.49
C19 CLA JP . 45.63 74.64 48.97
C20 CLA JP . 47.82 73.49 49.04
NB KC2 KP . 50.65 76.34 41.53
ND KC2 KP . 54.48 75.06 41.26
C1A KC2 KP . 54.07 77.37 38.96
C1B KC2 KP . 50.11 77.36 40.85
C1C KC2 KP . 51.10 74.32 43.77
C1D KC2 KP . 55.25 74.26 42.05
C2A KC2 KP . 53.89 78.53 38.06
C2B KC2 KP . 48.77 77.72 41.38
C2C KC2 KP . 51.43 73.48 44.93
C2D KC2 KP . 56.65 74.33 41.63
C3A KC2 KP . 52.49 78.90 38.31
C3B KC2 KP . 48.56 76.78 42.48
C3C KC2 KP . 52.85 73.11 44.75
C3D KC2 KP . 56.66 75.26 40.48
C4A KC2 KP . 51.98 77.94 39.32
C4B KC2 KP . 49.79 75.97 42.50
C4C KC2 KP . 53.17 73.81 43.47
C4D KC2 KP . 55.32 75.66 40.28
CAA KC2 KP . 54.82 79.22 37.10
CAB KC2 KP . 47.49 76.52 43.48
CAC KC2 KP . 53.64 72.25 45.70
CAD KC2 KP . 57.55 75.91 39.45
CBA KC2 KP . 55.46 78.69 36.08
CBB KC2 KP . 46.82 77.50 44.07
CBC KC2 KP . 53.94 70.89 45.16
CBD KC2 KP . 56.70 76.93 38.86
CED KC2 KP . 58.48 80.26 39.37
CGA KC2 KP . 56.49 79.53 35.45
CGD KC2 KP . 57.09 78.24 39.48
CHA KC2 KP . 55.29 76.60 39.14
CHB KC2 KP . 50.59 78.14 39.72
CHC KC2 KP . 49.80 74.94 43.52
CHD KC2 KP . 54.58 73.53 43.14
CMA KC2 KP . 51.67 80.02 37.70
CMB KC2 KP . 47.85 78.81 40.88
CMC KC2 KP . 50.50 73.09 46.05
CMD KC2 KP . 57.60 73.50 42.43
NA KC2 KP . 52.86 77.01 39.74
NC KC2 KP . 52.04 74.57 42.88
O1A KC2 KP . 56.93 80.51 36.08
O1D KC2 KP . 56.73 78.59 40.59
O2A KC2 KP . 57.08 79.02 34.45
O2D KC2 KP . 58.03 79.05 38.76
OBD KC2 KP . 58.81 75.75 39.68
MG KC2 KP . 52.50 75.53 41.14
NB KC2 LP . 45.03 62.92 49.82
ND KC2 LP . 42.17 60.44 51.33
C1A KC2 LP . 43.64 62.01 53.88
C1B KC2 LP . 45.88 63.66 50.54
C1C KC2 LP . 43.84 61.41 47.49
C1D KC2 LP . 41.39 59.47 50.78
C2A KC2 LP . 44.41 62.57 55.01
C2B KC2 LP . 46.92 64.30 49.71
C2C KC2 LP . 43.31 60.55 46.44
C2D KC2 LP . 40.69 58.75 51.87
C3A KC2 LP . 45.40 63.40 54.31
C3B KC2 LP . 46.60 63.88 48.35
C3C KC2 LP . 42.31 59.69 47.11
C3D KC2 LP . 41.15 59.39 53.13
C4A KC2 LP . 45.13 63.19 52.85
C4B KC2 LP . 45.41 63.01 48.53
C4C KC2 LP . 42.39 60.14 48.53
C4D KC2 LP . 42.04 60.41 52.74
CAA KC2 LP . 44.28 62.49 56.49
CAB KC2 LP . 47.18 64.13 47.00
CAC KC2 LP . 41.51 58.62 46.45
CAD KC2 LP . 41.01 59.36 54.64
CBA KC2 LP . 43.40 63.14 57.25
CBB KC2 LP . 47.65 65.33 46.64
CBC KC2 LP . 40.27 59.20 45.85
CBD KC2 LP . 41.79 60.50 55.11
CED KC2 LP . 40.05 63.84 55.66
CGA KC2 LP . 43.77 63.44 58.63
CGD KC2 LP . 40.88 61.50 55.73
CHA KC2 LP . 42.52 61.08 53.98
CHB KC2 LP . 46.01 63.93 51.95
CHC KC2 LP . 44.86 62.44 47.31
CHD KC2 LP . 41.42 59.34 49.31
CMA KC2 LP . 46.50 64.28 54.86
CMB KC2 LP . 48.03 65.19 50.21
CMC KC2 LP . 43.72 60.59 44.99
CMD KC2 LP . 39.77 57.62 51.49
NA KC2 LP . 44.11 62.38 52.55
NC KC2 LP . 43.37 61.25 48.72
O1A KC2 LP . 44.90 63.13 59.05
O1D KC2 LP . 40.49 61.42 56.89
O2A KC2 LP . 43.04 64.30 59.21
O2D KC2 LP . 40.67 62.73 55.00
OBD KC2 LP . 40.14 58.53 55.09
MG KC2 LP . 43.47 61.89 50.65
MG CLA MP . 35.15 57.49 44.19
CHA CLA MP . 33.56 56.56 47.13
CHB CLA MP . 37.73 55.34 45.01
CHC CLA MP . 36.09 57.32 40.87
CHD CLA MP . 32.12 59.02 43.16
NA CLA MP . 35.59 56.25 45.83
C1A CLA MP . 34.80 56.01 46.95
C2A CLA MP . 35.49 55.05 47.91
C3A CLA MP . 36.96 55.11 47.42
C4A CLA MP . 36.77 55.58 45.98
CMA CLA MP . 37.83 56.02 48.25
CAA CLA MP . 34.96 53.64 47.65
CBA CLA MP . 33.86 53.14 48.58
CGA CLA MP . 32.99 52.11 47.93
O1A CLA MP . 32.04 51.49 48.42
O2A CLA MP . 33.33 51.85 46.63
NB CLA MP . 36.70 56.65 43.18
C1B CLA MP . 37.59 55.74 43.67
C2B CLA MP . 38.42 55.16 42.57
C3B CLA MP . 37.96 55.72 41.40
C4B CLA MP . 36.85 56.65 41.77
CMB CLA MP . 39.40 54.10 42.82
CAB CLA MP . 38.31 55.52 40.02
CBB CLA MP . 39.55 55.52 39.50
NC CLA MP . 34.32 58.14 42.38
C1C CLA MP . 34.89 58.04 41.15
C2C CLA MP . 34.05 58.68 40.13
C3C CLA MP . 32.88 59.07 40.78
C4C CLA MP . 33.08 58.77 42.19
CMC CLA MP . 34.37 58.74 38.70
CAC CLA MP . 31.72 59.76 40.20
CBC CLA MP . 30.53 58.85 39.94
ND CLA MP . 33.27 57.72 44.88
C1D CLA MP . 32.18 58.51 44.44
C2D CLA MP . 31.17 58.64 45.48
C3D CLA MP . 31.60 57.82 46.51
C4D CLA MP . 32.93 57.32 46.09
CMD CLA MP . 29.93 59.39 45.35
CAD CLA MP . 31.34 57.36 47.85
OBD CLA MP . 30.37 57.53 48.57
CBD CLA MP . 32.57 56.53 48.27
CGD CLA MP . 33.16 56.96 49.59
O1D CLA MP . 34.03 57.81 49.84
O2D CLA MP . 32.63 56.26 50.64
CED CLA MP . 31.98 57.01 51.66
C1 CLA MP . 32.26 51.44 45.76
C2 CLA MP . 31.43 52.64 45.44
C3 CLA MP . 31.79 53.65 44.62
C4 CLA MP . 33.08 53.67 43.89
C5 CLA MP . 30.87 54.79 44.40
C6 CLA MP . 30.69 55.13 42.92
C03 II0 NP . 44.07 70.77 50.85
C04 II0 NP . 46.78 81.09 30.13
C05 II0 NP . 42.83 70.27 51.83
C06 II0 NP . 47.56 81.85 28.86
C07 II0 NP . 42.42 69.01 51.56
C08 II0 NP . 47.57 83.22 28.91
C09 II0 NP . 45.01 69.73 50.36
C10 II0 NP . 45.48 81.63 30.47
C11 II0 NP . 43.71 67.89 51.61
C12 II0 NP . 46.12 83.90 29.41
C13 II0 NP . 44.71 68.18 50.63
C14 II0 NP . 45.44 83.22 30.49
C15 II0 NP . 43.47 71.53 49.62
C16 II0 NP . 44.95 71.83 51.62
C17 II0 NP . 46.60 79.65 29.67
C18 II0 NP . 47.61 81.04 31.46
C19 II0 NP . 44.89 67.20 49.47
C20 II0 NP . 45.26 83.98 31.82
C21 II0 NP . 45.86 70.12 49.13
C22 II0 NP . 44.80 80.98 31.70
C23 II0 NP . 46.49 70.40 48.17
C24 II0 NP . 44.44 80.54 32.74
C25 II0 NP . 47.26 70.70 46.87
C26 II0 NP . 44.08 80.08 34.15
C27 II0 NP . 48.59 69.94 46.74
C28 II0 NP . 42.80 80.51 34.83
C29 II0 NP . 46.68 71.54 45.92
C30 II0 NP . 44.99 79.30 34.73
C31 II0 NP . 47.25 71.91 44.49
C32 II0 NP . 44.82 78.69 36.14
C33 II0 NP . 46.53 72.66 43.62
C34 II0 NP . 45.70 77.78 36.54
C35 II0 NP . 46.94 73.08 42.18
C36 II0 NP . 45.52 77.16 37.92
C37 II0 NP . 48.12 72.53 41.46
C38 II0 NP . 44.19 77.40 38.63
C39 II0 NP . 46.25 74.04 41.53
C40 II0 NP . 46.47 76.39 38.47
C41 II0 NP . 46.63 74.54 40.13
C42 II0 NP . 46.15 75.78 39.85
O01 II0 NP . 41.48 68.62 52.55
O02 II0 NP . 48.61 83.69 29.76
C03 II0 OP . 32.08 70.09 40.76
C04 II0 OP . 49.13 53.60 35.17
C05 II0 OP . 31.12 70.99 41.74
C06 II0 OP . 50.14 52.73 34.15
C07 II0 OP . 31.73 72.03 42.34
C08 II0 OP . 50.54 53.34 32.99
C09 II0 OP . 32.95 70.90 39.87
C10 II0 OP . 49.15 55.02 34.95
C11 II0 OP . 32.42 73.09 41.22
C12 II0 OP . 51.13 54.87 33.22
C13 II0 OP . 33.20 72.45 40.20
C14 II0 OP . 50.19 55.71 33.96
C15 II0 OP . 32.96 69.14 41.66
C16 II0 OP . 31.12 69.19 39.90
C17 II0 OP . 47.67 53.20 34.94
C18 II0 OP . 49.49 53.29 36.66
C19 II0 OP . 34.55 73.09 39.85
C20 II0 OP . 50.02 57.20 33.65
C21 II0 OP . 33.92 70.19 38.88
C22 II0 OP . 48.34 55.93 35.91
C23 II0 OP . 34.69 69.61 38.16
C24 II0 OP . 47.68 56.62 36.61
C25 II0 OP . 35.69 68.79 37.30
C26 II0 OP . 46.77 57.51 37.47
C27 II0 OP . 36.03 69.19 35.87
C28 II0 OP . 46.70 57.39 38.98
C29 II0 OP . 36.23 67.69 37.91
C30 II0 OP . 45.99 58.36 36.83
C31 II0 OP . 37.25 66.71 37.25
C32 II0 OP . 45.04 59.27 37.65
C33 II0 OP . 38.54 66.71 37.68
C34 II0 OP . 44.21 60.06 36.99
C35 II0 OP . 39.53 65.75 37.04
C36 II0 OP . 43.28 60.97 37.78
C37 II0 OP . 40.19 66.09 35.72
C38 II0 OP . 43.41 61.07 39.30
C39 II0 OP . 39.80 64.59 37.68
C40 II0 OP . 42.37 61.67 37.10
C41 II0 OP . 40.80 63.59 37.05
C42 II0 OP . 41.37 62.62 37.83
O01 II0 OP . 30.75 72.76 43.05
O02 II0 OP . 51.60 52.52 32.47
C03 II0 PP . 35.91 51.13 52.27
C04 II0 PP . 53.51 64.90 40.31
C05 II0 PP . 34.61 51.11 53.29
C06 II0 PP . 53.57 64.83 38.67
C07 II0 PP . 34.65 52.10 54.20
C08 II0 PP . 54.68 64.18 38.25
C09 II0 PP . 36.57 52.45 52.17
C10 II0 PP . 53.94 63.68 40.98
C11 II0 PP . 34.64 53.64 53.45
C12 II0 PP . 54.68 62.60 38.75
C13 II0 PP . 35.62 53.74 52.42
C14 II0 PP . 54.05 62.39 40.03
C15 II0 PP . 36.96 50.09 52.80
C16 II0 PP . 35.43 50.68 50.84
C17 II0 PP . 54.46 66.03 40.69
C18 II0 PP . 52.06 65.32 40.72
C19 II0 PP . 36.03 55.11 51.85
C20 II0 PP . 54.24 61.02 40.68
C21 II0 PP . 37.77 52.59 51.19
C22 II0 PP . 53.32 63.35 42.37
C23 II0 PP . 38.66 52.73 50.39
C24 II0 PP . 52.75 62.98 43.35
C25 II0 PP . 39.74 53.05 49.31
C26 II0 PP . 51.87 62.48 44.52
C27 II0 PP . 39.63 52.39 47.93
C28 II0 PP . 51.89 63.17 45.86
C29 II0 PP . 40.75 53.93 49.59
C30 II0 PP . 51.07 61.43 44.27
C31 II0 PP . 41.81 54.28 48.48
C32 II0 PP . 50.11 60.91 45.38
C33 II0 PP . 42.59 55.38 48.64
C34 II0 PP . 48.99 60.28 45.01
C35 II0 PP . 43.61 55.77 47.57
C36 II0 PP . 48.04 59.76 46.09
C37 II0 PP . 43.57 55.11 46.21
C38 II0 PP . 48.28 60.16 47.56
C39 II0 PP . 44.54 56.71 47.85
C40 II0 PP . 47.02 58.96 45.75
C41 II0 PP . 45.56 57.14 46.77
C42 II0 PP . 46.02 58.43 46.83
O01 II0 PP . 33.53 51.96 55.05
O02 II0 PP . 54.72 64.25 36.82
C02 IHT QP . 51.23 56.99 41.66
C03 IHT QP . 28.33 66.18 42.65
C04 IHT QP . 51.84 55.46 41.55
C05 IHT QP . 27.18 66.35 43.84
C06 IHT QP . 51.57 54.71 42.65
C07 IHT QP . 50.54 57.25 42.90
C08 IHT QP . 26.24 65.38 43.82
C09 IHT QP . 51.99 55.49 44.06
C10 IHT QP . 51.26 56.72 44.22
C11 IHT QP . 28.96 64.87 42.80
C12 IHT QP . 26.87 63.79 43.90
C13 IHT QP . 52.44 58.00 41.53
C14 IHT QP . 50.23 57.22 40.43
C15 IHT QP . 27.97 63.60 43.03
C16 IHT QP . 27.68 66.26 41.28
C17 IHT QP . 29.39 67.27 42.78
C18 IHT QP . 49.03 57.52 42.90
C19 IHT QP . 51.66 57.68 45.33
C20 IHT QP . 28.00 62.38 42.09
C21 IHT QP . 30.45 64.69 42.46
C22 IHT QP . 48.18 56.50 42.99
C23 IHT QP . 46.61 56.71 42.99
C24 IHT QP . 31.64 64.54 42.19
C25 IHT QP . 45.68 55.53 43.39
C26 IHT QP . 33.13 64.35 41.85
C27 IHT QP . 46.05 57.91 42.65
C28 IHT QP . 34.01 65.56 41.51
C29 IHT QP . 33.65 63.11 41.87
C30 IHT QP . 44.49 58.02 42.71
C31 IHT QP . 35.15 62.92 41.55
C32 IHT QP . 43.69 57.85 41.63
C33 IHT QP . 42.19 58.00 41.90
C34 IHT QP . 35.70 61.70 41.63
C35 IHT QP . 37.23 61.55 41.31
C36 IHT QP . 41.53 57.11 42.95
C37 IHT QP . 41.46 58.91 41.21
C38 IHT QP . 37.83 60.35 41.49
C39 IHT QP . 38.05 62.77 40.82
C40 IHT QP . 39.95 59.04 41.49
C41 IHT QP . 39.34 60.19 41.19
O01 IHT QP . 25.40 65.56 44.94
C03 II0 RP . 39.17 72.90 28.87
C04 II0 RP . 20.04 85.40 36.60
C05 II0 RP . 40.14 73.24 27.59
C06 II0 RP . 18.93 85.91 37.73
C07 II0 RP . 39.81 72.40 26.59
C08 II0 RP . 18.43 87.19 37.58
C09 II0 RP . 37.75 73.06 28.54
C10 II0 RP . 21.17 86.33 36.51
C11 II0 RP . 38.22 72.70 26.00
C12 II0 RP . 19.52 88.35 37.09
C13 II0 RP . 37.37 73.28 26.98
C14 II0 RP . 20.82 87.89 36.60
C15 II0 RP . 39.37 71.44 29.35
C16 II0 RP . 39.56 73.84 30.08
C17 II0 RP . 20.47 83.97 36.96
C18 II0 RP . 19.36 85.16 35.22
C19 II0 RP . 36.00 73.84 26.62
C20 II0 RP . 21.98 88.89 36.53
C21 II0 RP . 36.78 73.50 29.67
C22 II0 RP . 22.52 86.00 35.79
C23 II0 RP . 36.05 73.95 30.50
C24 II0 RP . 23.54 85.78 35.17
C25 II0 RP . 35.05 74.65 31.44
C26 II0 RP . 24.82 85.45 34.36
C27 II0 RP . 34.19 73.92 32.48
C28 II0 RP . 24.74 85.55 32.87
C29 II0 RP . 34.93 76.01 31.22
C30 II0 RP . 25.96 85.02 34.93
C31 II0 RP . 33.92 76.86 32.03
C32 II0 RP . 27.17 84.60 34.04
C33 II0 RP . 34.25 77.60 33.10
C34 II0 RP . 28.12 83.82 34.58
C35 II0 RP . 33.13 78.38 33.76
C36 II0 RP . 29.30 83.32 33.74
C37 II0 RP . 32.61 77.92 35.11
C38 II0 RP . 29.75 84.04 32.47
C39 II0 RP . 32.59 79.45 33.13
C40 II0 RP . 29.88 82.18 34.14
C41 II0 RP . 31.45 80.24 33.81
C42 II0 RP . 31.08 81.49 33.41
O01 II0 RP . 40.76 72.50 25.56
O02 II0 RP . 17.29 87.22 36.71
O1 LHG SP . 42.54 58.90 13.62
C1 LHG SP . 43.67 58.39 12.91
C2 LHG SP . 43.16 57.31 11.95
O2 LHG SP . 41.96 57.77 11.34
C3 LHG SP . 42.93 56.06 12.77
O3 LHG SP . 41.83 56.29 13.64
P LHG SP . 41.93 56.01 15.22
O4 LHG SP . 43.35 56.23 15.69
O5 LHG SP . 41.26 54.69 15.48
O6 LHG SP . 41.04 57.20 15.84
C4 LHG SP . 41.53 58.07 16.87
C5 LHG SP . 41.03 57.62 18.24
C6 LHG SP . 42.18 56.92 18.92
O7 LHG SP . 40.65 58.72 19.08
C7 LHG SP . 39.21 58.97 19.10
O9 LHG SP . 38.65 59.14 18.05
C8 LHG SP . 38.38 59.08 20.36
C9 LHG SP . 38.62 57.90 21.28
C10 LHG SP . 37.72 57.88 22.51
O8 LHG SP . 41.80 56.83 20.29
C23 LHG SP . 42.43 55.87 21.14
O10 LHG SP . 43.63 55.70 21.07
C24 LHG SP . 41.59 55.07 22.09
C11 LHG SP . 36.28 57.65 22.04
C12 LHG SP . 35.27 57.81 23.16
C13 LHG SP . 35.42 56.73 24.22
C14 LHG SP . 34.43 56.87 25.38
C15 LHG SP . 34.36 58.31 25.89
C16 LHG SP . 33.64 58.38 27.24
C25 LHG SP . 42.37 53.87 22.58
C26 LHG SP . 41.46 52.88 23.31
C27 LHG SP . 40.71 53.55 24.46
C28 LHG SP . 39.73 52.59 25.09
C29 LHG SP . 39.08 53.27 26.28
C30 LHG SP . 37.62 52.87 26.44
C31 LHG SP . 37.49 51.46 26.99
C32 LHG SP . 37.84 51.42 28.47
C33 LHG SP . 36.99 52.39 29.28
C34 LHG SP . 37.19 52.20 30.79
C35 LHG SP . 38.66 52.25 31.19
C36 LHG SP . 38.84 51.92 32.67
C37 LHG SP . 40.32 51.71 33.02
C38 LHG SP . 41.16 52.91 32.70
#